data_7NPR
#
_entry.id   7NPR
#
_cell.length_a   1.00
_cell.length_b   1.00
_cell.length_c   1.00
_cell.angle_alpha   90.00
_cell.angle_beta   90.00
_cell.angle_gamma   90.00
#
_symmetry.space_group_name_H-M   'P 1'
#
loop_
_entity.id
_entity.type
_entity.pdbx_description
1 polymer 'ESX-5 secretion system ATPase EccB5'
2 polymer 'ESX-5 secretion system protein EccC5'
3 polymer 'ESX-5 secretion system protein EccD5'
4 polymer Mycosin-5
#
loop_
_entity_poly.entity_id
_entity_poly.type
_entity_poly.pdbx_seq_one_letter_code
_entity_poly.pdbx_strand_id
1 'polypeptide(L)'
;MAEESRGQRGSGYGLGLSTRTQVTGYQFLARRTAMALTRWRVRMEIEPGRRQTLAVVASVSAALVICLGALLWSFISPSG
QLNESPIIADRDSGALYVRVGDRLYPALNLASARLITGRPDNPHLVRSSQIATMPRGPLVGIPGAPSSFSPKSPPASSWL
VCDTVATSSSIGSLQGVTVTVIDGTPDLTGHRQILSGSDAVVLRYGGDAWVIREGRRSRIEPTNRAVLLPLGLTPEQVSQ
ARPMSRALFDALPVGPELLVPEVPNAGGPATFPGAPGPIGTVIVTPQISGPQQYSLVLGDGVQTLPPLVAQILQNAGSAG
NTKPLTVEPSTLAKMPVVNRLDLSAYPDNPLEVVDIREHPSTCWWWERTAGENRARVRVVSGPTIPVAATEMNKVVSLVK
ADTSGRQADQVYFGPDHANFVAVTGNNPGAQTSESLWWVTDAGARFGVEDSKEARDALGLTLTPSLAPWVALRLLPQGPT
LSRADALVEHDTLPMDMTPAELVVPK
;
B1,B2,B3,B4,B5,B6
2 'polypeptide(L)'
;MKRGFARPTPEKPPVIKPENIVLSTPLSIPPPEGKPWWLIVVGVVVVGLLGGMVAMVFASGSHVFGGIGSIFPLFMMVGI
MMMMFRGMGGGQQQMSRPKLDAMRAQFMLMLDMLRETAQESADSMDANYRWFHPAPNTLAAAVGSPRMWERKPDGKDLNF
GVVRVGVGMTRPEVTWGEPQNMPTDIELEPVTGKALQEFGRYQSVVYNLPKMVSLLVEPWYALVGEREQVLGLMRAIICQ
LAFSHGPDHVQMIVVSSDLDQWDWVKWLPHFGDSRRHDAAGNARMVYTSVREFAAEQAELFAGRGSFTPRHASSSAQTPT
PHTVIIADVDDPQWEYVISAEGVDGVTFFDLTGSSMWTDIPERKLQFDKTGVIEALPRDRDTWMVIDDKAWFFALTDQVS
IAEAEEFAQKLAQWRLAEAYEEIGQRVAHIGARDILSYYGIDDPGNIDFDSLWASRTDTMGRSRLRAPFGNRSDNGELLF
LDMKSLDEGGDGPHGVMSGTTGSGKSTLVRTVIESLMLSHPPEELQFVLADLKGGSAVKPFAGVPHVSRIITDLEEDQAL
MERFLDALWGEIARRKAICDSAGVDDAKEYNSVRARMRARGQDMAPLPMLVVVIDEFYEWFRIMPTAVDVLDSIGRQGRA
YWIHLMMASQTIESRAEKLMENMGYRLVLKARTAGAAQAAGVPNAVNLPAQAGLGYFRKSLEDIIRFQAEFLWRDYFQPG
VSIDGEEAPALVHSIDYIRPQLFTNSFTPLEVSVGGPDIEPVVAQPNGEVLESDDIEGGEDEDEEGVRTPKVGTVIIDQL
RKIKFEPYRLWQPPLTQPVAIDDLVNRFLGRPWHKEYGSACNLVFPIGIIDRPYKHDQPPWTVDTSGPGANVLILGAGGS
GKTTALQTLICSAALTHTPQQVQFYCLAYSSTALTTVSRIPHVGEVAGPTDPYGVRRTVAELLALVRERKRSFLECGIAS
MEMFRRRKFGGEAGPVPDDGFGDVYLVIDNYRALAEENEVLIEQVNVIINQGPSFGVHVVVTADRESELRPPVRSGFGSR
IELRLAAVEDAKLVRSRFAKDVPVKPGRGMVAVNYVRLDSDPQAGLHTLVARPALGSTPDNVFECDSVVAAVSRLTSAQA
PPVRRLPARFGVEQVRELASRDTRQGVGAGGIAWAISELDLAPVYLNFAENSHLMVTGRRECGRTTTLATIMSEIGRLYA
PGASSAPPPAPGRPSAQVWLVDPRRQLLTALGSDYVERFAYNLDGVVAMMGELAAALAGREPPPGLSAEELLSRSWWSGP
EIFLIVDDIQQLPPGFDSPLHKAVPFVNRAADVGLHVIVTRTFGGWSSAGSDPMLRALHQANAPLLVMDADPDEGFIRGK
MKGGPLPRGRGLLMAEDTGVFVQVAATEVRR
;
C1,C2,C3,C4,C5,C6
3 'polypeptide(L)'
;MTAVADAPQADIEGVASPQAVVVGVMAGEGVQIGVLLDANAPVSVMTDPLLKVVNSRLRELGEAPLEATGRGRWALCLVD
GAPLRATQSLTEQDVYDGDRLWIRFIADTERRSQVIEHISTAVASDLSKRFARIDPIVAVQVGASMVATGVVLATGVLGW
WRWHHNTWLTTIYTAVIGVLVLAVAMLLLMRAKTDADRRVADIMLMSAIMPVTVAAAAAPPGPVGSPQAVLGFGVLTVAA
ALALRFTGRRLGIYTTIVIIGALTMLAALARMVAATSAVTLLSSLLLICVVAYHAAPALSRRLAGIRLPVFPSATSRWVF
EARPDLPTTVVVSGGSAPVLEGPSSVRDVLLQAERARSFLSGLLTGLGVMVVVCMTSLCDPHTGQRWLPLILAGFTSGFL
LLRGRSYVDRWQSITLAGTAVIIAAAVCVRYALELSSPLAVSIVAAILVLLPAAGMAAAAHVPHTIYSPLFRKFVEWIEY
LCLMPIFPLALWLMNVYAAIRYR
;
D1,D2,D3,D4,D5,D6,D7,D8,D9,DA,DB,DC
4 'polypeptide(L)'
;MQRFGTGSSRSWCGRAGTATIAAVLLASGALTGLPPAYAISPPTIDPGALPPDGPPGPLAPMKQNAYCTEVGVLPGTDFQ
LQPKYMEMLNLNEAWQFGRGDGVKVAVIDTGVTPHPRLPRLIPGGDYVMAGGDGLSDCDAHGTLVASMIAAVPANGAVPL
PSVPRRPVTIPTTETPPPPQTVTLSPVPPQTVTVIPAPPPEEGVPPGAPVPGPEPPPAPGPQPPAVDRGGGTVTVPSYSG
GRKIAPIDNPRNPHPSAPSPALGPPPDAFSGIAPGVEIISIRQSSQAFGLKDPYTGDEDPQTAQKIDNVETMARAIVHAA
NMGASVINISDVMCMSARNVIDQRALGAAVHYAAVDKDAVIVAAAGDGSKKDCKQNPIFDPLQPDDPRAWNAVTTVVTPS
WFHDYVLTVGAVDANGQPLSKMSIAGPWVSISAPGTDVVGLSPRDDGLINAIDGPDNSLLVPAGTSFSAAIVSGVAALVR
AKFPELSAYQIINRLIHTARPPARGVDNQVGYGVVDPVAALTWDVPKGPAEPPKQLSAPLVVPQPPAPRDMVPIWVAAGG
LAGALLIGGAVFGTATLMRRSRKQQ
;
P1,P2,P3
#
# COMPACT_ATOMS: atom_id res chain seq x y z
N GLY A 10 -29.30 30.02 40.72
CA GLY A 10 -29.74 30.70 39.51
C GLY A 10 -28.78 31.80 39.10
N SER A 11 -29.13 32.52 38.03
CA SER A 11 -28.34 33.62 37.49
C SER A 11 -26.91 33.20 37.09
N GLY A 12 -26.62 31.92 37.03
CA GLY A 12 -25.29 31.47 36.64
C GLY A 12 -24.15 31.83 37.57
N TYR A 13 -24.41 32.05 38.85
CA TYR A 13 -23.33 32.36 39.77
C TYR A 13 -22.50 31.11 40.07
N GLY A 14 -21.30 31.34 40.59
CA GLY A 14 -20.40 30.26 40.96
C GLY A 14 -19.64 29.62 39.80
N LEU A 15 -19.08 28.44 40.09
CA LEU A 15 -18.26 27.67 39.16
C LEU A 15 -18.87 26.35 38.67
N GLY A 16 -20.12 26.37 38.21
CA GLY A 16 -20.77 25.17 37.71
C GLY A 16 -20.19 24.67 36.39
N LEU A 17 -20.41 23.40 36.10
CA LEU A 17 -19.89 22.79 34.87
C LEU A 17 -20.56 23.41 33.65
N SER A 18 -19.93 23.23 32.49
CA SER A 18 -20.49 23.78 31.25
C SER A 18 -20.24 22.91 30.02
N THR A 19 -21.22 22.96 29.11
CA THR A 19 -21.23 22.22 27.84
C THR A 19 -20.36 22.89 26.77
N ARG A 20 -19.79 22.06 25.90
CA ARG A 20 -18.94 22.55 24.80
C ARG A 20 -19.69 23.46 23.84
N THR A 21 -21.00 23.27 23.68
CA THR A 21 -21.81 24.16 22.85
C THR A 21 -21.85 25.58 23.44
N GLN A 22 -21.92 25.68 24.76
CA GLN A 22 -21.88 26.96 25.46
C GLN A 22 -20.51 27.63 25.37
N VAL A 23 -19.44 26.85 25.35
CA VAL A 23 -18.09 27.43 25.25
C VAL A 23 -17.90 28.14 23.92
N THR A 24 -18.27 27.52 22.80
CA THR A 24 -18.16 28.22 21.52
C THR A 24 -19.20 29.33 21.43
N GLY A 25 -20.36 29.17 22.05
CA GLY A 25 -21.38 30.21 22.05
C GLY A 25 -20.85 31.51 22.63
N TYR A 26 -20.26 31.44 23.81
CA TYR A 26 -19.67 32.61 24.48
C TYR A 26 -18.56 33.21 23.63
N GLN A 27 -17.66 32.38 23.15
CA GLN A 27 -16.51 32.78 22.36
C GLN A 27 -16.91 33.48 21.05
N PHE A 28 -18.08 33.14 20.49
CA PHE A 28 -18.60 33.83 19.31
C PHE A 28 -19.06 35.25 19.64
N LEU A 29 -19.85 35.42 20.71
CA LEU A 29 -20.31 36.75 21.10
C LEU A 29 -19.14 37.68 21.44
N ALA A 30 -18.08 37.16 22.02
CA ALA A 30 -16.89 37.95 22.32
C ALA A 30 -16.20 38.47 21.06
N ARG A 31 -16.02 37.60 20.06
CA ARG A 31 -15.42 38.02 18.79
C ARG A 31 -16.22 39.11 18.10
N ARG A 32 -17.54 38.94 18.04
CA ARG A 32 -18.44 39.93 17.44
C ARG A 32 -18.36 41.29 18.15
N THR A 33 -18.32 41.30 19.48
CA THR A 33 -18.21 42.56 20.23
C THR A 33 -16.83 43.19 20.08
N ALA A 34 -15.77 42.40 20.01
CA ALA A 34 -14.44 42.95 19.82
C ALA A 34 -14.35 43.65 18.47
N MET A 35 -14.96 43.07 17.44
CA MET A 35 -15.01 43.68 16.12
C MET A 35 -15.75 45.02 16.14
N ALA A 36 -16.83 45.11 16.91
CA ALA A 36 -17.59 46.36 17.02
C ALA A 36 -16.77 47.51 17.59
N LEU A 37 -15.90 47.26 18.57
CA LEU A 37 -15.10 48.35 19.12
C LEU A 37 -14.08 48.92 18.14
N THR A 38 -13.47 48.09 17.30
CA THR A 38 -12.43 48.58 16.39
C THR A 38 -12.93 48.95 15.00
N ARG A 39 -13.89 48.24 14.42
CA ARG A 39 -14.39 48.52 13.08
C ARG A 39 -15.76 49.19 13.05
N TRP A 40 -16.42 49.36 14.18
CA TRP A 40 -17.73 50.01 14.27
C TRP A 40 -18.82 49.41 13.39
N ARG A 41 -18.71 48.13 13.04
CA ARG A 41 -19.70 47.47 12.20
C ARG A 41 -19.67 45.99 12.56
N VAL A 42 -20.75 45.27 12.24
CA VAL A 42 -20.82 43.84 12.57
C VAL A 42 -21.24 42.94 11.42
N ARG A 43 -21.27 43.48 10.20
CA ARG A 43 -21.65 42.69 9.04
C ARG A 43 -20.74 41.48 8.87
N MET A 44 -19.45 41.69 9.13
CA MET A 44 -18.39 40.67 9.11
C MET A 44 -18.42 39.72 7.90
N GLU A 45 -18.28 40.32 6.72
CA GLU A 45 -18.25 39.58 5.45
C GLU A 45 -17.06 38.62 5.42
N ILE A 46 -15.97 39.02 6.04
CA ILE A 46 -14.74 38.24 6.21
C ILE A 46 -14.36 38.50 7.65
N GLU A 47 -13.83 37.49 8.30
CA GLU A 47 -13.47 37.64 9.71
C GLU A 47 -11.96 37.71 9.95
N PRO A 48 -11.38 38.89 9.80
CA PRO A 48 -9.93 39.08 9.98
C PRO A 48 -9.45 38.87 11.40
N GLY A 49 -10.31 38.98 12.40
CA GLY A 49 -9.90 38.77 13.78
C GLY A 49 -9.21 37.44 14.01
N ARG A 50 -9.79 36.35 13.53
CA ARG A 50 -9.20 35.03 13.65
C ARG A 50 -7.95 34.87 12.78
N ARG A 51 -8.02 35.29 11.53
CA ARG A 51 -6.89 35.16 10.62
C ARG A 51 -5.63 35.77 11.21
N GLN A 52 -5.73 36.93 11.84
CA GLN A 52 -4.59 37.61 12.48
C GLN A 52 -4.09 36.86 13.72
N THR A 53 -4.97 36.16 14.43
CA THR A 53 -4.61 35.37 15.60
C THR A 53 -3.89 34.07 15.21
N LEU A 54 -4.40 33.35 14.23
CA LEU A 54 -3.77 32.11 13.77
C LEU A 54 -2.33 32.33 13.30
N ALA A 55 -2.02 33.47 12.70
CA ALA A 55 -0.65 33.77 12.28
C ALA A 55 0.30 33.85 13.47
N VAL A 56 -0.18 34.29 14.62
CA VAL A 56 0.62 34.34 15.85
C VAL A 56 0.83 32.93 16.39
N VAL A 57 -0.24 32.13 16.45
CA VAL A 57 -0.17 30.73 16.88
C VAL A 57 0.78 29.93 16.00
N ALA A 58 0.79 30.19 14.69
CA ALA A 58 1.71 29.53 13.76
C ALA A 58 3.17 29.91 14.03
N SER A 59 3.43 31.16 14.41
CA SER A 59 4.79 31.62 14.73
C SER A 59 5.31 30.97 16.00
N VAL A 60 4.49 30.89 17.05
CA VAL A 60 4.86 30.26 18.31
C VAL A 60 5.12 28.79 18.09
N SER A 61 4.25 28.12 17.35
CA SER A 61 4.39 26.70 17.02
C SER A 61 5.65 26.43 16.20
N ALA A 62 5.97 27.29 15.23
CA ALA A 62 7.18 27.13 14.45
C ALA A 62 8.43 27.27 15.31
N ALA A 63 8.44 28.18 16.26
CA ALA A 63 9.58 28.37 17.16
C ALA A 63 9.82 27.15 18.05
N LEU A 64 8.77 26.56 18.61
CA LEU A 64 8.89 25.37 19.46
C LEU A 64 9.40 24.16 18.69
N VAL A 65 9.00 24.00 17.43
CA VAL A 65 9.48 22.90 16.59
C VAL A 65 10.99 22.97 16.40
N ILE A 66 11.55 24.16 16.20
CA ILE A 66 13.00 24.31 16.08
C ILE A 66 13.70 23.97 17.39
N CYS A 67 13.08 24.29 18.53
CA CYS A 67 13.63 23.92 19.85
C CYS A 67 13.67 22.41 20.02
N LEU A 68 12.62 21.70 19.61
CA LEU A 68 12.61 20.24 19.68
C LEU A 68 13.71 19.66 18.78
N GLY A 69 13.87 20.21 17.59
CA GLY A 69 14.92 19.77 16.70
C GLY A 69 16.31 19.96 17.33
N ALA A 70 16.55 21.12 17.90
CA ALA A 70 17.82 21.40 18.57
C ALA A 70 18.01 20.50 19.78
N LEU A 71 16.97 20.27 20.56
CA LEU A 71 17.05 19.39 21.73
C LEU A 71 17.36 17.96 21.31
N LEU A 72 16.76 17.49 20.23
CA LEU A 72 17.02 16.15 19.70
C LEU A 72 18.45 16.04 19.18
N TRP A 73 18.96 17.09 18.53
CA TRP A 73 20.33 17.11 18.04
C TRP A 73 21.32 16.97 19.20
N SER A 74 21.01 17.52 20.37
CA SER A 74 21.87 17.43 21.55
C SER A 74 22.09 16.00 22.03
N PHE A 75 21.13 15.09 21.84
CA PHE A 75 21.28 13.70 22.25
C PHE A 75 22.05 12.87 21.23
N ILE A 76 21.95 13.22 19.96
CA ILE A 76 22.62 12.48 18.89
C ILE A 76 24.13 12.73 18.90
N SER A 77 24.57 13.97 19.01
CA SER A 77 26.00 14.29 19.00
C SER A 77 26.35 15.27 20.10
N PRO A 78 26.60 14.75 21.31
CA PRO A 78 26.94 15.56 22.47
C PRO A 78 28.13 16.48 22.25
N SER A 79 28.12 17.59 22.99
CA SER A 79 29.13 18.63 22.95
C SER A 79 28.97 19.50 24.19
N GLY A 80 29.70 20.63 24.22
CA GLY A 80 29.63 21.56 25.33
C GLY A 80 30.00 22.97 24.92
N GLN A 81 29.77 23.90 25.86
CA GLN A 81 29.99 25.32 25.68
C GLN A 81 30.76 25.87 26.88
N LEU A 82 31.61 26.88 26.64
CA LEU A 82 32.31 27.51 27.76
C LEU A 82 31.29 28.14 28.69
N ASN A 83 31.58 28.07 29.98
CA ASN A 83 30.64 28.52 30.99
C ASN A 83 31.37 29.25 32.11
N GLU A 84 30.60 29.70 33.10
CA GLU A 84 31.14 30.40 34.25
C GLU A 84 32.02 29.48 35.11
N SER A 85 31.69 28.20 35.17
CA SER A 85 32.44 27.25 35.98
C SER A 85 33.92 27.25 35.63
N PRO A 86 34.82 27.27 36.61
CA PRO A 86 36.26 27.35 36.33
C PRO A 86 36.97 26.05 36.05
N ILE A 87 36.39 24.88 36.31
CA ILE A 87 37.04 23.60 36.06
C ILE A 87 36.40 23.00 34.81
N ILE A 88 37.19 22.80 33.76
CA ILE A 88 36.71 22.29 32.48
C ILE A 88 37.64 21.23 31.94
N ALA A 89 37.12 20.42 31.01
CA ALA A 89 37.88 19.35 30.38
C ALA A 89 37.51 19.24 28.91
N ASP A 90 38.50 18.90 28.08
CA ASP A 90 38.32 18.75 26.64
C ASP A 90 37.56 17.47 26.32
N ARG A 91 36.40 17.61 25.68
CA ARG A 91 35.56 16.47 25.33
C ARG A 91 36.19 15.51 24.35
N ASP A 92 37.16 15.95 23.56
CA ASP A 92 37.82 15.07 22.60
C ASP A 92 38.94 14.23 23.22
N SER A 93 39.50 14.66 24.34
CA SER A 93 40.66 13.99 24.90
C SER A 93 40.69 13.88 26.41
N GLY A 94 39.71 14.42 27.14
CA GLY A 94 39.72 14.32 28.58
C GLY A 94 40.77 15.13 29.31
N ALA A 95 41.52 15.98 28.61
CA ALA A 95 42.54 16.79 29.26
C ALA A 95 41.87 17.74 30.24
N LEU A 96 42.50 17.95 31.40
CA LEU A 96 41.94 18.79 32.46
C LEU A 96 42.62 20.15 32.51
N TYR A 97 41.80 21.22 32.46
CA TYR A 97 42.27 22.59 32.50
C TYR A 97 41.54 23.37 33.58
N VAL A 98 42.16 24.45 34.07
CA VAL A 98 41.57 25.31 35.08
C VAL A 98 41.80 26.75 34.64
N ARG A 99 40.80 27.61 34.83
CA ARG A 99 40.92 29.02 34.45
C ARG A 99 41.17 29.89 35.66
N VAL A 100 42.09 30.79 35.61
CA VAL A 100 42.47 31.78 36.54
C VAL A 100 42.62 33.09 35.83
N GLY A 101 41.96 34.12 36.17
CA GLY A 101 41.91 35.28 35.43
C GLY A 101 41.28 35.12 34.12
N ASP A 102 41.97 35.46 33.04
CA ASP A 102 41.46 35.29 31.68
C ASP A 102 42.33 34.30 30.91
N ARG A 103 42.95 33.37 31.52
CA ARG A 103 43.88 32.43 31.04
C ARG A 103 43.64 31.03 31.50
N LEU A 104 43.85 30.03 30.64
CA LEU A 104 43.65 28.62 30.99
C LEU A 104 44.98 27.95 31.29
N TYR A 105 45.13 27.25 32.37
CA TYR A 105 46.22 26.53 32.84
C TYR A 105 46.01 25.04 32.84
N PRO A 106 46.81 24.20 32.20
CA PRO A 106 46.58 22.75 32.31
C PRO A 106 46.89 22.30 33.73
N ALA A 107 45.98 21.54 34.34
CA ALA A 107 46.15 21.07 35.71
C ALA A 107 46.52 19.59 35.74
N LEU A 108 47.41 19.23 36.66
CA LEU A 108 47.84 17.83 36.76
C LEU A 108 46.74 16.89 37.24
N ASN A 109 45.80 17.36 38.05
CA ASN A 109 44.77 16.46 38.58
C ASN A 109 43.61 17.25 39.16
N LEU A 110 42.52 16.52 39.42
CA LEU A 110 41.30 17.12 39.97
C LEU A 110 41.50 17.71 41.36
N ALA A 111 42.21 17.03 42.24
CA ALA A 111 42.43 17.53 43.59
C ALA A 111 43.05 18.92 43.60
N SER A 112 44.13 19.12 42.86
CA SER A 112 44.73 20.45 42.80
C SER A 112 43.83 21.46 42.09
N ALA A 113 43.04 21.04 41.10
CA ALA A 113 42.14 21.98 40.45
C ALA A 113 41.07 22.49 41.41
N ARG A 114 40.52 21.61 42.23
CA ARG A 114 39.53 22.01 43.23
C ARG A 114 40.15 22.96 44.24
N LEU A 115 41.32 22.59 44.73
CA LEU A 115 42.05 23.34 45.73
C LEU A 115 42.54 24.69 45.21
N ILE A 116 42.87 24.81 43.93
CA ILE A 116 43.29 26.11 43.39
C ILE A 116 42.10 27.06 43.24
N THR A 117 40.99 26.58 42.68
CA THR A 117 39.83 27.42 42.45
C THR A 117 38.98 27.63 43.70
N GLY A 118 38.94 26.67 44.61
CA GLY A 118 38.15 26.80 45.81
C GLY A 118 36.73 26.28 45.73
N ARG A 119 36.33 25.69 44.61
CA ARG A 119 34.97 25.18 44.46
C ARG A 119 34.99 23.65 44.45
N PRO A 120 34.25 22.99 45.33
CA PRO A 120 34.21 21.53 45.29
C PRO A 120 33.30 21.11 44.15
N ASP A 121 33.85 20.69 43.01
CA ASP A 121 33.01 20.38 41.86
C ASP A 121 33.75 19.44 40.92
N ASN A 122 33.02 18.96 39.89
CA ASN A 122 33.53 18.07 38.85
C ASN A 122 33.73 18.83 37.54
N PRO A 123 34.66 18.37 36.69
CA PRO A 123 34.92 19.08 35.44
C PRO A 123 33.77 19.10 34.45
N HIS A 124 33.66 20.22 33.74
CA HIS A 124 32.65 20.47 32.71
C HIS A 124 33.26 20.18 31.34
N LEU A 125 32.65 19.31 30.55
CA LEU A 125 33.18 18.96 29.22
C LEU A 125 32.93 20.06 28.19
N VAL A 126 33.98 20.42 27.43
CA VAL A 126 33.91 21.47 26.41
C VAL A 126 34.53 21.01 25.09
N ARG A 127 33.97 21.49 23.98
CA ARG A 127 34.49 21.12 22.66
C ARG A 127 35.89 21.70 22.43
N SER A 128 36.75 20.90 21.80
CA SER A 128 38.14 21.28 21.55
C SER A 128 38.31 22.57 20.73
N SER A 129 37.44 22.80 19.74
CA SER A 129 37.54 24.00 18.91
C SER A 129 37.37 25.29 19.70
N GLN A 130 36.74 25.22 20.87
CA GLN A 130 36.53 26.33 21.78
C GLN A 130 37.73 26.53 22.70
N ILE A 131 38.22 25.46 23.31
CA ILE A 131 39.38 25.52 24.20
C ILE A 131 40.62 26.04 23.49
N ALA A 132 40.80 25.73 22.21
CA ALA A 132 41.97 26.17 21.47
C ALA A 132 42.06 27.69 21.28
N THR A 133 40.98 28.44 21.44
CA THR A 133 41.03 29.88 21.23
C THR A 133 41.56 30.69 22.42
N MET A 134 41.42 30.20 23.65
CA MET A 134 41.86 30.92 24.84
C MET A 134 43.36 30.76 25.14
N PRO A 135 43.97 31.77 25.76
CA PRO A 135 45.40 31.72 26.11
C PRO A 135 45.74 30.70 27.17
N ARG A 136 46.99 30.20 27.13
CA ARG A 136 47.50 29.18 28.04
C ARG A 136 48.59 29.65 29.01
N GLY A 137 49.02 28.71 29.86
CA GLY A 137 50.09 28.91 30.83
C GLY A 137 50.74 27.57 31.20
N PRO A 138 51.87 27.60 31.90
CA PRO A 138 52.52 26.39 32.38
C PRO A 138 51.70 25.49 33.26
N LEU A 139 52.17 24.26 33.47
CA LEU A 139 51.47 23.30 34.33
C LEU A 139 51.38 23.76 35.77
N VAL A 140 50.31 23.50 36.46
CA VAL A 140 49.95 23.83 37.79
C VAL A 140 49.41 22.71 38.64
N GLY A 141 49.62 22.75 39.96
CA GLY A 141 49.12 21.79 40.92
C GLY A 141 50.18 21.01 41.66
N ILE A 142 49.72 19.95 42.33
CA ILE A 142 50.56 19.03 43.11
C ILE A 142 50.68 17.73 42.33
N PRO A 143 51.88 17.26 41.99
CA PRO A 143 52.00 16.02 41.23
C PRO A 143 51.66 14.78 42.05
N GLY A 144 50.95 13.84 41.43
CA GLY A 144 50.57 12.58 42.06
C GLY A 144 49.40 12.59 43.03
N ALA A 145 48.75 13.71 43.26
CA ALA A 145 47.61 13.79 44.17
C ALA A 145 46.40 12.97 43.72
N PRO A 146 45.42 12.73 44.59
CA PRO A 146 44.24 11.96 44.20
C PRO A 146 43.49 12.63 43.06
N SER A 147 42.79 11.82 42.27
CA SER A 147 42.03 12.28 41.12
C SER A 147 40.54 11.94 41.19
N SER A 148 40.04 11.52 42.34
CA SER A 148 38.62 11.22 42.48
C SER A 148 38.26 11.32 43.95
N PHE A 149 37.05 11.82 44.24
CA PHE A 149 36.60 11.95 45.62
C PHE A 149 35.17 11.46 45.80
N SER A 150 35.01 10.56 46.76
CA SER A 150 33.71 10.01 47.15
C SER A 150 33.79 9.84 48.67
N PRO A 151 33.41 10.86 49.44
CA PRO A 151 33.50 10.76 50.89
C PRO A 151 32.68 9.59 51.39
N LYS A 152 33.23 8.88 52.37
CA LYS A 152 32.61 7.71 52.95
C LYS A 152 32.93 7.59 54.43
N SER A 153 31.89 7.37 55.24
CA SER A 153 32.04 7.24 56.69
C SER A 153 30.98 6.28 57.22
N PRO A 154 31.37 5.07 57.60
CA PRO A 154 30.43 4.10 58.16
C PRO A 154 30.22 4.30 59.65
N PRO A 155 29.18 3.68 60.22
CA PRO A 155 28.97 3.79 61.67
C PRO A 155 29.96 2.97 62.47
N ALA A 156 30.35 1.81 61.98
CA ALA A 156 31.30 0.91 62.63
C ALA A 156 32.63 0.89 61.88
N SER A 157 33.72 1.04 62.63
CA SER A 157 35.08 1.06 62.12
C SER A 157 35.83 -0.21 62.52
N SER A 158 36.48 -0.84 61.53
CA SER A 158 37.23 -2.08 61.70
C SER A 158 38.54 -2.01 60.94
N TRP A 159 39.64 -2.44 61.57
CA TRP A 159 40.94 -2.52 60.92
C TRP A 159 41.64 -3.77 61.41
N LEU A 160 42.43 -4.41 60.53
CA LEU A 160 43.27 -5.54 60.91
C LEU A 160 44.69 -5.40 60.34
N VAL A 161 45.69 -5.74 61.14
CA VAL A 161 47.05 -5.97 60.65
C VAL A 161 47.32 -7.46 60.73
N CYS A 162 47.62 -8.08 59.60
CA CYS A 162 47.64 -9.53 59.49
C CYS A 162 48.94 -9.93 58.81
N ASP A 163 49.44 -11.14 59.11
CA ASP A 163 50.57 -11.67 58.37
C ASP A 163 50.41 -13.17 58.05
N THR A 164 51.21 -13.63 57.09
CA THR A 164 51.21 -15.00 56.60
C THR A 164 52.63 -15.53 56.55
N VAL A 165 52.84 -16.75 57.03
CA VAL A 165 54.15 -17.38 57.05
C VAL A 165 54.30 -18.38 55.92
N ALA A 166 55.50 -18.40 55.32
CA ALA A 166 55.89 -19.29 54.24
C ALA A 166 55.88 -20.76 54.67
N THR A 167 56.00 -21.64 53.68
CA THR A 167 56.06 -23.07 53.92
C THR A 167 57.47 -23.47 54.35
N GLN A 175 61.05 -19.78 55.94
CA GLN A 175 61.67 -18.47 56.01
C GLN A 175 60.85 -17.41 55.25
N GLY A 176 60.74 -16.22 55.81
CA GLY A 176 60.02 -15.11 55.20
C GLY A 176 58.57 -15.03 55.59
N VAL A 177 58.08 -13.79 55.69
CA VAL A 177 56.74 -13.43 56.14
C VAL A 177 56.22 -12.29 55.26
N THR A 178 54.89 -12.23 55.07
CA THR A 178 54.28 -11.11 54.36
C THR A 178 53.17 -10.47 55.19
N VAL A 179 53.12 -9.13 55.17
CA VAL A 179 52.19 -8.33 55.97
C VAL A 179 51.07 -7.76 55.11
N THR A 180 49.83 -7.94 55.55
CA THR A 180 48.64 -7.47 54.85
C THR A 180 47.80 -6.59 55.78
N VAL A 181 47.33 -5.45 55.28
CA VAL A 181 46.47 -4.53 56.03
C VAL A 181 45.05 -4.60 55.47
N ILE A 182 44.06 -4.68 56.35
CA ILE A 182 42.65 -4.79 55.96
C ILE A 182 41.83 -3.67 56.59
N ASP A 183 40.97 -3.08 55.78
CA ASP A 183 40.01 -2.04 56.19
C ASP A 183 38.63 -2.58 55.86
N GLY A 184 37.77 -2.68 56.87
CA GLY A 184 36.42 -3.21 56.70
C GLY A 184 36.20 -4.46 57.53
N THR A 185 34.95 -4.92 57.49
CA THR A 185 34.56 -6.07 58.30
C THR A 185 35.18 -7.38 57.82
N PRO A 186 35.96 -8.06 58.66
CA PRO A 186 36.56 -9.33 58.28
C PRO A 186 35.55 -10.48 58.19
N ASP A 187 35.95 -11.51 57.45
CA ASP A 187 35.17 -12.73 57.28
C ASP A 187 35.85 -13.84 58.10
N LEU A 188 35.12 -14.39 59.07
CA LEU A 188 35.61 -15.44 59.96
C LEU A 188 35.02 -16.82 59.66
N THR A 189 34.43 -17.01 58.48
CA THR A 189 33.87 -18.29 58.10
C THR A 189 34.98 -19.29 57.75
N GLY A 190 34.62 -20.57 57.82
CA GLY A 190 35.56 -21.65 57.62
C GLY A 190 36.29 -22.01 58.90
N HIS A 191 37.45 -22.65 58.74
CA HIS A 191 38.23 -23.04 59.91
C HIS A 191 38.82 -21.87 60.67
N ARG A 192 38.60 -20.64 60.22
CA ARG A 192 39.10 -19.49 60.94
C ARG A 192 38.47 -19.47 62.33
N GLN A 193 39.21 -18.96 63.31
CA GLN A 193 38.69 -18.88 64.66
C GLN A 193 39.37 -17.78 65.46
N ILE A 194 38.70 -17.33 66.51
CA ILE A 194 39.25 -16.34 67.42
C ILE A 194 40.14 -17.05 68.44
N LEU A 195 41.24 -16.40 68.80
CA LEU A 195 42.20 -16.95 69.76
C LEU A 195 41.85 -16.59 71.21
N SER A 196 40.64 -16.92 71.60
CA SER A 196 40.12 -16.66 72.95
C SER A 196 40.28 -17.89 73.86
N GLY A 197 39.96 -17.67 75.14
CA GLY A 197 39.98 -18.73 76.14
C GLY A 197 41.31 -19.42 76.41
N SER A 198 41.31 -20.76 76.31
CA SER A 198 42.50 -21.58 76.54
C SER A 198 43.43 -21.73 75.34
N ASP A 199 43.07 -21.19 74.18
CA ASP A 199 43.89 -21.29 72.97
C ASP A 199 45.05 -20.28 72.99
N ALA A 200 46.17 -20.66 72.38
CA ALA A 200 47.33 -19.76 72.32
C ALA A 200 48.25 -20.19 71.19
N VAL A 201 49.20 -19.32 70.86
CA VAL A 201 50.19 -19.56 69.82
C VAL A 201 51.53 -18.93 70.20
N VAL A 202 52.63 -19.57 69.78
CA VAL A 202 53.99 -19.13 70.09
C VAL A 202 54.71 -18.69 68.82
N LEU A 203 55.36 -17.52 68.87
CA LEU A 203 56.08 -16.95 67.74
C LEU A 203 57.43 -16.40 68.20
N ARG A 204 58.35 -16.25 67.25
CA ARG A 204 59.71 -15.76 67.48
C ARG A 204 59.99 -14.37 66.93
N TYR A 205 60.66 -13.53 67.73
CA TYR A 205 61.11 -12.22 67.28
C TYR A 205 62.20 -11.71 68.22
N GLY A 206 63.20 -11.05 67.65
CA GLY A 206 64.30 -10.50 68.44
C GLY A 206 65.06 -11.51 69.26
N GLY A 207 65.06 -12.77 68.86
CA GLY A 207 65.76 -13.81 69.57
C GLY A 207 64.98 -14.43 70.71
N ASP A 208 63.79 -13.91 71.02
CA ASP A 208 62.98 -14.41 72.12
C ASP A 208 61.62 -14.89 71.61
N ALA A 209 61.07 -15.89 72.29
CA ALA A 209 59.74 -16.39 71.98
C ALA A 209 58.69 -15.59 72.73
N TRP A 210 57.48 -15.53 72.18
CA TRP A 210 56.41 -14.80 72.82
C TRP A 210 55.11 -15.60 72.71
N VAL A 211 54.31 -15.59 73.77
CA VAL A 211 53.02 -16.27 73.80
C VAL A 211 51.94 -15.22 73.65
N ILE A 212 51.01 -15.44 72.73
CA ILE A 212 49.94 -14.48 72.46
C ILE A 212 48.61 -15.07 72.90
N ARG A 213 47.93 -14.38 73.82
CA ARG A 213 46.63 -14.81 74.26
C ARG A 213 45.84 -13.62 74.81
N GLU A 214 44.52 -13.72 74.73
CA GLU A 214 43.59 -12.70 75.23
C GLU A 214 43.99 -11.29 74.81
N GLY A 215 44.55 -11.14 73.61
CA GLY A 215 44.92 -9.83 73.11
C GLY A 215 46.22 -9.23 73.60
N ARG A 216 47.12 -10.00 74.20
CA ARG A 216 48.38 -9.44 74.64
C ARG A 216 49.48 -10.47 74.42
N ARG A 217 50.72 -10.01 74.33
CA ARG A 217 51.88 -10.88 74.18
C ARG A 217 52.69 -10.95 75.47
N SER A 218 53.01 -12.17 75.91
CA SER A 218 53.79 -12.38 77.11
C SER A 218 55.01 -13.24 76.80
N ARG A 219 56.20 -12.75 77.19
CA ARG A 219 57.47 -13.42 76.95
C ARG A 219 57.62 -14.73 77.74
N ILE A 220 58.35 -15.69 77.16
CA ILE A 220 58.60 -17.00 77.78
C ILE A 220 60.05 -17.43 77.52
N GLU A 221 60.55 -18.38 78.32
CA GLU A 221 61.92 -18.88 78.17
C GLU A 221 61.98 -20.39 78.07
N PRO A 222 63.02 -20.94 77.37
CA PRO A 222 63.13 -22.38 77.14
C PRO A 222 63.71 -23.24 78.25
N THR A 223 64.58 -22.67 79.08
CA THR A 223 65.23 -23.41 80.16
C THR A 223 64.33 -23.58 81.38
N ASN A 224 63.41 -22.65 81.58
CA ASN A 224 62.51 -22.63 82.74
C ASN A 224 61.48 -23.75 82.79
N ARG A 225 61.95 -24.95 83.18
CA ARG A 225 61.05 -26.10 83.32
C ARG A 225 59.94 -25.84 84.32
N ALA A 226 60.26 -25.06 85.36
CA ALA A 226 59.31 -24.73 86.41
C ALA A 226 58.00 -24.14 85.89
N VAL A 227 58.07 -23.25 84.92
CA VAL A 227 56.86 -22.65 84.37
C VAL A 227 56.31 -23.42 83.16
N LEU A 228 57.17 -24.04 82.36
CA LEU A 228 56.71 -24.80 81.20
C LEU A 228 55.89 -26.03 81.59
N LEU A 229 56.41 -26.84 82.49
CA LEU A 229 55.78 -28.09 82.90
C LEU A 229 54.34 -27.97 83.40
N PRO A 230 53.95 -27.01 84.23
CA PRO A 230 52.53 -26.90 84.62
C PRO A 230 51.67 -26.29 83.53
N LEU A 231 52.28 -25.49 82.65
CA LEU A 231 51.58 -24.81 81.56
C LEU A 231 51.37 -25.73 80.35
N GLY A 232 52.20 -26.78 80.20
CA GLY A 232 52.05 -27.76 79.12
C GLY A 232 52.99 -27.65 77.93
N LEU A 233 53.79 -26.59 77.86
CA LEU A 233 54.71 -26.36 76.75
C LEU A 233 55.95 -27.24 76.87
N THR A 234 56.75 -27.28 75.80
CA THR A 234 57.98 -28.06 75.71
C THR A 234 59.10 -27.22 75.14
N PRO A 235 60.35 -27.45 75.58
CA PRO A 235 61.47 -26.67 75.05
C PRO A 235 61.62 -26.74 73.54
N GLU A 236 61.31 -27.86 72.91
CA GLU A 236 61.36 -27.96 71.45
C GLU A 236 60.30 -27.08 70.83
N GLN A 237 59.06 -27.24 71.27
CA GLN A 237 57.90 -26.47 70.85
C GLN A 237 58.06 -24.98 71.11
N VAL A 238 58.97 -24.61 72.02
CA VAL A 238 59.29 -23.22 72.34
C VAL A 238 60.43 -22.68 71.48
N SER A 239 61.47 -23.47 71.25
CA SER A 239 62.63 -23.06 70.47
C SER A 239 62.48 -23.19 68.95
N GLN A 240 61.55 -24.01 68.45
CA GLN A 240 61.35 -24.20 67.02
C GLN A 240 60.21 -23.37 66.40
N ALA A 241 59.60 -22.44 67.13
CA ALA A 241 58.51 -21.64 66.56
C ALA A 241 58.97 -20.78 65.39
N ARG A 242 58.04 -20.55 64.43
CA ARG A 242 58.30 -19.75 63.24
C ARG A 242 58.38 -18.25 63.55
N PRO A 243 59.00 -17.47 62.66
CA PRO A 243 59.14 -16.02 62.85
C PRO A 243 57.85 -15.21 62.85
N MET A 244 57.99 -13.96 63.28
CA MET A 244 56.95 -12.95 63.39
C MET A 244 57.41 -11.66 62.71
N SER A 245 56.50 -10.97 62.03
CA SER A 245 56.80 -9.68 61.41
C SER A 245 56.94 -8.54 62.41
N ARG A 246 57.85 -7.61 62.10
CA ARG A 246 58.04 -6.41 62.91
C ARG A 246 56.76 -5.57 63.04
N ALA A 247 55.90 -5.61 62.03
CA ALA A 247 54.63 -4.88 62.04
C ALA A 247 53.65 -5.43 63.06
N LEU A 248 53.50 -6.75 63.14
CA LEU A 248 52.58 -7.36 64.09
C LEU A 248 53.06 -7.22 65.52
N PHE A 249 54.37 -7.25 65.72
CA PHE A 249 54.99 -7.08 67.04
C PHE A 249 54.65 -5.72 67.66
N ASP A 250 54.49 -4.67 66.85
CA ASP A 250 54.12 -3.36 67.39
C ASP A 250 52.63 -3.20 67.66
N ALA A 251 51.77 -3.85 66.90
CA ALA A 251 50.33 -3.71 67.11
C ALA A 251 49.88 -4.33 68.44
N LEU A 252 50.42 -5.49 68.79
CA LEU A 252 50.10 -6.13 70.05
C LEU A 252 50.66 -5.36 71.25
N PRO A 253 49.86 -5.10 72.28
CA PRO A 253 50.38 -4.64 73.56
C PRO A 253 51.11 -5.75 74.31
N VAL A 254 52.08 -5.34 75.13
CA VAL A 254 52.87 -6.28 75.95
C VAL A 254 52.11 -6.82 77.15
N GLY A 255 52.72 -7.80 77.82
CA GLY A 255 52.21 -8.42 79.02
C GLY A 255 53.38 -8.84 79.91
N PRO A 256 53.14 -9.05 81.20
CA PRO A 256 54.24 -9.49 82.06
C PRO A 256 54.73 -10.88 81.69
N GLU A 257 56.03 -11.08 81.89
CA GLU A 257 56.68 -12.35 81.54
C GLU A 257 56.11 -13.51 82.35
N LEU A 258 56.07 -14.68 81.70
CA LEU A 258 55.63 -15.92 82.36
C LEU A 258 56.82 -16.45 83.14
N LEU A 259 56.92 -16.03 84.40
CA LEU A 259 58.00 -16.40 85.29
C LEU A 259 57.43 -16.80 86.65
N VAL A 260 58.25 -17.48 87.44
CA VAL A 260 57.84 -17.84 88.80
C VAL A 260 57.72 -16.54 89.57
N PRO A 261 56.52 -16.16 90.02
CA PRO A 261 56.35 -14.88 90.71
C PRO A 261 57.21 -14.75 91.97
N GLU A 262 58.05 -13.70 91.97
CA GLU A 262 58.97 -13.43 93.07
C GLU A 262 58.25 -12.85 94.29
N VAL A 263 58.60 -13.33 95.48
CA VAL A 263 57.99 -12.85 96.73
C VAL A 263 59.01 -12.02 97.50
N PRO A 264 58.70 -10.75 97.82
CA PRO A 264 59.63 -9.91 98.59
C PRO A 264 59.90 -10.41 100.01
N ASN A 265 61.18 -10.45 100.39
CA ASN A 265 61.60 -10.88 101.73
C ASN A 265 61.10 -12.27 102.12
N ALA A 266 61.24 -13.23 101.21
CA ALA A 266 60.84 -14.60 101.47
C ALA A 266 61.53 -15.13 102.73
N GLY A 267 60.76 -15.84 103.57
CA GLY A 267 61.25 -16.36 104.84
C GLY A 267 61.18 -15.41 106.01
N GLY A 268 60.82 -14.15 105.79
CA GLY A 268 60.71 -13.17 106.84
C GLY A 268 59.48 -13.38 107.72
N PRO A 269 59.44 -12.72 108.88
CA PRO A 269 58.31 -12.85 109.79
C PRO A 269 57.06 -12.11 109.34
N ALA A 270 55.91 -12.77 109.52
CA ALA A 270 54.63 -12.16 109.17
C ALA A 270 54.23 -11.09 110.16
N THR A 271 53.61 -10.01 109.65
CA THR A 271 53.19 -8.89 110.48
C THR A 271 51.85 -9.09 111.17
N PHE A 272 50.95 -9.96 110.61
CA PHE A 272 49.61 -10.16 111.17
C PHE A 272 49.57 -11.30 112.20
N PRO A 273 48.67 -11.17 113.18
CA PRO A 273 48.55 -12.21 114.22
C PRO A 273 47.88 -13.47 113.68
N GLY A 274 48.32 -14.60 114.25
CA GLY A 274 47.79 -15.90 113.86
C GLY A 274 48.34 -16.44 112.56
N ALA A 275 49.37 -15.81 112.01
CA ALA A 275 50.00 -16.22 110.77
C ALA A 275 50.48 -17.67 110.80
N PRO A 276 50.04 -18.52 109.87
CA PRO A 276 50.48 -19.93 109.89
C PRO A 276 51.95 -20.11 109.61
N GLY A 277 52.63 -19.13 109.01
CA GLY A 277 54.03 -19.27 108.72
C GLY A 277 54.68 -18.01 108.19
N PRO A 278 55.99 -18.11 107.90
CA PRO A 278 56.72 -16.96 107.38
C PRO A 278 56.38 -16.62 105.94
N ILE A 279 56.82 -15.41 105.57
CA ILE A 279 56.64 -14.87 104.23
C ILE A 279 57.16 -15.84 103.18
N GLY A 280 56.43 -15.95 102.07
CA GLY A 280 56.78 -16.82 100.97
C GLY A 280 56.27 -18.25 101.08
N THR A 281 55.69 -18.64 102.21
CA THR A 281 55.12 -19.98 102.34
C THR A 281 53.71 -20.02 101.76
N VAL A 282 53.34 -21.18 101.21
CA VAL A 282 52.03 -21.41 100.64
C VAL A 282 51.18 -22.23 101.61
N ILE A 283 49.94 -21.80 101.80
CA ILE A 283 48.97 -22.40 102.71
C ILE A 283 47.76 -22.90 101.93
N VAL A 284 47.20 -24.04 102.35
CA VAL A 284 46.04 -24.64 101.70
C VAL A 284 45.00 -25.10 102.71
N THR A 285 43.71 -25.01 102.32
CA THR A 285 42.58 -25.45 103.16
C THR A 285 41.49 -26.19 102.36
N PRO A 286 41.03 -27.35 102.82
CA PRO A 286 39.96 -28.09 102.13
C PRO A 286 38.58 -27.48 102.36
N GLN A 287 37.57 -28.12 101.77
CA GLN A 287 36.17 -27.75 101.90
C GLN A 287 35.27 -28.98 101.92
N ILE A 288 34.06 -28.79 102.46
CA ILE A 288 33.08 -29.87 102.50
C ILE A 288 32.65 -30.23 101.08
N SER A 289 32.69 -29.24 100.18
CA SER A 289 32.37 -29.44 98.78
C SER A 289 33.25 -28.49 97.98
N GLY A 290 33.59 -28.90 96.76
CA GLY A 290 34.45 -28.14 95.90
C GLY A 290 35.94 -28.34 96.15
N PRO A 291 36.75 -27.70 95.32
CA PRO A 291 38.22 -27.83 95.42
C PRO A 291 38.85 -27.08 96.57
N GLN A 292 40.07 -27.52 96.90
CA GLN A 292 40.89 -26.91 97.94
C GLN A 292 41.33 -25.50 97.56
N GLN A 293 41.40 -24.62 98.55
CA GLN A 293 41.79 -23.22 98.36
C GLN A 293 43.22 -22.96 98.83
N TYR A 294 44.06 -22.50 97.91
CA TYR A 294 45.47 -22.19 98.13
C TYR A 294 45.68 -20.72 98.45
N SER A 295 46.75 -20.42 99.21
CA SER A 295 47.07 -19.05 99.56
C SER A 295 48.56 -18.92 99.83
N LEU A 296 49.05 -17.66 99.73
CA LEU A 296 50.45 -17.33 99.91
C LEU A 296 50.63 -16.25 100.98
N VAL A 297 51.60 -16.45 101.86
CA VAL A 297 51.92 -15.49 102.92
C VAL A 297 52.73 -14.32 102.38
N LEU A 298 52.23 -13.11 102.64
CA LEU A 298 52.83 -11.86 102.23
C LEU A 298 53.09 -11.02 103.47
N GLY A 299 54.00 -10.06 103.34
CA GLY A 299 54.37 -9.21 104.46
C GLY A 299 53.18 -8.62 105.19
N ASP A 300 52.11 -8.30 104.46
CA ASP A 300 50.91 -7.70 105.05
C ASP A 300 49.75 -8.68 105.22
N GLY A 301 49.91 -9.95 104.88
CA GLY A 301 48.81 -10.90 105.02
C GLY A 301 48.95 -12.08 104.06
N VAL A 302 47.80 -12.59 103.60
CA VAL A 302 47.76 -13.73 102.66
C VAL A 302 46.90 -13.44 101.44
N GLN A 303 47.41 -13.83 100.27
CA GLN A 303 46.73 -13.69 98.99
C GLN A 303 46.37 -15.06 98.43
N THR A 304 45.10 -15.26 98.10
CA THR A 304 44.62 -16.52 97.54
C THR A 304 45.13 -16.71 96.11
N LEU A 305 45.53 -17.95 95.77
CA LEU A 305 46.06 -18.25 94.44
C LEU A 305 45.30 -19.39 93.77
N PRO A 306 45.11 -19.33 92.45
CA PRO A 306 44.42 -20.41 91.72
C PRO A 306 45.26 -21.68 91.64
N PRO A 307 44.60 -22.82 91.39
CA PRO A 307 45.30 -24.12 91.34
C PRO A 307 46.53 -24.18 90.44
N LEU A 308 46.40 -23.69 89.21
CA LEU A 308 47.50 -23.68 88.24
C LEU A 308 48.68 -22.82 88.71
N VAL A 309 48.40 -21.69 89.36
CA VAL A 309 49.46 -20.81 89.83
C VAL A 309 50.25 -21.47 90.97
N ALA A 310 49.55 -22.12 91.89
CA ALA A 310 50.21 -22.80 93.01
C ALA A 310 51.23 -23.84 92.52
N GLN A 311 50.92 -24.53 91.42
CA GLN A 311 51.84 -25.51 90.86
C GLN A 311 53.15 -24.87 90.43
N ILE A 312 53.12 -23.61 90.01
CA ILE A 312 54.35 -22.92 89.62
C ILE A 312 55.27 -22.80 90.83
N LEU A 313 54.71 -22.36 91.95
CA LEU A 313 55.45 -22.21 93.20
C LEU A 313 55.88 -23.57 93.73
N GLN A 314 54.95 -24.52 93.79
CA GLN A 314 55.27 -25.87 94.25
C GLN A 314 56.39 -26.54 93.45
N ASN A 315 56.48 -26.25 92.16
CA ASN A 315 57.56 -26.85 91.36
C ASN A 315 58.91 -26.15 91.48
N ALA A 316 58.99 -25.03 92.19
CA ALA A 316 60.27 -24.34 92.37
C ALA A 316 60.29 -23.56 93.68
N ALA A 319 63.77 -26.49 93.87
CA ALA A 319 63.58 -27.12 95.17
C ALA A 319 62.58 -26.32 96.01
N GLY A 320 62.10 -26.93 97.08
CA GLY A 320 61.15 -26.26 97.96
C GLY A 320 60.52 -27.25 98.93
N ASN A 321 59.48 -26.77 99.61
CA ASN A 321 58.77 -27.63 100.56
C ASN A 321 58.08 -28.79 99.86
N THR A 322 57.93 -29.90 100.60
CA THR A 322 57.28 -31.09 100.04
C THR A 322 55.79 -30.85 99.77
N LYS A 323 55.10 -30.16 100.68
CA LYS A 323 53.68 -29.85 100.54
C LYS A 323 53.36 -28.55 101.25
N PRO A 324 52.31 -27.84 100.84
CA PRO A 324 51.91 -26.61 101.52
C PRO A 324 51.37 -26.86 102.92
N LEU A 325 51.33 -25.78 103.70
CA LEU A 325 50.82 -25.82 105.08
C LEU A 325 49.29 -25.97 105.12
N THR A 326 48.82 -27.08 105.68
CA THR A 326 47.38 -27.35 105.81
C THR A 326 46.79 -26.59 106.99
N VAL A 327 45.68 -25.85 106.77
CA VAL A 327 45.06 -25.07 107.84
C VAL A 327 43.53 -25.19 107.84
N GLU A 328 42.96 -24.83 108.99
CA GLU A 328 41.51 -24.82 109.22
C GLU A 328 40.78 -23.71 108.46
N PRO A 329 39.59 -23.99 107.93
CA PRO A 329 38.81 -22.97 107.19
C PRO A 329 38.40 -21.73 108.00
N SER A 330 38.00 -21.90 109.26
CA SER A 330 37.56 -20.77 110.08
C SER A 330 38.66 -19.76 110.36
N THR A 331 39.83 -20.21 110.81
CA THR A 331 40.93 -19.27 111.06
C THR A 331 41.35 -18.56 109.77
N LEU A 332 41.38 -19.28 108.66
CA LEU A 332 41.73 -18.66 107.38
C LEU A 332 40.71 -17.62 106.97
N ALA A 333 39.43 -17.87 107.25
CA ALA A 333 38.38 -16.91 106.93
C ALA A 333 38.50 -15.64 107.78
N LYS A 334 38.96 -15.77 109.02
CA LYS A 334 39.18 -14.62 109.90
C LYS A 334 40.45 -13.86 109.55
N MET A 335 41.41 -14.54 108.91
CA MET A 335 42.69 -13.98 108.53
C MET A 335 42.57 -12.81 107.54
N PRO A 336 43.54 -11.86 107.57
CA PRO A 336 43.54 -10.71 106.65
C PRO A 336 43.88 -11.05 105.20
N VAL A 337 42.92 -10.88 104.31
CA VAL A 337 43.07 -11.14 102.87
C VAL A 337 43.77 -9.96 102.19
N VAL A 338 44.72 -10.28 101.31
CA VAL A 338 45.57 -9.33 100.59
C VAL A 338 45.47 -9.56 99.08
N ASN A 339 45.60 -8.45 98.34
CA ASN A 339 45.62 -8.38 96.87
C ASN A 339 46.75 -7.43 96.47
N ARG A 340 47.96 -7.99 96.35
CA ARG A 340 49.21 -7.28 96.09
C ARG A 340 49.99 -7.79 94.87
N LEU A 341 50.03 -9.10 94.63
CA LEU A 341 50.71 -9.69 93.48
C LEU A 341 49.79 -9.77 92.26
N ASP A 342 50.38 -9.67 91.07
CA ASP A 342 49.65 -9.72 89.80
C ASP A 342 49.73 -11.10 89.14
N LEU A 343 48.55 -11.71 88.95
CA LEU A 343 48.34 -13.02 88.35
C LEU A 343 47.63 -12.93 86.99
N SER A 344 47.59 -11.73 86.42
CA SER A 344 46.88 -11.46 85.16
C SER A 344 47.31 -12.33 83.99
N ALA A 345 48.60 -12.65 83.86
CA ALA A 345 49.07 -13.44 82.73
C ALA A 345 48.97 -14.96 82.87
N TYR A 346 48.40 -15.50 83.94
CA TYR A 346 48.35 -16.97 84.10
C TYR A 346 46.96 -17.54 83.80
N PRO A 347 46.90 -18.64 83.02
CA PRO A 347 45.61 -19.23 82.64
C PRO A 347 44.99 -20.22 83.61
N ASP A 348 43.83 -20.76 83.24
CA ASP A 348 43.11 -21.74 84.05
C ASP A 348 43.49 -23.19 83.80
N ASN A 349 43.99 -23.51 82.61
CA ASN A 349 44.31 -24.89 82.25
C ASN A 349 45.52 -24.88 81.34
N PRO A 350 46.07 -26.04 81.01
CA PRO A 350 47.19 -26.08 80.07
C PRO A 350 46.76 -25.50 78.73
N LEU A 351 47.65 -24.70 78.14
CA LEU A 351 47.34 -24.04 76.88
C LEU A 351 47.08 -25.02 75.73
N GLU A 352 46.12 -24.66 74.89
CA GLU A 352 45.82 -25.37 73.64
C GLU A 352 46.60 -24.66 72.54
N VAL A 353 47.85 -25.06 72.32
CA VAL A 353 48.69 -24.40 71.31
C VAL A 353 48.27 -24.77 69.90
N VAL A 354 47.97 -23.75 69.09
CA VAL A 354 47.53 -23.88 67.69
C VAL A 354 48.67 -24.33 66.79
N ASP A 355 48.42 -25.38 66.00
CA ASP A 355 49.40 -25.92 65.04
C ASP A 355 49.52 -25.01 63.82
N ILE A 356 50.67 -24.34 63.69
CA ILE A 356 50.94 -23.40 62.61
C ILE A 356 50.92 -23.98 61.19
N ARG A 357 51.09 -25.29 61.00
CA ARG A 357 51.02 -25.84 59.64
C ARG A 357 49.60 -25.74 59.09
N GLU A 358 48.61 -25.97 59.95
CA GLU A 358 47.21 -25.87 59.55
C GLU A 358 46.74 -24.44 59.54
N HIS A 359 47.25 -23.61 60.46
CA HIS A 359 46.92 -22.19 60.53
C HIS A 359 48.15 -21.32 60.31
N PRO A 360 48.50 -21.06 59.05
CA PRO A 360 49.70 -20.26 58.73
C PRO A 360 49.51 -18.76 58.91
N SER A 361 48.33 -18.29 59.31
CA SER A 361 48.03 -16.88 59.34
C SER A 361 47.37 -16.46 60.65
N THR A 362 47.83 -15.32 61.19
CA THR A 362 47.34 -14.74 62.42
C THR A 362 47.18 -13.23 62.22
N CYS A 363 46.08 -12.65 62.71
CA CYS A 363 45.80 -11.23 62.55
C CYS A 363 45.42 -10.60 63.88
N TRP A 364 45.87 -9.36 64.09
CA TRP A 364 45.39 -8.47 65.15
C TRP A 364 44.20 -7.63 64.66
N TRP A 365 43.14 -7.59 65.45
CA TRP A 365 41.89 -6.92 65.06
C TRP A 365 41.55 -5.80 66.03
N TRP A 366 41.24 -4.63 65.49
CA TRP A 366 40.73 -3.48 66.24
C TRP A 366 39.33 -3.10 65.74
N GLU A 367 38.39 -2.96 66.66
CA GLU A 367 36.97 -2.76 66.35
C GLU A 367 36.39 -1.68 67.25
N ARG A 368 35.65 -0.73 66.67
CA ARG A 368 35.06 0.34 67.46
C ARG A 368 33.78 0.88 66.84
N THR A 369 32.83 1.23 67.70
CA THR A 369 31.56 1.82 67.30
C THR A 369 31.57 3.29 67.70
N ALA A 370 31.05 4.15 66.83
CA ALA A 370 31.04 5.58 67.10
C ALA A 370 30.49 5.93 68.48
N GLY A 371 31.30 6.68 69.23
CA GLY A 371 30.97 7.12 70.58
C GLY A 371 31.34 6.20 71.72
N GLU A 372 31.75 4.97 71.45
CA GLU A 372 32.13 4.08 72.53
C GLU A 372 33.44 4.50 73.19
N ASN A 373 33.52 4.27 74.50
CA ASN A 373 34.68 4.69 75.27
C ASN A 373 35.96 3.93 74.91
N ARG A 374 35.86 2.67 74.48
CA ARG A 374 37.06 1.93 74.15
C ARG A 374 36.84 0.96 72.99
N ALA A 375 37.89 0.78 72.19
CA ALA A 375 37.88 -0.17 71.10
C ALA A 375 38.19 -1.56 71.63
N ARG A 376 37.75 -2.57 70.89
CA ARG A 376 37.95 -3.97 71.26
C ARG A 376 39.13 -4.56 70.49
N VAL A 377 40.09 -5.12 71.21
CA VAL A 377 41.29 -5.71 70.62
C VAL A 377 41.19 -7.23 70.71
N ARG A 378 41.40 -7.91 69.58
CA ARG A 378 41.23 -9.35 69.46
C ARG A 378 42.33 -9.92 68.58
N VAL A 379 42.46 -11.25 68.60
CA VAL A 379 43.40 -11.95 67.72
C VAL A 379 42.68 -13.08 66.99
N VAL A 380 42.95 -13.23 65.69
CA VAL A 380 42.34 -14.25 64.85
C VAL A 380 43.44 -15.12 64.26
N SER A 381 43.14 -16.39 64.03
CA SER A 381 44.00 -17.26 63.25
C SER A 381 43.17 -18.14 62.33
N GLY A 382 43.82 -18.66 61.28
CA GLY A 382 43.17 -19.52 60.32
C GLY A 382 44.07 -19.93 59.18
N PRO A 383 43.51 -20.69 58.22
CA PRO A 383 44.28 -21.14 57.07
C PRO A 383 44.53 -20.08 56.02
N THR A 384 43.72 -19.04 55.96
CA THR A 384 43.88 -17.98 54.97
C THR A 384 43.41 -16.66 55.55
N ILE A 385 43.93 -15.59 54.98
CA ILE A 385 43.60 -14.21 55.35
C ILE A 385 42.09 -14.07 55.37
N PRO A 386 41.51 -13.26 56.28
CA PRO A 386 40.06 -13.22 56.48
C PRO A 386 39.28 -12.45 55.42
N VAL A 387 39.47 -12.84 54.16
CA VAL A 387 38.77 -12.27 53.03
C VAL A 387 38.11 -13.42 52.29
N ALA A 388 36.89 -13.19 51.81
CA ALA A 388 36.18 -14.25 51.11
C ALA A 388 36.93 -14.69 49.86
N ALA A 389 36.86 -15.99 49.58
CA ALA A 389 37.54 -16.57 48.42
C ALA A 389 37.11 -15.92 47.10
N THR A 390 35.91 -15.37 47.03
CA THR A 390 35.48 -14.68 45.82
C THR A 390 36.20 -13.35 45.64
N GLU A 391 36.47 -12.66 46.74
CA GLU A 391 37.18 -11.38 46.73
C GLU A 391 38.68 -11.51 46.81
N MET A 392 39.18 -12.73 47.02
CA MET A 392 40.62 -12.99 47.13
C MET A 392 41.42 -12.48 45.94
N ASN A 393 40.83 -12.45 44.75
CA ASN A 393 41.54 -11.99 43.56
C ASN A 393 41.71 -10.47 43.44
N LYS A 394 41.06 -9.65 44.27
CA LYS A 394 41.21 -8.21 44.15
C LYS A 394 41.89 -7.55 45.35
N VAL A 395 42.88 -8.22 45.93
CA VAL A 395 43.86 -7.61 46.84
C VAL A 395 44.85 -6.78 46.04
N VAL A 396 45.25 -5.61 46.56
CA VAL A 396 46.24 -4.76 45.89
C VAL A 396 47.64 -5.07 46.40
N SER A 397 48.62 -5.10 45.49
CA SER A 397 50.02 -5.36 45.84
C SER A 397 50.84 -4.07 45.68
N LEU A 398 51.39 -3.57 46.79
CA LEU A 398 52.10 -2.30 46.80
C LEU A 398 53.50 -2.41 46.20
N VAL A 399 54.09 -1.24 45.85
CA VAL A 399 55.44 -1.21 45.30
C VAL A 399 56.49 -1.43 46.38
N LYS A 400 56.31 -0.79 47.54
CA LYS A 400 57.18 -0.93 48.72
C LYS A 400 58.64 -0.54 48.46
N ALA A 401 58.87 0.76 48.31
CA ALA A 401 60.22 1.27 48.11
C ALA A 401 61.07 1.22 49.38
N ASP A 402 60.43 1.19 50.55
CA ASP A 402 61.08 1.11 51.85
C ASP A 402 61.27 -0.33 52.27
N THR A 403 62.53 -0.80 52.31
CA THR A 403 62.83 -2.17 52.69
C THR A 403 62.79 -2.43 54.19
N SER A 404 62.71 -1.39 55.02
CA SER A 404 62.61 -1.59 56.45
C SER A 404 61.22 -2.10 56.81
N GLY A 405 61.11 -2.74 57.97
CA GLY A 405 59.85 -3.30 58.45
C GLY A 405 58.83 -2.30 58.94
N ARG A 406 58.62 -1.24 58.17
CA ARG A 406 57.70 -0.17 58.50
C ARG A 406 56.59 0.01 57.48
N GLN A 407 56.46 -0.88 56.50
CA GLN A 407 55.44 -0.72 55.48
C GLN A 407 54.86 -2.06 55.10
N ALA A 408 53.56 -2.07 54.79
CA ALA A 408 52.88 -3.30 54.40
C ALA A 408 53.24 -3.74 52.98
N ASP A 409 52.97 -5.02 52.71
CA ASP A 409 53.15 -5.60 51.39
C ASP A 409 51.90 -5.54 50.53
N GLN A 410 50.73 -5.65 51.14
CA GLN A 410 49.46 -5.68 50.43
C GLN A 410 48.39 -4.92 51.20
N VAL A 411 47.32 -4.54 50.49
CA VAL A 411 46.21 -3.83 51.11
C VAL A 411 44.91 -4.38 50.52
N TYR A 412 43.88 -4.48 51.36
CA TYR A 412 42.57 -4.92 50.93
C TYR A 412 41.49 -4.06 51.57
N PHE A 413 40.52 -3.62 50.77
CA PHE A 413 39.41 -2.79 51.24
C PHE A 413 38.13 -3.61 51.20
N GLY A 414 37.62 -3.99 52.36
CA GLY A 414 36.41 -4.77 52.42
C GLY A 414 35.15 -3.94 52.36
N PRO A 415 34.01 -4.58 52.58
CA PRO A 415 32.74 -3.85 52.56
C PRO A 415 32.62 -2.84 53.70
N ASP A 416 31.99 -1.71 53.39
CA ASP A 416 31.80 -0.61 54.34
C ASP A 416 33.11 -0.09 54.93
N HIS A 417 34.08 0.14 54.06
CA HIS A 417 35.37 0.70 54.46
C HIS A 417 35.25 2.22 54.62
N ALA A 418 36.32 2.88 55.09
CA ALA A 418 36.30 4.33 55.28
C ALA A 418 37.43 5.03 54.57
N ASN A 419 37.09 6.08 53.80
CA ASN A 419 38.05 6.89 53.05
C ASN A 419 38.65 8.05 53.83
N PHE A 420 37.80 8.79 54.56
CA PHE A 420 38.19 9.94 55.36
C PHE A 420 38.29 9.48 56.81
N VAL A 421 39.45 9.69 57.42
CA VAL A 421 39.74 9.19 58.76
C VAL A 421 40.46 10.20 59.63
N ALA A 422 40.23 10.09 60.95
CA ALA A 422 40.87 10.92 61.96
C ALA A 422 41.59 10.04 62.98
N VAL A 423 42.70 10.54 63.51
CA VAL A 423 43.49 9.82 64.49
C VAL A 423 43.82 10.71 65.68
N THR A 424 44.17 10.06 66.78
CA THR A 424 44.48 10.73 68.04
C THR A 424 45.49 11.87 67.85
N SER A 433 44.38 18.43 68.64
CA SER A 433 45.51 17.51 68.63
C SER A 433 45.32 16.42 67.57
N GLU A 434 44.06 16.24 67.16
CA GLU A 434 43.73 15.24 66.14
C GLU A 434 44.31 15.63 64.78
N SER A 435 44.58 14.61 63.96
CA SER A 435 45.08 14.77 62.60
C SER A 435 44.15 14.06 61.63
N LEU A 436 43.95 14.67 60.46
CA LEU A 436 43.07 14.18 59.41
C LEU A 436 43.84 13.61 58.21
N TRP A 437 43.40 12.44 57.71
CA TRP A 437 44.03 11.77 56.59
C TRP A 437 42.99 11.27 55.58
N TRP A 438 43.38 11.23 54.30
CA TRP A 438 42.56 10.72 53.19
C TRP A 438 43.25 9.54 52.52
N VAL A 439 42.55 8.40 52.44
CA VAL A 439 43.10 7.17 51.85
C VAL A 439 42.45 6.86 50.50
N THR A 440 43.29 6.67 49.48
CA THR A 440 42.88 6.34 48.11
C THR A 440 42.72 4.85 47.89
N ASP A 441 41.97 4.51 46.85
CA ASP A 441 41.75 3.10 46.49
C ASP A 441 43.04 2.40 46.10
N ALA A 442 44.07 3.15 45.70
CA ALA A 442 45.38 2.63 45.35
C ALA A 442 46.25 2.34 46.55
N GLY A 443 45.75 2.60 47.75
CA GLY A 443 46.47 2.34 48.98
C GLY A 443 47.39 3.43 49.49
N ALA A 444 47.35 4.63 48.93
CA ALA A 444 48.20 5.71 49.41
C ALA A 444 47.39 6.61 50.34
N ARG A 445 48.06 7.28 51.27
CA ARG A 445 47.42 8.21 52.21
C ARG A 445 47.97 9.62 52.06
N PHE A 446 47.07 10.61 52.18
CA PHE A 446 47.40 12.03 52.05
C PHE A 446 46.87 12.83 53.23
N GLY A 447 47.67 13.76 53.75
CA GLY A 447 47.21 14.60 54.87
C GLY A 447 46.38 15.79 54.41
N VAL A 448 45.32 16.10 55.16
CA VAL A 448 44.40 17.20 54.87
C VAL A 448 44.48 18.26 55.97
N GLU A 449 44.50 19.54 55.56
CA GLU A 449 44.53 20.63 56.53
C GLU A 449 43.25 20.67 57.36
N ASP A 450 43.39 21.10 58.62
CA ASP A 450 42.25 21.17 59.54
C ASP A 450 41.30 22.34 59.26
N SER A 451 41.75 23.35 58.52
CA SER A 451 41.02 24.59 58.29
C SER A 451 39.87 24.48 57.29
N LYS A 452 38.96 25.46 57.41
CA LYS A 452 37.76 25.56 56.57
C LYS A 452 38.07 25.62 55.08
N GLU A 453 39.18 26.23 54.69
CA GLU A 453 39.51 26.25 53.26
C GLU A 453 39.58 24.85 52.68
N ALA A 454 40.42 23.99 53.23
CA ALA A 454 40.51 22.62 52.73
C ALA A 454 39.19 21.88 52.89
N ARG A 455 38.54 22.02 54.03
CA ARG A 455 37.25 21.37 54.29
C ARG A 455 36.11 21.98 53.48
N ASP A 456 36.40 22.98 52.65
CA ASP A 456 35.44 23.61 51.75
C ASP A 456 35.80 23.36 50.30
N ALA A 457 37.05 23.58 49.94
CA ALA A 457 37.48 23.39 48.56
C ALA A 457 37.43 21.93 48.15
N LEU A 458 37.86 21.00 49.00
CA LEU A 458 37.83 19.60 48.62
C LEU A 458 36.53 18.89 48.98
N GLY A 459 35.60 19.57 49.64
CA GLY A 459 34.44 18.89 50.19
C GLY A 459 34.83 18.39 51.56
N LEU A 460 34.59 17.10 51.83
CA LEU A 460 35.05 16.53 53.09
C LEU A 460 34.55 17.31 54.30
N THR A 461 33.42 17.98 54.19
CA THR A 461 32.90 18.73 55.33
C THR A 461 32.28 17.84 56.41
N LEU A 462 31.89 16.62 56.06
CA LEU A 462 31.35 15.67 57.02
C LEU A 462 32.37 15.30 58.10
N THR A 463 31.91 14.59 59.14
CA THR A 463 32.80 14.12 60.22
C THR A 463 33.51 12.81 59.86
N PRO A 464 34.81 12.73 60.06
CA PRO A 464 35.56 11.51 59.76
C PRO A 464 35.35 10.38 60.76
N SER A 465 35.67 9.17 60.32
CA SER A 465 35.64 7.98 61.16
C SER A 465 36.99 7.81 61.86
N LEU A 466 37.00 7.11 62.99
CA LEU A 466 38.22 6.90 63.76
C LEU A 466 39.02 5.67 63.28
N ALA A 467 40.35 5.75 63.39
CA ALA A 467 41.23 4.64 63.03
C ALA A 467 42.50 4.64 63.87
N PRO A 468 43.15 3.46 64.06
CA PRO A 468 44.35 3.38 64.90
C PRO A 468 45.64 3.65 64.15
N TRP A 469 46.52 4.47 64.74
CA TRP A 469 47.79 4.81 64.11
C TRP A 469 48.71 3.62 63.83
N VAL A 470 48.66 2.56 64.65
CA VAL A 470 49.51 1.39 64.41
C VAL A 470 49.22 0.66 63.12
N ALA A 471 48.00 0.76 62.59
CA ALA A 471 47.66 0.24 61.27
C ALA A 471 47.80 1.28 60.16
N LEU A 472 47.21 2.45 60.34
CA LEU A 472 47.21 3.49 59.31
C LEU A 472 48.62 3.89 58.87
N ARG A 473 49.58 3.93 59.79
CA ARG A 473 50.94 4.31 59.41
C ARG A 473 51.63 3.33 58.45
N LEU A 474 51.14 2.11 58.32
CA LEU A 474 51.74 1.13 57.42
C LEU A 474 51.56 1.43 55.93
N LEU A 475 50.65 2.33 55.54
CA LEU A 475 50.40 2.71 54.15
C LEU A 475 51.34 3.83 53.68
N PRO A 476 51.79 3.83 52.42
CA PRO A 476 52.69 4.88 51.91
C PRO A 476 52.05 6.26 51.90
N GLN A 477 52.87 7.27 52.20
CA GLN A 477 52.45 8.67 52.33
C GLN A 477 52.81 9.62 51.19
N GLY A 478 51.83 10.48 50.83
CA GLY A 478 52.01 11.52 49.84
C GLY A 478 52.01 12.92 50.46
N PRO A 479 52.21 13.97 49.67
CA PRO A 479 52.21 15.33 50.23
C PRO A 479 50.86 15.76 50.76
N THR A 480 50.88 16.75 51.67
CA THR A 480 49.64 17.28 52.26
C THR A 480 48.86 18.18 51.30
N LEU A 481 47.54 18.06 51.33
CA LEU A 481 46.65 18.84 50.46
C LEU A 481 46.33 20.23 51.06
N SER A 482 47.29 21.14 51.01
CA SER A 482 47.04 22.51 51.47
C SER A 482 46.96 23.43 50.27
N ARG A 483 46.25 24.50 50.35
CA ARG A 483 46.12 25.53 49.39
C ARG A 483 47.44 26.17 49.03
N ALA A 484 48.32 26.26 50.01
CA ALA A 484 49.64 26.86 49.79
C ALA A 484 50.53 25.97 48.91
N ASP A 485 50.35 24.66 48.97
CA ASP A 485 51.09 23.70 48.17
C ASP A 485 50.67 23.66 46.70
N ALA A 486 49.40 23.92 46.39
CA ALA A 486 48.90 23.85 45.02
C ALA A 486 49.17 25.08 44.15
N LEU A 487 49.43 26.24 44.63
CA LEU A 487 49.68 27.45 43.94
C LEU A 487 51.05 27.60 43.33
N VAL A 488 51.59 26.66 42.61
CA VAL A 488 52.86 26.58 41.98
C VAL A 488 52.83 26.19 40.52
N GLU A 489 53.63 26.75 39.67
CA GLU A 489 53.88 26.55 38.30
C GLU A 489 55.09 25.73 37.99
N HIS A 490 55.08 25.00 36.88
CA HIS A 490 56.24 24.22 36.45
C HIS A 490 56.31 24.09 34.95
N ASP A 491 57.54 23.94 34.45
CA ASP A 491 57.78 23.66 33.05
C ASP A 491 58.29 22.24 32.86
N THR A 492 58.69 21.57 33.93
CA THR A 492 59.19 20.20 33.88
C THR A 492 59.17 19.63 35.31
N LEU A 493 58.59 18.43 35.48
CA LEU A 493 58.56 17.83 36.81
C LEU A 493 59.79 16.96 37.08
N PRO A 494 60.13 16.76 38.36
CA PRO A 494 61.27 15.89 38.69
C PRO A 494 60.95 14.43 38.43
N MET A 495 61.98 13.65 38.12
CA MET A 495 61.82 12.22 37.86
C MET A 495 61.97 11.38 39.13
N ASP A 496 61.24 10.26 39.16
CA ASP A 496 61.26 9.31 40.28
C ASP A 496 62.51 8.44 40.22
N MET A 497 63.29 8.43 41.30
CA MET A 497 64.53 7.65 41.38
C MET A 497 64.40 6.17 41.75
N THR A 498 63.23 5.61 42.06
CA THR A 498 63.14 4.18 42.38
C THR A 498 61.80 3.57 41.97
N PRO A 499 61.61 3.32 40.68
CA PRO A 499 60.37 2.70 40.20
C PRO A 499 60.40 1.18 40.19
N ALA A 500 59.27 0.56 39.81
CA ALA A 500 59.16 -0.89 39.69
C ALA A 500 58.58 -1.23 38.33
N GLU A 501 58.92 -2.42 37.83
CA GLU A 501 58.50 -2.85 36.50
C GLU A 501 57.03 -3.22 36.40
N LEU A 502 56.35 -2.69 35.39
CA LEU A 502 54.98 -3.09 35.10
C LEU A 502 55.10 -4.30 34.17
N VAL A 503 54.62 -5.45 34.61
CA VAL A 503 54.72 -6.68 33.80
C VAL A 503 53.37 -7.01 33.21
N VAL A 504 53.34 -7.19 31.89
CA VAL A 504 52.11 -7.46 31.16
C VAL A 504 51.81 -8.94 31.09
N GLY B 10 -44.23 -39.17 -5.31
CA GLY B 10 -43.38 -39.89 -4.38
C GLY B 10 -43.48 -39.39 -2.95
N SER B 11 -42.64 -39.95 -2.07
CA SER B 11 -42.62 -39.62 -0.66
C SER B 11 -41.21 -39.30 -0.17
N GLY B 12 -40.29 -38.97 -1.08
CA GLY B 12 -38.94 -38.65 -0.66
C GLY B 12 -38.05 -39.83 -0.36
N TYR B 13 -38.43 -41.04 -0.77
CA TYR B 13 -37.64 -42.22 -0.50
C TYR B 13 -36.39 -42.29 -1.37
N GLY B 14 -35.40 -43.01 -0.88
CA GLY B 14 -34.14 -43.22 -1.57
C GLY B 14 -33.21 -42.01 -1.59
N LEU B 15 -32.03 -42.25 -2.13
CA LEU B 15 -31.02 -41.22 -2.32
C LEU B 15 -31.44 -40.26 -3.44
N GLY B 16 -30.79 -39.12 -3.50
CA GLY B 16 -31.13 -38.12 -4.50
C GLY B 16 -30.17 -36.95 -4.50
N LEU B 17 -30.68 -35.74 -4.72
CA LEU B 17 -29.88 -34.52 -4.70
C LEU B 17 -30.64 -33.49 -3.86
N SER B 18 -29.91 -32.52 -3.31
CA SER B 18 -30.58 -31.51 -2.49
C SER B 18 -29.82 -30.20 -2.52
N THR B 19 -30.57 -29.11 -2.27
CA THR B 19 -30.06 -27.75 -2.28
C THR B 19 -29.50 -27.35 -0.92
N ARG B 20 -28.74 -26.26 -0.92
CA ARG B 20 -28.16 -25.72 0.31
C ARG B 20 -29.24 -25.17 1.26
N THR B 21 -30.34 -24.67 0.71
CA THR B 21 -31.45 -24.16 1.54
C THR B 21 -32.09 -25.30 2.34
N GLN B 22 -32.20 -26.48 1.74
CA GLN B 22 -32.73 -27.65 2.42
C GLN B 22 -31.76 -28.20 3.45
N VAL B 23 -30.47 -28.20 3.17
CA VAL B 23 -29.48 -28.70 4.13
C VAL B 23 -29.49 -27.87 5.41
N THR B 24 -29.51 -26.53 5.32
CA THR B 24 -29.58 -25.75 6.55
C THR B 24 -30.95 -25.85 7.20
N GLY B 25 -32.00 -26.04 6.41
CA GLY B 25 -33.34 -26.20 6.95
C GLY B 25 -33.45 -27.40 7.87
N TYR B 26 -32.96 -28.56 7.40
CA TYR B 26 -32.95 -29.78 8.20
C TYR B 26 -32.14 -29.62 9.47
N GLN B 27 -30.94 -29.07 9.33
CA GLN B 27 -30.01 -28.85 10.42
C GLN B 27 -30.54 -27.90 11.49
N PHE B 28 -31.50 -27.04 11.15
CA PHE B 28 -32.15 -26.16 12.12
C PHE B 28 -33.20 -26.91 12.95
N LEU B 29 -34.05 -27.71 12.31
CA LEU B 29 -35.04 -28.49 13.05
C LEU B 29 -34.38 -29.48 14.00
N ALA B 30 -33.21 -29.99 13.63
CA ALA B 30 -32.43 -30.91 14.47
C ALA B 30 -31.93 -30.22 15.74
N ARG B 31 -31.38 -29.02 15.60
CA ARG B 31 -30.89 -28.24 16.76
C ARG B 31 -32.03 -27.89 17.71
N ARG B 32 -33.14 -27.41 17.18
CA ARG B 32 -34.32 -27.05 17.98
C ARG B 32 -34.86 -28.25 18.75
N THR B 33 -34.90 -29.44 18.14
CA THR B 33 -35.39 -30.65 18.79
C THR B 33 -34.40 -31.23 19.79
N ALA B 34 -33.10 -31.04 19.57
CA ALA B 34 -32.10 -31.50 20.55
C ALA B 34 -32.19 -30.66 21.82
N MET B 35 -32.45 -29.37 21.68
CA MET B 35 -32.66 -28.48 22.81
C MET B 35 -33.88 -28.89 23.62
N ALA B 36 -34.99 -29.19 22.96
CA ALA B 36 -36.21 -29.61 23.65
C ALA B 36 -35.99 -30.84 24.53
N LEU B 37 -35.24 -31.82 24.07
CA LEU B 37 -34.99 -33.00 24.90
C LEU B 37 -34.14 -32.69 26.13
N THR B 38 -33.28 -31.68 26.05
CA THR B 38 -32.34 -31.36 27.13
C THR B 38 -32.79 -30.25 28.08
N ARG B 39 -33.32 -29.15 27.56
CA ARG B 39 -33.76 -28.00 28.36
C ARG B 39 -35.27 -27.88 28.52
N TRP B 40 -36.06 -28.64 27.79
CA TRP B 40 -37.52 -28.60 27.86
C TRP B 40 -38.15 -27.25 27.48
N ARG B 41 -37.46 -26.41 26.72
CA ARG B 41 -38.01 -25.13 26.27
C ARG B 41 -37.42 -24.86 24.90
N VAL B 42 -38.07 -24.00 24.12
CA VAL B 42 -37.59 -23.71 22.77
C VAL B 42 -37.46 -22.21 22.44
N ARG B 43 -37.58 -21.34 23.44
CA ARG B 43 -37.48 -19.90 23.18
C ARG B 43 -36.11 -19.54 22.58
N MET B 44 -35.07 -20.23 23.02
CA MET B 44 -33.69 -20.07 22.54
C MET B 44 -33.22 -18.61 22.38
N GLU B 45 -33.28 -17.89 23.51
CA GLU B 45 -32.85 -16.49 23.57
C GLU B 45 -31.37 -16.38 23.20
N ILE B 46 -30.60 -17.34 23.66
CA ILE B 46 -29.18 -17.52 23.37
C ILE B 46 -29.10 -18.98 22.97
N GLU B 47 -28.25 -19.28 22.01
CA GLU B 47 -28.16 -20.67 21.56
C GLU B 47 -26.86 -21.36 21.97
N PRO B 48 -26.81 -21.85 23.21
CA PRO B 48 -25.61 -22.49 23.75
C PRO B 48 -25.20 -23.76 23.03
N GLY B 49 -26.11 -24.43 22.32
CA GLY B 49 -25.74 -25.64 21.60
C GLY B 49 -24.63 -25.42 20.58
N ARG B 50 -24.77 -24.40 19.74
CA ARG B 50 -23.74 -24.09 18.75
C ARG B 50 -22.46 -23.63 19.42
N ARG B 51 -22.57 -22.69 20.35
CA ARG B 51 -21.42 -22.10 21.05
C ARG B 51 -20.53 -23.17 21.67
N GLN B 52 -21.12 -24.19 22.30
CA GLN B 52 -20.37 -25.29 22.90
C GLN B 52 -19.70 -26.18 21.85
N THR B 53 -20.30 -26.33 20.66
CA THR B 53 -19.71 -27.13 19.59
C THR B 53 -18.50 -26.42 18.95
N LEU B 54 -18.60 -25.13 18.67
CA LEU B 54 -17.50 -24.37 18.10
C LEU B 54 -16.24 -24.42 18.97
N ALA B 55 -16.38 -24.48 20.29
CA ALA B 55 -15.24 -24.59 21.19
C ALA B 55 -14.48 -25.89 20.99
N VAL B 56 -15.18 -26.97 20.64
CA VAL B 56 -14.55 -28.27 20.35
C VAL B 56 -13.83 -28.21 19.01
N VAL B 57 -14.46 -27.63 18.00
CA VAL B 57 -13.86 -27.45 16.67
C VAL B 57 -12.60 -26.59 16.77
N ALA B 58 -12.61 -25.57 17.64
CA ALA B 58 -11.43 -24.73 17.87
C ALA B 58 -10.29 -25.52 18.52
N SER B 59 -10.61 -26.45 19.42
CA SER B 59 -9.60 -27.28 20.10
C SER B 59 -8.92 -28.24 19.12
N VAL B 60 -9.70 -28.89 18.27
CA VAL B 60 -9.18 -29.81 17.25
C VAL B 60 -8.32 -29.05 16.26
N SER B 61 -8.81 -27.90 15.78
CA SER B 61 -8.07 -27.08 14.83
C SER B 61 -6.76 -26.56 15.41
N ALA B 62 -6.75 -26.13 16.66
CA ALA B 62 -5.51 -25.68 17.31
C ALA B 62 -4.51 -26.82 17.43
N ALA B 63 -4.97 -28.05 17.68
CA ALA B 63 -4.09 -29.20 17.79
C ALA B 63 -3.43 -29.57 16.46
N LEU B 64 -4.16 -29.49 15.37
CA LEU B 64 -3.62 -29.78 14.03
C LEU B 64 -2.59 -28.74 13.58
N VAL B 65 -2.81 -27.47 13.90
CA VAL B 65 -1.85 -26.41 13.56
C VAL B 65 -0.49 -26.67 14.22
N ILE B 66 -0.48 -27.16 15.45
CA ILE B 66 0.78 -27.50 16.11
C ILE B 66 1.46 -28.68 15.41
N CYS B 67 0.68 -29.63 14.87
CA CYS B 67 1.25 -30.75 14.12
C CYS B 67 1.93 -30.27 12.83
N LEU B 68 1.33 -29.31 12.13
CA LEU B 68 1.96 -28.74 10.94
C LEU B 68 3.23 -28.00 11.32
N GLY B 69 3.21 -27.28 12.43
CA GLY B 69 4.40 -26.60 12.91
C GLY B 69 5.54 -27.58 13.16
N ALA B 70 5.23 -28.69 13.81
CA ALA B 70 6.21 -29.75 14.07
C ALA B 70 6.67 -30.41 12.76
N LEU B 71 5.77 -30.56 11.80
CA LEU B 71 6.13 -31.16 10.50
C LEU B 71 7.11 -30.27 9.73
N LEU B 72 6.88 -28.95 9.68
CA LEU B 72 7.83 -28.06 9.00
C LEU B 72 9.18 -28.06 9.70
N TRP B 73 9.20 -28.07 11.02
CA TRP B 73 10.44 -28.12 11.79
C TRP B 73 11.26 -29.35 11.40
N SER B 74 10.59 -30.46 11.12
CA SER B 74 11.26 -31.70 10.72
C SER B 74 12.01 -31.57 9.39
N PHE B 75 11.58 -30.69 8.48
CA PHE B 75 12.26 -30.47 7.20
C PHE B 75 13.36 -29.43 7.29
N ILE B 76 13.22 -28.47 8.18
CA ILE B 76 14.21 -27.40 8.34
C ILE B 76 15.48 -27.93 9.00
N SER B 77 15.36 -28.69 10.08
CA SER B 77 16.54 -29.23 10.79
C SER B 77 16.37 -30.73 11.08
N PRO B 78 16.67 -31.56 10.09
CA PRO B 78 16.55 -33.01 10.23
C PRO B 78 17.28 -33.55 11.45
N SER B 79 16.71 -34.64 12.00
CA SER B 79 17.21 -35.32 13.18
C SER B 79 16.56 -36.70 13.25
N GLY B 80 16.85 -37.42 14.33
CA GLY B 80 16.29 -38.74 14.53
C GLY B 80 16.37 -39.15 15.98
N GLN B 81 15.55 -40.13 16.34
CA GLN B 81 15.41 -40.63 17.71
C GLN B 81 15.66 -42.13 17.78
N LEU B 82 16.10 -42.60 18.96
CA LEU B 82 16.31 -44.03 19.16
C LEU B 82 15.04 -44.81 18.89
N ASN B 83 15.20 -46.01 18.38
CA ASN B 83 14.07 -46.81 17.95
C ASN B 83 14.35 -48.29 18.17
N GLU B 84 13.36 -49.12 17.81
CA GLU B 84 13.47 -50.57 17.95
C GLU B 84 14.58 -51.16 17.07
N SER B 85 14.80 -50.58 15.91
CA SER B 85 15.81 -51.10 14.99
C SER B 85 17.20 -51.15 15.65
N PRO B 86 17.95 -52.23 15.45
CA PRO B 86 19.25 -52.39 16.12
C PRO B 86 20.45 -51.78 15.42
N ILE B 87 20.35 -51.33 14.17
CA ILE B 87 21.49 -50.74 13.45
C ILE B 87 21.25 -49.24 13.39
N ILE B 88 22.15 -48.46 14.00
CA ILE B 88 22.02 -47.01 14.06
C ILE B 88 23.34 -46.35 13.71
N ALA B 89 23.25 -45.07 13.32
CA ALA B 89 24.40 -44.25 12.97
C ALA B 89 24.25 -42.84 13.52
N ASP B 90 25.37 -42.25 13.95
CA ASP B 90 25.39 -40.89 14.48
C ASP B 90 25.17 -39.90 13.34
N ARG B 91 24.14 -39.08 13.47
CA ARG B 91 23.80 -38.11 12.42
C ARG B 91 24.88 -37.08 12.11
N ASP B 92 25.64 -36.61 13.09
CA ASP B 92 26.66 -35.62 12.77
C ASP B 92 28.01 -36.19 12.37
N SER B 93 28.24 -37.49 12.52
CA SER B 93 29.54 -38.07 12.24
C SER B 93 29.52 -39.34 11.40
N GLY B 94 28.35 -39.95 11.16
CA GLY B 94 28.29 -41.15 10.36
C GLY B 94 28.81 -42.42 10.99
N ALA B 95 29.25 -42.38 12.24
CA ALA B 95 29.78 -43.56 12.91
C ALA B 95 28.70 -44.63 13.07
N LEU B 96 29.07 -45.89 12.85
CA LEU B 96 28.15 -47.02 12.98
C LEU B 96 28.21 -47.65 14.36
N TYR B 97 27.03 -47.91 14.92
CA TYR B 97 26.87 -48.58 16.20
C TYR B 97 25.85 -49.69 16.04
N VAL B 98 26.04 -50.78 16.77
CA VAL B 98 25.12 -51.92 16.76
C VAL B 98 24.67 -52.16 18.18
N ARG B 99 23.38 -52.45 18.36
CA ARG B 99 22.78 -52.67 19.67
C ARG B 99 22.58 -54.14 19.96
N VAL B 100 23.14 -54.67 20.99
CA VAL B 100 23.04 -55.97 21.51
C VAL B 100 22.70 -55.91 22.98
N GLY B 101 21.67 -56.49 23.46
CA GLY B 101 21.20 -56.33 24.73
C GLY B 101 20.75 -54.97 25.04
N ASP B 102 21.36 -54.31 26.02
CA ASP B 102 21.06 -52.92 26.36
C ASP B 102 22.32 -52.07 26.22
N ARG B 103 23.26 -52.43 25.42
CA ARG B 103 24.54 -51.89 25.21
C ARG B 103 24.87 -51.63 23.77
N LEU B 104 25.49 -50.49 23.44
CA LEU B 104 25.87 -50.14 22.07
C LEU B 104 27.34 -50.47 21.81
N TYR B 105 27.65 -51.19 20.77
CA TYR B 105 28.93 -51.59 20.32
C TYR B 105 29.35 -50.91 19.05
N PRO B 106 30.48 -50.20 18.94
CA PRO B 106 30.86 -49.63 17.65
C PRO B 106 31.24 -50.74 16.68
N ALA B 107 30.60 -50.78 15.52
CA ALA B 107 30.87 -51.80 14.52
C ALA B 107 31.81 -51.28 13.44
N LEU B 108 32.66 -52.17 12.93
CA LEU B 108 33.62 -51.77 11.90
C LEU B 108 32.96 -51.48 10.56
N ASN B 109 31.87 -52.15 10.23
CA ASN B 109 31.26 -51.96 8.92
C ASN B 109 29.83 -52.50 8.91
N LEU B 110 29.10 -52.15 7.86
CA LEU B 110 27.70 -52.56 7.70
C LEU B 110 27.54 -54.07 7.53
N ALA B 111 28.41 -54.72 6.77
CA ALA B 111 28.30 -56.17 6.57
C ALA B 111 28.30 -56.92 7.89
N SER B 112 29.27 -56.64 8.76
CA SER B 112 29.29 -57.31 10.06
C SER B 112 28.13 -56.86 10.95
N ALA B 113 27.65 -55.63 10.81
CA ALA B 113 26.49 -55.21 11.60
C ALA B 113 25.23 -55.98 11.22
N ARG B 114 25.03 -56.21 9.93
CA ARG B 114 23.89 -56.99 9.46
C ARG B 114 23.98 -58.42 9.96
N LEU B 115 25.16 -59.00 9.81
CA LEU B 115 25.43 -60.38 10.18
C LEU B 115 25.35 -60.63 11.68
N ILE B 116 25.70 -59.73 12.53
CA ILE B 116 25.58 -59.80 13.95
C ILE B 116 24.15 -59.80 14.42
N THR B 117 23.40 -58.81 13.95
CA THR B 117 22.00 -58.66 14.36
C THR B 117 21.05 -59.62 13.64
N GLY B 118 21.34 -59.99 12.40
CA GLY B 118 20.49 -60.89 11.66
C GLY B 118 19.40 -60.25 10.82
N ARG B 119 19.37 -58.93 10.72
CA ARG B 119 18.36 -58.23 9.93
C ARG B 119 18.97 -57.58 8.71
N PRO B 120 18.50 -57.86 7.49
CA PRO B 120 19.05 -57.18 6.32
C PRO B 120 18.46 -55.78 6.28
N ASP B 121 19.21 -54.76 6.67
CA ASP B 121 18.66 -53.42 6.75
C ASP B 121 19.78 -52.39 6.63
N ASN B 122 19.40 -51.10 6.65
CA ASN B 122 20.30 -49.97 6.54
C ASN B 122 20.30 -49.16 7.84
N PRO B 123 21.39 -48.49 8.17
CA PRO B 123 21.48 -47.76 9.43
C PRO B 123 20.53 -46.57 9.53
N HIS B 124 19.86 -46.50 10.69
CA HIS B 124 18.93 -45.44 11.05
C HIS B 124 19.71 -44.32 11.74
N LEU B 125 19.66 -43.10 11.20
CA LEU B 125 20.41 -41.97 11.78
C LEU B 125 19.78 -41.44 13.06
N VAL B 126 20.61 -41.28 14.10
CA VAL B 126 20.17 -40.83 15.42
C VAL B 126 20.92 -39.59 15.90
N ARG B 127 20.22 -38.79 16.70
CA ARG B 127 20.78 -37.59 17.31
C ARG B 127 21.99 -37.94 18.18
N SER B 128 23.09 -37.22 17.97
CA SER B 128 24.32 -37.51 18.71
C SER B 128 24.21 -37.32 20.23
N SER B 129 23.37 -36.41 20.71
CA SER B 129 23.22 -36.23 22.16
C SER B 129 22.51 -37.38 22.85
N GLN B 130 21.79 -38.21 22.10
CA GLN B 130 21.11 -39.38 22.65
C GLN B 130 22.03 -40.59 22.72
N ILE B 131 22.83 -40.82 21.69
CA ILE B 131 23.77 -41.93 21.68
C ILE B 131 24.74 -41.82 22.85
N ALA B 132 25.15 -40.62 23.19
CA ALA B 132 26.08 -40.42 24.31
C ALA B 132 25.56 -40.92 25.66
N THR B 133 24.26 -41.12 25.82
CA THR B 133 23.72 -41.56 27.11
C THR B 133 23.77 -43.07 27.34
N MET B 134 23.77 -43.89 26.28
CA MET B 134 23.78 -45.34 26.42
C MET B 134 25.19 -45.94 26.63
N PRO B 135 25.28 -47.06 27.36
CA PRO B 135 26.58 -47.71 27.60
C PRO B 135 27.23 -48.30 26.34
N ARG B 136 28.56 -48.46 26.39
CA ARG B 136 29.37 -48.95 25.29
C ARG B 136 30.11 -50.27 25.57
N GLY B 137 30.81 -50.74 24.52
CA GLY B 137 31.64 -51.93 24.56
C GLY B 137 32.73 -51.85 23.50
N PRO B 138 33.70 -52.76 23.52
CA PRO B 138 34.75 -52.81 22.51
C PRO B 138 34.28 -52.96 21.08
N LEU B 139 35.18 -52.77 20.11
CA LEU B 139 34.84 -52.88 18.70
C LEU B 139 34.50 -54.31 18.28
N VAL B 140 33.56 -54.53 17.41
CA VAL B 140 33.03 -55.73 16.89
C VAL B 140 32.92 -55.84 15.39
N GLY B 141 33.05 -57.05 14.84
CA GLY B 141 32.89 -57.34 13.42
C GLY B 141 34.11 -57.93 12.75
N ILE B 142 34.08 -57.95 11.43
CA ILE B 142 35.16 -58.43 10.56
C ILE B 142 35.86 -57.23 9.94
N PRO B 143 37.17 -57.08 10.11
CA PRO B 143 37.85 -55.92 9.52
C PRO B 143 37.99 -56.03 8.01
N GLY B 144 37.70 -54.93 7.31
CA GLY B 144 37.80 -54.86 5.86
C GLY B 144 36.66 -55.41 5.03
N ALA B 145 35.59 -55.91 5.65
CA ALA B 145 34.45 -56.43 4.92
C ALA B 145 33.74 -55.34 4.11
N PRO B 146 32.87 -55.73 3.17
CA PRO B 146 32.15 -54.75 2.37
C PRO B 146 31.25 -53.88 3.24
N SER B 147 30.87 -52.72 2.69
CA SER B 147 30.03 -51.74 3.37
C SER B 147 28.87 -51.24 2.51
N SER B 148 28.49 -51.97 1.48
CA SER B 148 27.37 -51.61 0.63
C SER B 148 26.87 -52.89 -0.02
N PHE B 149 25.55 -52.96 -0.28
CA PHE B 149 24.98 -54.15 -0.90
C PHE B 149 23.83 -53.79 -1.84
N SER B 150 24.08 -53.94 -3.14
CA SER B 150 23.10 -53.72 -4.20
C SER B 150 23.19 -54.95 -5.09
N PRO B 151 22.43 -56.01 -4.77
CA PRO B 151 22.54 -57.25 -5.53
C PRO B 151 22.09 -57.09 -6.97
N LYS B 152 22.91 -57.61 -7.88
CA LYS B 152 22.68 -57.61 -9.31
C LYS B 152 22.95 -59.00 -9.89
N SER B 153 22.02 -59.47 -10.72
CA SER B 153 22.13 -60.79 -11.35
C SER B 153 21.44 -60.66 -12.70
N PRO B 154 22.20 -60.30 -13.74
CA PRO B 154 21.65 -60.07 -15.06
C PRO B 154 21.24 -61.34 -15.77
N PRO B 155 20.56 -61.20 -16.92
CA PRO B 155 20.13 -62.36 -17.69
C PRO B 155 21.26 -63.10 -18.39
N ALA B 156 22.35 -62.43 -18.73
CA ALA B 156 23.49 -63.04 -19.41
C ALA B 156 24.80 -62.63 -18.75
N SER B 157 25.72 -63.58 -18.69
CA SER B 157 27.03 -63.43 -18.07
C SER B 157 28.15 -63.41 -19.10
N SER B 158 29.09 -62.47 -18.94
CA SER B 158 30.24 -62.29 -19.82
C SER B 158 31.48 -61.98 -19.00
N TRP B 159 32.60 -62.62 -19.33
CA TRP B 159 33.87 -62.37 -18.67
C TRP B 159 35.00 -62.42 -19.70
N LEU B 160 36.03 -61.59 -19.53
CA LEU B 160 37.21 -61.62 -20.39
C LEU B 160 38.49 -61.51 -19.57
N VAL B 161 39.55 -62.17 -20.05
CA VAL B 161 40.92 -62.01 -19.55
C VAL B 161 41.79 -61.53 -20.70
N CYS B 162 42.44 -60.37 -20.55
CA CYS B 162 43.16 -59.70 -21.62
C CYS B 162 44.63 -59.50 -21.27
N ASP B 163 45.51 -59.71 -22.24
CA ASP B 163 46.88 -59.22 -22.22
C ASP B 163 47.04 -57.93 -23.01
N THR B 164 47.99 -57.09 -22.58
CA THR B 164 48.55 -56.03 -23.41
C THR B 164 50.07 -56.13 -23.33
N VAL B 165 50.75 -56.05 -24.47
CA VAL B 165 52.19 -56.19 -24.54
C VAL B 165 52.84 -54.84 -24.78
N ALA B 166 53.92 -54.57 -24.05
CA ALA B 166 54.67 -53.33 -24.13
C ALA B 166 55.44 -53.20 -25.45
N THR B 167 55.63 -51.95 -25.87
CA THR B 167 56.37 -51.68 -27.10
C THR B 167 57.86 -51.97 -26.88
N GLN B 175 59.59 -54.38 -23.05
CA GLN B 175 59.50 -55.66 -22.37
C GLN B 175 58.37 -55.62 -21.33
N GLY B 176 57.82 -56.79 -21.00
CA GLY B 176 56.76 -56.91 -20.00
C GLY B 176 55.36 -56.93 -20.60
N VAL B 177 54.44 -57.54 -19.83
CA VAL B 177 53.03 -57.73 -20.15
C VAL B 177 52.18 -57.31 -18.96
N THR B 178 50.95 -56.86 -19.21
CA THR B 178 50.00 -56.60 -18.12
C THR B 178 48.67 -57.31 -18.36
N VAL B 179 48.05 -57.77 -17.27
CA VAL B 179 46.82 -58.57 -17.27
C VAL B 179 45.63 -57.76 -16.78
N THR B 180 44.55 -57.72 -17.57
CA THR B 180 43.32 -57.02 -17.25
C THR B 180 42.15 -58.00 -17.24
N VAL B 181 41.26 -57.89 -16.25
CA VAL B 181 40.04 -58.69 -16.16
C VAL B 181 38.82 -57.80 -16.40
N ILE B 182 37.88 -58.28 -17.22
CA ILE B 182 36.66 -57.55 -17.55
C ILE B 182 35.42 -58.35 -17.18
N ASP B 183 34.45 -57.67 -16.60
CA ASP B 183 33.14 -58.22 -16.24
C ASP B 183 32.09 -57.37 -16.94
N GLY B 184 31.29 -57.99 -17.81
CA GLY B 184 30.28 -57.30 -18.58
C GLY B 184 30.51 -57.41 -20.07
N THR B 185 29.59 -56.83 -20.83
CA THR B 185 29.67 -56.93 -22.29
C THR B 185 30.81 -56.12 -22.90
N PRO B 186 31.70 -56.75 -23.64
CA PRO B 186 32.80 -56.04 -24.28
C PRO B 186 32.35 -55.19 -25.46
N ASP B 187 33.21 -54.24 -25.83
CA ASP B 187 32.99 -53.35 -26.97
C ASP B 187 33.92 -53.77 -28.10
N LEU B 188 33.34 -54.19 -29.21
CA LEU B 188 34.04 -54.66 -30.40
C LEU B 188 34.21 -53.57 -31.46
N THR B 189 33.86 -52.33 -31.15
CA THR B 189 33.98 -51.21 -32.06
C THR B 189 35.42 -50.89 -32.41
N GLY B 190 35.62 -50.33 -33.60
CA GLY B 190 36.93 -49.99 -34.12
C GLY B 190 37.60 -51.14 -34.86
N HIS B 191 38.93 -51.07 -34.94
CA HIS B 191 39.69 -52.11 -35.64
C HIS B 191 39.72 -53.43 -34.90
N ARG B 192 39.04 -53.51 -33.76
CA ARG B 192 38.98 -54.75 -33.02
C ARG B 192 38.29 -55.81 -33.88
N GLN B 193 38.70 -57.07 -33.71
CA GLN B 193 38.10 -58.15 -34.48
C GLN B 193 38.22 -59.49 -33.76
N ILE B 194 37.32 -60.40 -34.11
CA ILE B 194 37.36 -61.76 -33.57
C ILE B 194 38.38 -62.58 -34.35
N LEU B 195 39.06 -63.48 -33.65
CA LEU B 195 40.09 -64.33 -34.25
C LEU B 195 39.53 -65.64 -34.77
N SER B 196 38.51 -65.56 -35.62
CA SER B 196 37.83 -66.69 -36.23
C SER B 196 38.38 -67.00 -37.63
N GLY B 197 37.89 -68.09 -38.20
CA GLY B 197 38.26 -68.49 -39.55
C GLY B 197 39.74 -68.80 -39.79
N SER B 198 40.33 -68.18 -40.80
CA SER B 198 41.74 -68.38 -41.14
C SER B 198 42.72 -67.51 -40.38
N ASP B 199 42.26 -66.63 -39.49
CA ASP B 199 43.14 -65.77 -38.71
C ASP B 199 43.80 -66.49 -37.54
N ALA B 200 45.04 -66.10 -37.21
CA ALA B 200 45.73 -66.73 -36.09
C ALA B 200 46.84 -65.78 -35.61
N VAL B 201 47.35 -66.08 -34.41
CA VAL B 201 48.44 -65.32 -33.79
C VAL B 201 49.38 -66.24 -33.04
N VAL B 202 50.68 -65.93 -33.07
CA VAL B 202 51.73 -66.74 -32.44
C VAL B 202 52.32 -66.01 -31.24
N LEU B 203 52.42 -66.71 -30.10
CA LEU B 203 52.94 -66.15 -28.85
C LEU B 203 53.91 -67.14 -28.20
N ARG B 204 54.76 -66.61 -27.32
CA ARG B 204 55.78 -67.37 -26.60
C ARG B 204 55.51 -67.55 -25.12
N TYR B 205 55.73 -68.77 -24.61
CA TYR B 205 55.63 -69.07 -23.19
C TYR B 205 56.35 -70.37 -22.88
N GLY B 206 57.01 -70.42 -21.73
CA GLY B 206 57.72 -71.62 -21.31
C GLY B 206 58.77 -72.12 -22.28
N GLY B 207 59.34 -71.23 -23.09
CA GLY B 207 60.35 -71.60 -24.05
C GLY B 207 59.80 -72.13 -25.36
N ASP B 208 58.49 -72.30 -25.48
CA ASP B 208 57.86 -72.84 -26.66
C ASP B 208 56.88 -71.83 -27.25
N ALA B 209 56.71 -71.89 -28.57
CA ALA B 209 55.77 -71.05 -29.27
C ALA B 209 54.42 -71.75 -29.35
N TRP B 210 53.34 -70.98 -29.32
CA TRP B 210 51.99 -71.52 -29.38
C TRP B 210 51.16 -70.76 -30.39
N VAL B 211 50.38 -71.47 -31.18
CA VAL B 211 49.49 -70.87 -32.17
C VAL B 211 48.09 -70.89 -31.60
N ILE B 212 47.44 -69.73 -31.58
CA ILE B 212 46.11 -69.58 -31.01
C ILE B 212 45.10 -69.22 -32.09
N ARG B 213 44.06 -70.04 -32.23
CA ARG B 213 43.00 -69.74 -33.16
C ARG B 213 41.80 -70.63 -32.88
N GLU B 214 40.66 -70.18 -33.36
CA GLU B 214 39.40 -70.90 -33.29
C GLU B 214 39.12 -71.45 -31.88
N GLY B 215 39.55 -70.72 -30.86
CA GLY B 215 39.32 -71.09 -29.47
C GLY B 215 40.30 -72.01 -28.78
N ARG B 216 41.43 -72.36 -29.38
CA ARG B 216 42.36 -73.25 -28.70
C ARG B 216 43.80 -72.85 -28.99
N ARG B 217 44.71 -73.29 -28.13
CA ARG B 217 46.14 -73.09 -28.34
C ARG B 217 46.79 -74.41 -28.77
N SER B 218 47.61 -74.37 -29.82
CA SER B 218 48.28 -75.55 -30.33
C SER B 218 49.76 -75.25 -30.55
N ARG B 219 50.62 -76.10 -30.00
CA ARG B 219 52.07 -75.94 -30.04
C ARG B 219 52.67 -76.14 -31.44
N ILE B 220 53.77 -75.42 -31.71
CA ILE B 220 54.48 -75.48 -32.99
C ILE B 220 55.99 -75.44 -32.74
N GLU B 221 56.78 -75.86 -33.74
CA GLU B 221 58.23 -75.88 -33.63
C GLU B 221 58.94 -75.17 -34.78
N PRO B 222 60.13 -74.57 -34.52
CA PRO B 222 60.84 -73.78 -35.55
C PRO B 222 61.63 -74.55 -36.60
N THR B 223 62.13 -75.73 -36.26
CA THR B 223 62.94 -76.52 -37.18
C THR B 223 62.12 -77.28 -38.21
N ASN B 224 60.88 -77.63 -37.86
CA ASN B 224 59.99 -78.44 -38.70
C ASN B 224 59.49 -77.74 -39.97
N ARG B 225 60.36 -77.70 -40.99
CA ARG B 225 60.01 -77.10 -42.28
C ARG B 225 58.81 -77.79 -42.92
N ALA B 226 58.70 -79.10 -42.71
CA ALA B 226 57.62 -79.91 -43.27
C ALA B 226 56.23 -79.38 -42.91
N VAL B 227 56.04 -78.92 -41.68
CA VAL B 227 54.74 -78.37 -41.29
C VAL B 227 54.64 -76.86 -41.50
N LEU B 228 55.73 -76.11 -41.36
CA LEU B 228 55.70 -74.66 -41.55
C LEU B 228 55.42 -74.27 -43.00
N LEU B 229 56.13 -74.87 -43.94
CA LEU B 229 56.00 -74.50 -45.35
C LEU B 229 54.58 -74.64 -45.92
N PRO B 230 53.81 -75.70 -45.64
CA PRO B 230 52.43 -75.75 -46.15
C PRO B 230 51.52 -74.77 -45.45
N LEU B 231 51.76 -74.52 -44.17
CA LEU B 231 50.97 -73.62 -43.33
C LEU B 231 51.27 -72.14 -43.60
N GLY B 232 52.45 -71.83 -44.15
CA GLY B 232 52.84 -70.47 -44.49
C GLY B 232 53.68 -69.71 -43.48
N LEU B 233 54.05 -70.32 -42.37
CA LEU B 233 54.84 -69.68 -41.32
C LEU B 233 56.33 -69.76 -41.66
N THR B 234 57.12 -68.93 -40.97
CA THR B 234 58.56 -68.84 -41.15
C THR B 234 59.30 -69.07 -39.84
N PRO B 235 60.47 -69.71 -39.87
CA PRO B 235 61.22 -69.92 -38.63
C PRO B 235 61.50 -68.64 -37.86
N GLU B 236 61.84 -67.56 -38.56
CA GLU B 236 62.08 -66.28 -37.89
C GLU B 236 60.81 -65.80 -37.18
N GLN B 237 59.72 -65.76 -37.94
CA GLN B 237 58.40 -65.35 -37.45
C GLN B 237 57.91 -66.24 -36.30
N VAL B 238 58.42 -67.46 -36.19
CA VAL B 238 58.10 -68.36 -35.08
C VAL B 238 58.98 -68.12 -33.86
N SER B 239 60.27 -67.90 -34.08
CA SER B 239 61.24 -67.67 -33.02
C SER B 239 61.19 -66.27 -32.39
N GLN B 240 60.80 -65.25 -33.14
CA GLN B 240 60.75 -63.87 -32.66
C GLN B 240 59.41 -63.41 -32.09
N ALA B 241 58.46 -64.31 -31.86
CA ALA B 241 57.16 -63.90 -31.33
C ALA B 241 57.26 -63.32 -29.91
N ARG B 242 56.34 -62.41 -29.61
CA ARG B 242 56.23 -61.73 -28.31
C ARG B 242 55.77 -62.65 -27.19
N PRO B 243 56.07 -62.29 -25.92
CA PRO B 243 55.66 -63.11 -24.77
C PRO B 243 54.15 -63.13 -24.52
N MET B 244 53.77 -64.02 -23.60
CA MET B 244 52.41 -64.27 -23.17
C MET B 244 52.36 -64.35 -21.64
N SER B 245 51.31 -63.81 -21.03
CA SER B 245 51.11 -63.90 -19.59
C SER B 245 50.74 -65.31 -19.11
N ARG B 246 51.19 -65.65 -17.91
CA ARG B 246 50.84 -66.93 -17.28
C ARG B 246 49.33 -67.09 -17.07
N ALA B 247 48.62 -65.98 -16.88
CA ALA B 247 47.16 -66.01 -16.69
C ALA B 247 46.41 -66.39 -17.97
N LEU B 248 46.78 -65.81 -19.10
CA LEU B 248 46.11 -66.11 -20.36
C LEU B 248 46.39 -67.53 -20.83
N PHE B 249 47.58 -68.03 -20.54
CA PHE B 249 47.99 -69.40 -20.86
C PHE B 249 47.08 -70.45 -20.21
N ASP B 250 46.50 -70.15 -19.05
CA ASP B 250 45.57 -71.06 -18.38
C ASP B 250 44.11 -70.94 -18.81
N ALA B 251 43.68 -69.78 -19.28
CA ALA B 251 42.30 -69.63 -19.72
C ALA B 251 42.04 -70.42 -21.01
N LEU B 252 42.98 -70.39 -21.94
CA LEU B 252 42.84 -71.12 -23.19
C LEU B 252 42.91 -72.64 -22.99
N PRO B 253 41.97 -73.40 -23.56
CA PRO B 253 42.14 -74.85 -23.66
C PRO B 253 43.19 -75.23 -24.69
N VAL B 254 43.84 -76.39 -24.47
CA VAL B 254 44.92 -76.88 -25.32
C VAL B 254 44.45 -77.79 -26.45
N GLY B 255 45.08 -77.60 -27.62
CA GLY B 255 44.92 -78.41 -28.80
C GLY B 255 46.11 -79.35 -28.95
N PRO B 256 46.08 -80.27 -29.91
CA PRO B 256 47.22 -81.16 -30.13
C PRO B 256 48.38 -80.45 -30.82
N GLU B 257 49.52 -81.12 -30.87
CA GLU B 257 50.71 -80.58 -31.51
C GLU B 257 50.50 -80.46 -33.02
N LEU B 258 50.96 -79.35 -33.60
CA LEU B 258 50.94 -79.22 -35.05
C LEU B 258 52.19 -79.95 -35.56
N LEU B 259 52.02 -81.24 -35.85
CA LEU B 259 53.11 -82.10 -36.30
C LEU B 259 52.60 -82.95 -37.46
N VAL B 260 53.55 -83.55 -38.18
CA VAL B 260 53.19 -84.47 -39.26
C VAL B 260 52.48 -85.66 -38.64
N PRO B 261 51.22 -85.91 -38.98
CA PRO B 261 50.47 -87.02 -38.36
C PRO B 261 51.12 -88.38 -38.62
N GLU B 262 51.52 -89.03 -37.53
CA GLU B 262 52.16 -90.34 -37.56
C GLU B 262 51.17 -91.46 -37.84
N VAL B 263 51.55 -92.38 -38.73
CA VAL B 263 50.70 -93.52 -39.08
C VAL B 263 51.29 -94.79 -38.46
N PRO B 264 50.53 -95.53 -37.65
CA PRO B 264 51.05 -96.76 -37.04
C PRO B 264 51.29 -97.89 -38.03
N ASN B 265 52.42 -98.58 -37.88
CA ASN B 265 52.79 -99.72 -38.75
C ASN B 265 52.82 -99.38 -40.24
N ALA B 266 53.38 -98.21 -40.57
CA ALA B 266 53.50 -97.80 -41.97
C ALA B 266 54.23 -98.86 -42.79
N GLY B 267 53.75 -99.09 -44.01
CA GLY B 267 54.29 -100.12 -44.88
C GLY B 267 53.75 -101.52 -44.67
N GLY B 268 52.95 -101.75 -43.63
CA GLY B 268 52.37 -103.05 -43.35
C GLY B 268 51.20 -103.37 -44.25
N PRO B 269 50.79 -104.63 -44.25
CA PRO B 269 49.66 -105.06 -45.08
C PRO B 269 48.30 -104.66 -44.50
N ALA B 270 47.39 -104.30 -45.41
CA ALA B 270 46.04 -103.91 -45.05
C ALA B 270 45.15 -105.10 -44.67
N THR B 271 44.24 -104.83 -43.74
CA THR B 271 43.29 -105.82 -43.25
C THR B 271 42.16 -106.13 -44.23
N PHE B 272 41.90 -105.25 -45.21
CA PHE B 272 40.79 -105.42 -46.14
C PHE B 272 41.24 -105.70 -47.58
N PRO B 273 40.45 -106.47 -48.32
CA PRO B 273 40.80 -106.80 -49.70
C PRO B 273 40.59 -105.64 -50.66
N GLY B 274 41.38 -105.65 -51.75
CA GLY B 274 41.31 -104.63 -52.76
C GLY B 274 42.08 -103.36 -52.48
N ALA B 275 42.80 -103.32 -51.36
CA ALA B 275 43.59 -102.16 -50.98
C ALA B 275 44.66 -101.82 -52.03
N PRO B 276 44.69 -100.59 -52.54
CA PRO B 276 45.70 -100.22 -53.55
C PRO B 276 47.13 -100.26 -53.05
N GLY B 277 47.38 -100.29 -51.75
CA GLY B 277 48.73 -100.33 -51.26
C GLY B 277 48.85 -100.55 -49.76
N PRO B 278 50.09 -100.61 -49.27
CA PRO B 278 50.32 -100.81 -47.85
C PRO B 278 49.96 -99.60 -47.00
N ILE B 279 49.94 -99.87 -45.69
CA ILE B 279 49.62 -98.86 -44.69
C ILE B 279 50.52 -97.65 -44.84
N GLY B 280 49.92 -96.47 -44.65
CA GLY B 280 50.62 -95.20 -44.74
C GLY B 280 50.70 -94.60 -46.13
N THR B 281 50.31 -95.32 -47.17
CA THR B 281 50.33 -94.77 -48.51
C THR B 281 49.15 -93.82 -48.72
N VAL B 282 49.35 -92.82 -49.58
CA VAL B 282 48.32 -91.83 -49.92
C VAL B 282 47.79 -92.13 -51.32
N ILE B 283 46.47 -92.13 -51.45
CA ILE B 283 45.74 -92.42 -52.69
C ILE B 283 44.92 -91.20 -53.09
N VAL B 284 44.88 -90.91 -54.40
CA VAL B 284 44.12 -89.77 -54.93
C VAL B 284 43.29 -90.19 -56.13
N THR B 285 42.10 -89.60 -56.27
CA THR B 285 41.20 -89.86 -57.41
C THR B 285 40.65 -88.57 -58.02
N PRO B 286 40.76 -88.39 -59.33
CA PRO B 286 40.19 -87.20 -59.99
C PRO B 286 38.67 -87.24 -60.06
N GLN B 287 38.11 -86.12 -60.52
CA GLN B 287 36.66 -85.97 -60.69
C GLN B 287 36.34 -85.20 -61.96
N ILE B 288 35.12 -85.41 -62.47
CA ILE B 288 34.66 -84.71 -63.67
C ILE B 288 34.56 -83.21 -63.39
N SER B 289 34.28 -82.85 -62.14
CA SER B 289 34.20 -81.46 -61.72
C SER B 289 34.69 -81.40 -60.28
N GLY B 290 35.28 -80.26 -59.92
CA GLY B 290 35.83 -80.06 -58.60
C GLY B 290 37.22 -80.66 -58.39
N PRO B 291 37.74 -80.47 -57.19
CA PRO B 291 39.09 -80.94 -56.85
C PRO B 291 39.21 -82.44 -56.64
N GLN B 292 40.46 -82.90 -56.76
CA GLN B 292 40.84 -84.30 -56.56
C GLN B 292 40.72 -84.68 -55.09
N GLN B 293 40.16 -85.87 -54.83
CA GLN B 293 39.95 -86.38 -53.48
C GLN B 293 41.11 -87.26 -53.01
N TYR B 294 41.88 -86.76 -52.04
CA TYR B 294 43.00 -87.45 -51.42
C TYR B 294 42.56 -88.38 -50.29
N SER B 295 43.33 -89.43 -50.08
CA SER B 295 43.01 -90.39 -49.02
C SER B 295 44.28 -91.12 -48.60
N LEU B 296 44.25 -91.68 -47.38
CA LEU B 296 45.37 -92.40 -46.80
C LEU B 296 44.93 -93.78 -46.34
N VAL B 297 45.81 -94.76 -46.56
CA VAL B 297 45.60 -96.17 -46.20
C VAL B 297 45.89 -96.43 -44.72
N LEU B 298 44.83 -96.71 -43.97
CA LEU B 298 44.90 -97.10 -42.57
C LEU B 298 44.99 -98.62 -42.50
N GLY B 299 45.21 -99.14 -41.30
CA GLY B 299 45.28 -100.58 -41.16
C GLY B 299 44.00 -101.27 -41.59
N ASP B 300 42.84 -100.74 -41.18
CA ASP B 300 41.57 -101.36 -41.49
C ASP B 300 40.80 -100.69 -42.63
N GLY B 301 41.43 -99.75 -43.34
CA GLY B 301 40.72 -99.06 -44.43
C GLY B 301 41.42 -97.79 -44.86
N VAL B 302 40.63 -96.85 -45.41
CA VAL B 302 41.14 -95.55 -45.83
C VAL B 302 40.29 -94.41 -45.25
N GLN B 303 40.94 -93.27 -45.03
CA GLN B 303 40.29 -92.05 -44.57
C GLN B 303 40.62 -90.90 -45.51
N THR B 304 39.61 -90.13 -45.90
CA THR B 304 39.78 -88.99 -46.81
C THR B 304 40.48 -87.82 -46.11
N LEU B 305 41.37 -87.15 -46.84
CA LEU B 305 42.15 -86.02 -46.30
C LEU B 305 42.02 -84.75 -47.13
N PRO B 306 41.89 -83.59 -46.47
CA PRO B 306 41.84 -82.31 -47.20
C PRO B 306 43.17 -81.96 -47.85
N PRO B 307 43.13 -81.10 -48.88
CA PRO B 307 44.35 -80.73 -49.62
C PRO B 307 45.54 -80.30 -48.77
N LEU B 308 45.31 -79.41 -47.80
CA LEU B 308 46.37 -78.92 -46.92
C LEU B 308 46.98 -80.05 -46.08
N VAL B 309 46.15 -80.97 -45.60
CA VAL B 309 46.65 -82.10 -44.82
C VAL B 309 47.50 -83.01 -45.70
N ALA B 310 47.04 -83.25 -46.92
CA ALA B 310 47.80 -84.07 -47.88
C ALA B 310 49.16 -83.46 -48.17
N GLN B 311 49.23 -82.14 -48.31
CA GLN B 311 50.52 -81.47 -48.53
C GLN B 311 51.47 -81.73 -47.38
N ILE B 312 50.96 -81.81 -46.16
CA ILE B 312 51.83 -82.11 -45.01
C ILE B 312 52.44 -83.50 -45.21
N LEU B 313 51.60 -84.47 -45.54
CA LEU B 313 52.05 -85.84 -45.77
C LEU B 313 52.92 -85.96 -47.02
N GLN B 314 52.65 -85.17 -48.05
CA GLN B 314 53.44 -85.16 -49.27
C GLN B 314 54.85 -84.62 -49.06
N ASN B 315 55.15 -84.04 -47.89
CA ASN B 315 56.48 -83.57 -47.56
C ASN B 315 57.08 -84.54 -46.55
N ALA B 316 58.34 -84.90 -46.73
CA ALA B 316 58.98 -85.86 -45.83
C ALA B 316 58.99 -85.33 -44.40
N ALA B 319 63.74 -88.90 -49.37
CA ALA B 319 62.48 -88.19 -49.56
C ALA B 319 61.35 -89.16 -49.91
N GLY B 320 60.11 -88.68 -49.87
CA GLY B 320 58.96 -89.51 -50.18
C GLY B 320 58.70 -89.66 -51.68
N ASN B 321 57.57 -90.29 -51.97
CA ASN B 321 57.14 -90.51 -53.35
C ASN B 321 56.83 -89.20 -54.07
N THR B 322 57.21 -89.13 -55.34
CA THR B 322 56.97 -87.92 -56.13
C THR B 322 55.49 -87.65 -56.34
N LYS B 323 54.65 -88.68 -56.35
CA LYS B 323 53.20 -88.52 -56.52
C LYS B 323 52.45 -89.63 -55.78
N PRO B 324 51.23 -89.37 -55.33
CA PRO B 324 50.43 -90.41 -54.68
C PRO B 324 49.90 -91.42 -55.69
N LEU B 325 49.31 -92.50 -55.16
CA LEU B 325 48.71 -93.55 -55.97
C LEU B 325 47.40 -93.09 -56.61
N THR B 326 47.39 -92.98 -57.94
CA THR B 326 46.21 -92.58 -58.70
C THR B 326 45.25 -93.75 -58.87
N VAL B 327 43.95 -93.56 -58.54
CA VAL B 327 42.98 -94.64 -58.65
C VAL B 327 41.63 -94.16 -59.20
N GLU B 328 40.87 -95.14 -59.69
CA GLU B 328 39.53 -94.93 -60.24
C GLU B 328 38.50 -94.55 -59.17
N PRO B 329 37.56 -93.65 -59.49
CA PRO B 329 36.53 -93.23 -58.51
C PRO B 329 35.62 -94.34 -58.00
N SER B 330 35.20 -95.27 -58.87
CA SER B 330 34.28 -96.34 -58.47
C SER B 330 34.89 -97.30 -57.45
N THR B 331 36.11 -97.81 -57.70
CA THR B 331 36.74 -98.70 -56.73
C THR B 331 36.97 -98.01 -55.39
N LEU B 332 37.35 -96.73 -55.42
CA LEU B 332 37.55 -95.99 -54.19
C LEU B 332 36.24 -95.86 -53.41
N ALA B 333 35.12 -95.66 -54.11
CA ALA B 333 33.81 -95.59 -53.46
C ALA B 333 33.39 -96.95 -52.88
N LYS B 334 33.85 -98.05 -53.48
CA LYS B 334 33.52 -99.38 -52.99
C LYS B 334 34.32 -99.76 -51.74
N MET B 335 35.56 -99.29 -51.60
CA MET B 335 36.37 -99.60 -50.43
C MET B 335 35.77 -99.06 -49.12
N PRO B 336 36.02 -99.75 -48.01
CA PRO B 336 35.53 -99.30 -46.69
C PRO B 336 36.24 -98.05 -46.18
N VAL B 337 35.45 -97.12 -45.65
CA VAL B 337 35.95 -95.85 -45.11
C VAL B 337 36.00 -95.91 -43.58
N VAL B 338 37.14 -95.47 -43.03
CA VAL B 338 37.43 -95.46 -41.59
C VAL B 338 37.87 -94.07 -41.18
N ASN B 339 37.64 -93.72 -39.90
CA ASN B 339 38.06 -92.43 -39.34
C ASN B 339 38.80 -92.71 -38.03
N ARG B 340 40.14 -92.63 -38.07
CA ARG B 340 40.95 -92.93 -36.89
C ARG B 340 42.05 -91.91 -36.59
N LEU B 341 42.46 -91.06 -37.54
CA LEU B 341 43.46 -90.02 -37.32
C LEU B 341 42.78 -88.65 -37.25
N ASP B 342 43.13 -87.86 -36.23
CA ASP B 342 42.54 -86.55 -36.00
C ASP B 342 43.05 -85.44 -36.91
N LEU B 343 42.11 -84.71 -37.52
CA LEU B 343 42.33 -83.59 -38.43
C LEU B 343 41.94 -82.23 -37.85
N SER B 344 41.32 -82.22 -36.67
CA SER B 344 40.79 -81.01 -36.03
C SER B 344 41.76 -79.82 -35.96
N ALA B 345 43.04 -80.05 -35.70
CA ALA B 345 43.98 -78.94 -35.59
C ALA B 345 44.40 -78.30 -36.93
N TYR B 346 44.28 -78.98 -38.06
CA TYR B 346 44.76 -78.39 -39.31
C TYR B 346 43.70 -77.55 -40.02
N PRO B 347 44.11 -76.37 -40.56
CA PRO B 347 43.17 -75.45 -41.24
C PRO B 347 42.96 -75.74 -42.73
N ASP B 348 42.15 -74.89 -43.39
CA ASP B 348 41.87 -75.01 -44.82
C ASP B 348 42.85 -74.29 -45.73
N ASN B 349 43.48 -73.22 -45.26
CA ASN B 349 44.36 -72.41 -46.09
C ASN B 349 45.55 -71.92 -45.27
N PRO B 350 46.57 -71.31 -45.90
CA PRO B 350 47.66 -70.76 -45.12
C PRO B 350 47.10 -69.75 -44.13
N LEU B 351 47.62 -69.78 -42.91
CA LEU B 351 47.13 -68.90 -41.85
C LEU B 351 47.36 -67.43 -42.16
N GLU B 352 46.39 -66.61 -41.75
CA GLU B 352 46.49 -65.15 -41.81
C GLU B 352 47.01 -64.71 -40.44
N VAL B 353 48.33 -64.70 -40.27
CA VAL B 353 48.92 -64.34 -38.99
C VAL B 353 48.84 -62.84 -38.73
N VAL B 354 48.23 -62.47 -37.60
CA VAL B 354 48.06 -61.08 -37.18
C VAL B 354 49.39 -60.48 -36.73
N ASP B 355 49.78 -59.37 -37.36
CA ASP B 355 51.02 -58.65 -37.07
C ASP B 355 50.86 -57.79 -35.81
N ILE B 356 51.30 -58.34 -34.69
CA ILE B 356 51.18 -57.85 -33.31
C ILE B 356 51.59 -56.40 -33.06
N ARG B 357 52.45 -55.83 -33.89
CA ARG B 357 52.85 -54.43 -33.69
C ARG B 357 51.65 -53.49 -33.78
N GLU B 358 50.69 -53.80 -34.62
CA GLU B 358 49.49 -53.00 -34.81
C GLU B 358 48.33 -53.47 -33.94
N HIS B 359 48.33 -54.73 -33.51
CA HIS B 359 47.33 -55.26 -32.58
C HIS B 359 48.01 -55.79 -31.31
N PRO B 360 48.34 -54.90 -30.37
CA PRO B 360 49.10 -55.28 -29.18
C PRO B 360 48.29 -56.00 -28.11
N SER B 361 47.00 -56.22 -28.30
CA SER B 361 46.13 -56.75 -27.27
C SER B 361 45.29 -57.92 -27.76
N THR B 362 45.21 -58.98 -26.93
CA THR B 362 44.47 -60.20 -27.23
C THR B 362 43.72 -60.66 -25.98
N CYS B 363 42.45 -61.05 -26.15
CA CYS B 363 41.58 -61.42 -25.05
C CYS B 363 40.91 -62.77 -25.29
N TRP B 364 40.88 -63.59 -24.25
CA TRP B 364 39.95 -64.72 -24.14
C TRP B 364 38.60 -64.24 -23.63
N TRP B 365 37.52 -64.78 -24.21
CA TRP B 365 36.15 -64.37 -23.87
C TRP B 365 35.30 -65.59 -23.56
N TRP B 366 34.55 -65.52 -22.45
CA TRP B 366 33.57 -66.53 -22.07
C TRP B 366 32.19 -65.92 -21.95
N GLU B 367 31.19 -66.53 -22.58
CA GLU B 367 29.85 -65.98 -22.73
C GLU B 367 28.81 -67.06 -22.47
N ARG B 368 27.79 -66.75 -21.67
CA ARG B 368 26.78 -67.76 -21.37
C ARG B 368 25.44 -67.16 -20.97
N THR B 369 24.38 -67.58 -21.66
CA THR B 369 23.02 -67.16 -21.33
C THR B 369 22.48 -68.14 -20.28
N ALA B 370 21.65 -67.63 -19.37
CA ALA B 370 21.13 -68.49 -18.32
C ALA B 370 20.38 -69.71 -18.86
N GLY B 371 20.72 -70.88 -18.30
CA GLY B 371 20.13 -72.15 -18.66
C GLY B 371 20.73 -72.87 -19.86
N GLU B 372 21.59 -72.23 -20.65
CA GLU B 372 22.18 -72.90 -21.80
C GLU B 372 23.14 -74.01 -21.39
N ASN B 373 23.18 -75.07 -22.20
CA ASN B 373 23.99 -76.24 -21.91
C ASN B 373 25.49 -75.97 -21.91
N ARG B 374 25.97 -75.02 -22.70
CA ARG B 374 27.40 -74.75 -22.72
C ARG B 374 27.71 -73.28 -22.98
N ALA B 375 28.81 -72.82 -22.38
CA ALA B 375 29.30 -71.47 -22.61
C ALA B 375 30.07 -71.42 -23.92
N ARG B 376 30.15 -70.23 -24.50
CA ARG B 376 30.84 -70.01 -25.75
C ARG B 376 32.20 -69.36 -25.50
N VAL B 377 33.27 -69.98 -26.01
CA VAL B 377 34.63 -69.49 -25.83
C VAL B 377 35.15 -68.93 -27.14
N ARG B 378 35.68 -67.72 -27.10
CA ARG B 378 36.15 -67.00 -28.28
C ARG B 378 37.44 -66.27 -27.94
N VAL B 379 38.13 -65.80 -28.98
CA VAL B 379 39.32 -64.96 -28.82
C VAL B 379 39.18 -63.68 -29.63
N VAL B 380 39.56 -62.56 -29.02
CA VAL B 380 39.48 -61.23 -29.65
C VAL B 380 40.86 -60.62 -29.66
N SER B 381 41.15 -59.81 -30.69
CA SER B 381 42.34 -58.97 -30.70
C SER B 381 42.02 -57.60 -31.26
N GLY B 382 42.90 -56.65 -30.99
CA GLY B 382 42.75 -55.28 -31.44
C GLY B 382 43.82 -54.36 -30.92
N PRO B 383 43.69 -53.06 -31.22
CA PRO B 383 44.68 -52.09 -30.76
C PRO B 383 44.57 -51.72 -29.30
N THR B 384 43.39 -51.87 -28.68
CA THR B 384 43.20 -51.51 -27.28
C THR B 384 42.18 -52.43 -26.65
N ILE B 385 42.26 -52.52 -25.32
CA ILE B 385 41.38 -53.32 -24.49
C ILE B 385 39.94 -52.99 -24.88
N PRO B 386 39.02 -53.95 -24.86
CA PRO B 386 37.70 -53.75 -25.45
C PRO B 386 36.74 -52.94 -24.58
N VAL B 387 37.13 -51.69 -24.32
CA VAL B 387 36.31 -50.77 -23.55
C VAL B 387 36.26 -49.47 -24.34
N ALA B 388 35.12 -48.79 -24.33
CA ALA B 388 35.00 -47.55 -25.08
C ALA B 388 35.96 -46.49 -24.57
N ALA B 389 36.52 -45.73 -25.52
CA ALA B 389 37.48 -44.67 -25.19
C ALA B 389 36.91 -43.64 -24.23
N THR B 390 35.61 -43.40 -24.26
CA THR B 390 34.99 -42.47 -23.33
C THR B 390 34.97 -43.00 -21.91
N GLU B 391 34.94 -44.32 -21.75
CA GLU B 391 34.92 -44.98 -20.44
C GLU B 391 36.28 -45.49 -19.99
N MET B 392 37.29 -45.40 -20.84
CA MET B 392 38.65 -45.86 -20.57
C MET B 392 39.24 -45.30 -19.28
N ASN B 393 38.84 -44.10 -18.87
CA ASN B 393 39.39 -43.47 -17.67
C ASN B 393 38.97 -44.09 -16.34
N LYS B 394 37.98 -44.98 -16.27
CA LYS B 394 37.57 -45.53 -14.98
C LYS B 394 37.95 -46.99 -14.73
N VAL B 395 38.98 -47.51 -15.39
CA VAL B 395 39.59 -48.79 -14.99
C VAL B 395 40.23 -48.69 -13.61
N VAL B 396 40.04 -49.72 -12.77
CA VAL B 396 40.65 -49.73 -11.43
C VAL B 396 42.01 -50.42 -11.46
N SER B 397 42.98 -49.87 -10.74
CA SER B 397 44.34 -50.43 -10.65
C SER B 397 44.56 -51.06 -9.28
N LEU B 398 44.76 -52.39 -9.24
CA LEU B 398 44.89 -53.11 -7.97
C LEU B 398 46.25 -52.89 -7.31
N VAL B 399 46.35 -53.25 -6.02
CA VAL B 399 47.62 -53.11 -5.30
C VAL B 399 48.60 -54.22 -5.67
N LYS B 400 48.09 -55.45 -5.77
CA LYS B 400 48.83 -56.65 -6.19
C LYS B 400 50.04 -56.98 -5.30
N ALA B 401 49.74 -57.44 -4.08
CA ALA B 401 50.79 -57.84 -3.15
C ALA B 401 51.44 -59.18 -3.53
N ASP B 402 50.78 -59.98 -4.35
CA ASP B 402 51.28 -61.27 -4.84
C ASP B 402 52.09 -61.07 -6.13
N THR B 403 53.41 -61.13 -6.02
CA THR B 403 54.27 -60.95 -7.20
C THR B 403 54.23 -62.11 -8.18
N SER B 404 53.63 -63.25 -7.82
CA SER B 404 53.53 -64.33 -8.79
C SER B 404 52.51 -63.98 -9.86
N GLY B 405 52.56 -64.72 -10.97
CA GLY B 405 51.64 -64.50 -12.08
C GLY B 405 50.20 -64.92 -11.87
N ARG B 406 49.82 -65.17 -10.62
CA ARG B 406 48.50 -65.66 -10.28
C ARG B 406 47.47 -64.58 -9.98
N GLN B 407 47.76 -63.30 -10.23
CA GLN B 407 46.80 -62.26 -9.92
C GLN B 407 46.82 -61.16 -10.97
N ALA B 408 45.65 -60.58 -11.24
CA ALA B 408 45.52 -59.52 -12.22
C ALA B 408 46.12 -58.20 -11.76
N ASP B 409 46.38 -57.33 -12.75
CA ASP B 409 46.88 -55.98 -12.53
C ASP B 409 45.78 -54.92 -12.49
N GLN B 410 44.70 -55.11 -13.26
CA GLN B 410 43.61 -54.15 -13.37
C GLN B 410 42.27 -54.86 -13.46
N VAL B 411 41.21 -54.15 -13.12
CA VAL B 411 39.86 -54.70 -13.20
C VAL B 411 38.94 -53.62 -13.75
N TYR B 412 37.99 -54.03 -14.59
CA TYR B 412 37.00 -53.12 -15.16
C TYR B 412 35.62 -53.75 -15.15
N PHE B 413 34.62 -53.01 -14.68
CA PHE B 413 33.24 -53.47 -14.62
C PHE B 413 32.42 -52.75 -15.68
N GLY B 414 32.06 -53.47 -16.73
CA GLY B 414 31.28 -52.88 -17.79
C GLY B 414 29.80 -52.89 -17.49
N PRO B 415 28.98 -52.47 -18.46
CA PRO B 415 27.54 -52.48 -18.27
C PRO B 415 26.97 -53.89 -18.12
N ASP B 416 25.88 -53.99 -17.36
CA ASP B 416 25.19 -55.25 -17.09
C ASP B 416 26.06 -56.26 -16.34
N HIS B 417 27.00 -55.79 -15.52
CA HIS B 417 27.86 -56.68 -14.74
C HIS B 417 27.09 -57.37 -13.61
N ALA B 418 27.74 -58.36 -12.97
CA ALA B 418 27.15 -59.13 -11.89
C ALA B 418 27.97 -59.09 -10.61
N ASN B 419 27.30 -58.90 -9.47
CA ASN B 419 27.90 -58.85 -8.14
C ASN B 419 27.92 -60.18 -7.39
N PHE B 420 26.78 -60.88 -7.36
CA PHE B 420 26.61 -62.15 -6.67
C PHE B 420 26.78 -63.25 -7.70
N VAL B 421 27.73 -64.15 -7.47
CA VAL B 421 28.11 -65.18 -8.43
C VAL B 421 28.29 -66.55 -7.80
N ALA B 422 28.02 -67.59 -8.60
CA ALA B 422 28.19 -68.99 -8.21
C ALA B 422 29.13 -69.68 -9.19
N VAL B 423 29.88 -70.67 -8.70
CA VAL B 423 30.82 -71.42 -9.51
C VAL B 423 30.67 -72.92 -9.24
N THR B 424 31.18 -73.70 -10.18
CA THR B 424 31.13 -75.15 -10.14
C THR B 424 31.46 -75.70 -8.76
N SER B 433 28.84 -78.84 -3.52
CA SER B 433 28.69 -78.94 -4.96
C SER B 433 28.97 -77.61 -5.65
N GLU B 434 28.71 -76.51 -4.95
CA GLU B 434 28.93 -75.17 -5.49
C GLU B 434 29.46 -74.26 -4.40
N SER B 435 30.04 -73.13 -4.83
CA SER B 435 30.55 -72.10 -3.94
C SER B 435 30.00 -70.75 -4.37
N LEU B 436 29.67 -69.91 -3.38
CA LEU B 436 29.10 -68.58 -3.59
C LEU B 436 30.10 -67.49 -3.25
N TRP B 437 30.20 -66.47 -4.11
CA TRP B 437 31.13 -65.35 -3.95
C TRP B 437 30.45 -64.00 -4.18
N TRP B 438 30.94 -62.96 -3.50
CA TRP B 438 30.48 -61.57 -3.64
C TRP B 438 31.64 -60.66 -4.05
N VAL B 439 31.46 -59.89 -5.12
CA VAL B 439 32.48 -58.99 -5.65
C VAL B 439 32.11 -57.52 -5.47
N THR B 440 33.03 -56.74 -4.88
CA THR B 440 32.86 -55.31 -4.61
C THR B 440 33.36 -54.43 -5.76
N ASP B 441 32.93 -53.16 -5.73
CA ASP B 441 33.37 -52.20 -6.75
C ASP B 441 34.89 -52.05 -6.79
N ALA B 442 35.56 -52.28 -5.66
CA ALA B 442 37.00 -52.19 -5.54
C ALA B 442 37.74 -53.39 -6.11
N GLY B 443 37.02 -54.40 -6.58
CA GLY B 443 37.62 -55.57 -7.17
C GLY B 443 38.02 -56.69 -6.22
N ALA B 444 37.57 -56.67 -4.98
CA ALA B 444 37.87 -57.75 -4.05
C ALA B 444 36.71 -58.74 -4.03
N ARG B 445 37.00 -60.01 -3.72
CA ARG B 445 35.99 -61.06 -3.64
C ARG B 445 35.92 -61.65 -2.24
N PHE B 446 34.69 -61.95 -1.78
CA PHE B 446 34.43 -62.52 -0.46
C PHE B 446 33.53 -63.73 -0.56
N GLY B 447 33.84 -64.80 0.17
CA GLY B 447 32.99 -65.99 0.16
C GLY B 447 31.81 -65.87 1.11
N VAL B 448 30.66 -66.42 0.70
CA VAL B 448 29.42 -66.39 1.48
C VAL B 448 28.97 -67.80 1.85
N GLU B 449 28.55 -67.98 3.10
CA GLU B 449 28.06 -69.28 3.56
C GLU B 449 26.84 -69.71 2.77
N ASP B 450 26.70 -71.02 2.58
CA ASP B 450 25.58 -71.60 1.84
C ASP B 450 24.27 -71.64 2.62
N SER B 451 24.32 -71.45 3.94
CA SER B 451 23.19 -71.59 4.85
C SER B 451 22.19 -70.44 4.84
N LYS B 452 21.00 -70.77 5.34
CA LYS B 452 19.86 -69.86 5.42
C LYS B 452 20.17 -68.60 6.22
N GLU B 453 20.97 -68.71 7.28
CA GLU B 453 21.32 -67.53 8.07
C GLU B 453 21.99 -66.46 7.22
N ALA B 454 23.07 -66.80 6.53
CA ALA B 454 23.75 -65.82 5.68
C ALA B 454 22.84 -65.30 4.57
N ARG B 455 22.14 -66.18 3.88
CA ARG B 455 21.22 -65.79 2.82
C ARG B 455 19.99 -65.06 3.33
N ASP B 456 19.89 -64.84 4.64
CA ASP B 456 18.82 -64.09 5.29
C ASP B 456 19.35 -62.80 5.90
N ALA B 457 20.42 -62.89 6.67
CA ALA B 457 20.97 -61.71 7.33
C ALA B 457 21.56 -60.73 6.33
N LEU B 458 22.31 -61.19 5.34
CA LEU B 458 22.88 -60.26 4.38
C LEU B 458 21.97 -59.93 3.20
N GLY B 459 20.81 -60.59 3.11
CA GLY B 459 19.99 -60.47 1.91
C GLY B 459 20.44 -61.55 0.94
N LEU B 460 20.74 -61.17 -0.29
CA LEU B 460 21.30 -62.15 -1.23
C LEU B 460 20.42 -63.39 -1.37
N THR B 461 19.12 -63.27 -1.15
CA THR B 461 18.23 -64.42 -1.26
C THR B 461 17.95 -64.80 -2.71
N LEU B 462 18.15 -63.88 -3.66
CA LEU B 462 17.97 -64.15 -5.08
C LEU B 462 18.96 -65.21 -5.58
N THR B 463 18.76 -65.64 -6.87
CA THR B 463 19.64 -66.64 -7.51
C THR B 463 20.87 -65.99 -8.15
N PRO B 464 22.07 -66.50 -7.86
CA PRO B 464 23.29 -65.94 -8.44
C PRO B 464 23.47 -66.26 -9.92
N SER B 465 24.34 -65.48 -10.56
CA SER B 465 24.73 -65.69 -11.95
C SER B 465 25.97 -66.58 -11.98
N LEU B 466 26.18 -67.27 -13.10
CA LEU B 466 27.33 -68.16 -13.24
C LEU B 466 28.59 -67.43 -13.72
N ALA B 467 29.76 -67.90 -13.28
CA ALA B 467 31.03 -67.33 -13.71
C ALA B 467 32.14 -68.38 -13.76
N PRO B 468 33.18 -68.19 -14.60
CA PRO B 468 34.25 -69.17 -14.74
C PRO B 468 35.38 -69.00 -13.74
N TRP B 469 35.78 -70.08 -13.08
CA TRP B 469 36.85 -70.02 -12.08
C TRP B 469 38.18 -69.50 -12.60
N VAL B 470 38.52 -69.75 -13.87
CA VAL B 470 39.79 -69.27 -14.42
C VAL B 470 39.90 -67.76 -14.44
N ALA B 471 38.79 -67.03 -14.53
CA ALA B 471 38.78 -65.58 -14.38
C ALA B 471 38.56 -65.12 -12.95
N LEU B 472 37.53 -65.65 -12.29
CA LEU B 472 37.18 -65.23 -10.94
C LEU B 472 38.33 -65.39 -9.93
N ARG B 473 39.16 -66.40 -10.08
CA ARG B 473 40.28 -66.59 -9.14
C ARG B 473 41.34 -65.51 -9.24
N LEU B 474 41.39 -64.74 -10.32
CA LEU B 474 42.40 -63.69 -10.48
C LEU B 474 42.22 -62.48 -9.56
N LEU B 475 41.04 -62.29 -8.96
CA LEU B 475 40.79 -61.17 -8.05
C LEU B 475 41.22 -61.49 -6.62
N PRO B 476 41.73 -60.50 -5.87
CA PRO B 476 42.16 -60.75 -4.48
C PRO B 476 41.02 -61.15 -3.56
N GLN B 477 41.33 -62.05 -2.62
CA GLN B 477 40.38 -62.64 -1.68
C GLN B 477 40.40 -62.11 -0.26
N GLY B 478 39.20 -61.90 0.31
CA GLY B 478 39.00 -61.50 1.69
C GLY B 478 38.39 -62.63 2.52
N PRO B 479 38.22 -62.40 3.82
CA PRO B 479 37.63 -63.43 4.68
C PRO B 479 36.17 -63.71 4.35
N THR B 480 35.75 -64.96 4.59
CA THR B 480 34.37 -65.39 4.32
C THR B 480 33.39 -64.78 5.31
N LEU B 481 32.24 -64.32 4.81
CA LEU B 481 31.20 -63.74 5.65
C LEU B 481 30.40 -64.85 6.31
N SER B 482 30.59 -65.05 7.61
CA SER B 482 29.89 -66.07 8.38
C SER B 482 29.54 -65.52 9.77
N ARG B 483 28.42 -65.85 10.31
CA ARG B 483 27.95 -65.50 11.60
C ARG B 483 28.92 -65.85 12.69
N ALA B 484 29.60 -66.97 12.52
CA ALA B 484 30.59 -67.44 13.49
C ALA B 484 31.85 -66.56 13.51
N ASP B 485 32.15 -65.90 12.41
CA ASP B 485 33.30 -65.01 12.28
C ASP B 485 33.07 -63.59 12.77
N ALA B 486 31.85 -63.07 12.66
CA ALA B 486 31.53 -61.71 13.10
C ALA B 486 31.33 -61.53 14.60
N LEU B 487 31.05 -62.52 15.38
CA LEU B 487 30.83 -62.51 16.79
C LEU B 487 32.07 -62.41 17.64
N VAL B 488 32.95 -61.49 17.41
CA VAL B 488 34.19 -61.22 18.06
C VAL B 488 34.40 -59.79 18.47
N GLU B 489 35.08 -59.53 19.54
CA GLU B 489 35.49 -58.31 20.15
C GLU B 489 36.96 -58.00 20.02
N HIS B 490 37.32 -56.72 19.91
CA HIS B 490 38.72 -56.33 19.85
C HIS B 490 38.95 -54.97 20.49
N ASP B 491 40.14 -54.84 21.06
CA ASP B 491 40.60 -53.57 21.59
C ASP B 491 41.61 -52.91 20.67
N THR B 492 42.21 -53.69 19.76
CA THR B 492 43.20 -53.19 18.81
C THR B 492 43.31 -54.18 17.67
N LEU B 493 43.24 -53.71 16.43
CA LEU B 493 43.38 -54.59 15.28
C LEU B 493 44.85 -54.75 14.85
N PRO B 494 45.21 -55.85 14.20
CA PRO B 494 46.60 -56.01 13.72
C PRO B 494 46.92 -55.09 12.56
N MET B 495 48.18 -54.66 12.47
CA MET B 495 48.62 -53.80 11.38
C MET B 495 48.90 -54.62 10.11
N ASP B 496 48.72 -53.98 8.95
CA ASP B 496 48.89 -54.62 7.65
C ASP B 496 50.27 -54.47 7.04
N MET B 497 51.01 -55.58 6.93
CA MET B 497 52.32 -55.56 6.30
C MET B 497 52.22 -55.39 4.78
N THR B 498 53.32 -54.98 4.18
CA THR B 498 53.44 -54.76 2.74
C THR B 498 52.38 -53.90 2.03
N PRO B 499 52.08 -52.72 2.56
CA PRO B 499 51.11 -51.84 1.91
C PRO B 499 51.73 -51.09 0.73
N ALA B 500 50.91 -50.23 0.10
CA ALA B 500 51.33 -49.41 -1.03
C ALA B 500 51.01 -47.94 -0.79
N GLU B 501 51.79 -47.07 -1.44
CA GLU B 501 51.65 -45.62 -1.28
C GLU B 501 50.47 -45.01 -2.01
N LEU B 502 49.81 -44.06 -1.35
CA LEU B 502 48.74 -43.28 -1.96
C LEU B 502 49.39 -41.99 -2.45
N VAL B 503 49.39 -41.74 -3.75
CA VAL B 503 50.03 -40.57 -4.33
C VAL B 503 48.97 -39.56 -4.75
N VAL B 504 49.12 -38.33 -4.25
CA VAL B 504 48.17 -37.25 -4.52
C VAL B 504 48.38 -36.64 -5.90
N GLY C 10 -23.36 33.20 -43.38
CA GLY C 10 -22.42 32.22 -43.89
C GLY C 10 -23.04 30.85 -44.11
N SER C 11 -22.23 29.90 -44.58
CA SER C 11 -22.71 28.55 -44.84
C SER C 11 -21.65 27.49 -44.54
N GLY C 12 -20.62 27.81 -43.77
CA GLY C 12 -19.60 26.84 -43.42
C GLY C 12 -18.32 26.89 -44.22
N TYR C 13 -18.09 27.94 -45.00
CA TYR C 13 -16.88 28.08 -45.77
C TYR C 13 -15.72 28.52 -44.87
N GLY C 14 -14.50 28.31 -45.35
CA GLY C 14 -13.30 28.70 -44.64
C GLY C 14 -12.85 27.76 -43.54
N LEU C 15 -11.84 28.23 -42.81
CA LEU C 15 -11.18 27.52 -41.71
C LEU C 15 -11.62 27.94 -40.31
N GLY C 16 -12.91 28.08 -40.04
CA GLY C 16 -13.36 28.44 -38.70
C GLY C 16 -13.14 27.33 -37.67
N LEU C 17 -13.05 27.72 -36.39
CA LEU C 17 -12.82 26.75 -35.33
C LEU C 17 -13.99 25.76 -35.22
N SER C 18 -13.76 24.67 -34.50
CA SER C 18 -14.78 23.65 -34.30
C SER C 18 -14.63 22.94 -32.96
N THR C 19 -15.75 22.39 -32.46
CA THR C 19 -15.85 21.71 -31.19
C THR C 19 -15.66 20.20 -31.32
N ARG C 20 -15.39 19.55 -30.18
CA ARG C 20 -15.21 18.09 -30.11
C ARG C 20 -16.47 17.30 -30.44
N THR C 21 -17.65 17.83 -30.14
CA THR C 21 -18.90 17.16 -30.47
C THR C 21 -19.09 17.09 -31.98
N GLN C 22 -18.68 18.12 -32.70
CA GLN C 22 -18.74 18.16 -34.16
C GLN C 22 -17.70 17.24 -34.79
N VAL C 23 -16.52 17.14 -34.20
CA VAL C 23 -15.48 16.26 -34.74
C VAL C 23 -15.93 14.80 -34.70
N THR C 24 -16.49 14.33 -33.58
CA THR C 24 -16.96 12.95 -33.57
C THR C 24 -18.22 12.79 -34.41
N GLY C 25 -19.04 13.84 -34.47
CA GLY C 25 -20.24 13.79 -35.29
C GLY C 25 -19.92 13.50 -36.76
N TYR C 26 -19.02 14.29 -37.32
CA TYR C 26 -18.57 14.09 -38.70
C TYR C 26 -17.98 12.71 -38.91
N GLN C 27 -17.10 12.29 -38.01
CA GLN C 27 -16.40 11.02 -38.09
C GLN C 27 -17.36 9.82 -38.02
N PHE C 28 -18.49 9.95 -37.33
CA PHE C 28 -19.50 8.89 -37.30
C PHE C 28 -20.23 8.76 -38.64
N LEU C 29 -20.62 9.87 -39.23
CA LEU C 29 -21.27 9.89 -40.55
C LEU C 29 -20.37 9.31 -41.63
N ALA C 30 -19.06 9.51 -41.51
CA ALA C 30 -18.10 8.94 -42.47
C ALA C 30 -17.99 7.42 -42.36
N ARG C 31 -17.93 6.89 -41.15
CA ARG C 31 -17.88 5.43 -40.92
C ARG C 31 -19.12 4.71 -41.46
N ARG C 32 -20.30 5.24 -41.18
CA ARG C 32 -21.56 4.72 -41.71
C ARG C 32 -21.64 4.77 -43.24
N THR C 33 -21.15 5.81 -43.89
CA THR C 33 -21.12 5.88 -45.35
C THR C 33 -20.09 4.95 -45.98
N ALA C 34 -18.97 4.72 -45.32
CA ALA C 34 -17.97 3.78 -45.83
C ALA C 34 -18.50 2.35 -45.78
N MET C 35 -19.28 2.03 -44.77
CA MET C 35 -19.94 0.72 -44.66
C MET C 35 -20.94 0.51 -45.79
N ALA C 36 -21.75 1.51 -46.08
CA ALA C 36 -22.73 1.43 -47.17
C ALA C 36 -22.08 1.10 -48.51
N LEU C 37 -20.98 1.74 -48.85
CA LEU C 37 -20.32 1.44 -50.12
C LEU C 37 -19.73 0.04 -50.16
N THR C 38 -19.38 -0.55 -49.02
CA THR C 38 -18.72 -1.84 -48.99
C THR C 38 -19.64 -3.03 -48.70
N ARG C 39 -20.62 -2.89 -47.81
CA ARG C 39 -21.51 -3.98 -47.43
C ARG C 39 -22.95 -3.79 -47.88
N TRP C 40 -23.29 -2.65 -48.46
CA TRP C 40 -24.63 -2.33 -48.95
C TRP C 40 -25.72 -2.35 -47.87
N ARG C 41 -25.38 -2.18 -46.60
CA ARG C 41 -26.37 -2.12 -45.52
C ARG C 41 -25.79 -1.22 -44.45
N VAL C 42 -26.68 -0.64 -43.62
CA VAL C 42 -26.24 0.25 -42.56
C VAL C 42 -26.76 -0.18 -41.18
N ARG C 43 -27.35 -1.36 -41.07
CA ARG C 43 -27.88 -1.83 -39.79
C ARG C 43 -26.81 -1.87 -38.71
N MET C 44 -25.57 -2.20 -39.10
CA MET C 44 -24.39 -2.23 -38.24
C MET C 44 -24.56 -2.78 -36.82
N GLU C 45 -24.88 -4.07 -36.73
CA GLU C 45 -25.04 -4.77 -35.45
C GLU C 45 -23.70 -4.85 -34.70
N ILE C 46 -22.64 -5.09 -35.46
CA ILE C 46 -21.26 -5.10 -34.99
C ILE C 46 -20.55 -4.17 -35.95
N GLU C 47 -19.58 -3.44 -35.45
CA GLU C 47 -18.88 -2.49 -36.30
C GLU C 47 -17.45 -2.89 -36.61
N PRO C 48 -17.28 -3.78 -37.59
CA PRO C 48 -15.97 -4.29 -37.98
C PRO C 48 -15.02 -3.25 -38.53
N GLY C 49 -15.53 -2.11 -38.99
CA GLY C 49 -14.65 -1.06 -39.51
C GLY C 49 -13.63 -0.59 -38.48
N ARG C 50 -14.08 -0.30 -37.27
CA ARG C 50 -13.17 0.12 -36.20
C ARG C 50 -12.23 -1.01 -35.79
N ARG C 51 -12.77 -2.19 -35.55
CA ARG C 51 -11.99 -3.36 -35.12
C ARG C 51 -10.80 -3.61 -36.04
N GLN C 52 -11.01 -3.58 -37.35
CA GLN C 52 -9.92 -3.79 -38.31
C GLN C 52 -8.88 -2.66 -38.30
N THR C 53 -9.29 -1.44 -37.95
CA THR C 53 -8.36 -0.31 -37.86
C THR C 53 -7.51 -0.39 -36.58
N LEU C 54 -8.11 -0.70 -35.44
CA LEU C 54 -7.38 -0.83 -34.18
C LEU C 54 -6.27 -1.88 -34.25
N ALA C 55 -6.48 -2.97 -34.98
CA ALA C 55 -5.44 -4.00 -35.14
C ALA C 55 -4.22 -3.46 -35.89
N VAL C 56 -4.41 -2.51 -36.81
CA VAL C 56 -3.30 -1.87 -37.52
C VAL C 56 -2.56 -0.92 -36.58
N VAL C 57 -3.29 -0.12 -35.82
CA VAL C 57 -2.72 0.79 -34.83
C VAL C 57 -1.92 0.03 -33.78
N ALA C 58 -2.41 -1.15 -33.37
CA ALA C 58 -1.69 -2.00 -32.42
C ALA C 58 -0.37 -2.52 -32.99
N SER C 59 -0.34 -2.85 -34.28
CA SER C 59 0.87 -3.35 -34.95
C SER C 59 1.93 -2.25 -35.05
N VAL C 60 1.54 -1.04 -35.42
CA VAL C 60 2.46 0.10 -35.50
C VAL C 60 3.00 0.42 -34.12
N SER C 61 2.16 0.43 -33.10
CA SER C 61 2.56 0.71 -31.74
C SER C 61 3.54 -0.34 -31.22
N ALA C 62 3.29 -1.61 -31.46
CA ALA C 62 4.22 -2.67 -31.03
C ALA C 62 5.58 -2.54 -31.71
N ALA C 63 5.61 -2.15 -32.98
CA ALA C 63 6.87 -1.97 -33.70
C ALA C 63 7.71 -0.83 -33.10
N LEU C 64 7.06 0.28 -32.76
CA LEU C 64 7.72 1.44 -32.15
C LEU C 64 8.28 1.11 -30.75
N VAL C 65 7.56 0.32 -29.97
CA VAL C 65 8.02 -0.09 -28.64
C VAL C 65 9.30 -0.91 -28.72
N ILE C 66 9.43 -1.78 -29.72
CA ILE C 66 10.66 -2.55 -29.89
C ILE C 66 11.82 -1.63 -30.31
N CYS C 67 11.54 -0.57 -31.06
CA CYS C 67 12.56 0.42 -31.44
C CYS C 67 13.08 1.16 -30.22
N LEU C 68 12.19 1.58 -29.31
CA LEU C 68 12.61 2.24 -28.08
C LEU C 68 13.45 1.29 -27.22
N GLY C 69 13.05 0.04 -27.14
CA GLY C 69 13.84 -0.94 -26.40
C GLY C 69 15.25 -1.06 -26.95
N ALA C 70 15.38 -1.14 -28.26
CA ALA C 70 16.68 -1.21 -28.91
C ALA C 70 17.48 0.08 -28.69
N LEU C 71 16.82 1.23 -28.75
CA LEU C 71 17.50 2.52 -28.52
C LEU C 71 18.01 2.60 -27.07
N LEU C 72 17.22 2.14 -26.12
CA LEU C 72 17.62 2.10 -24.71
C LEU C 72 18.81 1.15 -24.51
N TRP C 73 18.79 0.00 -25.16
CA TRP C 73 19.89 -0.97 -25.09
C TRP C 73 21.18 -0.37 -25.62
N SER C 74 21.10 0.49 -26.64
CA SER C 74 22.29 1.13 -27.22
C SER C 74 23.01 2.07 -26.24
N PHE C 75 22.32 2.63 -25.25
CA PHE C 75 22.95 3.49 -24.25
C PHE C 75 23.53 2.72 -23.07
N ILE C 76 22.95 1.57 -22.73
CA ILE C 76 23.40 0.78 -21.60
C ILE C 76 24.77 0.15 -21.88
N SER C 77 24.97 -0.45 -23.05
CA SER C 77 26.25 -1.08 -23.41
C SER C 77 26.61 -0.77 -24.84
N PRO C 78 27.13 0.42 -25.09
CA PRO C 78 27.50 0.86 -26.44
C PRO C 78 28.46 -0.08 -27.16
N SER C 79 28.34 -0.09 -28.48
CA SER C 79 29.06 -0.96 -29.41
C SER C 79 29.10 -0.25 -30.76
N GLY C 80 29.41 -1.01 -31.82
CA GLY C 80 29.48 -0.45 -33.16
C GLY C 80 29.45 -1.53 -34.21
N GLN C 81 29.36 -1.11 -35.47
CA GLN C 81 29.27 -2.00 -36.60
C GLN C 81 30.00 -1.42 -37.80
N LEU C 82 30.48 -2.31 -38.68
CA LEU C 82 31.18 -1.86 -39.88
C LEU C 82 30.27 -1.12 -40.85
N ASN C 83 30.78 -0.02 -41.41
CA ASN C 83 30.01 0.74 -42.38
C ASN C 83 30.96 1.16 -43.50
N GLU C 84 30.51 2.09 -44.33
CA GLU C 84 31.29 2.57 -45.47
C GLU C 84 32.60 3.24 -45.08
N SER C 85 32.67 3.88 -43.91
CA SER C 85 33.88 4.57 -43.49
C SER C 85 35.11 3.66 -43.52
N PRO C 86 36.26 4.15 -44.00
CA PRO C 86 37.45 3.31 -44.12
C PRO C 86 38.39 3.29 -42.92
N ILE C 87 38.26 4.19 -41.95
CA ILE C 87 39.12 4.22 -40.77
C ILE C 87 38.31 3.70 -39.60
N ILE C 88 38.76 2.59 -39.00
CA ILE C 88 38.06 1.96 -37.88
C ILE C 88 39.03 1.64 -36.77
N ALA C 89 38.47 1.48 -35.56
CA ALA C 89 39.21 1.14 -34.36
C ALA C 89 38.43 0.13 -33.53
N ASP C 90 39.16 -0.72 -32.82
CA ASP C 90 38.60 -1.75 -31.96
C ASP C 90 37.94 -1.14 -30.72
N ARG C 91 36.67 -1.46 -30.54
CA ARG C 91 35.82 -0.98 -29.45
C ARG C 91 36.36 -1.20 -28.05
N ASP C 92 37.18 -2.22 -27.82
CA ASP C 92 37.71 -2.49 -26.49
C ASP C 92 39.22 -2.41 -26.35
N SER C 93 39.97 -2.41 -27.45
CA SER C 93 41.42 -2.36 -27.41
C SER C 93 42.02 -1.09 -28.01
N GLY C 94 41.24 -0.28 -28.71
CA GLY C 94 41.73 0.95 -29.30
C GLY C 94 42.68 0.84 -30.48
N ALA C 95 42.96 -0.37 -30.95
CA ALA C 95 43.87 -0.54 -32.07
C ALA C 95 43.30 0.08 -33.34
N LEU C 96 44.16 0.68 -34.17
CA LEU C 96 43.76 1.31 -35.42
C LEU C 96 43.98 0.40 -36.62
N TYR C 97 42.96 0.30 -37.47
CA TYR C 97 43.00 -0.48 -38.69
C TYR C 97 42.50 0.37 -39.84
N VAL C 98 42.97 0.10 -41.05
CA VAL C 98 42.56 0.83 -42.24
C VAL C 98 42.24 -0.20 -43.31
N ARG C 99 41.15 -0.01 -44.05
CA ARG C 99 40.75 -0.93 -45.11
C ARG C 99 41.27 -0.51 -46.48
N VAL C 100 41.75 -1.40 -47.26
CA VAL C 100 42.25 -1.33 -48.57
C VAL C 100 41.68 -2.46 -49.38
N GLY C 101 40.76 -2.27 -50.26
CA GLY C 101 40.06 -3.26 -50.88
C GLY C 101 39.16 -4.02 -50.00
N ASP C 102 39.37 -5.32 -49.85
CA ASP C 102 38.59 -6.15 -48.94
C ASP C 102 39.43 -6.65 -47.77
N ARG C 103 40.53 -5.96 -47.48
CA ARG C 103 41.48 -6.40 -46.47
C ARG C 103 41.79 -5.27 -45.49
N LEU C 104 41.96 -5.62 -44.22
CA LEU C 104 42.27 -4.66 -43.15
C LEU C 104 43.76 -4.66 -42.81
N TYR C 105 44.38 -3.49 -42.78
CA TYR C 105 45.78 -3.36 -42.44
C TYR C 105 45.96 -2.62 -41.13
N PRO C 106 46.69 -3.11 -40.14
CA PRO C 106 46.90 -2.32 -38.93
C PRO C 106 47.77 -1.11 -39.24
N ALA C 107 47.30 0.08 -38.86
CA ALA C 107 48.02 1.32 -39.13
C ALA C 107 48.75 1.83 -37.89
N LEU C 108 49.95 2.37 -38.10
CA LEU C 108 50.74 2.86 -36.98
C LEU C 108 50.15 4.09 -36.30
N ASN C 109 49.42 4.95 -37.03
CA ASN C 109 48.91 6.16 -36.42
C ASN C 109 47.83 6.78 -37.30
N LEU C 110 47.11 7.74 -36.72
CA LEU C 110 46.02 8.44 -37.42
C LEU C 110 46.50 9.24 -38.61
N ALA C 111 47.63 9.94 -38.47
CA ALA C 111 48.15 10.74 -39.59
C ALA C 111 48.33 9.92 -40.85
N SER C 112 49.04 8.79 -40.76
CA SER C 112 49.21 7.95 -41.94
C SER C 112 47.91 7.30 -42.39
N ALA C 113 46.98 7.04 -41.48
CA ALA C 113 45.69 6.47 -41.89
C ALA C 113 44.89 7.44 -42.75
N ARG C 114 44.89 8.72 -42.37
CA ARG C 114 44.21 9.74 -43.16
C ARG C 114 44.86 9.87 -44.53
N LEU C 115 46.18 9.96 -44.53
CA LEU C 115 46.97 10.12 -45.74
C LEU C 115 46.86 8.93 -46.69
N ILE C 116 46.74 7.71 -46.17
CA ILE C 116 46.59 6.54 -47.04
C ILE C 116 45.20 6.49 -47.68
N THR C 117 44.16 6.76 -46.91
CA THR C 117 42.79 6.69 -47.42
C THR C 117 42.37 7.94 -48.16
N GLY C 118 42.86 9.11 -47.78
CA GLY C 118 42.49 10.35 -48.42
C GLY C 118 41.29 11.07 -47.84
N ARG C 119 40.77 10.62 -46.70
CA ARG C 119 39.62 11.25 -46.09
C ARG C 119 40.02 11.88 -44.76
N PRO C 120 39.80 13.17 -44.54
CA PRO C 120 40.14 13.77 -43.25
C PRO C 120 39.05 13.41 -42.27
N ASP C 121 39.27 12.42 -41.41
CA ASP C 121 38.20 11.99 -40.51
C ASP C 121 38.82 11.34 -39.27
N ASN C 122 37.94 10.91 -38.34
CA ASN C 122 38.29 10.25 -37.08
C ASN C 122 37.89 8.78 -37.11
N PRO C 123 38.56 7.93 -36.34
CA PRO C 123 38.25 6.50 -36.35
C PRO C 123 36.87 6.16 -35.81
N HIS C 124 36.25 5.17 -36.43
CA HIS C 124 34.93 4.65 -36.07
C HIS C 124 35.11 3.40 -35.21
N LEU C 125 34.56 3.41 -33.99
CA LEU C 125 34.72 2.26 -33.10
C LEU C 125 33.87 1.07 -33.54
N VAL C 126 34.51 -0.10 -33.68
CA VAL C 126 33.84 -1.31 -34.14
C VAL C 126 34.03 -2.48 -33.18
N ARG C 127 32.98 -3.28 -33.04
CA ARG C 127 32.96 -4.46 -32.20
C ARG C 127 34.12 -5.40 -32.52
N SER C 128 34.88 -5.76 -31.50
CA SER C 128 36.06 -6.62 -31.67
C SER C 128 35.77 -7.99 -32.28
N SER C 129 34.59 -8.56 -32.05
CA SER C 129 34.24 -9.85 -32.66
C SER C 129 33.99 -9.75 -34.15
N GLN C 130 33.75 -8.54 -34.64
CA GLN C 130 33.52 -8.26 -36.05
C GLN C 130 34.85 -8.10 -36.81
N ILE C 131 35.78 -7.35 -36.24
CA ILE C 131 37.09 -7.13 -36.84
C ILE C 131 37.83 -8.44 -37.07
N ALA C 132 37.69 -9.39 -36.15
CA ALA C 132 38.35 -10.69 -36.27
C ALA C 132 37.96 -11.51 -37.49
N THR C 133 36.83 -11.23 -38.13
CA THR C 133 36.39 -12.00 -39.28
C THR C 133 37.03 -11.60 -40.62
N MET C 134 37.47 -10.35 -40.77
CA MET C 134 38.07 -9.89 -42.02
C MET C 134 39.57 -10.21 -42.14
N PRO C 135 40.06 -10.41 -43.38
CA PRO C 135 41.49 -10.70 -43.59
C PRO C 135 42.41 -9.53 -43.26
N ARG C 136 43.67 -9.87 -42.92
CA ARG C 136 44.69 -8.89 -42.52
C ARG C 136 45.85 -8.74 -43.49
N GLY C 137 46.77 -7.83 -43.11
CA GLY C 137 48.00 -7.55 -43.83
C GLY C 137 49.05 -6.96 -42.90
N PRO C 138 50.31 -6.86 -43.33
CA PRO C 138 51.36 -6.27 -42.49
C PRO C 138 51.12 -4.81 -42.13
N LEU C 139 51.93 -4.31 -41.19
CA LEU C 139 51.79 -2.93 -40.71
C LEU C 139 52.10 -1.90 -41.79
N VAL C 140 51.38 -0.77 -41.76
CA VAL C 140 51.53 0.30 -42.74
C VAL C 140 51.54 1.68 -42.11
N GLY C 141 52.17 2.64 -42.82
CA GLY C 141 52.27 4.03 -42.42
C GLY C 141 53.65 4.63 -42.19
N ILE C 142 53.70 5.78 -41.51
CA ILE C 142 54.96 6.46 -41.17
C ILE C 142 55.18 6.30 -39.67
N PRO C 143 56.30 5.74 -39.22
CA PRO C 143 56.50 5.61 -37.79
C PRO C 143 56.78 6.94 -37.11
N GLY C 144 56.17 7.14 -35.94
CA GLY C 144 56.34 8.35 -35.14
C GLY C 144 55.56 9.59 -35.53
N ALA C 145 54.77 9.54 -36.60
CA ALA C 145 53.98 10.69 -37.03
C ALA C 145 52.94 11.11 -35.99
N PRO C 146 52.38 12.31 -36.13
CA PRO C 146 51.37 12.78 -35.19
C PRO C 146 50.14 11.87 -35.18
N SER C 147 49.40 11.93 -34.07
CA SER C 147 48.19 11.12 -33.89
C SER C 147 46.98 11.92 -33.44
N SER C 148 46.99 13.23 -33.62
CA SER C 148 45.83 14.03 -33.22
C SER C 148 45.92 15.38 -33.92
N PHE C 149 44.94 15.71 -34.75
CA PHE C 149 44.90 16.98 -35.46
C PHE C 149 43.79 17.88 -34.94
N SER C 150 44.18 19.11 -34.59
CA SER C 150 43.25 20.13 -34.11
C SER C 150 43.86 21.46 -34.54
N PRO C 151 43.56 21.93 -35.75
CA PRO C 151 44.18 23.15 -36.25
C PRO C 151 43.77 24.40 -35.51
N LYS C 152 44.77 25.23 -35.24
CA LYS C 152 44.65 26.54 -34.58
C LYS C 152 45.50 27.55 -35.33
N SER C 153 44.92 28.74 -35.58
CA SER C 153 45.62 29.80 -36.29
C SER C 153 45.02 31.14 -35.83
N PRO C 154 45.65 31.75 -34.82
CA PRO C 154 45.15 33.00 -34.27
C PRO C 154 45.51 34.20 -35.13
N PRO C 155 44.90 35.35 -34.85
CA PRO C 155 45.20 36.56 -35.62
C PRO C 155 46.57 37.17 -35.32
N ALA C 156 47.07 37.02 -34.11
CA ALA C 156 48.36 37.56 -33.70
C ALA C 156 49.35 36.46 -33.37
N SER C 157 50.55 36.57 -33.93
CA SER C 157 51.64 35.61 -33.76
C SER C 157 52.76 36.19 -32.92
N SER C 158 53.19 35.44 -31.91
CA SER C 158 54.25 35.81 -30.98
C SER C 158 55.19 34.65 -30.72
N TRP C 159 56.50 34.89 -30.78
CA TRP C 159 57.51 33.88 -30.51
C TRP C 159 58.64 34.50 -29.70
N LEU C 160 59.21 33.73 -28.76
CA LEU C 160 60.38 34.18 -27.99
C LEU C 160 61.43 33.09 -27.91
N VAL C 161 62.70 33.49 -27.96
CA VAL C 161 63.84 32.63 -27.62
C VAL C 161 64.49 33.19 -26.35
N CYS C 162 64.49 32.40 -25.29
CA CYS C 162 64.97 32.83 -23.98
C CYS C 162 66.24 32.10 -23.60
N ASP C 163 67.16 32.86 -23.02
CA ASP C 163 68.42 32.39 -22.46
C ASP C 163 68.39 32.57 -20.95
N THR C 164 68.84 31.56 -20.20
CA THR C 164 68.89 31.67 -18.74
C THR C 164 70.16 31.05 -18.19
N VAL C 165 70.81 31.79 -17.28
CA VAL C 165 72.14 31.45 -16.79
C VAL C 165 72.06 31.14 -15.30
N ALA C 166 72.75 30.08 -14.89
CA ALA C 166 72.75 29.62 -13.50
C ALA C 166 73.92 30.22 -12.71
N THR C 167 73.78 30.20 -11.38
CA THR C 167 74.80 30.74 -10.49
C THR C 167 75.74 29.63 -10.04
N GLN C 175 77.98 28.63 -13.61
CA GLN C 175 78.35 28.12 -14.93
C GLN C 175 77.16 27.46 -15.65
N GLY C 176 77.21 27.45 -16.98
CA GLY C 176 76.19 26.84 -17.81
C GLY C 176 74.93 27.65 -18.08
N VAL C 177 74.38 27.46 -19.28
CA VAL C 177 73.21 28.16 -19.80
C VAL C 177 72.18 27.15 -20.29
N THR C 178 70.89 27.52 -20.24
CA THR C 178 69.84 26.73 -20.90
C THR C 178 68.98 27.61 -21.81
N VAL C 179 68.48 26.99 -22.89
CA VAL C 179 67.68 27.67 -23.92
C VAL C 179 66.23 27.18 -23.90
N THR C 180 65.29 28.11 -23.83
CA THR C 180 63.85 27.86 -23.80
C THR C 180 63.17 28.58 -24.95
N VAL C 181 62.27 27.89 -25.66
CA VAL C 181 61.48 28.47 -26.75
C VAL C 181 60.04 28.64 -26.29
N ILE C 182 59.44 29.79 -26.59
CA ILE C 182 58.06 30.10 -26.23
C ILE C 182 57.24 30.47 -27.45
N ASP C 183 56.04 29.89 -27.54
CA ASP C 183 55.05 30.17 -28.58
C ASP C 183 53.82 30.66 -27.86
N GLY C 184 53.41 31.90 -28.13
CA GLY C 184 52.27 32.50 -27.48
C GLY C 184 52.63 33.80 -26.80
N THR C 185 51.59 34.49 -26.33
CA THR C 185 51.79 35.79 -25.69
C THR C 185 52.54 35.69 -24.37
N PRO C 186 53.68 36.37 -24.22
CA PRO C 186 54.44 36.33 -22.97
C PRO C 186 53.76 37.11 -21.85
N ASP C 187 54.18 36.80 -20.63
CA ASP C 187 53.70 37.47 -19.42
C ASP C 187 54.81 38.37 -18.90
N LEU C 188 54.54 39.68 -18.89
CA LEU C 188 55.46 40.72 -18.47
C LEU C 188 55.27 41.20 -17.04
N THR C 189 54.37 40.59 -16.27
CA THR C 189 54.13 40.99 -14.89
C THR C 189 55.30 40.66 -13.98
N GLY C 190 55.34 41.37 -12.85
CA GLY C 190 56.41 41.25 -11.88
C GLY C 190 57.57 42.19 -12.21
N HIS C 191 58.73 41.88 -11.63
CA HIS C 191 59.91 42.70 -11.88
C HIS C 191 60.43 42.58 -13.30
N ARG C 192 59.77 41.79 -14.13
CA ARG C 192 60.17 41.69 -15.52
C ARG C 192 60.02 43.06 -16.17
N GLN C 193 60.85 43.34 -17.17
CA GLN C 193 60.75 44.63 -17.85
C GLN C 193 61.29 44.55 -19.26
N ILE C 194 60.77 45.41 -20.12
CA ILE C 194 61.28 45.53 -21.47
C ILE C 194 62.60 46.29 -21.42
N LEU C 195 63.53 45.94 -22.29
CA LEU C 195 64.82 46.62 -22.34
C LEU C 195 64.77 47.62 -23.49
N SER C 196 64.93 48.90 -23.16
CA SER C 196 64.83 49.98 -24.14
C SER C 196 65.46 51.24 -23.56
N GLY C 197 65.64 52.23 -24.43
CA GLY C 197 66.21 53.51 -24.03
C GLY C 197 67.65 53.44 -23.51
N SER C 198 67.85 53.85 -22.27
CA SER C 198 69.18 53.81 -21.67
C SER C 198 69.56 52.47 -21.07
N ASP C 199 68.63 51.54 -20.94
CA ASP C 199 68.92 50.21 -20.39
C ASP C 199 69.74 49.36 -21.35
N ALA C 200 70.71 48.61 -20.81
CA ALA C 200 71.52 47.74 -21.64
C ALA C 200 72.11 46.63 -20.79
N VAL C 201 72.60 45.58 -21.47
CA VAL C 201 73.20 44.41 -20.82
C VAL C 201 74.38 43.91 -21.65
N VAL C 202 75.42 43.45 -20.97
CA VAL C 202 76.67 42.96 -21.60
C VAL C 202 76.80 41.45 -21.42
N LEU C 203 77.08 40.75 -22.52
CA LEU C 203 77.23 39.29 -22.53
C LEU C 203 78.45 38.88 -23.34
N ARG C 204 78.96 37.68 -23.06
CA ARG C 204 80.14 37.12 -23.71
C ARG C 204 79.86 35.99 -24.69
N TYR C 205 80.51 36.03 -25.86
CA TYR C 205 80.43 34.94 -26.83
C TYR C 205 81.60 35.02 -27.79
N GLY C 206 82.15 33.88 -28.17
CA GLY C 206 83.26 33.83 -29.10
C GLY C 206 84.48 34.61 -28.67
N GLY C 207 84.67 34.81 -27.38
CA GLY C 207 85.80 35.56 -26.86
C GLY C 207 85.61 37.05 -26.81
N ASP C 208 84.52 37.57 -27.37
CA ASP C 208 84.25 39.00 -27.41
C ASP C 208 82.98 39.34 -26.66
N ALA C 209 82.96 40.54 -26.07
CA ALA C 209 81.79 41.04 -25.37
C ALA C 209 80.87 41.75 -26.34
N TRP C 210 79.57 41.74 -26.04
CA TRP C 210 78.58 42.39 -26.89
C TRP C 210 77.58 43.16 -26.04
N VAL C 211 77.20 44.35 -26.51
CA VAL C 211 76.22 45.19 -25.83
C VAL C 211 74.91 45.06 -26.57
N ILE C 212 73.84 44.76 -25.85
CA ILE C 212 72.53 44.55 -26.45
C ILE C 212 71.59 45.68 -26.04
N ARG C 213 71.07 46.40 -27.03
CA ARG C 213 70.11 47.47 -26.77
C ARG C 213 69.29 47.73 -28.03
N GLU C 214 68.06 48.20 -27.81
CA GLU C 214 67.12 48.55 -28.88
C GLU C 214 67.04 47.50 -29.99
N GLY C 215 67.10 46.23 -29.61
CA GLY C 215 66.98 45.17 -30.59
C GLY C 215 68.20 44.83 -31.42
N ARG C 216 69.39 45.29 -31.06
CA ARG C 216 70.56 44.95 -31.84
C ARG C 216 71.73 44.68 -30.90
N ARG C 217 72.68 43.87 -31.35
CA ARG C 217 73.89 43.62 -30.58
C ARG C 217 75.05 44.38 -31.22
N SER C 218 75.81 45.10 -30.40
CA SER C 218 76.95 45.89 -30.86
C SER C 218 78.17 45.54 -30.03
N ARG C 219 79.26 45.22 -30.72
CA ARG C 219 80.52 44.79 -30.10
C ARG C 219 81.26 45.92 -29.39
N ILE C 220 81.98 45.57 -28.31
CA ILE C 220 82.76 46.50 -27.51
C ILE C 220 84.09 45.87 -27.13
N GLU C 221 85.06 46.71 -26.74
CA GLU C 221 86.39 46.24 -26.37
C GLU C 221 86.82 46.76 -25.00
N PRO C 222 87.67 45.99 -24.27
CA PRO C 222 88.07 46.37 -22.91
C PRO C 222 89.17 47.41 -22.75
N THR C 223 90.07 47.50 -23.72
CA THR C 223 91.19 48.45 -23.63
C THR C 223 90.79 49.87 -24.02
N ASN C 224 89.78 50.02 -24.85
CA ASN C 224 89.33 51.31 -25.38
C ASN C 224 88.69 52.25 -24.35
N ARG C 225 89.55 52.88 -23.54
CA ARG C 225 89.10 53.85 -22.54
C ARG C 225 88.34 55.01 -23.17
N ALA C 226 88.75 55.38 -24.38
CA ALA C 226 88.14 56.48 -25.13
C ALA C 226 86.63 56.32 -25.31
N VAL C 227 86.17 55.10 -25.58
CA VAL C 227 84.74 54.86 -25.74
C VAL C 227 84.06 54.42 -24.43
N LEU C 228 84.77 53.69 -23.57
CA LEU C 228 84.18 53.25 -22.31
C LEU C 228 83.89 54.41 -21.35
N LEU C 229 84.85 55.31 -21.17
CA LEU C 229 84.68 56.41 -20.22
C LEU C 229 83.49 57.33 -20.48
N PRO C 230 83.17 57.73 -21.72
CA PRO C 230 81.97 58.55 -21.93
C PRO C 230 80.69 57.75 -21.76
N LEU C 231 80.71 56.48 -22.12
CA LEU C 231 79.56 55.58 -22.05
C LEU C 231 79.28 55.14 -20.62
N GLY C 232 80.29 55.13 -19.74
CA GLY C 232 80.13 54.78 -18.34
C GLY C 232 80.53 53.38 -17.91
N LEU C 233 81.00 52.55 -18.83
CA LEU C 233 81.39 51.18 -18.56
C LEU C 233 82.82 51.11 -18.05
N THR C 234 83.11 50.06 -17.26
CA THR C 234 84.40 49.76 -16.66
C THR C 234 85.02 48.51 -17.31
N PRO C 235 86.35 48.46 -17.48
CA PRO C 235 86.95 47.26 -18.08
C PRO C 235 86.65 45.99 -17.32
N GLU C 236 86.61 46.03 -15.99
CA GLU C 236 86.26 44.84 -15.20
C GLU C 236 84.86 44.36 -15.55
N GLN C 237 83.90 45.28 -15.49
CA GLN C 237 82.51 45.03 -15.82
C GLN C 237 82.33 44.53 -17.26
N VAL C 238 83.29 44.82 -18.14
CA VAL C 238 83.28 44.34 -19.52
C VAL C 238 83.91 42.94 -19.63
N SER C 239 85.00 42.70 -18.91
CA SER C 239 85.71 41.43 -18.94
C SER C 239 85.06 40.30 -18.13
N GLN C 240 84.32 40.62 -17.08
CA GLN C 240 83.67 39.62 -16.22
C GLN C 240 82.23 39.27 -16.60
N ALA C 241 81.72 39.73 -17.74
CA ALA C 241 80.35 39.43 -18.13
C ALA C 241 80.10 37.93 -18.31
N ARG C 242 78.86 37.52 -18.06
CA ARG C 242 78.40 36.13 -18.18
C ARG C 242 78.28 35.66 -19.63
N PRO C 243 78.31 34.35 -19.85
CA PRO C 243 78.16 33.78 -21.20
C PRO C 243 76.79 33.98 -21.83
N MET C 244 76.75 33.68 -23.13
CA MET C 244 75.57 33.75 -24.00
C MET C 244 75.45 32.47 -24.81
N SER C 245 74.23 31.95 -24.94
CA SER C 245 73.96 30.80 -25.79
C SER C 245 74.09 31.09 -27.28
N ARG C 246 74.60 30.11 -28.02
CA ARG C 246 74.70 30.21 -29.48
C ARG C 246 73.34 30.42 -30.15
N ALA C 247 72.26 29.96 -29.52
CA ALA C 247 70.90 30.13 -30.03
C ALA C 247 70.42 31.57 -29.98
N LEU C 248 70.75 32.31 -28.93
CA LEU C 248 70.36 33.71 -28.79
C LEU C 248 71.23 34.63 -29.62
N PHE C 249 72.51 34.30 -29.74
CA PHE C 249 73.45 35.07 -30.54
C PHE C 249 73.02 35.17 -32.00
N ASP C 250 72.29 34.18 -32.53
CA ASP C 250 71.81 34.25 -33.91
C ASP C 250 70.47 34.96 -34.09
N ALA C 251 69.60 34.99 -33.08
CA ALA C 251 68.32 35.66 -33.26
C ALA C 251 68.49 37.17 -33.33
N LEU C 252 69.36 37.73 -32.52
CA LEU C 252 69.65 39.16 -32.53
C LEU C 252 70.42 39.61 -33.77
N PRO C 253 69.98 40.67 -34.45
CA PRO C 253 70.74 41.21 -35.58
C PRO C 253 71.94 41.99 -35.09
N VAL C 254 72.94 42.16 -35.98
CA VAL C 254 74.19 42.83 -35.63
C VAL C 254 74.19 44.31 -35.95
N GLY C 255 74.74 45.09 -34.99
CA GLY C 255 74.96 46.51 -35.11
C GLY C 255 76.43 46.80 -35.39
N PRO C 256 76.80 48.06 -35.54
CA PRO C 256 78.21 48.41 -35.75
C PRO C 256 79.03 48.31 -34.47
N GLU C 257 80.35 48.39 -34.62
CA GLU C 257 81.24 48.36 -33.47
C GLU C 257 81.14 49.66 -32.68
N LEU C 258 81.20 49.57 -31.36
CA LEU C 258 81.25 50.79 -30.55
C LEU C 258 82.71 51.25 -30.57
N LEU C 259 83.05 52.08 -31.54
CA LEU C 259 84.41 52.57 -31.73
C LEU C 259 84.37 54.06 -32.02
N VAL C 260 85.53 54.70 -31.89
CA VAL C 260 85.66 56.12 -32.20
C VAL C 260 85.46 56.28 -33.71
N PRO C 261 84.43 56.99 -34.15
CA PRO C 261 84.16 57.11 -35.59
C PRO C 261 85.31 57.75 -36.37
N GLU C 262 85.86 56.98 -37.29
CA GLU C 262 86.98 57.40 -38.14
C GLU C 262 86.54 58.39 -39.23
N VAL C 263 87.33 59.43 -39.44
CA VAL C 263 87.06 60.45 -40.46
C VAL C 263 88.03 60.28 -41.62
N PRO C 264 87.54 60.14 -42.86
CA PRO C 264 88.43 60.02 -44.02
C PRO C 264 89.19 61.30 -44.37
N ASN C 265 90.49 61.16 -44.65
CA ASN C 265 91.34 62.31 -45.01
C ASN C 265 91.35 63.42 -43.97
N ALA C 266 91.43 63.05 -42.70
CA ALA C 266 91.47 64.04 -41.62
C ALA C 266 92.63 65.00 -41.84
N GLY C 267 92.38 66.29 -41.61
CA GLY C 267 93.37 67.34 -41.82
C GLY C 267 93.41 67.92 -43.22
N GLY C 268 92.67 67.34 -44.17
CA GLY C 268 92.64 67.82 -45.53
C GLY C 268 91.77 69.05 -45.71
N PRO C 269 91.82 69.61 -46.92
CA PRO C 269 91.03 70.80 -47.25
C PRO C 269 89.57 70.48 -47.57
N ALA C 270 88.71 71.45 -47.25
CA ALA C 270 87.28 71.35 -47.52
C ALA C 270 86.91 71.70 -48.95
N THR C 271 85.84 71.06 -49.42
CA THR C 271 85.27 71.27 -50.75
C THR C 271 84.51 72.59 -50.88
N PHE C 272 84.05 73.17 -49.77
CA PHE C 272 83.24 74.37 -49.76
C PHE C 272 83.93 75.55 -49.06
N PRO C 273 83.64 76.77 -49.49
CA PRO C 273 84.24 77.96 -48.88
C PRO C 273 83.62 78.30 -47.54
N GLY C 274 84.41 79.00 -46.71
CA GLY C 274 83.98 79.43 -45.40
C GLY C 274 84.15 78.39 -44.30
N ALA C 275 84.73 77.24 -44.60
CA ALA C 275 84.94 76.20 -43.62
C ALA C 275 85.84 76.71 -42.47
N PRO C 276 85.43 76.55 -41.21
CA PRO C 276 86.24 77.05 -40.10
C PRO C 276 87.60 76.39 -39.95
N GLY C 277 87.83 75.23 -40.56
CA GLY C 277 89.11 74.59 -40.42
C GLY C 277 89.23 73.33 -41.26
N PRO C 278 90.33 72.60 -41.11
CA PRO C 278 90.52 71.37 -41.88
C PRO C 278 89.53 70.29 -41.50
N ILE C 279 89.37 69.37 -42.45
CA ILE C 279 88.45 68.25 -42.29
C ILE C 279 88.80 67.41 -41.06
N GLY C 280 87.76 66.96 -40.36
CA GLY C 280 87.88 66.17 -39.15
C GLY C 280 87.92 66.95 -37.86
N THR C 281 87.89 68.28 -37.93
CA THR C 281 87.86 69.11 -36.74
C THR C 281 86.42 69.26 -36.24
N VAL C 282 86.26 69.42 -34.93
CA VAL C 282 84.95 69.61 -34.31
C VAL C 282 84.74 71.09 -34.02
N ILE C 283 83.55 71.59 -34.38
CA ILE C 283 83.16 72.99 -34.26
C ILE C 283 81.90 73.08 -33.39
N VAL C 284 81.84 74.12 -32.54
CA VAL C 284 80.71 74.31 -31.64
C VAL C 284 80.23 75.75 -31.64
N THR C 285 78.91 75.94 -31.43
CA THR C 285 78.27 77.26 -31.34
C THR C 285 77.24 77.34 -30.20
N PRO C 286 77.28 78.38 -29.36
CA PRO C 286 76.30 78.55 -28.29
C PRO C 286 74.95 79.06 -28.80
N GLN C 287 74.02 79.23 -27.85
CA GLN C 287 72.70 79.76 -28.13
C GLN C 287 72.21 80.64 -26.98
N ILE C 288 71.22 81.48 -27.28
CA ILE C 288 70.62 82.34 -26.27
C ILE C 288 69.90 81.49 -25.24
N SER C 289 69.41 80.33 -25.65
CA SER C 289 68.76 79.38 -24.76
C SER C 289 69.08 77.98 -25.28
N GLY C 290 69.15 77.03 -24.35
CA GLY C 290 69.48 75.66 -24.65
C GLY C 290 70.97 75.38 -24.73
N PRO C 291 71.31 74.10 -24.92
CA PRO C 291 72.71 73.69 -24.98
C PRO C 291 73.44 74.06 -26.27
N GLN C 292 74.78 74.05 -26.15
CA GLN C 292 75.66 74.33 -27.28
C GLN C 292 75.56 73.25 -28.34
N GLN C 293 75.51 73.66 -29.61
CA GLN C 293 75.38 72.75 -30.75
C GLN C 293 76.75 72.38 -31.33
N TYR C 294 77.12 71.12 -31.19
CA TYR C 294 78.39 70.58 -31.69
C TYR C 294 78.27 70.14 -33.15
N SER C 295 79.37 70.25 -33.89
CA SER C 295 79.36 69.85 -35.29
C SER C 295 80.74 69.39 -35.72
N LEU C 296 80.75 68.51 -36.72
CA LEU C 296 81.97 67.94 -37.30
C LEU C 296 82.02 68.39 -38.76
N VAL C 297 83.13 69.00 -39.16
CA VAL C 297 83.29 69.45 -40.54
C VAL C 297 83.84 68.34 -41.43
N LEU C 298 83.03 67.91 -42.39
CA LEU C 298 83.35 66.89 -43.37
C LEU C 298 83.63 67.57 -44.72
N GLY C 299 84.31 66.83 -45.59
CA GLY C 299 84.71 67.35 -46.89
C GLY C 299 83.69 68.21 -47.58
N ASP C 300 82.45 67.74 -47.72
CA ASP C 300 81.42 68.50 -48.43
C ASP C 300 80.52 69.31 -47.52
N GLY C 301 80.80 69.37 -46.23
CA GLY C 301 79.97 70.12 -45.30
C GLY C 301 80.07 69.58 -43.88
N VAL C 302 79.40 70.30 -42.95
CA VAL C 302 79.36 69.92 -41.54
C VAL C 302 78.17 69.03 -41.25
N GLN C 303 78.30 68.18 -40.22
CA GLN C 303 77.21 67.35 -39.73
C GLN C 303 77.13 67.50 -38.21
N THR C 304 75.93 67.70 -37.68
CA THR C 304 75.73 67.91 -36.24
C THR C 304 76.01 66.65 -35.43
N LEU C 305 76.53 66.84 -34.22
CA LEU C 305 76.86 65.75 -33.30
C LEU C 305 76.12 65.87 -31.97
N PRO C 306 75.60 64.77 -31.42
CA PRO C 306 75.00 64.80 -30.09
C PRO C 306 76.08 64.95 -29.03
N PRO C 307 75.72 65.48 -27.86
CA PRO C 307 76.72 65.70 -26.80
C PRO C 307 77.58 64.49 -26.45
N LEU C 308 76.95 63.33 -26.29
CA LEU C 308 77.66 62.10 -25.97
C LEU C 308 78.65 61.68 -27.05
N VAL C 309 78.29 61.87 -28.32
CA VAL C 309 79.21 61.54 -29.41
C VAL C 309 80.38 62.50 -29.43
N ALA C 310 80.12 63.79 -29.20
CA ALA C 310 81.20 64.78 -29.16
C ALA C 310 82.24 64.42 -28.10
N GLN C 311 81.79 63.93 -26.95
CA GLN C 311 82.74 63.50 -25.90
C GLN C 311 83.61 62.36 -26.39
N ILE C 312 83.09 61.50 -27.27
CA ILE C 312 83.91 60.42 -27.80
C ILE C 312 85.03 61.01 -28.65
N LEU C 313 84.66 61.93 -29.55
CA LEU C 313 85.63 62.60 -30.42
C LEU C 313 86.58 63.50 -29.63
N GLN C 314 86.10 64.13 -28.56
CA GLN C 314 86.93 64.98 -27.73
C GLN C 314 88.05 64.23 -27.00
N ASN C 315 88.02 62.90 -26.98
CA ASN C 315 89.08 62.11 -26.37
C ASN C 315 89.86 61.42 -27.48
N ALA C 316 91.18 61.48 -27.41
CA ALA C 316 92.03 60.90 -28.45
C ALA C 316 91.78 59.40 -28.58
N ALA C 319 97.73 64.14 -26.61
CA ALA C 319 96.31 64.40 -26.39
C ALA C 319 95.78 65.37 -27.44
N GLY C 320 94.45 65.42 -27.58
CA GLY C 320 93.82 66.31 -28.54
C GLY C 320 93.70 67.74 -28.08
N ASN C 321 92.96 68.51 -28.87
CA ASN C 321 92.71 69.93 -28.58
C ASN C 321 91.94 70.12 -27.27
N THR C 322 92.32 71.15 -26.51
CA THR C 322 91.67 71.41 -25.24
C THR C 322 90.19 71.79 -25.41
N LYS C 323 89.84 72.46 -26.51
CA LYS C 323 88.45 72.82 -26.80
C LYS C 323 88.20 72.85 -28.30
N PRO C 324 86.96 72.61 -28.73
CA PRO C 324 86.64 72.68 -30.16
C PRO C 324 86.64 74.12 -30.66
N LEU C 325 86.55 74.26 -31.99
CA LEU C 325 86.52 75.57 -32.63
C LEU C 325 85.19 76.28 -32.38
N THR C 326 85.23 77.40 -31.68
CA THR C 326 84.03 78.20 -31.40
C THR C 326 83.66 79.07 -32.59
N VAL C 327 82.38 79.05 -33.01
CA VAL C 327 81.94 79.85 -34.16
C VAL C 327 80.58 80.49 -33.93
N GLU C 328 80.32 81.52 -34.75
CA GLU C 328 79.07 82.27 -34.74
C GLU C 328 77.89 81.47 -35.30
N PRO C 329 76.69 81.65 -34.72
CA PRO C 329 75.50 80.92 -35.21
C PRO C 329 75.09 81.19 -36.65
N SER C 330 75.16 82.45 -37.11
CA SER C 330 74.75 82.81 -38.47
C SER C 330 75.61 82.15 -39.55
N THR C 331 76.93 82.26 -39.44
CA THR C 331 77.79 81.62 -40.43
C THR C 331 77.61 80.10 -40.45
N LEU C 332 77.43 79.50 -39.28
CA LEU C 332 77.21 78.05 -39.21
C LEU C 332 75.90 77.66 -39.90
N ALA C 333 74.86 78.48 -39.76
CA ALA C 333 73.59 78.23 -40.42
C ALA C 333 73.69 78.39 -41.94
N LYS C 334 74.62 79.21 -42.41
CA LYS C 334 74.80 79.42 -43.85
C LYS C 334 75.62 78.30 -44.52
N MET C 335 76.51 77.65 -43.78
CA MET C 335 77.32 76.57 -44.34
C MET C 335 76.48 75.36 -44.79
N PRO C 336 76.95 74.62 -45.78
CA PRO C 336 76.25 73.41 -46.23
C PRO C 336 76.34 72.28 -45.19
N VAL C 337 75.30 71.45 -45.16
CA VAL C 337 75.18 70.34 -44.20
C VAL C 337 75.25 68.99 -44.90
N VAL C 338 75.90 68.04 -44.21
CA VAL C 338 76.15 66.67 -44.66
C VAL C 338 75.63 65.68 -43.61
N ASN C 339 75.35 64.44 -44.05
CA ASN C 339 74.89 63.33 -43.21
C ASN C 339 75.53 62.00 -43.63
N ARG C 340 76.77 62.05 -44.09
CA ARG C 340 77.50 60.88 -44.58
C ARG C 340 77.91 59.89 -43.48
N LEU C 341 78.38 60.36 -42.33
CA LEU C 341 78.75 59.44 -41.25
C LEU C 341 77.54 58.98 -40.43
N ASP C 342 77.56 57.69 -40.06
CA ASP C 342 76.48 57.03 -39.32
C ASP C 342 76.79 56.86 -37.82
N LEU C 343 75.96 57.49 -36.99
CA LEU C 343 76.04 57.53 -35.53
C LEU C 343 74.85 56.82 -34.87
N SER C 344 74.19 55.92 -35.60
CA SER C 344 73.00 55.20 -35.13
C SER C 344 73.16 54.43 -33.81
N ALA C 345 74.30 53.78 -33.59
CA ALA C 345 74.45 52.98 -32.36
C ALA C 345 74.65 53.77 -31.07
N TYR C 346 75.21 54.96 -31.11
CA TYR C 346 75.48 55.70 -29.87
C TYR C 346 74.22 56.21 -29.17
N PRO C 347 74.15 56.09 -27.82
CA PRO C 347 72.99 56.52 -27.04
C PRO C 347 73.00 57.98 -26.62
N ASP C 348 71.96 58.41 -25.88
CA ASP C 348 71.85 59.78 -25.40
C ASP C 348 72.55 60.03 -24.06
N ASN C 349 72.63 59.02 -23.20
CA ASN C 349 73.19 59.16 -21.86
C ASN C 349 73.98 57.93 -21.46
N PRO C 350 74.72 57.97 -20.35
CA PRO C 350 75.43 56.76 -19.92
C PRO C 350 74.44 55.60 -19.78
N LEU C 351 74.87 54.42 -20.20
CA LEU C 351 74.01 53.25 -20.16
C LEU C 351 73.66 52.81 -18.74
N GLU C 352 72.42 52.36 -18.57
CA GLU C 352 71.93 51.77 -17.32
C GLU C 352 72.13 50.26 -17.44
N VAL C 353 73.34 49.81 -17.14
CA VAL C 353 73.66 48.38 -17.27
C VAL C 353 72.97 47.56 -16.19
N VAL C 354 72.17 46.59 -16.62
CA VAL C 354 71.39 45.67 -15.77
C VAL C 354 72.31 44.69 -15.04
N ASP C 355 72.25 44.70 -13.71
CA ASP C 355 73.05 43.80 -12.85
C ASP C 355 72.44 42.40 -12.83
N ILE C 356 72.98 41.55 -13.70
CA ILE C 356 72.53 40.18 -14.02
C ILE C 356 72.27 39.26 -12.83
N ARG C 357 72.92 39.49 -11.68
CA ARG C 357 72.67 38.63 -10.53
C ARG C 357 71.20 38.63 -10.13
N GLU C 358 70.51 39.73 -10.34
CA GLU C 358 69.08 39.85 -10.04
C GLU C 358 68.20 39.52 -11.23
N HIS C 359 68.70 39.69 -12.46
CA HIS C 359 67.98 39.39 -13.69
C HIS C 359 68.72 38.37 -14.54
N PRO C 360 68.61 37.07 -14.21
CA PRO C 360 69.38 36.04 -14.92
C PRO C 360 68.79 35.62 -16.26
N SER C 361 67.64 36.17 -16.67
CA SER C 361 66.89 35.68 -17.80
C SER C 361 66.66 36.81 -18.81
N THR C 362 67.02 36.56 -20.08
CA THR C 362 66.91 37.54 -21.16
C THR C 362 66.34 36.88 -22.41
N CYS C 363 65.35 37.52 -23.05
CA CYS C 363 64.63 36.93 -24.17
C CYS C 363 64.58 37.90 -25.34
N TRP C 364 64.83 37.38 -26.55
CA TRP C 364 64.47 38.04 -27.81
C TRP C 364 63.00 37.75 -28.13
N TRP C 365 62.28 38.78 -28.58
CA TRP C 365 60.84 38.66 -28.86
C TRP C 365 60.53 39.14 -30.27
N TRP C 366 59.78 38.34 -31.01
CA TRP C 366 59.26 38.67 -32.33
C TRP C 366 57.73 38.66 -32.32
N GLU C 367 57.12 39.72 -32.85
CA GLU C 367 55.68 39.95 -32.75
C GLU C 367 55.15 40.45 -34.09
N ARG C 368 54.04 39.88 -34.55
CA ARG C 368 53.47 40.31 -35.83
C ARG C 368 51.97 40.07 -35.90
N THR C 369 51.28 40.98 -36.58
CA THR C 369 49.85 40.91 -36.81
C THR C 369 49.64 40.61 -38.30
N ALA C 370 48.66 39.77 -38.61
CA ALA C 370 48.41 39.42 -40.01
C ALA C 370 48.26 40.63 -40.92
N GLY C 371 49.03 40.62 -42.02
CA GLY C 371 49.04 41.68 -43.00
C GLY C 371 49.98 42.84 -42.76
N GLU C 372 50.57 42.97 -41.57
CA GLU C 372 51.49 44.08 -41.34
C GLU C 372 52.78 43.91 -42.13
N ASN C 373 53.32 45.03 -42.60
CA ASN C 373 54.52 45.00 -43.43
C ASN C 373 55.76 44.50 -42.69
N ARG C 374 55.87 44.70 -41.38
CA ARG C 374 57.05 44.24 -40.67
C ARG C 374 56.72 43.83 -39.25
N ALA C 375 57.46 42.84 -38.76
CA ALA C 375 57.34 42.36 -37.39
C ALA C 375 58.15 43.26 -36.46
N ARG C 376 57.78 43.25 -35.18
CA ARG C 376 58.46 44.04 -34.17
C ARG C 376 59.42 43.16 -33.38
N VAL C 377 60.69 43.58 -33.32
CA VAL C 377 61.72 42.86 -32.58
C VAL C 377 62.07 43.63 -31.31
N ARG C 378 62.08 42.94 -30.18
CA ARG C 378 62.26 43.53 -28.86
C ARG C 378 63.13 42.63 -28.01
N VAL C 379 63.57 43.15 -26.87
CA VAL C 379 64.30 42.38 -25.87
C VAL C 379 63.64 42.54 -24.51
N VAL C 380 63.50 41.43 -23.78
CA VAL C 380 62.94 41.42 -22.42
C VAL C 380 63.95 40.80 -21.47
N SER C 381 63.95 41.27 -20.23
CA SER C 381 64.73 40.63 -19.18
C SER C 381 63.96 40.66 -17.86
N GLY C 382 64.36 39.78 -16.94
CA GLY C 382 63.74 39.66 -15.65
C GLY C 382 64.30 38.53 -14.81
N PRO C 383 63.71 38.31 -13.63
CA PRO C 383 64.17 37.24 -12.75
C PRO C 383 63.80 35.83 -13.19
N THR C 384 62.76 35.67 -14.00
CA THR C 384 62.32 34.36 -14.46
C THR C 384 61.72 34.47 -15.85
N ILE C 385 61.73 33.33 -16.54
CA ILE C 385 61.18 33.20 -17.89
C ILE C 385 59.77 33.75 -17.88
N PRO C 386 59.31 34.37 -18.97
CA PRO C 386 58.03 35.10 -18.97
C PRO C 386 56.79 34.23 -19.04
N VAL C 387 56.60 33.38 -18.02
CA VAL C 387 55.45 32.52 -17.92
C VAL C 387 54.92 32.66 -16.50
N ALA C 388 53.60 32.66 -16.34
CA ALA C 388 53.03 32.80 -15.02
C ALA C 388 53.41 31.64 -14.12
N ALA C 389 53.61 31.94 -12.83
CA ALA C 389 53.98 30.91 -11.86
C ALA C 389 52.97 29.78 -11.78
N THR C 390 51.71 30.05 -12.11
CA THR C 390 50.68 29.02 -12.11
C THR C 390 50.87 28.03 -13.25
N GLU C 391 51.47 28.47 -14.35
CA GLU C 391 51.72 27.65 -15.53
C GLU C 391 53.15 27.14 -15.61
N MET C 392 54.01 27.57 -14.69
CA MET C 392 55.42 27.19 -14.67
C MET C 392 55.65 25.69 -14.64
N ASN C 393 54.74 24.92 -14.04
CA ASN C 393 54.90 23.47 -13.95
C ASN C 393 54.62 22.68 -15.22
N LYS C 394 54.12 23.28 -16.31
CA LYS C 394 53.82 22.52 -17.51
C LYS C 394 54.72 22.85 -18.71
N VAL C 395 55.95 23.32 -18.47
CA VAL C 395 56.98 23.38 -19.50
C VAL C 395 57.44 21.98 -19.89
N VAL C 396 57.60 21.72 -21.20
CA VAL C 396 58.08 20.42 -21.68
C VAL C 396 59.60 20.39 -21.76
N SER C 397 60.22 19.29 -21.32
CA SER C 397 61.67 19.12 -21.36
C SER C 397 62.05 18.13 -22.48
N LEU C 398 62.73 18.63 -23.52
CA LEU C 398 63.06 17.81 -24.69
C LEU C 398 64.15 16.78 -24.39
N VAL C 399 64.28 15.79 -25.30
CA VAL C 399 65.32 14.76 -25.14
C VAL C 399 66.69 15.30 -25.55
N LYS C 400 66.75 16.04 -26.65
CA LYS C 400 67.95 16.70 -27.17
C LYS C 400 69.11 15.72 -27.49
N ALA C 401 68.94 14.98 -28.58
CA ALA C 401 69.98 14.06 -29.04
C ALA C 401 71.14 14.76 -29.72
N ASP C 402 70.93 16.00 -30.19
CA ASP C 402 71.95 16.83 -30.82
C ASP C 402 72.69 17.64 -29.75
N THR C 403 73.93 17.23 -29.45
CA THR C 403 74.72 17.93 -28.43
C THR C 403 75.24 19.29 -28.89
N SER C 404 75.14 19.63 -30.16
CA SER C 404 75.58 20.95 -30.59
C SER C 404 74.58 22.00 -30.12
N GLY C 405 75.01 23.26 -30.15
CA GLY C 405 74.18 24.37 -29.71
C GLY C 405 73.03 24.74 -30.62
N ARG C 406 72.66 23.87 -31.54
CA ARG C 406 71.63 24.14 -32.52
C ARG C 406 70.23 23.67 -32.13
N GLN C 407 69.98 23.29 -30.88
CA GLN C 407 68.65 22.83 -30.51
C GLN C 407 68.30 23.27 -29.09
N ALA C 408 67.01 23.54 -28.87
CA ALA C 408 66.54 23.97 -27.57
C ALA C 408 66.51 22.86 -26.52
N ASP C 409 66.46 23.30 -25.25
CA ASP C 409 66.33 22.41 -24.10
C ASP C 409 64.90 22.22 -23.64
N GLN C 410 64.07 23.25 -23.78
CA GLN C 410 62.68 23.24 -23.32
C GLN C 410 61.77 23.95 -24.30
N VAL C 411 60.48 23.65 -24.23
CA VAL C 411 59.48 24.28 -25.07
C VAL C 411 58.25 24.57 -24.24
N TYR C 412 57.63 25.73 -24.44
CA TYR C 412 56.40 26.10 -23.75
C TYR C 412 55.39 26.69 -24.72
N PHE C 413 54.14 26.25 -24.62
CA PHE C 413 53.06 26.73 -25.48
C PHE C 413 52.09 27.56 -24.64
N GLY C 414 52.12 28.86 -24.83
CA GLY C 414 51.25 29.74 -24.07
C GLY C 414 49.87 29.86 -24.67
N PRO C 415 49.06 30.77 -24.14
CA PRO C 415 47.72 30.98 -24.68
C PRO C 415 47.72 31.53 -26.11
N ASP C 416 46.76 31.08 -26.89
CA ASP C 416 46.60 31.46 -28.29
C ASP C 416 47.82 31.17 -29.15
N HIS C 417 48.37 29.97 -29.00
CA HIS C 417 49.51 29.53 -29.80
C HIS C 417 49.04 29.08 -31.19
N ALA C 418 50.01 28.77 -32.07
CA ALA C 418 49.69 28.34 -33.43
C ALA C 418 50.31 27.00 -33.78
N ASN C 419 49.50 26.09 -34.30
CA ASN C 419 49.92 24.75 -34.72
C ASN C 419 50.41 24.64 -36.16
N PHE C 420 49.66 25.22 -37.09
CA PHE C 420 49.96 25.19 -38.53
C PHE C 420 50.63 26.52 -38.86
N VAL C 421 51.86 26.46 -39.38
CA VAL C 421 52.68 27.63 -39.60
C VAL C 421 53.37 27.61 -40.96
N ALA C 422 53.60 28.81 -41.51
CA ALA C 422 54.30 29.00 -42.77
C ALA C 422 55.48 29.94 -42.57
N VAL C 423 56.55 29.71 -43.33
CA VAL C 423 57.77 30.52 -43.25
C VAL C 423 58.19 30.94 -44.65
N THR C 424 58.99 32.02 -44.68
CA THR C 424 59.49 32.59 -45.92
C THR C 424 60.12 31.55 -46.83
N SER C 433 57.79 29.52 -52.88
CA SER C 433 59.06 29.58 -52.16
C SER C 433 58.86 29.29 -50.68
N GLU C 434 57.64 29.51 -50.21
CA GLU C 434 57.30 29.27 -48.81
C GLU C 434 57.29 27.78 -48.49
N SER C 435 57.46 27.49 -47.20
CA SER C 435 57.43 26.14 -46.66
C SER C 435 56.39 26.06 -45.55
N LEU C 436 55.68 24.93 -45.48
CA LEU C 436 54.65 24.67 -44.48
C LEU C 436 55.11 23.64 -43.44
N TRP C 437 54.84 23.93 -42.16
CA TRP C 437 55.22 23.06 -41.05
C TRP C 437 54.08 22.88 -40.04
N TRP C 438 54.01 21.69 -39.44
CA TRP C 438 53.04 21.34 -38.39
C TRP C 438 53.76 21.01 -37.09
N VAL C 439 53.41 21.71 -36.00
CA VAL C 439 54.02 21.52 -34.69
C VAL C 439 53.08 20.80 -33.72
N THR C 440 53.56 19.71 -33.11
CA THR C 440 52.82 18.90 -32.16
C THR C 440 53.00 19.42 -30.73
N ASP C 441 52.06 19.02 -29.86
CA ASP C 441 52.12 19.42 -28.47
C ASP C 441 53.35 18.86 -27.75
N ALA C 442 53.93 17.79 -28.28
CA ALA C 442 55.15 17.19 -27.73
C ALA C 442 56.39 17.97 -28.10
N GLY C 443 56.26 19.04 -28.88
CA GLY C 443 57.36 19.88 -29.29
C GLY C 443 58.11 19.47 -30.54
N ALA C 444 57.60 18.52 -31.33
CA ALA C 444 58.26 18.11 -32.56
C ALA C 444 57.57 18.79 -33.74
N ARG C 445 58.33 19.01 -34.82
CA ARG C 445 57.81 19.62 -36.03
C ARG C 445 57.88 18.67 -37.23
N PHE C 446 56.84 18.71 -38.08
CA PHE C 446 56.75 17.87 -39.27
C PHE C 446 56.42 18.71 -40.51
N GLY C 447 57.10 18.44 -41.63
CA GLY C 447 56.81 19.19 -42.86
C GLY C 447 55.59 18.63 -43.61
N VAL C 448 54.83 19.53 -44.24
CA VAL C 448 53.63 19.17 -44.99
C VAL C 448 53.76 19.59 -46.47
N GLU C 449 53.39 18.69 -47.38
CA GLU C 449 53.44 19.01 -48.80
C GLU C 449 52.46 20.14 -49.15
N ASP C 450 52.85 20.97 -50.12
CA ASP C 450 52.03 22.10 -50.54
C ASP C 450 50.81 21.71 -51.37
N SER C 451 50.82 20.51 -51.95
CA SER C 451 49.79 20.04 -52.88
C SER C 451 48.40 19.81 -52.27
N LYS C 452 47.40 19.92 -53.16
CA LYS C 452 45.99 19.77 -52.81
C LYS C 452 45.72 18.42 -52.16
N GLU C 453 46.32 17.35 -52.69
CA GLU C 453 46.13 16.02 -52.11
C GLU C 453 46.53 16.00 -50.64
N ALA C 454 47.77 16.36 -50.33
CA ALA C 454 48.22 16.35 -48.95
C ALA C 454 47.37 17.23 -48.05
N ARG C 455 47.02 18.43 -48.50
CA ARG C 455 46.18 19.30 -47.69
C ARG C 455 44.81 18.67 -47.48
N ASP C 456 44.09 18.39 -48.56
CA ASP C 456 42.74 17.82 -48.48
C ASP C 456 42.69 16.54 -47.64
N ALA C 457 43.73 15.71 -47.71
CA ALA C 457 43.74 14.48 -46.92
C ALA C 457 43.92 14.72 -45.42
N LEU C 458 44.79 15.65 -45.02
CA LEU C 458 44.96 15.86 -43.58
C LEU C 458 43.91 16.80 -43.00
N GLY C 459 43.48 17.78 -43.78
CA GLY C 459 42.58 18.83 -43.36
C GLY C 459 43.32 20.10 -43.70
N LEU C 460 43.77 20.84 -42.69
CA LEU C 460 44.70 21.95 -42.92
C LEU C 460 44.35 22.86 -44.11
N THR C 461 43.07 23.07 -44.39
CA THR C 461 42.69 23.95 -45.50
C THR C 461 42.81 25.42 -45.12
N LEU C 462 42.63 25.76 -43.85
CA LEU C 462 42.75 27.13 -43.35
C LEU C 462 44.14 27.71 -43.65
N THR C 463 44.23 29.05 -43.63
CA THR C 463 45.51 29.72 -43.86
C THR C 463 46.42 29.67 -42.63
N PRO C 464 47.68 29.29 -42.80
CA PRO C 464 48.62 29.23 -41.68
C PRO C 464 49.06 30.59 -41.16
N SER C 465 49.52 30.60 -39.92
CA SER C 465 50.08 31.78 -39.29
C SER C 465 51.56 31.87 -39.65
N LEU C 466 52.13 33.07 -39.55
CA LEU C 466 53.55 33.26 -39.86
C LEU C 466 54.45 33.09 -38.65
N ALA C 467 55.67 32.57 -38.87
CA ALA C 467 56.64 32.39 -37.79
C ALA C 467 58.06 32.56 -38.30
N PRO C 468 59.00 32.98 -37.45
CA PRO C 468 60.39 33.22 -37.87
C PRO C 468 61.24 31.97 -37.84
N TRP C 469 62.01 31.77 -38.90
CA TRP C 469 62.88 30.59 -39.01
C TRP C 469 63.92 30.48 -37.89
N VAL C 470 64.43 31.60 -37.37
CA VAL C 470 65.43 31.53 -36.31
C VAL C 470 64.92 30.89 -35.01
N ALA C 471 63.62 30.92 -34.76
CA ALA C 471 63.01 30.19 -33.65
C ALA C 471 62.51 28.80 -34.02
N LEU C 472 61.74 28.69 -35.09
CA LEU C 472 61.17 27.43 -35.52
C LEU C 472 62.21 26.35 -35.76
N ARG C 473 63.39 26.71 -36.26
CA ARG C 473 64.45 25.72 -36.51
C ARG C 473 64.99 25.06 -35.25
N LEU C 474 64.75 25.63 -34.07
CA LEU C 474 65.25 25.07 -32.82
C LEU C 474 64.52 23.81 -32.36
N LEU C 475 63.34 23.50 -32.89
CA LEU C 475 62.57 22.29 -32.52
C LEU C 475 63.00 21.06 -33.33
N PRO C 476 63.00 19.87 -32.72
CA PRO C 476 63.40 18.66 -33.45
C PRO C 476 62.46 18.32 -34.60
N GLN C 477 63.03 17.80 -35.69
CA GLN C 477 62.32 17.50 -36.93
C GLN C 477 62.03 16.03 -37.22
N GLY C 478 60.80 15.76 -37.68
CA GLY C 478 60.37 14.44 -38.12
C GLY C 478 60.22 14.38 -39.64
N PRO C 479 59.88 13.22 -40.19
CA PRO C 479 59.71 13.10 -41.64
C PRO C 479 58.52 13.89 -42.17
N THR C 480 58.58 14.29 -43.46
CA THR C 480 57.49 15.04 -44.08
C THR C 480 56.29 14.15 -44.38
N LEU C 481 55.08 14.70 -44.22
CA LEU C 481 53.83 13.98 -44.46
C LEU C 481 53.41 14.00 -45.94
N SER C 482 54.08 13.18 -46.75
CA SER C 482 53.79 13.06 -48.18
C SER C 482 53.10 11.74 -48.50
N ARG C 483 51.96 11.80 -49.20
CA ARG C 483 51.23 10.57 -49.54
C ARG C 483 52.10 9.56 -50.27
N ALA C 484 53.06 10.04 -51.06
CA ALA C 484 53.95 9.18 -51.82
C ALA C 484 54.82 8.25 -50.97
N ASP C 485 55.03 8.55 -49.69
CA ASP C 485 55.85 7.70 -48.83
C ASP C 485 55.09 7.04 -47.67
N ALA C 486 53.82 7.33 -47.50
CA ALA C 486 53.01 6.65 -46.48
C ALA C 486 52.53 5.29 -46.96
N LEU C 487 52.54 5.05 -48.26
CA LEU C 487 52.12 3.79 -48.89
C LEU C 487 53.19 2.70 -48.85
N VAL C 488 53.62 2.31 -47.65
CA VAL C 488 54.62 1.26 -47.47
C VAL C 488 54.22 0.27 -46.39
N GLU C 489 54.72 -0.96 -46.52
CA GLU C 489 54.47 -2.08 -45.60
C GLU C 489 55.73 -2.54 -44.91
N HIS C 490 55.59 -3.05 -43.68
CA HIS C 490 56.72 -3.55 -42.93
C HIS C 490 56.35 -4.74 -42.05
N ASP C 491 57.32 -5.63 -41.83
CA ASP C 491 57.16 -6.72 -40.89
C ASP C 491 57.59 -6.27 -39.50
N THR C 492 58.69 -5.52 -39.45
CA THR C 492 59.27 -5.00 -38.21
C THR C 492 59.90 -3.65 -38.53
N LEU C 493 60.04 -2.79 -37.52
CA LEU C 493 60.60 -1.47 -37.74
C LEU C 493 62.01 -1.37 -37.19
N PRO C 494 62.83 -0.42 -37.66
CA PRO C 494 64.17 -0.25 -37.12
C PRO C 494 64.16 0.29 -35.69
N MET C 495 65.14 -0.13 -34.89
CA MET C 495 65.24 0.35 -33.52
C MET C 495 65.95 1.71 -33.46
N ASP C 496 65.56 2.52 -32.47
CA ASP C 496 66.09 3.87 -32.28
C ASP C 496 67.35 3.94 -31.44
N MET C 497 68.46 4.35 -32.05
CA MET C 497 69.72 4.51 -31.32
C MET C 497 69.68 5.74 -30.40
N THR C 498 70.55 5.76 -29.40
CA THR C 498 70.66 6.86 -28.44
C THR C 498 69.39 7.39 -27.78
N PRO C 499 68.58 6.53 -27.16
CA PRO C 499 67.39 6.99 -26.46
C PRO C 499 67.73 7.56 -25.09
N ALA C 500 66.71 8.02 -24.36
CA ALA C 500 66.86 8.57 -23.02
C ALA C 500 65.98 7.84 -22.01
N GLU C 501 66.43 7.83 -20.76
CA GLU C 501 65.72 7.12 -19.70
C GLU C 501 64.43 7.79 -19.25
N LEU C 502 63.39 6.98 -19.05
CA LEU C 502 62.13 7.44 -18.48
C LEU C 502 62.23 7.15 -16.99
N VAL C 503 62.25 8.18 -16.16
CA VAL C 503 62.41 8.01 -14.71
C VAL C 503 61.07 8.24 -14.02
N VAL C 504 60.66 7.27 -13.22
CA VAL C 504 59.39 7.30 -12.51
C VAL C 504 59.49 8.05 -11.19
N GLY D 10 -37.76 -17.34 42.21
CA GLY D 10 -38.40 -16.49 41.23
C GLY D 10 -37.49 -16.05 40.09
N SER D 11 -38.01 -15.17 39.23
CA SER D 11 -37.27 -14.66 38.09
C SER D 11 -36.20 -13.67 38.53
N GLY D 12 -35.15 -13.55 37.72
CA GLY D 12 -34.05 -12.64 38.01
C GLY D 12 -33.00 -13.14 38.96
N TYR D 13 -33.29 -14.17 39.74
CA TYR D 13 -32.33 -14.72 40.69
C TYR D 13 -31.44 -15.75 40.02
N GLY D 14 -30.33 -16.07 40.69
CA GLY D 14 -29.39 -17.08 40.23
C GLY D 14 -28.54 -16.74 39.01
N LEU D 15 -27.69 -17.71 38.66
CA LEU D 15 -26.72 -17.64 37.57
C LEU D 15 -27.24 -18.10 36.20
N GLY D 16 -28.30 -17.47 35.71
CA GLY D 16 -28.82 -17.79 34.40
C GLY D 16 -27.98 -17.19 33.28
N LEU D 17 -28.47 -17.30 32.05
CA LEU D 17 -27.78 -16.72 30.90
C LEU D 17 -27.96 -15.19 30.84
N SER D 18 -27.26 -14.56 29.90
CA SER D 18 -27.31 -13.11 29.73
C SER D 18 -26.84 -12.72 28.33
N THR D 19 -27.10 -11.47 27.95
CA THR D 19 -26.76 -10.95 26.63
C THR D 19 -25.96 -9.65 26.76
N ARG D 20 -25.37 -9.22 25.63
CA ARG D 20 -24.56 -7.99 25.57
C ARG D 20 -25.35 -6.71 25.77
N THR D 21 -26.65 -6.67 25.47
CA THR D 21 -27.46 -5.47 25.73
C THR D 21 -27.82 -5.33 27.19
N GLN D 22 -27.89 -6.45 27.90
CA GLN D 22 -28.12 -6.47 29.34
C GLN D 22 -26.87 -6.04 30.09
N VAL D 23 -25.68 -6.35 29.58
CA VAL D 23 -24.44 -5.93 30.21
C VAL D 23 -24.27 -4.40 30.17
N THR D 24 -24.50 -3.76 29.04
CA THR D 24 -24.42 -2.30 29.01
C THR D 24 -25.60 -1.67 29.74
N GLY D 25 -26.77 -2.28 29.64
CA GLY D 25 -27.96 -1.78 30.33
C GLY D 25 -27.75 -1.62 31.82
N TYR D 26 -27.11 -2.59 32.45
CA TYR D 26 -26.79 -2.54 33.87
C TYR D 26 -25.79 -1.45 34.21
N GLN D 27 -24.79 -1.21 33.36
CA GLN D 27 -23.80 -0.16 33.63
C GLN D 27 -24.42 1.24 33.58
N PHE D 28 -25.43 1.45 32.76
CA PHE D 28 -26.15 2.72 32.74
C PHE D 28 -26.89 2.94 34.06
N LEU D 29 -27.66 1.96 34.51
CA LEU D 29 -28.33 2.06 35.80
C LEU D 29 -27.33 2.22 36.95
N ALA D 30 -26.20 1.54 36.88
CA ALA D 30 -25.18 1.66 37.91
C ALA D 30 -24.59 3.08 38.00
N ARG D 31 -24.32 3.71 36.87
CA ARG D 31 -23.82 5.08 36.87
C ARG D 31 -24.85 6.07 37.40
N ARG D 32 -26.08 5.96 36.90
CA ARG D 32 -27.17 6.85 37.28
C ARG D 32 -27.51 6.78 38.77
N THR D 33 -27.52 5.59 39.37
CA THR D 33 -27.69 5.47 40.82
C THR D 33 -26.48 5.93 41.61
N ALA D 34 -25.26 5.72 41.10
CA ALA D 34 -24.07 6.18 41.81
C ALA D 34 -24.04 7.70 41.91
N MET D 35 -24.49 8.39 40.88
CA MET D 35 -24.58 9.84 40.86
C MET D 35 -25.58 10.37 41.90
N ALA D 36 -26.70 9.69 42.07
CA ALA D 36 -27.72 10.10 43.04
C ALA D 36 -27.21 10.04 44.49
N LEU D 37 -26.26 9.18 44.81
CA LEU D 37 -25.74 9.15 46.17
C LEU D 37 -24.81 10.31 46.48
N THR D 38 -24.02 10.79 45.51
CA THR D 38 -23.09 11.89 45.79
C THR D 38 -23.62 13.27 45.40
N ARG D 39 -24.44 13.42 44.36
CA ARG D 39 -24.95 14.73 43.93
C ARG D 39 -26.43 14.93 44.20
N TRP D 40 -27.15 13.92 44.66
CA TRP D 40 -28.57 13.98 44.98
C TRP D 40 -29.47 14.49 43.85
N ARG D 41 -29.09 14.36 42.57
CA ARG D 41 -29.96 14.75 41.48
C ARG D 41 -29.64 13.87 40.29
N VAL D 42 -30.61 13.70 39.39
CA VAL D 42 -30.48 12.74 38.29
C VAL D 42 -30.53 13.38 36.91
N ARG D 43 -30.44 14.72 36.83
CA ARG D 43 -30.54 15.37 35.52
C ARG D 43 -29.45 14.86 34.56
N MET D 44 -28.22 14.74 35.05
CA MET D 44 -27.06 14.22 34.30
C MET D 44 -26.83 14.80 32.90
N GLU D 45 -26.93 16.13 32.78
CA GLU D 45 -26.67 16.78 31.48
C GLU D 45 -25.22 16.54 31.05
N ILE D 46 -24.31 16.50 32.01
CA ILE D 46 -22.89 16.21 31.83
C ILE D 46 -22.60 15.07 32.81
N GLU D 47 -21.77 14.13 32.40
CA GLU D 47 -21.48 12.92 33.18
C GLU D 47 -20.03 12.83 33.62
N PRO D 48 -19.71 13.49 34.75
CA PRO D 48 -18.34 13.57 35.26
C PRO D 48 -17.76 12.28 35.85
N GLY D 49 -18.58 11.32 36.25
CA GLY D 49 -18.06 10.05 36.76
C GLY D 49 -17.20 9.34 35.73
N ARG D 50 -17.67 9.32 34.50
CA ARG D 50 -16.95 8.74 33.36
C ARG D 50 -15.56 9.37 33.21
N ARG D 51 -15.51 10.69 33.10
CA ARG D 51 -14.27 11.45 32.91
C ARG D 51 -13.27 11.26 34.05
N GLN D 52 -13.70 11.27 35.29
CA GLN D 52 -12.78 11.06 36.41
C GLN D 52 -12.20 9.66 36.39
N THR D 53 -12.94 8.69 35.89
CA THR D 53 -12.44 7.32 35.77
C THR D 53 -11.45 7.19 34.62
N LEU D 54 -11.79 7.74 33.45
CA LEU D 54 -10.90 7.71 32.28
C LEU D 54 -9.55 8.36 32.56
N ALA D 55 -9.51 9.41 33.37
CA ALA D 55 -8.24 10.05 33.72
C ALA D 55 -7.30 9.08 34.45
N VAL D 56 -7.83 8.17 35.27
CA VAL D 56 -7.02 7.17 35.94
C VAL D 56 -6.49 6.14 34.95
N VAL D 57 -7.35 5.67 34.05
CA VAL D 57 -6.96 4.71 33.02
C VAL D 57 -5.85 5.28 32.14
N ALA D 58 -5.92 6.58 31.83
CA ALA D 58 -4.87 7.26 31.08
C ALA D 58 -3.58 7.31 31.89
N SER D 59 -3.68 7.54 33.19
CA SER D 59 -2.52 7.59 34.08
C SER D 59 -1.78 6.24 34.10
N VAL D 60 -2.53 5.15 34.28
CA VAL D 60 -1.97 3.81 34.30
C VAL D 60 -1.33 3.46 32.96
N SER D 61 -2.00 3.77 31.86
CA SER D 61 -1.45 3.51 30.52
C SER D 61 -0.14 4.25 30.29
N ALA D 62 -0.06 5.53 30.67
CA ALA D 62 1.16 6.29 30.51
C ALA D 62 2.31 5.71 31.34
N ALA D 63 2.00 5.19 32.52
CA ALA D 63 3.01 4.54 33.36
C ALA D 63 3.57 3.28 32.69
N LEU D 64 2.69 2.45 32.13
CA LEU D 64 3.07 1.23 31.40
C LEU D 64 3.85 1.50 30.13
N VAL D 65 3.51 2.56 29.39
CA VAL D 65 4.28 2.91 28.19
C VAL D 65 5.73 3.24 28.55
N ILE D 66 5.93 4.02 29.60
CA ILE D 66 7.28 4.35 30.05
C ILE D 66 7.98 3.09 30.55
N CYS D 67 7.26 2.23 31.26
CA CYS D 67 7.80 0.97 31.79
C CYS D 67 8.33 0.07 30.68
N LEU D 68 7.57 -0.11 29.60
CA LEU D 68 8.03 -0.89 28.44
C LEU D 68 9.18 -0.19 27.73
N GLY D 69 9.19 1.13 27.72
CA GLY D 69 10.28 1.89 27.11
C GLY D 69 11.63 1.56 27.74
N ALA D 70 11.64 1.37 29.06
CA ALA D 70 12.86 1.00 29.79
C ALA D 70 13.33 -0.40 29.39
N LEU D 71 12.42 -1.36 29.29
CA LEU D 71 12.78 -2.73 28.89
C LEU D 71 13.33 -2.76 27.47
N LEU D 72 12.81 -1.93 26.58
CA LEU D 72 13.33 -1.87 25.22
C LEU D 72 14.81 -1.48 25.19
N TRP D 73 15.21 -0.49 25.99
CA TRP D 73 16.62 -0.07 26.06
C TRP D 73 17.50 -1.10 26.75
N SER D 74 16.96 -1.89 27.68
CA SER D 74 17.74 -2.92 28.37
C SER D 74 18.38 -3.91 27.41
N PHE D 75 17.72 -4.22 26.29
CA PHE D 75 18.28 -5.13 25.29
C PHE D 75 19.20 -4.41 24.31
N ILE D 76 18.94 -3.14 24.02
CA ILE D 76 19.78 -2.38 23.09
C ILE D 76 21.14 -2.06 23.70
N SER D 77 21.22 -1.70 24.99
CA SER D 77 22.49 -1.35 25.63
C SER D 77 22.57 -1.83 27.07
N PRO D 78 22.85 -3.12 27.27
CA PRO D 78 22.97 -3.68 28.61
C PRO D 78 24.27 -3.26 29.29
N SER D 79 24.34 -3.52 30.61
CA SER D 79 25.51 -3.19 31.42
C SER D 79 26.65 -4.21 31.36
N GLY D 80 26.40 -5.43 30.90
CA GLY D 80 27.43 -6.46 30.85
C GLY D 80 28.47 -6.30 29.75
N GLN D 81 28.20 -5.46 28.75
CA GLN D 81 29.12 -5.24 27.63
C GLN D 81 30.25 -4.26 27.96
N LEU D 82 31.17 -4.74 28.79
CA LEU D 82 32.38 -4.02 29.17
C LEU D 82 33.51 -4.34 28.20
N ASN D 83 34.72 -3.84 28.50
CA ASN D 83 35.94 -4.11 27.72
C ASN D 83 35.87 -3.71 26.24
N GLU D 84 35.24 -2.58 25.94
CA GLU D 84 35.21 -2.13 24.55
C GLU D 84 36.56 -1.60 24.06
N SER D 85 37.45 -1.18 24.96
CA SER D 85 38.75 -0.64 24.58
C SER D 85 39.68 -0.68 25.79
N PRO D 86 40.99 -0.53 25.58
CA PRO D 86 41.93 -0.60 26.70
C PRO D 86 42.09 0.69 27.47
N ILE D 87 41.70 1.83 26.92
CA ILE D 87 41.83 3.12 27.59
C ILE D 87 40.42 3.59 27.92
N ILE D 88 40.12 3.78 29.20
CA ILE D 88 38.81 4.19 29.66
C ILE D 88 38.93 5.31 30.67
N ALA D 89 37.87 6.09 30.79
CA ALA D 89 37.80 7.22 31.71
C ALA D 89 36.50 7.19 32.49
N ASP D 90 36.59 7.55 33.76
CA ASP D 90 35.44 7.62 34.65
C ASP D 90 34.54 8.75 34.16
N ARG D 91 33.33 8.39 33.75
CA ARG D 91 32.36 9.33 33.19
C ARG D 91 31.98 10.47 34.13
N ASP D 92 32.15 10.30 35.44
CA ASP D 92 31.81 11.34 36.41
C ASP D 92 33.03 12.12 36.87
N SER D 93 34.07 11.43 37.31
CA SER D 93 35.29 12.02 37.84
C SER D 93 36.29 12.45 36.77
N GLY D 94 36.15 12.01 35.52
CA GLY D 94 37.08 12.36 34.48
C GLY D 94 38.43 11.67 34.59
N ALA D 95 38.62 10.85 35.63
CA ALA D 95 39.87 10.14 35.86
C ALA D 95 40.16 9.18 34.72
N LEU D 96 41.44 8.93 34.46
CA LEU D 96 41.90 8.08 33.37
C LEU D 96 42.53 6.79 33.87
N TYR D 97 42.07 5.65 33.32
CA TYR D 97 42.53 4.31 33.66
C TYR D 97 43.01 3.54 32.44
N VAL D 98 43.90 2.57 32.67
CA VAL D 98 44.44 1.70 31.64
C VAL D 98 44.31 0.26 32.10
N ARG D 99 43.97 -0.65 31.19
CA ARG D 99 43.77 -2.07 31.48
C ARG D 99 44.95 -2.91 31.04
N VAL D 100 45.47 -3.72 31.95
CA VAL D 100 46.58 -4.63 31.68
C VAL D 100 46.26 -5.96 32.34
N GLY D 101 46.25 -7.02 31.57
CA GLY D 101 45.85 -8.31 32.11
C GLY D 101 44.41 -8.26 32.55
N ASP D 102 44.17 -8.45 33.83
CA ASP D 102 42.82 -8.39 34.40
C ASP D 102 42.58 -7.22 35.37
N ARG D 103 43.59 -6.40 35.64
CA ARG D 103 43.53 -5.26 36.54
C ARG D 103 43.41 -3.93 35.82
N LEU D 104 42.99 -2.89 36.55
CA LEU D 104 42.95 -1.52 36.03
C LEU D 104 43.95 -0.67 36.79
N TYR D 105 44.84 0.01 36.07
CA TYR D 105 45.85 0.87 36.68
C TYR D 105 45.56 2.34 36.38
N PRO D 106 45.63 3.25 37.34
CA PRO D 106 45.41 4.67 37.02
C PRO D 106 46.63 5.24 36.32
N ALA D 107 46.42 5.91 35.19
CA ALA D 107 47.53 6.47 34.41
C ALA D 107 47.68 7.97 34.62
N LEU D 108 48.92 8.44 34.67
CA LEU D 108 49.17 9.86 34.89
C LEU D 108 48.66 10.74 33.75
N ASN D 109 48.72 10.28 32.51
CA ASN D 109 48.31 11.09 31.37
C ASN D 109 48.08 10.21 30.15
N LEU D 110 47.43 10.79 29.15
CA LEU D 110 47.11 10.10 27.91
C LEU D 110 48.33 9.60 27.14
N ALA D 111 49.41 10.38 27.11
CA ALA D 111 50.61 9.94 26.40
C ALA D 111 51.12 8.61 26.91
N SER D 112 51.24 8.45 28.22
CA SER D 112 51.72 7.19 28.78
C SER D 112 50.70 6.07 28.69
N ALA D 113 49.41 6.39 28.57
CA ALA D 113 48.40 5.33 28.37
C ALA D 113 48.56 4.70 26.99
N ARG D 114 48.73 5.53 25.97
CA ARG D 114 48.94 5.06 24.60
C ARG D 114 50.19 4.20 24.50
N LEU D 115 51.29 4.68 25.03
CA LEU D 115 52.55 3.95 25.01
C LEU D 115 52.47 2.60 25.73
N ILE D 116 51.79 2.52 26.87
CA ILE D 116 51.67 1.25 27.59
C ILE D 116 50.83 0.24 26.82
N THR D 117 49.66 0.64 26.32
CA THR D 117 48.78 -0.30 25.61
C THR D 117 49.14 -0.50 24.15
N GLY D 118 49.83 0.44 23.53
CA GLY D 118 50.21 0.31 22.14
C GLY D 118 49.17 0.68 21.11
N ARG D 119 48.07 1.31 21.51
CA ARG D 119 47.03 1.70 20.57
C ARG D 119 46.93 3.22 20.50
N PRO D 120 46.75 3.80 19.31
CA PRO D 120 46.60 5.25 19.17
C PRO D 120 45.16 5.74 19.36
N ASP D 121 44.52 5.27 20.42
CA ASP D 121 43.14 5.58 20.75
C ASP D 121 42.99 6.78 21.70
N ASN D 122 41.73 7.11 22.01
CA ASN D 122 41.29 8.16 22.93
C ASN D 122 40.37 7.56 23.99
N PRO D 123 40.35 8.13 25.19
CA PRO D 123 39.57 7.54 26.29
C PRO D 123 38.08 7.39 26.05
N HIS D 124 37.60 6.17 26.28
CA HIS D 124 36.20 5.79 26.24
C HIS D 124 35.60 6.17 27.59
N LEU D 125 34.36 6.67 27.63
CA LEU D 125 33.75 7.06 28.90
C LEU D 125 32.95 5.92 29.49
N VAL D 126 33.22 5.57 30.76
CA VAL D 126 32.58 4.45 31.44
C VAL D 126 31.94 4.84 32.77
N ARG D 127 30.79 4.21 33.06
CA ARG D 127 30.04 4.45 34.29
C ARG D 127 30.87 4.09 35.52
N SER D 128 31.00 5.03 36.46
CA SER D 128 31.81 4.86 37.66
C SER D 128 31.50 3.61 38.48
N SER D 129 30.24 3.17 38.52
CA SER D 129 29.89 1.96 39.27
C SER D 129 30.57 0.71 38.71
N GLN D 130 30.84 0.68 37.41
CA GLN D 130 31.49 -0.46 36.78
C GLN D 130 32.98 -0.49 37.09
N ILE D 131 33.63 0.68 37.07
CA ILE D 131 35.07 0.80 37.36
C ILE D 131 35.41 0.29 38.76
N ALA D 132 34.55 0.51 39.74
CA ALA D 132 34.76 0.02 41.11
C ALA D 132 34.72 -1.49 41.26
N THR D 133 34.23 -2.23 40.28
CA THR D 133 34.17 -3.69 40.36
C THR D 133 35.48 -4.37 39.96
N MET D 134 36.41 -3.69 39.29
CA MET D 134 37.66 -4.28 38.82
C MET D 134 38.85 -3.97 39.73
N PRO D 135 39.75 -4.93 39.93
CA PRO D 135 40.91 -4.70 40.81
C PRO D 135 41.83 -3.56 40.37
N ARG D 136 42.38 -2.86 41.38
CA ARG D 136 43.30 -1.73 41.23
C ARG D 136 44.77 -2.10 41.06
N GLY D 137 45.61 -1.05 40.96
CA GLY D 137 47.05 -1.14 40.88
C GLY D 137 47.66 0.23 41.16
N PRO D 138 48.95 0.31 41.48
CA PRO D 138 49.57 1.62 41.72
C PRO D 138 49.64 2.46 40.44
N LEU D 139 50.07 3.71 40.59
CA LEU D 139 50.17 4.63 39.46
C LEU D 139 51.21 4.21 38.43
N VAL D 140 50.94 4.52 37.14
CA VAL D 140 51.84 4.18 36.04
C VAL D 140 52.00 5.31 35.05
N GLY D 141 53.16 5.36 34.38
CA GLY D 141 53.45 6.35 33.35
C GLY D 141 54.65 7.24 33.59
N ILE D 142 54.74 8.27 32.74
CA ILE D 142 55.79 9.29 32.78
C ILE D 142 55.18 10.55 33.36
N PRO D 143 55.71 11.11 34.45
CA PRO D 143 55.10 12.31 35.02
C PRO D 143 55.34 13.55 34.17
N GLY D 144 54.28 14.34 33.98
CA GLY D 144 54.34 15.59 33.22
C GLY D 144 54.32 15.51 31.71
N ALA D 145 54.21 14.34 31.11
CA ALA D 145 54.14 14.19 29.66
C ALA D 145 52.92 14.85 29.03
N PRO D 146 52.89 15.04 27.71
CA PRO D 146 51.76 15.69 27.05
C PRO D 146 50.45 14.93 27.21
N SER D 147 49.34 15.66 27.10
CA SER D 147 47.99 15.12 27.26
C SER D 147 47.08 15.26 26.05
N SER D 148 47.58 15.68 24.89
CA SER D 148 46.72 15.80 23.72
C SER D 148 47.59 15.72 22.47
N PHE D 149 47.16 14.92 21.49
CA PHE D 149 47.86 14.79 20.23
C PHE D 149 46.96 15.12 19.05
N SER D 150 47.43 16.02 18.19
CA SER D 150 46.70 16.45 17.00
C SER D 150 47.70 16.91 15.96
N PRO D 151 48.31 15.99 15.22
CA PRO D 151 49.43 16.35 14.35
C PRO D 151 48.98 17.27 13.23
N LYS D 152 49.79 18.30 12.97
CA LYS D 152 49.52 19.29 11.93
C LYS D 152 50.75 19.49 11.06
N SER D 153 50.49 19.75 9.78
CA SER D 153 51.52 19.80 8.74
C SER D 153 51.23 20.97 7.80
N PRO D 154 51.89 22.10 7.98
CA PRO D 154 51.66 23.26 7.14
C PRO D 154 52.41 23.19 5.82
N PRO D 155 52.07 24.08 4.88
CA PRO D 155 52.74 24.10 3.58
C PRO D 155 54.19 24.60 3.63
N ALA D 156 54.54 25.43 4.62
CA ALA D 156 55.88 25.96 4.77
C ALA D 156 56.19 26.11 6.24
N SER D 157 57.47 26.03 6.59
CA SER D 157 57.94 26.15 7.98
C SER D 157 58.63 27.48 8.23
N SER D 158 58.19 28.18 9.27
CA SER D 158 58.60 29.55 9.58
C SER D 158 58.93 29.72 11.07
N TRP D 159 60.11 30.26 11.37
CA TRP D 159 60.53 30.49 12.75
C TRP D 159 61.18 31.88 12.86
N LEU D 160 60.93 32.59 13.97
CA LEU D 160 61.63 33.83 14.30
C LEU D 160 62.14 33.86 15.73
N VAL D 161 63.34 34.42 15.91
CA VAL D 161 63.90 34.76 17.22
C VAL D 161 64.00 36.28 17.33
N CYS D 162 63.36 36.86 18.36
CA CYS D 162 63.26 38.31 18.50
C CYS D 162 63.88 38.81 19.80
N ASP D 163 64.47 40.01 19.72
CA ASP D 163 65.01 40.76 20.84
C ASP D 163 64.31 42.10 20.93
N THR D 164 63.74 42.42 22.10
CA THR D 164 63.10 43.71 22.34
C THR D 164 63.68 44.38 23.57
N VAL D 165 64.19 45.61 23.39
CA VAL D 165 64.94 46.33 24.42
C VAL D 165 64.04 47.38 25.06
N ALA D 166 64.22 47.60 26.37
CA ALA D 166 63.38 48.50 27.15
C ALA D 166 64.16 49.62 27.83
N THR D 167 63.39 50.60 28.29
CA THR D 167 63.88 51.81 28.97
C THR D 167 62.96 52.15 30.15
N GLN D 175 67.37 49.83 30.15
CA GLN D 175 68.13 48.64 30.48
C GLN D 175 67.20 47.42 30.53
N GLY D 176 67.71 46.27 30.09
CA GLY D 176 66.99 45.01 30.05
C GLY D 176 66.33 44.73 28.71
N VAL D 177 66.25 43.43 28.39
CA VAL D 177 65.72 42.90 27.14
C VAL D 177 64.78 41.74 27.44
N THR D 178 63.92 41.42 26.48
CA THR D 178 63.27 40.12 26.48
C THR D 178 63.46 39.43 25.13
N VAL D 179 63.49 38.10 25.19
CA VAL D 179 63.64 37.21 24.04
C VAL D 179 62.33 36.49 23.78
N THR D 180 61.87 36.53 22.53
CA THR D 180 60.65 35.86 22.11
C THR D 180 60.93 34.89 20.98
N VAL D 181 60.27 33.74 20.99
CA VAL D 181 60.26 32.78 19.89
C VAL D 181 58.89 32.81 19.23
N ILE D 182 58.87 33.02 17.92
CA ILE D 182 57.65 32.93 17.12
C ILE D 182 57.74 31.73 16.20
N ASP D 183 56.66 30.95 16.15
CA ASP D 183 56.52 29.80 15.26
C ASP D 183 55.27 30.07 14.43
N GLY D 184 55.45 30.24 13.12
CA GLY D 184 54.37 30.58 12.20
C GLY D 184 54.72 31.80 11.37
N THR D 185 53.81 32.14 10.47
CA THR D 185 54.06 33.29 9.60
C THR D 185 53.98 34.61 10.36
N PRO D 186 54.94 35.51 10.19
CA PRO D 186 54.92 36.79 10.89
C PRO D 186 53.94 37.77 10.27
N ASP D 187 53.58 38.79 11.07
CA ASP D 187 52.71 39.87 10.63
C ASP D 187 53.57 41.10 10.34
N LEU D 188 53.81 41.40 9.07
CA LEU D 188 54.64 42.52 8.64
C LEU D 188 53.90 43.84 8.45
N THR D 189 52.64 43.94 8.85
CA THR D 189 51.88 45.19 8.72
C THR D 189 52.35 46.26 9.69
N GLY D 190 51.94 47.49 9.40
CA GLY D 190 52.32 48.65 10.19
C GLY D 190 53.68 49.20 9.80
N HIS D 191 54.40 49.73 10.78
CA HIS D 191 55.74 50.27 10.50
C HIS D 191 56.79 49.18 10.38
N ARG D 192 56.44 47.93 10.65
CA ARG D 192 57.40 46.85 10.55
C ARG D 192 57.84 46.74 9.10
N GLN D 193 59.12 46.46 8.90
CA GLN D 193 59.65 46.35 7.55
C GLN D 193 60.84 45.42 7.53
N ILE D 194 61.09 44.82 6.36
CA ILE D 194 62.34 44.11 6.13
C ILE D 194 63.50 45.09 6.02
N LEU D 195 64.63 44.70 6.59
CA LEU D 195 65.84 45.51 6.63
C LEU D 195 66.65 45.44 5.34
N SER D 196 65.98 45.65 4.21
CA SER D 196 66.60 45.60 2.89
C SER D 196 67.30 46.91 2.53
N GLY D 197 68.04 46.88 1.43
CA GLY D 197 68.77 48.03 0.92
C GLY D 197 69.90 48.52 1.81
N SER D 198 69.95 49.84 2.02
CA SER D 198 70.96 50.47 2.85
C SER D 198 70.60 50.54 4.32
N ASP D 199 69.46 49.99 4.72
CA ASP D 199 69.03 50.00 6.12
C ASP D 199 70.02 49.25 7.01
N ALA D 200 70.17 49.72 8.25
CA ALA D 200 71.08 49.07 9.18
C ALA D 200 70.64 49.42 10.60
N VAL D 201 71.23 48.71 11.56
CA VAL D 201 71.07 49.00 12.99
C VAL D 201 72.35 48.61 13.71
N VAL D 202 72.65 49.30 14.82
CA VAL D 202 73.88 49.08 15.58
C VAL D 202 73.57 48.69 17.03
N LEU D 203 74.23 47.63 17.52
CA LEU D 203 74.03 47.10 18.87
C LEU D 203 75.37 46.68 19.47
N ARG D 204 75.36 46.49 20.80
CA ARG D 204 76.54 46.12 21.59
C ARG D 204 76.53 44.70 22.13
N TYR D 205 77.68 44.03 22.12
CA TYR D 205 77.82 42.72 22.77
C TYR D 205 79.27 42.49 23.16
N GLY D 206 79.50 42.25 24.44
CA GLY D 206 80.85 42.05 24.95
C GLY D 206 81.76 43.24 24.76
N GLY D 207 81.20 44.44 24.71
CA GLY D 207 81.92 45.67 24.51
C GLY D 207 82.07 46.08 23.06
N ASP D 208 82.11 45.13 22.14
CA ASP D 208 82.22 45.42 20.72
C ASP D 208 80.89 45.91 20.16
N ALA D 209 80.97 46.72 19.11
CA ALA D 209 79.78 47.21 18.42
C ALA D 209 79.64 46.43 17.13
N TRP D 210 78.41 46.02 16.80
CA TRP D 210 78.14 45.23 15.62
C TRP D 210 77.09 45.92 14.77
N VAL D 211 77.35 46.00 13.47
CA VAL D 211 76.46 46.62 12.49
C VAL D 211 75.71 45.51 11.78
N ILE D 212 74.39 45.54 11.79
CA ILE D 212 73.59 44.53 11.13
C ILE D 212 73.12 45.06 9.79
N ARG D 213 73.51 44.37 8.72
CA ARG D 213 73.07 44.75 7.39
C ARG D 213 73.20 43.58 6.45
N GLU D 214 72.40 43.62 5.39
CA GLU D 214 72.39 42.61 4.33
C GLU D 214 72.40 41.19 4.87
N GLY D 215 71.70 40.99 5.98
CA GLY D 215 71.56 39.69 6.62
C GLY D 215 72.71 39.17 7.47
N ARG D 216 73.74 39.97 7.76
CA ARG D 216 74.85 39.48 8.55
C ARG D 216 75.23 40.53 9.58
N ARG D 217 76.00 40.15 10.60
CA ARG D 217 76.50 41.11 11.59
C ARG D 217 77.98 41.31 11.40
N SER D 218 78.44 42.57 11.39
CA SER D 218 79.84 42.91 11.19
C SER D 218 80.36 43.86 12.25
N ARG D 219 81.59 43.62 12.71
CA ARG D 219 82.24 44.41 13.76
C ARG D 219 82.83 45.73 13.27
N ILE D 220 82.78 46.75 14.14
CA ILE D 220 83.33 48.09 13.87
C ILE D 220 83.83 48.71 15.17
N GLU D 221 84.90 49.59 15.06
CA GLU D 221 85.49 50.24 16.25
C GLU D 221 85.31 51.76 16.27
N PRO D 222 84.93 52.31 17.43
CA PRO D 222 84.68 53.76 17.54
C PRO D 222 85.91 54.65 17.39
N THR D 223 87.12 54.10 17.54
CA THR D 223 88.34 54.89 17.40
C THR D 223 88.65 55.24 15.95
N ASN D 224 88.30 54.38 15.01
CA ASN D 224 88.59 54.54 13.58
C ASN D 224 87.71 55.59 12.89
N ARG D 225 88.11 56.85 13.02
CA ARG D 225 87.40 58.00 12.43
C ARG D 225 87.34 57.93 10.91
N ALA D 226 88.38 57.39 10.28
CA ALA D 226 88.44 57.27 8.82
C ALA D 226 87.32 56.44 8.22
N VAL D 227 86.84 55.42 8.91
CA VAL D 227 85.75 54.59 8.41
C VAL D 227 84.38 55.06 8.88
N LEU D 228 84.28 55.53 10.12
CA LEU D 228 83.00 56.02 10.63
C LEU D 228 82.44 57.18 9.81
N LEU D 229 83.27 58.16 9.49
CA LEU D 229 82.81 59.35 8.76
C LEU D 229 82.28 59.10 7.35
N PRO D 230 82.98 58.41 6.44
CA PRO D 230 82.42 58.19 5.11
C PRO D 230 81.16 57.35 5.09
N LEU D 231 81.01 56.43 6.04
CA LEU D 231 79.82 55.60 6.11
C LEU D 231 78.61 56.41 6.57
N GLY D 232 78.84 57.43 7.38
CA GLY D 232 77.80 58.26 7.93
C GLY D 232 77.53 58.02 9.40
N LEU D 233 78.44 57.37 10.10
CA LEU D 233 78.36 57.06 11.52
C LEU D 233 79.07 58.14 12.32
N THR D 234 78.81 58.15 13.63
CA THR D 234 79.39 59.14 14.53
C THR D 234 79.94 58.45 15.77
N PRO D 235 81.13 58.82 16.24
CA PRO D 235 81.70 58.16 17.42
C PRO D 235 80.76 58.12 18.62
N GLU D 236 79.99 59.18 18.86
CA GLU D 236 79.05 59.19 19.98
C GLU D 236 77.92 58.19 19.74
N GLN D 237 77.31 58.27 18.56
CA GLN D 237 76.23 57.40 18.14
C GLN D 237 76.56 55.92 18.32
N VAL D 238 77.78 55.52 17.95
CA VAL D 238 78.24 54.15 18.13
C VAL D 238 78.44 53.81 19.60
N SER D 239 79.06 54.69 20.36
CA SER D 239 79.29 54.43 21.78
C SER D 239 78.00 54.28 22.58
N GLN D 240 76.94 54.98 22.21
CA GLN D 240 75.67 54.90 22.92
C GLN D 240 74.72 53.82 22.40
N ALA D 241 75.19 52.92 21.52
CA ALA D 241 74.35 51.85 20.99
C ALA D 241 73.80 50.96 22.10
N ARG D 242 72.60 50.40 21.86
CA ARG D 242 71.89 49.54 22.81
C ARG D 242 72.46 48.12 22.90
N PRO D 243 72.12 47.40 23.97
CA PRO D 243 72.55 46.00 24.13
C PRO D 243 71.97 45.03 23.10
N MET D 244 72.58 43.83 23.09
CA MET D 244 72.14 42.71 22.27
C MET D 244 72.03 41.47 23.13
N SER D 245 70.96 40.69 22.94
CA SER D 245 70.76 39.45 23.67
C SER D 245 71.66 38.31 23.17
N ARG D 246 72.03 37.39 24.08
CA ARG D 246 72.81 36.22 23.68
C ARG D 246 72.07 35.39 22.63
N ALA D 247 70.75 35.27 22.76
CA ALA D 247 69.91 34.51 21.83
C ALA D 247 70.01 35.01 20.40
N LEU D 248 69.92 36.31 20.19
CA LEU D 248 70.04 36.93 18.87
C LEU D 248 71.48 37.00 18.38
N PHE D 249 72.44 37.07 19.29
CA PHE D 249 73.84 37.11 18.90
C PHE D 249 74.26 35.82 18.21
N ASP D 250 73.81 34.67 18.73
CA ASP D 250 74.10 33.37 18.13
C ASP D 250 73.36 33.13 16.82
N ALA D 251 72.16 33.69 16.66
CA ALA D 251 71.38 33.47 15.45
C ALA D 251 71.94 34.16 14.21
N LEU D 252 72.42 35.38 14.32
CA LEU D 252 72.90 36.10 13.13
C LEU D 252 74.28 35.64 12.66
N PRO D 253 74.46 35.37 11.36
CA PRO D 253 75.77 34.95 10.85
C PRO D 253 76.78 36.09 10.83
N VAL D 254 78.04 35.74 11.10
CA VAL D 254 79.15 36.70 11.13
C VAL D 254 79.66 37.05 9.73
N GLY D 255 79.74 38.35 9.45
CA GLY D 255 80.25 38.89 8.21
C GLY D 255 81.63 39.51 8.37
N PRO D 256 82.28 39.85 7.25
CA PRO D 256 83.61 40.49 7.32
C PRO D 256 83.61 41.84 8.02
N GLU D 257 84.71 42.10 8.72
CA GLU D 257 84.89 43.30 9.55
C GLU D 257 85.08 44.58 8.73
N LEU D 258 84.51 45.68 9.24
CA LEU D 258 84.58 47.01 8.64
C LEU D 258 85.85 47.73 9.08
N LEU D 259 86.89 47.68 8.24
CA LEU D 259 88.18 48.29 8.53
C LEU D 259 88.77 48.91 7.27
N VAL D 260 89.83 49.68 7.44
CA VAL D 260 90.51 50.27 6.28
C VAL D 260 91.18 49.17 5.47
N PRO D 261 90.98 49.10 4.15
CA PRO D 261 91.61 48.06 3.35
C PRO D 261 93.12 48.01 3.50
N GLU D 262 93.65 46.79 3.60
CA GLU D 262 95.09 46.54 3.78
C GLU D 262 95.78 46.34 2.42
N VAL D 263 96.11 47.45 1.77
CA VAL D 263 96.79 47.38 0.46
C VAL D 263 98.20 46.79 0.63
N PRO D 264 98.55 45.75 -0.12
CA PRO D 264 99.86 45.11 0.04
C PRO D 264 101.05 45.87 -0.54
N ASN D 265 102.20 45.66 0.11
CA ASN D 265 103.52 46.19 -0.30
C ASN D 265 103.52 47.70 -0.58
N ALA D 266 102.64 48.43 0.10
CA ALA D 266 102.48 49.87 -0.07
C ALA D 266 103.80 50.64 -0.06
N GLY D 267 103.84 51.72 -0.84
CA GLY D 267 104.98 52.62 -0.92
C GLY D 267 106.13 52.28 -1.86
N GLY D 268 106.29 51.03 -2.25
CA GLY D 268 107.37 50.70 -3.17
C GLY D 268 107.11 51.12 -4.59
N PRO D 269 108.13 50.98 -5.44
CA PRO D 269 108.00 51.33 -6.84
C PRO D 269 107.20 50.28 -7.61
N ALA D 270 106.57 50.74 -8.70
CA ALA D 270 105.79 49.86 -9.54
C ALA D 270 106.65 49.07 -10.52
N THR D 271 106.16 47.88 -10.86
CA THR D 271 106.81 46.98 -11.81
C THR D 271 106.62 47.43 -13.26
N PHE D 272 105.42 47.88 -13.60
CA PHE D 272 105.06 48.32 -14.93
C PHE D 272 105.50 49.76 -15.22
N PRO D 273 105.71 50.09 -16.49
CA PRO D 273 106.14 51.43 -16.87
C PRO D 273 105.03 52.47 -16.89
N GLY D 274 105.44 53.72 -16.62
CA GLY D 274 104.53 54.86 -16.65
C GLY D 274 103.61 55.02 -15.46
N ALA D 275 103.83 54.29 -14.39
CA ALA D 275 102.98 54.40 -13.21
C ALA D 275 102.92 55.84 -12.69
N PRO D 276 101.71 56.40 -12.48
CA PRO D 276 101.57 57.78 -12.01
C PRO D 276 102.10 58.05 -10.60
N GLY D 277 102.36 57.05 -9.79
CA GLY D 277 102.86 57.26 -8.46
C GLY D 277 103.24 55.98 -7.75
N PRO D 278 103.73 56.08 -6.52
CA PRO D 278 104.10 54.88 -5.78
C PRO D 278 102.88 53.99 -5.51
N ILE D 279 103.18 52.71 -5.28
CA ILE D 279 102.16 51.71 -5.02
C ILE D 279 101.28 52.11 -3.84
N GLY D 280 99.97 52.10 -4.07
CA GLY D 280 98.97 52.48 -3.10
C GLY D 280 98.35 53.85 -3.26
N THR D 281 98.77 54.63 -4.26
CA THR D 281 98.19 55.94 -4.50
C THR D 281 96.87 55.86 -5.27
N VAL D 282 96.02 56.87 -5.08
CA VAL D 282 94.70 56.93 -5.71
C VAL D 282 94.76 57.80 -6.98
N ILE D 283 94.18 57.30 -8.07
CA ILE D 283 94.19 57.97 -9.36
C ILE D 283 92.75 58.18 -9.83
N VAL D 284 92.49 59.29 -10.52
CA VAL D 284 91.14 59.55 -11.04
C VAL D 284 91.21 60.28 -12.39
N THR D 285 90.24 59.97 -13.29
CA THR D 285 90.12 60.57 -14.61
C THR D 285 89.44 61.95 -14.56
N PRO D 286 89.74 62.82 -15.52
CA PRO D 286 89.15 64.16 -15.53
C PRO D 286 87.64 64.15 -15.73
N GLN D 287 86.97 65.07 -15.03
CA GLN D 287 85.51 65.22 -15.06
C GLN D 287 84.96 65.67 -16.41
N ILE D 288 85.77 66.35 -17.22
CA ILE D 288 85.35 66.85 -18.53
C ILE D 288 85.07 65.75 -19.56
N SER D 289 85.51 64.52 -19.31
CA SER D 289 85.33 63.41 -20.25
C SER D 289 84.27 62.41 -19.80
N GLY D 290 83.41 62.80 -18.86
CA GLY D 290 82.38 61.91 -18.34
C GLY D 290 82.57 61.52 -16.89
N PRO D 291 81.57 60.85 -16.33
CA PRO D 291 81.64 60.47 -14.91
C PRO D 291 82.96 59.82 -14.51
N GLN D 292 83.51 60.31 -13.40
CA GLN D 292 84.83 59.92 -12.92
C GLN D 292 84.92 58.49 -12.37
N GLN D 293 85.95 57.76 -12.80
CA GLN D 293 86.22 56.39 -12.37
C GLN D 293 87.51 56.40 -11.55
N TYR D 294 87.42 56.03 -10.27
CA TYR D 294 88.59 55.98 -9.40
C TYR D 294 89.34 54.67 -9.59
N SER D 295 90.64 54.68 -9.26
CA SER D 295 91.43 53.45 -9.36
C SER D 295 92.62 53.51 -8.41
N LEU D 296 93.21 52.34 -8.16
CA LEU D 296 94.35 52.17 -7.26
C LEU D 296 95.50 51.56 -8.04
N VAL D 297 96.72 52.05 -7.82
CA VAL D 297 97.91 51.54 -8.50
C VAL D 297 98.65 50.53 -7.62
N LEU D 298 98.59 49.27 -8.01
CA LEU D 298 99.28 48.17 -7.35
C LEU D 298 100.63 47.96 -8.04
N GLY D 299 101.35 46.93 -7.58
CA GLY D 299 102.67 46.65 -8.12
C GLY D 299 102.68 46.28 -9.59
N ASP D 300 101.79 45.40 -10.02
CA ASP D 300 101.81 44.95 -11.41
C ASP D 300 100.73 45.57 -12.30
N GLY D 301 99.93 46.50 -11.78
CA GLY D 301 98.91 47.14 -12.59
C GLY D 301 97.92 47.86 -11.71
N VAL D 302 96.97 48.54 -12.37
CA VAL D 302 95.94 49.28 -11.65
C VAL D 302 94.65 48.48 -11.58
N GLN D 303 93.89 48.70 -10.52
CA GLN D 303 92.59 48.04 -10.32
C GLN D 303 91.58 49.11 -9.93
N THR D 304 90.34 48.93 -10.35
CA THR D 304 89.27 49.88 -10.09
C THR D 304 88.89 49.92 -8.60
N LEU D 305 88.29 51.04 -8.19
CA LEU D 305 87.77 51.24 -6.83
C LEU D 305 86.35 51.78 -6.84
N PRO D 306 85.48 51.32 -5.93
CA PRO D 306 84.15 51.90 -5.85
C PRO D 306 84.21 53.30 -5.27
N PRO D 307 83.26 54.17 -5.62
CA PRO D 307 83.28 55.55 -5.09
C PRO D 307 83.39 55.68 -3.58
N LEU D 308 82.73 54.81 -2.83
CA LEU D 308 82.73 54.86 -1.37
C LEU D 308 84.06 54.42 -0.75
N VAL D 309 84.76 53.45 -1.33
CA VAL D 309 86.04 52.99 -0.76
C VAL D 309 87.15 54.01 -1.03
N ALA D 310 87.13 54.68 -2.18
CA ALA D 310 88.14 55.68 -2.48
C ALA D 310 88.20 56.76 -1.40
N GLN D 311 87.04 57.15 -0.88
CA GLN D 311 86.95 58.13 0.21
C GLN D 311 87.58 57.60 1.49
N ILE D 312 87.37 56.32 1.80
CA ILE D 312 87.95 55.72 3.00
C ILE D 312 89.47 55.66 2.89
N LEU D 313 90.00 55.23 1.74
CA LEU D 313 91.45 55.16 1.53
C LEU D 313 92.11 56.54 1.66
N GLN D 314 91.53 57.57 1.05
CA GLN D 314 92.10 58.92 1.16
C GLN D 314 92.06 59.43 2.59
N ASN D 315 90.92 59.28 3.25
CA ASN D 315 90.76 59.75 4.63
C ASN D 315 91.74 59.06 5.56
N ALA D 316 91.93 57.75 5.39
CA ALA D 316 92.87 57.01 6.24
C ALA D 316 94.33 57.29 5.87
N GLY D 317 94.67 57.20 4.60
CA GLY D 317 96.04 57.44 4.14
C GLY D 317 96.41 58.89 3.88
N SER D 318 95.58 59.82 4.36
CA SER D 318 95.76 61.25 4.14
C SER D 318 97.15 61.77 4.51
N ALA D 319 97.52 61.68 5.78
CA ALA D 319 98.79 62.22 6.28
C ALA D 319 98.94 63.67 5.84
N GLY D 320 97.79 64.34 5.72
CA GLY D 320 97.67 65.72 5.27
C GLY D 320 97.15 65.87 3.86
N ASN D 321 97.26 64.84 3.02
CA ASN D 321 96.75 64.94 1.66
C ASN D 321 95.23 64.89 1.62
N THR D 322 94.64 65.69 0.73
CA THR D 322 93.19 65.73 0.61
C THR D 322 92.66 65.34 -0.77
N LYS D 323 93.49 65.16 -1.79
CA LYS D 323 92.97 64.84 -3.11
C LYS D 323 93.82 63.84 -3.87
N PRO D 324 93.22 63.14 -4.83
CA PRO D 324 93.96 62.18 -5.67
C PRO D 324 94.64 62.86 -6.86
N LEU D 325 95.48 62.09 -7.54
CA LEU D 325 96.14 62.55 -8.76
C LEU D 325 95.16 62.46 -9.93
N THR D 326 95.12 63.48 -10.78
CA THR D 326 94.24 63.49 -11.93
C THR D 326 94.99 63.17 -13.21
N VAL D 327 94.63 62.09 -13.91
CA VAL D 327 95.31 61.70 -15.15
C VAL D 327 94.30 61.49 -16.26
N GLU D 328 94.65 61.92 -17.46
CA GLU D 328 93.79 61.83 -18.63
C GLU D 328 93.77 60.42 -19.25
N PRO D 329 92.71 60.10 -20.00
CA PRO D 329 92.53 58.76 -20.58
C PRO D 329 93.65 58.15 -21.43
N SER D 330 94.35 58.91 -22.27
CA SER D 330 95.39 58.31 -23.13
C SER D 330 96.57 57.77 -22.35
N THR D 331 96.98 58.44 -21.28
CA THR D 331 98.06 57.89 -20.46
C THR D 331 97.56 56.72 -19.62
N LEU D 332 96.27 56.72 -19.27
CA LEU D 332 95.66 55.64 -18.50
C LEU D 332 95.51 54.36 -19.33
N ALA D 333 95.05 54.49 -20.57
CA ALA D 333 94.83 53.35 -21.46
C ALA D 333 96.05 52.46 -21.64
N LYS D 334 97.24 52.97 -21.37
CA LYS D 334 98.46 52.18 -21.49
C LYS D 334 98.72 51.28 -20.28
N MET D 335 98.18 51.62 -19.13
CA MET D 335 98.43 50.83 -17.91
C MET D 335 97.67 49.50 -17.88
N PRO D 336 98.32 48.41 -17.51
CA PRO D 336 97.64 47.11 -17.44
C PRO D 336 96.69 47.06 -16.25
N VAL D 337 95.65 46.25 -16.40
CA VAL D 337 94.62 46.04 -15.39
C VAL D 337 94.92 44.78 -14.59
N VAL D 338 94.73 44.88 -13.27
CA VAL D 338 95.00 43.82 -12.31
C VAL D 338 93.84 43.75 -11.32
N ASN D 339 93.74 42.63 -10.61
CA ASN D 339 92.74 42.42 -9.57
C ASN D 339 93.32 41.63 -8.40
N ARG D 340 93.58 42.33 -7.28
CA ARG D 340 94.18 41.72 -6.10
C ARG D 340 93.60 42.22 -4.77
N LEU D 341 92.37 42.72 -4.72
CA LEU D 341 91.77 43.18 -3.47
C LEU D 341 90.29 42.81 -3.39
N ASP D 342 89.85 42.55 -2.15
CA ASP D 342 88.47 42.15 -1.82
C ASP D 342 87.62 43.31 -1.30
N LEU D 343 87.29 44.24 -2.20
CA LEU D 343 86.49 45.43 -1.87
C LEU D 343 85.02 45.11 -1.63
N SER D 344 84.56 43.89 -1.90
CA SER D 344 83.16 43.49 -1.76
C SER D 344 82.58 43.68 -0.36
N ALA D 345 83.41 43.76 0.67
CA ALA D 345 82.93 43.93 2.05
C ALA D 345 82.31 45.28 2.37
N TYR D 346 82.34 46.27 1.46
CA TYR D 346 81.81 47.59 1.79
C TYR D 346 80.61 47.98 0.93
N PRO D 347 79.65 48.71 1.51
CA PRO D 347 78.50 49.18 0.75
C PRO D 347 78.91 50.20 -0.30
N ASP D 348 78.01 50.48 -1.23
CA ASP D 348 78.28 51.44 -2.28
C ASP D 348 77.66 52.83 -2.05
N ASN D 349 77.02 53.05 -0.90
CA ASN D 349 76.42 54.34 -0.58
C ASN D 349 76.24 54.43 0.94
N PRO D 350 75.97 55.62 1.48
CA PRO D 350 75.82 55.77 2.93
C PRO D 350 74.77 54.89 3.60
N LEU D 351 75.04 54.57 4.88
CA LEU D 351 74.17 53.74 5.72
C LEU D 351 72.96 54.50 6.27
N GLU D 352 71.76 53.93 6.10
CA GLU D 352 70.51 54.51 6.61
C GLU D 352 70.21 54.00 8.03
N VAL D 353 71.07 54.38 8.98
CA VAL D 353 70.93 53.86 10.35
C VAL D 353 69.60 54.23 11.00
N VAL D 354 68.89 53.20 11.48
CA VAL D 354 67.61 53.31 12.17
C VAL D 354 67.82 53.73 13.62
N ASP D 355 66.98 54.65 14.10
CA ASP D 355 67.02 55.12 15.50
C ASP D 355 66.29 54.14 16.41
N ILE D 356 67.03 53.50 17.31
CA ILE D 356 66.50 52.47 18.22
C ILE D 356 65.33 52.95 19.08
N ARG D 357 65.28 54.24 19.43
CA ARG D 357 64.16 54.72 20.23
C ARG D 357 62.84 54.58 19.49
N GLU D 358 62.83 54.70 18.18
CA GLU D 358 61.60 54.55 17.43
C GLU D 358 61.26 53.10 17.12
N HIS D 359 62.28 52.29 16.79
CA HIS D 359 62.12 50.85 16.51
C HIS D 359 62.97 50.02 17.46
N PRO D 360 62.46 49.77 18.67
CA PRO D 360 63.20 49.05 19.71
C PRO D 360 63.16 47.53 19.60
N SER D 361 62.71 46.95 18.48
CA SER D 361 62.57 45.51 18.32
C SER D 361 63.13 45.02 16.99
N THR D 362 63.92 43.94 17.03
CA THR D 362 64.58 43.37 15.87
C THR D 362 64.61 41.85 15.95
N CYS D 363 64.43 41.17 14.81
CA CYS D 363 64.24 39.73 14.75
C CYS D 363 65.02 39.14 13.58
N TRP D 364 65.48 37.89 13.76
CA TRP D 364 65.98 37.03 12.69
C TRP D 364 64.88 36.07 12.26
N TRP D 365 64.65 35.98 10.94
CA TRP D 365 63.58 35.18 10.36
C TRP D 365 64.13 34.13 9.39
N TRP D 366 63.74 32.86 9.60
CA TRP D 366 64.07 31.73 8.73
C TRP D 366 62.80 31.10 8.19
N GLU D 367 62.76 30.81 6.89
CA GLU D 367 61.63 30.12 6.30
C GLU D 367 62.07 29.23 5.12
N ARG D 368 61.33 28.12 4.95
CA ARG D 368 61.56 27.16 3.88
C ARG D 368 60.23 26.61 3.40
N THR D 369 60.10 26.48 2.07
CA THR D 369 58.88 25.98 1.45
C THR D 369 59.05 24.53 1.03
N ALA D 370 58.01 23.71 1.24
CA ALA D 370 58.09 22.32 0.85
C ALA D 370 58.41 22.19 -0.64
N GLY D 371 59.37 21.33 -0.97
CA GLY D 371 59.82 21.13 -2.32
C GLY D 371 60.99 21.99 -2.74
N GLU D 372 61.40 22.95 -1.91
CA GLU D 372 62.53 23.80 -2.22
C GLU D 372 63.85 23.22 -1.72
N ASN D 373 64.93 23.73 -2.29
CA ASN D 373 66.28 23.33 -1.95
C ASN D 373 67.05 24.40 -1.19
N ARG D 374 66.43 25.54 -0.89
CA ARG D 374 67.08 26.64 -0.18
C ARG D 374 66.16 27.30 0.82
N ALA D 375 66.71 27.70 1.96
CA ALA D 375 65.99 28.45 2.98
C ALA D 375 66.34 29.93 2.85
N ARG D 376 65.41 30.79 3.27
CA ARG D 376 65.58 32.24 3.19
C ARG D 376 65.80 32.85 4.58
N VAL D 377 66.86 33.64 4.74
CA VAL D 377 67.16 34.35 5.99
C VAL D 377 67.09 35.87 5.81
N ARG D 378 66.37 36.55 6.72
CA ARG D 378 66.11 37.99 6.65
C ARG D 378 66.14 38.58 8.05
N VAL D 379 66.27 39.90 8.15
CA VAL D 379 66.13 40.63 9.41
C VAL D 379 64.94 41.59 9.36
N VAL D 380 64.17 41.64 10.45
CA VAL D 380 62.99 42.49 10.56
C VAL D 380 63.13 43.43 11.75
N SER D 381 62.67 44.67 11.60
CA SER D 381 62.71 45.68 12.66
C SER D 381 61.42 46.48 12.71
N GLY D 382 60.98 46.84 13.91
CA GLY D 382 59.75 47.58 14.06
C GLY D 382 59.46 48.06 15.47
N PRO D 383 58.30 48.67 15.66
CA PRO D 383 57.94 49.17 16.99
C PRO D 383 57.72 48.05 18.00
N THR D 384 57.21 46.91 17.55
CA THR D 384 56.91 45.77 18.40
C THR D 384 57.04 44.48 17.60
N ILE D 385 57.12 43.38 18.33
CA ILE D 385 57.25 42.02 17.80
C ILE D 385 56.25 41.82 16.66
N PRO D 386 56.62 41.12 15.59
CA PRO D 386 55.74 41.00 14.44
C PRO D 386 54.55 40.06 14.63
N VAL D 387 53.68 40.38 15.58
CA VAL D 387 52.48 39.61 15.85
C VAL D 387 51.28 40.55 15.67
N ALA D 388 50.14 39.97 15.28
CA ALA D 388 48.95 40.79 15.10
C ALA D 388 48.52 41.44 16.41
N ALA D 389 48.04 42.68 16.30
CA ALA D 389 47.64 43.45 17.48
C ALA D 389 46.56 42.78 18.30
N THR D 390 45.65 42.03 17.67
CA THR D 390 44.60 41.34 18.41
C THR D 390 45.14 40.15 19.20
N GLU D 391 46.13 39.45 18.64
CA GLU D 391 46.73 38.26 19.24
C GLU D 391 47.80 38.56 20.27
N MET D 392 48.18 39.82 20.48
CA MET D 392 49.20 40.15 21.45
C MET D 392 48.84 39.68 22.86
N ASN D 393 47.56 39.50 23.15
CA ASN D 393 47.14 39.02 24.45
C ASN D 393 47.41 37.55 24.72
N LYS D 394 47.59 36.71 23.70
CA LYS D 394 47.77 35.28 23.89
C LYS D 394 49.19 34.81 23.58
N VAL D 395 50.20 35.62 23.92
CA VAL D 395 51.58 35.18 24.06
C VAL D 395 51.72 34.46 25.39
N VAL D 396 52.52 33.40 25.44
CA VAL D 396 52.70 32.60 26.66
C VAL D 396 53.98 33.01 27.38
N SER D 397 53.88 33.28 28.68
CA SER D 397 55.02 33.64 29.51
C SER D 397 55.56 32.40 30.23
N LEU D 398 56.77 31.97 29.86
CA LEU D 398 57.36 30.76 30.42
C LEU D 398 58.01 30.96 31.78
N VAL D 399 58.13 29.86 32.53
CA VAL D 399 58.94 29.88 33.74
C VAL D 399 60.38 29.84 33.27
N LYS D 400 61.34 30.21 34.09
CA LYS D 400 62.70 30.18 33.54
C LYS D 400 63.73 29.64 34.54
N ALA D 401 63.73 28.30 34.68
CA ALA D 401 64.68 27.62 35.57
C ALA D 401 66.12 27.76 35.11
N ASP D 402 66.38 27.68 33.81
CA ASP D 402 67.73 27.82 33.26
C ASP D 402 68.11 29.29 33.14
N THR D 403 69.00 29.76 34.02
CA THR D 403 69.49 31.14 34.05
C THR D 403 70.70 31.39 33.17
N SER D 404 71.14 30.41 32.38
CA SER D 404 72.31 30.62 31.53
C SER D 404 72.05 31.55 30.35
N GLY D 405 70.81 31.91 30.09
CA GLY D 405 70.49 32.79 28.98
C GLY D 405 70.23 32.09 27.67
N ARG D 406 70.16 30.76 27.67
CA ARG D 406 69.87 29.96 26.48
C ARG D 406 68.41 29.52 26.43
N GLN D 407 67.53 30.17 27.20
CA GLN D 407 66.12 29.83 27.22
C GLN D 407 65.30 31.12 27.10
N ALA D 408 64.29 31.10 26.23
CA ALA D 408 63.49 32.28 25.99
C ALA D 408 62.54 32.63 27.13
N ASP D 409 62.05 33.87 27.10
CA ASP D 409 61.08 34.39 28.05
C ASP D 409 59.64 34.19 27.61
N GLN D 410 59.37 34.26 26.31
CA GLN D 410 58.02 34.17 25.78
C GLN D 410 57.98 33.35 24.51
N VAL D 411 56.86 32.66 24.28
CA VAL D 411 56.65 31.82 23.10
C VAL D 411 55.30 32.15 22.48
N TYR D 412 55.24 32.21 21.15
CA TYR D 412 54.00 32.47 20.41
C TYR D 412 53.82 31.50 19.25
N PHE D 413 52.68 30.80 19.23
CA PHE D 413 52.30 29.85 18.19
C PHE D 413 51.28 30.49 17.24
N GLY D 414 51.78 31.09 16.16
CA GLY D 414 50.93 31.77 15.21
C GLY D 414 50.21 30.87 14.23
N PRO D 415 49.67 31.46 13.17
CA PRO D 415 49.00 30.68 12.12
C PRO D 415 49.95 29.77 11.36
N ASP D 416 49.46 28.56 11.05
CA ASP D 416 50.24 27.53 10.35
C ASP D 416 51.50 27.12 11.10
N HIS D 417 51.37 26.91 12.40
CA HIS D 417 52.49 26.45 13.19
C HIS D 417 52.70 24.95 12.98
N ALA D 418 53.81 24.41 13.49
CA ALA D 418 54.12 22.99 13.36
C ALA D 418 54.35 22.33 14.71
N ASN D 419 53.66 21.22 14.95
CA ASN D 419 53.75 20.45 16.18
C ASN D 419 54.88 19.43 16.18
N PHE D 420 55.03 18.67 15.10
CA PHE D 420 55.96 17.57 15.01
C PHE D 420 57.09 18.05 14.10
N VAL D 421 58.30 18.11 14.64
CA VAL D 421 59.44 18.74 13.98
C VAL D 421 60.67 17.84 13.91
N ALA D 422 61.49 18.04 12.88
CA ALA D 422 62.83 17.45 12.78
C ALA D 422 63.91 18.53 12.73
N VAL D 423 64.90 18.42 13.62
CA VAL D 423 65.98 19.41 13.70
C VAL D 423 66.89 19.36 12.49
N THR D 424 67.38 20.53 12.06
CA THR D 424 68.24 20.66 10.87
C THR D 424 69.32 21.71 11.13
N GLY D 425 70.27 21.80 10.22
CA GLY D 425 71.32 22.79 10.34
C GLY D 425 70.81 24.21 10.20
N ASN D 426 71.63 25.18 10.65
CA ASN D 426 71.26 26.58 10.64
C ASN D 426 71.54 27.33 9.33
N ASN D 427 72.50 26.90 8.52
CA ASN D 427 72.76 27.60 7.27
C ASN D 427 71.62 27.41 6.29
N PRO D 428 71.49 28.31 5.30
CA PRO D 428 70.38 28.21 4.34
C PRO D 428 70.46 27.04 3.36
N GLY D 429 71.59 26.35 3.22
CA GLY D 429 71.72 25.25 2.29
C GLY D 429 71.69 23.85 2.88
N ALA D 430 71.45 23.72 4.18
CA ALA D 430 71.39 22.43 4.88
C ALA D 430 70.28 21.52 4.37
N GLN D 431 70.55 20.20 4.34
CA GLN D 431 69.58 19.22 3.84
C GLN D 431 69.32 18.05 4.79
N THR D 432 70.02 17.93 5.90
CA THR D 432 69.82 16.81 6.82
C THR D 432 68.47 16.89 7.54
N SER D 433 68.16 15.80 8.25
CA SER D 433 66.94 15.65 9.08
C SER D 433 67.37 14.66 10.18
N GLU D 434 67.87 15.21 11.28
CA GLU D 434 68.56 14.43 12.30
C GLU D 434 67.78 13.88 13.49
N SER D 435 66.73 14.52 14.01
CA SER D 435 66.03 13.91 15.14
C SER D 435 64.63 14.50 15.28
N LEU D 436 63.73 13.74 15.91
CA LEU D 436 62.31 14.06 15.94
C LEU D 436 61.90 14.56 17.32
N TRP D 437 61.11 15.65 17.33
CA TRP D 437 60.62 16.32 18.53
C TRP D 437 59.12 16.64 18.43
N TRP D 438 58.50 16.89 19.59
CA TRP D 438 57.10 17.31 19.69
C TRP D 438 57.00 18.54 20.57
N VAL D 439 56.30 19.58 20.10
CA VAL D 439 56.15 20.85 20.82
C VAL D 439 54.71 21.09 21.24
N THR D 440 54.47 21.18 22.55
CA THR D 440 53.12 21.41 23.06
C THR D 440 52.75 22.88 22.97
N ASP D 441 51.45 23.17 23.02
CA ASP D 441 50.99 24.55 22.99
C ASP D 441 51.37 25.31 24.27
N ALA D 442 51.76 24.62 25.33
CA ALA D 442 52.22 25.26 26.55
C ALA D 442 53.68 25.66 26.47
N GLY D 443 54.36 25.31 25.39
CA GLY D 443 55.75 25.67 25.15
C GLY D 443 56.87 24.82 25.72
N ALA D 444 56.81 23.50 25.55
CA ALA D 444 57.86 22.60 26.00
C ALA D 444 58.06 21.56 24.91
N ARG D 445 59.29 21.13 24.69
CA ARG D 445 59.61 20.15 23.65
C ARG D 445 59.98 18.79 24.26
N PHE D 446 59.32 17.74 23.76
CA PHE D 446 59.53 16.35 24.19
C PHE D 446 60.13 15.53 23.05
N GLY D 447 61.17 14.75 23.32
CA GLY D 447 61.78 13.93 22.28
C GLY D 447 61.02 12.64 22.04
N VAL D 448 61.06 12.17 20.78
CA VAL D 448 60.40 10.93 20.36
C VAL D 448 61.42 9.96 19.75
N GLU D 449 61.54 8.76 20.32
CA GLU D 449 62.44 7.78 19.73
C GLU D 449 61.80 7.32 18.43
N ASP D 450 62.55 7.29 17.33
CA ASP D 450 61.96 7.02 16.02
C ASP D 450 61.80 5.54 15.68
N SER D 451 61.42 4.69 16.63
CA SER D 451 61.19 3.29 16.26
C SER D 451 59.75 3.09 15.81
N LYS D 452 59.57 2.19 14.85
CA LYS D 452 58.24 1.88 14.33
C LYS D 452 57.25 1.57 15.44
N GLU D 453 57.72 0.99 16.54
CA GLU D 453 56.87 0.62 17.67
C GLU D 453 56.28 1.82 18.41
N ALA D 454 57.07 2.90 18.57
CA ALA D 454 56.66 4.12 19.26
C ALA D 454 55.89 5.09 18.35
N ARG D 455 56.37 5.28 17.12
CA ARG D 455 55.67 6.14 16.16
C ARG D 455 54.21 5.74 16.01
N ASP D 456 53.92 4.46 15.85
CA ASP D 456 52.54 4.01 15.71
C ASP D 456 51.74 4.05 16.99
N ALA D 457 52.36 3.82 18.14
CA ALA D 457 51.60 3.90 19.39
C ALA D 457 51.10 5.32 19.63
N LEU D 458 51.96 6.32 19.42
CA LEU D 458 51.54 7.71 19.58
C LEU D 458 50.64 8.20 18.45
N GLY D 459 50.75 7.68 17.24
CA GLY D 459 50.00 8.16 16.10
C GLY D 459 50.71 9.17 15.23
N LEU D 460 52.02 9.05 15.09
CA LEU D 460 52.93 9.97 14.43
C LEU D 460 53.58 9.33 13.20
N THR D 461 52.87 8.40 12.57
CA THR D 461 53.23 7.89 11.25
C THR D 461 52.75 8.88 10.20
N LEU D 462 53.62 9.83 9.90
CA LEU D 462 53.39 11.12 9.25
C LEU D 462 54.76 11.74 9.03
N THR D 463 54.89 12.67 8.05
CA THR D 463 56.22 13.27 7.84
C THR D 463 56.42 14.57 8.62
N PRO D 464 57.48 14.69 9.41
CA PRO D 464 57.68 15.89 10.22
C PRO D 464 58.16 17.09 9.42
N SER D 465 57.79 18.29 9.89
CA SER D 465 58.28 19.55 9.36
C SER D 465 59.69 19.86 9.86
N LEU D 466 60.46 20.61 9.08
CA LEU D 466 61.82 20.97 9.47
C LEU D 466 61.87 22.16 10.42
N ALA D 467 62.92 22.22 11.25
CA ALA D 467 63.17 23.35 12.14
C ALA D 467 64.67 23.57 12.36
N PRO D 468 65.15 24.80 12.50
CA PRO D 468 66.57 25.02 12.79
C PRO D 468 66.88 24.93 14.28
N TRP D 469 68.08 24.43 14.60
CA TRP D 469 68.45 24.27 16.00
C TRP D 469 68.56 25.58 16.78
N VAL D 470 68.99 26.69 16.17
CA VAL D 470 69.08 27.98 16.89
C VAL D 470 67.73 28.44 17.45
N ALA D 471 66.65 28.22 16.72
CA ALA D 471 65.33 28.59 17.22
C ALA D 471 64.74 27.55 18.15
N LEU D 472 64.89 26.28 17.82
CA LEU D 472 64.33 25.19 18.61
C LEU D 472 64.99 25.02 19.98
N ARG D 473 66.30 25.25 20.09
CA ARG D 473 66.97 25.05 21.37
C ARG D 473 66.47 25.92 22.51
N LEU D 474 65.64 26.93 22.26
CA LEU D 474 65.22 27.87 23.28
C LEU D 474 64.03 27.40 24.12
N LEU D 475 63.30 26.38 23.69
CA LEU D 475 62.16 25.86 24.46
C LEU D 475 62.62 24.83 25.50
N PRO D 476 62.06 24.82 26.71
CA PRO D 476 62.47 23.85 27.73
C PRO D 476 62.22 22.40 27.30
N GLN D 477 63.12 21.51 27.70
CA GLN D 477 63.07 20.09 27.33
C GLN D 477 62.55 19.17 28.42
N GLY D 478 61.53 18.37 28.08
CA GLY D 478 60.96 17.39 28.99
C GLY D 478 61.49 15.98 28.78
N PRO D 479 60.98 15.03 29.57
CA PRO D 479 61.42 13.63 29.45
C PRO D 479 61.07 13.01 28.10
N THR D 480 61.96 12.13 27.63
CA THR D 480 61.79 11.46 26.34
C THR D 480 60.61 10.50 26.35
N LEU D 481 59.88 10.46 25.23
CA LEU D 481 58.73 9.56 25.05
C LEU D 481 59.17 8.25 24.40
N SER D 482 58.97 7.13 25.10
CA SER D 482 59.36 5.82 24.59
C SER D 482 58.57 4.74 25.33
N ARG D 483 58.29 3.64 24.62
CA ARG D 483 57.50 2.56 25.19
C ARG D 483 58.12 1.92 26.42
N ALA D 484 59.45 1.82 26.45
CA ALA D 484 60.13 1.23 27.61
C ALA D 484 60.07 2.15 28.83
N ASP D 485 60.14 3.46 28.61
CA ASP D 485 60.12 4.46 29.67
C ASP D 485 58.80 4.55 30.42
N ALA D 486 57.69 4.17 29.80
CA ALA D 486 56.38 4.25 30.42
C ALA D 486 55.94 3.01 31.19
N LEU D 487 56.52 1.85 30.91
CA LEU D 487 56.18 0.61 31.62
C LEU D 487 56.81 0.54 33.02
N VAL D 488 56.41 1.48 33.88
CA VAL D 488 56.91 1.55 35.25
C VAL D 488 55.77 1.93 36.20
N GLU D 489 55.86 1.42 37.44
CA GLU D 489 54.90 1.65 38.51
C GLU D 489 55.50 2.55 39.59
N HIS D 490 54.65 3.38 40.22
CA HIS D 490 55.09 4.26 41.30
C HIS D 490 54.10 4.26 42.45
N ASP D 491 54.59 4.16 43.69
CA ASP D 491 53.64 4.26 44.81
C ASP D 491 53.17 5.69 44.96
N THR D 492 54.13 6.60 45.06
CA THR D 492 53.87 8.02 45.18
C THR D 492 54.97 8.75 44.45
N LEU D 493 54.67 9.95 44.05
CA LEU D 493 55.57 10.76 43.26
C LEU D 493 56.19 11.87 44.10
N PRO D 494 57.49 12.18 43.91
CA PRO D 494 58.16 13.19 44.72
C PRO D 494 57.90 14.62 44.29
N MET D 495 57.24 15.39 45.17
CA MET D 495 56.99 16.80 44.93
C MET D 495 58.26 17.61 45.22
N ASP D 496 58.63 18.49 44.29
CA ASP D 496 59.82 19.30 44.52
C ASP D 496 59.85 20.52 43.58
N GLY E 10 -30.36 -18.89 -46.45
CA GLY E 10 -31.02 -19.12 -45.18
C GLY E 10 -30.85 -18.01 -44.16
N SER E 11 -31.58 -18.14 -43.06
CA SER E 11 -31.60 -17.15 -41.99
C SER E 11 -30.40 -17.28 -41.04
N GLY E 12 -30.11 -18.50 -40.59
CA GLY E 12 -29.02 -18.78 -39.66
C GLY E 12 -27.84 -19.58 -40.18
N TYR E 13 -27.91 -19.97 -41.44
CA TYR E 13 -26.86 -20.74 -42.10
C TYR E 13 -25.63 -19.87 -42.34
N GLY E 14 -24.56 -20.54 -42.78
CA GLY E 14 -23.31 -19.89 -43.14
C GLY E 14 -22.33 -19.64 -42.01
N LEU E 15 -21.46 -18.65 -42.24
CA LEU E 15 -20.36 -18.31 -41.34
C LEU E 15 -20.26 -16.81 -41.02
N GLY E 16 -21.39 -16.15 -40.81
CA GLY E 16 -21.43 -14.72 -40.50
C GLY E 16 -21.03 -14.39 -39.06
N LEU E 17 -21.01 -13.08 -38.78
CA LEU E 17 -20.62 -12.55 -37.46
C LEU E 17 -21.55 -12.95 -36.32
N SER E 18 -21.05 -12.81 -35.10
CA SER E 18 -21.76 -13.17 -33.87
C SER E 18 -21.34 -12.27 -32.71
N THR E 19 -22.11 -12.33 -31.62
CA THR E 19 -21.90 -11.51 -30.42
C THR E 19 -21.76 -12.36 -29.15
N ARG E 20 -21.36 -11.70 -28.06
CA ARG E 20 -21.18 -12.36 -26.76
C ARG E 20 -22.44 -13.02 -26.20
N THR E 21 -23.60 -12.35 -26.28
CA THR E 21 -24.86 -12.93 -25.80
C THR E 21 -25.25 -14.18 -26.59
N GLN E 22 -24.93 -14.20 -27.86
CA GLN E 22 -25.17 -15.39 -28.69
C GLN E 22 -24.25 -16.55 -28.30
N VAL E 23 -23.06 -16.27 -27.76
CA VAL E 23 -22.15 -17.32 -27.34
C VAL E 23 -22.61 -17.98 -26.03
N THR E 24 -23.02 -17.20 -25.03
CA THR E 24 -23.53 -17.81 -23.79
C THR E 24 -24.90 -18.45 -24.01
N GLY E 25 -25.74 -17.81 -24.81
CA GLY E 25 -27.06 -18.35 -25.12
C GLY E 25 -27.00 -19.75 -25.69
N TYR E 26 -26.10 -19.99 -26.62
CA TYR E 26 -25.91 -21.32 -27.20
C TYR E 26 -25.44 -22.32 -26.15
N GLN E 27 -24.52 -21.95 -25.26
CA GLN E 27 -24.06 -22.85 -24.20
C GLN E 27 -25.16 -23.19 -23.22
N PHE E 28 -26.14 -22.32 -23.02
CA PHE E 28 -27.28 -22.64 -22.16
C PHE E 28 -28.13 -23.72 -22.83
N LEU E 29 -28.49 -23.54 -24.09
CA LEU E 29 -29.27 -24.54 -24.82
C LEU E 29 -28.53 -25.88 -24.91
N ALA E 30 -27.21 -25.84 -25.05
CA ALA E 30 -26.42 -27.07 -25.13
C ALA E 30 -26.44 -27.84 -23.81
N ARG E 31 -26.39 -27.16 -22.66
CA ARG E 31 -26.48 -27.84 -21.37
C ARG E 31 -27.86 -28.42 -21.14
N ARG E 32 -28.89 -27.62 -21.38
CA ARG E 32 -30.28 -28.03 -21.20
C ARG E 32 -30.65 -29.23 -22.09
N THR E 33 -30.20 -29.28 -23.33
CA THR E 33 -30.48 -30.43 -24.20
C THR E 33 -29.60 -31.62 -23.90
N ALA E 34 -28.46 -31.44 -23.25
CA ALA E 34 -27.59 -32.58 -22.95
C ALA E 34 -28.18 -33.45 -21.85
N MET E 35 -28.65 -32.84 -20.76
CA MET E 35 -29.27 -33.61 -19.68
C MET E 35 -30.56 -34.28 -20.13
N ALA E 36 -31.27 -33.71 -21.10
CA ALA E 36 -32.47 -34.34 -21.62
C ALA E 36 -32.18 -35.68 -22.28
N LEU E 37 -30.97 -35.90 -22.75
CA LEU E 37 -30.62 -37.19 -23.34
C LEU E 37 -30.24 -38.21 -22.28
N THR E 38 -29.69 -37.80 -21.15
CA THR E 38 -29.28 -38.73 -20.10
C THR E 38 -30.29 -38.87 -18.97
N ARG E 39 -31.02 -37.83 -18.59
CA ARG E 39 -31.99 -37.89 -17.50
C ARG E 39 -33.44 -37.80 -17.94
N TRP E 40 -33.70 -37.51 -19.22
CA TRP E 40 -35.04 -37.41 -19.78
C TRP E 40 -35.97 -36.41 -19.09
N ARG E 41 -35.44 -35.35 -18.48
CA ARG E 41 -36.30 -34.32 -17.89
C ARG E 41 -35.56 -33.00 -17.98
N VAL E 42 -36.32 -31.91 -18.13
CA VAL E 42 -35.77 -30.55 -18.28
C VAL E 42 -35.95 -29.67 -17.05
N ARG E 43 -36.53 -30.19 -15.95
CA ARG E 43 -36.74 -29.36 -14.78
C ARG E 43 -35.47 -28.69 -14.29
N MET E 44 -34.35 -29.39 -14.35
CA MET E 44 -33.03 -28.90 -13.96
C MET E 44 -33.02 -28.14 -12.63
N GLU E 45 -33.43 -28.88 -11.60
CA GLU E 45 -33.49 -28.39 -10.22
C GLU E 45 -32.13 -27.90 -9.77
N ILE E 46 -31.11 -28.73 -10.00
CA ILE E 46 -29.70 -28.52 -9.75
C ILE E 46 -29.02 -28.95 -11.04
N GLU E 47 -27.90 -28.32 -11.35
CA GLU E 47 -27.21 -28.60 -12.60
C GLU E 47 -25.88 -29.34 -12.43
N PRO E 48 -25.96 -30.67 -12.31
CA PRO E 48 -24.78 -31.51 -12.07
C PRO E 48 -23.79 -31.62 -13.22
N GLY E 49 -24.20 -31.40 -14.47
CA GLY E 49 -23.25 -31.45 -15.58
C GLY E 49 -22.11 -30.48 -15.39
N ARG E 50 -22.44 -29.26 -14.98
CA ARG E 50 -21.47 -28.21 -14.67
C ARG E 50 -20.45 -28.65 -13.62
N ARG E 51 -20.92 -29.16 -12.50
CA ARG E 51 -20.09 -29.61 -11.39
C ARG E 51 -19.16 -30.76 -11.76
N GLN E 52 -19.65 -31.75 -12.49
CA GLN E 52 -18.80 -32.86 -12.91
C GLN E 52 -17.68 -32.39 -13.84
N THR E 53 -17.93 -31.35 -14.64
CA THR E 53 -16.91 -30.78 -15.50
C THR E 53 -15.88 -29.97 -14.70
N LEU E 54 -16.34 -29.09 -13.81
CA LEU E 54 -15.45 -28.30 -12.96
C LEU E 54 -14.51 -29.16 -12.11
N ALA E 55 -14.97 -30.32 -11.65
CA ALA E 55 -14.12 -31.21 -10.88
C ALA E 55 -12.94 -31.73 -11.72
N VAL E 56 -13.11 -31.89 -13.03
CA VAL E 56 -12.02 -32.32 -13.91
C VAL E 56 -11.02 -31.17 -14.10
N VAL E 57 -11.52 -29.97 -14.34
CA VAL E 57 -10.68 -28.77 -14.48
C VAL E 57 -9.85 -28.54 -13.22
N ALA E 58 -10.43 -28.77 -12.06
CA ALA E 58 -9.69 -28.69 -10.79
C ALA E 58 -8.59 -29.73 -10.74
N SER E 59 -8.88 -30.95 -11.20
CA SER E 59 -7.90 -32.03 -11.22
C SER E 59 -6.71 -31.69 -12.11
N VAL E 60 -6.97 -31.21 -13.33
CA VAL E 60 -5.93 -30.81 -14.27
C VAL E 60 -5.09 -29.67 -13.70
N SER E 61 -5.73 -28.64 -13.14
CA SER E 61 -5.03 -27.51 -12.54
C SER E 61 -4.13 -27.96 -11.39
N ALA E 62 -4.61 -28.84 -10.52
CA ALA E 62 -3.80 -29.34 -9.40
C ALA E 62 -2.56 -30.09 -9.91
N ALA E 63 -2.69 -30.83 -11.00
CA ALA E 63 -1.56 -31.53 -11.60
C ALA E 63 -0.52 -30.55 -12.13
N LEU E 64 -0.96 -29.51 -12.83
CA LEU E 64 -0.09 -28.47 -13.35
C LEU E 64 0.64 -27.69 -12.25
N VAL E 65 -0.03 -27.42 -11.14
CA VAL E 65 0.62 -26.72 -10.03
C VAL E 65 1.78 -27.57 -9.48
N ILE E 66 1.55 -28.86 -9.28
CA ILE E 66 2.61 -29.74 -8.79
C ILE E 66 3.72 -29.86 -9.83
N CYS E 67 3.34 -30.05 -11.08
CA CYS E 67 4.28 -30.17 -12.20
C CYS E 67 5.19 -28.96 -12.32
N LEU E 68 4.61 -27.76 -12.25
CA LEU E 68 5.37 -26.51 -12.29
C LEU E 68 6.18 -26.32 -11.01
N GLY E 69 5.68 -26.81 -9.89
CA GLY E 69 6.40 -26.75 -8.62
C GLY E 69 7.70 -27.53 -8.63
N ALA E 70 7.76 -28.63 -9.37
CA ALA E 70 8.96 -29.43 -9.53
C ALA E 70 10.04 -28.69 -10.32
N LEU E 71 9.64 -27.96 -11.36
CA LEU E 71 10.59 -27.19 -12.17
C LEU E 71 11.25 -26.09 -11.33
N LEU E 72 10.50 -25.46 -10.44
CA LEU E 72 11.08 -24.45 -9.55
C LEU E 72 12.17 -25.06 -8.68
N TRP E 73 11.97 -26.30 -8.24
CA TRP E 73 12.94 -27.03 -7.41
C TRP E 73 14.23 -27.32 -8.18
N SER E 74 14.11 -27.64 -9.47
CA SER E 74 15.25 -27.94 -10.33
C SER E 74 16.30 -26.81 -10.39
N PHE E 75 15.87 -25.55 -10.47
CA PHE E 75 16.80 -24.44 -10.51
C PHE E 75 17.42 -24.13 -9.16
N ILE E 76 16.71 -24.37 -8.07
CA ILE E 76 17.24 -24.11 -6.72
C ILE E 76 18.29 -25.14 -6.34
N SER E 77 18.24 -26.37 -6.87
CA SER E 77 19.25 -27.38 -6.51
C SER E 77 19.39 -28.45 -7.59
N PRO E 78 20.13 -28.17 -8.65
CA PRO E 78 20.33 -29.14 -9.73
C PRO E 78 21.28 -30.27 -9.37
N SER E 79 21.32 -31.26 -10.26
CA SER E 79 22.14 -32.47 -10.11
C SER E 79 23.64 -32.25 -10.25
N GLY E 80 24.08 -31.26 -11.03
CA GLY E 80 25.51 -31.06 -11.28
C GLY E 80 26.33 -30.48 -10.14
N GLN E 81 25.71 -30.09 -9.02
CA GLN E 81 26.45 -29.49 -7.90
C GLN E 81 27.16 -30.51 -7.00
N LEU E 82 28.10 -31.23 -7.61
CA LEU E 82 28.98 -32.17 -6.92
C LEU E 82 30.25 -31.46 -6.45
N ASN E 83 31.17 -32.20 -5.83
CA ASN E 83 32.47 -31.67 -5.37
C ASN E 83 32.37 -30.51 -4.38
N GLU E 84 31.36 -30.52 -3.51
CA GLU E 84 31.25 -29.47 -2.51
C GLU E 84 32.29 -29.61 -1.38
N SER E 85 32.74 -30.82 -1.09
CA SER E 85 33.73 -31.08 -0.04
C SER E 85 34.44 -32.37 -0.35
N PRO E 86 35.66 -32.56 0.15
CA PRO E 86 36.41 -33.79 -0.15
C PRO E 86 36.04 -34.99 0.69
N ILE E 87 35.22 -34.87 1.71
CA ILE E 87 34.80 -36.01 2.52
C ILE E 87 33.31 -36.14 2.30
N ILE E 88 32.88 -37.25 1.68
CA ILE E 88 31.48 -37.48 1.37
C ILE E 88 31.07 -38.86 1.87
N ALA E 89 29.79 -39.00 2.14
CA ALA E 89 29.20 -40.26 2.61
C ALA E 89 27.95 -40.58 1.82
N ASP E 90 27.79 -41.85 1.49
CA ASP E 90 26.63 -42.34 0.76
C ASP E 90 25.40 -42.18 1.63
N ARG E 91 24.44 -41.40 1.15
CA ARG E 91 23.21 -41.10 1.88
C ARG E 91 22.36 -42.31 2.20
N ASP E 92 22.51 -43.41 1.48
CA ASP E 92 21.72 -44.61 1.73
C ASP E 92 22.41 -45.67 2.57
N SER E 93 23.70 -45.88 2.36
CA SER E 93 24.46 -46.92 3.02
C SER E 93 25.37 -46.41 4.12
N GLY E 94 25.52 -45.10 4.27
CA GLY E 94 26.39 -44.55 5.30
C GLY E 94 27.86 -44.76 5.02
N ALA E 95 28.20 -45.39 3.90
CA ALA E 95 29.58 -45.64 3.54
C ALA E 95 30.33 -44.33 3.39
N LEU E 96 31.60 -44.30 3.78
CA LEU E 96 32.42 -43.10 3.78
C LEU E 96 33.50 -43.18 2.70
N TYR E 97 33.57 -42.13 1.87
CA TYR E 97 34.52 -42.02 0.76
C TYR E 97 35.35 -40.75 0.89
N VAL E 98 36.55 -40.78 0.30
CA VAL E 98 37.45 -39.63 0.29
C VAL E 98 37.90 -39.38 -1.14
N ARG E 99 37.99 -38.12 -1.53
CA ARG E 99 38.37 -37.69 -2.87
C ARG E 99 39.77 -37.12 -2.93
N VAL E 100 40.59 -37.68 -3.83
CA VAL E 100 41.95 -37.19 -4.06
C VAL E 100 42.21 -37.34 -5.54
N GLY E 101 42.71 -36.28 -6.17
CA GLY E 101 42.89 -36.29 -7.60
C GLY E 101 41.54 -36.25 -8.27
N ASP E 102 41.19 -37.28 -9.02
CA ASP E 102 39.89 -37.39 -9.68
C ASP E 102 39.10 -38.64 -9.32
N ARG E 103 39.63 -39.52 -8.47
CA ARG E 103 39.02 -40.77 -8.04
C ARG E 103 38.45 -40.67 -6.63
N LEU E 104 37.57 -41.61 -6.28
CA LEU E 104 37.04 -41.73 -4.93
C LEU E 104 37.57 -43.01 -4.29
N TYR E 105 38.16 -42.90 -3.10
CA TYR E 105 38.69 -44.05 -2.38
C TYR E 105 37.87 -44.33 -1.14
N PRO E 106 37.45 -45.56 -0.86
CA PRO E 106 36.72 -45.82 0.38
C PRO E 106 37.66 -45.79 1.58
N ALA E 107 37.32 -45.01 2.61
CA ALA E 107 38.17 -44.89 3.79
C ALA E 107 37.66 -45.72 4.95
N LEU E 108 38.59 -46.29 5.72
CA LEU E 108 38.22 -47.12 6.85
C LEU E 108 37.50 -46.36 7.95
N ASN E 109 37.82 -45.09 8.17
CA ASN E 109 37.19 -44.32 9.25
C ASN E 109 37.42 -42.83 9.04
N LEU E 110 36.67 -42.03 9.78
CA LEU E 110 36.78 -40.57 9.70
C LEU E 110 38.15 -40.02 10.10
N ALA E 111 38.79 -40.60 11.11
CA ALA E 111 40.11 -40.11 11.49
C ALA E 111 41.09 -40.11 10.33
N SER E 112 41.15 -41.22 9.59
CA SER E 112 42.07 -41.29 8.46
C SER E 112 41.59 -40.49 7.26
N ALA E 113 40.29 -40.23 7.15
CA ALA E 113 39.82 -39.37 6.07
C ALA E 113 40.31 -37.94 6.26
N ARG E 114 40.29 -37.47 7.50
CA ARG E 114 40.78 -36.13 7.81
C ARG E 114 42.27 -35.99 7.53
N LEU E 115 43.07 -36.93 8.04
CA LEU E 115 44.51 -36.91 7.79
C LEU E 115 44.87 -36.94 6.30
N ILE E 116 44.20 -37.76 5.49
CA ILE E 116 44.50 -37.80 4.06
C ILE E 116 44.16 -36.49 3.36
N THR E 117 43.00 -35.90 3.64
CA THR E 117 42.58 -34.67 2.98
C THR E 117 43.12 -33.40 3.63
N GLY E 118 43.45 -33.43 4.90
CA GLY E 118 43.96 -32.25 5.57
C GLY E 118 42.95 -31.26 6.06
N ARG E 119 41.66 -31.59 6.03
CA ARG E 119 40.64 -30.67 6.50
C ARG E 119 39.95 -31.21 7.75
N PRO E 120 39.66 -30.37 8.73
CA PRO E 120 38.95 -30.84 9.92
C PRO E 120 37.44 -30.84 9.73
N ASP E 121 36.98 -31.32 8.59
CA ASP E 121 35.57 -31.37 8.21
C ASP E 121 34.88 -32.65 8.68
N ASN E 122 33.57 -32.74 8.41
CA ASN E 122 32.67 -33.87 8.68
C ASN E 122 32.02 -34.34 7.39
N PRO E 123 31.67 -35.61 7.30
CA PRO E 123 31.12 -36.14 6.04
C PRO E 123 29.85 -35.48 5.53
N HIS E 124 29.93 -35.01 4.28
CA HIS E 124 28.83 -34.45 3.54
C HIS E 124 27.99 -35.63 3.08
N LEU E 125 26.67 -35.49 3.00
CA LEU E 125 25.81 -36.60 2.63
C LEU E 125 25.42 -36.48 1.15
N VAL E 126 25.76 -37.50 0.34
CA VAL E 126 25.54 -37.49 -1.11
C VAL E 126 24.71 -38.65 -1.64
N ARG E 127 23.91 -38.35 -2.67
CA ARG E 127 23.05 -39.34 -3.33
C ARG E 127 23.87 -40.48 -3.93
N SER E 128 23.54 -41.72 -3.53
CA SER E 128 24.27 -42.92 -3.95
C SER E 128 24.38 -43.11 -5.47
N SER E 129 23.38 -42.71 -6.24
CA SER E 129 23.45 -42.85 -7.69
C SER E 129 24.55 -42.00 -8.34
N GLN E 130 24.98 -40.94 -7.68
CA GLN E 130 26.07 -40.09 -8.17
C GLN E 130 27.44 -40.69 -7.89
N ILE E 131 27.60 -41.30 -6.72
CA ILE E 131 28.86 -41.95 -6.33
C ILE E 131 29.28 -43.07 -7.28
N ALA E 132 28.32 -43.74 -7.91
CA ALA E 132 28.58 -44.78 -8.89
C ALA E 132 29.17 -44.28 -10.21
N THR E 133 29.16 -42.98 -10.46
CA THR E 133 29.67 -42.39 -11.69
C THR E 133 31.13 -41.95 -11.61
N MET E 134 31.77 -42.02 -10.44
CA MET E 134 33.16 -41.61 -10.25
C MET E 134 34.09 -42.81 -10.12
N PRO E 135 35.28 -42.79 -10.74
CA PRO E 135 36.20 -43.92 -10.63
C PRO E 135 36.60 -44.22 -9.19
N ARG E 136 36.97 -45.47 -8.93
CA ARG E 136 37.34 -45.95 -7.60
C ARG E 136 38.83 -46.25 -7.42
N GLY E 137 39.13 -46.78 -6.23
CA GLY E 137 40.45 -47.20 -5.81
C GLY E 137 40.36 -48.12 -4.61
N PRO E 138 41.44 -48.80 -4.26
CA PRO E 138 41.42 -49.70 -3.11
C PRO E 138 41.22 -48.95 -1.80
N LEU E 139 41.08 -49.71 -0.70
CA LEU E 139 40.87 -49.11 0.61
C LEU E 139 42.08 -48.31 1.12
N VAL E 140 41.81 -47.28 1.93
CA VAL E 140 42.85 -46.41 2.48
C VAL E 140 42.60 -46.05 3.94
N GLY E 141 43.68 -45.78 4.67
CA GLY E 141 43.62 -45.38 6.07
C GLY E 141 44.36 -46.28 7.05
N ILE E 142 44.09 -46.04 8.33
CA ILE E 142 44.61 -46.78 9.47
C ILE E 142 43.49 -47.64 10.03
N PRO E 143 43.65 -48.96 10.16
CA PRO E 143 42.56 -49.78 10.68
C PRO E 143 42.33 -49.61 12.17
N GLY E 144 41.07 -49.46 12.58
CA GLY E 144 40.70 -49.32 13.98
C GLY E 144 40.83 -47.95 14.63
N ALA E 145 41.30 -46.94 13.92
CA ALA E 145 41.39 -45.58 14.45
C ALA E 145 40.02 -45.02 14.85
N PRO E 146 40.01 -43.97 15.68
CA PRO E 146 38.75 -43.42 16.19
C PRO E 146 37.87 -42.88 15.07
N SER E 147 36.55 -42.91 15.29
CA SER E 147 35.54 -42.48 14.35
C SER E 147 34.76 -41.23 14.74
N SER E 148 35.11 -40.55 15.83
CA SER E 148 34.41 -39.34 16.22
C SER E 148 35.34 -38.45 17.03
N PHE E 149 35.28 -37.14 16.76
CA PHE E 149 36.04 -36.16 17.51
C PHE E 149 35.18 -35.04 18.06
N SER E 150 35.32 -34.79 19.36
CA SER E 150 34.60 -33.72 20.05
C SER E 150 35.43 -33.32 21.26
N PRO E 151 36.43 -32.46 21.06
CA PRO E 151 37.31 -32.10 22.17
C PRO E 151 36.59 -31.40 23.30
N LYS E 152 36.96 -31.77 24.52
CA LYS E 152 36.39 -31.20 25.74
C LYS E 152 37.52 -30.83 26.70
N SER E 153 37.26 -29.80 27.50
CA SER E 153 38.24 -29.26 28.44
C SER E 153 37.56 -28.84 29.74
N PRO E 154 37.68 -29.66 30.79
CA PRO E 154 37.06 -29.35 32.05
C PRO E 154 37.85 -28.35 32.87
N PRO E 155 37.26 -27.84 33.96
CA PRO E 155 37.96 -26.87 34.80
C PRO E 155 39.08 -27.48 35.65
N ALA E 156 39.01 -28.77 35.94
CA ALA E 156 40.01 -29.47 36.75
C ALA E 156 40.12 -30.89 36.24
N SER E 157 41.30 -31.49 36.42
CA SER E 157 41.58 -32.86 35.98
C SER E 157 41.65 -33.84 37.15
N SER E 158 40.87 -34.93 37.06
CA SER E 158 40.67 -35.87 38.14
C SER E 158 40.81 -37.32 37.67
N TRP E 159 41.67 -38.10 38.33
CA TRP E 159 41.86 -39.51 37.98
C TRP E 159 41.89 -40.36 39.24
N LEU E 160 41.30 -41.56 39.20
CA LEU E 160 41.40 -42.55 40.28
C LEU E 160 41.75 -43.94 39.78
N VAL E 161 42.60 -44.64 40.53
CA VAL E 161 42.87 -46.07 40.34
C VAL E 161 42.32 -46.83 41.53
N CYS E 162 41.44 -47.81 41.28
CA CYS E 162 40.70 -48.47 42.34
C CYS E 162 40.95 -49.98 42.39
N ASP E 163 40.84 -50.52 43.59
CA ASP E 163 40.90 -51.95 43.87
C ASP E 163 39.62 -52.43 44.55
N THR E 164 39.30 -53.71 44.37
CA THR E 164 38.05 -54.28 44.89
C THR E 164 38.24 -55.78 45.04
N VAL E 165 38.19 -56.26 46.28
CA VAL E 165 38.59 -57.63 46.61
C VAL E 165 37.35 -58.48 46.90
N ALA E 166 37.32 -59.68 46.30
CA ALA E 166 36.26 -60.66 46.41
C ALA E 166 36.27 -61.40 47.74
N THR E 167 35.22 -62.19 47.96
CA THR E 167 35.04 -62.98 49.18
C THR E 167 36.17 -64.00 49.37
N GLN E 175 40.16 -64.38 47.44
CA GLN E 175 40.83 -64.70 46.19
C GLN E 175 40.23 -63.91 45.02
N GLY E 176 41.09 -63.20 44.29
CA GLY E 176 40.73 -62.38 43.13
C GLY E 176 40.34 -60.95 43.46
N VAL E 177 40.72 -60.05 42.54
CA VAL E 177 40.49 -58.61 42.61
C VAL E 177 40.07 -58.12 41.24
N THR E 178 39.48 -56.93 41.19
CA THR E 178 39.36 -56.19 39.94
C THR E 178 39.92 -54.79 40.07
N VAL E 179 40.55 -54.31 38.99
CA VAL E 179 41.11 -52.98 38.89
C VAL E 179 40.21 -52.10 38.02
N THR E 180 39.88 -50.92 38.50
CA THR E 180 39.07 -49.95 37.77
C THR E 180 39.84 -48.65 37.62
N VAL E 181 39.70 -48.01 36.46
CA VAL E 181 40.20 -46.66 36.21
C VAL E 181 39.00 -45.72 36.11
N ILE E 182 39.03 -44.63 36.86
CA ILE E 182 38.00 -43.59 36.81
C ILE E 182 38.61 -42.29 36.31
N ASP E 183 37.91 -41.65 35.38
CA ASP E 183 38.29 -40.34 34.85
C ASP E 183 37.10 -39.42 35.10
N GLY E 184 37.30 -38.41 35.93
CA GLY E 184 36.23 -37.48 36.31
C GLY E 184 36.13 -37.36 37.81
N THR E 185 35.22 -36.50 38.25
CA THR E 185 35.06 -36.30 39.69
C THR E 185 34.39 -37.48 40.37
N PRO E 186 34.91 -37.95 41.50
CA PRO E 186 34.31 -39.10 42.19
C PRO E 186 33.06 -38.71 42.95
N ASP E 187 32.28 -39.73 43.30
CA ASP E 187 31.08 -39.56 44.12
C ASP E 187 31.39 -40.06 45.53
N LEU E 188 31.61 -39.13 46.46
CA LEU E 188 31.92 -39.43 47.86
C LEU E 188 30.69 -39.58 48.76
N THR E 189 29.48 -39.54 48.20
CA THR E 189 28.28 -39.74 49.00
C THR E 189 28.15 -41.18 49.45
N GLY E 190 27.24 -41.41 50.37
CA GLY E 190 27.02 -42.71 50.97
C GLY E 190 27.97 -42.95 52.12
N HIS E 191 28.31 -44.20 52.39
CA HIS E 191 29.21 -44.49 53.49
C HIS E 191 30.68 -44.30 53.14
N ARG E 192 30.99 -43.95 51.90
CA ARG E 192 32.35 -43.71 51.45
C ARG E 192 32.95 -42.53 52.21
N GLN E 193 34.26 -42.56 52.40
CA GLN E 193 34.93 -41.51 53.13
C GLN E 193 36.39 -41.42 52.72
N ILE E 194 36.97 -40.22 52.91
CA ILE E 194 38.41 -40.05 52.86
C ILE E 194 39.07 -40.66 54.09
N LEU E 195 40.22 -41.28 53.87
CA LEU E 195 41.01 -41.94 54.89
C LEU E 195 41.86 -40.97 55.71
N SER E 196 41.27 -39.91 56.20
CA SER E 196 41.95 -38.89 56.98
C SER E 196 42.10 -39.32 58.45
N GLY E 197 42.86 -38.51 59.19
CA GLY E 197 43.10 -38.76 60.61
C GLY E 197 43.87 -40.04 60.92
N SER E 198 43.40 -40.76 61.94
CA SER E 198 44.00 -42.01 62.37
C SER E 198 43.52 -43.24 61.60
N ASP E 199 42.67 -43.06 60.60
CA ASP E 199 42.17 -44.18 59.82
C ASP E 199 43.31 -44.89 59.09
N ALA E 200 43.14 -46.20 58.87
CA ALA E 200 44.16 -46.98 58.19
C ALA E 200 43.52 -48.24 57.64
N VAL E 201 44.27 -48.94 56.78
CA VAL E 201 43.90 -50.27 56.28
C VAL E 201 45.17 -51.07 56.01
N VAL E 202 45.09 -52.39 56.10
CA VAL E 202 46.24 -53.28 55.92
C VAL E 202 46.00 -54.28 54.79
N LEU E 203 47.00 -54.44 53.91
CA LEU E 203 46.93 -55.31 52.74
C LEU E 203 48.27 -56.03 52.54
N ARG E 204 48.23 -57.12 51.77
CA ARG E 204 49.39 -57.97 51.48
C ARG E 204 49.92 -57.84 50.06
N TYR E 205 51.24 -57.84 49.90
CA TYR E 205 51.87 -57.88 48.57
C TYR E 205 53.25 -58.50 48.67
N GLY E 206 53.47 -59.58 47.92
CA GLY E 206 54.75 -60.27 47.95
C GLY E 206 55.10 -60.84 49.30
N GLY E 207 54.10 -61.18 50.10
CA GLY E 207 54.27 -61.72 51.42
C GLY E 207 54.32 -60.67 52.52
N ASP E 208 54.79 -59.47 52.19
CA ASP E 208 54.86 -58.39 53.16
C ASP E 208 53.49 -57.76 53.40
N ALA E 209 53.32 -57.19 54.59
CA ALA E 209 52.09 -56.48 54.95
C ALA E 209 52.39 -54.99 54.90
N TRP E 210 51.47 -54.21 54.34
CA TRP E 210 51.64 -52.77 54.19
C TRP E 210 50.46 -52.04 54.81
N VAL E 211 50.76 -51.00 55.59
CA VAL E 211 49.76 -50.17 56.26
C VAL E 211 49.56 -48.90 55.46
N ILE E 212 48.32 -48.60 55.07
CA ILE E 212 48.01 -47.42 54.29
C ILE E 212 47.51 -46.31 55.19
N ARG E 213 48.22 -45.18 55.24
CA ARG E 213 47.77 -44.06 56.04
C ARG E 213 48.48 -42.79 55.59
N GLU E 214 47.82 -41.67 55.86
CA GLU E 214 48.27 -40.32 55.54
C GLU E 214 48.85 -40.26 54.13
N GLY E 215 48.20 -40.94 53.20
CA GLY E 215 48.58 -40.97 51.80
C GLY E 215 49.78 -41.79 51.39
N ARG E 216 50.36 -42.62 52.26
CA ARG E 216 51.53 -43.40 51.86
C ARG E 216 51.37 -44.82 52.36
N ARG E 217 52.14 -45.75 51.80
CA ARG E 217 52.16 -47.14 52.25
C ARG E 217 53.44 -47.41 53.03
N SER E 218 53.33 -48.06 54.20
CA SER E 218 54.49 -48.35 55.04
C SER E 218 54.48 -49.83 55.46
N ARG E 219 55.67 -50.45 55.45
CA ARG E 219 55.85 -51.86 55.78
C ARG E 219 55.90 -52.15 57.28
N ILE E 220 55.37 -53.33 57.66
CA ILE E 220 55.37 -53.81 59.04
C ILE E 220 55.47 -55.34 59.06
N GLU E 221 56.08 -55.89 60.12
CA GLU E 221 56.26 -57.34 60.25
C GLU E 221 55.50 -57.96 61.43
N PRO E 222 54.86 -59.13 61.20
CA PRO E 222 54.08 -59.79 62.26
C PRO E 222 54.89 -60.33 63.43
N THR E 223 56.21 -60.50 63.27
CA THR E 223 57.04 -61.02 64.35
C THR E 223 57.26 -59.98 65.45
N ASN E 224 57.36 -58.72 65.10
CA ASN E 224 57.63 -57.65 66.06
C ASN E 224 56.45 -57.30 66.95
N ARG E 225 56.36 -57.98 68.11
CA ARG E 225 55.29 -57.77 69.08
C ARG E 225 55.37 -56.41 69.76
N ALA E 226 56.57 -55.90 69.97
CA ALA E 226 56.78 -54.61 70.62
C ALA E 226 56.09 -53.45 69.89
N VAL E 227 56.06 -53.49 68.56
CA VAL E 227 55.41 -52.43 67.79
C VAL E 227 53.93 -52.69 67.56
N LEU E 228 53.55 -53.92 67.24
CA LEU E 228 52.15 -54.25 66.98
C LEU E 228 51.23 -53.91 68.15
N LEU E 229 51.62 -54.27 69.37
CA LEU E 229 50.77 -54.05 70.54
C LEU E 229 50.49 -52.60 70.90
N PRO E 230 51.48 -51.71 71.09
CA PRO E 230 51.16 -50.32 71.43
C PRO E 230 50.44 -49.59 70.33
N LEU E 231 50.65 -50.00 69.09
CA LEU E 231 50.04 -49.37 67.94
C LEU E 231 48.56 -49.73 67.84
N GLY E 232 48.17 -50.89 68.36
CA GLY E 232 46.80 -51.36 68.34
C GLY E 232 46.50 -52.48 67.35
N LEU E 233 47.52 -53.14 66.83
CA LEU E 233 47.40 -54.22 65.87
C LEU E 233 47.54 -55.56 66.58
N THR E 234 47.17 -56.64 65.88
CA THR E 234 47.23 -57.99 66.42
C THR E 234 47.94 -58.91 65.43
N PRO E 235 48.84 -59.78 65.90
CA PRO E 235 49.55 -60.66 64.98
C PRO E 235 48.66 -61.47 64.04
N GLU E 236 47.50 -61.91 64.50
CA GLU E 236 46.58 -62.66 63.63
C GLU E 236 45.97 -61.75 62.58
N GLN E 237 45.47 -60.61 63.02
CA GLN E 237 44.85 -59.60 62.16
C GLN E 237 45.75 -59.21 60.97
N VAL E 238 47.05 -59.06 61.23
CA VAL E 238 48.01 -58.75 60.17
C VAL E 238 48.19 -59.93 59.22
N SER E 239 48.28 -61.13 59.74
CA SER E 239 48.46 -62.32 58.90
C SER E 239 47.26 -62.61 58.00
N GLN E 240 46.06 -62.23 58.40
CA GLN E 240 44.84 -62.46 57.63
C GLN E 240 44.46 -61.32 56.68
N ALA E 241 45.34 -60.34 56.48
CA ALA E 241 45.09 -59.24 55.57
C ALA E 241 44.89 -59.73 54.13
N ARG E 242 44.05 -59.01 53.37
CA ARG E 242 43.70 -59.36 51.99
C ARG E 242 44.78 -58.93 50.98
N PRO E 243 44.72 -59.48 49.77
CA PRO E 243 45.67 -59.09 48.72
C PRO E 243 45.57 -57.64 48.24
N MET E 244 46.66 -57.20 47.61
CA MET E 244 46.76 -55.88 47.02
C MET E 244 47.06 -56.03 45.53
N SER E 245 46.36 -55.28 44.69
CA SER E 245 46.60 -55.32 43.25
C SER E 245 47.93 -54.68 42.86
N ARG E 246 48.57 -55.21 41.81
CA ARG E 246 49.81 -54.60 41.31
C ARG E 246 49.59 -53.14 40.89
N ALA E 247 48.44 -52.85 40.30
CA ALA E 247 48.08 -51.50 39.86
C ALA E 247 48.07 -50.48 40.99
N LEU E 248 47.47 -50.82 42.13
CA LEU E 248 47.45 -49.94 43.30
C LEU E 248 48.78 -49.95 44.06
N PHE E 249 49.52 -51.03 43.99
CA PHE E 249 50.82 -51.10 44.66
C PHE E 249 51.78 -50.08 44.07
N ASP E 250 51.78 -49.94 42.74
CA ASP E 250 52.63 -48.94 42.09
C ASP E 250 52.14 -47.52 42.29
N ALA E 251 50.84 -47.30 42.40
CA ALA E 251 50.30 -45.95 42.54
C ALA E 251 50.59 -45.29 43.88
N LEU E 252 50.57 -46.03 44.98
CA LEU E 252 50.80 -45.40 46.29
C LEU E 252 52.27 -45.12 46.58
N PRO E 253 52.62 -43.90 47.02
CA PRO E 253 54.01 -43.59 47.36
C PRO E 253 54.45 -44.33 48.62
N VAL E 254 55.75 -44.62 48.68
CA VAL E 254 56.35 -45.36 49.79
C VAL E 254 56.78 -44.45 50.94
N GLY E 255 56.37 -44.82 52.16
CA GLY E 255 56.72 -44.14 53.39
C GLY E 255 57.71 -44.93 54.23
N PRO E 256 58.28 -44.29 55.27
CA PRO E 256 59.23 -44.97 56.14
C PRO E 256 58.61 -46.17 56.89
N GLU E 257 59.47 -47.16 57.13
CA GLU E 257 59.09 -48.42 57.76
C GLU E 257 58.78 -48.29 59.26
N LEU E 258 57.77 -49.04 59.71
CA LEU E 258 57.32 -49.09 61.10
C LEU E 258 58.15 -50.11 61.88
N LEU E 259 59.18 -49.65 62.57
CA LEU E 259 60.08 -50.50 63.35
C LEU E 259 60.49 -49.79 64.63
N VAL E 260 61.09 -50.54 65.54
CA VAL E 260 61.57 -49.95 66.80
C VAL E 260 62.69 -48.96 66.52
N PRO E 261 62.63 -47.74 67.06
CA PRO E 261 63.69 -46.75 66.83
C PRO E 261 65.07 -47.27 67.19
N GLU E 262 66.06 -46.98 66.34
CA GLU E 262 67.45 -47.42 66.52
C GLU E 262 68.28 -46.35 67.23
N VAL E 263 68.22 -46.34 68.56
CA VAL E 263 68.99 -45.34 69.34
C VAL E 263 70.49 -45.64 69.22
N PRO E 264 71.32 -44.67 68.82
CA PRO E 264 72.75 -44.92 68.65
C PRO E 264 73.57 -45.03 69.93
N ASN E 265 74.65 -45.81 69.81
CA ASN E 265 75.66 -45.99 70.87
C ASN E 265 75.06 -46.36 72.24
N ALA E 266 73.93 -47.04 72.21
CA ALA E 266 73.19 -47.43 73.42
C ALA E 266 74.08 -48.12 74.47
N GLY E 267 73.72 -47.89 75.75
CA GLY E 267 74.39 -48.47 76.89
C GLY E 267 75.64 -47.80 77.43
N GLY E 268 76.32 -46.96 76.67
CA GLY E 268 77.50 -46.31 77.19
C GLY E 268 77.19 -45.18 78.15
N PRO E 269 78.24 -44.67 78.79
CA PRO E 269 78.08 -43.56 79.73
C PRO E 269 77.81 -42.25 79.01
N ALA E 270 77.13 -41.34 79.72
CA ALA E 270 76.82 -40.03 79.18
C ALA E 270 77.99 -39.06 79.30
N THR E 271 78.04 -38.12 78.35
CA THR E 271 79.07 -37.09 78.30
C THR E 271 78.82 -35.98 79.32
N PHE E 272 77.57 -35.56 79.46
CA PHE E 272 77.16 -34.49 80.36
C PHE E 272 77.02 -34.98 81.81
N PRO E 273 77.20 -34.08 82.77
CA PRO E 273 77.10 -34.45 84.18
C PRO E 273 75.67 -34.59 84.68
N GLY E 274 75.51 -35.46 85.68
CA GLY E 274 74.24 -35.68 86.35
C GLY E 274 73.23 -36.51 85.57
N ALA E 275 73.64 -37.17 84.50
CA ALA E 275 72.73 -37.99 83.72
C ALA E 275 72.02 -39.04 84.59
N PRO E 276 70.68 -39.14 84.52
CA PRO E 276 69.95 -40.11 85.35
C PRO E 276 70.21 -41.58 85.04
N GLY E 277 70.86 -41.91 83.93
CA GLY E 277 71.13 -43.31 83.62
C GLY E 277 71.93 -43.46 82.35
N PRO E 278 72.24 -44.71 81.99
CA PRO E 278 73.01 -44.94 80.76
C PRO E 278 72.23 -44.52 79.51
N ILE E 279 73.00 -44.26 78.46
CA ILE E 279 72.45 -43.83 77.17
C ILE E 279 71.42 -44.83 76.66
N GLY E 280 70.25 -44.30 76.31
CA GLY E 280 69.13 -45.10 75.83
C GLY E 280 68.04 -45.38 76.84
N THR E 281 68.18 -44.92 78.09
CA THR E 281 67.15 -45.11 79.09
C THR E 281 66.04 -44.08 78.96
N VAL E 282 64.84 -44.44 79.42
CA VAL E 282 63.65 -43.59 79.34
C VAL E 282 63.44 -42.89 80.68
N ILE E 283 63.21 -41.58 80.63
CA ILE E 283 63.02 -40.74 81.80
C ILE E 283 61.63 -40.13 81.76
N VAL E 284 61.04 -39.92 82.95
CA VAL E 284 59.73 -39.27 83.04
C VAL E 284 59.72 -38.42 84.30
N THR E 285 58.77 -37.45 84.34
CA THR E 285 58.65 -36.53 85.47
C THR E 285 57.32 -36.76 86.21
N PRO E 286 57.29 -36.55 87.54
CA PRO E 286 56.11 -36.90 88.34
C PRO E 286 54.83 -36.12 88.06
N GLN E 287 53.73 -36.88 87.98
CA GLN E 287 52.38 -36.39 87.68
C GLN E 287 51.90 -35.26 88.59
N ILE E 288 52.37 -35.22 89.84
CA ILE E 288 51.96 -34.16 90.78
C ILE E 288 52.45 -32.79 90.38
N SER E 289 53.39 -32.71 89.46
CA SER E 289 53.93 -31.44 88.99
C SER E 289 53.25 -30.93 87.73
N GLY E 290 52.47 -31.77 87.05
CA GLY E 290 51.80 -31.40 85.82
C GLY E 290 51.79 -32.55 84.84
N PRO E 291 51.08 -32.40 83.71
CA PRO E 291 51.03 -33.47 82.72
C PRO E 291 52.42 -34.00 82.35
N GLN E 292 52.54 -35.32 82.37
CA GLN E 292 53.83 -36.00 82.18
C GLN E 292 54.43 -35.88 80.77
N GLN E 293 55.72 -35.55 80.73
CA GLN E 293 56.51 -35.41 79.50
C GLN E 293 57.64 -36.45 79.51
N TYR E 294 57.58 -37.44 78.61
CA TYR E 294 58.62 -38.45 78.53
C TYR E 294 59.84 -37.92 77.75
N SER E 295 61.01 -38.51 78.00
CA SER E 295 62.22 -38.11 77.29
C SER E 295 63.23 -39.25 77.24
N LEU E 296 64.19 -39.14 76.33
CA LEU E 296 65.26 -40.12 76.11
C LEU E 296 66.60 -39.47 76.37
N VAL E 297 67.48 -40.13 77.13
CA VAL E 297 68.81 -39.62 77.42
C VAL E 297 69.85 -40.15 76.44
N LEU E 298 70.30 -39.29 75.54
CA LEU E 298 71.35 -39.57 74.57
C LEU E 298 72.71 -39.24 75.18
N GLY E 299 73.76 -39.42 74.38
CA GLY E 299 75.11 -39.20 74.87
C GLY E 299 75.39 -37.76 75.29
N ASP E 300 74.94 -36.78 74.50
CA ASP E 300 75.24 -35.37 74.79
C ASP E 300 74.06 -34.58 75.36
N GLY E 301 72.91 -35.21 75.59
CA GLY E 301 71.78 -34.49 76.13
C GLY E 301 70.52 -35.32 76.00
N VAL E 302 69.39 -34.71 76.39
CA VAL E 302 68.10 -35.38 76.35
C VAL E 302 67.21 -34.88 75.21
N GLN E 303 66.56 -35.83 74.55
CA GLN E 303 65.63 -35.59 73.45
C GLN E 303 64.22 -35.94 73.92
N THR E 304 63.25 -35.06 73.67
CA THR E 304 61.87 -35.33 74.08
C THR E 304 61.28 -36.48 73.25
N LEU E 305 60.29 -37.17 73.84
CA LEU E 305 59.60 -38.27 73.17
C LEU E 305 58.09 -38.10 73.16
N PRO E 306 57.41 -38.45 72.07
CA PRO E 306 55.95 -38.43 72.09
C PRO E 306 55.42 -39.59 72.92
N PRO E 307 54.24 -39.46 73.50
CA PRO E 307 53.70 -40.53 74.34
C PRO E 307 53.65 -41.92 73.70
N LEU E 308 53.31 -42.01 72.42
CA LEU E 308 53.22 -43.30 71.72
C LEU E 308 54.58 -43.96 71.46
N VAL E 309 55.65 -43.19 71.25
CA VAL E 309 56.97 -43.80 71.02
C VAL E 309 57.58 -44.30 72.32
N ALA E 310 57.40 -43.57 73.41
CA ALA E 310 57.92 -43.98 74.71
C ALA E 310 57.46 -45.39 75.07
N GLN E 311 56.20 -45.69 74.80
CA GLN E 311 55.65 -47.02 75.05
C GLN E 311 56.36 -48.09 74.21
N ILE E 312 56.66 -47.79 72.95
CA ILE E 312 57.36 -48.74 72.09
C ILE E 312 58.79 -48.97 72.57
N LEU E 313 59.50 -47.90 72.96
CA LEU E 313 60.86 -48.04 73.48
C LEU E 313 60.91 -48.88 74.75
N GLN E 314 59.99 -48.65 75.69
CA GLN E 314 59.95 -49.45 76.92
C GLN E 314 59.66 -50.92 76.62
N ASN E 315 58.67 -51.19 75.80
CA ASN E 315 58.27 -52.55 75.45
C ASN E 315 59.42 -53.29 74.75
N ALA E 316 60.07 -52.64 73.80
CA ALA E 316 61.17 -53.26 73.06
C ALA E 316 62.45 -53.35 73.90
N GLY E 317 62.85 -52.25 74.54
CA GLY E 317 64.04 -52.22 75.36
C GLY E 317 63.87 -52.71 76.79
N SER E 318 62.76 -53.40 77.05
CA SER E 318 62.39 -53.89 78.37
C SER E 318 63.48 -54.75 79.03
N ALA E 319 63.82 -55.88 78.42
CA ALA E 319 64.77 -56.83 78.99
C ALA E 319 64.38 -57.17 80.43
N GLY E 320 63.07 -57.12 80.67
CA GLY E 320 62.45 -57.35 81.96
C GLY E 320 61.93 -56.09 82.65
N ASN E 321 62.48 -54.93 82.31
CA ASN E 321 61.99 -53.68 82.91
C ASN E 321 60.63 -53.28 82.39
N THR E 322 59.77 -52.78 83.28
CA THR E 322 58.43 -52.38 82.89
C THR E 322 58.12 -50.90 83.03
N LYS E 323 58.97 -50.11 83.69
CA LYS E 323 58.66 -48.71 83.89
C LYS E 323 59.87 -47.77 83.80
N PRO E 324 59.62 -46.51 83.48
CA PRO E 324 60.70 -45.52 83.41
C PRO E 324 61.09 -44.95 84.77
N LEU E 325 62.20 -44.23 84.78
CA LEU E 325 62.72 -43.57 85.98
C LEU E 325 62.02 -42.22 86.20
N THR E 326 61.44 -42.02 87.37
CA THR E 326 60.77 -40.75 87.71
C THR E 326 61.76 -39.74 88.29
N VAL E 327 61.91 -38.56 87.65
CA VAL E 327 62.85 -37.55 88.13
C VAL E 327 62.18 -36.20 88.30
N GLU E 328 62.64 -35.47 89.30
CA GLU E 328 62.14 -34.15 89.68
C GLU E 328 62.45 -33.06 88.65
N PRO E 329 61.54 -32.12 88.43
CA PRO E 329 61.79 -31.01 87.48
C PRO E 329 63.10 -30.25 87.68
N SER E 330 63.46 -29.96 88.93
CA SER E 330 64.67 -29.22 89.26
C SER E 330 65.96 -29.94 88.85
N THR E 331 65.94 -31.26 88.70
CA THR E 331 67.12 -31.94 88.20
C THR E 331 67.11 -31.98 86.67
N LEU E 332 65.92 -32.01 86.08
CA LEU E 332 65.77 -32.01 84.62
C LEU E 332 66.28 -30.70 84.01
N ALA E 333 65.95 -29.58 84.63
CA ALA E 333 66.34 -28.25 84.17
C ALA E 333 67.84 -28.08 83.98
N LYS E 334 68.65 -28.91 84.61
CA LYS E 334 70.10 -28.82 84.45
C LYS E 334 70.61 -29.52 83.20
N MET E 335 69.90 -30.51 82.71
CA MET E 335 70.36 -31.28 81.55
C MET E 335 70.18 -30.53 80.23
N PRO E 336 71.18 -30.57 79.35
CA PRO E 336 71.09 -29.93 78.05
C PRO E 336 70.15 -30.69 77.12
N VAL E 337 69.53 -29.95 76.21
CA VAL E 337 68.62 -30.49 75.22
C VAL E 337 69.37 -30.78 73.93
N VAL E 338 69.06 -31.92 73.33
CA VAL E 338 69.68 -32.40 72.11
C VAL E 338 68.62 -33.03 71.21
N ASN E 339 68.87 -33.02 69.90
CA ASN E 339 67.98 -33.60 68.90
C ASN E 339 68.76 -34.40 67.87
N ARG E 340 68.66 -35.73 67.96
CA ARG E 340 69.38 -36.61 67.05
C ARG E 340 68.55 -37.79 66.52
N LEU E 341 67.24 -37.85 66.77
CA LEU E 341 66.39 -38.92 66.25
C LEU E 341 65.17 -38.34 65.54
N ASP E 342 64.73 -39.04 64.47
CA ASP E 342 63.61 -38.59 63.64
C ASP E 342 62.25 -38.75 64.32
N LEU E 343 61.84 -39.99 64.61
CA LEU E 343 60.55 -40.26 65.27
C LEU E 343 59.35 -39.58 64.60
N SER E 344 59.44 -39.21 63.33
CA SER E 344 58.33 -38.57 62.63
C SER E 344 57.34 -39.56 62.02
N ALA E 345 57.80 -40.77 61.74
CA ALA E 345 56.98 -41.81 61.12
C ALA E 345 55.80 -42.27 61.97
N TYR E 346 55.99 -42.45 63.26
CA TYR E 346 54.93 -42.95 64.14
C TYR E 346 53.82 -41.95 64.43
N PRO E 347 52.57 -42.41 64.45
CA PRO E 347 51.44 -41.54 64.79
C PRO E 347 51.48 -41.20 66.26
N ASP E 348 50.67 -40.22 66.66
CA ASP E 348 50.62 -39.83 68.06
C ASP E 348 49.49 -40.48 68.85
N ASN E 349 48.72 -41.40 68.26
CA ASN E 349 47.63 -42.08 68.95
C ASN E 349 47.34 -43.39 68.22
N PRO E 350 46.58 -44.30 68.85
CA PRO E 350 46.30 -45.60 68.22
C PRO E 350 45.63 -45.55 66.85
N LEU E 351 45.95 -46.56 66.02
CA LEU E 351 45.40 -46.70 64.67
C LEU E 351 43.96 -47.19 64.66
N GLU E 352 43.11 -46.50 63.91
CA GLU E 352 41.69 -46.85 63.73
C GLU E 352 41.52 -47.78 62.51
N VAL E 353 42.05 -48.99 62.63
CA VAL E 353 42.03 -49.92 61.49
C VAL E 353 40.62 -50.26 61.03
N VAL E 354 40.37 -50.02 59.74
CA VAL E 354 39.10 -50.29 59.08
C VAL E 354 38.91 -51.78 58.87
N ASP E 355 37.71 -52.28 59.15
CA ASP E 355 37.35 -53.68 58.96
C ASP E 355 37.09 -53.92 57.47
N ILE E 356 38.07 -54.56 56.82
CA ILE E 356 38.06 -54.83 55.37
C ILE E 356 36.87 -55.65 54.91
N ARG E 357 36.24 -56.42 55.79
CA ARG E 357 35.04 -57.17 55.43
C ARG E 357 33.88 -56.25 55.10
N GLU E 358 33.76 -55.12 55.78
CA GLU E 358 32.69 -54.15 55.56
C GLU E 358 32.98 -53.18 54.42
N HIS E 359 34.23 -52.71 54.27
CA HIS E 359 34.65 -51.81 53.21
C HIS E 359 35.72 -52.47 52.34
N PRO E 360 35.30 -53.28 51.37
CA PRO E 360 36.22 -54.07 50.55
C PRO E 360 36.85 -53.33 49.37
N SER E 361 36.80 -52.01 49.33
CA SER E 361 37.38 -51.24 48.22
C SER E 361 38.15 -50.02 48.68
N THR E 362 39.31 -49.78 48.04
CA THR E 362 40.19 -48.65 48.30
C THR E 362 40.75 -48.11 47.00
N CYS E 363 40.86 -46.77 46.90
CA CYS E 363 41.32 -46.09 45.70
C CYS E 363 42.34 -45.00 46.02
N TRP E 364 43.30 -44.83 45.11
CA TRP E 364 44.19 -43.66 45.08
C TRP E 364 43.58 -42.60 44.17
N TRP E 365 43.53 -41.35 44.66
CA TRP E 365 42.92 -40.23 43.96
C TRP E 365 43.90 -39.07 43.77
N TRP E 366 44.05 -38.63 42.52
CA TRP E 366 44.88 -37.48 42.14
C TRP E 366 44.01 -36.43 41.47
N GLU E 367 44.19 -35.16 41.84
CA GLU E 367 43.47 -34.06 41.19
C GLU E 367 44.31 -32.79 41.17
N ARG E 368 44.12 -32.00 40.10
CA ARG E 368 44.79 -30.71 39.91
C ARG E 368 43.84 -29.70 39.30
N THR E 369 43.83 -28.49 39.85
CA THR E 369 42.99 -27.40 39.36
C THR E 369 43.79 -26.50 38.44
N ALA E 370 43.16 -26.03 37.36
CA ALA E 370 43.86 -25.13 36.46
C ALA E 370 44.28 -23.87 37.20
N GLY E 371 45.53 -23.46 37.00
CA GLY E 371 46.06 -22.30 37.68
C GLY E 371 46.66 -22.61 39.03
N GLU E 372 47.01 -23.86 39.30
CA GLU E 372 47.60 -24.26 40.57
C GLU E 372 48.97 -24.90 40.37
N ASN E 373 49.85 -24.65 41.33
CA ASN E 373 51.19 -25.21 41.29
C ASN E 373 51.25 -26.65 41.80
N ARG E 374 50.56 -26.94 42.89
CA ARG E 374 50.53 -28.26 43.52
C ARG E 374 49.34 -29.12 43.13
N ALA E 375 49.57 -30.44 43.09
CA ALA E 375 48.55 -31.43 42.83
C ALA E 375 48.24 -32.13 44.16
N ARG E 376 46.97 -32.41 44.39
CA ARG E 376 46.47 -32.98 45.65
C ARG E 376 46.27 -34.49 45.57
N VAL E 377 46.78 -35.23 46.56
CA VAL E 377 46.76 -36.69 46.60
C VAL E 377 46.11 -37.23 47.88
N ARG E 378 45.15 -38.16 47.72
CA ARG E 378 44.34 -38.68 48.82
C ARG E 378 44.04 -40.17 48.61
N VAL E 379 43.59 -40.85 49.67
CA VAL E 379 43.07 -42.22 49.60
C VAL E 379 41.61 -42.30 50.04
N VAL E 380 40.81 -43.09 49.32
CA VAL E 380 39.38 -43.24 49.56
C VAL E 380 39.04 -44.71 49.78
N SER E 381 38.11 -44.98 50.71
CA SER E 381 37.66 -46.34 51.01
C SER E 381 36.16 -46.38 51.27
N GLY E 382 35.52 -47.48 50.88
CA GLY E 382 34.08 -47.60 51.04
C GLY E 382 33.53 -48.95 50.63
N PRO E 383 32.20 -49.09 50.67
CA PRO E 383 31.60 -50.37 50.29
C PRO E 383 31.76 -50.72 48.83
N THR E 384 31.80 -49.71 47.96
CA THR E 384 31.92 -49.92 46.52
C THR E 384 32.64 -48.74 45.89
N ILE E 385 33.07 -48.95 44.65
CA ILE E 385 33.77 -47.98 43.82
C ILE E 385 33.06 -46.63 43.92
N PRO E 386 33.79 -45.52 43.95
CA PRO E 386 33.16 -44.21 44.15
C PRO E 386 32.41 -43.68 42.94
N VAL E 387 31.44 -44.44 42.44
CA VAL E 387 30.60 -44.06 41.32
C VAL E 387 29.15 -44.04 41.78
N ALA E 388 28.36 -43.12 41.23
CA ALA E 388 26.96 -43.01 41.61
C ALA E 388 26.19 -44.28 41.30
N ALA E 389 25.26 -44.61 42.19
CA ALA E 389 24.46 -45.83 42.09
C ALA E 389 23.69 -45.93 40.78
N THR E 390 23.25 -44.81 40.22
CA THR E 390 22.52 -44.85 38.95
C THR E 390 23.42 -45.14 37.76
N GLU E 391 24.65 -44.66 37.80
CA GLU E 391 25.64 -44.81 36.73
C GLU E 391 26.43 -46.11 36.80
N MET E 392 26.25 -46.90 37.85
CA MET E 392 26.97 -48.16 37.98
C MET E 392 26.73 -49.08 36.79
N ASN E 393 25.59 -48.93 36.11
CA ASN E 393 25.30 -49.76 34.95
C ASN E 393 26.13 -49.44 33.70
N LYS E 394 26.69 -48.24 33.58
CA LYS E 394 27.41 -47.87 32.36
C LYS E 394 28.92 -47.78 32.56
N VAL E 395 29.48 -48.68 33.36
CA VAL E 395 30.92 -48.99 33.36
C VAL E 395 31.23 -49.87 32.15
N VAL E 396 32.40 -49.68 31.54
CA VAL E 396 32.80 -50.45 30.36
C VAL E 396 33.75 -51.57 30.77
N SER E 397 33.51 -52.79 30.37
CA SER E 397 34.25 -53.97 30.57
C SER E 397 35.22 -54.22 29.43
N LEU E 398 36.53 -54.08 29.65
CA LEU E 398 37.53 -54.23 28.59
C LEU E 398 37.96 -55.66 28.29
N VAL E 399 38.40 -55.87 27.04
CA VAL E 399 39.04 -57.13 26.71
C VAL E 399 40.43 -57.06 27.37
N LYS E 400 41.05 -58.20 27.63
CA LYS E 400 42.35 -58.06 28.30
C LYS E 400 43.41 -58.96 27.69
N ALA E 401 43.94 -58.53 26.54
CA ALA E 401 44.99 -59.26 25.83
C ALA E 401 46.30 -59.31 26.61
N ASP E 402 46.67 -58.23 27.28
CA ASP E 402 47.89 -58.18 28.08
C ASP E 402 47.65 -58.79 29.45
N THR E 403 48.23 -59.97 29.67
CA THR E 403 48.12 -60.74 30.92
C THR E 403 49.19 -60.39 31.95
N SER E 404 50.02 -59.39 31.70
CA SER E 404 51.07 -59.04 32.66
C SER E 404 50.53 -58.35 33.91
N GLY E 405 49.24 -58.06 33.98
CA GLY E 405 48.69 -57.44 35.17
C GLY E 405 48.91 -55.96 35.33
N ARG E 406 49.08 -55.24 34.23
CA ARG E 406 49.27 -53.79 34.24
C ARG E 406 48.40 -53.15 33.17
N GLN E 407 47.16 -53.65 33.07
CA GLN E 407 46.11 -53.20 32.17
C GLN E 407 44.83 -53.43 32.96
N ALA E 408 43.98 -52.40 33.06
CA ALA E 408 42.79 -52.51 33.87
C ALA E 408 41.71 -53.42 33.29
N ASP E 409 40.80 -53.83 34.18
CA ASP E 409 39.65 -54.64 33.84
C ASP E 409 38.43 -53.82 33.42
N GLN E 410 38.25 -52.65 34.02
CA GLN E 410 37.09 -51.80 33.78
C GLN E 410 37.50 -50.33 33.71
N VAL E 411 36.73 -49.57 32.94
CA VAL E 411 36.96 -48.13 32.76
C VAL E 411 35.65 -47.39 32.91
N TYR E 412 35.68 -46.23 33.57
CA TYR E 412 34.51 -45.38 33.75
C TYR E 412 34.82 -43.92 33.47
N PHE E 413 34.03 -43.31 32.59
CA PHE E 413 34.15 -41.90 32.21
C PHE E 413 33.03 -41.10 32.87
N GLY E 414 33.34 -40.51 34.01
CA GLY E 414 32.37 -39.74 34.78
C GLY E 414 32.16 -38.33 34.26
N PRO E 415 31.52 -37.51 35.08
CA PRO E 415 31.32 -36.10 34.73
C PRO E 415 32.61 -35.30 34.67
N ASP E 416 32.68 -34.37 33.71
CA ASP E 416 33.87 -33.54 33.48
C ASP E 416 35.13 -34.35 33.17
N HIS E 417 35.00 -35.37 32.34
CA HIS E 417 36.14 -36.17 31.93
C HIS E 417 36.93 -35.39 30.86
N ALA E 418 38.15 -35.84 30.57
CA ALA E 418 39.02 -35.21 29.57
C ALA E 418 39.39 -36.19 28.46
N ASN E 419 39.15 -35.77 27.22
CA ASN E 419 39.45 -36.54 26.02
C ASN E 419 40.88 -36.41 25.52
N PHE E 420 41.38 -35.18 25.43
CA PHE E 420 42.71 -34.88 24.92
C PHE E 420 43.59 -34.55 26.12
N VAL E 421 44.66 -35.33 26.29
CA VAL E 421 45.49 -35.29 27.49
C VAL E 421 46.98 -35.24 27.20
N ALA E 422 47.74 -34.65 28.14
CA ALA E 422 49.20 -34.59 28.11
C ALA E 422 49.77 -35.29 29.35
N VAL E 423 50.65 -36.28 29.14
CA VAL E 423 51.21 -37.04 30.26
C VAL E 423 52.14 -36.19 31.12
N THR E 424 52.14 -36.45 32.43
CA THR E 424 52.95 -35.72 33.41
C THR E 424 53.49 -36.67 34.47
N GLY E 425 54.40 -36.16 35.30
CA GLY E 425 54.95 -36.96 36.38
C GLY E 425 53.92 -37.30 37.45
N ASN E 426 54.24 -38.33 38.24
CA ASN E 426 53.34 -38.80 39.30
C ASN E 426 53.41 -38.03 40.61
N ASN E 427 54.54 -37.43 40.97
CA ASN E 427 54.63 -36.71 42.22
C ASN E 427 53.73 -35.48 42.21
N PRO E 428 53.31 -35.00 43.39
CA PRO E 428 52.41 -33.85 43.46
C PRO E 428 53.00 -32.50 43.04
N GLY E 429 54.30 -32.40 42.73
CA GLY E 429 54.88 -31.13 42.35
C GLY E 429 55.42 -31.01 40.93
N ALA E 430 55.18 -32.03 40.12
CA ALA E 430 55.63 -32.07 38.73
C ALA E 430 54.99 -30.98 37.87
N GLN E 431 55.77 -30.46 36.91
CA GLN E 431 55.30 -29.38 36.02
C GLN E 431 55.46 -29.65 34.52
N THR E 432 56.13 -30.73 34.12
CA THR E 432 56.33 -31.03 32.71
C THR E 432 55.02 -31.40 32.01
N SER E 433 55.09 -31.43 30.66
CA SER E 433 53.99 -31.81 29.77
C SER E 433 54.69 -32.43 28.56
N GLU E 434 54.84 -33.76 28.61
CA GLU E 434 55.70 -34.49 27.69
C GLU E 434 55.12 -35.12 26.43
N SER E 435 53.87 -35.56 26.38
CA SER E 435 53.36 -36.14 25.13
C SER E 435 51.84 -36.06 25.09
N LEU E 436 51.28 -36.05 23.88
CA LEU E 436 49.85 -35.89 23.68
C LEU E 436 49.19 -37.20 23.29
N TRP E 437 48.00 -37.44 23.87
CA TRP E 437 47.19 -38.64 23.66
C TRP E 437 45.72 -38.28 23.48
N TRP E 438 44.97 -39.22 22.90
CA TRP E 438 43.52 -39.10 22.71
C TRP E 438 42.86 -40.36 23.29
N VAL E 439 41.87 -40.19 24.17
CA VAL E 439 41.18 -41.29 24.82
C VAL E 439 39.74 -41.39 24.33
N THR E 440 39.40 -42.52 23.70
CA THR E 440 38.07 -42.75 23.15
C THR E 440 37.07 -43.22 24.20
N ASP E 441 35.80 -43.09 23.83
CA ASP E 441 34.69 -43.49 24.69
C ASP E 441 34.74 -44.98 25.00
N ALA E 442 35.30 -45.79 24.08
CA ALA E 442 35.44 -47.23 24.26
C ALA E 442 36.62 -47.60 25.15
N GLY E 443 37.45 -46.67 25.58
CA GLY E 443 38.57 -46.93 26.48
C GLY E 443 39.97 -47.00 25.89
N ALA E 444 40.17 -47.18 24.59
CA ALA E 444 41.54 -47.23 24.10
C ALA E 444 42.13 -45.82 23.93
N ARG E 445 43.46 -45.73 24.07
CA ARG E 445 44.19 -44.46 23.91
C ARG E 445 45.08 -44.46 22.67
N PHE E 446 45.02 -43.38 21.89
CA PHE E 446 45.77 -43.23 20.65
C PHE E 446 46.75 -42.05 20.74
N GLY E 447 48.00 -42.24 20.31
CA GLY E 447 48.97 -41.15 20.32
C GLY E 447 48.81 -40.19 19.16
N VAL E 448 49.12 -38.91 19.39
CA VAL E 448 49.10 -37.85 18.37
C VAL E 448 50.49 -37.26 18.19
N GLU E 449 51.04 -37.32 16.98
CA GLU E 449 52.30 -36.61 16.71
C GLU E 449 52.01 -35.13 16.73
N ASP E 450 52.70 -34.37 17.56
CA ASP E 450 52.38 -32.95 17.77
C ASP E 450 52.88 -32.02 16.66
N SER E 451 52.84 -32.40 15.38
CA SER E 451 53.23 -31.47 14.34
C SER E 451 52.05 -30.56 13.98
N LYS E 452 52.37 -29.34 13.59
CA LYS E 452 51.33 -28.36 13.22
C LYS E 452 50.31 -28.93 12.24
N GLU E 453 50.74 -29.78 11.30
CA GLU E 453 49.82 -30.29 10.28
C GLU E 453 48.88 -31.35 10.82
N ALA E 454 49.33 -32.17 11.75
CA ALA E 454 48.48 -33.21 12.35
C ALA E 454 47.46 -32.61 13.29
N ARG E 455 47.89 -31.67 14.14
CA ARG E 455 46.99 -30.99 15.07
C ARG E 455 45.86 -30.30 14.33
N ASP E 456 46.16 -29.55 13.27
CA ASP E 456 45.11 -28.86 12.52
C ASP E 456 44.26 -29.79 11.66
N ALA E 457 44.83 -30.84 11.09
CA ALA E 457 44.00 -31.75 10.30
C ALA E 457 42.95 -32.42 11.19
N LEU E 458 43.35 -32.90 12.36
CA LEU E 458 42.40 -33.50 13.29
C LEU E 458 41.48 -32.48 13.96
N GLY E 459 41.93 -31.25 14.18
CA GLY E 459 41.11 -30.25 14.85
C GLY E 459 41.33 -30.18 16.35
N LEU E 460 42.58 -30.36 16.74
CA LEU E 460 43.07 -30.40 18.11
C LEU E 460 43.96 -29.21 18.43
N THR E 461 43.58 -28.02 17.98
CA THR E 461 44.34 -26.80 18.27
C THR E 461 43.67 -26.07 19.42
N LEU E 462 43.94 -26.59 20.63
CA LEU E 462 43.47 -26.12 21.92
C LEU E 462 44.39 -26.77 22.94
N THR E 463 44.45 -26.20 24.15
CA THR E 463 45.39 -26.75 25.13
C THR E 463 44.91 -28.04 25.81
N PRO E 464 45.74 -29.07 25.83
CA PRO E 464 45.38 -30.34 26.47
C PRO E 464 45.40 -30.29 27.99
N SER E 465 44.58 -31.14 28.62
CA SER E 465 44.52 -31.28 30.06
C SER E 465 45.61 -32.24 30.54
N LEU E 466 46.08 -32.08 31.77
CA LEU E 466 47.14 -32.94 32.30
C LEU E 466 46.61 -34.27 32.82
N ALA E 467 47.46 -35.29 32.80
CA ALA E 467 47.15 -36.61 33.37
C ALA E 467 48.42 -37.28 33.87
N PRO E 468 48.35 -38.08 34.94
CA PRO E 468 49.53 -38.79 35.43
C PRO E 468 49.75 -40.13 34.74
N TRP E 469 51.03 -40.50 34.59
CA TRP E 469 51.35 -41.75 33.91
C TRP E 469 50.86 -43.02 34.64
N VAL E 470 50.83 -43.04 35.99
CA VAL E 470 50.34 -44.22 36.70
C VAL E 470 48.89 -44.57 36.36
N ALA E 471 48.05 -43.58 36.11
CA ALA E 471 46.67 -43.84 35.75
C ALA E 471 46.47 -44.11 34.27
N LEU E 472 47.17 -43.36 33.43
CA LEU E 472 47.03 -43.46 31.98
C LEU E 472 47.61 -44.76 31.41
N ARG E 473 48.70 -45.27 31.95
CA ARG E 473 49.31 -46.49 31.40
C ARG E 473 48.40 -47.71 31.41
N LEU E 474 47.26 -47.66 32.08
CA LEU E 474 46.41 -48.83 32.24
C LEU E 474 45.43 -49.05 31.09
N LEU E 475 45.23 -48.07 30.21
CA LEU E 475 44.35 -48.20 29.06
C LEU E 475 45.09 -48.79 27.86
N PRO E 476 44.47 -49.67 27.06
CA PRO E 476 45.15 -50.27 25.90
C PRO E 476 45.53 -49.23 24.85
N GLN E 477 46.69 -49.43 24.22
CA GLN E 477 47.23 -48.48 23.23
C GLN E 477 47.06 -48.92 21.78
N GLY E 478 46.49 -48.03 20.96
CA GLY E 478 46.31 -48.25 19.54
C GLY E 478 47.39 -47.62 18.67
N PRO E 479 47.26 -47.76 17.36
CA PRO E 479 48.25 -47.16 16.44
C PRO E 479 48.29 -45.64 16.49
N THR E 480 49.48 -45.09 16.26
CA THR E 480 49.69 -43.65 16.28
C THR E 480 48.95 -42.96 15.13
N LEU E 481 48.35 -41.80 15.42
CA LEU E 481 47.74 -40.93 14.40
C LEU E 481 48.75 -39.92 13.85
N SER E 482 49.12 -40.05 12.57
CA SER E 482 49.83 -38.97 11.89
C SER E 482 49.66 -39.06 10.38
N ARG E 483 49.84 -37.92 9.71
CA ARG E 483 49.44 -37.77 8.31
C ARG E 483 50.21 -38.70 7.38
N ALA E 484 51.51 -38.88 7.60
CA ALA E 484 52.29 -39.79 6.77
C ALA E 484 51.85 -41.23 6.91
N ASP E 485 51.31 -41.57 8.08
CA ASP E 485 50.91 -42.92 8.46
C ASP E 485 49.60 -43.39 7.83
N ALA E 486 48.75 -42.46 7.39
CA ALA E 486 47.46 -42.74 6.78
C ALA E 486 47.46 -42.76 5.26
N LEU E 487 48.45 -42.18 4.61
CA LEU E 487 48.58 -42.18 3.15
C LEU E 487 49.09 -43.52 2.60
N VAL E 488 48.29 -44.58 2.83
CA VAL E 488 48.61 -45.93 2.36
C VAL E 488 47.35 -46.62 1.85
N GLU E 489 47.54 -47.50 0.86
CA GLU E 489 46.49 -48.30 0.23
C GLU E 489 46.59 -49.77 0.61
N HIS E 490 45.44 -50.44 0.71
CA HIS E 490 45.40 -51.86 1.04
C HIS E 490 44.42 -52.62 0.16
N ASP E 491 44.82 -53.78 -0.37
CA ASP E 491 43.85 -54.55 -1.15
C ASP E 491 42.81 -55.15 -0.22
N THR E 492 43.29 -55.87 0.79
CA THR E 492 42.46 -56.51 1.78
C THR E 492 43.21 -56.47 3.11
N LEU E 493 42.46 -56.59 4.16
CA LEU E 493 43.00 -56.45 5.50
C LEU E 493 43.10 -57.81 6.21
N PRO E 494 44.15 -58.06 6.98
CA PRO E 494 44.35 -59.36 7.62
C PRO E 494 43.54 -59.55 8.91
N MET E 495 42.53 -60.42 8.85
CA MET E 495 41.75 -60.76 10.04
C MET E 495 42.54 -61.70 10.94
N ASP E 496 42.59 -61.38 12.23
CA ASP E 496 43.30 -62.24 13.16
C ASP E 496 42.90 -61.95 14.62
N GLY F 10 -16.80 56.87 -2.16
CA GLY F 10 -17.48 55.97 -3.08
C GLY F 10 -17.38 54.51 -2.68
N SER F 11 -17.75 53.64 -3.62
CA SER F 11 -17.74 52.19 -3.44
C SER F 11 -16.84 51.56 -4.49
N GLY F 12 -16.17 50.47 -4.12
CA GLY F 12 -15.24 49.80 -5.03
C GLY F 12 -13.86 50.39 -5.06
N TYR F 13 -13.68 51.62 -4.60
CA TYR F 13 -12.39 52.29 -4.56
C TYR F 13 -11.56 51.78 -3.38
N GLY F 14 -10.26 52.07 -3.42
CA GLY F 14 -9.35 51.73 -2.35
C GLY F 14 -8.99 50.24 -2.22
N LEU F 15 -8.29 49.95 -1.14
CA LEU F 15 -7.76 48.63 -0.80
C LEU F 15 -8.58 47.83 0.23
N GLY F 16 -9.90 47.78 0.09
CA GLY F 16 -10.72 47.00 0.99
C GLY F 16 -10.55 45.49 0.80
N LEU F 17 -11.13 44.71 1.71
CA LEU F 17 -11.04 43.25 1.65
C LEU F 17 -11.75 42.67 0.44
N SER F 18 -11.41 41.40 0.13
CA SER F 18 -11.96 40.68 -1.00
C SER F 18 -12.03 39.19 -0.71
N THR F 19 -12.77 38.46 -1.56
CA THR F 19 -12.99 37.02 -1.40
C THR F 19 -12.58 36.28 -2.67
N ARG F 20 -12.50 34.95 -2.55
CA ARG F 20 -12.10 34.07 -3.65
C ARG F 20 -13.10 34.03 -4.81
N THR F 21 -14.40 34.26 -4.58
CA THR F 21 -15.37 34.31 -5.68
C THR F 21 -15.26 35.60 -6.48
N GLN F 22 -14.83 36.66 -5.83
CA GLN F 22 -14.57 37.94 -6.49
C GLN F 22 -13.29 37.88 -7.33
N VAL F 23 -12.33 37.06 -6.94
CA VAL F 23 -11.10 36.92 -7.72
C VAL F 23 -11.35 36.18 -9.03
N THR F 24 -12.10 35.07 -9.01
CA THR F 24 -12.41 34.38 -10.28
C THR F 24 -13.38 35.20 -11.11
N GLY F 25 -14.33 35.86 -10.46
CA GLY F 25 -15.29 36.69 -11.17
C GLY F 25 -14.65 37.75 -12.04
N TYR F 26 -13.64 38.43 -11.51
CA TYR F 26 -12.89 39.43 -12.26
C TYR F 26 -12.14 38.82 -13.44
N GLN F 27 -11.54 37.64 -13.26
CA GLN F 27 -10.82 36.98 -14.36
C GLN F 27 -11.75 36.59 -15.50
N PHE F 28 -13.01 36.27 -15.20
CA PHE F 28 -13.98 36.00 -16.25
C PHE F 28 -14.30 37.26 -17.05
N LEU F 29 -14.60 38.37 -16.37
CA LEU F 29 -14.82 39.64 -17.07
C LEU F 29 -13.60 40.09 -17.86
N ALA F 30 -12.41 39.81 -17.37
CA ALA F 30 -11.18 40.16 -18.10
C ALA F 30 -11.03 39.37 -19.38
N ARG F 31 -11.29 38.06 -19.35
CA ARG F 31 -11.20 37.25 -20.57
C ARG F 31 -12.23 37.67 -21.60
N ARG F 32 -13.48 37.84 -21.17
CA ARG F 32 -14.58 38.24 -22.03
C ARG F 32 -14.37 39.61 -22.68
N THR F 33 -13.88 40.58 -21.95
CA THR F 33 -13.54 41.89 -22.54
C THR F 33 -12.31 41.85 -23.42
N ALA F 34 -11.35 40.99 -23.15
CA ALA F 34 -10.15 40.91 -24.00
C ALA F 34 -10.46 40.46 -25.41
N MET F 35 -11.28 39.42 -25.58
CA MET F 35 -11.63 38.98 -26.94
C MET F 35 -12.51 39.99 -27.67
N ALA F 36 -13.29 40.79 -26.95
CA ALA F 36 -14.05 41.87 -27.58
C ALA F 36 -13.16 42.90 -28.27
N LEU F 37 -11.90 43.04 -27.87
CA LEU F 37 -11.01 43.97 -28.55
C LEU F 37 -10.37 43.36 -29.80
N THR F 38 -10.08 42.07 -29.80
CA THR F 38 -9.44 41.44 -30.95
C THR F 38 -10.41 40.76 -31.93
N ARG F 39 -11.53 40.21 -31.48
CA ARG F 39 -12.48 39.52 -32.36
C ARG F 39 -13.79 40.25 -32.53
N TRP F 40 -14.04 41.31 -31.79
CA TRP F 40 -15.27 42.12 -31.86
C TRP F 40 -16.57 41.33 -31.67
N ARG F 41 -16.57 40.23 -30.93
CA ARG F 41 -17.83 39.53 -30.65
C ARG F 41 -17.67 38.83 -29.31
N VAL F 42 -18.77 38.76 -28.55
CA VAL F 42 -18.78 38.19 -27.21
C VAL F 42 -19.38 36.79 -27.14
N ARG F 43 -19.79 36.21 -28.28
CA ARG F 43 -20.41 34.89 -28.28
C ARG F 43 -19.55 33.84 -27.57
N MET F 44 -18.25 33.89 -27.76
CA MET F 44 -17.27 32.99 -27.13
C MET F 44 -17.65 31.50 -27.22
N GLU F 45 -17.89 31.06 -28.45
CA GLU F 45 -18.21 29.67 -28.77
C GLU F 45 -17.17 28.72 -28.17
N ILE F 46 -15.91 29.08 -28.31
CA ILE F 46 -14.74 28.38 -27.80
C ILE F 46 -13.83 29.50 -27.30
N GLU F 47 -13.03 29.21 -26.29
CA GLU F 47 -12.19 30.21 -25.67
C GLU F 47 -10.70 30.02 -25.92
N PRO F 48 -10.25 30.51 -27.08
CA PRO F 48 -8.86 30.33 -27.53
C PRO F 48 -7.80 31.11 -26.74
N GLY F 49 -8.14 32.20 -26.08
CA GLY F 49 -7.15 32.93 -25.30
C GLY F 49 -6.55 32.05 -24.21
N ARG F 50 -7.40 31.25 -23.59
CA ARG F 50 -6.98 30.28 -22.57
C ARG F 50 -5.95 29.29 -23.11
N ARG F 51 -6.27 28.63 -24.21
CA ARG F 51 -5.40 27.64 -24.85
C ARG F 51 -4.06 28.22 -25.29
N GLN F 52 -4.06 29.40 -25.88
CA GLN F 52 -2.82 30.03 -26.31
C GLN F 52 -1.93 30.36 -25.11
N THR F 53 -2.51 30.70 -23.98
CA THR F 53 -1.75 30.97 -22.76
C THR F 53 -1.20 29.66 -22.15
N LEU F 54 -2.05 28.64 -22.04
CA LEU F 54 -1.64 27.33 -21.51
C LEU F 54 -0.49 26.72 -22.29
N ALA F 55 -0.46 26.90 -23.60
CA ALA F 55 0.63 26.38 -24.42
C ALA F 55 1.98 27.01 -24.04
N VAL F 56 1.99 28.29 -23.67
CA VAL F 56 3.22 28.95 -23.22
C VAL F 56 3.66 28.37 -21.88
N VAL F 57 2.74 28.20 -20.94
CA VAL F 57 3.03 27.62 -19.63
C VAL F 57 3.60 26.21 -19.78
N ALA F 58 3.10 25.44 -20.74
CA ALA F 58 3.65 24.12 -21.03
C ALA F 58 5.07 24.23 -21.57
N SER F 59 5.32 25.23 -22.40
CA SER F 59 6.66 25.47 -22.97
C SER F 59 7.67 25.77 -21.88
N VAL F 60 7.31 26.65 -20.95
CA VAL F 60 8.18 27.02 -19.83
C VAL F 60 8.44 25.82 -18.92
N SER F 61 7.40 25.07 -18.58
CA SER F 61 7.55 23.87 -17.74
C SER F 61 8.51 22.85 -18.35
N ALA F 62 8.40 22.61 -19.66
CA ALA F 62 9.30 21.66 -20.32
C ALA F 62 10.75 22.12 -20.26
N ALA F 63 11.00 23.43 -20.33
CA ALA F 63 12.35 23.97 -20.21
C ALA F 63 12.93 23.72 -18.84
N LEU F 64 12.13 23.91 -17.78
CA LEU F 64 12.52 23.66 -16.40
C LEU F 64 12.79 22.19 -16.12
N VAL F 65 11.95 21.30 -16.63
CA VAL F 65 12.16 19.85 -16.46
C VAL F 65 13.49 19.43 -17.07
N ILE F 66 13.84 19.95 -18.24
CA ILE F 66 15.11 19.61 -18.89
C ILE F 66 16.31 20.13 -18.09
N CYS F 67 16.32 21.39 -17.64
CA CYS F 67 17.49 21.85 -16.90
C CYS F 67 17.61 21.21 -15.52
N LEU F 68 16.51 20.82 -14.88
CA LEU F 68 16.65 20.07 -13.62
C LEU F 68 17.27 18.71 -13.91
N GLY F 69 16.95 18.14 -15.07
CA GLY F 69 17.55 16.88 -15.51
C GLY F 69 19.06 17.00 -15.68
N ALA F 70 19.51 18.13 -16.18
CA ALA F 70 20.94 18.41 -16.34
C ALA F 70 21.63 18.53 -14.98
N LEU F 71 21.03 19.23 -14.03
CA LEU F 71 21.59 19.37 -12.69
C LEU F 71 21.67 18.01 -12.00
N LEU F 72 20.69 17.15 -12.22
CA LEU F 72 20.72 15.81 -11.65
C LEU F 72 21.90 15.01 -12.20
N TRP F 73 22.27 15.25 -13.47
CA TRP F 73 23.38 14.59 -14.13
C TRP F 73 24.72 15.06 -13.54
N SER F 74 24.82 16.34 -13.21
CA SER F 74 26.03 16.95 -12.64
C SER F 74 26.53 16.26 -11.37
N PHE F 75 25.62 15.86 -10.48
CA PHE F 75 26.02 15.16 -9.24
C PHE F 75 26.37 13.71 -9.45
N ILE F 76 25.73 13.04 -10.41
CA ILE F 76 26.00 11.63 -10.68
C ILE F 76 27.34 11.45 -11.39
N SER F 77 27.83 12.44 -12.13
CA SER F 77 29.12 12.29 -12.79
C SER F 77 29.77 13.64 -13.09
N PRO F 78 30.41 14.23 -12.09
CA PRO F 78 31.05 15.54 -12.26
C PRO F 78 32.35 15.48 -13.07
N SER F 79 32.83 16.68 -13.41
CA SER F 79 34.03 16.87 -14.22
C SER F 79 35.34 16.52 -13.52
N GLY F 80 35.43 16.69 -12.21
CA GLY F 80 36.68 16.45 -11.47
C GLY F 80 37.12 15.01 -11.26
N GLN F 81 36.31 14.02 -11.63
CA GLN F 81 36.67 12.61 -11.42
C GLN F 81 37.65 12.04 -12.46
N LEU F 82 38.86 12.60 -12.47
CA LEU F 82 39.97 12.13 -13.29
C LEU F 82 40.79 11.09 -12.53
N ASN F 83 41.86 10.60 -13.17
CA ASN F 83 42.81 9.65 -12.56
C ASN F 83 42.18 8.32 -12.13
N GLU F 84 41.21 7.82 -12.89
CA GLU F 84 40.60 6.54 -12.55
C GLU F 84 41.51 5.35 -12.87
N SER F 85 42.40 5.47 -13.86
CA SER F 85 43.34 4.42 -14.24
C SER F 85 44.52 5.07 -14.94
N PRO F 86 45.68 4.39 -15.00
CA PRO F 86 46.85 5.01 -15.62
C PRO F 86 46.93 4.91 -17.13
N ILE F 87 46.07 4.16 -17.80
CA ILE F 87 46.10 4.06 -19.25
C ILE F 87 44.81 4.70 -19.74
N ILE F 88 44.93 5.84 -20.42
CA ILE F 88 43.77 6.58 -20.92
C ILE F 88 43.92 6.84 -22.40
N ALA F 89 42.79 6.98 -23.06
CA ALA F 89 42.73 7.26 -24.49
C ALA F 89 41.83 8.44 -24.76
N ASP F 90 42.25 9.30 -25.67
CA ASP F 90 41.48 10.47 -26.06
C ASP F 90 40.19 9.98 -26.72
N ARG F 91 39.07 10.28 -26.06
CA ARG F 91 37.76 9.84 -26.50
C ARG F 91 37.41 10.28 -27.92
N ASP F 92 37.98 11.38 -28.39
CA ASP F 92 37.70 11.88 -29.73
C ASP F 92 38.70 11.43 -30.78
N SER F 93 39.99 11.60 -30.50
CA SER F 93 41.09 11.28 -31.41
C SER F 93 41.55 9.83 -31.35
N GLY F 94 41.17 9.07 -30.33
CA GLY F 94 41.62 7.68 -30.22
C GLY F 94 43.06 7.53 -29.80
N ALA F 95 43.77 8.62 -29.55
CA ALA F 95 45.17 8.60 -29.16
C ALA F 95 45.32 7.95 -27.79
N LEU F 96 46.49 7.34 -27.56
CA LEU F 96 46.79 6.62 -26.33
C LEU F 96 47.86 7.34 -25.51
N TYR F 97 47.58 7.53 -24.20
CA TYR F 97 48.48 8.21 -23.27
C TYR F 97 48.71 7.36 -22.03
N VAL F 98 49.84 7.61 -21.35
CA VAL F 98 50.19 6.91 -20.12
C VAL F 98 50.62 7.96 -19.08
N ARG F 99 50.20 7.75 -17.83
CA ARG F 99 50.49 8.65 -16.73
C ARG F 99 51.66 8.17 -15.88
N VAL F 100 52.64 9.04 -15.66
CA VAL F 100 53.81 8.73 -14.84
C VAL F 100 54.08 9.96 -14.00
N GLY F 101 54.13 9.79 -12.69
CA GLY F 101 54.32 10.94 -11.82
C GLY F 101 53.12 11.85 -11.92
N ASP F 102 53.32 13.07 -12.42
CA ASP F 102 52.26 14.04 -12.63
C ASP F 102 52.03 14.42 -14.10
N ARG F 103 52.82 13.92 -15.03
CA ARG F 103 52.74 14.19 -16.47
C ARG F 103 52.05 13.07 -17.24
N LEU F 104 51.66 13.39 -18.48
CA LEU F 104 51.10 12.41 -19.41
C LEU F 104 52.01 12.26 -20.61
N TYR F 105 52.43 11.04 -20.92
CA TYR F 105 53.30 10.76 -22.05
C TYR F 105 52.57 10.02 -23.16
N PRO F 106 52.67 10.40 -24.43
CA PRO F 106 52.01 9.63 -25.48
C PRO F 106 52.75 8.33 -25.76
N ALA F 107 52.04 7.21 -25.73
CA ALA F 107 52.66 5.90 -25.94
C ALA F 107 52.47 5.38 -27.35
N LEU F 108 53.48 4.67 -27.85
CA LEU F 108 53.43 4.14 -29.21
C LEU F 108 52.37 3.05 -29.38
N ASN F 109 52.15 2.21 -28.36
CA ASN F 109 51.19 1.12 -28.47
C ASN F 109 50.82 0.59 -27.09
N LEU F 110 49.76 -0.21 -27.06
CA LEU F 110 49.27 -0.81 -25.81
C LEU F 110 50.27 -1.73 -25.12
N ALA F 111 51.04 -2.52 -25.86
CA ALA F 111 52.02 -3.39 -25.22
C ALA F 111 53.00 -2.62 -24.36
N SER F 112 53.57 -1.53 -24.90
CA SER F 112 54.52 -0.73 -24.14
C SER F 112 53.85 0.11 -23.07
N ALA F 113 52.57 0.43 -23.21
CA ALA F 113 51.87 1.15 -22.15
C ALA F 113 51.70 0.27 -20.93
N ARG F 114 51.37 -1.00 -21.14
CA ARG F 114 51.23 -1.96 -20.05
C ARG F 114 52.55 -2.16 -19.31
N LEU F 115 53.62 -2.46 -20.04
CA LEU F 115 54.92 -2.68 -19.42
C LEU F 115 55.42 -1.48 -18.62
N ILE F 116 55.21 -0.25 -19.10
CA ILE F 116 55.64 0.92 -18.33
C ILE F 116 54.83 1.06 -17.04
N THR F 117 53.53 0.84 -17.12
CA THR F 117 52.64 1.02 -15.97
C THR F 117 52.67 -0.16 -15.00
N GLY F 118 52.73 -1.38 -15.52
CA GLY F 118 52.73 -2.55 -14.68
C GLY F 118 51.37 -3.14 -14.41
N ARG F 119 50.33 -2.65 -15.05
CA ARG F 119 48.98 -3.15 -14.88
C ARG F 119 48.47 -3.79 -16.17
N PRO F 120 47.81 -4.94 -16.10
CA PRO F 120 47.26 -5.59 -17.30
C PRO F 120 45.87 -5.05 -17.66
N ASP F 121 45.74 -3.74 -17.73
CA ASP F 121 44.50 -3.04 -18.01
C ASP F 121 44.35 -2.70 -19.50
N ASN F 122 43.23 -2.06 -19.85
CA ASN F 122 42.86 -1.59 -21.18
C ASN F 122 42.54 -0.09 -21.11
N PRO F 123 42.75 0.64 -22.21
CA PRO F 123 42.51 2.09 -22.19
C PRO F 123 41.10 2.50 -21.79
N HIS F 124 41.05 3.55 -20.97
CA HIS F 124 39.85 4.20 -20.46
C HIS F 124 39.64 5.46 -21.30
N LEU F 125 38.47 5.62 -21.92
CA LEU F 125 38.23 6.80 -22.76
C LEU F 125 37.96 8.05 -21.94
N VAL F 126 38.71 9.12 -22.20
CA VAL F 126 38.60 10.40 -21.50
C VAL F 126 38.38 11.55 -22.47
N ARG F 127 37.55 12.52 -22.06
CA ARG F 127 37.24 13.66 -22.91
C ARG F 127 38.48 14.51 -23.20
N SER F 128 38.69 14.82 -24.48
CA SER F 128 39.86 15.56 -24.97
C SER F 128 40.10 16.90 -24.27
N SER F 129 39.06 17.56 -23.79
CA SER F 129 39.25 18.83 -23.06
C SER F 129 40.00 18.66 -21.75
N GLN F 130 39.94 17.48 -21.15
CA GLN F 130 40.62 17.23 -19.88
C GLN F 130 42.11 16.94 -20.06
N ILE F 131 42.49 16.14 -21.07
CA ILE F 131 43.91 15.81 -21.29
C ILE F 131 44.76 17.01 -21.70
N ALA F 132 44.16 18.08 -22.21
CA ALA F 132 44.87 19.31 -22.57
C ALA F 132 45.32 20.14 -21.36
N THR F 133 44.83 19.82 -20.17
CA THR F 133 45.16 20.53 -18.94
C THR F 133 46.30 19.89 -18.16
N MET F 134 46.86 18.76 -18.63
CA MET F 134 47.95 18.05 -17.95
C MET F 134 49.24 18.13 -18.75
N PRO F 135 50.38 18.35 -18.10
CA PRO F 135 51.66 18.46 -18.81
C PRO F 135 52.02 17.25 -19.65
N ARG F 136 52.64 17.53 -20.80
CA ARG F 136 53.12 16.56 -21.79
C ARG F 136 54.50 15.99 -21.49
N GLY F 137 54.96 15.14 -22.41
CA GLY F 137 56.27 14.52 -22.41
C GLY F 137 56.57 13.94 -23.78
N PRO F 138 57.83 13.63 -24.08
CA PRO F 138 58.15 13.02 -25.38
C PRO F 138 57.57 11.63 -25.57
N LEU F 139 57.71 11.03 -26.75
CA LEU F 139 57.17 9.69 -27.01
C LEU F 139 57.88 8.61 -26.19
N VAL F 140 57.14 7.56 -25.82
CA VAL F 140 57.68 6.45 -25.03
C VAL F 140 57.22 5.09 -25.53
N GLY F 141 58.03 4.06 -25.28
CA GLY F 141 57.72 2.68 -25.64
C GLY F 141 58.67 2.04 -26.65
N ILE F 142 58.23 0.90 -27.16
CA ILE F 142 58.92 0.07 -28.15
C ILE F 142 58.23 0.24 -29.48
N PRO F 143 58.90 0.67 -30.54
CA PRO F 143 58.22 0.87 -31.81
C PRO F 143 57.84 -0.45 -32.48
N GLY F 144 56.61 -0.52 -32.99
CA GLY F 144 56.09 -1.70 -33.69
C GLY F 144 55.62 -2.88 -32.86
N ALA F 145 55.64 -2.80 -31.54
CA ALA F 145 55.14 -3.90 -30.70
C ALA F 145 53.66 -4.18 -30.90
N PRO F 146 53.18 -5.35 -30.47
CA PRO F 146 51.76 -5.70 -30.63
C PRO F 146 50.80 -4.74 -29.96
N SER F 147 49.65 -4.52 -30.60
CA SER F 147 48.62 -3.60 -30.14
C SER F 147 47.41 -4.24 -29.46
N SER F 148 47.32 -5.57 -29.36
CA SER F 148 46.17 -6.15 -28.68
C SER F 148 46.50 -7.53 -28.14
N PHE F 149 45.95 -7.85 -26.97
CA PHE F 149 46.20 -9.14 -26.32
C PHE F 149 44.93 -9.86 -25.94
N SER F 150 44.88 -11.16 -26.26
CA SER F 150 43.76 -12.04 -25.97
C SER F 150 44.26 -13.48 -25.95
N PRO F 151 44.83 -13.95 -24.84
CA PRO F 151 45.38 -15.31 -24.80
C PRO F 151 44.35 -16.39 -25.03
N LYS F 152 44.74 -17.41 -25.79
CA LYS F 152 43.90 -18.55 -26.12
C LYS F 152 44.68 -19.84 -25.93
N SER F 153 43.98 -20.87 -25.47
CA SER F 153 44.57 -22.18 -25.19
C SER F 153 43.70 -23.29 -25.78
N PRO F 154 44.12 -23.92 -26.88
CA PRO F 154 43.33 -24.96 -27.49
C PRO F 154 43.56 -26.32 -26.85
N PRO F 155 42.72 -27.30 -27.18
CA PRO F 155 42.88 -28.64 -26.61
C PRO F 155 44.10 -29.39 -27.13
N ALA F 156 44.53 -29.10 -28.36
CA ALA F 156 45.68 -29.75 -28.97
C ALA F 156 46.41 -28.74 -29.84
N SER F 157 47.71 -28.92 -30.00
CA SER F 157 48.54 -28.04 -30.80
C SER F 157 48.93 -28.68 -32.14
N SER F 158 48.70 -27.95 -33.23
CA SER F 158 48.81 -28.46 -34.60
C SER F 158 49.54 -27.49 -35.50
N TRP F 159 50.57 -27.94 -36.22
CA TRP F 159 51.33 -27.09 -37.13
C TRP F 159 51.60 -27.86 -38.42
N LEU F 160 51.56 -27.16 -39.56
CA LEU F 160 51.99 -27.71 -40.84
C LEU F 160 52.90 -26.76 -41.62
N VAL F 161 53.91 -27.33 -42.28
CA VAL F 161 54.74 -26.62 -43.25
C VAL F 161 54.47 -27.20 -44.64
N CYS F 162 54.07 -26.35 -45.59
CA CYS F 162 53.62 -26.79 -46.90
C CYS F 162 54.47 -26.23 -48.04
N ASP F 163 54.61 -27.03 -49.09
CA ASP F 163 55.28 -26.68 -50.33
C ASP F 163 54.33 -26.90 -51.50
N THR F 164 54.17 -25.89 -52.36
CA THR F 164 53.32 -25.99 -53.54
C THR F 164 54.05 -25.51 -54.79
N VAL F 165 54.10 -26.36 -55.83
CA VAL F 165 54.98 -26.16 -56.99
C VAL F 165 54.16 -25.70 -58.19
N ALA F 166 54.68 -24.68 -58.88
CA ALA F 166 54.08 -24.03 -60.03
C ALA F 166 54.42 -24.70 -61.37
N THR F 167 53.58 -24.41 -62.37
CA THR F 167 53.70 -24.95 -63.73
C THR F 167 53.26 -23.90 -64.75
N GLN F 175 59.59 -24.96 -61.69
CA GLN F 175 60.47 -23.79 -61.80
C GLN F 175 60.15 -22.72 -60.75
N GLY F 176 59.21 -23.01 -59.84
CA GLY F 176 58.84 -22.08 -58.80
C GLY F 176 57.98 -22.73 -57.72
N VAL F 177 58.20 -22.33 -56.47
CA VAL F 177 57.49 -22.86 -55.31
C VAL F 177 57.06 -21.71 -54.40
N THR F 178 56.05 -21.97 -53.57
CA THR F 178 55.78 -21.13 -52.41
C THR F 178 55.66 -21.97 -51.16
N VAL F 179 56.04 -21.37 -50.04
CA VAL F 179 56.02 -21.98 -48.71
C VAL F 179 54.92 -21.34 -47.87
N THR F 180 54.08 -22.18 -47.27
CA THR F 180 53.02 -21.74 -46.38
C THR F 180 53.20 -22.39 -45.01
N VAL F 181 52.93 -21.63 -43.95
CA VAL F 181 52.83 -22.14 -42.59
C VAL F 181 51.37 -22.14 -42.18
N ILE F 182 50.89 -23.27 -41.68
CA ILE F 182 49.52 -23.41 -41.17
C ILE F 182 49.59 -23.67 -39.68
N ASP F 183 48.77 -22.94 -38.92
CA ASP F 183 48.62 -23.11 -37.48
C ASP F 183 47.15 -23.42 -37.24
N GLY F 184 46.88 -24.58 -36.68
CA GLY F 184 45.53 -25.05 -36.43
C GLY F 184 45.28 -26.39 -37.11
N THR F 185 44.04 -26.87 -36.98
CA THR F 185 43.71 -28.15 -37.57
C THR F 185 43.53 -28.06 -39.09
N PRO F 186 44.11 -28.98 -39.85
CA PRO F 186 44.00 -28.95 -41.30
C PRO F 186 42.65 -29.47 -41.78
N ASP F 187 42.32 -29.13 -43.03
CA ASP F 187 41.10 -29.59 -43.69
C ASP F 187 41.46 -30.68 -44.70
N LEU F 188 41.20 -31.94 -44.36
CA LEU F 188 41.50 -33.10 -45.19
C LEU F 188 40.40 -33.50 -46.18
N THR F 189 39.37 -32.69 -46.37
CA THR F 189 38.31 -33.00 -47.32
C THR F 189 38.78 -32.86 -48.77
N GLY F 190 37.98 -33.43 -49.68
CA GLY F 190 38.30 -33.42 -51.09
C GLY F 190 39.27 -34.54 -51.47
N HIS F 191 40.11 -34.28 -52.46
CA HIS F 191 41.08 -35.29 -52.86
C HIS F 191 42.28 -35.35 -51.94
N ARG F 192 42.38 -34.47 -50.97
CA ARG F 192 43.51 -34.49 -50.05
C ARG F 192 43.47 -35.79 -49.26
N GLN F 193 44.64 -36.34 -49.00
CA GLN F 193 44.72 -37.61 -48.29
C GLN F 193 46.04 -37.69 -47.54
N ILE F 194 46.05 -38.49 -46.48
CA ILE F 194 47.29 -38.89 -45.83
C ILE F 194 48.06 -39.86 -46.72
N LEU F 195 49.37 -39.70 -46.73
CA LEU F 195 50.26 -40.52 -47.56
C LEU F 195 50.59 -41.86 -46.91
N SER F 196 49.56 -42.59 -46.50
CA SER F 196 49.68 -43.88 -45.85
C SER F 196 49.90 -45.01 -46.87
N GLY F 197 50.19 -46.20 -46.34
CA GLY F 197 50.42 -47.38 -47.15
C GLY F 197 51.61 -47.32 -48.08
N SER F 198 51.40 -47.78 -49.31
CA SER F 198 52.41 -47.79 -50.35
C SER F 198 52.55 -46.47 -51.11
N ASP F 199 51.77 -45.45 -50.76
CA ASP F 199 51.85 -44.17 -51.45
C ASP F 199 53.23 -43.54 -51.31
N ALA F 200 53.63 -42.77 -52.32
CA ALA F 200 54.94 -42.12 -52.30
C ALA F 200 54.91 -40.94 -53.27
N VAL F 201 55.94 -40.09 -53.16
CA VAL F 201 56.18 -38.99 -54.07
C VAL F 201 57.68 -38.76 -54.20
N VAL F 202 58.14 -38.25 -55.35
CA VAL F 202 59.56 -38.04 -55.62
C VAL F 202 59.83 -36.59 -55.98
N LEU F 203 60.89 -36.01 -55.37
CA LEU F 203 61.27 -34.61 -55.56
C LEU F 203 62.80 -34.50 -55.60
N ARG F 204 63.26 -33.34 -56.12
CA ARG F 204 64.68 -33.03 -56.29
C ARG F 204 65.21 -31.98 -55.30
N TYR F 205 66.43 -32.17 -54.83
CA TYR F 205 67.10 -31.16 -54.00
C TYR F 205 68.61 -31.34 -54.10
N GLY F 206 69.30 -30.30 -54.51
CA GLY F 206 70.74 -30.36 -54.68
C GLY F 206 71.20 -31.38 -55.70
N GLY F 207 70.37 -31.66 -56.69
CA GLY F 207 70.64 -32.63 -57.72
C GLY F 207 70.16 -34.03 -57.41
N ASP F 208 70.22 -34.42 -56.14
CA ASP F 208 69.76 -35.73 -55.72
C ASP F 208 68.23 -35.82 -55.76
N ALA F 209 67.73 -37.05 -55.88
CA ALA F 209 66.30 -37.32 -55.87
C ALA F 209 65.95 -38.01 -54.55
N TRP F 210 64.84 -37.62 -53.94
CA TRP F 210 64.41 -38.17 -52.65
C TRP F 210 63.00 -38.74 -52.75
N VAL F 211 62.82 -39.94 -52.20
CA VAL F 211 61.54 -40.64 -52.19
C VAL F 211 60.91 -40.47 -50.80
N ILE F 212 59.67 -40.00 -50.76
CA ILE F 212 58.97 -39.76 -49.50
C ILE F 212 57.94 -40.85 -49.21
N ARG F 213 58.09 -41.53 -48.08
CA ARG F 213 57.17 -42.56 -47.62
C ARG F 213 57.45 -42.83 -46.15
N GLU F 214 56.49 -43.45 -45.47
CA GLU F 214 56.62 -43.75 -44.04
C GLU F 214 57.01 -42.52 -43.22
N GLY F 215 56.66 -41.34 -43.74
CA GLY F 215 56.99 -40.11 -43.07
C GLY F 215 58.45 -39.73 -43.05
N ARG F 216 59.28 -40.28 -43.94
CA ARG F 216 60.70 -39.94 -43.96
C ARG F 216 61.10 -39.71 -45.41
N ARG F 217 62.25 -39.06 -45.63
CA ARG F 217 62.79 -38.87 -46.98
C ARG F 217 64.02 -39.77 -47.15
N SER F 218 64.06 -40.51 -48.27
CA SER F 218 65.17 -41.43 -48.56
C SER F 218 65.74 -41.17 -49.95
N ARG F 219 67.07 -41.22 -50.05
CA ARG F 219 67.79 -40.95 -51.29
C ARG F 219 67.86 -42.13 -52.26
N ILE F 220 67.80 -41.83 -53.57
CA ILE F 220 67.89 -42.83 -54.65
C ILE F 220 68.62 -42.24 -55.85
N GLU F 221 69.34 -43.11 -56.61
CA GLU F 221 70.11 -42.68 -57.79
C GLU F 221 69.57 -43.21 -59.11
N PRO F 222 69.43 -42.35 -60.13
CA PRO F 222 68.86 -42.76 -61.42
C PRO F 222 69.67 -43.76 -62.23
N THR F 223 70.95 -43.96 -61.91
CA THR F 223 71.80 -44.90 -62.61
C THR F 223 71.56 -46.36 -62.21
N ASN F 224 71.01 -46.59 -61.03
CA ASN F 224 70.80 -47.93 -60.48
C ASN F 224 69.53 -48.60 -61.00
N ARG F 225 69.58 -49.04 -62.26
CA ARG F 225 68.46 -49.71 -62.92
C ARG F 225 67.99 -50.95 -62.16
N ALA F 226 68.91 -51.64 -61.49
CA ALA F 226 68.59 -52.84 -60.71
C ALA F 226 67.59 -52.58 -59.58
N VAL F 227 67.60 -51.40 -58.98
CA VAL F 227 66.68 -51.06 -57.90
C VAL F 227 65.46 -50.30 -58.41
N LEU F 228 65.64 -49.41 -59.38
CA LEU F 228 64.52 -48.65 -59.92
C LEU F 228 63.43 -49.56 -60.49
N LEU F 229 63.82 -50.56 -61.27
CA LEU F 229 62.85 -51.46 -61.91
C LEU F 229 61.98 -52.28 -60.95
N PRO F 230 62.51 -53.04 -59.98
CA PRO F 230 61.63 -53.80 -59.10
C PRO F 230 60.70 -52.93 -58.27
N LEU F 231 61.14 -51.73 -57.91
CA LEU F 231 60.28 -50.82 -57.14
C LEU F 231 59.14 -50.31 -57.99
N GLY F 232 59.36 -50.14 -59.28
CA GLY F 232 58.38 -49.62 -60.21
C GLY F 232 58.68 -48.23 -60.71
N LEU F 233 59.90 -47.75 -60.55
CA LEU F 233 60.36 -46.43 -60.97
C LEU F 233 61.01 -46.54 -62.35
N THR F 234 61.15 -45.39 -63.02
CA THR F 234 61.76 -45.33 -64.34
C THR F 234 62.80 -44.22 -64.38
N PRO F 235 63.97 -44.47 -64.97
CA PRO F 235 65.02 -43.44 -65.01
C PRO F 235 64.56 -42.08 -65.52
N GLU F 236 63.68 -42.04 -66.51
CA GLU F 236 63.17 -40.76 -67.01
C GLU F 236 62.29 -40.08 -65.97
N GLN F 237 61.35 -40.83 -65.42
CA GLN F 237 60.44 -40.34 -64.40
C GLN F 237 61.16 -39.70 -63.22
N VAL F 238 62.26 -40.31 -62.78
CA VAL F 238 63.08 -39.76 -61.69
C VAL F 238 63.78 -38.49 -62.12
N SER F 239 64.36 -38.46 -63.32
CA SER F 239 65.06 -37.27 -63.81
C SER F 239 64.12 -36.07 -63.98
N GLN F 240 62.85 -36.29 -64.28
CA GLN F 240 61.87 -35.23 -64.47
C GLN F 240 61.13 -34.82 -63.19
N ALA F 241 61.59 -35.27 -62.02
CA ALA F 241 60.98 -34.88 -60.76
C ALA F 241 61.10 -33.37 -60.52
N ARG F 242 60.11 -32.82 -59.83
CA ARG F 242 60.02 -31.38 -59.53
C ARG F 242 60.91 -30.96 -58.37
N PRO F 243 61.13 -29.65 -58.20
CA PRO F 243 61.93 -29.12 -57.09
C PRO F 243 61.34 -29.39 -55.71
N MET F 244 62.18 -29.13 -54.70
CA MET F 244 61.81 -29.19 -53.30
C MET F 244 62.29 -27.93 -52.60
N SER F 245 61.42 -27.32 -51.78
CA SER F 245 61.77 -26.13 -51.01
C SER F 245 62.75 -26.42 -49.87
N ARG F 246 63.62 -25.45 -49.57
CA ARG F 246 64.52 -25.61 -48.42
C ARG F 246 63.75 -25.80 -47.12
N ALA F 247 62.62 -25.10 -46.99
CA ALA F 247 61.77 -25.18 -45.80
C ALA F 247 61.28 -26.59 -45.49
N LEU F 248 60.77 -27.30 -46.50
CA LEU F 248 60.30 -28.66 -46.36
C LEU F 248 61.44 -29.68 -46.31
N PHE F 249 62.56 -29.37 -46.92
CA PHE F 249 63.70 -30.27 -46.90
C PHE F 249 64.20 -30.47 -45.47
N ASP F 250 64.25 -29.41 -44.68
CA ASP F 250 64.67 -29.48 -43.28
C ASP F 250 63.63 -30.14 -42.38
N ALA F 251 62.34 -30.00 -42.69
CA ALA F 251 61.29 -30.55 -41.84
C ALA F 251 61.20 -32.08 -41.88
N LEU F 252 61.36 -32.71 -43.03
CA LEU F 252 61.25 -34.16 -43.12
C LEU F 252 62.46 -34.90 -42.56
N PRO F 253 62.26 -35.90 -41.69
CA PRO F 253 63.38 -36.68 -41.16
C PRO F 253 64.01 -37.58 -42.22
N VAL F 254 65.30 -37.85 -42.07
CA VAL F 254 66.07 -38.64 -43.03
C VAL F 254 66.05 -40.14 -42.72
N GLY F 255 65.79 -40.94 -43.76
CA GLY F 255 65.78 -42.39 -43.73
C GLY F 255 66.94 -43.01 -44.50
N PRO F 256 67.16 -44.32 -44.32
CA PRO F 256 68.25 -44.99 -45.04
C PRO F 256 68.06 -45.00 -46.57
N GLU F 257 69.19 -45.00 -47.27
CA GLU F 257 69.19 -44.96 -48.74
C GLU F 257 68.66 -46.24 -49.37
N LEU F 258 68.02 -46.09 -50.53
CA LEU F 258 67.48 -47.18 -51.33
C LEU F 258 68.59 -47.68 -52.27
N LEU F 259 69.36 -48.67 -51.82
CA LEU F 259 70.49 -49.19 -52.58
C LEU F 259 70.48 -50.72 -52.52
N VAL F 260 71.33 -51.34 -53.34
CA VAL F 260 71.45 -52.79 -53.34
C VAL F 260 72.08 -53.27 -52.03
N PRO F 261 71.48 -54.24 -51.34
CA PRO F 261 72.05 -54.73 -50.08
C PRO F 261 73.49 -55.22 -50.24
N GLU F 262 74.35 -54.83 -49.30
CA GLU F 262 75.77 -55.19 -49.28
C GLU F 262 76.01 -56.48 -48.49
N VAL F 263 75.86 -57.63 -49.13
CA VAL F 263 76.07 -58.92 -48.46
C VAL F 263 77.56 -59.09 -48.14
N PRO F 264 77.92 -59.38 -46.89
CA PRO F 264 79.33 -59.52 -46.51
C PRO F 264 80.03 -60.79 -46.99
N ASN F 265 81.35 -60.65 -47.20
CA ASN F 265 82.27 -61.74 -47.57
C ASN F 265 81.79 -62.58 -48.76
N ALA F 266 81.02 -61.96 -49.65
CA ALA F 266 80.44 -62.62 -50.82
C ALA F 266 81.42 -63.48 -51.60
N GLY F 267 80.90 -64.60 -52.14
CA GLY F 267 81.66 -65.53 -52.96
C GLY F 267 82.50 -66.60 -52.30
N GLY F 268 82.85 -66.47 -51.04
CA GLY F 268 83.62 -67.51 -50.40
C GLY F 268 82.80 -68.73 -50.04
N PRO F 269 83.49 -69.80 -49.63
CA PRO F 269 82.81 -71.02 -49.24
C PRO F 269 82.14 -70.87 -47.88
N ALA F 270 81.09 -71.66 -47.67
CA ALA F 270 80.35 -71.64 -46.42
C ALA F 270 81.04 -72.45 -45.33
N THR F 271 80.79 -72.05 -44.09
CA THR F 271 81.32 -72.72 -42.90
C THR F 271 80.57 -74.02 -42.60
N PHE F 272 79.26 -73.99 -42.70
CA PHE F 272 78.38 -75.12 -42.42
C PHE F 272 78.33 -76.11 -43.58
N PRO F 273 78.06 -77.38 -43.29
CA PRO F 273 77.99 -78.41 -44.33
C PRO F 273 76.70 -78.41 -45.13
N GLY F 274 76.82 -78.88 -46.37
CA GLY F 274 75.69 -79.01 -47.28
C GLY F 274 75.18 -77.74 -47.91
N ALA F 275 75.90 -76.64 -47.79
CA ALA F 275 75.47 -75.39 -48.39
C ALA F 275 75.22 -75.53 -49.90
N PRO F 276 74.06 -75.11 -50.41
CA PRO F 276 73.76 -75.25 -51.84
C PRO F 276 74.64 -74.45 -52.79
N GLY F 277 75.37 -73.45 -52.31
CA GLY F 277 76.21 -72.66 -53.19
C GLY F 277 77.09 -71.69 -52.44
N PRO F 278 77.91 -70.92 -53.16
CA PRO F 278 78.77 -69.96 -52.49
C PRO F 278 77.99 -68.88 -51.78
N ILE F 279 78.65 -68.29 -50.78
CA ILE F 279 78.05 -67.25 -49.96
C ILE F 279 77.55 -66.10 -50.81
N GLY F 280 76.30 -65.72 -50.57
CA GLY F 280 75.61 -64.67 -51.30
C GLY F 280 74.67 -65.12 -52.39
N THR F 281 74.54 -66.42 -52.62
CA THR F 281 73.62 -66.94 -53.63
C THR F 281 72.19 -66.99 -53.11
N VAL F 282 71.22 -66.89 -54.02
CA VAL F 282 69.80 -66.88 -53.68
C VAL F 282 69.23 -68.29 -53.82
N ILE F 283 68.47 -68.72 -52.82
CA ILE F 283 67.87 -70.04 -52.77
C ILE F 283 66.35 -69.91 -52.71
N VAL F 284 65.64 -70.86 -53.32
CA VAL F 284 64.19 -70.88 -53.27
C VAL F 284 63.73 -72.33 -53.15
N THR F 285 62.48 -72.53 -52.69
CA THR F 285 61.91 -73.85 -52.51
C THR F 285 60.74 -74.08 -53.49
N PRO F 286 60.52 -75.32 -53.94
CA PRO F 286 59.51 -75.57 -54.98
C PRO F 286 58.07 -75.26 -54.60
N GLN F 287 57.34 -74.76 -55.61
CA GLN F 287 55.94 -74.35 -55.51
C GLN F 287 54.97 -75.49 -55.19
N ILE F 288 55.32 -76.73 -55.53
CA ILE F 288 54.46 -77.88 -55.27
C ILE F 288 54.26 -78.15 -53.78
N SER F 289 55.15 -77.65 -52.93
CA SER F 289 55.08 -77.87 -51.49
C SER F 289 54.46 -76.70 -50.74
N GLY F 290 53.88 -75.73 -51.43
CA GLY F 290 53.27 -74.57 -50.83
C GLY F 290 53.92 -73.26 -51.25
N PRO F 291 53.36 -72.14 -50.79
CA PRO F 291 53.90 -70.82 -51.18
C PRO F 291 55.41 -70.72 -50.99
N GLN F 292 56.07 -70.24 -52.03
CA GLN F 292 57.53 -70.16 -52.08
C GLN F 292 58.16 -69.16 -51.11
N GLN F 293 59.19 -69.61 -50.39
CA GLN F 293 59.94 -68.81 -49.43
C GLN F 293 61.36 -68.65 -49.95
N TYR F 294 61.81 -67.41 -50.17
CA TYR F 294 63.17 -67.15 -50.63
C TYR F 294 64.13 -67.04 -49.44
N SER F 295 65.41 -67.31 -49.69
CA SER F 295 66.42 -67.20 -48.64
C SER F 295 67.79 -66.91 -49.22
N LEU F 296 68.70 -66.45 -48.35
CA LEU F 296 70.07 -66.10 -48.71
C LEU F 296 71.04 -66.94 -47.87
N VAL F 297 72.09 -67.46 -48.51
CA VAL F 297 73.09 -68.26 -47.82
C VAL F 297 74.31 -67.42 -47.42
N LEU F 298 74.45 -67.21 -46.11
CA LEU F 298 75.56 -66.48 -45.51
C LEU F 298 76.64 -67.48 -45.09
N GLY F 299 77.69 -66.96 -44.43
CA GLY F 299 78.80 -67.79 -44.03
C GLY F 299 78.45 -68.86 -43.01
N ASP F 300 77.70 -68.50 -41.95
CA ASP F 300 77.40 -69.47 -40.90
C ASP F 300 75.99 -70.03 -40.95
N GLY F 301 75.18 -69.65 -41.93
CA GLY F 301 73.83 -70.16 -42.02
C GLY F 301 73.03 -69.38 -43.06
N VAL F 302 71.73 -69.59 -43.05
CA VAL F 302 70.84 -68.92 -44.00
C VAL F 302 69.85 -68.02 -43.29
N GLN F 303 69.54 -66.89 -43.92
CA GLN F 303 68.57 -65.93 -43.41
C GLN F 303 67.50 -65.71 -44.47
N THR F 304 66.25 -65.55 -44.05
CA THR F 304 65.13 -65.39 -44.97
C THR F 304 65.17 -64.03 -45.68
N LEU F 305 64.53 -63.98 -46.86
CA LEU F 305 64.42 -62.76 -47.66
C LEU F 305 62.96 -62.45 -48.01
N PRO F 306 62.57 -61.18 -47.97
CA PRO F 306 61.23 -60.83 -48.42
C PRO F 306 61.14 -60.92 -49.93
N PRO F 307 59.95 -61.18 -50.48
CA PRO F 307 59.83 -61.31 -51.95
C PRO F 307 60.44 -60.18 -52.77
N LEU F 308 60.15 -58.93 -52.41
CA LEU F 308 60.64 -57.76 -53.13
C LEU F 308 62.17 -57.60 -53.08
N VAL F 309 62.83 -58.01 -52.00
CA VAL F 309 64.29 -57.88 -51.93
C VAL F 309 64.99 -58.97 -52.74
N ALA F 310 64.44 -60.18 -52.76
CA ALA F 310 65.03 -61.26 -53.55
C ALA F 310 65.14 -60.86 -55.02
N GLN F 311 64.12 -60.18 -55.53
CA GLN F 311 64.12 -59.68 -56.90
C GLN F 311 65.26 -58.69 -57.13
N ILE F 312 65.51 -57.79 -56.18
CA ILE F 312 66.59 -56.81 -56.30
C ILE F 312 67.95 -57.51 -56.28
N LEU F 313 68.15 -58.48 -55.37
CA LEU F 313 69.41 -59.21 -55.30
C LEU F 313 69.71 -59.99 -56.59
N GLN F 314 68.70 -60.65 -57.16
CA GLN F 314 68.89 -61.37 -58.43
C GLN F 314 69.22 -60.42 -59.57
N ASN F 315 68.50 -59.32 -59.68
CA ASN F 315 68.70 -58.36 -60.75
C ASN F 315 70.07 -57.70 -60.66
N ALA F 316 70.46 -57.26 -59.47
CA ALA F 316 71.77 -56.63 -59.28
C ALA F 316 72.92 -57.63 -59.31
N GLY F 317 72.80 -58.73 -58.57
CA GLY F 317 73.84 -59.76 -58.53
C GLY F 317 73.80 -60.77 -59.66
N SER F 318 73.09 -60.43 -60.73
CA SER F 318 72.90 -61.31 -61.87
C SER F 318 74.22 -61.79 -62.49
N ALA F 319 75.03 -60.86 -62.99
CA ALA F 319 76.28 -61.21 -63.68
C ALA F 319 76.02 -62.26 -64.76
N GLY F 320 74.81 -62.20 -65.32
CA GLY F 320 74.32 -63.13 -66.32
C GLY F 320 73.31 -64.13 -65.81
N ASN F 321 73.32 -64.45 -64.52
CA ASN F 321 72.35 -65.39 -63.98
C ASN F 321 70.97 -64.75 -63.85
N THR F 322 69.92 -65.51 -64.15
CA THR F 322 68.57 -64.99 -64.09
C THR F 322 67.67 -65.66 -63.06
N LYS F 323 68.04 -66.81 -62.50
CA LYS F 323 67.15 -67.49 -61.56
C LYS F 323 67.87 -68.14 -60.40
N PRO F 324 67.18 -68.33 -59.27
CA PRO F 324 67.75 -68.98 -58.10
C PRO F 324 67.77 -70.50 -58.19
N LEU F 325 68.49 -71.11 -57.25
CA LEU F 325 68.57 -72.56 -57.11
C LEU F 325 67.34 -73.09 -56.38
N THR F 326 66.67 -74.08 -56.96
CA THR F 326 65.49 -74.67 -56.30
C THR F 326 65.91 -75.85 -55.43
N VAL F 327 65.63 -75.78 -54.11
CA VAL F 327 66.00 -76.85 -53.19
C VAL F 327 64.77 -77.32 -52.41
N GLU F 328 64.69 -78.62 -52.17
CA GLU F 328 63.61 -79.29 -51.46
C GLU F 328 63.66 -79.07 -49.94
N PRO F 329 62.50 -79.11 -49.28
CA PRO F 329 62.45 -78.93 -47.82
C PRO F 329 63.35 -79.85 -46.99
N SER F 330 63.45 -81.13 -47.37
CA SER F 330 64.28 -82.09 -46.65
C SER F 330 65.74 -81.69 -46.59
N THR F 331 66.28 -81.14 -47.66
CA THR F 331 67.67 -80.67 -47.63
C THR F 331 67.77 -79.29 -46.99
N LEU F 332 66.73 -78.47 -47.11
CA LEU F 332 66.68 -77.15 -46.50
C LEU F 332 66.64 -77.21 -44.98
N ALA F 333 65.82 -78.12 -44.43
CA ALA F 333 65.64 -78.27 -42.99
C ALA F 333 66.91 -78.55 -42.22
N LYS F 334 67.96 -79.02 -42.88
CA LYS F 334 69.23 -79.30 -42.20
C LYS F 334 70.09 -78.06 -41.99
N MET F 335 69.92 -77.03 -42.80
CA MET F 335 70.75 -75.84 -42.68
C MET F 335 70.38 -74.98 -41.46
N PRO F 336 71.36 -74.51 -40.70
CA PRO F 336 71.08 -73.67 -39.54
C PRO F 336 70.63 -72.28 -39.98
N VAL F 337 69.74 -71.71 -39.18
CA VAL F 337 69.19 -70.37 -39.41
C VAL F 337 70.06 -69.35 -38.70
N VAL F 338 70.35 -68.26 -39.41
CA VAL F 338 71.20 -67.17 -38.94
C VAL F 338 70.58 -65.85 -39.37
N ASN F 339 70.90 -64.79 -38.63
CA ASN F 339 70.43 -63.43 -38.91
C ASN F 339 71.60 -62.46 -38.78
N ARG F 340 72.16 -62.03 -39.91
CA ARG F 340 73.33 -61.16 -39.88
C ARG F 340 73.26 -59.90 -40.74
N LEU F 341 72.17 -59.60 -41.43
CA LEU F 341 72.11 -58.32 -42.15
C LEU F 341 70.72 -57.68 -42.06
N ASP F 342 70.73 -56.35 -41.97
CA ASP F 342 69.53 -55.52 -41.86
C ASP F 342 68.88 -55.28 -43.22
N LEU F 343 67.55 -55.49 -43.29
CA LEU F 343 66.83 -55.41 -44.54
C LEU F 343 65.44 -54.76 -44.42
N SER F 344 65.13 -54.11 -43.30
CA SER F 344 63.83 -53.50 -43.07
C SER F 344 63.57 -52.21 -43.83
N ALA F 345 64.56 -51.67 -44.54
CA ALA F 345 64.36 -50.43 -45.28
C ALA F 345 63.40 -50.55 -46.47
N TYR F 346 63.52 -51.63 -47.23
CA TYR F 346 62.71 -51.81 -48.43
C TYR F 346 61.25 -52.18 -48.14
N PRO F 347 60.32 -51.66 -48.95
CA PRO F 347 58.91 -52.00 -48.79
C PRO F 347 58.67 -53.43 -49.21
N ASP F 348 57.50 -53.97 -48.85
CA ASP F 348 57.18 -55.34 -49.22
C ASP F 348 56.36 -55.47 -50.51
N ASN F 349 56.07 -54.37 -51.22
CA ASN F 349 55.32 -54.43 -52.46
C ASN F 349 55.63 -53.17 -53.28
N PRO F 350 55.26 -53.14 -54.56
CA PRO F 350 55.57 -51.97 -55.40
C PRO F 350 55.04 -50.62 -54.91
N LEU F 351 55.80 -49.57 -55.25
CA LEU F 351 55.49 -48.18 -54.88
C LEU F 351 54.37 -47.58 -55.73
N GLU F 352 53.36 -47.00 -55.07
CA GLU F 352 52.23 -46.33 -55.73
C GLU F 352 52.55 -44.84 -55.95
N VAL F 353 53.53 -44.57 -56.81
CA VAL F 353 53.95 -43.17 -57.03
C VAL F 353 52.84 -42.27 -57.54
N VAL F 354 52.63 -41.17 -56.83
CA VAL F 354 51.62 -40.15 -57.15
C VAL F 354 52.07 -39.31 -58.34
N ASP F 355 51.15 -39.09 -59.28
CA ASP F 355 51.39 -38.23 -60.46
C ASP F 355 51.25 -36.78 -60.03
N ILE F 356 52.40 -36.11 -59.88
CA ILE F 356 52.50 -34.73 -59.37
C ILE F 356 51.63 -33.70 -60.08
N ARG F 357 51.32 -33.88 -61.36
CA ARG F 357 50.47 -32.88 -62.01
C ARG F 357 49.10 -32.78 -61.36
N GLU F 358 48.55 -33.88 -60.85
CA GLU F 358 47.24 -33.84 -60.22
C GLU F 358 47.30 -33.51 -58.72
N HIS F 359 48.48 -33.59 -58.09
CA HIS F 359 48.64 -33.25 -56.67
C HIS F 359 49.91 -32.41 -56.48
N PRO F 360 49.88 -31.14 -56.88
CA PRO F 360 51.08 -30.31 -56.80
C PRO F 360 51.45 -29.81 -55.40
N SER F 361 50.84 -30.31 -54.34
CA SER F 361 51.02 -29.77 -53.00
C SER F 361 51.29 -30.87 -51.98
N THR F 362 52.30 -30.67 -51.12
CA THR F 362 52.68 -31.65 -50.10
C THR F 362 53.10 -30.93 -48.81
N CYS F 363 52.72 -31.50 -47.66
CA CYS F 363 52.94 -30.86 -46.38
C CYS F 363 53.44 -31.87 -45.35
N TRP F 364 54.24 -31.39 -44.40
CA TRP F 364 54.60 -32.10 -43.17
C TRP F 364 53.68 -31.62 -42.05
N TRP F 365 53.09 -32.56 -41.31
CA TRP F 365 52.12 -32.25 -40.26
C TRP F 365 52.58 -32.80 -38.91
N TRP F 366 52.65 -31.93 -37.90
CA TRP F 366 52.96 -32.28 -36.51
C TRP F 366 51.79 -31.92 -35.61
N GLU F 367 51.40 -32.85 -34.72
CA GLU F 367 50.36 -32.57 -33.73
C GLU F 367 50.62 -33.32 -32.43
N ARG F 368 50.21 -32.70 -31.32
CA ARG F 368 50.32 -33.28 -29.98
C ARG F 368 49.09 -32.95 -29.16
N THR F 369 48.52 -33.95 -28.51
CA THR F 369 47.33 -33.78 -27.68
C THR F 369 47.75 -33.50 -26.24
N ALA F 370 47.01 -32.61 -25.58
CA ALA F 370 47.34 -32.33 -24.19
C ALA F 370 47.24 -33.60 -23.35
N GLY F 371 48.24 -33.79 -22.47
CA GLY F 371 48.32 -34.94 -21.62
C GLY F 371 49.03 -36.15 -22.23
N GLU F 372 49.40 -36.08 -23.50
CA GLU F 372 50.10 -37.18 -24.15
C GLU F 372 51.61 -37.06 -24.05
N ASN F 373 52.29 -38.20 -24.18
CA ASN F 373 53.73 -38.30 -24.12
C ASN F 373 54.38 -38.45 -25.50
N ARG F 374 53.60 -38.51 -26.58
CA ARG F 374 54.13 -38.68 -27.93
C ARG F 374 53.43 -37.79 -28.95
N ALA F 375 54.20 -37.19 -29.85
CA ALA F 375 53.66 -36.41 -30.94
C ALA F 375 53.53 -37.28 -32.18
N ARG F 376 52.59 -36.92 -33.06
CA ARG F 376 52.33 -37.66 -34.29
C ARG F 376 52.84 -36.92 -35.51
N VAL F 377 53.59 -37.61 -36.37
CA VAL F 377 54.18 -37.05 -37.59
C VAL F 377 53.66 -37.75 -38.83
N ARG F 378 53.13 -36.99 -39.79
CA ARG F 378 52.50 -37.51 -41.00
C ARG F 378 52.83 -36.61 -42.20
N VAL F 379 52.63 -37.13 -43.41
CA VAL F 379 52.70 -36.35 -44.65
C VAL F 379 51.35 -36.31 -45.36
N VAL F 380 51.00 -35.15 -45.90
CA VAL F 380 49.74 -34.94 -46.60
C VAL F 380 50.01 -34.44 -48.02
N SER F 381 49.23 -34.93 -49.00
CA SER F 381 49.34 -34.52 -50.40
C SER F 381 47.97 -34.22 -50.99
N GLY F 382 47.89 -33.17 -51.81
CA GLY F 382 46.62 -32.73 -52.33
C GLY F 382 46.75 -31.78 -53.50
N PRO F 383 45.62 -31.42 -54.11
CA PRO F 383 45.66 -30.45 -55.22
C PRO F 383 45.97 -29.05 -54.76
N THR F 384 45.63 -28.72 -53.52
CA THR F 384 45.86 -27.41 -52.94
C THR F 384 46.10 -27.55 -51.44
N ILE F 385 46.69 -26.50 -50.87
CA ILE F 385 46.99 -26.40 -49.44
C ILE F 385 45.78 -26.85 -48.64
N PRO F 386 45.98 -27.60 -47.55
CA PRO F 386 44.85 -28.17 -46.82
C PRO F 386 44.03 -27.18 -46.00
N VAL F 387 43.46 -26.18 -46.65
CA VAL F 387 42.62 -25.18 -46.00
C VAL F 387 41.25 -25.23 -46.65
N ALA F 388 40.21 -24.87 -45.88
CA ALA F 388 38.87 -24.88 -46.42
C ALA F 388 38.73 -23.90 -47.57
N ALA F 389 37.95 -24.29 -48.57
CA ALA F 389 37.75 -23.49 -49.77
C ALA F 389 37.18 -22.11 -49.51
N THR F 390 36.36 -21.96 -48.48
CA THR F 390 35.79 -20.65 -48.13
C THR F 390 36.83 -19.71 -47.52
N GLU F 391 37.74 -20.24 -46.71
CA GLU F 391 38.78 -19.50 -46.02
C GLU F 391 40.03 -19.24 -46.86
N MET F 392 40.10 -19.78 -48.07
CA MET F 392 41.27 -19.57 -48.92
C MET F 392 41.55 -18.09 -49.16
N ASN F 393 40.54 -17.24 -49.08
CA ASN F 393 40.77 -15.82 -49.27
C ASN F 393 41.46 -15.10 -48.12
N LYS F 394 41.45 -15.64 -46.90
CA LYS F 394 42.04 -14.94 -45.75
C LYS F 394 43.39 -15.53 -45.33
N VAL F 395 44.18 -15.98 -46.29
CA VAL F 395 45.60 -16.28 -46.08
C VAL F 395 46.38 -14.97 -46.17
N VAL F 396 47.32 -14.75 -45.25
CA VAL F 396 48.09 -13.51 -45.22
C VAL F 396 49.38 -13.65 -46.00
N SER F 397 49.65 -12.67 -46.87
CA SER F 397 50.87 -12.62 -47.68
C SER F 397 51.89 -11.71 -47.00
N LEU F 398 53.03 -12.28 -46.59
CA LEU F 398 54.05 -11.54 -45.86
C LEU F 398 55.04 -10.78 -46.73
N VAL F 399 55.63 -9.71 -46.16
CA VAL F 399 56.75 -9.07 -46.82
C VAL F 399 57.92 -10.03 -46.62
N LYS F 400 58.98 -9.90 -47.42
CA LYS F 400 60.05 -10.88 -47.19
C LYS F 400 61.45 -10.25 -47.29
N ALA F 401 61.88 -9.64 -46.19
CA ALA F 401 63.21 -9.02 -46.12
C ALA F 401 64.33 -10.05 -46.16
N ASP F 402 64.17 -11.18 -45.46
CA ASP F 402 65.17 -12.24 -45.45
C ASP F 402 65.08 -13.10 -46.71
N THR F 403 66.12 -13.02 -47.56
CA THR F 403 66.21 -13.75 -48.81
C THR F 403 66.93 -15.08 -48.70
N SER F 404 67.28 -15.52 -47.49
CA SER F 404 67.99 -16.78 -47.32
C SER F 404 67.12 -18.00 -47.54
N GLY F 405 65.81 -17.82 -47.73
CA GLY F 405 64.93 -18.95 -47.93
C GLY F 405 64.55 -19.68 -46.66
N ARG F 406 64.68 -19.01 -45.51
CA ARG F 406 64.35 -19.55 -44.21
C ARG F 406 63.18 -18.81 -43.60
N GLN F 407 62.38 -18.14 -44.43
CA GLN F 407 61.21 -17.39 -44.01
C GLN F 407 60.09 -17.69 -45.00
N ALA F 408 58.89 -17.92 -44.50
CA ALA F 408 57.77 -18.30 -45.35
C ALA F 408 57.23 -17.13 -46.16
N ASP F 409 56.44 -17.48 -47.19
CA ASP F 409 55.75 -16.54 -48.05
C ASP F 409 54.34 -16.21 -47.57
N GLN F 410 53.65 -17.20 -47.01
CA GLN F 410 52.27 -17.05 -46.57
C GLN F 410 52.05 -17.69 -45.21
N VAL F 411 51.11 -17.15 -44.44
CA VAL F 411 50.77 -17.65 -43.12
C VAL F 411 49.26 -17.75 -42.99
N TYR F 412 48.77 -18.83 -42.37
CA TYR F 412 47.34 -19.04 -42.13
C TYR F 412 47.07 -19.50 -40.71
N PHE F 413 46.15 -18.81 -40.03
CA PHE F 413 45.73 -19.11 -38.66
C PHE F 413 44.32 -19.72 -38.68
N GLY F 414 44.25 -21.04 -38.72
CA GLY F 414 43.00 -21.76 -38.76
C GLY F 414 42.29 -21.88 -37.43
N PRO F 415 41.30 -22.76 -37.36
CA PRO F 415 40.59 -23.00 -36.11
C PRO F 415 41.46 -23.62 -35.02
N ASP F 416 41.21 -23.21 -33.77
CA ASP F 416 41.97 -23.66 -32.60
C ASP F 416 43.46 -23.35 -32.70
N HIS F 417 43.79 -22.17 -33.18
CA HIS F 417 45.18 -21.77 -33.25
C HIS F 417 45.69 -21.38 -31.86
N ALA F 418 47.01 -21.24 -31.72
CA ALA F 418 47.64 -20.87 -30.45
C ALA F 418 48.43 -19.57 -30.57
N ASN F 419 48.18 -18.65 -29.64
CA ASN F 419 48.84 -17.35 -29.56
C ASN F 419 50.12 -17.33 -28.75
N PHE F 420 50.10 -17.92 -27.56
CA PHE F 420 51.23 -17.95 -26.64
C PHE F 420 51.83 -19.34 -26.73
N VAL F 421 53.10 -19.43 -27.13
CA VAL F 421 53.75 -20.70 -27.46
C VAL F 421 55.09 -20.90 -26.78
N ALA F 422 55.46 -22.17 -26.57
CA ALA F 422 56.74 -22.58 -26.01
C ALA F 422 57.48 -23.51 -26.98
N VAL F 423 58.74 -23.19 -27.27
CA VAL F 423 59.56 -23.95 -28.22
C VAL F 423 59.94 -25.33 -27.70
N THR F 424 59.91 -26.33 -28.58
CA THR F 424 60.26 -27.71 -28.24
C THR F 424 61.05 -28.35 -29.37
N GLY F 425 61.65 -29.50 -29.07
CA GLY F 425 62.39 -30.23 -30.08
C GLY F 425 61.50 -30.74 -31.20
N ASN F 426 62.13 -31.04 -32.35
CA ASN F 426 61.41 -31.48 -33.53
C ASN F 426 61.05 -32.97 -33.55
N ASN F 427 61.76 -33.83 -32.83
CA ASN F 427 61.44 -35.24 -32.83
C ASN F 427 60.13 -35.50 -32.09
N PRO F 428 59.47 -36.62 -32.37
CA PRO F 428 58.18 -36.92 -31.72
C PRO F 428 58.25 -37.23 -30.22
N GLY F 429 59.42 -37.53 -29.66
CA GLY F 429 59.54 -37.86 -28.26
C GLY F 429 60.06 -36.76 -27.35
N ALA F 430 60.26 -35.55 -27.86
CA ALA F 430 60.77 -34.42 -27.09
C ALA F 430 59.82 -34.01 -25.96
N GLN F 431 60.41 -33.62 -24.81
CA GLN F 431 59.63 -33.20 -23.65
C GLN F 431 60.01 -31.84 -23.07
N THR F 432 61.06 -31.19 -23.55
CA THR F 432 61.47 -29.89 -23.03
C THR F 432 60.49 -28.78 -23.38
N SER F 433 60.72 -27.61 -22.76
CA SER F 433 59.96 -26.37 -22.98
C SER F 433 60.98 -25.26 -22.70
N GLU F 434 61.63 -24.79 -23.77
CA GLU F 434 62.78 -23.92 -23.67
C GLU F 434 62.58 -22.40 -23.72
N SER F 435 61.57 -21.85 -24.39
CA SER F 435 61.40 -20.40 -24.38
C SER F 435 59.98 -20.03 -24.76
N LEU F 436 59.56 -18.82 -24.38
CA LEU F 436 58.20 -18.35 -24.60
C LEU F 436 58.15 -17.27 -25.69
N TRP F 437 57.14 -17.37 -26.56
CA TRP F 437 56.93 -16.45 -27.68
C TRP F 437 55.46 -16.07 -27.83
N TRP F 438 55.21 -14.92 -28.46
CA TRP F 438 53.86 -14.43 -28.78
C TRP F 438 53.74 -14.26 -30.29
N VAL F 439 52.69 -14.84 -30.89
CA VAL F 439 52.45 -14.78 -32.34
C VAL F 439 51.23 -13.91 -32.64
N THR F 440 51.43 -12.82 -33.38
CA THR F 440 50.38 -11.87 -33.73
C THR F 440 49.55 -12.32 -34.93
N ASP F 441 48.36 -11.70 -35.02
CA ASP F 441 47.44 -11.98 -36.11
C ASP F 441 48.05 -11.61 -37.46
N ALA F 442 48.93 -10.61 -37.49
CA ALA F 442 49.62 -10.19 -38.71
C ALA F 442 50.78 -11.08 -39.10
N GLY F 443 51.10 -12.12 -38.32
CA GLY F 443 52.15 -13.07 -38.64
C GLY F 443 53.51 -12.93 -37.99
N ALA F 444 53.84 -11.83 -37.33
CA ALA F 444 55.16 -11.73 -36.71
C ALA F 444 55.17 -12.33 -35.30
N ARG F 445 56.33 -12.81 -34.86
CA ARG F 445 56.51 -13.38 -33.52
C ARG F 445 57.42 -12.52 -32.66
N PHE F 446 57.03 -12.33 -31.39
CA PHE F 446 57.76 -11.51 -30.43
C PHE F 446 58.14 -12.31 -29.19
N GLY F 447 59.36 -12.11 -28.67
CA GLY F 447 59.80 -12.86 -27.50
C GLY F 447 59.34 -12.23 -26.18
N VAL F 448 59.08 -13.08 -25.19
CA VAL F 448 58.65 -12.64 -23.85
C VAL F 448 59.65 -13.08 -22.79
N GLU F 449 60.23 -12.14 -22.04
CA GLU F 449 61.16 -12.51 -20.98
C GLU F 449 60.43 -13.22 -19.85
N ASP F 450 60.91 -14.39 -19.49
CA ASP F 450 60.28 -15.25 -18.48
C ASP F 450 60.53 -14.79 -17.05
N SER F 451 59.92 -13.67 -16.69
CA SER F 451 60.01 -13.12 -15.34
C SER F 451 58.63 -12.75 -14.83
N LYS F 452 58.42 -12.97 -13.53
CA LYS F 452 57.15 -12.71 -12.87
C LYS F 452 56.56 -11.33 -13.19
N GLU F 453 57.39 -10.30 -13.28
CA GLU F 453 56.89 -8.95 -13.56
C GLU F 453 56.43 -8.76 -15.01
N ALA F 454 57.15 -9.33 -15.96
CA ALA F 454 56.77 -9.21 -17.37
C ALA F 454 55.50 -10.01 -17.65
N ARG F 455 55.45 -11.23 -17.16
CA ARG F 455 54.28 -12.09 -17.33
C ARG F 455 53.03 -11.44 -16.78
N ASP F 456 53.08 -10.93 -15.54
CA ASP F 456 51.93 -10.28 -14.93
C ASP F 456 51.58 -8.93 -15.53
N ALA F 457 52.55 -8.15 -15.97
CA ALA F 457 52.21 -6.87 -16.59
C ALA F 457 51.44 -7.09 -17.89
N LEU F 458 51.89 -8.00 -18.74
CA LEU F 458 51.22 -8.27 -20.00
C LEU F 458 49.93 -9.09 -19.85
N GLY F 459 49.78 -9.86 -18.78
CA GLY F 459 48.59 -10.67 -18.59
C GLY F 459 48.73 -12.08 -19.11
N LEU F 460 49.94 -12.62 -19.07
CA LEU F 460 50.34 -13.93 -19.55
C LEU F 460 50.59 -14.93 -18.43
N THR F 461 49.94 -14.75 -17.28
CA THR F 461 50.03 -15.72 -16.20
C THR F 461 48.99 -16.77 -16.55
N LEU F 462 49.46 -17.70 -17.37
CA LEU F 462 48.72 -18.79 -18.01
C LEU F 462 49.74 -19.79 -18.50
N THR F 463 49.28 -21.04 -18.87
CA THR F 463 50.28 -22.01 -19.37
C THR F 463 50.35 -22.05 -20.89
N PRO F 464 51.54 -21.86 -21.47
CA PRO F 464 51.69 -21.85 -22.92
C PRO F 464 51.61 -23.21 -23.60
N SER F 465 51.18 -23.19 -24.85
CA SER F 465 51.07 -24.37 -25.72
C SER F 465 52.41 -24.66 -26.40
N LEU F 466 52.67 -25.93 -26.70
CA LEU F 466 53.94 -26.31 -27.32
C LEU F 466 53.96 -26.09 -28.83
N ALA F 467 55.16 -25.84 -29.38
CA ALA F 467 55.35 -25.71 -30.82
C ALA F 467 56.75 -26.19 -31.21
N PRO F 468 56.94 -26.74 -32.40
CA PRO F 468 58.28 -27.17 -32.82
C PRO F 468 59.06 -26.05 -33.50
N TRP F 469 60.39 -26.07 -33.33
CA TRP F 469 61.22 -25.03 -33.92
C TRP F 469 61.23 -25.02 -35.45
N VAL F 470 61.13 -26.17 -36.12
CA VAL F 470 61.11 -26.19 -37.59
C VAL F 470 59.96 -25.37 -38.19
N ALA F 471 58.80 -25.40 -37.56
CA ALA F 471 57.66 -24.64 -38.04
C ALA F 471 57.68 -23.20 -37.59
N LEU F 472 58.01 -22.96 -36.32
CA LEU F 472 58.01 -21.63 -35.75
C LEU F 472 59.11 -20.73 -36.31
N ARG F 473 60.29 -21.26 -36.61
CA ARG F 473 61.38 -20.41 -37.09
C ARG F 473 61.05 -19.64 -38.37
N LEU F 474 59.98 -19.98 -39.09
CA LEU F 474 59.69 -19.38 -40.38
C LEU F 474 58.98 -18.03 -40.29
N LEU F 475 58.44 -17.64 -39.15
CA LEU F 475 57.79 -16.35 -38.99
C LEU F 475 58.80 -15.25 -38.65
N PRO F 476 58.63 -14.02 -39.15
CA PRO F 476 59.59 -12.94 -38.86
C PRO F 476 59.60 -12.54 -37.39
N GLN F 477 60.79 -12.24 -36.88
CA GLN F 477 60.99 -11.91 -35.47
C GLN F 477 61.12 -10.42 -35.18
N GLY F 478 60.27 -9.91 -34.27
CA GLY F 478 60.31 -8.54 -33.83
C GLY F 478 61.09 -8.34 -32.55
N PRO F 479 61.11 -7.12 -32.03
CA PRO F 479 61.82 -6.82 -30.79
C PRO F 479 61.27 -7.60 -29.59
N THR F 480 62.10 -7.69 -28.54
CA THR F 480 61.74 -8.42 -27.33
C THR F 480 60.86 -7.57 -26.42
N LEU F 481 59.89 -8.21 -25.77
CA LEU F 481 58.99 -7.55 -24.81
C LEU F 481 59.51 -7.73 -23.39
N SER F 482 59.90 -6.63 -22.75
CA SER F 482 60.37 -6.67 -21.37
C SER F 482 60.20 -5.29 -20.76
N ARG F 483 60.01 -5.26 -19.43
CA ARG F 483 59.77 -4.01 -18.72
C ARG F 483 60.91 -3.01 -18.84
N ALA F 484 62.16 -3.46 -18.89
CA ALA F 484 63.29 -2.56 -19.02
C ALA F 484 63.37 -1.91 -20.39
N ASP F 485 63.09 -2.67 -21.44
CA ASP F 485 63.13 -2.22 -22.82
C ASP F 485 62.12 -1.11 -23.14
N ALA F 486 61.02 -1.03 -22.41
CA ALA F 486 59.98 -0.04 -22.66
C ALA F 486 60.16 1.28 -21.92
N LEU F 487 60.93 1.31 -20.85
CA LEU F 487 61.17 2.53 -20.08
C LEU F 487 62.22 3.42 -20.75
N VAL F 488 61.87 3.92 -21.95
CA VAL F 488 62.74 4.80 -22.72
C VAL F 488 61.92 5.88 -23.41
N GLU F 489 62.53 7.04 -23.63
CA GLU F 489 61.95 8.19 -24.31
C GLU F 489 62.59 8.45 -25.66
N HIS F 490 61.80 8.93 -26.61
CA HIS F 490 62.30 9.22 -27.95
C HIS F 490 61.82 10.57 -28.46
N ASP F 491 62.67 11.34 -29.10
CA ASP F 491 62.17 12.58 -29.70
C ASP F 491 61.35 12.23 -30.93
N THR F 492 61.98 11.52 -31.87
CA THR F 492 61.36 11.07 -33.10
C THR F 492 62.04 9.78 -33.54
N LEU F 493 61.32 8.96 -34.24
CA LEU F 493 61.85 7.67 -34.68
C LEU F 493 62.55 7.78 -36.03
N PRO F 494 63.58 6.98 -36.26
CA PRO F 494 64.29 6.97 -37.53
C PRO F 494 63.57 6.07 -38.53
N MET F 495 64.08 6.08 -39.76
CA MET F 495 63.54 5.20 -40.81
C MET F 495 64.73 4.87 -41.72
N ASP F 496 65.39 3.76 -41.41
CA ASP F 496 66.57 3.27 -42.09
C ASP F 496 66.32 3.01 -43.57
N MET G 1 -98.47 -43.66 42.04
CA MET G 1 -98.20 -42.38 42.69
C MET G 1 -96.73 -41.96 42.50
N LYS G 2 -96.57 -40.68 42.13
CA LYS G 2 -95.28 -40.07 41.83
C LYS G 2 -95.02 -38.80 42.64
N ARG G 3 -93.73 -38.54 42.87
CA ARG G 3 -93.25 -37.32 43.51
C ARG G 3 -93.35 -36.13 42.55
N GLY G 4 -93.82 -34.99 43.08
CA GLY G 4 -93.93 -33.79 42.27
C GLY G 4 -92.58 -33.16 41.96
N PHE G 5 -92.53 -32.46 40.83
CA PHE G 5 -91.30 -31.80 40.37
C PHE G 5 -91.65 -30.59 39.52
N ALA G 6 -91.28 -29.40 39.99
CA ALA G 6 -91.51 -28.15 39.27
C ALA G 6 -90.20 -27.66 38.66
N ARG G 7 -90.20 -27.43 37.36
CA ARG G 7 -88.98 -27.01 36.68
C ARG G 7 -88.70 -25.50 36.86
N PRO G 8 -87.55 -25.13 37.41
CA PRO G 8 -87.20 -23.72 37.63
C PRO G 8 -86.63 -23.07 36.37
N THR G 9 -86.27 -21.79 36.49
CA THR G 9 -85.62 -21.10 35.40
C THR G 9 -84.26 -21.76 35.11
N PRO G 10 -83.95 -22.10 33.86
CA PRO G 10 -82.70 -22.78 33.56
C PRO G 10 -81.45 -22.03 34.00
N GLU G 11 -80.46 -22.79 34.50
CA GLU G 11 -79.18 -22.26 34.94
C GLU G 11 -78.36 -21.81 33.72
N LYS G 12 -77.52 -20.79 33.89
CA LYS G 12 -76.73 -20.29 32.75
C LYS G 12 -75.68 -21.27 32.22
N PRO G 13 -75.74 -21.65 30.95
CA PRO G 13 -74.74 -22.54 30.40
C PRO G 13 -73.42 -21.81 30.16
N PRO G 14 -72.28 -22.50 30.18
CA PRO G 14 -71.01 -21.83 29.93
C PRO G 14 -70.95 -21.27 28.51
N VAL G 15 -70.66 -19.97 28.43
CA VAL G 15 -70.62 -19.22 27.17
C VAL G 15 -69.46 -19.61 26.27
N ILE G 16 -69.75 -19.78 24.96
CA ILE G 16 -68.78 -20.08 23.90
C ILE G 16 -68.24 -18.76 23.35
N LYS G 17 -66.93 -18.67 23.12
CA LYS G 17 -66.34 -17.45 22.56
C LYS G 17 -65.68 -17.67 21.19
N PRO G 18 -66.22 -17.14 20.10
CA PRO G 18 -65.58 -17.28 18.78
C PRO G 18 -64.27 -16.48 18.66
N GLU G 19 -63.51 -16.79 17.60
CA GLU G 19 -62.23 -16.14 17.32
C GLU G 19 -61.92 -16.08 15.83
N ASN G 20 -61.61 -14.87 15.32
CA ASN G 20 -61.18 -14.65 13.94
C ASN G 20 -59.66 -14.54 13.91
N ILE G 21 -58.97 -15.45 13.21
CA ILE G 21 -57.49 -15.46 13.20
C ILE G 21 -56.96 -15.49 11.76
N VAL G 22 -56.01 -14.59 11.45
CA VAL G 22 -55.38 -14.54 10.13
C VAL G 22 -53.95 -15.09 10.22
N LEU G 23 -53.62 -16.06 9.38
CA LEU G 23 -52.31 -16.74 9.43
C LEU G 23 -51.11 -15.88 8.99
N SER G 24 -49.93 -16.26 9.52
CA SER G 24 -48.65 -15.64 9.18
C SER G 24 -48.19 -16.02 7.77
N THR G 25 -47.87 -15.06 6.92
CA THR G 25 -47.38 -15.43 5.57
C THR G 25 -45.98 -16.06 5.61
N PRO G 26 -45.76 -17.18 4.91
CA PRO G 26 -44.44 -17.85 4.92
C PRO G 26 -43.28 -17.00 4.43
N LEU G 27 -42.07 -17.46 4.76
CA LEU G 27 -40.82 -16.83 4.32
C LEU G 27 -40.56 -17.07 2.84
N SER G 28 -39.76 -16.20 2.24
CA SER G 28 -39.38 -16.27 0.83
C SER G 28 -37.94 -16.73 0.67
N ILE G 29 -37.70 -17.63 -0.28
CA ILE G 29 -36.36 -18.18 -0.51
C ILE G 29 -35.41 -17.08 -1.00
N PRO G 30 -34.22 -16.93 -0.43
CA PRO G 30 -33.28 -15.88 -0.89
C PRO G 30 -32.77 -16.13 -2.29
N PRO G 31 -32.90 -15.17 -3.21
CA PRO G 31 -32.39 -15.37 -4.59
C PRO G 31 -30.88 -15.59 -4.58
N PRO G 32 -30.33 -16.25 -5.63
CA PRO G 32 -28.93 -16.72 -5.70
C PRO G 32 -27.79 -15.75 -6.01
N GLU G 33 -27.40 -14.95 -5.01
CA GLU G 33 -26.24 -14.07 -5.14
C GLU G 33 -24.97 -14.89 -5.34
N GLY G 34 -24.08 -14.46 -6.25
CA GLY G 34 -22.89 -15.26 -6.53
C GLY G 34 -21.53 -14.59 -6.66
N LYS G 35 -20.58 -15.18 -5.92
CA LYS G 35 -19.16 -14.80 -5.89
C LYS G 35 -18.38 -15.15 -7.16
N PRO G 36 -17.45 -14.27 -7.63
CA PRO G 36 -16.62 -14.55 -8.80
C PRO G 36 -15.40 -15.41 -8.44
N TRP G 37 -15.67 -16.60 -7.94
CA TRP G 37 -14.68 -17.54 -7.43
C TRP G 37 -13.38 -17.68 -8.24
N TRP G 38 -13.48 -17.82 -9.57
CA TRP G 38 -12.29 -17.99 -10.41
C TRP G 38 -11.27 -16.84 -10.32
N LEU G 39 -11.73 -15.62 -10.07
CA LEU G 39 -10.82 -14.47 -10.01
C LEU G 39 -9.80 -14.61 -8.88
N ILE G 40 -10.26 -14.91 -7.67
CA ILE G 40 -9.37 -15.10 -6.51
C ILE G 40 -8.51 -16.35 -6.68
N VAL G 41 -8.96 -17.34 -7.45
CA VAL G 41 -8.16 -18.55 -7.70
C VAL G 41 -6.96 -18.23 -8.58
N VAL G 42 -7.13 -17.38 -9.60
CA VAL G 42 -6.02 -16.95 -10.43
C VAL G 42 -5.10 -16.02 -9.63
N GLY G 43 -5.68 -15.18 -8.78
CA GLY G 43 -4.97 -14.27 -7.91
C GLY G 43 -3.91 -14.95 -7.06
N VAL G 44 -4.28 -15.94 -6.25
CA VAL G 44 -3.32 -16.64 -5.38
C VAL G 44 -2.23 -17.34 -6.18
N VAL G 45 -2.47 -17.67 -7.43
CA VAL G 45 -1.45 -18.29 -8.28
C VAL G 45 -0.43 -17.24 -8.73
N VAL G 46 -0.91 -16.10 -9.21
CA VAL G 46 -0.02 -15.03 -9.68
C VAL G 46 0.88 -14.53 -8.55
N VAL G 47 0.32 -14.27 -7.36
CA VAL G 47 1.15 -13.83 -6.24
C VAL G 47 2.14 -14.92 -5.83
N GLY G 48 1.75 -16.18 -5.99
CA GLY G 48 2.64 -17.29 -5.65
C GLY G 48 3.77 -17.45 -6.64
N LEU G 49 3.46 -17.32 -7.93
CA LEU G 49 4.42 -17.43 -9.02
C LEU G 49 5.49 -16.34 -8.96
N LEU G 50 5.15 -15.17 -8.41
CA LEU G 50 6.09 -14.06 -8.25
C LEU G 50 7.23 -14.45 -7.31
N GLY G 51 6.89 -14.99 -6.14
CA GLY G 51 7.89 -15.42 -5.18
C GLY G 51 8.84 -16.45 -5.74
N GLY G 52 8.32 -17.35 -6.57
CA GLY G 52 9.17 -18.34 -7.22
C GLY G 52 10.17 -17.68 -8.16
N MET G 53 9.72 -16.71 -8.93
CA MET G 53 10.59 -15.95 -9.85
C MET G 53 11.69 -15.23 -9.06
N VAL G 54 11.36 -14.66 -7.92
CA VAL G 54 12.33 -13.97 -7.06
C VAL G 54 13.34 -14.96 -6.45
N ALA G 55 12.87 -16.05 -5.86
CA ALA G 55 13.73 -17.04 -5.22
C ALA G 55 14.74 -17.65 -6.20
N MET G 56 14.29 -18.01 -7.39
CA MET G 56 15.14 -18.62 -8.41
C MET G 56 16.38 -17.77 -8.73
N VAL G 57 16.28 -16.45 -8.67
CA VAL G 57 17.41 -15.56 -8.93
C VAL G 57 18.43 -15.63 -7.79
N PHE G 58 18.00 -15.71 -6.54
CA PHE G 58 18.93 -15.83 -5.42
C PHE G 58 19.72 -17.13 -5.47
N ALA G 59 19.07 -18.23 -5.81
CA ALA G 59 19.77 -19.51 -5.91
C ALA G 59 20.84 -19.50 -6.99
N SER G 60 20.71 -18.62 -7.97
CA SER G 60 21.72 -18.48 -9.02
C SER G 60 22.89 -17.61 -8.57
N GLY G 61 22.75 -16.92 -7.43
CA GLY G 61 23.79 -16.07 -6.87
C GLY G 61 23.85 -14.64 -7.37
N SER G 62 22.92 -14.21 -8.22
CA SER G 62 22.98 -12.84 -8.73
C SER G 62 22.73 -11.83 -7.61
N HIS G 63 21.82 -12.16 -6.68
CA HIS G 63 21.48 -11.36 -5.50
C HIS G 63 21.29 -9.87 -5.78
N VAL G 64 20.76 -9.56 -6.96
CA VAL G 64 20.51 -8.20 -7.43
C VAL G 64 19.50 -7.43 -6.59
N PHE G 65 18.69 -8.14 -5.80
CA PHE G 65 17.68 -7.56 -4.92
C PHE G 65 18.29 -6.97 -3.64
N GLY G 66 17.42 -6.25 -2.91
CA GLY G 66 17.84 -5.51 -1.73
C GLY G 66 18.00 -4.06 -2.14
N GLY G 67 17.34 -3.17 -1.39
CA GLY G 67 17.35 -1.75 -1.73
C GLY G 67 16.72 -1.46 -3.10
N ILE G 68 17.50 -0.85 -3.98
CA ILE G 68 17.09 -0.46 -5.33
C ILE G 68 16.26 -1.53 -6.05
N GLY G 69 16.77 -2.75 -6.08
CA GLY G 69 16.08 -3.84 -6.78
C GLY G 69 14.76 -4.26 -6.15
N SER G 70 14.75 -4.47 -4.83
CA SER G 70 13.55 -4.92 -4.12
C SER G 70 12.34 -4.01 -4.30
N ILE G 71 12.54 -2.73 -4.62
CA ILE G 71 11.39 -1.82 -4.81
C ILE G 71 10.49 -2.29 -5.96
N PHE G 72 11.04 -2.94 -6.99
CA PHE G 72 10.23 -3.44 -8.09
C PHE G 72 9.23 -4.50 -7.64
N PRO G 73 9.65 -5.67 -7.17
CA PRO G 73 8.69 -6.68 -6.69
C PRO G 73 7.82 -6.18 -5.55
N LEU G 74 8.32 -5.29 -4.70
CA LEU G 74 7.50 -4.74 -3.63
C LEU G 74 6.31 -3.95 -4.19
N PHE G 75 6.56 -3.00 -5.09
CA PHE G 75 5.48 -2.20 -5.66
C PHE G 75 4.59 -3.04 -6.58
N MET G 76 5.20 -3.97 -7.32
CA MET G 76 4.48 -4.87 -8.21
C MET G 76 3.47 -5.75 -7.45
N MET G 77 3.83 -6.20 -6.25
CA MET G 77 2.95 -7.01 -5.41
C MET G 77 1.66 -6.26 -5.01
N VAL G 78 1.76 -4.97 -4.74
CA VAL G 78 0.57 -4.18 -4.37
C VAL G 78 -0.45 -4.18 -5.49
N GLY G 79 0.01 -4.08 -6.74
CA GLY G 79 -0.89 -4.08 -7.89
C GLY G 79 -1.75 -5.32 -8.03
N ILE G 80 -1.20 -6.51 -7.74
CA ILE G 80 -1.97 -7.74 -7.82
C ILE G 80 -3.08 -7.75 -6.77
N MET G 81 -2.74 -7.40 -5.54
CA MET G 81 -3.72 -7.33 -4.44
C MET G 81 -4.83 -6.32 -4.76
N MET G 82 -4.45 -5.20 -5.36
CA MET G 82 -5.37 -4.14 -5.75
C MET G 82 -6.34 -4.60 -6.85
N MET G 83 -5.88 -5.43 -7.78
CA MET G 83 -6.74 -5.97 -8.84
C MET G 83 -7.75 -7.00 -8.31
N MET G 84 -7.42 -7.74 -7.25
CA MET G 84 -8.36 -8.67 -6.64
C MET G 84 -9.43 -7.94 -5.83
N PHE G 85 -9.02 -6.92 -5.07
CA PHE G 85 -9.95 -6.14 -4.25
C PHE G 85 -10.99 -5.44 -5.10
N ARG G 86 -10.63 -5.01 -6.31
CA ARG G 86 -11.59 -4.39 -7.22
C ARG G 86 -12.76 -5.33 -7.51
N GLY G 87 -12.54 -6.64 -7.42
CA GLY G 87 -13.57 -7.66 -7.55
C GLY G 87 -14.49 -7.74 -6.33
N MET G 88 -14.05 -7.18 -5.20
CA MET G 88 -14.77 -7.17 -3.92
C MET G 88 -16.00 -6.25 -3.90
N GLY G 89 -16.01 -5.17 -4.67
CA GLY G 89 -17.08 -4.16 -4.68
C GLY G 89 -18.36 -4.39 -5.46
N GLY G 90 -18.75 -5.65 -5.66
CA GLY G 90 -19.92 -6.03 -6.44
C GLY G 90 -21.29 -5.82 -5.78
N GLY G 91 -21.37 -5.41 -4.51
CA GLY G 91 -22.68 -5.22 -3.91
C GLY G 91 -22.61 -4.96 -2.43
N GLN G 92 -23.78 -4.55 -1.86
CA GLN G 92 -23.90 -4.24 -0.43
C GLN G 92 -25.26 -4.73 0.11
N GLN G 93 -25.33 -6.03 0.40
CA GLN G 93 -26.53 -6.67 0.94
C GLN G 93 -26.11 -7.99 1.58
N GLN G 94 -26.91 -8.46 2.55
CA GLN G 94 -26.63 -9.71 3.26
C GLN G 94 -27.85 -10.59 3.46
N MET G 95 -27.64 -11.91 3.37
CA MET G 95 -28.65 -12.95 3.52
C MET G 95 -28.07 -14.16 4.29
N SER G 96 -27.10 -13.86 5.16
CA SER G 96 -26.33 -14.80 5.98
C SER G 96 -27.17 -15.81 6.76
N ARG G 97 -26.58 -16.99 6.96
CA ARG G 97 -27.19 -18.08 7.74
C ARG G 97 -27.65 -17.55 9.09
N PRO G 98 -26.86 -16.78 9.83
CA PRO G 98 -27.32 -16.17 11.08
C PRO G 98 -28.61 -15.35 10.94
N LYS G 99 -28.85 -14.70 9.81
CA LYS G 99 -30.06 -13.91 9.59
C LYS G 99 -31.21 -14.77 9.06
N LEU G 100 -30.94 -15.74 8.21
CA LEU G 100 -32.02 -16.62 7.72
C LEU G 100 -32.54 -17.50 8.84
N ASP G 101 -31.64 -18.06 9.64
CA ASP G 101 -32.04 -18.86 10.80
C ASP G 101 -32.74 -18.00 11.84
N ALA G 102 -32.46 -16.70 11.86
CA ALA G 102 -33.13 -15.77 12.76
C ALA G 102 -34.59 -15.54 12.35
N MET G 103 -34.87 -15.44 11.05
CA MET G 103 -36.27 -15.31 10.60
C MET G 103 -37.05 -16.59 10.85
N ARG G 104 -36.40 -17.74 10.68
CA ARG G 104 -37.03 -19.03 10.97
C ARG G 104 -37.39 -19.14 12.44
N ALA G 105 -36.45 -18.83 13.32
CA ALA G 105 -36.66 -18.90 14.76
C ALA G 105 -37.81 -17.99 15.22
N GLN G 106 -37.95 -16.82 14.61
CA GLN G 106 -39.06 -15.91 14.96
C GLN G 106 -40.40 -16.42 14.43
N PHE G 107 -40.45 -16.90 13.20
CA PHE G 107 -41.70 -17.42 12.63
C PHE G 107 -42.25 -18.60 13.43
N MET G 108 -41.40 -19.53 13.85
CA MET G 108 -41.88 -20.69 14.62
C MET G 108 -42.52 -20.25 15.93
N LEU G 109 -41.97 -19.23 16.58
CA LEU G 109 -42.54 -18.73 17.83
C LEU G 109 -43.88 -18.02 17.61
N MET G 110 -44.01 -17.24 16.53
CA MET G 110 -45.26 -16.57 16.21
C MET G 110 -46.38 -17.56 15.90
N LEU G 111 -46.05 -18.68 15.27
CA LEU G 111 -47.04 -19.71 14.96
C LEU G 111 -47.55 -20.40 16.22
N ASP G 112 -46.67 -20.61 17.21
CA ASP G 112 -47.10 -21.24 18.47
C ASP G 112 -48.05 -20.36 19.27
N MET G 113 -47.96 -19.04 19.18
CA MET G 113 -48.93 -18.18 19.88
C MET G 113 -50.33 -18.31 19.27
N LEU G 114 -50.44 -18.61 17.97
CA LEU G 114 -51.75 -18.84 17.37
C LEU G 114 -52.34 -20.14 17.92
N ARG G 115 -51.47 -21.13 18.13
CA ARG G 115 -51.89 -22.40 18.73
C ARG G 115 -52.51 -22.16 20.10
N GLU G 116 -51.84 -21.39 20.95
CA GLU G 116 -52.38 -21.07 22.28
C GLU G 116 -53.76 -20.42 22.19
N THR G 117 -53.98 -19.54 21.21
CA THR G 117 -55.27 -18.89 21.03
C THR G 117 -56.36 -19.90 20.62
N ALA G 118 -56.03 -20.86 19.77
CA ALA G 118 -56.99 -21.88 19.36
C ALA G 118 -57.40 -22.77 20.53
N GLN G 119 -56.43 -23.23 21.32
CA GLN G 119 -56.68 -24.13 22.45
C GLN G 119 -57.70 -23.55 23.44
N GLU G 120 -57.57 -22.29 23.83
CA GLU G 120 -58.55 -21.69 24.75
C GLU G 120 -59.97 -21.68 24.19
N SER G 121 -60.13 -21.37 22.91
CA SER G 121 -61.48 -21.39 22.32
C SER G 121 -62.03 -22.81 22.26
N ALA G 122 -61.19 -23.79 21.96
CA ALA G 122 -61.63 -25.18 21.88
C ALA G 122 -62.13 -25.70 23.23
N ASP G 123 -61.46 -25.34 24.32
CA ASP G 123 -61.92 -25.74 25.66
C ASP G 123 -63.31 -25.18 25.97
N SER G 124 -63.60 -23.97 25.52
CA SER G 124 -64.92 -23.37 25.76
C SER G 124 -66.01 -24.17 25.04
N MET G 125 -65.71 -24.74 23.88
CA MET G 125 -66.70 -25.55 23.17
C MET G 125 -66.88 -26.90 23.86
N ASP G 126 -65.79 -27.49 24.36
CA ASP G 126 -65.88 -28.76 25.09
C ASP G 126 -66.78 -28.60 26.32
N ALA G 127 -66.51 -27.60 27.14
CA ALA G 127 -67.30 -27.35 28.35
C ALA G 127 -68.78 -27.17 28.05
N ASN G 128 -69.11 -26.38 27.03
CA ASN G 128 -70.49 -26.15 26.64
C ASN G 128 -71.20 -27.42 26.12
N TYR G 129 -70.59 -28.17 25.21
CA TYR G 129 -71.26 -29.36 24.68
C TYR G 129 -71.46 -30.46 25.73
N ARG G 130 -70.48 -30.67 26.62
CA ARG G 130 -70.64 -31.67 27.66
C ARG G 130 -71.76 -31.32 28.63
N TRP G 131 -71.94 -30.02 28.89
CA TRP G 131 -72.97 -29.52 29.79
C TRP G 131 -74.38 -29.81 29.28
N PHE G 132 -74.56 -29.93 27.96
CA PHE G 132 -75.86 -30.24 27.37
C PHE G 132 -76.04 -31.68 26.94
N HIS G 133 -74.99 -32.43 26.62
CA HIS G 133 -75.13 -33.80 26.12
C HIS G 133 -74.14 -34.74 26.81
N PRO G 134 -74.47 -35.16 28.04
CA PRO G 134 -73.62 -36.07 28.80
C PRO G 134 -73.64 -37.49 28.26
N ALA G 135 -72.68 -38.26 28.72
CA ALA G 135 -72.62 -39.67 28.37
C ALA G 135 -73.84 -40.39 28.96
N PRO G 136 -74.41 -41.36 28.24
CA PRO G 136 -75.63 -42.02 28.70
C PRO G 136 -75.56 -42.70 30.06
N ASN G 137 -74.41 -43.26 30.46
CA ASN G 137 -74.30 -43.91 31.77
C ASN G 137 -74.41 -42.96 32.96
N THR G 138 -74.08 -41.68 32.79
CA THR G 138 -74.15 -40.67 33.85
C THR G 138 -75.55 -40.09 34.09
N LEU G 139 -76.51 -40.33 33.20
CA LEU G 139 -77.86 -39.76 33.27
C LEU G 139 -78.67 -40.17 34.51
N ALA G 140 -78.50 -41.40 35.01
CA ALA G 140 -79.28 -41.86 36.15
C ALA G 140 -79.06 -41.03 37.41
N ALA G 141 -77.82 -40.76 37.77
CA ALA G 141 -77.52 -39.95 38.95
C ALA G 141 -78.06 -38.53 38.86
N ALA G 142 -78.17 -37.96 37.66
CA ALA G 142 -78.66 -36.59 37.45
C ALA G 142 -80.18 -36.45 37.54
N VAL G 143 -80.93 -37.56 37.62
CA VAL G 143 -82.40 -37.55 37.60
C VAL G 143 -83.04 -36.55 38.58
N GLY G 144 -82.52 -36.43 39.80
CA GLY G 144 -83.11 -35.50 40.75
C GLY G 144 -82.86 -34.02 40.50
N SER G 145 -81.76 -33.69 39.82
CA SER G 145 -81.37 -32.32 39.55
C SER G 145 -82.33 -31.60 38.57
N PRO G 146 -82.31 -30.26 38.60
CA PRO G 146 -83.12 -29.44 37.68
C PRO G 146 -82.71 -29.56 36.21
N ARG G 147 -81.62 -30.26 35.91
CA ARG G 147 -81.18 -30.47 34.54
C ARG G 147 -82.13 -31.41 33.78
N MET G 148 -82.92 -32.20 34.49
CA MET G 148 -83.89 -33.10 33.88
C MET G 148 -85.07 -32.33 33.29
N TRP G 149 -85.53 -32.79 32.12
CA TRP G 149 -86.69 -32.22 31.40
C TRP G 149 -86.58 -30.71 31.20
N GLU G 150 -85.35 -30.26 31.00
CA GLU G 150 -85.00 -28.85 30.81
C GLU G 150 -85.37 -28.29 29.44
N ARG G 151 -85.38 -29.13 28.40
CA ARG G 151 -85.58 -28.65 27.02
C ARG G 151 -86.94 -28.01 26.78
N LYS G 152 -86.92 -26.85 26.10
CA LYS G 152 -88.11 -26.07 25.77
C LYS G 152 -88.27 -25.86 24.26
N PRO G 153 -89.52 -25.86 23.77
CA PRO G 153 -89.79 -25.66 22.34
C PRO G 153 -89.89 -24.21 21.89
N ASP G 154 -89.90 -23.26 22.82
CA ASP G 154 -90.17 -21.85 22.52
C ASP G 154 -89.09 -21.06 21.77
N GLY G 155 -88.68 -21.56 20.60
CA GLY G 155 -87.77 -20.87 19.71
C GLY G 155 -86.33 -20.56 20.09
N LYS G 156 -86.10 -20.07 21.31
CA LYS G 156 -84.76 -19.66 21.71
C LYS G 156 -83.84 -20.83 22.06
N ASP G 157 -84.39 -21.97 22.48
CA ASP G 157 -83.58 -23.14 22.81
C ASP G 157 -83.11 -23.86 21.55
N LEU G 158 -81.83 -23.69 21.22
CA LEU G 158 -81.21 -24.29 20.03
C LEU G 158 -80.97 -25.78 20.15
N ASN G 159 -81.11 -26.38 21.32
CA ASN G 159 -80.90 -27.81 21.52
C ASN G 159 -82.16 -28.65 21.36
N PHE G 160 -83.33 -28.03 21.18
CA PHE G 160 -84.57 -28.76 21.05
C PHE G 160 -84.54 -29.68 19.83
N GLY G 161 -85.04 -30.90 20.00
CA GLY G 161 -85.00 -31.91 18.94
C GLY G 161 -83.66 -32.53 18.63
N VAL G 162 -82.65 -32.31 19.48
CA VAL G 162 -81.29 -32.83 19.27
C VAL G 162 -81.02 -34.01 20.19
N VAL G 163 -80.40 -35.07 19.65
CA VAL G 163 -80.06 -36.27 20.42
C VAL G 163 -78.60 -36.69 20.19
N ARG G 164 -77.91 -37.01 21.28
CA ARG G 164 -76.52 -37.49 21.26
C ARG G 164 -76.42 -38.97 20.85
N VAL G 165 -75.60 -39.27 19.85
CA VAL G 165 -75.44 -40.66 19.38
C VAL G 165 -74.05 -41.22 19.65
N GLY G 166 -73.07 -40.38 19.98
CA GLY G 166 -71.72 -40.86 20.24
C GLY G 166 -70.72 -39.71 20.18
N VAL G 167 -69.46 -40.06 19.93
CA VAL G 167 -68.37 -39.10 19.82
C VAL G 167 -67.68 -39.19 18.48
N GLY G 168 -67.11 -38.07 18.04
CA GLY G 168 -66.42 -38.04 16.76
C GLY G 168 -65.80 -36.67 16.50
N MET G 169 -65.54 -36.37 15.23
CA MET G 169 -64.93 -35.11 14.82
C MET G 169 -65.95 -34.00 14.57
N THR G 170 -65.54 -32.75 14.82
CA THR G 170 -66.38 -31.60 14.56
C THR G 170 -65.49 -30.39 14.25
N ARG G 171 -66.09 -29.34 13.59
CA ARG G 171 -65.34 -28.13 13.19
C ARG G 171 -65.34 -27.08 14.30
N PRO G 172 -64.18 -26.55 14.69
CA PRO G 172 -64.14 -25.54 15.76
C PRO G 172 -64.86 -24.26 15.35
N GLU G 173 -65.12 -23.42 16.36
CA GLU G 173 -65.78 -22.14 16.17
C GLU G 173 -64.83 -21.05 15.67
N VAL G 174 -63.55 -21.36 15.50
CA VAL G 174 -62.54 -20.44 14.97
C VAL G 174 -62.70 -20.28 13.45
N THR G 175 -62.28 -19.13 12.92
CA THR G 175 -62.30 -18.84 11.48
C THR G 175 -60.93 -18.34 11.02
N TRP G 176 -60.22 -19.19 10.28
CA TRP G 176 -58.88 -18.93 9.75
C TRP G 176 -58.87 -18.09 8.46
N GLY G 177 -58.01 -17.07 8.43
CA GLY G 177 -57.83 -16.21 7.26
C GLY G 177 -56.63 -16.62 6.43
N GLU G 178 -56.82 -16.71 5.11
CA GLU G 178 -55.76 -17.09 4.19
C GLU G 178 -54.56 -16.14 4.22
N PRO G 179 -53.33 -16.67 4.12
CA PRO G 179 -52.13 -15.84 4.11
C PRO G 179 -52.06 -14.95 2.86
N GLN G 180 -51.92 -13.64 3.07
CA GLN G 180 -51.80 -12.73 1.94
C GLN G 180 -50.41 -12.79 1.27
N ASN G 181 -50.37 -12.34 0.01
CA ASN G 181 -49.14 -12.26 -0.80
C ASN G 181 -48.31 -13.55 -0.82
N MET G 182 -48.97 -14.69 -0.95
CA MET G 182 -48.28 -15.99 -0.93
C MET G 182 -47.19 -16.13 -1.99
N PRO G 183 -45.93 -16.39 -1.62
CA PRO G 183 -44.89 -16.61 -2.61
C PRO G 183 -45.20 -17.79 -3.52
N THR G 184 -44.75 -17.70 -4.77
CA THR G 184 -44.96 -18.81 -5.70
C THR G 184 -44.24 -20.07 -5.21
N ASP G 185 -44.77 -21.24 -5.60
CA ASP G 185 -44.24 -22.52 -5.14
C ASP G 185 -42.74 -22.70 -5.30
N ILE G 186 -42.14 -22.16 -6.36
CA ILE G 186 -40.69 -22.26 -6.53
C ILE G 186 -39.94 -21.32 -5.59
N GLU G 187 -40.61 -20.31 -5.05
CA GLU G 187 -40.03 -19.31 -4.17
C GLU G 187 -40.21 -19.61 -2.67
N LEU G 188 -41.02 -20.60 -2.28
CA LEU G 188 -41.23 -20.89 -0.86
C LEU G 188 -40.04 -21.50 -0.16
N GLU G 189 -39.80 -21.03 1.06
CA GLU G 189 -38.79 -21.53 1.98
C GLU G 189 -39.28 -22.87 2.56
N PRO G 190 -38.44 -23.90 2.61
CA PRO G 190 -38.90 -25.24 3.04
C PRO G 190 -39.37 -25.42 4.49
N VAL G 191 -38.75 -24.81 5.49
CA VAL G 191 -39.17 -25.03 6.88
C VAL G 191 -40.54 -24.45 7.15
N THR G 192 -40.73 -23.17 6.88
CA THR G 192 -42.00 -22.49 7.16
C THR G 192 -43.15 -22.99 6.27
N GLY G 193 -42.86 -23.49 5.09
CA GLY G 193 -43.89 -24.06 4.22
C GLY G 193 -44.61 -25.25 4.84
N LYS G 194 -43.88 -26.30 5.20
CA LYS G 194 -44.51 -27.45 5.86
C LYS G 194 -45.11 -27.09 7.20
N ALA G 195 -44.46 -26.22 7.96
CA ALA G 195 -45.02 -25.81 9.26
C ALA G 195 -46.41 -25.23 9.10
N LEU G 196 -46.60 -24.32 8.14
CA LEU G 196 -47.92 -23.71 7.92
C LEU G 196 -48.89 -24.70 7.27
N GLN G 197 -48.39 -25.66 6.50
CA GLN G 197 -49.23 -26.67 5.85
C GLN G 197 -49.76 -27.65 6.89
N GLU G 198 -48.88 -28.19 7.74
CA GLU G 198 -49.24 -29.12 8.81
C GLU G 198 -50.19 -28.46 9.80
N PHE G 199 -49.95 -27.20 10.13
CA PHE G 199 -50.82 -26.46 11.03
C PHE G 199 -52.25 -26.47 10.50
N GLY G 200 -52.43 -26.20 9.22
CA GLY G 200 -53.75 -26.19 8.62
C GLY G 200 -54.45 -27.54 8.59
N ARG G 201 -53.72 -28.63 8.38
CA ARG G 201 -54.36 -29.95 8.33
C ARG G 201 -54.92 -30.40 9.68
N TYR G 202 -54.16 -30.30 10.76
CA TYR G 202 -54.64 -30.75 12.08
C TYR G 202 -55.44 -29.73 12.87
N GLN G 203 -55.14 -28.45 12.79
CA GLN G 203 -55.85 -27.44 13.59
C GLN G 203 -57.19 -27.04 12.98
N SER G 204 -57.64 -27.68 11.92
CA SER G 204 -58.93 -27.37 11.32
C SER G 204 -60.06 -28.23 11.87
N VAL G 205 -59.78 -29.11 12.82
CA VAL G 205 -60.78 -30.00 13.39
C VAL G 205 -60.41 -30.28 14.84
N VAL G 206 -61.42 -30.55 15.67
CA VAL G 206 -61.21 -30.92 17.06
C VAL G 206 -61.78 -32.31 17.31
N TYR G 207 -60.94 -33.18 17.85
CA TYR G 207 -61.22 -34.59 18.11
C TYR G 207 -61.95 -34.87 19.43
N ASN G 208 -62.70 -35.97 19.43
CA ASN G 208 -63.47 -36.48 20.56
C ASN G 208 -64.51 -35.50 21.12
N LEU G 209 -65.48 -35.15 20.28
CA LEU G 209 -66.61 -34.32 20.69
C LEU G 209 -67.90 -35.12 20.49
N PRO G 210 -68.93 -34.87 21.29
CA PRO G 210 -70.21 -35.59 21.16
C PRO G 210 -70.95 -35.24 19.88
N LYS G 211 -71.19 -36.25 19.04
CA LYS G 211 -71.93 -36.11 17.79
C LYS G 211 -73.43 -36.20 18.06
N MET G 212 -74.24 -35.50 17.24
CA MET G 212 -75.68 -35.42 17.48
C MET G 212 -76.52 -35.58 16.21
N VAL G 213 -77.79 -35.94 16.41
CA VAL G 213 -78.82 -36.12 15.36
C VAL G 213 -80.06 -35.30 15.72
N SER G 214 -80.70 -34.69 14.72
CA SER G 214 -81.92 -33.89 14.91
C SER G 214 -83.19 -34.55 14.36
N LEU G 215 -84.21 -34.61 15.22
CA LEU G 215 -85.54 -35.18 14.90
C LEU G 215 -86.35 -34.35 13.90
N LEU G 216 -86.27 -33.03 13.99
CA LEU G 216 -87.03 -32.08 13.17
C LEU G 216 -86.57 -31.98 11.73
N VAL G 217 -85.52 -32.70 11.34
CA VAL G 217 -84.94 -32.57 10.02
C VAL G 217 -85.22 -33.75 9.07
N GLU G 218 -85.56 -34.93 9.56
CA GLU G 218 -85.80 -36.03 8.63
C GLU G 218 -86.97 -36.93 9.02
N PRO G 219 -87.68 -37.48 8.03
CA PRO G 219 -88.79 -38.40 8.32
C PRO G 219 -88.37 -39.66 9.04
N TRP G 220 -87.18 -40.20 8.76
CA TRP G 220 -86.77 -41.44 9.40
C TRP G 220 -85.25 -41.53 9.36
N TYR G 221 -84.72 -42.50 10.11
CA TYR G 221 -83.29 -42.81 10.15
C TYR G 221 -83.13 -44.34 10.16
N ALA G 222 -82.74 -44.89 9.01
CA ALA G 222 -82.52 -46.33 8.89
C ALA G 222 -81.22 -46.75 9.56
N LEU G 223 -81.33 -47.66 10.53
CA LEU G 223 -80.20 -48.19 11.28
C LEU G 223 -79.91 -49.57 10.71
N VAL G 224 -78.72 -49.75 10.15
CA VAL G 224 -78.32 -51.01 9.51
C VAL G 224 -77.09 -51.61 10.17
N GLY G 225 -77.26 -52.79 10.75
CA GLY G 225 -76.17 -53.49 11.41
C GLY G 225 -76.71 -54.70 12.14
N GLU G 226 -75.84 -55.38 12.89
CA GLU G 226 -76.31 -56.52 13.65
C GLU G 226 -77.27 -56.10 14.76
N ARG G 227 -78.13 -57.04 15.15
CA ARG G 227 -79.19 -56.79 16.12
C ARG G 227 -78.66 -56.23 17.44
N GLU G 228 -77.59 -56.81 17.97
CA GLU G 228 -77.01 -56.35 19.25
C GLU G 228 -76.54 -54.90 19.19
N GLN G 229 -75.97 -54.49 18.07
CA GLN G 229 -75.53 -53.11 17.91
C GLN G 229 -76.70 -52.15 17.78
N VAL G 230 -77.64 -52.47 16.89
CA VAL G 230 -78.78 -51.62 16.63
C VAL G 230 -79.65 -51.44 17.88
N LEU G 231 -79.89 -52.52 18.63
CA LEU G 231 -80.68 -52.40 19.85
C LEU G 231 -79.89 -51.65 20.93
N GLY G 232 -78.57 -51.80 20.92
CA GLY G 232 -77.73 -51.07 21.87
C GLY G 232 -77.87 -49.57 21.71
N LEU G 233 -77.72 -49.08 20.48
CA LEU G 233 -77.86 -47.67 20.15
C LEU G 233 -79.28 -47.15 20.41
N MET G 234 -80.30 -47.91 20.03
CA MET G 234 -81.68 -47.46 20.20
C MET G 234 -82.08 -47.26 21.67
N ARG G 235 -81.69 -48.16 22.57
CA ARG G 235 -82.02 -47.96 23.98
C ARG G 235 -81.38 -46.68 24.53
N ALA G 236 -80.14 -46.41 24.14
CA ALA G 236 -79.44 -45.19 24.56
C ALA G 236 -80.16 -43.94 24.07
N ILE G 237 -80.64 -43.98 22.84
CA ILE G 237 -81.39 -42.87 22.24
C ILE G 237 -82.69 -42.61 23.02
N ILE G 238 -83.42 -43.66 23.33
CA ILE G 238 -84.68 -43.53 24.09
C ILE G 238 -84.42 -42.90 25.46
N CYS G 239 -83.42 -43.38 26.20
CA CYS G 239 -83.14 -42.80 27.52
C CYS G 239 -82.49 -41.42 27.42
N GLN G 240 -81.79 -41.12 26.33
CA GLN G 240 -81.27 -39.76 26.16
C GLN G 240 -82.44 -38.79 26.02
N LEU G 241 -83.38 -39.10 25.13
CA LEU G 241 -84.59 -38.31 24.94
C LEU G 241 -85.39 -38.20 26.24
N ALA G 242 -85.59 -39.33 26.90
CA ALA G 242 -86.39 -39.42 28.13
C ALA G 242 -85.86 -38.52 29.23
N PHE G 243 -84.57 -38.39 29.38
CA PHE G 243 -84.04 -37.50 30.41
C PHE G 243 -84.16 -36.03 30.00
N SER G 244 -83.88 -35.72 28.74
CA SER G 244 -83.82 -34.34 28.28
C SER G 244 -85.17 -33.76 27.83
N HIS G 245 -86.11 -34.55 27.30
CA HIS G 245 -87.39 -34.01 26.86
C HIS G 245 -88.51 -34.52 27.77
N GLY G 246 -89.40 -33.61 28.18
CA GLY G 246 -90.50 -33.98 29.04
C GLY G 246 -91.61 -34.72 28.33
N PRO G 247 -92.44 -35.43 29.12
CA PRO G 247 -93.54 -36.19 28.53
C PRO G 247 -94.57 -35.33 27.82
N ASP G 248 -94.69 -34.05 28.19
CA ASP G 248 -95.59 -33.12 27.55
C ASP G 248 -95.06 -32.66 26.19
N HIS G 249 -93.81 -32.98 25.88
CA HIS G 249 -93.19 -32.62 24.62
C HIS G 249 -92.80 -33.80 23.75
N VAL G 250 -92.58 -34.99 24.31
CA VAL G 250 -92.25 -36.18 23.52
C VAL G 250 -93.03 -37.39 23.99
N GLN G 251 -93.60 -38.11 23.03
CA GLN G 251 -94.33 -39.36 23.22
C GLN G 251 -93.68 -40.42 22.33
N MET G 252 -93.62 -41.66 22.84
CA MET G 252 -92.94 -42.76 22.14
C MET G 252 -93.80 -44.01 21.99
N ILE G 253 -93.69 -44.62 20.80
CA ILE G 253 -94.44 -45.82 20.41
C ILE G 253 -93.49 -46.83 19.79
N VAL G 254 -93.68 -48.11 20.13
CA VAL G 254 -92.89 -49.21 19.59
C VAL G 254 -93.79 -50.24 18.92
N VAL G 255 -93.41 -50.64 17.71
CA VAL G 255 -94.07 -51.70 16.97
C VAL G 255 -93.04 -52.82 16.84
N SER G 256 -93.22 -53.91 17.58
CA SER G 256 -92.24 -54.98 17.59
C SER G 256 -92.86 -56.34 17.85
N SER G 257 -92.23 -57.37 17.28
CA SER G 257 -92.60 -58.76 17.47
C SER G 257 -91.88 -59.37 18.66
N ASP G 258 -90.64 -58.96 18.91
CA ASP G 258 -89.81 -59.43 20.02
C ASP G 258 -90.07 -58.63 21.30
N LEU G 259 -91.28 -58.82 21.83
CA LEU G 259 -91.72 -58.13 23.06
C LEU G 259 -90.80 -58.39 24.24
N ASP G 260 -90.02 -59.48 24.23
CA ASP G 260 -89.10 -59.78 25.31
C ASP G 260 -87.97 -58.76 25.42
N GLN G 261 -87.73 -57.97 24.38
CA GLN G 261 -86.70 -56.94 24.36
C GLN G 261 -87.19 -55.59 24.88
N TRP G 262 -88.49 -55.32 24.77
CA TRP G 262 -89.13 -54.08 25.18
C TRP G 262 -89.86 -54.15 26.53
N ASP G 263 -89.57 -55.18 27.32
CA ASP G 263 -90.24 -55.39 28.61
C ASP G 263 -89.92 -54.26 29.60
N TRP G 264 -88.69 -53.76 29.58
CA TRP G 264 -88.25 -52.66 30.43
C TRP G 264 -89.01 -51.35 30.19
N VAL G 265 -89.64 -51.19 29.03
CA VAL G 265 -90.35 -49.96 28.65
C VAL G 265 -91.53 -49.61 29.57
N LYS G 266 -92.09 -50.60 30.27
CA LYS G 266 -93.25 -50.43 31.15
C LYS G 266 -93.16 -49.25 32.12
N TRP G 267 -92.01 -49.04 32.75
CA TRP G 267 -91.83 -48.00 33.76
C TRP G 267 -91.83 -46.55 33.23
N LEU G 268 -91.36 -46.30 32.00
CA LEU G 268 -91.26 -44.93 31.51
C LEU G 268 -92.60 -44.21 31.29
N PRO G 269 -92.68 -42.93 31.70
CA PRO G 269 -93.89 -42.11 31.50
C PRO G 269 -94.11 -41.65 30.05
N HIS G 270 -93.05 -41.51 29.27
CA HIS G 270 -93.13 -41.08 27.87
C HIS G 270 -93.91 -42.08 27.02
N PHE G 271 -94.04 -43.31 27.48
CA PHE G 271 -94.81 -44.35 26.80
C PHE G 271 -96.28 -44.37 27.20
N GLY G 272 -96.75 -43.40 27.99
CA GLY G 272 -98.15 -43.33 28.38
C GLY G 272 -98.98 -42.51 27.39
N ASP G 273 -100.27 -42.37 27.71
CA ASP G 273 -101.20 -41.60 26.87
C ASP G 273 -102.38 -41.16 27.71
N SER G 274 -103.18 -40.25 27.13
CA SER G 274 -104.40 -39.76 27.76
C SER G 274 -105.41 -40.88 27.92
N MET G 285 -98.11 -49.48 25.55
CA MET G 285 -98.38 -48.82 24.28
C MET G 285 -97.43 -49.38 23.22
N VAL G 286 -97.12 -50.66 23.35
CA VAL G 286 -96.29 -51.41 22.42
C VAL G 286 -97.20 -52.32 21.62
N TYR G 287 -97.02 -52.33 20.30
CA TYR G 287 -97.87 -53.08 19.38
C TYR G 287 -97.10 -54.19 18.68
N THR G 288 -97.84 -55.27 18.36
CA THR G 288 -97.30 -56.47 17.76
C THR G 288 -97.17 -56.41 16.23
N SER G 289 -98.01 -55.64 15.55
CA SER G 289 -97.91 -55.59 14.09
C SER G 289 -98.55 -54.30 13.58
N VAL G 290 -98.23 -53.98 12.33
CA VAL G 290 -98.76 -52.78 11.68
C VAL G 290 -100.29 -52.83 11.63
N ARG G 291 -100.86 -54.02 11.43
CA ARG G 291 -102.31 -54.14 11.42
C ARG G 291 -102.90 -53.68 12.75
N GLU G 292 -102.20 -54.01 13.85
CA GLU G 292 -102.65 -53.60 15.17
C GLU G 292 -102.46 -52.10 15.38
N PHE G 293 -101.27 -51.60 15.02
CA PHE G 293 -100.95 -50.17 15.09
C PHE G 293 -101.90 -49.35 14.21
N ALA G 294 -102.25 -49.86 13.04
CA ALA G 294 -103.15 -49.18 12.10
C ALA G 294 -104.53 -48.90 12.70
N ALA G 295 -105.05 -49.82 13.50
CA ALA G 295 -106.36 -49.67 14.13
C ALA G 295 -106.36 -48.63 15.25
N GLU G 296 -105.43 -48.74 16.19
CA GLU G 296 -105.36 -47.82 17.34
C GLU G 296 -104.67 -46.48 17.06
N GLN G 297 -103.39 -46.51 16.71
CA GLN G 297 -102.59 -45.30 16.52
C GLN G 297 -102.70 -44.63 15.15
N ALA G 298 -102.60 -45.37 14.04
CA ALA G 298 -102.65 -44.72 12.73
C ALA G 298 -103.95 -43.96 12.47
N GLU G 299 -105.06 -44.38 13.08
CA GLU G 299 -106.31 -43.63 12.90
C GLU G 299 -106.16 -42.17 13.34
N LEU G 300 -105.35 -41.92 14.36
CA LEU G 300 -105.04 -40.57 14.86
C LEU G 300 -104.00 -39.84 14.02
N PHE G 301 -102.85 -40.46 13.77
CA PHE G 301 -101.71 -39.88 13.06
C PHE G 301 -101.86 -39.76 11.54
N ALA G 302 -102.53 -40.70 10.88
CA ALA G 302 -102.67 -40.63 9.42
C ALA G 302 -103.61 -39.52 8.94
N GLY G 303 -104.41 -38.94 9.84
CA GLY G 303 -105.39 -37.93 9.49
C GLY G 303 -104.88 -36.78 8.61
N ARG G 304 -103.67 -36.27 8.84
CA ARG G 304 -103.25 -35.13 8.03
C ARG G 304 -101.73 -35.00 7.91
N GLY G 305 -101.32 -34.26 6.86
CA GLY G 305 -99.93 -33.88 6.66
C GLY G 305 -98.95 -34.82 5.98
N SER G 306 -97.73 -34.28 5.87
CA SER G 306 -96.52 -34.89 5.34
C SER G 306 -95.36 -34.14 5.98
N PHE G 307 -94.18 -34.77 5.96
CA PHE G 307 -93.01 -34.15 6.59
C PHE G 307 -92.63 -32.80 6.02
N THR G 308 -92.11 -31.93 6.92
CA THR G 308 -91.69 -30.57 6.59
C THR G 308 -90.47 -30.18 7.46
N PRO G 309 -89.26 -30.19 6.91
CA PRO G 309 -88.07 -29.84 7.70
C PRO G 309 -88.16 -28.44 8.32
N ARG G 310 -87.99 -28.38 9.64
CA ARG G 310 -88.01 -27.16 10.45
C ARG G 310 -86.61 -26.68 10.82
N HIS G 311 -86.58 -25.71 11.73
CA HIS G 311 -85.36 -25.11 12.30
C HIS G 311 -85.71 -24.54 13.67
N ALA G 312 -84.65 -24.18 14.40
CA ALA G 312 -84.78 -23.68 15.78
C ALA G 312 -85.86 -22.61 15.97
N SER G 313 -85.81 -21.55 15.15
CA SER G 313 -86.80 -20.47 15.28
C SER G 313 -88.22 -20.95 15.00
N SER G 314 -88.38 -21.84 14.03
CA SER G 314 -89.68 -22.41 13.65
C SER G 314 -90.30 -23.29 14.74
N SER G 315 -89.48 -23.83 15.65
CA SER G 315 -89.94 -24.70 16.74
C SER G 315 -91.11 -24.13 17.56
N ALA G 316 -91.21 -22.82 17.67
CA ALA G 316 -92.33 -22.22 18.41
C ALA G 316 -93.69 -22.53 17.81
N GLN G 317 -93.78 -22.83 16.51
CA GLN G 317 -95.07 -23.07 15.87
C GLN G 317 -95.55 -24.51 15.88
N THR G 318 -94.68 -25.51 15.84
CA THR G 318 -95.13 -26.92 15.84
C THR G 318 -95.80 -27.32 17.15
N PRO G 319 -96.85 -28.17 17.09
CA PRO G 319 -97.54 -28.60 18.31
C PRO G 319 -96.64 -29.30 19.31
N THR G 320 -97.00 -29.16 20.59
CA THR G 320 -96.17 -29.67 21.68
C THR G 320 -95.86 -31.18 21.68
N PRO G 321 -96.80 -32.12 21.46
CA PRO G 321 -96.35 -33.52 21.58
C PRO G 321 -95.67 -34.05 20.33
N HIS G 322 -94.34 -34.13 20.36
CA HIS G 322 -93.60 -34.72 19.25
C HIS G 322 -93.64 -36.25 19.36
N THR G 323 -93.86 -36.92 18.25
CA THR G 323 -93.98 -38.38 18.25
C THR G 323 -92.75 -39.07 17.66
N VAL G 324 -92.24 -40.07 18.39
CA VAL G 324 -91.14 -40.93 17.95
C VAL G 324 -91.69 -42.35 17.80
N ILE G 325 -91.53 -42.94 16.63
CA ILE G 325 -92.01 -44.30 16.35
C ILE G 325 -90.84 -45.20 16.00
N ILE G 326 -90.82 -46.40 16.60
CA ILE G 326 -89.76 -47.39 16.43
C ILE G 326 -90.35 -48.59 15.70
N ALA G 327 -89.73 -48.95 14.57
CA ALA G 327 -90.17 -50.07 13.73
C ALA G 327 -89.24 -51.28 13.88
N ASP G 328 -89.81 -52.40 14.33
CA ASP G 328 -89.10 -53.64 14.60
C ASP G 328 -89.85 -54.86 14.06
N VAL G 329 -90.76 -54.69 13.10
CA VAL G 329 -91.57 -55.78 12.57
C VAL G 329 -91.32 -56.17 11.12
N ASP G 330 -90.74 -55.31 10.28
CA ASP G 330 -90.51 -55.64 8.85
C ASP G 330 -91.81 -55.92 8.07
N ASP G 331 -92.92 -55.36 8.52
CA ASP G 331 -94.20 -55.55 7.84
C ASP G 331 -94.28 -54.76 6.52
N PRO G 332 -94.73 -55.38 5.42
CA PRO G 332 -94.87 -54.66 4.14
C PRO G 332 -96.00 -53.63 4.15
N GLN G 333 -96.91 -53.71 5.10
CA GLN G 333 -98.04 -52.78 5.24
C GLN G 333 -97.60 -51.33 5.48
N TRP G 334 -96.35 -51.10 5.87
CA TRP G 334 -95.84 -49.74 6.10
C TRP G 334 -95.78 -48.87 4.84
N GLU G 335 -95.86 -49.46 3.65
CA GLU G 335 -95.76 -48.72 2.39
C GLU G 335 -96.66 -47.49 2.30
N TYR G 336 -97.84 -47.53 2.89
CA TYR G 336 -98.78 -46.39 2.85
C TYR G 336 -98.19 -45.09 3.39
N VAL G 337 -97.61 -45.10 4.59
CA VAL G 337 -97.01 -43.89 5.15
C VAL G 337 -95.66 -43.53 4.52
N ILE G 338 -94.87 -44.51 4.12
CA ILE G 338 -93.53 -44.26 3.57
C ILE G 338 -93.61 -43.71 2.14
N SER G 339 -94.41 -44.33 1.28
CA SER G 339 -94.54 -43.78 -0.07
C SER G 339 -95.19 -42.40 -0.07
N ALA G 340 -95.93 -42.06 0.98
CA ALA G 340 -96.54 -40.74 1.12
C ALA G 340 -95.60 -39.72 1.76
N GLU G 341 -94.37 -40.11 2.08
CA GLU G 341 -93.37 -39.24 2.72
C GLU G 341 -93.75 -38.80 4.14
N GLY G 342 -94.18 -39.76 4.96
CA GLY G 342 -94.53 -39.53 6.35
C GLY G 342 -95.63 -38.54 6.65
N VAL G 343 -95.54 -37.99 7.87
CA VAL G 343 -96.45 -36.99 8.41
C VAL G 343 -95.65 -36.07 9.33
N ASP G 344 -96.14 -34.85 9.51
CA ASP G 344 -95.47 -33.90 10.38
C ASP G 344 -95.70 -34.25 11.84
N GLY G 345 -94.67 -34.01 12.67
CA GLY G 345 -94.73 -34.30 14.09
C GLY G 345 -94.39 -35.74 14.42
N VAL G 346 -93.79 -36.47 13.48
CA VAL G 346 -93.44 -37.87 13.65
C VAL G 346 -92.03 -38.09 13.13
N THR G 347 -91.38 -39.16 13.62
CA THR G 347 -90.05 -39.54 13.20
C THR G 347 -89.89 -41.04 13.44
N PHE G 348 -89.44 -41.79 12.43
CA PHE G 348 -89.30 -43.24 12.51
C PHE G 348 -87.85 -43.73 12.55
N PHE G 349 -87.59 -44.74 13.37
CA PHE G 349 -86.30 -45.44 13.46
C PHE G 349 -86.52 -46.90 13.08
N ASP G 350 -85.92 -47.35 11.99
CA ASP G 350 -86.03 -48.74 11.56
C ASP G 350 -84.92 -49.59 12.16
N LEU G 351 -85.30 -50.57 12.97
CA LEU G 351 -84.34 -51.47 13.60
C LEU G 351 -84.11 -52.73 12.77
N THR G 352 -84.90 -52.95 11.72
CA THR G 352 -84.81 -54.14 10.88
C THR G 352 -83.90 -53.97 9.66
N GLY G 353 -83.90 -52.81 9.05
CA GLY G 353 -83.11 -52.59 7.86
C GLY G 353 -83.86 -53.00 6.61
N SER G 354 -85.17 -52.76 6.58
CA SER G 354 -86.02 -53.14 5.46
C SER G 354 -85.80 -52.25 4.25
N SER G 355 -86.00 -52.84 3.07
CA SER G 355 -85.74 -52.18 1.79
C SER G 355 -86.53 -50.89 1.58
N MET G 356 -87.74 -50.77 2.14
CA MET G 356 -88.51 -49.54 1.92
C MET G 356 -87.89 -48.35 2.65
N TRP G 357 -87.26 -48.57 3.79
CA TRP G 357 -86.61 -47.50 4.55
C TRP G 357 -85.17 -47.26 4.10
N THR G 358 -84.49 -48.30 3.65
CA THR G 358 -83.08 -48.36 3.27
C THR G 358 -82.78 -47.85 1.85
N ASP G 359 -83.74 -47.26 1.14
CA ASP G 359 -83.49 -46.77 -0.22
C ASP G 359 -83.07 -45.30 -0.27
N ILE G 360 -82.68 -44.70 0.84
CA ILE G 360 -82.26 -43.29 0.86
C ILE G 360 -80.99 -43.14 1.71
N PRO G 361 -79.84 -42.90 1.08
CA PRO G 361 -78.59 -42.74 1.84
C PRO G 361 -78.59 -41.58 2.83
N GLU G 362 -79.27 -40.47 2.50
CA GLU G 362 -79.39 -39.30 3.35
C GLU G 362 -80.11 -39.59 4.66
N ARG G 363 -80.67 -40.78 4.82
CA ARG G 363 -81.38 -41.21 6.01
C ARG G 363 -80.86 -42.55 6.53
N LYS G 364 -79.67 -42.99 6.11
CA LYS G 364 -79.11 -44.28 6.49
C LYS G 364 -77.80 -44.17 7.27
N LEU G 365 -77.76 -44.90 8.38
CA LEU G 365 -76.62 -45.05 9.30
C LEU G 365 -76.12 -46.49 9.24
N GLN G 366 -74.86 -46.66 8.82
CA GLN G 366 -74.22 -47.98 8.66
C GLN G 366 -73.25 -48.29 9.80
N PHE G 367 -73.37 -49.48 10.40
CA PHE G 367 -72.51 -49.89 11.51
C PHE G 367 -71.43 -50.87 11.10
N ASP G 368 -70.17 -50.56 11.44
CA ASP G 368 -69.04 -51.46 11.27
C ASP G 368 -68.95 -52.44 12.44
N LYS G 369 -68.20 -53.53 12.24
CA LYS G 369 -68.04 -54.52 13.30
C LYS G 369 -67.45 -53.90 14.58
N THR G 370 -66.65 -52.86 14.43
CA THR G 370 -66.01 -52.13 15.53
C THR G 370 -66.92 -51.08 16.17
N GLY G 371 -68.18 -50.99 15.77
CA GLY G 371 -69.08 -50.01 16.34
C GLY G 371 -68.96 -48.63 15.76
N VAL G 372 -68.11 -48.44 14.76
CA VAL G 372 -67.98 -47.16 14.07
C VAL G 372 -69.15 -47.02 13.12
N ILE G 373 -69.84 -45.88 13.17
CA ILE G 373 -70.97 -45.60 12.28
C ILE G 373 -70.51 -44.68 11.17
N GLU G 374 -70.97 -44.96 9.94
CA GLU G 374 -70.70 -44.14 8.77
C GLU G 374 -71.98 -43.59 8.17
N ALA G 375 -71.92 -42.35 7.68
CA ALA G 375 -73.08 -41.68 7.10
C ALA G 375 -72.61 -40.48 6.27
N LEU G 376 -73.56 -39.83 5.60
CA LEU G 376 -73.25 -38.61 4.85
C LEU G 376 -72.97 -37.44 5.81
N PRO G 377 -72.05 -36.56 5.45
CA PRO G 377 -71.75 -35.42 6.31
C PRO G 377 -72.84 -34.35 6.28
N ARG G 378 -73.15 -33.80 7.45
CA ARG G 378 -74.16 -32.77 7.61
C ARG G 378 -73.54 -31.56 8.31
N ASP G 379 -74.00 -30.38 7.93
CA ASP G 379 -73.51 -29.14 8.51
C ASP G 379 -73.91 -28.97 9.97
N ARG G 380 -72.92 -28.61 10.78
CA ARG G 380 -73.13 -28.36 12.21
C ARG G 380 -74.17 -27.30 12.49
N ASP G 381 -74.30 -26.28 11.64
CA ASP G 381 -75.22 -25.18 11.90
C ASP G 381 -76.59 -25.30 11.25
N THR G 382 -76.71 -25.97 10.10
CA THR G 382 -77.99 -26.07 9.41
C THR G 382 -78.51 -27.49 9.24
N TRP G 383 -77.74 -28.50 9.62
CA TRP G 383 -78.13 -29.90 9.48
C TRP G 383 -78.36 -30.31 8.04
N MET G 384 -78.05 -29.43 7.08
CA MET G 384 -78.19 -29.74 5.66
C MET G 384 -77.09 -30.70 5.23
N VAL G 385 -77.41 -31.63 4.31
CA VAL G 385 -76.40 -32.55 3.81
C VAL G 385 -75.43 -31.80 2.91
N ILE G 386 -74.13 -31.99 3.14
CA ILE G 386 -73.10 -31.30 2.38
C ILE G 386 -72.35 -32.17 1.38
N ASP G 387 -72.52 -33.49 1.40
CA ASP G 387 -71.83 -34.33 0.42
C ASP G 387 -72.64 -35.61 0.16
N ASP G 388 -72.37 -36.22 -0.99
CA ASP G 388 -73.09 -37.41 -1.45
C ASP G 388 -72.38 -38.74 -1.16
N LYS G 389 -71.18 -38.73 -0.60
CA LYS G 389 -70.45 -39.97 -0.28
C LYS G 389 -70.41 -40.20 1.22
N ALA G 390 -70.70 -41.43 1.65
CA ALA G 390 -70.66 -41.78 3.06
C ALA G 390 -69.23 -41.80 3.60
N TRP G 391 -69.10 -41.43 4.87
CA TRP G 391 -67.80 -41.32 5.55
C TRP G 391 -68.01 -41.51 7.05
N PHE G 392 -66.90 -41.59 7.78
CA PHE G 392 -66.92 -41.73 9.23
C PHE G 392 -67.85 -40.72 9.91
N PHE G 393 -68.63 -41.20 10.88
CA PHE G 393 -69.55 -40.33 11.59
C PHE G 393 -69.41 -40.33 13.12
N ALA G 394 -69.49 -41.50 13.77
CA ALA G 394 -69.38 -41.52 15.23
C ALA G 394 -69.04 -42.91 15.76
N LEU G 395 -68.37 -42.94 16.92
CA LEU G 395 -68.11 -44.19 17.65
C LEU G 395 -69.32 -44.42 18.56
N THR G 396 -69.97 -45.57 18.41
CA THR G 396 -71.20 -45.91 19.14
C THR G 396 -71.08 -46.09 20.66
N ASP G 397 -72.09 -45.55 21.36
CA ASP G 397 -72.32 -45.73 22.80
C ASP G 397 -73.54 -46.61 22.98
N GLN G 398 -73.49 -47.58 23.88
CA GLN G 398 -74.62 -48.48 24.02
C GLN G 398 -74.79 -48.94 25.47
N VAL G 399 -76.05 -49.23 25.83
CA VAL G 399 -76.46 -49.63 27.17
C VAL G 399 -77.20 -50.96 27.16
N SER G 400 -77.00 -51.73 28.23
CA SER G 400 -77.65 -53.02 28.40
C SER G 400 -79.10 -52.87 28.84
N ILE G 401 -79.86 -53.98 28.78
CA ILE G 401 -81.26 -53.99 29.21
C ILE G 401 -81.35 -53.66 30.70
N ALA G 402 -80.41 -54.19 31.49
CA ALA G 402 -80.35 -53.93 32.92
C ALA G 402 -80.16 -52.45 33.21
N GLU G 403 -79.21 -51.83 32.51
CA GLU G 403 -78.95 -50.41 32.64
C GLU G 403 -80.17 -49.58 32.23
N ALA G 404 -80.86 -50.00 31.17
CA ALA G 404 -82.07 -49.30 30.72
C ALA G 404 -83.19 -49.35 31.75
N GLU G 405 -83.49 -50.54 32.29
CA GLU G 405 -84.55 -50.67 33.30
C GLU G 405 -84.18 -49.95 34.58
N GLU G 406 -82.89 -49.98 34.95
CA GLU G 406 -82.44 -49.26 36.14
C GLU G 406 -82.72 -47.77 36.00
N PHE G 407 -82.37 -47.19 34.86
CA PHE G 407 -82.68 -45.78 34.58
C PHE G 407 -84.19 -45.53 34.52
N ALA G 408 -84.93 -46.41 33.87
CA ALA G 408 -86.37 -46.26 33.71
C ALA G 408 -87.10 -46.23 35.06
N GLN G 409 -86.70 -47.10 35.98
CA GLN G 409 -87.30 -47.11 37.32
C GLN G 409 -87.03 -45.79 38.06
N LYS G 410 -85.79 -45.31 38.01
CA LYS G 410 -85.45 -44.03 38.63
C LYS G 410 -86.30 -42.89 38.07
N LEU G 411 -86.53 -42.86 36.75
CA LEU G 411 -87.36 -41.82 36.16
C LEU G 411 -88.84 -41.96 36.47
N ALA G 412 -89.33 -43.20 36.64
CA ALA G 412 -90.75 -43.46 36.92
C ALA G 412 -91.23 -42.83 38.22
N GLN G 413 -90.32 -42.53 39.14
CA GLN G 413 -90.64 -41.91 40.43
C GLN G 413 -91.16 -40.47 40.35
N TRP G 414 -90.98 -39.77 39.23
CA TRP G 414 -91.30 -38.35 39.15
C TRP G 414 -92.42 -38.02 38.17
N ARG G 415 -93.11 -36.91 38.50
CA ARG G 415 -94.21 -36.35 37.73
C ARG G 415 -94.13 -34.82 37.77
N LEU G 416 -94.88 -34.19 36.86
CA LEU G 416 -94.93 -32.74 36.74
C LEU G 416 -94.98 -32.06 38.11
N MET H 1 -90.37 -53.71 -48.29
CA MET H 1 -90.67 -53.62 -46.86
C MET H 1 -89.43 -53.24 -46.04
N LYS H 2 -89.61 -52.25 -45.17
CA LYS H 2 -88.58 -51.70 -44.31
C LYS H 2 -88.92 -51.77 -42.82
N ARG H 3 -87.86 -51.87 -42.02
CA ARG H 3 -87.97 -51.84 -40.56
C ARG H 3 -88.27 -50.42 -40.09
N GLY H 4 -89.17 -50.30 -39.11
CA GLY H 4 -89.50 -48.99 -38.56
C GLY H 4 -88.39 -48.40 -37.72
N PHE H 5 -88.36 -47.07 -37.64
CA PHE H 5 -87.33 -46.36 -36.88
C PHE H 5 -87.81 -45.02 -36.32
N ALA H 6 -87.84 -44.90 -34.99
CA ALA H 6 -88.19 -43.67 -34.30
C ALA H 6 -86.93 -43.08 -33.66
N ARG H 7 -86.63 -41.81 -33.96
CA ARG H 7 -85.42 -41.20 -33.41
C ARG H 7 -85.64 -40.63 -32.00
N PRO H 8 -84.78 -40.97 -31.04
CA PRO H 8 -84.89 -40.49 -29.65
C PRO H 8 -84.33 -39.08 -29.46
N THR H 9 -84.43 -38.59 -28.22
CA THR H 9 -83.83 -37.30 -27.88
C THR H 9 -82.31 -37.40 -28.04
N PRO H 10 -81.66 -36.44 -28.72
CA PRO H 10 -80.21 -36.52 -28.94
C PRO H 10 -79.35 -36.64 -27.69
N GLU H 11 -78.29 -37.45 -27.81
CA GLU H 11 -77.30 -37.67 -26.76
C GLU H 11 -76.43 -36.42 -26.55
N LYS H 12 -75.92 -36.23 -25.33
CA LYS H 12 -75.05 -35.07 -25.06
C LYS H 12 -73.68 -35.18 -25.73
N PRO H 13 -73.28 -34.22 -26.55
CA PRO H 13 -71.95 -34.24 -27.20
C PRO H 13 -70.82 -33.92 -26.23
N PRO H 14 -69.59 -34.36 -26.52
CA PRO H 14 -68.45 -34.00 -25.66
C PRO H 14 -68.19 -32.50 -25.78
N VAL H 15 -68.26 -31.80 -24.64
CA VAL H 15 -68.13 -30.34 -24.58
C VAL H 15 -66.74 -29.83 -24.93
N ILE H 16 -66.69 -28.79 -25.80
CA ILE H 16 -65.48 -28.09 -26.22
C ILE H 16 -65.16 -27.01 -25.18
N LYS H 17 -63.88 -26.83 -24.84
CA LYS H 17 -63.51 -25.80 -23.87
C LYS H 17 -62.62 -24.70 -24.44
N PRO H 18 -63.08 -23.44 -24.51
CA PRO H 18 -62.23 -22.33 -24.97
C PRO H 18 -61.16 -21.95 -23.94
N GLU H 19 -60.16 -21.17 -24.39
CA GLU H 19 -59.08 -20.73 -23.51
C GLU H 19 -58.48 -19.39 -23.91
N ASN H 20 -58.53 -18.40 -23.02
CA ASN H 20 -57.91 -17.08 -23.22
C ASN H 20 -56.55 -17.10 -22.50
N ILE H 21 -55.44 -16.98 -23.24
CA ILE H 21 -54.11 -17.04 -22.63
C ILE H 21 -53.24 -15.84 -23.02
N VAL H 22 -52.68 -15.14 -22.02
CA VAL H 22 -51.80 -13.99 -22.25
C VAL H 22 -50.35 -14.44 -22.07
N LEU H 23 -49.52 -14.23 -23.10
CA LEU H 23 -48.13 -14.71 -23.13
C LEU H 23 -47.10 -13.96 -22.28
N SER H 24 -46.07 -14.72 -21.89
CA SER H 24 -44.92 -14.31 -21.09
C SER H 24 -44.02 -13.28 -21.79
N THR H 25 -43.75 -12.14 -21.15
CA THR H 25 -42.89 -11.11 -21.76
C THR H 25 -41.41 -11.52 -21.80
N PRO H 26 -40.74 -11.42 -22.97
CA PRO H 26 -39.34 -11.81 -23.10
C PRO H 26 -38.37 -11.06 -22.19
N LEU H 27 -37.17 -11.64 -22.04
CA LEU H 27 -36.08 -11.04 -21.25
C LEU H 27 -35.46 -9.83 -21.97
N SER H 28 -34.84 -8.97 -21.15
CA SER H 28 -34.17 -7.75 -21.63
C SER H 28 -32.63 -7.88 -21.63
N ILE H 29 -32.00 -7.51 -22.72
CA ILE H 29 -30.54 -7.60 -22.89
C ILE H 29 -29.82 -6.61 -21.97
N PRO H 30 -28.60 -6.90 -21.51
CA PRO H 30 -27.87 -5.94 -20.61
C PRO H 30 -27.50 -4.62 -21.28
N PRO H 31 -27.20 -3.60 -20.47
CA PRO H 31 -26.82 -2.25 -21.00
C PRO H 31 -25.36 -2.16 -21.45
N PRO H 32 -25.08 -1.54 -22.61
CA PRO H 32 -23.69 -1.38 -23.04
C PRO H 32 -22.94 -0.40 -22.15
N GLU H 33 -21.62 -0.57 -22.02
CA GLU H 33 -20.88 0.32 -21.13
C GLU H 33 -19.41 0.43 -21.55
N GLY H 34 -18.77 1.56 -21.15
CA GLY H 34 -17.37 1.81 -21.44
C GLY H 34 -16.39 1.04 -20.55
N LYS H 35 -15.11 1.10 -20.94
CA LYS H 35 -14.06 0.43 -20.20
C LYS H 35 -13.77 1.07 -18.84
N PRO H 36 -13.31 0.29 -17.85
CA PRO H 36 -12.92 0.80 -16.51
C PRO H 36 -11.49 1.34 -16.58
N TRP H 37 -11.33 2.54 -17.14
CA TRP H 37 -10.01 3.12 -17.40
C TRP H 37 -8.92 3.00 -16.33
N TRP H 38 -9.25 3.22 -15.06
CA TRP H 38 -8.26 3.14 -14.00
C TRP H 38 -7.75 1.72 -13.75
N LEU H 39 -8.50 0.70 -14.14
CA LEU H 39 -8.04 -0.68 -14.02
C LEU H 39 -6.96 -1.01 -15.04
N ILE H 40 -7.17 -0.65 -16.30
CA ILE H 40 -6.19 -0.91 -17.36
C ILE H 40 -4.96 -0.05 -17.15
N VAL H 41 -5.13 1.17 -16.63
CA VAL H 41 -4.00 2.05 -16.30
C VAL H 41 -3.12 1.41 -15.24
N VAL H 42 -3.74 0.73 -14.28
CA VAL H 42 -2.99 -0.01 -13.25
C VAL H 42 -2.19 -1.15 -13.91
N GLY H 43 -2.88 -1.98 -14.68
CA GLY H 43 -2.26 -3.14 -15.33
C GLY H 43 -1.08 -2.85 -16.25
N VAL H 44 -1.14 -1.77 -17.03
CA VAL H 44 -0.01 -1.45 -17.93
C VAL H 44 1.25 -1.06 -17.17
N VAL H 45 1.14 -0.59 -15.94
CA VAL H 45 2.33 -0.33 -15.13
C VAL H 45 2.96 -1.65 -14.71
N VAL H 46 2.15 -2.53 -14.11
CA VAL H 46 2.60 -3.83 -13.62
C VAL H 46 3.34 -4.65 -14.67
N VAL H 47 2.82 -4.75 -15.90
CA VAL H 47 3.52 -5.52 -16.94
C VAL H 47 4.81 -4.84 -17.38
N GLY H 48 4.82 -3.50 -17.43
CA GLY H 48 6.04 -2.79 -17.78
C GLY H 48 7.09 -2.95 -16.70
N LEU H 49 6.65 -2.88 -15.45
CA LEU H 49 7.47 -3.07 -14.26
C LEU H 49 8.04 -4.50 -14.21
N LEU H 50 7.23 -5.49 -14.60
CA LEU H 50 7.68 -6.89 -14.68
C LEU H 50 8.80 -7.03 -15.71
N GLY H 51 8.63 -6.45 -16.89
CA GLY H 51 9.67 -6.47 -17.91
C GLY H 51 10.96 -5.87 -17.36
N GLY H 52 10.84 -4.84 -16.52
CA GLY H 52 12.00 -4.23 -15.88
C GLY H 52 12.77 -5.19 -14.99
N MET H 53 12.08 -6.05 -14.25
CA MET H 53 12.75 -7.04 -13.41
C MET H 53 13.60 -7.98 -14.28
N VAL H 54 13.00 -8.52 -15.33
CA VAL H 54 13.71 -9.44 -16.24
C VAL H 54 14.89 -8.72 -16.90
N ALA H 55 14.67 -7.49 -17.37
CA ALA H 55 15.74 -6.70 -17.99
C ALA H 55 16.87 -6.41 -17.02
N MET H 56 16.54 -6.06 -15.78
CA MET H 56 17.53 -5.81 -14.73
C MET H 56 18.39 -7.05 -14.48
N VAL H 57 17.77 -8.22 -14.41
CA VAL H 57 18.48 -9.49 -14.23
C VAL H 57 19.36 -9.82 -15.44
N PHE H 58 18.86 -9.57 -16.65
CA PHE H 58 19.64 -9.82 -17.87
C PHE H 58 20.83 -8.87 -17.98
N ALA H 59 20.67 -7.60 -17.62
CA ALA H 59 21.80 -6.68 -17.66
C ALA H 59 22.82 -7.06 -16.59
N SER H 60 22.35 -7.50 -15.44
CA SER H 60 23.23 -7.93 -14.36
C SER H 60 24.04 -9.17 -14.76
N GLY H 61 23.57 -9.94 -15.73
CA GLY H 61 24.30 -11.11 -16.22
C GLY H 61 23.97 -12.48 -15.66
N SER H 62 22.83 -12.66 -14.99
CA SER H 62 22.50 -13.97 -14.44
C SER H 62 22.16 -14.97 -15.52
N HIS H 63 21.46 -14.53 -16.57
CA HIS H 63 21.05 -15.38 -17.69
C HIS H 63 20.31 -16.64 -17.24
N VAL H 64 19.59 -16.54 -16.12
CA VAL H 64 18.80 -17.65 -15.58
C VAL H 64 17.52 -17.89 -16.39
N PHE H 65 16.92 -16.84 -16.93
CA PHE H 65 15.68 -16.92 -17.71
C PHE H 65 15.84 -17.40 -19.14
N GLY H 66 17.06 -17.71 -19.58
CA GLY H 66 17.22 -18.24 -20.92
C GLY H 66 16.63 -19.63 -21.02
N GLY H 67 16.05 -19.93 -22.19
CA GLY H 67 15.42 -21.23 -22.41
C GLY H 67 14.15 -21.47 -21.60
N ILE H 68 13.98 -22.68 -21.07
CA ILE H 68 12.77 -22.99 -20.30
C ILE H 68 12.60 -22.12 -19.05
N GLY H 69 13.67 -21.57 -18.50
CA GLY H 69 13.53 -20.73 -17.32
C GLY H 69 12.53 -19.60 -17.52
N SER H 70 12.38 -19.15 -18.77
CA SER H 70 11.46 -18.09 -19.19
C SER H 70 9.97 -18.39 -18.94
N ILE H 71 9.62 -19.63 -18.64
CA ILE H 71 8.22 -20.02 -18.40
C ILE H 71 7.61 -19.29 -17.21
N PHE H 72 8.41 -18.87 -16.23
CA PHE H 72 7.87 -18.15 -15.07
C PHE H 72 7.38 -16.75 -15.47
N PRO H 73 8.19 -15.90 -16.09
CA PRO H 73 7.70 -14.59 -16.57
C PRO H 73 6.55 -14.72 -17.55
N LEU H 74 6.61 -15.68 -18.45
CA LEU H 74 5.58 -15.88 -19.47
C LEU H 74 4.21 -16.20 -18.86
N PHE H 75 4.13 -17.21 -17.99
CA PHE H 75 2.85 -17.56 -17.37
C PHE H 75 2.29 -16.41 -16.53
N MET H 76 3.14 -15.71 -15.79
CA MET H 76 2.70 -14.58 -14.97
C MET H 76 2.11 -13.47 -15.84
N MET H 77 2.81 -13.08 -16.88
CA MET H 77 2.35 -12.02 -17.79
C MET H 77 1.01 -12.39 -18.44
N VAL H 78 0.77 -13.67 -18.66
CA VAL H 78 -0.52 -14.14 -19.21
C VAL H 78 -1.60 -14.05 -18.13
N GLY H 79 -1.31 -14.50 -16.92
CA GLY H 79 -2.27 -14.43 -15.82
C GLY H 79 -2.70 -13.01 -15.49
N ILE H 80 -1.78 -12.06 -15.58
CA ILE H 80 -2.10 -10.65 -15.36
C ILE H 80 -3.05 -10.16 -16.44
N MET H 81 -2.84 -10.59 -17.66
CA MET H 81 -3.68 -10.21 -18.81
C MET H 81 -5.13 -10.64 -18.59
N MET H 82 -5.35 -11.87 -18.13
CA MET H 82 -6.69 -12.38 -17.86
C MET H 82 -7.44 -11.56 -16.80
N MET H 83 -6.78 -11.13 -15.73
CA MET H 83 -7.44 -10.33 -14.71
C MET H 83 -7.78 -8.90 -15.15
N MET H 84 -6.85 -8.21 -15.82
CA MET H 84 -7.13 -6.81 -16.20
C MET H 84 -8.05 -6.66 -17.41
N PHE H 85 -7.96 -7.52 -18.42
CA PHE H 85 -8.81 -7.27 -19.58
C PHE H 85 -10.21 -7.86 -19.44
N ARG H 86 -10.34 -9.14 -19.16
CA ARG H 86 -11.69 -9.71 -19.02
C ARG H 86 -12.22 -9.48 -17.62
N GLY H 87 -11.65 -10.14 -16.62
CA GLY H 87 -12.13 -9.99 -15.25
C GLY H 87 -13.64 -10.16 -15.07
N MET H 88 -14.17 -9.44 -14.09
CA MET H 88 -15.60 -9.44 -13.80
C MET H 88 -16.07 -8.05 -13.38
N GLY H 89 -17.31 -7.72 -13.78
CA GLY H 89 -17.92 -6.44 -13.47
C GLY H 89 -18.61 -6.41 -12.11
N GLY H 90 -18.90 -5.20 -11.65
CA GLY H 90 -19.59 -4.96 -10.40
C GLY H 90 -21.10 -4.99 -10.54
N GLY H 91 -21.77 -4.36 -9.57
CA GLY H 91 -23.23 -4.29 -9.56
C GLY H 91 -23.84 -3.58 -10.75
N GLN H 92 -23.05 -2.74 -11.43
CA GLN H 92 -23.55 -2.04 -12.62
C GLN H 92 -23.78 -2.99 -13.78
N GLN H 93 -23.13 -4.16 -13.79
CA GLN H 93 -23.31 -5.18 -14.82
C GLN H 93 -24.07 -6.37 -14.21
N GLN H 94 -25.36 -6.12 -14.01
CA GLN H 94 -26.29 -7.07 -13.36
C GLN H 94 -26.34 -8.45 -14.03
N MET H 95 -26.22 -8.51 -15.36
CA MET H 95 -26.34 -9.79 -16.08
C MET H 95 -25.08 -10.64 -16.08
N SER H 96 -24.58 -10.91 -14.89
CA SER H 96 -23.46 -11.83 -14.74
C SER H 96 -23.98 -13.22 -15.09
N ARG H 97 -23.15 -13.98 -15.82
CA ARG H 97 -23.53 -15.32 -16.30
C ARG H 97 -24.38 -16.14 -15.34
N PRO H 98 -24.07 -16.28 -14.05
CA PRO H 98 -24.92 -17.12 -13.18
C PRO H 98 -26.33 -16.59 -12.94
N LYS H 99 -26.59 -15.29 -13.04
CA LYS H 99 -27.94 -14.76 -12.83
C LYS H 99 -28.79 -14.78 -14.10
N LEU H 100 -28.20 -14.50 -15.27
CA LEU H 100 -28.94 -14.52 -16.53
C LEU H 100 -29.42 -15.94 -16.86
N ASP H 101 -28.65 -16.96 -16.52
CA ASP H 101 -29.10 -18.34 -16.73
C ASP H 101 -30.32 -18.64 -15.87
N ALA H 102 -30.34 -18.18 -14.62
CA ALA H 102 -31.50 -18.42 -13.78
C ALA H 102 -32.74 -17.74 -14.34
N MET H 103 -32.60 -16.52 -14.87
CA MET H 103 -33.72 -15.82 -15.50
C MET H 103 -34.18 -16.55 -16.76
N ARG H 104 -33.25 -17.00 -17.58
CA ARG H 104 -33.53 -17.75 -18.81
C ARG H 104 -34.27 -19.06 -18.49
N ALA H 105 -33.78 -19.83 -17.53
CA ALA H 105 -34.38 -21.10 -17.16
C ALA H 105 -35.81 -20.94 -16.65
N GLN H 106 -36.07 -19.91 -15.85
CA GLN H 106 -37.42 -19.66 -15.34
C GLN H 106 -38.40 -19.33 -16.47
N PHE H 107 -37.98 -18.57 -17.48
CA PHE H 107 -38.85 -18.27 -18.62
C PHE H 107 -39.20 -19.53 -19.39
N MET H 108 -38.23 -20.40 -19.66
CA MET H 108 -38.50 -21.64 -20.40
C MET H 108 -39.51 -22.52 -19.67
N LEU H 109 -39.36 -22.69 -18.36
CA LEU H 109 -40.26 -23.52 -17.57
C LEU H 109 -41.70 -23.00 -17.59
N MET H 110 -41.90 -21.69 -17.48
CA MET H 110 -43.24 -21.11 -17.55
C MET H 110 -43.87 -21.27 -18.93
N LEU H 111 -43.08 -21.13 -19.99
CA LEU H 111 -43.60 -21.27 -21.35
C LEU H 111 -44.16 -22.66 -21.63
N ASP H 112 -43.57 -23.72 -21.08
CA ASP H 112 -44.10 -25.07 -21.31
C ASP H 112 -45.43 -25.35 -20.59
N MET H 113 -45.67 -24.72 -19.44
CA MET H 113 -46.97 -24.92 -18.78
C MET H 113 -48.11 -24.38 -19.65
N LEU H 114 -47.85 -23.32 -20.40
CA LEU H 114 -48.83 -22.78 -21.35
C LEU H 114 -49.03 -23.74 -22.52
N ARG H 115 -48.00 -24.52 -22.85
CA ARG H 115 -48.09 -25.51 -23.90
C ARG H 115 -49.07 -26.62 -23.50
N GLU H 116 -48.96 -27.12 -22.27
CA GLU H 116 -49.86 -28.15 -21.77
C GLU H 116 -51.31 -27.68 -21.80
N THR H 117 -51.55 -26.43 -21.43
CA THR H 117 -52.90 -25.87 -21.43
C THR H 117 -53.50 -25.85 -22.83
N ALA H 118 -52.72 -25.50 -23.85
CA ALA H 118 -53.22 -25.53 -25.22
C ALA H 118 -53.48 -26.97 -25.65
N GLN H 119 -52.56 -27.88 -25.36
CA GLN H 119 -52.70 -29.29 -25.73
C GLN H 119 -53.94 -29.91 -25.07
N GLU H 120 -54.25 -29.52 -23.84
CA GLU H 120 -55.46 -30.00 -23.17
C GLU H 120 -56.72 -29.52 -23.88
N SER H 121 -56.77 -28.25 -24.28
CA SER H 121 -57.92 -27.73 -25.00
C SER H 121 -58.05 -28.37 -26.38
N ALA H 122 -56.93 -28.70 -27.00
CA ALA H 122 -56.92 -29.33 -28.33
C ALA H 122 -57.50 -30.74 -28.30
N ASP H 123 -57.29 -31.47 -27.22
CA ASP H 123 -57.87 -32.83 -27.10
C ASP H 123 -59.40 -32.78 -27.13
N SER H 124 -59.98 -31.77 -26.48
CA SER H 124 -61.44 -31.62 -26.43
C SER H 124 -62.04 -31.38 -27.81
N MET H 125 -61.39 -30.58 -28.65
CA MET H 125 -61.90 -30.28 -29.99
C MET H 125 -61.83 -31.49 -30.93
N ASP H 126 -60.83 -32.36 -30.77
CA ASP H 126 -60.71 -33.55 -31.61
C ASP H 126 -61.91 -34.48 -31.41
N ALA H 127 -62.21 -34.83 -30.16
CA ALA H 127 -63.32 -35.71 -29.81
C ALA H 127 -64.66 -35.17 -30.32
N ASN H 128 -64.91 -33.88 -30.12
CA ASN H 128 -66.15 -33.25 -30.57
C ASN H 128 -66.31 -33.30 -32.09
N TYR H 129 -65.27 -32.97 -32.84
CA TYR H 129 -65.37 -32.96 -34.31
C TYR H 129 -65.58 -34.37 -34.88
N ARG H 130 -64.91 -35.39 -34.34
CA ARG H 130 -65.15 -36.76 -34.83
C ARG H 130 -66.57 -37.22 -34.48
N TRP H 131 -67.04 -36.91 -33.28
CA TRP H 131 -68.36 -37.32 -32.81
C TRP H 131 -69.48 -36.79 -33.70
N PHE H 132 -69.27 -35.66 -34.37
CA PHE H 132 -70.24 -35.12 -35.33
C PHE H 132 -69.94 -35.42 -36.78
N HIS H 133 -68.69 -35.74 -37.15
CA HIS H 133 -68.31 -36.00 -38.53
C HIS H 133 -67.33 -37.16 -38.64
N PRO H 134 -67.81 -38.39 -38.55
CA PRO H 134 -66.95 -39.57 -38.63
C PRO H 134 -66.46 -39.85 -40.05
N ALA H 135 -65.44 -40.70 -40.11
CA ALA H 135 -64.87 -41.15 -41.37
C ALA H 135 -65.88 -42.01 -42.14
N PRO H 136 -65.88 -41.93 -43.47
CA PRO H 136 -66.89 -42.64 -44.27
C PRO H 136 -66.90 -44.15 -44.12
N ASN H 137 -65.75 -44.79 -43.90
CA ASN H 137 -65.71 -46.25 -43.74
C ASN H 137 -66.37 -46.73 -42.43
N THR H 138 -66.47 -45.87 -41.41
CA THR H 138 -67.11 -46.23 -40.15
C THR H 138 -68.63 -46.10 -40.16
N LEU H 139 -69.19 -45.40 -41.14
CA LEU H 139 -70.63 -45.14 -41.22
C LEU H 139 -71.47 -46.41 -41.41
N ALA H 140 -70.94 -47.43 -42.08
CA ALA H 140 -71.71 -48.65 -42.33
C ALA H 140 -72.09 -49.36 -41.03
N ALA H 141 -71.14 -49.53 -40.13
CA ALA H 141 -71.44 -50.17 -38.83
C ALA H 141 -72.40 -49.35 -37.98
N ALA H 142 -72.32 -48.02 -38.03
CA ALA H 142 -73.16 -47.09 -37.26
C ALA H 142 -74.61 -46.95 -37.75
N VAL H 143 -74.98 -47.55 -38.87
CA VAL H 143 -76.32 -47.41 -39.45
C VAL H 143 -77.46 -47.67 -38.47
N GLY H 144 -77.34 -48.70 -37.63
CA GLY H 144 -78.41 -48.99 -36.67
C GLY H 144 -78.51 -48.07 -35.46
N SER H 145 -77.40 -47.45 -35.08
CA SER H 145 -77.35 -46.57 -33.91
C SER H 145 -78.24 -45.33 -34.05
N PRO H 146 -78.61 -44.74 -32.90
CA PRO H 146 -79.43 -43.51 -32.88
C PRO H 146 -78.74 -42.28 -33.46
N ARG H 147 -77.46 -42.38 -33.80
CA ARG H 147 -76.71 -41.28 -34.40
C ARG H 147 -77.17 -41.01 -35.84
N MET H 148 -77.77 -42.01 -36.47
CA MET H 148 -78.32 -41.88 -37.83
C MET H 148 -79.54 -40.96 -37.84
N TRP H 149 -79.62 -40.13 -38.89
CA TRP H 149 -80.73 -39.19 -39.12
C TRP H 149 -81.02 -38.32 -37.89
N GLU H 150 -79.95 -38.01 -37.16
CA GLU H 150 -79.98 -37.22 -35.93
C GLU H 150 -80.12 -35.71 -36.17
N ARG H 151 -79.58 -35.19 -37.27
CA ARG H 151 -79.55 -33.76 -37.54
C ARG H 151 -80.94 -33.13 -37.71
N LYS H 152 -81.09 -31.91 -37.16
CA LYS H 152 -82.31 -31.13 -37.20
C LYS H 152 -82.09 -29.77 -37.84
N PRO H 153 -83.08 -29.24 -38.58
CA PRO H 153 -82.95 -27.93 -39.20
C PRO H 153 -83.39 -26.76 -38.32
N ASP H 154 -83.99 -27.03 -37.17
CA ASP H 154 -84.58 -25.99 -36.32
C ASP H 154 -83.62 -25.08 -35.58
N GLY H 155 -82.95 -24.20 -36.33
CA GLY H 155 -82.11 -23.14 -35.80
C GLY H 155 -80.97 -23.39 -34.83
N LYS H 156 -81.19 -24.15 -33.77
CA LYS H 156 -80.12 -24.35 -32.78
C LYS H 156 -79.04 -25.32 -33.25
N ASP H 157 -79.37 -26.28 -34.11
CA ASP H 157 -78.38 -27.23 -34.63
C ASP H 157 -77.52 -26.55 -35.69
N LEU H 158 -76.29 -26.20 -35.30
CA LEU H 158 -75.31 -25.52 -36.15
C LEU H 158 -74.68 -26.40 -37.23
N ASN H 159 -74.82 -27.72 -37.16
CA ASN H 159 -74.21 -28.65 -38.12
C ASN H 159 -75.09 -28.98 -39.33
N PHE H 160 -76.33 -28.49 -39.38
CA PHE H 160 -77.21 -28.75 -40.51
C PHE H 160 -76.63 -28.16 -41.79
N GLY H 161 -76.74 -28.93 -42.89
CA GLY H 161 -76.21 -28.52 -44.18
C GLY H 161 -74.70 -28.51 -44.32
N VAL H 162 -73.98 -29.06 -43.34
CA VAL H 162 -72.52 -29.12 -43.33
C VAL H 162 -72.10 -30.55 -43.64
N VAL H 163 -71.10 -30.70 -44.52
CA VAL H 163 -70.61 -32.03 -44.92
C VAL H 163 -69.08 -32.12 -44.84
N ARG H 164 -68.61 -33.23 -44.28
CA ARG H 164 -67.19 -33.54 -44.15
C ARG H 164 -66.56 -33.90 -45.49
N VAL H 165 -65.47 -33.22 -45.85
CA VAL H 165 -64.79 -33.48 -47.12
C VAL H 165 -63.40 -34.09 -46.96
N GLY H 166 -62.81 -34.05 -45.78
CA GLY H 166 -61.47 -34.61 -45.61
C GLY H 166 -60.81 -34.11 -44.32
N VAL H 167 -59.48 -34.05 -44.34
CA VAL H 167 -58.72 -33.59 -43.19
C VAL H 167 -57.65 -32.56 -43.55
N GLY H 168 -57.32 -31.72 -42.58
CA GLY H 168 -56.33 -30.67 -42.79
C GLY H 168 -56.12 -29.85 -41.54
N MET H 169 -55.61 -28.63 -41.71
CA MET H 169 -55.34 -27.71 -40.61
C MET H 169 -56.54 -26.83 -40.28
N THR H 170 -56.67 -26.44 -39.01
CA THR H 170 -57.73 -25.56 -38.58
C THR H 170 -57.28 -24.79 -37.33
N ARG H 171 -57.89 -23.63 -37.12
CA ARG H 171 -57.58 -22.78 -35.96
C ARG H 171 -58.19 -23.33 -34.66
N PRO H 172 -57.41 -23.53 -33.60
CA PRO H 172 -58.00 -24.02 -32.35
C PRO H 172 -58.82 -22.92 -31.69
N GLU H 173 -59.54 -23.32 -30.64
CA GLU H 173 -60.44 -22.43 -29.92
C GLU H 173 -59.74 -21.49 -28.93
N VAL H 174 -58.42 -21.59 -28.81
CA VAL H 174 -57.64 -20.71 -27.94
C VAL H 174 -57.58 -19.30 -28.52
N THR H 175 -57.47 -18.30 -27.64
CA THR H 175 -57.36 -16.88 -28.04
C THR H 175 -56.19 -16.26 -27.29
N TRP H 176 -55.10 -16.03 -28.03
CA TRP H 176 -53.83 -15.48 -27.56
C TRP H 176 -53.80 -13.98 -27.27
N GLY H 177 -53.34 -13.62 -26.08
CA GLY H 177 -53.16 -12.22 -25.68
C GLY H 177 -51.70 -11.81 -25.80
N GLU H 178 -51.46 -10.68 -26.45
CA GLU H 178 -50.09 -10.19 -26.66
C GLU H 178 -49.33 -9.88 -25.37
N PRO H 179 -48.02 -10.20 -25.32
CA PRO H 179 -47.18 -9.88 -24.15
C PRO H 179 -47.03 -8.38 -23.92
N GLN H 180 -47.34 -7.92 -22.71
CA GLN H 180 -47.18 -6.51 -22.40
C GLN H 180 -45.70 -6.11 -22.27
N ASN H 181 -45.42 -4.83 -22.56
CA ASN H 181 -44.07 -4.21 -22.51
C ASN H 181 -42.98 -4.95 -23.31
N MET H 182 -43.32 -5.41 -24.51
CA MET H 182 -42.34 -6.10 -25.37
C MET H 182 -41.10 -5.23 -25.66
N PRO H 183 -39.89 -5.69 -25.34
CA PRO H 183 -38.69 -4.91 -25.67
C PRO H 183 -38.51 -4.71 -27.17
N THR H 184 -37.90 -3.58 -27.54
CA THR H 184 -37.63 -3.31 -28.95
C THR H 184 -36.64 -4.32 -29.53
N ASP H 185 -36.68 -4.45 -30.87
CA ASP H 185 -35.87 -5.42 -31.60
C ASP H 185 -34.40 -5.45 -31.20
N ILE H 186 -33.79 -4.30 -30.91
CA ILE H 186 -32.39 -4.27 -30.50
C ILE H 186 -32.19 -4.66 -29.04
N GLU H 187 -33.25 -4.64 -28.25
CA GLU H 187 -33.23 -4.97 -26.83
C GLU H 187 -33.59 -6.42 -26.53
N LEU H 188 -34.11 -7.17 -27.50
CA LEU H 188 -34.50 -8.56 -27.26
C LEU H 188 -33.34 -9.52 -27.08
N GLU H 189 -33.46 -10.34 -26.04
CA GLU H 189 -32.52 -11.41 -25.74
C GLU H 189 -32.71 -12.52 -26.76
N PRO H 190 -31.63 -13.09 -27.31
CA PRO H 190 -31.76 -14.06 -28.42
C PRO H 190 -32.47 -15.38 -28.11
N VAL H 191 -32.19 -16.02 -26.99
CA VAL H 191 -32.79 -17.32 -26.67
C VAL H 191 -34.30 -17.22 -26.47
N THR H 192 -34.73 -16.34 -25.58
CA THR H 192 -36.16 -16.16 -25.30
C THR H 192 -36.90 -15.48 -26.44
N GLY H 193 -36.22 -14.65 -27.23
CA GLY H 193 -36.86 -14.02 -28.37
C GLY H 193 -37.35 -15.00 -29.43
N LYS H 194 -36.49 -15.91 -29.86
CA LYS H 194 -36.90 -16.90 -30.86
C LYS H 194 -37.85 -17.94 -30.29
N ALA H 195 -37.72 -18.27 -29.00
CA ALA H 195 -38.61 -19.23 -28.37
C ALA H 195 -40.06 -18.76 -28.40
N LEU H 196 -40.30 -17.53 -27.96
CA LEU H 196 -41.66 -16.97 -27.96
C LEU H 196 -42.20 -16.78 -29.37
N GLN H 197 -41.33 -16.69 -30.35
CA GLN H 197 -41.70 -16.53 -31.75
C GLN H 197 -42.13 -17.86 -32.37
N GLU H 198 -41.30 -18.90 -32.26
CA GLU H 198 -41.66 -20.23 -32.80
C GLU H 198 -42.85 -20.82 -32.05
N PHE H 199 -42.96 -20.58 -30.75
CA PHE H 199 -44.10 -21.06 -29.98
C PHE H 199 -45.40 -20.53 -30.57
N GLY H 200 -45.42 -19.25 -30.91
CA GLY H 200 -46.59 -18.63 -31.51
C GLY H 200 -46.92 -19.17 -32.89
N ARG H 201 -45.90 -19.48 -33.70
CA ARG H 201 -46.12 -20.01 -35.05
C ARG H 201 -46.76 -21.40 -35.08
N TYR H 202 -46.39 -22.31 -34.17
CA TYR H 202 -46.94 -23.67 -34.20
C TYR H 202 -48.16 -23.90 -33.32
N GLN H 203 -48.15 -23.42 -32.09
CA GLN H 203 -49.29 -23.64 -31.20
C GLN H 203 -50.54 -22.87 -31.61
N SER H 204 -50.48 -22.04 -32.66
CA SER H 204 -51.66 -21.32 -33.16
C SER H 204 -52.54 -22.12 -34.11
N VAL H 205 -52.17 -23.34 -34.51
CA VAL H 205 -53.05 -24.16 -35.36
C VAL H 205 -52.94 -25.60 -34.90
N VAL H 206 -54.04 -26.35 -35.06
CA VAL H 206 -54.11 -27.77 -34.69
C VAL H 206 -54.22 -28.58 -35.96
N TYR H 207 -53.38 -29.60 -36.06
CA TYR H 207 -53.23 -30.47 -37.23
C TYR H 207 -54.07 -31.75 -37.27
N ASN H 208 -54.34 -32.17 -38.51
CA ASN H 208 -55.08 -33.38 -38.88
C ASN H 208 -56.53 -33.47 -38.33
N LEU H 209 -57.30 -32.38 -38.49
CA LEU H 209 -58.70 -32.26 -38.10
C LEU H 209 -59.60 -32.38 -39.34
N PRO H 210 -60.86 -32.80 -39.17
CA PRO H 210 -61.77 -32.94 -40.30
C PRO H 210 -62.24 -31.59 -40.87
N LYS H 211 -62.17 -31.47 -42.19
CA LYS H 211 -62.54 -30.29 -42.97
C LYS H 211 -63.94 -30.44 -43.55
N MET H 212 -64.64 -29.31 -43.74
CA MET H 212 -66.03 -29.35 -44.21
C MET H 212 -66.39 -28.28 -45.23
N VAL H 213 -67.47 -28.55 -45.98
CA VAL H 213 -68.09 -27.64 -46.95
C VAL H 213 -69.55 -27.48 -46.56
N SER H 214 -70.10 -26.26 -46.75
CA SER H 214 -71.49 -25.97 -46.41
C SER H 214 -72.38 -25.74 -47.64
N LEU H 215 -73.49 -26.48 -47.70
CA LEU H 215 -74.47 -26.38 -48.79
C LEU H 215 -75.20 -25.04 -48.80
N LEU H 216 -75.37 -24.43 -47.63
CA LEU H 216 -76.07 -23.17 -47.42
C LEU H 216 -75.25 -21.95 -47.82
N VAL H 217 -74.02 -22.11 -48.28
CA VAL H 217 -73.15 -20.99 -48.58
C VAL H 217 -72.94 -20.62 -50.06
N GLU H 218 -73.11 -21.56 -51.00
CA GLU H 218 -72.89 -21.19 -52.39
C GLU H 218 -73.87 -21.87 -53.35
N PRO H 219 -74.19 -21.20 -54.47
CA PRO H 219 -75.07 -21.80 -55.48
C PRO H 219 -74.52 -23.09 -56.07
N TRP H 220 -73.20 -23.21 -56.21
CA TRP H 220 -72.62 -24.42 -56.78
C TRP H 220 -71.19 -24.54 -56.30
N TYR H 221 -70.62 -25.74 -56.49
CA TYR H 221 -69.21 -26.03 -56.15
C TYR H 221 -68.60 -26.84 -57.29
N ALA H 222 -67.86 -26.17 -58.15
CA ALA H 222 -67.21 -26.83 -59.27
C ALA H 222 -66.03 -27.67 -58.80
N LEU H 223 -66.08 -28.97 -59.12
CA LEU H 223 -65.05 -29.93 -58.76
C LEU H 223 -64.20 -30.13 -60.01
N VAL H 224 -62.92 -29.75 -59.92
CA VAL H 224 -62.03 -29.76 -61.07
C VAL H 224 -60.83 -30.65 -60.85
N GLY H 225 -60.74 -31.71 -61.65
CA GLY H 225 -59.65 -32.67 -61.56
C GLY H 225 -60.00 -33.90 -62.35
N GLU H 226 -59.21 -34.97 -62.17
CA GLU H 226 -59.53 -36.20 -62.86
C GLU H 226 -60.84 -36.80 -62.34
N ARG H 227 -61.48 -37.58 -63.20
CA ARG H 227 -62.80 -38.15 -62.91
C ARG H 227 -62.85 -38.95 -61.62
N GLU H 228 -61.85 -39.81 -61.40
CA GLU H 228 -61.82 -40.64 -60.19
C GLU H 228 -61.80 -39.82 -58.90
N GLN H 229 -61.07 -38.71 -58.90
CA GLN H 229 -60.99 -37.84 -57.72
C GLN H 229 -62.32 -37.14 -57.46
N VAL H 230 -62.89 -36.57 -58.51
CA VAL H 230 -64.16 -35.85 -58.47
C VAL H 230 -65.32 -36.77 -58.04
N LEU H 231 -65.40 -37.97 -58.63
CA LEU H 231 -66.45 -38.91 -58.27
C LEU H 231 -66.20 -39.55 -56.91
N GLY H 232 -64.94 -39.79 -56.56
CA GLY H 232 -64.61 -40.36 -55.26
C GLY H 232 -65.15 -39.51 -54.12
N LEU H 233 -64.82 -38.22 -54.14
CA LEU H 233 -65.32 -37.25 -53.16
C LEU H 233 -66.84 -37.13 -53.21
N MET H 234 -67.43 -37.06 -54.40
CA MET H 234 -68.89 -36.93 -54.52
C MET H 234 -69.65 -38.09 -53.89
N ARG H 235 -69.21 -39.33 -54.10
CA ARG H 235 -69.90 -40.46 -53.46
C ARG H 235 -69.80 -40.37 -51.94
N ALA H 236 -68.65 -39.91 -51.43
CA ALA H 236 -68.47 -39.73 -50.00
C ALA H 236 -69.43 -38.67 -49.45
N ILE H 237 -69.59 -37.59 -50.20
CA ILE H 237 -70.53 -36.51 -49.85
C ILE H 237 -71.96 -37.03 -49.79
N ILE H 238 -72.36 -37.82 -50.79
CA ILE H 238 -73.71 -38.38 -50.86
C ILE H 238 -74.00 -39.30 -49.67
N CYS H 239 -73.11 -40.24 -49.35
CA CYS H 239 -73.37 -41.14 -48.23
C CYS H 239 -73.29 -40.42 -46.87
N GLN H 240 -72.45 -39.40 -46.74
CA GLN H 240 -72.40 -38.63 -45.50
C GLN H 240 -73.72 -37.87 -45.30
N LEU H 241 -74.20 -37.21 -46.34
CA LEU H 241 -75.50 -36.52 -46.29
C LEU H 241 -76.61 -37.49 -45.93
N ALA H 242 -76.62 -38.64 -46.60
CA ALA H 242 -77.64 -39.68 -46.41
C ALA H 242 -77.61 -40.28 -45.01
N PHE H 243 -76.43 -40.48 -44.43
CA PHE H 243 -76.37 -41.04 -43.08
C PHE H 243 -76.82 -40.03 -42.03
N SER H 244 -76.41 -38.77 -42.13
CA SER H 244 -76.72 -37.79 -41.10
C SER H 244 -78.05 -37.09 -41.29
N HIS H 245 -78.59 -37.01 -42.50
CA HIS H 245 -79.84 -36.31 -42.75
C HIS H 245 -80.87 -37.26 -43.36
N GLY H 246 -82.11 -37.14 -42.87
CA GLY H 246 -83.22 -37.93 -43.34
C GLY H 246 -83.83 -37.48 -44.66
N PRO H 247 -84.60 -38.37 -45.29
CA PRO H 247 -85.24 -38.05 -46.58
C PRO H 247 -86.24 -36.91 -46.51
N ASP H 248 -86.82 -36.62 -45.34
CA ASP H 248 -87.74 -35.51 -45.19
C ASP H 248 -87.04 -34.16 -45.20
N HIS H 249 -85.70 -34.15 -45.12
CA HIS H 249 -84.92 -32.92 -45.14
C HIS H 249 -83.99 -32.77 -46.35
N VAL H 250 -83.59 -33.86 -47.00
CA VAL H 250 -82.69 -33.77 -48.15
C VAL H 250 -83.14 -34.67 -49.29
N GLN H 251 -83.13 -34.10 -50.50
CA GLN H 251 -83.45 -34.78 -51.76
C GLN H 251 -82.32 -34.55 -52.75
N MET H 252 -82.02 -35.57 -53.58
CA MET H 252 -80.90 -35.56 -54.51
C MET H 252 -81.29 -35.99 -55.92
N ILE H 253 -80.73 -35.31 -56.93
CA ILE H 253 -81.01 -35.54 -58.35
C ILE H 253 -79.69 -35.62 -59.12
N VAL H 254 -79.61 -36.57 -60.06
CA VAL H 254 -78.45 -36.75 -60.92
C VAL H 254 -78.82 -36.62 -62.40
N VAL H 255 -78.07 -35.79 -63.12
CA VAL H 255 -78.18 -35.64 -64.57
C VAL H 255 -76.84 -36.11 -65.12
N SER H 256 -76.81 -37.27 -65.76
CA SER H 256 -75.55 -37.83 -66.23
C SER H 256 -75.72 -38.71 -67.46
N SER H 257 -74.66 -38.75 -68.27
CA SER H 257 -74.60 -39.63 -69.45
C SER H 257 -74.04 -40.99 -69.10
N ASP H 258 -73.10 -41.03 -68.16
CA ASP H 258 -72.45 -42.28 -67.71
C ASP H 258 -73.26 -42.95 -66.60
N LEU H 259 -74.43 -43.45 -67.00
CA LEU H 259 -75.35 -44.13 -66.09
C LEU H 259 -74.72 -45.35 -65.40
N ASP H 260 -73.66 -45.92 -65.97
CA ASP H 260 -72.97 -47.06 -65.37
C ASP H 260 -72.26 -46.68 -64.07
N GLN H 261 -72.05 -45.40 -63.82
CA GLN H 261 -71.42 -44.90 -62.61
C GLN H 261 -72.42 -44.60 -61.51
N TRP H 262 -73.65 -44.26 -61.89
CA TRP H 262 -74.77 -43.90 -61.01
C TRP H 262 -75.76 -45.04 -60.77
N ASP H 263 -75.35 -46.28 -61.03
CA ASP H 263 -76.21 -47.45 -60.88
C ASP H 263 -76.52 -47.73 -59.40
N TRP H 264 -75.54 -47.57 -58.53
CA TRP H 264 -75.69 -47.80 -57.09
C TRP H 264 -76.72 -46.88 -56.44
N VAL H 265 -77.02 -45.73 -57.04
CA VAL H 265 -77.95 -44.75 -56.48
C VAL H 265 -79.35 -45.30 -56.23
N LYS H 266 -79.71 -46.39 -56.91
CA LYS H 266 -81.02 -47.03 -56.80
C LYS H 266 -81.49 -47.30 -55.37
N TRP H 267 -80.60 -47.79 -54.50
CA TRP H 267 -80.98 -48.16 -53.13
C TRP H 267 -81.24 -46.98 -52.18
N LEU H 268 -80.54 -45.87 -52.28
CA LEU H 268 -80.77 -44.77 -51.31
C LEU H 268 -82.16 -44.13 -51.38
N PRO H 269 -82.82 -43.91 -50.23
CA PRO H 269 -84.16 -43.30 -50.20
C PRO H 269 -84.17 -41.82 -50.54
N HIS H 270 -83.07 -41.12 -50.32
CA HIS H 270 -82.96 -39.69 -50.58
C HIS H 270 -83.09 -39.36 -52.06
N PHE H 271 -82.85 -40.33 -52.93
CA PHE H 271 -83.01 -40.16 -54.36
C PHE H 271 -84.44 -40.47 -54.82
N GLY H 272 -85.36 -40.73 -53.89
CA GLY H 272 -86.75 -40.99 -54.21
C GLY H 272 -87.56 -39.70 -54.24
N ASP H 273 -88.87 -39.84 -54.34
CA ASP H 273 -89.76 -38.68 -54.37
C ASP H 273 -91.12 -39.03 -53.79
N SER H 274 -91.88 -37.97 -53.48
CA SER H 274 -93.22 -38.11 -52.91
C SER H 274 -94.17 -38.74 -53.93
N MET H 285 -84.47 -41.54 -60.25
CA MET H 285 -84.62 -40.12 -60.54
C MET H 285 -83.32 -39.59 -61.14
N VAL H 286 -82.74 -40.40 -62.04
CA VAL H 286 -81.53 -40.06 -62.77
C VAL H 286 -81.91 -39.75 -64.22
N TYR H 287 -81.40 -38.65 -64.75
CA TYR H 287 -81.73 -38.17 -66.07
C TYR H 287 -80.51 -38.16 -67.00
N THR H 288 -80.80 -38.32 -68.30
CA THR H 288 -79.78 -38.42 -69.33
C THR H 288 -79.33 -37.07 -69.89
N SER H 289 -80.19 -36.05 -69.89
CA SER H 289 -79.79 -34.76 -70.43
C SER H 289 -80.66 -33.66 -69.85
N VAL H 290 -80.19 -32.42 -70.01
CA VAL H 290 -80.90 -31.24 -69.52
C VAL H 290 -82.27 -31.13 -70.17
N ARG H 291 -82.38 -31.49 -71.45
CA ARG H 291 -83.67 -31.45 -72.13
C ARG H 291 -84.68 -32.35 -71.42
N GLU H 292 -84.21 -33.49 -70.92
CA GLU H 292 -85.05 -34.43 -70.19
C GLU H 292 -85.37 -33.87 -68.80
N PHE H 293 -84.33 -33.41 -68.09
CA PHE H 293 -84.48 -32.80 -66.77
C PHE H 293 -85.39 -31.58 -66.80
N ALA H 294 -85.27 -30.76 -67.85
CA ALA H 294 -86.09 -29.55 -68.00
C ALA H 294 -87.59 -29.84 -68.05
N ALA H 295 -87.99 -30.94 -68.69
CA ALA H 295 -89.40 -31.32 -68.79
C ALA H 295 -89.97 -31.79 -67.46
N GLU H 296 -89.30 -32.72 -66.79
CA GLU H 296 -89.77 -33.28 -65.52
C GLU H 296 -89.47 -32.41 -64.29
N GLN H 297 -88.19 -32.19 -64.00
CA GLN H 297 -87.75 -31.49 -62.79
C GLN H 297 -87.80 -29.96 -62.86
N ALA H 298 -87.25 -29.34 -63.91
CA ALA H 298 -87.21 -27.87 -63.96
C ALA H 298 -88.60 -27.21 -63.93
N GLU H 299 -89.64 -27.89 -64.39
CA GLU H 299 -90.99 -27.32 -64.31
C GLU H 299 -91.37 -26.96 -62.88
N LEU H 300 -90.92 -27.74 -61.90
CA LEU H 300 -91.14 -27.50 -60.47
C LEU H 300 -90.20 -26.45 -59.87
N PHE H 301 -88.90 -26.61 -60.07
CA PHE H 301 -87.88 -25.75 -59.49
C PHE H 301 -87.76 -24.35 -60.11
N ALA H 302 -88.02 -24.19 -61.41
CA ALA H 302 -87.91 -22.88 -62.04
C ALA H 302 -89.00 -21.89 -61.61
N GLY H 303 -90.05 -22.36 -60.96
CA GLY H 303 -91.17 -21.52 -60.54
C GLY H 303 -90.78 -20.30 -59.68
N ARG H 304 -89.82 -20.43 -58.77
CA ARG H 304 -89.54 -19.27 -57.91
C ARG H 304 -88.11 -19.22 -57.36
N GLY H 305 -87.73 -17.98 -57.00
CA GLY H 305 -86.48 -17.68 -56.28
C GLY H 305 -85.16 -17.53 -57.03
N SER H 306 -84.15 -17.22 -56.19
CA SER H 306 -82.75 -17.07 -56.53
C SER H 306 -81.96 -17.38 -55.25
N PHE H 307 -80.70 -17.76 -55.40
CA PHE H 307 -79.88 -18.12 -54.24
C PHE H 307 -79.70 -16.98 -53.24
N THR H 308 -79.61 -17.38 -51.95
CA THR H 308 -79.44 -16.51 -50.79
C THR H 308 -78.64 -17.23 -49.71
N PRO H 309 -77.36 -16.90 -49.49
CA PRO H 309 -76.57 -17.59 -48.46
C PRO H 309 -77.23 -17.51 -47.08
N ARG H 310 -77.43 -18.68 -46.47
CA ARG H 310 -78.05 -18.80 -45.16
C ARG H 310 -77.03 -19.08 -44.04
N HIS H 311 -77.57 -19.22 -42.82
CA HIS H 311 -76.81 -19.47 -41.61
C HIS H 311 -77.72 -20.22 -40.64
N ALA H 312 -77.11 -20.74 -39.56
CA ALA H 312 -77.81 -21.55 -38.57
C ALA H 312 -79.17 -21.01 -38.11
N SER H 313 -79.22 -19.74 -37.67
CA SER H 313 -80.49 -19.17 -37.20
C SER H 313 -81.51 -19.09 -38.32
N SER H 314 -81.07 -18.77 -39.54
CA SER H 314 -81.96 -18.70 -40.71
C SER H 314 -82.51 -20.06 -41.13
N SER H 315 -81.79 -21.14 -40.82
CA SER H 315 -82.20 -22.51 -41.17
C SER H 315 -83.62 -22.85 -40.74
N ALA H 316 -84.10 -22.29 -39.64
CA ALA H 316 -85.47 -22.53 -39.18
C ALA H 316 -86.54 -22.06 -40.16
N GLN H 317 -86.26 -21.06 -40.98
CA GLN H 317 -87.28 -20.50 -41.89
C GLN H 317 -87.32 -21.16 -43.28
N THR H 318 -86.21 -21.62 -43.82
CA THR H 318 -86.23 -22.24 -45.16
C THR H 318 -87.03 -23.54 -45.16
N PRO H 319 -87.74 -23.85 -46.26
CA PRO H 319 -88.51 -25.11 -46.31
C PRO H 319 -87.67 -26.35 -46.09
N THR H 320 -88.33 -27.38 -45.55
CA THR H 320 -87.65 -28.61 -45.15
C THR H 320 -86.85 -29.35 -46.23
N PRO H 321 -87.34 -29.58 -47.49
CA PRO H 321 -86.49 -30.39 -48.39
C PRO H 321 -85.44 -29.62 -49.16
N HIS H 322 -84.17 -29.75 -48.77
CA HIS H 322 -83.09 -29.13 -49.52
C HIS H 322 -82.72 -30.01 -50.71
N THR H 323 -82.51 -29.39 -51.87
CA THR H 323 -82.22 -30.13 -53.10
C THR H 323 -80.74 -30.03 -53.52
N VAL H 324 -80.14 -31.19 -53.80
CA VAL H 324 -78.77 -31.28 -54.30
C VAL H 324 -78.86 -31.85 -55.71
N ILE H 325 -78.28 -31.12 -56.67
CA ILE H 325 -78.29 -31.48 -58.08
C ILE H 325 -76.86 -31.74 -58.55
N ILE H 326 -76.68 -32.87 -59.23
CA ILE H 326 -75.38 -33.32 -59.73
C ILE H 326 -75.38 -33.19 -61.24
N ALA H 327 -74.45 -32.38 -61.77
CA ALA H 327 -74.31 -32.13 -63.21
C ALA H 327 -73.12 -32.90 -63.77
N ASP H 328 -73.40 -33.81 -64.71
CA ASP H 328 -72.41 -34.69 -65.31
C ASP H 328 -72.61 -34.81 -66.84
N VAL H 329 -73.28 -33.84 -67.45
CA VAL H 329 -73.59 -33.88 -68.88
C VAL H 329 -72.90 -32.81 -69.74
N ASP H 330 -72.44 -31.70 -69.18
CA ASP H 330 -71.79 -30.64 -69.98
C ASP H 330 -72.72 -30.02 -71.03
N ASP H 331 -74.03 -30.06 -70.79
CA ASP H 331 -75.00 -29.46 -71.70
C ASP H 331 -74.97 -27.93 -71.58
N PRO H 332 -74.95 -27.19 -72.70
CA PRO H 332 -74.94 -25.72 -72.65
C PRO H 332 -76.26 -25.11 -72.19
N GLN H 333 -77.35 -25.87 -72.22
CA GLN H 333 -78.69 -25.42 -71.82
C GLN H 333 -78.77 -25.02 -70.35
N TRP H 334 -77.81 -25.39 -69.51
CA TRP H 334 -77.81 -25.02 -68.10
C TRP H 334 -77.69 -23.52 -67.84
N GLU H 335 -77.25 -22.74 -68.83
CA GLU H 335 -77.05 -21.29 -68.70
C GLU H 335 -78.24 -20.52 -68.11
N TYR H 336 -79.47 -20.95 -68.40
CA TYR H 336 -80.66 -20.25 -67.90
C TYR H 336 -80.70 -20.10 -66.38
N VAL H 337 -80.57 -21.19 -65.62
CA VAL H 337 -80.58 -21.12 -64.15
C VAL H 337 -79.25 -20.61 -63.57
N ILE H 338 -78.13 -20.92 -64.20
CA ILE H 338 -76.82 -20.54 -63.68
C ILE H 338 -76.58 -19.03 -63.84
N SER H 339 -76.85 -18.47 -65.01
CA SER H 339 -76.67 -17.02 -65.15
C SER H 339 -77.68 -16.24 -64.31
N ALA H 340 -78.82 -16.84 -63.95
CA ALA H 340 -79.80 -16.19 -63.09
C ALA H 340 -79.44 -16.29 -61.61
N GLU H 341 -78.26 -16.83 -61.30
CA GLU H 341 -77.77 -17.02 -59.93
C GLU H 341 -78.61 -18.02 -59.12
N GLY H 342 -78.93 -19.14 -59.75
CA GLY H 342 -79.68 -20.21 -59.15
C GLY H 342 -81.08 -19.90 -58.64
N VAL H 343 -81.47 -20.72 -57.66
CA VAL H 343 -82.74 -20.64 -56.96
C VAL H 343 -82.48 -21.08 -55.53
N ASP H 344 -83.29 -20.60 -54.60
CA ASP H 344 -83.13 -20.99 -53.20
C ASP H 344 -83.62 -22.41 -53.00
N GLY H 345 -82.93 -23.14 -52.12
CA GLY H 345 -83.26 -24.52 -51.85
C GLY H 345 -82.61 -25.51 -52.80
N VAL H 346 -81.60 -25.07 -53.57
CA VAL H 346 -80.91 -25.90 -54.54
C VAL H 346 -79.40 -25.65 -54.42
N THR H 347 -78.60 -26.64 -54.83
CA THR H 347 -77.14 -26.56 -54.80
C THR H 347 -76.60 -27.53 -55.85
N PHE H 348 -75.76 -27.03 -56.76
CA PHE H 348 -75.21 -27.82 -57.85
C PHE H 348 -73.73 -28.19 -57.66
N PHE H 349 -73.38 -29.42 -58.04
CA PHE H 349 -71.99 -29.89 -58.06
C PHE H 349 -71.68 -30.24 -59.51
N ASP H 350 -70.80 -29.48 -60.16
CA ASP H 350 -70.39 -29.76 -61.53
C ASP H 350 -69.24 -30.76 -61.54
N LEU H 351 -69.51 -31.97 -62.05
CA LEU H 351 -68.49 -33.01 -62.13
C LEU H 351 -67.69 -32.97 -63.43
N THR H 352 -68.11 -32.16 -64.40
CA THR H 352 -67.45 -32.05 -65.70
C THR H 352 -66.37 -30.98 -65.76
N GLY H 353 -66.57 -29.86 -65.07
CA GLY H 353 -65.62 -28.77 -65.12
C GLY H 353 -65.87 -27.82 -66.27
N SER H 354 -67.14 -27.59 -66.59
CA SER H 354 -67.53 -26.74 -67.71
C SER H 354 -67.28 -25.27 -67.39
N SER H 355 -67.02 -24.51 -68.47
CA SER H 355 -66.65 -23.10 -68.37
C SER H 355 -67.69 -22.23 -67.67
N MET H 356 -68.97 -22.58 -67.75
CA MET H 356 -70.01 -21.78 -67.08
C MET H 356 -69.91 -21.85 -65.55
N TRP H 357 -69.49 -23.00 -65.02
CA TRP H 357 -69.36 -23.20 -63.57
C TRP H 357 -67.98 -22.81 -63.04
N THR H 358 -66.94 -22.98 -63.84
CA THR H 358 -65.53 -22.81 -63.52
C THR H 358 -65.02 -21.35 -63.61
N ASP H 359 -65.89 -20.37 -63.81
CA ASP H 359 -65.47 -18.97 -63.92
C ASP H 359 -65.55 -18.18 -62.61
N ILE H 360 -65.65 -18.86 -61.47
CA ILE H 360 -65.74 -18.18 -60.17
C ILE H 360 -64.85 -18.87 -59.14
N PRO H 361 -63.74 -18.23 -58.72
CA PRO H 361 -62.86 -18.86 -57.73
C PRO H 361 -63.51 -19.16 -56.39
N GLU H 362 -64.46 -18.35 -55.95
CA GLU H 362 -65.18 -18.57 -54.71
C GLU H 362 -66.05 -19.81 -54.75
N ARG H 363 -66.17 -20.45 -55.92
CA ARG H 363 -66.96 -21.65 -56.12
C ARG H 363 -66.17 -22.76 -56.81
N LYS H 364 -64.84 -22.68 -56.81
CA LYS H 364 -63.98 -23.66 -57.48
C LYS H 364 -63.06 -24.40 -56.51
N LEU H 365 -63.11 -25.73 -56.57
CA LEU H 365 -62.29 -26.67 -55.81
C LEU H 365 -61.34 -27.38 -56.77
N GLN H 366 -60.03 -27.16 -56.59
CA GLN H 366 -58.99 -27.70 -57.47
C GLN H 366 -58.24 -28.87 -56.82
N PHE H 367 -58.12 -29.99 -57.54
CA PHE H 367 -57.46 -31.20 -57.03
C PHE H 367 -56.08 -31.40 -57.66
N ASP H 368 -55.07 -31.55 -56.81
CA ASP H 368 -53.73 -31.88 -57.25
C ASP H 368 -53.63 -33.38 -57.56
N LYS H 369 -52.56 -33.77 -58.26
CA LYS H 369 -52.37 -35.17 -58.60
C LYS H 369 -52.33 -36.06 -57.36
N THR H 370 -51.86 -35.53 -56.23
CA THR H 370 -51.78 -36.26 -54.98
C THR H 370 -53.11 -36.31 -54.21
N GLY H 371 -54.19 -35.78 -54.77
CA GLY H 371 -55.46 -35.80 -54.09
C GLY H 371 -55.69 -34.66 -53.11
N VAL H 372 -54.76 -33.73 -53.03
CA VAL H 372 -54.89 -32.54 -52.19
C VAL H 372 -55.83 -31.56 -52.86
N ILE H 373 -56.80 -31.04 -52.10
CA ILE H 373 -57.74 -30.05 -52.62
C ILE H 373 -57.30 -28.65 -52.17
N GLU H 374 -57.40 -27.70 -53.08
CA GLU H 374 -57.15 -26.28 -52.84
C GLU H 374 -58.40 -25.45 -53.09
N ALA H 375 -58.59 -24.42 -52.28
CA ALA H 375 -59.75 -23.53 -52.40
C ALA H 375 -59.43 -22.25 -51.65
N LEU H 376 -60.31 -21.26 -51.77
CA LEU H 376 -60.12 -20.04 -51.01
C LEU H 376 -60.39 -20.29 -49.53
N PRO H 377 -59.62 -19.69 -48.63
CA PRO H 377 -59.85 -19.89 -47.21
C PRO H 377 -61.13 -19.23 -46.73
N ARG H 378 -61.87 -19.94 -45.90
CA ARG H 378 -63.13 -19.46 -45.35
C ARG H 378 -63.08 -19.53 -43.83
N ASP H 379 -63.76 -18.58 -43.19
CA ASP H 379 -63.79 -18.53 -41.72
C ASP H 379 -64.53 -19.73 -41.14
N ARG H 380 -63.94 -20.30 -40.08
CA ARG H 380 -64.52 -21.46 -39.42
C ARG H 380 -65.90 -21.19 -38.82
N ASP H 381 -66.14 -20.00 -38.28
CA ASP H 381 -67.43 -19.71 -37.63
C ASP H 381 -68.46 -19.02 -38.52
N THR H 382 -68.06 -18.27 -39.54
CA THR H 382 -69.03 -17.58 -40.39
C THR H 382 -68.98 -18.01 -41.86
N TRP H 383 -68.05 -18.88 -42.23
CA TRP H 383 -67.92 -19.39 -43.61
C TRP H 383 -67.64 -18.30 -44.64
N MET H 384 -67.42 -17.06 -44.23
CA MET H 384 -67.12 -15.99 -45.16
C MET H 384 -65.72 -16.16 -45.74
N VAL H 385 -65.55 -15.80 -47.02
CA VAL H 385 -64.24 -15.88 -47.64
C VAL H 385 -63.32 -14.82 -47.05
N ILE H 386 -62.14 -15.24 -46.63
CA ILE H 386 -61.17 -14.33 -46.01
C ILE H 386 -59.99 -13.97 -46.91
N ASP H 387 -59.77 -14.67 -48.02
CA ASP H 387 -58.68 -14.31 -48.92
C ASP H 387 -59.03 -14.71 -50.35
N ASP H 388 -58.44 -13.99 -51.30
CA ASP H 388 -58.72 -14.18 -52.73
C ASP H 388 -57.76 -15.10 -53.44
N LYS H 389 -56.72 -15.62 -52.77
CA LYS H 389 -55.76 -16.54 -53.38
C LYS H 389 -56.00 -17.95 -52.86
N ALA H 390 -56.08 -18.92 -53.78
CA ALA H 390 -56.31 -20.31 -53.41
C ALA H 390 -55.12 -20.92 -52.70
N TRP H 391 -55.43 -21.82 -51.76
CA TRP H 391 -54.45 -22.49 -50.91
C TRP H 391 -54.99 -23.86 -50.50
N PHE H 392 -54.11 -24.65 -49.88
CA PHE H 392 -54.45 -25.97 -49.35
C PHE H 392 -55.73 -25.95 -48.52
N PHE H 393 -56.58 -26.96 -48.76
CA PHE H 393 -57.88 -27.08 -48.09
C PHE H 393 -58.10 -28.39 -47.33
N ALA H 394 -57.91 -29.55 -47.96
CA ALA H 394 -58.10 -30.81 -47.26
C ALA H 394 -57.50 -31.96 -48.06
N LEU H 395 -57.12 -33.02 -47.36
CA LEU H 395 -56.70 -34.27 -47.99
C LEU H 395 -57.95 -35.10 -48.21
N THR H 396 -58.23 -35.43 -49.48
CA THR H 396 -59.46 -36.14 -49.88
C THR H 396 -59.62 -37.56 -49.36
N ASP H 397 -60.86 -37.86 -48.95
CA ASP H 397 -61.34 -39.18 -48.56
C ASP H 397 -62.34 -39.66 -49.61
N GLN H 398 -62.29 -40.95 -49.99
CA GLN H 398 -63.16 -41.42 -51.06
C GLN H 398 -63.59 -42.88 -50.87
N VAL H 399 -64.74 -43.22 -51.46
CA VAL H 399 -65.31 -44.57 -51.41
C VAL H 399 -65.59 -45.09 -52.82
N SER H 400 -65.45 -46.41 -52.99
CA SER H 400 -65.72 -47.08 -54.25
C SER H 400 -67.23 -47.27 -54.46
N ILE H 401 -67.60 -47.68 -55.68
CA ILE H 401 -69.00 -47.96 -56.01
C ILE H 401 -69.54 -49.10 -55.15
N ALA H 402 -68.70 -50.12 -54.93
CA ALA H 402 -69.06 -51.27 -54.10
C ALA H 402 -69.33 -50.83 -52.67
N GLU H 403 -68.43 -50.04 -52.10
CA GLU H 403 -68.59 -49.51 -50.74
C GLU H 403 -69.83 -48.62 -50.64
N ALA H 404 -70.07 -47.80 -51.64
CA ALA H 404 -71.26 -46.93 -51.67
C ALA H 404 -72.53 -47.78 -51.70
N GLU H 405 -72.59 -48.77 -52.58
CA GLU H 405 -73.77 -49.64 -52.67
C GLU H 405 -73.93 -50.45 -51.39
N GLU H 406 -72.83 -50.88 -50.80
CA GLU H 406 -72.88 -51.63 -49.54
C GLU H 406 -73.54 -50.76 -48.46
N PHE H 407 -73.08 -49.52 -48.32
CA PHE H 407 -73.69 -48.59 -47.37
C PHE H 407 -75.14 -48.28 -47.76
N ALA H 408 -75.39 -48.07 -49.05
CA ALA H 408 -76.74 -47.76 -49.53
C ALA H 408 -77.73 -48.90 -49.25
N GLN H 409 -77.30 -50.16 -49.45
CA GLN H 409 -78.17 -51.29 -49.13
C GLN H 409 -78.49 -51.35 -47.64
N LYS H 410 -77.50 -51.14 -46.79
CA LYS H 410 -77.71 -51.08 -45.34
C LYS H 410 -78.72 -49.99 -44.96
N LEU H 411 -78.62 -48.81 -45.57
CA LEU H 411 -79.56 -47.73 -45.28
C LEU H 411 -80.95 -47.98 -45.87
N ALA H 412 -81.05 -48.69 -46.98
CA ALA H 412 -82.33 -48.98 -47.63
C ALA H 412 -83.27 -49.80 -46.75
N GLN H 413 -82.73 -50.47 -45.73
CA GLN H 413 -83.49 -51.28 -44.78
C GLN H 413 -84.42 -50.50 -43.85
N TRP H 414 -84.24 -49.19 -43.68
CA TRP H 414 -84.97 -48.41 -42.68
C TRP H 414 -85.95 -47.40 -43.28
N ARG H 415 -86.99 -47.13 -42.49
CA ARG H 415 -88.05 -46.18 -42.81
C ARG H 415 -88.49 -45.43 -41.55
N LEU H 416 -89.15 -44.29 -41.77
CA LEU H 416 -89.64 -43.46 -40.67
C LEU H 416 -90.30 -44.27 -39.57
N MET I 1 -64.91 92.44 24.97
CA MET I 1 -64.77 92.34 23.52
C MET I 1 -63.63 91.40 23.12
N LYS I 2 -63.94 90.49 22.19
CA LYS I 2 -63.02 89.48 21.69
C LYS I 2 -62.87 89.49 20.18
N ARG I 3 -61.68 89.05 19.73
CA ARG I 3 -61.38 88.87 18.32
C ARG I 3 -62.09 87.64 17.76
N GLY I 4 -62.65 87.79 16.55
CA GLY I 4 -63.32 86.68 15.90
C GLY I 4 -62.36 85.62 15.39
N PHE I 5 -62.85 84.38 15.32
CA PHE I 5 -62.06 83.25 14.87
C PHE I 5 -62.96 82.18 14.26
N ALA I 6 -62.79 81.92 12.96
CA ALA I 6 -63.55 80.90 12.24
C ALA I 6 -62.68 79.66 12.01
N ARG I 7 -63.16 78.50 12.44
CA ARG I 7 -62.39 77.27 12.30
C ARG I 7 -62.47 76.67 10.89
N PRO I 8 -61.35 76.48 10.20
CA PRO I 8 -61.32 75.92 8.85
C PRO I 8 -61.37 74.39 8.86
N THR I 9 -61.34 73.81 7.66
CA THR I 9 -61.27 72.35 7.54
C THR I 9 -59.95 71.86 8.13
N PRO I 10 -59.96 70.86 9.02
CA PRO I 10 -58.72 70.40 9.64
C PRO I 10 -57.63 69.94 8.67
N GLU I 11 -56.38 70.28 9.00
CA GLU I 11 -55.21 69.88 8.23
C GLU I 11 -54.96 68.38 8.40
N LYS I 12 -54.43 67.73 7.37
CA LYS I 12 -54.20 66.28 7.43
C LYS I 12 -53.15 65.85 8.46
N PRO I 13 -53.51 65.01 9.43
CA PRO I 13 -52.52 64.54 10.41
C PRO I 13 -51.59 63.51 9.77
N PRO I 14 -50.37 63.37 10.29
CA PRO I 14 -49.46 62.36 9.73
C PRO I 14 -50.00 60.95 9.94
N VAL I 15 -50.09 60.21 8.83
CA VAL I 15 -50.65 58.86 8.79
C VAL I 15 -49.77 57.82 9.48
N ILE I 16 -50.42 56.95 10.28
CA ILE I 16 -49.79 55.82 10.96
C ILE I 16 -49.82 54.60 10.04
N LYS I 17 -48.72 53.84 9.96
CA LYS I 17 -48.69 52.64 9.12
C LYS I 17 -48.47 51.36 9.93
N PRO I 18 -49.45 50.47 10.05
CA PRO I 18 -49.23 49.21 10.77
C PRO I 18 -48.28 48.25 10.05
N GLU I 19 -47.85 47.21 10.78
CA GLU I 19 -46.93 46.19 10.26
C GLU I 19 -47.16 44.83 10.91
N ASN I 20 -47.35 43.80 10.09
CA ASN I 20 -47.49 42.42 10.54
C ASN I 20 -46.15 41.71 10.36
N ILE I 21 -45.53 41.25 11.45
CA ILE I 21 -44.20 40.63 11.40
C ILE I 21 -44.19 39.28 12.10
N VAL I 22 -43.60 38.26 11.47
CA VAL I 22 -43.50 36.92 12.05
C VAL I 22 -42.03 36.59 12.29
N LEU I 23 -41.69 36.22 13.53
CA LEU I 23 -40.31 35.94 13.95
C LEU I 23 -39.70 34.67 13.33
N SER I 24 -38.38 34.68 13.19
CA SER I 24 -37.62 33.52 12.75
C SER I 24 -37.60 32.43 13.83
N THR I 25 -37.23 31.20 13.43
CA THR I 25 -37.18 30.12 14.43
C THR I 25 -35.73 29.84 14.88
N PRO I 26 -35.46 29.67 16.19
CA PRO I 26 -34.10 29.42 16.65
C PRO I 26 -33.41 28.20 16.05
N LEU I 27 -32.09 28.18 16.14
CA LEU I 27 -31.28 27.06 15.70
C LEU I 27 -31.45 25.84 16.62
N SER I 28 -31.16 24.66 16.10
CA SER I 28 -31.24 23.41 16.86
C SER I 28 -29.86 22.89 17.22
N ILE I 29 -29.69 22.48 18.47
CA ILE I 29 -28.41 21.94 18.95
C ILE I 29 -28.06 20.65 18.21
N PRO I 30 -26.86 20.51 17.65
CA PRO I 30 -26.50 19.27 16.93
C PRO I 30 -26.50 18.05 17.84
N PRO I 31 -27.09 16.93 17.40
CA PRO I 31 -27.07 15.73 18.23
C PRO I 31 -25.66 15.30 18.54
N PRO I 32 -25.47 14.33 19.47
CA PRO I 32 -24.13 13.96 19.93
C PRO I 32 -23.34 12.85 19.22
N GLU I 33 -23.12 12.99 17.92
CA GLU I 33 -22.31 12.05 17.15
C GLU I 33 -20.84 12.09 17.58
N GLY I 34 -20.17 10.93 17.63
CA GLY I 34 -18.80 10.95 18.09
C GLY I 34 -17.88 9.83 17.65
N LYS I 35 -16.58 10.17 17.70
CA LYS I 35 -15.42 9.36 17.31
C LYS I 35 -15.07 8.18 18.23
N PRO I 36 -14.65 7.01 17.64
CA PRO I 36 -14.21 5.83 18.40
C PRO I 36 -12.75 5.98 18.83
N TRP I 37 -12.53 6.99 19.67
CA TRP I 37 -11.21 7.42 20.13
C TRP I 37 -10.26 6.28 20.56
N TRP I 38 -10.76 5.31 21.32
CA TRP I 38 -9.90 4.20 21.80
C TRP I 38 -9.25 3.38 20.69
N LEU I 39 -9.89 3.26 19.53
CA LEU I 39 -9.34 2.44 18.44
C LEU I 39 -8.04 3.00 17.88
N ILE I 40 -8.00 4.30 17.60
CA ILE I 40 -6.77 4.96 17.12
C ILE I 40 -5.69 5.00 18.20
N VAL I 41 -6.06 5.02 19.48
CA VAL I 41 -5.09 5.02 20.57
C VAL I 41 -4.34 3.68 20.64
N VAL I 42 -5.03 2.56 20.51
CA VAL I 42 -4.37 1.25 20.50
C VAL I 42 -3.62 1.06 19.18
N GLY I 43 -4.11 1.65 18.10
CA GLY I 43 -3.44 1.58 16.81
C GLY I 43 -2.00 2.07 16.84
N VAL I 44 -1.78 3.29 17.35
CA VAL I 44 -0.44 3.87 17.46
C VAL I 44 0.47 3.03 18.34
N VAL I 45 -0.08 2.39 19.37
CA VAL I 45 0.71 1.52 20.24
C VAL I 45 1.21 0.29 19.47
N VAL I 46 0.34 -0.35 18.69
CA VAL I 46 0.72 -1.53 17.91
C VAL I 46 1.77 -1.19 16.85
N VAL I 47 1.61 -0.10 16.11
CA VAL I 47 2.63 0.27 15.12
C VAL I 47 3.94 0.65 15.81
N GLY I 48 3.85 1.25 17.00
CA GLY I 48 5.04 1.63 17.74
C GLY I 48 5.80 0.44 18.28
N LEU I 49 5.07 -0.54 18.81
CA LEU I 49 5.61 -1.77 19.37
C LEU I 49 6.35 -2.61 18.32
N LEU I 50 5.92 -2.52 17.05
CA LEU I 50 6.57 -3.23 15.95
C LEU I 50 8.01 -2.75 15.76
N GLY I 51 8.22 -1.44 15.74
CA GLY I 51 9.56 -0.87 15.61
C GLY I 51 10.50 -1.33 16.71
N GLY I 52 10.00 -1.41 17.93
CA GLY I 52 10.81 -1.90 19.04
C GLY I 52 11.23 -3.34 18.82
N MET I 53 10.30 -4.18 18.36
CA MET I 53 10.60 -5.58 18.07
C MET I 53 11.66 -5.70 16.99
N VAL I 54 11.58 -4.88 15.94
CA VAL I 54 12.57 -4.87 14.85
C VAL I 54 13.93 -4.38 15.34
N ALA I 55 13.97 -3.23 16.02
CA ALA I 55 15.22 -2.66 16.51
C ALA I 55 15.98 -3.60 17.44
N MET I 56 15.29 -4.25 18.36
CA MET I 56 15.89 -5.16 19.32
C MET I 56 16.70 -6.28 18.64
N VAL I 57 16.27 -6.74 17.48
CA VAL I 57 16.99 -7.77 16.73
C VAL I 57 18.32 -7.25 16.17
N PHE I 58 18.36 -6.01 15.70
CA PHE I 58 19.61 -5.45 15.19
C PHE I 58 20.66 -5.29 16.29
N ALA I 59 20.26 -4.86 17.48
CA ALA I 59 21.21 -4.71 18.58
C ALA I 59 21.82 -6.04 18.98
N SER I 60 21.14 -7.14 18.69
CA SER I 60 21.67 -8.48 18.95
C SER I 60 22.65 -8.91 17.88
N GLY I 61 22.67 -8.22 16.74
CA GLY I 61 23.55 -8.49 15.63
C GLY I 61 23.12 -9.56 14.64
N SER I 62 21.94 -10.15 14.79
CA SER I 62 21.53 -11.20 13.86
C SER I 62 21.31 -10.62 12.46
N HIS I 63 20.92 -9.35 12.37
CA HIS I 63 20.72 -8.59 11.14
C HIS I 63 20.05 -9.36 10.00
N VAL I 64 19.08 -10.21 10.37
CA VAL I 64 18.34 -11.06 9.44
C VAL I 64 17.50 -10.28 8.43
N PHE I 65 17.18 -9.02 8.72
CA PHE I 65 16.41 -8.14 7.86
C PHE I 65 17.20 -7.62 6.67
N GLY I 66 16.49 -6.98 5.75
CA GLY I 66 17.04 -6.51 4.49
C GLY I 66 16.63 -7.51 3.43
N GLY I 67 15.98 -7.00 2.37
CA GLY I 67 15.48 -7.85 1.31
C GLY I 67 14.46 -8.89 1.79
N ILE I 68 14.81 -10.17 1.63
CA ILE I 68 13.97 -11.32 1.98
C ILE I 68 13.28 -11.16 3.33
N GLY I 69 14.03 -10.79 4.36
CA GLY I 69 13.47 -10.62 5.69
C GLY I 69 12.59 -9.40 5.86
N SER I 70 13.03 -8.25 5.37
CA SER I 70 12.29 -6.99 5.51
C SER I 70 10.87 -7.05 4.92
N ILE I 71 10.62 -7.91 3.93
CA ILE I 71 9.29 -7.99 3.33
C ILE I 71 8.20 -8.31 4.36
N PHE I 72 8.49 -9.10 5.40
CA PHE I 72 7.48 -9.37 6.42
C PHE I 72 7.06 -8.11 7.18
N PRO I 73 7.95 -7.44 7.92
CA PRO I 73 7.55 -6.21 8.62
C PRO I 73 7.02 -5.13 7.68
N LEU I 74 7.54 -5.03 6.46
CA LEU I 74 7.03 -4.04 5.51
C LEU I 74 5.56 -4.31 5.20
N PHE I 75 5.22 -5.53 4.80
CA PHE I 75 3.83 -5.86 4.47
C PHE I 75 2.93 -5.87 5.71
N MET I 76 3.46 -6.36 6.83
CA MET I 76 2.73 -6.39 8.10
C MET I 76 2.33 -4.98 8.55
N MET I 77 3.20 -4.00 8.32
CA MET I 77 2.93 -2.60 8.68
C MET I 77 1.70 -2.04 7.96
N VAL I 78 1.47 -2.45 6.71
CA VAL I 78 0.32 -1.98 5.94
C VAL I 78 -0.99 -2.46 6.56
N GLY I 79 -1.01 -3.72 7.01
CA GLY I 79 -2.22 -4.29 7.61
C GLY I 79 -2.77 -3.53 8.80
N ILE I 80 -1.91 -2.99 9.65
CA ILE I 80 -2.36 -2.21 10.80
C ILE I 80 -3.07 -0.93 10.35
N MET I 81 -2.49 -0.19 9.42
CA MET I 81 -3.09 1.04 8.92
C MET I 81 -4.44 0.75 8.26
N MET I 82 -4.53 -0.37 7.56
CA MET I 82 -5.75 -0.79 6.88
C MET I 82 -6.87 -1.10 7.87
N MET I 83 -6.55 -1.57 9.07
CA MET I 83 -7.55 -1.83 10.11
C MET I 83 -8.02 -0.54 10.80
N MET I 84 -7.13 0.44 10.99
CA MET I 84 -7.55 1.72 11.57
C MET I 84 -8.42 2.51 10.59
N PHE I 85 -8.16 2.38 9.29
CA PHE I 85 -8.96 3.02 8.26
C PHE I 85 -10.42 2.55 8.33
N ARG I 86 -10.62 1.23 8.45
CA ARG I 86 -11.98 0.71 8.62
C ARG I 86 -12.57 1.18 9.94
N GLY I 87 -11.72 1.46 10.93
CA GLY I 87 -12.19 1.95 12.22
C GLY I 87 -12.82 3.33 12.16
N MET I 88 -12.28 4.23 11.36
CA MET I 88 -12.84 5.56 11.15
C MET I 88 -13.98 5.59 10.12
N GLY I 89 -14.50 4.42 9.75
CA GLY I 89 -15.55 4.24 8.76
C GLY I 89 -16.80 5.10 8.88
N GLY I 90 -17.50 5.26 7.75
CA GLY I 90 -18.70 6.09 7.63
C GLY I 90 -18.38 7.52 7.21
N GLY I 91 -19.32 8.44 7.44
CA GLY I 91 -19.07 9.81 7.06
C GLY I 91 -20.35 10.56 6.72
N GLN I 92 -20.14 11.60 5.90
CA GLN I 92 -21.14 12.54 5.36
C GLN I 92 -21.97 13.28 6.41
N GLN I 93 -21.57 13.23 7.69
CA GLN I 93 -22.31 13.95 8.71
C GLN I 93 -22.16 15.47 8.57
N GLN I 94 -20.93 15.92 8.27
CA GLN I 94 -20.62 17.31 7.91
C GLN I 94 -21.13 18.37 8.91
N MET I 95 -21.07 18.09 10.21
CA MET I 95 -21.14 19.14 11.24
C MET I 95 -19.75 19.65 11.64
N SER I 96 -19.62 20.97 11.82
CA SER I 96 -18.32 21.55 12.16
C SER I 96 -18.46 22.96 12.72
N ARG I 97 -17.66 23.26 13.76
CA ARG I 97 -17.58 24.59 14.38
C ARG I 97 -17.66 25.71 13.34
N PRO I 98 -16.88 25.70 12.25
CA PRO I 98 -16.99 26.76 11.24
C PRO I 98 -18.34 26.82 10.52
N LYS I 99 -19.08 25.71 10.45
CA LYS I 99 -20.41 25.73 9.83
C LYS I 99 -21.46 26.23 10.81
N LEU I 100 -21.38 25.83 12.08
CA LEU I 100 -22.33 26.25 13.10
C LEU I 100 -22.26 27.75 13.33
N ASP I 101 -21.06 28.31 13.36
CA ASP I 101 -20.90 29.76 13.51
C ASP I 101 -21.50 30.50 12.31
N ALA I 102 -21.44 29.92 11.12
CA ALA I 102 -22.06 30.55 9.95
C ALA I 102 -23.58 30.66 10.09
N MET I 103 -24.23 29.66 10.67
CA MET I 103 -25.67 29.75 10.92
C MET I 103 -25.99 30.81 11.97
N ARG I 104 -25.20 30.85 13.05
CA ARG I 104 -25.37 31.88 14.08
C ARG I 104 -25.24 33.29 13.49
N ALA I 105 -24.20 33.52 12.71
CA ALA I 105 -23.97 34.84 12.11
C ALA I 105 -25.11 35.25 11.18
N GLN I 106 -25.70 34.31 10.47
CA GLN I 106 -26.85 34.63 9.61
C GLN I 106 -28.08 34.99 10.44
N PHE I 107 -28.38 34.23 11.48
CA PHE I 107 -29.54 34.50 12.33
C PHE I 107 -29.46 35.89 12.99
N MET I 108 -28.30 36.26 13.51
CA MET I 108 -28.14 37.58 14.12
C MET I 108 -28.45 38.69 13.15
N LEU I 109 -28.01 38.56 11.90
CA LEU I 109 -28.26 39.57 10.87
C LEU I 109 -29.74 39.66 10.50
N MET I 110 -30.46 38.53 10.47
CA MET I 110 -31.90 38.54 10.19
C MET I 110 -32.67 39.32 11.26
N LEU I 111 -32.33 39.17 12.54
CA LEU I 111 -32.98 39.92 13.61
C LEU I 111 -32.74 41.42 13.48
N ASP I 112 -31.54 41.84 13.11
CA ASP I 112 -31.27 43.27 12.92
C ASP I 112 -32.20 43.90 11.89
N MET I 113 -32.49 43.20 10.79
CA MET I 113 -33.42 43.74 9.79
C MET I 113 -34.86 43.84 10.33
N LEU I 114 -35.29 42.93 11.20
CA LEU I 114 -36.61 43.09 11.82
C LEU I 114 -36.62 44.32 12.72
N ARG I 115 -35.52 44.56 13.43
CA ARG I 115 -35.40 45.74 14.28
C ARG I 115 -35.59 47.01 13.46
N GLU I 116 -34.93 47.12 12.31
CA GLU I 116 -35.11 48.27 11.43
C GLU I 116 -36.58 48.44 11.01
N THR I 117 -37.29 47.35 10.75
CA THR I 117 -38.70 47.43 10.37
C THR I 117 -39.56 47.95 11.52
N ALA I 118 -39.30 47.51 12.75
CA ALA I 118 -40.04 47.97 13.92
C ALA I 118 -39.82 49.45 14.19
N GLN I 119 -38.57 49.89 14.16
CA GLN I 119 -38.19 51.27 14.45
C GLN I 119 -38.91 52.29 13.54
N GLU I 120 -39.02 52.04 12.25
CA GLU I 120 -39.74 52.96 11.36
C GLU I 120 -41.22 53.09 11.72
N SER I 121 -41.87 52.00 12.07
CA SER I 121 -43.29 52.08 12.45
C SER I 121 -43.46 52.87 13.74
N ALA I 122 -42.54 52.70 14.68
CA ALA I 122 -42.62 53.42 15.96
C ALA I 122 -42.49 54.93 15.76
N ASP I 123 -41.61 55.38 14.88
CA ASP I 123 -41.48 56.81 14.59
C ASP I 123 -42.78 57.41 14.05
N SER I 124 -43.52 56.65 13.24
CA SER I 124 -44.79 57.12 12.70
C SER I 124 -45.81 57.31 13.81
N MET I 125 -45.78 56.48 14.84
CA MET I 125 -46.70 56.64 15.96
C MET I 125 -46.32 57.83 16.83
N ASP I 126 -45.01 58.05 17.02
CA ASP I 126 -44.54 59.21 17.77
C ASP I 126 -44.98 60.51 17.10
N ALA I 127 -44.73 60.62 15.80
CA ALA I 127 -45.11 61.80 15.03
C ALA I 127 -46.61 62.09 15.13
N ASN I 128 -47.45 61.07 14.98
CA ASN I 128 -48.90 61.23 15.08
C ASN I 128 -49.38 61.64 16.47
N TYR I 129 -48.95 60.97 17.53
CA TYR I 129 -49.44 61.32 18.87
C TYR I 129 -48.99 62.71 19.32
N ARG I 130 -47.76 63.11 19.03
CA ARG I 130 -47.27 64.45 19.39
C ARG I 130 -48.09 65.54 18.70
N TRP I 131 -48.51 65.27 17.46
CA TRP I 131 -49.31 66.20 16.67
C TRP I 131 -50.67 66.47 17.29
N PHE I 132 -51.22 65.53 18.05
CA PHE I 132 -52.51 65.69 18.72
C PHE I 132 -52.43 66.02 20.20
N HIS I 133 -51.36 65.67 20.92
CA HIS I 133 -51.28 65.91 22.36
C HIS I 133 -49.92 66.48 22.76
N PRO I 134 -49.72 67.77 22.55
CA PRO I 134 -48.47 68.44 22.89
C PRO I 134 -48.29 68.60 24.39
N ALA I 135 -47.07 68.93 24.76
CA ALA I 135 -46.77 69.21 26.15
C ALA I 135 -47.51 70.49 26.59
N PRO I 136 -48.01 70.53 27.83
CA PRO I 136 -48.81 71.68 28.28
C PRO I 136 -48.12 73.04 28.20
N ASN I 137 -46.81 73.12 28.37
CA ASN I 137 -46.11 74.42 28.30
C ASN I 137 -46.09 75.02 26.89
N THR I 138 -46.17 74.21 25.84
CA THR I 138 -46.17 74.68 24.45
C THR I 138 -47.52 75.20 23.94
N LEU I 139 -48.61 74.95 24.65
CA LEU I 139 -49.96 75.30 24.22
C LEU I 139 -50.21 76.80 24.01
N ALA I 140 -49.59 77.67 24.79
CA ALA I 140 -49.82 79.11 24.66
C ALA I 140 -49.43 79.66 23.29
N ALA I 141 -48.24 79.33 22.81
CA ALA I 141 -47.80 79.82 21.50
C ALA I 141 -48.69 79.34 20.35
N ALA I 142 -49.33 78.19 20.47
CA ALA I 142 -50.20 77.64 19.43
C ALA I 142 -51.60 78.28 19.35
N VAL I 143 -51.97 79.12 20.31
CA VAL I 143 -53.31 79.71 20.40
C VAL I 143 -53.81 80.35 19.11
N GLY I 144 -52.97 81.07 18.37
CA GLY I 144 -53.43 81.70 17.14
C GLY I 144 -53.66 80.77 15.97
N SER I 145 -52.98 79.64 15.93
CA SER I 145 -53.08 78.67 14.85
C SER I 145 -54.45 77.97 14.79
N PRO I 146 -54.79 77.41 13.62
CA PRO I 146 -56.04 76.66 13.45
C PRO I 146 -56.13 75.37 14.24
N ARG I 147 -55.04 74.97 14.92
CA ARG I 147 -55.04 73.77 15.74
C ARG I 147 -55.90 73.94 16.99
N MET I 148 -56.17 75.17 17.39
CA MET I 148 -57.02 75.45 18.55
C MET I 148 -58.48 75.13 18.25
N TRP I 149 -59.17 74.58 19.27
CA TRP I 149 -60.59 74.23 19.22
C TRP I 149 -60.95 73.37 17.99
N GLU I 150 -60.01 72.51 17.62
CA GLU I 150 -60.12 71.63 16.45
C GLU I 150 -61.05 70.42 16.67
N ARG I 151 -61.17 69.93 17.89
CA ARG I 151 -61.92 68.70 18.18
C ARG I 151 -63.41 68.78 17.85
N LYS I 152 -63.92 67.74 17.18
CA LYS I 152 -65.32 67.63 16.78
C LYS I 152 -66.00 66.38 17.35
N PRO I 153 -67.28 66.49 17.72
CA PRO I 153 -68.03 65.35 18.27
C PRO I 153 -68.64 64.41 17.23
N ASP I 154 -68.61 64.76 15.95
CA ASP I 154 -69.31 64.00 14.90
C ASP I 154 -68.75 62.63 14.49
N GLY I 155 -68.61 61.74 15.47
CA GLY I 155 -68.23 60.35 15.24
C GLY I 155 -66.88 59.96 14.67
N LYS I 156 -66.42 60.64 13.63
CA LYS I 156 -65.18 60.25 12.97
C LYS I 156 -63.93 60.66 13.75
N ASP I 157 -64.00 61.71 14.56
CA ASP I 157 -62.85 62.15 15.36
C ASP I 157 -62.64 61.24 16.57
N LEU I 158 -61.62 60.38 16.49
CA LEU I 158 -61.27 59.43 17.53
C LEU I 158 -60.60 60.05 18.76
N ASN I 159 -60.21 61.32 18.71
CA ASN I 159 -59.59 62.00 19.85
C ASN I 159 -60.57 62.74 20.74
N PHE I 160 -61.85 62.80 20.37
CA PHE I 160 -62.85 63.51 21.17
C PHE I 160 -62.97 62.89 22.56
N GLY I 161 -63.03 63.76 23.57
CA GLY I 161 -63.10 63.32 24.96
C GLY I 161 -61.81 62.77 25.56
N VAL I 162 -60.68 62.92 24.88
CA VAL I 162 -59.38 62.40 25.32
C VAL I 162 -58.52 63.54 25.87
N VAL I 163 -57.86 63.30 27.01
CA VAL I 163 -56.99 64.29 27.65
C VAL I 163 -55.64 63.69 28.02
N ARG I 164 -54.56 64.44 27.72
CA ARG I 164 -53.18 64.06 28.06
C ARG I 164 -52.85 64.31 29.53
N VAL I 165 -52.32 63.30 30.22
CA VAL I 165 -51.96 63.45 31.63
C VAL I 165 -50.46 63.33 31.88
N GLY I 166 -49.69 62.84 30.92
CA GLY I 166 -48.25 62.67 31.11
C GLY I 166 -47.66 61.74 30.05
N VAL I 167 -46.51 61.16 30.39
CA VAL I 167 -45.81 60.22 29.51
C VAL I 167 -45.59 58.88 30.20
N GLY I 168 -45.49 57.83 29.40
CA GLY I 168 -45.28 56.49 29.93
C GLY I 168 -45.16 55.45 28.83
N MET I 169 -45.42 54.20 29.18
CA MET I 169 -45.33 53.08 28.24
C MET I 169 -46.63 52.83 27.48
N THR I 170 -46.50 52.34 26.24
CA THR I 170 -47.66 51.99 25.42
C THR I 170 -47.26 50.88 24.44
N ARG I 171 -48.28 50.15 23.88
CA ARG I 171 -48.04 49.04 22.95
C ARG I 171 -47.95 49.51 21.51
N PRO I 172 -46.91 49.14 20.75
CA PRO I 172 -46.79 49.58 19.37
C PRO I 172 -47.91 49.03 18.49
N GLU I 173 -48.02 49.62 17.30
CA GLU I 173 -49.02 49.21 16.32
C GLU I 173 -48.60 47.97 15.54
N VAL I 174 -47.40 47.44 15.78
CA VAL I 174 -46.91 46.20 15.17
C VAL I 174 -47.60 44.98 15.80
N THR I 175 -47.70 43.89 15.02
CA THR I 175 -48.27 42.63 15.49
C THR I 175 -47.29 41.48 15.19
N TRP I 176 -46.66 40.98 16.26
CA TRP I 176 -45.69 39.89 16.22
C TRP I 176 -46.31 38.49 16.13
N GLY I 177 -45.82 37.70 15.18
CA GLY I 177 -46.26 36.32 15.00
C GLY I 177 -45.31 35.34 15.69
N GLU I 178 -45.88 34.31 16.32
CA GLU I 178 -45.09 33.30 17.02
C GLU I 178 -44.18 32.48 16.11
N PRO I 179 -43.04 32.02 16.62
CA PRO I 179 -42.14 31.17 15.84
C PRO I 179 -42.73 29.79 15.59
N GLN I 180 -42.63 29.32 14.36
CA GLN I 180 -43.13 27.99 13.99
C GLN I 180 -42.10 26.88 14.24
N ASN I 181 -42.61 25.66 14.36
CA ASN I 181 -41.80 24.44 14.55
C ASN I 181 -40.73 24.58 15.64
N MET I 182 -41.11 25.16 16.77
CA MET I 182 -40.15 25.42 17.85
C MET I 182 -39.41 24.18 18.36
N PRO I 183 -38.08 24.21 18.45
CA PRO I 183 -37.33 23.10 19.04
C PRO I 183 -37.66 22.96 20.53
N THR I 184 -37.78 21.72 21.00
CA THR I 184 -38.05 21.51 22.42
C THR I 184 -36.95 22.13 23.28
N ASP I 185 -37.34 22.52 24.50
CA ASP I 185 -36.45 23.20 25.44
C ASP I 185 -35.10 22.55 25.64
N ILE I 186 -35.01 21.21 25.58
CA ILE I 186 -33.73 20.54 25.76
C ILE I 186 -32.87 20.52 24.51
N GLU I 187 -33.33 21.13 23.42
CA GLU I 187 -32.63 21.14 22.14
C GLU I 187 -32.30 22.54 21.60
N LEU I 188 -32.60 23.61 22.34
CA LEU I 188 -32.29 24.94 21.83
C LEU I 188 -30.82 25.29 21.82
N GLU I 189 -30.40 25.93 20.73
CA GLU I 189 -29.04 26.47 20.65
C GLU I 189 -28.98 27.66 21.61
N PRO I 190 -27.92 27.79 22.40
CA PRO I 190 -27.90 28.82 23.45
C PRO I 190 -27.77 30.28 22.99
N VAL I 191 -27.17 30.59 21.84
CA VAL I 191 -27.04 31.98 21.43
C VAL I 191 -28.35 32.54 20.89
N THR I 192 -28.93 31.85 19.91
CA THR I 192 -30.16 32.32 19.25
C THR I 192 -31.37 32.29 20.18
N GLY I 193 -31.38 31.43 21.18
CA GLY I 193 -32.45 31.39 22.16
C GLY I 193 -32.58 32.70 22.94
N LYS I 194 -31.55 33.09 23.68
CA LYS I 194 -31.60 34.36 24.40
C LYS I 194 -31.82 35.55 23.48
N ALA I 195 -31.22 35.56 22.30
CA ALA I 195 -31.44 36.69 21.39
C ALA I 195 -32.91 36.85 21.05
N LEU I 196 -33.60 35.75 20.71
CA LEU I 196 -35.03 35.82 20.40
C LEU I 196 -35.87 36.11 21.65
N GLN I 197 -35.40 35.70 22.82
CA GLN I 197 -36.11 35.93 24.07
C GLN I 197 -36.04 37.40 24.47
N GLU I 198 -34.84 37.99 24.46
CA GLU I 198 -34.65 39.40 24.78
C GLU I 198 -35.34 40.31 23.77
N PHE I 199 -35.29 39.95 22.49
CA PHE I 199 -36.00 40.71 21.47
C PHE I 199 -37.46 40.90 21.85
N GLY I 200 -38.13 39.82 22.25
CA GLY I 200 -39.53 39.90 22.63
C GLY I 200 -39.79 40.73 23.88
N ARG I 201 -38.92 40.67 24.88
CA ARG I 201 -39.15 41.42 26.12
C ARG I 201 -39.12 42.94 25.90
N TYR I 202 -38.14 43.48 25.19
CA TYR I 202 -38.06 44.93 25.02
C TYR I 202 -38.81 45.46 23.79
N GLN I 203 -38.77 44.77 22.66
CA GLN I 203 -39.45 45.25 21.47
C GLN I 203 -40.97 45.13 21.53
N SER I 204 -41.54 44.72 22.64
CA SER I 204 -42.99 44.63 22.80
C SER I 204 -43.61 45.91 23.34
N VAL I 205 -42.82 46.94 23.64
CA VAL I 205 -43.32 48.18 24.20
C VAL I 205 -42.45 49.32 23.71
N VAL I 206 -43.01 50.52 23.64
CA VAL I 206 -42.28 51.73 23.25
C VAL I 206 -42.36 52.75 24.38
N TYR I 207 -41.19 53.23 24.79
CA TYR I 207 -40.99 54.17 25.90
C TYR I 207 -41.17 55.64 25.52
N ASN I 208 -41.61 56.42 26.51
CA ASN I 208 -41.79 57.86 26.39
C ASN I 208 -42.82 58.24 25.34
N LEU I 209 -44.04 57.76 25.48
CA LEU I 209 -45.18 58.26 24.74
C LEU I 209 -46.18 58.95 25.67
N PRO I 210 -46.94 59.91 25.16
CA PRO I 210 -47.96 60.61 25.96
C PRO I 210 -49.14 59.71 26.34
N LYS I 211 -49.36 59.57 27.64
CA LYS I 211 -50.47 58.79 28.19
C LYS I 211 -51.73 59.66 28.24
N MET I 212 -52.90 59.04 28.10
CA MET I 212 -54.16 59.78 28.01
C MET I 212 -55.29 59.15 28.82
N VAL I 213 -56.30 59.99 29.15
CA VAL I 213 -57.51 59.63 29.90
C VAL I 213 -58.74 60.10 29.11
N SER I 214 -59.82 59.30 29.14
CA SER I 214 -61.07 59.63 28.44
C SER I 214 -62.22 59.97 29.39
N LEU I 215 -62.87 61.12 29.12
CA LEU I 215 -64.01 61.64 29.89
C LEU I 215 -65.29 60.82 29.73
N LEU I 216 -65.54 60.30 28.53
CA LEU I 216 -66.74 59.56 28.16
C LEU I 216 -66.81 58.14 28.72
N VAL I 217 -65.79 57.70 29.45
CA VAL I 217 -65.73 56.32 29.94
C VAL I 217 -65.98 56.16 31.44
N GLU I 218 -65.84 57.19 32.26
CA GLU I 218 -66.08 57.00 33.69
C GLU I 218 -66.80 58.17 34.35
N PRO I 219 -67.61 57.87 35.38
CA PRO I 219 -68.30 58.94 36.12
C PRO I 219 -67.36 59.88 36.85
N TRP I 220 -66.23 59.39 37.35
CA TRP I 220 -65.32 60.27 38.09
C TRP I 220 -63.93 59.66 38.08
N TYR I 221 -62.95 60.46 38.49
CA TYR I 221 -61.54 60.05 38.64
C TYR I 221 -61.02 60.63 39.94
N ALA I 222 -60.87 59.78 40.95
CA ALA I 222 -60.33 60.20 42.24
C ALA I 222 -58.81 60.40 42.17
N LEU I 223 -58.38 61.63 42.48
CA LEU I 223 -56.97 62.01 42.47
C LEU I 223 -56.52 62.03 43.93
N VAL I 224 -55.57 61.16 44.28
CA VAL I 224 -55.09 61.04 45.65
C VAL I 224 -53.59 61.31 45.75
N GLY I 225 -53.24 62.37 46.47
CA GLY I 225 -51.85 62.76 46.66
C GLY I 225 -51.80 64.09 47.39
N GLU I 226 -50.59 64.62 47.54
CA GLU I 226 -50.48 65.92 48.18
C GLU I 226 -51.12 67.03 47.34
N ARG I 227 -51.50 68.09 48.04
CA ARG I 227 -52.23 69.21 47.43
C ARG I 227 -51.47 69.82 46.24
N GLU I 228 -50.17 70.04 46.39
CA GLU I 228 -49.35 70.64 45.31
C GLU I 228 -49.35 69.77 44.05
N GLN I 229 -49.31 68.46 44.21
CA GLN I 229 -49.33 67.56 43.06
C GLN I 229 -50.69 67.54 42.39
N VAL I 230 -51.75 67.33 43.18
CA VAL I 230 -53.11 67.24 42.66
C VAL I 230 -53.53 68.54 41.96
N LEU I 231 -53.21 69.69 42.55
CA LEU I 231 -53.56 70.96 41.91
C LEU I 231 -52.70 71.19 40.68
N GLY I 232 -51.46 70.71 40.71
CA GLY I 232 -50.57 70.82 39.56
C GLY I 232 -51.14 70.10 38.34
N LEU I 233 -51.53 68.84 38.54
CA LEU I 233 -52.13 68.02 37.48
C LEU I 233 -53.47 68.59 37.00
N MET I 234 -54.34 69.02 37.92
CA MET I 234 -55.65 69.54 37.54
C MET I 234 -55.57 70.80 36.68
N ARG I 235 -54.70 71.75 37.00
CA ARG I 235 -54.59 72.94 36.15
C ARG I 235 -54.16 72.58 34.73
N ALA I 236 -53.23 71.65 34.59
CA ALA I 236 -52.77 71.18 33.28
C ALA I 236 -53.91 70.56 32.49
N ILE I 237 -54.75 69.76 33.16
CA ILE I 237 -55.91 69.12 32.55
C ILE I 237 -56.89 70.16 32.02
N ILE I 238 -57.19 71.17 32.84
CA ILE I 238 -58.12 72.23 32.44
C ILE I 238 -57.61 72.97 31.19
N CYS I 239 -56.33 73.37 31.18
CA CYS I 239 -55.81 74.09 30.02
C CYS I 239 -55.60 73.16 28.82
N GLN I 240 -55.39 71.86 29.03
CA GLN I 240 -55.33 70.94 27.90
C GLN I 240 -56.70 70.89 27.21
N LEU I 241 -57.75 70.68 27.99
CA LEU I 241 -59.13 70.67 27.49
C LEU I 241 -59.47 72.00 26.82
N ALA I 242 -59.16 73.10 27.49
CA ALA I 242 -59.47 74.44 27.03
C ALA I 242 -58.88 74.76 25.66
N PHE I 243 -57.67 74.30 25.38
CA PHE I 243 -57.11 74.54 24.06
C PHE I 243 -57.72 73.63 23.01
N SER I 244 -57.96 72.37 23.33
CA SER I 244 -58.43 71.38 22.36
C SER I 244 -59.95 71.33 22.17
N HIS I 245 -60.76 71.63 23.19
CA HIS I 245 -62.21 71.58 23.03
C HIS I 245 -62.79 72.99 23.10
N GLY I 246 -63.73 73.29 22.21
CA GLY I 246 -64.37 74.58 22.19
C GLY I 246 -65.39 74.77 23.29
N PRO I 247 -65.71 76.03 23.60
CA PRO I 247 -66.70 76.32 24.65
C PRO I 247 -68.09 75.79 24.34
N ASP I 248 -68.42 75.62 23.06
CA ASP I 248 -69.69 75.06 22.62
C ASP I 248 -69.76 73.56 22.85
N HIS I 249 -68.64 72.94 23.18
CA HIS I 249 -68.57 71.50 23.43
C HIS I 249 -68.18 71.12 24.86
N VAL I 250 -67.49 71.99 25.60
CA VAL I 250 -67.13 71.70 26.98
C VAL I 250 -67.37 72.90 27.88
N GLN I 251 -68.02 72.65 29.01
CA GLN I 251 -68.29 73.62 30.08
C GLN I 251 -67.71 73.07 31.37
N MET I 252 -67.16 73.97 32.21
CA MET I 252 -66.48 73.60 33.45
C MET I 252 -66.97 74.36 34.67
N ILE I 253 -67.10 73.62 35.78
CA ILE I 253 -67.60 74.12 37.06
C ILE I 253 -66.66 73.66 38.18
N VAL I 254 -66.40 74.57 39.13
CA VAL I 254 -65.56 74.30 40.29
C VAL I 254 -66.32 74.57 41.59
N VAL I 255 -66.26 73.61 42.51
CA VAL I 255 -66.82 73.73 43.85
C VAL I 255 -65.63 73.67 44.79
N SER I 256 -65.27 74.82 45.38
CA SER I 256 -64.10 74.88 46.24
C SER I 256 -64.23 75.94 47.33
N SER I 257 -63.57 75.66 48.46
CA SER I 257 -63.49 76.57 49.59
C SER I 257 -62.28 77.50 49.49
N ASP I 258 -61.19 77.00 48.90
CA ASP I 258 -59.95 77.75 48.70
C ASP I 258 -59.97 78.55 47.39
N LEU I 259 -60.84 79.56 47.39
CA LEU I 259 -61.04 80.44 46.23
C LEU I 259 -59.75 81.13 45.78
N ASP I 260 -58.76 81.27 46.66
CA ASP I 260 -57.49 81.90 46.29
C ASP I 260 -56.71 81.07 45.27
N GLN I 261 -57.04 79.80 45.12
CA GLN I 261 -56.38 78.90 44.18
C GLN I 261 -57.02 78.93 42.79
N TRP I 262 -58.30 79.28 42.70
CA TRP I 262 -59.08 79.34 41.48
C TRP I 262 -59.29 80.77 40.93
N ASP I 263 -58.50 81.73 41.42
CA ASP I 263 -58.66 83.13 41.01
C ASP I 263 -58.37 83.32 39.52
N TRP I 264 -57.38 82.61 39.00
CA TRP I 264 -56.99 82.63 37.59
C TRP I 264 -58.10 82.18 36.63
N VAL I 265 -59.10 81.45 37.12
CA VAL I 265 -60.21 80.92 36.30
C VAL I 265 -61.07 82.01 35.65
N LYS I 266 -61.08 83.22 36.21
CA LYS I 266 -61.90 84.33 35.73
C LYS I 266 -61.82 84.60 34.23
N TRP I 267 -60.62 84.54 33.65
CA TRP I 267 -60.39 84.86 32.24
C TRP I 267 -60.94 83.84 31.24
N LEU I 268 -60.97 82.54 31.58
CA LEU I 268 -61.39 81.53 30.60
C LEU I 268 -62.86 81.59 30.17
N PRO I 269 -63.13 81.42 28.86
CA PRO I 269 -64.51 81.41 28.33
C PRO I 269 -65.29 80.14 28.66
N HIS I 270 -64.61 79.01 28.84
CA HIS I 270 -65.24 77.74 29.16
C HIS I 270 -65.96 77.77 30.49
N PHE I 271 -65.61 78.71 31.36
CA PHE I 271 -66.27 78.88 32.64
C PHE I 271 -67.46 79.82 32.60
N GLY I 272 -67.89 80.24 31.39
CA GLY I 272 -69.04 81.12 31.25
C GLY I 272 -70.35 80.35 31.10
N ASP I 273 -71.45 81.09 30.97
CA ASP I 273 -72.78 80.51 30.82
C ASP I 273 -73.71 81.52 30.19
N SER I 274 -74.90 81.05 29.82
CA SER I 274 -75.94 81.90 29.25
C SER I 274 -76.39 82.96 30.25
N MET I 285 -68.28 81.40 38.07
CA MET I 285 -69.11 80.21 38.14
C MET I 285 -68.46 79.20 39.07
N VAL I 286 -67.81 79.71 40.12
CA VAL I 286 -67.16 78.92 41.15
C VAL I 286 -68.03 79.01 42.40
N TYR I 287 -68.28 77.87 43.03
CA TYR I 287 -69.15 77.78 44.19
C TYR I 287 -68.41 77.37 45.45
N THR I 288 -68.92 77.88 46.58
CA THR I 288 -68.31 77.68 47.90
C THR I 288 -68.71 76.38 48.58
N SER I 289 -69.90 75.84 48.29
CA SER I 289 -70.31 74.60 48.94
C SER I 289 -71.36 73.90 48.10
N VAL I 290 -71.56 72.61 48.41
CA VAL I 290 -72.54 71.80 47.70
C VAL I 290 -73.94 72.39 47.86
N ARG I 291 -74.24 72.96 49.02
CA ARG I 291 -75.55 73.57 49.20
C ARG I 291 -75.75 74.71 48.20
N GLU I 292 -74.70 75.48 47.93
CA GLU I 292 -74.78 76.56 46.97
C GLU I 292 -74.90 76.02 45.54
N PHE I 293 -74.07 75.04 45.21
CA PHE I 293 -74.12 74.37 43.91
C PHE I 293 -75.47 73.70 43.67
N ALA I 294 -76.04 73.09 44.72
CA ALA I 294 -77.33 72.42 44.64
C ALA I 294 -78.47 73.34 44.21
N ALA I 295 -78.47 74.58 44.69
CA ALA I 295 -79.50 75.54 44.34
C ALA I 295 -79.42 76.02 42.90
N GLU I 296 -78.24 76.46 42.46
CA GLU I 296 -78.05 76.98 41.10
C GLU I 296 -77.85 75.91 40.03
N GLN I 297 -76.79 75.11 40.13
CA GLN I 297 -76.43 74.13 39.10
C GLN I 297 -77.15 72.78 39.21
N ALA I 298 -77.20 72.15 40.39
CA ALA I 298 -77.82 70.82 40.47
C ALA I 298 -79.29 70.81 40.06
N GLU I 299 -80.01 71.93 40.23
CA GLU I 299 -81.40 71.98 39.79
C GLU I 299 -81.52 71.67 38.30
N LEU I 300 -80.53 72.07 37.51
CA LEU I 300 -80.44 71.81 36.08
C LEU I 300 -79.96 70.40 35.74
N PHE I 301 -78.82 69.99 36.29
CA PHE I 301 -78.17 68.70 36.02
C PHE I 301 -78.81 67.48 36.67
N ALA I 302 -79.36 67.59 37.87
CA ALA I 302 -79.96 66.44 38.56
C ALA I 302 -81.25 65.93 37.91
N GLY I 303 -81.87 66.72 37.03
CA GLY I 303 -83.15 66.38 36.41
C GLY I 303 -83.25 64.97 35.82
N ARG I 304 -82.20 64.45 35.18
CA ARG I 304 -82.36 63.13 34.57
C ARG I 304 -81.06 62.36 34.40
N GLY I 305 -81.21 61.03 34.26
CA GLY I 305 -80.13 60.13 33.93
C GLY I 305 -79.20 59.59 35.00
N SER I 306 -78.27 58.78 34.49
CA SER I 306 -77.16 58.12 35.19
C SER I 306 -76.10 57.87 34.12
N PHE I 307 -74.86 57.66 34.57
CA PHE I 307 -73.77 57.44 33.63
C PHE I 307 -73.94 56.24 32.71
N THR I 308 -73.41 56.40 31.48
CA THR I 308 -73.47 55.38 30.42
C THR I 308 -72.20 55.45 29.57
N PRO I 309 -71.24 54.54 29.75
CA PRO I 309 -70.00 54.58 28.96
C PRO I 309 -70.25 54.54 27.46
N ARG I 310 -69.71 55.54 26.74
CA ARG I 310 -69.80 55.70 25.29
C ARG I 310 -68.53 55.25 24.56
N HIS I 311 -68.49 55.55 23.26
CA HIS I 311 -67.36 55.27 22.39
C HIS I 311 -67.40 56.25 21.21
N ALA I 312 -66.30 56.28 20.46
CA ALA I 312 -66.14 57.21 19.33
C ALA I 312 -67.36 57.30 18.41
N SER I 313 -67.85 56.16 17.92
CA SER I 313 -69.00 56.19 17.01
C SER I 313 -70.25 56.74 17.69
N SER I 314 -70.45 56.40 18.97
CA SER I 314 -71.58 56.88 19.75
C SER I 314 -71.56 58.39 20.02
N SER I 315 -70.39 59.01 19.97
CA SER I 315 -70.22 60.45 20.21
C SER I 315 -71.16 61.34 19.40
N ALA I 316 -71.58 60.92 18.22
CA ALA I 316 -72.52 61.71 17.43
C ALA I 316 -73.87 61.91 18.11
N GLN I 317 -74.28 61.01 19.01
CA GLN I 317 -75.59 61.12 19.66
C GLN I 317 -75.64 61.95 20.93
N THR I 318 -74.58 62.01 21.73
CA THR I 318 -74.61 62.77 22.98
C THR I 318 -74.72 64.28 22.74
N PRO I 319 -75.47 65.01 23.58
CA PRO I 319 -75.60 66.46 23.41
C PRO I 319 -74.28 67.21 23.46
N THR I 320 -74.24 68.33 22.73
CA THR I 320 -72.99 69.09 22.57
C THR I 320 -72.31 69.58 23.83
N PRO I 321 -72.98 70.19 24.86
CA PRO I 321 -72.14 70.68 25.97
C PRO I 321 -71.79 69.62 26.99
N HIS I 322 -70.57 69.11 26.94
CA HIS I 322 -70.10 68.16 27.94
C HIS I 322 -69.73 68.91 29.21
N THR I 323 -70.11 68.38 30.37
CA THR I 323 -69.85 69.03 31.65
C THR I 323 -68.74 68.35 32.44
N VAL I 324 -67.78 69.15 32.92
CA VAL I 324 -66.70 68.69 33.80
C VAL I 324 -66.87 69.41 35.13
N ILE I 325 -66.95 68.65 36.23
CA ILE I 325 -67.14 69.19 37.56
C ILE I 325 -65.94 68.82 38.43
N ILE I 326 -65.42 69.80 39.16
CA ILE I 326 -64.26 69.67 40.02
C ILE I 326 -64.70 69.83 41.47
N ALA I 327 -64.41 68.83 42.30
CA ALA I 327 -64.76 68.81 43.72
C ALA I 327 -63.55 69.07 44.60
N ASP I 328 -63.63 70.14 45.39
CA ASP I 328 -62.56 70.60 46.27
C ASP I 328 -63.09 71.00 47.66
N VAL I 329 -64.27 70.53 48.05
CA VAL I 329 -64.87 70.89 49.33
C VAL I 329 -65.01 69.77 50.37
N ASP I 330 -65.00 68.48 49.98
CA ASP I 330 -65.17 67.39 50.95
C ASP I 330 -66.51 67.41 51.69
N ASP I 331 -67.53 67.98 51.07
CA ASP I 331 -68.87 68.04 51.67
C ASP I 331 -69.57 66.67 51.66
N PRO I 332 -70.17 66.26 52.78
CA PRO I 332 -70.90 64.97 52.82
C PRO I 332 -72.19 64.97 52.00
N GLN I 333 -72.70 66.14 51.63
CA GLN I 333 -73.92 66.29 50.83
C GLN I 333 -73.82 65.67 49.44
N TRP I 334 -72.61 65.39 48.95
CA TRP I 334 -72.40 64.79 47.63
C TRP I 334 -72.99 63.38 47.49
N GLU I 335 -73.30 62.70 48.59
CA GLU I 335 -73.81 61.33 48.57
C GLU I 335 -74.98 61.10 47.60
N TYR I 336 -75.85 62.10 47.42
CA TYR I 336 -77.01 61.97 46.53
C TYR I 336 -76.64 61.60 45.09
N VAL I 337 -75.73 62.34 44.46
CA VAL I 337 -75.32 62.05 43.09
C VAL I 337 -74.39 60.83 42.98
N ILE I 338 -73.53 60.60 43.97
CA ILE I 338 -72.57 59.50 43.93
C ILE I 338 -73.24 58.16 44.16
N SER I 339 -74.08 58.04 45.19
CA SER I 339 -74.76 56.78 45.39
C SER I 339 -75.72 56.46 44.25
N ALA I 340 -76.17 57.47 43.50
CA ALA I 340 -77.03 57.28 42.34
C ALA I 340 -76.24 56.97 41.07
N GLU I 341 -74.91 56.88 41.15
CA GLU I 341 -74.03 56.61 40.00
C GLU I 341 -74.04 57.73 38.94
N GLY I 342 -73.92 58.97 39.41
CA GLY I 342 -73.84 60.14 38.55
C GLY I 342 -75.00 60.41 37.62
N VAL I 343 -74.67 61.12 36.54
CA VAL I 343 -75.59 61.49 35.48
C VAL I 343 -74.81 61.52 34.16
N ASP I 344 -75.52 61.31 33.05
CA ASP I 344 -74.86 61.32 31.75
C ASP I 344 -74.52 62.75 31.34
N GLY I 345 -73.39 62.90 30.66
CA GLY I 345 -72.90 64.19 30.22
C GLY I 345 -72.12 64.94 31.27
N VAL I 346 -71.72 64.27 32.35
CA VAL I 346 -70.99 64.87 33.46
C VAL I 346 -69.84 63.95 33.85
N THR I 347 -68.79 64.55 34.43
CA THR I 347 -67.61 63.81 34.88
C THR I 347 -66.98 64.59 36.03
N PHE I 348 -66.71 63.92 37.14
CA PHE I 348 -66.15 64.55 38.33
C PHE I 348 -64.69 64.21 38.61
N PHE I 349 -63.92 65.21 39.05
CA PHE I 349 -62.55 65.06 39.51
C PHE I 349 -62.48 65.46 40.98
N ASP I 350 -62.17 64.51 41.85
CA ASP I 350 -62.04 64.79 43.28
C ASP I 350 -60.61 65.20 43.63
N LEU I 351 -60.45 66.44 44.10
CA LEU I 351 -59.14 66.94 44.49
C LEU I 351 -58.85 66.72 45.97
N THR I 352 -59.85 66.28 46.74
CA THR I 352 -59.71 66.07 48.18
C THR I 352 -59.31 64.64 48.56
N GLY I 353 -59.81 63.64 47.86
CA GLY I 353 -59.54 62.27 48.20
C GLY I 353 -60.51 61.75 49.23
N SER I 354 -61.78 62.16 49.14
CA SER I 354 -62.81 61.77 50.09
C SER I 354 -63.22 60.32 49.91
N SER I 355 -63.62 59.71 51.04
CA SER I 355 -63.94 58.28 51.09
C SER I 355 -65.07 57.87 50.14
N MET I 356 -66.04 58.75 49.87
CA MET I 356 -67.13 58.35 48.97
C MET I 356 -66.66 58.16 47.53
N TRP I 357 -65.67 58.92 47.09
CA TRP I 357 -65.14 58.79 45.73
C TRP I 357 -64.04 57.75 45.62
N THR I 358 -63.27 57.58 46.68
CA THR I 358 -62.08 56.74 46.81
C THR I 358 -62.36 55.25 47.06
N ASP I 359 -63.61 54.79 46.98
CA ASP I 359 -63.92 53.39 47.22
C ASP I 359 -63.97 52.54 45.95
N ILE I 360 -63.43 53.02 44.84
CA ILE I 360 -63.43 52.29 43.56
C ILE I 360 -62.06 52.41 42.90
N PRO I 361 -61.26 51.33 42.89
CA PRO I 361 -59.92 51.38 42.27
C PRO I 361 -59.92 51.70 40.78
N GLU I 362 -60.94 51.25 40.03
CA GLU I 362 -61.06 51.50 38.60
C GLU I 362 -61.23 52.98 38.27
N ARG I 363 -61.38 53.83 39.27
CA ARG I 363 -61.54 55.27 39.12
C ARG I 363 -60.55 56.05 39.99
N LYS I 364 -59.48 55.40 40.48
CA LYS I 364 -58.52 56.04 41.38
C LYS I 364 -57.10 56.08 40.80
N LEU I 365 -56.51 57.27 40.87
CA LEU I 365 -55.15 57.60 40.47
C LEU I 365 -54.32 57.97 41.71
N GLN I 366 -53.27 57.19 41.98
CA GLN I 366 -52.41 57.35 43.15
C GLN I 366 -51.07 58.01 42.78
N PHE I 367 -50.67 59.04 43.52
CA PHE I 367 -49.43 59.77 43.26
C PHE I 367 -48.32 59.41 44.24
N ASP I 368 -47.15 59.04 43.71
CA ASP I 368 -45.95 58.83 44.52
C ASP I 368 -45.24 60.15 44.78
N LYS I 369 -44.35 60.15 45.77
CA LYS I 369 -43.60 61.37 46.09
C LYS I 369 -42.82 61.91 44.90
N THR I 370 -42.39 61.02 44.00
CA THR I 370 -41.65 61.35 42.79
C THR I 370 -42.53 61.80 41.63
N GLY I 371 -43.84 61.95 41.83
CA GLY I 371 -44.73 62.37 40.77
C GLY I 371 -45.15 61.27 39.84
N VAL I 372 -44.76 60.04 40.10
CA VAL I 372 -45.19 58.89 39.31
C VAL I 372 -46.61 58.52 39.74
N ILE I 373 -47.51 58.39 38.77
CA ILE I 373 -48.90 58.01 39.04
C ILE I 373 -49.06 56.53 38.75
N GLU I 374 -49.81 55.84 39.61
CA GLU I 374 -50.13 54.42 39.46
C GLU I 374 -51.64 54.20 39.39
N ALA I 375 -52.06 53.28 38.53
CA ALA I 375 -53.48 52.98 38.33
C ALA I 375 -53.62 51.62 37.66
N LEU I 376 -54.87 51.19 37.50
CA LEU I 376 -55.15 49.94 36.78
C LEU I 376 -54.90 50.11 35.29
N PRO I 377 -54.41 49.08 34.62
CA PRO I 377 -54.17 49.17 33.18
C PRO I 377 -55.44 49.14 32.36
N ARG I 378 -55.49 49.97 31.32
CA ARG I 378 -56.62 50.07 30.42
C ARG I 378 -56.15 49.85 28.99
N ASP I 379 -57.02 49.23 28.20
CA ASP I 379 -56.72 48.94 26.80
C ASP I 379 -56.63 50.21 25.95
N ARG I 380 -55.57 50.27 25.15
CA ARG I 380 -55.35 51.40 24.25
C ARG I 380 -56.50 51.62 23.29
N ASP I 381 -57.17 50.56 22.83
CA ASP I 381 -58.22 50.70 21.83
C ASP I 381 -59.64 50.84 22.39
N THR I 382 -59.94 50.25 23.53
CA THR I 382 -61.30 50.28 24.06
C THR I 382 -61.43 50.96 25.42
N TRP I 383 -60.34 51.38 26.05
CA TRP I 383 -60.36 52.01 27.36
C TRP I 383 -60.93 51.10 28.45
N MET I 384 -61.20 49.84 28.13
CA MET I 384 -61.71 48.89 29.12
C MET I 384 -60.60 48.50 30.09
N VAL I 385 -60.96 48.29 31.36
CA VAL I 385 -59.96 47.86 32.34
C VAL I 385 -59.56 46.42 32.08
N ILE I 386 -58.25 46.15 32.03
CA ILE I 386 -57.75 44.81 31.73
C ILE I 386 -57.15 44.07 32.93
N ASP I 387 -56.96 44.72 34.08
CA ASP I 387 -56.43 44.01 35.24
C ASP I 387 -56.93 44.65 36.53
N ASP I 388 -56.87 43.87 37.61
CA ASP I 388 -57.37 44.29 38.91
C ASP I 388 -56.30 44.82 39.87
N LYS I 389 -55.02 44.77 39.51
CA LYS I 389 -53.94 45.26 40.36
C LYS I 389 -53.33 46.54 39.80
N ALA I 390 -53.12 47.53 40.66
CA ALA I 390 -52.54 48.81 40.26
C ALA I 390 -51.06 48.66 39.91
N TRP I 391 -50.62 49.47 38.95
CA TRP I 391 -49.26 49.44 38.42
C TRP I 391 -48.92 50.82 37.86
N PHE I 392 -47.64 50.99 37.48
CA PHE I 392 -47.17 52.23 36.89
C PHE I 392 -48.06 52.72 35.74
N PHE I 393 -48.34 54.03 35.74
CA PHE I 393 -49.17 54.61 34.69
C PHE I 393 -48.55 55.80 33.96
N ALA I 394 -48.12 56.85 34.66
CA ALA I 394 -47.54 58.00 33.96
C ALA I 394 -46.71 58.88 34.88
N LEU I 395 -45.72 59.57 34.29
CA LEU I 395 -44.94 60.59 35.00
C LEU I 395 -45.69 61.91 34.83
N THR I 396 -46.03 62.55 35.96
CA THR I 396 -46.83 63.78 35.97
C THR I 396 -46.21 65.03 35.37
N ASP I 397 -47.03 65.78 34.62
CA ASP I 397 -46.73 67.10 34.08
C ASP I 397 -47.57 68.13 34.83
N GLN I 398 -46.97 69.26 35.22
CA GLN I 398 -47.73 70.20 36.02
C GLN I 398 -47.31 71.64 35.74
N VAL I 399 -48.27 72.57 35.92
CA VAL I 399 -48.10 73.99 35.64
C VAL I 399 -48.42 74.83 36.87
N SER I 400 -47.71 75.95 37.02
CA SER I 400 -47.92 76.88 38.12
C SER I 400 -49.15 77.76 37.88
N ILE I 401 -49.56 78.47 38.94
CA ILE I 401 -50.68 79.40 38.85
C ILE I 401 -50.38 80.51 37.85
N ALA I 402 -49.13 80.98 37.84
CA ALA I 402 -48.68 82.01 36.91
C ALA I 402 -48.82 81.54 35.46
N GLU I 403 -48.34 80.33 35.19
CA GLU I 403 -48.44 79.73 33.87
C GLU I 403 -49.90 79.55 33.45
N ALA I 404 -50.75 79.16 34.39
CA ALA I 404 -52.18 78.99 34.10
C ALA I 404 -52.86 80.32 33.73
N GLU I 405 -52.63 81.37 34.52
CA GLU I 405 -53.23 82.68 34.23
C GLU I 405 -52.66 83.27 32.94
N GLU I 406 -51.38 83.05 32.68
CA GLU I 406 -50.76 83.52 31.44
C GLU I 406 -51.45 82.89 30.24
N PHE I 407 -51.65 81.58 30.25
CA PHE I 407 -52.36 80.89 29.18
C PHE I 407 -53.82 81.35 29.09
N ALA I 408 -54.49 81.49 30.22
CA ALA I 408 -55.89 81.90 30.25
C ALA I 408 -56.10 83.28 29.64
N GLN I 409 -55.21 84.23 29.92
CA GLN I 409 -55.31 85.56 29.32
C GLN I 409 -55.16 85.51 27.80
N LYS I 410 -54.19 84.75 27.30
CA LYS I 410 -54.02 84.59 25.85
C LYS I 410 -55.29 84.00 25.22
N LEU I 411 -55.91 83.01 25.85
CA LEU I 411 -57.12 82.41 25.30
C LEU I 411 -58.34 83.34 25.40
N ALA I 412 -58.40 84.19 26.43
CA ALA I 412 -59.54 85.09 26.64
C ALA I 412 -59.73 86.09 25.50
N GLN I 413 -58.70 86.33 24.70
CA GLN I 413 -58.74 87.23 23.56
C GLN I 413 -59.63 86.77 22.40
N TRP I 414 -60.00 85.50 22.32
CA TRP I 414 -60.71 84.97 21.15
C TRP I 414 -62.13 84.51 21.44
N ARG I 415 -62.94 84.58 20.38
CA ARG I 415 -64.33 84.15 20.34
C ARG I 415 -64.65 83.51 18.99
N LEU I 416 -65.77 82.81 18.94
CA LEU I 416 -66.22 82.14 17.71
C LEU I 416 -66.01 83.01 16.48
N MET J 1 -83.92 20.05 77.19
CA MET J 1 -83.74 21.30 76.45
C MET J 1 -82.43 21.31 75.64
N LYS J 2 -82.57 21.67 74.37
CA LYS J 2 -81.48 21.72 73.39
C LYS J 2 -81.28 23.10 72.78
N ARG J 3 -80.03 23.35 72.40
CA ARG J 3 -79.65 24.57 71.68
C ARG J 3 -80.15 24.50 70.24
N GLY J 4 -80.66 25.62 69.73
CA GLY J 4 -81.14 25.66 68.35
C GLY J 4 -80.01 25.62 67.34
N PHE J 5 -80.32 25.09 66.15
CA PHE J 5 -79.33 24.96 65.08
C PHE J 5 -79.95 25.03 63.70
N ALA J 6 -79.58 26.05 62.92
CA ALA J 6 -80.03 26.23 61.54
C ALA J 6 -78.87 25.94 60.59
N ARG J 7 -79.08 25.03 59.63
CA ARG J 7 -78.00 24.67 58.70
C ARG J 7 -77.89 25.66 57.52
N PRO J 8 -76.71 26.22 57.27
CA PRO J 8 -76.49 27.19 56.19
C PRO J 8 -76.28 26.53 54.83
N THR J 9 -76.10 27.37 53.80
CA THR J 9 -75.76 26.87 52.47
C THR J 9 -74.39 26.19 52.51
N PRO J 10 -74.25 24.99 51.96
CA PRO J 10 -72.97 24.28 52.04
C PRO J 10 -71.75 25.02 51.48
N GLU J 11 -70.62 24.86 52.18
CA GLU J 11 -69.33 25.44 51.80
C GLU J 11 -68.77 24.74 50.55
N LYS J 12 -67.96 25.47 49.77
CA LYS J 12 -67.37 24.87 48.56
C LYS J 12 -66.29 23.83 48.88
N PRO J 13 -66.42 22.59 48.43
CA PRO J 13 -65.40 21.55 48.66
C PRO J 13 -64.17 21.75 47.79
N PRO J 14 -63.00 21.24 48.19
CA PRO J 14 -61.81 21.34 47.35
C PRO J 14 -61.99 20.47 46.10
N VAL J 15 -61.91 21.12 44.93
CA VAL J 15 -62.17 20.48 43.64
C VAL J 15 -61.12 19.43 43.25
N ILE J 16 -61.61 18.27 42.77
CA ILE J 16 -60.81 17.15 42.26
C ILE J 16 -60.47 17.40 40.80
N LYS J 17 -59.25 17.08 40.38
CA LYS J 17 -58.85 17.26 38.98
C LYS J 17 -58.51 15.97 38.25
N PRO J 18 -59.29 15.57 37.22
CA PRO J 18 -58.96 14.37 36.42
C PRO J 18 -57.76 14.60 35.48
N GLU J 19 -57.22 13.49 34.96
CA GLU J 19 -56.07 13.55 34.04
C GLU J 19 -56.03 12.40 33.04
N ASN J 20 -56.08 12.72 31.74
CA ASN J 20 -55.93 11.74 30.65
C ASN J 20 -54.47 11.79 30.19
N ILE J 21 -53.71 10.72 30.37
CA ILE J 21 -52.28 10.71 30.02
C ILE J 21 -51.92 9.56 29.09
N VAL J 22 -51.26 9.87 27.96
CA VAL J 22 -50.82 8.85 26.99
C VAL J 22 -49.32 8.59 27.19
N LEU J 23 -48.96 7.33 27.41
CA LEU J 23 -47.60 6.93 27.75
C LEU J 23 -46.56 6.95 26.62
N SER J 24 -45.30 7.12 27.04
CA SER J 24 -44.10 7.16 26.20
C SER J 24 -43.76 5.81 25.57
N THR J 25 -43.60 5.75 24.24
CA THR J 25 -43.27 4.46 23.60
C THR J 25 -41.86 4.00 23.95
N PRO J 26 -41.66 2.73 24.35
CA PRO J 26 -40.34 2.22 24.71
C PRO J 26 -39.32 2.35 23.60
N LEU J 27 -38.05 2.14 23.96
CA LEU J 27 -36.93 2.20 23.03
C LEU J 27 -36.78 0.89 22.24
N SER J 28 -36.17 0.97 21.06
CA SER J 28 -35.98 -0.17 20.14
C SER J 28 -34.56 -0.76 20.17
N ILE J 29 -34.47 -2.10 20.28
CA ILE J 29 -33.21 -2.83 20.31
C ILE J 29 -32.48 -2.78 18.96
N PRO J 30 -31.14 -2.79 18.92
CA PRO J 30 -30.40 -2.73 17.62
C PRO J 30 -30.61 -3.95 16.72
N PRO J 31 -30.23 -3.85 15.45
CA PRO J 31 -30.38 -4.97 14.47
C PRO J 31 -29.19 -5.92 14.47
N PRO J 32 -29.41 -7.24 14.41
CA PRO J 32 -28.29 -8.19 14.34
C PRO J 32 -27.55 -8.12 13.00
N GLU J 33 -26.31 -8.61 12.97
CA GLU J 33 -25.50 -8.56 11.75
C GLU J 33 -24.56 -9.76 11.63
N GLY J 34 -24.18 -10.04 10.38
CA GLY J 34 -23.18 -11.07 10.10
C GLY J 34 -21.78 -10.47 10.17
N LYS J 35 -20.87 -11.19 10.82
CA LYS J 35 -19.52 -10.69 10.99
C LYS J 35 -18.85 -10.32 9.66
N PRO J 36 -17.91 -9.35 9.67
CA PRO J 36 -17.23 -8.90 8.44
C PRO J 36 -16.09 -9.81 7.98
N TRP J 37 -16.34 -10.75 7.07
CA TRP J 37 -15.27 -11.65 6.63
C TRP J 37 -14.06 -10.96 6.03
N TRP J 38 -14.24 -9.89 5.27
CA TRP J 38 -13.09 -9.22 4.67
C TRP J 38 -12.33 -8.30 5.64
N LEU J 39 -12.39 -8.63 6.94
CA LEU J 39 -11.66 -8.00 8.02
C LEU J 39 -10.88 -9.06 8.78
N ILE J 40 -11.57 -10.12 9.21
CA ILE J 40 -10.97 -11.22 9.95
C ILE J 40 -9.95 -11.94 9.06
N VAL J 41 -10.21 -11.97 7.76
CA VAL J 41 -9.29 -12.53 6.78
C VAL J 41 -7.97 -11.76 6.80
N VAL J 42 -8.05 -10.45 6.98
CA VAL J 42 -6.86 -9.61 7.08
C VAL J 42 -6.07 -9.97 8.34
N GLY J 43 -6.74 -9.99 9.48
CA GLY J 43 -6.10 -10.28 10.76
C GLY J 43 -5.42 -11.64 10.85
N VAL J 44 -6.05 -12.70 10.32
CA VAL J 44 -5.43 -14.03 10.37
C VAL J 44 -4.20 -14.12 9.49
N VAL J 45 -4.05 -13.26 8.49
CA VAL J 45 -2.82 -13.21 7.71
C VAL J 45 -1.73 -12.52 8.52
N VAL J 46 -2.05 -11.36 9.10
CA VAL J 46 -1.11 -10.56 9.89
C VAL J 46 -0.52 -11.35 11.06
N VAL J 47 -1.33 -12.07 11.83
CA VAL J 47 -0.76 -12.84 12.96
C VAL J 47 0.08 -14.01 12.46
N GLY J 48 -0.28 -14.61 11.33
CA GLY J 48 0.52 -15.69 10.76
C GLY J 48 1.86 -15.16 10.29
N LEU J 49 1.82 -13.99 9.66
CA LEU J 49 2.99 -13.26 9.17
C LEU J 49 3.89 -12.84 10.35
N LEU J 50 3.29 -12.42 11.47
CA LEU J 50 4.03 -12.08 12.68
C LEU J 50 4.78 -13.30 13.21
N GLY J 51 4.10 -14.43 13.30
CA GLY J 51 4.75 -15.66 13.74
C GLY J 51 5.96 -15.99 12.88
N GLY J 52 5.88 -15.68 11.59
CA GLY J 52 6.98 -15.88 10.66
C GLY J 52 8.22 -15.08 11.04
N MET J 53 8.05 -13.84 11.47
CA MET J 53 9.20 -13.04 11.90
C MET J 53 9.91 -13.71 13.07
N VAL J 54 9.16 -14.11 14.09
CA VAL J 54 9.72 -14.75 15.27
C VAL J 54 10.40 -16.07 14.89
N ALA J 55 9.75 -16.88 14.05
CA ALA J 55 10.31 -18.15 13.59
C ALA J 55 11.59 -17.94 12.79
N MET J 56 11.59 -16.95 11.89
CA MET J 56 12.77 -16.61 11.10
C MET J 56 13.94 -16.22 11.99
N VAL J 57 13.69 -15.40 13.01
CA VAL J 57 14.71 -15.00 13.98
C VAL J 57 15.22 -16.18 14.80
N PHE J 58 14.33 -17.09 15.21
CA PHE J 58 14.74 -18.27 15.97
C PHE J 58 15.56 -19.24 15.13
N ALA J 59 15.20 -19.45 13.87
CA ALA J 59 15.98 -20.33 13.00
C ALA J 59 17.34 -19.71 12.72
N SER J 60 17.41 -18.39 12.61
CA SER J 60 18.66 -17.68 12.37
C SER J 60 19.61 -17.73 13.57
N GLY J 61 19.16 -18.21 14.73
CA GLY J 61 20.02 -18.33 15.90
C GLY J 61 20.16 -17.14 16.81
N SER J 62 19.29 -16.13 16.71
CA SER J 62 19.40 -14.95 17.57
C SER J 62 19.05 -15.29 19.02
N HIS J 63 17.95 -16.01 19.22
CA HIS J 63 17.46 -16.38 20.56
C HIS J 63 17.26 -15.18 21.49
N VAL J 64 16.99 -14.01 20.91
CA VAL J 64 16.74 -12.80 21.69
C VAL J 64 15.37 -12.83 22.34
N PHE J 65 14.37 -13.41 21.68
CA PHE J 65 13.01 -13.49 22.21
C PHE J 65 12.80 -14.53 23.29
N GLY J 66 13.82 -15.27 23.67
CA GLY J 66 13.67 -16.24 24.74
C GLY J 66 13.46 -15.53 26.07
N GLY J 67 12.64 -16.15 26.92
CA GLY J 67 12.32 -15.58 28.23
C GLY J 67 11.49 -14.30 28.17
N ILE J 68 11.83 -13.31 29.01
CA ILE J 68 11.05 -12.07 29.01
C ILE J 68 11.09 -11.32 27.69
N GLY J 69 12.11 -11.53 26.87
CA GLY J 69 12.16 -10.84 25.60
C GLY J 69 10.91 -11.04 24.76
N SER J 70 10.24 -12.17 24.94
CA SER J 70 8.99 -12.55 24.28
C SER J 70 7.80 -11.62 24.54
N ILE J 71 7.89 -10.74 25.53
CA ILE J 71 6.80 -9.81 25.87
C ILE J 71 6.42 -8.89 24.71
N PHE J 72 7.35 -8.60 23.80
CA PHE J 72 7.03 -7.76 22.65
C PHE J 72 6.11 -8.47 21.66
N PRO J 73 6.44 -9.65 21.14
CA PRO J 73 5.51 -10.38 20.28
C PRO J 73 4.18 -10.68 20.96
N LEU J 74 4.21 -11.01 22.24
CA LEU J 74 3.01 -11.37 23.01
C LEU J 74 2.03 -10.19 23.10
N PHE J 75 2.47 -9.03 23.57
CA PHE J 75 1.57 -7.88 23.67
C PHE J 75 1.04 -7.45 22.30
N MET J 76 1.87 -7.49 21.27
CA MET J 76 1.44 -7.13 19.91
C MET J 76 0.30 -8.04 19.44
N MET J 77 0.45 -9.35 19.59
CA MET J 77 -0.57 -10.30 19.17
C MET J 77 -1.90 -10.06 19.89
N VAL J 78 -1.86 -9.64 21.14
CA VAL J 78 -3.08 -9.29 21.89
C VAL J 78 -3.72 -8.03 21.34
N GLY J 79 -2.92 -7.00 21.09
CA GLY J 79 -3.44 -5.75 20.54
C GLY J 79 -4.06 -5.93 19.17
N ILE J 80 -3.51 -6.82 18.36
CA ILE J 80 -4.07 -7.11 17.04
C ILE J 80 -5.43 -7.77 17.19
N MET J 81 -5.55 -8.71 18.11
CA MET J 81 -6.83 -9.39 18.38
C MET J 81 -7.91 -8.41 18.83
N MET J 82 -7.58 -7.45 19.69
CA MET J 82 -8.55 -6.47 20.15
C MET J 82 -9.09 -5.58 19.01
N MET J 83 -8.25 -5.17 18.07
CA MET J 83 -8.74 -4.33 16.96
C MET J 83 -9.71 -5.07 16.05
N MET J 84 -9.44 -6.33 15.73
CA MET J 84 -10.32 -7.13 14.88
C MET J 84 -11.48 -7.77 15.62
N PHE J 85 -11.67 -7.46 16.91
CA PHE J 85 -12.74 -8.02 17.73
C PHE J 85 -13.66 -6.93 18.29
N ARG J 86 -13.66 -5.75 17.68
CA ARG J 86 -14.53 -4.65 18.08
C ARG J 86 -15.97 -4.81 17.59
N GLY J 87 -16.19 -5.66 16.59
CA GLY J 87 -17.50 -5.88 15.99
C GLY J 87 -17.87 -4.86 14.91
N MET J 88 -19.15 -4.87 14.54
CA MET J 88 -19.66 -3.96 13.51
C MET J 88 -19.83 -2.51 13.96
N GLY J 89 -19.17 -1.61 13.22
CA GLY J 89 -19.30 -0.17 13.37
C GLY J 89 -19.42 0.39 11.95
N GLY J 90 -20.63 0.80 11.55
CA GLY J 90 -20.85 1.29 10.20
C GLY J 90 -21.42 2.69 10.01
N GLY J 91 -22.05 2.87 8.85
CA GLY J 91 -22.76 4.08 8.48
C GLY J 91 -24.24 3.86 8.76
N GLN J 92 -24.66 2.61 8.57
CA GLN J 92 -26.00 2.14 8.91
C GLN J 92 -25.99 1.63 10.35
N GLN J 93 -24.94 0.88 10.70
CA GLN J 93 -24.72 0.36 12.05
C GLN J 93 -24.16 1.46 12.96
N GLN J 94 -24.99 2.51 13.13
CA GLN J 94 -24.69 3.67 13.96
C GLN J 94 -24.90 3.42 15.45
N MET J 95 -25.65 2.40 15.81
CA MET J 95 -25.94 2.08 17.21
C MET J 95 -24.68 1.81 18.01
N SER J 96 -24.42 2.67 19.01
CA SER J 96 -23.28 2.54 19.89
C SER J 96 -23.60 3.19 21.22
N ARG J 97 -22.81 2.85 22.24
CA ARG J 97 -23.01 3.37 23.59
C ARG J 97 -23.22 4.88 23.66
N PRO J 98 -22.46 5.72 22.96
CA PRO J 98 -22.68 7.16 23.06
C PRO J 98 -24.05 7.62 22.57
N LYS J 99 -24.73 6.88 21.72
CA LYS J 99 -26.07 7.24 21.26
C LYS J 99 -27.18 6.45 21.94
N LEU J 100 -26.95 5.18 22.27
CA LEU J 100 -27.95 4.39 22.99
C LEU J 100 -28.11 4.90 24.42
N ASP J 101 -27.04 5.38 25.03
CA ASP J 101 -27.12 5.96 26.37
C ASP J 101 -27.89 7.28 26.32
N ALA J 102 -27.65 8.07 25.28
CA ALA J 102 -28.36 9.35 25.12
C ALA J 102 -29.86 9.12 24.98
N MET J 103 -30.26 8.13 24.19
CA MET J 103 -31.67 7.78 24.01
C MET J 103 -32.27 7.20 25.29
N ARG J 104 -31.50 6.42 26.05
CA ARG J 104 -31.95 5.87 27.32
C ARG J 104 -32.18 6.97 28.36
N ALA J 105 -31.23 7.89 28.49
CA ALA J 105 -31.35 9.01 29.43
C ALA J 105 -32.58 9.86 29.16
N GLN J 106 -32.80 10.23 27.90
CA GLN J 106 -33.96 11.04 27.52
C GLN J 106 -35.29 10.35 27.87
N PHE J 107 -35.39 9.03 27.70
CA PHE J 107 -36.63 8.33 28.06
C PHE J 107 -36.88 8.34 29.56
N MET J 108 -35.85 8.11 30.39
CA MET J 108 -36.03 8.16 31.84
C MET J 108 -36.48 9.54 32.31
N LEU J 109 -35.92 10.61 31.77
CA LEU J 109 -36.28 11.97 32.16
C LEU J 109 -37.73 12.32 31.80
N MET J 110 -38.21 11.92 30.63
CA MET J 110 -39.61 12.16 30.26
C MET J 110 -40.59 11.39 31.14
N LEU J 111 -40.23 10.17 31.53
CA LEU J 111 -41.09 9.36 32.39
C LEU J 111 -41.32 10.01 33.75
N ASP J 112 -40.29 10.65 34.32
CA ASP J 112 -40.44 11.35 35.60
C ASP J 112 -41.45 12.50 35.56
N MET J 113 -41.51 13.26 34.48
CA MET J 113 -42.48 14.35 34.40
C MET J 113 -43.92 13.84 34.45
N LEU J 114 -44.17 12.64 33.92
CA LEU J 114 -45.50 12.02 34.01
C LEU J 114 -45.77 11.58 35.44
N ARG J 115 -44.74 11.16 36.16
CA ARG J 115 -44.84 10.87 37.58
C ARG J 115 -45.29 12.10 38.37
N GLU J 116 -44.72 13.27 38.08
CA GLU J 116 -45.12 14.49 38.78
C GLU J 116 -46.60 14.80 38.55
N THR J 117 -47.09 14.62 37.33
CA THR J 117 -48.48 14.88 37.00
C THR J 117 -49.43 13.97 37.77
N ALA J 118 -49.08 12.71 37.93
CA ALA J 118 -49.91 11.79 38.71
C ALA J 118 -49.93 12.20 40.17
N GLN J 119 -48.77 12.46 40.76
CA GLN J 119 -48.67 12.84 42.17
C GLN J 119 -49.43 14.14 42.46
N GLU J 120 -49.43 15.09 41.53
CA GLU J 120 -50.19 16.33 41.71
C GLU J 120 -51.70 16.07 41.73
N SER J 121 -52.20 15.21 40.86
CA SER J 121 -53.62 14.88 40.83
C SER J 121 -54.01 14.10 42.09
N ALA J 122 -53.11 13.26 42.58
CA ALA J 122 -53.34 12.44 43.78
C ALA J 122 -53.54 13.32 45.02
N ASP J 123 -52.79 14.41 45.15
CA ASP J 123 -52.96 15.30 46.29
C ASP J 123 -54.37 15.89 46.35
N SER J 124 -54.97 16.18 45.20
CA SER J 124 -56.31 16.75 45.14
C SER J 124 -57.38 15.78 45.65
N MET J 125 -57.25 14.49 45.34
CA MET J 125 -58.23 13.51 45.81
C MET J 125 -58.13 13.26 47.32
N ASP J 126 -56.93 13.31 47.89
CA ASP J 126 -56.77 13.13 49.33
C ASP J 126 -57.52 14.19 50.11
N ALA J 127 -57.27 15.46 49.79
CA ALA J 127 -57.93 16.59 50.45
C ALA J 127 -59.45 16.53 50.32
N ASN J 128 -59.95 16.23 49.12
CA ASN J 128 -61.39 16.14 48.89
C ASN J 128 -62.06 15.01 49.68
N TYR J 129 -61.50 13.81 49.66
CA TYR J 129 -62.14 12.69 50.35
C TYR J 129 -62.10 12.86 51.87
N ARG J 130 -61.01 13.38 52.43
CA ARG J 130 -60.93 13.62 53.87
C ARG J 130 -61.96 14.67 54.30
N TRP J 131 -62.14 15.70 53.50
CA TRP J 131 -63.08 16.80 53.76
C TRP J 131 -64.52 16.31 53.84
N PHE J 132 -64.86 15.21 53.18
CA PHE J 132 -66.19 14.61 53.25
C PHE J 132 -66.29 13.43 54.20
N HIS J 133 -65.19 12.76 54.54
CA HIS J 133 -65.23 11.60 55.44
C HIS J 133 -64.06 11.60 56.41
N PRO J 134 -64.13 12.40 57.47
CA PRO J 134 -63.07 12.47 58.46
C PRO J 134 -63.01 11.25 59.37
N ALA J 135 -61.88 11.14 60.06
CA ALA J 135 -61.66 10.07 61.03
C ALA J 135 -62.61 10.22 62.21
N PRO J 136 -63.07 9.10 62.78
CA PRO J 136 -64.07 9.15 63.87
C PRO J 136 -63.64 9.93 65.10
N ASN J 137 -62.37 9.92 65.48
CA ASN J 137 -61.90 10.66 66.64
C ASN J 137 -61.96 12.18 66.46
N THR J 138 -61.93 12.68 65.23
CA THR J 138 -62.02 14.11 64.95
C THR J 138 -63.46 14.64 64.92
N LEU J 139 -64.45 13.77 64.80
CA LEU J 139 -65.86 14.18 64.70
C LEU J 139 -66.38 14.88 65.95
N ALA J 140 -65.88 14.51 67.14
CA ALA J 140 -66.36 15.13 68.37
C ALA J 140 -66.11 16.64 68.42
N ALA J 141 -64.90 17.07 68.07
CA ALA J 141 -64.59 18.49 68.05
C ALA J 141 -65.40 19.27 67.00
N ALA J 142 -65.70 18.67 65.86
CA ALA J 142 -66.44 19.27 64.75
C ALA J 142 -67.95 19.40 64.96
N VAL J 143 -68.49 18.87 66.06
CA VAL J 143 -69.94 18.88 66.32
C VAL J 143 -70.59 20.26 66.18
N GLY J 144 -69.96 21.33 66.66
CA GLY J 144 -70.55 22.65 66.54
C GLY J 144 -70.49 23.29 65.17
N SER J 145 -69.52 22.92 64.36
CA SER J 145 -69.32 23.48 63.03
C SER J 145 -70.49 23.18 62.08
N PRO J 146 -70.63 24.00 61.03
CA PRO J 146 -71.67 23.80 60.01
C PRO J 146 -71.51 22.53 59.18
N ARG J 147 -70.40 21.80 59.34
CA ARG J 147 -70.17 20.55 58.63
C ARG J 147 -71.10 19.46 59.14
N MET J 148 -71.61 19.60 60.37
CA MET J 148 -72.55 18.66 60.95
C MET J 148 -73.91 18.75 60.25
N TRP J 149 -74.54 17.58 60.05
CA TRP J 149 -75.87 17.45 59.44
C TRP J 149 -75.96 18.19 58.09
N GLU J 150 -74.84 18.22 57.38
CA GLU J 150 -74.68 18.89 56.09
C GLU J 150 -75.29 18.11 54.91
N ARG J 151 -75.30 16.78 54.97
CA ARG J 151 -75.74 15.94 53.85
C ARG J 151 -77.22 16.10 53.48
N LYS J 152 -77.50 16.09 52.18
CA LYS J 152 -78.83 16.23 51.60
C LYS J 152 -79.19 15.04 50.71
N PRO J 153 -80.47 14.65 50.70
CA PRO J 153 -80.94 13.54 49.84
C PRO J 153 -81.36 13.95 48.43
N ASP J 154 -81.46 15.25 48.15
CA ASP J 154 -82.01 15.76 46.89
C ASP J 154 -81.19 15.60 45.60
N GLY J 155 -80.90 14.35 45.24
CA GLY J 155 -80.28 14.00 43.98
C GLY J 155 -78.87 14.44 43.62
N LYS J 156 -78.55 15.72 43.79
CA LYS J 156 -77.24 16.20 43.39
C LYS J 156 -76.14 15.80 44.36
N ASP J 157 -76.47 15.63 45.65
CA ASP J 157 -75.48 15.21 46.64
C ASP J 157 -75.22 13.71 46.51
N LEU J 158 -74.07 13.36 45.94
CA LEU J 158 -73.65 11.98 45.68
C LEU J 158 -73.18 11.22 46.93
N ASN J 159 -72.93 11.88 48.05
CA ASN J 159 -72.45 11.23 49.27
C ASN J 159 -73.53 10.74 50.22
N PHE J 160 -74.81 10.99 49.92
CA PHE J 160 -75.89 10.52 50.78
C PHE J 160 -75.94 9.00 50.84
N GLY J 161 -76.19 8.47 52.05
CA GLY J 161 -76.23 7.03 52.27
C GLY J 161 -74.90 6.31 52.22
N VAL J 162 -73.78 7.03 52.17
CA VAL J 162 -72.43 6.49 52.11
C VAL J 162 -71.77 6.65 53.47
N VAL J 163 -71.09 5.61 53.94
CA VAL J 163 -70.43 5.65 55.25
C VAL J 163 -68.99 5.13 55.17
N ARG J 164 -68.09 5.86 55.83
CA ARG J 164 -66.66 5.54 55.91
C ARG J 164 -66.42 4.34 56.83
N VAL J 165 -65.71 3.32 56.34
CA VAL J 165 -65.43 2.12 57.13
C VAL J 165 -63.96 1.96 57.48
N GLY J 166 -63.06 2.70 56.85
CA GLY J 166 -61.63 2.55 57.14
C GLY J 166 -60.77 3.13 56.04
N VAL J 167 -59.53 2.64 55.96
CA VAL J 167 -58.57 3.06 54.96
C VAL J 167 -58.03 1.90 54.14
N GLY J 168 -57.69 2.17 52.88
CA GLY J 168 -57.18 1.15 51.99
C GLY J 168 -56.82 1.71 50.63
N MET J 169 -56.78 0.84 49.63
CA MET J 169 -56.44 1.20 48.25
C MET J 169 -57.66 1.65 47.44
N THR J 170 -57.41 2.57 46.50
CA THR J 170 -58.45 3.05 45.61
C THR J 170 -57.80 3.45 44.28
N ARG J 171 -58.61 3.49 43.20
CA ARG J 171 -58.06 3.82 41.88
C ARG J 171 -58.04 5.33 41.66
N PRO J 172 -56.91 5.91 41.26
CA PRO J 172 -56.87 7.35 41.01
C PRO J 172 -57.76 7.75 39.85
N GLU J 173 -58.00 9.06 39.76
CA GLU J 173 -58.85 9.65 38.74
C GLU J 173 -58.17 9.76 37.37
N VAL J 174 -56.89 9.38 37.29
CA VAL J 174 -56.13 9.37 36.05
C VAL J 174 -56.62 8.24 35.13
N THR J 175 -56.51 8.48 33.81
CA THR J 175 -56.88 7.49 32.79
C THR J 175 -55.75 7.40 31.77
N TRP J 176 -54.99 6.30 31.84
CA TRP J 176 -53.82 6.02 31.01
C TRP J 176 -54.10 5.54 29.59
N GLY J 177 -53.45 6.18 28.61
CA GLY J 177 -53.54 5.81 27.21
C GLY J 177 -52.35 4.95 26.78
N GLU J 178 -52.64 3.85 26.08
CA GLU J 178 -51.59 2.92 25.65
C GLU J 178 -50.59 3.54 24.66
N PRO J 179 -49.30 3.22 24.80
CA PRO J 179 -48.25 3.72 23.90
C PRO J 179 -48.40 3.24 22.45
N GLN J 180 -48.39 4.18 21.52
CA GLN J 180 -48.47 3.81 20.10
C GLN J 180 -47.17 3.14 19.61
N ASN J 181 -47.33 2.27 18.60
CA ASN J 181 -46.22 1.53 17.94
C ASN J 181 -45.32 0.72 18.88
N MET J 182 -45.92 0.05 19.86
CA MET J 182 -45.17 -0.78 20.81
C MET J 182 -44.33 -1.87 20.14
N PRO J 183 -43.01 -1.94 20.38
CA PRO J 183 -42.20 -3.02 19.81
C PRO J 183 -42.62 -4.39 20.34
N THR J 184 -42.45 -5.40 19.49
CA THR J 184 -42.76 -6.77 19.90
C THR J 184 -41.81 -7.25 21.02
N ASP J 185 -42.28 -8.26 21.76
CA ASP J 185 -41.57 -8.82 22.90
C ASP J 185 -40.08 -9.12 22.66
N ILE J 186 -39.72 -9.57 21.47
CA ILE J 186 -38.31 -9.83 21.16
C ILE J 186 -37.54 -8.57 20.81
N GLU J 187 -38.23 -7.50 20.46
CA GLU J 187 -37.64 -6.22 20.06
C GLU J 187 -37.49 -5.23 21.20
N LEU J 188 -38.06 -5.49 22.38
CA LEU J 188 -37.97 -4.57 23.51
C LEU J 188 -36.60 -4.51 24.15
N GLU J 189 -36.15 -3.27 24.37
CA GLU J 189 -34.90 -2.93 25.04
C GLU J 189 -35.11 -3.16 26.54
N PRO J 190 -34.17 -3.83 27.22
CA PRO J 190 -34.35 -4.21 28.65
C PRO J 190 -34.57 -3.10 29.67
N VAL J 191 -33.83 -2.00 29.63
CA VAL J 191 -33.95 -0.96 30.64
C VAL J 191 -35.31 -0.25 30.55
N THR J 192 -35.68 0.21 29.37
CA THR J 192 -36.96 0.90 29.19
C THR J 192 -38.15 -0.04 29.32
N GLY J 193 -37.98 -1.33 29.07
CA GLY J 193 -39.05 -2.30 29.23
C GLY J 193 -39.57 -2.44 30.66
N LYS J 194 -38.74 -2.79 31.62
CA LYS J 194 -39.18 -2.87 33.02
C LYS J 194 -39.58 -1.51 33.59
N ALA J 195 -38.94 -0.44 33.16
CA ALA J 195 -39.30 0.89 33.64
C ALA J 195 -40.75 1.23 33.31
N LEU J 196 -41.16 1.08 32.06
CA LEU J 196 -42.54 1.39 31.69
C LEU J 196 -43.51 0.40 32.30
N GLN J 197 -43.06 -0.82 32.57
CA GLN J 197 -43.90 -1.86 33.16
C GLN J 197 -44.17 -1.61 34.65
N GLU J 198 -43.13 -1.38 35.46
CA GLU J 198 -43.31 -1.06 36.87
C GLU J 198 -44.00 0.29 37.08
N PHE J 199 -43.71 1.26 36.22
CA PHE J 199 -44.45 2.52 36.26
C PHE J 199 -45.95 2.29 36.15
N GLY J 200 -46.37 1.42 35.24
CA GLY J 200 -47.78 1.10 35.09
C GLY J 200 -48.38 0.37 36.27
N ARG J 201 -47.63 -0.54 36.88
CA ARG J 201 -48.14 -1.29 38.03
C ARG J 201 -48.37 -0.40 39.27
N TYR J 202 -47.39 0.37 39.71
CA TYR J 202 -47.54 1.11 40.96
C TYR J 202 -48.38 2.37 40.81
N GLN J 203 -48.15 3.18 39.80
CA GLN J 203 -48.83 4.46 39.67
C GLN J 203 -50.27 4.34 39.19
N SER J 204 -50.86 3.14 39.23
CA SER J 204 -52.25 2.90 38.86
C SER J 204 -53.18 2.83 40.07
N VAL J 205 -52.66 3.02 41.28
CA VAL J 205 -53.46 2.94 42.50
C VAL J 205 -52.84 3.92 43.51
N VAL J 206 -53.66 4.48 44.40
CA VAL J 206 -53.16 5.39 45.43
C VAL J 206 -53.50 4.85 46.80
N TYR J 207 -52.46 4.74 47.63
CA TYR J 207 -52.54 4.17 48.96
C TYR J 207 -52.98 5.08 50.10
N ASN J 208 -53.59 4.45 51.11
CA ASN J 208 -54.07 5.07 52.35
C ASN J 208 -55.25 6.04 52.20
N LEU J 209 -56.34 5.65 51.39
CA LEU J 209 -57.53 6.48 51.21
C LEU J 209 -58.72 5.92 52.00
N PRO J 210 -59.66 6.79 52.39
CA PRO J 210 -60.85 6.36 53.14
C PRO J 210 -61.81 5.52 52.30
N LYS J 211 -62.01 4.27 52.73
CA LYS J 211 -62.90 3.29 52.12
C LYS J 211 -64.32 3.46 52.64
N MET J 212 -65.31 3.10 51.81
CA MET J 212 -66.72 3.31 52.19
C MET J 212 -67.66 2.17 51.79
N VAL J 213 -68.79 2.11 52.49
CA VAL J 213 -69.90 1.17 52.23
C VAL J 213 -71.16 2.01 52.02
N SER J 214 -72.02 1.58 51.09
CA SER J 214 -73.28 2.28 50.78
C SER J 214 -74.53 1.52 51.23
N LEU J 215 -75.38 2.22 52.00
CA LEU J 215 -76.64 1.67 52.50
C LEU J 215 -77.66 1.41 51.38
N LEU J 216 -77.60 2.18 50.30
CA LEU J 216 -78.49 2.10 49.15
C LEU J 216 -78.18 0.94 48.22
N VAL J 217 -77.17 0.13 48.51
CA VAL J 217 -76.74 -0.94 47.61
C VAL J 217 -77.13 -2.37 48.02
N GLU J 218 -77.34 -2.66 49.30
CA GLU J 218 -77.69 -4.04 49.66
C GLU J 218 -78.70 -4.13 50.78
N PRO J 219 -79.55 -5.18 50.77
CA PRO J 219 -80.51 -5.37 51.85
C PRO J 219 -79.88 -5.54 53.22
N TRP J 220 -78.70 -6.14 53.31
CA TRP J 220 -78.04 -6.33 54.60
C TRP J 220 -76.55 -6.51 54.37
N TYR J 221 -75.78 -6.39 55.45
CA TYR J 221 -74.32 -6.56 55.44
C TYR J 221 -73.91 -7.38 56.66
N ALA J 222 -73.68 -8.67 56.44
CA ALA J 222 -73.27 -9.56 57.51
C ALA J 222 -71.83 -9.29 57.92
N LEU J 223 -71.63 -8.99 59.20
CA LEU J 223 -70.34 -8.70 59.79
C LEU J 223 -69.90 -9.97 60.50
N VAL J 224 -68.81 -10.58 60.03
CA VAL J 224 -68.37 -11.87 60.54
C VAL J 224 -66.96 -11.80 61.11
N GLY J 225 -66.85 -12.04 62.41
CA GLY J 225 -65.58 -12.01 63.12
C GLY J 225 -65.85 -11.99 64.61
N GLU J 226 -64.80 -11.71 65.37
CA GLU J 226 -65.00 -11.61 66.81
C GLU J 226 -65.88 -10.40 67.17
N ARG J 227 -66.54 -10.51 68.31
CA ARG J 227 -67.51 -9.51 68.76
C ARG J 227 -66.92 -8.10 68.83
N GLU J 228 -65.72 -7.96 69.40
CA GLU J 228 -65.09 -6.65 69.54
C GLU J 228 -64.87 -5.95 68.19
N GLN J 229 -64.47 -6.71 67.17
CA GLN J 229 -64.23 -6.15 65.84
C GLN J 229 -65.55 -5.70 65.20
N VAL J 230 -66.55 -6.58 65.26
CA VAL J 230 -67.88 -6.33 64.69
C VAL J 230 -68.56 -5.13 65.35
N LEU J 231 -68.54 -5.07 66.69
CA LEU J 231 -69.15 -3.95 67.41
C LEU J 231 -68.33 -2.67 67.29
N GLY J 232 -67.00 -2.81 67.23
CA GLY J 232 -66.15 -1.64 67.08
C GLY J 232 -66.48 -0.85 65.82
N LEU J 233 -66.53 -1.56 64.68
CA LEU J 233 -66.90 -0.96 63.41
C LEU J 233 -68.35 -0.43 63.44
N MET J 234 -69.28 -1.18 64.00
CA MET J 234 -70.68 -0.76 64.05
C MET J 234 -70.86 0.56 64.82
N ARG J 235 -70.20 0.73 65.96
CA ARG J 235 -70.33 2.00 66.69
C ARG J 235 -69.76 3.14 65.86
N ALA J 236 -68.68 2.89 65.12
CA ALA J 236 -68.10 3.89 64.22
C ALA J 236 -69.08 4.27 63.12
N ILE J 237 -69.75 3.27 62.55
CA ILE J 237 -70.76 3.47 61.51
C ILE J 237 -71.91 4.32 62.04
N ILE J 238 -72.39 4.00 63.25
CA ILE J 238 -73.50 4.74 63.87
C ILE J 238 -73.13 6.21 64.11
N CYS J 239 -71.98 6.50 64.70
CA CYS J 239 -71.62 7.90 64.96
C CYS J 239 -71.30 8.66 63.68
N GLN J 240 -70.76 8.01 62.66
CA GLN J 240 -70.52 8.67 61.38
C GLN J 240 -71.85 9.06 60.72
N LEU J 241 -72.80 8.13 60.68
CA LEU J 241 -74.14 8.41 60.16
C LEU J 241 -74.79 9.56 60.93
N ALA J 242 -74.72 9.48 62.25
CA ALA J 242 -75.30 10.46 63.16
C ALA J 242 -74.68 11.85 63.01
N PHE J 243 -73.37 11.93 62.81
CA PHE J 243 -72.73 13.23 62.63
C PHE J 243 -73.07 13.84 61.28
N SER J 244 -73.05 13.06 60.21
CA SER J 244 -73.24 13.61 58.87
C SER J 244 -74.70 13.74 58.45
N HIS J 245 -75.61 12.95 59.02
CA HIS J 245 -77.02 12.98 58.64
C HIS J 245 -77.90 13.32 59.83
N GLY J 246 -78.90 14.17 59.59
CA GLY J 246 -79.84 14.59 60.60
C GLY J 246 -80.94 13.58 60.90
N PRO J 247 -81.62 13.77 62.05
CA PRO J 247 -82.70 12.87 62.45
C PRO J 247 -83.90 12.86 61.50
N ASP J 248 -84.10 13.90 60.71
CA ASP J 248 -85.18 13.94 59.72
C ASP J 248 -84.89 13.06 58.52
N HIS J 249 -83.66 12.57 58.37
CA HIS J 249 -83.27 11.71 57.26
C HIS J 249 -82.85 10.29 57.64
N VAL J 250 -82.41 10.05 58.88
CA VAL J 250 -81.99 8.70 59.29
C VAL J 250 -82.55 8.33 60.65
N GLN J 251 -83.07 7.10 60.75
CA GLN J 251 -83.59 6.49 61.97
C GLN J 251 -82.94 5.13 62.16
N MET J 252 -82.67 4.77 63.42
CA MET J 252 -81.95 3.53 63.78
C MET J 252 -82.67 2.72 64.87
N ILE J 253 -82.64 1.39 64.72
CA ILE J 253 -83.29 0.46 65.64
C ILE J 253 -82.33 -0.67 66.00
N VAL J 254 -82.30 -1.05 67.28
CA VAL J 254 -81.48 -2.16 67.78
C VAL J 254 -82.32 -3.25 68.40
N VAL J 255 -82.09 -4.50 67.99
CA VAL J 255 -82.70 -5.68 68.58
C VAL J 255 -81.53 -6.48 69.14
N SER J 256 -81.41 -6.53 70.48
CA SER J 256 -80.27 -7.20 71.08
C SER J 256 -80.58 -7.77 72.46
N SER J 257 -79.87 -8.85 72.81
CA SER J 257 -79.96 -9.45 74.13
C SER J 257 -78.98 -8.83 75.11
N ASP J 258 -77.81 -8.42 74.61
CA ASP J 258 -76.76 -7.79 75.41
C ASP J 258 -76.95 -6.27 75.52
N LEU J 259 -78.03 -5.91 76.24
CA LEU J 259 -78.38 -4.51 76.45
C LEU J 259 -77.26 -3.71 77.12
N ASP J 260 -76.34 -4.37 77.82
CA ASP J 260 -75.21 -3.69 78.46
C ASP J 260 -74.25 -3.06 77.45
N GLN J 261 -74.32 -3.48 76.20
CA GLN J 261 -73.49 -2.95 75.12
C GLN J 261 -74.15 -1.78 74.41
N TRP J 262 -75.48 -1.74 74.41
CA TRP J 262 -76.32 -0.74 73.76
C TRP J 262 -76.85 0.34 74.71
N ASP J 263 -76.23 0.49 75.89
CA ASP J 263 -76.66 1.46 76.89
C ASP J 263 -76.40 2.90 76.44
N TRP J 264 -75.26 3.15 75.81
CA TRP J 264 -74.88 4.48 75.33
C TRP J 264 -75.84 5.04 74.28
N VAL J 265 -76.60 4.18 73.60
CA VAL J 265 -77.51 4.58 72.52
C VAL J 265 -78.57 5.60 72.98
N LYS J 266 -78.85 5.64 74.28
CA LYS J 266 -79.84 6.54 74.87
C LYS J 266 -79.73 8.01 74.44
N TRP J 267 -78.53 8.56 74.39
CA TRP J 267 -78.33 9.97 74.06
C TRP J 267 -78.58 10.36 72.60
N LEU J 268 -78.26 9.52 71.62
CA LEU J 268 -78.43 9.95 70.22
C LEU J 268 -79.89 10.18 69.80
N PRO J 269 -80.17 11.31 69.12
CA PRO J 269 -81.54 11.63 68.66
C PRO J 269 -82.07 10.74 67.55
N HIS J 270 -81.18 10.15 66.75
CA HIS J 270 -81.55 9.27 65.64
C HIS J 270 -82.23 8.00 66.11
N PHE J 271 -82.05 7.62 67.36
CA PHE J 271 -82.72 6.45 67.92
C PHE J 271 -84.08 6.80 68.52
N GLY J 272 -84.55 8.03 68.34
CA GLY J 272 -85.85 8.45 68.81
C GLY J 272 -86.92 8.20 67.76
N ASP J 273 -88.12 8.72 68.02
CA ASP J 273 -89.22 8.55 67.08
C ASP J 273 -90.21 9.70 67.20
N SER J 274 -91.08 9.81 66.20
CA SER J 274 -92.09 10.86 66.13
C SER J 274 -93.10 10.71 67.26
N MET J 285 -85.50 2.86 72.10
CA MET J 285 -86.10 2.08 71.02
C MET J 285 -85.25 0.84 70.76
N VAL J 286 -84.80 0.22 71.84
CA VAL J 286 -84.01 -1.01 71.82
C VAL J 286 -84.91 -2.15 72.28
N TYR J 287 -84.90 -3.26 71.54
CA TYR J 287 -85.75 -4.41 71.79
C TYR J 287 -84.94 -5.65 72.15
N THR J 288 -85.56 -6.52 72.94
CA THR J 288 -84.96 -7.74 73.45
C THR J 288 -85.06 -8.94 72.52
N SER J 289 -86.10 -9.02 71.69
CA SER J 289 -86.25 -10.17 70.81
C SER J 289 -87.14 -9.81 69.62
N VAL J 290 -87.08 -10.66 68.60
CA VAL J 290 -87.89 -10.46 67.40
C VAL J 290 -89.38 -10.48 67.72
N ARG J 291 -89.79 -11.31 68.67
CA ARG J 291 -91.20 -11.34 69.06
C ARG J 291 -91.64 -9.99 69.58
N GLU J 292 -90.76 -9.30 70.29
CA GLU J 292 -91.05 -7.96 70.81
C GLU J 292 -91.03 -6.94 69.67
N PHE J 293 -89.98 -6.99 68.85
CA PHE J 293 -89.82 -6.12 67.68
C PHE J 293 -90.99 -6.27 66.71
N ALA J 294 -91.43 -7.51 66.49
CA ALA J 294 -92.53 -7.81 65.58
C ALA J 294 -93.84 -7.11 65.97
N ALA J 295 -94.12 -7.03 67.27
CA ALA J 295 -95.34 -6.39 67.76
C ALA J 295 -95.34 -4.87 67.57
N GLU J 296 -94.27 -4.21 67.99
CA GLU J 296 -94.14 -2.75 67.89
C GLU J 296 -93.71 -2.23 66.53
N GLN J 297 -92.50 -2.60 66.08
CA GLN J 297 -91.91 -2.07 64.85
C GLN J 297 -92.38 -2.77 63.55
N ALA J 298 -92.36 -4.10 63.49
CA ALA J 298 -92.72 -4.78 62.24
C ALA J 298 -94.15 -4.46 61.77
N GLU J 299 -95.06 -4.12 62.67
CA GLU J 299 -96.41 -3.75 62.25
C GLU J 299 -96.40 -2.59 61.26
N LEU J 300 -95.47 -1.66 61.42
CA LEU J 300 -95.29 -0.50 60.53
C LEU J 300 -94.51 -0.83 59.25
N PHE J 301 -93.33 -1.43 59.39
CA PHE J 301 -92.42 -1.73 58.27
C PHE J 301 -92.88 -2.86 57.35
N ALA J 302 -93.56 -3.88 57.85
CA ALA J 302 -94.00 -4.99 56.99
C ALA J 302 -95.09 -4.61 55.99
N GLY J 303 -95.74 -3.46 56.16
CA GLY J 303 -96.85 -3.04 55.32
C GLY J 303 -96.54 -3.01 53.81
N ARG J 304 -95.34 -2.62 53.37
CA ARG J 304 -95.12 -2.55 51.93
C ARG J 304 -93.67 -2.71 51.49
N GLY J 305 -93.52 -3.09 50.20
CA GLY J 305 -92.25 -3.15 49.50
C GLY J 305 -91.32 -4.35 49.65
N SER J 306 -90.22 -4.21 48.89
CA SER J 306 -89.08 -5.11 48.83
C SER J 306 -87.88 -4.26 48.41
N PHE J 307 -86.67 -4.75 48.73
CA PHE J 307 -85.46 -3.98 48.40
C PHE J 307 -85.27 -3.76 46.91
N THR J 308 -84.68 -2.59 46.60
CA THR J 308 -84.35 -2.11 45.25
C THR J 308 -83.10 -1.23 45.29
N PRO J 309 -81.95 -1.71 44.84
CA PRO J 309 -80.72 -0.89 44.87
C PRO J 309 -80.91 0.45 44.16
N ARG J 310 -80.62 1.53 44.88
CA ARG J 310 -80.74 2.90 44.40
C ARG J 310 -79.39 3.53 44.03
N HIS J 311 -79.47 4.79 43.60
CA HIS J 311 -78.33 5.60 43.19
C HIS J 311 -78.64 7.07 43.45
N ALA J 312 -77.60 7.90 43.36
CA ALA J 312 -77.71 9.33 43.65
C ALA J 312 -78.93 10.02 43.03
N SER J 313 -79.12 9.86 41.71
CA SER J 313 -80.27 10.50 41.07
C SER J 313 -81.61 9.98 41.59
N SER J 314 -81.68 8.69 41.89
CA SER J 314 -82.89 8.08 42.44
C SER J 314 -83.20 8.54 43.88
N SER J 315 -82.17 8.95 44.62
CA SER J 315 -82.33 9.41 46.01
C SER J 315 -83.37 10.50 46.20
N ALA J 316 -83.59 11.35 45.20
CA ALA J 316 -84.61 12.39 45.29
C ALA J 316 -86.03 11.84 45.45
N GLN J 317 -86.32 10.63 44.96
CA GLN J 317 -87.68 10.09 45.01
C GLN J 317 -88.00 9.27 46.27
N THR J 318 -87.05 8.56 46.85
CA THR J 318 -87.33 7.76 48.05
C THR J 318 -87.71 8.63 49.26
N PRO J 319 -88.61 8.15 50.12
CA PRO J 319 -89.01 8.92 51.30
C PRO J 319 -87.83 9.30 52.20
N THR J 320 -88.00 10.42 52.89
CA THR J 320 -86.92 10.99 53.70
C THR J 320 -86.33 10.11 54.81
N PRO J 321 -87.09 9.38 55.67
CA PRO J 321 -86.37 8.66 56.74
C PRO J 321 -85.87 7.28 56.36
N HIS J 322 -84.56 7.12 56.17
CA HIS J 322 -83.99 5.80 55.91
C HIS J 322 -83.81 5.04 57.22
N THR J 323 -84.16 3.76 57.24
CA THR J 323 -84.11 2.96 58.45
C THR J 323 -82.94 1.98 58.46
N VAL J 324 -82.17 1.99 59.56
CA VAL J 324 -81.06 1.06 59.79
C VAL J 324 -81.44 0.19 60.98
N ILE J 325 -81.43 -1.13 60.78
CA ILE J 325 -81.79 -2.11 61.80
C ILE J 325 -80.57 -2.96 62.13
N ILE J 326 -80.31 -3.11 63.43
CA ILE J 326 -79.17 -3.86 63.94
C ILE J 326 -79.70 -5.12 64.58
N ALA J 327 -79.27 -6.28 64.06
CA ALA J 327 -79.70 -7.58 64.57
C ALA J 327 -78.63 -8.22 65.45
N ASP J 328 -78.96 -8.46 66.72
CA ASP J 328 -78.01 -8.99 67.68
C ASP J 328 -78.68 -10.04 68.56
N VAL J 329 -79.58 -10.85 68.01
CA VAL J 329 -80.33 -11.84 68.79
C VAL J 329 -80.27 -13.26 68.23
N ASP J 330 -79.95 -13.47 66.95
CA ASP J 330 -79.90 -14.83 66.38
C ASP J 330 -81.26 -15.54 66.41
N ASP J 331 -82.35 -14.79 66.42
CA ASP J 331 -83.69 -15.40 66.42
C ASP J 331 -84.03 -15.96 65.03
N PRO J 332 -84.55 -17.19 64.93
CA PRO J 332 -84.92 -17.75 63.62
C PRO J 332 -86.14 -17.08 62.99
N GLN J 333 -86.93 -16.34 63.77
CA GLN J 333 -88.13 -15.65 63.30
C GLN J 333 -87.85 -14.58 62.24
N TRP J 334 -86.59 -14.15 62.09
CA TRP J 334 -86.23 -13.13 61.09
C TRP J 334 -86.44 -13.58 59.64
N GLU J 335 -86.56 -14.90 59.40
CA GLU J 335 -86.70 -15.46 58.06
C GLU J 335 -87.78 -14.82 57.18
N TYR J 336 -88.89 -14.37 57.77
CA TYR J 336 -89.99 -13.76 57.00
C TYR J 336 -89.56 -12.57 56.14
N VAL J 337 -88.93 -11.56 56.72
CA VAL J 337 -88.48 -10.38 55.95
C VAL J 337 -87.23 -10.68 55.11
N ILE J 338 -86.34 -11.53 55.60
CA ILE J 338 -85.08 -11.82 54.90
C ILE J 338 -85.33 -12.67 53.66
N SER J 339 -86.12 -13.73 53.75
CA SER J 339 -86.41 -14.51 52.57
C SER J 339 -87.27 -13.75 51.56
N ALA J 340 -88.01 -12.74 51.99
CA ALA J 340 -88.80 -11.91 51.11
C ALA J 340 -87.96 -10.82 50.42
N GLU J 341 -86.64 -10.84 50.65
CA GLU J 341 -85.70 -9.86 50.11
C GLU J 341 -85.92 -8.44 50.63
N GLY J 342 -86.12 -8.34 51.94
CA GLY J 342 -86.32 -7.08 52.64
C GLY J 342 -87.50 -6.24 52.21
N VAL J 343 -87.33 -4.95 52.46
CA VAL J 343 -88.29 -3.89 52.14
C VAL J 343 -87.48 -2.66 51.79
N ASP J 344 -88.05 -1.79 50.95
CA ASP J 344 -87.33 -0.57 50.59
C ASP J 344 -87.34 0.41 51.76
N GLY J 345 -86.23 1.12 51.91
CA GLY J 345 -86.06 2.05 53.01
C GLY J 345 -85.53 1.43 54.28
N VAL J 346 -84.99 0.22 54.21
CA VAL J 346 -84.47 -0.51 55.36
C VAL J 346 -83.12 -1.14 54.98
N THR J 347 -82.28 -1.37 56.01
CA THR J 347 -80.97 -2.00 55.82
C THR J 347 -80.56 -2.65 57.13
N PHE J 348 -80.23 -3.94 57.08
CA PHE J 348 -79.87 -4.72 58.27
C PHE J 348 -78.37 -5.03 58.37
N PHE J 349 -77.85 -4.98 59.61
CA PHE J 349 -76.48 -5.38 59.92
C PHE J 349 -76.56 -6.54 60.91
N ASP J 350 -76.15 -7.73 60.48
CA ASP J 350 -76.15 -8.89 61.38
C ASP J 350 -74.85 -8.95 62.17
N LEU J 351 -74.94 -8.73 63.48
CA LEU J 351 -73.76 -8.76 64.33
C LEU J 351 -73.46 -10.16 64.87
N THR J 352 -74.35 -11.13 64.68
CA THR J 352 -74.20 -12.49 65.17
C THR J 352 -73.48 -13.42 64.19
N GLY J 353 -73.75 -13.26 62.90
CA GLY J 353 -73.18 -14.15 61.90
C GLY J 353 -74.04 -15.37 61.68
N SER J 354 -75.35 -15.22 61.74
CA SER J 354 -76.29 -16.31 61.58
C SER J 354 -76.36 -16.78 60.12
N SER J 355 -76.68 -18.06 59.96
CA SER J 355 -76.69 -18.72 58.65
C SER J 355 -77.65 -18.07 57.64
N MET J 356 -78.76 -17.49 58.09
CA MET J 356 -79.69 -16.87 57.14
C MET J 356 -79.10 -15.63 56.47
N TRP J 357 -78.26 -14.89 57.18
CA TRP J 357 -77.62 -13.68 56.65
C TRP J 357 -76.30 -13.96 55.94
N THR J 358 -75.56 -14.96 56.41
CA THR J 358 -74.21 -15.34 55.99
C THR J 358 -74.16 -16.25 54.75
N ASP J 359 -75.27 -16.48 54.05
CA ASP J 359 -75.29 -17.35 52.88
C ASP J 359 -75.13 -16.59 51.55
N ILE J 360 -74.66 -15.33 51.57
CA ILE J 360 -74.50 -14.54 50.34
C ILE J 360 -73.18 -13.78 50.37
N PRO J 361 -72.21 -14.15 49.51
CA PRO J 361 -70.91 -13.46 49.49
C PRO J 361 -70.99 -11.98 49.16
N GLU J 362 -71.92 -11.57 48.32
CA GLU J 362 -72.11 -10.18 47.95
C GLU J 362 -72.58 -9.33 49.12
N ARG J 363 -72.92 -9.96 50.25
CA ARG J 363 -73.39 -9.28 51.45
C ARG J 363 -72.59 -9.69 52.69
N LYS J 364 -71.39 -10.26 52.52
CA LYS J 364 -70.57 -10.74 53.62
C LYS J 364 -69.23 -10.02 53.71
N LEU J 365 -68.94 -9.49 54.91
CA LEU J 365 -67.70 -8.81 55.28
C LEU J 365 -66.95 -9.68 56.30
N GLN J 366 -65.76 -10.14 55.92
CA GLN J 366 -64.95 -11.05 56.74
C GLN J 366 -63.77 -10.32 57.39
N PHE J 367 -63.60 -10.49 58.71
CA PHE J 367 -62.53 -9.83 59.47
C PHE J 367 -61.43 -10.80 59.86
N ASP J 368 -60.19 -10.47 59.49
CA ASP J 368 -59.02 -11.24 59.91
C ASP J 368 -58.63 -10.87 61.33
N LYS J 369 -57.79 -11.71 61.95
CA LYS J 369 -57.36 -11.45 63.32
C LYS J 369 -56.70 -10.08 63.47
N THR J 370 -56.05 -9.59 62.41
CA THR J 370 -55.40 -8.28 62.42
C THR J 370 -56.35 -7.12 62.19
N GLY J 371 -57.64 -7.36 62.08
CA GLY J 371 -58.60 -6.29 61.86
C GLY J 371 -58.78 -5.89 60.42
N VAL J 372 -58.14 -6.59 59.50
CA VAL J 372 -58.29 -6.35 58.07
C VAL J 372 -59.62 -6.93 57.60
N ILE J 373 -60.40 -6.13 56.87
CA ILE J 373 -61.68 -6.58 56.33
C ILE J 373 -61.48 -6.98 54.88
N GLU J 374 -62.11 -8.08 54.48
CA GLU J 374 -62.16 -8.58 53.11
C GLU J 374 -63.58 -8.64 52.61
N ALA J 375 -63.77 -8.33 51.33
CA ALA J 375 -65.09 -8.35 50.71
C ALA J 375 -64.91 -8.40 49.21
N LEU J 376 -66.02 -8.55 48.49
CA LEU J 376 -65.94 -8.54 47.03
C LEU J 376 -65.64 -7.12 46.55
N PRO J 377 -64.82 -6.97 45.51
CA PRO J 377 -64.53 -5.63 44.99
C PRO J 377 -65.72 -5.01 44.29
N ARG J 378 -65.94 -3.73 44.54
CA ARG J 378 -67.04 -2.99 43.94
C ARG J 378 -66.51 -1.73 43.26
N ASP J 379 -67.16 -1.35 42.17
CA ASP J 379 -66.76 -0.17 41.42
C ASP J 379 -66.94 1.11 42.23
N ARG J 380 -65.93 1.99 42.14
CA ARG J 380 -65.95 3.26 42.86
C ARG J 380 -67.10 4.17 42.42
N ASP J 381 -67.46 4.18 41.13
CA ASP J 381 -68.52 5.08 40.66
C ASP J 381 -69.91 4.46 40.60
N THR J 382 -70.05 3.15 40.44
CA THR J 382 -71.38 2.55 40.34
C THR J 382 -71.67 1.54 41.45
N TRP J 383 -70.70 1.23 42.30
CA TRP J 383 -70.88 0.30 43.41
C TRP J 383 -71.24 -1.13 42.97
N MET J 384 -71.26 -1.40 41.68
CA MET J 384 -71.56 -2.74 41.19
C MET J 384 -70.41 -3.70 41.49
N VAL J 385 -70.75 -4.95 41.78
CA VAL J 385 -69.72 -5.95 42.06
C VAL J 385 -68.98 -6.28 40.77
N ILE J 386 -67.66 -6.26 40.84
CA ILE J 386 -66.81 -6.51 39.67
C ILE J 386 -66.11 -7.88 39.70
N ASP J 387 -66.09 -8.57 40.84
CA ASP J 387 -65.48 -9.89 40.88
C ASP J 387 -66.15 -10.73 41.97
N ASP J 388 -66.11 -12.04 41.79
CA ASP J 388 -66.75 -12.99 42.69
C ASP J 388 -65.84 -13.57 43.77
N LYS J 389 -64.56 -13.21 43.79
CA LYS J 389 -63.62 -13.69 44.80
C LYS J 389 -63.30 -12.58 45.79
N ALA J 390 -63.39 -12.89 47.09
CA ALA J 390 -63.12 -11.92 48.15
C ALA J 390 -61.65 -11.54 48.22
N TRP J 391 -61.40 -10.28 48.58
CA TRP J 391 -60.07 -9.70 48.66
C TRP J 391 -60.07 -8.57 49.68
N PHE J 392 -58.86 -8.08 49.99
CA PHE J 392 -58.66 -6.97 50.91
C PHE J 392 -59.57 -5.79 50.60
N PHE J 393 -60.18 -5.21 51.65
CA PHE J 393 -61.12 -4.11 51.52
C PHE J 393 -60.74 -2.85 52.29
N ALA J 394 -60.46 -2.95 53.59
CA ALA J 394 -60.09 -1.76 54.37
C ALA J 394 -59.49 -2.18 55.71
N LEU J 395 -58.65 -1.32 56.27
CA LEU J 395 -58.16 -1.50 57.65
C LEU J 395 -59.17 -0.82 58.57
N THR J 396 -59.74 -1.60 59.48
CA THR J 396 -60.80 -1.16 60.39
C THR J 396 -60.41 -0.07 61.38
N ASP J 397 -61.33 0.89 61.54
CA ASP J 397 -61.29 1.95 62.55
C ASP J 397 -62.41 1.70 63.56
N GLN J 398 -62.14 1.89 64.85
CA GLN J 398 -63.16 1.57 65.85
C GLN J 398 -63.09 2.49 67.06
N VAL J 399 -64.24 2.65 67.73
CA VAL J 399 -64.39 3.50 68.91
C VAL J 399 -64.97 2.70 70.09
N SER J 400 -64.56 3.07 71.30
CA SER J 400 -65.05 2.45 72.53
C SER J 400 -66.44 2.98 72.90
N ILE J 401 -67.07 2.31 73.88
CA ILE J 401 -68.37 2.73 74.39
C ILE J 401 -68.31 4.12 75.00
N ALA J 402 -67.22 4.40 75.71
CA ALA J 402 -66.99 5.72 76.31
C ALA J 402 -66.90 6.80 75.24
N GLU J 403 -66.10 6.55 74.21
CA GLU J 403 -65.94 7.49 73.10
C GLU J 403 -67.26 7.69 72.36
N ALA J 404 -68.04 6.63 72.18
CA ALA J 404 -69.35 6.74 71.53
C ALA J 404 -70.30 7.57 72.37
N GLU J 405 -70.37 7.31 73.68
CA GLU J 405 -71.24 8.07 74.57
C GLU J 405 -70.78 9.53 74.64
N GLU J 406 -69.47 9.75 74.63
CA GLU J 406 -68.93 11.10 74.65
C GLU J 406 -69.41 11.88 73.43
N PHE J 407 -69.27 11.29 72.25
CA PHE J 407 -69.79 11.89 71.02
C PHE J 407 -71.31 12.03 71.06
N ALA J 408 -72.00 11.01 71.55
CA ALA J 408 -73.46 11.05 71.63
C ALA J 408 -73.96 12.16 72.54
N GLN J 409 -73.31 12.36 73.69
CA GLN J 409 -73.69 13.45 74.60
C GLN J 409 -73.50 14.80 73.92
N LYS J 410 -72.37 14.99 73.24
CA LYS J 410 -72.12 16.23 72.50
C LYS J 410 -73.20 16.48 71.44
N LEU J 411 -73.62 15.44 70.71
CA LEU J 411 -74.66 15.59 69.69
C LEU J 411 -76.04 15.80 70.29
N ALA J 412 -76.32 15.24 71.46
CA ALA J 412 -77.62 15.36 72.12
C ALA J 412 -77.97 16.80 72.48
N GLN J 413 -76.97 17.68 72.57
CA GLN J 413 -77.14 19.09 72.88
C GLN J 413 -77.87 19.92 71.81
N TRP J 414 -78.00 19.44 70.59
CA TRP J 414 -78.54 20.23 69.48
C TRP J 414 -79.88 19.74 68.95
N ARG J 415 -80.65 20.70 68.43
CA ARG J 415 -81.96 20.48 67.83
C ARG J 415 -82.14 21.39 66.62
N LEU J 416 -83.09 21.02 65.76
CA LEU J 416 -83.39 21.77 64.54
C LEU J 416 -83.46 23.27 64.81
N MET K 1 -75.17 7.44 -87.52
CA MET K 1 -75.45 6.24 -86.74
C MET K 1 -74.26 5.88 -85.84
N LYS K 2 -74.58 5.60 -84.57
CA LYS K 2 -73.62 5.29 -83.52
C LYS K 2 -73.94 3.98 -82.80
N ARG K 3 -72.86 3.36 -82.31
CA ARG K 3 -72.96 2.15 -81.49
C ARG K 3 -73.47 2.49 -80.09
N GLY K 4 -74.38 1.67 -79.58
CA GLY K 4 -74.92 1.88 -78.24
C GLY K 4 -73.92 1.55 -77.14
N PHE K 5 -74.07 2.25 -76.01
CA PHE K 5 -73.19 2.08 -74.86
C PHE K 5 -73.94 2.44 -73.57
N ALA K 6 -74.15 1.44 -72.70
CA ALA K 6 -74.82 1.62 -71.43
C ALA K 6 -73.79 1.62 -70.29
N ARG K 7 -73.80 2.68 -69.48
CA ARG K 7 -72.84 2.79 -68.38
C ARG K 7 -73.23 1.94 -67.18
N PRO K 8 -72.38 1.00 -66.75
CA PRO K 8 -72.66 0.14 -65.60
C PRO K 8 -72.31 0.82 -64.28
N THR K 9 -72.54 0.09 -63.17
CA THR K 9 -72.13 0.59 -61.86
C THR K 9 -70.61 0.74 -61.82
N PRO K 10 -70.09 1.89 -61.38
CA PRO K 10 -68.63 2.09 -61.38
C PRO K 10 -67.85 1.05 -60.59
N GLU K 11 -66.70 0.67 -61.15
CA GLU K 11 -65.79 -0.30 -60.53
C GLU K 11 -65.10 0.34 -59.32
N LYS K 12 -64.77 -0.48 -58.31
CA LYS K 12 -64.14 0.05 -57.10
C LYS K 12 -62.75 0.65 -57.30
N PRO K 13 -62.54 1.93 -56.99
CA PRO K 13 -61.22 2.53 -57.13
C PRO K 13 -60.30 2.06 -56.01
N PRO K 14 -58.98 2.06 -56.24
CA PRO K 14 -58.05 1.65 -55.18
C PRO K 14 -58.12 2.63 -54.01
N VAL K 15 -58.34 2.07 -52.81
CA VAL K 15 -58.52 2.83 -51.57
C VAL K 15 -57.24 3.48 -51.07
N ILE K 16 -57.36 4.77 -50.65
CA ILE K 16 -56.29 5.56 -50.05
C ILE K 16 -56.29 5.33 -48.54
N LYS K 17 -55.12 5.17 -47.93
CA LYS K 17 -55.05 4.98 -46.47
C LYS K 17 -54.25 6.09 -45.76
N PRO K 18 -54.87 6.94 -44.95
CA PRO K 18 -54.13 7.98 -44.22
C PRO K 18 -53.25 7.41 -43.10
N GLU K 19 -52.36 8.27 -42.58
CA GLU K 19 -51.44 7.92 -41.50
C GLU K 19 -51.08 9.12 -40.63
N ASN K 20 -51.26 8.97 -39.30
CA ASN K 20 -50.87 9.98 -38.34
C ASN K 20 -49.52 9.57 -37.74
N ILE K 21 -48.48 10.39 -37.92
CA ILE K 21 -47.12 10.06 -37.45
C ILE K 21 -46.53 11.17 -36.59
N VAL K 22 -46.02 10.83 -35.41
CA VAL K 22 -45.37 11.78 -34.51
C VAL K 22 -43.86 11.54 -34.54
N LEU K 23 -43.09 12.60 -34.82
CA LEU K 23 -41.63 12.50 -34.94
C LEU K 23 -40.91 12.25 -33.62
N SER K 24 -39.74 11.62 -33.72
CA SER K 24 -38.86 11.39 -32.57
C SER K 24 -38.22 12.71 -32.13
N THR K 25 -37.68 12.74 -30.86
CA THR K 25 -37.05 13.98 -30.38
C THR K 25 -35.52 13.90 -30.47
N PRO K 26 -34.85 14.96 -30.97
CA PRO K 26 -33.39 14.95 -31.10
C PRO K 26 -32.63 14.70 -29.79
N LEU K 27 -31.39 14.23 -29.92
CA LEU K 27 -30.53 14.00 -28.77
C LEU K 27 -30.07 15.31 -28.14
N SER K 28 -29.67 15.24 -26.87
CA SER K 28 -29.19 16.39 -26.11
C SER K 28 -27.67 16.39 -25.96
N ILE K 29 -27.05 17.54 -26.22
CA ILE K 29 -25.58 17.66 -26.11
C ILE K 29 -25.12 17.41 -24.68
N PRO K 30 -24.15 16.54 -24.43
CA PRO K 30 -23.69 16.29 -23.05
C PRO K 30 -23.09 17.52 -22.38
N PRO K 31 -23.52 17.84 -21.15
CA PRO K 31 -22.95 18.98 -20.45
C PRO K 31 -21.45 18.87 -20.27
N PRO K 32 -20.74 20.02 -20.17
CA PRO K 32 -19.27 20.07 -20.12
C PRO K 32 -18.58 19.61 -18.83
N GLU K 33 -18.77 18.37 -18.38
CA GLU K 33 -18.07 17.88 -17.19
C GLU K 33 -16.56 17.79 -17.39
N GLY K 34 -15.81 18.52 -16.54
CA GLY K 34 -14.37 18.63 -16.60
C GLY K 34 -13.61 17.80 -15.55
N LYS K 35 -12.29 17.53 -15.88
CA LYS K 35 -11.25 16.78 -15.15
C LYS K 35 -10.16 17.69 -14.56
N PRO K 36 -9.66 17.40 -13.32
CA PRO K 36 -8.60 18.19 -12.67
C PRO K 36 -7.19 17.86 -13.18
N TRP K 37 -7.01 18.03 -14.48
CA TRP K 37 -5.77 17.69 -15.19
C TRP K 37 -4.46 18.11 -14.51
N TRP K 38 -4.36 19.34 -14.01
CA TRP K 38 -3.12 19.83 -13.38
C TRP K 38 -2.69 19.04 -12.14
N LEU K 39 -3.60 18.35 -11.48
CA LEU K 39 -3.25 17.61 -10.26
C LEU K 39 -2.30 16.45 -10.58
N ILE K 40 -2.67 15.62 -11.55
CA ILE K 40 -1.86 14.48 -11.99
C ILE K 40 -0.56 14.94 -12.66
N VAL K 41 -0.54 16.15 -13.21
CA VAL K 41 0.68 16.72 -13.82
C VAL K 41 1.71 17.05 -12.74
N VAL K 42 1.27 17.56 -11.59
CA VAL K 42 2.19 17.80 -10.47
C VAL K 42 2.60 16.48 -9.84
N GLY K 43 1.66 15.53 -9.75
CA GLY K 43 1.90 14.21 -9.20
C GLY K 43 3.07 13.48 -9.84
N VAL K 44 3.09 13.30 -11.15
CA VAL K 44 4.18 12.61 -11.84
C VAL K 44 5.52 13.32 -11.65
N VAL K 45 5.50 14.62 -11.41
CA VAL K 45 6.74 15.35 -11.15
C VAL K 45 7.26 15.04 -9.75
N VAL K 46 6.39 15.10 -8.75
CA VAL K 46 6.78 14.82 -7.36
C VAL K 46 7.32 13.40 -7.21
N VAL K 47 6.63 12.40 -7.76
CA VAL K 47 7.12 11.02 -7.67
C VAL K 47 8.43 10.86 -8.46
N GLY K 48 8.60 11.63 -9.52
CA GLY K 48 9.83 11.56 -10.31
C GLY K 48 11.01 12.20 -9.60
N LEU K 49 10.78 13.36 -8.99
CA LEU K 49 11.79 14.11 -8.25
C LEU K 49 12.34 13.32 -7.06
N LEU K 50 11.54 12.42 -6.49
CA LEU K 50 11.98 11.55 -5.39
C LEU K 50 13.11 10.64 -5.83
N GLY K 51 12.96 10.00 -6.99
CA GLY K 51 13.99 9.12 -7.51
C GLY K 51 15.31 9.83 -7.74
N GLY K 52 15.26 11.07 -8.20
CA GLY K 52 16.49 11.86 -8.37
C GLY K 52 17.17 12.10 -7.03
N MET K 53 16.39 12.46 -6.02
CA MET K 53 16.92 12.69 -4.67
C MET K 53 17.57 11.43 -4.12
N VAL K 54 16.96 10.27 -4.36
CA VAL K 54 17.50 8.97 -3.91
C VAL K 54 18.78 8.62 -4.67
N ALA K 55 18.76 8.71 -6.00
CA ALA K 55 19.92 8.36 -6.82
C ALA K 55 21.15 9.20 -6.48
N MET K 56 20.97 10.50 -6.33
CA MET K 56 22.06 11.44 -6.03
C MET K 56 22.86 11.04 -4.78
N VAL K 57 22.21 10.41 -3.80
CA VAL K 57 22.88 9.94 -2.58
C VAL K 57 23.77 8.73 -2.88
N PHE K 58 23.32 7.81 -3.72
CA PHE K 58 24.14 6.63 -4.07
C PHE K 58 25.40 7.02 -4.84
N ALA K 59 25.31 7.97 -5.76
CA ALA K 59 26.49 8.39 -6.51
C ALA K 59 27.51 9.06 -5.62
N SER K 60 27.11 9.55 -4.46
CA SER K 60 28.02 10.14 -3.47
C SER K 60 28.67 9.06 -2.62
N GLY K 61 28.14 7.83 -2.67
CA GLY K 61 28.65 6.68 -1.94
C GLY K 61 28.19 6.49 -0.52
N SER K 62 27.23 7.28 -0.05
CA SER K 62 26.79 7.14 1.34
C SER K 62 26.04 5.81 1.56
N HIS K 63 25.31 5.36 0.54
CA HIS K 63 24.56 4.10 0.52
C HIS K 63 23.79 3.80 1.80
N VAL K 64 23.26 4.85 2.43
CA VAL K 64 22.53 4.76 3.68
C VAL K 64 21.23 3.96 3.58
N PHE K 65 20.71 3.77 2.37
CA PHE K 65 19.49 3.02 2.09
C PHE K 65 19.71 1.50 2.15
N GLY K 66 18.58 0.79 2.14
CA GLY K 66 18.54 -0.65 2.33
C GLY K 66 18.08 -0.93 3.74
N GLY K 67 17.00 -1.70 3.84
CA GLY K 67 16.40 -1.99 5.13
C GLY K 67 15.93 -0.74 5.86
N ILE K 68 16.54 -0.46 7.00
CA ILE K 68 16.23 0.69 7.87
C ILE K 68 16.03 2.00 7.10
N GLY K 69 16.95 2.31 6.19
CA GLY K 69 16.84 3.54 5.41
C GLY K 69 15.74 3.52 4.36
N SER K 70 15.69 2.47 3.55
CA SER K 70 14.70 2.35 2.47
C SER K 70 13.26 2.48 2.94
N ILE K 71 12.99 2.19 4.21
CA ILE K 71 11.64 2.31 4.76
C ILE K 71 11.09 3.73 4.61
N PHE K 72 11.93 4.77 4.73
CA PHE K 72 11.44 6.14 4.56
C PHE K 72 10.93 6.40 3.14
N PRO K 73 11.74 6.30 2.09
CA PRO K 73 11.22 6.51 0.73
C PRO K 73 10.11 5.53 0.36
N LEU K 74 10.15 4.31 0.86
CA LEU K 74 9.09 3.34 0.59
C LEU K 74 7.76 3.84 1.13
N PHE K 75 7.72 4.25 2.40
CA PHE K 75 6.48 4.73 3.00
C PHE K 75 6.06 6.07 2.39
N MET K 76 7.02 6.96 2.17
CA MET K 76 6.77 8.27 1.58
C MET K 76 6.17 8.18 0.17
N MET K 77 6.60 7.20 -0.61
CA MET K 77 6.09 6.99 -1.97
C MET K 77 4.58 6.69 -2.01
N VAL K 78 4.06 5.94 -1.05
CA VAL K 78 2.63 5.61 -1.03
C VAL K 78 1.79 6.87 -0.80
N GLY K 79 2.26 7.77 0.05
CA GLY K 79 1.54 9.00 0.34
C GLY K 79 1.21 9.86 -0.87
N ILE K 80 2.15 9.97 -1.81
CA ILE K 80 1.91 10.76 -3.02
C ILE K 80 0.79 10.16 -3.87
N MET K 81 0.82 8.85 -4.08
CA MET K 81 -0.23 8.18 -4.85
C MET K 81 -1.60 8.35 -4.22
N MET K 82 -1.69 8.25 -2.90
CA MET K 82 -2.96 8.46 -2.20
C MET K 82 -3.49 9.88 -2.36
N MET K 83 -2.63 10.89 -2.21
CA MET K 83 -3.04 12.29 -2.32
C MET K 83 -3.54 12.66 -3.73
N MET K 84 -2.90 12.16 -4.78
CA MET K 84 -3.40 12.46 -6.13
C MET K 84 -4.60 11.61 -6.51
N PHE K 85 -4.69 10.39 -5.98
CA PHE K 85 -5.84 9.53 -6.23
C PHE K 85 -7.11 10.13 -5.61
N ARG K 86 -7.00 10.67 -4.41
CA ARG K 86 -8.11 11.31 -3.69
C ARG K 86 -8.75 12.46 -4.46
N GLY K 87 -7.97 13.23 -5.21
CA GLY K 87 -8.52 14.34 -5.99
C GLY K 87 -9.31 13.90 -7.22
N MET K 88 -8.89 12.82 -7.88
CA MET K 88 -9.56 12.29 -9.06
C MET K 88 -10.78 11.43 -8.73
N GLY K 89 -10.80 10.78 -7.57
CA GLY K 89 -11.88 9.93 -7.09
C GLY K 89 -13.16 10.59 -6.59
N GLY K 90 -13.45 11.78 -7.10
CA GLY K 90 -14.60 12.59 -6.72
C GLY K 90 -15.98 12.09 -7.16
N GLY K 91 -16.07 11.16 -8.09
CA GLY K 91 -17.39 10.69 -8.53
C GLY K 91 -17.31 9.70 -9.67
N GLN K 92 -18.49 9.15 -10.03
CA GLN K 92 -18.56 8.15 -11.12
C GLN K 92 -19.85 8.20 -11.92
N GLN K 93 -19.77 8.76 -13.14
CA GLN K 93 -20.87 8.83 -14.11
C GLN K 93 -20.20 9.00 -15.47
N GLN K 94 -20.85 8.51 -16.54
CA GLN K 94 -20.26 8.53 -17.88
C GLN K 94 -21.19 8.96 -19.01
N MET K 95 -20.57 9.62 -20.01
CA MET K 95 -21.17 10.15 -21.24
C MET K 95 -20.26 9.86 -22.44
N SER K 96 -19.46 8.80 -22.32
CA SER K 96 -18.45 8.32 -23.26
C SER K 96 -18.90 8.17 -24.72
N ARG K 97 -17.93 8.34 -25.62
CA ARG K 97 -18.09 8.19 -27.06
C ARG K 97 -18.80 6.88 -27.41
N PRO K 98 -18.41 5.73 -26.86
CA PRO K 98 -19.14 4.48 -27.11
C PRO K 98 -20.63 4.54 -26.78
N LYS K 99 -21.04 5.33 -25.81
CA LYS K 99 -22.45 5.49 -25.46
C LYS K 99 -23.12 6.58 -26.28
N LEU K 100 -22.42 7.67 -26.60
CA LEU K 100 -23.01 8.72 -27.43
C LEU K 100 -23.19 8.24 -28.86
N ASP K 101 -22.20 7.55 -29.42
CA ASP K 101 -22.30 6.99 -30.77
C ASP K 101 -23.37 5.91 -30.83
N ALA K 102 -23.65 5.25 -29.71
CA ALA K 102 -24.71 4.25 -29.63
C ALA K 102 -26.10 4.90 -29.72
N MET K 103 -26.32 6.03 -29.05
CA MET K 103 -27.60 6.73 -29.15
C MET K 103 -27.81 7.28 -30.56
N ARG K 104 -26.74 7.77 -31.18
CA ARG K 104 -26.80 8.24 -32.56
C ARG K 104 -27.22 7.11 -33.50
N ALA K 105 -26.56 5.97 -33.40
CA ALA K 105 -26.85 4.82 -34.25
C ALA K 105 -28.30 4.36 -34.12
N GLN K 106 -28.85 4.36 -32.90
CA GLN K 106 -30.25 3.97 -32.70
C GLN K 106 -31.21 5.00 -33.27
N PHE K 107 -30.97 6.29 -33.08
CA PHE K 107 -31.85 7.33 -33.61
C PHE K 107 -31.95 7.28 -35.13
N MET K 108 -30.82 7.06 -35.81
CA MET K 108 -30.83 6.98 -37.27
C MET K 108 -31.71 5.82 -37.76
N LEU K 109 -31.69 4.71 -37.04
CA LEU K 109 -32.53 3.56 -37.40
C LEU K 109 -34.02 3.82 -37.15
N MET K 110 -34.36 4.50 -36.05
CA MET K 110 -35.75 4.85 -35.78
C MET K 110 -36.31 5.78 -36.84
N LEU K 111 -35.49 6.67 -37.39
CA LEU K 111 -35.91 7.57 -38.46
C LEU K 111 -36.18 6.81 -39.76
N ASP K 112 -35.36 5.80 -40.07
CA ASP K 112 -35.59 4.98 -41.27
C ASP K 112 -36.97 4.31 -41.27
N MET K 113 -37.42 3.81 -40.13
CA MET K 113 -38.73 3.16 -40.07
C MET K 113 -39.87 4.14 -40.35
N LEU K 114 -39.72 5.41 -40.01
CA LEU K 114 -40.75 6.40 -40.36
C LEU K 114 -40.75 6.62 -41.88
N ARG K 115 -39.57 6.59 -42.49
CA ARG K 115 -39.46 6.67 -43.94
C ARG K 115 -40.23 5.51 -44.60
N GLU K 116 -40.05 4.29 -44.12
CA GLU K 116 -40.78 3.16 -44.69
C GLU K 116 -42.30 3.34 -44.57
N THR K 117 -42.77 3.89 -43.46
CA THR K 117 -44.21 4.12 -43.27
C THR K 117 -44.76 5.16 -44.24
N ALA K 118 -44.03 6.23 -44.49
CA ALA K 118 -44.45 7.27 -45.42
C ALA K 118 -44.54 6.75 -46.86
N GLN K 119 -43.52 6.04 -47.31
CA GLN K 119 -43.44 5.53 -48.68
C GLN K 119 -44.65 4.67 -49.05
N GLU K 120 -45.10 3.77 -48.18
CA GLU K 120 -46.28 2.96 -48.50
C GLU K 120 -47.55 3.79 -48.66
N SER K 121 -47.74 4.80 -47.82
CA SER K 121 -48.93 5.65 -47.96
C SER K 121 -48.88 6.44 -49.26
N ALA K 122 -47.70 6.90 -49.65
CA ALA K 122 -47.53 7.66 -50.89
C ALA K 122 -47.89 6.83 -52.12
N ASP K 123 -47.50 5.55 -52.15
CA ASP K 123 -47.85 4.68 -53.27
C ASP K 123 -49.36 4.53 -53.42
N SER K 124 -50.10 4.50 -52.31
CA SER K 124 -51.55 4.37 -52.37
C SER K 124 -52.17 5.62 -53.01
N MET K 125 -51.58 6.79 -52.80
CA MET K 125 -52.11 8.01 -53.42
C MET K 125 -51.78 8.03 -54.91
N ASP K 126 -50.60 7.56 -55.29
CA ASP K 126 -50.22 7.48 -56.70
C ASP K 126 -51.19 6.56 -57.46
N ALA K 127 -51.41 5.37 -56.94
CA ALA K 127 -52.32 4.40 -57.56
C ALA K 127 -53.71 4.97 -57.74
N ASN K 128 -54.26 5.62 -56.72
CA ASN K 128 -55.59 6.22 -56.78
C ASN K 128 -55.69 7.37 -57.78
N TYR K 129 -54.78 8.34 -57.74
CA TYR K 129 -54.88 9.47 -58.66
C TYR K 129 -54.70 9.08 -60.13
N ARG K 130 -53.77 8.17 -60.41
CA ARG K 130 -53.56 7.70 -61.79
C ARG K 130 -54.81 7.01 -62.33
N TRP K 131 -55.51 6.28 -61.46
CA TRP K 131 -56.74 5.56 -61.82
C TRP K 131 -57.86 6.50 -62.26
N PHE K 132 -57.88 7.74 -61.78
CA PHE K 132 -58.88 8.73 -62.16
C PHE K 132 -58.42 9.76 -63.18
N HIS K 133 -57.13 10.07 -63.29
CA HIS K 133 -56.65 11.10 -64.21
C HIS K 133 -55.43 10.63 -64.99
N PRO K 134 -55.66 9.84 -66.04
CA PRO K 134 -54.58 9.32 -66.88
C PRO K 134 -53.97 10.41 -67.75
N ALA K 135 -52.82 10.07 -68.31
CA ALA K 135 -52.15 10.96 -69.24
C ALA K 135 -53.01 11.12 -70.50
N PRO K 136 -53.07 12.32 -71.07
CA PRO K 136 -53.95 12.54 -72.23
C PRO K 136 -53.68 11.66 -73.45
N ASN K 137 -52.44 11.26 -73.71
CA ASN K 137 -52.14 10.40 -74.86
C ASN K 137 -52.71 8.98 -74.75
N THR K 138 -52.93 8.47 -73.54
CA THR K 138 -53.49 7.13 -73.31
C THR K 138 -55.01 7.04 -73.43
N LEU K 139 -55.73 8.15 -73.45
CA LEU K 139 -57.20 8.18 -73.44
C LEU K 139 -57.87 7.49 -74.64
N ALA K 140 -57.27 7.54 -75.83
CA ALA K 140 -57.90 6.94 -77.01
C ALA K 140 -58.13 5.43 -76.86
N ALA K 141 -57.12 4.69 -76.44
CA ALA K 141 -57.27 3.24 -76.26
C ALA K 141 -58.33 2.86 -75.24
N ALA K 142 -58.56 3.68 -74.22
CA ALA K 142 -59.55 3.40 -73.17
C ALA K 142 -61.01 3.64 -73.58
N VAL K 143 -61.25 4.22 -74.75
CA VAL K 143 -62.60 4.59 -75.21
C VAL K 143 -63.65 3.48 -75.09
N GLY K 144 -63.30 2.24 -75.41
CA GLY K 144 -64.30 1.16 -75.32
C GLY K 144 -64.64 0.70 -73.92
N SER K 145 -63.73 0.87 -72.97
CA SER K 145 -63.92 0.44 -71.60
C SER K 145 -65.01 1.23 -70.86
N PRO K 146 -65.56 0.64 -69.78
CA PRO K 146 -66.58 1.33 -68.96
C PRO K 146 -66.06 2.55 -68.21
N ARG K 147 -64.77 2.83 -68.26
CA ARG K 147 -64.20 4.00 -67.62
C ARG K 147 -64.62 5.29 -68.31
N MET K 148 -65.04 5.21 -69.58
CA MET K 148 -65.52 6.37 -70.31
C MET K 148 -66.86 6.87 -69.79
N TRP K 149 -67.00 8.20 -69.73
CA TRP K 149 -68.24 8.87 -69.29
C TRP K 149 -68.73 8.38 -67.92
N GLU K 150 -67.77 8.05 -67.07
CA GLU K 150 -68.01 7.52 -65.72
C GLU K 150 -68.46 8.59 -64.72
N ARG K 151 -68.04 9.84 -64.89
CA ARG K 151 -68.31 10.89 -63.91
C ARG K 151 -69.79 11.21 -63.72
N LYS K 152 -70.20 11.33 -62.44
CA LYS K 152 -71.57 11.60 -62.05
C LYS K 152 -71.70 12.86 -61.19
N PRO K 153 -72.80 13.61 -61.37
CA PRO K 153 -73.04 14.84 -60.60
C PRO K 153 -73.69 14.64 -59.23
N ASP K 154 -74.13 13.43 -58.91
CA ASP K 154 -74.91 13.16 -57.70
C ASP K 154 -74.19 13.20 -56.35
N GLY K 155 -73.53 14.32 -56.06
CA GLY K 155 -72.91 14.57 -54.76
C GLY K 155 -71.77 13.72 -54.24
N LYS K 156 -71.87 12.41 -54.36
CA LYS K 156 -70.85 11.52 -53.79
C LYS K 156 -69.56 11.47 -54.62
N ASP K 157 -69.63 11.72 -55.92
CA ASP K 157 -68.44 11.73 -56.76
C ASP K 157 -67.63 13.01 -56.57
N LEU K 158 -66.50 12.89 -55.86
CA LEU K 158 -65.61 14.00 -55.54
C LEU K 158 -64.77 14.49 -56.72
N ASN K 159 -64.74 13.76 -57.84
CA ASN K 159 -63.98 14.17 -59.01
C ASN K 159 -64.78 14.97 -60.03
N PHE K 160 -66.08 15.14 -59.81
CA PHE K 160 -66.91 15.90 -60.74
C PHE K 160 -66.43 17.35 -60.86
N GLY K 161 -66.38 17.84 -62.10
CA GLY K 161 -65.87 19.17 -62.38
C GLY K 161 -64.38 19.37 -62.29
N VAL K 162 -63.60 18.29 -62.19
CA VAL K 162 -62.15 18.33 -62.05
C VAL K 162 -61.48 17.92 -63.36
N VAL K 163 -60.46 18.67 -63.77
CA VAL K 163 -59.71 18.39 -65.00
C VAL K 163 -58.21 18.41 -64.77
N ARG K 164 -57.52 17.40 -65.33
CA ARG K 164 -56.07 17.27 -65.26
C ARG K 164 -55.35 18.21 -66.22
N VAL K 165 -54.41 19.01 -65.73
CA VAL K 165 -53.67 19.96 -66.58
C VAL K 165 -52.20 19.61 -66.71
N GLY K 166 -51.67 18.71 -65.88
CA GLY K 166 -50.26 18.35 -65.95
C GLY K 166 -49.82 17.62 -64.68
N VAL K 167 -48.51 17.68 -64.42
CA VAL K 167 -47.89 17.08 -63.24
C VAL K 167 -47.12 18.11 -62.44
N GLY K 168 -47.00 17.86 -61.14
CA GLY K 168 -46.30 18.79 -60.26
C GLY K 168 -46.26 18.29 -58.84
N MET K 169 -46.07 19.20 -57.88
CA MET K 169 -46.00 18.87 -56.47
C MET K 169 -47.37 18.90 -55.78
N THR K 170 -47.52 18.05 -54.76
CA THR K 170 -48.75 18.01 -53.96
C THR K 170 -48.41 17.53 -52.56
N ARG K 171 -49.32 17.82 -51.57
CA ARG K 171 -49.11 17.46 -50.16
C ARG K 171 -49.62 16.05 -49.86
N PRO K 172 -48.81 15.19 -49.23
CA PRO K 172 -49.26 13.83 -48.93
C PRO K 172 -50.41 13.81 -47.92
N GLU K 173 -51.05 12.64 -47.84
CA GLU K 173 -52.15 12.41 -46.93
C GLU K 173 -51.69 12.12 -45.50
N VAL K 174 -50.37 12.06 -45.26
CA VAL K 174 -49.79 11.87 -43.92
C VAL K 174 -49.90 13.17 -43.12
N THR K 175 -49.97 13.05 -41.79
CA THR K 175 -50.00 14.19 -40.87
C THR K 175 -48.92 14.04 -39.80
N TRP K 176 -47.88 14.87 -39.90
CA TRP K 176 -46.73 14.89 -39.00
C TRP K 176 -46.98 15.65 -37.70
N GLY K 177 -46.64 15.02 -36.57
CA GLY K 177 -46.74 15.64 -35.25
C GLY K 177 -45.41 16.18 -34.76
N GLU K 178 -45.44 17.40 -34.24
CA GLU K 178 -44.23 18.06 -33.72
C GLU K 178 -43.60 17.27 -32.57
N PRO K 179 -42.26 17.18 -32.54
CA PRO K 179 -41.58 16.47 -31.44
C PRO K 179 -41.68 17.23 -30.12
N GLN K 180 -42.08 16.53 -29.07
CA GLN K 180 -42.19 17.13 -27.74
C GLN K 180 -40.82 17.35 -27.07
N ASN K 181 -40.82 18.30 -26.14
CA ASN K 181 -39.65 18.65 -25.30
C ASN K 181 -38.36 18.91 -26.08
N MET K 182 -38.45 19.57 -27.23
CA MET K 182 -37.24 19.81 -28.03
C MET K 182 -36.18 20.63 -27.29
N PRO K 183 -34.94 20.15 -27.18
CA PRO K 183 -33.89 20.92 -26.52
C PRO K 183 -33.62 22.27 -27.18
N THR K 184 -33.14 23.22 -26.39
CA THR K 184 -32.81 24.53 -26.91
C THR K 184 -31.65 24.44 -27.90
N ASP K 185 -31.57 25.43 -28.81
CA ASP K 185 -30.56 25.45 -29.86
C ASP K 185 -29.13 25.21 -29.38
N ILE K 186 -28.74 25.84 -28.26
CA ILE K 186 -27.39 25.64 -27.72
C ILE K 186 -27.18 24.23 -27.16
N GLU K 187 -28.26 23.49 -26.93
CA GLU K 187 -28.21 22.14 -26.39
C GLU K 187 -28.41 21.04 -27.45
N LEU K 188 -28.69 21.39 -28.71
CA LEU K 188 -28.92 20.39 -29.75
C LEU K 188 -27.67 19.65 -30.19
N GLU K 189 -27.79 18.33 -30.29
CA GLU K 189 -26.74 17.48 -30.83
C GLU K 189 -26.69 17.70 -32.34
N PRO K 190 -25.50 17.88 -32.93
CA PRO K 190 -25.40 18.22 -34.37
C PRO K 190 -25.85 17.17 -35.38
N VAL K 191 -25.63 15.88 -35.16
CA VAL K 191 -26.02 14.86 -36.15
C VAL K 191 -27.53 14.73 -36.26
N THR K 192 -28.20 14.46 -35.15
CA THR K 192 -29.64 14.26 -35.14
C THR K 192 -30.44 15.51 -35.49
N GLY K 193 -29.92 16.69 -35.19
CA GLY K 193 -30.59 17.92 -35.57
C GLY K 193 -30.77 18.08 -37.08
N LYS K 194 -29.70 18.03 -37.85
CA LYS K 194 -29.82 18.11 -39.31
C LYS K 194 -30.61 16.95 -39.89
N ALA K 195 -30.42 15.74 -39.36
CA ALA K 195 -31.17 14.59 -39.86
C ALA K 195 -32.68 14.84 -39.75
N LEU K 196 -33.15 15.35 -38.62
CA LEU K 196 -34.58 15.62 -38.45
C LEU K 196 -35.03 16.85 -39.24
N GLN K 197 -34.15 17.82 -39.43
CA GLN K 197 -34.46 19.02 -40.21
C GLN K 197 -34.65 18.69 -41.68
N GLU K 198 -33.69 17.98 -42.27
CA GLU K 198 -33.77 17.57 -43.67
C GLU K 198 -34.93 16.62 -43.92
N PHE K 199 -35.18 15.70 -43.00
CA PHE K 199 -36.35 14.85 -43.10
C PHE K 199 -37.62 15.67 -43.29
N GLY K 200 -37.77 16.72 -42.49
CA GLY K 200 -38.95 17.57 -42.61
C GLY K 200 -39.06 18.35 -43.91
N ARG K 201 -37.93 18.80 -44.47
CA ARG K 201 -37.99 19.57 -45.71
C ARG K 201 -38.47 18.73 -46.91
N TYR K 202 -37.94 17.54 -47.11
CA TYR K 202 -38.30 16.72 -48.28
C TYR K 202 -39.53 15.85 -48.09
N GLN K 203 -39.73 15.25 -46.93
CA GLN K 203 -40.85 14.34 -46.73
C GLN K 203 -42.19 15.06 -46.58
N SER K 204 -42.22 16.37 -46.68
CA SER K 204 -43.46 17.14 -46.57
C SER K 204 -44.17 17.31 -47.92
N VAL K 205 -43.62 16.76 -49.00
CA VAL K 205 -44.19 16.91 -50.33
C VAL K 205 -43.86 15.65 -51.13
N VAL K 206 -44.71 15.31 -52.10
CA VAL K 206 -44.47 14.19 -53.00
C VAL K 206 -44.44 14.70 -54.44
N TYR K 207 -43.36 14.37 -55.14
CA TYR K 207 -43.07 14.79 -56.50
C TYR K 207 -43.72 13.93 -57.59
N ASN K 208 -44.01 14.59 -58.71
CA ASN K 208 -44.59 13.96 -59.90
C ASN K 208 -45.96 13.34 -59.64
N LEU K 209 -46.88 14.12 -59.21
CA LEU K 209 -48.29 13.76 -59.19
C LEU K 209 -49.07 14.63 -60.16
N PRO K 210 -50.19 14.12 -60.69
CA PRO K 210 -51.01 14.93 -61.61
C PRO K 210 -51.69 16.09 -60.91
N LYS K 211 -51.59 17.27 -61.51
CA LYS K 211 -52.20 18.49 -61.01
C LYS K 211 -53.56 18.69 -61.69
N MET K 212 -54.51 19.31 -60.97
CA MET K 212 -55.87 19.44 -61.47
C MET K 212 -56.47 20.82 -61.24
N VAL K 213 -57.49 21.15 -62.04
CA VAL K 213 -58.25 22.41 -62.00
C VAL K 213 -59.74 22.09 -61.94
N SER K 214 -60.50 22.87 -61.16
CA SER K 214 -61.94 22.70 -61.02
C SER K 214 -62.76 23.81 -61.70
N LEU K 215 -63.73 23.37 -62.51
CA LEU K 215 -64.63 24.24 -63.26
C LEU K 215 -65.64 24.98 -62.38
N LEU K 216 -66.13 24.33 -61.33
CA LEU K 216 -67.16 24.86 -60.43
C LEU K 216 -66.66 25.92 -59.46
N VAL K 217 -65.39 26.28 -59.51
CA VAL K 217 -64.82 27.22 -58.55
C VAL K 217 -64.52 28.61 -59.12
N GLU K 218 -64.41 28.80 -60.42
CA GLU K 218 -64.12 30.13 -60.94
C GLU K 218 -64.85 30.47 -62.23
N PRO K 219 -65.20 31.75 -62.42
CA PRO K 219 -65.86 32.17 -63.66
C PRO K 219 -65.01 31.97 -64.90
N TRP K 220 -63.69 32.13 -64.81
CA TRP K 220 -62.86 31.98 -65.99
C TRP K 220 -61.44 31.66 -65.56
N TYR K 221 -60.61 31.26 -66.53
CA TYR K 221 -59.19 30.98 -66.34
C TYR K 221 -58.43 31.58 -67.51
N ALA K 222 -57.77 32.71 -67.28
CA ALA K 222 -56.98 33.37 -68.31
C ALA K 222 -55.67 32.63 -68.56
N LEU K 223 -55.48 32.20 -69.82
CA LEU K 223 -54.30 31.48 -70.26
C LEU K 223 -53.43 32.47 -71.01
N VAL K 224 -52.23 32.72 -70.50
CA VAL K 224 -51.30 33.68 -71.09
C VAL K 224 -49.98 33.03 -71.49
N GLY K 225 -49.70 33.04 -72.79
CA GLY K 225 -48.47 32.47 -73.32
C GLY K 225 -48.54 32.48 -74.83
N GLU K 226 -47.52 31.89 -75.46
CA GLU K 226 -47.54 31.82 -76.91
C GLU K 226 -48.68 30.93 -77.42
N ARG K 227 -49.08 31.21 -78.65
CA ARG K 227 -50.22 30.55 -79.28
C ARG K 227 -50.09 29.02 -79.30
N GLU K 228 -48.90 28.51 -79.65
CA GLU K 228 -48.67 27.06 -79.70
C GLU K 228 -48.86 26.40 -78.35
N GLN K 229 -48.43 27.04 -77.27
CA GLN K 229 -48.59 26.50 -75.93
C GLN K 229 -50.05 26.54 -75.49
N VAL K 230 -50.70 27.70 -75.63
CA VAL K 230 -52.08 27.87 -75.19
C VAL K 230 -53.02 26.93 -75.95
N LEU K 231 -52.85 26.79 -77.27
CA LEU K 231 -53.71 25.89 -78.02
C LEU K 231 -53.38 24.43 -77.69
N GLY K 232 -52.11 24.15 -77.37
CA GLY K 232 -51.71 22.81 -76.98
C GLY K 232 -52.43 22.35 -75.72
N LEU K 233 -52.41 23.18 -74.69
CA LEU K 233 -53.08 22.91 -73.42
C LEU K 233 -54.60 22.81 -73.58
N MET K 234 -55.21 23.72 -74.34
CA MET K 234 -56.66 23.73 -74.52
C MET K 234 -57.20 22.46 -75.19
N ARG K 235 -56.54 21.96 -76.23
CA ARG K 235 -57.03 20.72 -76.86
C ARG K 235 -57.01 19.55 -75.88
N ALA K 236 -55.97 19.45 -75.07
CA ALA K 236 -55.85 18.40 -74.06
C ALA K 236 -56.98 18.48 -73.04
N ILE K 237 -57.31 19.69 -72.61
CA ILE K 237 -58.40 19.94 -71.66
C ILE K 237 -59.73 19.48 -72.24
N ILE K 238 -60.02 19.83 -73.49
CA ILE K 238 -61.26 19.44 -74.16
C ILE K 238 -61.37 17.91 -74.23
N CYS K 239 -60.32 17.22 -74.68
CA CYS K 239 -60.40 15.76 -74.77
C CYS K 239 -60.36 15.08 -73.40
N GLN K 240 -59.76 15.70 -72.39
CA GLN K 240 -59.84 15.14 -71.05
C GLN K 240 -61.29 15.15 -70.57
N LEU K 241 -61.95 16.30 -70.68
CA LEU K 241 -63.37 16.45 -70.34
C LEU K 241 -64.23 15.49 -71.14
N ALA K 242 -64.01 15.46 -72.46
CA ALA K 242 -64.79 14.66 -73.39
C ALA K 242 -64.77 13.17 -73.05
N PHE K 243 -63.64 12.65 -72.59
CA PHE K 243 -63.60 11.25 -72.21
C PHE K 243 -64.27 11.02 -70.85
N SER K 244 -64.05 11.89 -69.88
CA SER K 244 -64.52 11.70 -68.52
C SER K 244 -65.95 12.20 -68.26
N HIS K 245 -66.43 13.23 -68.94
CA HIS K 245 -67.79 13.74 -68.70
C HIS K 245 -68.65 13.48 -69.92
N GLY K 246 -69.86 12.97 -69.70
CA GLY K 246 -70.77 12.68 -70.78
C GLY K 246 -71.42 13.91 -71.40
N PRO K 247 -71.92 13.77 -72.63
CA PRO K 247 -72.57 14.91 -73.30
C PRO K 247 -73.81 15.42 -72.59
N ASP K 248 -74.47 14.57 -71.80
CA ASP K 248 -75.63 14.96 -71.01
C ASP K 248 -75.25 15.80 -69.80
N HIS K 249 -73.95 15.89 -69.50
CA HIS K 249 -73.45 16.66 -68.38
C HIS K 249 -72.54 17.82 -68.78
N VAL K 250 -71.90 17.78 -69.95
CA VAL K 250 -71.05 18.88 -70.40
C VAL K 250 -71.31 19.20 -71.87
N GLN K 251 -71.45 20.49 -72.16
CA GLN K 251 -71.62 21.05 -73.50
C GLN K 251 -70.55 22.10 -73.71
N MET K 252 -70.00 22.17 -74.94
CA MET K 252 -68.90 23.06 -75.26
C MET K 252 -69.14 23.94 -76.49
N ILE K 253 -68.71 25.20 -76.39
CA ILE K 253 -68.87 26.23 -77.41
C ILE K 253 -67.54 26.94 -77.62
N VAL K 254 -67.22 27.23 -78.89
CA VAL K 254 -66.01 27.96 -79.27
C VAL K 254 -66.36 29.21 -80.06
N VAL K 255 -65.76 30.33 -79.68
CA VAL K 255 -65.87 31.60 -80.39
C VAL K 255 -64.47 31.90 -80.89
N SER K 256 -64.25 31.77 -82.21
CA SER K 256 -62.92 31.96 -82.76
C SER K 256 -62.95 32.46 -84.19
N SER K 257 -61.93 33.23 -84.55
CA SER K 257 -61.73 33.73 -85.90
C SER K 257 -60.92 32.77 -86.75
N ASP K 258 -59.97 32.05 -86.12
CA ASP K 258 -59.11 31.06 -86.77
C ASP K 258 -59.77 29.68 -86.83
N LEU K 259 -60.83 29.61 -87.63
CA LEU K 259 -61.61 28.38 -87.82
C LEU K 259 -60.76 27.21 -88.30
N ASP K 260 -59.62 27.47 -88.94
CA ASP K 260 -58.73 26.40 -89.40
C ASP K 260 -58.13 25.59 -88.26
N GLN K 261 -58.14 26.13 -87.05
CA GLN K 261 -57.62 25.45 -85.87
C GLN K 261 -58.66 24.56 -85.16
N TRP K 262 -59.94 24.89 -85.30
CA TRP K 262 -61.05 24.19 -84.68
C TRP K 262 -61.79 23.22 -85.63
N ASP K 263 -61.18 22.88 -86.77
CA ASP K 263 -61.80 22.02 -87.77
C ASP K 263 -62.06 20.61 -87.23
N TRP K 264 -61.13 20.09 -86.43
CA TRP K 264 -61.24 18.78 -85.81
C TRP K 264 -62.47 18.62 -84.90
N VAL K 265 -63.05 19.71 -84.42
CA VAL K 265 -64.19 19.70 -83.51
C VAL K 265 -65.46 19.06 -84.08
N LYS K 266 -65.60 19.00 -85.40
CA LYS K 266 -66.78 18.46 -86.09
C LYS K 266 -67.25 17.10 -85.57
N TRP K 267 -66.32 16.18 -85.32
CA TRP K 267 -66.66 14.81 -84.91
C TRP K 267 -67.20 14.66 -83.48
N LEU K 268 -66.80 15.51 -82.53
CA LEU K 268 -67.23 15.34 -81.14
C LEU K 268 -68.73 15.58 -80.89
N PRO K 269 -69.37 14.70 -80.09
CA PRO K 269 -70.79 14.86 -79.72
C PRO K 269 -71.06 15.97 -78.71
N HIS K 270 -70.08 16.30 -77.87
CA HIS K 270 -70.21 17.35 -76.86
C HIS K 270 -70.46 18.72 -77.48
N PHE K 271 -70.09 18.90 -78.74
CA PHE K 271 -70.32 20.14 -79.47
C PHE K 271 -71.67 20.18 -80.18
N GLY K 272 -72.54 19.19 -79.96
CA GLY K 272 -73.86 19.18 -80.57
C GLY K 272 -74.91 19.86 -79.69
N ASP K 273 -76.16 19.86 -80.20
CA ASP K 273 -77.27 20.48 -79.49
C ASP K 273 -78.59 19.90 -79.98
N SER K 274 -79.66 20.23 -79.26
CA SER K 274 -81.01 19.80 -79.63
C SER K 274 -81.42 20.43 -80.94
N MET K 285 -71.09 24.24 -84.06
CA MET K 285 -71.53 25.15 -83.01
C MET K 285 -70.38 26.07 -82.62
N VAL K 286 -69.59 26.43 -83.63
CA VAL K 286 -68.45 27.35 -83.51
C VAL K 286 -68.88 28.68 -84.13
N TYR K 287 -68.60 29.78 -83.44
CA TYR K 287 -69.00 31.11 -83.87
C TYR K 287 -67.81 32.00 -84.17
N THR K 288 -68.02 32.91 -85.13
CA THR K 288 -66.99 33.80 -85.64
C THR K 288 -66.78 35.06 -84.81
N SER K 289 -67.81 35.55 -84.11
CA SER K 289 -67.65 36.76 -83.32
C SER K 289 -68.70 36.82 -82.22
N VAL K 290 -68.43 37.69 -81.24
CA VAL K 290 -69.35 37.86 -80.12
C VAL K 290 -70.71 38.31 -80.60
N ARG K 291 -70.76 39.14 -81.65
CA ARG K 291 -72.04 39.58 -82.19
C ARG K 291 -72.85 38.38 -82.68
N GLU K 292 -72.18 37.41 -83.27
CA GLU K 292 -72.84 36.20 -83.76
C GLU K 292 -73.29 35.33 -82.59
N PHE K 293 -72.39 35.11 -81.63
CA PHE K 293 -72.69 34.36 -80.41
C PHE K 293 -73.82 35.00 -79.61
N ALA K 294 -73.83 36.33 -79.54
CA ALA K 294 -74.85 37.09 -78.82
C ALA K 294 -76.26 36.83 -79.33
N ALA K 295 -76.42 36.70 -80.64
CA ALA K 295 -77.73 36.45 -81.24
C ALA K 295 -78.26 35.04 -80.96
N GLU K 296 -77.46 34.01 -81.23
CA GLU K 296 -77.86 32.62 -81.04
C GLU K 296 -77.75 32.10 -79.60
N GLN K 297 -76.54 32.06 -79.05
CA GLN K 297 -76.29 31.48 -77.73
C GLN K 297 -76.54 32.40 -76.54
N ALA K 298 -76.05 33.65 -76.55
CA ALA K 298 -76.25 34.52 -75.39
C ALA K 298 -77.72 34.78 -75.06
N GLU K 299 -78.61 34.74 -76.04
CA GLU K 299 -80.04 34.93 -75.74
C GLU K 299 -80.54 33.89 -74.74
N LEU K 300 -79.98 32.68 -74.79
CA LEU K 300 -80.31 31.59 -73.87
C LEU K 300 -79.60 31.72 -72.52
N PHE K 301 -78.27 31.88 -72.53
CA PHE K 301 -77.44 31.96 -71.33
C PHE K 301 -77.51 33.26 -70.54
N ALA K 302 -77.65 34.41 -71.18
CA ALA K 302 -77.69 35.70 -70.47
C ALA K 302 -78.95 35.91 -69.63
N GLY K 303 -79.99 35.11 -69.83
CA GLY K 303 -81.27 35.27 -69.15
C GLY K 303 -81.18 35.41 -67.62
N ARG K 304 -80.29 34.67 -66.93
CA ARG K 304 -80.29 34.80 -65.48
C ARG K 304 -78.96 34.45 -64.83
N GLY K 305 -78.80 34.96 -63.60
CA GLY K 305 -77.68 34.63 -62.73
C GLY K 305 -76.34 35.34 -62.88
N SER K 306 -75.44 34.89 -62.00
CA SER K 306 -74.05 35.30 -61.86
C SER K 306 -73.35 34.11 -61.20
N PHE K 307 -72.02 34.07 -61.33
CA PHE K 307 -71.25 32.95 -60.77
C PHE K 307 -71.42 32.78 -59.26
N THR K 308 -71.36 31.50 -58.84
CA THR K 308 -71.51 31.10 -57.43
C THR K 308 -70.65 29.85 -57.16
N PRO K 309 -69.51 30.00 -56.50
CA PRO K 309 -68.64 28.84 -56.23
C PRO K 309 -69.35 27.73 -55.45
N ARG K 310 -69.32 26.52 -56.01
CA ARG K 310 -69.91 25.31 -55.46
C ARG K 310 -68.85 24.38 -54.83
N HIS K 311 -69.30 23.16 -54.48
CA HIS K 311 -68.49 22.09 -53.92
C HIS K 311 -69.17 20.76 -54.20
N ALA K 312 -68.42 19.68 -53.96
CA ALA K 312 -68.88 18.31 -54.23
C ALA K 312 -70.29 18.01 -53.74
N SER K 313 -70.58 18.29 -52.47
CA SER K 313 -71.91 18.00 -51.94
C SER K 313 -72.99 18.83 -52.63
N SER K 314 -72.68 20.08 -52.95
CA SER K 314 -73.59 20.99 -53.65
C SER K 314 -73.89 20.57 -55.08
N SER K 315 -73.01 19.78 -55.71
CA SER K 315 -73.17 19.33 -57.08
C SER K 315 -74.53 18.68 -57.39
N ALA K 316 -75.16 18.05 -56.39
CA ALA K 316 -76.47 17.45 -56.61
C ALA K 316 -77.55 18.47 -56.99
N GLN K 317 -77.41 19.74 -56.64
CA GLN K 317 -78.43 20.74 -56.92
C GLN K 317 -78.28 21.46 -58.27
N THR K 318 -77.07 21.68 -58.78
CA THR K 318 -76.91 22.39 -60.05
C THR K 318 -77.46 21.60 -61.24
N PRO K 319 -78.04 22.28 -62.24
CA PRO K 319 -78.59 21.59 -63.42
C PRO K 319 -77.55 20.77 -64.18
N THR K 320 -78.03 19.71 -64.82
CA THR K 320 -77.14 18.76 -65.50
C THR K 320 -76.24 19.31 -66.60
N PRO K 321 -76.68 20.15 -67.57
CA PRO K 321 -75.69 20.51 -68.61
C PRO K 321 -74.76 21.65 -68.21
N HIS K 322 -73.52 21.33 -67.85
CA HIS K 322 -72.54 22.36 -67.56
C HIS K 322 -71.98 22.92 -68.87
N THR K 323 -71.83 24.23 -68.96
CA THR K 323 -71.35 24.88 -70.18
C THR K 323 -69.92 25.38 -70.05
N VAL K 324 -69.09 25.05 -71.04
CA VAL K 324 -67.71 25.52 -71.15
C VAL K 324 -67.61 26.36 -72.42
N ILE K 325 -67.14 27.60 -72.30
CA ILE K 325 -67.01 28.52 -73.42
C ILE K 325 -65.55 28.91 -73.60
N ILE K 326 -65.08 28.87 -74.85
CA ILE K 326 -63.70 29.17 -75.22
C ILE K 326 -63.68 30.46 -76.03
N ALA K 327 -62.90 31.43 -75.57
CA ALA K 327 -62.77 32.74 -76.20
C ALA K 327 -61.45 32.88 -76.95
N ASP K 328 -61.55 33.10 -78.27
CA ASP K 328 -60.40 33.20 -79.17
C ASP K 328 -60.55 34.37 -80.15
N VAL K 329 -61.38 35.36 -79.84
CA VAL K 329 -61.62 36.50 -80.73
C VAL K 329 -61.14 37.86 -80.24
N ASP K 330 -60.94 38.07 -78.94
CA ASP K 330 -60.48 39.39 -78.43
C ASP K 330 -61.47 40.53 -78.72
N ASP K 331 -62.74 40.22 -78.85
CA ASP K 331 -63.78 41.22 -79.10
C ASP K 331 -64.07 42.08 -77.85
N PRO K 332 -64.14 43.40 -77.99
CA PRO K 332 -64.47 44.26 -76.83
C PRO K 332 -65.89 44.12 -76.34
N GLN K 333 -66.77 43.54 -77.14
CA GLN K 333 -68.18 43.31 -76.80
C GLN K 333 -68.37 42.38 -75.59
N TRP K 334 -67.33 41.64 -75.21
CA TRP K 334 -67.40 40.73 -74.06
C TRP K 334 -67.62 41.43 -72.71
N GLU K 335 -67.39 42.73 -72.64
CA GLU K 335 -67.52 43.49 -71.39
C GLU K 335 -68.84 43.25 -70.65
N TYR K 336 -69.93 43.04 -71.37
CA TYR K 336 -71.25 42.83 -70.77
C TYR K 336 -71.29 41.66 -69.77
N VAL K 337 -70.85 40.47 -70.17
CA VAL K 337 -70.85 39.32 -69.27
C VAL K 337 -69.73 39.37 -68.22
N ILE K 338 -68.58 39.94 -68.55
CA ILE K 338 -67.43 39.97 -67.64
C ILE K 338 -67.63 40.99 -66.53
N SER K 339 -68.05 42.21 -66.85
CA SER K 339 -68.29 43.17 -65.79
C SER K 339 -69.45 42.76 -64.89
N ALA K 340 -70.34 41.89 -65.38
CA ALA K 340 -71.45 41.36 -64.58
C ALA K 340 -71.04 40.16 -63.74
N GLU K 341 -69.78 39.74 -63.81
CA GLU K 341 -69.25 38.57 -63.10
C GLU K 341 -69.86 37.25 -63.56
N GLY K 342 -69.94 37.06 -64.87
CA GLY K 342 -70.44 35.85 -65.50
C GLY K 342 -71.87 35.45 -65.18
N VAL K 343 -72.09 34.14 -65.30
CA VAL K 343 -73.38 33.48 -65.04
C VAL K 343 -73.09 32.09 -64.47
N ASP K 344 -74.04 31.57 -63.71
CA ASP K 344 -73.86 30.24 -63.13
C ASP K 344 -74.06 29.17 -64.19
N GLY K 345 -73.30 28.08 -64.06
CA GLY K 345 -73.34 26.98 -64.99
C GLY K 345 -72.48 27.19 -66.23
N VAL K 346 -71.58 28.17 -66.20
CA VAL K 346 -70.72 28.52 -67.31
C VAL K 346 -69.30 28.70 -66.80
N THR K 347 -68.32 28.56 -67.71
CA THR K 347 -66.92 28.74 -67.39
C THR K 347 -66.18 29.11 -68.67
N PHE K 348 -65.40 30.19 -68.63
CA PHE K 348 -64.67 30.68 -69.80
C PHE K 348 -63.17 30.47 -69.75
N PHE K 349 -62.58 30.12 -70.90
CA PHE K 349 -61.14 30.00 -71.09
C PHE K 349 -60.72 31.01 -72.15
N ASP K 350 -59.90 31.99 -71.77
CA ASP K 350 -59.40 32.99 -72.70
C ASP K 350 -58.09 32.54 -73.34
N LEU K 351 -58.10 32.34 -74.66
CA LEU K 351 -56.92 31.93 -75.38
C LEU K 351 -56.13 33.12 -75.92
N THR K 352 -56.67 34.33 -75.82
CA THR K 352 -56.03 35.54 -76.33
C THR K 352 -55.18 36.28 -75.31
N GLY K 353 -55.61 36.33 -74.05
CA GLY K 353 -54.89 37.06 -73.04
C GLY K 353 -55.30 38.52 -73.00
N SER K 354 -56.58 38.80 -73.21
CA SER K 354 -57.10 40.16 -73.26
C SER K 354 -57.18 40.78 -71.87
N SER K 355 -57.03 42.11 -71.84
CA SER K 355 -56.94 42.87 -70.60
C SER K 355 -58.19 42.73 -69.71
N MET K 356 -59.38 42.52 -70.28
CA MET K 356 -60.57 42.38 -69.42
C MET K 356 -60.55 41.09 -68.61
N TRP K 357 -59.97 40.01 -69.15
CA TRP K 357 -59.88 38.74 -68.45
C TRP K 357 -58.64 38.63 -67.57
N THR K 358 -57.56 39.27 -67.98
CA THR K 358 -56.21 39.24 -67.40
C THR K 358 -56.00 40.18 -66.20
N ASP K 359 -57.05 40.81 -65.66
CA ASP K 359 -56.89 41.72 -64.53
C ASP K 359 -57.11 41.05 -63.17
N ILE K 360 -57.10 39.72 -63.11
CA ILE K 360 -57.32 39.00 -61.85
C ILE K 360 -56.30 37.85 -61.73
N PRO K 361 -55.32 37.97 -60.83
CA PRO K 361 -54.32 36.91 -60.66
C PRO K 361 -54.89 35.56 -60.23
N GLU K 362 -55.93 35.57 -59.40
CA GLU K 362 -56.60 34.36 -58.90
C GLU K 362 -57.24 33.53 -60.01
N ARG K 363 -57.26 34.06 -61.24
CA ARG K 363 -57.83 33.39 -62.41
C ARG K 363 -56.85 33.38 -63.58
N LYS K 364 -55.55 33.62 -63.34
CA LYS K 364 -54.55 33.70 -64.39
C LYS K 364 -53.45 32.64 -64.26
N LEU K 365 -53.21 31.96 -65.37
CA LEU K 365 -52.18 30.93 -65.58
C LEU K 365 -51.13 31.46 -66.54
N GLN K 366 -49.88 31.58 -66.08
CA GLN K 366 -48.76 32.09 -66.85
C GLN K 366 -47.83 30.97 -67.34
N PHE K 367 -47.49 30.98 -68.64
CA PHE K 367 -46.63 29.95 -69.24
C PHE K 367 -45.21 30.44 -69.49
N ASP K 368 -44.23 29.67 -68.99
CA ASP K 368 -42.82 29.90 -69.28
C ASP K 368 -42.44 29.29 -70.62
N LYS K 369 -41.28 29.71 -71.15
CA LYS K 369 -40.81 29.18 -72.43
C LYS K 369 -40.65 27.66 -72.39
N THR K 370 -40.33 27.11 -71.22
CA THR K 370 -40.15 25.68 -70.99
C THR K 370 -41.45 24.93 -70.75
N GLY K 371 -42.60 25.58 -70.86
CA GLY K 371 -43.87 24.91 -70.66
C GLY K 371 -44.28 24.79 -69.21
N VAL K 372 -43.50 25.34 -68.29
CA VAL K 372 -43.84 25.36 -66.88
C VAL K 372 -44.89 26.44 -66.65
N ILE K 373 -45.99 26.09 -65.99
CA ILE K 373 -47.06 27.03 -65.69
C ILE K 373 -46.94 27.48 -64.24
N GLU K 374 -47.16 28.78 -64.02
CA GLU K 374 -47.15 29.40 -62.69
C GLU K 374 -48.50 30.02 -62.37
N ALA K 375 -48.92 29.90 -61.11
CA ALA K 375 -50.19 30.43 -60.66
C ALA K 375 -50.19 30.52 -59.13
N LEU K 376 -51.26 31.08 -58.59
CA LEU K 376 -51.42 31.14 -57.13
C LEU K 376 -51.71 29.75 -56.57
N PRO K 377 -51.19 29.43 -55.39
CA PRO K 377 -51.45 28.12 -54.80
C PRO K 377 -52.86 27.99 -54.26
N ARG K 378 -53.47 26.83 -54.50
CA ARG K 378 -54.82 26.54 -54.06
C ARG K 378 -54.80 25.27 -53.22
N ASP K 379 -55.69 25.24 -52.22
CA ASP K 379 -55.79 24.10 -51.31
C ASP K 379 -56.31 22.86 -52.01
N ARG K 380 -55.62 21.75 -51.77
CA ARG K 380 -56.00 20.46 -52.33
C ARG K 380 -57.42 20.04 -51.95
N ASP K 381 -57.89 20.39 -50.75
CA ASP K 381 -59.20 19.94 -50.29
C ASP K 381 -60.34 20.92 -50.54
N THR K 382 -60.09 22.23 -50.58
CA THR K 382 -61.17 23.20 -50.75
C THR K 382 -61.04 24.08 -51.98
N TRP K 383 -59.95 23.97 -52.74
CA TRP K 383 -59.69 24.78 -53.92
C TRP K 383 -59.62 26.27 -53.62
N MET K 384 -59.66 26.66 -52.35
CA MET K 384 -59.55 28.06 -51.97
C MET K 384 -58.11 28.55 -52.17
N VAL K 385 -57.96 29.80 -52.58
CA VAL K 385 -56.62 30.35 -52.75
C VAL K 385 -55.96 30.56 -51.39
N ILE K 386 -54.72 30.09 -51.24
CA ILE K 386 -54.01 30.18 -49.97
C ILE K 386 -52.90 31.22 -49.95
N ASP K 387 -52.54 31.83 -51.07
CA ASP K 387 -51.48 32.85 -51.06
C ASP K 387 -51.71 33.85 -52.18
N ASP K 388 -51.12 35.04 -52.01
CA ASP K 388 -51.29 36.12 -52.97
C ASP K 388 -50.15 36.27 -53.99
N LYS K 389 -49.09 35.48 -53.89
CA LYS K 389 -47.98 35.54 -54.84
C LYS K 389 -47.92 34.29 -55.72
N ALA K 390 -47.73 34.50 -57.03
CA ALA K 390 -47.64 33.38 -57.97
C ALA K 390 -46.36 32.57 -57.80
N TRP K 391 -46.48 31.27 -58.06
CA TRP K 391 -45.40 30.31 -57.92
C TRP K 391 -45.63 29.12 -58.86
N PHE K 392 -44.63 28.24 -58.95
CA PHE K 392 -44.72 27.04 -59.78
C PHE K 392 -46.02 26.27 -59.56
N PHE K 393 -46.62 25.82 -60.67
CA PHE K 393 -47.87 25.06 -60.60
C PHE K 393 -47.84 23.70 -61.31
N ALA K 394 -47.49 23.65 -62.60
CA ALA K 394 -47.48 22.36 -63.29
C ALA K 394 -46.65 22.41 -64.57
N LEU K 395 -46.13 21.24 -64.96
CA LEU K 395 -45.45 21.06 -66.24
C LEU K 395 -46.52 20.68 -67.26
N THR K 396 -46.63 21.47 -68.33
CA THR K 396 -47.66 21.29 -69.36
C THR K 396 -47.59 20.02 -70.22
N ASP K 397 -48.77 19.42 -70.44
CA ASP K 397 -49.00 18.30 -71.35
C ASP K 397 -49.80 18.81 -72.54
N GLN K 398 -49.41 18.44 -73.76
CA GLN K 398 -50.09 19.00 -74.91
C GLN K 398 -50.15 18.01 -76.08
N VAL K 399 -51.21 18.13 -76.88
CA VAL K 399 -51.50 17.24 -78.00
C VAL K 399 -51.62 18.00 -79.32
N SER K 400 -51.21 17.36 -80.41
CA SER K 400 -51.29 17.94 -81.74
C SER K 400 -52.72 17.88 -82.29
N ILE K 401 -52.95 18.59 -83.39
CA ILE K 401 -54.25 18.58 -84.06
C ILE K 401 -54.58 17.18 -84.56
N ALA K 402 -53.57 16.47 -85.07
CA ALA K 402 -53.73 15.10 -85.56
C ALA K 402 -54.19 14.18 -84.43
N GLU K 403 -53.52 14.27 -83.29
CA GLU K 403 -53.88 13.49 -82.11
C GLU K 403 -55.30 13.82 -81.63
N ALA K 404 -55.67 15.09 -81.69
CA ALA K 404 -57.02 15.51 -81.29
C ALA K 404 -58.10 14.93 -82.21
N GLU K 405 -57.91 15.02 -83.53
CA GLU K 405 -58.91 14.48 -84.47
C GLU K 405 -58.95 12.95 -84.39
N GLU K 406 -57.81 12.31 -84.17
CA GLU K 406 -57.78 10.86 -84.03
C GLU K 406 -58.62 10.43 -82.83
N PHE K 407 -58.46 11.10 -81.70
CA PHE K 407 -59.28 10.80 -80.52
C PHE K 407 -60.75 11.12 -80.77
N ALA K 408 -61.04 12.25 -81.40
CA ALA K 408 -62.43 12.66 -81.67
C ALA K 408 -63.17 11.65 -82.55
N GLN K 409 -62.51 11.13 -83.57
CA GLN K 409 -63.13 10.12 -84.44
C GLN K 409 -63.47 8.85 -83.65
N LYS K 410 -62.54 8.36 -82.82
CA LYS K 410 -62.82 7.21 -81.97
C LYS K 410 -64.02 7.45 -81.06
N LEU K 411 -64.14 8.64 -80.49
CA LEU K 411 -65.27 8.95 -79.62
C LEU K 411 -66.59 9.12 -80.38
N ALA K 412 -66.54 9.61 -81.61
CA ALA K 412 -67.75 9.86 -82.41
C ALA K 412 -68.55 8.57 -82.70
N GLN K 413 -67.91 7.41 -82.62
CA GLN K 413 -68.53 6.12 -82.85
C GLN K 413 -69.59 5.71 -81.80
N TRP K 414 -69.62 6.34 -80.63
CA TRP K 414 -70.47 5.90 -79.53
C TRP K 414 -71.58 6.89 -79.16
N ARG K 415 -72.67 6.32 -78.63
CA ARG K 415 -73.84 7.03 -78.15
C ARG K 415 -74.38 6.33 -76.91
N LEU K 416 -75.25 7.05 -76.19
CA LEU K 416 -75.87 6.53 -74.96
C LEU K 416 -76.32 5.08 -75.13
N MET L 1 -56.87 88.05 -48.94
CA MET L 1 -57.29 86.85 -49.66
C MET L 1 -56.37 85.65 -49.34
N LYS L 2 -57.02 84.53 -49.02
CA LYS L 2 -56.35 83.28 -48.65
C LYS L 2 -56.74 82.11 -49.55
N ARG L 3 -55.79 81.18 -49.68
CA ARG L 3 -55.99 79.92 -50.39
C ARG L 3 -56.88 78.99 -49.56
N GLY L 4 -57.82 78.31 -50.23
CA GLY L 4 -58.70 77.38 -49.53
C GLY L 4 -57.99 76.10 -49.11
N PHE L 5 -58.53 75.47 -48.06
CA PHE L 5 -57.95 74.23 -47.54
C PHE L 5 -58.98 73.33 -46.88
N ALA L 6 -59.18 72.13 -47.45
CA ALA L 6 -60.05 71.11 -46.89
C ALA L 6 -59.18 69.97 -46.35
N ARG L 7 -59.37 69.62 -45.07
CA ARG L 7 -58.54 68.55 -44.47
C ARG L 7 -59.07 67.15 -44.78
N PRO L 8 -58.21 66.24 -45.26
CA PRO L 8 -58.60 64.87 -45.59
C PRO L 8 -58.67 63.97 -44.35
N THR L 9 -59.05 62.71 -44.58
CA THR L 9 -59.06 61.74 -43.50
C THR L 9 -57.62 61.52 -43.01
N PRO L 10 -57.38 61.55 -41.70
CA PRO L 10 -56.01 61.42 -41.19
C PRO L 10 -55.26 60.15 -41.60
N GLU L 11 -53.96 60.32 -41.86
CA GLU L 11 -53.05 59.25 -42.21
C GLU L 11 -52.78 58.32 -41.03
N LYS L 12 -52.47 57.06 -41.30
CA LYS L 12 -52.18 56.11 -40.21
C LYS L 12 -50.85 56.39 -39.51
N PRO L 13 -50.84 56.60 -38.19
CA PRO L 13 -49.58 56.83 -37.46
C PRO L 13 -48.77 55.56 -37.30
N PRO L 14 -47.44 55.65 -37.13
CA PRO L 14 -46.63 54.44 -36.88
C PRO L 14 -46.99 53.86 -35.52
N VAL L 15 -47.44 52.60 -35.53
CA VAL L 15 -47.94 51.92 -34.33
C VAL L 15 -46.86 51.64 -33.28
N ILE L 16 -47.17 51.97 -32.01
CA ILE L 16 -46.33 51.72 -30.84
C ILE L 16 -46.54 50.29 -30.37
N LYS L 17 -45.47 49.57 -29.99
CA LYS L 17 -45.61 48.20 -29.51
C LYS L 17 -45.20 47.99 -28.06
N PRO L 18 -46.13 47.65 -27.14
CA PRO L 18 -45.75 47.36 -25.75
C PRO L 18 -45.02 46.03 -25.59
N GLU L 19 -44.40 45.84 -24.42
CA GLU L 19 -43.66 44.59 -24.13
C GLU L 19 -43.65 44.24 -22.64
N ASN L 20 -44.18 43.07 -22.29
CA ASN L 20 -44.14 42.53 -20.93
C ASN L 20 -42.96 41.56 -20.87
N ILE L 21 -41.93 41.86 -20.07
CA ILE L 21 -40.74 41.02 -20.00
C ILE L 21 -40.43 40.60 -18.56
N VAL L 22 -40.26 39.30 -18.31
CA VAL L 22 -39.92 38.78 -16.98
C VAL L 22 -38.43 38.44 -16.97
N LEU L 23 -37.70 39.03 -16.02
CA LEU L 23 -36.24 38.92 -15.96
C LEU L 23 -35.67 37.59 -15.47
N SER L 24 -34.43 37.33 -15.90
CA SER L 24 -33.61 36.15 -15.59
C SER L 24 -33.17 36.12 -14.12
N THR L 25 -33.44 35.02 -13.42
CA THR L 25 -33.02 34.94 -12.01
C THR L 25 -31.49 34.82 -11.86
N PRO L 26 -30.87 35.60 -10.97
CA PRO L 26 -29.41 35.56 -10.80
C PRO L 26 -28.88 34.17 -10.46
N LEU L 27 -27.56 34.01 -10.62
CA LEU L 27 -26.87 32.77 -10.32
C LEU L 27 -26.64 32.63 -8.80
N SER L 28 -26.54 31.38 -8.34
CA SER L 28 -26.37 31.07 -6.91
C SER L 28 -24.91 30.81 -6.52
N ILE L 29 -24.45 31.46 -5.44
CA ILE L 29 -23.07 31.29 -4.96
C ILE L 29 -22.84 29.85 -4.50
N PRO L 30 -21.61 29.33 -4.60
CA PRO L 30 -21.36 27.95 -4.18
C PRO L 30 -21.67 27.72 -2.71
N PRO L 31 -22.05 26.49 -2.34
CA PRO L 31 -22.30 26.15 -0.93
C PRO L 31 -21.02 26.26 -0.11
N PRO L 32 -21.05 26.85 1.10
CA PRO L 32 -19.81 26.98 1.87
C PRO L 32 -19.08 25.64 2.09
N GLU L 33 -17.76 25.71 2.08
CA GLU L 33 -16.83 24.59 2.25
C GLU L 33 -16.78 24.05 3.68
N GLY L 34 -15.88 23.08 3.87
CA GLY L 34 -15.56 22.41 5.14
C GLY L 34 -14.17 21.79 5.01
N LYS L 35 -13.36 21.90 6.05
CA LYS L 35 -11.96 21.42 6.00
C LYS L 35 -11.83 19.89 5.99
N PRO L 36 -11.01 19.30 5.08
CA PRO L 36 -10.77 17.83 4.96
C PRO L 36 -9.62 17.35 5.87
N TRP L 37 -9.90 17.22 7.16
CA TRP L 37 -8.88 16.85 8.15
C TRP L 37 -8.04 15.59 7.82
N TRP L 38 -8.64 14.56 7.25
CA TRP L 38 -7.85 13.36 6.93
C TRP L 38 -6.83 13.58 5.83
N LEU L 39 -6.99 14.59 4.98
CA LEU L 39 -6.00 14.91 3.94
C LEU L 39 -4.75 15.58 4.52
N ILE L 40 -4.91 16.60 5.36
CA ILE L 40 -3.75 17.28 5.95
C ILE L 40 -3.01 16.34 6.90
N VAL L 41 -3.73 15.43 7.55
CA VAL L 41 -3.09 14.43 8.43
C VAL L 41 -2.13 13.57 7.61
N VAL L 42 -2.51 13.20 6.39
CA VAL L 42 -1.62 12.46 5.51
C VAL L 42 -0.39 13.32 5.16
N GLY L 43 -0.64 14.53 4.68
CA GLY L 43 0.41 15.44 4.26
C GLY L 43 1.47 15.78 5.31
N VAL L 44 1.06 16.02 6.56
CA VAL L 44 2.01 16.36 7.62
C VAL L 44 2.93 15.18 7.95
N VAL L 45 2.50 13.95 7.77
CA VAL L 45 3.39 12.80 7.96
C VAL L 45 4.46 12.80 6.86
N VAL L 46 4.04 12.91 5.61
CA VAL L 46 4.93 12.88 4.45
C VAL L 46 6.04 13.94 4.55
N VAL L 47 5.72 15.19 4.89
CA VAL L 47 6.78 16.21 4.99
C VAL L 47 7.68 15.96 6.20
N GLY L 48 7.14 15.45 7.30
CA GLY L 48 7.96 15.13 8.46
C GLY L 48 8.92 13.99 8.14
N LEU L 49 8.41 13.00 7.42
CA LEU L 49 9.15 11.84 6.95
C LEU L 49 10.24 12.26 5.95
N LEU L 50 9.94 13.23 5.08
CA LEU L 50 10.92 13.77 4.13
C LEU L 50 12.06 14.45 4.87
N GLY L 51 11.75 15.29 5.84
CA GLY L 51 12.79 15.94 6.64
C GLY L 51 13.69 14.91 7.30
N GLY L 52 13.10 13.79 7.71
CA GLY L 52 13.86 12.69 8.30
C GLY L 52 14.90 12.11 7.35
N MET L 53 14.56 11.95 6.07
CA MET L 53 15.51 11.44 5.09
C MET L 53 16.72 12.36 5.00
N VAL L 54 16.50 13.67 4.88
CA VAL L 54 17.57 14.64 4.79
C VAL L 54 18.41 14.64 6.06
N ALA L 55 17.76 14.59 7.23
CA ALA L 55 18.46 14.53 8.52
C ALA L 55 19.29 13.26 8.64
N MET L 56 18.75 12.13 8.20
CA MET L 56 19.47 10.86 8.22
C MET L 56 20.74 10.93 7.37
N VAL L 57 20.64 11.53 6.18
CA VAL L 57 21.80 11.71 5.30
C VAL L 57 22.83 12.68 5.90
N PHE L 58 22.37 13.74 6.55
CA PHE L 58 23.29 14.68 7.21
C PHE L 58 23.98 14.06 8.41
N ALA L 59 23.29 13.23 9.19
CA ALA L 59 23.94 12.55 10.31
C ALA L 59 24.93 11.52 9.79
N SER L 60 24.59 10.86 8.68
CA SER L 60 25.46 9.88 8.06
C SER L 60 26.74 10.53 7.51
N GLY L 61 26.72 11.85 7.24
CA GLY L 61 27.90 12.55 6.77
C GLY L 61 28.11 12.72 5.29
N SER L 62 27.08 12.52 4.45
CA SER L 62 27.27 12.66 3.02
C SER L 62 27.46 14.12 2.62
N HIS L 63 26.72 15.03 3.26
CA HIS L 63 26.79 16.47 2.97
C HIS L 63 26.60 16.79 1.48
N VAL L 64 25.81 15.98 0.78
CA VAL L 64 25.51 16.19 -0.62
C VAL L 64 24.47 17.28 -0.83
N PHE L 65 23.51 17.42 0.09
CA PHE L 65 22.43 18.42 0.03
C PHE L 65 22.85 19.81 0.45
N GLY L 66 24.10 20.03 0.80
CA GLY L 66 24.53 21.36 1.16
C GLY L 66 24.56 22.27 -0.05
N GLY L 67 24.31 23.55 0.18
CA GLY L 67 24.29 24.54 -0.90
C GLY L 67 23.23 24.30 -1.96
N ILE L 68 23.59 24.50 -3.23
CA ILE L 68 22.63 24.34 -4.32
C ILE L 68 22.02 22.94 -4.38
N GLY L 69 22.71 21.91 -3.90
CA GLY L 69 22.14 20.57 -3.93
C GLY L 69 20.80 20.46 -3.24
N SER L 70 20.49 21.36 -2.31
CA SER L 70 19.24 21.45 -1.55
C SER L 70 18.00 21.72 -2.40
N ILE L 71 18.15 22.14 -3.65
CA ILE L 71 17.04 22.45 -4.54
C ILE L 71 16.11 21.26 -4.77
N PHE L 72 16.60 20.02 -4.63
CA PHE L 72 15.74 18.84 -4.81
C PHE L 72 14.75 18.68 -3.65
N PRO L 73 15.19 18.62 -2.39
CA PRO L 73 14.26 18.56 -1.27
C PRO L 73 13.33 19.76 -1.21
N LEU L 74 13.86 20.95 -1.48
CA LEU L 74 13.10 22.20 -1.41
C LEU L 74 11.92 22.21 -2.40
N PHE L 75 12.15 21.93 -3.67
CA PHE L 75 11.03 21.93 -4.63
C PHE L 75 10.01 20.82 -4.33
N MET L 76 10.45 19.67 -3.86
CA MET L 76 9.51 18.60 -3.51
C MET L 76 8.61 19.02 -2.36
N MET L 77 9.20 19.58 -1.31
CA MET L 77 8.46 20.04 -0.15
C MET L 77 7.38 21.07 -0.55
N VAL L 78 7.71 21.95 -1.50
CA VAL L 78 6.75 22.92 -2.04
C VAL L 78 5.66 22.22 -2.85
N GLY L 79 6.04 21.28 -3.70
CA GLY L 79 5.06 20.55 -4.52
C GLY L 79 4.05 19.77 -3.69
N ILE L 80 4.50 19.19 -2.58
CA ILE L 80 3.60 18.47 -1.68
C ILE L 80 2.62 19.45 -1.04
N MET L 81 3.11 20.62 -0.66
CA MET L 81 2.30 21.66 -0.03
C MET L 81 1.14 22.10 -0.93
N MET L 82 1.37 22.22 -2.24
CA MET L 82 0.31 22.60 -3.17
C MET L 82 -0.83 21.58 -3.25
N MET L 83 -0.52 20.29 -3.31
CA MET L 83 -1.55 19.26 -3.38
C MET L 83 -2.39 19.14 -2.10
N MET L 84 -1.79 19.24 -0.92
CA MET L 84 -2.57 19.10 0.31
C MET L 84 -3.45 20.30 0.64
N PHE L 85 -2.96 21.53 0.49
CA PHE L 85 -3.81 22.66 0.86
C PHE L 85 -4.76 23.13 -0.24
N ARG L 86 -4.34 23.22 -1.49
CA ARG L 86 -5.27 23.66 -2.52
C ARG L 86 -5.90 22.46 -3.21
N GLY L 87 -5.40 22.04 -4.36
CA GLY L 87 -5.98 20.91 -5.07
C GLY L 87 -7.42 21.14 -5.51
N MET L 88 -8.27 20.12 -5.35
CA MET L 88 -9.67 20.25 -5.74
C MET L 88 -10.64 19.68 -4.71
N GLY L 89 -11.87 20.20 -4.78
CA GLY L 89 -12.95 19.79 -3.91
C GLY L 89 -13.42 18.35 -4.10
N GLY L 90 -14.06 17.84 -3.05
CA GLY L 90 -14.62 16.49 -3.03
C GLY L 90 -16.06 16.41 -3.52
N GLY L 91 -16.69 15.28 -3.16
CA GLY L 91 -18.07 15.02 -3.57
C GLY L 91 -19.06 16.09 -3.15
N GLN L 92 -18.88 16.66 -1.97
CA GLN L 92 -19.75 17.72 -1.46
C GLN L 92 -19.41 19.09 -2.05
N GLN L 93 -18.40 19.18 -2.91
CA GLN L 93 -17.96 20.44 -3.55
C GLN L 93 -17.89 20.25 -5.07
N GLN L 94 -19.08 20.09 -5.66
CA GLN L 94 -19.25 19.87 -7.10
C GLN L 94 -18.88 21.11 -7.93
N MET L 95 -19.01 22.31 -7.37
CA MET L 95 -18.67 23.54 -8.08
C MET L 95 -17.19 23.65 -8.37
N SER L 96 -16.87 24.16 -9.56
CA SER L 96 -15.49 24.36 -9.97
C SER L 96 -15.46 25.37 -11.12
N ARG L 97 -14.29 25.98 -11.30
CA ARG L 97 -14.09 26.99 -12.35
C ARG L 97 -14.63 26.57 -13.72
N PRO L 98 -14.43 25.35 -14.20
CA PRO L 98 -14.94 25.00 -15.54
C PRO L 98 -16.47 25.01 -15.65
N LYS L 99 -17.21 24.78 -14.58
CA LYS L 99 -18.68 24.80 -14.64
C LYS L 99 -19.30 26.10 -14.18
N LEU L 100 -18.68 26.81 -13.23
CA LEU L 100 -19.20 28.11 -12.81
C LEU L 100 -19.06 29.11 -13.95
N ASP L 101 -17.99 29.02 -14.72
CA ASP L 101 -17.78 29.88 -15.88
C ASP L 101 -18.82 29.58 -16.96
N ALA L 102 -19.13 28.31 -17.18
CA ALA L 102 -20.15 27.94 -18.17
C ALA L 102 -21.52 28.49 -17.79
N MET L 103 -21.86 28.45 -16.51
CA MET L 103 -23.13 29.01 -16.02
C MET L 103 -23.14 30.53 -16.11
N ARG L 104 -22.01 31.18 -15.82
CA ARG L 104 -21.89 32.63 -15.92
C ARG L 104 -22.04 33.10 -17.37
N ALA L 105 -21.35 32.45 -18.30
CA ALA L 105 -21.41 32.81 -19.72
C ALA L 105 -22.84 32.73 -20.26
N GLN L 106 -23.55 31.65 -19.97
CA GLN L 106 -24.93 31.49 -20.43
C GLN L 106 -25.85 32.59 -19.91
N PHE L 107 -25.68 33.03 -18.66
CA PHE L 107 -26.51 34.10 -18.12
C PHE L 107 -26.27 35.43 -18.85
N MET L 108 -25.02 35.77 -19.14
CA MET L 108 -24.73 36.99 -19.90
C MET L 108 -25.35 36.96 -21.29
N LEU L 109 -25.28 35.82 -21.98
CA LEU L 109 -25.83 35.70 -23.33
C LEU L 109 -27.35 35.88 -23.35
N MET L 110 -28.06 35.30 -22.40
CA MET L 110 -29.52 35.46 -22.32
C MET L 110 -29.93 36.90 -22.00
N LEU L 111 -29.16 37.58 -21.15
CA LEU L 111 -29.46 38.96 -20.78
C LEU L 111 -29.37 39.93 -21.96
N ASP L 112 -28.43 39.74 -22.88
CA ASP L 112 -28.36 40.61 -24.06
C ASP L 112 -29.49 40.41 -25.05
N MET L 113 -30.10 39.24 -25.15
CA MET L 113 -31.23 39.09 -26.06
C MET L 113 -32.43 39.93 -25.58
N LEU L 114 -32.58 40.10 -24.27
CA LEU L 114 -33.61 40.94 -23.69
C LEU L 114 -33.29 42.42 -23.95
N ARG L 115 -32.02 42.76 -24.00
CA ARG L 115 -31.59 44.10 -24.42
C ARG L 115 -32.07 44.40 -25.84
N GLU L 116 -31.93 43.46 -26.76
CA GLU L 116 -32.39 43.67 -28.13
C GLU L 116 -33.89 43.94 -28.18
N THR L 117 -34.67 43.21 -27.40
CA THR L 117 -36.12 43.40 -27.35
C THR L 117 -36.51 44.78 -26.84
N ALA L 118 -35.79 45.30 -25.85
CA ALA L 118 -36.07 46.66 -25.37
C ALA L 118 -35.74 47.69 -26.44
N GLN L 119 -34.57 47.58 -27.06
CA GLN L 119 -34.14 48.52 -28.09
C GLN L 119 -35.09 48.52 -29.29
N GLU L 120 -35.64 47.36 -29.65
CA GLU L 120 -36.61 47.28 -30.74
C GLU L 120 -37.91 48.03 -30.40
N SER L 121 -38.40 47.88 -29.18
CA SER L 121 -39.61 48.57 -28.75
C SER L 121 -39.36 50.07 -28.66
N ALA L 122 -38.16 50.46 -28.26
CA ALA L 122 -37.77 51.86 -28.12
C ALA L 122 -37.80 52.60 -29.46
N ASP L 123 -37.36 51.95 -30.54
CA ASP L 123 -37.42 52.57 -31.87
C ASP L 123 -38.85 52.93 -32.26
N SER L 124 -39.82 52.09 -31.90
CA SER L 124 -41.21 52.33 -32.27
C SER L 124 -41.77 53.60 -31.58
N MET L 125 -41.38 53.86 -30.34
CA MET L 125 -41.87 55.05 -29.63
C MET L 125 -41.24 56.33 -30.18
N ASP L 126 -39.98 56.29 -30.60
CA ASP L 126 -39.32 57.47 -31.17
C ASP L 126 -40.05 57.96 -32.42
N ALA L 127 -40.27 57.07 -33.38
CA ALA L 127 -40.95 57.40 -34.63
C ALA L 127 -42.37 57.93 -34.39
N ASN L 128 -43.12 57.31 -33.50
CA ASN L 128 -44.49 57.75 -33.19
C ASN L 128 -44.53 59.13 -32.54
N TYR L 129 -43.71 59.38 -31.53
CA TYR L 129 -43.76 60.67 -30.85
C TYR L 129 -43.30 61.82 -31.75
N ARG L 130 -42.27 61.61 -32.57
CA ARG L 130 -41.81 62.65 -33.49
C ARG L 130 -42.88 62.97 -34.54
N TRP L 131 -43.59 61.95 -35.01
CA TRP L 131 -44.63 62.07 -36.01
C TRP L 131 -45.79 62.94 -35.54
N PHE L 132 -46.02 63.01 -34.23
CA PHE L 132 -47.05 63.87 -33.66
C PHE L 132 -46.53 65.18 -33.08
N HIS L 133 -45.25 65.27 -32.74
CA HIS L 133 -44.68 66.49 -32.14
C HIS L 133 -43.29 66.80 -32.71
N PRO L 134 -43.25 67.36 -33.91
CA PRO L 134 -41.97 67.69 -34.55
C PRO L 134 -41.32 68.93 -33.95
N ALA L 135 -40.04 69.08 -34.30
CA ALA L 135 -39.25 70.22 -33.87
C ALA L 135 -39.78 71.51 -34.53
N PRO L 136 -39.72 72.64 -33.81
CA PRO L 136 -40.30 73.88 -34.32
C PRO L 136 -39.70 74.39 -35.64
N ASN L 137 -38.42 74.19 -35.90
CA ASN L 137 -37.81 74.64 -37.15
C ASN L 137 -38.32 73.87 -38.37
N THR L 138 -38.82 72.64 -38.19
CA THR L 138 -39.34 71.84 -39.31
C THR L 138 -40.79 72.17 -39.68
N LEU L 139 -41.53 72.87 -38.81
CA LEU L 139 -42.94 73.18 -39.04
C LEU L 139 -43.18 74.11 -40.23
N ALA L 140 -42.26 75.02 -40.52
CA ALA L 140 -42.46 75.97 -41.63
C ALA L 140 -42.60 75.26 -42.98
N ALA L 141 -41.71 74.31 -43.27
CA ALA L 141 -41.82 73.56 -44.52
C ALA L 141 -43.08 72.70 -44.62
N ALA L 142 -43.56 72.15 -43.50
CA ALA L 142 -44.74 71.29 -43.43
C ALA L 142 -46.09 72.01 -43.54
N VAL L 143 -46.11 73.35 -43.58
CA VAL L 143 -47.35 74.13 -43.62
C VAL L 143 -48.35 73.66 -44.69
N GLY L 144 -47.89 73.34 -45.89
CA GLY L 144 -48.82 72.90 -46.93
C GLY L 144 -49.35 71.49 -46.80
N SER L 145 -48.62 70.62 -46.13
CA SER L 145 -49.00 69.22 -45.97
C SER L 145 -50.30 69.05 -45.19
N PRO L 146 -50.96 67.89 -45.37
CA PRO L 146 -52.20 67.58 -44.65
C PRO L 146 -52.03 67.40 -43.15
N ARG L 147 -50.79 67.40 -42.65
CA ARG L 147 -50.50 67.27 -41.23
C ARG L 147 -50.92 68.53 -40.46
N MET L 148 -51.04 69.66 -41.16
CA MET L 148 -51.48 70.91 -40.57
C MET L 148 -52.96 70.86 -40.20
N TRP L 149 -53.29 71.45 -39.05
CA TRP L 149 -54.66 71.54 -38.52
C TRP L 149 -55.36 70.18 -38.49
N GLU L 150 -54.57 69.13 -38.26
CA GLU L 150 -55.01 67.75 -38.21
C GLU L 150 -55.74 67.37 -36.91
N ARG L 151 -55.39 67.99 -35.78
CA ARG L 151 -55.94 67.62 -34.48
C ARG L 151 -57.44 67.86 -34.34
N LYS L 152 -58.11 66.92 -33.65
CA LYS L 152 -59.54 66.94 -33.39
C LYS L 152 -59.85 66.85 -31.90
N PRO L 153 -60.92 67.52 -31.43
CA PRO L 153 -61.32 67.48 -30.03
C PRO L 153 -62.26 66.34 -29.65
N ASP L 154 -62.76 65.58 -30.63
CA ASP L 154 -63.79 64.58 -30.41
C ASP L 154 -63.41 63.28 -29.70
N GLY L 155 -62.91 63.40 -28.48
CA GLY L 155 -62.63 62.28 -27.60
C GLY L 155 -61.58 61.23 -27.93
N LYS L 156 -61.58 60.70 -29.15
CA LYS L 156 -60.64 59.63 -29.46
C LYS L 156 -59.23 60.16 -29.68
N ASP L 157 -59.07 61.40 -30.12
CA ASP L 157 -57.75 62.00 -30.31
C ASP L 157 -57.17 62.41 -28.95
N LEU L 158 -56.21 61.63 -28.47
CA LEU L 158 -55.56 61.83 -27.18
C LEU L 158 -54.54 62.97 -27.16
N ASN L 159 -54.13 63.50 -28.30
CA ASN L 159 -53.13 64.56 -28.38
C ASN L 159 -53.70 65.98 -28.33
N PHE L 160 -55.01 66.14 -28.31
CA PHE L 160 -55.61 67.46 -28.22
C PHE L 160 -55.23 68.16 -26.92
N GLY L 161 -54.95 69.47 -27.03
CA GLY L 161 -54.54 70.27 -25.89
C GLY L 161 -53.16 69.99 -25.33
N VAL L 162 -52.35 69.18 -26.03
CA VAL L 162 -51.00 68.81 -25.61
C VAL L 162 -50.01 69.59 -26.48
N VAL L 163 -48.96 70.15 -25.85
CA VAL L 163 -47.95 70.92 -26.58
C VAL L 163 -46.53 70.52 -26.19
N ARG L 164 -45.68 70.37 -27.22
CA ARG L 164 -44.27 70.01 -27.07
C ARG L 164 -43.44 71.17 -26.51
N VAL L 165 -42.69 70.92 -25.44
CA VAL L 165 -41.88 71.96 -24.81
C VAL L 165 -40.38 71.72 -24.94
N GLY L 166 -39.93 70.53 -25.33
CA GLY L 166 -38.50 70.26 -25.43
C GLY L 166 -38.21 68.77 -25.46
N VAL L 167 -36.98 68.43 -25.08
CA VAL L 167 -36.53 67.04 -25.03
C VAL L 167 -35.98 66.66 -23.65
N GLY L 168 -36.13 65.39 -23.30
CA GLY L 168 -35.67 64.91 -22.01
C GLY L 168 -35.91 63.41 -21.86
N MET L 169 -35.96 62.96 -20.61
CA MET L 169 -36.18 61.55 -20.29
C MET L 169 -37.66 61.19 -20.19
N THR L 170 -37.98 59.95 -20.55
CA THR L 170 -39.34 59.44 -20.45
C THR L 170 -39.28 57.93 -20.21
N ARG L 171 -40.37 57.37 -19.66
CA ARG L 171 -40.41 55.93 -19.35
C ARG L 171 -40.85 55.11 -20.56
N PRO L 172 -40.10 54.07 -20.94
CA PRO L 172 -40.52 53.25 -22.08
C PRO L 172 -41.82 52.51 -21.80
N GLU L 173 -42.41 51.98 -22.87
CA GLU L 173 -43.67 51.25 -22.81
C GLU L 173 -43.51 49.83 -22.28
N VAL L 174 -42.29 49.39 -22.01
CA VAL L 174 -42.01 48.06 -21.46
C VAL L 174 -42.47 47.97 -20.01
N THR L 175 -42.87 46.76 -19.60
CA THR L 175 -43.30 46.48 -18.22
C THR L 175 -42.56 45.24 -17.73
N TRP L 176 -41.56 45.48 -16.88
CA TRP L 176 -40.68 44.46 -16.32
C TRP L 176 -41.26 43.63 -15.17
N GLY L 177 -41.16 42.31 -15.30
CA GLY L 177 -41.60 41.36 -14.26
C GLY L 177 -40.41 40.92 -13.41
N GLU L 178 -40.60 40.98 -12.10
CA GLU L 178 -39.51 40.62 -11.17
C GLU L 178 -39.06 39.16 -11.28
N PRO L 179 -37.75 38.91 -11.17
CA PRO L 179 -37.20 37.55 -11.22
C PRO L 179 -37.69 36.66 -10.07
N GLN L 180 -38.23 35.49 -10.41
CA GLN L 180 -38.67 34.57 -9.37
C GLN L 180 -37.50 33.93 -8.62
N ASN L 181 -37.75 33.58 -7.35
CA ASN L 181 -36.78 32.93 -6.44
C ASN L 181 -35.43 33.66 -6.29
N MET L 182 -35.46 34.98 -6.15
CA MET L 182 -34.24 35.78 -5.98
C MET L 182 -33.42 35.33 -4.77
N PRO L 183 -32.14 34.96 -4.93
CA PRO L 183 -31.31 34.59 -3.77
C PRO L 183 -31.12 35.76 -2.80
N THR L 184 -31.01 35.44 -1.50
CA THR L 184 -30.78 36.46 -0.49
C THR L 184 -29.42 37.15 -0.70
N ASP L 185 -29.31 38.35 -0.13
CA ASP L 185 -28.13 39.21 -0.27
C ASP L 185 -26.79 38.49 -0.05
N ILE L 186 -26.73 37.55 0.89
CA ILE L 186 -25.50 36.80 1.14
C ILE L 186 -25.26 35.67 0.15
N GLU L 187 -26.30 35.25 -0.57
CA GLU L 187 -26.26 34.16 -1.52
C GLU L 187 -26.02 34.62 -2.96
N LEU L 188 -26.09 35.93 -3.25
CA LEU L 188 -25.89 36.43 -4.60
C LEU L 188 -24.45 36.34 -5.09
N GLU L 189 -24.31 35.81 -6.30
CA GLU L 189 -23.03 35.73 -6.99
C GLU L 189 -22.66 37.13 -7.50
N PRO L 190 -21.42 37.58 -7.28
CA PRO L 190 -21.03 38.97 -7.60
C PRO L 190 -21.18 39.44 -9.05
N VAL L 191 -20.79 38.64 -10.04
CA VAL L 191 -20.87 39.06 -11.44
C VAL L 191 -22.30 39.24 -11.91
N THR L 192 -23.14 38.24 -11.70
CA THR L 192 -24.54 38.32 -12.12
C THR L 192 -25.35 39.32 -11.29
N GLY L 193 -24.94 39.60 -10.07
CA GLY L 193 -25.61 40.58 -9.23
C GLY L 193 -25.58 42.00 -9.79
N LYS L 194 -24.40 42.58 -10.01
CA LYS L 194 -24.32 43.93 -10.60
C LYS L 194 -24.87 43.97 -12.03
N ALA L 195 -24.71 42.91 -12.80
CA ALA L 195 -25.23 42.88 -14.16
C ALA L 195 -26.76 43.05 -14.16
N LEU L 196 -27.47 42.24 -13.39
CA LEU L 196 -28.93 42.35 -13.37
C LEU L 196 -29.39 43.64 -12.71
N GLN L 197 -28.56 44.22 -11.84
CA GLN L 197 -28.89 45.48 -11.18
C GLN L 197 -28.76 46.68 -12.13
N GLU L 198 -27.62 46.84 -12.78
CA GLU L 198 -27.42 47.94 -13.74
C GLU L 198 -28.33 47.82 -14.96
N PHE L 199 -28.56 46.61 -15.45
CA PHE L 199 -29.57 46.39 -16.49
C PHE L 199 -30.90 47.02 -16.10
N GLY L 200 -31.32 46.79 -14.86
CA GLY L 200 -32.57 47.36 -14.40
C GLY L 200 -32.53 48.88 -14.27
N ARG L 201 -31.41 49.45 -13.84
CA ARG L 201 -31.29 50.90 -13.71
C ARG L 201 -31.39 51.62 -15.06
N TYR L 202 -30.59 51.22 -16.06
CA TYR L 202 -30.54 51.98 -17.32
C TYR L 202 -31.68 51.67 -18.28
N GLN L 203 -32.03 50.41 -18.49
CA GLN L 203 -33.03 50.06 -19.49
C GLN L 203 -34.46 50.35 -19.04
N SER L 204 -34.64 51.10 -17.95
CA SER L 204 -35.96 51.50 -17.47
C SER L 204 -36.36 52.90 -17.93
N VAL L 205 -35.53 53.59 -18.74
CA VAL L 205 -35.82 54.93 -19.22
C VAL L 205 -35.19 55.07 -20.60
N VAL L 206 -35.78 55.91 -21.47
CA VAL L 206 -35.22 56.14 -22.79
C VAL L 206 -34.93 57.63 -22.97
N TYR L 207 -33.71 57.93 -23.39
CA TYR L 207 -33.19 59.28 -23.55
C TYR L 207 -33.48 60.00 -24.86
N ASN L 208 -33.55 61.32 -24.76
CA ASN L 208 -33.76 62.28 -25.86
C ASN L 208 -35.14 62.21 -26.53
N LEU L 209 -36.29 62.15 -25.73
CA LEU L 209 -37.65 62.12 -26.27
C LEU L 209 -38.34 63.48 -26.07
N PRO L 210 -39.31 63.81 -26.94
CA PRO L 210 -40.04 65.07 -26.83
C PRO L 210 -40.96 65.14 -25.62
N LYS L 211 -40.70 66.11 -24.75
CA LYS L 211 -41.45 66.40 -23.53
C LYS L 211 -42.62 67.32 -23.83
N MET L 212 -43.71 67.20 -23.05
CA MET L 212 -44.92 67.99 -23.31
C MET L 212 -45.61 68.51 -22.05
N VAL L 213 -46.42 69.56 -22.26
CA VAL L 213 -47.28 70.19 -21.25
C VAL L 213 -48.71 70.16 -21.78
N SER L 214 -49.68 69.94 -20.89
CA SER L 214 -51.10 69.90 -21.26
C SER L 214 -51.89 71.10 -20.73
N LEU L 215 -52.59 71.77 -21.64
CA LEU L 215 -53.43 72.93 -21.31
C LEU L 215 -54.64 72.56 -20.45
N LEU L 216 -55.15 71.34 -20.59
CA LEU L 216 -56.30 70.82 -19.89
C LEU L 216 -56.02 70.43 -18.44
N VAL L 217 -54.79 70.57 -17.96
CA VAL L 217 -54.41 70.12 -16.63
C VAL L 217 -54.24 71.22 -15.57
N GLU L 218 -53.96 72.48 -15.93
CA GLU L 218 -53.80 73.49 -14.89
C GLU L 218 -54.35 74.86 -15.27
N PRO L 219 -54.84 75.61 -14.27
CA PRO L 219 -55.33 76.97 -14.55
C PRO L 219 -54.27 77.89 -15.12
N TRP L 220 -53.01 77.74 -14.73
CA TRP L 220 -51.96 78.60 -15.24
C TRP L 220 -50.62 77.87 -15.09
N TYR L 221 -49.60 78.42 -15.78
CA TYR L 221 -48.23 77.88 -15.72
C TYR L 221 -47.25 79.04 -15.61
N ALA L 222 -46.79 79.29 -14.41
CA ALA L 222 -45.83 80.36 -14.17
C ALA L 222 -44.46 79.99 -14.73
N LEU L 223 -43.97 80.82 -15.64
CA LEU L 223 -42.67 80.64 -16.29
C LEU L 223 -41.71 81.58 -15.57
N VAL L 224 -40.71 81.01 -14.91
CA VAL L 224 -39.79 81.77 -14.08
C VAL L 224 -38.36 81.66 -14.55
N GLY L 225 -37.80 82.77 -15.01
CA GLY L 225 -36.44 82.82 -15.50
C GLY L 225 -36.21 84.13 -16.22
N GLU L 226 -35.08 84.22 -16.92
CA GLU L 226 -34.82 85.44 -17.68
C GLU L 226 -35.83 85.58 -18.84
N ARG L 227 -36.03 86.83 -19.24
CA ARG L 227 -37.02 87.17 -20.25
C ARG L 227 -36.85 86.39 -21.56
N GLU L 228 -35.60 86.32 -22.06
CA GLU L 228 -35.33 85.62 -23.31
C GLU L 228 -35.73 84.14 -23.26
N GLN L 229 -35.50 83.48 -22.13
CA GLN L 229 -35.86 82.07 -21.98
C GLN L 229 -37.37 81.88 -21.95
N VAL L 230 -38.04 82.69 -21.14
CA VAL L 230 -39.50 82.65 -20.98
C VAL L 230 -40.22 82.97 -22.30
N LEU L 231 -39.79 84.01 -23.00
CA LEU L 231 -40.41 84.37 -24.28
C LEU L 231 -40.03 83.39 -25.40
N GLY L 232 -38.81 82.87 -25.37
CA GLY L 232 -38.38 81.89 -26.37
C GLY L 232 -39.30 80.68 -26.39
N LEU L 233 -39.52 80.07 -25.22
CA LEU L 233 -40.42 78.94 -25.07
C LEU L 233 -41.87 79.30 -25.45
N MET L 234 -42.35 80.46 -25.00
CA MET L 234 -43.72 80.88 -25.30
C MET L 234 -43.99 81.01 -26.80
N ARG L 235 -43.06 81.59 -27.56
CA ARG L 235 -43.28 81.70 -29.01
C ARG L 235 -43.34 80.32 -29.65
N ALA L 236 -42.52 79.38 -29.15
CA ALA L 236 -42.53 78.01 -29.63
C ALA L 236 -43.89 77.35 -29.35
N ILE L 237 -44.41 77.57 -28.15
CA ILE L 237 -45.71 77.05 -27.74
C ILE L 237 -46.83 77.58 -28.66
N ILE L 238 -46.80 78.89 -28.94
CA ILE L 238 -47.80 79.52 -29.80
C ILE L 238 -47.78 78.95 -31.22
N CYS L 239 -46.60 78.85 -31.85
CA CYS L 239 -46.55 78.33 -33.22
C CYS L 239 -46.87 76.83 -33.29
N GLN L 240 -46.53 76.06 -32.26
CA GLN L 240 -46.90 74.65 -32.22
C GLN L 240 -48.42 74.49 -32.14
N LEU L 241 -49.06 75.23 -31.25
CA LEU L 241 -50.52 75.23 -31.13
C LEU L 241 -51.15 75.63 -32.46
N ALA L 242 -50.64 76.71 -33.06
CA ALA L 242 -51.14 77.26 -34.31
C ALA L 242 -50.98 76.30 -35.48
N PHE L 243 -49.87 75.56 -35.55
CA PHE L 243 -49.69 74.62 -36.64
C PHE L 243 -50.59 73.41 -36.50
N SER L 244 -50.72 72.86 -35.30
CA SER L 244 -51.47 71.62 -35.12
C SER L 244 -52.96 71.83 -34.89
N HIS L 245 -53.40 72.99 -34.39
CA HIS L 245 -54.80 73.23 -34.11
C HIS L 245 -55.32 74.42 -34.90
N GLY L 246 -56.53 74.28 -35.43
CA GLY L 246 -57.20 75.30 -36.19
C GLY L 246 -57.82 76.42 -35.38
N PRO L 247 -58.13 77.54 -36.03
CA PRO L 247 -58.72 78.69 -35.35
C PRO L 247 -60.09 78.44 -34.76
N ASP L 248 -60.84 77.46 -35.28
CA ASP L 248 -62.14 77.12 -34.71
C ASP L 248 -62.04 76.38 -33.39
N HIS L 249 -60.85 75.95 -33.00
CA HIS L 249 -60.62 75.23 -31.75
C HIS L 249 -59.74 75.97 -30.75
N VAL L 250 -58.88 76.91 -31.18
CA VAL L 250 -58.01 77.63 -30.26
C VAL L 250 -57.99 79.13 -30.57
N GLN L 251 -58.12 79.94 -29.52
CA GLN L 251 -58.05 81.39 -29.56
C GLN L 251 -57.03 81.87 -28.52
N MET L 252 -56.28 82.93 -28.86
CA MET L 252 -55.19 83.45 -28.04
C MET L 252 -55.27 84.97 -27.83
N ILE L 253 -54.95 85.40 -26.60
CA ILE L 253 -55.00 86.80 -26.19
C ILE L 253 -53.70 87.16 -25.47
N VAL L 254 -53.16 88.34 -25.77
CA VAL L 254 -51.95 88.87 -25.13
C VAL L 254 -52.23 90.19 -24.43
N VAL L 255 -51.82 90.28 -23.16
CA VAL L 255 -51.88 91.51 -22.37
C VAL L 255 -50.43 91.84 -22.05
N SER L 256 -49.87 92.87 -22.68
CA SER L 256 -48.46 93.19 -22.50
C SER L 256 -48.17 94.66 -22.67
N SER L 257 -47.13 95.12 -21.97
CA SER L 257 -46.64 96.48 -22.08
C SER L 257 -45.60 96.62 -23.18
N ASP L 258 -44.81 95.57 -23.39
CA ASP L 258 -43.75 95.52 -24.40
C ASP L 258 -44.30 95.05 -25.76
N LEU L 259 -45.13 95.91 -26.35
CA LEU L 259 -45.76 95.64 -27.64
C LEU L 259 -44.73 95.39 -28.75
N ASP L 260 -43.49 95.85 -28.58
CA ASP L 260 -42.43 95.62 -29.55
C ASP L 260 -42.04 94.15 -29.68
N GLN L 261 -42.41 93.33 -28.70
CA GLN L 261 -42.16 91.89 -28.69
C GLN L 261 -43.29 91.09 -29.33
N TRP L 262 -44.52 91.60 -29.25
CA TRP L 262 -45.74 91.00 -29.74
C TRP L 262 -46.20 91.53 -31.11
N ASP L 263 -45.28 92.14 -31.87
CA ASP L 263 -45.60 92.71 -33.18
C ASP L 263 -45.89 91.62 -34.21
N TRP L 264 -45.12 90.54 -34.19
CA TRP L 264 -45.27 89.43 -35.12
C TRP L 264 -46.64 88.75 -35.04
N VAL L 265 -47.35 88.88 -33.92
CA VAL L 265 -48.64 88.24 -33.69
C VAL L 265 -49.70 88.62 -34.72
N LYS L 266 -49.52 89.77 -35.39
CA LYS L 266 -50.45 90.28 -36.40
C LYS L 266 -50.89 89.26 -37.46
N TRP L 267 -49.95 88.47 -37.98
CA TRP L 267 -50.25 87.52 -39.06
C TRP L 267 -51.06 86.28 -38.64
N LEU L 268 -50.85 85.72 -37.45
CA LEU L 268 -51.58 84.49 -37.11
C LEU L 268 -53.10 84.65 -36.99
N PRO L 269 -53.88 83.71 -37.57
CA PRO L 269 -55.34 83.76 -37.51
C PRO L 269 -55.94 83.45 -36.15
N HIS L 270 -55.23 82.69 -35.32
CA HIS L 270 -55.70 82.30 -33.99
C HIS L 270 -55.84 83.49 -33.05
N PHE L 271 -55.18 84.60 -33.35
CA PHE L 271 -55.31 85.82 -32.58
C PHE L 271 -56.46 86.70 -33.06
N GLY L 272 -57.27 86.21 -34.01
CA GLY L 272 -58.42 86.92 -34.51
C GLY L 272 -59.66 86.64 -33.68
N ASP L 273 -60.81 87.11 -34.18
CA ASP L 273 -62.07 86.91 -33.49
C ASP L 273 -63.23 86.89 -34.48
N SER L 274 -64.38 86.42 -34.00
CA SER L 274 -65.60 86.33 -34.80
C SER L 274 -66.08 87.72 -35.21
N MET L 285 -55.62 92.13 -31.28
CA MET L 285 -56.26 91.68 -30.05
C MET L 285 -55.24 91.63 -28.91
N VAL L 286 -54.31 92.59 -28.93
CA VAL L 286 -53.28 92.73 -27.91
C VAL L 286 -53.64 93.95 -27.06
N TYR L 287 -53.59 93.79 -25.74
CA TYR L 287 -53.97 94.81 -24.79
C TYR L 287 -52.79 95.28 -23.94
N THR L 288 -52.87 96.55 -23.53
CA THR L 288 -51.83 97.23 -22.78
C THR L 288 -51.92 97.03 -21.27
N SER L 289 -53.12 96.82 -20.71
CA SER L 289 -53.23 96.65 -19.27
C SER L 289 -54.50 95.88 -18.94
N VAL L 290 -54.55 95.39 -17.70
CA VAL L 290 -55.72 94.64 -17.22
C VAL L 290 -56.98 95.49 -17.26
N ARG L 291 -56.85 96.78 -16.96
CA ARG L 291 -58.02 97.66 -17.00
C ARG L 291 -58.60 97.71 -18.41
N GLU L 292 -57.74 97.66 -19.42
CA GLU L 292 -58.19 97.63 -20.81
C GLU L 292 -58.80 96.27 -21.16
N PHE L 293 -58.09 95.20 -20.79
CA PHE L 293 -58.56 93.83 -20.99
C PHE L 293 -59.90 93.57 -20.27
N ALA L 294 -60.04 94.11 -19.06
CA ALA L 294 -61.26 93.94 -18.27
C ALA L 294 -62.50 94.51 -18.96
N ALA L 295 -62.37 95.63 -19.66
CA ALA L 295 -63.49 96.26 -20.36
C ALA L 295 -63.93 95.46 -21.59
N GLU L 296 -62.99 95.08 -22.44
CA GLU L 296 -63.30 94.35 -23.68
C GLU L 296 -63.46 92.83 -23.49
N GLN L 297 -62.42 92.15 -23.06
CA GLN L 297 -62.40 90.68 -22.95
C GLN L 297 -63.04 90.11 -21.68
N ALA L 298 -62.70 90.61 -20.50
CA ALA L 298 -63.25 90.02 -19.27
C ALA L 298 -64.78 90.08 -19.19
N GLU L 299 -65.42 91.04 -19.85
CA GLU L 299 -66.88 91.08 -19.86
C GLU L 299 -67.49 89.78 -20.39
N LEU L 300 -66.83 89.15 -21.35
CA LEU L 300 -67.24 87.87 -21.94
C LEU L 300 -66.88 86.65 -21.09
N PHE L 301 -65.61 86.54 -20.69
CA PHE L 301 -65.08 85.39 -19.94
C PHE L 301 -65.50 85.32 -18.48
N ALA L 302 -65.69 86.44 -17.79
CA ALA L 302 -66.05 86.41 -16.36
C ALA L 302 -67.48 85.89 -16.11
N GLY L 303 -68.31 85.81 -17.13
CA GLY L 303 -69.70 85.39 -16.99
C GLY L 303 -69.93 84.05 -16.28
N ARG L 304 -69.08 83.04 -16.51
CA ARG L 304 -69.37 81.74 -15.87
C ARG L 304 -68.14 80.86 -15.65
N GLY L 305 -68.31 79.93 -14.68
CA GLY L 305 -67.37 78.86 -14.41
C GLY L 305 -66.16 79.10 -13.53
N SER L 306 -65.43 77.98 -13.35
CA SER L 306 -64.17 77.85 -12.63
C SER L 306 -63.43 76.68 -13.26
N PHE L 307 -62.11 76.65 -13.10
CA PHE L 307 -61.31 75.57 -13.69
C PHE L 307 -61.67 74.19 -13.18
N THR L 308 -61.55 73.20 -14.09
CA THR L 308 -61.82 71.79 -13.88
C THR L 308 -60.90 70.95 -14.76
N PRO L 309 -59.87 70.30 -14.21
CA PRO L 309 -58.96 69.49 -15.03
C PRO L 309 -59.68 68.43 -15.84
N ARG L 310 -59.44 68.44 -17.16
CA ARG L 310 -60.06 67.52 -18.11
C ARG L 310 -59.11 66.41 -18.57
N HIS L 311 -59.64 65.56 -19.45
CA HIS L 311 -58.93 64.41 -20.02
C HIS L 311 -59.53 64.13 -21.39
N ALA L 312 -58.82 63.30 -22.16
CA ALA L 312 -59.22 62.97 -23.54
C ALA L 312 -60.70 62.66 -23.75
N SER L 313 -61.27 61.74 -22.96
CA SER L 313 -62.67 61.39 -23.12
C SER L 313 -63.58 62.59 -22.84
N SER L 314 -63.23 63.40 -21.85
CA SER L 314 -63.98 64.60 -21.48
C SER L 314 -63.90 65.71 -22.55
N SER L 315 -62.84 65.71 -23.36
CA SER L 315 -62.65 66.71 -24.42
C SER L 315 -63.85 66.84 -25.37
N ALA L 316 -64.58 65.76 -25.59
CA ALA L 316 -65.79 65.82 -26.43
C ALA L 316 -66.88 66.74 -25.89
N GLN L 317 -66.93 66.96 -24.57
CA GLN L 317 -67.99 67.78 -24.00
C GLN L 317 -67.67 69.27 -23.85
N THR L 318 -66.42 69.66 -23.63
CA THR L 318 -66.08 71.08 -23.49
C THR L 318 -66.30 71.84 -24.81
N PRO L 319 -66.74 73.10 -24.74
CA PRO L 319 -66.96 73.89 -25.96
C PRO L 319 -65.71 74.01 -26.82
N THR L 320 -65.95 74.14 -28.13
CA THR L 320 -64.86 74.13 -29.11
C THR L 320 -63.75 75.17 -28.94
N PRO L 321 -64.01 76.49 -28.67
CA PRO L 321 -62.83 77.38 -28.62
C PRO L 321 -62.11 77.47 -27.28
N HIS L 322 -60.94 76.84 -27.17
CA HIS L 322 -60.13 76.95 -25.96
C HIS L 322 -59.35 78.26 -25.97
N THR L 323 -59.32 78.96 -24.83
CA THR L 323 -58.67 80.26 -24.73
C THR L 323 -57.34 80.20 -23.98
N VAL L 324 -56.30 80.77 -24.59
CA VAL L 324 -54.97 80.91 -23.98
C VAL L 324 -54.71 82.39 -23.78
N ILE L 325 -54.43 82.78 -22.54
CA ILE L 325 -54.17 84.16 -22.15
C ILE L 325 -52.73 84.30 -21.69
N ILE L 326 -52.04 85.30 -22.20
CA ILE L 326 -50.64 85.57 -21.91
C ILE L 326 -50.58 86.84 -21.07
N ALA L 327 -50.05 86.73 -19.85
CA ALA L 327 -49.94 87.87 -18.95
C ALA L 327 -48.51 88.40 -18.90
N ASP L 328 -48.35 89.66 -19.32
CA ASP L 328 -47.03 90.28 -19.40
C ASP L 328 -47.07 91.72 -18.88
N VAL L 329 -47.84 91.99 -17.83
CA VAL L 329 -48.01 93.34 -17.30
C VAL L 329 -47.75 93.47 -15.81
N ASP L 330 -47.81 92.39 -15.01
CA ASP L 330 -47.61 92.49 -13.57
C ASP L 330 -48.62 93.38 -12.86
N ASP L 331 -49.82 93.52 -13.43
CA ASP L 331 -50.88 94.31 -12.80
C ASP L 331 -51.48 93.56 -11.61
N PRO L 332 -51.67 94.22 -10.46
CA PRO L 332 -52.28 93.55 -9.29
C PRO L 332 -53.78 93.24 -9.46
N GLN L 333 -54.43 93.87 -10.44
CA GLN L 333 -55.85 93.68 -10.72
C GLN L 333 -56.22 92.26 -11.15
N TRP L 334 -55.24 91.43 -11.52
CA TRP L 334 -55.50 90.05 -11.94
C TRP L 334 -56.04 89.16 -10.82
N GLU L 335 -55.90 89.57 -9.55
CA GLU L 335 -56.31 88.77 -8.39
C GLU L 335 -57.74 88.22 -8.44
N TYR L 336 -58.69 88.95 -9.01
CA TYR L 336 -60.09 88.51 -9.06
C TYR L 336 -60.30 87.13 -9.71
N VAL L 337 -59.79 86.92 -10.93
CA VAL L 337 -59.94 85.61 -11.58
C VAL L 337 -58.99 84.55 -11.03
N ILE L 338 -57.80 84.94 -10.60
CA ILE L 338 -56.80 83.98 -10.10
C ILE L 338 -57.19 83.44 -8.74
N SER L 339 -57.59 84.29 -7.80
CA SER L 339 -58.02 83.79 -6.50
C SER L 339 -59.32 82.99 -6.60
N ALA L 340 -60.13 83.19 -7.64
CA ALA L 340 -61.35 82.43 -7.85
C ALA L 340 -61.09 81.08 -8.51
N GLU L 341 -59.82 80.72 -8.71
CA GLU L 341 -59.41 79.48 -9.36
C GLU L 341 -59.82 79.41 -10.83
N GLY L 342 -59.61 80.51 -11.53
CA GLY L 342 -59.90 80.63 -12.95
C GLY L 342 -61.34 80.43 -13.38
N VAL L 343 -61.45 80.03 -14.65
CA VAL L 343 -62.71 79.73 -15.33
C VAL L 343 -62.40 78.60 -16.30
N ASP L 344 -63.43 77.81 -16.62
CA ASP L 344 -63.22 76.72 -17.56
C ASP L 344 -63.09 77.26 -18.98
N GLY L 345 -62.24 76.62 -19.77
CA GLY L 345 -61.98 77.05 -21.12
C GLY L 345 -60.90 78.11 -21.25
N VAL L 346 -60.11 78.32 -20.20
CA VAL L 346 -59.06 79.35 -20.17
C VAL L 346 -57.79 78.75 -19.56
N THR L 347 -56.65 79.34 -19.92
CA THR L 347 -55.34 78.92 -19.39
C THR L 347 -54.39 80.11 -19.49
N PHE L 348 -53.76 80.47 -18.37
CA PHE L 348 -52.86 81.62 -18.31
C PHE L 348 -51.39 81.24 -18.20
N PHE L 349 -50.53 81.99 -18.89
CA PHE L 349 -49.07 81.86 -18.81
C PHE L 349 -48.52 83.17 -18.28
N ASP L 350 -47.98 83.17 -17.07
CA ASP L 350 -47.38 84.38 -16.50
C ASP L 350 -45.93 84.52 -16.94
N LEU L 351 -45.65 85.53 -17.76
CA LEU L 351 -44.30 85.77 -18.26
C LEU L 351 -43.47 86.65 -17.33
N THR L 352 -44.10 87.26 -16.31
CA THR L 352 -43.43 88.16 -15.38
C THR L 352 -42.87 87.47 -14.14
N GLY L 353 -43.56 86.47 -13.62
CA GLY L 353 -43.14 85.80 -12.41
C GLY L 353 -43.65 86.48 -11.17
N SER L 354 -44.87 87.00 -11.23
CA SER L 354 -45.48 87.72 -10.12
C SER L 354 -45.90 86.77 -8.99
N SER L 355 -45.90 87.31 -7.77
CA SER L 355 -46.16 86.53 -6.56
C SER L 355 -47.52 85.85 -6.55
N MET L 356 -48.54 86.42 -7.20
CA MET L 356 -49.86 85.78 -7.19
C MET L 356 -49.88 84.47 -7.97
N TRP L 357 -49.08 84.37 -9.03
CA TRP L 357 -49.00 83.17 -9.86
C TRP L 357 -47.96 82.16 -9.36
N THR L 358 -46.88 82.64 -8.77
CA THR L 358 -45.69 81.91 -8.33
C THR L 358 -45.82 81.25 -6.95
N ASP L 359 -47.00 81.23 -6.33
CA ASP L 359 -47.17 80.64 -5.00
C ASP L 359 -47.65 79.19 -5.03
N ILE L 360 -47.55 78.49 -6.17
CA ILE L 360 -48.00 77.10 -6.29
C ILE L 360 -46.97 76.27 -7.06
N PRO L 361 -46.26 75.35 -6.40
CA PRO L 361 -45.26 74.53 -7.09
C PRO L 361 -45.82 73.66 -8.21
N GLU L 362 -47.05 73.18 -8.09
CA GLU L 362 -47.70 72.37 -9.11
C GLU L 362 -47.96 73.16 -10.39
N ARG L 363 -47.74 74.47 -10.37
CA ARG L 363 -47.95 75.36 -11.51
C ARG L 363 -46.72 76.21 -11.82
N LYS L 364 -45.53 75.82 -11.33
CA LYS L 364 -44.31 76.60 -11.52
C LYS L 364 -43.24 75.82 -12.30
N LEU L 365 -42.74 76.46 -13.37
CA LEU L 365 -41.67 75.97 -14.24
C LEU L 365 -40.43 76.84 -14.05
N GLN L 366 -39.35 76.25 -13.56
CA GLN L 366 -38.10 76.97 -13.23
C GLN L 366 -37.00 76.73 -14.27
N PHE L 367 -36.39 77.81 -14.77
CA PHE L 367 -35.34 77.73 -15.79
C PHE L 367 -33.95 78.02 -15.22
N ASP L 368 -33.02 77.09 -15.44
CA ASP L 368 -31.61 77.27 -15.07
C ASP L 368 -30.90 78.14 -16.11
N LYS L 369 -29.72 78.65 -15.75
CA LYS L 369 -28.97 79.48 -16.68
C LYS L 369 -28.68 78.75 -17.99
N THR L 370 -28.54 77.42 -17.95
CA THR L 370 -28.28 76.60 -19.12
C THR L 370 -29.54 76.29 -19.94
N GLY L 371 -30.69 76.83 -19.58
CA GLY L 371 -31.91 76.57 -20.32
C GLY L 371 -32.64 75.31 -19.94
N VAL L 372 -32.18 74.62 -18.91
CA VAL L 372 -32.83 73.42 -18.40
C VAL L 372 -34.05 73.82 -17.58
N ILE L 373 -35.19 73.20 -17.86
CA ILE L 373 -36.42 73.46 -17.12
C ILE L 373 -36.61 72.37 -16.09
N GLU L 374 -37.04 72.78 -14.89
CA GLU L 374 -37.38 71.89 -13.78
C GLU L 374 -38.84 72.09 -13.37
N ALA L 375 -39.49 70.99 -12.99
CA ALA L 375 -40.89 71.04 -12.57
C ALA L 375 -41.18 69.76 -11.79
N LEU L 376 -42.38 69.69 -11.22
CA LEU L 376 -42.77 68.47 -10.53
C LEU L 376 -43.05 67.37 -11.55
N PRO L 377 -42.66 66.13 -11.26
CA PRO L 377 -42.91 65.05 -12.20
C PRO L 377 -44.38 64.69 -12.30
N ARG L 378 -44.83 64.45 -13.52
CA ARG L 378 -46.22 64.10 -13.79
C ARG L 378 -46.27 62.80 -14.59
N ASP L 379 -47.32 62.03 -14.36
CA ASP L 379 -47.49 60.75 -15.05
C ASP L 379 -47.71 60.94 -16.55
N ARG L 380 -47.04 60.09 -17.33
CA ARG L 380 -47.15 60.14 -18.79
C ARG L 380 -48.57 59.87 -19.30
N ASP L 381 -49.31 58.96 -18.66
CA ASP L 381 -50.65 58.63 -19.14
C ASP L 381 -51.78 59.41 -18.48
N THR L 382 -51.64 59.86 -17.24
CA THR L 382 -52.72 60.58 -16.58
C THR L 382 -52.38 62.01 -16.19
N TRP L 383 -51.14 62.46 -16.39
CA TRP L 383 -50.72 63.82 -16.09
C TRP L 383 -50.83 64.19 -14.62
N MET L 384 -51.16 63.24 -13.75
CA MET L 384 -51.26 63.52 -12.31
C MET L 384 -49.87 63.72 -11.72
N VAL L 385 -49.76 64.63 -10.74
CA VAL L 385 -48.48 64.86 -10.09
C VAL L 385 -48.13 63.65 -9.23
N ILE L 386 -46.90 63.16 -9.40
CA ILE L 386 -46.42 61.98 -8.67
C ILE L 386 -45.41 62.30 -7.57
N ASP L 387 -44.85 63.51 -7.52
CA ASP L 387 -43.92 63.84 -6.44
C ASP L 387 -43.97 65.33 -6.16
N ASP L 388 -43.61 65.69 -4.93
CA ASP L 388 -43.66 67.07 -4.44
C ASP L 388 -42.32 67.82 -4.56
N LYS L 389 -41.26 67.17 -5.02
CA LYS L 389 -39.95 67.81 -5.18
C LYS L 389 -39.67 68.06 -6.65
N ALA L 390 -39.25 69.29 -6.97
CA ALA L 390 -38.95 69.67 -8.35
C ALA L 390 -37.67 68.99 -8.84
N TRP L 391 -37.67 68.66 -10.14
CA TRP L 391 -36.59 67.95 -10.77
C TRP L 391 -36.55 68.30 -12.26
N PHE L 392 -35.47 67.86 -12.92
CA PHE L 392 -35.28 68.05 -14.36
C PHE L 392 -36.52 67.65 -15.17
N PHE L 393 -36.88 68.51 -16.12
CA PHE L 393 -38.08 68.31 -16.95
C PHE L 393 -37.81 68.27 -18.45
N ALA L 394 -37.12 69.25 -19.02
CA ALA L 394 -36.83 69.23 -20.46
C ALA L 394 -35.76 70.27 -20.79
N LEU L 395 -35.04 70.01 -21.88
CA LEU L 395 -34.12 70.99 -22.44
C LEU L 395 -34.91 71.87 -23.41
N THR L 396 -34.94 73.17 -23.14
CA THR L 396 -35.74 74.14 -23.90
C THR L 396 -35.36 74.32 -25.36
N ASP L 397 -36.40 74.41 -26.20
CA ASP L 397 -36.32 74.75 -27.61
C ASP L 397 -36.98 76.10 -27.82
N GLN L 398 -36.39 76.96 -28.66
CA GLN L 398 -36.93 78.32 -28.80
C GLN L 398 -36.72 78.87 -30.21
N VAL L 399 -37.60 79.82 -30.59
CA VAL L 399 -37.57 80.49 -31.88
C VAL L 399 -37.51 82.01 -31.72
N SER L 400 -36.84 82.67 -32.66
CA SER L 400 -36.72 84.12 -32.67
C SER L 400 -38.01 84.77 -33.20
N ILE L 401 -38.09 86.09 -33.05
CA ILE L 401 -39.24 86.85 -33.56
C ILE L 401 -39.33 86.73 -35.08
N ALA L 402 -38.18 86.77 -35.74
CA ALA L 402 -38.10 86.62 -37.20
C ALA L 402 -38.63 85.25 -37.63
N GLU L 403 -38.16 84.20 -36.98
CA GLU L 403 -38.61 82.84 -37.27
C GLU L 403 -40.11 82.68 -37.00
N ALA L 404 -40.60 83.27 -35.91
CA ALA L 404 -42.03 83.22 -35.60
C ALA L 404 -42.85 83.93 -36.68
N GLU L 405 -42.42 85.13 -37.08
CA GLU L 405 -43.13 85.87 -38.13
C GLU L 405 -43.05 85.12 -39.45
N GLU L 406 -41.91 84.49 -39.74
CA GLU L 406 -41.75 83.72 -40.97
C GLU L 406 -42.78 82.59 -41.00
N PHE L 407 -42.88 81.84 -39.92
CA PHE L 407 -43.89 80.79 -39.81
C PHE L 407 -45.31 81.38 -39.84
N ALA L 408 -45.52 82.48 -39.14
CA ALA L 408 -46.84 83.12 -39.10
C ALA L 408 -47.29 83.60 -40.49
N GLN L 409 -46.38 84.18 -41.27
CA GLN L 409 -46.72 84.60 -42.64
C GLN L 409 -47.10 83.40 -43.50
N LYS L 410 -46.34 82.32 -43.42
CA LYS L 410 -46.66 81.09 -44.14
C LYS L 410 -48.05 80.56 -43.77
N LEU L 411 -48.40 80.60 -42.48
CA LEU L 411 -49.72 80.14 -42.04
C LEU L 411 -50.84 81.11 -42.41
N ALA L 412 -50.55 82.40 -42.49
CA ALA L 412 -51.55 83.42 -42.82
C ALA L 412 -52.14 83.23 -44.23
N GLN L 413 -51.45 82.51 -45.10
CA GLN L 413 -51.88 82.21 -46.46
C GLN L 413 -53.10 81.30 -46.58
N TRP L 414 -53.48 80.56 -45.55
CA TRP L 414 -54.53 79.56 -45.63
C TRP L 414 -55.79 79.90 -44.84
N ARG L 415 -56.92 79.37 -45.32
CA ARG L 415 -58.23 79.53 -44.70
C ARG L 415 -59.01 78.22 -44.83
N LEU L 416 -60.05 78.10 -44.01
CA LEU L 416 -60.89 76.90 -44.00
C LEU L 416 -61.26 76.46 -45.41
N GLN M 19 -62.82 93.37 -50.82
CA GLN M 19 -61.69 92.50 -51.08
C GLN M 19 -60.38 93.24 -50.84
N ALA M 20 -59.41 92.57 -50.23
CA ALA M 20 -58.12 93.20 -49.94
C ALA M 20 -57.08 92.11 -49.70
N VAL M 21 -55.82 92.53 -49.68
CA VAL M 21 -54.69 91.63 -49.43
C VAL M 21 -53.63 92.37 -48.62
N VAL M 22 -52.83 91.60 -47.87
CA VAL M 22 -51.77 92.13 -47.03
C VAL M 22 -50.46 91.44 -47.38
N VAL M 23 -49.41 92.24 -47.60
CA VAL M 23 -48.11 91.72 -48.02
C VAL M 23 -46.98 92.49 -47.33
N GLY M 24 -45.84 91.81 -47.21
CA GLY M 24 -44.63 92.39 -46.66
C GLY M 24 -43.85 93.09 -47.75
N VAL M 25 -43.85 94.42 -47.73
CA VAL M 25 -43.12 95.23 -48.70
C VAL M 25 -41.74 95.59 -48.17
N MET M 26 -40.72 95.08 -48.85
CA MET M 26 -39.33 95.33 -48.51
C MET M 26 -38.94 96.71 -49.03
N ALA M 27 -38.11 97.42 -48.26
CA ALA M 27 -37.68 98.77 -48.65
C ALA M 27 -36.17 98.90 -48.44
N GLY M 28 -35.71 100.15 -48.32
CA GLY M 28 -34.31 100.47 -48.17
C GLY M 28 -33.47 99.61 -47.25
N GLU M 29 -32.32 99.20 -47.79
CA GLU M 29 -31.34 98.34 -47.15
C GLU M 29 -31.95 97.02 -46.68
N GLY M 30 -33.15 96.70 -47.17
CA GLY M 30 -33.85 95.48 -46.83
C GLY M 30 -34.81 95.53 -45.65
N VAL M 31 -35.23 96.72 -45.21
CA VAL M 31 -36.14 96.82 -44.08
C VAL M 31 -37.50 96.25 -44.44
N GLN M 32 -37.99 95.33 -43.62
CA GLN M 32 -39.31 94.71 -43.83
C GLN M 32 -40.45 95.61 -43.37
N ILE M 33 -41.41 95.88 -44.26
CA ILE M 33 -42.58 96.70 -43.95
C ILE M 33 -43.84 95.95 -44.39
N GLY M 34 -44.93 96.12 -43.64
CA GLY M 34 -46.21 95.50 -43.95
C GLY M 34 -47.22 96.51 -44.49
N VAL M 35 -47.95 96.13 -45.55
CA VAL M 35 -48.92 97.00 -46.18
C VAL M 35 -50.17 96.26 -46.65
N LEU M 36 -51.29 96.99 -46.71
CA LEU M 36 -52.60 96.50 -47.14
C LEU M 36 -52.91 97.08 -48.52
N LEU M 37 -53.22 96.22 -49.48
CA LEU M 37 -53.50 96.61 -50.87
C LEU M 37 -54.82 96.03 -51.36
N ASP M 38 -55.41 96.70 -52.36
CA ASP M 38 -56.66 96.23 -52.95
C ASP M 38 -56.44 94.95 -53.78
N ALA M 39 -57.52 94.16 -53.90
CA ALA M 39 -57.45 92.92 -54.66
C ALA M 39 -57.61 93.07 -56.17
N ASN M 40 -58.53 93.92 -56.64
CA ASN M 40 -58.80 94.04 -58.07
C ASN M 40 -58.23 95.27 -58.79
N ALA M 41 -57.95 96.37 -58.11
CA ALA M 41 -57.32 97.50 -58.79
C ALA M 41 -55.92 97.14 -59.29
N PRO M 42 -55.52 97.62 -60.47
CA PRO M 42 -54.19 97.29 -60.99
C PRO M 42 -53.07 98.01 -60.25
N VAL M 43 -51.88 97.41 -60.37
CA VAL M 43 -50.66 97.90 -59.72
C VAL M 43 -50.33 99.34 -60.07
N SER M 44 -50.52 99.75 -61.33
CA SER M 44 -50.19 101.12 -61.73
C SER M 44 -50.97 102.20 -60.97
N VAL M 45 -52.23 101.94 -60.62
CA VAL M 45 -53.01 102.93 -59.88
C VAL M 45 -52.71 102.97 -58.39
N MET M 46 -51.95 102.01 -57.87
CA MET M 46 -51.60 101.94 -56.45
C MET M 46 -50.11 102.08 -56.13
N THR M 47 -49.23 101.90 -57.12
CA THR M 47 -47.78 102.02 -56.91
C THR M 47 -47.35 103.44 -56.54
N ASP M 48 -48.13 104.45 -56.89
CA ASP M 48 -47.86 105.85 -56.57
C ASP M 48 -48.15 106.14 -55.09
N PRO M 49 -49.38 105.93 -54.61
CA PRO M 49 -49.66 106.17 -53.18
C PRO M 49 -48.84 105.28 -52.25
N LEU M 50 -48.54 104.05 -52.64
CA LEU M 50 -47.73 103.14 -51.83
C LEU M 50 -46.34 103.70 -51.56
N LEU M 51 -45.74 104.36 -52.55
CA LEU M 51 -44.41 104.96 -52.38
C LEU M 51 -44.42 106.07 -51.34
N LYS M 52 -45.51 106.82 -51.25
CA LYS M 52 -45.65 107.89 -50.26
C LYS M 52 -45.71 107.35 -48.83
N VAL M 53 -46.57 106.37 -48.56
CA VAL M 53 -46.68 105.78 -47.22
C VAL M 53 -45.39 105.06 -46.83
N VAL M 54 -44.72 104.40 -47.77
CA VAL M 54 -43.46 103.73 -47.46
C VAL M 54 -42.40 104.76 -47.08
N ASN M 55 -42.32 105.86 -47.82
CA ASN M 55 -41.36 106.92 -47.51
C ASN M 55 -41.72 107.59 -46.18
N SER M 56 -43.00 107.83 -45.96
CA SER M 56 -43.50 108.41 -44.71
C SER M 56 -43.13 107.54 -43.50
N ARG M 57 -43.33 106.23 -43.61
CA ARG M 57 -43.00 105.30 -42.53
C ARG M 57 -41.49 105.21 -42.31
N LEU M 58 -40.70 105.21 -43.39
CA LEU M 58 -39.25 105.16 -43.27
C LEU M 58 -38.71 106.31 -42.42
N ARG M 59 -39.20 107.53 -42.64
CA ARG M 59 -38.75 108.69 -41.86
C ARG M 59 -39.05 108.54 -40.37
N GLU M 60 -40.15 107.88 -40.00
CA GLU M 60 -40.44 107.69 -38.58
C GLU M 60 -39.47 106.70 -37.97
N LEU M 61 -39.02 105.72 -38.75
CA LEU M 61 -38.02 104.76 -38.30
C LEU M 61 -36.63 105.38 -38.30
N GLY M 62 -36.50 106.56 -38.89
CA GLY M 62 -35.23 107.26 -39.02
C GLY M 62 -34.42 106.84 -40.21
N GLU M 63 -35.05 106.14 -41.16
CA GLU M 63 -34.41 105.67 -42.38
C GLU M 63 -34.66 106.65 -43.51
N ALA M 64 -33.71 106.74 -44.42
CA ALA M 64 -33.84 107.63 -45.57
C ALA M 64 -34.92 107.11 -46.54
N PRO M 65 -35.73 108.00 -47.11
CA PRO M 65 -36.75 107.58 -48.08
C PRO M 65 -36.13 107.04 -49.37
N LEU M 66 -36.97 106.32 -50.12
CA LEU M 66 -36.56 105.76 -51.40
C LEU M 66 -36.21 106.89 -52.37
N GLU M 67 -35.01 106.80 -52.96
CA GLU M 67 -34.51 107.83 -53.87
C GLU M 67 -33.53 107.23 -54.87
N ALA M 68 -33.58 107.72 -56.11
CA ALA M 68 -32.71 107.25 -57.18
C ALA M 68 -32.58 108.34 -58.23
N THR M 69 -31.59 108.17 -59.12
CA THR M 69 -31.31 109.10 -60.20
C THR M 69 -31.28 108.41 -61.55
N GLY M 70 -31.69 109.14 -62.58
CA GLY M 70 -31.77 108.66 -63.94
C GLY M 70 -33.20 108.51 -64.42
N ARG M 71 -33.32 108.37 -65.73
CA ARG M 71 -34.61 108.16 -66.36
C ARG M 71 -35.17 106.77 -66.01
N GLY M 72 -36.40 106.74 -65.55
CA GLY M 72 -37.01 105.47 -65.16
C GLY M 72 -38.24 105.69 -64.30
N ARG M 73 -38.58 104.67 -63.51
CA ARG M 73 -39.78 104.72 -62.67
C ARG M 73 -39.67 103.74 -61.50
N TRP M 74 -40.61 103.88 -60.57
CA TRP M 74 -40.74 103.05 -59.38
C TRP M 74 -41.85 102.02 -59.56
N ALA M 75 -41.58 100.76 -59.20
CA ALA M 75 -42.58 99.71 -59.30
C ALA M 75 -42.27 98.56 -58.34
N LEU M 76 -43.25 97.67 -58.21
CA LEU M 76 -43.15 96.48 -57.36
C LEU M 76 -42.46 95.35 -58.12
N CYS M 77 -41.61 94.60 -57.42
CA CYS M 77 -40.87 93.50 -58.02
C CYS M 77 -40.80 92.30 -57.08
N LEU M 78 -40.60 91.13 -57.69
CA LEU M 78 -40.40 89.86 -57.00
C LEU M 78 -38.96 89.74 -56.52
N VAL M 79 -38.69 88.69 -55.74
CA VAL M 79 -37.37 88.49 -55.17
C VAL M 79 -36.27 88.35 -56.21
N ASP M 80 -36.59 87.98 -57.44
CA ASP M 80 -35.57 87.84 -58.47
C ASP M 80 -35.44 89.09 -59.33
N GLY M 81 -36.18 90.15 -59.00
CA GLY M 81 -36.13 91.39 -59.73
C GLY M 81 -37.19 91.55 -60.81
N ALA M 82 -37.99 90.53 -61.08
CA ALA M 82 -39.02 90.60 -62.11
C ALA M 82 -40.15 91.53 -61.70
N PRO M 83 -40.47 92.58 -62.48
CA PRO M 83 -41.57 93.47 -62.11
C PRO M 83 -42.93 92.84 -62.37
N LEU M 84 -43.91 93.23 -61.56
CA LEU M 84 -45.28 92.77 -61.73
C LEU M 84 -45.95 93.50 -62.91
N ARG M 85 -47.06 92.94 -63.38
CA ARG M 85 -47.80 93.57 -64.48
C ARG M 85 -48.49 94.84 -63.99
N ALA M 86 -48.32 95.93 -64.75
CA ALA M 86 -48.87 97.23 -64.37
C ALA M 86 -50.37 97.37 -64.62
N THR M 87 -50.96 96.54 -65.48
CA THR M 87 -52.38 96.68 -65.83
C THR M 87 -53.29 95.57 -65.31
N GLN M 88 -52.80 94.65 -64.49
CA GLN M 88 -53.65 93.57 -64.01
C GLN M 88 -53.73 93.52 -62.49
N SER M 89 -54.87 93.01 -62.03
CA SER M 89 -55.19 92.85 -60.62
C SER M 89 -54.21 91.95 -59.88
N LEU M 90 -54.00 92.26 -58.60
CA LEU M 90 -53.19 91.39 -57.75
C LEU M 90 -53.88 90.04 -57.57
N THR M 91 -55.19 89.97 -57.86
CA THR M 91 -55.95 88.73 -57.84
C THR M 91 -55.77 87.96 -59.14
N GLU M 92 -55.35 88.65 -60.20
CA GLU M 92 -55.06 88.01 -61.47
C GLU M 92 -53.65 87.44 -61.38
N GLN M 93 -52.75 88.20 -60.76
CA GLN M 93 -51.43 87.74 -60.44
C GLN M 93 -51.55 86.78 -59.25
N ASP M 94 -50.48 86.04 -58.96
CA ASP M 94 -50.49 85.07 -57.84
C ASP M 94 -49.98 85.70 -56.54
N VAL M 95 -50.78 86.61 -55.99
CA VAL M 95 -50.49 87.27 -54.73
C VAL M 95 -51.58 86.95 -53.71
N TYR M 96 -51.17 86.55 -52.50
CA TYR M 96 -52.06 86.20 -51.42
C TYR M 96 -51.47 86.73 -50.11
N ASP M 97 -52.30 86.72 -49.08
CA ASP M 97 -51.89 87.21 -47.76
C ASP M 97 -50.61 86.52 -47.28
N GLY M 98 -49.68 87.35 -46.81
CA GLY M 98 -48.39 86.91 -46.30
C GLY M 98 -47.28 86.84 -47.32
N ASP M 99 -47.55 87.17 -48.58
CA ASP M 99 -46.51 87.20 -49.59
C ASP M 99 -45.59 88.40 -49.35
N ARG M 100 -44.40 88.36 -49.96
CA ARG M 100 -43.41 89.42 -49.84
C ARG M 100 -43.09 90.01 -51.21
N LEU M 101 -42.98 91.34 -51.26
CA LEU M 101 -42.71 92.07 -52.50
C LEU M 101 -41.70 93.18 -52.25
N TRP M 102 -40.97 93.55 -53.30
CA TRP M 102 -39.94 94.59 -53.26
C TRP M 102 -40.32 95.78 -54.15
N ILE M 103 -39.95 96.98 -53.70
CA ILE M 103 -40.11 98.20 -54.48
C ILE M 103 -38.74 98.54 -55.07
N ARG M 104 -38.69 98.76 -56.39
CA ARG M 104 -37.42 98.98 -57.07
C ARG M 104 -37.53 100.05 -58.15
N PHE M 105 -36.37 100.63 -58.47
CA PHE M 105 -36.25 101.66 -59.50
C PHE M 105 -35.88 101.00 -60.82
N ILE M 106 -36.77 101.10 -61.81
CA ILE M 106 -36.58 100.51 -63.13
C ILE M 106 -36.10 101.57 -64.12
N ALA M 107 -34.79 101.61 -64.33
CA ALA M 107 -34.21 102.53 -65.30
C ALA M 107 -34.52 102.08 -66.73
N ASP M 108 -34.52 103.05 -67.66
CA ASP M 108 -34.80 102.76 -69.06
C ASP M 108 -33.85 101.71 -69.66
N THR M 109 -32.59 101.71 -69.22
CA THR M 109 -31.56 100.78 -69.67
C THR M 109 -31.78 99.31 -69.30
N GLU M 110 -32.70 99.01 -68.39
CA GLU M 110 -32.90 97.63 -67.91
C GLU M 110 -33.30 96.60 -68.97
N ARG M 111 -32.54 95.51 -69.02
CA ARG M 111 -32.77 94.32 -69.84
C ARG M 111 -32.40 93.11 -68.98
N ARG M 112 -33.21 92.03 -69.06
CA ARG M 112 -32.96 90.83 -68.25
C ARG M 112 -32.73 89.56 -69.09
N SER M 113 -31.82 88.71 -68.58
CA SER M 113 -31.39 87.49 -69.27
C SER M 113 -32.51 86.50 -69.60
N GLN M 114 -33.31 86.11 -68.60
CA GLN M 114 -34.45 85.19 -68.80
C GLN M 114 -34.08 83.85 -69.47
N VAL M 115 -32.81 83.43 -69.43
CA VAL M 115 -32.34 82.17 -70.05
C VAL M 115 -31.90 81.16 -68.99
N ILE M 116 -32.26 79.88 -69.19
CA ILE M 116 -31.96 78.76 -68.29
C ILE M 116 -31.16 77.68 -69.01
N GLU M 117 -30.34 76.93 -68.25
CA GLU M 117 -29.50 75.84 -68.75
C GLU M 117 -29.58 74.62 -67.83
N HIS M 118 -29.45 73.42 -68.42
CA HIS M 118 -29.54 72.13 -67.72
C HIS M 118 -28.25 71.31 -67.66
N ILE M 119 -27.84 70.94 -66.44
CA ILE M 119 -26.72 70.02 -66.18
C ILE M 119 -27.04 69.35 -64.84
N SER M 120 -26.67 68.07 -64.70
CA SER M 120 -26.96 67.35 -63.47
C SER M 120 -26.31 67.99 -62.24
N THR M 121 -27.17 68.43 -61.32
CA THR M 121 -26.77 69.12 -60.10
C THR M 121 -25.81 68.28 -59.24
N ALA M 122 -25.99 66.96 -59.26
CA ALA M 122 -25.14 66.04 -58.52
C ALA M 122 -23.71 66.02 -59.06
N VAL M 123 -23.52 66.26 -60.34
CA VAL M 123 -22.19 66.27 -60.95
C VAL M 123 -21.51 67.62 -60.79
N ALA M 124 -22.27 68.71 -60.90
CA ALA M 124 -21.69 70.04 -60.74
C ALA M 124 -21.10 70.21 -59.34
N SER M 125 -21.90 69.89 -58.32
CA SER M 125 -21.44 69.95 -56.94
C SER M 125 -20.22 69.07 -56.69
N ASP M 126 -20.25 67.85 -57.21
CA ASP M 126 -19.12 66.93 -57.05
C ASP M 126 -17.87 67.40 -57.79
N LEU M 127 -18.01 67.91 -59.00
CA LEU M 127 -16.86 68.41 -59.76
C LEU M 127 -16.14 69.56 -59.07
N SER M 128 -16.84 70.30 -58.21
CA SER M 128 -16.21 71.39 -57.46
C SER M 128 -15.12 70.88 -56.52
N LYS M 129 -15.37 69.76 -55.85
CA LYS M 129 -14.43 69.15 -54.90
C LYS M 129 -13.41 68.19 -55.53
N ARG M 130 -13.87 67.24 -56.35
CA ARG M 130 -12.98 66.22 -56.91
C ARG M 130 -11.69 66.79 -57.51
N PHE M 131 -11.76 67.88 -58.27
CA PHE M 131 -10.52 68.52 -58.73
C PHE M 131 -10.67 70.04 -58.63
N ALA M 132 -9.65 70.68 -58.03
CA ALA M 132 -9.64 72.11 -57.80
C ALA M 132 -8.22 72.63 -57.60
N ARG M 133 -8.10 73.96 -57.61
CA ARG M 133 -6.84 74.68 -57.43
C ARG M 133 -6.22 74.46 -56.04
N ILE M 134 -4.89 74.62 -55.98
CA ILE M 134 -4.14 74.46 -54.74
C ILE M 134 -4.55 75.50 -53.70
N ASP M 135 -4.39 75.14 -52.42
CA ASP M 135 -4.79 75.93 -51.26
C ASP M 135 -3.67 76.17 -50.23
N PRO M 136 -3.57 77.40 -49.70
CA PRO M 136 -2.52 77.73 -48.71
C PRO M 136 -2.53 76.89 -47.44
N ILE M 137 -3.68 76.37 -47.01
CA ILE M 137 -3.75 75.50 -45.82
C ILE M 137 -2.91 74.26 -46.05
N VAL M 138 -3.02 73.68 -47.24
CA VAL M 138 -2.23 72.51 -47.63
C VAL M 138 -0.74 72.86 -47.64
N ALA M 139 -0.40 74.01 -48.20
CA ALA M 139 0.99 74.46 -48.27
C ALA M 139 1.67 74.52 -46.89
N VAL M 140 0.92 74.81 -45.82
CA VAL M 140 1.54 74.81 -44.49
C VAL M 140 2.03 73.42 -44.13
N GLN M 141 1.23 72.39 -44.42
CA GLN M 141 1.62 71.01 -44.15
C GLN M 141 2.85 70.64 -44.97
N VAL M 142 2.87 71.02 -46.25
CA VAL M 142 3.99 70.77 -47.14
C VAL M 142 5.26 71.47 -46.64
N GLY M 143 5.14 72.74 -46.28
CA GLY M 143 6.29 73.47 -45.75
C GLY M 143 6.84 72.83 -44.48
N ALA M 144 5.95 72.45 -43.57
CA ALA M 144 6.34 71.79 -42.33
C ALA M 144 7.08 70.48 -42.60
N SER M 145 6.60 69.69 -43.56
CA SER M 145 7.24 68.44 -43.97
C SER M 145 8.63 68.68 -44.57
N MET M 146 8.79 69.74 -45.35
CA MET M 146 10.08 70.08 -45.96
C MET M 146 11.13 70.51 -44.92
N VAL M 147 10.78 71.40 -43.99
CA VAL M 147 11.74 71.82 -42.96
C VAL M 147 12.16 70.63 -42.08
N ALA M 148 11.21 69.77 -41.72
CA ALA M 148 11.52 68.58 -40.91
C ALA M 148 12.56 67.69 -41.59
N THR M 149 12.50 67.57 -42.91
CA THR M 149 13.44 66.78 -43.70
C THR M 149 14.88 67.28 -43.57
N GLY M 150 15.08 68.60 -43.61
CA GLY M 150 16.41 69.18 -43.50
C GLY M 150 17.09 68.93 -42.16
N VAL M 151 16.38 69.16 -41.06
CA VAL M 151 16.95 68.94 -39.73
C VAL M 151 17.32 67.48 -39.50
N VAL M 152 16.52 66.52 -39.98
CA VAL M 152 16.92 65.11 -39.81
C VAL M 152 18.19 64.82 -40.63
N LEU M 153 18.28 65.34 -41.86
CA LEU M 153 19.50 65.16 -42.66
C LEU M 153 20.68 65.81 -41.96
N ALA M 154 20.46 66.96 -41.31
CA ALA M 154 21.50 67.63 -40.54
C ALA M 154 22.01 66.72 -39.43
N THR M 155 21.10 66.12 -38.67
CA THR M 155 21.49 65.17 -37.62
C THR M 155 22.18 63.94 -38.22
N GLY M 156 21.85 63.60 -39.46
CA GLY M 156 22.47 62.51 -40.18
C GLY M 156 23.95 62.75 -40.44
N VAL M 157 24.31 63.87 -41.08
CA VAL M 157 25.72 64.20 -41.33
C VAL M 157 26.47 64.43 -40.02
N LEU M 158 25.82 65.05 -39.04
CA LEU M 158 26.41 65.26 -37.73
C LEU M 158 26.63 63.93 -37.02
N GLY M 159 25.73 62.98 -37.26
CA GLY M 159 25.86 61.64 -36.71
C GLY M 159 27.01 60.92 -37.39
N TRP M 160 27.05 60.99 -38.72
CA TRP M 160 28.14 60.41 -39.52
C TRP M 160 29.48 61.00 -39.09
N TRP M 161 29.51 62.29 -38.75
CA TRP M 161 30.73 62.93 -38.23
C TRP M 161 31.14 62.34 -36.89
N ARG M 162 30.23 62.31 -35.91
CA ARG M 162 30.52 61.78 -34.58
C ARG M 162 30.95 60.31 -34.63
N TRP M 163 30.53 59.59 -35.66
CA TRP M 163 30.91 58.19 -35.84
C TRP M 163 32.37 58.06 -36.32
N HIS M 164 32.95 59.13 -36.85
CA HIS M 164 34.34 59.14 -37.35
C HIS M 164 35.27 60.14 -36.66
N HIS M 165 34.73 61.12 -35.94
CA HIS M 165 35.52 62.14 -35.24
C HIS M 165 35.02 62.23 -33.80
N ASN M 166 35.96 62.38 -32.86
CA ASN M 166 35.67 62.39 -31.43
C ASN M 166 35.50 63.77 -30.82
N THR M 167 35.48 64.82 -31.63
CA THR M 167 35.34 66.18 -31.10
C THR M 167 33.95 66.41 -30.52
N TRP M 168 33.88 67.33 -29.55
CA TRP M 168 32.65 67.71 -28.83
C TRP M 168 31.62 68.40 -29.74
N LEU M 169 32.00 68.73 -30.95
CA LEU M 169 31.15 69.42 -31.92
C LEU M 169 29.70 68.91 -32.04
N THR M 170 29.51 67.62 -32.33
CA THR M 170 28.16 67.08 -32.52
C THR M 170 27.24 67.22 -31.31
N THR M 171 27.71 66.85 -30.12
CA THR M 171 26.83 66.98 -28.95
C THR M 171 26.52 68.45 -28.65
N ILE M 172 27.53 69.31 -28.74
CA ILE M 172 27.39 70.74 -28.49
C ILE M 172 26.54 71.41 -29.58
N TYR M 173 26.90 71.16 -30.83
CA TYR M 173 26.22 71.74 -32.00
C TYR M 173 24.80 71.21 -32.21
N THR M 174 24.49 69.96 -31.85
CA THR M 174 23.13 69.43 -32.04
C THR M 174 22.12 69.93 -31.01
N ALA M 175 22.56 70.23 -29.79
CA ALA M 175 21.67 70.74 -28.73
C ALA M 175 20.87 71.97 -29.15
N VAL M 176 21.54 72.98 -29.71
CA VAL M 176 20.90 74.22 -30.17
C VAL M 176 19.93 73.97 -31.32
N ILE M 177 20.26 73.03 -32.21
CA ILE M 177 19.39 72.71 -33.34
C ILE M 177 18.03 72.22 -32.86
N GLY M 178 18.01 71.34 -31.87
CA GLY M 178 16.77 70.84 -31.29
C GLY M 178 15.93 71.92 -30.62
N VAL M 179 16.57 72.75 -29.80
CA VAL M 179 15.91 73.83 -29.07
C VAL M 179 15.17 74.77 -30.03
N LEU M 180 15.76 75.10 -31.17
CA LEU M 180 15.09 75.97 -32.14
C LEU M 180 13.79 75.34 -32.65
N VAL M 181 13.85 74.08 -33.10
CA VAL M 181 12.66 73.39 -33.60
C VAL M 181 11.64 73.20 -32.48
N LEU M 182 12.12 72.84 -31.29
CA LEU M 182 11.26 72.65 -30.11
C LEU M 182 10.54 73.95 -29.73
N ALA M 183 11.24 75.08 -29.81
CA ALA M 183 10.63 76.37 -29.51
C ALA M 183 9.48 76.67 -30.48
N VAL M 184 9.73 76.49 -31.77
CA VAL M 184 8.69 76.68 -32.79
C VAL M 184 7.52 75.73 -32.51
N ALA M 185 7.84 74.46 -32.25
CA ALA M 185 6.82 73.46 -31.93
C ALA M 185 6.01 73.86 -30.70
N MET M 186 6.65 74.42 -29.69
CA MET M 186 5.92 74.86 -28.49
C MET M 186 4.91 75.96 -28.84
N LEU M 187 5.32 76.93 -29.63
CA LEU M 187 4.41 78.01 -30.06
C LEU M 187 3.28 77.46 -30.92
N LEU M 188 3.59 76.58 -31.87
CA LEU M 188 2.59 75.97 -32.72
C LEU M 188 1.53 75.21 -31.91
N LEU M 189 1.97 74.46 -30.91
CA LEU M 189 1.04 73.73 -30.04
C LEU M 189 0.16 74.69 -29.25
N MET M 190 0.69 75.82 -28.79
CA MET M 190 -0.14 76.79 -28.09
C MET M 190 -1.15 77.45 -29.02
N ARG M 191 -0.70 77.86 -30.21
CA ARG M 191 -1.54 78.57 -31.18
C ARG M 191 -2.48 77.65 -31.97
N ALA M 192 -2.13 76.38 -32.16
CA ALA M 192 -2.97 75.47 -32.93
C ALA M 192 -4.37 75.27 -32.33
N LYS M 193 -5.40 75.35 -33.20
CA LYS M 193 -6.82 75.19 -32.90
C LYS M 193 -7.53 74.23 -33.85
N THR M 194 -7.24 74.30 -35.14
CA THR M 194 -7.84 73.46 -36.17
C THR M 194 -7.06 72.14 -36.33
N ASP M 195 -7.71 71.20 -37.00
CA ASP M 195 -7.12 69.90 -37.29
C ASP M 195 -5.88 70.06 -38.19
N ALA M 196 -5.93 70.99 -39.13
CA ALA M 196 -4.77 71.25 -39.98
C ALA M 196 -3.59 71.73 -39.15
N ASP M 197 -3.84 72.63 -38.19
CA ASP M 197 -2.78 73.11 -37.31
C ASP M 197 -2.16 71.96 -36.53
N ARG M 198 -3.00 71.08 -36.00
CA ARG M 198 -2.53 69.94 -35.22
C ARG M 198 -1.58 69.05 -36.03
N ARG M 199 -1.91 68.75 -37.28
CA ARG M 199 -1.01 67.95 -38.11
C ARG M 199 0.36 68.63 -38.24
N VAL M 200 0.38 69.93 -38.49
CA VAL M 200 1.62 70.71 -38.60
C VAL M 200 2.37 70.69 -37.27
N ALA M 201 1.65 70.91 -36.17
CA ALA M 201 2.24 70.91 -34.82
C ALA M 201 2.88 69.56 -34.49
N ASP M 202 2.18 68.47 -34.76
CA ASP M 202 2.70 67.12 -34.49
C ASP M 202 3.98 66.83 -35.28
N ILE M 203 4.00 67.17 -36.56
CA ILE M 203 5.19 66.96 -37.39
C ILE M 203 6.40 67.69 -36.80
N MET M 204 6.23 68.94 -36.42
CA MET M 204 7.32 69.72 -35.84
C MET M 204 7.81 69.13 -34.52
N LEU M 205 6.88 68.77 -33.64
CA LEU M 205 7.20 68.15 -32.35
C LEU M 205 7.96 66.84 -32.55
N MET M 206 7.46 65.97 -33.41
CA MET M 206 8.11 64.70 -33.73
C MET M 206 9.54 64.92 -34.24
N SER M 207 9.73 65.95 -35.05
CA SER M 207 11.05 66.32 -35.59
C SER M 207 12.00 66.84 -34.52
N ALA M 208 11.49 67.42 -33.44
CA ALA M 208 12.35 67.92 -32.36
C ALA M 208 12.94 66.81 -31.50
N ILE M 209 12.23 65.70 -31.33
CA ILE M 209 12.71 64.56 -30.51
C ILE M 209 13.98 63.92 -31.08
N MET M 210 14.13 63.90 -32.40
CA MET M 210 15.31 63.30 -33.04
C MET M 210 16.62 63.99 -32.68
N PRO M 211 16.79 65.29 -32.88
CA PRO M 211 18.05 65.96 -32.49
C PRO M 211 18.33 65.89 -31.00
N VAL M 212 17.32 66.11 -30.18
CA VAL M 212 17.42 66.04 -28.72
C VAL M 212 17.96 64.68 -28.28
N THR M 213 17.51 63.63 -28.95
CA THR M 213 17.93 62.25 -28.68
C THR M 213 19.42 62.02 -28.99
N VAL M 214 19.86 62.32 -30.20
CA VAL M 214 21.28 62.11 -30.56
C VAL M 214 22.21 63.06 -29.80
N ALA M 215 21.76 64.24 -29.43
CA ALA M 215 22.58 65.17 -28.66
C ALA M 215 23.03 64.52 -27.35
N ALA M 216 22.09 63.94 -26.63
CA ALA M 216 22.38 63.24 -25.37
C ALA M 216 23.27 62.01 -25.59
N ALA M 217 22.99 61.23 -26.63
CA ALA M 217 23.81 60.06 -26.93
C ALA M 217 25.26 60.42 -27.22
N ALA M 218 25.52 61.57 -27.84
CA ALA M 218 26.88 62.02 -28.19
C ALA M 218 27.68 62.62 -27.03
N ALA M 219 27.10 62.78 -25.85
CA ALA M 219 27.80 63.38 -24.72
C ALA M 219 29.05 62.65 -24.21
N PRO M 220 29.13 61.33 -24.14
CA PRO M 220 30.35 60.67 -23.64
C PRO M 220 31.54 60.78 -24.58
N PRO M 221 32.74 60.90 -23.99
CA PRO M 221 33.98 60.97 -24.77
C PRO M 221 34.48 59.61 -25.23
N GLY M 222 35.39 59.66 -26.21
CA GLY M 222 35.99 58.48 -26.77
C GLY M 222 35.15 57.73 -27.79
N PRO M 223 35.61 56.53 -28.15
CA PRO M 223 34.88 55.72 -29.12
C PRO M 223 33.45 55.44 -28.68
N VAL M 224 32.55 55.50 -29.67
CA VAL M 224 31.13 55.24 -29.48
C VAL M 224 30.89 53.77 -29.16
N GLY M 225 30.01 53.54 -28.19
CA GLY M 225 29.68 52.19 -27.74
C GLY M 225 28.49 52.12 -26.80
N SER M 226 28.56 51.16 -25.89
CA SER M 226 27.51 50.84 -24.92
C SER M 226 26.92 52.05 -24.19
N PRO M 227 27.71 52.91 -23.53
CA PRO M 227 27.10 54.03 -22.80
C PRO M 227 26.40 55.05 -23.69
N GLN M 228 26.89 55.32 -24.90
CA GLN M 228 26.19 56.25 -25.78
C GLN M 228 24.78 55.77 -26.11
N ALA M 229 24.63 54.47 -26.36
CA ALA M 229 23.32 53.87 -26.67
C ALA M 229 22.34 54.03 -25.51
N VAL M 230 22.77 53.74 -24.29
CA VAL M 230 21.90 53.85 -23.11
C VAL M 230 21.36 55.27 -22.98
N LEU M 231 22.21 56.27 -23.14
CA LEU M 231 21.78 57.67 -23.05
C LEU M 231 20.79 58.03 -24.16
N GLY M 232 21.07 57.67 -25.40
CA GLY M 232 20.21 57.97 -26.53
C GLY M 232 18.81 57.37 -26.43
N PHE M 233 18.73 56.04 -26.38
CA PHE M 233 17.46 55.32 -26.28
C PHE M 233 16.68 55.69 -25.00
N GLY M 234 17.36 55.99 -23.92
CA GLY M 234 16.74 56.40 -22.67
C GLY M 234 15.91 57.67 -22.86
N VAL M 235 16.51 58.76 -23.30
CA VAL M 235 15.76 60.01 -23.53
C VAL M 235 14.73 59.81 -24.64
N LEU M 236 15.02 58.99 -25.64
CA LEU M 236 14.05 58.72 -26.69
C LEU M 236 12.78 58.14 -26.09
N THR M 237 12.93 57.18 -25.18
CA THR M 237 11.78 56.56 -24.51
C THR M 237 11.03 57.60 -23.68
N VAL M 238 11.76 58.35 -22.85
CA VAL M 238 11.19 59.38 -21.99
C VAL M 238 10.55 60.49 -22.81
N ALA M 239 11.20 60.92 -23.88
CA ALA M 239 10.64 61.96 -24.74
C ALA M 239 9.32 61.51 -25.37
N ALA M 240 9.29 60.29 -25.89
CA ALA M 240 8.07 59.73 -26.48
C ALA M 240 6.96 59.56 -25.44
N ALA M 241 7.28 58.94 -24.31
CA ALA M 241 6.30 58.75 -23.24
C ALA M 241 5.71 60.08 -22.79
N LEU M 242 6.56 61.06 -22.55
CA LEU M 242 6.12 62.40 -22.12
C LEU M 242 5.30 63.09 -23.21
N ALA M 243 5.80 63.09 -24.44
CA ALA M 243 5.07 63.71 -25.55
C ALA M 243 3.69 63.09 -25.73
N LEU M 244 3.60 61.76 -25.66
CA LEU M 244 2.33 61.06 -25.78
C LEU M 244 1.34 61.45 -24.69
N ARG M 245 1.78 61.45 -23.43
CA ARG M 245 0.89 61.78 -22.30
C ARG M 245 0.24 63.16 -22.43
N PHE M 246 1.02 64.21 -22.64
CA PHE M 246 0.44 65.54 -22.70
C PHE M 246 -0.22 65.88 -24.03
N THR M 247 0.23 65.29 -25.14
CA THR M 247 -0.38 65.59 -26.43
C THR M 247 -1.71 64.85 -26.61
N GLY M 248 -1.79 63.58 -26.21
CA GLY M 248 -3.04 62.85 -26.40
C GLY M 248 -3.42 62.64 -27.84
N ARG M 249 -2.45 62.44 -28.71
CA ARG M 249 -2.66 62.31 -30.14
C ARG M 249 -1.53 61.46 -30.71
N ARG M 250 -1.77 60.88 -31.89
CA ARG M 250 -0.78 60.04 -32.56
C ARG M 250 -0.26 58.90 -31.67
N LEU M 251 -1.16 58.27 -30.92
CA LEU M 251 -0.79 57.20 -29.98
C LEU M 251 0.00 56.08 -30.66
N GLY M 252 -0.40 55.71 -31.86
CA GLY M 252 0.24 54.64 -32.62
C GLY M 252 1.74 54.78 -32.82
N ILE M 253 2.15 55.79 -33.55
CA ILE M 253 3.57 56.01 -33.84
C ILE M 253 4.41 56.22 -32.58
N TYR M 254 3.89 56.96 -31.59
CA TYR M 254 4.63 57.18 -30.33
C TYR M 254 4.80 55.90 -29.51
N THR M 255 3.78 55.05 -29.45
CA THR M 255 3.87 53.81 -28.67
C THR M 255 4.97 52.90 -29.22
N THR M 256 5.10 52.82 -30.53
CA THR M 256 6.13 52.01 -31.18
C THR M 256 7.53 52.43 -30.74
N ILE M 257 7.75 53.73 -30.62
CA ILE M 257 9.03 54.31 -30.19
C ILE M 257 9.36 53.93 -28.75
N VAL M 258 8.39 54.03 -27.86
CA VAL M 258 8.56 53.65 -26.45
C VAL M 258 9.01 52.20 -26.30
N ILE M 259 8.43 51.27 -27.04
CA ILE M 259 8.79 49.84 -26.91
C ILE M 259 10.21 49.55 -27.40
N ILE M 260 10.59 50.00 -28.60
CA ILE M 260 11.96 49.72 -29.07
C ILE M 260 12.98 50.47 -28.21
N GLY M 261 12.62 51.65 -27.71
CA GLY M 261 13.50 52.40 -26.84
C GLY M 261 13.72 51.69 -25.51
N ALA M 262 12.64 51.32 -24.83
CA ALA M 262 12.69 50.62 -23.55
C ALA M 262 13.46 49.29 -23.63
N LEU M 263 13.08 48.41 -24.54
CA LEU M 263 13.77 47.12 -24.66
C LEU M 263 15.21 47.26 -25.13
N THR M 264 15.54 48.22 -25.98
CA THR M 264 16.93 48.42 -26.40
C THR M 264 17.76 49.00 -25.25
N MET M 265 17.17 49.85 -24.43
CA MET M 265 17.84 50.41 -23.25
C MET M 265 18.25 49.30 -22.28
N LEU M 266 17.34 48.35 -22.02
CA LEU M 266 17.63 47.20 -21.16
C LEU M 266 18.65 46.26 -21.80
N ALA M 267 18.71 46.22 -23.13
CA ALA M 267 19.69 45.39 -23.83
C ALA M 267 21.10 45.97 -23.67
N ALA M 268 21.27 47.24 -24.03
CA ALA M 268 22.55 47.93 -23.89
C ALA M 268 23.01 47.96 -22.44
N LEU M 269 22.09 48.19 -21.51
CA LEU M 269 22.41 48.23 -20.07
C LEU M 269 23.02 46.92 -19.60
N ALA M 270 22.51 45.78 -20.06
CA ALA M 270 23.09 44.51 -19.66
C ALA M 270 24.52 44.41 -20.20
N ARG M 271 24.69 44.73 -21.47
CA ARG M 271 26.01 44.72 -22.10
C ARG M 271 26.98 45.68 -21.42
N MET M 272 26.49 46.79 -20.91
CA MET M 272 27.33 47.78 -20.22
C MET M 272 27.77 47.28 -18.85
N VAL M 273 26.82 46.86 -18.03
CA VAL M 273 27.12 46.41 -16.67
C VAL M 273 27.76 45.02 -16.64
N ALA M 274 27.60 44.20 -17.67
CA ALA M 274 28.22 42.88 -17.66
C ALA M 274 28.61 42.50 -19.08
N ALA M 275 29.74 41.79 -19.19
CA ALA M 275 30.28 41.31 -20.47
C ALA M 275 29.54 40.09 -21.01
N THR M 276 28.24 40.26 -21.23
CA THR M 276 27.38 39.19 -21.72
C THR M 276 27.32 39.20 -23.24
N SER M 277 27.43 38.01 -23.83
CA SER M 277 27.46 37.83 -25.27
C SER M 277 26.16 38.29 -25.94
N ALA M 278 26.28 38.66 -27.22
CA ALA M 278 25.13 39.06 -28.02
C ALA M 278 24.17 37.89 -28.25
N VAL M 279 24.70 36.69 -28.42
CA VAL M 279 23.88 35.49 -28.58
C VAL M 279 22.82 35.44 -27.49
N THR M 280 23.28 35.52 -26.24
CA THR M 280 22.40 35.50 -25.08
C THR M 280 21.53 36.75 -25.01
N LEU M 281 22.14 37.93 -25.19
CA LEU M 281 21.40 39.18 -25.13
C LEU M 281 20.29 39.27 -26.18
N LEU M 282 20.47 38.62 -27.34
CA LEU M 282 19.47 38.55 -28.41
C LEU M 282 18.40 37.47 -28.14
N SER M 283 18.81 36.28 -27.72
CA SER M 283 17.90 35.19 -27.39
C SER M 283 16.92 35.59 -26.30
N SER M 284 17.37 36.32 -25.31
CA SER M 284 16.50 36.81 -24.24
C SER M 284 15.46 37.79 -24.75
N LEU M 285 15.79 38.64 -25.72
CA LEU M 285 14.80 39.56 -26.29
C LEU M 285 13.71 38.78 -27.03
N LEU M 286 14.10 37.72 -27.71
CA LEU M 286 13.14 36.86 -28.42
C LEU M 286 12.10 36.28 -27.46
N LEU M 287 12.55 35.73 -26.34
CA LEU M 287 11.65 35.18 -25.33
C LEU M 287 10.76 36.25 -24.70
N ILE M 288 11.30 37.43 -24.43
CA ILE M 288 10.51 38.52 -23.87
C ILE M 288 9.44 38.97 -24.86
N CYS M 289 9.77 39.00 -26.15
CA CYS M 289 8.80 39.37 -27.19
C CYS M 289 7.73 38.29 -27.38
N VAL M 290 8.10 37.02 -27.34
CA VAL M 290 7.11 35.93 -27.48
C VAL M 290 6.04 36.02 -26.40
N VAL M 291 6.42 36.15 -25.13
CA VAL M 291 5.42 36.27 -24.06
C VAL M 291 4.68 37.61 -24.10
N ALA M 292 5.29 38.64 -24.69
CA ALA M 292 4.64 39.95 -24.80
C ALA M 292 3.43 39.93 -25.73
N TYR M 293 3.41 39.07 -26.76
CA TYR M 293 2.27 38.97 -27.67
C TYR M 293 1.00 38.49 -26.97
N HIS M 294 1.13 37.60 -25.99
CA HIS M 294 -0.02 37.11 -25.23
C HIS M 294 -0.54 38.15 -24.23
N ALA M 295 0.32 39.06 -23.79
CA ALA M 295 -0.05 40.13 -22.87
C ALA M 295 -0.62 41.36 -23.57
N ALA M 296 -0.25 41.61 -24.82
CA ALA M 296 -0.67 42.79 -25.59
C ALA M 296 -2.15 43.15 -25.51
N PRO M 297 -3.11 42.26 -25.71
CA PRO M 297 -4.52 42.66 -25.61
C PRO M 297 -4.98 43.07 -24.22
N ALA M 298 -4.36 42.59 -23.16
CA ALA M 298 -4.68 42.95 -21.78
C ALA M 298 -3.95 44.21 -21.36
N LEU M 299 -2.67 44.29 -21.71
CA LEU M 299 -1.83 45.45 -21.44
C LEU M 299 -2.44 46.71 -22.06
N SER M 300 -3.02 46.59 -23.25
CA SER M 300 -3.69 47.68 -23.95
C SER M 300 -4.96 48.13 -23.26
N ARG M 301 -5.59 47.29 -22.46
CA ARG M 301 -6.81 47.64 -21.73
C ARG M 301 -6.51 48.62 -20.61
N ARG M 302 -5.41 48.39 -19.88
CA ARG M 302 -4.98 49.26 -18.78
C ARG M 302 -4.63 50.66 -19.27
N LEU M 303 -3.73 50.76 -20.25
CA LEU M 303 -3.31 52.05 -20.79
C LEU M 303 -4.48 52.87 -21.33
N ALA M 304 -5.49 52.24 -21.89
CA ALA M 304 -6.64 52.97 -22.40
C ALA M 304 -7.63 53.37 -21.31
N GLY M 305 -7.48 52.89 -20.08
CA GLY M 305 -8.38 53.31 -19.01
C GLY M 305 -9.71 52.61 -18.88
N ILE M 306 -9.90 51.43 -19.47
CA ILE M 306 -11.07 50.62 -19.18
C ILE M 306 -10.95 50.07 -17.76
N ARG M 307 -12.01 50.20 -16.96
CA ARG M 307 -12.02 49.68 -15.60
C ARG M 307 -13.21 48.75 -15.42
N LEU M 308 -13.00 47.66 -14.69
CA LEU M 308 -13.98 46.60 -14.48
C LEU M 308 -14.47 46.59 -13.03
N PRO M 309 -15.66 47.11 -12.74
CA PRO M 309 -16.16 47.15 -11.35
C PRO M 309 -16.66 45.80 -10.84
N VAL M 310 -16.22 45.45 -9.61
CA VAL M 310 -16.59 44.22 -8.90
C VAL M 310 -16.64 44.56 -7.41
N PHE M 311 -17.83 44.51 -6.81
CA PHE M 311 -17.99 44.84 -5.40
C PHE M 311 -19.25 44.13 -4.93
N PRO M 312 -19.40 43.87 -3.61
CA PRO M 312 -20.58 43.12 -3.16
C PRO M 312 -21.88 43.91 -3.13
N SER M 313 -22.26 44.45 -4.29
CA SER M 313 -23.50 45.23 -4.44
C SER M 313 -23.64 46.30 -3.36
N ALA M 314 -22.55 46.97 -3.06
CA ALA M 314 -22.48 48.00 -2.03
C ALA M 314 -22.90 47.50 -0.65
N THR M 315 -22.88 46.19 -0.42
CA THR M 315 -23.35 45.61 0.84
C THR M 315 -24.83 45.93 1.05
N SER M 316 -25.64 45.81 0.00
CA SER M 316 -27.06 46.10 0.08
C SER M 316 -27.79 45.37 -1.03
N ARG M 317 -29.11 45.24 -0.85
CA ARG M 317 -29.92 44.67 -1.91
C ARG M 317 -30.16 45.71 -3.01
N TRP M 318 -30.56 45.20 -4.17
CA TRP M 318 -30.85 45.98 -5.37
C TRP M 318 -32.05 46.91 -5.20
N VAL M 319 -32.05 47.96 -6.01
CA VAL M 319 -33.12 48.96 -6.09
C VAL M 319 -33.38 49.18 -7.57
N PHE M 320 -34.42 48.54 -8.09
CA PHE M 320 -34.77 48.60 -9.50
C PHE M 320 -35.27 49.97 -9.96
N GLU M 321 -35.94 50.71 -9.06
CA GLU M 321 -36.53 52.02 -9.37
C GLU M 321 -35.64 53.24 -9.06
N ALA M 322 -34.33 53.06 -8.97
CA ALA M 322 -33.45 54.21 -8.68
C ALA M 322 -33.50 55.25 -9.78
N ARG M 323 -33.42 56.53 -9.37
CA ARG M 323 -33.42 57.67 -10.28
C ARG M 323 -32.28 57.57 -11.31
N PRO M 324 -32.59 57.47 -12.60
CA PRO M 324 -31.53 57.34 -13.61
C PRO M 324 -30.64 58.57 -13.72
N ASP M 325 -29.43 58.33 -14.22
CA ASP M 325 -28.43 59.39 -14.37
C ASP M 325 -28.89 60.49 -15.32
N LEU M 326 -28.57 61.72 -14.93
CA LEU M 326 -28.94 62.93 -15.69
C LEU M 326 -28.20 63.07 -17.03
N PRO M 327 -28.89 63.26 -18.15
CA PRO M 327 -28.21 63.36 -19.45
C PRO M 327 -27.43 64.67 -19.64
N THR M 328 -26.25 64.56 -20.28
CA THR M 328 -25.36 65.72 -20.51
C THR M 328 -25.68 66.51 -21.78
N THR M 329 -25.57 67.84 -21.68
CA THR M 329 -25.76 68.77 -22.79
C THR M 329 -24.46 69.05 -23.53
N VAL M 330 -24.53 69.16 -24.87
CA VAL M 330 -23.37 69.42 -25.72
C VAL M 330 -23.68 70.48 -26.76
N VAL M 331 -22.61 71.14 -27.24
CA VAL M 331 -22.70 72.21 -28.22
C VAL M 331 -21.62 72.09 -29.29
N VAL M 332 -21.83 72.82 -30.38
CA VAL M 332 -20.91 72.89 -31.53
C VAL M 332 -20.78 74.36 -31.90
N SER M 333 -19.59 74.72 -32.41
CA SER M 333 -19.34 76.12 -32.80
C SER M 333 -20.39 76.61 -33.80
N GLY M 334 -20.53 75.90 -34.92
CA GLY M 334 -21.53 76.27 -35.91
C GLY M 334 -22.94 75.99 -35.41
N GLY M 335 -23.16 74.78 -34.90
CA GLY M 335 -24.41 74.36 -34.31
C GLY M 335 -24.51 74.82 -32.87
N SER M 336 -24.49 76.13 -32.70
CA SER M 336 -24.49 76.75 -31.39
C SER M 336 -25.67 76.35 -30.50
N ALA M 337 -26.77 75.87 -31.06
CA ALA M 337 -27.88 75.46 -30.21
C ALA M 337 -27.58 74.16 -29.46
N PRO M 338 -27.57 74.15 -28.13
CA PRO M 338 -27.27 72.94 -27.37
C PRO M 338 -28.31 71.83 -27.49
N VAL M 339 -27.82 70.59 -27.38
CA VAL M 339 -28.65 69.39 -27.43
C VAL M 339 -28.03 68.38 -26.47
N LEU M 340 -28.87 67.54 -25.86
CA LEU M 340 -28.41 66.51 -24.93
C LEU M 340 -28.31 65.16 -25.61
N GLU M 341 -27.22 64.43 -25.32
CA GLU M 341 -27.00 63.12 -25.95
C GLU M 341 -27.13 61.91 -25.04
N GLY M 342 -26.93 62.02 -23.72
CA GLY M 342 -27.10 60.86 -22.85
C GLY M 342 -26.24 60.81 -21.60
N PRO M 343 -26.36 59.73 -20.84
CA PRO M 343 -25.60 59.57 -19.59
C PRO M 343 -24.08 59.64 -19.73
N SER M 344 -23.47 60.41 -18.84
CA SER M 344 -22.02 60.63 -18.81
C SER M 344 -21.23 59.32 -18.72
N SER M 345 -21.72 58.36 -17.93
CA SER M 345 -21.08 57.06 -17.77
C SER M 345 -20.97 56.28 -19.08
N VAL M 346 -21.99 56.35 -19.91
CA VAL M 346 -22.06 55.64 -21.19
C VAL M 346 -21.28 56.33 -22.30
N ARG M 347 -21.19 57.66 -22.28
CA ARG M 347 -20.41 58.39 -23.30
C ARG M 347 -18.92 58.07 -23.25
N ASP M 348 -18.36 57.85 -22.07
CA ASP M 348 -16.93 57.53 -21.98
C ASP M 348 -16.59 56.25 -22.74
N VAL M 349 -17.44 55.23 -22.65
CA VAL M 349 -17.14 53.94 -23.27
C VAL M 349 -16.90 54.07 -24.77
N LEU M 350 -17.67 54.91 -25.45
CA LEU M 350 -17.50 55.13 -26.90
C LEU M 350 -16.16 55.78 -27.26
N LEU M 351 -15.54 56.47 -26.33
CA LEU M 351 -14.22 57.09 -26.53
C LEU M 351 -13.08 56.20 -26.04
N GLN M 352 -13.26 55.52 -24.91
CA GLN M 352 -12.20 54.65 -24.38
C GLN M 352 -11.85 53.53 -25.36
N ALA M 353 -12.86 52.93 -25.99
CA ALA M 353 -12.69 51.85 -26.96
C ALA M 353 -11.87 52.23 -28.19
N GLU M 354 -12.12 53.40 -28.78
CA GLU M 354 -11.33 53.84 -29.93
C GLU M 354 -9.87 54.07 -29.54
N ARG M 355 -9.64 54.48 -28.31
CA ARG M 355 -8.29 54.70 -27.80
C ARG M 355 -7.56 53.38 -27.60
N ALA M 356 -8.28 52.36 -27.13
CA ALA M 356 -7.75 51.01 -26.92
C ALA M 356 -7.18 50.41 -28.21
N ARG M 357 -7.91 50.52 -29.30
CA ARG M 357 -7.48 50.03 -30.61
C ARG M 357 -6.14 50.62 -31.05
N SER M 358 -5.92 51.91 -30.85
CA SER M 358 -4.67 52.58 -31.24
C SER M 358 -3.47 52.07 -30.44
N PHE M 359 -3.61 51.80 -29.16
CA PHE M 359 -2.51 51.28 -28.36
C PHE M 359 -2.12 49.87 -28.81
N LEU M 360 -3.09 49.02 -29.06
CA LEU M 360 -2.81 47.64 -29.51
C LEU M 360 -2.08 47.61 -30.85
N SER M 361 -2.49 48.44 -31.81
CA SER M 361 -1.85 48.49 -33.13
C SER M 361 -0.37 48.89 -33.05
N GLY M 362 -0.06 49.88 -32.22
CA GLY M 362 1.33 50.29 -32.03
C GLY M 362 2.16 49.24 -31.32
N LEU M 363 1.59 48.65 -30.28
CA LEU M 363 2.24 47.60 -29.50
C LEU M 363 2.59 46.39 -30.35
N LEU M 364 1.72 45.99 -31.28
CA LEU M 364 2.03 44.87 -32.20
C LEU M 364 3.18 45.22 -33.14
N THR M 365 3.21 46.45 -33.65
CA THR M 365 4.26 46.91 -34.57
C THR M 365 5.63 46.95 -33.89
N GLY M 366 5.70 47.48 -32.68
CA GLY M 366 6.97 47.53 -31.95
C GLY M 366 7.57 46.16 -31.73
N LEU M 367 6.76 45.21 -31.33
CA LEU M 367 7.20 43.83 -31.12
C LEU M 367 7.63 43.19 -32.46
N GLY M 368 6.90 43.48 -33.53
CA GLY M 368 7.22 42.96 -34.86
C GLY M 368 8.63 43.31 -35.33
N VAL M 369 9.03 44.56 -35.17
CA VAL M 369 10.37 45.02 -35.55
C VAL M 369 11.45 44.27 -34.77
N MET M 370 11.29 44.15 -33.46
CA MET M 370 12.27 43.47 -32.61
C MET M 370 12.49 42.00 -32.98
N VAL M 371 11.44 41.23 -33.26
CA VAL M 371 11.63 39.81 -33.59
C VAL M 371 12.39 39.61 -34.91
N VAL M 372 12.13 40.43 -35.93
CA VAL M 372 12.86 40.26 -37.19
C VAL M 372 14.34 40.63 -37.03
N VAL M 373 14.64 41.73 -36.34
CA VAL M 373 16.04 42.11 -36.12
C VAL M 373 16.78 41.07 -35.27
N CYS M 374 16.14 40.55 -34.23
CA CYS M 374 16.77 39.54 -33.37
C CYS M 374 16.93 38.21 -34.09
N MET M 375 15.87 37.72 -34.72
CA MET M 375 15.90 36.42 -35.41
C MET M 375 16.91 36.39 -36.56
N THR M 376 16.89 37.40 -37.42
CA THR M 376 17.81 37.48 -38.56
C THR M 376 19.27 37.63 -38.15
N SER M 377 19.55 37.95 -36.89
CA SER M 377 20.92 38.07 -36.37
C SER M 377 21.40 36.76 -35.76
N LEU M 378 20.53 36.03 -35.05
CA LEU M 378 20.90 34.77 -34.43
C LEU M 378 21.32 33.72 -35.45
N CYS M 379 20.58 33.58 -36.53
CA CYS M 379 20.97 32.62 -37.55
C CYS M 379 22.19 33.14 -38.28
N ASP M 380 23.21 32.28 -38.41
CA ASP M 380 24.47 32.63 -39.05
C ASP M 380 24.98 31.46 -39.87
N PRO M 381 25.42 31.72 -41.11
CA PRO M 381 25.86 30.65 -42.01
C PRO M 381 27.23 30.05 -41.71
N HIS M 382 28.04 30.62 -40.81
CA HIS M 382 29.34 30.06 -40.51
C HIS M 382 29.41 29.44 -39.12
N THR M 383 28.60 29.92 -38.19
CA THR M 383 28.58 29.42 -36.82
C THR M 383 28.15 27.95 -36.78
N GLY M 384 28.79 27.18 -35.90
CA GLY M 384 28.52 25.76 -35.76
C GLY M 384 27.08 25.38 -35.49
N GLN M 385 26.69 24.18 -35.96
CA GLN M 385 25.33 23.66 -35.81
C GLN M 385 24.30 24.59 -36.43
N ARG M 386 24.61 24.99 -37.67
CA ARG M 386 23.90 25.92 -38.53
C ARG M 386 22.38 25.77 -38.54
N TRP M 387 21.91 24.53 -38.45
CA TRP M 387 20.48 24.19 -38.47
C TRP M 387 19.73 24.51 -37.17
N LEU M 388 20.42 24.59 -36.04
CA LEU M 388 19.75 24.86 -34.76
C LEU M 388 19.10 26.25 -34.73
N PRO M 389 19.83 27.34 -34.93
CA PRO M 389 19.21 28.67 -34.94
C PRO M 389 18.27 28.89 -36.11
N LEU M 390 18.41 28.14 -37.18
CA LEU M 390 17.57 28.23 -38.37
C LEU M 390 16.19 27.60 -38.16
N ILE M 391 16.11 26.45 -37.50
CA ILE M 391 14.82 25.81 -37.22
C ILE M 391 13.99 26.66 -36.27
N LEU M 392 14.64 27.35 -35.33
CA LEU M 392 13.95 28.24 -34.40
C LEU M 392 13.27 29.38 -35.14
N ALA M 393 13.83 29.80 -36.27
CA ALA M 393 13.23 30.84 -37.11
C ALA M 393 11.98 30.32 -37.83
N GLY M 394 11.93 29.01 -38.07
CA GLY M 394 10.78 28.38 -38.71
C GLY M 394 9.55 28.32 -37.82
N PHE M 395 9.70 27.75 -36.62
CA PHE M 395 8.61 27.65 -35.66
C PHE M 395 8.09 29.04 -35.25
N THR M 396 8.99 30.01 -35.08
CA THR M 396 8.58 31.37 -34.75
C THR M 396 7.69 31.99 -35.82
N SER M 397 8.01 31.77 -37.09
CA SER M 397 7.21 32.30 -38.21
C SER M 397 5.84 31.64 -38.28
N GLY M 398 5.77 30.32 -38.14
CA GLY M 398 4.50 29.63 -38.17
C GLY M 398 3.53 30.11 -37.09
N PHE M 399 4.02 30.30 -35.88
CA PHE M 399 3.22 30.81 -34.78
C PHE M 399 2.62 32.18 -35.14
N LEU M 400 3.44 33.11 -35.64
CA LEU M 400 2.95 34.45 -36.01
C LEU M 400 1.98 34.43 -37.20
N LEU M 401 2.25 33.62 -38.22
CA LEU M 401 1.35 33.54 -39.37
C LEU M 401 -0.04 33.03 -38.98
N LEU M 402 -0.12 32.03 -38.13
CA LEU M 402 -1.38 31.47 -37.67
C LEU M 402 -2.09 32.36 -36.65
N ARG M 403 -1.32 33.07 -35.83
CA ARG M 403 -1.91 33.98 -34.86
C ARG M 403 -2.71 35.10 -35.52
N GLY M 404 -2.40 35.42 -36.77
CA GLY M 404 -3.12 36.46 -37.48
C GLY M 404 -4.62 36.28 -37.57
N ARG M 405 -5.11 35.03 -37.61
CA ARG M 405 -6.55 34.85 -37.71
C ARG M 405 -7.29 35.13 -36.41
N SER M 406 -6.58 35.39 -35.33
CA SER M 406 -7.19 35.73 -34.06
C SER M 406 -7.58 37.20 -34.03
N TYR M 407 -7.10 38.00 -34.98
CA TYR M 407 -7.36 39.42 -35.11
C TYR M 407 -8.20 39.69 -36.35
N VAL M 408 -9.28 40.44 -36.19
CA VAL M 408 -10.19 40.75 -37.27
C VAL M 408 -9.94 42.10 -37.95
N ASP M 409 -9.25 43.03 -37.30
CA ASP M 409 -8.98 44.32 -37.93
C ASP M 409 -8.10 44.17 -39.16
N ARG M 410 -8.37 44.98 -40.18
CA ARG M 410 -7.64 44.96 -41.45
C ARG M 410 -6.14 45.18 -41.31
N TRP M 411 -5.71 46.23 -40.64
CA TRP M 411 -4.27 46.51 -40.50
C TRP M 411 -3.59 45.68 -39.43
N GLN M 412 -4.31 45.26 -38.40
CA GLN M 412 -3.73 44.41 -37.35
C GLN M 412 -3.42 43.01 -37.89
N SER M 413 -4.30 42.44 -38.70
CA SER M 413 -4.06 41.13 -39.30
C SER M 413 -2.94 41.18 -40.33
N ILE M 414 -2.92 42.19 -41.20
CA ILE M 414 -1.87 42.35 -42.21
C ILE M 414 -0.48 42.52 -41.57
N THR M 415 -0.38 43.26 -40.47
CA THR M 415 0.92 43.43 -39.83
C THR M 415 1.46 42.12 -39.27
N LEU M 416 0.60 41.24 -38.75
CA LEU M 416 1.03 39.95 -38.22
C LEU M 416 1.52 39.01 -39.34
N ALA M 417 0.76 38.91 -40.42
CA ALA M 417 1.15 38.09 -41.58
C ALA M 417 2.43 38.63 -42.22
N GLY M 418 2.51 39.93 -42.42
CA GLY M 418 3.70 40.57 -42.98
C GLY M 418 4.95 40.32 -42.14
N THR M 419 4.82 40.44 -40.83
CA THR M 419 5.93 40.16 -39.91
C THR M 419 6.44 38.73 -40.05
N ALA M 420 5.54 37.77 -40.20
CA ALA M 420 5.91 36.37 -40.36
C ALA M 420 6.65 36.10 -41.67
N VAL M 421 6.24 36.76 -42.76
CA VAL M 421 6.83 36.62 -44.09
C VAL M 421 8.17 37.35 -44.21
N ILE M 422 8.26 38.57 -43.71
CA ILE M 422 9.49 39.37 -43.78
C ILE M 422 10.66 38.69 -43.06
N ILE M 423 10.38 37.88 -42.04
CA ILE M 423 11.44 37.15 -41.34
C ILE M 423 12.09 36.13 -42.28
N ALA M 424 11.29 35.44 -43.09
CA ALA M 424 11.82 34.47 -44.04
C ALA M 424 12.66 35.14 -45.12
N ALA M 425 12.16 36.24 -45.68
CA ALA M 425 12.89 36.98 -46.70
C ALA M 425 14.23 37.49 -46.18
N ALA M 426 14.24 38.12 -45.02
CA ALA M 426 15.45 38.64 -44.40
C ALA M 426 16.50 37.57 -44.14
N VAL M 427 16.09 36.38 -43.72
CA VAL M 427 17.05 35.29 -43.52
C VAL M 427 17.58 34.77 -44.85
N CYS M 428 16.73 34.66 -45.88
CA CYS M 428 17.17 34.19 -47.20
C CYS M 428 18.28 35.07 -47.78
N VAL M 429 18.12 36.40 -47.70
CA VAL M 429 19.14 37.33 -48.21
C VAL M 429 20.46 37.16 -47.47
N ARG M 430 20.41 37.17 -46.13
CA ARG M 430 21.60 36.98 -45.30
C ARG M 430 22.34 35.70 -45.64
N TYR M 431 21.63 34.65 -45.99
CA TYR M 431 22.23 33.36 -46.32
C TYR M 431 22.85 33.28 -47.72
N ALA M 432 22.61 34.25 -48.60
CA ALA M 432 23.17 34.25 -49.95
C ALA M 432 24.40 35.14 -50.07
N LEU M 433 24.38 36.34 -49.49
CA LEU M 433 25.53 37.24 -49.58
C LEU M 433 26.74 36.61 -48.92
N GLU M 434 26.65 36.28 -47.64
CA GLU M 434 27.75 35.56 -47.03
C GLU M 434 27.73 34.12 -47.52
N LEU M 435 28.89 33.50 -47.57
CA LEU M 435 28.99 32.14 -48.05
C LEU M 435 28.35 31.99 -49.42
N SER M 436 28.65 32.96 -50.29
CA SER M 436 28.14 33.01 -51.65
C SER M 436 28.64 31.80 -52.44
N SER M 437 27.72 31.15 -53.15
CA SER M 437 28.07 29.96 -53.93
C SER M 437 26.96 29.71 -54.95
N PRO M 438 27.28 28.98 -56.03
CA PRO M 438 26.27 28.71 -57.07
C PRO M 438 25.05 27.95 -56.58
N LEU M 439 25.23 26.93 -55.75
CA LEU M 439 24.10 26.17 -55.21
C LEU M 439 23.26 27.04 -54.28
N ALA M 440 23.92 27.77 -53.39
CA ALA M 440 23.23 28.64 -52.43
C ALA M 440 22.32 29.66 -53.12
N VAL M 441 22.86 30.44 -54.06
CA VAL M 441 22.03 31.43 -54.77
C VAL M 441 20.93 30.76 -55.59
N SER M 442 21.20 29.58 -56.13
CA SER M 442 20.19 28.84 -56.89
C SER M 442 19.00 28.43 -56.02
N ILE M 443 19.27 27.96 -54.80
CA ILE M 443 18.24 27.54 -53.85
C ILE M 443 17.47 28.74 -53.30
N VAL M 444 18.16 29.77 -52.86
CA VAL M 444 17.55 30.99 -52.32
C VAL M 444 16.60 31.62 -53.33
N ALA M 445 17.02 31.76 -54.59
CA ALA M 445 16.16 32.39 -55.61
C ALA M 445 14.84 31.64 -55.82
N ALA M 446 14.82 30.32 -55.71
CA ALA M 446 13.57 29.57 -55.87
C ALA M 446 12.62 29.79 -54.70
N ILE M 447 13.12 29.62 -53.48
CA ILE M 447 12.34 29.80 -52.25
C ILE M 447 11.67 31.16 -52.21
N LEU M 448 12.43 32.20 -52.54
CA LEU M 448 11.99 33.59 -52.48
C LEU M 448 10.81 33.91 -53.41
N VAL M 449 10.55 33.12 -54.44
CA VAL M 449 9.40 33.34 -55.32
C VAL M 449 8.26 32.34 -55.12
N LEU M 450 8.56 31.08 -54.79
CA LEU M 450 7.51 30.07 -54.56
C LEU M 450 6.76 30.28 -53.24
N LEU M 451 7.44 30.62 -52.15
CA LEU M 451 6.87 30.85 -50.82
C LEU M 451 5.76 31.89 -50.89
N PRO M 452 5.98 33.10 -51.40
CA PRO M 452 4.89 34.07 -51.50
C PRO M 452 3.84 33.68 -52.52
N ALA M 453 4.19 32.88 -53.53
CA ALA M 453 3.23 32.40 -54.51
C ALA M 453 2.20 31.46 -53.87
N ALA M 454 2.67 30.55 -53.01
CA ALA M 454 1.77 29.65 -52.28
C ALA M 454 0.81 30.43 -51.39
N GLY M 455 1.27 31.56 -50.86
CA GLY M 455 0.41 32.42 -50.06
C GLY M 455 -0.75 33.00 -50.85
N MET M 456 -0.48 33.54 -52.03
CA MET M 456 -1.55 34.07 -52.87
C MET M 456 -2.49 32.96 -53.31
N ALA M 457 -1.94 31.79 -53.64
CA ALA M 457 -2.77 30.65 -54.04
C ALA M 457 -3.75 30.26 -52.93
N ALA M 458 -3.25 30.14 -51.71
CA ALA M 458 -4.09 29.81 -50.56
C ALA M 458 -5.13 30.90 -50.25
N ALA M 459 -4.72 32.16 -50.32
CA ALA M 459 -5.63 33.28 -50.06
C ALA M 459 -6.81 33.34 -51.02
N ALA M 460 -6.59 32.99 -52.28
CA ALA M 460 -7.65 33.01 -53.31
C ALA M 460 -8.62 31.84 -53.23
N HIS M 461 -8.15 30.63 -52.92
CA HIS M 461 -8.98 29.43 -52.86
C HIS M 461 -9.65 29.14 -51.52
N VAL M 462 -9.01 29.41 -50.39
CA VAL M 462 -9.61 29.08 -49.09
C VAL M 462 -10.97 29.71 -48.83
N PRO M 463 -11.23 30.98 -49.13
CA PRO M 463 -12.55 31.52 -48.80
C PRO M 463 -13.75 30.91 -49.52
N HIS M 464 -13.60 30.14 -50.60
CA HIS M 464 -14.78 29.60 -51.28
C HIS M 464 -14.84 28.08 -51.28
N THR M 465 -14.30 27.41 -50.26
CA THR M 465 -14.32 25.95 -50.16
C THR M 465 -14.80 25.48 -48.80
N ILE M 466 -15.22 24.23 -48.72
CA ILE M 466 -15.71 23.61 -47.50
C ILE M 466 -14.65 22.64 -46.96
N TYR M 467 -14.41 22.69 -45.66
CA TYR M 467 -13.49 21.78 -44.99
C TYR M 467 -14.19 21.13 -43.80
N SER M 468 -13.99 19.83 -43.64
CA SER M 468 -14.65 19.09 -42.57
C SER M 468 -14.03 19.36 -41.20
N PRO M 469 -14.84 19.25 -40.14
CA PRO M 469 -14.38 19.51 -38.78
C PRO M 469 -13.06 18.89 -38.38
N LEU M 470 -12.76 17.69 -38.85
CA LEU M 470 -11.51 17.01 -38.52
C LEU M 470 -10.29 17.75 -39.04
N PHE M 471 -10.40 18.48 -40.15
CA PHE M 471 -9.28 19.24 -40.67
C PHE M 471 -9.17 20.62 -40.03
N ARG M 472 -10.29 21.28 -39.75
CA ARG M 472 -10.28 22.58 -39.07
C ARG M 472 -9.72 22.45 -37.65
N LYS M 473 -10.02 21.35 -36.98
CA LYS M 473 -9.45 21.04 -35.68
C LYS M 473 -7.95 20.77 -35.79
N PHE M 474 -7.50 20.21 -36.91
CA PHE M 474 -6.07 19.95 -37.11
C PHE M 474 -5.25 21.23 -37.29
N VAL M 475 -5.74 22.21 -38.05
CA VAL M 475 -4.97 23.46 -38.21
C VAL M 475 -4.87 24.24 -36.91
N GLU M 476 -5.87 24.15 -36.03
CA GLU M 476 -5.81 24.83 -34.74
C GLU M 476 -4.64 24.33 -33.91
N TRP M 477 -4.47 23.02 -33.82
CA TRP M 477 -3.39 22.41 -33.04
C TRP M 477 -1.99 22.73 -33.57
N ILE M 478 -1.85 23.14 -34.81
CA ILE M 478 -0.52 23.48 -35.33
C ILE M 478 0.07 24.68 -34.59
N GLU M 479 -0.76 25.63 -34.18
CA GLU M 479 -0.27 26.79 -33.45
C GLU M 479 0.39 26.38 -32.13
N TYR M 480 -0.28 25.52 -31.37
CA TYR M 480 0.21 25.03 -30.08
C TYR M 480 1.47 24.19 -30.24
N LEU M 481 1.51 23.35 -31.26
CA LEU M 481 2.68 22.53 -31.55
C LEU M 481 3.87 23.39 -31.92
N CYS M 482 3.62 24.56 -32.50
CA CYS M 482 4.70 25.51 -32.82
C CYS M 482 5.17 26.29 -31.60
N LEU M 483 4.25 26.72 -30.73
CA LEU M 483 4.61 27.46 -29.52
C LEU M 483 5.45 26.65 -28.53
N MET M 484 5.11 25.38 -28.31
CA MET M 484 5.81 24.57 -27.32
C MET M 484 7.34 24.47 -27.46
N PRO M 485 7.92 24.19 -28.63
CA PRO M 485 9.38 24.05 -28.73
C PRO M 485 10.23 25.32 -28.58
N ILE M 486 9.67 26.54 -28.58
CA ILE M 486 10.49 27.75 -28.54
C ILE M 486 11.40 27.81 -27.31
N PHE M 487 10.86 27.71 -26.09
CA PHE M 487 11.69 27.77 -24.89
C PHE M 487 12.68 26.62 -24.75
N PRO M 488 12.31 25.36 -24.95
CA PRO M 488 13.29 24.28 -24.88
C PRO M 488 14.44 24.45 -25.87
N LEU M 489 14.18 25.03 -27.06
CA LEU M 489 15.18 25.29 -28.08
C LEU M 489 16.01 26.55 -27.80
N ALA M 490 15.41 27.65 -27.36
CA ALA M 490 16.19 28.87 -27.10
C ALA M 490 17.26 28.64 -26.03
N LEU M 491 16.92 27.93 -24.94
CA LEU M 491 17.91 27.64 -23.90
C LEU M 491 19.01 26.74 -24.43
N TRP M 492 18.71 25.87 -25.39
CA TRP M 492 19.72 25.04 -26.03
C TRP M 492 20.66 25.90 -26.85
N LEU M 493 20.12 26.86 -27.58
CA LEU M 493 20.92 27.78 -28.38
C LEU M 493 21.77 28.68 -27.47
N MET M 494 21.29 29.00 -26.28
CA MET M 494 22.05 29.75 -25.29
C MET M 494 23.05 28.89 -24.53
N ASN M 495 23.18 27.60 -24.88
CA ASN M 495 24.08 26.63 -24.25
C ASN M 495 23.84 26.34 -22.76
N VAL M 496 22.68 26.69 -22.22
CA VAL M 496 22.39 26.51 -20.79
C VAL M 496 22.51 25.04 -20.35
N TYR M 497 21.96 24.10 -21.10
CA TYR M 497 22.03 22.70 -20.68
C TYR M 497 23.47 22.18 -20.60
N ALA M 498 24.33 22.59 -21.51
CA ALA M 498 25.74 22.19 -21.43
C ALA M 498 26.45 22.90 -20.29
N ALA M 499 26.16 24.18 -20.10
CA ALA M 499 26.76 24.97 -19.02
C ALA M 499 26.48 24.37 -17.65
N ILE M 500 25.24 24.00 -17.39
CA ILE M 500 24.84 23.40 -16.12
C ILE M 500 25.41 21.99 -15.96
N ARG M 501 25.34 21.15 -16.99
CA ARG M 501 25.87 19.79 -16.84
C ARG M 501 27.35 19.78 -16.50
N TYR M 502 28.13 20.77 -16.92
CA TYR M 502 29.53 20.80 -16.55
C TYR M 502 29.77 21.85 -15.49
N ARG M 503 28.69 22.39 -14.93
CA ARG M 503 28.68 23.41 -13.89
C ARG M 503 29.83 24.40 -14.04
N PRO N 18 -25.15 98.95 -56.23
CA PRO N 18 -24.80 98.10 -55.09
C PRO N 18 -26.03 97.56 -54.37
N GLN N 19 -27.22 97.96 -54.81
CA GLN N 19 -28.44 97.52 -54.17
C GLN N 19 -28.82 96.08 -54.53
N ALA N 20 -28.30 95.53 -55.61
CA ALA N 20 -28.65 94.17 -56.01
C ALA N 20 -27.47 93.52 -56.73
N VAL N 21 -27.48 92.17 -56.75
CA VAL N 21 -26.46 91.37 -57.41
C VAL N 21 -27.13 90.26 -58.22
N VAL N 22 -26.60 89.99 -59.41
CA VAL N 22 -27.11 88.92 -60.27
C VAL N 22 -26.31 87.65 -60.02
N VAL N 23 -27.00 86.54 -59.75
CA VAL N 23 -26.36 85.25 -59.49
C VAL N 23 -27.19 84.11 -60.07
N GLY N 24 -26.52 82.98 -60.32
CA GLY N 24 -27.18 81.79 -60.81
C GLY N 24 -27.59 80.88 -59.66
N VAL N 25 -28.85 80.48 -59.64
CA VAL N 25 -29.39 79.58 -58.63
C VAL N 25 -29.73 78.22 -59.24
N MET N 26 -29.17 77.16 -58.67
CA MET N 26 -29.45 75.79 -59.08
C MET N 26 -30.69 75.28 -58.36
N ALA N 27 -31.51 74.52 -59.07
CA ALA N 27 -32.71 73.93 -58.47
C ALA N 27 -32.80 72.44 -58.72
N GLY N 28 -33.92 71.84 -58.36
CA GLY N 28 -34.08 70.40 -58.51
C GLY N 28 -33.73 69.79 -59.85
N GLU N 29 -32.98 68.69 -59.77
CA GLU N 29 -32.48 67.87 -60.85
C GLU N 29 -31.59 68.62 -61.85
N GLY N 30 -31.22 69.88 -61.59
CA GLY N 30 -30.27 70.57 -62.47
C GLY N 30 -30.57 71.83 -63.27
N VAL N 31 -31.72 72.48 -63.12
CA VAL N 31 -32.01 73.70 -63.88
C VAL N 31 -31.32 74.90 -63.23
N GLN N 32 -30.46 75.59 -63.99
CA GLN N 32 -29.80 76.80 -63.51
C GLN N 32 -30.60 78.01 -64.01
N ILE N 33 -30.92 78.93 -63.09
CA ILE N 33 -31.70 80.12 -63.42
C ILE N 33 -30.96 81.38 -62.94
N GLY N 34 -30.81 82.35 -63.84
CA GLY N 34 -30.18 83.62 -63.49
C GLY N 34 -31.16 84.54 -62.79
N VAL N 35 -30.80 85.02 -61.59
CA VAL N 35 -31.67 85.88 -60.80
C VAL N 35 -30.91 87.10 -60.26
N LEU N 36 -31.65 88.21 -60.10
CA LEU N 36 -31.13 89.47 -59.57
C LEU N 36 -31.71 89.60 -58.15
N LEU N 37 -30.87 89.32 -57.16
CA LEU N 37 -31.23 89.32 -55.74
C LEU N 37 -30.92 90.62 -55.01
N ASP N 38 -31.70 90.87 -53.95
CA ASP N 38 -31.49 92.02 -53.07
C ASP N 38 -30.18 91.80 -52.34
N ALA N 39 -29.26 92.75 -52.45
CA ALA N 39 -27.94 92.59 -51.84
C ALA N 39 -27.86 92.77 -50.32
N ASN N 40 -28.86 93.33 -49.64
CA ASN N 40 -28.71 93.55 -48.21
C ASN N 40 -29.74 92.88 -47.30
N ALA N 41 -30.90 92.45 -47.80
CA ALA N 41 -31.83 91.72 -46.95
C ALA N 41 -31.21 90.40 -46.47
N PRO N 42 -31.63 89.89 -45.31
CA PRO N 42 -31.05 88.62 -44.86
C PRO N 42 -31.60 87.45 -45.67
N VAL N 43 -30.72 86.50 -45.96
CA VAL N 43 -31.03 85.38 -46.84
C VAL N 43 -32.28 84.59 -46.48
N SER N 44 -32.59 84.46 -45.18
CA SER N 44 -33.79 83.71 -44.80
C SER N 44 -35.08 84.34 -45.31
N VAL N 45 -35.07 85.64 -45.60
CA VAL N 45 -36.23 86.34 -46.12
C VAL N 45 -36.53 86.00 -47.59
N MET N 46 -35.53 85.55 -48.34
CA MET N 46 -35.64 85.27 -49.77
C MET N 46 -35.95 83.81 -50.15
N THR N 47 -35.52 82.84 -49.34
CA THR N 47 -35.68 81.42 -49.69
C THR N 47 -37.12 80.97 -49.92
N ASP N 48 -38.10 81.55 -49.21
CA ASP N 48 -39.49 81.14 -49.43
C ASP N 48 -40.02 81.60 -50.79
N PRO N 49 -40.05 82.88 -51.12
CA PRO N 49 -40.54 83.30 -52.44
C PRO N 49 -39.66 82.80 -53.58
N LEU N 50 -38.37 82.58 -53.33
CA LEU N 50 -37.47 82.02 -54.32
C LEU N 50 -37.88 80.60 -54.71
N LEU N 51 -38.29 79.79 -53.74
CA LEU N 51 -38.77 78.44 -54.01
C LEU N 51 -40.01 78.47 -54.91
N LYS N 52 -40.91 79.42 -54.65
CA LYS N 52 -42.12 79.60 -55.47
C LYS N 52 -41.73 79.89 -56.93
N VAL N 53 -40.80 80.82 -57.14
CA VAL N 53 -40.35 81.23 -58.47
C VAL N 53 -39.73 80.06 -59.24
N VAL N 54 -38.79 79.31 -58.66
CA VAL N 54 -38.21 78.18 -59.39
C VAL N 54 -39.27 77.14 -59.72
N ASN N 55 -40.24 76.95 -58.83
CA ASN N 55 -41.33 76.01 -59.11
C ASN N 55 -42.21 76.49 -60.26
N SER N 56 -42.56 77.78 -60.27
CA SER N 56 -43.36 78.34 -61.36
C SER N 56 -42.69 78.16 -62.72
N ARG N 57 -41.40 78.40 -62.81
CA ARG N 57 -40.68 78.24 -64.09
C ARG N 57 -40.63 76.78 -64.51
N LEU N 58 -40.39 75.87 -63.56
CA LEU N 58 -40.38 74.45 -63.88
C LEU N 58 -41.75 74.00 -64.36
N ARG N 59 -42.82 74.51 -63.75
CA ARG N 59 -44.16 74.17 -64.18
C ARG N 59 -44.41 74.58 -65.62
N GLU N 60 -44.01 75.80 -65.99
CA GLU N 60 -44.19 76.27 -67.37
C GLU N 60 -43.30 75.47 -68.31
N LEU N 61 -42.07 75.18 -67.89
CA LEU N 61 -41.18 74.37 -68.71
C LEU N 61 -41.72 72.95 -68.88
N GLY N 62 -42.66 72.54 -68.04
CA GLY N 62 -43.25 71.21 -68.09
C GLY N 62 -42.56 70.16 -67.25
N GLU N 63 -41.66 70.56 -66.37
CA GLU N 63 -40.91 69.68 -65.49
C GLU N 63 -41.66 69.47 -64.17
N ALA N 64 -41.12 68.57 -63.34
CA ALA N 64 -41.69 68.27 -62.03
C ALA N 64 -41.15 69.21 -60.96
N PRO N 65 -42.01 69.82 -60.15
CA PRO N 65 -41.56 70.76 -59.12
C PRO N 65 -40.84 70.09 -57.96
N LEU N 66 -40.20 70.95 -57.17
CA LEU N 66 -39.50 70.55 -55.96
C LEU N 66 -40.50 70.23 -54.85
N GLU N 67 -40.21 69.20 -54.05
CA GLU N 67 -41.10 68.81 -52.97
C GLU N 67 -40.34 68.32 -51.75
N ALA N 68 -40.95 68.50 -50.58
CA ALA N 68 -40.43 68.08 -49.30
C ALA N 68 -40.73 66.60 -49.05
N THR N 69 -39.94 66.00 -48.16
CA THR N 69 -40.08 64.60 -47.79
C THR N 69 -40.04 64.45 -46.27
N GLY N 70 -41.21 64.24 -45.66
CA GLY N 70 -41.30 64.09 -44.22
C GLY N 70 -40.95 65.31 -43.39
N ARG N 71 -39.89 65.21 -42.60
CA ARG N 71 -39.43 66.28 -41.73
C ARG N 71 -38.12 66.88 -42.23
N GLY N 72 -38.10 68.19 -42.39
CA GLY N 72 -36.91 68.87 -42.87
C GLY N 72 -37.15 70.34 -43.07
N ARG N 73 -36.20 70.99 -43.75
CA ARG N 73 -36.28 72.41 -44.05
C ARG N 73 -35.63 72.75 -45.39
N TRP N 74 -36.00 73.91 -45.93
CA TRP N 74 -35.45 74.45 -47.16
C TRP N 74 -34.34 75.44 -46.83
N ALA N 75 -33.21 75.34 -47.53
CA ALA N 75 -32.08 76.23 -47.31
C ALA N 75 -31.44 76.63 -48.63
N LEU N 76 -30.70 77.74 -48.59
CA LEU N 76 -29.95 78.25 -49.74
C LEU N 76 -28.48 78.03 -49.41
N CYS N 77 -27.78 77.31 -50.29
CA CYS N 77 -26.39 76.92 -50.09
C CYS N 77 -25.51 77.29 -51.27
N LEU N 78 -24.19 77.23 -51.03
CA LEU N 78 -23.21 77.40 -52.09
C LEU N 78 -23.21 76.14 -52.96
N VAL N 79 -22.51 76.18 -54.09
CA VAL N 79 -22.48 74.97 -54.90
C VAL N 79 -21.84 73.82 -54.14
N ASP N 80 -21.02 74.12 -53.13
CA ASP N 80 -20.41 73.06 -52.31
C ASP N 80 -21.40 72.41 -51.35
N GLY N 81 -22.62 72.95 -51.23
CA GLY N 81 -23.62 72.40 -50.35
C GLY N 81 -23.69 73.05 -48.98
N ALA N 82 -22.62 73.72 -48.56
CA ALA N 82 -22.62 74.38 -47.25
C ALA N 82 -23.67 75.48 -47.21
N PRO N 83 -24.57 75.47 -46.22
CA PRO N 83 -25.61 76.51 -46.17
C PRO N 83 -25.10 77.86 -45.70
N LEU N 84 -25.76 78.91 -46.19
CA LEU N 84 -25.47 80.28 -45.79
C LEU N 84 -26.15 80.58 -44.45
N ARG N 85 -25.51 81.42 -43.63
CA ARG N 85 -26.10 81.76 -42.34
C ARG N 85 -27.41 82.53 -42.53
N ALA N 86 -28.50 81.94 -42.04
CA ALA N 86 -29.85 82.46 -42.24
C ALA N 86 -30.09 83.90 -41.80
N THR N 87 -29.33 84.40 -40.82
CA THR N 87 -29.51 85.76 -40.34
C THR N 87 -28.64 86.81 -41.02
N GLN N 88 -27.60 86.42 -41.75
CA GLN N 88 -26.72 87.40 -42.36
C GLN N 88 -27.19 87.89 -43.73
N SER N 89 -26.76 89.11 -44.07
CA SER N 89 -27.06 89.74 -45.35
C SER N 89 -26.23 89.14 -46.47
N LEU N 90 -26.78 89.22 -47.69
CA LEU N 90 -26.08 88.68 -48.85
C LEU N 90 -24.77 89.42 -49.13
N THR N 91 -24.68 90.70 -48.74
CA THR N 91 -23.45 91.47 -48.87
C THR N 91 -22.47 91.17 -47.74
N GLU N 92 -23.00 90.71 -46.61
CA GLU N 92 -22.18 90.38 -45.46
C GLU N 92 -21.36 89.13 -45.74
N GLN N 93 -21.89 88.22 -46.54
CA GLN N 93 -21.21 87.04 -47.02
C GLN N 93 -20.46 87.38 -48.31
N ASP N 94 -19.43 86.60 -48.60
CA ASP N 94 -18.57 86.81 -49.78
C ASP N 94 -19.22 86.29 -51.07
N VAL N 95 -20.39 86.86 -51.36
CA VAL N 95 -21.17 86.54 -52.56
C VAL N 95 -21.12 87.77 -53.47
N TYR N 96 -20.62 87.58 -54.70
CA TYR N 96 -20.46 88.64 -55.67
C TYR N 96 -21.31 88.38 -56.90
N ASP N 97 -21.55 89.47 -57.64
CA ASP N 97 -22.30 89.40 -58.89
C ASP N 97 -21.61 88.47 -59.88
N GLY N 98 -22.36 87.49 -60.38
CA GLY N 98 -21.85 86.49 -61.28
C GLY N 98 -21.63 85.13 -60.64
N ASP N 99 -21.69 85.05 -59.33
CA ASP N 99 -21.53 83.79 -58.61
C ASP N 99 -22.82 82.97 -58.73
N ARG N 100 -22.82 81.78 -58.12
CA ARG N 100 -23.99 80.91 -58.15
C ARG N 100 -24.23 80.24 -56.80
N LEU N 101 -25.50 79.90 -56.55
CA LEU N 101 -25.97 79.31 -55.30
C LEU N 101 -26.92 78.15 -55.61
N TRP N 102 -27.25 77.37 -54.57
CA TRP N 102 -28.11 76.20 -54.71
C TRP N 102 -29.19 76.16 -53.63
N ILE N 103 -30.44 75.97 -54.04
CA ILE N 103 -31.56 75.83 -53.11
C ILE N 103 -31.73 74.33 -52.85
N ARG N 104 -31.81 73.95 -51.58
CA ARG N 104 -31.77 72.54 -51.21
C ARG N 104 -32.62 72.20 -49.99
N PHE N 105 -33.07 70.95 -49.96
CA PHE N 105 -33.84 70.39 -48.85
C PHE N 105 -32.93 69.57 -47.95
N ILE N 106 -32.87 69.91 -46.67
CA ILE N 106 -32.06 69.19 -45.68
C ILE N 106 -32.97 68.59 -44.62
N ALA N 107 -32.95 67.27 -44.49
CA ALA N 107 -33.80 66.52 -43.58
C ALA N 107 -33.45 66.70 -42.09
N ASP N 108 -34.44 66.37 -41.26
CA ASP N 108 -34.34 66.42 -39.79
C ASP N 108 -33.47 65.29 -39.23
N THR N 109 -32.49 65.64 -38.40
CA THR N 109 -31.56 64.69 -37.77
C THR N 109 -31.96 64.23 -36.36
N GLU N 110 -33.07 64.73 -35.80
CA GLU N 110 -33.47 64.34 -34.45
C GLU N 110 -33.96 62.89 -34.31
N ARG N 111 -33.33 62.15 -33.39
CA ARG N 111 -33.65 60.75 -33.14
C ARG N 111 -33.23 60.40 -31.70
N ARG N 112 -33.80 59.32 -31.18
CA ARG N 112 -33.47 58.86 -29.82
C ARG N 112 -32.02 58.47 -29.65
N SER N 113 -31.51 58.61 -28.43
CA SER N 113 -30.16 58.18 -28.11
C SER N 113 -30.18 56.73 -27.64
N GLN N 114 -29.04 56.06 -27.77
CA GLN N 114 -28.95 54.61 -27.57
C GLN N 114 -27.86 54.29 -26.55
N VAL N 115 -28.15 53.43 -25.56
CA VAL N 115 -27.22 53.21 -24.45
C VAL N 115 -27.05 51.72 -24.16
N ILE N 116 -25.79 51.30 -24.01
CA ILE N 116 -25.43 49.95 -23.56
C ILE N 116 -24.49 50.10 -22.36
N GLU N 117 -24.90 49.56 -21.22
CA GLU N 117 -24.17 49.72 -19.96
C GLU N 117 -23.04 48.71 -19.77
N HIS N 118 -23.27 47.41 -20.03
CA HIS N 118 -22.28 46.39 -19.72
C HIS N 118 -21.10 46.44 -20.67
N ILE N 119 -19.91 46.65 -20.09
CA ILE N 119 -18.74 47.18 -20.79
C ILE N 119 -18.28 46.31 -21.95
N SER N 120 -18.27 44.98 -21.77
CA SER N 120 -17.73 44.11 -22.83
C SER N 120 -18.58 44.11 -24.09
N THR N 121 -19.90 44.01 -23.96
CA THR N 121 -20.78 44.11 -25.12
C THR N 121 -20.70 45.48 -25.79
N ALA N 122 -20.69 46.53 -24.99
CA ALA N 122 -20.61 47.91 -25.48
C ALA N 122 -19.35 48.17 -26.28
N VAL N 123 -18.21 47.62 -25.88
CA VAL N 123 -16.99 47.73 -26.67
C VAL N 123 -17.13 47.01 -28.00
N ALA N 124 -17.66 45.78 -28.01
CA ALA N 124 -17.77 45.02 -29.25
C ALA N 124 -18.73 45.69 -30.24
N SER N 125 -19.87 46.12 -29.77
CA SER N 125 -20.87 46.78 -30.62
C SER N 125 -20.30 48.01 -31.31
N ASP N 126 -19.89 49.02 -30.54
CA ASP N 126 -19.36 50.26 -31.10
C ASP N 126 -18.14 50.05 -31.99
N LEU N 127 -17.16 49.28 -31.54
CA LEU N 127 -15.93 49.06 -32.32
C LEU N 127 -16.17 48.42 -33.69
N SER N 128 -17.26 47.67 -33.88
CA SER N 128 -17.60 47.02 -35.15
C SER N 128 -18.34 47.90 -36.15
N LYS N 129 -18.90 49.01 -35.70
CA LYS N 129 -19.65 49.95 -36.54
C LYS N 129 -18.81 51.07 -37.12
N ARG N 130 -17.63 51.33 -36.56
CA ARG N 130 -16.78 52.44 -36.98
C ARG N 130 -15.50 52.05 -37.72
N PHE N 131 -15.21 50.76 -37.91
CA PHE N 131 -13.98 50.34 -38.59
C PHE N 131 -14.29 49.16 -39.49
N ALA N 132 -13.35 48.86 -40.40
CA ALA N 132 -13.47 47.79 -41.38
C ALA N 132 -12.61 46.56 -41.09
N ARG N 133 -13.24 45.39 -41.11
CA ARG N 133 -12.58 44.09 -40.92
C ARG N 133 -11.99 43.59 -42.23
N ILE N 134 -11.01 42.67 -42.10
CA ILE N 134 -10.40 42.05 -43.28
C ILE N 134 -11.43 41.20 -44.01
N ASP N 135 -11.29 41.14 -45.34
CA ASP N 135 -12.20 40.43 -46.23
C ASP N 135 -11.42 39.73 -47.34
N PRO N 136 -12.05 38.79 -48.04
CA PRO N 136 -11.38 38.03 -49.11
C PRO N 136 -10.85 38.87 -50.27
N ILE N 137 -11.52 39.98 -50.59
CA ILE N 137 -11.08 40.87 -51.66
C ILE N 137 -9.71 41.46 -51.37
N VAL N 138 -9.52 42.00 -50.16
CA VAL N 138 -8.23 42.57 -49.76
C VAL N 138 -7.17 41.49 -49.60
N ALA N 139 -7.55 40.29 -49.18
CA ALA N 139 -6.58 39.21 -49.02
C ALA N 139 -5.81 38.92 -50.31
N VAL N 140 -6.50 38.89 -51.45
CA VAL N 140 -5.86 38.65 -52.74
C VAL N 140 -4.94 39.79 -53.17
N GLN N 141 -5.34 41.04 -52.94
CA GLN N 141 -4.47 42.17 -53.26
C GLN N 141 -3.19 42.13 -52.44
N VAL N 142 -3.28 41.73 -51.18
CA VAL N 142 -2.10 41.58 -50.34
C VAL N 142 -1.23 40.43 -50.87
N GLY N 143 -1.85 39.33 -51.27
CA GLY N 143 -1.10 38.21 -51.83
C GLY N 143 -0.33 38.62 -53.08
N ALA N 144 -0.97 39.37 -53.97
CA ALA N 144 -0.34 39.86 -55.20
C ALA N 144 0.86 40.75 -54.88
N SER N 145 0.68 41.68 -53.95
CA SER N 145 1.74 42.58 -53.50
C SER N 145 2.95 41.83 -52.92
N MET N 146 2.71 40.77 -52.16
CA MET N 146 3.81 39.98 -51.59
C MET N 146 4.61 39.23 -52.66
N VAL N 147 3.96 38.69 -53.70
CA VAL N 147 4.71 37.98 -54.76
C VAL N 147 5.50 38.96 -55.63
N ALA N 148 4.93 40.13 -55.92
CA ALA N 148 5.66 41.15 -56.67
C ALA N 148 6.94 41.54 -55.93
N THR N 149 6.85 41.79 -54.63
CA THR N 149 8.01 42.11 -53.80
C THR N 149 9.01 40.94 -53.76
N GLY N 150 8.50 39.71 -53.77
CA GLY N 150 9.37 38.53 -53.74
C GLY N 150 10.28 38.36 -54.94
N VAL N 151 9.73 38.46 -56.15
CA VAL N 151 10.49 38.30 -57.39
C VAL N 151 11.56 39.38 -57.58
N VAL N 152 11.29 40.64 -57.21
CA VAL N 152 12.33 41.67 -57.35
C VAL N 152 13.52 41.38 -56.43
N LEU N 153 13.29 40.69 -55.32
CA LEU N 153 14.38 40.30 -54.42
C LEU N 153 15.22 39.18 -55.03
N ALA N 154 14.57 38.24 -55.71
CA ALA N 154 15.26 37.13 -56.38
C ALA N 154 16.12 37.62 -57.55
N THR N 155 15.59 38.51 -58.38
CA THR N 155 16.38 39.09 -59.48
C THR N 155 17.55 39.88 -58.93
N GLY N 156 17.36 40.57 -57.82
CA GLY N 156 18.43 41.30 -57.17
C GLY N 156 19.63 40.42 -56.84
N VAL N 157 19.41 39.29 -56.17
CA VAL N 157 20.53 38.40 -55.84
C VAL N 157 21.08 37.73 -57.10
N LEU N 158 20.24 37.46 -58.10
CA LEU N 158 20.73 36.87 -59.35
C LEU N 158 21.62 37.87 -60.08
N GLY N 159 21.20 39.14 -60.10
CA GLY N 159 21.98 40.21 -60.71
C GLY N 159 23.30 40.42 -59.99
N TRP N 160 23.27 40.43 -58.66
CA TRP N 160 24.47 40.57 -57.84
C TRP N 160 25.49 39.47 -58.13
N TRP N 161 25.04 38.30 -58.55
CA TRP N 161 25.94 37.21 -58.93
C TRP N 161 26.59 37.49 -60.30
N ARG N 162 25.79 37.88 -61.30
CA ARG N 162 26.33 38.21 -62.64
C ARG N 162 27.34 39.34 -62.62
N TRP N 163 27.17 40.32 -61.75
CA TRP N 163 28.09 41.44 -61.61
C TRP N 163 29.47 40.99 -61.13
N HIS N 164 29.61 39.73 -60.74
CA HIS N 164 30.89 39.18 -60.31
C HIS N 164 31.18 37.83 -60.97
N HIS N 165 30.31 37.33 -61.82
CA HIS N 165 30.49 36.05 -62.50
C HIS N 165 29.91 36.15 -63.91
N ASN N 166 30.48 35.36 -64.83
CA ASN N 166 30.09 35.40 -66.24
C ASN N 166 29.26 34.23 -66.75
N THR N 167 28.92 33.25 -65.92
CA THR N 167 28.15 32.09 -66.39
C THR N 167 26.75 32.47 -66.89
N TRP N 168 26.17 31.53 -67.68
CA TRP N 168 24.83 31.63 -68.26
C TRP N 168 23.72 31.58 -67.22
N LEU N 169 24.01 31.07 -66.03
CA LEU N 169 23.06 30.92 -64.93
C LEU N 169 22.05 32.06 -64.76
N THR N 170 22.54 33.30 -64.67
CA THR N 170 21.67 34.45 -64.47
C THR N 170 20.60 34.62 -65.56
N THR N 171 20.96 34.55 -66.83
CA THR N 171 19.96 34.72 -67.89
C THR N 171 19.01 33.53 -67.99
N ILE N 172 19.54 32.32 -67.89
CA ILE N 172 18.73 31.09 -67.96
C ILE N 172 17.71 31.05 -66.83
N TYR N 173 18.15 31.28 -65.60
CA TYR N 173 17.28 31.27 -64.43
C TYR N 173 16.24 32.40 -64.45
N THR N 174 16.63 33.61 -64.82
CA THR N 174 15.70 34.75 -64.83
C THR N 174 14.68 34.66 -65.97
N ALA N 175 15.08 34.14 -67.12
CA ALA N 175 14.18 34.01 -68.26
C ALA N 175 12.95 33.17 -67.93
N VAL N 176 13.14 32.01 -67.31
CA VAL N 176 12.00 31.16 -66.94
C VAL N 176 11.07 31.88 -65.94
N ILE N 177 11.62 32.59 -64.95
CA ILE N 177 10.77 33.34 -64.02
C ILE N 177 9.94 34.38 -64.77
N GLY N 178 10.57 35.13 -65.66
CA GLY N 178 9.87 36.15 -66.43
C GLY N 178 8.70 35.58 -67.22
N VAL N 179 8.94 34.48 -67.92
CA VAL N 179 7.91 33.79 -68.70
C VAL N 179 6.76 33.32 -67.81
N LEU N 180 7.09 32.70 -66.67
CA LEU N 180 6.07 32.20 -65.75
C LEU N 180 5.20 33.33 -65.17
N VAL N 181 5.80 34.41 -64.68
CA VAL N 181 5.02 35.52 -64.13
C VAL N 181 4.13 36.13 -65.22
N LEU N 182 4.70 36.33 -66.41
CA LEU N 182 3.99 36.89 -67.55
C LEU N 182 2.83 36.01 -67.99
N ALA N 183 3.03 34.70 -68.01
CA ALA N 183 1.96 33.75 -68.37
C ALA N 183 0.77 33.86 -67.41
N VAL N 184 1.02 34.00 -66.12
CA VAL N 184 -0.06 34.16 -65.14
C VAL N 184 -0.79 35.48 -65.37
N ALA N 185 -0.05 36.59 -65.46
CA ALA N 185 -0.64 37.91 -65.68
C ALA N 185 -1.48 37.93 -66.96
N MET N 186 -0.98 37.30 -68.02
CA MET N 186 -1.71 37.20 -69.28
C MET N 186 -3.05 36.49 -69.08
N LEU N 187 -3.03 35.35 -68.41
CA LEU N 187 -4.26 34.58 -68.16
C LEU N 187 -5.24 35.36 -67.28
N LEU N 188 -4.75 36.13 -66.31
CA LEU N 188 -5.60 36.95 -65.44
C LEU N 188 -6.22 38.12 -66.19
N LEU N 189 -5.47 38.80 -67.05
CA LEU N 189 -5.99 39.94 -67.82
C LEU N 189 -7.16 39.55 -68.71
N MET N 190 -7.13 38.37 -69.32
CA MET N 190 -8.24 37.91 -70.15
C MET N 190 -9.49 37.61 -69.33
N ARG N 191 -9.36 37.21 -68.08
CA ARG N 191 -10.48 36.83 -67.22
C ARG N 191 -11.03 37.95 -66.32
N ALA N 192 -10.25 39.00 -66.07
CA ALA N 192 -10.70 40.09 -65.19
C ALA N 192 -12.03 40.69 -65.61
N LYS N 193 -12.91 40.92 -64.61
CA LYS N 193 -14.25 41.48 -64.80
C LYS N 193 -14.47 42.84 -64.15
N THR N 194 -13.84 43.11 -63.00
CA THR N 194 -14.02 44.34 -62.23
C THR N 194 -12.67 44.96 -61.91
N ASP N 195 -12.72 46.23 -61.47
CA ASP N 195 -11.51 46.97 -61.14
C ASP N 195 -10.72 46.28 -60.04
N ALA N 196 -11.41 45.57 -59.14
CA ALA N 196 -10.72 44.81 -58.10
C ALA N 196 -9.84 43.74 -58.74
N ASP N 197 -10.38 43.05 -59.74
CA ASP N 197 -9.65 42.03 -60.49
C ASP N 197 -8.49 42.63 -61.29
N ARG N 198 -8.71 43.77 -61.93
CA ARG N 198 -7.66 44.44 -62.71
C ARG N 198 -6.46 44.89 -61.87
N ARG N 199 -6.69 45.42 -60.67
CA ARG N 199 -5.54 45.81 -59.83
C ARG N 199 -4.65 44.60 -59.53
N VAL N 200 -5.24 43.45 -59.24
CA VAL N 200 -4.45 42.24 -58.99
C VAL N 200 -3.59 41.92 -60.20
N ALA N 201 -4.20 41.90 -61.39
CA ALA N 201 -3.50 41.61 -62.63
C ALA N 201 -2.43 42.66 -62.96
N ASP N 202 -2.74 43.94 -62.77
CA ASP N 202 -1.77 45.01 -63.03
C ASP N 202 -0.51 44.87 -62.18
N ILE N 203 -0.65 44.56 -60.89
CA ILE N 203 0.52 44.38 -60.02
C ILE N 203 1.36 43.20 -60.53
N MET N 204 0.70 42.13 -60.96
CA MET N 204 1.38 40.97 -61.52
C MET N 204 2.15 41.31 -62.80
N LEU N 205 1.53 42.08 -63.69
CA LEU N 205 2.15 42.53 -64.96
C LEU N 205 3.31 43.50 -64.69
N MET N 206 3.09 44.48 -63.83
CA MET N 206 4.12 45.45 -63.46
C MET N 206 5.43 44.78 -63.07
N SER N 207 5.35 43.67 -62.35
CA SER N 207 6.49 42.89 -61.88
C SER N 207 7.18 42.04 -62.96
N ALA N 208 6.52 41.75 -64.08
CA ALA N 208 7.10 40.93 -65.14
C ALA N 208 8.21 41.66 -65.93
N ILE N 209 8.14 42.98 -66.00
CA ILE N 209 9.12 43.81 -66.72
C ILE N 209 10.53 43.71 -66.11
N MET N 210 10.62 43.67 -64.78
CA MET N 210 11.91 43.63 -64.08
C MET N 210 12.77 42.40 -64.37
N PRO N 211 12.29 41.17 -64.28
CA PRO N 211 13.15 40.02 -64.61
C PRO N 211 13.59 39.97 -66.07
N VAL N 212 12.70 40.22 -67.01
CA VAL N 212 13.03 40.20 -68.44
C VAL N 212 14.13 41.21 -68.76
N THR N 213 14.09 42.38 -68.14
CA THR N 213 15.11 43.41 -68.34
C THR N 213 16.51 42.91 -68.00
N VAL N 214 16.73 42.42 -66.78
CA VAL N 214 18.05 41.92 -66.40
C VAL N 214 18.37 40.60 -67.12
N ALA N 215 17.36 39.85 -67.51
CA ALA N 215 17.59 38.59 -68.25
C ALA N 215 18.26 38.87 -69.59
N ALA N 216 17.80 39.89 -70.30
CA ALA N 216 18.39 40.29 -71.58
C ALA N 216 19.77 40.93 -71.40
N ALA N 217 19.88 41.91 -70.51
CA ALA N 217 21.15 42.58 -70.24
C ALA N 217 22.24 41.62 -69.74
N ALA N 218 21.88 40.52 -69.11
CA ALA N 218 22.84 39.54 -68.61
C ALA N 218 23.39 38.60 -69.68
N ALA N 219 22.78 38.55 -70.86
CA ALA N 219 23.22 37.61 -71.91
C ALA N 219 24.59 37.88 -72.54
N PRO N 220 24.97 39.10 -72.91
CA PRO N 220 26.29 39.30 -73.55
C PRO N 220 27.46 38.97 -72.64
N PRO N 221 28.31 38.03 -73.08
CA PRO N 221 29.45 37.54 -72.29
C PRO N 221 30.50 38.60 -72.00
N GLY N 222 31.46 38.17 -71.18
CA GLY N 222 32.56 38.98 -70.70
C GLY N 222 32.16 39.90 -69.59
N PRO N 223 33.12 40.65 -69.05
CA PRO N 223 32.81 41.57 -67.97
C PRO N 223 31.70 42.53 -68.33
N VAL N 224 30.86 42.80 -67.34
CA VAL N 224 29.71 43.67 -67.47
C VAL N 224 30.12 45.13 -67.65
N GLY N 225 29.32 45.85 -68.45
CA GLY N 225 29.58 47.26 -68.70
C GLY N 225 28.75 47.79 -69.85
N SER N 226 29.34 48.76 -70.56
CA SER N 226 28.72 49.45 -71.70
C SER N 226 27.93 48.57 -72.66
N PRO N 227 28.47 47.47 -73.19
CA PRO N 227 27.70 46.65 -74.14
C PRO N 227 26.49 45.94 -73.52
N GLN N 228 26.61 45.45 -72.29
CA GLN N 228 25.48 44.79 -71.62
C GLN N 228 24.35 45.76 -71.28
N ALA N 229 24.71 46.95 -70.79
CA ALA N 229 23.73 47.97 -70.42
C ALA N 229 22.75 48.32 -71.55
N VAL N 230 23.25 48.46 -72.77
CA VAL N 230 22.44 48.83 -73.94
C VAL N 230 21.23 47.93 -74.14
N LEU N 231 21.37 46.61 -73.99
CA LEU N 231 20.22 45.72 -74.18
C LEU N 231 19.13 45.92 -73.12
N GLY N 232 19.50 45.99 -71.86
CA GLY N 232 18.56 46.18 -70.77
C GLY N 232 17.65 47.38 -70.93
N PHE N 233 18.24 48.56 -71.09
CA PHE N 233 17.47 49.79 -71.28
C PHE N 233 16.64 49.73 -72.56
N GLY N 234 17.11 49.04 -73.57
CA GLY N 234 16.37 48.88 -74.81
C GLY N 234 15.09 48.08 -74.58
N VAL N 235 15.23 46.82 -74.12
CA VAL N 235 14.08 45.96 -73.86
C VAL N 235 13.15 46.58 -72.81
N LEU N 236 13.71 47.28 -71.82
CA LEU N 236 12.90 47.95 -70.80
C LEU N 236 12.01 49.00 -71.43
N THR N 237 12.58 49.83 -72.31
CA THR N 237 11.82 50.87 -73.02
C THR N 237 10.72 50.26 -73.90
N VAL N 238 11.05 49.21 -74.64
CA VAL N 238 10.11 48.53 -75.52
C VAL N 238 8.97 47.87 -74.72
N ALA N 239 9.32 47.09 -73.71
CA ALA N 239 8.32 46.38 -72.89
C ALA N 239 7.36 47.35 -72.19
N ALA N 240 7.89 48.38 -71.55
CA ALA N 240 7.03 49.37 -70.88
C ALA N 240 6.08 50.03 -71.88
N ALA N 241 6.59 50.45 -73.03
CA ALA N 241 5.76 51.08 -74.06
C ALA N 241 4.72 50.09 -74.62
N LEU N 242 5.13 48.86 -74.87
CA LEU N 242 4.24 47.82 -75.40
C LEU N 242 3.12 47.48 -74.41
N ALA N 243 3.45 47.38 -73.13
CA ALA N 243 2.46 47.09 -72.09
C ALA N 243 1.40 48.18 -72.03
N LEU N 244 1.83 49.43 -72.08
CA LEU N 244 0.92 50.58 -72.10
C LEU N 244 0.01 50.51 -73.33
N ARG N 245 0.59 50.39 -74.51
CA ARG N 245 -0.17 50.31 -75.77
C ARG N 245 -1.26 49.26 -75.72
N PHE N 246 -0.96 48.06 -75.25
CA PHE N 246 -1.97 46.99 -75.21
C PHE N 246 -2.92 47.08 -74.01
N THR N 247 -2.48 47.64 -72.88
CA THR N 247 -3.32 47.70 -71.67
C THR N 247 -4.14 48.98 -71.53
N GLY N 248 -3.56 50.14 -71.85
CA GLY N 248 -4.28 51.39 -71.73
C GLY N 248 -4.65 51.85 -70.33
N ARG N 249 -3.92 51.38 -69.32
CA ARG N 249 -4.15 51.72 -67.92
C ARG N 249 -2.77 51.85 -67.26
N ARG N 250 -2.73 52.54 -66.11
CA ARG N 250 -1.46 52.77 -65.40
C ARG N 250 -0.48 53.60 -66.25
N LEU N 251 -1.00 54.63 -66.91
CA LEU N 251 -0.23 55.49 -67.80
C LEU N 251 1.03 56.06 -67.15
N GLY N 252 0.88 56.64 -65.97
CA GLY N 252 1.97 57.27 -65.23
C GLY N 252 3.21 56.45 -64.97
N ILE N 253 3.05 55.29 -64.34
CA ILE N 253 4.18 54.42 -64.01
C ILE N 253 4.90 53.93 -65.26
N TYR N 254 4.17 53.48 -66.28
CA TYR N 254 4.80 53.02 -67.53
C TYR N 254 5.49 54.15 -68.29
N THR N 255 4.84 55.30 -68.44
CA THR N 255 5.40 56.44 -69.16
C THR N 255 6.74 56.90 -68.56
N THR N 256 6.80 56.99 -67.24
CA THR N 256 8.01 57.41 -66.54
C THR N 256 9.18 56.46 -66.84
N ILE N 257 8.91 55.17 -66.92
CA ILE N 257 9.94 54.18 -67.27
C ILE N 257 10.40 54.37 -68.72
N VAL N 258 9.48 54.61 -69.64
CA VAL N 258 9.84 54.81 -71.06
C VAL N 258 10.81 55.98 -71.22
N ILE N 259 10.56 57.10 -70.52
CA ILE N 259 11.44 58.27 -70.63
C ILE N 259 12.85 57.95 -70.14
N ILE N 260 13.00 57.47 -68.91
CA ILE N 260 14.33 57.18 -68.37
C ILE N 260 15.00 56.07 -69.18
N GLY N 261 14.23 55.10 -69.66
CA GLY N 261 14.78 54.01 -70.45
C GLY N 261 15.35 54.49 -71.78
N ALA N 262 14.56 55.23 -72.54
CA ALA N 262 14.96 55.77 -73.85
C ALA N 262 16.21 56.66 -73.74
N LEU N 263 16.18 57.65 -72.85
CA LEU N 263 17.31 58.57 -72.67
C LEU N 263 18.57 57.84 -72.24
N THR N 264 18.45 56.84 -71.36
CA THR N 264 19.62 56.08 -70.92
C THR N 264 20.19 55.23 -72.06
N MET N 265 19.33 54.67 -72.90
CA MET N 265 19.77 53.87 -74.04
C MET N 265 20.66 54.68 -74.99
N LEU N 266 20.27 55.92 -75.29
CA LEU N 266 21.06 56.80 -76.15
C LEU N 266 22.43 57.08 -75.52
N ALA N 267 22.44 57.43 -74.24
CA ALA N 267 23.69 57.70 -73.54
C ALA N 267 24.56 56.44 -73.47
N ALA N 268 23.94 55.28 -73.23
CA ALA N 268 24.68 54.02 -73.17
C ALA N 268 25.29 53.69 -74.53
N LEU N 269 24.53 53.87 -75.61
CA LEU N 269 25.03 53.62 -76.96
C LEU N 269 26.23 54.51 -77.27
N ALA N 270 26.13 55.80 -76.97
CA ALA N 270 27.24 56.73 -77.19
C ALA N 270 28.49 56.28 -76.44
N ARG N 271 28.37 56.04 -75.14
CA ARG N 271 29.51 55.58 -74.34
C ARG N 271 30.08 54.27 -74.88
N MET N 272 29.23 53.36 -75.35
CA MET N 272 29.72 52.11 -75.91
C MET N 272 30.51 52.35 -77.19
N VAL N 273 30.00 53.22 -78.07
CA VAL N 273 30.70 53.53 -79.33
C VAL N 273 31.92 54.39 -79.05
N ALA N 274 31.72 55.61 -78.54
CA ALA N 274 32.84 56.49 -78.25
C ALA N 274 32.38 57.73 -77.48
N ALA N 275 33.09 58.06 -76.40
CA ALA N 275 32.78 59.21 -75.57
C ALA N 275 34.05 59.71 -74.88
N THR N 276 34.33 61.00 -75.04
CA THR N 276 35.52 61.59 -74.44
C THR N 276 35.39 61.72 -72.92
N SER N 277 34.19 62.02 -72.41
CA SER N 277 34.05 62.13 -70.96
C SER N 277 32.59 62.02 -70.57
N ALA N 278 32.39 61.68 -69.28
CA ALA N 278 31.05 61.59 -68.71
C ALA N 278 30.38 62.95 -68.67
N VAL N 279 31.16 64.00 -68.38
CA VAL N 279 30.66 65.37 -68.33
C VAL N 279 29.95 65.72 -69.63
N THR N 280 30.51 65.26 -70.75
CA THR N 280 29.93 65.49 -72.06
C THR N 280 28.53 64.88 -72.17
N LEU N 281 28.41 63.61 -71.80
CA LEU N 281 27.11 62.91 -71.84
C LEU N 281 26.15 63.51 -70.81
N LEU N 282 26.63 63.76 -69.59
CA LEU N 282 25.80 64.36 -68.54
C LEU N 282 25.29 65.74 -68.95
N SER N 283 26.14 66.56 -69.55
CA SER N 283 25.73 67.88 -70.05
C SER N 283 24.73 67.75 -71.18
N SER N 284 24.93 66.79 -72.08
CA SER N 284 24.01 66.53 -73.18
C SER N 284 22.63 66.15 -72.65
N LEU N 285 22.58 65.25 -71.67
CA LEU N 285 21.32 64.83 -71.06
C LEU N 285 20.61 66.02 -70.39
N LEU N 286 21.37 66.83 -69.65
CA LEU N 286 20.80 68.02 -69.01
C LEU N 286 20.15 68.93 -70.05
N LEU N 287 20.84 69.16 -71.16
CA LEU N 287 20.33 70.00 -72.25
C LEU N 287 19.08 69.38 -72.90
N ILE N 288 19.07 68.08 -73.10
CA ILE N 288 17.91 67.37 -73.67
C ILE N 288 16.70 67.51 -72.76
N CYS N 289 16.89 67.32 -71.46
CA CYS N 289 15.82 67.47 -70.46
C CYS N 289 15.32 68.92 -70.39
N VAL N 290 16.24 69.88 -70.44
CA VAL N 290 15.90 71.30 -70.42
C VAL N 290 14.90 71.65 -71.53
N VAL N 291 15.18 71.24 -72.77
CA VAL N 291 14.24 71.50 -73.86
C VAL N 291 12.95 70.69 -73.67
N ALA N 292 13.06 69.48 -73.14
CA ALA N 292 11.88 68.64 -72.88
C ALA N 292 10.95 69.28 -71.84
N TYR N 293 11.50 69.92 -70.79
CA TYR N 293 10.65 70.60 -69.82
C TYR N 293 9.82 71.69 -70.49
N HIS N 294 10.39 72.40 -71.45
CA HIS N 294 9.67 73.44 -72.17
C HIS N 294 8.61 72.84 -73.09
N ALA N 295 8.92 71.73 -73.77
CA ALA N 295 8.01 71.05 -74.68
C ALA N 295 6.98 70.14 -74.00
N ALA N 296 7.17 69.79 -72.73
CA ALA N 296 6.33 68.87 -71.96
C ALA N 296 4.82 68.96 -72.18
N PRO N 297 4.18 70.12 -72.04
CA PRO N 297 2.72 70.17 -72.26
C PRO N 297 2.32 69.87 -73.70
N ALA N 298 3.13 70.28 -74.66
CA ALA N 298 2.84 69.98 -76.07
C ALA N 298 2.94 68.48 -76.33
N LEU N 299 3.96 67.83 -75.80
CA LEU N 299 4.10 66.38 -75.95
C LEU N 299 2.85 65.68 -75.42
N SER N 300 2.45 66.01 -74.20
CA SER N 300 1.26 65.42 -73.61
C SER N 300 0.03 65.66 -74.47
N ARG N 301 -0.15 66.88 -74.98
CA ARG N 301 -1.30 67.17 -75.81
C ARG N 301 -1.34 66.30 -77.07
N ARG N 302 -0.19 66.09 -77.71
CA ARG N 302 -0.18 65.23 -78.90
C ARG N 302 -0.25 63.75 -78.55
N LEU N 303 0.34 63.32 -77.43
CA LEU N 303 0.28 61.91 -77.05
C LEU N 303 -1.13 61.50 -76.62
N ALA N 304 -1.89 62.41 -76.04
CA ALA N 304 -3.23 62.09 -75.58
C ALA N 304 -4.14 61.79 -76.76
N SER N 344 -23.76 61.46 -75.18
CA SER N 344 -22.79 60.60 -75.83
C SER N 344 -21.57 61.39 -76.30
N SER N 345 -21.80 62.67 -76.63
CA SER N 345 -20.74 63.54 -77.09
C SER N 345 -19.85 64.06 -75.97
N VAL N 346 -20.43 64.28 -74.79
CA VAL N 346 -19.71 64.83 -73.63
C VAL N 346 -18.51 63.96 -73.25
N ARG N 347 -18.69 62.64 -73.31
CA ARG N 347 -17.63 61.69 -72.95
C ARG N 347 -16.29 62.01 -73.61
N ASP N 348 -16.33 62.40 -74.88
CA ASP N 348 -15.10 62.74 -75.61
C ASP N 348 -14.25 63.80 -74.90
N VAL N 349 -14.89 64.76 -74.23
CA VAL N 349 -14.16 65.81 -73.51
C VAL N 349 -13.53 65.29 -72.22
N LEU N 350 -14.29 64.55 -71.41
CA LEU N 350 -13.83 64.05 -70.11
C LEU N 350 -12.63 63.09 -70.22
N LEU N 351 -12.70 62.11 -71.11
CA LEU N 351 -11.63 61.13 -71.29
C LEU N 351 -10.29 61.78 -71.67
N GLN N 352 -10.31 62.70 -72.64
CA GLN N 352 -9.09 63.38 -73.09
C GLN N 352 -8.41 64.22 -72.01
N ALA N 353 -9.19 64.93 -71.20
CA ALA N 353 -8.65 65.78 -70.14
C ALA N 353 -7.78 65.00 -69.14
N GLU N 354 -8.29 63.90 -68.59
CA GLU N 354 -7.52 63.10 -67.62
C GLU N 354 -6.35 62.36 -68.28
N ARG N 355 -6.50 61.97 -69.54
CA ARG N 355 -5.40 61.32 -70.26
C ARG N 355 -4.19 62.25 -70.33
N ALA N 356 -4.39 63.46 -70.82
CA ALA N 356 -3.29 64.44 -70.89
C ALA N 356 -2.69 64.71 -69.52
N ARG N 357 -3.53 64.85 -68.49
CA ARG N 357 -3.08 65.07 -67.12
C ARG N 357 -2.19 63.92 -66.65
N SER N 358 -2.54 62.70 -67.00
CA SER N 358 -1.77 61.51 -66.63
C SER N 358 -0.39 61.54 -67.28
N PHE N 359 -0.32 61.66 -68.61
CA PHE N 359 0.96 61.71 -69.33
C PHE N 359 1.85 62.85 -68.85
N LEU N 360 1.28 64.02 -68.60
CA LEU N 360 2.07 65.17 -68.17
C LEU N 360 2.69 64.96 -66.77
N SER N 361 1.95 64.38 -65.83
CA SER N 361 2.48 64.16 -64.49
C SER N 361 3.67 63.21 -64.50
N GLY N 362 3.60 62.14 -65.29
CA GLY N 362 4.73 61.22 -65.41
C GLY N 362 5.91 61.85 -66.12
N LEU N 363 5.65 62.57 -67.21
CA LEU N 363 6.68 63.24 -68.00
C LEU N 363 7.50 64.18 -67.13
N LEU N 364 6.85 65.11 -66.44
CA LEU N 364 7.54 66.05 -65.56
C LEU N 364 8.33 65.34 -64.46
N THR N 365 7.80 64.21 -63.96
CA THR N 365 8.47 63.41 -62.91
C THR N 365 9.74 62.73 -63.45
N GLY N 366 9.63 62.06 -64.59
CA GLY N 366 10.77 61.36 -65.18
C GLY N 366 11.93 62.28 -65.49
N LEU N 367 11.65 63.46 -66.04
CA LEU N 367 12.68 64.45 -66.31
C LEU N 367 13.36 64.87 -65.02
N GLY N 368 12.58 65.00 -63.94
CA GLY N 368 13.11 65.33 -62.63
C GLY N 368 14.16 64.34 -62.16
N VAL N 369 13.88 63.04 -62.33
CA VAL N 369 14.81 61.97 -61.97
C VAL N 369 16.12 62.09 -62.76
N MET N 370 16.03 62.32 -64.07
CA MET N 370 17.22 62.48 -64.90
C MET N 370 18.07 63.68 -64.47
N VAL N 371 17.49 64.86 -64.29
CA VAL N 371 18.30 66.04 -63.91
C VAL N 371 18.90 65.90 -62.51
N VAL N 372 18.19 65.31 -61.56
CA VAL N 372 18.80 65.15 -60.23
C VAL N 372 19.97 64.16 -60.31
N VAL N 373 19.83 63.08 -61.05
CA VAL N 373 20.92 62.12 -61.22
C VAL N 373 22.08 62.76 -61.99
N CYS N 374 21.77 63.51 -63.05
CA CYS N 374 22.79 64.18 -63.86
C CYS N 374 23.50 65.29 -63.10
N MET N 375 22.74 66.21 -62.50
CA MET N 375 23.34 67.33 -61.77
C MET N 375 24.23 66.86 -60.61
N THR N 376 23.77 65.88 -59.83
CA THR N 376 24.60 65.35 -58.74
C THR N 376 25.86 64.68 -59.26
N SER N 377 25.88 64.24 -60.50
CA SER N 377 27.05 63.65 -61.13
C SER N 377 27.96 64.72 -61.74
N LEU N 378 27.37 65.84 -62.17
CA LEU N 378 28.15 66.94 -62.76
C LEU N 378 28.93 67.73 -61.70
N CYS N 379 28.28 68.11 -60.60
CA CYS N 379 28.98 68.86 -59.55
C CYS N 379 30.01 68.00 -58.81
N ASP N 380 31.06 68.67 -58.33
CA ASP N 380 32.14 68.01 -57.61
C ASP N 380 32.85 69.02 -56.71
N PRO N 381 33.35 68.59 -55.54
CA PRO N 381 34.06 69.49 -54.61
C PRO N 381 35.56 69.59 -54.80
N HIS N 382 36.17 68.83 -55.71
CA HIS N 382 37.62 68.87 -55.91
C HIS N 382 38.04 69.17 -57.34
N THR N 383 37.21 68.86 -58.33
CA THR N 383 37.59 68.97 -59.72
C THR N 383 37.43 70.39 -60.28
N GLY N 384 38.50 70.86 -60.92
CA GLY N 384 38.55 72.15 -61.60
C GLY N 384 37.97 73.38 -60.92
N GLN N 385 37.26 74.18 -61.72
CA GLN N 385 36.57 75.38 -61.25
C GLN N 385 35.32 74.97 -60.46
N ARG N 386 35.57 74.53 -59.23
CA ARG N 386 34.56 74.04 -58.29
C ARG N 386 33.28 74.86 -58.25
N TRP N 387 33.42 76.19 -58.36
CA TRP N 387 32.28 77.12 -58.36
C TRP N 387 31.41 77.06 -59.61
N LEU N 388 31.95 76.65 -60.75
CA LEU N 388 31.18 76.60 -62.00
C LEU N 388 29.95 75.71 -61.93
N PRO N 389 30.06 74.42 -61.59
CA PRO N 389 28.86 73.58 -61.48
C PRO N 389 27.92 74.00 -60.36
N LEU N 390 28.45 74.60 -59.29
CA LEU N 390 27.63 75.07 -58.18
C LEU N 390 26.70 76.20 -58.62
N ILE N 391 27.22 77.18 -59.36
CA ILE N 391 26.39 78.28 -59.86
C ILE N 391 25.42 77.77 -60.93
N LEU N 392 25.88 76.83 -61.75
CA LEU N 392 25.03 76.21 -62.77
C LEU N 392 23.85 75.50 -62.11
N ALA N 393 24.11 74.79 -61.00
CA ALA N 393 23.07 74.13 -60.22
C ALA N 393 22.10 75.17 -59.66
N GLY N 394 22.64 76.31 -59.22
CA GLY N 394 21.82 77.40 -58.72
C GLY N 394 20.86 77.92 -59.78
N PHE N 395 21.39 78.23 -60.97
CA PHE N 395 20.55 78.71 -62.08
C PHE N 395 19.51 77.65 -62.45
N THR N 396 19.91 76.38 -62.47
CA THR N 396 18.99 75.28 -62.78
C THR N 396 17.87 75.20 -61.74
N SER N 397 18.22 75.33 -60.46
CA SER N 397 17.25 75.31 -59.36
C SER N 397 16.28 76.49 -59.48
N GLY N 398 16.80 77.68 -59.77
CA GLY N 398 15.96 78.87 -59.93
C GLY N 398 14.94 78.72 -61.05
N PHE N 399 15.35 78.22 -62.21
CA PHE N 399 14.42 77.99 -63.32
C PHE N 399 13.29 77.04 -62.91
N LEU N 400 13.62 75.91 -62.31
CA LEU N 400 12.60 74.95 -61.87
C LEU N 400 11.69 75.55 -60.82
N LEU N 401 12.26 76.29 -59.87
CA LEU N 401 11.48 76.94 -58.81
C LEU N 401 10.51 77.98 -59.38
N LEU N 402 10.96 78.80 -60.33
CA LEU N 402 10.12 79.82 -60.96
C LEU N 402 9.06 79.22 -61.90
N ARG N 403 9.47 78.30 -62.78
CA ARG N 403 8.54 77.69 -63.75
C ARG N 403 7.56 76.71 -63.11
N GLY N 404 7.92 76.08 -62.00
CA GLY N 404 7.02 75.13 -61.34
C GLY N 404 5.65 75.69 -60.95
N ARG N 405 5.57 76.98 -60.64
CA ARG N 405 4.31 77.63 -60.26
C ARG N 405 3.39 77.95 -61.44
N SER N 406 3.89 77.87 -62.67
CA SER N 406 3.06 78.16 -63.85
C SER N 406 2.05 77.04 -64.15
N TYR N 407 2.36 75.81 -63.75
CA TYR N 407 1.49 74.66 -63.98
C TYR N 407 0.29 74.67 -63.04
N VAL N 408 -0.91 74.55 -63.61
CA VAL N 408 -2.17 74.57 -62.89
C VAL N 408 -2.64 73.16 -62.52
N ASP N 409 -1.95 72.56 -61.54
CA ASP N 409 -2.24 71.24 -61.01
C ASP N 409 -1.38 71.08 -59.76
N ARG N 410 -1.98 70.52 -58.70
CA ARG N 410 -1.28 70.34 -57.42
C ARG N 410 -0.07 69.39 -57.52
N TRP N 411 -0.28 68.15 -57.96
CA TRP N 411 0.84 67.20 -58.03
C TRP N 411 1.92 67.64 -59.01
N GLN N 412 1.55 68.24 -60.13
CA GLN N 412 2.57 68.71 -61.07
C GLN N 412 3.36 69.89 -60.50
N SER N 413 2.69 70.85 -59.89
CA SER N 413 3.39 71.99 -59.28
C SER N 413 4.18 71.57 -58.05
N ILE N 414 3.60 70.72 -57.20
CA ILE N 414 4.26 70.21 -55.99
C ILE N 414 5.47 69.35 -56.35
N THR N 415 5.29 68.43 -57.30
CA THR N 415 6.40 67.55 -57.71
C THR N 415 7.57 68.36 -58.27
N LEU N 416 7.28 69.37 -59.09
CA LEU N 416 8.33 70.23 -59.66
C LEU N 416 9.04 71.02 -58.56
N ALA N 417 8.28 71.60 -57.64
CA ALA N 417 8.85 72.36 -56.54
C ALA N 417 9.77 71.49 -55.68
N GLY N 418 9.32 70.30 -55.33
CA GLY N 418 10.12 69.36 -54.56
C GLY N 418 11.39 68.92 -55.27
N THR N 419 11.33 68.78 -56.59
CA THR N 419 12.49 68.38 -57.39
C THR N 419 13.65 69.36 -57.24
N ALA N 420 13.37 70.65 -57.12
CA ALA N 420 14.41 71.65 -56.94
C ALA N 420 15.09 71.54 -55.56
N VAL N 421 14.32 71.33 -54.50
CA VAL N 421 14.85 71.22 -53.13
C VAL N 421 15.80 70.03 -52.99
N ILE N 422 15.45 68.87 -53.52
CA ILE N 422 16.32 67.68 -53.43
C ILE N 422 17.65 67.90 -54.15
N ILE N 423 17.64 68.59 -55.29
CA ILE N 423 18.89 68.87 -56.01
C ILE N 423 19.82 69.70 -55.14
N ALA N 424 19.30 70.78 -54.55
CA ALA N 424 20.10 71.65 -53.67
C ALA N 424 20.67 70.86 -52.49
N ALA N 425 19.81 70.12 -51.79
CA ALA N 425 20.22 69.31 -50.63
C ALA N 425 21.30 68.29 -51.00
N ALA N 426 21.17 67.60 -52.13
CA ALA N 426 22.14 66.61 -52.56
C ALA N 426 23.54 67.21 -52.75
N VAL N 427 23.63 68.41 -53.31
CA VAL N 427 24.92 69.09 -53.48
C VAL N 427 25.54 69.40 -52.11
N CYS N 428 24.73 69.89 -51.16
CA CYS N 428 25.22 70.17 -49.82
C CYS N 428 25.77 68.92 -49.16
N VAL N 429 25.06 67.80 -49.24
CA VAL N 429 25.52 66.55 -48.66
C VAL N 429 26.83 66.10 -49.34
N ARG N 430 26.90 66.23 -50.66
CA ARG N 430 28.13 65.89 -51.38
C ARG N 430 29.33 66.67 -50.84
N TYR N 431 29.18 67.97 -50.66
CA TYR N 431 30.20 68.88 -50.13
C TYR N 431 30.50 68.68 -48.64
N ALA N 432 29.78 67.81 -47.94
CA ALA N 432 30.02 67.49 -46.53
C ALA N 432 30.72 66.14 -46.36
N LEU N 433 30.27 65.13 -47.07
CA LEU N 433 30.89 63.80 -46.98
C LEU N 433 32.29 63.81 -47.57
N GLU N 434 32.45 64.37 -48.76
CA GLU N 434 33.75 64.54 -49.38
C GLU N 434 34.25 65.94 -49.07
N LEU N 435 35.57 66.10 -49.00
CA LEU N 435 36.18 67.37 -48.57
C LEU N 435 35.73 67.69 -47.14
N SER N 436 35.70 66.62 -46.34
CA SER N 436 35.26 66.60 -44.95
C SER N 436 36.18 67.37 -44.00
N SER N 437 35.55 68.08 -43.06
CA SER N 437 36.23 68.88 -42.05
C SER N 437 35.18 69.36 -41.04
N PRO N 438 35.59 69.68 -39.81
CA PRO N 438 34.61 70.13 -38.80
C PRO N 438 33.86 71.38 -39.22
N LEU N 439 34.55 72.33 -39.82
CA LEU N 439 33.89 73.55 -40.31
C LEU N 439 32.94 73.22 -41.46
N ALA N 440 33.40 72.40 -42.40
CA ALA N 440 32.60 72.00 -43.56
C ALA N 440 31.26 71.35 -43.15
N VAL N 441 31.28 70.36 -42.26
CA VAL N 441 30.03 69.73 -41.83
C VAL N 441 29.14 70.72 -41.07
N SER N 442 29.75 71.56 -40.24
CA SER N 442 29.03 72.57 -39.47
C SER N 442 28.34 73.58 -40.39
N ILE N 443 29.08 74.04 -41.40
CA ILE N 443 28.58 74.98 -42.40
C ILE N 443 27.46 74.36 -43.22
N VAL N 444 27.67 73.14 -43.73
CA VAL N 444 26.63 72.45 -44.51
C VAL N 444 25.37 72.24 -43.68
N ALA N 445 25.51 71.80 -42.44
CA ALA N 445 24.33 71.61 -41.58
C ALA N 445 23.53 72.90 -41.43
N ALA N 446 24.21 74.02 -41.20
CA ALA N 446 23.52 75.32 -41.09
C ALA N 446 22.77 75.64 -42.38
N ILE N 447 23.43 75.48 -43.52
CA ILE N 447 22.81 75.73 -44.83
C ILE N 447 21.64 74.77 -45.08
N LEU N 448 21.87 73.48 -44.82
CA LEU N 448 20.91 72.41 -45.03
C LEU N 448 19.64 72.55 -44.18
N VAL N 449 19.74 73.07 -42.96
CA VAL N 449 18.55 73.30 -42.12
C VAL N 449 17.86 74.63 -42.43
N LEU N 450 18.62 75.72 -42.63
CA LEU N 450 18.00 77.02 -42.93
C LEU N 450 17.36 77.10 -44.32
N LEU N 451 17.91 76.45 -45.34
CA LEU N 451 17.37 76.47 -46.69
C LEU N 451 15.88 76.11 -46.73
N PRO N 452 15.47 74.91 -46.30
CA PRO N 452 14.03 74.58 -46.31
C PRO N 452 13.24 75.40 -45.30
N ALA N 453 13.84 75.77 -44.17
CA ALA N 453 13.17 76.61 -43.18
C ALA N 453 12.80 77.96 -43.80
N ALA N 454 13.71 78.54 -44.57
CA ALA N 454 13.48 79.79 -45.28
C ALA N 454 12.40 79.61 -46.36
N GLY N 455 12.42 78.49 -47.06
CA GLY N 455 11.39 78.20 -48.05
C GLY N 455 10.00 78.17 -47.44
N MET N 456 9.85 77.52 -46.29
CA MET N 456 8.57 77.51 -45.58
C MET N 456 8.22 78.91 -45.08
N ALA N 457 9.20 79.60 -44.49
CA ALA N 457 8.98 80.96 -43.98
C ALA N 457 8.47 81.90 -45.06
N ALA N 458 9.00 81.81 -46.28
CA ALA N 458 8.53 82.68 -47.37
C ALA N 458 7.02 82.50 -47.60
N ALA N 459 6.51 81.29 -47.46
CA ALA N 459 5.08 81.04 -47.62
C ALA N 459 4.30 81.30 -46.33
N ALA N 460 4.85 80.94 -45.17
CA ALA N 460 4.14 81.13 -43.91
C ALA N 460 4.03 82.60 -43.53
N HIS N 461 5.07 83.40 -43.76
CA HIS N 461 5.03 84.82 -43.42
C HIS N 461 4.17 85.59 -44.43
N GLN O 19 -81.68 9.05 -91.96
CA GLN O 19 -80.51 8.33 -91.48
C GLN O 19 -79.29 8.69 -92.32
N ALA O 20 -78.13 8.82 -91.68
CA ALA O 20 -76.91 9.18 -92.40
C ALA O 20 -75.70 8.75 -91.57
N VAL O 21 -74.54 8.77 -92.22
CA VAL O 21 -73.26 8.44 -91.58
C VAL O 21 -72.17 9.33 -92.15
N VAL O 22 -71.11 9.54 -91.36
CA VAL O 22 -69.97 10.35 -91.74
C VAL O 22 -68.69 9.54 -91.56
N VAL O 23 -67.81 9.56 -92.56
CA VAL O 23 -66.59 8.77 -92.56
C VAL O 23 -65.42 9.55 -93.16
N GLY O 24 -64.22 9.18 -92.74
CA GLY O 24 -62.98 9.75 -93.23
C GLY O 24 -62.54 9.02 -94.49
N VAL O 25 -62.68 9.67 -95.64
CA VAL O 25 -62.30 9.10 -96.93
C VAL O 25 -60.91 9.60 -97.33
N MET O 26 -59.97 8.66 -97.42
CA MET O 26 -58.60 8.95 -97.81
C MET O 26 -58.50 9.08 -99.33
N ALA O 27 -57.65 9.99 -99.78
CA ALA O 27 -57.48 10.22 -101.22
C ALA O 27 -55.98 10.32 -101.53
N GLY O 28 -55.67 10.94 -102.67
CA GLY O 28 -54.31 11.06 -103.16
C GLY O 28 -53.20 11.39 -102.17
N GLU O 29 -52.14 10.59 -102.25
CA GLU O 29 -50.96 10.65 -101.40
C GLU O 29 -51.31 10.55 -99.92
N GLY O 30 -52.52 10.11 -99.60
CA GLY O 30 -52.97 9.97 -98.23
C GLY O 30 -53.68 11.15 -97.60
N VAL O 31 -54.18 12.10 -98.39
CA VAL O 31 -54.86 13.27 -97.83
C VAL O 31 -56.17 12.84 -97.19
N GLN O 32 -56.36 13.21 -95.92
CA GLN O 32 -57.58 12.90 -95.18
C GLN O 32 -58.72 13.84 -95.53
N ILE O 33 -59.87 13.27 -95.92
CA ILE O 33 -61.06 14.04 -96.26
C ILE O 33 -62.27 13.46 -95.52
N GLY O 34 -63.19 14.31 -95.08
CA GLY O 34 -64.40 13.91 -94.39
C GLY O 34 -65.63 14.07 -95.28
N VAL O 35 -66.50 13.06 -95.29
CA VAL O 35 -67.70 13.06 -96.12
C VAL O 35 -68.91 12.46 -95.42
N LEU O 36 -70.10 12.92 -95.84
CA LEU O 36 -71.39 12.48 -95.33
C LEU O 36 -72.03 11.55 -96.36
N LEU O 37 -72.42 10.34 -95.91
CA LEU O 37 -73.02 9.33 -96.78
C LEU O 37 -74.34 8.82 -96.22
N ASP O 38 -75.19 8.32 -97.12
CA ASP O 38 -76.47 7.75 -96.70
C ASP O 38 -76.26 6.43 -95.98
N ALA O 39 -77.22 6.09 -95.11
CA ALA O 39 -77.15 4.85 -94.35
C ALA O 39 -77.63 3.61 -95.11
N ASN O 40 -78.70 3.72 -95.89
CA ASN O 40 -79.29 2.56 -96.57
C ASN O 40 -78.97 2.39 -98.06
N ALA O 41 -78.67 3.45 -98.80
CA ALA O 41 -78.31 3.26 -100.20
C ALA O 41 -77.03 2.45 -100.35
N PRO O 42 -76.94 1.56 -101.34
CA PRO O 42 -75.72 0.77 -101.51
C PRO O 42 -74.55 1.58 -102.03
N VAL O 43 -73.36 1.04 -101.75
CA VAL O 43 -72.09 1.67 -102.11
C VAL O 43 -71.96 2.01 -103.59
N SER O 44 -72.41 1.11 -104.47
CA SER O 44 -72.31 1.36 -105.91
C SER O 44 -73.04 2.61 -106.40
N VAL O 45 -74.20 2.93 -105.81
CA VAL O 45 -74.93 4.14 -106.23
C VAL O 45 -74.34 5.43 -105.70
N MET O 46 -73.39 5.36 -104.76
CA MET O 46 -72.77 6.54 -104.18
C MET O 46 -71.29 6.71 -104.50
N THR O 47 -70.59 5.66 -104.92
CA THR O 47 -69.16 5.74 -105.23
C THR O 47 -68.86 6.63 -106.43
N ASP O 48 -69.81 6.83 -107.33
CA ASP O 48 -69.67 7.70 -108.51
C ASP O 48 -69.75 9.17 -108.10
N PRO O 49 -70.85 9.62 -107.49
CA PRO O 49 -70.93 11.03 -107.06
C PRO O 49 -69.88 11.38 -106.01
N LEU O 50 -69.52 10.45 -105.14
CA LEU O 50 -68.48 10.69 -104.14
C LEU O 50 -67.14 11.01 -104.79
N LEU O 51 -66.84 10.38 -105.91
CA LEU O 51 -65.60 10.64 -106.63
C LEU O 51 -65.58 12.06 -107.20
N LYS O 52 -66.74 12.57 -107.60
CA LYS O 52 -66.87 13.93 -108.12
C LYS O 52 -66.56 14.98 -107.05
N VAL O 53 -67.19 14.88 -105.88
CA VAL O 53 -66.95 15.82 -104.78
C VAL O 53 -65.51 15.71 -104.27
N VAL O 54 -64.95 14.50 -104.21
CA VAL O 54 -63.56 14.33 -103.78
C VAL O 54 -62.62 15.00 -104.77
N ASN O 55 -62.87 14.83 -106.07
CA ASN O 55 -62.03 15.48 -107.08
C ASN O 55 -62.21 16.99 -107.02
N SER O 56 -63.45 17.44 -106.87
CA SER O 56 -63.77 18.86 -106.74
C SER O 56 -63.04 19.49 -105.54
N ARG O 57 -63.09 18.81 -104.40
CA ARG O 57 -62.43 19.30 -103.18
C ARG O 57 -60.92 19.27 -103.32
N LEU O 58 -60.36 18.23 -103.94
CA LEU O 58 -58.93 18.14 -104.14
C LEU O 58 -58.39 19.36 -104.88
N ARG O 59 -59.08 19.79 -105.94
CA ARG O 59 -58.65 20.97 -106.71
C ARG O 59 -58.65 22.24 -105.86
N GLU O 60 -59.58 22.37 -104.91
CA GLU O 60 -59.57 23.56 -104.04
C GLU O 60 -58.36 23.54 -103.12
N LEU O 61 -57.91 22.34 -102.73
CA LEU O 61 -56.71 22.19 -101.92
C LEU O 61 -55.46 22.30 -102.78
N GLY O 62 -55.62 22.30 -104.10
CA GLY O 62 -54.51 22.35 -105.03
C GLY O 62 -53.88 21.01 -105.32
N GLU O 63 -54.55 19.92 -104.98
CA GLU O 63 -54.07 18.58 -105.20
C GLU O 63 -54.68 18.02 -106.50
N ALA O 64 -53.91 17.15 -107.16
CA ALA O 64 -54.39 16.53 -108.38
C ALA O 64 -55.55 15.56 -108.11
N PRO O 65 -56.57 15.55 -108.97
CA PRO O 65 -57.69 14.62 -108.80
C PRO O 65 -57.27 13.17 -108.98
N LEU O 66 -58.11 12.28 -108.46
CA LEU O 66 -57.89 10.84 -108.57
C LEU O 66 -57.92 10.43 -110.04
N GLU O 67 -56.87 9.74 -110.48
CA GLU O 67 -56.73 9.33 -111.87
C GLU O 67 -55.85 8.09 -112.00
N ALA O 68 -56.22 7.21 -112.93
CA ALA O 68 -55.49 5.96 -113.17
C ALA O 68 -55.74 5.50 -114.59
N THR O 69 -54.90 4.57 -115.06
CA THR O 69 -54.97 4.00 -116.39
C THR O 69 -55.03 2.48 -116.35
N GLY O 70 -55.72 1.92 -117.34
CA GLY O 70 -55.90 0.49 -117.47
C GLY O 70 -57.34 0.06 -117.24
N ARG O 71 -57.58 -1.20 -117.61
CA ARG O 71 -58.89 -1.81 -117.44
C ARG O 71 -59.18 -2.05 -115.96
N GLY O 72 -60.34 -1.61 -115.50
CA GLY O 72 -60.68 -1.76 -114.09
C GLY O 72 -61.83 -0.82 -113.68
N ARG O 73 -61.85 -0.50 -112.38
CA ARG O 73 -62.91 0.36 -111.84
C ARG O 73 -62.47 0.99 -110.51
N TRP O 74 -63.26 1.99 -110.09
CA TRP O 74 -63.09 2.72 -108.83
C TRP O 74 -64.07 2.24 -107.78
N ALA O 75 -63.58 2.02 -106.56
CA ALA O 75 -64.45 1.58 -105.46
C ALA O 75 -63.80 1.91 -104.11
N LEU O 76 -64.62 1.78 -103.06
CA LEU O 76 -64.19 2.01 -101.68
C LEU O 76 -63.53 0.77 -101.11
N CYS O 77 -62.46 0.97 -100.34
CA CYS O 77 -61.69 -0.12 -99.76
C CYS O 77 -61.28 0.19 -98.32
N LEU O 78 -60.99 -0.89 -97.59
CA LEU O 78 -60.48 -0.86 -96.23
C LEU O 78 -58.97 -0.65 -96.24
N VAL O 79 -58.41 -0.46 -95.04
CA VAL O 79 -56.98 -0.20 -94.91
C VAL O 79 -56.11 -1.32 -95.46
N ASP O 80 -56.64 -2.53 -95.58
CA ASP O 80 -55.86 -3.63 -96.11
C ASP O 80 -56.05 -3.83 -97.61
N GLY O 81 -56.84 -2.96 -98.25
CA GLY O 81 -57.12 -3.05 -99.66
C GLY O 81 -58.37 -3.81 -100.04
N ALA O 82 -59.04 -4.44 -99.09
CA ALA O 82 -60.25 -5.20 -99.40
C ALA O 82 -61.42 -4.30 -99.79
N PRO O 83 -62.01 -4.47 -100.97
CA PRO O 83 -63.15 -3.64 -101.36
C PRO O 83 -64.44 -4.02 -100.65
N LEU O 84 -65.29 -3.01 -100.44
CA LEU O 84 -66.60 -3.21 -99.83
C LEU O 84 -67.59 -3.82 -100.83
N ARG O 85 -68.69 -4.35 -100.29
CA ARG O 85 -69.74 -4.92 -101.14
C ARG O 85 -70.49 -3.81 -101.90
N ALA O 86 -70.66 -4.01 -103.21
CA ALA O 86 -71.30 -3.02 -104.06
C ALA O 86 -72.83 -2.97 -103.96
N THR O 87 -73.48 -4.03 -103.50
CA THR O 87 -74.95 -4.09 -103.46
C THR O 87 -75.57 -4.01 -102.07
N GLN O 88 -74.81 -3.74 -101.02
CA GLN O 88 -75.40 -3.69 -99.69
C GLN O 88 -75.15 -2.35 -98.99
N SER O 89 -76.12 -2.02 -98.13
CA SER O 89 -76.12 -0.80 -97.33
C SER O 89 -74.93 -0.71 -96.39
N LEU O 90 -74.50 0.53 -96.14
CA LEU O 90 -73.46 0.78 -95.14
C LEU O 90 -73.96 0.41 -93.75
N THR O 91 -75.27 0.32 -93.57
CA THR O 91 -75.88 -0.12 -92.32
C THR O 91 -75.88 -1.63 -92.23
N GLU O 92 -75.76 -2.31 -93.38
CA GLU O 92 -75.70 -3.75 -93.42
C GLU O 92 -74.27 -4.16 -93.11
N GLN O 93 -73.32 -3.45 -93.71
CA GLN O 93 -71.91 -3.60 -93.39
C GLN O 93 -71.69 -2.95 -92.02
N ASP O 94 -70.53 -3.20 -91.41
CA ASP O 94 -70.23 -2.63 -90.09
C ASP O 94 -69.54 -1.27 -90.19
N VAL O 95 -70.31 -0.27 -90.65
CA VAL O 95 -69.84 1.10 -90.78
C VAL O 95 -70.64 2.02 -89.87
N TYR O 96 -69.93 2.88 -89.14
CA TYR O 96 -70.51 3.84 -88.21
C TYR O 96 -69.69 5.13 -88.26
N ASP O 97 -70.24 6.17 -87.64
CA ASP O 97 -69.58 7.48 -87.60
C ASP O 97 -68.14 7.40 -87.12
N GLY O 98 -67.25 8.06 -87.87
CA GLY O 98 -65.83 8.14 -87.57
C GLY O 98 -64.96 7.05 -88.18
N ASP O 99 -65.53 6.12 -88.92
CA ASP O 99 -64.71 5.11 -89.58
C ASP O 99 -63.89 5.75 -90.70
N ARG O 100 -62.83 5.06 -91.12
CA ARG O 100 -61.96 5.53 -92.18
C ARG O 100 -61.98 4.55 -93.36
N LEU O 101 -62.05 5.10 -94.57
CA LEU O 101 -62.11 4.31 -95.80
C LEU O 101 -61.23 4.94 -96.87
N TRP O 102 -60.83 4.11 -97.84
CA TRP O 102 -59.99 4.50 -98.97
C TRP O 102 -60.72 4.32 -100.30
N ILE O 103 -60.43 5.21 -101.24
CA ILE O 103 -60.92 5.11 -102.61
C ILE O 103 -59.76 4.58 -103.43
N ARG O 104 -59.98 3.50 -104.17
CA ARG O 104 -58.89 2.85 -104.89
C ARG O 104 -59.32 2.32 -106.25
N PHE O 105 -58.33 2.17 -107.14
CA PHE O 105 -58.52 1.67 -108.50
C PHE O 105 -58.26 0.16 -108.52
N ILE O 106 -59.31 -0.59 -108.86
CA ILE O 106 -59.26 -2.05 -108.94
C ILE O 106 -59.03 -2.48 -110.38
N ALA O 107 -57.76 -2.65 -110.75
CA ALA O 107 -57.40 -3.11 -112.07
C ALA O 107 -57.72 -4.60 -112.22
N ASP O 108 -57.93 -5.03 -113.47
CA ASP O 108 -58.23 -6.43 -113.75
C ASP O 108 -57.15 -7.39 -113.24
N THR O 109 -55.90 -6.96 -113.24
CA THR O 109 -54.75 -7.75 -112.76
C THR O 109 -54.76 -8.05 -111.25
N GLU O 110 -55.57 -7.36 -110.46
CA GLU O 110 -55.60 -7.55 -109.01
C GLU O 110 -55.93 -8.96 -108.52
N ARG O 111 -55.05 -9.46 -107.64
CA ARG O 111 -55.17 -10.74 -106.93
C ARG O 111 -54.74 -10.51 -105.48
N ARG O 112 -55.49 -11.07 -104.52
CA ARG O 112 -55.19 -10.93 -103.10
C ARG O 112 -55.01 -12.27 -102.39
N SER O 113 -54.05 -12.30 -101.46
CA SER O 113 -53.67 -13.52 -100.72
C SER O 113 -54.80 -14.14 -99.90
N GLN O 114 -55.45 -13.36 -99.04
CA GLN O 114 -56.58 -13.86 -98.22
C GLN O 114 -56.22 -15.09 -97.35
N VAL O 115 -54.93 -15.36 -97.11
CA VAL O 115 -54.48 -16.52 -96.33
C VAL O 115 -53.68 -16.08 -95.09
N ILE O 116 -53.87 -16.80 -93.98
CA ILE O 116 -53.19 -16.56 -92.69
C ILE O 116 -52.41 -17.80 -92.26
N GLU O 117 -51.31 -17.57 -91.52
CA GLU O 117 -50.43 -18.62 -91.02
C GLU O 117 -50.04 -18.33 -89.56
N HIS O 118 -49.79 -19.40 -88.80
CA HIS O 118 -49.45 -19.33 -87.37
C HIS O 118 -48.03 -19.71 -86.98
N ILE O 119 -47.36 -18.80 -86.26
CA ILE O 119 -46.07 -19.03 -85.63
C ILE O 119 -45.99 -18.09 -84.43
N SER O 120 -45.41 -18.57 -83.33
CA SER O 120 -45.30 -17.77 -82.12
C SER O 120 -44.54 -16.45 -82.30
N THR O 121 -45.25 -15.35 -82.07
CA THR O 121 -44.71 -14.00 -82.22
C THR O 121 -43.52 -13.75 -81.28
N ALA O 122 -43.54 -14.37 -80.11
CA ALA O 122 -42.46 -14.27 -79.13
C ALA O 122 -41.15 -14.88 -79.60
N VAL O 123 -41.21 -15.85 -80.50
CA VAL O 123 -40.00 -16.46 -81.04
C VAL O 123 -39.54 -15.77 -82.32
N ALA O 124 -40.46 -15.37 -83.18
CA ALA O 124 -40.08 -14.67 -84.41
C ALA O 124 -39.31 -13.39 -84.11
N SER O 125 -39.82 -12.59 -83.16
CA SER O 125 -39.14 -11.37 -82.75
C SER O 125 -37.74 -11.63 -82.21
N ASP O 126 -37.59 -12.67 -81.40
CA ASP O 126 -36.30 -13.03 -80.81
C ASP O 126 -35.31 -13.56 -81.85
N LEU O 127 -35.76 -14.42 -82.76
CA LEU O 127 -34.89 -14.99 -83.80
C LEU O 127 -34.31 -13.95 -84.76
N SER O 128 -34.90 -12.77 -84.85
CA SER O 128 -34.35 -11.69 -85.68
C SER O 128 -32.99 -11.20 -85.19
N LYS O 129 -32.70 -11.33 -83.91
CA LYS O 129 -31.47 -10.86 -83.30
C LYS O 129 -30.65 -11.96 -82.64
N ARG O 130 -31.28 -13.07 -82.25
CA ARG O 130 -30.58 -14.15 -81.56
C ARG O 130 -29.36 -14.63 -82.35
N PHE O 131 -29.42 -14.60 -83.69
CA PHE O 131 -28.25 -14.92 -84.52
C PHE O 131 -28.54 -14.52 -85.97
N ALA O 132 -27.59 -13.79 -86.57
CA ALA O 132 -27.72 -13.29 -87.95
C ALA O 132 -26.34 -12.87 -88.48
N ARG O 133 -26.35 -12.33 -89.71
CA ARG O 133 -25.16 -11.84 -90.40
C ARG O 133 -24.50 -10.63 -89.71
N ILE O 134 -23.26 -10.37 -90.14
CA ILE O 134 -22.42 -9.26 -89.67
C ILE O 134 -22.98 -7.90 -90.07
N ASP O 135 -22.62 -6.89 -89.30
CA ASP O 135 -22.95 -5.47 -89.44
C ASP O 135 -21.72 -4.58 -89.56
N PRO O 136 -21.81 -3.47 -90.32
CA PRO O 136 -20.66 -2.57 -90.50
C PRO O 136 -20.12 -1.96 -89.20
N ILE O 137 -21.01 -1.65 -88.25
CA ILE O 137 -20.61 -1.09 -86.95
C ILE O 137 -19.70 -2.06 -86.21
N VAL O 138 -20.04 -3.34 -86.22
CA VAL O 138 -19.24 -4.39 -85.59
C VAL O 138 -17.89 -4.52 -86.31
N ALA O 139 -17.90 -4.48 -87.64
CA ALA O 139 -16.67 -4.55 -88.40
C ALA O 139 -15.72 -3.41 -88.06
N VAL O 140 -16.26 -2.21 -87.84
CA VAL O 140 -15.45 -1.04 -87.44
C VAL O 140 -14.80 -1.28 -86.07
N GLN O 141 -15.55 -1.79 -85.10
CA GLN O 141 -14.97 -2.10 -83.79
C GLN O 141 -13.85 -3.15 -83.92
N VAL O 142 -14.06 -4.19 -84.71
CA VAL O 142 -13.00 -5.18 -84.92
C VAL O 142 -11.79 -4.53 -85.59
N GLY O 143 -12.03 -3.66 -86.57
CA GLY O 143 -10.94 -2.96 -87.22
C GLY O 143 -10.15 -2.11 -86.25
N ALA O 144 -10.84 -1.37 -85.40
CA ALA O 144 -10.20 -0.53 -84.38
C ALA O 144 -9.31 -1.36 -83.46
N SER O 145 -9.79 -2.50 -83.00
CA SER O 145 -9.03 -3.41 -82.16
C SER O 145 -7.78 -3.97 -82.86
N MET O 146 -7.85 -4.25 -84.15
CA MET O 146 -6.69 -4.74 -84.90
C MET O 146 -5.61 -3.67 -85.05
N VAL O 147 -5.97 -2.47 -85.45
CA VAL O 147 -4.97 -1.39 -85.58
C VAL O 147 -4.37 -1.05 -84.22
N ALA O 148 -5.17 -1.13 -83.16
CA ALA O 148 -4.69 -0.92 -81.80
C ALA O 148 -3.63 -1.98 -81.43
N THR O 149 -3.85 -3.22 -81.84
CA THR O 149 -2.91 -4.33 -81.61
C THR O 149 -1.61 -4.12 -82.40
N GLY O 150 -1.72 -3.57 -83.60
CA GLY O 150 -0.56 -3.31 -84.46
C GLY O 150 0.47 -2.35 -83.86
N VAL O 151 0.02 -1.21 -83.35
CA VAL O 151 0.93 -0.22 -82.77
C VAL O 151 1.64 -0.74 -81.51
N VAL O 152 0.96 -1.52 -80.66
CA VAL O 152 1.64 -2.06 -79.48
C VAL O 152 2.75 -3.03 -79.90
N LEU O 153 2.51 -3.85 -80.91
CA LEU O 153 3.52 -4.77 -81.42
C LEU O 153 4.74 -4.01 -82.00
N ALA O 154 4.49 -2.90 -82.69
CA ALA O 154 5.57 -2.06 -83.22
C ALA O 154 6.45 -1.51 -82.10
N THR O 155 5.83 -0.98 -81.04
CA THR O 155 6.58 -0.48 -79.87
C THR O 155 7.34 -1.63 -79.20
N GLY O 156 6.84 -2.85 -79.33
CA GLY O 156 7.54 -4.02 -78.78
C GLY O 156 8.91 -4.23 -79.41
N VAL O 157 8.98 -4.26 -80.74
CA VAL O 157 10.27 -4.42 -81.42
C VAL O 157 11.15 -3.19 -81.23
N LEU O 158 10.57 -1.99 -81.26
CA LEU O 158 11.33 -0.75 -81.05
C LEU O 158 11.88 -0.69 -79.63
N GLY O 159 11.14 -1.22 -78.67
CA GLY O 159 11.56 -1.26 -77.28
C GLY O 159 12.62 -2.32 -77.05
N TRP O 160 12.44 -3.49 -77.63
CA TRP O 160 13.41 -4.58 -77.56
C TRP O 160 14.76 -4.14 -78.13
N TRP O 161 14.77 -3.30 -79.16
CA TRP O 161 16.02 -2.78 -79.70
C TRP O 161 16.74 -1.88 -78.69
N ARG O 162 16.02 -0.95 -78.06
CA ARG O 162 16.62 -0.06 -77.05
C ARG O 162 17.20 -0.82 -75.86
N TRP O 163 16.69 -2.00 -75.54
CA TRP O 163 17.22 -2.80 -74.45
C TRP O 163 18.57 -3.42 -74.79
N HIS O 164 18.93 -3.46 -76.07
CA HIS O 164 20.19 -4.02 -76.56
C HIS O 164 21.15 -3.02 -77.21
N HIS O 165 20.69 -1.82 -77.60
CA HIS O 165 21.53 -0.82 -78.23
C HIS O 165 21.23 0.54 -77.62
N ASN O 166 22.26 1.40 -77.56
CA ASN O 166 22.14 2.72 -76.95
C ASN O 166 21.81 3.84 -77.94
N THR O 167 21.54 3.51 -79.20
CA THR O 167 21.27 4.51 -80.22
C THR O 167 19.96 5.27 -79.98
N TRP O 168 19.89 6.51 -80.49
CA TRP O 168 18.73 7.40 -80.40
C TRP O 168 17.57 7.01 -81.31
N LEU O 169 17.73 6.00 -82.15
CA LEU O 169 16.70 5.56 -83.08
C LEU O 169 15.31 5.34 -82.43
N THR O 170 15.24 4.56 -81.37
CA THR O 170 13.96 4.23 -80.71
C THR O 170 13.15 5.44 -80.27
N THR O 171 13.75 6.43 -79.61
CA THR O 171 12.97 7.60 -79.20
C THR O 171 12.58 8.46 -80.39
N ILE O 172 13.52 8.71 -81.29
CA ILE O 172 13.27 9.52 -82.48
C ILE O 172 12.15 8.92 -83.33
N TYR O 173 12.24 7.62 -83.59
CA TYR O 173 11.25 6.88 -84.38
C TYR O 173 9.90 6.68 -83.68
N THR O 174 9.86 6.50 -82.37
CA THR O 174 8.59 6.28 -81.66
C THR O 174 7.81 7.58 -81.41
N ALA O 175 8.51 8.67 -81.12
CA ALA O 175 7.86 9.96 -80.85
C ALA O 175 6.89 10.35 -81.96
N VAL O 176 7.30 10.19 -83.23
CA VAL O 176 6.45 10.49 -84.37
C VAL O 176 5.26 9.54 -84.46
N ILE O 177 5.44 8.25 -84.15
CA ILE O 177 4.31 7.31 -84.14
C ILE O 177 3.30 7.76 -83.09
N GLY O 178 3.78 8.14 -81.91
CA GLY O 178 2.93 8.61 -80.83
C GLY O 178 2.01 9.74 -81.23
N VAL O 179 2.59 10.81 -81.79
CA VAL O 179 1.84 11.99 -82.24
C VAL O 179 0.78 11.63 -83.29
N LEU O 180 1.08 10.73 -84.24
CA LEU O 180 0.08 10.37 -85.23
C LEU O 180 -1.09 9.57 -84.63
N VAL O 181 -0.81 8.50 -83.88
CA VAL O 181 -1.89 7.71 -83.28
C VAL O 181 -2.70 8.57 -82.31
N LEU O 182 -2.02 9.45 -81.59
CA LEU O 182 -2.68 10.38 -80.68
C LEU O 182 -3.60 11.33 -81.45
N ALA O 183 -3.12 11.90 -82.54
CA ALA O 183 -3.91 12.83 -83.37
C ALA O 183 -5.14 12.15 -83.96
N VAL O 184 -5.00 10.92 -84.45
CA VAL O 184 -6.13 10.16 -84.99
C VAL O 184 -7.21 9.98 -83.93
N ALA O 185 -6.81 9.59 -82.72
CA ALA O 185 -7.72 9.41 -81.59
C ALA O 185 -8.38 10.73 -81.18
N MET O 186 -7.61 11.81 -81.17
CA MET O 186 -8.12 13.13 -80.81
C MET O 186 -9.28 13.60 -81.70
N LEU O 187 -9.24 13.32 -83.00
CA LEU O 187 -10.36 13.68 -83.87
C LEU O 187 -11.61 12.84 -83.57
N LEU O 188 -11.47 11.53 -83.43
CA LEU O 188 -12.61 10.67 -83.12
C LEU O 188 -13.32 11.07 -81.82
N LEU O 189 -12.57 11.50 -80.81
CA LEU O 189 -13.18 11.95 -79.56
C LEU O 189 -14.13 13.11 -79.79
N MET O 190 -13.83 14.00 -80.73
CA MET O 190 -14.72 15.13 -81.02
C MET O 190 -15.93 14.71 -81.85
N ARG O 191 -15.75 13.85 -82.84
CA ARG O 191 -16.83 13.44 -83.75
C ARG O 191 -17.78 12.40 -83.18
N ALA O 192 -17.33 11.50 -82.30
CA ALA O 192 -18.19 10.45 -81.76
C ALA O 192 -19.38 11.01 -80.96
N LYS O 193 -20.52 10.33 -81.09
CA LYS O 193 -21.77 10.71 -80.41
C LYS O 193 -22.44 9.57 -79.64
N THR O 194 -22.59 8.40 -80.26
CA THR O 194 -23.21 7.24 -79.63
C THR O 194 -22.20 6.41 -78.84
N ASP O 195 -22.74 5.49 -78.03
CA ASP O 195 -21.91 4.57 -77.26
C ASP O 195 -21.09 3.67 -78.19
N ALA O 196 -21.67 3.29 -79.31
CA ALA O 196 -20.96 2.49 -80.30
C ALA O 196 -19.76 3.25 -80.86
N ASP O 197 -19.91 4.57 -81.04
CA ASP O 197 -18.81 5.43 -81.49
C ASP O 197 -17.77 5.64 -80.39
N ARG O 198 -18.21 5.92 -79.17
CA ARG O 198 -17.29 6.17 -78.05
C ARG O 198 -16.41 4.96 -77.76
N ARG O 199 -16.93 3.74 -77.93
CA ARG O 199 -16.08 2.56 -77.78
C ARG O 199 -14.83 2.68 -78.64
N VAL O 200 -15.00 3.03 -79.91
CA VAL O 200 -13.92 3.18 -80.87
C VAL O 200 -12.94 4.28 -80.44
N ALA O 201 -13.46 5.44 -80.08
CA ALA O 201 -12.62 6.56 -79.63
C ALA O 201 -11.81 6.19 -78.38
N ASP O 202 -12.41 5.47 -77.43
CA ASP O 202 -11.73 5.05 -76.21
C ASP O 202 -10.57 4.09 -76.50
N ILE O 203 -10.80 3.05 -77.31
CA ILE O 203 -9.75 2.10 -77.66
C ILE O 203 -8.56 2.80 -78.29
N MET O 204 -8.80 3.75 -79.20
CA MET O 204 -7.72 4.48 -79.87
C MET O 204 -6.93 5.35 -78.90
N LEU O 205 -7.60 6.10 -78.03
CA LEU O 205 -6.92 6.96 -77.05
C LEU O 205 -6.04 6.12 -76.12
N MET O 206 -6.62 5.09 -75.54
CA MET O 206 -5.94 4.17 -74.63
C MET O 206 -4.69 3.57 -75.29
N SER O 207 -4.78 3.21 -76.56
CA SER O 207 -3.67 2.66 -77.35
C SER O 207 -2.55 3.66 -77.63
N ALA O 208 -2.85 4.96 -77.76
CA ALA O 208 -1.84 5.98 -78.03
C ALA O 208 -0.85 6.23 -76.88
N ILE O 209 -1.24 5.95 -75.64
CA ILE O 209 -0.39 6.18 -74.46
C ILE O 209 0.89 5.32 -74.45
N MET O 210 0.86 4.10 -74.95
CA MET O 210 2.03 3.23 -74.93
C MET O 210 3.21 3.76 -75.76
N PRO O 211 3.06 4.13 -77.04
CA PRO O 211 4.22 4.68 -77.77
C PRO O 211 4.79 5.93 -77.11
N VAL O 212 3.94 6.85 -76.66
CA VAL O 212 4.41 8.06 -75.98
C VAL O 212 5.19 7.70 -74.72
N THR O 213 4.72 6.69 -73.97
CA THR O 213 5.38 6.25 -72.75
C THR O 213 6.78 5.66 -73.00
N VAL O 214 6.90 4.69 -73.89
CA VAL O 214 8.23 4.10 -74.16
C VAL O 214 9.18 5.12 -74.80
N ALA O 215 8.66 6.07 -75.57
CA ALA O 215 9.50 7.10 -76.17
C ALA O 215 10.20 7.94 -75.10
N ALA O 216 9.49 8.28 -74.04
CA ALA O 216 10.04 9.04 -72.91
C ALA O 216 11.01 8.19 -72.07
N ALA O 217 10.67 6.93 -71.85
CA ALA O 217 11.53 6.02 -71.09
C ALA O 217 12.86 5.75 -71.80
N ALA O 218 12.86 5.66 -73.12
CA ALA O 218 14.07 5.39 -73.90
C ALA O 218 14.98 6.61 -74.12
N ALA O 219 14.49 7.81 -73.90
CA ALA O 219 15.29 9.01 -74.16
C ALA O 219 16.64 9.10 -73.45
N PRO O 220 16.81 8.76 -72.17
CA PRO O 220 18.12 8.89 -71.55
C PRO O 220 19.18 7.98 -72.17
N PRO O 221 20.40 8.49 -72.30
CA PRO O 221 21.51 7.72 -72.86
C PRO O 221 22.08 6.68 -71.92
N GLY O 222 22.95 5.84 -72.48
CA GLY O 222 23.63 4.79 -71.74
C GLY O 222 22.83 3.53 -71.51
N PRO O 223 23.42 2.58 -70.78
CA PRO O 223 22.72 1.33 -70.51
C PRO O 223 21.41 1.55 -69.78
N VAL O 224 20.45 0.68 -70.08
CA VAL O 224 19.12 0.71 -69.50
C VAL O 224 19.17 0.33 -68.03
N GLY O 225 18.43 1.07 -67.20
CA GLY O 225 18.40 0.84 -65.77
C GLY O 225 17.47 1.74 -64.99
N SER O 226 17.93 2.20 -63.83
CA SER O 226 17.13 3.05 -62.95
C SER O 226 16.65 4.35 -63.57
N PRO O 227 17.51 5.20 -64.16
CA PRO O 227 17.03 6.47 -64.71
C PRO O 227 15.95 6.36 -65.78
N GLN O 228 15.88 5.27 -66.53
CA GLN O 228 14.82 5.11 -67.53
C GLN O 228 13.45 4.93 -66.86
N ALA O 229 13.40 4.18 -65.76
CA ALA O 229 12.16 3.92 -65.04
C ALA O 229 11.55 5.16 -64.40
N VAL O 230 12.37 6.09 -63.91
CA VAL O 230 11.89 7.31 -63.28
C VAL O 230 10.94 8.11 -64.17
N LEU O 231 11.37 8.49 -65.38
CA LEU O 231 10.48 9.25 -66.27
C LEU O 231 9.52 8.38 -67.07
N GLY O 232 9.83 7.13 -67.32
CA GLY O 232 8.94 6.21 -68.02
C GLY O 232 7.62 6.07 -67.26
N PHE O 233 7.67 5.63 -66.01
CA PHE O 233 6.48 5.50 -65.17
C PHE O 233 5.88 6.86 -64.80
N GLY O 234 6.69 7.90 -64.77
CA GLY O 234 6.19 9.25 -64.50
C GLY O 234 5.20 9.74 -65.56
N VAL O 235 5.58 9.71 -66.83
CA VAL O 235 4.68 10.17 -67.91
C VAL O 235 3.47 9.25 -68.02
N LEU O 236 3.62 7.96 -67.75
CA LEU O 236 2.49 7.03 -67.78
C LEU O 236 1.46 7.42 -66.73
N THR O 237 1.92 7.84 -65.56
CA THR O 237 1.05 8.29 -64.48
C THR O 237 0.25 9.53 -64.88
N VAL O 238 0.93 10.55 -65.41
CA VAL O 238 0.30 11.80 -65.84
C VAL O 238 -0.66 11.58 -67.01
N ALA O 239 -0.27 10.79 -68.01
CA ALA O 239 -1.13 10.53 -69.16
C ALA O 239 -2.48 9.93 -68.74
N ALA O 240 -2.46 8.89 -67.92
CA ALA O 240 -3.71 8.26 -67.47
C ALA O 240 -4.55 9.21 -66.59
N ALA O 241 -3.91 9.89 -65.65
CA ALA O 241 -4.60 10.84 -64.78
C ALA O 241 -5.22 11.97 -65.59
N LEU O 242 -4.51 12.44 -66.59
CA LEU O 242 -4.96 13.52 -67.47
C LEU O 242 -6.10 13.05 -68.39
N ALA O 243 -5.96 11.90 -69.01
CA ALA O 243 -7.00 11.32 -69.87
C ALA O 243 -8.29 11.04 -69.11
N LEU O 244 -8.18 10.58 -67.87
CA LEU O 244 -9.35 10.26 -67.05
C LEU O 244 -10.26 11.47 -66.81
N ARG O 245 -9.73 12.59 -66.33
CA ARG O 245 -10.56 13.76 -66.06
C ARG O 245 -11.26 14.31 -67.31
N PHE O 246 -10.55 14.48 -68.41
CA PHE O 246 -11.18 15.05 -69.59
C PHE O 246 -12.01 14.06 -70.39
N THR O 247 -11.82 12.76 -70.23
CA THR O 247 -12.65 11.79 -70.92
C THR O 247 -13.83 11.35 -70.06
N GLY O 248 -13.67 11.27 -68.74
CA GLY O 248 -14.77 10.88 -67.86
C GLY O 248 -15.39 9.52 -68.11
N ARG O 249 -14.59 8.54 -68.48
CA ARG O 249 -15.11 7.23 -68.85
C ARG O 249 -14.02 6.19 -68.60
N ARG O 250 -14.42 4.92 -68.53
CA ARG O 250 -13.47 3.82 -68.27
C ARG O 250 -12.72 4.03 -66.95
N LEU O 251 -13.44 4.52 -65.93
CA LEU O 251 -12.88 4.84 -64.62
C LEU O 251 -12.07 3.70 -63.98
N GLY O 252 -12.51 2.47 -64.14
CA GLY O 252 -11.84 1.31 -63.59
C GLY O 252 -10.44 1.05 -64.09
N ILE O 253 -10.30 0.79 -65.38
CA ILE O 253 -9.01 0.53 -66.01
C ILE O 253 -8.02 1.68 -65.83
N TYR O 254 -8.45 2.93 -66.00
CA TYR O 254 -7.51 4.06 -65.85
C TYR O 254 -7.02 4.25 -64.42
N THR O 255 -7.80 3.92 -63.40
CA THR O 255 -7.34 4.07 -62.02
C THR O 255 -6.22 3.10 -61.69
N THR O 256 -6.27 1.89 -62.23
CA THR O 256 -5.22 0.89 -62.03
C THR O 256 -3.87 1.38 -62.53
N ILE O 257 -3.84 1.98 -63.71
CA ILE O 257 -2.62 2.51 -64.31
C ILE O 257 -1.99 3.62 -63.46
N VAL O 258 -2.80 4.47 -62.84
CA VAL O 258 -2.30 5.54 -61.99
C VAL O 258 -1.64 5.01 -60.70
N ILE O 259 -2.18 3.97 -60.08
CA ILE O 259 -1.59 3.42 -58.85
C ILE O 259 -0.28 2.70 -59.11
N ILE O 260 -0.24 1.78 -60.06
CA ILE O 260 1.02 1.09 -60.36
C ILE O 260 2.08 2.10 -60.81
N GLY O 261 1.66 3.15 -61.51
CA GLY O 261 2.58 4.18 -61.96
C GLY O 261 3.18 5.01 -60.83
N ALA O 262 2.34 5.59 -59.97
CA ALA O 262 2.80 6.42 -58.85
C ALA O 262 3.69 5.66 -57.86
N LEU O 263 3.27 4.50 -57.39
CA LEU O 263 4.07 3.71 -56.45
C LEU O 263 5.39 3.24 -57.06
N THR O 264 5.39 2.85 -58.33
CA THR O 264 6.64 2.44 -59.00
C THR O 264 7.56 3.63 -59.24
N MET O 265 7.02 4.79 -59.59
CA MET O 265 7.84 5.99 -59.79
C MET O 265 8.60 6.39 -58.54
N LEU O 266 7.95 6.40 -57.38
CA LEU O 266 8.63 6.75 -56.14
C LEU O 266 9.72 5.74 -55.78
N ALA O 267 9.49 4.46 -56.01
CA ALA O 267 10.52 3.45 -55.75
C ALA O 267 11.71 3.64 -56.69
N ALA O 268 11.45 3.81 -57.97
CA ALA O 268 12.51 4.01 -58.97
C ALA O 268 13.31 5.28 -58.70
N LEU O 269 12.63 6.34 -58.27
CA LEU O 269 13.26 7.61 -57.93
C LEU O 269 14.21 7.48 -56.73
N ALA O 270 13.78 6.81 -55.66
CA ALA O 270 14.63 6.59 -54.49
C ALA O 270 15.85 5.74 -54.84
N ARG O 271 15.69 4.73 -55.68
CA ARG O 271 16.80 3.89 -56.10
C ARG O 271 17.85 4.69 -56.86
N MET O 272 17.43 5.64 -57.69
CA MET O 272 18.33 6.47 -58.48
C MET O 272 19.10 7.46 -57.62
N VAL O 273 18.39 8.27 -56.84
CA VAL O 273 18.98 9.34 -56.04
C VAL O 273 19.67 8.84 -54.77
N ALA O 274 19.16 7.81 -54.09
CA ALA O 274 19.77 7.37 -52.85
C ALA O 274 20.36 5.96 -52.86
N ALA O 275 20.31 5.25 -53.98
CA ALA O 275 20.87 3.89 -54.09
C ALA O 275 20.36 2.93 -53.02
N THR O 276 19.14 3.13 -52.55
CA THR O 276 18.55 2.29 -51.51
C THR O 276 18.53 0.81 -51.92
N SER O 277 18.71 -0.05 -50.93
CA SER O 277 18.73 -1.51 -51.12
C SER O 277 17.38 -2.05 -51.58
N ALA O 278 17.44 -3.17 -52.32
CA ALA O 278 16.23 -3.82 -52.82
C ALA O 278 15.31 -4.30 -51.70
N VAL O 279 15.86 -4.88 -50.63
CA VAL O 279 15.06 -5.39 -49.51
C VAL O 279 14.33 -4.27 -48.78
N THR O 280 14.90 -3.07 -48.78
CA THR O 280 14.26 -1.91 -48.17
C THR O 280 13.10 -1.39 -49.02
N LEU O 281 13.27 -1.32 -50.34
CA LEU O 281 12.22 -0.83 -51.23
C LEU O 281 11.04 -1.80 -51.35
N LEU O 282 11.30 -3.10 -51.50
CA LEU O 282 10.23 -4.09 -51.59
C LEU O 282 9.44 -4.21 -50.28
N SER O 283 10.10 -4.21 -49.14
CA SER O 283 9.41 -4.26 -47.84
C SER O 283 8.61 -2.99 -47.56
N SER O 284 9.13 -1.83 -47.95
CA SER O 284 8.41 -0.57 -47.76
C SER O 284 7.13 -0.52 -48.60
N LEU O 285 7.18 -0.98 -49.85
CA LEU O 285 5.97 -1.00 -50.66
C LEU O 285 4.93 -1.92 -50.03
N LEU O 286 5.35 -3.02 -49.44
CA LEU O 286 4.41 -3.91 -48.77
C LEU O 286 3.72 -3.22 -47.60
N LEU O 287 4.45 -2.44 -46.80
CA LEU O 287 3.85 -1.73 -45.68
C LEU O 287 2.93 -0.60 -46.15
N ILE O 288 3.28 0.06 -47.25
CA ILE O 288 2.45 1.11 -47.85
C ILE O 288 1.14 0.53 -48.36
N CYS O 289 1.19 -0.64 -49.00
CA CYS O 289 0.00 -1.32 -49.52
C CYS O 289 -0.90 -1.87 -48.43
N VAL O 290 -0.39 -2.31 -47.28
CA VAL O 290 -1.23 -2.82 -46.20
C VAL O 290 -2.15 -1.73 -45.63
N VAL O 291 -1.64 -0.52 -45.43
CA VAL O 291 -2.50 0.58 -44.95
C VAL O 291 -3.45 1.05 -46.04
N ALA O 292 -3.02 1.01 -47.30
CA ALA O 292 -3.87 1.42 -48.41
C ALA O 292 -5.17 0.62 -48.47
N TYR O 293 -5.13 -0.68 -48.20
CA TYR O 293 -6.35 -1.49 -48.18
C TYR O 293 -7.35 -1.02 -47.14
N HIS O 294 -6.90 -0.32 -46.11
CA HIS O 294 -7.76 0.23 -45.06
C HIS O 294 -8.31 1.61 -45.41
N ALA O 295 -7.62 2.36 -46.23
CA ALA O 295 -8.04 3.68 -46.68
C ALA O 295 -8.87 3.65 -47.96
N ALA O 296 -8.83 2.55 -48.73
CA ALA O 296 -9.54 2.40 -50.00
C ALA O 296 -10.99 2.88 -50.01
N PRO O 297 -11.87 2.45 -49.11
CA PRO O 297 -13.25 2.96 -49.14
C PRO O 297 -13.38 4.45 -48.86
N ALA O 298 -12.42 5.06 -48.18
CA ALA O 298 -12.43 6.49 -47.90
C ALA O 298 -11.90 7.29 -49.10
N LEU O 299 -10.80 6.85 -49.73
CA LEU O 299 -10.29 7.51 -50.92
C LEU O 299 -11.35 7.49 -52.02
N SER O 300 -11.96 6.34 -52.25
CA SER O 300 -12.99 6.18 -53.26
C SER O 300 -14.15 7.15 -53.05
N ARG O 301 -14.60 7.34 -51.82
CA ARG O 301 -15.71 8.24 -51.54
C ARG O 301 -15.42 9.70 -51.94
N ARG O 302 -14.23 10.22 -51.62
CA ARG O 302 -13.92 11.59 -52.01
C ARG O 302 -13.60 11.73 -53.50
N LEU O 303 -12.97 10.73 -54.11
CA LEU O 303 -12.69 10.80 -55.54
C LEU O 303 -13.98 10.87 -56.35
N ALA O 304 -15.06 10.29 -55.87
CA ALA O 304 -16.35 10.32 -56.57
C ALA O 304 -17.21 11.53 -56.21
N GLY O 305 -16.76 12.42 -55.34
CA GLY O 305 -17.54 13.60 -54.99
C GLY O 305 -18.72 13.44 -54.07
N ILE O 306 -18.87 12.30 -53.40
CA ILE O 306 -19.87 12.18 -52.34
C ILE O 306 -19.57 13.21 -51.25
N ARG O 307 -20.51 14.12 -50.98
CA ARG O 307 -20.30 15.18 -49.98
C ARG O 307 -21.11 14.92 -48.73
N LEU O 308 -20.42 14.78 -47.59
CA LEU O 308 -21.09 14.69 -46.31
C LEU O 308 -21.68 16.05 -45.89
N PRO O 309 -22.84 16.04 -45.21
CA PRO O 309 -23.50 17.29 -44.84
C PRO O 309 -22.68 18.24 -43.98
N VAL O 310 -22.77 19.53 -44.29
CA VAL O 310 -22.12 20.58 -43.52
C VAL O 310 -22.95 20.88 -42.27
N PHE O 311 -22.23 21.11 -41.04
CA PHE O 311 -22.92 21.40 -39.78
C PHE O 311 -23.24 22.88 -39.63
N PRO O 312 -24.37 23.22 -38.99
CA PRO O 312 -24.78 24.62 -38.85
C PRO O 312 -23.91 25.50 -37.96
N SER O 313 -22.84 25.02 -37.35
CA SER O 313 -21.97 25.86 -36.52
C SER O 313 -22.68 26.51 -35.32
N ALA O 314 -23.80 25.96 -34.87
CA ALA O 314 -24.43 26.38 -33.61
C ALA O 314 -24.71 27.89 -33.53
N THR O 315 -25.35 28.44 -34.58
CA THR O 315 -25.75 29.84 -34.49
C THR O 315 -27.16 30.12 -35.02
N SER O 316 -28.02 29.12 -35.21
CA SER O 316 -29.39 29.41 -35.66
C SER O 316 -30.30 28.23 -35.39
N ARG O 317 -31.58 28.52 -35.13
CA ARG O 317 -32.59 27.50 -34.90
C ARG O 317 -33.09 26.88 -36.21
N TRP O 318 -33.66 25.69 -36.07
CA TRP O 318 -34.23 24.93 -37.18
C TRP O 318 -35.60 25.42 -37.64
N VAL O 319 -35.77 25.51 -38.96
CA VAL O 319 -37.05 25.86 -39.59
C VAL O 319 -37.64 24.55 -40.07
N PHE O 320 -38.74 24.11 -39.45
CA PHE O 320 -39.33 22.82 -39.83
C PHE O 320 -39.90 22.79 -41.24
N GLU O 321 -40.50 23.88 -41.75
CA GLU O 321 -41.11 23.87 -43.10
C GLU O 321 -40.83 25.12 -43.96
N ALA O 322 -39.61 25.21 -44.47
CA ALA O 322 -39.29 26.25 -45.43
C ALA O 322 -39.92 25.88 -46.78
N ARG O 323 -39.91 26.81 -47.73
CA ARG O 323 -40.46 26.52 -49.05
C ARG O 323 -39.80 25.29 -49.68
N PRO O 324 -40.57 24.27 -50.05
CA PRO O 324 -39.98 23.06 -50.63
C PRO O 324 -39.13 23.31 -51.87
N ASP O 325 -38.18 22.41 -52.09
CA ASP O 325 -37.26 22.53 -53.21
C ASP O 325 -37.92 22.27 -54.56
N LEU O 326 -37.57 23.13 -55.51
CA LEU O 326 -38.07 23.10 -56.88
C LEU O 326 -37.66 21.85 -57.66
N PRO O 327 -38.60 21.13 -58.29
CA PRO O 327 -38.24 19.96 -59.10
C PRO O 327 -37.55 20.35 -60.41
N THR O 328 -36.75 19.43 -60.95
CA THR O 328 -36.02 19.63 -62.20
C THR O 328 -36.58 18.79 -63.36
N THR O 329 -36.56 19.37 -64.56
CA THR O 329 -37.02 18.78 -65.82
C THR O 329 -35.91 18.11 -66.63
N VAL O 330 -36.30 17.12 -67.46
CA VAL O 330 -35.39 16.36 -68.30
C VAL O 330 -36.01 16.19 -69.69
N VAL O 331 -35.15 15.92 -70.69
CA VAL O 331 -35.56 15.76 -72.08
C VAL O 331 -34.92 14.55 -72.77
N VAL O 332 -35.64 14.02 -73.76
CA VAL O 332 -35.22 12.90 -74.59
C VAL O 332 -35.64 13.19 -76.03
N SER O 333 -34.77 12.85 -76.98
CA SER O 333 -35.04 13.11 -78.40
C SER O 333 -36.22 12.31 -78.93
N GLY O 334 -36.17 10.99 -78.78
CA GLY O 334 -37.27 10.14 -79.26
C GLY O 334 -38.56 10.40 -78.51
N GLY O 335 -38.49 10.35 -77.19
CA GLY O 335 -39.62 10.68 -76.34
C GLY O 335 -39.63 12.18 -76.11
N SER O 336 -39.86 12.89 -77.22
CA SER O 336 -39.80 14.35 -77.28
C SER O 336 -40.61 15.08 -76.21
N ALA O 337 -41.61 14.47 -75.61
CA ALA O 337 -42.33 15.16 -74.55
C ALA O 337 -41.49 15.20 -73.28
N PRO O 338 -41.14 16.38 -72.77
CA PRO O 338 -40.34 16.46 -71.55
C PRO O 338 -41.05 15.89 -70.33
N VAL O 339 -40.24 15.53 -69.33
CA VAL O 339 -40.73 14.93 -68.09
C VAL O 339 -39.93 15.52 -66.93
N LEU O 340 -40.49 15.41 -65.72
CA LEU O 340 -39.82 15.86 -64.50
C LEU O 340 -39.61 14.67 -63.55
N GLU O 341 -38.51 14.69 -62.78
CA GLU O 341 -38.26 13.58 -61.86
C GLU O 341 -37.75 13.90 -60.46
N GLY O 342 -37.30 15.11 -60.12
CA GLY O 342 -36.87 15.38 -58.77
C GLY O 342 -35.89 16.52 -58.58
N PRO O 343 -35.56 16.84 -57.32
CA PRO O 343 -34.59 17.90 -57.04
C PRO O 343 -33.16 17.57 -57.44
N SER O 344 -32.43 18.62 -57.78
CA SER O 344 -31.04 18.48 -58.20
C SER O 344 -30.19 17.77 -57.14
N SER O 345 -30.41 18.09 -55.87
CA SER O 345 -29.68 17.47 -54.77
C SER O 345 -29.88 15.96 -54.66
N VAL O 346 -31.03 15.45 -55.06
CA VAL O 346 -31.34 14.02 -55.00
C VAL O 346 -30.94 13.27 -56.27
N ARG O 347 -31.19 13.84 -57.45
CA ARG O 347 -30.87 13.17 -58.71
C ARG O 347 -29.39 12.87 -58.91
N ASP O 348 -28.50 13.72 -58.42
CA ASP O 348 -27.06 13.51 -58.60
C ASP O 348 -26.55 12.22 -57.95
N VAL O 349 -27.02 11.90 -56.75
CA VAL O 349 -26.52 10.76 -55.97
C VAL O 349 -26.54 9.45 -56.75
N LEU O 350 -27.53 9.24 -57.60
CA LEU O 350 -27.65 7.99 -58.37
C LEU O 350 -26.50 7.78 -59.35
N LEU O 351 -25.85 8.85 -59.81
CA LEU O 351 -24.68 8.77 -60.68
C LEU O 351 -23.40 8.75 -59.86
N GLN O 352 -23.44 9.40 -58.71
CA GLN O 352 -22.31 9.51 -57.78
C GLN O 352 -21.93 8.14 -57.21
N ALA O 353 -22.90 7.34 -56.83
CA ALA O 353 -22.68 6.01 -56.26
C ALA O 353 -22.04 5.02 -57.25
N GLU O 354 -22.42 5.04 -58.52
CA GLU O 354 -21.78 4.11 -59.47
C GLU O 354 -20.34 4.49 -59.77
N ARG O 355 -20.00 5.76 -59.70
CA ARG O 355 -18.63 6.22 -59.89
C ARG O 355 -17.78 5.78 -58.70
N ALA O 356 -18.31 5.91 -57.50
CA ALA O 356 -17.64 5.47 -56.28
C ALA O 356 -17.32 3.97 -56.35
N ARG O 357 -18.27 3.17 -56.83
CA ARG O 357 -18.05 1.73 -57.01
C ARG O 357 -16.97 1.42 -58.04
N SER O 358 -16.89 2.19 -59.12
CA SER O 358 -15.90 1.97 -60.18
C SER O 358 -14.49 2.32 -59.73
N PHE O 359 -14.32 3.41 -58.99
CA PHE O 359 -13.00 3.77 -58.46
C PHE O 359 -12.48 2.69 -57.51
N LEU O 360 -13.33 2.24 -56.59
CA LEU O 360 -12.95 1.19 -55.63
C LEU O 360 -12.50 -0.11 -56.34
N SER O 361 -13.16 -0.49 -57.43
CA SER O 361 -12.79 -1.71 -58.16
C SER O 361 -11.39 -1.63 -58.76
N GLY O 362 -11.05 -0.49 -59.35
CA GLY O 362 -9.71 -0.26 -59.89
C GLY O 362 -8.67 -0.16 -58.81
N LEU O 363 -8.97 0.59 -57.77
CA LEU O 363 -8.11 0.80 -56.62
C LEU O 363 -7.68 -0.53 -55.97
N LEU O 364 -8.60 -1.48 -55.80
CA LEU O 364 -8.24 -2.80 -55.25
C LEU O 364 -7.37 -3.62 -56.23
N THR O 365 -7.63 -3.54 -57.52
CA THR O 365 -6.85 -4.31 -58.51
C THR O 365 -5.41 -3.82 -58.58
N GLY O 366 -5.19 -2.51 -58.58
CA GLY O 366 -3.84 -1.95 -58.61
C GLY O 366 -3.01 -2.37 -57.41
N LEU O 367 -3.59 -2.33 -56.22
CA LEU O 367 -2.92 -2.78 -55.01
C LEU O 367 -2.65 -4.28 -55.08
N GLY O 368 -3.58 -5.03 -55.68
CA GLY O 368 -3.42 -6.47 -55.84
C GLY O 368 -2.20 -6.84 -56.66
N VAL O 369 -2.01 -6.18 -57.79
CA VAL O 369 -0.83 -6.40 -58.64
C VAL O 369 0.47 -6.09 -57.91
N MET O 370 0.50 -5.00 -57.15
CA MET O 370 1.71 -4.62 -56.41
C MET O 370 2.15 -5.65 -55.36
N VAL O 371 1.23 -6.21 -54.58
CA VAL O 371 1.63 -7.17 -53.52
C VAL O 371 2.14 -8.50 -54.08
N VAL O 372 1.55 -9.03 -55.15
CA VAL O 372 2.06 -10.30 -55.69
C VAL O 372 3.47 -10.13 -56.25
N VAL O 373 3.74 -9.00 -56.89
CA VAL O 373 5.07 -8.71 -57.46
C VAL O 373 6.11 -8.50 -56.37
N CYS O 374 5.76 -7.82 -55.28
CA CYS O 374 6.67 -7.57 -54.16
C CYS O 374 6.95 -8.83 -53.33
N MET O 375 5.91 -9.59 -52.99
CA MET O 375 6.05 -10.79 -52.16
C MET O 375 6.88 -11.89 -52.82
N THR O 376 6.62 -12.22 -54.09
CA THR O 376 7.39 -13.25 -54.80
C THR O 376 8.85 -12.86 -54.99
N SER O 377 9.20 -11.59 -54.82
CA SER O 377 10.58 -11.13 -54.93
C SER O 377 11.32 -11.22 -53.60
N LEU O 378 10.63 -11.04 -52.48
CA LEU O 378 11.28 -11.15 -51.18
C LEU O 378 11.52 -12.62 -50.82
N CYS O 379 10.54 -13.48 -51.07
CA CYS O 379 10.70 -14.90 -50.81
C CYS O 379 11.71 -15.43 -51.81
N ASP O 380 12.89 -15.83 -51.31
CA ASP O 380 13.99 -16.30 -52.12
C ASP O 380 14.59 -17.55 -51.50
N PRO O 381 14.82 -18.60 -52.29
CA PRO O 381 15.32 -19.87 -51.75
C PRO O 381 16.80 -19.92 -51.40
N HIS O 382 17.61 -18.92 -51.75
CA HIS O 382 19.04 -18.97 -51.44
C HIS O 382 19.45 -17.95 -50.39
N THR O 383 18.66 -16.90 -50.21
CA THR O 383 18.95 -15.88 -49.22
C THR O 383 18.97 -16.46 -47.82
N GLY O 384 19.96 -16.05 -47.03
CA GLY O 384 20.05 -16.53 -45.66
C GLY O 384 18.80 -16.25 -44.86
N GLN O 385 18.47 -17.18 -43.96
CA GLN O 385 17.26 -17.12 -43.13
C GLN O 385 15.98 -17.23 -43.98
N ARG O 386 15.99 -18.23 -44.84
CA ARG O 386 14.99 -18.61 -45.82
C ARG O 386 13.55 -18.55 -45.30
N TRP O 387 13.36 -18.90 -44.03
CA TRP O 387 12.04 -18.92 -43.38
C TRP O 387 11.47 -17.56 -42.97
N LEU O 388 12.28 -16.53 -42.77
CA LEU O 388 11.76 -15.23 -42.33
C LEU O 388 10.82 -14.60 -43.35
N PRO O 389 11.21 -14.38 -44.61
CA PRO O 389 10.28 -13.79 -45.57
C PRO O 389 9.12 -14.71 -45.94
N LEU O 390 9.30 -16.01 -45.79
CA LEU O 390 8.27 -17.01 -46.11
C LEU O 390 7.10 -16.99 -45.12
N ILE O 391 7.36 -16.74 -43.84
CA ILE O 391 6.28 -16.64 -42.85
C ILE O 391 5.49 -15.34 -43.03
N LEU O 392 6.17 -14.26 -43.38
CA LEU O 392 5.52 -12.96 -43.63
C LEU O 392 4.57 -13.05 -44.82
N ALA O 393 4.93 -13.83 -45.83
CA ALA O 393 4.08 -14.09 -46.99
C ALA O 393 2.86 -14.91 -46.61
N GLY O 394 2.96 -15.68 -45.55
CA GLY O 394 1.84 -16.50 -45.07
C GLY O 394 0.77 -15.67 -44.37
N PHE O 395 1.16 -14.83 -43.42
CA PHE O 395 0.20 -13.96 -42.73
C PHE O 395 -0.47 -12.97 -43.68
N THR O 396 0.25 -12.45 -44.65
CA THR O 396 -0.33 -11.52 -45.61
C THR O 396 -1.43 -12.19 -46.44
N SER O 397 -1.20 -13.42 -46.88
CA SER O 397 -2.21 -14.17 -47.63
C SER O 397 -3.44 -14.50 -46.77
N GLY O 398 -3.23 -14.77 -45.48
CA GLY O 398 -4.34 -15.05 -44.58
C GLY O 398 -5.22 -13.83 -44.34
N PHE O 399 -4.62 -12.68 -44.11
CA PHE O 399 -5.35 -11.42 -43.93
C PHE O 399 -6.20 -11.08 -45.16
N LEU O 400 -5.62 -11.18 -46.35
CA LEU O 400 -6.35 -10.90 -47.59
C LEU O 400 -7.51 -11.87 -47.83
N LEU O 401 -7.29 -13.16 -47.64
CA LEU O 401 -8.35 -14.16 -47.86
C LEU O 401 -9.55 -13.95 -46.93
N LEU O 402 -9.32 -13.56 -45.68
CA LEU O 402 -10.41 -13.32 -44.74
C LEU O 402 -11.09 -11.97 -44.98
N ARG O 403 -10.39 -10.99 -45.53
CA ARG O 403 -10.96 -9.68 -45.83
C ARG O 403 -12.06 -9.74 -46.89
N GLY O 404 -12.11 -10.79 -47.70
CA GLY O 404 -13.15 -10.94 -48.71
C GLY O 404 -14.57 -11.02 -48.16
N ARG O 405 -14.73 -11.22 -46.85
CA ARG O 405 -16.05 -11.28 -46.26
C ARG O 405 -16.77 -9.94 -46.29
N SER O 406 -16.04 -8.85 -46.10
CA SER O 406 -16.65 -7.52 -46.07
C SER O 406 -17.17 -7.04 -47.42
N TYR O 407 -16.57 -7.45 -48.52
CA TYR O 407 -17.01 -7.01 -49.85
C TYR O 407 -18.09 -7.93 -50.42
N VAL O 408 -19.28 -7.38 -50.57
CA VAL O 408 -20.45 -8.11 -51.06
C VAL O 408 -20.55 -8.19 -52.58
N ASP O 409 -20.06 -7.19 -53.30
CA ASP O 409 -20.16 -7.18 -54.75
C ASP O 409 -19.37 -8.30 -55.39
N ARG O 410 -19.89 -8.82 -56.51
CA ARG O 410 -19.15 -9.80 -57.31
C ARG O 410 -17.88 -9.13 -57.82
N TRP O 411 -16.89 -9.94 -58.22
CA TRP O 411 -15.63 -9.38 -58.70
C TRP O 411 -14.82 -8.67 -57.63
N GLN O 412 -15.41 -7.75 -56.86
CA GLN O 412 -14.65 -7.11 -55.78
C GLN O 412 -14.21 -8.14 -54.75
N SER O 413 -15.08 -9.09 -54.43
CA SER O 413 -14.77 -10.18 -53.51
C SER O 413 -13.82 -11.21 -54.14
N ILE O 414 -14.05 -11.56 -55.41
CA ILE O 414 -13.23 -12.52 -56.15
C ILE O 414 -11.78 -12.04 -56.29
N THR O 415 -11.57 -10.77 -56.58
CA THR O 415 -10.21 -10.25 -56.74
C THR O 415 -9.41 -10.33 -55.44
N LEU O 416 -10.05 -10.21 -54.28
CA LEU O 416 -9.36 -10.31 -52.99
C LEU O 416 -8.94 -11.77 -52.72
N ALA O 417 -9.85 -12.72 -52.91
CA ALA O 417 -9.56 -14.14 -52.76
C ALA O 417 -8.56 -14.60 -53.81
N GLY O 418 -8.72 -14.14 -55.04
CA GLY O 418 -7.80 -14.43 -56.13
C GLY O 418 -6.38 -13.93 -55.87
N THR O 419 -6.27 -12.76 -55.25
CA THR O 419 -4.96 -12.21 -54.88
C THR O 419 -4.27 -13.06 -53.82
N ALA O 420 -5.00 -13.54 -52.83
CA ALA O 420 -4.43 -14.39 -51.78
C ALA O 420 -3.92 -15.71 -52.33
N VAL O 421 -4.69 -16.34 -53.22
CA VAL O 421 -4.33 -17.61 -53.84
C VAL O 421 -3.12 -17.49 -54.77
N ILE O 422 -3.08 -16.47 -55.62
CA ILE O 422 -1.95 -16.29 -56.55
C ILE O 422 -0.63 -16.04 -55.83
N ILE O 423 -0.62 -15.37 -54.68
CA ILE O 423 0.64 -15.20 -53.94
C ILE O 423 1.20 -16.57 -53.56
N ALA O 424 0.35 -17.43 -53.03
CA ALA O 424 0.75 -18.78 -52.64
C ALA O 424 1.27 -19.57 -53.84
N ALA O 425 0.54 -19.61 -54.93
CA ALA O 425 0.96 -20.32 -56.14
C ALA O 425 2.27 -19.78 -56.72
N ALA O 426 2.41 -18.47 -56.84
CA ALA O 426 3.63 -17.88 -57.41
C ALA O 426 4.87 -18.14 -56.57
N VAL O 427 4.78 -18.02 -55.25
CA VAL O 427 5.92 -18.31 -54.38
C VAL O 427 6.26 -19.80 -54.40
N CYS O 428 5.23 -20.63 -54.44
CA CYS O 428 5.40 -22.08 -54.49
C CYS O 428 6.14 -22.52 -55.75
N VAL O 429 5.74 -22.02 -56.92
CA VAL O 429 6.39 -22.35 -58.19
C VAL O 429 7.84 -21.88 -58.25
N ARG O 430 8.14 -20.67 -57.79
CA ARG O 430 9.52 -20.17 -57.84
C ARG O 430 10.50 -21.08 -57.11
N TYR O 431 10.06 -21.74 -56.04
CA TYR O 431 10.91 -22.66 -55.27
C TYR O 431 11.26 -23.93 -56.03
N ALA O 432 10.61 -24.21 -57.15
CA ALA O 432 10.87 -25.36 -57.99
C ALA O 432 11.91 -25.06 -59.07
N LEU O 433 11.73 -23.99 -59.83
CA LEU O 433 12.66 -23.65 -60.90
C LEU O 433 14.03 -23.36 -60.32
N GLU O 434 14.12 -22.46 -59.36
CA GLU O 434 15.38 -22.26 -58.68
C GLU O 434 15.48 -23.33 -57.59
N LEU O 435 16.71 -23.61 -57.15
CA LEU O 435 16.91 -24.60 -56.09
C LEU O 435 16.24 -25.95 -56.40
N SER O 436 16.43 -26.39 -57.64
CA SER O 436 15.86 -27.63 -58.16
C SER O 436 16.40 -28.87 -57.44
N SER O 437 15.48 -29.81 -57.14
CA SER O 437 15.74 -31.09 -56.48
C SER O 437 14.43 -31.88 -56.38
N PRO O 438 14.50 -33.20 -56.25
CA PRO O 438 13.28 -34.02 -56.20
C PRO O 438 12.29 -33.67 -55.09
N LEU O 439 12.77 -33.30 -53.90
CA LEU O 439 11.84 -32.94 -52.82
C LEU O 439 11.01 -31.71 -53.20
N ALA O 440 11.68 -30.62 -53.56
CA ALA O 440 10.99 -29.38 -53.91
C ALA O 440 9.93 -29.57 -54.99
N VAL O 441 10.28 -30.16 -56.13
CA VAL O 441 9.29 -30.38 -57.19
C VAL O 441 8.18 -31.33 -56.73
N SER O 442 8.52 -32.32 -55.91
CA SER O 442 7.52 -33.26 -55.39
C SER O 442 6.56 -32.58 -54.41
N ILE O 443 7.10 -31.81 -53.47
CA ILE O 443 6.32 -31.07 -52.47
C ILE O 443 5.50 -29.97 -53.14
N VAL O 444 6.12 -29.19 -54.02
CA VAL O 444 5.44 -28.13 -54.76
C VAL O 444 4.26 -28.68 -55.55
N ALA O 445 4.45 -29.76 -56.28
CA ALA O 445 3.33 -30.35 -57.03
C ALA O 445 2.20 -30.77 -56.11
N ALA O 446 2.51 -31.21 -54.89
CA ALA O 446 1.48 -31.59 -53.91
C ALA O 446 0.68 -30.38 -53.43
N ILE O 447 1.36 -29.37 -52.90
CA ILE O 447 0.70 -28.16 -52.38
C ILE O 447 -0.17 -27.52 -53.46
N LEU O 448 0.40 -27.35 -54.64
CA LEU O 448 -0.23 -26.70 -55.77
C LEU O 448 -1.56 -27.35 -56.21
N VAL O 449 -1.76 -28.64 -55.97
CA VAL O 449 -3.03 -29.30 -56.31
C VAL O 449 -3.93 -29.51 -55.09
N LEU O 450 -3.35 -29.78 -53.92
CA LEU O 450 -4.12 -29.99 -52.69
C LEU O 450 -4.74 -28.69 -52.16
N LEU O 451 -3.99 -27.59 -52.17
CA LEU O 451 -4.44 -26.30 -51.66
C LEU O 451 -5.72 -25.77 -52.30
N PRO O 452 -5.81 -25.58 -53.60
CA PRO O 452 -7.07 -25.12 -54.21
C PRO O 452 -8.20 -26.15 -54.12
N ALA O 453 -7.88 -27.43 -54.06
CA ALA O 453 -8.89 -28.49 -53.94
C ALA O 453 -9.61 -28.37 -52.60
N ALA O 454 -8.88 -28.08 -51.53
CA ALA O 454 -9.48 -27.87 -50.21
C ALA O 454 -10.43 -26.67 -50.25
N GLY O 455 -10.05 -25.63 -50.99
CA GLY O 455 -10.89 -24.45 -51.16
C GLY O 455 -12.20 -24.74 -51.90
N MET O 456 -12.14 -25.56 -52.94
CA MET O 456 -13.37 -25.92 -53.67
C MET O 456 -14.33 -26.69 -52.77
N ALA O 457 -13.83 -27.61 -51.97
CA ALA O 457 -14.69 -28.36 -51.04
C ALA O 457 -15.35 -27.43 -50.03
N ALA O 458 -14.56 -26.55 -49.40
CA ALA O 458 -15.08 -25.58 -48.43
C ALA O 458 -16.08 -24.62 -49.06
N ALA O 459 -15.82 -24.18 -50.28
CA ALA O 459 -16.74 -23.29 -50.99
C ALA O 459 -18.09 -23.94 -51.28
N ALA O 460 -18.11 -25.24 -51.58
CA ALA O 460 -19.34 -25.98 -51.84
C ALA O 460 -20.07 -26.45 -50.58
N HIS O 461 -19.37 -26.76 -49.51
CA HIS O 461 -19.93 -27.27 -48.26
C HIS O 461 -20.38 -26.21 -47.25
N VAL O 462 -19.66 -25.11 -47.09
CA VAL O 462 -20.02 -24.15 -46.06
C VAL O 462 -21.41 -23.53 -46.19
N PRO O 463 -21.84 -23.03 -47.35
CA PRO O 463 -23.16 -22.37 -47.38
C PRO O 463 -24.36 -23.19 -46.91
N HIS O 464 -24.36 -24.52 -46.93
CA HIS O 464 -25.56 -25.25 -46.46
C HIS O 464 -25.48 -25.78 -45.03
N THR O 465 -24.46 -25.44 -44.25
CA THR O 465 -24.33 -25.94 -42.87
C THR O 465 -24.66 -24.86 -41.84
N ILE O 466 -24.75 -25.31 -40.58
CA ILE O 466 -25.01 -24.46 -39.43
C ILE O 466 -23.81 -24.61 -38.52
N TYR O 467 -23.29 -23.48 -38.04
CA TYR O 467 -22.13 -23.46 -37.16
C TYR O 467 -22.41 -22.77 -35.84
N SER O 468 -21.75 -23.28 -34.82
CA SER O 468 -21.90 -22.77 -33.47
C SER O 468 -21.34 -21.35 -33.36
N PRO O 469 -21.98 -20.49 -32.56
CA PRO O 469 -21.50 -19.13 -32.37
C PRO O 469 -20.05 -19.01 -31.90
N LEU O 470 -19.59 -19.95 -31.08
CA LEU O 470 -18.21 -19.92 -30.60
C LEU O 470 -17.20 -20.15 -31.72
N PHE O 471 -17.57 -20.82 -32.80
CA PHE O 471 -16.67 -21.00 -33.94
C PHE O 471 -16.71 -19.77 -34.85
N ARG O 472 -17.89 -19.21 -35.08
CA ARG O 472 -18.04 -18.01 -35.88
C ARG O 472 -17.30 -16.83 -35.26
N LYS O 473 -17.28 -16.76 -33.94
CA LYS O 473 -16.52 -15.74 -33.21
C LYS O 473 -15.02 -15.98 -33.30
N PHE O 474 -14.60 -17.23 -33.37
CA PHE O 474 -13.18 -17.58 -33.50
C PHE O 474 -12.60 -17.24 -34.87
N VAL O 475 -13.31 -17.50 -35.96
CA VAL O 475 -12.76 -17.15 -37.29
C VAL O 475 -12.60 -15.66 -37.45
N GLU O 476 -13.41 -14.86 -36.75
CA GLU O 476 -13.25 -13.41 -36.80
C GLU O 476 -11.86 -13.00 -36.32
N TRP O 477 -11.46 -13.50 -35.16
CA TRP O 477 -10.16 -13.18 -34.54
C TRP O 477 -8.97 -13.65 -35.34
N ILE O 478 -9.13 -14.52 -36.33
CA ILE O 478 -7.95 -14.92 -37.10
C ILE O 478 -7.46 -13.77 -37.96
N GLU O 479 -8.34 -12.91 -38.44
CA GLU O 479 -7.89 -11.77 -39.25
C GLU O 479 -7.03 -10.82 -38.40
N TYR O 480 -7.48 -10.51 -37.19
CA TYR O 480 -6.75 -9.63 -36.27
C TYR O 480 -5.41 -10.21 -35.87
N LEU O 481 -5.36 -11.51 -35.63
CA LEU O 481 -4.12 -12.22 -35.30
C LEU O 481 -3.18 -12.27 -36.49
N CYS O 482 -3.70 -12.16 -37.70
CA CYS O 482 -2.85 -12.11 -38.89
C CYS O 482 -2.28 -10.72 -39.15
N LEU O 483 -2.99 -9.65 -38.79
CA LEU O 483 -2.49 -8.28 -38.96
C LEU O 483 -1.42 -7.90 -37.94
N MET O 484 -1.64 -8.18 -36.66
CA MET O 484 -0.72 -7.78 -35.60
C MET O 484 0.77 -8.07 -35.85
N PRO O 485 1.18 -9.19 -36.44
CA PRO O 485 2.62 -9.43 -36.67
C PRO O 485 3.26 -8.80 -37.91
N ILE O 486 2.52 -8.21 -38.85
CA ILE O 486 3.09 -7.70 -40.10
C ILE O 486 4.17 -6.63 -39.88
N PHE O 487 3.86 -5.52 -39.20
CA PHE O 487 4.88 -4.48 -39.00
C PHE O 487 6.09 -4.96 -38.20
N PRO O 488 5.95 -5.63 -37.06
CA PRO O 488 7.14 -6.09 -36.35
C PRO O 488 8.02 -7.02 -37.17
N LEU O 489 7.44 -7.88 -38.00
CA LEU O 489 8.21 -8.78 -38.87
C LEU O 489 8.86 -8.04 -40.05
N ALA O 490 8.16 -7.09 -40.66
CA ALA O 490 8.73 -6.34 -41.78
C ALA O 490 9.96 -5.54 -41.37
N LEU O 491 9.89 -4.85 -40.23
CA LEU O 491 11.04 -4.08 -39.74
C LEU O 491 12.23 -4.99 -39.38
N TRP O 492 11.97 -6.23 -39.03
CA TRP O 492 13.04 -7.20 -38.75
C TRP O 492 13.69 -7.64 -40.07
N LEU O 493 12.89 -7.87 -41.09
CA LEU O 493 13.40 -8.24 -42.41
C LEU O 493 14.20 -7.08 -43.01
N MET O 494 13.75 -5.85 -42.79
CA MET O 494 14.48 -4.66 -43.25
C MET O 494 15.76 -4.44 -42.45
N ASN O 495 15.94 -5.14 -41.33
CA ASN O 495 17.12 -5.00 -40.46
C ASN O 495 17.20 -3.67 -39.72
N VAL O 496 16.05 -3.14 -39.29
CA VAL O 496 16.00 -1.86 -38.58
C VAL O 496 16.51 -1.98 -37.14
N TYR O 497 16.11 -3.02 -36.42
CA TYR O 497 16.49 -3.17 -35.01
C TYR O 497 18.00 -3.22 -34.81
N ALA O 498 18.70 -4.01 -35.61
CA ALA O 498 20.15 -4.07 -35.52
C ALA O 498 20.79 -2.71 -35.77
N ALA O 499 20.34 -2.02 -36.82
CA ALA O 499 20.88 -0.70 -37.13
C ALA O 499 20.73 0.31 -35.99
N ILE O 500 19.69 0.21 -35.19
CA ILE O 500 19.49 1.07 -34.03
C ILE O 500 20.33 0.61 -32.84
N ARG O 501 20.33 -0.70 -32.56
CA ARG O 501 21.08 -1.23 -31.43
C ARG O 501 22.56 -0.96 -31.54
N TYR O 502 23.12 -0.99 -32.74
CA TYR O 502 24.54 -0.70 -32.91
C TYR O 502 24.76 0.74 -33.32
N ARG O 503 23.72 1.55 -33.27
CA ARG O 503 23.79 2.93 -33.65
C ARG O 503 24.48 3.12 -34.99
N PRO P 18 -46.81 1.86 -107.22
CA PRO P 18 -46.09 2.49 -106.12
C PRO P 18 -47.01 3.13 -105.09
N GLN P 19 -48.33 3.10 -105.36
CA GLN P 19 -49.29 3.70 -104.45
C GLN P 19 -49.54 2.84 -103.21
N ALA P 20 -49.18 1.57 -103.25
CA ALA P 20 -49.41 0.68 -102.10
C ALA P 20 -48.31 -0.38 -102.03
N VAL P 21 -48.15 -0.96 -100.84
CA VAL P 21 -47.18 -2.01 -100.57
C VAL P 21 -47.84 -3.13 -99.80
N VAL P 22 -47.51 -4.37 -100.14
CA VAL P 22 -48.04 -5.56 -99.48
C VAL P 22 -47.04 -6.02 -98.43
N VAL P 23 -47.52 -6.24 -97.20
CA VAL P 23 -46.68 -6.67 -96.08
C VAL P 23 -47.43 -7.63 -95.16
N GLY P 24 -46.66 -8.44 -94.45
CA GLY P 24 -47.20 -9.39 -93.48
C GLY P 24 -47.23 -8.76 -92.10
N VAL P 25 -48.40 -8.67 -91.49
CA VAL P 25 -48.58 -8.08 -90.16
C VAL P 25 -48.85 -9.17 -89.13
N MET P 26 -48.06 -9.17 -88.07
CA MET P 26 -48.17 -10.12 -86.95
C MET P 26 -49.13 -9.60 -85.88
N ALA P 27 -49.96 -10.49 -85.36
CA ALA P 27 -50.90 -10.14 -84.30
C ALA P 27 -50.79 -11.06 -83.09
N GLY P 28 -51.70 -10.89 -82.14
CA GLY P 28 -51.67 -11.65 -80.91
C GLY P 28 -51.45 -13.14 -81.00
N GLU P 29 -50.53 -13.58 -80.15
CA GLU P 29 -50.06 -14.95 -79.98
C GLU P 29 -49.50 -15.62 -81.23
N GLY P 30 -49.39 -14.90 -82.37
CA GLY P 30 -48.78 -15.49 -83.55
C GLY P 30 -49.43 -15.62 -84.92
N VAL P 31 -50.60 -15.04 -85.18
CA VAL P 31 -51.20 -15.11 -86.53
C VAL P 31 -50.57 -14.07 -87.45
N GLN P 32 -50.11 -14.50 -88.63
CA GLN P 32 -49.59 -13.59 -89.66
C GLN P 32 -50.67 -13.35 -90.71
N ILE P 33 -50.91 -12.08 -91.06
CA ILE P 33 -51.92 -11.70 -92.04
C ILE P 33 -51.32 -10.83 -93.15
N GLY P 34 -51.51 -11.24 -94.40
CA GLY P 34 -51.04 -10.47 -95.54
C GLY P 34 -51.97 -9.32 -95.88
N VAL P 35 -51.45 -8.09 -95.89
CA VAL P 35 -52.25 -6.89 -96.16
C VAL P 35 -51.55 -5.96 -97.16
N LEU P 36 -52.37 -5.22 -97.91
CA LEU P 36 -51.92 -4.23 -98.89
C LEU P 36 -52.19 -2.86 -98.28
N LEU P 37 -51.13 -2.22 -97.80
CA LEU P 37 -51.18 -0.93 -97.11
C LEU P 37 -50.91 0.27 -98.02
N ASP P 38 -51.50 1.40 -97.64
CA ASP P 38 -51.29 2.67 -98.34
C ASP P 38 -49.85 3.10 -98.11
N ALA P 39 -49.09 3.28 -99.20
CA ALA P 39 -47.68 3.59 -99.07
C ALA P 39 -47.35 5.03 -98.65
N ASN P 40 -48.27 5.98 -98.67
CA ASN P 40 -47.90 7.35 -98.32
C ASN P 40 -48.64 7.99 -97.14
N ALA P 41 -49.79 7.47 -96.72
CA ALA P 41 -50.42 8.01 -95.52
C ALA P 41 -49.53 7.75 -94.29
N PRO P 42 -49.59 8.61 -93.27
CA PRO P 42 -48.75 8.37 -92.10
C PRO P 42 -49.27 7.21 -91.26
N VAL P 43 -48.31 6.47 -90.68
CA VAL P 43 -48.59 5.24 -89.93
C VAL P 43 -49.65 5.43 -88.84
N SER P 44 -49.68 6.58 -88.17
CA SER P 44 -50.67 6.78 -87.12
C SER P 44 -52.11 6.78 -87.62
N VAL P 45 -52.34 7.08 -88.89
CA VAL P 45 -53.69 7.05 -89.46
C VAL P 45 -54.21 5.63 -89.68
N MET P 46 -53.32 4.65 -89.80
CA MET P 46 -53.64 3.26 -90.10
C MET P 46 -53.73 2.28 -88.93
N THR P 47 -53.02 2.52 -87.82
CA THR P 47 -53.00 1.56 -86.70
C THR P 47 -54.39 1.24 -86.11
N ASP P 48 -55.30 2.21 -86.05
CA ASP P 48 -56.62 1.90 -85.50
C ASP P 48 -57.45 1.00 -86.41
N PRO P 49 -57.73 1.36 -87.66
CA PRO P 49 -58.50 0.45 -88.53
C PRO P 49 -57.79 -0.87 -88.80
N LEU P 50 -56.47 -0.87 -88.76
CA LEU P 50 -55.67 -2.08 -88.93
C LEU P 50 -55.98 -3.08 -87.81
N LEU P 51 -56.08 -2.58 -86.58
CA LEU P 51 -56.42 -3.41 -85.42
C LEU P 51 -57.80 -4.04 -85.57
N LYS P 52 -58.76 -3.29 -86.11
CA LYS P 52 -60.11 -3.82 -86.34
C LYS P 52 -60.08 -5.03 -87.28
N VAL P 53 -59.34 -4.93 -88.38
CA VAL P 53 -59.26 -6.02 -89.36
C VAL P 53 -58.64 -7.29 -88.76
N VAL P 54 -57.51 -7.18 -88.05
CA VAL P 54 -56.92 -8.38 -87.45
C VAL P 54 -57.89 -9.00 -86.44
N ASN P 55 -58.62 -8.18 -85.70
CA ASN P 55 -59.62 -8.69 -84.77
C ASN P 55 -60.76 -9.38 -85.51
N SER P 56 -61.25 -8.77 -86.60
CA SER P 56 -62.30 -9.40 -87.40
C SER P 56 -61.88 -10.79 -87.87
N ARG P 57 -60.65 -10.95 -88.34
CA ARG P 57 -60.20 -12.26 -88.82
C ARG P 57 -60.01 -13.23 -87.65
N LEU P 58 -59.50 -12.75 -86.52
CA LEU P 58 -59.36 -13.59 -85.34
C LEU P 58 -60.72 -14.02 -84.82
N ARG P 59 -61.70 -13.11 -84.86
CA ARG P 59 -63.06 -13.40 -84.41
C ARG P 59 -63.72 -14.45 -85.29
N GLU P 60 -63.59 -14.32 -86.62
CA GLU P 60 -64.16 -15.33 -87.50
C GLU P 60 -63.41 -16.65 -87.34
N LEU P 61 -62.09 -16.60 -87.18
CA LEU P 61 -61.33 -17.82 -86.95
C LEU P 61 -61.71 -18.46 -85.62
N GLY P 62 -62.35 -17.72 -84.71
CA GLY P 62 -62.74 -18.25 -83.43
C GLY P 62 -61.72 -18.10 -82.33
N GLU P 63 -60.70 -17.29 -82.56
CA GLU P 63 -59.64 -17.03 -81.59
C GLU P 63 -60.04 -15.85 -80.70
N ALA P 64 -59.25 -15.62 -79.67
CA ALA P 64 -59.52 -14.51 -78.77
C ALA P 64 -58.95 -13.21 -79.33
N PRO P 65 -59.75 -12.16 -79.45
CA PRO P 65 -59.28 -10.90 -80.01
C PRO P 65 -58.31 -10.17 -79.09
N LEU P 66 -57.63 -9.20 -79.69
CA LEU P 66 -56.71 -8.32 -78.99
C LEU P 66 -57.49 -7.33 -78.14
N GLU P 67 -57.00 -7.06 -76.93
CA GLU P 67 -57.67 -6.14 -76.02
C GLU P 67 -56.67 -5.32 -75.21
N ALA P 68 -57.11 -4.14 -74.80
CA ALA P 68 -56.33 -3.21 -74.01
C ALA P 68 -56.37 -3.59 -72.53
N THR P 69 -55.34 -3.15 -71.79
CA THR P 69 -55.22 -3.43 -70.37
C THR P 69 -54.77 -2.19 -69.62
N GLY P 70 -55.68 -1.55 -68.89
CA GLY P 70 -55.37 -0.37 -68.12
C GLY P 70 -54.97 0.87 -68.89
N ARG P 71 -53.72 1.31 -68.69
CA ARG P 71 -53.18 2.48 -69.35
C ARG P 71 -52.08 2.08 -70.32
N GLY P 72 -52.21 2.54 -71.56
CA GLY P 72 -51.24 2.24 -72.59
C GLY P 72 -51.76 2.69 -73.93
N ARG P 73 -51.06 2.27 -74.99
CA ARG P 73 -51.46 2.61 -76.35
C ARG P 73 -51.14 1.48 -77.31
N TRP P 74 -51.80 1.50 -78.46
CA TRP P 74 -51.58 0.54 -79.53
C TRP P 74 -50.49 1.09 -80.45
N ALA P 75 -49.49 0.26 -80.78
CA ALA P 75 -48.39 0.68 -81.62
C ALA P 75 -48.06 -0.33 -82.71
N LEU P 76 -47.47 0.18 -83.79
CA LEU P 76 -47.03 -0.60 -84.94
C LEU P 76 -45.51 -0.58 -84.94
N CYS P 77 -44.88 -1.75 -84.82
CA CYS P 77 -43.44 -1.89 -84.71
C CYS P 77 -42.86 -2.86 -85.72
N LEU P 78 -41.54 -2.77 -85.90
CA LEU P 78 -40.79 -3.73 -86.70
C LEU P 78 -40.73 -5.05 -85.93
N VAL P 79 -40.36 -6.13 -86.62
CA VAL P 79 -40.28 -7.39 -85.88
C VAL P 79 -39.23 -7.28 -84.78
N ASP P 80 -38.33 -6.31 -84.89
CA ASP P 80 -37.33 -6.09 -83.84
C ASP P 80 -37.93 -5.43 -82.61
N GLY P 81 -39.19 -4.97 -82.68
CA GLY P 81 -39.86 -4.34 -81.56
C GLY P 81 -39.84 -2.82 -81.57
N ALA P 82 -38.90 -2.22 -82.28
CA ALA P 82 -38.81 -0.77 -82.36
C ALA P 82 -40.03 -0.16 -83.05
N PRO P 83 -40.74 0.78 -82.43
CA PRO P 83 -41.90 1.40 -83.08
C PRO P 83 -41.52 2.40 -84.15
N LEU P 84 -42.38 2.51 -85.16
CA LEU P 84 -42.21 3.46 -86.26
C LEU P 84 -42.69 4.84 -85.85
N ARG P 85 -42.06 5.88 -86.41
CA ARG P 85 -42.46 7.25 -86.08
C ARG P 85 -43.87 7.55 -86.57
N ALA P 86 -44.74 7.90 -85.61
CA ALA P 86 -46.16 8.10 -85.86
C ALA P 86 -46.47 9.13 -86.95
N THR P 87 -45.60 10.12 -87.17
CA THR P 87 -45.87 11.16 -88.16
C THR P 87 -45.33 10.88 -89.57
N GLN P 88 -44.43 9.92 -89.75
CA GLN P 88 -43.86 9.67 -91.07
C GLN P 88 -44.68 8.70 -91.91
N SER P 89 -44.54 8.85 -93.24
CA SER P 89 -45.19 7.99 -94.21
C SER P 89 -44.49 6.64 -94.30
N LEU P 90 -45.25 5.62 -94.67
CA LEU P 90 -44.70 4.28 -94.79
C LEU P 90 -43.61 4.21 -95.85
N THR P 91 -43.66 5.09 -96.86
CA THR P 91 -42.62 5.16 -97.89
C THR P 91 -41.44 5.98 -97.42
N GLU P 92 -41.66 6.86 -96.45
CA GLU P 92 -40.60 7.70 -95.91
C GLU P 92 -39.65 6.86 -95.07
N GLN P 93 -40.17 5.81 -94.45
CA GLN P 93 -39.38 4.82 -93.72
C GLN P 93 -38.95 3.72 -94.69
N ASP P 94 -37.88 3.02 -94.31
CA ASP P 94 -37.29 1.95 -95.11
C ASP P 94 -38.06 0.63 -95.03
N VAL P 95 -39.35 0.71 -95.37
CA VAL P 95 -40.24 -0.43 -95.41
C VAL P 95 -40.62 -0.67 -96.87
N TYR P 96 -40.34 -1.88 -97.35
CA TYR P 96 -40.57 -2.27 -98.74
C TYR P 96 -41.58 -3.40 -98.83
N ASP P 97 -42.15 -3.54 -100.03
CA ASP P 97 -43.10 -4.59 -100.33
C ASP P 97 -42.47 -5.95 -100.09
N GLY P 98 -43.15 -6.78 -99.30
CA GLY P 98 -42.67 -8.09 -98.92
C GLY P 98 -42.13 -8.13 -97.50
N ASP P 99 -41.95 -6.98 -96.87
CA ASP P 99 -41.50 -6.91 -95.49
C ASP P 99 -42.63 -7.31 -94.55
N ARG P 100 -42.34 -7.31 -93.25
CA ARG P 100 -43.30 -7.70 -92.23
C ARG P 100 -43.22 -6.76 -91.03
N LEU P 101 -44.36 -6.62 -90.34
CA LEU P 101 -44.53 -5.71 -89.22
C LEU P 101 -45.31 -6.39 -88.10
N TRP P 102 -45.33 -5.73 -86.95
CA TRP P 102 -45.99 -6.23 -85.75
C TRP P 102 -46.84 -5.16 -85.07
N ILE P 103 -48.11 -5.49 -84.79
CA ILE P 103 -49.01 -4.61 -84.05
C ILE P 103 -48.93 -5.02 -82.58
N ARG P 104 -48.78 -4.05 -81.68
CA ARG P 104 -48.51 -4.34 -80.29
C ARG P 104 -49.12 -3.32 -79.34
N PHE P 105 -49.35 -3.75 -78.09
CA PHE P 105 -49.84 -2.87 -77.03
C PHE P 105 -48.67 -2.52 -76.12
N ILE P 106 -48.39 -1.23 -75.92
CA ILE P 106 -47.30 -0.79 -75.06
C ILE P 106 -47.87 -0.05 -73.85
N ALA P 107 -47.60 -0.56 -72.65
CA ALA P 107 -48.13 -0.02 -71.40
C ALA P 107 -47.50 1.32 -70.98
N ASP P 108 -48.28 2.07 -70.19
CA ASP P 108 -47.91 3.38 -69.63
C ASP P 108 -46.85 3.22 -68.53
N THR P 109 -45.78 4.02 -68.60
CA THR P 109 -44.67 4.01 -67.65
C THR P 109 -44.70 5.11 -66.58
N GLU P 110 -45.69 6.00 -66.59
CA GLU P 110 -45.79 7.09 -65.62
C GLU P 110 -46.06 6.63 -64.18
N ARG P 111 -45.28 7.15 -63.23
CA ARG P 111 -45.38 6.82 -61.80
C ARG P 111 -44.72 7.90 -60.96
N ARG P 112 -45.04 7.91 -59.66
CA ARG P 112 -44.42 8.89 -58.75
C ARG P 112 -42.91 8.71 -58.63
N SER P 113 -42.22 9.80 -58.28
CA SER P 113 -40.79 9.75 -58.06
C SER P 113 -40.49 9.41 -56.59
N GLN P 114 -39.33 8.80 -56.35
CA GLN P 114 -38.91 8.42 -55.01
C GLN P 114 -37.71 9.26 -54.59
N VAL P 115 -37.73 9.83 -53.39
CA VAL P 115 -36.58 10.52 -52.82
C VAL P 115 -36.15 9.85 -51.54
N ILE P 116 -34.85 9.92 -51.24
CA ILE P 116 -34.28 9.59 -49.94
C ILE P 116 -33.30 10.69 -49.57
N GLU P 117 -33.42 11.21 -48.34
CA GLU P 117 -32.72 12.44 -47.95
C GLU P 117 -31.29 12.20 -47.51
N HIS P 118 -31.04 11.08 -46.86
CA HIS P 118 -29.80 10.86 -46.11
C HIS P 118 -28.83 10.04 -46.95
N ILE P 119 -27.66 10.61 -47.23
CA ILE P 119 -26.80 10.07 -48.28
C ILE P 119 -26.31 8.66 -47.98
N SER P 120 -26.08 8.33 -46.72
CA SER P 120 -25.63 6.98 -46.38
C SER P 120 -26.68 5.91 -46.70
N THR P 121 -27.92 6.12 -46.26
CA THR P 121 -29.00 5.19 -46.59
C THR P 121 -29.32 5.19 -48.08
N ALA P 122 -29.26 6.35 -48.72
CA ALA P 122 -29.49 6.46 -50.15
C ALA P 122 -28.49 5.67 -50.97
N VAL P 123 -27.19 5.80 -50.69
CA VAL P 123 -26.17 5.05 -51.43
C VAL P 123 -26.38 3.54 -51.32
N ALA P 124 -26.70 3.04 -50.12
CA ALA P 124 -26.90 1.60 -49.95
C ALA P 124 -28.09 1.09 -50.74
N SER P 125 -29.24 1.74 -50.61
CA SER P 125 -30.46 1.31 -51.30
C SER P 125 -30.27 1.29 -52.81
N ASP P 126 -29.81 2.39 -53.39
CA ASP P 126 -29.61 2.46 -54.84
C ASP P 126 -28.60 1.44 -55.35
N LEU P 127 -27.44 1.37 -54.71
CA LEU P 127 -26.38 0.48 -55.18
C LEU P 127 -26.76 -1.00 -55.12
N SER P 128 -27.60 -1.41 -54.18
CA SER P 128 -28.02 -2.81 -54.08
C SER P 128 -29.03 -3.24 -55.14
N LYS P 129 -29.63 -2.31 -55.87
CA LYS P 129 -30.57 -2.65 -56.94
C LYS P 129 -29.88 -2.89 -58.27
N ARG P 130 -28.94 -2.02 -58.63
CA ARG P 130 -28.26 -2.08 -59.92
C ARG P 130 -27.27 -3.23 -60.10
N PHE P 131 -26.60 -3.69 -59.05
CA PHE P 131 -25.58 -4.71 -59.21
C PHE P 131 -25.89 -5.99 -58.42
N ALA P 132 -25.31 -7.09 -58.89
CA ALA P 132 -25.52 -8.41 -58.32
C ALA P 132 -24.40 -8.82 -57.37
N ARG P 133 -24.79 -9.24 -56.17
CA ARG P 133 -23.86 -9.71 -55.17
C ARG P 133 -23.50 -11.18 -55.38
N ILE P 134 -22.40 -11.61 -54.76
CA ILE P 134 -21.93 -12.99 -54.84
C ILE P 134 -22.92 -13.93 -54.16
N ASP P 135 -23.01 -15.15 -54.67
CA ASP P 135 -23.93 -16.17 -54.18
C ASP P 135 -23.28 -17.56 -54.20
N PRO P 136 -23.87 -18.52 -53.48
CA PRO P 136 -23.34 -19.89 -53.42
C PRO P 136 -23.25 -20.62 -54.76
N ILE P 137 -24.02 -20.24 -55.77
CA ILE P 137 -23.96 -20.87 -57.08
C ILE P 137 -22.66 -20.51 -57.79
N VAL P 138 -22.29 -19.22 -57.80
CA VAL P 138 -21.05 -18.76 -58.41
C VAL P 138 -19.82 -19.17 -57.58
N ALA P 139 -19.94 -19.20 -56.27
CA ALA P 139 -18.83 -19.59 -55.39
C ALA P 139 -18.20 -20.91 -55.81
N VAL P 140 -19.01 -21.87 -56.27
CA VAL P 140 -18.52 -23.18 -56.72
C VAL P 140 -17.77 -23.09 -58.05
N GLN P 141 -18.26 -22.31 -59.01
CA GLN P 141 -17.56 -22.14 -60.29
C GLN P 141 -16.19 -21.49 -60.10
N VAL P 142 -16.04 -20.59 -59.14
CA VAL P 142 -14.74 -19.97 -58.85
C VAL P 142 -13.76 -21.03 -58.36
N GLY P 143 -14.17 -21.83 -57.38
CA GLY P 143 -13.31 -22.89 -56.85
C GLY P 143 -12.93 -23.92 -57.92
N ALA P 144 -13.91 -24.33 -58.72
CA ALA P 144 -13.69 -25.27 -59.81
C ALA P 144 -12.67 -24.75 -60.81
N SER P 145 -12.71 -23.46 -61.11
CA SER P 145 -11.76 -22.82 -62.01
C SER P 145 -10.35 -22.75 -61.40
N MET P 146 -10.24 -22.46 -60.11
CA MET P 146 -8.94 -22.42 -59.43
C MET P 146 -8.25 -23.78 -59.38
N VAL P 147 -8.99 -24.86 -59.12
CA VAL P 147 -8.36 -26.19 -59.11
C VAL P 147 -7.90 -26.58 -60.51
N ALA P 148 -8.64 -26.19 -61.54
CA ALA P 148 -8.23 -26.44 -62.93
C ALA P 148 -6.91 -25.75 -63.24
N THR P 149 -6.75 -24.51 -62.81
CA THR P 149 -5.50 -23.76 -62.98
C THR P 149 -4.38 -24.39 -62.16
N GLY P 150 -4.70 -24.87 -60.96
CA GLY P 150 -3.72 -25.50 -60.09
C GLY P 150 -3.08 -26.76 -60.68
N VAL P 151 -3.90 -27.67 -61.22
CA VAL P 151 -3.37 -28.91 -61.80
C VAL P 151 -2.62 -28.68 -63.12
N VAL P 152 -3.04 -27.74 -63.97
CA VAL P 152 -2.25 -27.50 -65.20
C VAL P 152 -0.89 -26.89 -64.87
N LEU P 153 -0.75 -26.25 -63.72
CA LEU P 153 0.55 -25.75 -63.25
C LEU P 153 1.39 -26.90 -62.71
N ALA P 154 0.75 -27.85 -62.04
CA ALA P 154 1.43 -29.03 -61.50
C ALA P 154 2.07 -29.86 -62.62
N THR P 155 1.33 -30.12 -63.70
CA THR P 155 1.87 -30.85 -64.85
C THR P 155 3.01 -30.08 -65.51
N GLY P 156 2.98 -28.75 -65.43
CA GLY P 156 4.06 -27.92 -65.96
C GLY P 156 5.41 -28.17 -65.29
N VAL P 157 5.44 -28.19 -63.97
CA VAL P 157 6.70 -28.44 -63.25
C VAL P 157 7.12 -29.90 -63.40
N LEU P 158 6.17 -30.84 -63.35
CA LEU P 158 6.51 -32.26 -63.50
C LEU P 158 7.00 -32.54 -64.92
N GLY P 159 6.41 -31.88 -65.91
CA GLY P 159 6.84 -32.03 -67.29
C GLY P 159 8.23 -31.44 -67.54
N TRP P 160 8.50 -30.28 -66.96
CA TRP P 160 9.80 -29.63 -67.09
C TRP P 160 10.92 -30.51 -66.50
N TRP P 161 10.62 -31.23 -65.43
CA TRP P 161 11.61 -32.12 -64.80
C TRP P 161 11.98 -33.29 -65.73
N ARG P 162 11.02 -33.83 -66.48
CA ARG P 162 11.26 -34.91 -67.44
C ARG P 162 12.24 -34.51 -68.55
N TRP P 163 12.40 -33.23 -68.81
CA TRP P 163 13.29 -32.70 -69.85
C TRP P 163 14.76 -32.73 -69.43
N HIS P 164 15.05 -32.97 -68.15
CA HIS P 164 16.41 -33.05 -67.64
C HIS P 164 16.70 -34.37 -66.96
N HIS P 165 15.68 -35.13 -66.59
CA HIS P 165 15.82 -36.40 -65.92
C HIS P 165 14.91 -37.42 -66.60
N ASN P 166 15.42 -38.63 -66.83
CA ASN P 166 14.65 -39.69 -67.48
C ASN P 166 13.95 -40.61 -66.48
N THR P 167 14.08 -40.35 -65.20
CA THR P 167 13.49 -41.18 -64.16
C THR P 167 11.96 -41.19 -64.26
N TRP P 168 11.36 -42.21 -63.64
CA TRP P 168 9.92 -42.50 -63.62
C TRP P 168 9.05 -41.50 -62.84
N LEU P 169 9.65 -40.62 -62.03
CA LEU P 169 8.91 -39.68 -61.18
C LEU P 169 7.76 -38.97 -61.91
N THR P 170 8.03 -38.39 -63.07
CA THR P 170 6.99 -37.69 -63.84
C THR P 170 5.78 -38.56 -64.15
N THR P 171 5.97 -39.77 -64.65
CA THR P 171 4.83 -40.64 -64.95
C THR P 171 4.18 -41.19 -63.67
N ILE P 172 4.99 -41.54 -62.68
CA ILE P 172 4.48 -42.05 -61.40
C ILE P 172 3.58 -41.01 -60.72
N TYR P 173 4.06 -39.77 -60.61
CA TYR P 173 3.30 -38.70 -59.95
C TYR P 173 2.09 -38.25 -60.77
N THR P 174 2.27 -37.98 -62.06
CA THR P 174 1.18 -37.48 -62.89
C THR P 174 0.06 -38.51 -63.06
N ALA P 175 0.40 -39.79 -63.11
CA ALA P 175 -0.60 -40.85 -63.23
C ALA P 175 -1.62 -40.83 -62.09
N VAL P 176 -1.15 -40.71 -60.85
CA VAL P 176 -2.08 -40.66 -59.71
C VAL P 176 -2.93 -39.40 -59.75
N ILE P 177 -2.38 -38.26 -60.17
CA ILE P 177 -3.19 -37.04 -60.28
C ILE P 177 -4.28 -37.24 -61.32
N GLY P 178 -3.95 -37.82 -62.46
CA GLY P 178 -4.95 -38.08 -63.49
C GLY P 178 -6.12 -38.92 -62.97
N VAL P 179 -5.80 -39.97 -62.22
CA VAL P 179 -6.81 -40.84 -61.62
C VAL P 179 -7.67 -40.07 -60.63
N LEU P 180 -7.04 -39.31 -59.73
CA LEU P 180 -7.76 -38.54 -58.72
C LEU P 180 -8.71 -37.49 -59.33
N VAL P 181 -8.25 -36.75 -60.33
CA VAL P 181 -9.09 -35.74 -60.99
C VAL P 181 -10.24 -36.38 -61.77
N LEU P 182 -9.97 -37.48 -62.46
CA LEU P 182 -11.00 -38.20 -63.22
C LEU P 182 -12.04 -38.83 -62.28
N ALA P 183 -11.60 -39.34 -61.12
CA ALA P 183 -12.50 -39.94 -60.13
C ALA P 183 -13.57 -38.95 -59.64
N VAL P 184 -13.15 -37.77 -59.20
CA VAL P 184 -14.09 -36.73 -58.73
C VAL P 184 -15.03 -36.30 -59.84
N ALA P 185 -14.51 -36.07 -61.04
CA ALA P 185 -15.33 -35.68 -62.18
C ALA P 185 -16.47 -36.66 -62.43
N MET P 186 -16.21 -37.96 -62.30
CA MET P 186 -17.23 -38.99 -62.54
C MET P 186 -18.44 -38.82 -61.60
N LEU P 187 -18.21 -38.60 -60.31
CA LEU P 187 -19.33 -38.42 -59.37
C LEU P 187 -20.15 -37.18 -59.70
N LEU P 188 -19.49 -36.08 -60.00
CA LEU P 188 -20.17 -34.83 -60.35
C LEU P 188 -21.02 -34.99 -61.61
N LEU P 189 -20.51 -35.68 -62.61
CA LEU P 189 -21.27 -35.92 -63.84
C LEU P 189 -22.55 -36.72 -63.59
N MET P 190 -22.48 -37.77 -62.77
CA MET P 190 -23.67 -38.57 -62.52
C MET P 190 -24.69 -37.86 -61.62
N ARG P 191 -24.22 -37.14 -60.61
CA ARG P 191 -25.11 -36.44 -59.67
C ARG P 191 -25.72 -35.15 -60.22
N ALA P 192 -25.13 -34.56 -61.26
CA ALA P 192 -25.62 -33.31 -61.84
C ALA P 192 -27.12 -33.36 -62.16
N LYS P 193 -27.76 -32.18 -62.04
CA LYS P 193 -29.18 -31.96 -62.27
C LYS P 193 -29.51 -30.80 -63.21
N THR P 194 -28.73 -29.71 -63.19
CA THR P 194 -29.02 -28.52 -63.98
C THR P 194 -27.79 -28.06 -64.74
N ASP P 195 -28.02 -27.11 -65.67
CA ASP P 195 -26.94 -26.58 -66.49
C ASP P 195 -25.79 -26.04 -65.65
N ALA P 196 -26.10 -25.41 -64.52
CA ALA P 196 -25.06 -24.91 -63.63
C ALA P 196 -24.25 -26.06 -63.05
N ASP P 197 -24.91 -27.14 -62.68
CA ASP P 197 -24.26 -28.33 -62.15
C ASP P 197 -23.39 -29.00 -63.21
N ARG P 198 -23.86 -29.03 -64.46
CA ARG P 198 -23.11 -29.59 -65.59
C ARG P 198 -21.84 -28.80 -65.89
N ARG P 199 -21.90 -27.46 -65.82
CA ARG P 199 -20.73 -26.61 -66.05
C ARG P 199 -19.58 -27.01 -65.13
N VAL P 200 -19.84 -27.13 -63.84
CA VAL P 200 -18.82 -27.51 -62.86
C VAL P 200 -18.20 -28.86 -63.21
N ALA P 201 -19.01 -29.83 -63.62
CA ALA P 201 -18.54 -31.15 -64.00
C ALA P 201 -17.64 -31.12 -65.25
N ASP P 202 -18.06 -30.41 -66.30
CA ASP P 202 -17.27 -30.33 -67.53
C ASP P 202 -15.90 -29.70 -67.29
N ILE P 203 -15.84 -28.61 -66.53
CA ILE P 203 -14.58 -27.95 -66.21
C ILE P 203 -13.62 -28.94 -65.54
N MET P 204 -14.13 -29.77 -64.62
CA MET P 204 -13.31 -30.77 -63.93
C MET P 204 -12.86 -31.90 -64.86
N LEU P 205 -13.77 -32.47 -65.65
CA LEU P 205 -13.40 -33.55 -66.58
C LEU P 205 -12.38 -33.09 -67.61
N MET P 206 -12.60 -31.95 -68.23
CA MET P 206 -11.68 -31.40 -69.20
C MET P 206 -10.27 -31.22 -68.61
N SER P 207 -10.20 -30.88 -67.32
CA SER P 207 -8.94 -30.72 -66.60
C SER P 207 -8.18 -32.03 -66.39
N ALA P 208 -8.84 -33.18 -66.55
CA ALA P 208 -8.21 -34.49 -66.40
C ALA P 208 -7.37 -34.90 -67.61
N ILE P 209 -7.73 -34.41 -68.79
CA ILE P 209 -7.05 -34.76 -70.05
C ILE P 209 -5.56 -34.44 -70.00
N MET P 210 -5.18 -33.27 -69.52
CA MET P 210 -3.77 -32.86 -69.48
C MET P 210 -2.85 -33.76 -68.65
N PRO P 211 -3.11 -34.05 -67.38
CA PRO P 211 -2.20 -34.95 -66.65
C PRO P 211 -2.15 -36.36 -67.24
N VAL P 212 -3.29 -36.92 -67.60
CA VAL P 212 -3.35 -38.27 -68.21
C VAL P 212 -2.51 -38.33 -69.48
N THR P 213 -2.53 -37.25 -70.27
CA THR P 213 -1.76 -37.16 -71.51
C THR P 213 -0.24 -37.17 -71.29
N VAL P 214 0.28 -36.28 -70.46
CA VAL P 214 1.74 -36.25 -70.24
C VAL P 214 2.20 -37.46 -69.44
N ALA P 215 1.30 -38.07 -68.65
CA ALA P 215 1.64 -39.26 -67.88
C ALA P 215 2.10 -40.41 -68.78
N ALA P 216 1.49 -40.55 -69.96
CA ALA P 216 1.84 -41.57 -70.94
C ALA P 216 3.11 -41.24 -71.73
N ALA P 217 3.19 -40.05 -72.31
CA ALA P 217 4.34 -39.64 -73.11
C ALA P 217 5.66 -39.65 -72.34
N ALA P 218 5.62 -39.46 -71.03
CA ALA P 218 6.82 -39.47 -70.19
C ALA P 218 7.35 -40.85 -69.85
N ALA P 219 6.60 -41.91 -70.06
CA ALA P 219 7.02 -43.27 -69.71
C ALA P 219 8.19 -43.86 -70.50
N PRO P 220 8.29 -43.68 -71.81
CA PRO P 220 9.41 -44.26 -72.56
C PRO P 220 10.75 -43.64 -72.16
N PRO P 221 11.70 -44.47 -71.72
CA PRO P 221 13.00 -43.99 -71.25
C PRO P 221 13.84 -43.32 -72.33
N GLY P 222 14.95 -42.74 -71.87
CA GLY P 222 15.88 -42.01 -72.69
C GLY P 222 15.45 -40.59 -72.96
N PRO P 223 16.34 -39.80 -73.59
CA PRO P 223 16.00 -38.42 -73.88
C PRO P 223 14.70 -38.27 -74.66
N VAL P 224 13.98 -37.21 -74.33
CA VAL P 224 12.70 -36.87 -74.94
C VAL P 224 12.87 -36.51 -76.41
N GLY P 225 11.90 -36.92 -77.23
CA GLY P 225 11.94 -36.63 -78.66
C GLY P 225 10.85 -37.35 -79.42
N SER P 226 11.17 -37.66 -80.68
CA SER P 226 10.24 -38.36 -81.58
C SER P 226 9.57 -39.61 -81.00
N PRO P 227 10.25 -40.51 -80.31
CA PRO P 227 9.56 -41.70 -79.78
C PRO P 227 8.50 -41.39 -78.73
N GLN P 228 8.75 -40.42 -77.85
CA GLN P 228 7.76 -40.02 -76.86
C GLN P 228 6.60 -39.25 -77.50
N ALA P 229 6.91 -38.40 -78.47
CA ALA P 229 5.89 -37.62 -79.16
C ALA P 229 4.75 -38.47 -79.69
N VAL P 230 5.06 -39.68 -80.16
CA VAL P 230 4.04 -40.59 -80.67
C VAL P 230 3.01 -40.96 -79.60
N LEU P 231 3.45 -41.21 -78.37
CA LEU P 231 2.51 -41.56 -77.29
C LEU P 231 1.67 -40.36 -76.87
N GLY P 232 2.30 -39.22 -76.62
CA GLY P 232 1.61 -38.02 -76.16
C GLY P 232 0.43 -37.56 -76.99
N PHE P 233 0.68 -37.14 -78.23
CA PHE P 233 -0.38 -36.65 -79.13
C PHE P 233 -1.39 -37.73 -79.48
N GLY P 234 -1.03 -39.00 -79.34
CA GLY P 234 -1.95 -40.11 -79.57
C GLY P 234 -2.99 -40.20 -78.46
N VAL P 235 -2.57 -40.38 -77.21
CA VAL P 235 -3.51 -40.48 -76.09
C VAL P 235 -4.36 -39.21 -75.99
N LEU P 236 -3.77 -38.06 -76.30
CA LEU P 236 -4.50 -36.79 -76.29
C LEU P 236 -5.68 -36.84 -77.26
N THR P 237 -5.44 -37.27 -78.49
CA THR P 237 -6.49 -37.37 -79.51
C THR P 237 -7.58 -38.36 -79.08
N VAL P 238 -7.18 -39.49 -78.53
CA VAL P 238 -8.11 -40.53 -78.06
C VAL P 238 -8.99 -39.99 -76.91
N ALA P 239 -8.37 -39.34 -75.94
CA ALA P 239 -9.10 -38.79 -74.79
C ALA P 239 -10.13 -37.73 -75.21
N ALA P 240 -9.73 -36.77 -76.04
CA ALA P 240 -10.65 -35.74 -76.50
C ALA P 240 -11.82 -36.35 -77.27
N ALA P 241 -11.56 -37.31 -78.15
CA ALA P 241 -12.61 -37.97 -78.91
C ALA P 241 -13.57 -38.76 -78.00
N LEU P 242 -13.03 -39.49 -77.04
CA LEU P 242 -13.84 -40.27 -76.11
C LEU P 242 -14.78 -39.37 -75.28
N ALA P 243 -14.25 -38.29 -74.73
CA ALA P 243 -15.04 -37.34 -73.95
C ALA P 243 -16.17 -36.73 -74.78
N LEU P 244 -15.87 -36.35 -76.03
CA LEU P 244 -16.85 -35.80 -76.94
C LEU P 244 -17.98 -36.80 -77.22
N ARG P 245 -17.64 -38.07 -77.40
CA ARG P 245 -18.64 -39.11 -77.66
C ARG P 245 -19.59 -39.34 -76.49
N PHE P 246 -19.07 -39.61 -75.28
CA PHE P 246 -19.95 -39.89 -74.15
C PHE P 246 -20.58 -38.66 -73.51
N THR P 247 -20.00 -37.48 -73.66
CA THR P 247 -20.55 -36.27 -73.05
C THR P 247 -21.51 -35.52 -73.97
N GLY P 248 -21.17 -35.37 -75.25
CA GLY P 248 -22.03 -34.64 -76.16
C GLY P 248 -22.17 -33.15 -75.92
N ARG P 249 -21.27 -32.57 -75.13
CA ARG P 249 -21.28 -31.15 -74.80
C ARG P 249 -19.89 -30.56 -75.05
N ARG P 250 -19.85 -29.25 -75.25
CA ARG P 250 -18.59 -28.52 -75.53
C ARG P 250 -17.90 -28.99 -76.81
N LEU P 251 -18.72 -29.23 -77.85
CA LEU P 251 -18.29 -29.73 -79.16
C LEU P 251 -17.11 -28.95 -79.76
N GLY P 252 -17.22 -27.64 -79.81
CA GLY P 252 -16.20 -26.78 -80.41
C GLY P 252 -14.79 -26.93 -79.87
N ILE P 253 -14.63 -26.93 -78.56
CA ILE P 253 -13.31 -27.06 -77.95
C ILE P 253 -12.74 -28.47 -78.14
N TYR P 254 -13.51 -29.52 -77.85
CA TYR P 254 -13.01 -30.88 -78.04
C TYR P 254 -12.65 -31.15 -79.50
N THR P 255 -13.45 -30.67 -80.46
CA THR P 255 -13.15 -30.82 -81.88
C THR P 255 -11.76 -30.26 -82.22
N THR P 256 -11.44 -29.10 -81.69
CA THR P 256 -10.15 -28.43 -81.91
C THR P 256 -8.99 -29.27 -81.39
N ILE P 257 -9.12 -29.86 -80.21
CA ILE P 257 -8.07 -30.71 -79.62
C ILE P 257 -7.82 -31.94 -80.49
N VAL P 258 -8.87 -32.56 -81.01
CA VAL P 258 -8.74 -33.75 -81.86
C VAL P 258 -7.93 -33.44 -83.13
N ILE P 259 -8.26 -32.35 -83.82
CA ILE P 259 -7.58 -31.97 -85.07
C ILE P 259 -6.09 -31.70 -84.84
N ILE P 260 -5.76 -30.82 -83.91
CA ILE P 260 -4.36 -30.50 -83.64
C ILE P 260 -3.61 -31.74 -83.13
N GLY P 261 -4.30 -32.59 -82.39
CA GLY P 261 -3.70 -33.83 -81.89
C GLY P 261 -3.44 -34.84 -83.00
N ALA P 262 -4.38 -35.00 -83.92
CA ALA P 262 -4.28 -35.93 -85.04
C ALA P 262 -3.12 -35.57 -85.98
N LEU P 263 -3.12 -34.36 -86.53
CA LEU P 263 -2.06 -33.93 -87.44
C LEU P 263 -0.69 -33.99 -86.79
N THR P 264 -0.59 -33.64 -85.51
CA THR P 264 0.70 -33.72 -84.82
C THR P 264 1.15 -35.16 -84.67
N MET P 265 0.22 -36.09 -84.45
CA MET P 265 0.57 -37.51 -84.35
C MET P 265 1.09 -38.05 -85.68
N LEU P 266 0.49 -37.65 -86.80
CA LEU P 266 0.97 -38.09 -88.11
C LEU P 266 2.41 -37.63 -88.33
N ALA P 267 2.69 -36.36 -88.07
CA ALA P 267 4.03 -35.83 -88.22
C ALA P 267 5.01 -36.53 -87.28
N ALA P 268 4.59 -36.77 -86.04
CA ALA P 268 5.43 -37.45 -85.06
C ALA P 268 5.82 -38.86 -85.52
N LEU P 269 4.85 -39.64 -85.97
CA LEU P 269 5.10 -41.00 -86.45
C LEU P 269 6.03 -41.01 -87.66
N ALA P 270 5.81 -40.13 -88.63
CA ALA P 270 6.67 -40.05 -89.81
C ALA P 270 8.11 -39.73 -89.42
N ARG P 271 8.29 -38.70 -88.60
CA ARG P 271 9.62 -38.31 -88.13
C ARG P 271 10.28 -39.45 -87.34
N MET P 272 9.50 -40.19 -86.56
CA MET P 272 10.04 -41.30 -85.78
C MET P 272 10.46 -42.45 -86.69
N VAL P 273 9.63 -42.81 -87.67
CA VAL P 273 9.97 -43.89 -88.60
C VAL P 273 11.06 -43.45 -89.57
N ALA P 274 10.77 -42.47 -90.42
CA ALA P 274 11.75 -42.00 -91.38
C ALA P 274 11.30 -40.72 -92.06
N ALA P 275 12.17 -39.70 -92.04
CA ALA P 275 11.89 -38.40 -92.65
C ALA P 275 13.20 -37.75 -93.05
N THR P 276 13.31 -37.39 -94.33
CA THR P 276 14.53 -36.76 -94.83
C THR P 276 14.72 -35.35 -94.25
N SER P 277 13.63 -34.60 -94.07
CA SER P 277 13.76 -33.27 -93.49
C SER P 277 12.43 -32.80 -92.93
N ALA P 278 12.53 -31.87 -91.97
CA ALA P 278 11.35 -31.25 -91.38
C ALA P 278 10.58 -30.42 -92.40
N VAL P 279 11.30 -29.79 -93.33
CA VAL P 279 10.68 -29.00 -94.38
C VAL P 279 9.70 -29.85 -95.17
N THR P 280 10.07 -31.10 -95.43
CA THR P 280 9.19 -32.03 -96.15
C THR P 280 7.89 -32.26 -95.38
N LEU P 281 8.01 -32.50 -94.07
CA LEU P 281 6.84 -32.71 -93.22
C LEU P 281 6.02 -31.43 -93.11
N LEU P 282 6.69 -30.31 -92.88
CA LEU P 282 6.03 -29.00 -92.80
C LEU P 282 5.33 -28.65 -94.11
N SER P 283 5.97 -28.96 -95.24
CA SER P 283 5.37 -28.72 -96.56
C SER P 283 4.14 -29.61 -96.76
N SER P 284 4.21 -30.85 -96.32
CA SER P 284 3.07 -31.78 -96.40
C SER P 284 1.90 -31.26 -95.58
N LEU P 285 2.16 -30.87 -94.33
CA LEU P 285 1.13 -30.32 -93.45
C LEU P 285 0.49 -29.05 -94.03
N LEU P 286 1.29 -28.14 -94.54
CA LEU P 286 0.77 -26.90 -95.14
C LEU P 286 -0.19 -27.22 -96.29
N LEU P 287 0.20 -28.12 -97.18
CA LEU P 287 -0.66 -28.53 -98.29
C LEU P 287 -1.94 -29.21 -97.81
N ILE P 288 -1.86 -30.04 -96.78
CA ILE P 288 -3.03 -30.71 -96.21
C ILE P 288 -4.01 -29.67 -95.66
N CYS P 289 -3.51 -28.68 -94.93
CA CYS P 289 -4.35 -27.62 -94.35
C CYS P 289 -4.98 -26.75 -95.43
N VAL P 290 -4.23 -26.42 -96.48
CA VAL P 290 -4.74 -25.61 -97.60
C VAL P 290 -5.98 -26.25 -98.22
N VAL P 291 -5.96 -27.55 -98.45
CA VAL P 291 -7.12 -28.25 -99.01
C VAL P 291 -8.23 -28.48 -97.97
N ALA P 292 -7.88 -28.61 -96.69
CA ALA P 292 -8.84 -28.86 -95.62
C ALA P 292 -9.88 -27.74 -95.46
N TYR P 293 -9.52 -26.48 -95.72
CA TYR P 293 -10.49 -25.38 -95.62
C TYR P 293 -11.72 -25.59 -96.51
N HIS P 294 -11.54 -26.15 -97.70
CA HIS P 294 -12.66 -26.42 -98.60
C HIS P 294 -13.52 -27.59 -98.11
N ALA P 295 -12.94 -28.55 -97.41
CA ALA P 295 -13.64 -29.72 -96.87
C ALA P 295 -14.38 -29.45 -95.56
N ALA P 296 -13.97 -28.44 -94.80
CA ALA P 296 -14.56 -28.12 -93.49
C ALA P 296 -16.10 -28.07 -93.46
N PRO P 297 -16.79 -27.37 -94.37
CA PRO P 297 -18.26 -27.37 -94.30
C PRO P 297 -18.88 -28.73 -94.56
N ALA P 298 -18.29 -29.53 -95.45
CA ALA P 298 -18.79 -30.88 -95.72
C ALA P 298 -18.59 -31.77 -94.50
N LEU P 299 -17.43 -31.68 -93.86
CA LEU P 299 -17.14 -32.43 -92.64
C LEU P 299 -18.18 -32.10 -91.57
N SER P 300 -18.38 -30.81 -91.31
CA SER P 300 -19.39 -30.34 -90.36
C SER P 300 -20.77 -30.94 -90.65
N ARG P 301 -21.18 -30.91 -91.92
CA ARG P 301 -22.48 -31.46 -92.32
C ARG P 301 -22.60 -32.96 -92.03
N ARG P 302 -21.57 -33.75 -92.33
CA ARG P 302 -21.62 -35.19 -92.03
C ARG P 302 -21.46 -35.46 -90.53
N LEU P 303 -20.64 -34.68 -89.83
CA LEU P 303 -20.45 -34.83 -88.39
C LEU P 303 -21.76 -34.64 -87.63
N ALA P 304 -22.59 -33.69 -88.06
CA ALA P 304 -23.88 -33.43 -87.42
C ALA P 304 -24.82 -34.64 -87.47
N GLY P 305 -24.59 -35.59 -88.35
CA GLY P 305 -25.41 -36.79 -88.42
C GLY P 305 -25.07 -37.88 -87.42
N ILE P 306 -23.94 -37.76 -86.71
CA ILE P 306 -23.53 -38.75 -85.72
C ILE P 306 -24.45 -38.69 -84.50
N ARG P 307 -24.87 -39.86 -84.03
CA ARG P 307 -25.74 -40.00 -82.86
C ARG P 307 -24.93 -39.93 -81.56
N LEU P 308 -25.24 -38.93 -80.74
CA LEU P 308 -24.64 -38.67 -79.43
C LEU P 308 -25.69 -38.00 -78.54
N PRO P 309 -25.58 -38.13 -77.21
CA PRO P 309 -26.61 -37.60 -76.31
C PRO P 309 -26.93 -36.13 -76.56
N VAL P 310 -28.22 -35.82 -76.41
CA VAL P 310 -28.80 -34.49 -76.66
C VAL P 310 -28.95 -33.67 -75.39
N PHE P 311 -28.38 -32.46 -75.42
CA PHE P 311 -28.41 -31.44 -74.37
C PHE P 311 -28.47 -30.11 -75.12
N PRO P 312 -29.57 -29.38 -75.03
CA PRO P 312 -29.70 -28.11 -75.75
C PRO P 312 -28.99 -26.97 -75.05
N SER P 313 -28.67 -25.95 -75.84
CA SER P 313 -28.04 -24.72 -75.38
C SER P 313 -29.06 -23.60 -75.15
N ALA P 314 -30.31 -23.94 -74.90
CA ALA P 314 -31.37 -22.95 -74.72
C ALA P 314 -32.28 -23.29 -73.55
N SER P 344 -43.04 -31.80 -82.82
CA SER P 344 -41.96 -32.62 -82.29
C SER P 344 -40.79 -32.67 -83.27
N SER P 345 -41.12 -32.51 -84.56
CA SER P 345 -40.12 -32.55 -85.63
C SER P 345 -39.18 -31.35 -85.59
N VAL P 346 -39.67 -30.22 -85.09
CA VAL P 346 -38.87 -28.99 -84.96
C VAL P 346 -37.64 -29.20 -84.11
N ARG P 347 -37.76 -29.99 -83.03
CA ARG P 347 -36.63 -30.26 -82.14
C ARG P 347 -35.43 -30.81 -82.89
N ASP P 348 -35.64 -31.85 -83.70
CA ASP P 348 -34.54 -32.46 -84.45
C ASP P 348 -33.85 -31.48 -85.40
N VAL P 349 -34.62 -30.61 -86.06
CA VAL P 349 -34.04 -29.63 -87.00
C VAL P 349 -33.20 -28.58 -86.28
N LEU P 350 -33.74 -27.94 -85.23
CA LEU P 350 -32.97 -26.94 -84.50
C LEU P 350 -31.76 -27.56 -83.81
N LEU P 351 -31.90 -28.76 -83.26
CA LEU P 351 -30.77 -29.44 -82.66
C LEU P 351 -29.70 -29.72 -83.71
N GLN P 352 -30.10 -30.21 -84.87
CA GLN P 352 -29.18 -30.49 -85.97
C GLN P 352 -28.51 -29.21 -86.48
N ALA P 353 -29.27 -28.13 -86.60
CA ALA P 353 -28.74 -26.85 -87.09
C ALA P 353 -27.65 -26.30 -86.16
N GLU P 354 -27.91 -26.21 -84.86
CA GLU P 354 -26.89 -25.68 -83.94
C GLU P 354 -25.72 -26.64 -83.77
N ARG P 355 -25.95 -27.95 -83.83
CA ARG P 355 -24.85 -28.91 -83.77
C ARG P 355 -23.92 -28.72 -84.97
N ALA P 356 -24.49 -28.61 -86.16
CA ALA P 356 -23.72 -28.40 -87.39
C ALA P 356 -22.87 -27.12 -87.31
N ARG P 357 -23.48 -26.01 -86.91
CA ARG P 357 -22.76 -24.74 -86.77
C ARG P 357 -21.57 -24.89 -85.82
N SER P 358 -21.78 -25.48 -84.66
CA SER P 358 -20.74 -25.68 -83.65
C SER P 358 -19.52 -26.40 -84.23
N PHE P 359 -19.73 -27.48 -84.98
CA PHE P 359 -18.62 -28.23 -85.57
C PHE P 359 -17.78 -27.42 -86.57
N LEU P 360 -18.38 -26.52 -87.34
CA LEU P 360 -17.58 -25.74 -88.28
C LEU P 360 -16.64 -24.77 -87.56
N SER P 361 -17.12 -24.06 -86.54
CA SER P 361 -16.27 -23.12 -85.79
C SER P 361 -15.06 -23.81 -85.16
N GLY P 362 -15.27 -24.96 -84.53
CA GLY P 362 -14.17 -25.72 -83.95
C GLY P 362 -13.20 -26.22 -85.02
N LEU P 363 -13.74 -26.71 -86.12
CA LEU P 363 -12.95 -27.23 -87.23
C LEU P 363 -12.07 -26.14 -87.84
N LEU P 364 -12.64 -24.96 -88.09
CA LEU P 364 -11.87 -23.81 -88.60
C LEU P 364 -10.72 -23.42 -87.65
N THR P 365 -10.99 -23.37 -86.35
CA THR P 365 -9.98 -23.00 -85.36
C THR P 365 -8.80 -23.97 -85.37
N GLY P 366 -9.07 -25.26 -85.42
CA GLY P 366 -8.00 -26.25 -85.47
C GLY P 366 -7.08 -26.07 -86.67
N LEU P 367 -7.65 -25.80 -87.84
CA LEU P 367 -6.87 -25.57 -89.06
C LEU P 367 -6.07 -24.27 -88.96
N GLY P 368 -6.68 -23.22 -88.44
CA GLY P 368 -6.01 -21.94 -88.26
C GLY P 368 -4.76 -22.04 -87.40
N VAL P 369 -4.84 -22.80 -86.32
CA VAL P 369 -3.70 -23.03 -85.42
C VAL P 369 -2.55 -23.73 -86.13
N MET P 370 -2.83 -24.76 -86.93
CA MET P 370 -1.79 -25.51 -87.64
C MET P 370 -1.06 -24.69 -88.72
N VAL P 371 -1.77 -23.94 -89.57
CA VAL P 371 -1.11 -23.18 -90.63
C VAL P 371 -0.11 -22.15 -90.10
N VAL P 372 -0.47 -21.38 -89.07
CA VAL P 372 0.45 -20.35 -88.55
C VAL P 372 1.72 -20.98 -87.97
N VAL P 373 1.61 -22.11 -87.30
CA VAL P 373 2.79 -22.78 -86.75
C VAL P 373 3.69 -23.30 -87.88
N CYS P 374 3.10 -23.92 -88.89
CA CYS P 374 3.84 -24.46 -90.04
C CYS P 374 4.42 -23.34 -90.91
N MET P 375 3.56 -22.39 -91.33
CA MET P 375 3.97 -21.27 -92.17
C MET P 375 5.15 -20.48 -91.58
N THR P 376 5.09 -20.13 -90.30
CA THR P 376 6.18 -19.39 -89.65
C THR P 376 7.44 -20.22 -89.52
N SER P 377 7.33 -21.54 -89.53
CA SER P 377 8.49 -22.43 -89.49
C SER P 377 9.12 -22.62 -90.86
N LEU P 378 8.32 -22.56 -91.92
CA LEU P 378 8.82 -22.72 -93.29
C LEU P 378 9.59 -21.48 -93.76
N CYS P 379 9.08 -20.29 -93.54
CA CYS P 379 9.79 -19.07 -93.95
C CYS P 379 11.10 -18.93 -93.15
N ASP P 380 12.08 -18.26 -93.77
CA ASP P 380 13.40 -18.07 -93.16
C ASP P 380 14.20 -16.92 -93.76
N PRO P 381 14.78 -16.06 -92.91
CA PRO P 381 15.55 -14.90 -93.39
C PRO P 381 16.95 -15.19 -93.92
N HIS P 382 17.44 -16.43 -93.86
CA HIS P 382 18.79 -16.75 -94.32
C HIS P 382 18.82 -17.85 -95.38
N THR P 383 17.88 -18.78 -95.34
CA THR P 383 17.87 -19.93 -96.23
C THR P 383 17.42 -19.56 -97.65
N GLY P 384 18.31 -19.78 -98.61
CA GLY P 384 18.05 -19.55 -100.02
C GLY P 384 17.30 -18.33 -100.50
N GLN P 385 16.29 -18.55 -101.33
CA GLN P 385 15.43 -17.49 -101.87
C GLN P 385 14.50 -16.96 -100.78
N ARG P 386 15.11 -16.17 -99.88
CA ARG P 386 14.46 -15.56 -98.73
C ARG P 386 13.12 -14.88 -99.04
N TRP P 387 12.97 -14.36 -100.27
CA TRP P 387 11.74 -13.71 -100.72
C TRP P 387 10.63 -14.67 -101.14
N LEU P 388 10.96 -15.90 -101.53
CA LEU P 388 9.97 -16.87 -101.99
C LEU P 388 8.92 -17.22 -100.94
N PRO P 389 9.28 -17.62 -99.72
CA PRO P 389 8.24 -17.91 -98.70
C PRO P 389 7.47 -16.68 -98.27
N LEU P 390 8.08 -15.50 -98.31
CA LEU P 390 7.42 -14.26 -97.95
C LEU P 390 6.22 -13.98 -98.86
N ILE P 391 6.42 -14.05 -100.17
CA ILE P 391 5.33 -13.84 -101.14
C ILE P 391 4.34 -15.00 -101.11
N LEU P 392 4.82 -16.23 -100.91
CA LEU P 392 3.96 -17.41 -100.82
C LEU P 392 3.03 -17.30 -99.60
N ALA P 393 3.55 -16.82 -98.49
CA ALA P 393 2.76 -16.58 -97.28
C ALA P 393 1.71 -15.51 -97.55
N GLY P 394 2.09 -14.48 -98.32
CA GLY P 394 1.17 -13.42 -98.72
C GLY P 394 -0.02 -13.94 -99.51
N PHE P 395 0.23 -14.70 -100.58
CA PHE P 395 -0.85 -15.28 -101.38
C PHE P 395 -1.71 -16.24 -100.54
N THR P 396 -1.10 -17.04 -99.67
CA THR P 396 -1.85 -17.95 -98.81
C THR P 396 -2.77 -17.17 -97.88
N SER P 397 -2.30 -16.06 -97.34
CA SER P 397 -3.10 -15.19 -96.46
C SER P 397 -4.22 -14.49 -97.25
N GLY P 398 -3.91 -14.04 -98.47
CA GLY P 398 -4.92 -13.39 -99.31
C GLY P 398 -6.14 -14.27 -99.55
N PHE P 399 -5.93 -15.57 -99.78
CA PHE P 399 -7.02 -16.52 -99.94
C PHE P 399 -7.96 -16.49 -98.73
N LEU P 400 -7.42 -16.64 -97.52
CA LEU P 400 -8.22 -16.62 -96.30
C LEU P 400 -8.88 -15.25 -96.08
N LEU P 401 -8.15 -14.18 -96.38
CA LEU P 401 -8.66 -12.82 -96.22
C LEU P 401 -9.92 -12.59 -97.08
N LEU P 402 -9.92 -13.10 -98.31
CA LEU P 402 -11.08 -12.98 -99.20
C LEU P 402 -12.18 -13.99 -98.89
N ARG P 403 -11.83 -15.26 -98.63
CA ARG P 403 -12.77 -16.35 -98.37
C ARG P 403 -13.70 -16.12 -97.17
N GLY P 404 -13.31 -15.30 -96.20
CA GLY P 404 -14.15 -15.03 -95.02
C GLY P 404 -15.58 -14.59 -95.31
N ARG P 405 -15.80 -13.92 -96.45
CA ARG P 405 -17.13 -13.46 -96.86
C ARG P 405 -18.12 -14.58 -97.22
N SER P 406 -17.64 -15.79 -97.53
CA SER P 406 -18.51 -16.89 -97.93
C SER P 406 -19.36 -17.46 -96.79
N TYR P 407 -19.08 -17.14 -95.53
CA TYR P 407 -19.84 -17.65 -94.39
C TYR P 407 -20.52 -16.52 -93.63
N VAL P 408 -21.81 -16.74 -93.34
CA VAL P 408 -22.70 -15.79 -92.68
C VAL P 408 -22.40 -15.59 -91.19
N ASP P 409 -21.87 -16.59 -90.49
CA ASP P 409 -21.63 -16.45 -89.05
C ASP P 409 -20.51 -15.46 -88.71
N ARG P 410 -20.81 -14.61 -87.72
CA ARG P 410 -19.92 -13.57 -87.20
C ARG P 410 -18.59 -14.12 -86.67
N TRP P 411 -18.65 -15.07 -85.73
CA TRP P 411 -17.42 -15.66 -85.15
C TRP P 411 -16.63 -16.47 -86.17
N GLN P 412 -17.31 -17.18 -87.05
CA GLN P 412 -16.63 -17.96 -88.09
C GLN P 412 -15.90 -17.03 -89.06
N SER P 413 -16.57 -15.98 -89.52
CA SER P 413 -15.95 -15.01 -90.42
C SER P 413 -14.81 -14.25 -89.75
N ILE P 414 -14.97 -13.90 -88.47
CA ILE P 414 -13.92 -13.19 -87.73
C ILE P 414 -12.68 -14.08 -87.52
N THR P 415 -12.87 -15.35 -87.17
CA THR P 415 -11.71 -16.23 -86.98
C THR P 415 -10.96 -16.44 -88.30
N LEU P 416 -11.68 -16.56 -89.41
CA LEU P 416 -11.04 -16.67 -90.71
C LEU P 416 -10.22 -15.42 -91.03
N ALA P 417 -10.83 -14.25 -90.87
CA ALA P 417 -10.17 -12.96 -91.10
C ALA P 417 -8.92 -12.80 -90.23
N GLY P 418 -9.05 -13.13 -88.95
CA GLY P 418 -7.93 -13.05 -88.02
C GLY P 418 -6.78 -14.00 -88.36
N THR P 419 -7.10 -15.17 -88.91
CA THR P 419 -6.08 -16.15 -89.30
C THR P 419 -5.12 -15.60 -90.35
N ALA P 420 -5.60 -14.78 -91.27
CA ALA P 420 -4.75 -14.16 -92.28
C ALA P 420 -3.82 -13.08 -91.69
N VAL P 421 -4.37 -12.19 -90.87
CA VAL P 421 -3.62 -11.09 -90.26
C VAL P 421 -2.47 -11.57 -89.37
N ILE P 422 -2.71 -12.57 -88.53
CA ILE P 422 -1.69 -13.05 -87.59
C ILE P 422 -0.44 -13.57 -88.32
N ILE P 423 -0.59 -14.21 -89.47
CA ILE P 423 0.58 -14.74 -90.20
C ILE P 423 1.50 -13.62 -90.66
N ALA P 424 0.94 -12.56 -91.25
CA ALA P 424 1.75 -11.42 -91.71
C ALA P 424 2.56 -10.81 -90.58
N ALA P 425 1.91 -10.55 -89.44
CA ALA P 425 2.60 -9.99 -88.27
C ALA P 425 3.67 -10.93 -87.73
N ALA P 426 3.38 -12.22 -87.67
CA ALA P 426 4.34 -13.22 -87.17
C ALA P 426 5.60 -13.29 -88.05
N VAL P 427 5.42 -13.27 -89.37
CA VAL P 427 6.54 -13.29 -90.31
C VAL P 427 7.47 -12.10 -90.10
N CYS P 428 6.90 -10.91 -89.94
CA CYS P 428 7.70 -9.70 -89.70
C CYS P 428 8.47 -9.79 -88.38
N VAL P 429 7.84 -10.30 -87.32
CA VAL P 429 8.54 -10.47 -86.05
C VAL P 429 9.72 -11.42 -86.21
N ARG P 430 9.53 -12.53 -86.90
CA ARG P 430 10.62 -13.48 -87.15
C ARG P 430 11.80 -12.80 -87.86
N TYR P 431 11.54 -12.03 -88.90
CA TYR P 431 12.54 -11.29 -89.67
C TYR P 431 13.08 -10.05 -88.96
N ALA P 432 12.58 -9.74 -87.78
CA ALA P 432 13.08 -8.65 -86.95
C ALA P 432 14.00 -9.17 -85.86
N LEU P 433 13.64 -10.31 -85.27
CA LEU P 433 14.49 -10.93 -84.26
C LEU P 433 15.80 -11.41 -84.87
N GLU P 434 15.71 -12.23 -85.91
CA GLU P 434 16.87 -12.73 -86.64
C GLU P 434 17.22 -11.76 -87.76
N LEU P 435 18.50 -11.80 -88.18
CA LEU P 435 18.99 -10.85 -89.19
C LEU P 435 18.79 -9.43 -88.69
N SER P 436 19.01 -9.25 -87.39
CA SER P 436 18.81 -7.99 -86.68
C SER P 436 19.83 -6.92 -87.04
N SER P 437 19.32 -5.73 -87.34
CA SER P 437 20.08 -4.53 -87.66
C SER P 437 19.09 -3.37 -87.70
N PRO P 438 19.56 -2.13 -87.55
CA PRO P 438 18.64 -0.99 -87.55
C PRO P 438 17.70 -0.95 -88.75
N LEU P 439 18.13 -1.38 -89.91
CA LEU P 439 17.25 -1.37 -91.07
C LEU P 439 16.08 -2.35 -90.90
N ALA P 440 16.38 -3.56 -90.46
CA ALA P 440 15.35 -4.60 -90.28
C ALA P 440 14.22 -4.18 -89.35
N VAL P 441 14.56 -3.75 -88.12
CA VAL P 441 13.56 -3.31 -87.15
C VAL P 441 12.81 -2.06 -87.62
N SER P 442 13.52 -1.10 -88.19
CA SER P 442 12.90 0.12 -88.71
C SER P 442 11.85 -0.19 -89.78
N ILE P 443 12.17 -1.09 -90.69
CA ILE P 443 11.26 -1.49 -91.77
C ILE P 443 10.06 -2.27 -91.20
N VAL P 444 10.31 -3.23 -90.31
CA VAL P 444 9.23 -4.04 -89.73
C VAL P 444 8.24 -3.17 -88.94
N ALA P 445 8.72 -2.21 -88.17
CA ALA P 445 7.83 -1.34 -87.40
C ALA P 445 6.90 -0.56 -88.32
N ALA P 446 7.44 0.05 -89.37
CA ALA P 446 6.65 0.81 -90.34
C ALA P 446 5.61 -0.08 -91.03
N ILE P 447 6.00 -1.27 -91.45
CA ILE P 447 5.10 -2.21 -92.11
C ILE P 447 3.93 -2.58 -91.19
N LEU P 448 4.21 -2.98 -89.96
CA LEU P 448 3.18 -3.43 -89.04
C LEU P 448 2.18 -2.34 -88.63
N VAL P 449 2.61 -1.10 -88.51
CA VAL P 449 1.68 -0.02 -88.16
C VAL P 449 0.79 0.38 -89.33
N LEU P 450 1.34 0.39 -90.56
CA LEU P 450 0.55 0.73 -91.74
C LEU P 450 -0.43 -0.38 -92.15
N LEU P 451 0.01 -1.62 -92.12
CA LEU P 451 -0.74 -2.82 -92.52
C LEU P 451 -2.22 -2.80 -92.10
N PRO P 452 -2.55 -2.76 -90.82
CA PRO P 452 -3.96 -2.77 -90.41
C PRO P 452 -4.67 -1.44 -90.62
N ALA P 453 -3.93 -0.33 -90.54
CA ALA P 453 -4.53 0.99 -90.73
C ALA P 453 -5.15 1.13 -92.12
N ALA P 454 -4.43 0.68 -93.15
CA ALA P 454 -4.93 0.71 -94.52
C ALA P 454 -6.22 -0.11 -94.66
N GLY P 455 -6.24 -1.31 -94.08
CA GLY P 455 -7.44 -2.15 -94.15
C GLY P 455 -8.63 -1.54 -93.44
N MET P 456 -8.45 -1.05 -92.22
CA MET P 456 -9.55 -0.43 -91.48
C MET P 456 -10.08 0.80 -92.21
N ALA P 457 -9.19 1.66 -92.69
CA ALA P 457 -9.61 2.86 -93.43
C ALA P 457 -10.36 2.49 -94.71
N ALA P 458 -9.85 1.53 -95.47
CA ALA P 458 -10.52 1.09 -96.69
C ALA P 458 -11.90 0.51 -96.41
N ALA P 459 -12.07 -0.16 -95.28
CA ALA P 459 -13.37 -0.73 -94.93
C ALA P 459 -14.35 0.29 -94.34
N ALA P 460 -13.88 1.17 -93.44
CA ALA P 460 -14.78 2.14 -92.81
C ALA P 460 -15.11 3.33 -93.72
N HIS P 461 -14.15 3.83 -94.50
CA HIS P 461 -14.42 4.98 -95.35
C HIS P 461 -15.16 4.56 -96.62
N GLN Q 19 -97.69 -55.02 -51.52
CA GLN Q 19 -96.50 -55.32 -50.72
C GLN Q 19 -95.44 -55.99 -51.59
N ALA Q 20 -94.18 -55.63 -51.40
CA ALA Q 20 -93.09 -56.20 -52.17
C ALA Q 20 -91.78 -55.97 -51.42
N VAL Q 21 -90.74 -56.65 -51.89
CA VAL Q 21 -89.39 -56.51 -51.32
C VAL Q 21 -88.36 -56.60 -52.44
N VAL Q 22 -87.20 -55.99 -52.20
CA VAL Q 22 -86.09 -55.96 -53.15
C VAL Q 22 -84.83 -56.49 -52.46
N VAL Q 23 -84.15 -57.43 -53.12
CA VAL Q 23 -82.97 -58.08 -52.55
C VAL Q 23 -81.92 -58.33 -53.64
N GLY Q 24 -80.67 -58.42 -53.20
CA GLY Q 24 -79.53 -58.72 -54.04
C GLY Q 24 -79.35 -60.22 -54.17
N VAL Q 25 -79.68 -60.76 -55.34
CA VAL Q 25 -79.54 -62.19 -55.61
C VAL Q 25 -78.20 -62.47 -56.27
N MET Q 26 -77.35 -63.23 -55.58
CA MET Q 26 -76.05 -63.64 -56.07
C MET Q 26 -76.22 -64.80 -57.04
N ALA Q 27 -75.40 -64.82 -58.09
CA ALA Q 27 -75.50 -65.88 -59.09
C ALA Q 27 -74.11 -66.39 -59.44
N GLY Q 28 -73.98 -66.99 -60.62
CA GLY Q 28 -72.75 -67.59 -61.08
C GLY Q 28 -71.46 -66.85 -60.84
N GLU Q 29 -70.49 -67.58 -60.29
CA GLU Q 29 -69.16 -67.11 -59.93
C GLU Q 29 -69.22 -65.91 -58.98
N GLY Q 30 -70.37 -65.68 -58.37
CA GLY Q 30 -70.58 -64.58 -57.43
C GLY Q 30 -71.08 -63.26 -58.00
N VAL Q 31 -71.64 -63.24 -59.20
CA VAL Q 31 -72.12 -61.99 -59.78
C VAL Q 31 -73.33 -61.49 -59.01
N GLN Q 32 -73.28 -60.24 -58.56
CA GLN Q 32 -74.39 -59.62 -57.84
C GLN Q 32 -75.50 -59.15 -58.77
N ILE Q 33 -76.74 -59.58 -58.50
CA ILE Q 33 -77.91 -59.19 -59.28
C ILE Q 33 -79.01 -58.72 -58.32
N GLY Q 34 -79.80 -57.73 -58.75
CA GLY Q 34 -80.91 -57.19 -57.96
C GLY Q 34 -82.26 -57.64 -58.49
N VAL Q 35 -83.16 -58.04 -57.59
CA VAL Q 35 -84.49 -58.53 -57.97
C VAL Q 35 -85.58 -58.08 -56.99
N LEU Q 36 -86.80 -57.99 -57.53
CA LEU Q 36 -88.02 -57.60 -56.81
C LEU Q 36 -88.90 -58.83 -56.61
N LEU Q 37 -89.28 -59.11 -55.36
CA LEU Q 37 -90.09 -60.27 -55.00
C LEU Q 37 -91.31 -59.88 -54.17
N ASP Q 38 -92.34 -60.73 -54.20
CA ASP Q 38 -93.54 -60.49 -53.42
C ASP Q 38 -93.29 -60.72 -51.93
N ALA Q 39 -94.09 -60.04 -51.10
CA ALA Q 39 -93.95 -60.16 -49.65
C ALA Q 39 -94.63 -61.38 -49.02
N ASN Q 40 -95.84 -61.74 -49.46
CA ASN Q 40 -96.57 -62.85 -48.85
C ASN Q 40 -96.60 -64.18 -49.60
N ALA Q 41 -96.40 -64.21 -50.91
CA ALA Q 41 -96.36 -65.50 -51.60
C ALA Q 41 -95.15 -66.33 -51.15
N PRO Q 42 -95.31 -67.65 -51.02
CA PRO Q 42 -94.18 -68.49 -50.59
C PRO Q 42 -93.11 -68.64 -51.65
N VAL Q 43 -91.91 -68.96 -51.14
CA VAL Q 43 -90.72 -69.12 -51.98
C VAL Q 43 -90.90 -70.14 -53.11
N SER Q 44 -91.58 -71.26 -52.82
CA SER Q 44 -91.78 -72.30 -53.84
C SER Q 44 -92.51 -71.83 -55.10
N VAL Q 45 -93.48 -70.91 -54.97
CA VAL Q 45 -94.20 -70.41 -56.13
C VAL Q 45 -93.45 -69.37 -56.93
N MET Q 46 -92.33 -68.85 -56.40
CA MET Q 46 -91.52 -67.84 -57.06
C MET Q 46 -90.10 -68.29 -57.45
N THR Q 47 -89.58 -69.37 -56.88
CA THR Q 47 -88.24 -69.85 -57.19
C THR Q 47 -88.11 -70.36 -58.62
N ASP Q 48 -89.23 -70.74 -59.24
CA ASP Q 48 -89.21 -71.20 -60.64
C ASP Q 48 -89.04 -70.02 -61.60
N PRO Q 49 -89.93 -69.04 -61.63
CA PRO Q 49 -89.74 -67.89 -62.54
C PRO Q 49 -88.48 -67.08 -62.26
N LEU Q 50 -88.05 -66.98 -61.01
CA LEU Q 50 -86.83 -66.25 -60.66
C LEU Q 50 -85.59 -66.85 -61.34
N LEU Q 51 -85.54 -68.17 -61.47
CA LEU Q 51 -84.40 -68.83 -62.12
C LEU Q 51 -84.33 -68.47 -63.60
N LYS Q 52 -85.48 -68.30 -64.25
CA LYS Q 52 -85.56 -67.93 -65.67
C LYS Q 52 -85.01 -66.52 -65.92
N VAL Q 53 -85.46 -65.53 -65.16
CA VAL Q 53 -84.98 -64.15 -65.31
C VAL Q 53 -83.50 -64.03 -64.97
N VAL Q 54 -83.02 -64.76 -63.96
CA VAL Q 54 -81.60 -64.71 -63.62
C VAL Q 54 -80.76 -65.31 -64.76
N ASN Q 55 -81.22 -66.41 -65.34
CA ASN Q 55 -80.50 -67.02 -66.46
C ASN Q 55 -80.55 -66.11 -67.68
N SER Q 56 -81.72 -65.50 -67.93
CA SER Q 56 -81.89 -64.54 -69.02
C SER Q 56 -80.95 -63.34 -68.88
N ARG Q 57 -80.85 -62.78 -67.68
CA ARG Q 57 -79.98 -61.63 -67.42
C ARG Q 57 -78.51 -62.02 -67.54
N LEU Q 58 -78.14 -63.21 -67.08
CA LEU Q 58 -76.76 -63.68 -67.17
C LEU Q 58 -76.28 -63.70 -68.62
N ARG Q 59 -77.11 -64.19 -69.54
CA ARG Q 59 -76.73 -64.24 -70.95
C ARG Q 59 -76.49 -62.85 -71.54
N GLU Q 60 -77.20 -61.82 -71.08
CA GLU Q 60 -76.96 -60.48 -71.59
C GLU Q 60 -75.60 -59.97 -71.10
N LEU Q 61 -75.19 -60.37 -69.91
CA LEU Q 61 -73.88 -60.03 -69.38
C LEU Q 61 -72.79 -60.88 -70.01
N GLY Q 62 -73.19 -61.91 -70.76
CA GLY Q 62 -72.27 -62.84 -71.39
C GLY Q 62 -71.82 -63.97 -70.48
N GLU Q 63 -72.51 -64.16 -69.36
CA GLU Q 63 -72.20 -65.19 -68.39
C GLU Q 63 -73.07 -66.41 -68.66
N ALA Q 64 -72.52 -67.59 -68.38
CA ALA Q 64 -73.27 -68.83 -68.57
C ALA Q 64 -74.40 -68.96 -67.56
N PRO Q 65 -75.57 -69.46 -67.98
CA PRO Q 65 -76.69 -69.64 -67.05
C PRO Q 65 -76.41 -70.69 -65.98
N LEU Q 66 -77.22 -70.63 -64.93
CA LEU Q 66 -77.12 -71.58 -63.83
C LEU Q 66 -77.40 -73.00 -64.34
N GLU Q 67 -76.48 -73.92 -64.06
CA GLU Q 67 -76.59 -75.30 -64.53
C GLU Q 67 -75.85 -76.25 -63.60
N ALA Q 68 -76.43 -77.45 -63.42
CA ALA Q 68 -75.86 -78.47 -62.56
C ALA Q 68 -76.37 -79.83 -63.03
N THR Q 69 -75.70 -80.89 -62.54
CA THR Q 69 -76.03 -82.26 -62.87
C THR Q 69 -76.27 -83.09 -61.61
N GLY Q 70 -77.18 -84.05 -61.71
CA GLY Q 70 -77.55 -84.93 -60.63
C GLY Q 70 -78.96 -84.66 -60.13
N ARG Q 71 -79.45 -85.61 -59.34
CA ARG Q 71 -80.78 -85.49 -58.75
C ARG Q 71 -80.79 -84.39 -57.69
N GLY Q 72 -81.77 -83.49 -57.79
CA GLY Q 72 -81.87 -82.40 -56.85
C GLY Q 72 -82.78 -81.29 -57.38
N ARG Q 73 -82.58 -80.09 -56.85
CA ARG Q 73 -83.41 -78.94 -57.22
C ARG Q 73 -82.70 -77.62 -56.93
N TRP Q 74 -83.29 -76.55 -57.47
CA TRP Q 74 -82.82 -75.17 -57.33
C TRP Q 74 -83.63 -74.42 -56.28
N ALA Q 75 -82.94 -73.70 -55.39
CA ALA Q 75 -83.63 -72.93 -54.35
C ALA Q 75 -82.73 -71.79 -53.86
N LEU Q 76 -83.35 -70.89 -53.09
CA LEU Q 76 -82.68 -69.75 -52.47
C LEU Q 76 -82.01 -70.15 -51.16
N CYS Q 77 -80.82 -69.60 -50.91
CA CYS Q 77 -80.05 -69.92 -49.71
C CYS Q 77 -79.38 -68.66 -49.13
N LEU Q 78 -79.10 -68.73 -47.83
CA LEU Q 78 -78.38 -67.71 -47.08
C LEU Q 78 -76.87 -67.86 -47.30
N VAL Q 79 -76.11 -66.88 -46.79
CA VAL Q 79 -74.66 -66.88 -46.97
C VAL Q 79 -73.97 -68.12 -46.40
N ASP Q 80 -74.59 -68.82 -45.46
CA ASP Q 80 -73.96 -70.02 -44.90
C ASP Q 80 -74.43 -71.28 -45.60
N GLY Q 81 -75.26 -71.16 -46.64
CA GLY Q 81 -75.77 -72.30 -47.37
C GLY Q 81 -77.13 -72.81 -46.93
N ALA Q 82 -77.67 -72.28 -45.84
CA ALA Q 82 -78.98 -72.74 -45.34
C ALA Q 82 -80.12 -72.33 -46.27
N PRO Q 83 -80.92 -73.27 -46.78
CA PRO Q 83 -82.04 -72.91 -47.65
C PRO Q 83 -83.21 -72.30 -46.88
N LEU Q 84 -83.93 -71.41 -47.55
CA LEU Q 84 -85.12 -70.80 -46.97
C LEU Q 84 -86.29 -71.78 -46.99
N ARG Q 85 -87.32 -71.49 -46.20
CA ARG Q 85 -88.51 -72.35 -46.15
C ARG Q 85 -89.32 -72.22 -47.44
N ALA Q 86 -89.68 -73.37 -48.02
CA ALA Q 86 -90.40 -73.37 -49.29
C ALA Q 86 -91.89 -73.02 -49.17
N THR Q 87 -92.49 -73.14 -47.99
CA THR Q 87 -93.93 -72.90 -47.83
C THR Q 87 -94.29 -71.63 -47.06
N GLN Q 88 -93.34 -70.77 -46.71
CA GLN Q 88 -93.68 -69.58 -45.96
C GLN Q 88 -93.23 -68.29 -46.65
N SER Q 89 -93.99 -67.24 -46.34
CA SER Q 89 -93.77 -65.90 -46.87
C SER Q 89 -92.41 -65.32 -46.50
N LEU Q 90 -91.89 -64.49 -47.40
CA LEU Q 90 -90.66 -63.75 -47.12
C LEU Q 90 -90.89 -62.77 -45.98
N THR Q 91 -92.16 -62.45 -45.69
CA THR Q 91 -92.53 -61.60 -44.57
C THR Q 91 -92.60 -62.41 -43.28
N GLU Q 92 -92.75 -63.72 -43.41
CA GLU Q 92 -92.74 -64.62 -42.27
C GLU Q 92 -91.29 -64.89 -41.91
N GLN Q 93 -90.46 -65.08 -42.93
CA GLN Q 93 -89.03 -65.19 -42.78
C GLN Q 93 -88.51 -63.77 -42.51
N ASP Q 94 -87.25 -63.65 -42.08
CA ASP Q 94 -86.65 -62.34 -41.80
C ASP Q 94 -85.91 -61.75 -43.00
N VAL Q 95 -86.69 -61.35 -44.00
CA VAL Q 95 -86.18 -60.72 -45.21
C VAL Q 95 -86.77 -59.31 -45.34
N TYR Q 96 -85.90 -58.34 -45.62
CA TYR Q 96 -86.28 -56.94 -45.78
C TYR Q 96 -85.47 -56.36 -46.93
N ASP Q 97 -85.89 -55.17 -47.37
CA ASP Q 97 -85.22 -54.48 -48.46
C ASP Q 97 -83.72 -54.32 -48.21
N GLY Q 98 -82.94 -54.66 -49.23
CA GLY Q 98 -81.49 -54.59 -49.20
C GLY Q 98 -80.79 -55.84 -48.73
N ASP Q 99 -81.52 -56.89 -48.37
CA ASP Q 99 -80.89 -58.13 -47.98
C ASP Q 99 -80.27 -58.82 -49.20
N ARG Q 100 -79.37 -59.77 -48.94
CA ARG Q 100 -78.69 -60.53 -49.99
C ARG Q 100 -78.99 -62.01 -49.86
N LEU Q 101 -79.25 -62.67 -51.00
CA LEU Q 101 -79.60 -64.09 -51.03
C LEU Q 101 -78.89 -64.77 -52.20
N TRP Q 102 -78.66 -66.07 -52.05
CA TRP Q 102 -77.98 -66.91 -53.04
C TRP Q 102 -78.91 -67.97 -53.62
N ILE Q 103 -78.74 -68.27 -54.90
CA ILE Q 103 -79.46 -69.36 -55.57
C ILE Q 103 -78.49 -70.53 -55.67
N ARG Q 104 -78.91 -71.71 -55.22
CA ARG Q 104 -78.03 -72.86 -55.16
C ARG Q 104 -78.74 -74.16 -55.54
N PHE Q 105 -77.94 -75.15 -55.98
CA PHE Q 105 -78.42 -76.47 -56.36
C PHE Q 105 -78.35 -77.40 -55.15
N ILE Q 106 -79.49 -77.88 -54.69
CA ILE Q 106 -79.60 -78.77 -53.53
C ILE Q 106 -79.74 -80.22 -54.00
N ALA Q 107 -78.62 -80.94 -54.01
CA ALA Q 107 -78.65 -82.36 -54.36
C ALA Q 107 -79.30 -83.19 -53.25
N ASP Q 108 -79.85 -84.34 -53.63
CA ASP Q 108 -80.50 -85.23 -52.68
C ASP Q 108 -79.56 -85.67 -51.54
N THR Q 109 -78.28 -85.85 -51.86
CA THR Q 109 -77.25 -86.26 -50.90
C THR Q 109 -76.94 -85.24 -49.80
N GLU Q 110 -77.36 -83.98 -49.94
CA GLU Q 110 -77.02 -82.94 -48.97
C GLU Q 110 -77.52 -83.15 -47.53
N ARG Q 111 -76.58 -83.05 -46.59
CA ARG Q 111 -76.78 -83.08 -45.14
C ARG Q 111 -75.87 -82.02 -44.53
N ARG Q 112 -76.35 -81.28 -43.52
CA ARG Q 112 -75.56 -80.22 -42.89
C ARG Q 112 -75.32 -80.45 -41.40
N SER Q 113 -74.11 -80.06 -40.96
CA SER Q 113 -73.63 -80.27 -39.58
C SER Q 113 -74.51 -79.66 -38.48
N GLN Q 114 -74.80 -78.37 -38.57
CA GLN Q 114 -75.67 -77.68 -37.61
C GLN Q 114 -75.19 -77.81 -36.14
N VAL Q 115 -73.91 -78.08 -35.88
CA VAL Q 115 -73.34 -78.25 -34.54
C VAL Q 115 -72.34 -77.14 -34.21
N ILE Q 116 -72.39 -76.64 -32.96
CA ILE Q 116 -71.52 -75.56 -32.47
C ILE Q 116 -70.75 -76.01 -31.22
N GLU Q 117 -69.57 -75.41 -31.02
CA GLU Q 117 -68.67 -75.69 -29.89
C GLU Q 117 -68.15 -74.38 -29.29
N HIS Q 118 -67.88 -74.40 -27.98
CA HIS Q 118 -67.40 -73.23 -27.20
C HIS Q 118 -65.97 -73.33 -26.66
N ILE Q 119 -65.14 -72.34 -27.01
CA ILE Q 119 -63.77 -72.16 -26.51
C ILE Q 119 -63.43 -70.70 -26.75
N SER Q 120 -62.86 -70.04 -25.75
CA SER Q 120 -62.54 -68.62 -25.89
C SER Q 120 -61.51 -68.34 -26.98
N THR Q 121 -61.90 -67.48 -27.92
CA THR Q 121 -61.06 -67.10 -29.06
C THR Q 121 -59.73 -66.50 -28.63
N ALA Q 122 -59.72 -65.81 -27.49
CA ALA Q 122 -58.50 -65.23 -26.94
C ALA Q 122 -57.44 -66.31 -26.71
N VAL Q 123 -57.84 -67.43 -26.14
CA VAL Q 123 -56.91 -68.54 -25.91
C VAL Q 123 -56.51 -69.20 -27.22
N ALA Q 124 -57.46 -69.37 -28.13
CA ALA Q 124 -57.17 -70.01 -29.42
C ALA Q 124 -56.12 -69.20 -30.21
N SER Q 125 -56.34 -67.90 -30.34
CA SER Q 125 -55.40 -67.02 -31.05
C SER Q 125 -54.06 -66.94 -30.34
N ASP Q 126 -54.08 -66.83 -29.01
CA ASP Q 126 -52.86 -66.77 -28.21
C ASP Q 126 -52.01 -68.03 -28.39
N LEU Q 127 -52.59 -69.20 -28.15
CA LEU Q 127 -51.86 -70.47 -28.29
C LEU Q 127 -51.34 -70.68 -29.72
N SER Q 128 -52.07 -70.23 -30.73
CA SER Q 128 -51.63 -70.38 -32.12
C SER Q 128 -50.26 -69.74 -32.34
N LYS Q 129 -50.07 -68.51 -31.88
CA LYS Q 129 -48.79 -67.81 -31.99
C LYS Q 129 -47.76 -68.32 -31.00
N ARG Q 130 -48.15 -68.46 -29.72
CA ARG Q 130 -47.22 -68.87 -28.67
C ARG Q 130 -46.46 -70.17 -28.98
N PHE Q 131 -47.10 -71.19 -29.58
CA PHE Q 131 -46.33 -72.38 -29.96
C PHE Q 131 -46.81 -72.94 -31.30
N ALA Q 132 -45.85 -73.05 -32.25
CA ALA Q 132 -46.09 -73.55 -33.60
C ALA Q 132 -44.76 -74.05 -34.18
N ARG Q 133 -44.86 -74.73 -35.34
CA ARG Q 133 -43.71 -75.26 -36.07
C ARG Q 133 -42.82 -74.17 -36.68
N ILE Q 134 -41.57 -74.57 -36.98
CA ILE Q 134 -40.55 -73.69 -37.56
C ILE Q 134 -40.86 -73.32 -39.01
N ASP Q 135 -40.41 -72.11 -39.40
CA ASP Q 135 -40.54 -71.50 -40.72
C ASP Q 135 -39.22 -71.26 -41.44
N PRO Q 136 -39.19 -71.36 -42.77
CA PRO Q 136 -37.96 -71.15 -43.55
C PRO Q 136 -37.37 -69.75 -43.38
N ILE Q 137 -38.22 -68.75 -43.11
CA ILE Q 137 -37.78 -67.37 -42.88
C ILE Q 137 -36.74 -67.33 -41.75
N VAL Q 138 -36.99 -68.09 -40.70
CA VAL Q 138 -36.09 -68.20 -39.55
C VAL Q 138 -34.82 -68.96 -39.94
N ALA Q 139 -34.98 -70.06 -40.68
CA ALA Q 139 -33.84 -70.88 -41.11
C ALA Q 139 -32.79 -70.08 -41.88
N VAL Q 140 -33.19 -69.04 -42.62
CA VAL Q 140 -32.20 -68.22 -43.33
C VAL Q 140 -31.27 -67.55 -42.32
N GLN Q 141 -31.82 -67.03 -41.23
CA GLN Q 141 -31.02 -66.39 -40.18
C GLN Q 141 -30.07 -67.41 -39.55
N VAL Q 142 -30.57 -68.61 -39.27
CA VAL Q 142 -29.77 -69.69 -38.69
C VAL Q 142 -28.63 -70.08 -39.62
N GLY Q 143 -28.93 -70.27 -40.90
CA GLY Q 143 -27.89 -70.62 -41.87
C GLY Q 143 -26.82 -69.53 -41.97
N ALA Q 144 -27.25 -68.28 -41.99
CA ALA Q 144 -26.32 -67.14 -42.04
C ALA Q 144 -25.42 -67.12 -40.80
N SER Q 145 -25.97 -67.39 -39.64
CA SER Q 145 -25.20 -67.45 -38.38
C SER Q 145 -24.19 -68.60 -38.39
N MET Q 146 -24.55 -69.74 -38.97
CA MET Q 146 -23.66 -70.90 -39.08
C MET Q 146 -22.47 -70.64 -40.01
N VAL Q 147 -22.70 -70.10 -41.19
CA VAL Q 147 -21.60 -69.80 -42.13
C VAL Q 147 -20.66 -68.76 -41.53
N ALA Q 148 -21.19 -67.73 -40.89
CA ALA Q 148 -20.38 -66.70 -40.25
C ALA Q 148 -19.43 -67.32 -39.22
N THR Q 149 -19.90 -68.30 -38.47
CA THR Q 149 -19.11 -69.02 -37.46
C THR Q 149 -17.91 -69.73 -38.08
N GLY Q 150 -18.10 -70.39 -39.21
CA GLY Q 150 -17.02 -71.11 -39.89
C GLY Q 150 -15.89 -70.21 -40.38
N VAL Q 151 -16.23 -69.12 -41.06
CA VAL Q 151 -15.22 -68.19 -41.57
C VAL Q 151 -14.41 -67.54 -40.44
N VAL Q 152 -15.04 -67.20 -39.31
CA VAL Q 152 -14.26 -66.64 -38.20
C VAL Q 152 -13.30 -67.71 -37.64
N LEU Q 153 -13.75 -68.96 -37.51
CA LEU Q 153 -12.87 -70.04 -37.06
C LEU Q 153 -11.73 -70.23 -38.05
N ALA Q 154 -12.02 -70.11 -39.34
CA ALA Q 154 -10.99 -70.21 -40.38
C ALA Q 154 -9.95 -69.11 -40.18
N THR Q 155 -10.37 -67.87 -39.97
CA THR Q 155 -9.43 -66.78 -39.71
C THR Q 155 -8.68 -67.02 -38.40
N GLY Q 156 -9.28 -67.75 -37.47
CA GLY Q 156 -8.65 -68.14 -36.21
C GLY Q 156 -7.43 -69.02 -36.43
N VAL Q 157 -7.59 -70.16 -37.11
CA VAL Q 157 -6.46 -71.07 -37.38
C VAL Q 157 -5.44 -70.40 -38.29
N LEU Q 158 -5.90 -69.61 -39.26
CA LEU Q 158 -5.00 -68.87 -40.14
C LEU Q 158 -4.23 -67.81 -39.35
N GLY Q 159 -4.88 -67.23 -38.35
CA GLY Q 159 -4.24 -66.26 -37.47
C GLY Q 159 -3.22 -66.95 -36.58
N TRP Q 160 -3.61 -68.08 -36.00
CA TRP Q 160 -2.73 -68.92 -35.18
C TRP Q 160 -1.50 -69.34 -35.99
N TRP Q 161 -1.70 -69.65 -37.27
CA TRP Q 161 -0.59 -69.99 -38.17
C TRP Q 161 0.37 -68.80 -38.37
N ARG Q 162 -0.16 -67.64 -38.76
CA ARG Q 162 0.67 -66.45 -38.97
C ARG Q 162 1.42 -66.05 -37.71
N TRP Q 163 0.91 -66.41 -36.54
CA TRP Q 163 1.56 -66.12 -35.28
C TRP Q 163 2.75 -67.05 -35.02
N HIS Q 164 2.81 -68.20 -35.72
CA HIS Q 164 3.88 -69.19 -35.57
C HIS Q 164 4.72 -69.40 -36.83
N HIS Q 165 4.26 -68.98 -38.01
CA HIS Q 165 4.96 -69.13 -39.27
C HIS Q 165 4.99 -67.78 -39.98
N ASN Q 166 6.13 -67.44 -40.57
CA ASN Q 166 6.37 -66.15 -41.21
C ASN Q 166 6.06 -66.13 -42.71
N THR Q 167 5.47 -67.18 -43.26
CA THR Q 167 5.20 -67.24 -44.69
C THR Q 167 4.06 -66.29 -45.08
N TRP Q 168 4.07 -65.90 -46.37
CA TRP Q 168 3.09 -65.01 -47.01
C TRP Q 168 1.71 -65.63 -47.14
N LEU Q 169 1.58 -66.92 -46.85
CA LEU Q 169 0.35 -67.68 -46.96
C LEU Q 169 -0.91 -67.00 -46.38
N THR Q 170 -0.90 -66.65 -45.09
CA THR Q 170 -2.09 -66.06 -44.46
C THR Q 170 -2.60 -64.77 -45.09
N THR Q 171 -1.72 -63.82 -45.41
CA THR Q 171 -2.21 -62.58 -46.02
C THR Q 171 -2.78 -62.86 -47.41
N ILE Q 172 -2.06 -63.65 -48.20
CA ILE Q 172 -2.48 -64.03 -49.55
C ILE Q 172 -3.74 -64.89 -49.52
N TYR Q 173 -3.74 -65.92 -48.68
CA TYR Q 173 -4.86 -66.84 -48.54
C TYR Q 173 -6.11 -66.23 -47.89
N THR Q 174 -5.98 -65.28 -46.97
CA THR Q 174 -7.15 -64.67 -46.32
C THR Q 174 -7.87 -63.63 -47.19
N ALA Q 175 -7.17 -62.95 -48.09
CA ALA Q 175 -7.76 -61.96 -48.97
C ALA Q 175 -8.99 -62.47 -49.74
N VAL Q 176 -8.87 -63.62 -50.40
CA VAL Q 176 -9.94 -64.24 -51.17
C VAL Q 176 -11.13 -64.66 -50.30
N ILE Q 177 -10.87 -65.11 -49.08
CA ILE Q 177 -11.94 -65.52 -48.16
C ILE Q 177 -12.91 -64.36 -47.90
N GLY Q 178 -12.37 -63.18 -47.66
CA GLY Q 178 -13.19 -61.98 -47.44
C GLY Q 178 -14.00 -61.57 -48.66
N VAL Q 179 -13.38 -61.57 -49.84
CA VAL Q 179 -14.03 -61.20 -51.09
C VAL Q 179 -15.27 -62.05 -51.34
N LEU Q 180 -15.21 -63.35 -51.09
CA LEU Q 180 -16.36 -64.22 -51.30
C LEU Q 180 -17.53 -63.83 -50.39
N VAL Q 181 -17.29 -63.69 -49.09
CA VAL Q 181 -18.34 -63.29 -48.14
C VAL Q 181 -18.85 -61.88 -48.46
N LEU Q 182 -17.95 -60.97 -48.78
CA LEU Q 182 -18.32 -59.59 -49.14
C LEU Q 182 -19.18 -59.56 -50.41
N ALA Q 183 -18.85 -60.37 -51.40
CA ALA Q 183 -19.64 -60.45 -52.62
C ALA Q 183 -21.06 -60.91 -52.31
N VAL Q 184 -21.19 -61.97 -51.53
CA VAL Q 184 -22.51 -62.46 -51.12
C VAL Q 184 -23.24 -61.38 -50.34
N ALA Q 185 -22.54 -60.73 -49.41
CA ALA Q 185 -23.10 -59.63 -48.63
C ALA Q 185 -23.58 -58.48 -49.53
N MET Q 186 -22.81 -58.16 -50.57
CA MET Q 186 -23.22 -57.09 -51.50
C MET Q 186 -24.55 -57.44 -52.19
N LEU Q 187 -24.68 -58.68 -52.66
CA LEU Q 187 -25.93 -59.13 -53.29
C LEU Q 187 -27.09 -59.10 -52.31
N LEU Q 188 -26.87 -59.63 -51.10
CA LEU Q 188 -27.90 -59.63 -50.06
C LEU Q 188 -28.37 -58.22 -49.72
N LEU Q 189 -27.44 -57.28 -49.58
CA LEU Q 189 -27.79 -55.89 -49.28
C LEU Q 189 -28.59 -55.27 -50.41
N MET Q 190 -28.27 -55.59 -51.67
CA MET Q 190 -29.06 -55.06 -52.79
C MET Q 190 -30.45 -55.69 -52.84
N ARG Q 191 -30.53 -57.01 -52.65
CA ARG Q 191 -31.79 -57.75 -52.75
C ARG Q 191 -32.67 -57.65 -51.51
N ALA Q 192 -32.10 -57.43 -50.33
CA ALA Q 192 -32.89 -57.35 -49.10
C ALA Q 192 -33.93 -56.24 -49.12
N LYS Q 193 -35.17 -56.58 -48.66
CA LYS Q 193 -36.33 -55.69 -48.56
C LYS Q 193 -37.03 -55.76 -47.21
N THR Q 194 -37.17 -56.96 -46.64
CA THR Q 194 -37.83 -57.19 -45.35
C THR Q 194 -36.84 -57.07 -44.19
N ASP Q 195 -37.40 -56.96 -42.99
CA ASP Q 195 -36.60 -56.87 -41.78
C ASP Q 195 -35.80 -58.16 -41.57
N ALA Q 196 -36.39 -59.30 -41.91
CA ALA Q 196 -35.69 -60.57 -41.80
C ALA Q 196 -34.47 -60.59 -42.72
N ASP Q 197 -34.62 -60.10 -43.94
CA ASP Q 197 -33.50 -60.02 -44.88
C ASP Q 197 -32.38 -59.16 -44.34
N ARG Q 198 -32.73 -58.01 -43.78
CA ARG Q 198 -31.76 -57.07 -43.21
C ARG Q 198 -30.91 -57.73 -42.12
N ARG Q 199 -31.52 -58.48 -41.21
CA ARG Q 199 -30.75 -59.18 -40.18
C ARG Q 199 -29.73 -60.13 -40.82
N VAL Q 200 -30.14 -60.89 -41.84
CA VAL Q 200 -29.25 -61.80 -42.55
C VAL Q 200 -28.13 -61.01 -43.24
N ALA Q 201 -28.49 -59.92 -43.92
CA ALA Q 201 -27.53 -59.07 -44.62
C ALA Q 201 -26.49 -58.46 -43.66
N ASP Q 202 -26.94 -57.95 -42.52
CA ASP Q 202 -26.03 -57.38 -41.51
C ASP Q 202 -25.04 -58.41 -40.97
N ILE Q 203 -25.51 -59.61 -40.65
CA ILE Q 203 -24.63 -60.67 -40.15
C ILE Q 203 -23.52 -60.98 -41.16
N MET Q 204 -23.87 -61.10 -42.43
CA MET Q 204 -22.89 -61.41 -43.48
C MET Q 204 -21.89 -60.26 -43.64
N LEU Q 205 -22.39 -59.02 -43.69
CA LEU Q 205 -21.53 -57.84 -43.81
C LEU Q 205 -20.57 -57.73 -42.64
N MET Q 206 -21.07 -57.88 -41.42
CA MET Q 206 -20.25 -57.85 -40.20
C MET Q 206 -19.17 -58.93 -40.26
N SER Q 207 -19.51 -60.11 -40.77
CA SER Q 207 -18.57 -61.23 -40.93
C SER Q 207 -17.49 -60.97 -41.97
N ALA Q 208 -17.76 -60.12 -42.96
CA ALA Q 208 -16.77 -59.79 -43.99
C ALA Q 208 -15.65 -58.88 -43.48
N ILE Q 209 -15.95 -58.00 -42.52
CA ILE Q 209 -14.98 -57.07 -41.97
C ILE Q 209 -13.84 -57.78 -41.22
N MET Q 210 -14.12 -58.91 -40.57
CA MET Q 210 -13.09 -59.66 -39.83
C MET Q 210 -11.96 -60.19 -40.72
N PRO Q 211 -12.21 -60.97 -41.77
CA PRO Q 211 -11.11 -61.44 -42.63
C PRO Q 211 -10.34 -60.31 -43.31
N VAL Q 212 -11.06 -59.32 -43.84
CA VAL Q 212 -10.46 -58.16 -44.50
C VAL Q 212 -9.48 -57.45 -43.57
N THR Q 213 -9.82 -57.38 -42.29
CA THR Q 213 -8.98 -56.75 -41.26
C THR Q 213 -7.68 -57.53 -41.02
N VAL Q 214 -7.75 -58.83 -40.75
CA VAL Q 214 -6.54 -59.63 -40.51
C VAL Q 214 -5.69 -59.76 -41.77
N ALA Q 215 -6.30 -59.77 -42.95
CA ALA Q 215 -5.55 -59.85 -44.20
C ALA Q 215 -4.55 -58.71 -44.32
N ALA Q 216 -5.00 -57.49 -44.07
CA ALA Q 216 -4.14 -56.30 -44.11
C ALA Q 216 -3.09 -56.33 -42.99
N ALA Q 217 -3.48 -56.73 -41.79
CA ALA Q 217 -2.52 -56.81 -40.68
C ALA Q 217 -1.38 -57.78 -40.96
N ALA Q 218 -1.63 -58.87 -41.67
CA ALA Q 218 -0.62 -59.88 -42.01
C ALA Q 218 0.31 -59.52 -43.17
N ALA Q 219 0.11 -58.39 -43.83
CA ALA Q 219 0.96 -58.02 -44.97
C ALA Q 219 2.45 -57.83 -44.69
N PRO Q 220 2.89 -57.23 -43.59
CA PRO Q 220 4.34 -57.04 -43.36
C PRO Q 220 5.08 -58.34 -43.08
N PRO Q 221 6.32 -58.44 -43.58
CA PRO Q 221 7.16 -59.62 -43.36
C PRO Q 221 7.85 -59.62 -42.00
N GLY Q 222 8.31 -60.81 -41.62
CA GLY Q 222 9.00 -61.01 -40.36
C GLY Q 222 8.12 -61.15 -39.14
N PRO Q 223 8.74 -61.12 -37.97
CA PRO Q 223 7.98 -61.25 -36.73
C PRO Q 223 6.92 -60.17 -36.57
N VAL Q 224 5.77 -60.61 -36.04
CA VAL Q 224 4.62 -59.76 -35.80
C VAL Q 224 4.90 -58.77 -34.69
N GLY Q 225 4.44 -57.53 -34.89
CA GLY Q 225 4.64 -56.46 -33.93
C GLY Q 225 3.86 -55.19 -34.23
N SER Q 226 4.44 -54.06 -33.83
CA SER Q 226 3.85 -52.73 -33.94
C SER Q 226 3.23 -52.42 -35.30
N PRO Q 227 3.92 -52.54 -36.44
CA PRO Q 227 3.30 -52.20 -37.72
C PRO Q 227 2.12 -53.08 -38.11
N GLN Q 228 2.14 -54.37 -37.80
CA GLN Q 228 1.00 -55.23 -38.12
C GLN Q 228 -0.27 -54.74 -37.42
N ALA Q 229 -0.15 -54.33 -36.15
CA ALA Q 229 -1.28 -53.80 -35.39
C ALA Q 229 -1.85 -52.53 -36.02
N VAL Q 230 -1.00 -51.59 -36.39
CA VAL Q 230 -1.44 -50.33 -37.01
C VAL Q 230 -2.27 -50.62 -38.26
N LEU Q 231 -1.79 -51.50 -39.12
CA LEU Q 231 -2.52 -51.86 -40.34
C LEU Q 231 -3.88 -52.50 -40.04
N GLY Q 232 -3.92 -53.46 -39.14
CA GLY Q 232 -5.15 -54.15 -38.77
C GLY Q 232 -6.24 -53.24 -38.21
N PHE Q 233 -5.95 -52.59 -37.09
CA PHE Q 233 -6.88 -51.67 -36.42
C PHE Q 233 -7.27 -50.49 -37.30
N GLY Q 234 -6.36 -50.03 -38.15
CA GLY Q 234 -6.62 -48.94 -39.09
C GLY Q 234 -7.76 -49.28 -40.03
N VAL Q 235 -7.65 -50.36 -40.80
CA VAL Q 235 -8.72 -50.76 -41.71
C VAL Q 235 -9.97 -51.17 -40.92
N LEU Q 236 -9.80 -51.74 -39.73
CA LEU Q 236 -10.96 -52.08 -38.92
C LEU Q 236 -11.78 -50.84 -38.62
N THR Q 237 -11.11 -49.75 -38.23
CA THR Q 237 -11.79 -48.49 -37.95
C THR Q 237 -12.48 -47.96 -39.20
N VAL Q 238 -11.75 -47.89 -40.31
CA VAL Q 238 -12.28 -47.41 -41.59
C VAL Q 238 -13.41 -48.31 -42.09
N ALA Q 239 -13.25 -49.62 -41.96
CA ALA Q 239 -14.30 -50.54 -42.39
C ALA Q 239 -15.58 -50.32 -41.61
N ALA Q 240 -15.47 -50.21 -40.29
CA ALA Q 240 -16.63 -49.96 -39.43
C ALA Q 240 -17.25 -48.60 -39.71
N ALA Q 241 -16.44 -47.55 -39.76
CA ALA Q 241 -16.94 -46.21 -40.04
C ALA Q 241 -17.69 -46.15 -41.36
N LEU Q 242 -17.09 -46.72 -42.40
CA LEU Q 242 -17.69 -46.74 -43.74
C LEU Q 242 -18.95 -47.61 -43.75
N ALA Q 243 -18.89 -48.81 -43.18
CA ALA Q 243 -20.05 -49.68 -43.13
C ALA Q 243 -21.22 -49.02 -42.41
N LEU Q 244 -20.95 -48.37 -41.28
CA LEU Q 244 -21.97 -47.65 -40.51
C LEU Q 244 -22.62 -46.53 -41.33
N ARG Q 245 -21.81 -45.68 -41.94
CA ARG Q 245 -22.32 -44.55 -42.73
C ARG Q 245 -23.31 -44.95 -43.81
N PHE Q 246 -22.96 -45.91 -44.66
CA PHE Q 246 -23.86 -46.29 -45.74
C PHE Q 246 -24.96 -47.25 -45.32
N THR Q 247 -24.75 -48.08 -44.30
CA THR Q 247 -25.80 -49.00 -43.89
C THR Q 247 -26.88 -48.31 -43.07
N GLY Q 248 -26.51 -47.41 -42.16
CA GLY Q 248 -27.51 -46.74 -41.34
C GLY Q 248 -28.27 -47.66 -40.40
N ARG Q 249 -27.60 -48.68 -39.87
CA ARG Q 249 -28.22 -49.68 -39.01
C ARG Q 249 -27.15 -50.24 -38.09
N ARG Q 250 -27.59 -50.84 -36.98
CA ARG Q 250 -26.67 -51.43 -36.01
C ARG Q 250 -25.62 -50.43 -35.51
N LEU Q 251 -26.05 -49.19 -35.26
CA LEU Q 251 -25.13 -48.12 -34.83
C LEU Q 251 -24.34 -48.51 -33.58
N GLY Q 252 -24.99 -49.18 -32.63
CA GLY Q 252 -24.38 -49.59 -31.39
C GLY Q 252 -23.10 -50.41 -31.52
N ILE Q 253 -23.21 -51.59 -32.10
CA ILE Q 253 -22.07 -52.50 -32.25
C ILE Q 253 -20.96 -51.88 -33.10
N TYR Q 254 -21.30 -51.18 -34.19
CA TYR Q 254 -20.27 -50.55 -35.04
C TYR Q 254 -19.52 -49.43 -34.33
N THR Q 255 -20.21 -48.61 -33.53
CA THR Q 255 -19.56 -47.52 -32.81
C THR Q 255 -18.50 -48.04 -31.85
N THR Q 256 -18.78 -49.14 -31.16
CA THR Q 256 -17.84 -49.77 -30.24
C THR Q 256 -16.54 -50.14 -30.93
N ILE Q 257 -16.65 -50.68 -32.14
CA ILE Q 257 -15.51 -51.08 -32.96
C ILE Q 257 -14.64 -49.87 -33.34
N VAL Q 258 -15.28 -48.79 -33.79
CA VAL Q 258 -14.56 -47.56 -34.15
C VAL Q 258 -13.72 -47.02 -32.99
N ILE Q 259 -14.27 -46.97 -31.78
CA ILE Q 259 -13.54 -46.41 -30.63
C ILE Q 259 -12.32 -47.26 -30.24
N ILE Q 260 -12.46 -48.58 -30.10
CA ILE Q 260 -11.28 -49.39 -29.74
C ILE Q 260 -10.27 -49.40 -30.90
N GLY Q 261 -10.75 -49.33 -32.13
CA GLY Q 261 -9.87 -49.28 -33.28
C GLY Q 261 -9.06 -47.99 -33.31
N ALA Q 262 -9.73 -46.84 -33.23
CA ALA Q 262 -9.07 -45.54 -33.23
C ALA Q 262 -8.07 -45.38 -32.08
N LEU Q 263 -8.49 -45.61 -30.83
CA LEU Q 263 -7.58 -45.47 -29.69
C LEU Q 263 -6.44 -46.49 -29.70
N THR Q 264 -6.67 -47.70 -30.18
CA THR Q 264 -5.59 -48.68 -30.25
C THR Q 264 -4.60 -48.33 -31.36
N MET Q 265 -5.10 -47.77 -32.47
CA MET Q 265 -4.24 -47.32 -33.57
C MET Q 265 -3.25 -46.24 -33.09
N LEU Q 266 -3.73 -45.28 -32.32
CA LEU Q 266 -2.89 -44.22 -31.74
C LEU Q 266 -1.92 -44.77 -30.71
N ALA Q 267 -2.25 -45.87 -30.05
CA ALA Q 267 -1.35 -46.51 -29.09
C ALA Q 267 -0.22 -47.20 -29.82
N ALA Q 268 -0.54 -48.08 -30.77
CA ALA Q 268 0.46 -48.78 -31.56
C ALA Q 268 1.34 -47.80 -32.34
N LEU Q 269 0.73 -46.76 -32.92
CA LEU Q 269 1.46 -45.75 -33.67
C LEU Q 269 2.52 -45.05 -32.81
N ALA Q 270 2.20 -44.74 -31.55
CA ALA Q 270 3.18 -44.12 -30.68
C ALA Q 270 4.35 -45.08 -30.47
N ARG Q 271 4.05 -46.33 -30.16
CA ARG Q 271 5.07 -47.36 -29.98
C ARG Q 271 5.88 -47.57 -31.24
N MET Q 272 5.29 -47.38 -32.41
CA MET Q 272 6.01 -47.54 -33.68
C MET Q 272 6.97 -46.39 -33.92
N VAL Q 273 6.49 -45.15 -33.85
CA VAL Q 273 7.34 -44.00 -34.12
C VAL Q 273 8.33 -43.75 -32.97
N ALA Q 274 8.04 -44.18 -31.75
CA ALA Q 274 8.98 -43.97 -30.66
C ALA Q 274 8.89 -45.15 -29.69
N ALA Q 275 10.03 -45.47 -29.08
CA ALA Q 275 10.07 -46.58 -28.13
C ALA Q 275 9.18 -46.35 -26.92
N THR Q 276 9.35 -45.20 -26.27
CA THR Q 276 8.58 -44.78 -25.08
C THR Q 276 8.48 -45.94 -24.09
N SER Q 277 7.30 -46.24 -23.53
CA SER Q 277 7.11 -47.35 -22.61
C SER Q 277 5.64 -47.77 -22.61
N ALA Q 278 5.38 -48.96 -22.10
CA ALA Q 278 4.00 -49.47 -22.02
C ALA Q 278 3.20 -48.74 -20.94
N VAL Q 279 3.77 -48.60 -19.74
CA VAL Q 279 3.12 -47.90 -18.63
C VAL Q 279 2.61 -46.53 -19.06
N THR Q 280 3.41 -45.81 -19.84
CA THR Q 280 3.04 -44.48 -20.34
C THR Q 280 1.91 -44.56 -21.36
N LEU Q 281 1.91 -45.54 -22.25
CA LEU Q 281 0.81 -45.67 -23.21
C LEU Q 281 -0.49 -46.05 -22.51
N LEU Q 282 -0.41 -46.92 -21.50
CA LEU Q 282 -1.57 -47.35 -20.72
C LEU Q 282 -2.14 -46.20 -19.87
N SER Q 283 -1.28 -45.47 -19.16
CA SER Q 283 -1.69 -44.33 -18.35
C SER Q 283 -2.30 -43.21 -19.19
N SER Q 284 -1.75 -42.98 -20.38
CA SER Q 284 -2.26 -41.96 -21.29
C SER Q 284 -3.67 -42.32 -21.78
N LEU Q 285 -3.92 -43.58 -22.11
CA LEU Q 285 -5.26 -44.01 -22.53
C LEU Q 285 -6.27 -43.84 -21.42
N LEU Q 286 -5.87 -44.12 -20.18
CA LEU Q 286 -6.74 -43.95 -19.02
C LEU Q 286 -7.23 -42.51 -18.90
N LEU Q 287 -6.31 -41.54 -19.00
CA LEU Q 287 -6.66 -40.12 -18.94
C LEU Q 287 -7.55 -39.69 -20.10
N ILE Q 288 -7.30 -40.18 -21.30
CA ILE Q 288 -8.12 -39.87 -22.47
C ILE Q 288 -9.55 -40.39 -22.26
N CYS Q 289 -9.69 -41.56 -21.64
CA CYS Q 289 -11.02 -42.12 -21.35
C CYS Q 289 -11.76 -41.34 -20.28
N VAL Q 290 -11.10 -40.92 -19.20
CA VAL Q 290 -11.75 -40.14 -18.15
C VAL Q 290 -12.38 -38.85 -18.70
N VAL Q 291 -11.67 -38.14 -19.57
CA VAL Q 291 -12.24 -36.93 -20.20
C VAL Q 291 -13.30 -37.30 -21.23
N ALA Q 292 -13.13 -38.42 -21.92
CA ALA Q 292 -14.10 -38.87 -22.92
C ALA Q 292 -15.49 -39.16 -22.31
N TYR Q 293 -15.54 -39.71 -21.09
CA TYR Q 293 -16.82 -39.95 -20.42
C TYR Q 293 -17.61 -38.66 -20.17
N HIS Q 294 -16.91 -37.54 -20.00
CA HIS Q 294 -17.54 -36.23 -19.80
C HIS Q 294 -18.05 -35.62 -21.11
N ALA Q 295 -17.39 -35.94 -22.22
CA ALA Q 295 -17.77 -35.46 -23.55
C ALA Q 295 -18.87 -36.31 -24.20
N ALA Q 296 -18.96 -37.60 -23.87
CA ALA Q 296 -19.91 -38.53 -24.47
C ALA Q 296 -21.32 -38.01 -24.74
N PRO Q 297 -22.06 -37.42 -23.81
CA PRO Q 297 -23.41 -36.93 -24.12
C PRO Q 297 -23.46 -35.79 -25.13
N ALA Q 298 -22.43 -34.96 -25.23
CA ALA Q 298 -22.36 -33.87 -26.21
C ALA Q 298 -21.89 -34.39 -27.57
N LEU Q 299 -20.86 -35.22 -27.56
CA LEU Q 299 -20.35 -35.85 -28.77
C LEU Q 299 -21.44 -36.65 -29.46
N SER Q 300 -22.27 -37.34 -28.69
CA SER Q 300 -23.40 -38.10 -29.20
C SER Q 300 -24.50 -37.23 -29.79
N ARG Q 301 -24.56 -35.95 -29.42
CA ARG Q 301 -25.58 -35.05 -29.95
C ARG Q 301 -25.32 -34.69 -31.41
N ARG Q 302 -24.09 -34.27 -31.70
CA ARG Q 302 -23.68 -33.87 -33.06
C ARG Q 302 -23.66 -35.05 -34.04
N LEU Q 303 -23.21 -36.24 -33.62
CA LEU Q 303 -23.22 -37.39 -34.51
C LEU Q 303 -24.63 -37.75 -34.97
N ALA Q 304 -25.64 -37.49 -34.16
CA ALA Q 304 -27.02 -37.75 -34.54
C ALA Q 304 -27.64 -36.58 -35.30
N GLY Q 305 -26.88 -35.53 -35.58
CA GLY Q 305 -27.34 -34.39 -36.33
C GLY Q 305 -28.28 -33.41 -35.67
N ILE Q 306 -28.37 -33.42 -34.34
CA ILE Q 306 -29.21 -32.45 -33.64
C ILE Q 306 -28.56 -31.08 -33.81
N ARG Q 307 -29.31 -30.10 -34.33
CA ARG Q 307 -28.82 -28.75 -34.52
C ARG Q 307 -29.63 -27.77 -33.68
N LEU Q 308 -28.92 -26.79 -33.09
CA LEU Q 308 -29.51 -25.76 -32.23
C LEU Q 308 -29.47 -24.39 -32.90
N PRO Q 309 -30.56 -23.92 -33.48
CA PRO Q 309 -30.59 -22.61 -34.15
C PRO Q 309 -30.55 -21.44 -33.19
N VAL Q 310 -29.67 -20.46 -33.47
CA VAL Q 310 -29.52 -19.24 -32.65
C VAL Q 310 -29.22 -18.02 -33.51
N PHE Q 311 -30.13 -17.06 -33.53
CA PHE Q 311 -29.91 -15.82 -34.26
C PHE Q 311 -30.91 -14.77 -33.75
N PRO Q 312 -30.55 -13.46 -33.80
CA PRO Q 312 -31.48 -12.44 -33.31
C PRO Q 312 -32.73 -12.19 -34.15
N SER Q 313 -33.64 -13.18 -34.15
CA SER Q 313 -34.93 -13.07 -34.84
C SER Q 313 -34.81 -12.59 -36.29
N ALA Q 314 -33.81 -13.11 -37.00
CA ALA Q 314 -33.53 -12.74 -38.38
C ALA Q 314 -33.35 -11.23 -38.59
N THR Q 315 -32.95 -10.50 -37.55
CA THR Q 315 -32.83 -9.05 -37.66
C THR Q 315 -34.17 -8.42 -38.05
N SER Q 316 -35.26 -8.91 -37.45
CA SER Q 316 -36.59 -8.42 -37.78
C SER Q 316 -37.50 -8.67 -36.58
N ARG Q 317 -38.63 -7.97 -36.57
CA ARG Q 317 -39.63 -8.23 -35.54
C ARG Q 317 -40.43 -9.50 -35.87
N TRP Q 318 -41.05 -10.02 -34.82
CA TRP Q 318 -41.85 -11.23 -34.89
C TRP Q 318 -43.16 -11.06 -35.67
N VAL Q 319 -43.53 -12.10 -36.41
CA VAL Q 319 -44.79 -12.15 -37.16
C VAL Q 319 -45.58 -13.33 -36.60
N PHE Q 320 -46.32 -13.05 -35.54
CA PHE Q 320 -47.11 -14.05 -34.83
C PHE Q 320 -48.10 -14.80 -35.73
N GLU Q 321 -48.73 -14.09 -36.67
CA GLU Q 321 -49.74 -14.64 -37.58
C GLU Q 321 -49.18 -15.31 -38.85
N ALA Q 322 -47.91 -15.70 -38.87
CA ALA Q 322 -47.35 -16.33 -40.06
C ALA Q 322 -48.06 -17.63 -40.44
N ARG Q 323 -48.22 -17.84 -41.76
CA ARG Q 323 -48.85 -19.02 -42.36
C ARG Q 323 -48.05 -20.28 -42.01
N PRO Q 324 -48.64 -21.20 -41.25
CA PRO Q 324 -47.91 -22.41 -40.82
C PRO Q 324 -47.51 -23.36 -41.95
N ASP Q 325 -46.47 -24.14 -41.65
CA ASP Q 325 -45.93 -25.12 -42.60
C ASP Q 325 -46.94 -26.19 -43.00
N LEU Q 326 -46.88 -26.57 -44.26
CA LEU Q 326 -47.77 -27.57 -44.87
C LEU Q 326 -47.53 -29.01 -44.38
N PRO Q 327 -48.57 -29.71 -43.88
CA PRO Q 327 -48.37 -31.07 -43.37
C PRO Q 327 -48.08 -32.11 -44.45
N THR Q 328 -47.11 -33.00 -44.20
CA THR Q 328 -46.70 -34.03 -45.17
C THR Q 328 -47.60 -35.26 -45.22
N THR Q 329 -47.82 -35.77 -46.42
CA THR Q 329 -48.63 -36.97 -46.67
C THR Q 329 -47.77 -38.24 -46.70
N VAL Q 330 -48.25 -39.31 -46.04
CA VAL Q 330 -47.52 -40.57 -45.98
C VAL Q 330 -48.43 -41.75 -46.29
N VAL Q 331 -47.80 -42.85 -46.74
CA VAL Q 331 -48.47 -44.08 -47.14
C VAL Q 331 -47.74 -45.31 -46.60
N VAL Q 332 -48.43 -46.45 -46.63
CA VAL Q 332 -47.91 -47.74 -46.21
C VAL Q 332 -48.26 -48.76 -47.30
N SER Q 333 -47.44 -49.81 -47.40
CA SER Q 333 -47.66 -50.84 -48.42
C SER Q 333 -49.07 -51.43 -48.31
N GLY Q 334 -49.42 -51.95 -47.13
CA GLY Q 334 -50.76 -52.48 -46.92
C GLY Q 334 -51.78 -51.36 -46.79
N GLY Q 335 -51.47 -50.37 -45.96
CA GLY Q 335 -52.29 -49.19 -45.76
C GLY Q 335 -52.05 -48.18 -46.86
N SER Q 336 -52.36 -48.60 -48.09
CA SER Q 336 -52.13 -47.79 -49.28
C SER Q 336 -52.84 -46.44 -49.26
N ALA Q 337 -53.93 -46.29 -48.50
CA ALA Q 337 -54.60 -45.00 -48.47
C ALA Q 337 -53.78 -43.95 -47.73
N PRO Q 338 -53.36 -42.86 -48.39
CA PRO Q 338 -52.55 -41.83 -47.74
C PRO Q 338 -53.24 -41.05 -46.65
N VAL Q 339 -52.45 -40.65 -45.65
CA VAL Q 339 -52.90 -39.82 -44.53
C VAL Q 339 -51.77 -38.85 -44.21
N LEU Q 340 -52.12 -37.61 -43.84
CA LEU Q 340 -51.12 -36.61 -43.50
C LEU Q 340 -50.67 -36.72 -42.04
N GLU Q 341 -49.35 -36.70 -41.84
CA GLU Q 341 -48.75 -36.84 -40.52
C GLU Q 341 -48.60 -35.51 -39.76
N GLY Q 342 -47.94 -34.53 -40.37
CA GLY Q 342 -47.72 -33.25 -39.74
C GLY Q 342 -46.52 -32.50 -40.32
N PRO Q 343 -46.18 -31.36 -39.71
CA PRO Q 343 -45.04 -30.57 -40.17
C PRO Q 343 -43.72 -31.33 -40.27
N SER Q 344 -43.08 -31.19 -41.44
CA SER Q 344 -41.81 -31.87 -41.73
C SER Q 344 -40.72 -31.55 -40.69
N SER Q 345 -40.71 -30.31 -40.21
CA SER Q 345 -39.75 -29.84 -39.20
C SER Q 345 -39.81 -30.63 -37.90
N VAL Q 346 -41.00 -31.07 -37.51
CA VAL Q 346 -41.22 -31.81 -36.26
C VAL Q 346 -41.08 -33.32 -36.40
N ARG Q 347 -41.30 -33.89 -37.57
CA ARG Q 347 -41.16 -35.33 -37.76
C ARG Q 347 -39.71 -35.82 -37.55
N ASP Q 348 -38.72 -35.04 -37.97
CA ASP Q 348 -37.33 -35.47 -37.81
C ASP Q 348 -36.96 -35.64 -36.34
N VAL Q 349 -37.43 -34.77 -35.46
CA VAL Q 349 -37.13 -34.83 -34.03
C VAL Q 349 -37.40 -36.22 -33.46
N LEU Q 350 -38.48 -36.87 -33.88
CA LEU Q 350 -38.83 -38.21 -33.40
C LEU Q 350 -37.89 -39.31 -33.86
N LEU Q 351 -37.11 -39.09 -34.92
CA LEU Q 351 -36.09 -40.02 -35.42
C LEU Q 351 -34.73 -39.70 -34.83
N GLN Q 352 -34.35 -38.43 -34.86
CA GLN Q 352 -33.06 -37.99 -34.35
C GLN Q 352 -32.84 -38.40 -32.90
N ALA Q 353 -33.86 -38.25 -32.05
CA ALA Q 353 -33.76 -38.63 -30.64
C ALA Q 353 -33.42 -40.11 -30.41
N GLU Q 354 -34.13 -41.04 -31.05
CA GLU Q 354 -33.78 -42.46 -30.83
C GLU Q 354 -32.43 -42.81 -31.47
N ARG Q 355 -32.03 -42.09 -32.51
CA ARG Q 355 -30.73 -42.31 -33.12
C ARG Q 355 -29.62 -41.84 -32.19
N ALA Q 356 -29.86 -40.72 -31.50
CA ALA Q 356 -28.92 -40.17 -30.51
C ALA Q 356 -28.64 -41.15 -29.38
N ARG Q 357 -29.68 -41.79 -28.87
CA ARG Q 357 -29.57 -42.80 -27.82
C ARG Q 357 -28.63 -43.96 -28.21
N SER Q 358 -28.77 -44.47 -29.42
CA SER Q 358 -27.94 -45.60 -29.90
C SER Q 358 -26.46 -45.24 -29.99
N PHE Q 359 -26.11 -44.01 -30.34
CA PHE Q 359 -24.71 -43.60 -30.36
C PHE Q 359 -24.12 -43.56 -28.94
N LEU Q 360 -24.89 -43.05 -27.99
CA LEU Q 360 -24.43 -42.96 -26.60
C LEU Q 360 -24.15 -44.32 -25.97
N SER Q 361 -25.02 -45.31 -26.18
CA SER Q 361 -24.82 -46.65 -25.63
C SER Q 361 -23.54 -47.31 -26.14
N GLY Q 362 -23.27 -47.22 -27.43
CA GLY Q 362 -22.05 -47.77 -28.00
C GLY Q 362 -20.81 -47.04 -27.49
N LEU Q 363 -20.88 -45.72 -27.42
CA LEU Q 363 -19.79 -44.88 -26.95
C LEU Q 363 -19.43 -45.19 -25.49
N LEU Q 364 -20.42 -45.44 -24.63
CA LEU Q 364 -20.14 -45.83 -23.24
C LEU Q 364 -19.47 -47.21 -23.18
N THR Q 365 -19.91 -48.15 -24.01
CA THR Q 365 -19.36 -49.52 -24.03
C THR Q 365 -17.91 -49.54 -24.52
N GLY Q 366 -17.60 -48.80 -25.57
CA GLY Q 366 -16.24 -48.74 -26.08
C GLY Q 366 -15.25 -48.23 -25.05
N LEU Q 367 -15.62 -47.18 -24.33
CA LEU Q 367 -14.81 -46.62 -23.26
C LEU Q 367 -14.68 -47.59 -22.09
N GLY Q 368 -15.75 -48.33 -21.80
CA GLY Q 368 -15.76 -49.31 -20.72
C GLY Q 368 -14.71 -50.40 -20.88
N VAL Q 369 -14.63 -51.00 -22.07
CA VAL Q 369 -13.65 -52.04 -22.37
C VAL Q 369 -12.22 -51.53 -22.20
N MET Q 370 -11.93 -50.35 -22.73
CA MET Q 370 -10.59 -49.77 -22.65
C MET Q 370 -10.10 -49.54 -21.22
N VAL Q 371 -10.93 -49.01 -20.31
CA VAL Q 371 -10.48 -48.77 -18.93
C VAL Q 371 -10.18 -50.06 -18.17
N VAL Q 372 -10.95 -51.12 -18.37
CA VAL Q 372 -10.65 -52.37 -17.64
C VAL Q 372 -9.34 -53.00 -18.15
N VAL Q 373 -9.13 -53.01 -19.46
CA VAL Q 373 -7.88 -53.54 -20.00
C VAL Q 373 -6.66 -52.73 -19.54
N CYS Q 374 -6.76 -51.41 -19.58
CA CYS Q 374 -5.66 -50.55 -19.15
C CYS Q 374 -5.42 -50.64 -17.65
N MET Q 375 -6.48 -50.52 -16.85
CA MET Q 375 -6.35 -50.54 -15.40
C MET Q 375 -5.81 -51.87 -14.87
N THR Q 376 -6.33 -53.00 -15.36
CA THR Q 376 -5.87 -54.31 -14.94
C THR Q 376 -4.44 -54.62 -15.38
N SER Q 377 -3.87 -53.84 -16.27
CA SER Q 377 -2.49 -53.99 -16.71
C SER Q 377 -1.52 -53.10 -15.94
N LEU Q 378 -1.95 -51.90 -15.57
CA LEU Q 378 -1.09 -50.97 -14.83
C LEU Q 378 -0.69 -51.52 -13.46
N CYS Q 379 -1.64 -52.10 -12.73
CA CYS Q 379 -1.29 -52.69 -11.45
C CYS Q 379 -0.54 -53.99 -11.69
N ASP Q 380 0.49 -54.22 -10.88
CA ASP Q 380 1.34 -55.38 -10.97
C ASP Q 380 1.83 -55.78 -9.59
N PRO Q 381 1.76 -57.07 -9.24
CA PRO Q 381 2.14 -57.52 -7.90
C PRO Q 381 3.64 -57.57 -7.63
N HIS Q 382 4.51 -57.42 -8.62
CA HIS Q 382 5.95 -57.48 -8.38
C HIS Q 382 6.62 -56.11 -8.50
N THR Q 383 6.05 -55.22 -9.29
CA THR Q 383 6.59 -53.88 -9.52
C THR Q 383 6.59 -53.06 -8.23
N GLY Q 384 7.66 -52.29 -8.02
CA GLY Q 384 7.84 -51.46 -6.84
C GLY Q 384 6.71 -50.50 -6.53
N GLN Q 385 6.51 -50.21 -5.23
CA GLN Q 385 5.44 -49.32 -4.75
C GLN Q 385 4.06 -49.80 -5.19
N ARG Q 386 3.85 -51.09 -4.96
CA ARG Q 386 2.68 -51.89 -5.31
C ARG Q 386 1.35 -51.20 -5.05
N TRP Q 387 1.26 -50.42 -3.97
CA TRP Q 387 0.05 -49.71 -3.58
C TRP Q 387 -0.29 -48.49 -4.45
N LEU Q 388 0.67 -47.89 -5.12
CA LEU Q 388 0.40 -46.70 -5.94
C LEU Q 388 -0.53 -47.00 -7.11
N PRO Q 389 -0.22 -47.92 -8.01
CA PRO Q 389 -1.13 -48.23 -9.12
C PRO Q 389 -2.41 -48.90 -8.67
N LEU Q 390 -2.42 -49.51 -7.50
CA LEU Q 390 -3.60 -50.20 -6.96
C LEU Q 390 -4.64 -49.23 -6.40
N ILE Q 391 -4.20 -48.19 -5.69
CA ILE Q 391 -5.15 -47.19 -5.16
C ILE Q 391 -5.82 -46.43 -6.30
N LEU Q 392 -5.10 -46.22 -7.41
CA LEU Q 392 -5.65 -45.54 -8.58
C LEU Q 392 -6.82 -46.32 -9.17
N ALA Q 393 -6.82 -47.64 -9.01
CA ALA Q 393 -7.93 -48.49 -9.46
C ALA Q 393 -9.16 -48.32 -8.57
N GLY Q 394 -8.97 -47.92 -7.32
CA GLY Q 394 -10.03 -47.70 -6.35
C GLY Q 394 -10.82 -46.44 -6.64
N PHE Q 395 -10.14 -45.30 -6.76
CA PHE Q 395 -10.79 -44.03 -7.08
C PHE Q 395 -11.50 -44.09 -8.44
N THR Q 396 -10.88 -44.75 -9.41
CA THR Q 396 -11.49 -44.90 -10.75
C THR Q 396 -12.81 -45.68 -10.69
N SER Q 397 -12.86 -46.75 -9.91
CA SER Q 397 -14.08 -47.56 -9.77
C SER Q 397 -15.19 -46.78 -9.05
N GLY Q 398 -14.84 -46.06 -7.99
CA GLY Q 398 -15.82 -45.27 -7.26
C GLY Q 398 -16.47 -44.20 -8.14
N PHE Q 399 -15.66 -43.50 -8.93
CA PHE Q 399 -16.17 -42.49 -9.86
C PHE Q 399 -17.17 -43.09 -10.84
N LEU Q 400 -16.85 -44.23 -11.46
CA LEU Q 400 -17.75 -44.88 -12.40
C LEU Q 400 -19.03 -45.42 -11.75
N LEU Q 401 -18.92 -46.04 -10.58
CA LEU Q 401 -20.11 -46.58 -9.91
C LEU Q 401 -21.10 -45.48 -9.53
N LEU Q 402 -20.62 -44.36 -9.02
CA LEU Q 402 -21.48 -43.23 -8.66
C LEU Q 402 -22.02 -42.49 -9.88
N ARG Q 403 -21.27 -42.48 -10.97
CA ARG Q 403 -21.71 -41.83 -12.20
C ARG Q 403 -22.96 -42.49 -12.78
N GLY Q 404 -23.16 -43.76 -12.51
CA GLY Q 404 -24.33 -44.46 -13.03
C GLY Q 404 -25.67 -43.84 -12.72
N ARG Q 405 -25.82 -43.20 -11.55
CA ARG Q 405 -27.12 -42.61 -11.24
C ARG Q 405 -27.45 -41.37 -12.04
N SER Q 406 -26.52 -40.89 -12.86
CA SER Q 406 -26.77 -39.76 -13.73
C SER Q 406 -27.49 -40.19 -15.00
N TYR Q 407 -27.57 -41.50 -15.24
CA TYR Q 407 -28.22 -42.11 -16.39
C TYR Q 407 -29.45 -42.89 -15.95
N VAL Q 408 -30.57 -42.64 -16.61
CA VAL Q 408 -31.84 -43.27 -16.30
C VAL Q 408 -32.15 -44.49 -17.16
N ASP Q 409 -31.58 -44.61 -18.36
CA ASP Q 409 -31.85 -45.77 -19.19
C ASP Q 409 -31.39 -47.06 -18.52
N ARG Q 410 -32.18 -48.12 -18.71
CA ARG Q 410 -31.90 -49.43 -18.10
C ARG Q 410 -30.53 -50.00 -18.46
N TRP Q 411 -30.24 -50.16 -19.73
CA TRP Q 411 -28.96 -50.76 -20.14
C TRP Q 411 -27.78 -49.80 -20.03
N GLN Q 412 -27.99 -48.50 -20.14
CA GLN Q 412 -26.91 -47.53 -19.98
C GLN Q 412 -26.43 -47.48 -18.53
N SER Q 413 -27.33 -47.51 -17.56
CA SER Q 413 -26.94 -47.53 -16.15
C SER Q 413 -26.30 -48.87 -15.74
N ILE Q 414 -26.87 -49.99 -16.18
CA ILE Q 414 -26.30 -51.30 -15.88
C ILE Q 414 -24.89 -51.46 -16.42
N THR Q 415 -24.61 -50.93 -17.61
CA THR Q 415 -23.25 -51.03 -18.17
C THR Q 415 -22.24 -50.23 -17.34
N LEU Q 416 -22.62 -49.07 -16.83
CA LEU Q 416 -21.71 -48.25 -16.02
C LEU Q 416 -21.40 -48.93 -14.68
N ALA Q 417 -22.42 -49.48 -14.02
CA ALA Q 417 -22.24 -50.22 -12.76
C ALA Q 417 -21.42 -51.48 -12.96
N GLY Q 418 -21.75 -52.25 -14.00
CA GLY Q 418 -21.01 -53.47 -14.32
C GLY Q 418 -19.54 -53.20 -14.60
N THR Q 419 -19.24 -52.16 -15.36
CA THR Q 419 -17.86 -51.78 -15.66
C THR Q 419 -17.07 -51.48 -14.39
N ALA Q 420 -17.67 -50.80 -13.43
CA ALA Q 420 -17.02 -50.48 -12.16
C ALA Q 420 -16.72 -51.73 -11.32
N VAL Q 421 -17.61 -52.71 -11.34
CA VAL Q 421 -17.47 -53.96 -10.58
C VAL Q 421 -16.46 -54.90 -11.23
N ILE Q 422 -16.53 -55.09 -12.54
CA ILE Q 422 -15.62 -55.99 -13.26
C ILE Q 422 -14.16 -55.56 -13.12
N ILE Q 423 -13.88 -54.26 -12.98
CA ILE Q 423 -12.50 -53.81 -12.78
C ILE Q 423 -11.93 -54.38 -11.49
N ALA Q 424 -12.75 -54.47 -10.44
CA ALA Q 424 -12.30 -55.02 -9.16
C ALA Q 424 -12.05 -56.52 -9.29
N ALA Q 425 -12.98 -57.25 -9.88
CA ALA Q 425 -12.85 -58.69 -10.07
C ALA Q 425 -11.60 -59.04 -10.88
N ALA Q 426 -11.38 -58.36 -11.99
CA ALA Q 426 -10.22 -58.60 -12.84
C ALA Q 426 -8.89 -58.35 -12.14
N VAL Q 427 -8.81 -57.35 -11.28
CA VAL Q 427 -7.58 -57.11 -10.52
C VAL Q 427 -7.38 -58.19 -9.45
N CYS Q 428 -8.45 -58.62 -8.79
CA CYS Q 428 -8.36 -59.66 -7.76
C CYS Q 428 -7.78 -60.97 -8.32
N VAL Q 429 -8.26 -61.40 -9.48
CA VAL Q 429 -7.78 -62.63 -10.12
C VAL Q 429 -6.29 -62.52 -10.45
N ARG Q 430 -5.90 -61.43 -11.10
CA ARG Q 430 -4.50 -61.18 -11.44
C ARG Q 430 -3.59 -61.25 -10.22
N TYR Q 431 -4.04 -60.74 -9.08
CA TYR Q 431 -3.26 -60.74 -7.86
C TYR Q 431 -3.15 -62.09 -7.16
N ALA Q 432 -3.96 -63.08 -7.53
CA ALA Q 432 -3.90 -64.42 -6.95
C ALA Q 432 -3.03 -65.38 -7.76
N LEU Q 433 -3.17 -65.39 -9.08
CA LEU Q 433 -2.37 -66.29 -9.91
C LEU Q 433 -0.89 -65.97 -9.79
N GLU Q 434 -0.50 -64.74 -10.08
CA GLU Q 434 0.89 -64.39 -9.84
C GLU Q 434 1.07 -64.20 -8.34
N LEU Q 435 2.29 -64.44 -7.88
CA LEU Q 435 2.60 -64.31 -6.46
C LEU Q 435 1.63 -65.14 -5.62
N SER Q 436 1.35 -66.34 -6.10
CA SER Q 436 0.44 -67.28 -5.45
C SER Q 436 0.96 -67.62 -4.06
N SER Q 437 0.09 -67.54 -3.06
CA SER Q 437 0.47 -67.80 -1.68
C SER Q 437 -0.79 -68.06 -0.86
N PRO Q 438 -0.65 -68.73 0.29
CA PRO Q 438 -1.82 -69.04 1.13
C PRO Q 438 -2.57 -67.82 1.65
N LEU Q 439 -1.87 -66.76 2.04
CA LEU Q 439 -2.55 -65.55 2.51
C LEU Q 439 -3.23 -64.83 1.35
N ALA Q 440 -2.55 -64.69 0.23
CA ALA Q 440 -3.11 -64.02 -0.94
C ALA Q 440 -4.43 -64.66 -1.40
N VAL Q 441 -4.44 -65.98 -1.60
CA VAL Q 441 -5.68 -66.66 -2.01
C VAL Q 441 -6.76 -66.57 -0.94
N SER Q 442 -6.37 -66.58 0.32
CA SER Q 442 -7.33 -66.47 1.43
C SER Q 442 -8.03 -65.11 1.45
N ILE Q 443 -7.26 -64.04 1.24
CA ILE Q 443 -7.79 -62.67 1.22
C ILE Q 443 -8.63 -62.41 -0.03
N VAL Q 444 -8.13 -62.80 -1.20
CA VAL Q 444 -8.85 -62.62 -2.46
C VAL Q 444 -10.21 -63.32 -2.45
N ALA Q 445 -10.25 -64.57 -1.99
CA ALA Q 445 -11.51 -65.32 -1.95
C ALA Q 445 -12.60 -64.64 -1.12
N ALA Q 446 -12.25 -63.92 -0.06
CA ALA Q 446 -13.25 -63.22 0.74
C ALA Q 446 -13.80 -61.99 0.02
N ILE Q 447 -12.92 -61.14 -0.47
CA ILE Q 447 -13.28 -59.91 -1.19
C ILE Q 447 -14.21 -60.22 -2.36
N LEU Q 448 -13.88 -61.24 -3.11
CA LEU Q 448 -14.59 -61.65 -4.31
C LEU Q 448 -16.04 -62.09 -4.06
N VAL Q 449 -16.45 -62.36 -2.82
CA VAL Q 449 -17.83 -62.72 -2.51
C VAL Q 449 -18.54 -61.66 -1.66
N LEU Q 450 -17.84 -61.01 -0.74
CA LEU Q 450 -18.47 -59.98 0.11
C LEU Q 450 -18.78 -58.70 -0.68
N LEU Q 451 -17.88 -58.24 -1.54
CA LEU Q 451 -18.07 -57.04 -2.35
C LEU Q 451 -19.36 -57.09 -3.16
N PRO Q 452 -19.63 -58.12 -3.96
CA PRO Q 452 -20.90 -58.19 -4.70
C PRO Q 452 -22.09 -58.42 -3.78
N ALA Q 453 -21.89 -59.04 -2.62
CA ALA Q 453 -22.96 -59.26 -1.66
C ALA Q 453 -23.44 -57.93 -1.06
N ALA Q 454 -22.51 -57.05 -0.71
CA ALA Q 454 -22.85 -55.72 -0.20
C ALA Q 454 -23.66 -54.93 -1.24
N GLY Q 455 -23.39 -55.17 -2.51
CA GLY Q 455 -24.14 -54.54 -3.59
C GLY Q 455 -25.61 -54.94 -3.60
N MET Q 456 -25.89 -56.23 -3.52
CA MET Q 456 -27.28 -56.69 -3.47
C MET Q 456 -27.98 -56.16 -2.22
N ALA Q 457 -27.29 -56.16 -1.09
CA ALA Q 457 -27.85 -55.63 0.15
C ALA Q 457 -28.27 -54.17 0.00
N ALA Q 458 -27.38 -53.33 -0.53
CA ALA Q 458 -27.68 -51.92 -0.76
C ALA Q 458 -28.81 -51.71 -1.76
N ALA Q 459 -28.78 -52.42 -2.87
CA ALA Q 459 -29.81 -52.33 -3.91
C ALA Q 459 -31.21 -52.64 -3.40
N ALA Q 460 -31.34 -53.61 -2.50
CA ALA Q 460 -32.62 -54.03 -1.93
C ALA Q 460 -33.18 -53.10 -0.85
N HIS Q 461 -32.33 -52.48 -0.03
CA HIS Q 461 -32.77 -51.61 1.07
C HIS Q 461 -32.86 -50.13 0.72
N VAL Q 462 -31.99 -49.61 -0.13
CA VAL Q 462 -32.03 -48.17 -0.45
C VAL Q 462 -33.34 -47.69 -1.05
N PRO Q 463 -34.00 -48.37 -1.98
CA PRO Q 463 -35.23 -47.81 -2.54
C PRO Q 463 -36.40 -47.63 -1.57
N HIS Q 464 -36.44 -48.26 -0.39
CA HIS Q 464 -37.61 -48.07 0.47
C HIS Q 464 -37.31 -47.37 1.80
N THR Q 465 -36.17 -46.68 1.94
CA THR Q 465 -35.80 -45.96 3.16
C THR Q 465 -35.80 -44.46 2.93
N ILE Q 466 -35.66 -43.70 4.02
CA ILE Q 466 -35.61 -42.24 3.99
C ILE Q 466 -34.24 -41.79 4.48
N TYR Q 467 -33.68 -40.76 3.84
CA TYR Q 467 -32.40 -40.18 4.22
C TYR Q 467 -32.51 -38.67 4.36
N SER Q 468 -31.79 -38.11 5.33
CA SER Q 468 -31.80 -36.68 5.55
C SER Q 468 -31.00 -35.92 4.49
N PRO Q 469 -31.40 -34.69 4.17
CA PRO Q 469 -30.69 -33.86 3.19
C PRO Q 469 -29.19 -33.78 3.42
N LEU Q 470 -28.75 -33.77 4.66
CA LEU Q 470 -27.32 -33.70 4.98
C LEU Q 470 -26.56 -34.93 4.53
N PHE Q 471 -27.18 -36.10 4.53
CA PHE Q 471 -26.52 -37.32 4.06
C PHE Q 471 -26.52 -37.41 2.54
N ARG Q 472 -27.61 -37.03 1.90
CA ARG Q 472 -27.69 -37.03 0.44
C ARG Q 472 -26.65 -36.09 -0.15
N LYS Q 473 -26.48 -34.92 0.44
CA LYS Q 473 -25.46 -33.96 0.03
C LYS Q 473 -24.07 -34.55 0.21
N PHE Q 474 -23.87 -35.39 1.23
CA PHE Q 474 -22.58 -36.04 1.46
C PHE Q 474 -22.23 -37.07 0.39
N VAL Q 475 -23.20 -37.88 -0.08
CA VAL Q 475 -22.87 -38.86 -1.12
C VAL Q 475 -22.56 -38.17 -2.45
N GLU Q 476 -23.19 -37.04 -2.73
CA GLU Q 476 -22.91 -36.29 -3.96
C GLU Q 476 -21.44 -35.89 -4.04
N TRP Q 477 -20.90 -35.35 -2.96
CA TRP Q 477 -19.51 -34.91 -2.91
C TRP Q 477 -18.49 -36.04 -3.01
N ILE Q 478 -18.85 -37.28 -2.76
CA ILE Q 478 -17.88 -38.38 -2.89
C ILE Q 478 -17.40 -38.48 -4.32
N GLU Q 479 -18.27 -38.26 -5.29
CA GLU Q 479 -17.89 -38.33 -6.70
C GLU Q 479 -16.80 -37.31 -7.04
N TYR Q 480 -17.00 -36.05 -6.65
CA TYR Q 480 -16.02 -34.99 -6.92
C TYR Q 480 -14.70 -35.26 -6.23
N LEU Q 481 -14.75 -35.75 -5.00
CA LEU Q 481 -13.55 -36.10 -4.25
C LEU Q 481 -12.80 -37.25 -4.90
N CYS Q 482 -13.49 -38.10 -5.64
CA CYS Q 482 -12.85 -39.19 -6.37
C CYS Q 482 -12.20 -38.71 -7.68
N LEU Q 483 -12.76 -37.71 -8.35
CA LEU Q 483 -12.17 -37.18 -9.58
C LEU Q 483 -10.91 -36.37 -9.33
N MET Q 484 -10.91 -35.48 -8.33
CA MET Q 484 -9.76 -34.62 -8.04
C MET Q 484 -8.40 -35.32 -7.99
N PRO Q 485 -8.22 -36.53 -7.45
CA PRO Q 485 -6.89 -37.15 -7.41
C PRO Q 485 -6.40 -37.92 -8.64
N ILE Q 486 -7.24 -38.23 -9.64
CA ILE Q 486 -6.81 -39.06 -10.76
C ILE Q 486 -5.60 -38.48 -11.52
N PHE Q 487 -5.68 -37.22 -11.99
CA PHE Q 487 -4.55 -36.63 -12.71
C PHE Q 487 -3.29 -36.48 -11.87
N PRO Q 488 -3.33 -35.94 -10.66
CA PRO Q 488 -2.10 -35.86 -9.85
C PRO Q 488 -1.45 -37.23 -9.63
N LEU Q 489 -2.24 -38.28 -9.45
CA LEU Q 489 -1.76 -39.66 -9.25
C LEU Q 489 -1.26 -40.30 -10.55
N ALA Q 490 -1.96 -40.13 -11.67
CA ALA Q 490 -1.50 -40.74 -12.92
C ALA Q 490 -0.12 -40.21 -13.35
N LEU Q 491 0.10 -38.91 -13.25
CA LEU Q 491 1.39 -38.34 -13.60
C LEU Q 491 2.49 -38.83 -12.65
N TRP Q 492 2.13 -39.09 -11.39
CA TRP Q 492 3.08 -39.65 -10.43
C TRP Q 492 3.46 -41.07 -10.84
N LEU Q 493 2.49 -41.85 -11.26
CA LEU Q 493 2.75 -43.22 -11.72
C LEU Q 493 3.62 -43.20 -12.97
N MET Q 494 3.48 -42.18 -13.80
CA MET Q 494 4.31 -42.01 -15.00
C MET Q 494 5.68 -41.41 -14.69
N ASN Q 495 6.00 -41.17 -13.40
CA ASN Q 495 7.28 -40.60 -12.93
C ASN Q 495 7.59 -39.18 -13.41
N VAL Q 496 6.61 -38.42 -13.88
CA VAL Q 496 6.83 -37.07 -14.41
C VAL Q 496 7.47 -36.13 -13.38
N TYR Q 497 6.98 -36.11 -12.14
CA TYR Q 497 7.55 -35.19 -11.14
C TYR Q 497 9.03 -35.47 -10.85
N ALA Q 498 9.42 -36.73 -10.79
CA ALA Q 498 10.84 -37.06 -10.58
C ALA Q 498 11.66 -36.74 -11.82
N ALA Q 499 11.12 -37.02 -13.00
CA ALA Q 499 11.81 -36.73 -14.25
C ALA Q 499 12.15 -35.25 -14.41
N ILE Q 500 11.18 -34.38 -14.17
CA ILE Q 500 11.39 -32.94 -14.27
C ILE Q 500 12.36 -32.44 -13.20
N ARG Q 501 12.19 -32.88 -11.95
CA ARG Q 501 13.09 -32.44 -10.90
C ARG Q 501 14.55 -32.81 -11.16
N TYR Q 502 14.82 -33.84 -11.94
CA TYR Q 502 16.19 -34.22 -12.26
C TYR Q 502 16.53 -33.94 -13.73
N ARG Q 503 15.68 -33.18 -14.41
CA ARG Q 503 15.88 -32.81 -15.81
C ARG Q 503 16.33 -34.01 -16.63
N PRO R 18 -66.48 -77.31 -56.32
CA PRO R 18 -65.56 -76.17 -56.16
C PRO R 18 -66.30 -74.84 -56.01
N GLN R 19 -67.62 -74.87 -56.09
CA GLN R 19 -68.41 -73.64 -55.97
C GLN R 19 -68.52 -73.14 -54.54
N ALA R 20 -68.27 -73.98 -53.54
CA ALA R 20 -68.38 -73.56 -52.15
C ALA R 20 -67.38 -74.32 -51.29
N VAL R 21 -67.07 -73.75 -50.12
CA VAL R 21 -66.15 -74.35 -49.16
C VAL R 21 -66.75 -74.24 -47.76
N VAL R 22 -66.60 -75.30 -46.97
CA VAL R 22 -67.08 -75.34 -45.59
C VAL R 22 -65.94 -74.95 -44.64
N VAL R 23 -66.21 -73.96 -43.77
CA VAL R 23 -65.22 -73.48 -42.82
C VAL R 23 -65.88 -73.12 -41.49
N GLY R 24 -65.08 -73.12 -40.43
CA GLY R 24 -65.56 -72.75 -39.11
C GLY R 24 -65.35 -71.26 -38.88
N VAL R 25 -66.41 -70.58 -38.45
CA VAL R 25 -66.37 -69.15 -38.15
C VAL R 25 -66.50 -68.95 -36.64
N MET R 26 -65.57 -68.20 -36.06
CA MET R 26 -65.58 -67.85 -34.64
C MET R 26 -66.33 -66.55 -34.43
N ALA R 27 -67.14 -66.50 -33.38
CA ALA R 27 -67.88 -65.29 -33.06
C ALA R 27 -67.65 -64.85 -31.62
N GLY R 28 -68.40 -63.85 -31.17
CA GLY R 28 -68.22 -63.30 -29.85
C GLY R 28 -68.17 -64.27 -28.68
N GLU R 29 -67.18 -64.05 -27.84
CA GLU R 29 -66.84 -64.78 -26.62
C GLU R 29 -66.54 -66.27 -26.86
N GLY R 30 -66.44 -66.73 -28.11
CA GLY R 30 -66.03 -68.12 -28.37
C GLY R 30 -66.90 -69.16 -29.04
N VAL R 31 -68.07 -68.85 -29.58
CA VAL R 31 -68.89 -69.85 -30.26
C VAL R 31 -68.36 -70.11 -31.67
N GLN R 32 -68.01 -71.37 -31.96
CA GLN R 32 -67.58 -71.78 -33.30
C GLN R 32 -68.77 -72.36 -34.04
N ILE R 33 -69.00 -71.88 -35.27
CA ILE R 33 -70.12 -72.34 -36.10
C ILE R 33 -69.60 -72.78 -37.47
N GLY R 34 -69.98 -74.00 -37.89
CA GLY R 34 -69.60 -74.51 -39.20
C GLY R 34 -70.49 -73.92 -40.28
N VAL R 35 -69.91 -73.29 -41.29
CA VAL R 35 -70.65 -72.66 -42.38
C VAL R 35 -70.09 -73.04 -43.75
N LEU R 36 -70.98 -73.08 -44.74
CA LEU R 36 -70.65 -73.39 -46.14
C LEU R 36 -70.73 -72.06 -46.91
N LEU R 37 -69.57 -71.49 -47.21
CA LEU R 37 -69.44 -70.21 -47.88
C LEU R 37 -69.26 -70.31 -49.39
N ASP R 38 -69.69 -69.23 -50.07
CA ASP R 38 -69.53 -69.10 -51.52
C ASP R 38 -68.04 -68.94 -51.80
N ALA R 39 -67.47 -69.82 -52.63
CA ALA R 39 -66.04 -69.78 -52.87
C ALA R 39 -65.54 -68.65 -53.79
N ASN R 40 -66.39 -67.94 -54.54
CA ASN R 40 -65.86 -66.93 -55.45
C ASN R 40 -66.35 -65.49 -55.23
N ALA R 41 -67.45 -65.27 -54.52
CA ALA R 41 -67.85 -63.90 -54.22
C ALA R 41 -66.79 -63.22 -53.36
N PRO R 42 -66.66 -61.88 -53.45
CA PRO R 42 -65.66 -61.22 -52.62
C PRO R 42 -66.12 -61.15 -51.16
N VAL R 43 -65.16 -61.34 -50.26
CA VAL R 43 -65.44 -61.45 -48.83
C VAL R 43 -66.25 -60.31 -48.24
N SER R 44 -66.08 -59.08 -48.73
CA SER R 44 -66.86 -57.97 -48.19
C SER R 44 -68.36 -58.11 -48.39
N VAL R 45 -68.78 -58.90 -49.39
CA VAL R 45 -70.18 -59.14 -49.67
C VAL R 45 -70.85 -60.05 -48.63
N MET R 46 -70.06 -60.88 -47.93
CA MET R 46 -70.55 -61.86 -46.97
C MET R 46 -70.57 -61.40 -45.51
N THR R 47 -69.68 -60.51 -45.10
CA THR R 47 -69.56 -60.12 -43.69
C THR R 47 -70.84 -59.52 -43.08
N ASP R 48 -71.65 -58.80 -43.86
CA ASP R 48 -72.89 -58.25 -43.30
C ASP R 48 -73.92 -59.32 -42.98
N PRO R 49 -74.39 -60.12 -43.93
CA PRO R 49 -75.37 -61.18 -43.60
C PRO R 49 -74.80 -62.23 -42.66
N LEU R 50 -73.50 -62.44 -42.69
CA LEU R 50 -72.83 -63.37 -41.78
C LEU R 50 -72.97 -62.93 -40.32
N LEU R 51 -72.83 -61.63 -40.07
CA LEU R 51 -73.02 -61.09 -38.73
C LEU R 51 -74.44 -61.33 -38.23
N LYS R 52 -75.43 -61.17 -39.12
CA LYS R 52 -76.83 -61.42 -38.79
C LYS R 52 -77.02 -62.88 -38.34
N VAL R 53 -76.48 -63.83 -39.11
CA VAL R 53 -76.60 -65.26 -38.82
C VAL R 53 -76.01 -65.64 -37.46
N VAL R 54 -74.77 -65.22 -37.17
CA VAL R 54 -74.17 -65.57 -35.87
C VAL R 54 -74.98 -64.96 -34.73
N ASN R 55 -75.52 -63.76 -34.92
CA ASN R 55 -76.35 -63.14 -33.88
C ASN R 55 -77.66 -63.91 -33.69
N SER R 56 -78.32 -64.30 -34.78
CA SER R 56 -79.56 -65.07 -34.69
C SER R 56 -79.37 -66.38 -33.92
N ARG R 57 -78.28 -67.09 -34.17
CA ARG R 57 -78.03 -68.36 -33.47
C ARG R 57 -77.74 -68.12 -31.99
N LEU R 58 -76.98 -67.08 -31.66
CA LEU R 58 -76.70 -66.76 -30.27
C LEU R 58 -78.00 -66.41 -29.53
N ARG R 59 -78.89 -65.66 -30.19
CA ARG R 59 -80.17 -65.31 -29.57
C ARG R 59 -80.98 -66.56 -29.23
N GLU R 60 -81.06 -67.52 -30.16
CA GLU R 60 -81.78 -68.75 -29.90
C GLU R 60 -81.08 -69.58 -28.83
N LEU R 61 -79.74 -69.62 -28.88
CA LEU R 61 -78.98 -70.33 -27.87
C LEU R 61 -79.15 -69.67 -26.50
N GLY R 62 -79.62 -68.42 -26.44
CA GLY R 62 -79.82 -67.71 -25.20
C GLY R 62 -78.65 -66.85 -24.75
N GLU R 63 -77.67 -66.64 -25.61
CA GLU R 63 -76.48 -65.86 -25.32
C GLU R 63 -76.70 -64.40 -25.73
N ALA R 64 -75.71 -63.55 -25.39
CA ALA R 64 -75.74 -62.12 -25.71
C ALA R 64 -75.12 -61.86 -27.08
N PRO R 65 -75.80 -61.10 -27.93
CA PRO R 65 -75.29 -60.83 -29.28
C PRO R 65 -74.08 -59.91 -29.31
N LEU R 66 -73.46 -59.89 -30.48
CA LEU R 66 -72.32 -59.02 -30.77
C LEU R 66 -72.78 -57.57 -30.96
N GLU R 67 -71.97 -56.63 -30.48
CA GLU R 67 -72.31 -55.21 -30.60
C GLU R 67 -71.08 -54.35 -30.81
N ALA R 68 -71.30 -53.22 -31.50
CA ALA R 68 -70.29 -52.23 -31.80
C ALA R 68 -70.10 -51.28 -30.63
N THR R 69 -68.93 -50.62 -30.59
CA THR R 69 -68.59 -49.66 -29.54
C THR R 69 -68.04 -48.39 -30.17
N GLY R 70 -68.86 -47.34 -30.22
CA GLY R 70 -68.45 -46.07 -30.79
C GLY R 70 -68.18 -46.06 -32.28
N ARG R 71 -66.93 -45.80 -32.64
CA ARG R 71 -66.51 -45.74 -34.04
C ARG R 71 -65.64 -46.93 -34.40
N GLY R 72 -66.01 -47.62 -35.47
CA GLY R 72 -65.24 -48.78 -35.91
C GLY R 72 -65.93 -49.48 -37.06
N ARG R 73 -65.45 -50.68 -37.37
CA ARG R 73 -65.99 -51.50 -38.45
C ARG R 73 -65.91 -52.99 -38.13
N TRP R 74 -66.73 -53.76 -38.86
CA TRP R 74 -66.77 -55.22 -38.77
C TRP R 74 -65.90 -55.81 -39.87
N ALA R 75 -65.06 -56.78 -39.52
CA ALA R 75 -64.17 -57.43 -40.49
C ALA R 75 -64.13 -58.94 -40.27
N LEU R 76 -63.71 -59.66 -41.31
CA LEU R 76 -63.53 -61.11 -41.28
C LEU R 76 -62.03 -61.34 -41.32
N CYS R 77 -61.51 -62.06 -40.32
CA CYS R 77 -60.07 -62.29 -40.14
C CYS R 77 -59.75 -63.76 -39.96
N LEU R 78 -58.45 -64.07 -40.12
CA LEU R 78 -57.93 -65.40 -39.84
C LEU R 78 -57.90 -65.61 -38.33
N VAL R 79 -57.59 -66.85 -37.91
CA VAL R 79 -57.51 -67.06 -36.46
C VAL R 79 -56.41 -66.21 -35.85
N ASP R 80 -55.40 -65.82 -36.62
CA ASP R 80 -54.34 -64.97 -36.11
C ASP R 80 -54.73 -63.49 -36.10
N GLY R 81 -55.98 -63.15 -36.42
CA GLY R 81 -56.46 -61.79 -36.37
C GLY R 81 -56.20 -60.95 -37.61
N ALA R 82 -55.26 -61.32 -38.47
CA ALA R 82 -55.01 -60.52 -39.67
C ALA R 82 -56.24 -60.50 -40.56
N PRO R 83 -56.75 -59.33 -40.96
CA PRO R 83 -57.93 -59.28 -41.81
C PRO R 83 -57.66 -59.67 -43.26
N LEU R 84 -58.69 -60.24 -43.89
CA LEU R 84 -58.64 -60.62 -45.30
C LEU R 84 -58.92 -59.39 -46.17
N ARG R 85 -58.30 -59.36 -47.36
CA ARG R 85 -58.52 -58.22 -48.26
C ARG R 85 -59.98 -58.19 -48.73
N ALA R 86 -60.67 -57.11 -48.38
CA ALA R 86 -62.11 -56.96 -48.63
C ALA R 86 -62.55 -57.13 -50.08
N THR R 87 -61.69 -56.85 -51.05
CA THR R 87 -62.05 -56.96 -52.45
C THR R 87 -61.74 -58.31 -53.10
N GLN R 88 -60.94 -59.16 -52.48
CA GLN R 88 -60.58 -60.42 -53.11
C GLN R 88 -61.58 -61.54 -52.84
N SER R 89 -61.61 -62.50 -53.77
CA SER R 89 -62.47 -63.68 -53.67
C SER R 89 -61.94 -64.68 -52.65
N LEU R 90 -62.85 -65.45 -52.08
CA LEU R 90 -62.45 -66.44 -51.08
C LEU R 90 -61.52 -67.51 -51.68
N THR R 91 -61.62 -67.75 -52.99
CA THR R 91 -60.73 -68.68 -53.67
C THR R 91 -59.42 -68.02 -54.04
N GLU R 92 -59.42 -66.69 -54.16
CA GLU R 92 -58.22 -65.95 -54.49
C GLU R 92 -57.26 -65.94 -53.31
N GLN R 93 -57.80 -65.98 -52.10
CA GLN R 93 -57.04 -66.13 -50.87
C GLN R 93 -56.86 -67.62 -50.58
N ASP R 94 -55.81 -67.95 -49.84
CA ASP R 94 -55.46 -69.33 -49.49
C ASP R 94 -56.32 -69.89 -48.35
N VAL R 95 -57.63 -69.90 -48.61
CA VAL R 95 -58.63 -70.43 -47.69
C VAL R 95 -59.19 -71.71 -48.30
N TYR R 96 -59.06 -72.81 -47.59
CA TYR R 96 -59.48 -74.12 -48.05
C TYR R 96 -60.57 -74.70 -47.16
N ASP R 97 -61.30 -75.65 -47.74
CA ASP R 97 -62.36 -76.36 -47.02
C ASP R 97 -61.81 -77.06 -45.79
N GLY R 98 -62.41 -76.76 -44.64
CA GLY R 98 -61.97 -77.31 -43.37
C GLY R 98 -61.22 -76.31 -42.51
N ASP R 99 -60.84 -75.16 -43.06
CA ASP R 99 -60.17 -74.11 -42.31
C ASP R 99 -61.19 -73.36 -41.45
N ARG R 100 -60.73 -72.33 -40.74
CA ARG R 100 -61.60 -71.51 -39.89
C ARG R 100 -61.19 -70.04 -39.94
N LEU R 101 -62.18 -69.17 -39.70
CA LEU R 101 -62.05 -67.72 -39.77
C LEU R 101 -62.72 -67.08 -38.55
N TRP R 102 -62.48 -65.79 -38.35
CA TRP R 102 -62.99 -65.05 -37.20
C TRP R 102 -63.62 -63.72 -37.61
N ILE R 103 -64.85 -63.47 -37.14
CA ILE R 103 -65.53 -62.20 -37.37
C ILE R 103 -65.20 -61.29 -36.19
N ARG R 104 -64.77 -60.07 -36.47
CA ARG R 104 -64.25 -59.19 -35.42
C ARG R 104 -64.53 -57.72 -35.66
N PHE R 105 -64.61 -56.97 -34.55
CA PHE R 105 -64.79 -55.52 -34.55
C PHE R 105 -63.45 -54.84 -34.35
N ILE R 106 -63.06 -53.97 -35.28
CA ILE R 106 -61.82 -53.21 -35.20
C ILE R 106 -62.16 -51.72 -35.13
N ALA R 107 -61.74 -51.06 -34.04
CA ALA R 107 -62.03 -49.66 -33.79
C ALA R 107 -61.29 -48.67 -34.71
N ASP R 108 -61.85 -47.47 -34.77
CA ASP R 108 -61.31 -46.33 -35.53
C ASP R 108 -60.04 -45.77 -34.90
N THR R 109 -58.97 -45.64 -35.71
CA THR R 109 -57.67 -45.12 -35.27
C THR R 109 -57.45 -43.62 -35.53
N GLU R 110 -58.41 -42.92 -36.14
CA GLU R 110 -58.24 -41.48 -36.43
C GLU R 110 -58.23 -40.59 -35.19
N ARG R 111 -57.16 -39.79 -35.05
CA ARG R 111 -56.98 -38.87 -33.93
C ARG R 111 -56.04 -37.73 -34.36
N ARG R 112 -56.14 -36.60 -33.64
CA ARG R 112 -55.31 -35.44 -33.94
C ARG R 112 -53.81 -35.72 -33.85
N SER R 113 -53.03 -35.03 -34.71
CA SER R 113 -51.58 -35.14 -34.61
C SER R 113 -51.10 -34.25 -33.48
N GLN R 114 -49.88 -34.50 -33.01
CA GLN R 114 -49.34 -33.75 -31.87
C GLN R 114 -47.95 -33.20 -32.20
N VAL R 115 -47.67 -31.93 -31.88
CA VAL R 115 -46.39 -31.33 -32.23
C VAL R 115 -45.79 -30.49 -31.10
N ILE R 116 -44.49 -30.64 -30.91
CA ILE R 116 -43.68 -29.88 -29.96
C ILE R 116 -42.47 -29.35 -30.74
N GLU R 117 -42.29 -28.04 -30.78
CA GLU R 117 -41.23 -27.40 -31.56
C GLU R 117 -39.90 -27.22 -30.83
N HIS R 118 -39.89 -26.82 -29.55
CA HIS R 118 -38.61 -26.61 -28.86
C HIS R 118 -37.90 -27.94 -28.63
N ILE R 119 -36.80 -28.13 -29.35
CA ILE R 119 -36.04 -29.37 -29.41
C ILE R 119 -35.64 -29.95 -28.05
N SER R 120 -35.32 -29.12 -27.06
CA SER R 120 -34.92 -29.66 -25.77
C SER R 120 -36.04 -30.44 -25.09
N THR R 121 -37.22 -29.84 -24.96
CA THR R 121 -38.36 -30.50 -24.34
C THR R 121 -38.83 -31.69 -25.17
N ALA R 122 -38.92 -31.50 -26.48
CA ALA R 122 -39.37 -32.53 -27.41
C ALA R 122 -38.53 -33.80 -27.34
N VAL R 123 -37.22 -33.68 -27.12
CA VAL R 123 -36.39 -34.87 -26.99
C VAL R 123 -36.71 -35.64 -25.71
N ALA R 124 -36.99 -34.94 -24.62
CA ALA R 124 -37.31 -35.60 -23.35
C ALA R 124 -38.66 -36.28 -23.40
N SER R 125 -39.68 -35.58 -23.89
CA SER R 125 -41.03 -36.13 -24.00
C SER R 125 -41.04 -37.44 -24.81
N ASP R 126 -40.62 -37.38 -26.06
CA ASP R 126 -40.62 -38.56 -26.91
C ASP R 126 -39.74 -39.70 -26.38
N LEU R 127 -38.51 -39.40 -26.01
CA LEU R 127 -37.60 -40.45 -25.52
C LEU R 127 -38.08 -41.16 -24.25
N SER R 128 -38.97 -40.56 -23.48
CA SER R 128 -39.50 -41.17 -22.25
C SER R 128 -40.72 -42.07 -22.45
N LYS R 129 -41.38 -41.98 -23.60
CA LYS R 129 -42.56 -42.76 -23.92
C LYS R 129 -42.26 -44.06 -24.66
N ARG R 130 -41.12 -44.17 -25.32
CA ARG R 130 -40.77 -45.32 -26.13
C ARG R 130 -39.74 -46.28 -25.51
N PHE R 131 -39.17 -45.99 -24.35
CA PHE R 131 -38.16 -46.88 -23.76
C PHE R 131 -38.41 -47.02 -22.27
N ALA R 132 -37.77 -48.03 -21.67
CA ALA R 132 -37.91 -48.32 -20.24
C ALA R 132 -36.72 -47.89 -19.39
N ARG R 133 -37.00 -47.19 -18.29
CA ARG R 133 -36.03 -46.73 -17.32
C ARG R 133 -35.75 -47.83 -16.28
N ILE R 134 -34.61 -47.69 -15.59
CA ILE R 134 -34.27 -48.61 -14.52
C ILE R 134 -35.23 -48.44 -13.35
N ASP R 135 -35.49 -49.54 -12.64
CA ASP R 135 -36.41 -49.60 -11.52
C ASP R 135 -35.88 -50.51 -10.42
N PRO R 136 -36.45 -50.42 -9.21
CA PRO R 136 -35.98 -51.24 -8.07
C PRO R 136 -36.11 -52.74 -8.27
N ILE R 137 -37.10 -53.21 -9.01
CA ILE R 137 -37.28 -54.64 -9.26
C ILE R 137 -36.09 -55.21 -10.03
N VAL R 138 -35.69 -54.54 -11.11
CA VAL R 138 -34.53 -54.98 -11.90
C VAL R 138 -33.23 -54.83 -11.12
N ALA R 139 -33.12 -53.81 -10.28
CA ALA R 139 -31.91 -53.61 -9.48
C ALA R 139 -31.56 -54.83 -8.64
N VAL R 140 -32.55 -55.45 -7.99
CA VAL R 140 -32.32 -56.64 -7.17
C VAL R 140 -31.90 -57.84 -8.01
N GLN R 141 -32.51 -58.04 -9.17
CA GLN R 141 -32.12 -59.15 -10.05
C GLN R 141 -30.67 -59.01 -10.53
N VAL R 142 -30.25 -57.79 -10.84
CA VAL R 142 -28.87 -57.53 -11.22
C VAL R 142 -27.94 -57.86 -10.04
N GLY R 143 -28.32 -57.44 -8.84
CA GLY R 143 -27.52 -57.74 -7.66
C GLY R 143 -27.35 -59.24 -7.43
N ALA R 144 -28.42 -60.00 -7.57
CA ALA R 144 -28.39 -61.46 -7.43
C ALA R 144 -27.43 -62.08 -8.47
N SER R 145 -27.52 -61.63 -9.71
CA SER R 145 -26.66 -62.09 -10.79
C SER R 145 -25.17 -61.81 -10.50
N MET R 146 -24.85 -60.65 -9.95
CA MET R 146 -23.46 -60.32 -9.63
C MET R 146 -22.88 -61.21 -8.52
N VAL R 147 -23.65 -61.55 -7.48
CA VAL R 147 -23.13 -62.44 -6.43
C VAL R 147 -22.93 -63.86 -6.95
N ALA R 148 -23.85 -64.35 -7.78
CA ALA R 148 -23.69 -65.65 -8.39
C ALA R 148 -22.40 -65.72 -9.20
N THR R 149 -22.16 -64.70 -10.02
CA THR R 149 -20.93 -64.59 -10.81
C THR R 149 -19.70 -64.47 -9.91
N GLY R 150 -19.86 -63.81 -8.77
CA GLY R 150 -18.75 -63.61 -7.83
C GLY R 150 -18.25 -64.88 -7.16
N VAL R 151 -19.15 -65.67 -6.60
CA VAL R 151 -18.78 -66.90 -5.88
C VAL R 151 -18.13 -67.95 -6.80
N VAL R 152 -18.59 -68.08 -8.04
CA VAL R 152 -17.95 -69.06 -8.95
C VAL R 152 -16.50 -68.68 -9.23
N LEU R 153 -16.14 -67.41 -9.11
CA LEU R 153 -14.76 -66.96 -9.29
C LEU R 153 -13.91 -67.31 -8.07
N ALA R 154 -14.50 -67.20 -6.87
CA ALA R 154 -13.82 -67.54 -5.61
C ALA R 154 -13.55 -69.05 -5.53
N THR R 155 -14.52 -69.88 -5.88
CA THR R 155 -14.33 -71.34 -5.90
C THR R 155 -13.29 -71.72 -6.95
N GLY R 156 -13.24 -70.99 -8.06
CA GLY R 156 -12.23 -71.23 -9.08
C GLY R 156 -10.81 -71.10 -8.56
N VAL R 157 -10.50 -69.99 -7.88
CA VAL R 157 -9.13 -69.82 -7.36
C VAL R 157 -8.87 -70.82 -6.24
N LEU R 158 -9.86 -71.12 -5.41
CA LEU R 158 -9.68 -72.11 -4.34
C LEU R 158 -9.47 -73.50 -4.95
N GLY R 159 -10.22 -73.82 -6.01
CA GLY R 159 -10.12 -75.07 -6.75
C GLY R 159 -8.87 -75.20 -7.60
N TRP R 160 -8.23 -74.08 -7.93
CA TRP R 160 -6.99 -74.04 -8.70
C TRP R 160 -5.79 -74.31 -7.78
N TRP R 161 -5.83 -73.77 -6.57
CA TRP R 161 -4.79 -73.99 -5.58
C TRP R 161 -4.65 -75.49 -5.28
N ARG R 162 -5.78 -76.20 -5.28
CA ARG R 162 -5.85 -77.66 -5.07
C ARG R 162 -4.92 -78.49 -5.96
N TRP R 163 -4.74 -78.13 -7.23
CA TRP R 163 -3.85 -78.91 -8.09
C TRP R 163 -2.40 -78.89 -7.65
N HIS R 164 -2.01 -77.96 -6.80
CA HIS R 164 -0.65 -77.92 -6.29
C HIS R 164 -0.58 -78.13 -4.80
N HIS R 165 -1.68 -77.91 -4.08
CA HIS R 165 -1.72 -78.09 -2.62
C HIS R 165 -3.10 -78.65 -2.31
N ASN R 166 -3.24 -79.98 -2.38
CA ASN R 166 -4.52 -80.61 -2.05
C ASN R 166 -4.70 -80.77 -0.54
N THR R 167 -4.61 -79.65 0.19
CA THR R 167 -4.75 -79.61 1.63
C THR R 167 -6.19 -79.25 2.07
N TRP R 168 -6.40 -79.22 3.38
CA TRP R 168 -7.70 -78.91 3.99
C TRP R 168 -8.23 -77.50 3.68
N LEU R 169 -7.35 -76.54 3.41
CA LEU R 169 -7.76 -75.16 3.15
C LEU R 169 -8.92 -75.07 2.14
N THR R 170 -8.78 -75.70 0.98
CA THR R 170 -9.81 -75.64 -0.05
C THR R 170 -11.20 -76.08 0.44
N THR R 171 -11.29 -77.23 1.11
CA THR R 171 -12.58 -77.74 1.57
C THR R 171 -13.14 -76.94 2.75
N ILE R 172 -12.29 -76.59 3.71
CA ILE R 172 -12.71 -75.83 4.89
C ILE R 172 -13.26 -74.46 4.49
N TYR R 173 -12.53 -73.76 3.61
CA TYR R 173 -12.95 -72.44 3.14
C TYR R 173 -14.23 -72.50 2.29
N THR R 174 -14.34 -73.47 1.38
CA THR R 174 -15.50 -73.58 0.50
C THR R 174 -16.77 -74.05 1.21
N ALA R 175 -16.63 -74.91 2.20
CA ALA R 175 -17.78 -75.43 2.95
C ALA R 175 -18.59 -74.31 3.59
N VAL R 176 -17.93 -73.40 4.29
CA VAL R 176 -18.63 -72.28 4.93
C VAL R 176 -19.33 -71.41 3.88
N ILE R 177 -18.70 -71.15 2.73
CA ILE R 177 -19.36 -70.36 1.68
C ILE R 177 -20.64 -71.07 1.22
N GLY R 178 -20.57 -72.37 0.97
CA GLY R 178 -21.73 -73.13 0.53
C GLY R 178 -22.89 -73.03 1.50
N VAL R 179 -22.61 -73.24 2.78
CA VAL R 179 -23.62 -73.15 3.84
C VAL R 179 -24.24 -71.75 3.87
N LEU R 180 -23.42 -70.72 3.83
CA LEU R 180 -23.92 -69.34 3.86
C LEU R 180 -24.80 -68.99 2.66
N VAL R 181 -24.39 -69.33 1.44
CA VAL R 181 -25.21 -69.03 0.27
C VAL R 181 -26.53 -69.79 0.35
N LEU R 182 -26.47 -71.06 0.71
CA LEU R 182 -27.65 -71.93 0.84
C LEU R 182 -28.61 -71.41 1.90
N ALA R 183 -28.09 -70.96 3.04
CA ALA R 183 -28.91 -70.40 4.11
C ALA R 183 -29.70 -69.18 3.64
N VAL R 184 -29.08 -68.29 2.88
CA VAL R 184 -29.78 -67.12 2.35
C VAL R 184 -30.89 -67.55 1.39
N ALA R 185 -30.58 -68.43 0.44
CA ALA R 185 -31.58 -68.93 -0.52
C ALA R 185 -32.74 -69.59 0.21
N MET R 186 -32.46 -70.27 1.32
CA MET R 186 -33.49 -70.93 2.11
C MET R 186 -34.54 -69.92 2.61
N LEU R 187 -34.10 -68.81 3.19
CA LEU R 187 -35.03 -67.80 3.69
C LEU R 187 -35.80 -67.12 2.56
N LEU R 188 -35.14 -66.89 1.42
CA LEU R 188 -35.78 -66.26 0.27
C LEU R 188 -36.86 -67.16 -0.35
N LEU R 189 -36.55 -68.45 -0.53
CA LEU R 189 -37.53 -69.39 -1.10
C LEU R 189 -38.81 -69.48 -0.27
N MET R 190 -38.68 -69.50 1.04
CA MET R 190 -39.82 -69.56 1.96
C MET R 190 -40.59 -68.25 2.07
N ARG R 191 -40.04 -67.13 1.61
CA ARG R 191 -40.69 -65.82 1.71
C ARG R 191 -41.20 -65.27 0.39
N ALA R 192 -40.70 -65.78 -0.74
CA ALA R 192 -41.12 -65.31 -2.06
C ALA R 192 -42.62 -65.36 -2.28
N LYS R 193 -43.16 -64.31 -2.90
CA LYS R 193 -44.58 -64.14 -3.21
C LYS R 193 -44.92 -64.11 -4.70
N THR R 194 -44.02 -63.62 -5.55
CA THR R 194 -44.25 -63.47 -6.98
C THR R 194 -43.09 -64.06 -7.76
N ASP R 195 -43.31 -64.24 -9.06
CA ASP R 195 -42.30 -64.81 -9.95
C ASP R 195 -41.03 -63.96 -9.98
N ALA R 196 -41.18 -62.65 -9.76
CA ALA R 196 -40.01 -61.78 -9.68
C ALA R 196 -39.15 -62.18 -8.49
N ASP R 197 -39.78 -62.44 -7.36
CA ASP R 197 -39.09 -62.90 -6.15
C ASP R 197 -38.47 -64.29 -6.35
N ARG R 198 -39.18 -65.20 -7.00
CA ARG R 198 -38.67 -66.54 -7.25
C ARG R 198 -37.44 -66.57 -8.16
N ARG R 199 -37.37 -65.72 -9.18
CA ARG R 199 -36.17 -65.68 -10.02
C ARG R 199 -34.95 -65.27 -9.19
N VAL R 200 -35.09 -64.32 -8.28
CA VAL R 200 -33.98 -63.92 -7.42
C VAL R 200 -33.51 -65.12 -6.60
N ALA R 201 -34.45 -65.83 -5.97
CA ALA R 201 -34.14 -67.00 -5.16
C ALA R 201 -33.54 -68.14 -5.99
N ASP R 202 -34.08 -68.39 -7.19
CA ASP R 202 -33.55 -69.43 -8.08
C ASP R 202 -32.09 -69.15 -8.47
N ILE R 203 -31.76 -67.92 -8.82
CA ILE R 203 -30.38 -67.57 -9.17
C ILE R 203 -29.46 -67.81 -7.98
N MET R 204 -29.93 -67.49 -6.78
CA MET R 204 -29.16 -67.72 -5.54
C MET R 204 -28.96 -69.21 -5.27
N LEU R 205 -30.00 -70.03 -5.45
CA LEU R 205 -29.93 -71.48 -5.25
C LEU R 205 -29.03 -72.16 -6.30
N MET R 206 -29.21 -71.81 -7.56
CA MET R 206 -28.39 -72.32 -8.66
C MET R 206 -26.90 -72.24 -8.35
N SER R 207 -26.47 -71.15 -7.72
CA SER R 207 -25.07 -70.90 -7.34
C SER R 207 -24.58 -71.72 -6.14
N ALA R 208 -25.45 -72.23 -5.29
CA ALA R 208 -25.04 -72.99 -4.10
C ALA R 208 -24.47 -74.37 -4.44
N ILE R 209 -24.88 -74.97 -5.55
CA ILE R 209 -24.43 -76.29 -5.98
C ILE R 209 -22.92 -76.32 -6.31
N MET R 210 -22.41 -75.26 -6.92
CA MET R 210 -20.99 -75.19 -7.32
C MET R 210 -19.98 -75.25 -6.18
N PRO R 211 -20.10 -74.46 -5.11
CA PRO R 211 -19.12 -74.58 -4.01
C PRO R 211 -19.17 -75.93 -3.30
N VAL R 212 -20.35 -76.46 -3.01
CA VAL R 212 -20.47 -77.75 -2.31
C VAL R 212 -19.84 -78.88 -3.13
N THR R 213 -20.00 -78.85 -4.45
CA THR R 213 -19.40 -79.87 -5.32
C THR R 213 -17.88 -79.93 -5.18
N VAL R 214 -17.18 -78.82 -5.37
CA VAL R 214 -15.72 -78.82 -5.24
C VAL R 214 -15.31 -78.99 -3.78
N ALA R 215 -16.15 -78.60 -2.83
CA ALA R 215 -15.84 -78.77 -1.42
C ALA R 215 -15.76 -80.26 -1.06
N ALA R 216 -16.69 -81.07 -1.55
CA ALA R 216 -16.70 -82.51 -1.30
C ALA R 216 -15.55 -83.21 -2.02
N ALA R 217 -15.39 -82.95 -3.31
CA ALA R 217 -14.32 -83.52 -4.11
C ALA R 217 -12.92 -83.17 -3.58
N ALA R 218 -12.78 -82.05 -2.89
CA ALA R 218 -11.51 -81.63 -2.31
C ALA R 218 -11.16 -82.30 -0.98
N ALA R 219 -12.05 -83.12 -0.41
CA ALA R 219 -11.76 -83.76 0.89
C ALA R 219 -10.74 -84.90 0.84
N PRO R 220 -10.80 -85.86 -0.10
CA PRO R 220 -9.82 -86.97 -0.10
C PRO R 220 -8.40 -86.52 -0.44
N PRO R 221 -7.43 -86.74 0.50
CA PRO R 221 -6.04 -86.31 0.33
C PRO R 221 -5.26 -87.02 -0.76
N GLY R 222 -4.02 -86.56 -0.94
CA GLY R 222 -3.11 -87.04 -1.94
C GLY R 222 -3.36 -86.37 -3.26
N PRO R 223 -2.45 -86.56 -4.22
CA PRO R 223 -2.63 -85.93 -5.52
C PRO R 223 -4.01 -86.19 -6.12
N VAL R 224 -4.63 -85.10 -6.56
CA VAL R 224 -5.97 -85.11 -7.12
C VAL R 224 -6.06 -85.97 -8.36
N GLY R 225 -7.18 -86.68 -8.49
CA GLY R 225 -7.41 -87.54 -9.65
C GLY R 225 -8.65 -88.40 -9.48
N SER R 226 -8.57 -89.61 -10.05
CA SER R 226 -9.65 -90.60 -10.04
C SER R 226 -10.42 -90.74 -8.73
N PRO R 227 -9.77 -90.91 -7.57
CA PRO R 227 -10.54 -91.05 -6.32
C PRO R 227 -11.28 -89.79 -5.87
N GLN R 228 -10.70 -88.61 -6.10
CA GLN R 228 -11.36 -87.35 -5.73
C GLN R 228 -12.56 -87.05 -6.62
N ALA R 229 -12.42 -87.25 -7.92
CA ALA R 229 -13.47 -86.97 -8.89
C ALA R 229 -14.81 -87.63 -8.56
N VAL R 230 -14.78 -88.89 -8.10
CA VAL R 230 -15.99 -89.64 -7.79
C VAL R 230 -16.92 -88.94 -6.81
N LEU R 231 -16.39 -88.31 -5.76
CA LEU R 231 -17.26 -87.60 -4.80
C LEU R 231 -17.96 -86.38 -5.42
N GLY R 232 -17.23 -85.55 -6.13
CA GLY R 232 -17.77 -84.36 -6.78
C GLY R 232 -18.94 -84.65 -7.68
N PHE R 233 -18.75 -85.50 -8.68
CA PHE R 233 -19.83 -85.85 -9.60
C PHE R 233 -20.97 -86.54 -8.88
N GLY R 234 -20.69 -87.26 -7.81
CA GLY R 234 -21.73 -87.90 -7.01
C GLY R 234 -22.61 -86.86 -6.33
N VAL R 235 -22.03 -86.01 -5.47
CA VAL R 235 -22.80 -84.97 -4.76
C VAL R 235 -23.46 -84.01 -5.74
N LEU R 236 -22.81 -83.73 -6.87
CA LEU R 236 -23.40 -82.84 -7.90
C LEU R 236 -24.70 -83.45 -8.43
N THR R 237 -24.67 -84.74 -8.76
CA THR R 237 -25.85 -85.45 -9.25
C THR R 237 -26.97 -85.46 -8.21
N VAL R 238 -26.62 -85.75 -6.96
CA VAL R 238 -27.59 -85.80 -5.85
C VAL R 238 -28.19 -84.42 -5.59
N ALA R 239 -27.36 -83.40 -5.45
CA ALA R 239 -27.81 -82.03 -5.16
C ALA R 239 -28.72 -81.48 -6.26
N ALA R 240 -28.33 -81.64 -7.52
CA ALA R 240 -29.15 -81.16 -8.63
C ALA R 240 -30.53 -81.85 -8.63
N ALA R 241 -30.55 -83.17 -8.47
CA ALA R 241 -31.79 -83.93 -8.42
C ALA R 241 -32.65 -83.54 -7.22
N LEU R 242 -32.03 -83.37 -6.05
CA LEU R 242 -32.75 -82.99 -4.82
C LEU R 242 -33.35 -81.59 -4.94
N ALA R 243 -32.62 -80.64 -5.51
CA ALA R 243 -33.12 -79.28 -5.70
C ALA R 243 -34.35 -79.27 -6.60
N LEU R 244 -34.29 -80.02 -7.71
CA LEU R 244 -35.43 -80.15 -8.61
C LEU R 244 -36.64 -80.75 -7.87
N ARG R 245 -36.45 -81.89 -7.23
CA ARG R 245 -37.50 -82.56 -6.50
C ARG R 245 -38.25 -81.65 -5.53
N PHE R 246 -37.53 -80.86 -4.73
CA PHE R 246 -38.19 -79.99 -3.76
C PHE R 246 -38.68 -78.67 -4.36
N THR R 247 -38.03 -78.15 -5.42
CA THR R 247 -38.41 -76.86 -5.99
C THR R 247 -39.42 -76.94 -7.12
N GLY R 248 -39.28 -77.89 -8.03
CA GLY R 248 -40.22 -78.02 -9.13
C GLY R 248 -40.17 -76.93 -10.20
N ARG R 249 -39.05 -76.23 -10.32
CA ARG R 249 -38.84 -75.18 -11.29
C ARG R 249 -37.43 -75.30 -11.86
N ARG R 250 -37.20 -74.68 -13.03
CA ARG R 250 -35.90 -74.73 -13.69
C ARG R 250 -35.49 -76.17 -14.05
N LEU R 251 -36.46 -76.93 -14.54
CA LEU R 251 -36.28 -78.34 -14.89
C LEU R 251 -35.09 -78.58 -15.82
N GLY R 252 -34.99 -77.80 -16.90
CA GLY R 252 -33.95 -77.91 -17.90
C GLY R 252 -32.51 -77.88 -17.39
N ILE R 253 -32.14 -76.83 -16.68
CA ILE R 253 -30.78 -76.67 -16.17
C ILE R 253 -30.42 -77.78 -15.17
N TYR R 254 -31.31 -78.09 -14.24
CA TYR R 254 -31.04 -79.17 -13.27
C TYR R 254 -30.94 -80.55 -13.94
N THR R 255 -31.86 -80.87 -14.82
CA THR R 255 -31.85 -82.18 -15.51
C THR R 255 -30.56 -82.40 -16.28
N THR R 256 -30.10 -81.39 -17.01
CA THR R 256 -28.87 -81.47 -17.79
C THR R 256 -27.67 -81.78 -16.89
N ILE R 257 -27.62 -81.19 -15.69
CA ILE R 257 -26.55 -81.48 -14.73
C ILE R 257 -26.64 -82.92 -14.23
N VAL R 258 -27.86 -83.41 -13.94
CA VAL R 258 -28.04 -84.79 -13.47
C VAL R 258 -27.49 -85.80 -14.48
N ILE R 259 -27.75 -85.58 -15.77
CA ILE R 259 -27.27 -86.50 -16.81
C ILE R 259 -25.75 -86.53 -16.86
N ILE R 260 -25.11 -85.37 -17.05
CA ILE R 260 -23.65 -85.34 -17.15
C ILE R 260 -23.02 -85.81 -15.84
N GLY R 261 -23.65 -85.50 -14.71
CA GLY R 261 -23.13 -85.94 -13.41
C GLY R 261 -23.14 -87.44 -13.24
N ALA R 262 -24.30 -88.06 -13.46
CA ALA R 262 -24.47 -89.52 -13.33
C ALA R 262 -23.53 -90.28 -14.27
N LEU R 263 -23.50 -89.93 -15.55
CA LEU R 263 -22.64 -90.61 -16.51
C LEU R 263 -21.15 -90.45 -16.17
N THR R 264 -20.74 -89.27 -15.74
CA THR R 264 -19.33 -89.05 -15.38
C THR R 264 -18.95 -89.84 -14.13
N MET R 265 -19.87 -89.95 -13.18
CA MET R 265 -19.62 -90.72 -11.96
C MET R 265 -19.28 -92.17 -12.27
N LEU R 266 -20.03 -92.80 -13.19
CA LEU R 266 -19.75 -94.18 -13.60
C LEU R 266 -18.36 -94.30 -14.23
N ALA R 267 -18.03 -93.41 -15.14
CA ALA R 267 -16.72 -93.42 -15.80
C ALA R 267 -15.61 -93.17 -14.79
N ALA R 268 -15.82 -92.25 -13.86
CA ALA R 268 -14.82 -91.95 -12.82
C ALA R 268 -14.60 -93.17 -11.92
N LEU R 269 -15.66 -93.83 -11.53
CA LEU R 269 -15.57 -95.04 -10.70
C LEU R 269 -14.81 -96.15 -11.43
N ALA R 270 -15.17 -96.41 -12.69
CA ALA R 270 -14.50 -97.43 -13.48
C ALA R 270 -13.00 -97.15 -13.59
N ARG R 271 -12.62 -95.95 -14.01
CA ARG R 271 -11.19 -95.60 -14.11
C ARG R 271 -10.48 -95.72 -12.77
N MET R 272 -11.16 -95.39 -11.67
CA MET R 272 -10.53 -95.51 -10.36
C MET R 272 -10.32 -96.99 -10.00
N VAL R 273 -11.32 -97.82 -10.24
CA VAL R 273 -11.21 -99.25 -9.94
C VAL R 273 -10.30 -99.94 -10.93
N ALA R 274 -10.68 -99.96 -12.21
CA ALA R 274 -9.84 -100.61 -13.22
C ALA R 274 -10.34 -100.31 -14.63
N ALA R 275 -9.42 -99.85 -15.50
CA ALA R 275 -9.73 -99.53 -16.88
C ALA R 275 -8.49 -99.71 -17.75
N THR R 276 -8.63 -100.51 -18.80
CA THR R 276 -7.50 -100.78 -19.70
C THR R 276 -7.13 -99.56 -20.54
N SER R 277 -8.11 -98.77 -20.99
CA SER R 277 -7.78 -97.61 -21.77
C SER R 277 -8.94 -96.60 -21.79
N ALA R 278 -8.58 -95.35 -22.10
CA ALA R 278 -9.58 -94.29 -22.22
C ALA R 278 -10.51 -94.55 -23.40
N VAL R 279 -9.96 -95.10 -24.48
CA VAL R 279 -10.75 -95.43 -25.67
C VAL R 279 -11.92 -96.34 -25.30
N THR R 280 -11.66 -97.28 -24.40
CA THR R 280 -12.69 -98.19 -23.91
C THR R 280 -13.83 -97.43 -23.23
N LEU R 281 -13.50 -96.55 -22.29
CA LEU R 281 -14.49 -95.75 -21.59
C LEU R 281 -15.20 -94.79 -22.54
N LEU R 282 -14.44 -94.12 -23.41
CA LEU R 282 -15.00 -93.20 -24.40
C LEU R 282 -15.99 -93.92 -25.32
N SER R 283 -15.62 -95.11 -25.80
CA SER R 283 -16.49 -95.92 -26.64
C SER R 283 -17.73 -96.37 -25.88
N SER R 284 -17.56 -96.75 -24.62
CA SER R 284 -18.68 -97.16 -23.77
C SER R 284 -19.67 -96.00 -23.57
N LEU R 285 -19.16 -94.82 -23.25
CA LEU R 285 -20.00 -93.63 -23.09
C LEU R 285 -20.76 -93.32 -24.37
N LEU R 286 -20.08 -93.36 -25.51
CA LEU R 286 -20.73 -93.11 -26.81
C LEU R 286 -21.92 -94.07 -27.01
N LEU R 287 -21.71 -95.35 -26.73
CA LEU R 287 -22.76 -96.36 -26.85
C LEU R 287 -23.92 -96.11 -25.87
N ILE R 288 -23.62 -95.72 -24.64
CA ILE R 288 -24.66 -95.41 -23.64
C ILE R 288 -25.52 -94.23 -24.10
N CYS R 289 -24.89 -93.18 -24.63
CA CYS R 289 -25.60 -92.01 -25.17
C CYS R 289 -26.44 -92.37 -26.39
N VAL R 290 -25.89 -93.19 -27.29
CA VAL R 290 -26.59 -93.64 -28.48
C VAL R 290 -27.93 -94.29 -28.13
N VAL R 291 -27.95 -95.23 -27.18
CA VAL R 291 -29.21 -95.85 -26.78
C VAL R 291 -30.11 -94.82 -26.09
N ALA R 292 -29.53 -93.91 -25.31
CA ALA R 292 -30.31 -92.85 -24.64
C ALA R 292 -30.96 -91.92 -25.66
N TYR R 293 -30.27 -91.59 -26.76
CA TYR R 293 -30.86 -90.74 -27.80
C TYR R 293 -32.13 -91.35 -28.37
N HIS R 294 -32.15 -92.67 -28.52
CA HIS R 294 -33.32 -93.38 -29.03
C HIS R 294 -34.44 -93.43 -27.97
N ALA R 295 -34.09 -93.67 -26.72
CA ALA R 295 -35.03 -93.74 -25.61
C ALA R 295 -35.51 -92.38 -25.10
N ALA R 296 -34.84 -91.28 -25.47
CA ALA R 296 -35.14 -89.93 -25.01
C ALA R 296 -36.61 -89.56 -24.88
N PRO R 297 -37.46 -89.68 -25.91
CA PRO R 297 -38.87 -89.33 -25.74
C PRO R 297 -39.61 -90.21 -24.75
N ALA R 298 -39.25 -91.48 -24.64
CA ALA R 298 -39.88 -92.37 -23.68
C ALA R 298 -39.53 -91.96 -22.25
N LEU R 299 -38.27 -91.64 -22.00
CA LEU R 299 -37.86 -91.18 -20.67
C LEU R 299 -38.67 -89.94 -20.28
N SER R 300 -38.72 -88.96 -21.17
CA SER R 300 -39.50 -87.75 -20.93
C SER R 300 -40.94 -88.07 -20.58
N ARG R 301 -41.56 -88.96 -21.36
CA ARG R 301 -42.95 -89.33 -21.11
C ARG R 301 -43.12 -89.96 -19.72
N ARG R 302 -42.22 -90.85 -19.32
CA ARG R 302 -42.36 -91.45 -17.99
C ARG R 302 -41.94 -90.51 -16.87
N LEU R 303 -40.95 -89.65 -17.10
CA LEU R 303 -40.54 -88.70 -16.06
C LEU R 303 -41.57 -87.61 -15.84
N ALA R 304 -42.30 -87.22 -16.88
CA ALA R 304 -43.28 -86.16 -16.76
C ALA R 304 -44.42 -86.59 -15.85
N SER R 344 -62.06 -76.98 -15.04
CA SER R 344 -61.04 -77.24 -14.03
C SER R 344 -60.24 -78.50 -14.39
N SER R 345 -60.91 -79.43 -15.09
CA SER R 345 -60.28 -80.69 -15.49
C SER R 345 -59.27 -80.51 -16.62
N VAL R 346 -59.49 -79.53 -17.50
CA VAL R 346 -58.63 -79.27 -18.65
C VAL R 346 -57.18 -79.01 -18.23
N ARG R 347 -56.98 -78.32 -17.11
CA ARG R 347 -55.65 -77.99 -16.61
C ARG R 347 -54.69 -79.16 -16.58
N ASP R 348 -55.18 -80.35 -16.25
CA ASP R 348 -54.33 -81.56 -16.21
C ASP R 348 -53.55 -81.80 -17.51
N VAL R 349 -54.13 -81.48 -18.66
CA VAL R 349 -53.45 -81.66 -19.95
C VAL R 349 -52.36 -80.62 -20.17
N LEU R 350 -52.65 -79.35 -19.89
CA LEU R 350 -51.71 -78.25 -20.10
C LEU R 350 -50.43 -78.39 -19.29
N LEU R 351 -50.53 -78.70 -18.01
CA LEU R 351 -49.36 -78.86 -17.14
C LEU R 351 -48.42 -79.98 -17.60
N GLN R 352 -48.96 -81.16 -17.93
CA GLN R 352 -48.16 -82.31 -18.36
C GLN R 352 -47.42 -82.06 -19.68
N ALA R 353 -48.06 -81.43 -20.66
CA ALA R 353 -47.45 -81.16 -21.96
C ALA R 353 -46.14 -80.39 -21.85
N GLU R 354 -46.11 -79.28 -21.14
CA GLU R 354 -44.89 -78.49 -20.98
C GLU R 354 -43.85 -79.19 -20.10
N ARG R 355 -44.29 -79.96 -19.11
CA ARG R 355 -43.35 -80.73 -18.27
C ARG R 355 -42.53 -81.68 -19.13
N ALA R 356 -43.19 -82.49 -19.94
CA ALA R 356 -42.50 -83.44 -20.83
C ALA R 356 -41.52 -82.71 -21.74
N ARG R 357 -41.96 -81.62 -22.35
CA ARG R 357 -41.12 -80.80 -23.24
C ARG R 357 -39.88 -80.32 -22.52
N SER R 358 -40.02 -79.83 -21.30
CA SER R 358 -38.89 -79.34 -20.50
C SER R 358 -37.84 -80.43 -20.30
N PHE R 359 -38.24 -81.60 -19.79
CA PHE R 359 -37.32 -82.73 -19.59
C PHE R 359 -36.65 -83.19 -20.91
N LEU R 360 -37.37 -83.14 -22.02
CA LEU R 360 -36.80 -83.57 -23.30
C LEU R 360 -35.73 -82.61 -23.82
N SER R 361 -35.97 -81.30 -23.76
CA SER R 361 -34.98 -80.33 -24.23
C SER R 361 -33.66 -80.44 -23.47
N GLY R 362 -33.71 -80.64 -22.16
CA GLY R 362 -32.49 -80.82 -21.38
C GLY R 362 -31.80 -82.14 -21.69
N LEU R 363 -32.57 -83.22 -21.80
CA LEU R 363 -32.04 -84.53 -22.10
C LEU R 363 -31.25 -84.54 -23.41
N LEU R 364 -31.88 -84.08 -24.49
CA LEU R 364 -31.22 -84.03 -25.80
C LEU R 364 -29.95 -83.16 -25.74
N THR R 365 -29.98 -82.08 -24.97
CA THR R 365 -28.84 -81.18 -24.80
C THR R 365 -27.68 -81.86 -24.06
N GLY R 366 -27.97 -82.46 -22.91
CA GLY R 366 -26.95 -83.13 -22.11
C GLY R 366 -26.24 -84.25 -22.85
N LEU R 367 -26.99 -85.05 -23.59
CA LEU R 367 -26.41 -86.12 -24.40
C LEU R 367 -25.46 -85.53 -25.45
N GLY R 368 -25.85 -84.39 -26.03
CA GLY R 368 -25.01 -83.70 -27.00
C GLY R 368 -23.65 -83.32 -26.42
N VAL R 369 -23.64 -82.80 -25.21
CA VAL R 369 -22.40 -82.43 -24.52
C VAL R 369 -21.49 -83.64 -24.35
N MET R 370 -22.04 -84.76 -23.89
CA MET R 370 -21.25 -85.98 -23.72
C MET R 370 -20.64 -86.49 -25.03
N VAL R 371 -21.44 -86.61 -26.09
CA VAL R 371 -20.88 -87.13 -27.36
C VAL R 371 -19.85 -86.18 -27.97
N VAL R 372 -20.05 -84.87 -27.90
CA VAL R 372 -19.04 -83.97 -28.46
C VAL R 372 -17.74 -84.05 -27.66
N VAL R 373 -17.84 -84.13 -26.33
CA VAL R 373 -16.65 -84.29 -25.49
C VAL R 373 -15.96 -85.62 -25.77
N CYS R 374 -16.74 -86.70 -25.89
CA CYS R 374 -16.19 -88.02 -26.15
C CYS R 374 -15.57 -88.12 -27.55
N MET R 375 -16.31 -87.75 -28.59
CA MET R 375 -15.80 -87.84 -29.97
C MET R 375 -14.55 -86.99 -30.17
N THR R 376 -14.54 -85.76 -29.69
CA THR R 376 -13.34 -84.92 -29.84
C THR R 376 -12.13 -85.56 -29.15
N SER R 377 -12.35 -86.34 -28.11
CA SER R 377 -11.26 -87.04 -27.43
C SER R 377 -10.81 -88.27 -28.24
N LEU R 378 -11.75 -88.99 -28.84
CA LEU R 378 -11.43 -90.19 -29.62
C LEU R 378 -10.70 -89.91 -30.94
N CYS R 379 -11.06 -88.85 -31.68
CA CYS R 379 -10.45 -88.61 -32.98
C CYS R 379 -9.00 -88.13 -33.03
N ASP R 380 -8.07 -88.88 -32.46
CA ASP R 380 -6.64 -88.52 -32.50
C ASP R 380 -6.09 -88.66 -33.92
N PRO R 381 -5.47 -87.63 -34.49
CA PRO R 381 -4.95 -87.71 -35.86
C PRO R 381 -3.61 -88.41 -36.02
N HIS R 382 -3.06 -89.05 -34.99
CA HIS R 382 -1.76 -89.74 -35.09
C HIS R 382 -1.86 -91.22 -34.80
N THR R 383 -2.72 -91.60 -33.87
CA THR R 383 -2.84 -92.97 -33.39
C THR R 383 -3.51 -93.90 -34.39
N GLY R 384 -2.87 -95.05 -34.63
CA GLY R 384 -3.38 -96.10 -35.49
C GLY R 384 -4.03 -95.75 -36.82
N GLN R 385 -5.19 -96.35 -37.07
CA GLN R 385 -5.97 -96.09 -38.28
C GLN R 385 -6.64 -94.71 -38.16
N ARG R 386 -5.82 -93.70 -38.45
CA ARG R 386 -6.18 -92.28 -38.39
C ARG R 386 -7.54 -91.97 -39.02
N TRP R 387 -7.93 -92.74 -40.05
CA TRP R 387 -9.21 -92.59 -40.74
C TRP R 387 -10.40 -93.21 -40.01
N LEU R 388 -10.19 -94.21 -39.16
CA LEU R 388 -11.27 -94.90 -38.47
C LEU R 388 -12.15 -93.97 -37.62
N PRO R 389 -11.62 -93.17 -36.69
CA PRO R 389 -12.48 -92.26 -35.92
C PRO R 389 -13.12 -91.17 -36.77
N LEU R 390 -12.48 -90.75 -37.85
CA LEU R 390 -13.02 -89.73 -38.74
C LEU R 390 -14.30 -90.22 -39.43
N ILE R 391 -14.27 -91.44 -39.97
CA ILE R 391 -15.46 -92.02 -40.61
C ILE R 391 -16.53 -92.34 -39.56
N LEU R 392 -16.11 -92.76 -38.37
CA LEU R 392 -17.06 -93.01 -37.27
C LEU R 392 -17.77 -91.71 -36.89
N ALA R 393 -17.03 -90.61 -36.84
CA ALA R 393 -17.59 -89.29 -36.58
C ALA R 393 -18.57 -88.91 -37.68
N GLY R 394 -18.22 -89.25 -38.93
CA GLY R 394 -19.10 -89.02 -40.07
C GLY R 394 -20.43 -89.77 -39.92
N PHE R 395 -20.36 -91.06 -39.62
CA PHE R 395 -21.59 -91.85 -39.40
C PHE R 395 -22.41 -91.27 -38.25
N THR R 396 -21.75 -90.89 -37.16
CA THR R 396 -22.42 -90.30 -36.00
C THR R 396 -23.09 -88.97 -36.38
N SER R 397 -22.40 -88.13 -37.14
CA SER R 397 -22.93 -86.85 -37.61
C SER R 397 -24.15 -87.06 -38.52
N GLY R 398 -24.08 -88.04 -39.42
CA GLY R 398 -25.20 -88.34 -40.31
C GLY R 398 -26.48 -88.69 -39.57
N PHE R 399 -26.40 -89.57 -38.58
CA PHE R 399 -27.59 -89.93 -37.79
C PHE R 399 -28.22 -88.70 -37.13
N LEU R 400 -27.43 -87.87 -36.47
CA LEU R 400 -27.94 -86.67 -35.81
C LEU R 400 -28.54 -85.70 -36.85
N LEU R 401 -27.86 -85.52 -37.98
CA LEU R 401 -28.31 -84.63 -39.04
C LEU R 401 -29.61 -85.13 -39.69
N LEU R 402 -29.78 -86.44 -39.84
CA LEU R 402 -30.97 -87.03 -40.44
C LEU R 402 -32.16 -87.18 -39.47
N ARG R 403 -31.90 -87.51 -38.20
CA ARG R 403 -32.94 -87.71 -37.19
C ARG R 403 -33.36 -86.42 -36.47
N GLY R 404 -32.45 -85.47 -36.31
CA GLY R 404 -32.75 -84.22 -35.61
C GLY R 404 -33.93 -83.43 -36.20
N ARG R 405 -34.06 -83.43 -37.51
CA ARG R 405 -35.15 -82.76 -38.23
C ARG R 405 -36.52 -83.44 -38.08
N SER R 406 -36.57 -84.65 -37.54
CA SER R 406 -37.83 -85.36 -37.32
C SER R 406 -38.56 -84.89 -36.06
N TYR R 407 -37.87 -84.22 -35.13
CA TYR R 407 -38.48 -83.71 -33.92
C TYR R 407 -39.39 -82.51 -34.21
N VAL R 408 -40.51 -82.44 -33.47
CA VAL R 408 -41.52 -81.40 -33.65
C VAL R 408 -41.07 -80.06 -33.07
N ASP R 409 -40.50 -80.04 -31.87
CA ASP R 409 -40.10 -78.77 -31.28
C ASP R 409 -38.89 -78.13 -31.98
N ARG R 410 -38.96 -76.79 -32.12
CA ARG R 410 -37.91 -76.01 -32.78
C ARG R 410 -36.56 -76.05 -32.04
N TRP R 411 -36.55 -75.73 -30.74
CA TRP R 411 -35.28 -75.76 -30.01
C TRP R 411 -34.70 -77.16 -29.93
N GLN R 412 -35.56 -78.17 -29.81
CA GLN R 412 -35.06 -79.54 -29.78
C GLN R 412 -34.49 -79.94 -31.13
N SER R 413 -35.18 -79.62 -32.22
CA SER R 413 -34.69 -79.93 -33.57
C SER R 413 -33.47 -79.09 -33.93
N ILE R 414 -33.50 -77.79 -33.60
CA ILE R 414 -32.39 -76.89 -33.86
C ILE R 414 -31.15 -77.28 -33.06
N THR R 415 -31.32 -77.54 -31.77
CA THR R 415 -30.19 -77.92 -30.92
C THR R 415 -29.55 -79.22 -31.41
N LEU R 416 -30.37 -80.20 -31.81
CA LEU R 416 -29.84 -81.46 -32.34
C LEU R 416 -29.07 -81.22 -33.65
N ALA R 417 -29.62 -80.41 -34.54
CA ALA R 417 -28.95 -80.08 -35.80
C ALA R 417 -27.61 -79.41 -35.55
N GLY R 418 -27.59 -78.43 -34.64
CA GLY R 418 -26.35 -77.73 -34.28
C GLY R 418 -25.30 -78.64 -33.65
N THR R 419 -25.74 -79.64 -32.88
CA THR R 419 -24.83 -80.59 -32.24
C THR R 419 -23.97 -81.34 -33.27
N ALA R 420 -24.53 -81.64 -34.44
CA ALA R 420 -23.77 -82.30 -35.51
C ALA R 420 -22.71 -81.38 -36.11
N VAL R 421 -23.07 -80.13 -36.39
CA VAL R 421 -22.15 -79.15 -36.99
C VAL R 421 -20.93 -78.93 -36.10
N ILE R 422 -21.11 -78.75 -34.79
CA ILE R 422 -19.99 -78.53 -33.87
C ILE R 422 -19.03 -79.73 -33.84
N ILE R 423 -19.55 -80.96 -33.92
CA ILE R 423 -18.69 -82.14 -33.94
C ILE R 423 -17.79 -82.11 -35.18
N ALA R 424 -18.38 -81.89 -36.35
CA ALA R 424 -17.62 -81.84 -37.60
C ALA R 424 -16.54 -80.75 -37.52
N ALA R 425 -16.92 -79.56 -37.07
CA ALA R 425 -15.99 -78.44 -36.93
C ALA R 425 -14.87 -78.75 -35.93
N ALA R 426 -15.21 -79.26 -34.75
CA ALA R 426 -14.23 -79.58 -33.72
C ALA R 426 -13.21 -80.61 -34.21
N VAL R 427 -13.65 -81.65 -34.92
CA VAL R 427 -12.73 -82.65 -35.46
C VAL R 427 -11.79 -81.99 -36.47
N CYS R 428 -12.35 -81.19 -37.37
CA CYS R 428 -11.56 -80.48 -38.37
C CYS R 428 -10.50 -79.59 -37.72
N VAL R 429 -10.87 -78.83 -36.69
CA VAL R 429 -9.91 -77.99 -35.98
C VAL R 429 -8.85 -78.82 -35.28
N ARG R 430 -9.22 -79.97 -34.70
CA ARG R 430 -8.22 -80.83 -34.05
C ARG R 430 -7.18 -81.31 -35.07
N TYR R 431 -7.63 -81.77 -36.24
CA TYR R 431 -6.75 -82.21 -37.31
C TYR R 431 -5.93 -81.08 -37.92
N ALA R 432 -6.20 -79.83 -37.55
CA ALA R 432 -5.47 -78.63 -37.99
C ALA R 432 -4.35 -78.25 -37.02
N LEU R 433 -4.66 -78.20 -35.73
CA LEU R 433 -3.68 -77.85 -34.71
C LEU R 433 -2.67 -78.97 -34.55
N GLU R 434 -3.14 -80.18 -34.35
CA GLU R 434 -2.25 -81.34 -34.28
C GLU R 434 -1.92 -81.77 -35.71
N LEU R 435 -0.67 -82.21 -35.91
CA LEU R 435 -0.18 -82.59 -37.25
C LEU R 435 -0.25 -81.39 -38.20
N SER R 436 0.16 -80.24 -37.67
CA SER R 436 0.17 -78.94 -38.35
C SER R 436 1.15 -78.88 -39.53
N SER R 437 0.72 -78.19 -40.58
CA SER R 437 1.51 -78.00 -41.80
C SER R 437 0.81 -76.95 -42.66
N PRO R 438 1.55 -76.27 -43.56
CA PRO R 438 0.93 -75.23 -44.40
C PRO R 438 -0.20 -75.76 -45.27
N LEU R 439 -0.03 -76.95 -45.84
CA LEU R 439 -1.09 -77.55 -46.65
C LEU R 439 -2.28 -77.91 -45.77
N ALA R 440 -2.01 -78.50 -44.60
CA ALA R 440 -3.06 -78.90 -43.66
C ALA R 440 -3.95 -77.72 -43.25
N VAL R 441 -3.37 -76.60 -42.82
CA VAL R 441 -4.19 -75.45 -42.43
C VAL R 441 -4.97 -74.90 -43.62
N SER R 442 -4.35 -74.89 -44.81
CA SER R 442 -5.02 -74.42 -46.02
C SER R 442 -6.22 -75.30 -46.35
N ILE R 443 -6.01 -76.62 -46.28
CA ILE R 443 -7.05 -77.63 -46.52
C ILE R 443 -8.15 -77.50 -45.48
N VAL R 444 -7.76 -77.39 -44.22
CA VAL R 444 -8.70 -77.21 -43.11
C VAL R 444 -9.59 -75.98 -43.33
N ALA R 445 -9.00 -74.84 -43.61
CA ALA R 445 -9.78 -73.62 -43.84
C ALA R 445 -10.81 -73.81 -44.96
N ALA R 446 -10.41 -74.39 -46.08
CA ALA R 446 -11.34 -74.63 -47.19
C ALA R 446 -12.50 -75.51 -46.75
N ILE R 447 -12.21 -76.60 -46.04
CA ILE R 447 -13.25 -77.51 -45.55
C ILE R 447 -14.15 -76.81 -44.53
N LEU R 448 -13.51 -76.17 -43.54
CA LEU R 448 -14.20 -75.46 -42.44
C LEU R 448 -15.11 -74.33 -42.92
N VAL R 449 -14.74 -73.61 -43.97
CA VAL R 449 -15.60 -72.54 -44.49
C VAL R 449 -16.68 -73.07 -45.44
N LEU R 450 -16.37 -74.02 -46.33
CA LEU R 450 -17.38 -74.54 -47.25
C LEU R 450 -18.44 -75.44 -46.58
N LEU R 451 -18.08 -76.21 -45.57
CA LEU R 451 -19.02 -77.11 -44.89
C LEU R 451 -20.29 -76.40 -44.44
N PRO R 452 -20.22 -75.38 -43.59
CA PRO R 452 -21.45 -74.68 -43.18
C PRO R 452 -22.08 -73.88 -44.31
N ALA R 453 -21.27 -73.34 -45.21
CA ALA R 453 -21.78 -72.60 -46.37
C ALA R 453 -22.67 -73.50 -47.23
N ALA R 454 -22.24 -74.74 -47.43
CA ALA R 454 -23.03 -75.73 -48.19
C ALA R 454 -24.34 -76.04 -47.47
N GLY R 455 -24.30 -76.20 -46.15
CA GLY R 455 -25.51 -76.44 -45.38
C GLY R 455 -26.52 -75.31 -45.53
N MET R 456 -26.06 -74.07 -45.44
CA MET R 456 -26.93 -72.92 -45.66
C MET R 456 -27.43 -72.89 -47.10
N ALA R 457 -26.54 -73.09 -48.06
CA ALA R 457 -26.92 -73.08 -49.48
C ALA R 457 -28.00 -74.10 -49.80
N ALA R 458 -27.91 -75.31 -49.25
CA ALA R 458 -28.94 -76.32 -49.50
C ALA R 458 -30.31 -75.85 -49.05
N ALA R 459 -30.39 -75.08 -47.97
CA ALA R 459 -31.66 -74.54 -47.49
C ALA R 459 -32.06 -73.25 -48.20
N ALA R 460 -31.11 -72.36 -48.46
CA ALA R 460 -31.44 -71.08 -49.08
C ALA R 460 -31.75 -71.20 -50.57
N HIS R 461 -31.03 -72.04 -51.31
CA HIS R 461 -31.28 -72.15 -52.75
C HIS R 461 -32.57 -72.94 -53.01
N GLN S 19 -106.32 -45.32 43.37
CA GLN S 19 -104.92 -45.08 43.72
C GLN S 19 -104.15 -46.40 43.71
N ALA S 20 -102.92 -46.37 43.20
CA ALA S 20 -102.12 -47.59 43.14
C ALA S 20 -100.65 -47.21 43.01
N VAL S 21 -99.79 -48.22 43.21
CA VAL S 21 -98.34 -48.05 43.08
C VAL S 21 -97.76 -49.34 42.50
N VAL S 22 -96.60 -49.21 41.86
CA VAL S 22 -95.89 -50.33 41.25
C VAL S 22 -94.46 -50.36 41.76
N VAL S 23 -93.99 -51.55 42.16
CA VAL S 23 -92.65 -51.70 42.75
C VAL S 23 -92.00 -52.99 42.28
N GLY S 24 -90.67 -52.99 42.31
CA GLY S 24 -89.85 -54.14 41.97
C GLY S 24 -89.67 -55.02 43.18
N VAL S 25 -90.35 -56.16 43.20
CA VAL S 25 -90.28 -57.13 44.29
C VAL S 25 -89.27 -58.22 43.97
N MET S 26 -88.20 -58.29 44.77
CA MET S 26 -87.16 -59.30 44.62
C MET S 26 -87.61 -60.61 45.26
N ALA S 27 -87.22 -61.73 44.65
CA ALA S 27 -87.60 -63.04 45.16
C ALA S 27 -86.39 -63.96 45.13
N GLY S 28 -86.63 -65.26 45.15
CA GLY S 28 -85.59 -66.27 45.19
C GLY S 28 -84.35 -66.09 44.34
N GLU S 29 -83.20 -66.24 44.99
CA GLU S 29 -81.87 -66.09 44.41
C GLU S 29 -81.67 -64.71 43.77
N GLY S 30 -82.55 -63.75 44.08
CA GLY S 30 -82.46 -62.41 43.57
C GLY S 30 -83.21 -62.11 42.28
N VAL S 31 -84.17 -62.94 41.89
CA VAL S 31 -84.91 -62.69 40.64
C VAL S 31 -85.78 -61.46 40.77
N GLN S 32 -85.62 -60.52 39.84
CA GLN S 32 -86.41 -59.28 39.82
C GLN S 32 -87.82 -59.51 39.25
N ILE S 33 -88.83 -59.11 40.01
CA ILE S 33 -90.23 -59.21 39.60
C ILE S 33 -90.93 -57.88 39.83
N GLY S 34 -91.84 -57.51 38.92
CA GLY S 34 -92.62 -56.28 39.02
C GLY S 34 -94.06 -56.57 39.42
N VAL S 35 -94.58 -55.78 40.37
CA VAL S 35 -95.94 -55.97 40.88
C VAL S 35 -96.65 -54.65 41.13
N LEU S 36 -97.99 -54.70 41.05
CA LEU S 36 -98.88 -53.57 41.28
C LEU S 36 -99.55 -53.73 42.64
N LEU S 37 -99.44 -52.70 43.49
CA LEU S 37 -100.00 -52.73 44.84
C LEU S 37 -100.89 -51.53 45.10
N ASP S 38 -101.83 -51.70 46.04
CA ASP S 38 -102.72 -50.61 46.42
C ASP S 38 -101.96 -49.54 47.22
N ALA S 39 -102.47 -48.30 47.15
CA ALA S 39 -101.84 -47.18 47.84
C ALA S 39 -102.20 -47.08 49.32
N ASN S 40 -103.46 -47.34 49.70
CA ASN S 40 -103.91 -47.15 51.07
C ASN S 40 -104.04 -48.41 51.93
N ALA S 41 -104.28 -49.59 51.35
CA ALA S 41 -104.36 -50.79 52.17
C ALA S 41 -103.01 -51.08 52.84
N PRO S 42 -103.01 -51.53 54.10
CA PRO S 42 -101.75 -51.82 54.79
C PRO S 42 -101.05 -53.07 54.26
N VAL S 43 -99.74 -53.10 54.49
CA VAL S 43 -98.86 -54.16 54.04
C VAL S 43 -99.32 -55.56 54.48
N SER S 44 -99.78 -55.70 55.72
CA SER S 44 -100.22 -57.01 56.22
C SER S 44 -101.36 -57.63 55.41
N VAL S 45 -102.32 -56.82 54.94
CA VAL S 45 -103.43 -57.37 54.16
C VAL S 45 -103.07 -57.73 52.73
N MET S 46 -101.88 -57.33 52.25
CA MET S 46 -101.43 -57.63 50.90
C MET S 46 -100.23 -58.56 50.80
N THR S 47 -99.44 -58.72 51.86
CA THR S 47 -98.28 -59.59 51.83
C THR S 47 -98.62 -61.07 51.65
N ASP S 48 -99.82 -61.49 52.01
CA ASP S 48 -100.28 -62.87 51.84
C ASP S 48 -100.63 -63.14 50.38
N PRO S 49 -101.56 -62.40 49.78
CA PRO S 49 -101.87 -62.63 48.35
C PRO S 49 -100.69 -62.37 47.43
N LEU S 50 -99.83 -61.41 47.77
CA LEU S 50 -98.63 -61.12 46.97
C LEU S 50 -97.71 -62.33 46.92
N LEU S 51 -97.62 -63.10 48.00
CA LEU S 51 -96.79 -64.30 48.02
C LEU S 51 -97.34 -65.36 47.07
N LYS S 52 -98.65 -65.43 46.93
CA LYS S 52 -99.30 -66.38 46.02
C LYS S 52 -98.96 -66.09 44.55
N VAL S 53 -99.14 -64.84 44.12
CA VAL S 53 -98.83 -64.47 42.73
C VAL S 53 -97.32 -64.59 42.46
N VAL S 54 -96.47 -64.24 43.43
CA VAL S 54 -95.03 -64.38 43.24
C VAL S 54 -94.66 -65.86 43.09
N ASN S 55 -95.25 -66.73 43.90
CA ASN S 55 -94.97 -68.16 43.78
C ASN S 55 -95.51 -68.69 42.44
N SER S 56 -96.71 -68.26 42.07
CA SER S 56 -97.32 -68.64 40.80
C SER S 56 -96.44 -68.23 39.62
N ARG S 57 -95.94 -66.99 39.63
CA ARG S 57 -95.07 -66.48 38.57
C ARG S 57 -93.72 -67.20 38.56
N LEU S 58 -93.17 -67.48 39.74
CA LEU S 58 -91.89 -68.19 39.83
C LEU S 58 -91.96 -69.53 39.09
N ARG S 59 -93.05 -70.28 39.28
CA ARG S 59 -93.21 -71.57 38.60
C ARG S 59 -93.24 -71.43 37.08
N GLU S 60 -93.79 -70.34 36.55
CA GLU S 60 -93.80 -70.16 35.10
C GLU S 60 -92.38 -69.91 34.59
N LEU S 61 -91.55 -69.27 35.40
CA LEU S 61 -90.16 -69.03 35.06
C LEU S 61 -89.32 -70.28 35.30
N GLY S 62 -89.90 -71.28 35.95
CA GLY S 62 -89.21 -72.51 36.28
C GLY S 62 -88.38 -72.44 37.54
N GLU S 63 -88.60 -71.42 38.35
CA GLU S 63 -87.89 -71.22 39.60
C GLU S 63 -88.71 -71.77 40.76
N ALA S 64 -88.03 -72.24 41.78
CA ALA S 64 -88.70 -72.78 42.96
C ALA S 64 -89.43 -71.68 43.73
N PRO S 65 -90.64 -71.93 44.22
CA PRO S 65 -91.37 -70.94 45.00
C PRO S 65 -90.68 -70.64 46.32
N LEU S 66 -91.05 -69.48 46.89
CA LEU S 66 -90.51 -69.08 48.19
C LEU S 66 -90.95 -70.08 49.26
N GLU S 67 -89.98 -70.61 50.00
CA GLU S 67 -90.23 -71.61 51.02
C GLU S 67 -89.16 -71.57 52.09
N ALA S 68 -89.56 -71.81 53.33
CA ALA S 68 -88.66 -71.79 54.47
C ALA S 68 -89.23 -72.67 55.59
N THR S 69 -88.36 -73.02 56.54
CA THR S 69 -88.72 -73.85 57.68
C THR S 69 -88.31 -73.18 58.98
N GLY S 70 -89.08 -73.43 60.02
CA GLY S 70 -88.87 -72.87 61.34
C GLY S 70 -89.96 -71.88 61.72
N ARG S 71 -89.94 -71.54 63.00
CA ARG S 71 -90.89 -70.58 63.56
C ARG S 71 -90.59 -69.17 63.06
N GLY S 72 -91.63 -68.50 62.55
CA GLY S 72 -91.46 -67.15 62.02
C GLY S 72 -92.62 -66.75 61.11
N ARG S 73 -92.33 -65.81 60.19
CA ARG S 73 -93.35 -65.32 59.27
C ARG S 73 -92.71 -64.67 58.04
N TRP S 74 -93.57 -64.41 57.04
CA TRP S 74 -93.22 -63.76 55.77
C TRP S 74 -93.64 -62.29 55.75
N ALA S 75 -92.74 -61.42 55.29
CA ALA S 75 -93.05 -59.99 55.21
C ALA S 75 -92.12 -59.32 54.20
N LEU S 76 -92.48 -58.08 53.85
CA LEU S 76 -91.68 -57.25 52.94
C LEU S 76 -90.57 -56.54 53.69
N CYS S 77 -89.40 -56.45 53.06
CA CYS S 77 -88.23 -55.83 53.66
C CYS S 77 -87.47 -54.97 52.65
N LEU S 78 -86.70 -54.03 53.21
CA LEU S 78 -85.81 -53.15 52.48
C LEU S 78 -84.48 -53.85 52.20
N VAL S 79 -83.64 -53.20 51.40
CA VAL S 79 -82.36 -53.79 51.02
C VAL S 79 -81.46 -54.09 52.20
N ASP S 80 -81.68 -53.46 53.35
CA ASP S 80 -80.85 -53.74 54.52
C ASP S 80 -81.47 -54.81 55.41
N GLY S 81 -82.62 -55.35 55.04
CA GLY S 81 -83.30 -56.36 55.81
C GLY S 81 -84.38 -55.85 56.75
N ALA S 82 -84.52 -54.54 56.89
CA ALA S 82 -85.53 -53.96 57.79
C ALA S 82 -86.95 -54.19 57.27
N PRO S 83 -87.83 -54.83 58.05
CA PRO S 83 -89.21 -55.03 57.60
C PRO S 83 -90.05 -53.76 57.67
N LEU S 84 -91.02 -53.67 56.77
CA LEU S 84 -91.96 -52.54 56.74
C LEU S 84 -93.01 -52.66 57.85
N ARG S 85 -93.69 -51.54 58.12
CA ARG S 85 -94.77 -51.54 59.12
C ARG S 85 -95.97 -52.31 58.61
N ALA S 86 -96.50 -53.21 59.45
CA ALA S 86 -97.62 -54.06 59.04
C ALA S 86 -98.99 -53.38 59.05
N THR S 87 -99.16 -52.28 59.77
CA THR S 87 -100.47 -51.63 59.89
C THR S 87 -100.61 -50.30 59.17
N GLN S 88 -99.64 -49.87 58.38
CA GLN S 88 -99.76 -48.57 57.72
C GLN S 88 -99.66 -48.66 56.20
N SER S 89 -100.35 -47.71 55.57
CA SER S 89 -100.41 -47.59 54.12
C SER S 89 -99.04 -47.36 53.49
N LEU S 90 -98.89 -47.86 52.26
CA LEU S 90 -97.70 -47.59 51.48
C LEU S 90 -97.59 -46.10 51.15
N THR S 91 -98.71 -45.39 51.24
CA THR S 91 -98.73 -43.94 51.04
C THR S 91 -98.32 -43.22 52.31
N GLU S 92 -98.39 -43.91 53.44
CA GLU S 92 -97.96 -43.35 54.72
C GLU S 92 -96.46 -43.51 54.81
N GLN S 93 -95.97 -44.69 54.42
CA GLN S 93 -94.55 -44.94 54.30
C GLN S 93 -94.08 -44.21 53.04
N ASP S 94 -92.76 -44.07 52.88
CA ASP S 94 -92.22 -43.37 51.70
C ASP S 94 -91.97 -44.32 50.52
N VAL S 95 -93.08 -44.78 49.94
CA VAL S 95 -93.06 -45.67 48.77
C VAL S 95 -93.73 -44.99 47.59
N TYR S 96 -93.08 -45.06 46.43
CA TYR S 96 -93.56 -44.48 45.18
C TYR S 96 -93.17 -45.41 44.04
N ASP S 97 -93.74 -45.14 42.86
CA ASP S 97 -93.48 -45.93 41.67
C ASP S 97 -91.99 -46.10 41.39
N GLY S 98 -91.59 -47.35 41.13
CA GLY S 98 -90.23 -47.72 40.81
C GLY S 98 -89.33 -48.10 41.99
N ASP S 99 -89.85 -48.07 43.21
CA ASP S 99 -89.04 -48.50 44.35
C ASP S 99 -88.83 -50.01 44.30
N ARG S 100 -87.82 -50.49 45.02
CA ARG S 100 -87.49 -51.90 45.08
C ARG S 100 -87.63 -52.44 46.50
N LEU S 101 -88.23 -53.63 46.62
CA LEU S 101 -88.48 -54.27 47.91
C LEU S 101 -88.20 -55.76 47.82
N TRP S 102 -87.93 -56.36 48.98
CA TRP S 102 -87.64 -57.78 49.12
C TRP S 102 -88.69 -58.48 49.98
N ILE S 103 -88.96 -59.75 49.64
CA ILE S 103 -89.83 -60.61 50.43
C ILE S 103 -88.90 -61.53 51.21
N ARG S 104 -89.06 -61.59 52.53
CA ARG S 104 -88.15 -62.35 53.36
C ARG S 104 -88.85 -63.06 54.52
N PHE S 105 -88.20 -64.13 54.99
CA PHE S 105 -88.67 -64.95 56.10
C PHE S 105 -88.05 -64.44 57.40
N ILE S 106 -88.88 -63.98 58.31
CA ILE S 106 -88.45 -63.44 59.61
C ILE S 106 -88.57 -64.53 60.66
N ALA S 107 -87.48 -65.27 60.86
CA ALA S 107 -87.44 -66.31 61.88
C ALA S 107 -87.36 -65.68 63.27
N ASP S 108 -87.83 -66.44 64.27
CA ASP S 108 -87.82 -65.96 65.65
C ASP S 108 -86.42 -65.57 66.14
N THR S 109 -85.39 -66.27 65.67
CA THR S 109 -83.99 -66.01 66.03
C THR S 109 -83.44 -64.66 65.56
N GLU S 110 -84.12 -63.96 64.65
CA GLU S 110 -83.65 -62.68 64.11
C GLU S 110 -83.42 -61.57 65.14
N ARG S 111 -82.21 -60.99 65.08
CA ARG S 111 -81.78 -59.83 65.86
C ARG S 111 -80.99 -58.90 64.93
N ARG S 112 -81.25 -57.58 65.01
CA ARG S 112 -80.57 -56.60 64.16
C ARG S 112 -79.85 -55.53 65.00
N SER S 113 -78.66 -55.13 64.50
CA SER S 113 -77.79 -54.18 65.21
C SER S 113 -78.42 -52.80 65.44
N GLN S 114 -78.91 -52.14 64.40
CA GLN S 114 -79.55 -50.83 64.52
C GLN S 114 -78.64 -49.77 65.17
N VAL S 115 -77.31 -49.85 65.00
CA VAL S 115 -76.37 -48.91 65.62
C VAL S 115 -75.32 -48.46 64.60
N ILE S 116 -74.92 -47.19 64.70
CA ILE S 116 -73.92 -46.55 63.83
C ILE S 116 -72.75 -46.00 64.65
N GLU S 117 -71.57 -45.96 64.03
CA GLU S 117 -70.34 -45.45 64.65
C GLU S 117 -69.58 -44.58 63.63
N HIS S 118 -68.81 -43.60 64.16
CA HIS S 118 -68.05 -42.64 63.37
C HIS S 118 -66.53 -42.74 63.41
N ILE S 119 -65.93 -42.83 62.21
CA ILE S 119 -64.48 -42.72 62.01
C ILE S 119 -64.29 -42.18 60.60
N SER S 120 -63.28 -41.32 60.43
CA SER S 120 -63.03 -40.71 59.12
C SER S 120 -62.74 -41.73 58.03
N THR S 121 -63.59 -41.73 57.00
CA THR S 121 -63.49 -42.64 55.86
C THR S 121 -62.17 -42.47 55.10
N ALA S 122 -61.64 -41.25 55.07
CA ALA S 122 -60.37 -40.96 54.42
C ALA S 122 -59.18 -41.61 55.10
N VAL S 123 -59.27 -41.90 56.39
CA VAL S 123 -58.18 -42.56 57.09
C VAL S 123 -58.35 -44.08 57.08
N ALA S 124 -59.57 -44.58 57.22
CA ALA S 124 -59.82 -46.02 57.17
C ALA S 124 -59.34 -46.61 55.85
N SER S 125 -59.67 -45.96 54.74
CA SER S 125 -59.24 -46.41 53.42
C SER S 125 -57.71 -46.40 53.29
N ASP S 126 -57.07 -45.35 53.80
CA ASP S 126 -55.61 -45.23 53.74
C ASP S 126 -54.90 -46.26 54.63
N LEU S 127 -55.36 -46.46 55.85
CA LEU S 127 -54.76 -47.42 56.78
C LEU S 127 -54.79 -48.86 56.29
N SER S 128 -55.68 -49.19 55.36
CA SER S 128 -55.72 -50.54 54.79
C SER S 128 -54.47 -50.88 53.99
N LYS S 129 -53.77 -49.88 53.46
CA LYS S 129 -52.57 -50.06 52.65
C LYS S 129 -51.33 -49.43 53.25
N ARG S 130 -51.47 -48.42 54.10
CA ARG S 130 -50.33 -47.72 54.68
C ARG S 130 -49.38 -48.68 55.40
N PHE S 131 -49.89 -49.76 55.99
CA PHE S 131 -49.04 -50.80 56.61
C PHE S 131 -49.85 -52.04 56.94
N ALA S 132 -49.35 -53.21 56.53
CA ALA S 132 -50.01 -54.50 56.76
C ALA S 132 -49.02 -55.65 56.55
N ARG S 133 -49.53 -56.89 56.67
CA ARG S 133 -48.77 -58.13 56.49
C ARG S 133 -48.29 -58.37 55.06
N ILE S 134 -47.37 -59.34 54.96
CA ILE S 134 -46.74 -59.78 53.71
C ILE S 134 -47.74 -60.45 52.77
N ASP S 135 -47.41 -60.41 51.47
CA ASP S 135 -48.13 -60.97 50.34
C ASP S 135 -47.28 -61.95 49.51
N PRO S 136 -47.91 -62.96 48.90
CA PRO S 136 -47.16 -63.95 48.10
C PRO S 136 -46.40 -63.36 46.91
N ILE S 137 -46.99 -62.35 46.25
CA ILE S 137 -46.35 -61.69 45.10
C ILE S 137 -45.04 -61.02 45.53
N VAL S 138 -45.06 -60.37 46.69
CA VAL S 138 -43.87 -59.72 47.24
C VAL S 138 -42.83 -60.78 47.60
N ALA S 139 -43.26 -61.88 48.22
CA ALA S 139 -42.36 -62.98 48.56
C ALA S 139 -41.67 -63.55 47.33
N VAL S 140 -42.41 -63.67 46.22
CA VAL S 140 -41.84 -64.14 44.95
C VAL S 140 -40.76 -63.19 44.45
N GLN S 141 -41.02 -61.89 44.48
CA GLN S 141 -40.00 -60.92 44.07
C GLN S 141 -38.76 -61.01 44.96
N VAL S 142 -38.94 -61.15 46.27
CA VAL S 142 -37.79 -61.31 47.16
C VAL S 142 -37.06 -62.61 46.82
N GLY S 143 -37.81 -63.67 46.56
CA GLY S 143 -37.21 -64.95 46.19
C GLY S 143 -36.38 -64.84 44.92
N ALA S 144 -36.93 -64.17 43.91
CA ALA S 144 -36.24 -63.97 42.64
C ALA S 144 -34.89 -63.27 42.84
N SER S 145 -34.85 -62.23 43.68
CA SER S 145 -33.62 -61.51 43.99
C SER S 145 -32.59 -62.39 44.70
N MET S 146 -33.02 -63.27 45.60
CA MET S 146 -32.10 -64.17 46.29
C MET S 146 -31.45 -65.19 45.35
N VAL S 147 -32.24 -65.86 44.51
CA VAL S 147 -31.67 -66.82 43.56
C VAL S 147 -30.75 -66.10 42.56
N ALA S 148 -31.10 -64.87 42.18
CA ALA S 148 -30.25 -64.06 41.30
C ALA S 148 -28.90 -63.76 41.97
N THR S 149 -28.91 -63.49 43.26
CA THR S 149 -27.69 -63.24 44.05
C THR S 149 -26.83 -64.50 44.14
N GLY S 150 -27.46 -65.66 44.26
CA GLY S 150 -26.77 -66.94 44.37
C GLY S 150 -25.88 -67.27 43.17
N VAL S 151 -26.41 -67.16 41.96
CA VAL S 151 -25.63 -67.45 40.75
C VAL S 151 -24.46 -66.49 40.56
N VAL S 152 -24.62 -65.20 40.84
CA VAL S 152 -23.49 -64.29 40.67
C VAL S 152 -22.36 -64.65 41.65
N LEU S 153 -22.70 -65.02 42.87
CA LEU S 153 -21.69 -65.45 43.85
C LEU S 153 -20.98 -66.73 43.40
N ALA S 154 -21.72 -67.67 42.82
CA ALA S 154 -21.14 -68.91 42.30
C ALA S 154 -20.16 -68.62 41.17
N THR S 155 -20.52 -67.75 40.23
CA THR S 155 -19.61 -67.34 39.15
C THR S 155 -18.40 -66.59 39.71
N GLY S 156 -18.56 -65.95 40.85
CA GLY S 156 -17.43 -65.27 41.50
C GLY S 156 -16.32 -66.22 41.91
N VAL S 157 -16.67 -67.32 42.59
CA VAL S 157 -15.66 -68.31 43.00
C VAL S 157 -15.11 -69.05 41.78
N LEU S 158 -15.96 -69.36 40.80
CA LEU S 158 -15.52 -70.03 39.57
C LEU S 158 -14.60 -69.13 38.77
N GLY S 159 -14.83 -67.83 38.80
CA GLY S 159 -13.99 -66.86 38.12
C GLY S 159 -12.67 -66.66 38.84
N TRP S 160 -12.72 -66.58 40.16
CA TRP S 160 -11.52 -66.46 40.98
C TRP S 160 -10.60 -67.67 40.77
N TRP S 161 -11.16 -68.85 40.56
CA TRP S 161 -10.34 -70.04 40.27
C TRP S 161 -9.58 -69.87 38.95
N ARG S 162 -10.25 -69.39 37.90
CA ARG S 162 -9.60 -69.17 36.60
C ARG S 162 -8.45 -68.17 36.67
N TRP S 163 -8.45 -67.30 37.67
CA TRP S 163 -7.34 -66.36 37.86
C TRP S 163 -6.11 -67.07 38.41
N HIS S 164 -6.30 -68.08 39.25
CA HIS S 164 -5.22 -68.85 39.86
C HIS S 164 -4.77 -70.06 39.05
N HIS S 165 -5.62 -70.67 38.24
CA HIS S 165 -5.27 -71.87 37.49
C HIS S 165 -5.71 -71.77 36.04
N ASN S 166 -4.98 -72.47 35.16
CA ASN S 166 -5.23 -72.47 33.72
C ASN S 166 -6.13 -73.62 33.25
N THR S 167 -6.70 -74.39 34.17
CA THR S 167 -7.53 -75.55 33.80
C THR S 167 -8.85 -75.15 33.15
N TRP S 168 -9.39 -76.07 32.34
CA TRP S 168 -10.66 -75.94 31.60
C TRP S 168 -11.92 -76.02 32.47
N LEU S 169 -11.77 -76.33 33.76
CA LEU S 169 -12.90 -76.47 34.68
C LEU S 169 -13.91 -75.31 34.64
N THR S 170 -13.44 -74.07 34.80
CA THR S 170 -14.33 -72.90 34.84
C THR S 170 -15.23 -72.74 33.62
N THR S 171 -14.72 -72.84 32.41
CA THR S 171 -15.60 -72.68 31.24
C THR S 171 -16.54 -73.88 31.11
N ILE S 172 -16.02 -75.09 31.29
CA ILE S 172 -16.81 -76.30 31.19
C ILE S 172 -17.96 -76.29 32.19
N TYR S 173 -17.64 -75.98 33.44
CA TYR S 173 -18.61 -75.93 34.54
C TYR S 173 -19.58 -74.74 34.48
N THR S 174 -19.13 -73.57 34.02
CA THR S 174 -20.02 -72.39 33.98
C THR S 174 -20.97 -72.36 32.79
N ALA S 175 -20.54 -72.87 31.63
CA ALA S 175 -21.40 -72.90 30.43
C ALA S 175 -22.73 -73.57 30.70
N VAL S 176 -22.71 -74.71 31.41
CA VAL S 176 -23.94 -75.43 31.77
C VAL S 176 -24.81 -74.61 32.75
N ILE S 177 -24.21 -73.90 33.69
CA ILE S 177 -24.99 -73.04 34.59
C ILE S 177 -25.70 -71.97 33.77
N GLY S 178 -24.97 -71.38 32.82
CA GLY S 178 -25.52 -70.36 31.94
C GLY S 178 -26.77 -70.80 31.22
N VAL S 179 -26.71 -71.93 30.54
CA VAL S 179 -27.85 -72.49 29.80
C VAL S 179 -29.05 -72.77 30.72
N LEU S 180 -28.84 -73.26 31.93
CA LEU S 180 -29.98 -73.53 32.81
C LEU S 180 -30.65 -72.23 33.28
N VAL S 181 -29.90 -71.27 33.81
CA VAL S 181 -30.48 -70.01 34.27
C VAL S 181 -31.13 -69.27 33.10
N LEU S 182 -30.49 -69.32 31.94
CA LEU S 182 -31.03 -68.71 30.73
C LEU S 182 -32.37 -69.35 30.34
N ALA S 183 -32.43 -70.68 30.36
CA ALA S 183 -33.66 -71.41 30.02
C ALA S 183 -34.80 -71.09 31.00
N VAL S 184 -34.51 -71.02 32.29
CA VAL S 184 -35.51 -70.67 33.30
C VAL S 184 -36.12 -69.31 32.99
N ALA S 185 -35.26 -68.31 32.73
CA ALA S 185 -35.69 -66.96 32.37
C ALA S 185 -36.48 -66.94 31.06
N MET S 186 -36.06 -67.71 30.08
CA MET S 186 -36.74 -67.79 28.78
C MET S 186 -38.20 -68.24 28.91
N LEU S 187 -38.52 -69.17 29.81
CA LEU S 187 -39.91 -69.58 30.00
C LEU S 187 -40.74 -68.45 30.63
N LEU S 188 -40.24 -67.82 31.68
CA LEU S 188 -40.95 -66.72 32.34
C LEU S 188 -41.24 -65.56 31.38
N LEU S 189 -40.31 -65.26 30.47
CA LEU S 189 -40.55 -64.19 29.49
C LEU S 189 -41.76 -64.49 28.62
N MET S 190 -42.00 -65.75 28.29
CA MET S 190 -43.17 -66.11 27.49
C MET S 190 -44.45 -66.12 28.32
N ARG S 191 -44.39 -66.62 29.56
CA ARG S 191 -45.57 -66.75 30.42
C ARG S 191 -46.02 -65.47 31.12
N ALA S 192 -45.12 -64.56 31.44
CA ALA S 192 -45.48 -63.34 32.18
C ALA S 192 -46.50 -62.47 31.47
N LYS S 193 -47.38 -61.84 32.28
CA LYS S 193 -48.45 -60.97 31.79
C LYS S 193 -48.54 -59.61 32.48
N THR S 194 -48.59 -59.55 33.81
CA THR S 194 -48.70 -58.28 34.52
C THR S 194 -47.33 -57.65 34.79
N ASP S 195 -47.36 -56.42 35.30
CA ASP S 195 -46.13 -55.67 35.61
C ASP S 195 -45.41 -56.28 36.81
N ALA S 196 -46.15 -56.67 37.85
CA ALA S 196 -45.55 -57.30 39.01
C ALA S 196 -44.91 -58.63 38.62
N ASP S 197 -45.44 -59.25 37.57
CA ASP S 197 -44.98 -60.51 36.99
C ASP S 197 -43.80 -60.29 36.05
N ARG S 198 -43.93 -59.37 35.09
CA ARG S 198 -42.84 -59.04 34.15
C ARG S 198 -41.57 -58.61 34.88
N ARG S 199 -41.69 -57.92 36.01
CA ARG S 199 -40.51 -57.51 36.78
C ARG S 199 -39.64 -58.72 37.13
N VAL S 200 -40.26 -59.84 37.50
CA VAL S 200 -39.54 -61.07 37.85
C VAL S 200 -38.77 -61.62 36.65
N ALA S 201 -39.41 -61.70 35.49
CA ALA S 201 -38.75 -62.20 34.28
C ALA S 201 -37.52 -61.35 33.92
N ASP S 202 -37.59 -60.04 34.09
CA ASP S 202 -36.46 -59.14 33.82
C ASP S 202 -35.26 -59.44 34.70
N ILE S 203 -35.46 -59.55 36.01
CA ILE S 203 -34.38 -59.85 36.95
C ILE S 203 -33.67 -61.15 36.58
N MET S 204 -34.43 -62.19 36.24
CA MET S 204 -33.85 -63.48 35.86
C MET S 204 -33.03 -63.39 34.57
N LEU S 205 -33.56 -62.75 33.53
CA LEU S 205 -32.82 -62.60 32.27
C LEU S 205 -31.51 -61.84 32.49
N MET S 206 -31.59 -60.71 33.15
CA MET S 206 -30.45 -59.86 33.47
C MET S 206 -29.38 -60.64 34.24
N SER S 207 -29.80 -61.54 35.14
CA SER S 207 -28.91 -62.39 35.92
C SER S 207 -28.22 -63.49 35.10
N ALA S 208 -28.85 -64.00 34.05
CA ALA S 208 -28.28 -65.06 33.21
C ALA S 208 -27.07 -64.62 32.36
N ILE S 209 -26.93 -63.33 32.04
CA ILE S 209 -25.84 -62.82 31.21
C ILE S 209 -24.45 -62.98 31.86
N MET S 210 -24.33 -62.87 33.18
CA MET S 210 -23.02 -63.00 33.84
C MET S 210 -22.37 -64.38 33.68
N PRO S 211 -23.02 -65.50 33.98
CA PRO S 211 -22.36 -66.80 33.77
C PRO S 211 -21.96 -67.02 32.32
N VAL S 212 -22.82 -66.70 31.36
CA VAL S 212 -22.51 -66.85 29.94
C VAL S 212 -21.29 -66.02 29.58
N THR S 213 -21.19 -64.80 30.12
CA THR S 213 -20.07 -63.89 29.86
C THR S 213 -18.74 -64.42 30.41
N VAL S 214 -18.67 -64.79 31.68
CA VAL S 214 -17.40 -65.29 32.23
C VAL S 214 -16.99 -66.61 31.58
N ALA S 215 -17.95 -67.42 31.17
CA ALA S 215 -17.65 -68.68 30.49
C ALA S 215 -16.90 -68.42 29.18
N ALA S 216 -17.33 -67.41 28.44
CA ALA S 216 -16.69 -67.02 27.19
C ALA S 216 -15.32 -66.38 27.42
N ALA S 217 -15.19 -65.58 28.47
CA ALA S 217 -13.92 -64.94 28.81
C ALA S 217 -12.86 -65.95 29.25
N ALA S 218 -13.23 -67.01 29.96
CA ALA S 218 -12.30 -68.01 30.45
C ALA S 218 -11.87 -69.05 29.41
N ALA S 219 -12.54 -69.13 28.28
CA ALA S 219 -12.19 -70.14 27.27
C ALA S 219 -10.75 -70.15 26.78
N PRO S 220 -10.09 -69.04 26.48
CA PRO S 220 -8.70 -69.11 26.00
C PRO S 220 -7.74 -69.68 27.04
N PRO S 221 -6.81 -70.51 26.60
CA PRO S 221 -5.82 -71.12 27.49
C PRO S 221 -4.70 -70.16 27.90
N GLY S 222 -3.94 -70.61 28.89
CA GLY S 222 -2.80 -69.87 29.41
C GLY S 222 -3.12 -68.77 30.41
N PRO S 223 -2.10 -67.99 30.76
CA PRO S 223 -2.30 -66.91 31.73
C PRO S 223 -3.32 -65.89 31.24
N VAL S 224 -4.01 -65.30 32.22
CA VAL S 224 -5.03 -64.30 31.98
C VAL S 224 -4.41 -62.97 31.57
N GLY S 225 -5.01 -62.35 30.55
CA GLY S 225 -4.54 -61.08 30.00
C GLY S 225 -5.44 -60.49 28.93
N SER S 226 -4.84 -59.87 27.92
CA SER S 226 -5.59 -59.23 26.83
C SER S 226 -6.56 -60.15 26.10
N PRO S 227 -6.18 -61.36 25.66
CA PRO S 227 -7.13 -62.20 24.92
C PRO S 227 -8.40 -62.56 25.68
N GLN S 228 -8.38 -62.62 27.00
CA GLN S 228 -9.60 -62.89 27.76
C GLN S 228 -10.57 -61.71 27.68
N ALA S 229 -10.05 -60.49 27.75
CA ALA S 229 -10.86 -59.27 27.69
C ALA S 229 -11.59 -59.09 26.36
N VAL S 230 -10.99 -59.49 25.25
CA VAL S 230 -11.63 -59.36 23.93
C VAL S 230 -12.92 -60.17 23.84
N LEU S 231 -12.92 -61.43 24.28
CA LEU S 231 -14.15 -62.24 24.26
C LEU S 231 -15.15 -61.83 25.33
N GLY S 232 -14.69 -61.60 26.55
CA GLY S 232 -15.56 -61.22 27.65
C GLY S 232 -16.42 -60.01 27.36
N PHE S 233 -15.80 -58.88 27.09
CA PHE S 233 -16.52 -57.65 26.77
C PHE S 233 -17.24 -57.74 25.43
N GLY S 234 -16.77 -58.56 24.51
CA GLY S 234 -17.42 -58.76 23.23
C GLY S 234 -18.79 -59.41 23.37
N VAL S 235 -18.89 -60.58 23.99
CA VAL S 235 -20.18 -61.27 24.17
C VAL S 235 -21.11 -60.47 25.07
N LEU S 236 -20.58 -59.76 26.05
CA LEU S 236 -21.38 -58.91 26.92
C LEU S 236 -22.06 -57.81 26.13
N THR S 237 -21.36 -57.24 25.15
CA THR S 237 -21.91 -56.20 24.27
C THR S 237 -23.08 -56.74 23.44
N VAL S 238 -22.90 -57.90 22.81
CA VAL S 238 -23.93 -58.52 21.98
C VAL S 238 -25.14 -58.96 22.80
N ALA S 239 -24.92 -59.62 23.94
CA ALA S 239 -26.03 -60.07 24.77
C ALA S 239 -26.94 -58.92 25.21
N ALA S 240 -26.37 -57.83 25.71
CA ALA S 240 -27.18 -56.69 26.14
C ALA S 240 -27.88 -56.01 24.97
N ALA S 241 -27.16 -55.79 23.87
CA ALA S 241 -27.74 -55.19 22.68
C ALA S 241 -28.86 -56.04 22.11
N LEU S 242 -28.69 -57.35 22.17
CA LEU S 242 -29.68 -58.31 21.69
C LEU S 242 -30.90 -58.37 22.61
N ALA S 243 -30.69 -58.49 23.92
CA ALA S 243 -31.79 -58.54 24.88
C ALA S 243 -32.67 -57.29 24.83
N LEU S 244 -32.07 -56.12 24.65
CA LEU S 244 -32.80 -54.85 24.57
C LEU S 244 -33.85 -54.82 23.46
N ARG S 245 -33.48 -55.21 22.24
CA ARG S 245 -34.45 -55.18 21.13
C ARG S 245 -35.64 -56.11 21.34
N PHE S 246 -35.40 -57.34 21.72
CA PHE S 246 -36.48 -58.31 21.90
C PHE S 246 -37.25 -58.16 23.20
N THR S 247 -36.68 -57.51 24.22
CA THR S 247 -37.39 -57.32 25.48
C THR S 247 -38.05 -55.95 25.56
N GLY S 248 -37.45 -54.91 25.00
CA GLY S 248 -38.07 -53.58 25.01
C GLY S 248 -38.35 -52.98 26.37
N ARG S 249 -37.47 -53.19 27.34
CA ARG S 249 -37.72 -52.74 28.70
C ARG S 249 -36.37 -52.53 29.38
N ARG S 250 -36.37 -51.78 30.48
CA ARG S 250 -35.15 -51.48 31.23
C ARG S 250 -34.08 -50.81 30.36
N LEU S 251 -34.54 -49.89 29.50
CA LEU S 251 -33.68 -49.17 28.53
C LEU S 251 -32.45 -48.51 29.14
N GLY S 252 -32.59 -47.92 30.32
CA GLY S 252 -31.48 -47.24 31.00
C GLY S 252 -30.29 -48.12 31.36
N ILE S 253 -30.55 -49.20 32.08
CA ILE S 253 -29.49 -50.13 32.51
C ILE S 253 -28.83 -50.83 31.32
N TYR S 254 -29.61 -51.40 30.40
CA TYR S 254 -29.02 -52.11 29.26
C TYR S 254 -28.18 -51.20 28.36
N THR S 255 -28.53 -49.93 28.21
CA THR S 255 -27.72 -49.02 27.40
C THR S 255 -26.36 -48.78 28.02
N THR S 256 -26.28 -48.75 29.34
CA THR S 256 -25.02 -48.54 30.06
C THR S 256 -24.04 -49.68 29.78
N ILE S 257 -24.52 -50.92 29.82
CA ILE S 257 -23.69 -52.11 29.58
C ILE S 257 -23.12 -52.13 28.16
N VAL S 258 -23.89 -51.68 27.18
CA VAL S 258 -23.40 -51.64 25.79
C VAL S 258 -22.24 -50.65 25.60
N ILE S 259 -22.29 -49.49 26.25
CA ILE S 259 -21.22 -48.48 26.11
C ILE S 259 -19.92 -48.92 26.79
N ILE S 260 -19.98 -49.37 28.03
CA ILE S 260 -18.76 -49.83 28.70
C ILE S 260 -18.18 -51.04 27.95
N GLY S 261 -19.04 -51.88 27.39
CA GLY S 261 -18.64 -53.05 26.62
C GLY S 261 -17.96 -52.72 25.30
N ALA S 262 -18.58 -51.93 24.44
CA ALA S 262 -18.02 -51.57 23.13
C ALA S 262 -16.69 -50.83 23.24
N LEU S 263 -16.60 -49.80 24.07
CA LEU S 263 -15.37 -49.03 24.24
C LEU S 263 -14.24 -49.88 24.83
N THR S 264 -14.54 -50.72 25.80
CA THR S 264 -13.51 -51.60 26.39
C THR S 264 -13.06 -52.67 25.40
N MET S 265 -13.97 -53.20 24.59
CA MET S 265 -13.61 -54.19 23.57
C MET S 265 -12.58 -53.64 22.59
N LEU S 266 -12.80 -52.44 22.06
CA LEU S 266 -11.87 -51.84 21.11
C LEU S 266 -10.52 -51.55 21.77
N ALA S 267 -10.51 -51.12 23.03
CA ALA S 267 -9.25 -50.88 23.71
C ALA S 267 -8.47 -52.18 23.91
N ALA S 268 -9.14 -53.22 24.37
CA ALA S 268 -8.53 -54.53 24.59
C ALA S 268 -8.06 -55.16 23.27
N LEU S 269 -8.83 -55.02 22.21
CA LEU S 269 -8.47 -55.55 20.90
C LEU S 269 -7.18 -54.93 20.36
N ALA S 270 -7.04 -53.61 20.43
CA ALA S 270 -5.82 -52.93 19.98
C ALA S 270 -4.61 -53.31 20.83
N ARG S 271 -4.79 -53.44 22.14
CA ARG S 271 -3.70 -53.83 23.03
C ARG S 271 -3.18 -55.22 22.68
N MET S 272 -4.08 -56.11 22.28
CA MET S 272 -3.76 -57.50 21.94
C MET S 272 -3.12 -57.64 20.55
N VAL S 273 -3.70 -57.00 19.55
CA VAL S 273 -3.20 -57.12 18.18
C VAL S 273 -1.98 -56.22 17.93
N ALA S 274 -2.02 -54.96 18.34
CA ALA S 274 -0.91 -54.04 18.06
C ALA S 274 0.04 -53.82 19.23
N ALA S 275 -0.19 -54.41 20.40
CA ALA S 275 0.69 -54.23 21.57
C ALA S 275 0.93 -52.76 21.91
N THR S 276 -0.05 -51.90 21.64
CA THR S 276 0.06 -50.47 21.89
C THR S 276 0.18 -50.15 23.38
N SER S 277 0.73 -48.97 23.66
CA SER S 277 1.01 -48.47 25.00
C SER S 277 -0.23 -48.07 25.79
N ALA S 278 -0.12 -48.19 27.12
CA ALA S 278 -1.21 -47.83 28.04
C ALA S 278 -1.57 -46.34 28.00
N VAL S 279 -0.57 -45.45 27.93
CA VAL S 279 -0.81 -44.01 27.90
C VAL S 279 -1.54 -43.59 26.63
N THR S 280 -1.31 -44.31 25.54
CA THR S 280 -1.98 -44.06 24.28
C THR S 280 -3.45 -44.47 24.31
N LEU S 281 -3.75 -45.62 24.89
CA LEU S 281 -5.14 -46.11 24.99
C LEU S 281 -5.98 -45.32 25.98
N LEU S 282 -5.45 -45.03 27.16
CA LEU S 282 -6.19 -44.25 28.16
C LEU S 282 -6.46 -42.81 27.70
N SER S 283 -5.49 -42.16 27.06
CA SER S 283 -5.69 -40.80 26.55
C SER S 283 -6.68 -40.78 25.38
N SER S 284 -6.66 -41.79 24.52
CA SER S 284 -7.60 -41.88 23.40
C SER S 284 -9.03 -42.07 23.87
N LEU S 285 -9.25 -42.90 24.89
CA LEU S 285 -10.60 -43.07 25.43
C LEU S 285 -11.11 -41.75 26.00
N LEU S 286 -10.23 -40.95 26.59
CA LEU S 286 -10.63 -39.66 27.09
C LEU S 286 -11.08 -38.73 25.95
N LEU S 287 -10.34 -38.70 24.85
CA LEU S 287 -10.71 -37.87 23.69
C LEU S 287 -11.99 -38.36 23.03
N ILE S 288 -12.20 -39.66 22.97
CA ILE S 288 -13.41 -40.24 22.39
C ILE S 288 -14.64 -39.91 23.25
N CYS S 289 -14.49 -39.97 24.58
CA CYS S 289 -15.56 -39.64 25.51
C CYS S 289 -15.91 -38.14 25.52
N VAL S 290 -14.95 -37.24 25.34
CA VAL S 290 -15.23 -35.81 25.31
C VAL S 290 -16.14 -35.42 24.13
N VAL S 291 -15.95 -35.99 22.95
CA VAL S 291 -16.84 -35.70 21.83
C VAL S 291 -18.19 -36.40 22.01
N ALA S 292 -18.20 -37.60 22.60
CA ALA S 292 -19.44 -38.31 22.84
C ALA S 292 -20.43 -37.51 23.68
N TYR S 293 -19.94 -36.76 24.66
CA TYR S 293 -20.82 -35.91 25.47
C TYR S 293 -21.54 -34.85 24.64
N HIS S 294 -21.00 -34.49 23.48
CA HIS S 294 -21.61 -33.53 22.58
C HIS S 294 -22.59 -34.16 21.60
N ALA S 295 -22.37 -35.40 21.22
CA ALA S 295 -23.25 -36.14 20.32
C ALA S 295 -24.45 -36.76 21.04
N ALA S 296 -24.36 -37.00 22.33
CA ALA S 296 -25.41 -37.66 23.14
C ALA S 296 -26.84 -37.25 22.86
N PRO S 297 -27.24 -35.97 22.89
CA PRO S 297 -28.64 -35.64 22.61
C PRO S 297 -29.10 -36.00 21.20
N ALA S 298 -28.27 -35.81 20.19
CA ALA S 298 -28.62 -36.16 18.81
C ALA S 298 -28.60 -37.68 18.62
N LEU S 299 -27.59 -38.34 19.17
CA LEU S 299 -27.49 -39.79 19.10
C LEU S 299 -28.67 -40.47 19.80
N SER S 300 -29.06 -39.96 20.96
CA SER S 300 -30.20 -40.47 21.70
C SER S 300 -31.52 -40.29 20.95
N ARG S 301 -31.67 -39.19 20.22
CA ARG S 301 -32.87 -38.89 19.45
C ARG S 301 -33.17 -39.93 18.35
N ARG S 302 -32.15 -40.41 17.63
CA ARG S 302 -32.40 -41.41 16.59
C ARG S 302 -32.67 -42.80 17.17
N LEU S 303 -32.02 -43.18 18.27
CA LEU S 303 -32.27 -44.49 18.86
C LEU S 303 -33.73 -44.61 19.29
N ALA S 304 -34.32 -43.53 19.76
CA ALA S 304 -35.71 -43.54 20.19
C ALA S 304 -36.71 -43.51 19.05
N GLY S 305 -36.27 -43.29 17.81
CA GLY S 305 -37.19 -43.26 16.68
C GLY S 305 -37.88 -41.95 16.37
N ILE S 306 -37.45 -40.83 16.95
CA ILE S 306 -38.04 -39.53 16.62
C ILE S 306 -37.72 -39.25 15.16
N ARG S 307 -38.73 -38.89 14.36
CA ARG S 307 -38.52 -38.62 12.94
C ARG S 307 -38.78 -37.16 12.58
N LEU S 308 -37.76 -36.47 12.07
CA LEU S 308 -37.93 -35.10 11.62
C LEU S 308 -38.69 -35.10 10.29
N PRO S 309 -39.51 -34.08 10.04
CA PRO S 309 -40.33 -34.08 8.82
C PRO S 309 -39.53 -34.11 7.51
N VAL S 310 -40.10 -34.82 6.53
CA VAL S 310 -39.52 -34.91 5.20
C VAL S 310 -39.94 -33.68 4.39
N PHE S 311 -38.94 -33.09 3.50
CA PHE S 311 -39.25 -31.89 2.72
C PHE S 311 -39.88 -32.23 1.36
N PRO S 312 -40.82 -31.38 0.87
CA PRO S 312 -41.50 -31.67 -0.41
C PRO S 312 -40.66 -31.57 -1.67
N SER S 313 -39.34 -31.42 -1.56
CA SER S 313 -38.43 -31.39 -2.72
C SER S 313 -38.92 -30.49 -3.87
N ALA S 314 -39.65 -29.41 -3.55
CA ALA S 314 -39.93 -28.33 -4.51
C ALA S 314 -40.59 -28.83 -5.80
N THR S 315 -41.57 -29.72 -5.68
CA THR S 315 -42.31 -30.16 -6.86
C THR S 315 -43.83 -30.21 -6.67
N SER S 316 -44.40 -29.55 -5.67
CA SER S 316 -45.85 -29.57 -5.50
C SER S 316 -46.32 -28.34 -4.71
N ARG S 317 -47.56 -27.93 -4.98
CA ARG S 317 -48.21 -26.81 -4.31
C ARG S 317 -48.87 -27.26 -3.01
N TRP S 318 -49.01 -26.33 -2.07
CA TRP S 318 -49.63 -26.65 -0.78
C TRP S 318 -51.14 -26.78 -0.92
N VAL S 319 -51.69 -27.86 -0.36
CA VAL S 319 -53.13 -28.12 -0.33
C VAL S 319 -53.63 -27.79 1.07
N PHE S 320 -54.35 -26.69 1.21
CA PHE S 320 -54.86 -26.27 2.50
C PHE S 320 -56.05 -27.09 2.99
N GLU S 321 -56.84 -27.68 2.10
CA GLU S 321 -58.07 -28.38 2.52
C GLU S 321 -58.19 -29.84 2.11
N ALA S 322 -57.25 -30.68 2.53
CA ALA S 322 -57.33 -32.12 2.34
C ALA S 322 -58.24 -32.72 3.43
N ARG S 323 -58.70 -33.95 3.21
CA ARG S 323 -59.53 -34.59 4.23
C ARG S 323 -58.76 -34.80 5.53
N PRO S 324 -59.30 -34.35 6.67
CA PRO S 324 -58.59 -34.51 7.94
C PRO S 324 -58.26 -35.95 8.27
N ASP S 325 -57.21 -36.14 9.07
CA ASP S 325 -56.75 -37.48 9.40
C ASP S 325 -57.72 -38.20 10.34
N LEU S 326 -57.93 -39.46 10.04
CA LEU S 326 -58.83 -40.35 10.76
C LEU S 326 -58.40 -40.64 12.20
N PRO S 327 -59.29 -40.52 13.20
CA PRO S 327 -58.93 -40.82 14.59
C PRO S 327 -58.73 -42.31 14.85
N THR S 328 -57.99 -42.61 15.92
CA THR S 328 -57.69 -43.98 16.37
C THR S 328 -58.47 -44.38 17.62
N THR S 329 -58.94 -45.63 17.63
CA THR S 329 -59.72 -46.26 18.70
C THR S 329 -58.85 -47.13 19.62
N VAL S 330 -59.21 -47.15 20.92
CA VAL S 330 -58.47 -47.91 21.93
C VAL S 330 -59.45 -48.68 22.81
N VAL S 331 -58.93 -49.70 23.50
CA VAL S 331 -59.73 -50.57 24.38
C VAL S 331 -59.01 -50.90 25.70
N VAL S 332 -59.82 -51.21 26.71
CA VAL S 332 -59.38 -51.59 28.05
C VAL S 332 -60.28 -52.72 28.54
N SER S 333 -59.68 -53.70 29.25
CA SER S 333 -60.43 -54.86 29.73
C SER S 333 -61.50 -54.48 30.75
N GLY S 334 -61.12 -53.77 31.81
CA GLY S 334 -62.09 -53.36 32.82
C GLY S 334 -63.08 -52.34 32.28
N GLY S 335 -62.57 -51.27 31.69
CA GLY S 335 -63.38 -50.26 31.05
C GLY S 335 -63.68 -50.70 29.62
N SER S 336 -64.43 -51.81 29.54
CA SER S 336 -64.74 -52.47 28.28
C SER S 336 -65.31 -51.57 27.19
N ALA S 337 -65.86 -50.42 27.52
CA ALA S 337 -66.37 -49.55 26.46
C ALA S 337 -65.21 -48.86 25.74
N PRO S 338 -65.05 -49.06 24.42
CA PRO S 338 -63.95 -48.41 23.70
C PRO S 338 -64.04 -46.90 23.70
N VAL S 339 -62.88 -46.26 23.45
CA VAL S 339 -62.72 -44.81 23.42
C VAL S 339 -61.79 -44.48 22.26
N LEU S 340 -61.77 -43.21 21.85
CA LEU S 340 -60.87 -42.73 20.80
C LEU S 340 -60.05 -41.54 21.29
N GLU S 341 -58.79 -41.44 20.82
CA GLU S 341 -57.90 -40.37 21.28
C GLU S 341 -56.89 -39.86 20.25
N GLY S 342 -57.36 -39.29 19.15
CA GLY S 342 -56.51 -38.68 18.14
C GLY S 342 -55.85 -39.56 17.08
N PRO S 343 -55.19 -38.91 16.11
CA PRO S 343 -54.52 -39.65 15.04
C PRO S 343 -53.25 -40.40 15.45
N SER S 344 -52.96 -41.44 14.66
CA SER S 344 -51.80 -42.28 14.88
C SER S 344 -50.49 -41.49 14.89
N SER S 345 -50.33 -40.56 13.94
CA SER S 345 -49.14 -39.73 13.82
C SER S 345 -48.83 -38.89 15.05
N VAL S 346 -49.85 -38.40 15.73
CA VAL S 346 -49.69 -37.56 16.92
C VAL S 346 -49.62 -38.39 18.21
N ARG S 347 -50.46 -39.40 18.30
CA ARG S 347 -50.57 -40.26 19.47
C ARG S 347 -49.27 -41.00 19.83
N ASP S 348 -48.44 -41.35 18.85
CA ASP S 348 -47.19 -42.08 19.11
C ASP S 348 -46.10 -41.24 19.80
N VAL S 349 -46.03 -39.94 19.54
CA VAL S 349 -44.98 -39.07 20.11
C VAL S 349 -44.87 -39.17 21.62
N LEU S 350 -45.98 -39.36 22.32
CA LEU S 350 -45.97 -39.43 23.79
C LEU S 350 -45.18 -40.62 24.34
N LEU S 351 -44.90 -41.63 23.52
CA LEU S 351 -44.08 -42.79 23.90
C LEU S 351 -42.63 -42.60 23.46
N GLN S 352 -42.41 -42.02 22.30
CA GLN S 352 -41.06 -41.77 21.77
C GLN S 352 -40.28 -40.86 22.70
N ALA S 353 -40.93 -39.81 23.22
CA ALA S 353 -40.28 -38.87 24.13
C ALA S 353 -39.78 -39.51 25.42
N GLU S 354 -40.54 -40.41 26.05
CA GLU S 354 -40.04 -41.05 27.27
C GLU S 354 -38.94 -42.06 27.01
N ARG S 355 -38.93 -42.67 25.83
CA ARG S 355 -37.86 -43.59 25.46
C ARG S 355 -36.57 -42.81 25.22
N ALA S 356 -36.67 -41.68 24.54
CA ALA S 356 -35.53 -40.80 24.30
C ALA S 356 -34.88 -40.36 25.61
N ARG S 357 -35.69 -39.99 26.60
CA ARG S 357 -35.19 -39.62 27.93
C ARG S 357 -34.46 -40.78 28.62
N SER S 358 -34.94 -42.01 28.47
CA SER S 358 -34.33 -43.20 29.08
C SER S 358 -32.98 -43.52 28.45
N PHE S 359 -32.86 -43.49 27.13
CA PHE S 359 -31.59 -43.72 26.45
C PHE S 359 -30.55 -42.68 26.89
N LEU S 360 -30.90 -41.41 26.88
CA LEU S 360 -29.98 -40.35 27.28
C LEU S 360 -29.47 -40.54 28.72
N SER S 361 -30.32 -40.98 29.64
CA SER S 361 -29.91 -41.20 31.04
C SER S 361 -28.85 -42.30 31.16
N GLY S 362 -29.02 -43.37 30.41
CA GLY S 362 -28.05 -44.46 30.40
C GLY S 362 -26.76 -44.06 29.70
N LEU S 363 -26.88 -43.40 28.57
CA LEU S 363 -25.76 -42.91 27.78
C LEU S 363 -24.82 -42.01 28.59
N LEU S 364 -25.35 -41.09 29.40
CA LEU S 364 -24.51 -40.25 30.26
C LEU S 364 -23.82 -41.05 31.38
N THR S 365 -24.49 -42.05 31.94
CA THR S 365 -23.92 -42.86 33.01
C THR S 365 -22.76 -43.73 32.51
N GLY S 366 -22.90 -44.33 31.35
CA GLY S 366 -21.85 -45.16 30.77
C GLY S 366 -20.59 -44.37 30.49
N LEU S 367 -20.74 -43.17 29.92
CA LEU S 367 -19.61 -42.28 29.66
C LEU S 367 -19.00 -41.80 30.98
N GLY S 368 -19.84 -41.56 31.98
CA GLY S 368 -19.37 -41.15 33.30
C GLY S 368 -18.42 -42.15 33.94
N VAL S 369 -18.76 -43.44 33.87
CA VAL S 369 -17.91 -44.51 34.40
C VAL S 369 -16.56 -44.54 33.69
N MET S 370 -16.54 -44.42 32.37
CA MET S 370 -15.28 -44.46 31.61
C MET S 370 -14.31 -43.33 31.96
N VAL S 371 -14.77 -42.09 32.10
CA VAL S 371 -13.84 -40.98 32.40
C VAL S 371 -13.21 -41.09 33.79
N VAL S 372 -13.94 -41.50 34.81
CA VAL S 372 -13.32 -41.64 36.13
C VAL S 372 -12.29 -42.77 36.16
N VAL S 373 -12.55 -43.86 35.45
CA VAL S 373 -11.60 -44.98 35.38
C VAL S 373 -10.35 -44.62 34.58
N CYS S 374 -10.50 -43.85 33.51
CA CYS S 374 -9.38 -43.41 32.68
C CYS S 374 -8.52 -42.33 33.35
N MET S 375 -9.15 -41.31 33.92
CA MET S 375 -8.44 -40.20 34.54
C MET S 375 -7.62 -40.63 35.77
N THR S 376 -8.21 -41.40 36.68
CA THR S 376 -7.49 -41.88 37.87
C THR S 376 -6.32 -42.78 37.53
N SER S 377 -6.26 -43.32 36.32
CA SER S 377 -5.16 -44.17 35.88
C SER S 377 -4.04 -43.37 35.23
N LEU S 378 -4.35 -42.24 34.60
CA LEU S 378 -3.31 -41.41 34.00
C LEU S 378 -2.59 -40.61 35.07
N CYS S 379 -3.32 -40.03 36.02
CA CYS S 379 -2.70 -39.29 37.11
C CYS S 379 -1.92 -40.28 37.94
N ASP S 380 -0.61 -40.09 38.04
CA ASP S 380 0.26 -40.99 38.77
C ASP S 380 1.34 -40.21 39.52
N PRO S 381 1.60 -40.55 40.78
CA PRO S 381 2.57 -39.79 41.59
C PRO S 381 4.03 -40.08 41.33
N HIS S 382 4.40 -41.10 40.55
CA HIS S 382 5.81 -41.43 40.32
C HIS S 382 6.23 -41.17 38.89
N THR S 383 5.30 -41.13 37.95
CA THR S 383 5.61 -40.89 36.55
C THR S 383 6.21 -39.50 36.37
N GLY S 384 7.26 -39.41 35.56
CA GLY S 384 7.90 -38.14 35.31
C GLY S 384 6.93 -37.11 34.77
N GLN S 385 7.16 -35.84 35.15
CA GLN S 385 6.29 -34.71 34.78
C GLN S 385 4.89 -34.85 35.38
N ARG S 386 4.89 -35.15 36.67
CA ARG S 386 3.76 -35.40 37.55
C ARG S 386 2.61 -34.39 37.38
N TRP S 387 2.93 -33.14 37.10
CA TRP S 387 1.95 -32.07 36.92
C TRP S 387 1.19 -32.07 35.58
N LEU S 388 1.71 -32.67 34.52
CA LEU S 388 1.02 -32.64 33.23
C LEU S 388 -0.34 -33.36 33.24
N PRO S 389 -0.42 -34.63 33.61
CA PRO S 389 -1.74 -35.30 33.67
C PRO S 389 -2.65 -34.76 34.75
N LEU S 390 -2.09 -34.15 35.78
CA LEU S 390 -2.88 -33.60 36.89
C LEU S 390 -3.65 -32.34 36.49
N ILE S 391 -3.06 -31.47 35.67
CA ILE S 391 -3.77 -30.29 35.16
C ILE S 391 -4.87 -30.67 34.17
N LEU S 392 -4.64 -31.68 33.36
CA LEU S 392 -5.64 -32.16 32.39
C LEU S 392 -6.87 -32.70 33.11
N ALA S 393 -6.67 -33.34 34.25
CA ALA S 393 -7.76 -33.83 35.11
C ALA S 393 -8.54 -32.68 35.71
N GLY S 394 -7.90 -31.52 35.85
CA GLY S 394 -8.56 -30.33 36.38
C GLY S 394 -9.52 -29.70 35.39
N PHE S 395 -9.05 -29.39 34.19
CA PHE S 395 -9.91 -28.82 33.14
C PHE S 395 -11.08 -29.72 32.80
N THR S 396 -10.88 -31.04 32.78
CA THR S 396 -11.97 -31.97 32.50
C THR S 396 -13.07 -31.88 33.56
N SER S 397 -12.69 -31.83 34.84
CA SER S 397 -13.66 -31.68 35.93
C SER S 397 -14.41 -30.35 35.83
N GLY S 398 -13.73 -29.28 35.44
CA GLY S 398 -14.37 -27.98 35.27
C GLY S 398 -15.43 -27.98 34.17
N PHE S 399 -15.11 -28.55 33.02
CA PHE S 399 -16.05 -28.66 31.91
C PHE S 399 -17.29 -29.47 32.31
N LEU S 400 -17.12 -30.65 32.90
CA LEU S 400 -18.26 -31.47 33.32
C LEU S 400 -19.13 -30.78 34.38
N LEU S 401 -18.52 -30.12 35.36
CA LEU S 401 -19.30 -29.45 36.40
C LEU S 401 -20.15 -28.31 35.86
N LEU S 402 -19.63 -27.53 34.91
CA LEU S 402 -20.40 -26.43 34.32
C LEU S 402 -21.45 -26.93 33.32
N ARG S 403 -21.20 -28.04 32.63
CA ARG S 403 -22.17 -28.60 31.69
C ARG S 403 -23.46 -28.99 32.39
N GLY S 404 -23.40 -29.30 33.66
CA GLY S 404 -24.57 -29.67 34.43
C GLY S 404 -25.77 -28.72 34.36
N ARG S 405 -25.55 -27.43 34.13
CA ARG S 405 -26.68 -26.53 34.08
C ARG S 405 -27.53 -26.66 32.82
N SER S 406 -27.02 -27.27 31.76
CA SER S 406 -27.84 -27.42 30.56
C SER S 406 -28.93 -28.46 30.71
N TYR S 407 -28.80 -29.39 31.66
CA TYR S 407 -29.77 -30.46 31.86
C TYR S 407 -30.72 -30.11 33.01
N VAL S 408 -32.02 -30.09 32.69
CA VAL S 408 -33.06 -29.74 33.65
C VAL S 408 -33.60 -30.92 34.44
N ASP S 409 -33.59 -32.12 33.88
CA ASP S 409 -34.08 -33.29 34.60
C ASP S 409 -33.26 -33.50 35.86
N ARG S 410 -33.93 -33.94 36.93
CA ARG S 410 -33.31 -34.16 38.24
C ARG S 410 -32.10 -35.08 38.21
N TRP S 411 -32.28 -36.34 37.84
CA TRP S 411 -31.18 -37.31 37.86
C TRP S 411 -30.14 -37.07 36.77
N GLN S 412 -30.53 -36.58 35.60
CA GLN S 412 -29.55 -36.31 34.55
C GLN S 412 -28.54 -35.24 34.95
N SER S 413 -28.97 -34.20 35.65
CA SER S 413 -28.06 -33.15 36.11
C SER S 413 -27.17 -33.61 37.28
N ILE S 414 -27.73 -34.33 38.25
CA ILE S 414 -26.95 -34.82 39.40
C ILE S 414 -25.80 -35.73 38.97
N THR S 415 -26.02 -36.61 37.99
CA THR S 415 -24.96 -37.51 37.53
C THR S 415 -23.77 -36.75 36.95
N LEU S 416 -23.99 -35.62 36.29
CA LEU S 416 -22.91 -34.82 35.71
C LEU S 416 -22.07 -34.14 36.81
N ALA S 417 -22.73 -33.54 37.80
CA ALA S 417 -22.03 -32.92 38.92
C ALA S 417 -21.32 -33.98 39.76
N GLY S 418 -22.01 -35.09 40.01
CA GLY S 418 -21.42 -36.22 40.73
C GLY S 418 -20.20 -36.81 40.06
N THR S 419 -20.20 -36.88 38.73
CA THR S 419 -19.05 -37.36 37.98
C THR S 419 -17.85 -36.43 38.12
N ALA S 420 -18.06 -35.13 38.13
CA ALA S 420 -16.97 -34.16 38.29
C ALA S 420 -16.34 -34.26 39.68
N VAL S 421 -17.14 -34.41 40.71
CA VAL S 421 -16.68 -34.52 42.10
C VAL S 421 -15.91 -35.81 42.35
N ILE S 422 -16.41 -36.95 41.89
CA ILE S 422 -15.72 -38.23 42.10
C ILE S 422 -14.35 -38.29 41.43
N ILE S 423 -14.14 -37.62 40.30
CA ILE S 423 -12.80 -37.61 39.70
C ILE S 423 -11.82 -36.97 40.68
N ALA S 424 -12.17 -35.82 41.24
CA ALA S 424 -11.32 -35.13 42.19
C ALA S 424 -11.04 -35.98 43.43
N ALA S 425 -12.08 -36.53 44.05
CA ALA S 425 -11.93 -37.37 45.23
C ALA S 425 -11.05 -38.60 44.97
N ALA S 426 -11.27 -39.29 43.85
CA ALA S 426 -10.49 -40.48 43.51
C ALA S 426 -9.02 -40.19 43.26
N VAL S 427 -8.68 -39.06 42.64
CA VAL S 427 -7.29 -38.70 42.39
C VAL S 427 -6.57 -38.31 43.68
N CYS S 428 -7.25 -37.69 44.64
CA CYS S 428 -6.63 -37.36 45.93
C CYS S 428 -6.24 -38.62 46.70
N VAL S 429 -7.15 -39.58 46.83
CA VAL S 429 -6.89 -40.84 47.54
C VAL S 429 -5.72 -41.58 46.90
N ARG S 430 -5.66 -41.63 45.58
CA ARG S 430 -4.56 -42.28 44.88
C ARG S 430 -3.21 -41.73 45.32
N TYR S 431 -3.12 -40.43 45.58
CA TYR S 431 -1.90 -39.75 46.03
C TYR S 431 -1.58 -39.96 47.50
N ALA S 432 -2.49 -40.51 48.28
CA ALA S 432 -2.27 -40.80 49.71
C ALA S 432 -1.76 -42.21 49.94
N LEU S 433 -2.41 -43.21 49.34
CA LEU S 433 -1.99 -44.60 49.54
C LEU S 433 -0.61 -44.81 48.94
N GLU S 434 -0.39 -44.35 47.73
CA GLU S 434 0.96 -44.39 47.19
C GLU S 434 1.67 -43.09 47.60
N LEU S 435 2.98 -43.04 47.42
CA LEU S 435 3.74 -41.83 47.75
C LEU S 435 3.43 -41.32 49.16
N SER S 436 3.32 -42.25 50.09
CA SER S 436 2.97 -41.98 51.49
C SER S 436 3.99 -41.10 52.19
N SER S 437 3.50 -40.06 52.90
CA SER S 437 4.27 -39.08 53.66
C SER S 437 3.30 -38.14 54.38
N PRO S 438 3.74 -37.48 55.46
CA PRO S 438 2.82 -36.61 56.22
C PRO S 438 2.21 -35.45 55.44
N LEU S 439 2.92 -34.85 54.49
CA LEU S 439 2.33 -33.76 53.70
C LEU S 439 1.13 -34.25 52.89
N ALA S 440 1.34 -35.28 52.07
CA ALA S 440 0.28 -35.81 51.21
C ALA S 440 -0.98 -36.17 51.99
N VAL S 441 -0.87 -36.98 53.04
CA VAL S 441 -2.06 -37.34 53.82
C VAL S 441 -2.67 -36.11 54.51
N SER S 442 -1.85 -35.16 54.92
CA SER S 442 -2.35 -33.95 55.56
C SER S 442 -3.08 -33.05 54.56
N ILE S 443 -2.49 -32.83 53.40
CA ILE S 443 -3.07 -32.02 52.32
C ILE S 443 -4.33 -32.69 51.75
N VAL S 444 -4.25 -33.98 51.45
CA VAL S 444 -5.39 -34.73 50.92
C VAL S 444 -6.58 -34.66 51.88
N ALA S 445 -6.35 -34.87 53.17
CA ALA S 445 -7.45 -34.78 54.13
C ALA S 445 -8.06 -33.38 54.14
N ALA S 446 -7.26 -32.35 53.88
CA ALA S 446 -7.76 -30.98 53.81
C ALA S 446 -8.65 -30.77 52.59
N ILE S 447 -8.13 -31.06 51.40
CA ILE S 447 -8.88 -30.89 50.15
C ILE S 447 -10.17 -31.69 50.18
N LEU S 448 -10.08 -32.95 50.56
CA LEU S 448 -11.19 -33.89 50.59
C LEU S 448 -12.38 -33.47 51.47
N VAL S 449 -12.18 -32.62 52.48
CA VAL S 449 -13.28 -32.12 53.31
C VAL S 449 -13.67 -30.68 52.97
N LEU S 450 -12.70 -29.83 52.63
CA LEU S 450 -12.98 -28.44 52.28
C LEU S 450 -13.68 -28.30 50.92
N LEU S 451 -13.26 -29.08 49.93
CA LEU S 451 -13.82 -29.02 48.58
C LEU S 451 -15.34 -29.22 48.52
N PRO S 452 -15.90 -30.33 49.03
CA PRO S 452 -17.36 -30.48 49.01
C PRO S 452 -18.08 -29.52 49.94
N ALA S 453 -17.44 -29.09 51.02
CA ALA S 453 -18.04 -28.13 51.95
C ALA S 453 -18.28 -26.79 51.26
N ALA S 454 -17.33 -26.35 50.44
CA ALA S 454 -17.47 -25.12 49.67
C ALA S 454 -18.66 -25.22 48.71
N GLY S 455 -18.83 -26.40 48.11
CA GLY S 455 -19.96 -26.66 47.23
C GLY S 455 -21.31 -26.61 47.92
N MET S 456 -21.41 -27.16 49.13
CA MET S 456 -22.68 -27.11 49.86
C MET S 456 -23.07 -25.67 50.18
N ALA S 457 -22.12 -24.84 50.58
CA ALA S 457 -22.42 -23.43 50.83
C ALA S 457 -22.91 -22.75 49.56
N ALA S 458 -22.21 -22.94 48.44
CA ALA S 458 -22.59 -22.38 47.15
C ALA S 458 -23.97 -22.87 46.70
N ALA S 459 -24.27 -24.14 46.92
CA ALA S 459 -25.57 -24.71 46.55
C ALA S 459 -26.72 -24.11 47.36
N ALA S 460 -26.52 -23.83 48.64
CA ALA S 460 -27.54 -23.23 49.50
C ALA S 460 -27.68 -21.72 49.35
N HIS S 461 -26.62 -21.00 49.01
CA HIS S 461 -26.61 -19.54 48.87
C HIS S 461 -26.96 -18.99 47.49
N VAL S 462 -26.51 -19.62 46.41
CA VAL S 462 -26.75 -19.06 45.08
C VAL S 462 -28.20 -18.87 44.69
N PRO S 463 -29.11 -19.83 44.89
CA PRO S 463 -30.48 -19.62 44.43
C PRO S 463 -31.22 -18.41 44.99
N HIS S 464 -30.88 -17.81 46.14
CA HIS S 464 -31.65 -16.67 46.61
C HIS S 464 -31.01 -15.30 46.38
N THR S 465 -29.90 -15.21 45.66
CA THR S 465 -29.22 -13.94 45.40
C THR S 465 -29.45 -13.42 43.98
N ILE S 466 -29.06 -12.16 43.77
CA ILE S 466 -29.14 -11.49 42.48
C ILE S 466 -27.69 -11.20 42.06
N TYR S 467 -27.36 -11.51 40.81
CA TYR S 467 -26.02 -11.30 40.29
C TYR S 467 -25.96 -10.39 39.08
N SER S 468 -24.87 -9.64 39.02
CA SER S 468 -24.61 -8.71 37.94
C SER S 468 -24.53 -9.42 36.60
N PRO S 469 -25.12 -8.86 35.54
CA PRO S 469 -25.02 -9.47 34.22
C PRO S 469 -23.60 -9.74 33.75
N LEU S 470 -22.66 -8.90 34.14
CA LEU S 470 -21.25 -9.07 33.77
C LEU S 470 -20.64 -10.30 34.43
N PHE S 471 -21.16 -10.74 35.57
CA PHE S 471 -20.69 -11.96 36.22
C PHE S 471 -21.33 -13.19 35.58
N ARG S 472 -22.62 -13.12 35.28
CA ARG S 472 -23.32 -14.21 34.60
C ARG S 472 -22.67 -14.50 33.24
N LYS S 473 -22.32 -13.46 32.50
CA LYS S 473 -21.64 -13.57 31.22
C LYS S 473 -20.22 -14.11 31.37
N PHE S 474 -19.59 -13.89 32.51
CA PHE S 474 -18.24 -14.41 32.78
C PHE S 474 -18.21 -15.90 33.09
N VAL S 475 -19.15 -16.44 33.89
CA VAL S 475 -19.13 -17.87 34.19
C VAL S 475 -19.41 -18.69 32.94
N GLU S 476 -20.19 -18.15 32.01
CA GLU S 476 -20.44 -18.84 30.74
C GLU S 476 -19.14 -19.15 30.01
N TRP S 477 -18.24 -18.17 29.92
CA TRP S 477 -16.96 -18.31 29.25
C TRP S 477 -15.99 -19.26 29.95
N ILE S 478 -16.23 -19.67 31.18
CA ILE S 478 -15.30 -20.60 31.83
C ILE S 478 -15.39 -21.97 31.16
N GLU S 479 -16.59 -22.39 30.75
CA GLU S 479 -16.73 -23.68 30.09
C GLU S 479 -15.96 -23.72 28.77
N TYR S 480 -16.04 -22.65 27.99
CA TYR S 480 -15.32 -22.57 26.71
C TYR S 480 -13.81 -22.58 26.92
N LEU S 481 -13.35 -21.88 27.94
CA LEU S 481 -11.93 -21.86 28.30
C LEU S 481 -11.46 -23.19 28.86
N CYS S 482 -12.37 -24.01 29.38
CA CYS S 482 -12.01 -25.34 29.85
C CYS S 482 -11.91 -26.36 28.70
N LEU S 483 -12.69 -26.21 27.63
CA LEU S 483 -12.64 -27.13 26.49
C LEU S 483 -11.43 -26.88 25.58
N MET S 484 -11.17 -25.63 25.22
CA MET S 484 -10.08 -25.32 24.29
C MET S 484 -8.74 -25.99 24.57
N PRO S 485 -8.27 -26.16 25.81
CA PRO S 485 -6.97 -26.81 26.04
C PRO S 485 -6.93 -28.34 26.04
N ILE S 486 -8.06 -29.06 26.06
CA ILE S 486 -8.05 -30.53 26.18
C ILE S 486 -7.26 -31.22 25.07
N PHE S 487 -7.61 -31.01 23.79
CA PHE S 487 -6.87 -31.69 22.72
C PHE S 487 -5.40 -31.33 22.65
N PRO S 488 -4.98 -30.06 22.69
CA PRO S 488 -3.55 -29.76 22.68
C PRO S 488 -2.78 -30.38 23.84
N LEU S 489 -3.40 -30.54 25.01
CA LEU S 489 -2.76 -31.18 26.16
C LEU S 489 -2.73 -32.71 26.05
N ALA S 490 -3.81 -33.34 25.59
CA ALA S 490 -3.84 -34.79 25.44
C ALA S 490 -2.79 -35.28 24.44
N LEU S 491 -2.66 -34.63 23.29
CA LEU S 491 -1.67 -35.01 22.29
C LEU S 491 -0.24 -34.83 22.81
N TRP S 492 -0.03 -33.91 23.74
CA TRP S 492 1.28 -33.71 24.36
C TRP S 492 1.56 -34.84 25.34
N LEU S 493 0.57 -35.23 26.12
CA LEU S 493 0.71 -36.34 27.07
C LEU S 493 0.94 -37.64 26.31
N MET S 494 0.30 -37.82 25.16
CA MET S 494 0.51 -38.98 24.30
C MET S 494 1.88 -38.95 23.61
N ASN S 495 2.60 -37.83 23.67
CA ASN S 495 3.91 -37.67 23.03
C ASN S 495 3.90 -37.64 21.50
N VAL S 496 2.84 -37.09 20.91
CA VAL S 496 2.69 -37.03 19.45
C VAL S 496 3.63 -36.01 18.81
N TYR S 497 3.78 -34.83 19.41
CA TYR S 497 4.62 -33.78 18.82
C TYR S 497 6.08 -34.20 18.66
N ALA S 498 6.66 -34.84 19.67
CA ALA S 498 8.03 -35.31 19.55
C ALA S 498 8.17 -36.34 18.42
N ALA S 499 7.24 -37.28 18.33
CA ALA S 499 7.27 -38.30 17.30
C ALA S 499 7.24 -37.73 15.88
N ILE S 500 6.54 -36.62 15.65
CA ILE S 500 6.50 -35.97 14.35
C ILE S 500 7.76 -35.13 14.10
N ARG S 501 8.28 -34.47 15.13
CA ARG S 501 9.48 -33.64 14.96
C ARG S 501 10.75 -34.45 14.72
N TYR S 502 10.78 -35.73 15.11
CA TYR S 502 11.95 -36.59 14.96
C TYR S 502 11.70 -37.75 14.02
N ARG S 503 11.05 -37.51 12.90
CA ARG S 503 10.78 -38.59 11.96
C ARG S 503 12.02 -39.41 11.68
N PRO T 18 -77.51 -68.78 54.29
CA PRO T 18 -76.68 -68.40 53.15
C PRO T 18 -77.39 -67.44 52.21
N GLN T 19 -78.65 -67.14 52.49
CA GLN T 19 -79.41 -66.23 51.64
C GLN T 19 -79.02 -64.78 51.83
N ALA T 20 -78.35 -64.43 52.93
CA ALA T 20 -77.98 -63.04 53.18
C ALA T 20 -76.68 -62.99 53.97
N VAL T 21 -76.01 -61.83 53.90
CA VAL T 21 -74.76 -61.58 54.61
C VAL T 21 -74.83 -60.20 55.26
N VAL T 22 -74.30 -60.09 56.48
CA VAL T 22 -74.25 -58.84 57.22
C VAL T 22 -72.88 -58.19 57.03
N VAL T 23 -72.87 -56.91 56.64
CA VAL T 23 -71.65 -56.16 56.40
C VAL T 23 -71.80 -54.71 56.84
N GLY T 24 -70.66 -54.09 57.17
CA GLY T 24 -70.62 -52.68 57.56
C GLY T 24 -70.35 -51.81 56.35
N VAL T 25 -71.26 -50.89 56.02
CA VAL T 25 -71.13 -50.00 54.88
C VAL T 25 -70.77 -48.60 55.36
N MET T 26 -69.70 -48.04 54.78
CA MET T 26 -69.21 -46.70 55.06
C MET T 26 -69.87 -45.68 54.16
N ALA T 27 -70.24 -44.54 54.75
CA ALA T 27 -70.84 -43.45 53.98
C ALA T 27 -70.10 -42.13 54.17
N GLY T 28 -70.67 -41.06 53.63
CA GLY T 28 -70.04 -39.76 53.68
C GLY T 28 -69.46 -39.31 55.01
N GLU T 29 -68.24 -38.80 54.90
CA GLU T 29 -67.42 -38.28 55.99
C GLU T 29 -67.12 -39.25 57.12
N GLY T 30 -67.59 -40.50 57.06
CA GLY T 30 -67.25 -41.47 58.10
C GLY T 30 -68.24 -42.25 58.95
N VAL T 31 -69.54 -42.23 58.69
CA VAL T 31 -70.50 -43.03 59.46
C VAL T 31 -70.50 -44.48 58.95
N GLN T 32 -70.33 -45.44 59.87
CA GLN T 32 -70.42 -46.87 59.53
C GLN T 32 -71.80 -47.40 59.93
N ILE T 33 -72.45 -48.12 59.00
CA ILE T 33 -73.79 -48.65 59.24
C ILE T 33 -73.85 -50.16 58.96
N GLY T 34 -74.30 -50.93 59.94
CA GLY T 34 -74.44 -52.37 59.80
C GLY T 34 -75.70 -52.75 59.03
N VAL T 35 -75.56 -53.49 57.93
CA VAL T 35 -76.70 -53.89 57.09
C VAL T 35 -76.61 -55.36 56.71
N LEU T 36 -77.78 -55.96 56.50
CA LEU T 36 -77.94 -57.36 56.08
C LEU T 36 -78.35 -57.34 54.60
N LEU T 37 -77.40 -57.64 53.73
CA LEU T 37 -77.57 -57.63 52.28
C LEU T 37 -77.93 -58.98 51.67
N ASP T 38 -78.63 -58.91 50.54
CA ASP T 38 -79.00 -60.09 49.76
C ASP T 38 -77.73 -60.67 49.17
N ALA T 39 -77.44 -61.94 49.46
CA ALA T 39 -76.20 -62.54 49.01
C ALA T 39 -76.14 -62.93 47.53
N ASN T 40 -77.25 -62.97 46.78
CA ASN T 40 -77.14 -63.41 45.38
C ASN T 40 -77.60 -62.42 44.32
N ALA T 41 -78.37 -61.40 44.66
CA ALA T 41 -78.70 -60.38 43.65
C ALA T 41 -77.43 -59.66 43.20
N PRO T 42 -77.39 -59.14 41.97
CA PRO T 42 -76.19 -58.43 41.53
C PRO T 42 -76.08 -57.05 42.18
N VAL T 43 -74.84 -56.68 42.49
CA VAL T 43 -74.52 -55.45 43.22
C VAL T 43 -75.15 -54.20 42.61
N SER T 44 -75.27 -54.11 41.28
CA SER T 44 -75.87 -52.93 40.69
C SER T 44 -77.34 -52.74 41.04
N VAL T 45 -78.05 -53.80 41.41
CA VAL T 45 -79.45 -53.69 41.81
C VAL T 45 -79.63 -53.09 43.19
N MET T 46 -78.62 -53.14 44.04
CA MET T 46 -78.65 -52.68 45.44
C MET T 46 -78.10 -51.29 45.72
N THR T 47 -77.15 -50.77 44.94
CA THR T 47 -76.53 -49.47 45.22
C THR T 47 -77.52 -48.30 45.31
N ASP T 48 -78.58 -48.28 44.49
CA ASP T 48 -79.52 -47.16 44.57
C ASP T 48 -80.33 -47.18 45.86
N PRO T 49 -81.09 -48.23 46.18
CA PRO T 49 -81.85 -48.23 47.44
C PRO T 49 -80.95 -48.19 48.67
N LEU T 50 -79.73 -48.70 48.55
CA LEU T 50 -78.76 -48.64 49.63
C LEU T 50 -78.40 -47.19 49.96
N LEU T 51 -78.21 -46.37 48.93
CA LEU T 51 -77.92 -44.95 49.09
C LEU T 51 -79.06 -44.23 49.80
N LYS T 52 -80.31 -44.58 49.48
CA LYS T 52 -81.48 -43.99 50.13
C LYS T 52 -81.44 -44.24 51.64
N VAL T 53 -81.17 -45.48 52.05
CA VAL T 53 -81.14 -45.86 53.46
C VAL T 53 -80.06 -45.09 54.23
N VAL T 54 -78.82 -45.04 53.72
CA VAL T 54 -77.78 -44.28 54.44
C VAL T 54 -78.17 -42.81 54.54
N ASN T 55 -78.79 -42.26 53.50
CA ASN T 55 -79.25 -40.88 53.56
C ASN T 55 -80.36 -40.71 54.59
N SER T 56 -81.32 -41.64 54.63
CA SER T 56 -82.38 -41.56 55.64
C SER T 56 -81.80 -41.55 57.05
N ARG T 57 -80.80 -42.39 57.32
CA ARG T 57 -80.21 -42.43 58.65
C ARG T 57 -79.40 -41.17 58.94
N LEU T 58 -78.68 -40.66 57.93
CA LEU T 58 -77.94 -39.41 58.08
C LEU T 58 -78.90 -38.23 58.30
N ARG T 59 -80.03 -38.24 57.59
CA ARG T 59 -81.04 -37.19 57.74
C ARG T 59 -81.64 -37.19 59.15
N GLU T 60 -82.01 -38.37 59.65
CA GLU T 60 -82.54 -38.45 61.02
C GLU T 60 -81.47 -38.08 62.03
N LEU T 61 -80.23 -38.50 61.80
CA LEU T 61 -79.14 -38.12 62.69
C LEU T 61 -78.89 -36.61 62.63
N GLY T 62 -79.38 -35.93 61.60
CA GLY T 62 -79.17 -34.50 61.47
C GLY T 62 -77.93 -34.10 60.73
N GLU T 63 -77.28 -35.03 60.06
CA GLU T 63 -76.08 -34.78 59.28
C GLU T 63 -76.45 -34.40 57.86
N ALA T 64 -75.45 -34.00 57.09
CA ALA T 64 -75.70 -33.62 55.71
C ALA T 64 -75.73 -34.86 54.82
N PRO T 65 -76.78 -35.06 54.03
CA PRO T 65 -76.86 -36.24 53.18
C PRO T 65 -75.87 -36.21 52.02
N LEU T 66 -75.69 -37.38 51.41
CA LEU T 66 -74.85 -37.52 50.24
C LEU T 66 -75.55 -36.94 49.02
N GLU T 67 -74.78 -36.27 48.17
CA GLU T 67 -75.33 -35.64 46.97
C GLU T 67 -74.36 -35.74 45.79
N ALA T 68 -74.95 -35.72 44.60
CA ALA T 68 -74.21 -35.78 43.34
C ALA T 68 -73.67 -34.41 42.95
N THR T 69 -72.62 -34.43 42.12
CA THR T 69 -71.96 -33.22 41.66
C THR T 69 -71.64 -33.31 40.17
N GLY T 70 -72.39 -32.59 39.36
CA GLY T 70 -72.17 -32.59 37.92
C GLY T 70 -72.40 -33.91 37.21
N ARG T 71 -71.33 -34.44 36.62
CA ARG T 71 -71.36 -35.70 35.90
C ARG T 71 -70.57 -36.76 36.65
N GLY T 72 -71.21 -37.91 36.87
CA GLY T 72 -70.58 -39.01 37.57
C GLY T 72 -71.60 -40.09 37.84
N ARG T 73 -71.21 -41.05 38.67
CA ARG T 73 -72.09 -42.14 39.06
C ARG T 73 -71.80 -42.58 40.49
N TRP T 74 -72.78 -43.27 41.09
CA TRP T 74 -72.65 -43.82 42.43
C TRP T 74 -72.11 -45.23 42.32
N ALA T 75 -71.09 -45.57 43.11
CA ALA T 75 -70.48 -46.89 43.08
C ALA T 75 -70.27 -47.47 44.47
N LEU T 76 -70.22 -48.81 44.53
CA LEU T 76 -69.98 -49.56 45.75
C LEU T 76 -68.60 -50.20 45.61
N CYS T 77 -67.69 -49.85 46.52
CA CYS T 77 -66.29 -50.29 46.47
C CYS T 77 -65.83 -50.92 47.78
N LEU T 78 -64.69 -51.61 47.69
CA LEU T 78 -64.00 -52.15 48.84
C LEU T 78 -63.38 -51.00 49.63
N VAL T 79 -62.98 -51.24 50.88
CA VAL T 79 -62.36 -50.15 51.61
C VAL T 79 -61.09 -49.69 50.90
N ASP T 80 -60.53 -50.53 50.04
CA ASP T 80 -59.36 -50.17 49.24
C ASP T 80 -59.70 -49.22 48.10
N GLY T 81 -60.98 -48.98 47.84
CA GLY T 81 -61.41 -48.10 46.78
C GLY T 81 -61.78 -48.79 45.48
N ALA T 82 -61.30 -50.00 45.23
CA ALA T 82 -61.61 -50.72 44.01
C ALA T 82 -63.10 -51.05 43.92
N PRO T 83 -63.79 -50.66 42.84
CA PRO T 83 -65.21 -50.99 42.72
C PRO T 83 -65.47 -52.44 42.37
N LEU T 84 -66.61 -52.94 42.84
CA LEU T 84 -67.06 -54.31 42.56
C LEU T 84 -67.73 -54.36 41.19
N ARG T 85 -67.59 -55.49 40.50
CA ARG T 85 -68.21 -55.62 39.18
C ARG T 85 -69.73 -55.55 39.26
N ALA T 86 -70.30 -54.57 38.55
CA ALA T 86 -71.73 -54.29 38.59
C ALA T 86 -72.63 -55.47 38.23
N THR T 87 -72.15 -56.41 37.42
CA THR T 87 -72.98 -57.55 37.01
C THR T 87 -72.87 -58.79 37.87
N GLN T 88 -71.87 -58.91 38.73
CA GLN T 88 -71.71 -60.11 39.54
C GLN T 88 -72.49 -60.06 40.86
N SER T 89 -72.82 -61.26 41.35
CA SER T 89 -73.52 -61.43 42.62
C SER T 89 -72.56 -61.22 43.79
N LEU T 90 -73.12 -60.78 44.92
CA LEU T 90 -72.31 -60.54 46.11
C LEU T 90 -71.64 -61.83 46.60
N THR T 91 -72.23 -62.99 46.33
CA THR T 91 -71.62 -64.27 46.68
C THR T 91 -70.60 -64.71 45.65
N GLU T 92 -70.72 -64.19 44.43
CA GLU T 92 -69.79 -64.52 43.36
C GLU T 92 -68.43 -63.89 43.62
N GLN T 93 -68.43 -62.73 44.28
CA GLN T 93 -67.23 -62.05 44.73
C GLN T 93 -66.86 -62.55 46.13
N ASP T 94 -65.58 -62.37 46.46
CA ASP T 94 -65.02 -62.80 47.75
C ASP T 94 -65.38 -61.87 48.92
N VAL T 95 -66.68 -61.68 49.12
CA VAL T 95 -67.22 -60.86 50.20
C VAL T 95 -67.94 -61.80 51.16
N TYR T 96 -67.53 -61.78 52.42
CA TYR T 96 -68.06 -62.65 53.46
C TYR T 96 -68.74 -61.84 54.56
N ASP T 97 -69.60 -62.54 55.30
CA ASP T 97 -70.30 -61.95 56.43
C ASP T 97 -69.29 -61.44 57.46
N GLY T 98 -69.46 -60.17 57.83
CA GLY T 98 -68.56 -59.51 58.76
C GLY T 98 -67.60 -58.55 58.07
N ASP T 99 -67.51 -58.59 56.75
CA ASP T 99 -66.68 -57.67 55.99
C ASP T 99 -67.30 -56.28 55.97
N ARG T 100 -66.62 -55.33 55.33
CA ARG T 100 -67.07 -53.95 55.23
C ARG T 100 -66.83 -53.41 53.82
N LEU T 101 -67.70 -52.46 53.44
CA LEU T 101 -67.70 -51.86 52.10
C LEU T 101 -67.89 -50.35 52.19
N TRP T 102 -67.70 -49.68 51.04
CA TRP T 102 -67.79 -48.23 50.95
C TRP T 102 -68.63 -47.80 49.75
N ILE T 103 -69.62 -46.92 49.98
CA ILE T 103 -70.43 -46.34 48.91
C ILE T 103 -69.82 -45.00 48.53
N ARG T 104 -69.65 -44.76 47.23
CA ARG T 104 -68.83 -43.64 46.79
C ARG T 104 -69.37 -43.02 45.51
N PHE T 105 -69.03 -41.75 45.28
CA PHE T 105 -69.38 -41.06 44.03
C PHE T 105 -68.12 -40.97 43.17
N ILE T 106 -68.16 -41.49 41.94
CA ILE T 106 -67.01 -41.42 41.04
C ILE T 106 -67.34 -40.51 39.87
N ALA T 107 -66.58 -39.43 39.71
CA ALA T 107 -66.81 -38.43 38.67
C ALA T 107 -66.43 -38.89 37.25
N ASP T 108 -67.09 -38.25 36.28
CA ASP T 108 -66.87 -38.46 34.85
C ASP T 108 -65.53 -37.89 34.38
N THR T 109 -64.75 -38.70 33.66
CA THR T 109 -63.43 -38.32 33.14
C THR T 109 -63.37 -37.90 31.66
N GLU T 110 -64.48 -37.98 30.93
CA GLU T 110 -64.50 -37.62 29.50
C GLU T 110 -64.21 -36.14 29.21
N ARG T 111 -63.37 -35.91 28.18
CA ARG T 111 -62.95 -34.57 27.76
C ARG T 111 -62.35 -34.66 26.36
N ARG T 112 -62.18 -33.49 25.70
CA ARG T 112 -61.58 -33.45 24.37
C ARG T 112 -60.12 -33.93 24.38
N SER T 113 -59.64 -34.37 23.20
CA SER T 113 -58.27 -34.85 23.05
C SER T 113 -57.38 -33.80 22.37
N GLN T 114 -56.39 -33.31 23.12
CA GLN T 114 -55.45 -32.30 22.60
C GLN T 114 -54.50 -32.89 21.55
N VAL T 115 -54.00 -32.03 20.65
CA VAL T 115 -53.03 -32.42 19.64
C VAL T 115 -52.03 -31.29 19.39
N ILE T 116 -50.80 -31.65 19.01
CA ILE T 116 -49.75 -30.69 18.67
C ILE T 116 -48.99 -31.31 17.51
N GLU T 117 -49.15 -30.74 16.31
CA GLU T 117 -48.54 -31.32 15.10
C GLU T 117 -47.03 -31.14 14.99
N HIS T 118 -46.46 -30.02 15.45
CA HIS T 118 -45.00 -29.85 15.33
C HIS T 118 -44.27 -30.62 16.42
N ILE T 119 -43.46 -31.62 16.00
CA ILE T 119 -42.72 -32.50 16.91
C ILE T 119 -41.80 -31.79 17.89
N SER T 120 -41.15 -30.69 17.48
CA SER T 120 -40.24 -30.02 18.41
C SER T 120 -40.95 -29.43 19.62
N THR T 121 -42.02 -28.69 19.41
CA THR T 121 -42.78 -28.12 20.52
C THR T 121 -43.51 -29.19 21.31
N ALA T 122 -43.99 -30.23 20.64
CA ALA T 122 -44.70 -31.33 21.30
C ALA T 122 -43.84 -32.06 22.31
N VAL T 123 -42.62 -32.45 21.95
CA VAL T 123 -41.74 -33.18 22.87
C VAL T 123 -41.50 -32.40 24.16
N ALA T 124 -41.33 -31.08 24.08
CA ALA T 124 -41.09 -30.29 25.29
C ALA T 124 -42.33 -30.17 26.16
N SER T 125 -43.46 -29.79 25.58
CA SER T 125 -44.69 -29.62 26.34
C SER T 125 -45.14 -30.91 27.02
N ASP T 126 -44.84 -32.06 26.43
CA ASP T 126 -45.18 -33.34 27.02
C ASP T 126 -44.20 -33.76 28.11
N LEU T 127 -42.91 -33.78 27.80
CA LEU T 127 -41.89 -34.26 28.71
C LEU T 127 -41.82 -33.47 30.01
N SER T 128 -42.20 -32.19 30.01
CA SER T 128 -42.17 -31.36 31.21
C SER T 128 -43.36 -31.58 32.14
N LYS T 129 -44.37 -32.32 31.73
CA LYS T 129 -45.51 -32.63 32.59
C LYS T 129 -45.23 -33.84 33.48
N ARG T 130 -44.76 -34.93 32.89
CA ARG T 130 -44.61 -36.20 33.57
C ARG T 130 -43.35 -36.36 34.43
N PHE T 131 -42.30 -35.55 34.27
CA PHE T 131 -41.08 -35.73 35.05
C PHE T 131 -40.73 -34.48 35.83
N ALA T 132 -40.03 -34.68 36.95
CA ALA T 132 -39.65 -33.61 37.87
C ALA T 132 -38.25 -33.06 37.63
N ARG T 133 -38.14 -31.74 37.56
CA ARG T 133 -36.88 -31.03 37.39
C ARG T 133 -36.25 -30.69 38.75
N ILE T 134 -34.94 -30.42 38.71
CA ILE T 134 -34.18 -30.05 39.91
C ILE T 134 -34.64 -28.69 40.42
N ASP T 135 -34.54 -28.51 41.74
CA ASP T 135 -34.96 -27.30 42.43
C ASP T 135 -34.04 -27.02 43.62
N PRO T 136 -34.08 -25.81 44.17
CA PRO T 136 -33.24 -25.44 45.32
C PRO T 136 -33.40 -26.29 46.57
N ILE T 137 -34.54 -26.95 46.77
CA ILE T 137 -34.76 -27.82 47.92
C ILE T 137 -33.89 -29.08 47.82
N VAL T 138 -33.91 -29.75 46.68
CA VAL T 138 -33.09 -30.95 46.47
C VAL T 138 -31.61 -30.60 46.39
N ALA T 139 -31.27 -29.46 45.80
CA ALA T 139 -29.88 -29.03 45.66
C ALA T 139 -29.10 -29.10 46.97
N VAL T 140 -29.73 -28.69 48.08
CA VAL T 140 -29.10 -28.71 49.41
C VAL T 140 -28.90 -30.13 49.94
N GLN T 141 -29.86 -31.03 49.73
CA GLN T 141 -29.69 -32.41 50.18
C GLN T 141 -28.55 -33.11 49.44
N VAL T 142 -28.31 -32.78 48.17
CA VAL T 142 -27.20 -33.35 47.41
C VAL T 142 -25.87 -32.90 48.01
N GLY T 143 -25.69 -31.60 48.19
CA GLY T 143 -24.45 -31.07 48.76
C GLY T 143 -24.19 -31.61 50.15
N ALA T 144 -25.22 -31.69 50.99
CA ALA T 144 -25.11 -32.22 52.34
C ALA T 144 -24.60 -33.67 52.32
N SER T 145 -25.10 -34.48 51.40
CA SER T 145 -24.68 -35.86 51.23
C SER T 145 -23.22 -35.97 50.75
N MET T 146 -22.79 -35.08 49.86
CA MET T 146 -21.40 -35.09 49.39
C MET T 146 -20.41 -34.75 50.50
N VAL T 147 -20.71 -33.77 51.35
CA VAL T 147 -19.79 -33.45 52.46
C VAL T 147 -19.77 -34.59 53.47
N ALA T 148 -20.88 -35.27 53.69
CA ALA T 148 -20.90 -36.44 54.57
C ALA T 148 -19.98 -37.55 54.06
N THR T 149 -20.00 -37.80 52.75
CA THR T 149 -19.11 -38.77 52.13
C THR T 149 -17.66 -38.31 52.19
N GLY T 150 -17.43 -37.02 51.95
CA GLY T 150 -16.09 -36.45 52.00
C GLY T 150 -15.36 -36.62 53.33
N VAL T 151 -16.05 -36.38 54.44
CA VAL T 151 -15.43 -36.53 55.77
C VAL T 151 -15.22 -38.00 56.16
N VAL T 152 -16.13 -38.92 55.80
CA VAL T 152 -15.87 -40.33 56.13
C VAL T 152 -14.68 -40.87 55.33
N LEU T 153 -14.37 -40.27 54.20
CA LEU T 153 -13.18 -40.61 53.41
C LEU T 153 -11.93 -40.04 54.10
N ALA T 154 -12.04 -38.84 54.64
CA ALA T 154 -10.94 -38.18 55.36
C ALA T 154 -10.49 -38.99 56.57
N THR T 155 -11.44 -39.47 57.38
CA THR T 155 -11.13 -40.31 58.54
C THR T 155 -10.50 -41.63 58.11
N GLY T 156 -10.85 -42.11 56.93
CA GLY T 156 -10.27 -43.34 56.40
C GLY T 156 -8.76 -43.25 56.19
N VAL T 157 -8.28 -42.22 55.50
CA VAL T 157 -6.84 -42.05 55.28
C VAL T 157 -6.13 -41.70 56.58
N LEU T 158 -6.73 -40.88 57.43
CA LEU T 158 -6.10 -40.53 58.71
C LEU T 158 -6.02 -41.76 59.62
N GLY T 159 -7.04 -42.61 59.58
CA GLY T 159 -7.04 -43.85 60.35
C GLY T 159 -6.02 -44.86 59.82
N TRP T 160 -5.89 -44.96 58.50
CA TRP T 160 -4.91 -45.85 57.89
C TRP T 160 -3.48 -45.46 58.26
N TRP T 161 -3.22 -44.17 58.43
CA TRP T 161 -1.89 -43.69 58.81
C TRP T 161 -1.54 -44.12 60.24
N ARG T 162 -2.52 -44.13 61.15
CA ARG T 162 -2.33 -44.56 62.54
C ARG T 162 -1.86 -46.02 62.65
N TRP T 163 -2.15 -46.84 61.65
CA TRP T 163 -1.76 -48.26 61.62
C TRP T 163 -0.29 -48.49 61.33
N HIS T 164 0.43 -47.46 60.90
CA HIS T 164 1.86 -47.56 60.62
C HIS T 164 2.67 -46.57 61.44
N HIS T 165 2.03 -45.54 61.99
CA HIS T 165 2.69 -44.53 62.79
C HIS T 165 1.89 -44.30 64.07
N ASN T 166 2.59 -44.22 65.21
CA ASN T 166 1.95 -44.00 66.50
C ASN T 166 1.86 -42.53 66.88
N THR T 167 2.33 -41.64 66.02
CA THR T 167 2.34 -40.21 66.29
C THR T 167 0.92 -39.66 66.49
N TRP T 168 0.85 -38.47 67.08
CA TRP T 168 -0.37 -37.72 67.44
C TRP T 168 -1.16 -37.15 66.26
N LEU T 169 -0.60 -37.13 65.06
CA LEU T 169 -1.24 -36.54 63.88
C LEU T 169 -2.71 -36.95 63.72
N THR T 170 -2.99 -38.24 63.76
CA THR T 170 -4.37 -38.75 63.61
C THR T 170 -5.35 -38.12 64.59
N THR T 171 -5.02 -38.10 65.89
CA THR T 171 -5.93 -37.50 66.88
C THR T 171 -5.95 -35.98 66.78
N ILE T 172 -4.82 -35.37 66.51
CA ILE T 172 -4.74 -33.91 66.37
C ILE T 172 -5.62 -33.42 65.22
N TYR T 173 -5.46 -34.02 64.04
CA TYR T 173 -6.22 -33.64 62.85
C TYR T 173 -7.70 -34.02 62.93
N THR T 174 -8.01 -35.26 63.33
CA THR T 174 -9.39 -35.72 63.39
C THR T 174 -10.21 -34.95 64.43
N ALA T 175 -9.59 -34.57 65.53
CA ALA T 175 -10.29 -33.82 66.58
C ALA T 175 -10.85 -32.48 66.06
N VAL T 176 -10.05 -31.72 65.33
CA VAL T 176 -10.53 -30.44 64.78
C VAL T 176 -11.65 -30.67 63.77
N ILE T 177 -11.56 -31.73 62.96
CA ILE T 177 -12.64 -32.03 62.01
C ILE T 177 -13.93 -32.33 62.76
N GLY T 178 -13.84 -33.17 63.80
CA GLY T 178 -15.00 -33.50 64.61
C GLY T 178 -15.68 -32.25 65.18
N VAL T 179 -14.87 -31.34 65.71
CA VAL T 179 -15.37 -30.09 66.28
C VAL T 179 -16.05 -29.24 65.20
N LEU T 180 -15.41 -29.07 64.06
CA LEU T 180 -15.95 -28.27 62.97
C LEU T 180 -17.29 -28.81 62.43
N VAL T 181 -17.39 -30.11 62.22
CA VAL T 181 -18.64 -30.71 61.73
C VAL T 181 -19.76 -30.60 62.77
N LEU T 182 -19.44 -30.84 64.04
CA LEU T 182 -20.43 -30.73 65.12
C LEU T 182 -20.92 -29.29 65.30
N ALA T 183 -20.02 -28.32 65.18
CA ALA T 183 -20.36 -26.90 65.30
C ALA T 183 -21.42 -26.47 64.28
N VAL T 184 -21.19 -26.75 62.99
CA VAL T 184 -22.14 -26.42 61.93
C VAL T 184 -23.47 -27.13 62.13
N ALA T 185 -23.45 -28.41 62.49
CA ALA T 185 -24.68 -29.16 62.73
C ALA T 185 -25.56 -28.49 63.78
N MET T 186 -24.97 -27.96 64.84
CA MET T 186 -25.74 -27.30 65.91
C MET T 186 -26.58 -26.13 65.39
N LEU T 187 -26.01 -25.26 64.56
CA LEU T 187 -26.77 -24.12 64.01
C LEU T 187 -27.95 -24.58 63.17
N LEU T 188 -27.72 -25.57 62.29
CA LEU T 188 -28.78 -26.09 61.43
C LEU T 188 -29.91 -26.72 62.26
N LEU T 189 -29.56 -27.45 63.31
CA LEU T 189 -30.58 -28.07 64.17
C LEU T 189 -31.46 -27.03 64.85
N MET T 190 -30.89 -25.96 65.38
CA MET T 190 -31.70 -24.94 66.05
C MET T 190 -32.50 -24.09 65.08
N ARG T 191 -31.94 -23.74 63.92
CA ARG T 191 -32.62 -22.90 62.94
C ARG T 191 -33.68 -23.63 62.12
N ALA T 192 -33.61 -24.96 62.02
CA ALA T 192 -34.55 -25.75 61.23
C ALA T 192 -36.01 -25.43 61.56
N LYS T 193 -36.86 -25.50 60.53
CA LYS T 193 -38.29 -25.21 60.60
C LYS T 193 -39.19 -26.33 60.07
N THR T 194 -38.78 -27.05 59.02
CA THR T 194 -39.61 -28.07 58.39
C THR T 194 -38.83 -29.38 58.23
N ASP T 195 -39.58 -30.44 57.90
CA ASP T 195 -39.00 -31.76 57.74
C ASP T 195 -37.82 -31.77 56.77
N ALA T 196 -37.90 -30.99 55.70
CA ALA T 196 -36.80 -30.91 54.75
C ALA T 196 -35.57 -30.29 55.41
N ASP T 197 -35.79 -29.26 56.22
CA ASP T 197 -34.73 -28.59 56.96
C ASP T 197 -34.10 -29.51 57.99
N ARG T 198 -34.92 -30.33 58.65
CA ARG T 198 -34.45 -31.31 59.64
C ARG T 198 -33.61 -32.42 59.01
N ARG T 199 -33.99 -32.89 57.82
CA ARG T 199 -33.23 -33.93 57.13
C ARG T 199 -31.77 -33.51 56.93
N VAL T 200 -31.56 -32.31 56.41
CA VAL T 200 -30.21 -31.78 56.19
C VAL T 200 -29.42 -31.75 57.49
N ALA T 201 -30.04 -31.31 58.58
CA ALA T 201 -29.39 -31.24 59.88
C ALA T 201 -29.00 -32.62 60.42
N ASP T 202 -29.90 -33.60 60.33
CA ASP T 202 -29.62 -34.95 60.81
C ASP T 202 -28.43 -35.57 60.07
N ILE T 203 -28.40 -35.45 58.75
CA ILE T 203 -27.30 -35.98 57.94
C ILE T 203 -25.97 -35.38 58.39
N MET T 204 -25.94 -34.08 58.66
CA MET T 204 -24.72 -33.40 59.11
C MET T 204 -24.29 -33.84 60.51
N LEU T 205 -25.22 -33.90 61.47
CA LEU T 205 -24.89 -34.32 62.84
C LEU T 205 -24.38 -35.74 62.89
N MET T 206 -25.09 -36.66 62.25
CA MET T 206 -24.69 -38.08 62.21
C MET T 206 -23.29 -38.23 61.62
N SER T 207 -22.91 -37.39 60.68
CA SER T 207 -21.59 -37.39 60.06
C SER T 207 -20.46 -36.99 61.02
N ALA T 208 -20.77 -36.43 62.19
CA ALA T 208 -19.77 -36.05 63.18
C ALA T 208 -19.33 -37.23 64.06
N ILE T 209 -20.19 -38.22 64.24
CA ILE T 209 -19.91 -39.39 65.09
C ILE T 209 -18.63 -40.11 64.67
N MET T 210 -18.44 -40.34 63.38
CA MET T 210 -17.25 -41.05 62.87
C MET T 210 -15.91 -40.38 63.18
N PRO T 211 -15.68 -39.11 62.86
CA PRO T 211 -14.38 -38.51 63.20
C PRO T 211 -14.13 -38.43 64.71
N VAL T 212 -15.12 -38.00 65.49
CA VAL T 212 -14.99 -37.90 66.94
C VAL T 212 -14.60 -39.25 67.54
N THR T 213 -15.19 -40.33 67.05
CA THR T 213 -14.90 -41.69 67.51
C THR T 213 -13.44 -42.10 67.30
N VAL T 214 -12.95 -42.05 66.06
CA VAL T 214 -11.56 -42.45 65.80
C VAL T 214 -10.57 -41.47 66.40
N ALA T 215 -10.99 -40.23 66.64
CA ALA T 215 -10.13 -39.22 67.26
C ALA T 215 -9.70 -39.64 68.66
N ALA T 216 -10.61 -40.27 69.41
CA ALA T 216 -10.32 -40.75 70.77
C ALA T 216 -9.51 -42.05 70.79
N ALA T 217 -9.94 -43.06 70.04
CA ALA T 217 -9.26 -44.35 70.00
C ALA T 217 -7.80 -44.25 69.55
N ALA T 218 -7.45 -43.25 68.75
CA ALA T 218 -6.08 -43.05 68.28
C ALA T 218 -5.13 -42.42 69.30
N ALA T 219 -5.63 -41.83 70.37
CA ALA T 219 -4.79 -41.16 71.36
C ALA T 219 -3.84 -42.05 72.16
N PRO T 220 -4.24 -43.23 72.63
CA PRO T 220 -3.31 -44.07 73.39
C PRO T 220 -2.14 -44.55 72.56
N PRO T 221 -0.91 -44.22 72.97
CA PRO T 221 0.29 -44.58 72.21
C PRO T 221 0.53 -46.08 72.11
N GLY T 222 1.53 -46.41 71.29
CA GLY T 222 1.92 -47.77 71.00
C GLY T 222 1.07 -48.41 69.92
N PRO T 223 1.47 -49.61 69.49
CA PRO T 223 0.71 -50.29 68.45
C PRO T 223 -0.76 -50.45 68.80
N VAL T 224 -1.58 -50.34 67.76
CA VAL T 224 -3.04 -50.43 67.86
C VAL T 224 -3.47 -51.83 68.27
N GLY T 225 -4.49 -51.90 69.13
CA GLY T 225 -5.00 -53.18 69.60
C GLY T 225 -6.03 -53.03 70.70
N SER T 226 -6.08 -54.05 71.56
CA SER T 226 -7.02 -54.09 72.69
C SER T 226 -7.10 -52.81 73.53
N PRO T 227 -6.01 -52.16 73.91
CA PRO T 227 -6.13 -50.92 74.71
C PRO T 227 -6.83 -49.79 73.98
N GLN T 228 -6.59 -49.63 72.68
CA GLN T 228 -7.28 -48.59 71.90
C GLN T 228 -8.73 -48.99 71.63
N ALA T 229 -8.98 -50.26 71.38
CA ALA T 229 -10.33 -50.76 71.12
C ALA T 229 -11.32 -50.35 72.22
N VAL T 230 -10.89 -50.37 73.47
CA VAL T 230 -11.75 -49.99 74.59
C VAL T 230 -12.24 -48.54 74.45
N LEU T 231 -11.36 -47.62 74.09
CA LEU T 231 -11.78 -46.22 73.92
C LEU T 231 -12.70 -46.05 72.71
N GLY T 232 -12.32 -46.56 71.55
CA GLY T 232 -13.08 -46.41 70.33
C GLY T 232 -14.53 -46.82 70.40
N PHE T 233 -14.82 -48.10 70.63
CA PHE T 233 -16.20 -48.60 70.70
C PHE T 233 -16.98 -48.01 71.88
N GLY T 234 -16.29 -47.53 72.90
CA GLY T 234 -16.91 -46.89 74.05
C GLY T 234 -17.49 -45.53 73.67
N VAL T 235 -16.65 -44.61 73.20
CA VAL T 235 -17.13 -43.27 72.81
C VAL T 235 -18.18 -43.38 71.72
N LEU T 236 -18.03 -44.34 70.80
CA LEU T 236 -19.02 -44.56 69.75
C LEU T 236 -20.40 -44.85 70.34
N THR T 237 -20.47 -45.77 71.30
CA THR T 237 -21.72 -46.12 71.96
C THR T 237 -22.33 -44.92 72.68
N VAL T 238 -21.50 -44.14 73.36
CA VAL T 238 -21.95 -42.95 74.08
C VAL T 238 -22.49 -41.89 73.11
N ALA T 239 -21.76 -41.63 72.03
CA ALA T 239 -22.18 -40.63 71.04
C ALA T 239 -23.52 -40.97 70.40
N ALA T 240 -23.70 -42.21 69.94
CA ALA T 240 -24.97 -42.61 69.35
C ALA T 240 -26.12 -42.50 70.36
N ALA T 241 -25.90 -42.95 71.59
CA ALA T 241 -26.92 -42.87 72.63
C ALA T 241 -27.30 -41.43 72.95
N LEU T 242 -26.31 -40.54 73.07
CA LEU T 242 -26.57 -39.13 73.37
C LEU T 242 -27.40 -38.47 72.26
N ALA T 243 -27.02 -38.69 71.00
CA ALA T 243 -27.76 -38.13 69.86
C ALA T 243 -29.21 -38.63 69.86
N LEU T 244 -29.40 -39.92 70.10
CA LEU T 244 -30.73 -40.52 70.16
C LEU T 244 -31.56 -39.91 71.28
N ARG T 245 -30.95 -39.68 72.44
CA ARG T 245 -31.64 -39.08 73.59
C ARG T 245 -32.06 -37.64 73.32
N PHE T 246 -31.15 -36.78 72.88
CA PHE T 246 -31.49 -35.38 72.66
C PHE T 246 -32.27 -35.10 71.38
N THR T 247 -32.12 -35.92 70.33
CA THR T 247 -32.82 -35.69 69.07
C THR T 247 -34.18 -36.40 69.00
N GLY T 248 -34.25 -37.66 69.41
CA GLY T 248 -35.51 -38.38 69.33
C GLY T 248 -36.02 -38.67 67.95
N ARG T 249 -35.14 -38.68 66.95
CA ARG T 249 -35.50 -38.94 65.56
C ARG T 249 -34.44 -39.88 64.98
N ARG T 250 -34.82 -40.60 63.93
CA ARG T 250 -33.93 -41.59 63.30
C ARG T 250 -33.55 -42.73 64.26
N LEU T 251 -34.55 -43.18 65.05
CA LEU T 251 -34.42 -44.22 66.08
C LEU T 251 -33.72 -45.49 65.59
N GLY T 252 -34.19 -46.05 64.48
CA GLY T 252 -33.67 -47.30 63.94
C GLY T 252 -32.17 -47.37 63.70
N ILE T 253 -31.60 -46.37 63.05
CA ILE T 253 -30.17 -46.37 62.78
C ILE T 253 -29.34 -46.17 64.05
N TYR T 254 -29.68 -45.18 64.88
CA TYR T 254 -28.93 -44.98 66.12
C TYR T 254 -28.98 -46.20 67.03
N THR T 255 -30.14 -46.87 67.10
CA THR T 255 -30.26 -48.10 67.91
C THR T 255 -29.24 -49.15 67.47
N THR T 256 -29.07 -49.33 66.18
CA THR T 256 -28.12 -50.30 65.60
C THR T 256 -26.69 -49.96 65.99
N ILE T 257 -26.30 -48.69 65.91
CA ILE T 257 -24.94 -48.26 66.28
C ILE T 257 -24.66 -48.54 67.76
N VAL T 258 -25.64 -48.32 68.63
CA VAL T 258 -25.47 -48.58 70.07
C VAL T 258 -25.20 -50.06 70.36
N ILE T 259 -26.03 -50.95 69.81
CA ILE T 259 -25.88 -52.40 70.04
C ILE T 259 -24.52 -52.92 69.57
N ILE T 260 -24.16 -52.67 68.33
CA ILE T 260 -22.88 -53.15 67.79
C ILE T 260 -21.72 -52.52 68.56
N GLY T 261 -21.88 -51.29 69.01
CA GLY T 261 -20.84 -50.63 69.81
C GLY T 261 -20.70 -51.22 71.21
N ALA T 262 -21.83 -51.47 71.87
CA ALA T 262 -21.86 -52.04 73.22
C ALA T 262 -21.21 -53.43 73.29
N LEU T 263 -21.72 -54.39 72.54
CA LEU T 263 -21.19 -55.75 72.53
C LEU T 263 -19.70 -55.78 72.15
N THR T 264 -19.29 -54.93 71.23
CA THR T 264 -17.87 -54.88 70.86
C THR T 264 -17.03 -54.36 72.02
N MET T 265 -17.55 -53.39 72.79
CA MET T 265 -16.82 -52.87 73.94
C MET T 265 -16.65 -53.94 75.02
N LEU T 266 -17.67 -54.77 75.26
CA LEU T 266 -17.55 -55.85 76.23
C LEU T 266 -16.41 -56.80 75.86
N ALA T 267 -16.38 -57.23 74.61
CA ALA T 267 -15.33 -58.12 74.11
C ALA T 267 -13.97 -57.45 74.20
N ALA T 268 -13.89 -56.17 73.82
CA ALA T 268 -12.65 -55.42 73.88
C ALA T 268 -12.09 -55.35 75.30
N LEU T 269 -12.91 -55.01 76.28
CA LEU T 269 -12.48 -54.92 77.67
C LEU T 269 -12.00 -56.27 78.20
N ALA T 270 -12.74 -57.34 77.95
CA ALA T 270 -12.35 -58.68 78.42
C ALA T 270 -11.00 -59.08 77.82
N ARG T 271 -10.85 -58.93 76.51
CA ARG T 271 -9.59 -59.25 75.84
C ARG T 271 -8.45 -58.38 76.36
N MET T 272 -8.72 -57.12 76.65
CA MET T 272 -7.71 -56.22 77.18
C MET T 272 -7.28 -56.63 78.59
N VAL T 273 -8.23 -56.97 79.45
CA VAL T 273 -7.90 -57.37 80.82
C VAL T 273 -7.31 -58.79 80.82
N ALA T 274 -8.12 -59.79 80.45
CA ALA T 274 -7.62 -61.17 80.44
C ALA T 274 -8.60 -62.09 79.71
N ALA T 275 -8.09 -62.86 78.74
CA ALA T 275 -8.89 -63.79 77.98
C ALA T 275 -8.03 -64.93 77.48
N THR T 276 -8.45 -66.16 77.80
CA THR T 276 -7.69 -67.35 77.39
C THR T 276 -7.70 -67.55 75.87
N SER T 277 -8.82 -67.25 75.20
CA SER T 277 -8.84 -67.39 73.75
C SER T 277 -9.99 -66.58 73.15
N ALA T 278 -9.80 -66.24 71.88
CA ALA T 278 -10.84 -65.53 71.12
C ALA T 278 -12.07 -66.40 70.93
N VAL T 279 -11.85 -67.70 70.75
CA VAL T 279 -12.94 -68.66 70.59
C VAL T 279 -13.90 -68.57 71.78
N THR T 280 -13.34 -68.41 72.98
CA THR T 280 -14.15 -68.28 74.19
C THR T 280 -15.01 -67.03 74.14
N LEU T 281 -14.42 -65.90 73.73
CA LEU T 281 -15.16 -64.65 73.62
C LEU T 281 -16.20 -64.73 72.50
N LEU T 282 -15.81 -65.26 71.34
CA LEU T 282 -16.72 -65.43 70.21
C LEU T 282 -17.87 -66.36 70.57
N SER T 283 -17.58 -67.44 71.30
CA SER T 283 -18.61 -68.37 71.76
C SER T 283 -19.55 -67.69 72.75
N SER T 284 -19.01 -66.87 73.64
CA SER T 284 -19.83 -66.13 74.59
C SER T 284 -20.78 -65.16 73.87
N LEU T 285 -20.25 -64.39 72.92
CA LEU T 285 -21.05 -63.46 72.13
C LEU T 285 -22.14 -64.18 71.35
N LEU T 286 -21.82 -65.30 70.72
CA LEU T 286 -22.82 -66.07 69.97
C LEU T 286 -23.98 -66.48 70.87
N LEU T 287 -23.68 -67.01 72.06
CA LEU T 287 -24.73 -67.40 73.00
C LEU T 287 -25.55 -66.19 73.47
N ILE T 288 -24.90 -65.05 73.69
CA ILE T 288 -25.59 -63.82 74.09
C ILE T 288 -26.57 -63.40 72.99
N CYS T 289 -26.14 -63.43 71.74
CA CYS T 289 -26.99 -63.05 70.60
C CYS T 289 -28.14 -64.04 70.41
N VAL T 290 -27.88 -65.34 70.56
CA VAL T 290 -28.93 -66.36 70.44
C VAL T 290 -30.08 -66.10 71.40
N VAL T 291 -29.79 -65.77 72.64
CA VAL T 291 -30.84 -65.48 73.63
C VAL T 291 -31.47 -64.08 73.41
N ALA T 292 -30.73 -63.13 72.84
CA ALA T 292 -31.22 -61.77 72.61
C ALA T 292 -32.43 -61.71 71.66
N TYR T 293 -32.51 -62.60 70.68
CA TYR T 293 -33.65 -62.61 69.75
C TYR T 293 -35.00 -62.75 70.48
N HIS T 294 -35.06 -63.59 71.52
CA HIS T 294 -36.30 -63.75 72.27
C HIS T 294 -36.66 -62.52 73.09
N ALA T 295 -35.66 -61.79 73.58
CA ALA T 295 -35.85 -60.57 74.37
C ALA T 295 -36.16 -59.33 73.54
N ALA T 296 -35.76 -59.29 72.28
CA ALA T 296 -35.96 -58.14 71.41
C ALA T 296 -37.35 -57.52 71.43
N PRO T 297 -38.45 -58.25 71.26
CA PRO T 297 -39.78 -57.60 71.33
C PRO T 297 -40.10 -57.01 72.69
N ALA T 298 -39.65 -57.65 73.77
CA ALA T 298 -39.88 -57.11 75.11
C ALA T 298 -39.09 -55.83 75.29
N LEU T 299 -37.80 -55.84 74.93
CA LEU T 299 -36.98 -54.64 75.00
C LEU T 299 -37.64 -53.50 74.23
N SER T 300 -38.00 -53.78 72.98
CA SER T 300 -38.67 -52.80 72.13
C SER T 300 -39.94 -52.24 72.78
N ARG T 301 -40.73 -53.10 73.41
CA ARG T 301 -41.95 -52.63 74.07
C ARG T 301 -41.66 -51.74 75.27
N ARG T 302 -40.69 -52.10 76.12
CA ARG T 302 -40.36 -51.25 77.25
C ARG T 302 -39.61 -49.99 76.84
N LEU T 303 -38.91 -50.01 75.71
CA LEU T 303 -38.21 -48.80 75.25
C LEU T 303 -39.17 -47.70 74.84
N ALA T 304 -40.37 -48.05 74.37
CA ALA T 304 -41.32 -47.02 73.97
C ALA T 304 -41.86 -46.31 75.19
N SER T 344 -57.55 -36.21 71.57
CA SER T 344 -56.15 -35.96 71.83
C SER T 344 -55.44 -37.24 72.27
N SER T 345 -56.22 -38.17 72.81
CA SER T 345 -55.68 -39.44 73.29
C SER T 345 -55.17 -40.31 72.15
N VAL T 346 -55.72 -40.13 70.95
CA VAL T 346 -55.32 -40.86 69.75
C VAL T 346 -53.84 -40.62 69.43
N ARG T 347 -53.37 -39.39 69.60
CA ARG T 347 -51.98 -39.06 69.30
C ARG T 347 -51.00 -39.94 70.06
N ASP T 348 -51.18 -40.09 71.37
CA ASP T 348 -50.29 -40.91 72.18
C ASP T 348 -50.23 -42.37 71.72
N VAL T 349 -51.37 -42.97 71.38
CA VAL T 349 -51.39 -44.37 70.93
C VAL T 349 -50.68 -44.56 69.59
N LEU T 350 -51.01 -43.75 68.58
CA LEU T 350 -50.33 -43.86 67.28
C LEU T 350 -48.85 -43.55 67.39
N LEU T 351 -48.47 -42.54 68.17
CA LEU T 351 -47.06 -42.24 68.38
C LEU T 351 -46.36 -43.41 69.06
N GLN T 352 -46.97 -43.97 70.10
CA GLN T 352 -46.41 -45.12 70.80
C GLN T 352 -46.27 -46.33 69.88
N ALA T 353 -47.27 -46.59 69.05
CA ALA T 353 -47.25 -47.72 68.11
C ALA T 353 -46.10 -47.62 67.11
N GLU T 354 -45.96 -46.48 66.42
CA GLU T 354 -44.88 -46.35 65.43
C GLU T 354 -43.50 -46.28 66.09
N ARG T 355 -43.36 -45.69 67.27
CA ARG T 355 -42.07 -45.68 67.95
C ARG T 355 -41.65 -47.11 68.33
N ALA T 356 -42.59 -47.90 68.83
CA ALA T 356 -42.33 -49.30 69.18
C ALA T 356 -41.90 -50.10 67.93
N ARG T 357 -42.64 -49.97 66.84
CA ARG T 357 -42.29 -50.65 65.58
C ARG T 357 -40.86 -50.30 65.15
N SER T 358 -40.48 -49.04 65.27
CA SER T 358 -39.14 -48.56 64.90
C SER T 358 -38.04 -49.26 65.71
N PHE T 359 -38.19 -49.31 67.04
CA PHE T 359 -37.18 -49.94 67.89
C PHE T 359 -36.94 -51.42 67.57
N LEU T 360 -37.99 -52.22 67.39
CA LEU T 360 -37.76 -53.63 67.08
C LEU T 360 -36.99 -53.82 65.77
N SER T 361 -37.33 -53.06 64.73
CA SER T 361 -36.66 -53.15 63.43
C SER T 361 -35.15 -52.88 63.54
N GLY T 362 -34.78 -51.81 64.25
CA GLY T 362 -33.39 -51.48 64.48
C GLY T 362 -32.69 -52.50 65.37
N LEU T 363 -33.38 -52.95 66.42
CA LEU T 363 -32.86 -53.92 67.36
C LEU T 363 -32.52 -55.25 66.67
N LEU T 364 -33.42 -55.77 65.83
CA LEU T 364 -33.14 -57.00 65.07
C LEU T 364 -31.90 -56.85 64.17
N THR T 365 -31.75 -55.71 63.50
CA THR T 365 -30.61 -55.49 62.61
C THR T 365 -29.28 -55.57 63.36
N GLY T 366 -29.20 -54.96 64.54
CA GLY T 366 -27.97 -55.03 65.33
C GLY T 366 -27.55 -56.46 65.67
N LEU T 367 -28.51 -57.30 66.05
CA LEU T 367 -28.24 -58.71 66.38
C LEU T 367 -27.80 -59.48 65.14
N GLY T 368 -28.45 -59.24 64.01
CA GLY T 368 -28.10 -59.91 62.76
C GLY T 368 -26.66 -59.66 62.33
N VAL T 369 -26.19 -58.43 62.49
CA VAL T 369 -24.80 -58.05 62.17
C VAL T 369 -23.80 -58.80 63.05
N MET T 370 -24.05 -58.92 64.35
CA MET T 370 -23.13 -59.59 65.27
C MET T 370 -22.99 -61.12 65.04
N VAL T 371 -24.09 -61.84 64.86
CA VAL T 371 -24.01 -63.30 64.69
C VAL T 371 -23.19 -63.72 63.47
N VAL T 372 -23.39 -63.10 62.32
CA VAL T 372 -22.65 -63.50 61.11
C VAL T 372 -21.14 -63.28 61.25
N VAL T 373 -20.71 -62.21 61.92
CA VAL T 373 -19.28 -61.98 62.11
C VAL T 373 -18.66 -63.06 63.00
N CYS T 374 -19.33 -63.39 64.09
CA CYS T 374 -18.86 -64.41 65.04
C CYS T 374 -18.97 -65.82 64.45
N MET T 375 -20.14 -66.17 63.92
CA MET T 375 -20.41 -67.48 63.33
C MET T 375 -19.40 -67.87 62.26
N THR T 376 -19.14 -66.99 61.29
CA THR T 376 -18.18 -67.28 60.22
C THR T 376 -16.74 -67.43 60.72
N SER T 377 -16.40 -66.78 61.82
CA SER T 377 -15.07 -66.88 62.42
C SER T 377 -14.89 -68.20 63.16
N LEU T 378 -15.94 -68.70 63.82
CA LEU T 378 -15.89 -69.93 64.60
C LEU T 378 -15.84 -71.20 63.74
N CYS T 379 -16.55 -71.26 62.61
CA CYS T 379 -16.55 -72.45 61.74
C CYS T 379 -15.29 -72.59 60.87
N ASP T 380 -14.15 -72.58 61.54
CA ASP T 380 -12.83 -72.70 60.90
C ASP T 380 -12.69 -74.05 60.19
N PRO T 381 -12.22 -74.06 58.93
CA PRO T 381 -12.10 -75.30 58.14
C PRO T 381 -10.92 -76.21 58.48
N HIS T 382 -10.07 -75.87 59.44
CA HIS T 382 -8.91 -76.69 59.80
C HIS T 382 -8.90 -77.09 61.26
N THR T 383 -9.47 -76.29 62.13
CA THR T 383 -9.45 -76.53 63.57
C THR T 383 -10.36 -77.69 63.98
N GLY T 384 -9.76 -78.71 64.60
CA GLY T 384 -10.46 -79.87 65.12
C GLY T 384 -11.58 -80.54 64.36
N GLN T 385 -12.68 -80.83 65.07
CA GLN T 385 -13.87 -81.45 64.50
C GLN T 385 -14.63 -80.47 63.62
N ARG T 386 -14.05 -80.24 62.45
CA ARG T 386 -14.54 -79.31 61.43
C ARG T 386 -16.04 -79.42 61.13
N TRP T 387 -16.62 -80.62 61.25
CA TRP T 387 -18.04 -80.82 61.01
C TRP T 387 -18.95 -80.28 62.12
N LEU T 388 -18.46 -80.18 63.35
CA LEU T 388 -19.27 -79.72 64.47
C LEU T 388 -19.81 -78.31 64.30
N PRO T 389 -18.98 -77.28 64.07
CA PRO T 389 -19.51 -75.92 63.87
C PRO T 389 -20.33 -75.77 62.60
N LEU T 390 -20.04 -76.56 61.57
CA LEU T 390 -20.79 -76.52 60.31
C LEU T 390 -22.27 -76.87 60.54
N ILE T 391 -22.55 -77.96 61.24
CA ILE T 391 -23.92 -78.36 61.53
C ILE T 391 -24.56 -77.41 62.56
N LEU T 392 -23.77 -76.92 63.52
CA LEU T 392 -24.27 -75.96 64.51
C LEU T 392 -24.73 -74.67 63.82
N ALA T 393 -23.98 -74.23 62.82
CA ALA T 393 -24.35 -73.05 62.02
C ALA T 393 -25.66 -73.33 61.28
N GLY T 394 -25.82 -74.56 60.79
CA GLY T 394 -27.05 -75.00 60.13
C GLY T 394 -28.25 -74.91 61.06
N PHE T 395 -28.17 -75.51 62.24
CA PHE T 395 -29.26 -75.44 63.21
C PHE T 395 -29.57 -74.00 63.61
N THR T 396 -28.56 -73.17 63.81
CA THR T 396 -28.78 -71.77 64.16
C THR T 396 -29.50 -71.03 63.04
N SER T 397 -29.16 -71.29 61.79
CA SER T 397 -29.81 -70.68 60.63
C SER T 397 -31.24 -71.18 60.48
N GLY T 398 -31.47 -72.47 60.69
CA GLY T 398 -32.83 -73.03 60.62
C GLY T 398 -33.78 -72.35 61.58
N PHE T 399 -33.33 -72.10 62.80
CA PHE T 399 -34.13 -71.37 63.80
C PHE T 399 -34.57 -70.01 63.26
N LEU T 400 -33.63 -69.21 62.77
CA LEU T 400 -33.94 -67.89 62.22
C LEU T 400 -34.83 -68.00 60.97
N LEU T 401 -34.57 -68.98 60.12
CA LEU T 401 -35.35 -69.19 58.92
C LEU T 401 -36.83 -69.46 59.23
N LEU T 402 -37.12 -70.23 60.27
CA LEU T 402 -38.49 -70.53 60.70
C LEU T 402 -39.12 -69.40 61.52
N ARG T 403 -38.37 -68.83 62.46
CA ARG T 403 -38.86 -67.76 63.36
C ARG T 403 -39.35 -66.50 62.64
N GLY T 404 -38.90 -66.23 61.42
CA GLY T 404 -39.34 -65.05 60.68
C GLY T 404 -40.85 -64.87 60.54
N ARG T 405 -41.61 -65.97 60.55
CA ARG T 405 -43.07 -65.94 60.44
C ARG T 405 -43.79 -65.35 61.65
N SER T 406 -43.14 -65.28 62.81
CA SER T 406 -43.78 -64.76 64.03
C SER T 406 -44.03 -63.26 64.03
N TYR T 407 -43.46 -62.49 63.11
CA TYR T 407 -43.65 -61.04 63.05
C TYR T 407 -44.33 -60.62 61.76
N VAL T 408 -45.35 -59.77 61.91
CA VAL T 408 -46.23 -59.28 60.85
C VAL T 408 -45.55 -58.27 59.91
N ASP T 409 -44.61 -57.47 60.39
CA ASP T 409 -43.98 -56.46 59.52
C ASP T 409 -43.11 -57.07 58.41
N ARG T 410 -43.29 -56.50 57.22
CA ARG T 410 -42.56 -56.89 56.00
C ARG T 410 -41.04 -56.78 56.14
N TRP T 411 -40.54 -55.61 56.54
CA TRP T 411 -39.10 -55.42 56.70
C TRP T 411 -38.53 -56.23 57.85
N GLN T 412 -39.26 -56.36 58.95
CA GLN T 412 -38.81 -57.17 60.07
C GLN T 412 -38.69 -58.64 59.66
N SER T 413 -39.71 -59.16 58.99
CA SER T 413 -39.69 -60.54 58.52
C SER T 413 -38.62 -60.76 57.45
N ILE T 414 -38.42 -59.81 56.54
CA ILE T 414 -37.38 -59.92 55.52
C ILE T 414 -35.97 -59.90 56.12
N THR T 415 -35.71 -59.02 57.09
CA THR T 415 -34.38 -58.99 57.70
C THR T 415 -34.08 -60.30 58.43
N LEU T 416 -35.06 -60.86 59.13
CA LEU T 416 -34.87 -62.15 59.79
C LEU T 416 -34.59 -63.26 58.77
N ALA T 417 -35.42 -63.35 57.74
CA ALA T 417 -35.26 -64.34 56.68
C ALA T 417 -33.89 -64.22 55.99
N GLY T 418 -33.48 -63.00 55.69
CA GLY T 418 -32.18 -62.74 55.09
C GLY T 418 -30.99 -63.09 55.98
N THR T 419 -31.13 -62.93 57.28
CA THR T 419 -30.06 -63.24 58.23
C THR T 419 -29.62 -64.70 58.16
N ALA T 420 -30.55 -65.62 57.95
CA ALA T 420 -30.21 -67.05 57.81
C ALA T 420 -29.46 -67.32 56.50
N VAL T 421 -29.97 -66.82 55.38
CA VAL T 421 -29.39 -67.04 54.06
C VAL T 421 -27.94 -66.54 53.98
N ILE T 422 -27.67 -65.34 54.47
CA ILE T 422 -26.33 -64.77 54.41
C ILE T 422 -25.30 -65.62 55.16
N ILE T 423 -25.69 -66.20 56.31
CA ILE T 423 -24.75 -67.05 57.06
C ILE T 423 -24.39 -68.30 56.26
N ALA T 424 -25.39 -69.00 55.72
CA ALA T 424 -25.14 -70.21 54.93
C ALA T 424 -24.19 -69.92 53.76
N ALA T 425 -24.45 -68.84 53.03
CA ALA T 425 -23.62 -68.43 51.90
C ALA T 425 -22.21 -68.01 52.35
N ALA T 426 -22.09 -67.24 53.42
CA ALA T 426 -20.79 -66.80 53.93
C ALA T 426 -19.92 -67.97 54.38
N VAL T 427 -20.51 -68.89 55.15
CA VAL T 427 -19.80 -70.09 55.62
C VAL T 427 -19.30 -70.93 54.44
N CYS T 428 -20.16 -71.17 53.47
CA CYS T 428 -19.80 -71.94 52.28
C CYS T 428 -18.66 -71.30 51.49
N VAL T 429 -18.70 -69.98 51.28
CA VAL T 429 -17.63 -69.29 50.55
C VAL T 429 -16.28 -69.43 51.24
N ARG T 430 -16.24 -69.37 52.58
CA ARG T 430 -14.95 -69.52 53.28
C ARG T 430 -14.25 -70.84 52.92
N TYR T 431 -15.01 -71.92 52.76
CA TYR T 431 -14.45 -73.23 52.40
C TYR T 431 -13.94 -73.30 50.97
N ALA T 432 -14.23 -72.29 50.14
CA ALA T 432 -13.66 -72.23 48.80
C ALA T 432 -12.34 -71.49 48.84
N LEU T 433 -12.24 -70.45 49.65
CA LEU T 433 -11.01 -69.69 49.77
C LEU T 433 -9.92 -70.54 50.43
N GLU T 434 -10.17 -70.98 51.66
CA GLU T 434 -9.25 -71.81 52.41
C GLU T 434 -9.48 -73.29 52.09
N LEU T 435 -8.42 -74.08 52.21
CA LEU T 435 -8.47 -75.51 51.88
C LEU T 435 -8.91 -75.68 50.42
N SER T 436 -8.41 -74.78 49.58
CA SER T 436 -8.73 -74.68 48.16
C SER T 436 -8.17 -75.81 47.32
N SER T 437 -9.02 -76.31 46.43
CA SER T 437 -8.72 -77.37 45.46
C SER T 437 -9.91 -77.48 44.51
N PRO T 438 -9.72 -78.07 43.33
CA PRO T 438 -10.84 -78.14 42.38
C PRO T 438 -12.11 -78.76 42.97
N LEU T 439 -11.98 -79.75 43.85
CA LEU T 439 -13.18 -80.36 44.44
C LEU T 439 -13.93 -79.35 45.31
N ALA T 440 -13.21 -78.60 46.14
CA ALA T 440 -13.83 -77.63 47.05
C ALA T 440 -14.64 -76.55 46.33
N VAL T 441 -14.03 -75.85 45.36
CA VAL T 441 -14.73 -74.81 44.60
C VAL T 441 -15.90 -75.37 43.79
N SER T 442 -15.70 -76.52 43.17
CA SER T 442 -16.76 -77.18 42.39
C SER T 442 -17.98 -77.46 43.26
N ILE T 443 -17.77 -77.98 44.47
CA ILE T 443 -18.84 -78.30 45.41
C ILE T 443 -19.50 -77.02 45.93
N VAL T 444 -18.72 -76.01 46.29
CA VAL T 444 -19.26 -74.75 46.80
C VAL T 444 -20.16 -74.08 45.77
N ALA T 445 -19.75 -74.06 44.50
CA ALA T 445 -20.57 -73.46 43.45
C ALA T 445 -21.92 -74.16 43.31
N ALA T 446 -21.91 -75.49 43.25
CA ALA T 446 -23.15 -76.27 43.16
C ALA T 446 -24.08 -76.02 44.35
N ILE T 447 -23.54 -76.03 45.56
CA ILE T 447 -24.33 -75.78 46.77
C ILE T 447 -25.01 -74.41 46.72
N LEU T 448 -24.24 -73.37 46.45
CA LEU T 448 -24.77 -72.00 46.46
C LEU T 448 -25.82 -71.72 45.37
N VAL T 449 -25.70 -72.33 44.20
CA VAL T 449 -26.71 -72.12 43.16
C VAL T 449 -28.00 -72.91 43.42
N LEU T 450 -27.90 -74.13 43.95
CA LEU T 450 -29.09 -74.92 44.26
C LEU T 450 -29.84 -74.40 45.49
N LEU T 451 -29.13 -74.03 46.54
CA LEU T 451 -29.67 -73.57 47.82
C LEU T 451 -30.88 -72.64 47.70
N PRO T 452 -30.76 -71.46 47.09
CA PRO T 452 -31.91 -70.56 46.99
C PRO T 452 -32.96 -71.01 45.98
N ALA T 453 -32.57 -71.70 44.92
CA ALA T 453 -33.50 -72.17 43.90
C ALA T 453 -34.54 -73.11 44.51
N ALA T 454 -34.10 -74.05 45.33
CA ALA T 454 -35.01 -74.98 46.01
C ALA T 454 -35.99 -74.23 46.92
N GLY T 455 -35.48 -73.26 47.68
CA GLY T 455 -36.35 -72.48 48.57
C GLY T 455 -37.39 -71.67 47.81
N MET T 456 -36.97 -70.96 46.77
CA MET T 456 -37.91 -70.16 45.97
C MET T 456 -38.95 -71.05 45.30
N ALA T 457 -38.52 -72.16 44.71
CA ALA T 457 -39.46 -73.09 44.05
C ALA T 457 -40.45 -73.66 45.05
N ALA T 458 -39.98 -74.10 46.21
CA ALA T 458 -40.88 -74.65 47.22
C ALA T 458 -41.88 -73.61 47.72
N ALA T 459 -41.49 -72.34 47.77
CA ALA T 459 -42.40 -71.28 48.20
C ALA T 459 -43.36 -70.83 47.10
N ALA T 460 -42.87 -70.66 45.87
CA ALA T 460 -43.74 -70.19 44.79
C ALA T 460 -44.66 -71.26 44.23
N HIS T 461 -44.19 -72.50 44.09
CA HIS T 461 -45.04 -73.54 43.52
C HIS T 461 -46.05 -74.06 44.55
N GLN U 19 -91.28 20.96 80.46
CA GLN U 19 -89.86 21.26 80.24
C GLN U 19 -89.00 20.40 81.17
N ALA U 20 -87.88 19.90 80.67
CA ALA U 20 -86.99 19.07 81.46
C ALA U 20 -85.61 19.08 80.82
N VAL U 21 -84.64 18.55 81.56
CA VAL U 21 -83.25 18.42 81.09
C VAL U 21 -82.65 17.13 81.62
N VAL U 22 -81.67 16.60 80.90
CA VAL U 22 -80.95 15.38 81.26
C VAL U 22 -79.46 15.66 81.30
N VAL U 23 -78.80 15.24 82.37
CA VAL U 23 -77.37 15.49 82.58
C VAL U 23 -76.70 14.29 83.23
N GLY U 24 -75.41 14.16 82.98
CA GLY U 24 -74.56 13.13 83.57
C GLY U 24 -74.06 13.57 84.92
N VAL U 25 -74.59 12.99 85.99
CA VAL U 25 -74.18 13.31 87.34
C VAL U 25 -73.08 12.36 87.81
N MET U 26 -71.90 12.91 88.06
CA MET U 26 -70.76 12.16 88.55
C MET U 26 -70.92 11.92 90.04
N ALA U 27 -70.50 10.75 90.51
CA ALA U 27 -70.62 10.42 91.93
C ALA U 27 -69.32 9.78 92.42
N GLY U 28 -69.41 9.04 93.52
CA GLY U 28 -68.25 8.43 94.16
C GLY U 28 -67.20 7.77 93.27
N GLU U 29 -65.96 8.16 93.55
CA GLU U 29 -64.76 7.72 92.84
C GLU U 29 -64.85 8.00 91.34
N GLY U 30 -65.77 8.87 90.94
CA GLY U 30 -65.96 9.24 89.55
C GLY U 30 -66.93 8.43 88.73
N VAL U 31 -67.83 7.66 89.36
CA VAL U 31 -68.78 6.85 88.61
C VAL U 31 -69.78 7.75 87.89
N GLN U 32 -69.93 7.56 86.58
CA GLN U 32 -70.87 8.33 85.78
C GLN U 32 -72.31 7.82 85.92
N ILE U 33 -73.24 8.73 86.27
CA ILE U 33 -74.65 8.42 86.41
C ILE U 33 -75.47 9.44 85.62
N GLY U 34 -76.58 8.99 85.04
CA GLY U 34 -77.48 9.86 84.27
C GLY U 34 -78.77 10.15 85.02
N VAL U 35 -79.20 11.43 84.99
CA VAL U 35 -80.42 11.85 85.69
C VAL U 35 -81.22 12.88 84.91
N LEU U 36 -82.53 12.88 85.15
CA LEU U 36 -83.51 13.79 84.54
C LEU U 36 -83.95 14.81 85.59
N LEU U 37 -83.83 16.10 85.28
CA LEU U 37 -84.17 17.20 86.19
C LEU U 37 -85.10 18.21 85.53
N ASP U 38 -85.84 18.94 86.36
CA ASP U 38 -86.75 19.98 85.87
C ASP U 38 -85.97 21.18 85.32
N ALA U 39 -86.61 21.91 84.41
CA ALA U 39 -85.98 23.08 83.80
C ALA U 39 -86.06 24.36 84.62
N ASN U 40 -87.21 24.67 85.24
CA ASN U 40 -87.39 25.92 85.96
C ASN U 40 -87.33 25.87 87.48
N ALA U 41 -87.58 24.73 88.12
CA ALA U 41 -87.45 24.68 89.57
C ALA U 41 -86.00 24.91 90.00
N PRO U 42 -85.75 25.62 91.11
CA PRO U 42 -84.38 25.87 91.53
C PRO U 42 -83.69 24.64 92.10
N VAL U 43 -82.35 24.69 92.04
CA VAL U 43 -81.49 23.60 92.49
C VAL U 43 -81.75 23.19 93.94
N SER U 44 -81.99 24.16 94.83
CA SER U 44 -82.21 23.84 96.24
C SER U 44 -83.41 22.92 96.50
N VAL U 45 -84.49 23.03 95.73
CA VAL U 45 -85.66 22.17 95.92
C VAL U 45 -85.49 20.77 95.33
N MET U 46 -84.45 20.54 94.53
CA MET U 46 -84.20 19.25 93.90
C MET U 46 -82.92 18.54 94.34
N THR U 47 -81.97 19.25 94.97
CA THR U 47 -80.71 18.65 95.41
C THR U 47 -80.92 17.63 96.55
N ASP U 48 -82.04 17.73 97.27
CA ASP U 48 -82.34 16.76 98.32
C ASP U 48 -82.80 15.42 97.75
N PRO U 49 -83.86 15.35 96.96
CA PRO U 49 -84.27 14.07 96.36
C PRO U 49 -83.22 13.46 95.43
N LEU U 50 -82.46 14.27 94.72
CA LEU U 50 -81.41 13.77 93.83
C LEU U 50 -80.35 12.98 94.59
N LEU U 51 -80.01 13.38 95.82
CA LEU U 51 -79.04 12.67 96.63
C LEU U 51 -79.53 11.27 97.01
N LYS U 52 -80.83 11.13 97.23
CA LYS U 52 -81.44 9.84 97.58
C LYS U 52 -81.36 8.84 96.42
N VAL U 53 -81.77 9.25 95.21
CA VAL U 53 -81.71 8.36 94.04
C VAL U 53 -80.27 8.00 93.69
N VAL U 54 -79.34 8.94 93.82
CA VAL U 54 -77.94 8.63 93.55
C VAL U 54 -77.41 7.60 94.55
N ASN U 55 -77.74 7.76 95.83
CA ASN U 55 -77.31 6.80 96.84
C ASN U 55 -77.99 5.45 96.61
N SER U 56 -79.28 5.46 96.26
CA SER U 56 -80.04 4.24 95.97
C SER U 56 -79.41 3.48 94.79
N ARG U 57 -79.06 4.19 93.72
CA ARG U 57 -78.44 3.58 92.55
C ARG U 57 -77.05 3.05 92.87
N LEU U 58 -76.28 3.80 93.66
CA LEU U 58 -74.93 3.37 94.04
C LEU U 58 -74.95 2.01 94.73
N ARG U 59 -75.88 1.80 95.66
CA ARG U 59 -75.99 0.52 96.36
C ARG U 59 -76.29 -0.64 95.42
N GLU U 60 -77.06 -0.42 94.35
CA GLU U 60 -77.32 -1.51 93.41
C GLU U 60 -76.07 -1.85 92.62
N LEU U 61 -75.21 -0.86 92.36
CA LEU U 61 -73.95 -1.08 91.68
C LEU U 61 -72.91 -1.69 92.64
N GLY U 62 -73.23 -1.71 93.93
CA GLY U 62 -72.34 -2.20 94.97
C GLY U 62 -71.36 -1.17 95.46
N GLU U 63 -71.60 0.09 95.16
CA GLU U 63 -70.74 1.19 95.56
C GLU U 63 -71.31 1.84 96.83
N ALA U 64 -70.41 2.35 97.66
CA ALA U 64 -70.82 3.01 98.89
C ALA U 64 -71.55 4.33 98.61
N PRO U 65 -72.61 4.63 99.36
CA PRO U 65 -73.32 5.90 99.18
C PRO U 65 -72.47 7.11 99.56
N LEU U 66 -72.89 8.28 99.07
CA LEU U 66 -72.22 9.53 99.37
C LEU U 66 -72.27 9.82 100.87
N GLU U 67 -71.10 10.08 101.46
CA GLU U 67 -70.99 10.33 102.90
C GLU U 67 -69.79 11.22 103.20
N ALA U 68 -69.95 12.10 104.19
CA ALA U 68 -68.90 13.03 104.58
C ALA U 68 -69.14 13.46 106.03
N THR U 69 -68.11 14.06 106.63
CA THR U 69 -68.15 14.53 108.01
C THR U 69 -67.78 16.01 108.09
N GLY U 70 -68.38 16.68 109.05
CA GLY U 70 -68.17 18.10 109.30
C GLY U 70 -69.40 18.93 108.94
N ARG U 71 -69.38 20.16 109.42
CA ARG U 71 -70.46 21.11 109.14
C ARG U 71 -70.42 21.53 107.68
N GLY U 72 -71.56 21.46 107.01
CA GLY U 72 -71.62 21.81 105.60
C GLY U 72 -72.91 21.29 104.95
N ARG U 73 -72.85 21.12 103.63
CA ARG U 73 -74.01 20.67 102.87
C ARG U 73 -73.59 20.02 101.55
N TRP U 74 -74.57 19.36 100.93
CA TRP U 74 -74.44 18.70 99.63
C TRP U 74 -75.02 19.56 98.51
N ALA U 75 -74.28 19.70 97.41
CA ALA U 75 -74.77 20.49 96.29
C ALA U 75 -74.08 20.07 94.99
N LEU U 76 -74.62 20.56 93.88
CA LEU U 76 -74.11 20.30 92.53
C LEU U 76 -72.98 21.28 92.21
N CYS U 77 -71.94 20.76 91.53
CA CYS U 77 -70.78 21.57 91.16
C CYS U 77 -70.30 21.23 89.75
N LEU U 78 -69.61 22.21 89.16
CA LEU U 78 -68.96 22.08 87.86
C LEU U 78 -67.61 21.38 88.00
N VAL U 79 -67.01 21.07 86.85
CA VAL U 79 -65.74 20.34 86.84
C VAL U 79 -64.62 21.04 87.57
N ASP U 80 -64.69 22.35 87.76
CA ASP U 80 -63.65 23.07 88.48
C ASP U 80 -63.96 23.24 89.95
N GLY U 81 -65.08 22.69 90.41
CA GLY U 81 -65.50 22.79 91.80
C GLY U 81 -66.46 23.92 92.11
N ALA U 82 -66.75 24.79 91.15
CA ALA U 82 -67.67 25.91 91.39
C ALA U 82 -69.10 25.44 91.59
N PRO U 83 -69.75 25.75 92.72
CA PRO U 83 -71.14 25.34 92.92
C PRO U 83 -72.13 26.17 92.12
N LEU U 84 -73.23 25.53 91.73
CA LEU U 84 -74.31 26.20 91.01
C LEU U 84 -75.13 27.07 91.97
N ARG U 85 -75.92 27.99 91.40
CA ARG U 85 -76.78 28.86 92.21
C ARG U 85 -77.94 28.06 92.79
N ALA U 86 -78.17 28.21 94.10
CA ALA U 86 -79.22 27.48 94.78
C ALA U 86 -80.63 28.03 94.56
N THR U 87 -80.77 29.28 94.14
CA THR U 87 -82.09 29.89 93.99
C THR U 87 -82.53 30.13 92.54
N GLN U 88 -81.79 29.67 91.54
CA GLN U 88 -82.17 29.91 90.17
C GLN U 88 -82.32 28.63 89.34
N SER U 89 -83.18 28.75 88.34
CA SER U 89 -83.49 27.67 87.40
C SER U 89 -82.27 27.18 86.63
N LEU U 90 -82.29 25.89 86.31
CA LEU U 90 -81.27 25.32 85.44
C LEU U 90 -81.35 25.92 84.05
N THR U 91 -82.50 26.54 83.73
CA THR U 91 -82.70 27.24 82.47
C THR U 91 -82.15 28.66 82.55
N GLU U 92 -81.99 29.17 83.76
CA GLU U 92 -81.39 30.47 83.97
C GLU U 92 -79.88 30.30 83.91
N GLN U 93 -79.40 29.21 84.50
CA GLN U 93 -78.02 28.80 84.41
C GLN U 93 -77.82 28.22 82.99
N ASP U 94 -76.57 28.02 82.59
CA ASP U 94 -76.26 27.48 81.25
C ASP U 94 -76.12 25.96 81.27
N VAL U 95 -77.25 25.28 81.47
CA VAL U 95 -77.32 23.83 81.47
C VAL U 95 -78.25 23.37 80.36
N TYR U 96 -77.80 22.39 79.59
CA TYR U 96 -78.54 21.81 78.47
C TYR U 96 -78.30 20.30 78.46
N ASP U 97 -79.13 19.60 77.69
CA ASP U 97 -79.03 18.15 77.58
C ASP U 97 -77.63 17.70 77.19
N GLY U 98 -77.14 16.70 77.92
CA GLY U 98 -75.83 16.12 77.74
C GLY U 98 -74.72 16.76 78.54
N ASP U 99 -75.01 17.78 79.34
CA ASP U 99 -74.00 18.38 80.20
C ASP U 99 -73.66 17.43 81.34
N ARG U 100 -72.52 17.67 81.98
CA ARG U 100 -72.04 16.85 83.10
C ARG U 100 -71.89 17.70 84.35
N LEU U 101 -72.33 17.17 85.49
CA LEU U 101 -72.29 17.86 86.78
C LEU U 101 -71.84 16.91 87.88
N TRP U 102 -71.25 17.48 88.92
CA TRP U 102 -70.73 16.74 90.07
C TRP U 102 -71.49 17.09 91.34
N ILE U 103 -71.68 16.10 92.22
CA ILE U 103 -72.26 16.32 93.54
C ILE U 103 -71.11 16.32 94.54
N ARG U 104 -71.05 17.36 95.38
CA ARG U 104 -69.92 17.53 96.30
C ARG U 104 -70.38 18.07 97.66
N PHE U 105 -69.55 17.82 98.67
CA PHE U 105 -69.79 18.27 100.04
C PHE U 105 -69.08 19.61 100.25
N ILE U 106 -69.86 20.65 100.51
CA ILE U 106 -69.35 22.01 100.72
C ILE U 106 -69.26 22.31 102.22
N ALA U 107 -68.07 22.14 102.80
CA ALA U 107 -67.86 22.46 104.20
C ALA U 107 -67.88 23.98 104.42
N ASP U 108 -68.23 24.38 105.65
CA ASP U 108 -68.29 25.80 106.00
C ASP U 108 -66.96 26.52 105.77
N THR U 109 -65.83 25.83 105.96
CA THR U 109 -64.48 26.35 105.78
C THR U 109 -64.10 26.68 104.32
N GLU U 110 -64.86 26.23 103.33
CA GLU U 110 -64.51 26.43 101.92
C GLU U 110 -64.41 27.89 101.45
N ARG U 111 -63.25 28.21 100.86
CA ARG U 111 -62.92 29.48 100.20
C ARG U 111 -62.16 29.15 98.92
N ARG U 112 -62.43 29.86 97.82
CA ARG U 112 -61.78 29.61 96.54
C ARG U 112 -60.98 30.82 96.01
N SER U 113 -59.85 30.51 95.37
CA SER U 113 -58.90 31.52 94.85
C SER U 113 -59.50 32.52 93.86
N GLN U 114 -60.14 32.04 92.79
CA GLN U 114 -60.78 32.91 91.79
C GLN U 114 -59.83 33.95 91.15
N VAL U 115 -58.51 33.75 91.17
CA VAL U 115 -57.52 34.68 90.62
C VAL U 115 -56.79 34.09 89.42
N ILE U 116 -56.60 34.89 88.36
CA ILE U 116 -55.94 34.51 87.11
C ILE U 116 -54.73 35.39 86.82
N GLU U 117 -53.75 34.83 86.08
CA GLU U 117 -52.51 35.51 85.70
C GLU U 117 -52.20 35.23 84.22
N HIS U 118 -51.52 36.20 83.58
CA HIS U 118 -51.16 36.15 82.15
C HIS U 118 -49.66 36.06 81.84
N ILE U 119 -49.28 35.03 81.10
CA ILE U 119 -47.92 34.80 80.58
C ILE U 119 -48.06 33.80 79.44
N SER U 120 -47.44 34.10 78.30
CA SER U 120 -47.57 33.25 77.12
C SER U 120 -47.04 31.83 77.34
N THR U 121 -47.91 30.85 77.04
CA THR U 121 -47.60 29.44 77.20
C THR U 121 -46.38 29.02 76.38
N ALA U 122 -46.19 29.65 75.22
CA ALA U 122 -45.02 29.37 74.38
C ALA U 122 -43.72 29.57 75.14
N VAL U 123 -43.62 30.66 75.88
CA VAL U 123 -42.42 30.95 76.67
C VAL U 123 -42.31 30.00 77.85
N ALA U 124 -43.42 29.73 78.53
CA ALA U 124 -43.41 28.83 79.69
C ALA U 124 -42.92 27.43 79.30
N SER U 125 -43.49 26.85 78.25
CA SER U 125 -43.10 25.53 77.78
C SER U 125 -41.66 25.51 77.26
N ASP U 126 -41.27 26.54 76.52
CA ASP U 126 -39.91 26.66 76.00
C ASP U 126 -38.87 26.71 77.13
N LEU U 127 -39.03 27.64 78.06
CA LEU U 127 -38.09 27.77 79.19
C LEU U 127 -37.99 26.50 80.02
N SER U 128 -39.12 25.78 80.18
CA SER U 128 -39.11 24.53 80.95
C SER U 128 -38.10 23.53 80.39
N LYS U 129 -38.10 23.32 79.08
CA LYS U 129 -37.16 22.41 78.43
C LYS U 129 -35.76 23.02 78.29
N ARG U 130 -35.68 24.26 77.81
CA ARG U 130 -34.39 24.92 77.58
C ARG U 130 -33.44 24.89 78.79
N PHE U 131 -33.93 25.09 80.02
CA PHE U 131 -33.03 24.93 81.17
C PHE U 131 -33.74 24.29 82.35
N ALA U 132 -33.13 23.20 82.85
CA ALA U 132 -33.61 22.40 83.97
C ALA U 132 -32.46 21.62 84.58
N ARG U 133 -32.71 21.02 85.75
CA ARG U 133 -31.74 20.21 86.48
C ARG U 133 -31.43 18.87 85.78
N ILE U 134 -30.28 18.30 86.18
CA ILE U 134 -29.78 17.03 85.64
C ILE U 134 -30.65 15.84 86.03
N ASP U 135 -30.68 14.83 85.14
CA ASP U 135 -31.41 13.57 85.26
C ASP U 135 -30.51 12.34 85.33
N PRO U 136 -30.94 11.30 86.04
CA PRO U 136 -30.14 10.06 86.16
C PRO U 136 -29.88 9.37 84.82
N ILE U 137 -30.78 9.53 83.86
CA ILE U 137 -30.63 8.95 82.52
C ILE U 137 -29.34 9.43 81.88
N VAL U 138 -29.04 10.72 82.03
CA VAL U 138 -27.82 11.32 81.51
C VAL U 138 -26.61 10.80 82.25
N ALA U 139 -26.69 10.71 83.58
CA ALA U 139 -25.59 10.23 84.40
C ALA U 139 -25.11 8.84 83.99
N VAL U 140 -25.98 7.99 83.46
CA VAL U 140 -25.54 6.67 82.99
C VAL U 140 -24.52 6.84 81.85
N GLN U 141 -24.81 7.72 80.90
CA GLN U 141 -23.89 7.98 79.79
C GLN U 141 -22.57 8.54 80.31
N VAL U 142 -22.63 9.47 81.27
CA VAL U 142 -21.44 10.06 81.88
C VAL U 142 -20.61 8.99 82.58
N GLY U 143 -21.25 8.16 83.40
CA GLY U 143 -20.51 7.09 84.08
C GLY U 143 -19.85 6.13 83.10
N ALA U 144 -20.57 5.76 82.05
CA ALA U 144 -20.05 4.88 81.00
C ALA U 144 -18.83 5.51 80.30
N SER U 145 -18.90 6.80 80.01
CA SER U 145 -17.79 7.54 79.41
C SER U 145 -16.57 7.61 80.32
N MET U 146 -16.78 7.75 81.62
CA MET U 146 -15.70 7.78 82.61
C MET U 146 -14.99 6.43 82.74
N VAL U 147 -15.72 5.33 82.89
CA VAL U 147 -15.09 4.02 83.01
C VAL U 147 -14.29 3.67 81.76
N ALA U 148 -14.83 3.99 80.58
CA ALA U 148 -14.13 3.74 79.31
C ALA U 148 -12.75 4.42 79.30
N THR U 149 -12.65 5.61 79.88
CA THR U 149 -11.40 6.38 79.96
C THR U 149 -10.33 5.65 80.76
N GLY U 150 -10.70 5.04 81.88
CA GLY U 150 -9.76 4.31 82.71
C GLY U 150 -9.15 3.08 82.05
N VAL U 151 -9.98 2.23 81.46
CA VAL U 151 -9.50 1.03 80.78
C VAL U 151 -8.57 1.35 79.61
N VAL U 152 -8.84 2.41 78.85
CA VAL U 152 -7.92 2.77 77.76
C VAL U 152 -6.58 3.25 78.33
N LEU U 153 -6.60 4.07 79.39
CA LEU U 153 -5.35 4.49 80.03
C LEU U 153 -4.59 3.27 80.58
N ALA U 154 -5.32 2.31 81.14
CA ALA U 154 -4.70 1.09 81.63
C ALA U 154 -3.97 0.36 80.50
N THR U 155 -4.63 0.20 79.35
CA THR U 155 -3.97 -0.43 78.20
C THR U 155 -2.80 0.42 77.72
N GLY U 156 -2.85 1.74 77.91
CA GLY U 156 -1.78 2.64 77.55
C GLY U 156 -0.50 2.36 78.33
N VAL U 157 -0.56 2.37 79.66
CA VAL U 157 0.62 2.07 80.48
C VAL U 157 1.08 0.64 80.27
N LEU U 158 0.15 -0.29 80.11
CA LEU U 158 0.50 -1.69 79.85
C LEU U 158 1.16 -1.81 78.48
N GLY U 159 0.72 -1.01 77.53
CA GLY U 159 1.34 -0.99 76.21
C GLY U 159 2.74 -0.38 76.30
N TRP U 160 2.84 0.75 76.99
CA TRP U 160 4.14 1.38 77.23
C TRP U 160 5.08 0.42 77.94
N TRP U 161 4.57 -0.35 78.89
CA TRP U 161 5.38 -1.37 79.57
C TRP U 161 5.93 -2.41 78.58
N ARG U 162 5.04 -3.01 77.78
CA ARG U 162 5.42 -4.01 76.78
C ARG U 162 6.42 -3.47 75.76
N TRP U 163 6.41 -2.17 75.54
CA TRP U 163 7.34 -1.53 74.62
C TRP U 163 8.73 -1.36 75.26
N HIS U 164 8.83 -1.50 76.58
CA HIS U 164 10.09 -1.39 77.32
C HIS U 164 10.50 -2.66 78.06
N HIS U 165 9.59 -3.62 78.27
CA HIS U 165 9.86 -4.87 78.96
C HIS U 165 9.33 -6.02 78.10
N ASN U 166 10.10 -7.09 78.00
CA ASN U 166 9.78 -8.24 77.16
C ASN U 166 9.02 -9.35 77.87
N THR U 167 8.57 -9.13 79.10
CA THR U 167 7.87 -10.16 79.85
C THR U 167 6.46 -10.41 79.30
N TRP U 168 5.94 -11.61 79.59
CA TRP U 168 4.59 -12.08 79.21
C TRP U 168 3.47 -11.36 79.96
N LEU U 169 3.81 -10.56 80.95
CA LEU U 169 2.85 -9.84 81.78
C LEU U 169 1.71 -9.14 81.03
N THR U 170 2.04 -8.23 80.10
CA THR U 170 1.00 -7.47 79.39
C THR U 170 0.00 -8.33 78.62
N THR U 171 0.46 -9.29 77.84
CA THR U 171 -0.49 -10.11 77.08
C THR U 171 -1.39 -10.92 78.01
N ILE U 172 -0.79 -11.49 79.05
CA ILE U 172 -1.50 -12.28 80.06
C ILE U 172 -2.43 -11.41 80.90
N TYR U 173 -1.90 -10.30 81.40
CA TYR U 173 -2.63 -9.36 82.26
C TYR U 173 -3.73 -8.57 81.53
N THR U 174 -3.58 -8.27 80.24
CA THR U 174 -4.59 -7.50 79.50
C THR U 174 -5.82 -8.30 79.08
N ALA U 175 -5.68 -9.60 78.86
CA ALA U 175 -6.80 -10.47 78.45
C ALA U 175 -8.02 -10.36 79.37
N VAL U 176 -7.82 -10.47 80.68
CA VAL U 176 -8.88 -10.39 81.67
C VAL U 176 -9.55 -9.01 81.71
N ILE U 177 -8.81 -7.95 81.46
CA ILE U 177 -9.35 -6.59 81.47
C ILE U 177 -10.46 -6.45 80.43
N GLY U 178 -10.21 -6.95 79.22
CA GLY U 178 -11.22 -6.93 78.16
C GLY U 178 -12.45 -7.76 78.45
N VAL U 179 -12.24 -8.98 78.94
CA VAL U 179 -13.33 -9.91 79.28
C VAL U 179 -14.32 -9.27 80.26
N LEU U 180 -13.83 -8.55 81.25
CA LEU U 180 -14.72 -7.91 82.22
C LEU U 180 -15.62 -6.86 81.54
N VAL U 181 -15.03 -5.95 80.77
CA VAL U 181 -15.81 -4.92 80.06
C VAL U 181 -16.73 -5.56 79.03
N LEU U 182 -16.25 -6.56 78.31
CA LEU U 182 -17.03 -7.28 77.31
C LEU U 182 -18.23 -7.99 77.94
N ALA U 183 -18.04 -8.59 79.11
CA ALA U 183 -19.14 -9.26 79.82
C ALA U 183 -20.23 -8.26 80.17
N VAL U 184 -19.85 -7.11 80.73
CA VAL U 184 -20.80 -6.04 81.04
C VAL U 184 -21.49 -5.57 79.77
N ALA U 185 -20.71 -5.36 78.71
CA ALA U 185 -21.26 -4.94 77.42
C ALA U 185 -22.27 -5.95 76.88
N MET U 186 -21.99 -7.24 77.03
CA MET U 186 -22.91 -8.28 76.58
C MET U 186 -24.25 -8.18 77.31
N LEU U 187 -24.23 -8.02 78.63
CA LEU U 187 -25.45 -7.87 79.42
C LEU U 187 -26.20 -6.60 79.04
N LEU U 188 -25.48 -5.49 78.89
CA LEU U 188 -26.08 -4.22 78.50
C LEU U 188 -26.78 -4.33 77.14
N LEU U 189 -26.15 -4.99 76.18
CA LEU U 189 -26.75 -5.18 74.86
C LEU U 189 -28.01 -6.04 74.95
N MET U 190 -28.02 -7.06 75.81
CA MET U 190 -29.24 -7.86 75.96
C MET U 190 -30.35 -7.07 76.64
N ARG U 191 -30.01 -6.32 77.68
CA ARG U 191 -31.00 -5.57 78.47
C ARG U 191 -31.43 -4.25 77.83
N ALA U 192 -30.58 -3.62 77.02
CA ALA U 192 -30.92 -2.34 76.40
C ALA U 192 -32.17 -2.41 75.52
N LYS U 193 -33.05 -1.39 75.68
CA LYS U 193 -34.31 -1.19 74.96
C LYS U 193 -34.49 0.22 74.44
N THR U 194 -34.11 1.23 75.21
CA THR U 194 -34.22 2.64 74.85
C THR U 194 -32.98 3.12 74.10
N ASP U 195 -33.14 4.27 73.44
CA ASP U 195 -32.04 4.91 72.71
C ASP U 195 -30.91 5.29 73.66
N ALA U 196 -31.24 5.72 74.87
CA ALA U 196 -30.23 6.06 75.86
C ALA U 196 -29.42 4.83 76.22
N ASP U 197 -30.07 3.69 76.39
CA ASP U 197 -29.37 2.44 76.70
C ASP U 197 -28.39 2.08 75.59
N ARG U 198 -28.84 2.22 74.34
CA ARG U 198 -28.01 1.89 73.18
C ARG U 198 -26.71 2.72 73.15
N ARG U 199 -26.79 4.02 73.41
CA ARG U 199 -25.58 4.85 73.46
C ARG U 199 -24.60 4.32 74.53
N VAL U 200 -25.11 3.96 75.70
CA VAL U 200 -24.28 3.41 76.78
C VAL U 200 -23.69 2.06 76.34
N ALA U 201 -24.51 1.19 75.78
CA ALA U 201 -24.08 -0.13 75.30
C ALA U 201 -22.98 -0.01 74.24
N ASP U 202 -23.15 0.87 73.27
CA ASP U 202 -22.15 1.09 72.22
C ASP U 202 -20.81 1.57 72.79
N ILE U 203 -20.83 2.53 73.71
CA ILE U 203 -19.60 3.01 74.34
C ILE U 203 -18.84 1.86 75.03
N MET U 204 -19.56 1.04 75.78
CA MET U 204 -18.93 -0.08 76.49
C MET U 204 -18.36 -1.10 75.51
N LEU U 205 -19.13 -1.46 74.49
CA LEU U 205 -18.69 -2.39 73.45
C LEU U 205 -17.45 -1.88 72.73
N MET U 206 -17.48 -0.62 72.30
CA MET U 206 -16.34 0.03 71.63
C MET U 206 -15.10 0.00 72.53
N SER U 207 -15.27 0.22 73.83
CA SER U 207 -14.19 0.19 74.80
C SER U 207 -13.60 -1.20 75.01
N ALA U 208 -14.39 -2.26 74.79
CA ALA U 208 -13.89 -3.62 74.95
C ALA U 208 -12.96 -4.05 73.81
N ILE U 209 -13.17 -3.54 72.59
CA ILE U 209 -12.34 -3.89 71.44
C ILE U 209 -10.88 -3.46 71.62
N MET U 210 -10.63 -2.34 72.29
CA MET U 210 -9.27 -1.85 72.50
C MET U 210 -8.39 -2.79 73.30
N PRO U 211 -8.74 -3.22 74.51
CA PRO U 211 -7.88 -4.18 75.25
C PRO U 211 -7.71 -5.50 74.53
N VAL U 212 -8.78 -6.05 73.96
CA VAL U 212 -8.74 -7.30 73.21
C VAL U 212 -7.74 -7.22 72.06
N THR U 213 -7.68 -6.06 71.40
CA THR U 213 -6.76 -5.80 70.30
C THR U 213 -5.28 -5.81 70.74
N VAL U 214 -4.94 -5.05 71.77
CA VAL U 214 -3.55 -5.01 72.25
C VAL U 214 -3.12 -6.33 72.89
N ALA U 215 -4.04 -7.05 73.52
CA ALA U 215 -3.71 -8.34 74.12
C ALA U 215 -3.11 -9.29 73.08
N ALA U 216 -3.78 -9.43 71.95
CA ALA U 216 -3.31 -10.29 70.86
C ALA U 216 -1.98 -9.80 70.29
N ALA U 217 -1.83 -8.49 70.10
CA ALA U 217 -0.57 -7.94 69.60
C ALA U 217 0.62 -8.23 70.50
N ALA U 218 0.43 -8.27 71.82
CA ALA U 218 1.51 -8.52 72.79
C ALA U 218 1.90 -10.00 72.95
N ALA U 219 1.20 -10.93 72.31
CA ALA U 219 1.50 -12.36 72.48
C ALA U 219 2.89 -12.82 72.04
N PRO U 220 3.49 -12.36 70.94
CA PRO U 220 4.82 -12.84 70.57
C PRO U 220 5.93 -12.39 71.50
N PRO U 221 6.95 -13.22 71.70
CA PRO U 221 8.10 -12.89 72.55
C PRO U 221 9.16 -12.07 71.83
N GLY U 222 10.01 -11.44 72.64
CA GLY U 222 11.09 -10.62 72.15
C GLY U 222 10.73 -9.21 71.74
N PRO U 223 11.66 -8.53 71.08
CA PRO U 223 11.39 -7.16 70.65
C PRO U 223 10.18 -7.06 69.73
N VAL U 224 9.43 -5.98 69.94
CA VAL U 224 8.21 -5.68 69.19
C VAL U 224 8.55 -5.32 67.75
N GLY U 225 7.75 -5.86 66.82
CA GLY U 225 7.93 -5.64 65.40
C GLY U 225 6.74 -6.06 64.55
N SER U 226 7.03 -6.42 63.31
CA SER U 226 6.01 -6.80 62.32
C SER U 226 5.01 -7.83 62.82
N PRO U 227 5.41 -8.96 63.42
CA PRO U 227 4.41 -9.94 63.89
C PRO U 227 3.42 -9.38 64.90
N GLN U 228 3.86 -8.56 65.84
CA GLN U 228 2.94 -7.95 66.81
C GLN U 228 1.91 -7.07 66.11
N ALA U 229 2.33 -6.29 65.11
CA ALA U 229 1.42 -5.44 64.35
C ALA U 229 0.38 -6.26 63.57
N VAL U 230 0.83 -7.30 62.87
CA VAL U 230 -0.09 -8.14 62.10
C VAL U 230 -1.18 -8.73 62.99
N LEU U 231 -0.80 -9.24 64.15
CA LEU U 231 -1.76 -9.81 65.09
C LEU U 231 -2.74 -8.75 65.62
N GLY U 232 -2.24 -7.59 66.04
CA GLY U 232 -3.07 -6.52 66.56
C GLY U 232 -4.10 -5.99 65.58
N PHE U 233 -3.66 -5.45 64.44
CA PHE U 233 -4.55 -4.91 63.41
C PHE U 233 -5.49 -5.97 62.85
N GLY U 234 -5.06 -7.23 62.78
CA GLY U 234 -5.88 -8.33 62.30
C GLY U 234 -7.14 -8.48 63.14
N VAL U 235 -7.01 -8.70 64.44
CA VAL U 235 -8.19 -8.84 65.31
C VAL U 235 -8.97 -7.52 65.36
N LEU U 236 -8.28 -6.38 65.27
CA LEU U 236 -8.99 -5.10 65.25
C LEU U 236 -9.95 -5.05 64.06
N THR U 237 -9.48 -5.48 62.88
CA THR U 237 -10.31 -5.50 61.69
C THR U 237 -11.48 -6.47 61.87
N VAL U 238 -11.18 -7.69 62.30
CA VAL U 238 -12.17 -8.74 62.52
C VAL U 238 -13.16 -8.34 63.62
N ALA U 239 -12.67 -7.74 64.70
CA ALA U 239 -13.54 -7.30 65.78
C ALA U 239 -14.53 -6.24 65.30
N ALA U 240 -14.03 -5.23 64.58
CA ALA U 240 -14.88 -4.18 64.03
C ALA U 240 -15.89 -4.72 63.02
N ALA U 241 -15.43 -5.54 62.08
CA ALA U 241 -16.31 -6.13 61.08
C ALA U 241 -17.43 -6.94 61.74
N LEU U 242 -17.06 -7.81 62.68
CA LEU U 242 -18.02 -8.64 63.39
C LEU U 242 -18.97 -7.80 64.25
N ALA U 243 -18.43 -6.85 65.00
CA ALA U 243 -19.26 -5.98 65.82
C ALA U 243 -20.27 -5.21 64.97
N LEU U 244 -19.83 -4.67 63.84
CA LEU U 244 -20.70 -3.95 62.92
C LEU U 244 -21.84 -4.82 62.39
N ARG U 245 -21.53 -6.03 61.92
CA ARG U 245 -22.54 -6.93 61.37
C ARG U 245 -23.68 -7.24 62.32
N PHE U 246 -23.39 -7.64 63.55
CA PHE U 246 -24.46 -7.98 64.48
C PHE U 246 -25.06 -6.78 65.20
N THR U 247 -24.32 -5.68 65.35
CA THR U 247 -24.89 -4.52 66.03
C THR U 247 -25.79 -3.69 65.12
N GLY U 248 -25.41 -3.52 63.85
CA GLY U 248 -26.25 -2.72 62.95
C GLY U 248 -26.41 -1.28 63.37
N ARG U 249 -25.38 -0.69 63.95
CA ARG U 249 -25.42 0.66 64.48
C ARG U 249 -24.01 1.23 64.43
N ARG U 250 -23.90 2.56 64.44
CA ARG U 250 -22.59 3.23 64.40
C ARG U 250 -21.75 2.81 63.19
N LEU U 251 -22.42 2.68 62.03
CA LEU U 251 -21.77 2.28 60.78
C LEU U 251 -20.53 3.12 60.48
N GLY U 252 -20.61 4.42 60.70
CA GLY U 252 -19.56 5.38 60.43
C GLY U 252 -18.22 5.11 61.10
N ILE U 253 -18.19 5.15 62.41
CA ILE U 253 -16.95 4.95 63.17
C ILE U 253 -16.35 3.55 62.96
N TYR U 254 -17.17 2.50 62.92
CA TYR U 254 -16.65 1.15 62.70
C TYR U 254 -16.02 0.96 61.31
N THR U 255 -16.61 1.53 60.27
CA THR U 255 -16.06 1.39 58.91
C THR U 255 -14.65 1.95 58.82
N THR U 256 -14.39 3.08 59.46
CA THR U 256 -13.07 3.70 59.49
C THR U 256 -12.02 2.75 60.05
N ILE U 257 -12.37 2.04 61.12
CA ILE U 257 -11.50 1.09 61.79
C ILE U 257 -11.13 -0.07 60.87
N VAL U 258 -12.11 -0.63 60.17
CA VAL U 258 -11.91 -1.73 59.23
C VAL U 258 -10.90 -1.35 58.13
N ILE U 259 -11.00 -0.16 57.54
CA ILE U 259 -10.10 0.24 56.46
C ILE U 259 -8.66 0.45 56.93
N ILE U 260 -8.43 1.19 58.01
CA ILE U 260 -7.04 1.37 58.48
C ILE U 260 -6.48 0.04 58.99
N GLY U 261 -7.34 -0.81 59.57
CA GLY U 261 -6.90 -2.11 60.03
C GLY U 261 -6.49 -3.02 58.87
N ALA U 262 -7.38 -3.19 57.90
CA ALA U 262 -7.13 -4.03 56.72
C ALA U 262 -5.89 -3.58 55.93
N LEU U 263 -5.81 -2.32 55.54
CA LEU U 263 -4.65 -1.85 54.77
C LEU U 263 -3.36 -1.88 55.58
N THR U 264 -3.41 -1.62 56.89
CA THR U 264 -2.20 -1.69 57.70
C THR U 264 -1.75 -3.16 57.88
N MET U 265 -2.71 -4.08 57.98
CA MET U 265 -2.41 -5.50 58.07
C MET U 265 -1.65 -5.99 56.83
N LEU U 266 -2.08 -5.58 55.64
CA LEU U 266 -1.41 -5.93 54.38
C LEU U 266 -0.04 -5.25 54.28
N ALA U 267 0.13 -4.08 54.87
CA ALA U 267 1.41 -3.39 54.86
C ALA U 267 2.43 -4.14 55.72
N ALA U 268 2.05 -4.45 56.95
CA ALA U 268 2.90 -5.20 57.88
C ALA U 268 3.15 -6.62 57.40
N LEU U 269 2.14 -7.26 56.81
CA LEU U 269 2.28 -8.63 56.28
C LEU U 269 3.33 -8.69 55.18
N ALA U 270 3.39 -7.70 54.30
CA ALA U 270 4.40 -7.71 53.26
C ALA U 270 5.79 -7.67 53.89
N ARG U 271 5.98 -6.79 54.87
CA ARG U 271 7.25 -6.72 55.60
C ARG U 271 7.58 -8.02 56.32
N MET U 272 6.56 -8.75 56.78
CA MET U 272 6.78 -10.03 57.44
C MET U 272 7.30 -11.08 56.47
N VAL U 273 6.60 -11.28 55.36
CA VAL U 273 6.98 -12.31 54.39
C VAL U 273 8.20 -11.87 53.57
N ALA U 274 8.43 -10.58 53.40
CA ALA U 274 9.60 -10.14 52.64
C ALA U 274 10.08 -8.81 53.18
N ALA U 275 11.39 -8.58 53.08
CA ALA U 275 11.99 -7.35 53.58
C ALA U 275 11.45 -6.11 52.88
N THR U 276 11.51 -6.10 51.55
CA THR U 276 11.08 -4.98 50.70
C THR U 276 11.67 -3.66 51.21
N SER U 277 10.88 -2.58 51.25
CA SER U 277 11.34 -1.30 51.76
C SER U 277 10.15 -0.46 52.21
N ALA U 278 10.42 0.52 53.05
CA ALA U 278 9.37 1.41 53.56
C ALA U 278 8.80 2.31 52.46
N VAL U 279 9.68 2.95 51.69
CA VAL U 279 9.27 3.81 50.59
C VAL U 279 8.30 3.10 49.66
N THR U 280 8.59 1.82 49.37
CA THR U 280 7.73 1.01 48.51
C THR U 280 6.40 0.68 49.17
N LEU U 281 6.41 0.34 50.44
CA LEU U 281 5.16 0.06 51.16
C LEU U 281 4.27 1.29 51.23
N LEU U 282 4.88 2.46 51.42
CA LEU U 282 4.16 3.74 51.47
C LEU U 282 3.63 4.17 50.10
N SER U 283 4.48 4.11 49.07
CA SER U 283 4.08 4.46 47.70
C SER U 283 2.95 3.57 47.20
N SER U 284 3.00 2.29 47.53
CA SER U 284 1.96 1.33 47.14
C SER U 284 0.62 1.66 47.81
N LEU U 285 0.62 2.05 49.07
CA LEU U 285 -0.61 2.44 49.75
C LEU U 285 -1.21 3.69 49.12
N LEU U 286 -0.38 4.64 48.72
CA LEU U 286 -0.85 5.85 48.06
C LEU U 286 -1.63 5.53 46.79
N LEU U 287 -1.09 4.66 45.94
CA LEU U 287 -1.76 4.24 44.71
C LEU U 287 -3.06 3.49 44.99
N ILE U 288 -3.09 2.62 45.99
CA ILE U 288 -4.30 1.90 46.36
C ILE U 288 -5.39 2.87 46.83
N CYS U 289 -5.01 3.93 47.54
CA CYS U 289 -5.96 4.95 47.99
C CYS U 289 -6.49 5.81 46.83
N VAL U 290 -5.64 6.23 45.90
CA VAL U 290 -6.09 7.01 44.74
C VAL U 290 -7.15 6.27 43.93
N VAL U 291 -6.97 4.97 43.69
CA VAL U 291 -7.99 4.20 42.98
C VAL U 291 -9.20 3.92 43.86
N ALA U 292 -9.00 3.78 45.17
CA ALA U 292 -10.11 3.53 46.10
C ALA U 292 -11.09 4.71 46.17
N TYR U 293 -10.60 5.95 46.07
CA TYR U 293 -11.50 7.12 46.05
C TYR U 293 -12.47 7.10 44.89
N HIS U 294 -12.10 6.49 43.77
CA HIS U 294 -12.95 6.37 42.59
C HIS U 294 -13.98 5.27 42.73
N ALA U 295 -13.69 4.24 43.50
CA ALA U 295 -14.58 3.11 43.75
C ALA U 295 -15.53 3.32 44.93
N ALA U 296 -15.20 4.18 45.88
CA ALA U 296 -15.99 4.44 47.09
C ALA U 296 -17.50 4.58 46.88
N PRO U 297 -18.02 5.36 45.93
CA PRO U 297 -19.48 5.44 45.76
C PRO U 297 -20.13 4.13 45.30
N ALA U 298 -19.40 3.24 44.63
CA ALA U 298 -19.94 1.95 44.20
C ALA U 298 -19.91 0.93 45.35
N LEU U 299 -18.79 0.85 46.07
CA LEU U 299 -18.70 -0.04 47.24
C LEU U 299 -19.82 0.26 48.22
N SER U 300 -20.07 1.53 48.48
CA SER U 300 -21.12 1.95 49.39
C SER U 300 -22.51 1.53 48.94
N ARG U 301 -22.70 1.25 47.66
CA ARG U 301 -24.00 0.80 47.16
C ARG U 301 -24.26 -0.65 47.49
N ARG U 302 -23.32 -1.54 47.19
CA ARG U 302 -23.46 -2.97 47.46
C ARG U 302 -23.43 -3.30 48.95
N LEU U 303 -22.59 -2.63 49.74
CA LEU U 303 -22.58 -2.87 51.18
C LEU U 303 -23.91 -2.53 51.83
N ALA U 304 -24.61 -1.54 51.33
CA ALA U 304 -25.92 -1.17 51.84
C ALA U 304 -27.03 -2.02 51.25
N GLY U 305 -26.71 -2.97 50.36
CA GLY U 305 -27.69 -3.86 49.78
C GLY U 305 -28.62 -3.32 48.72
N ILE U 306 -28.30 -2.18 48.12
CA ILE U 306 -29.08 -1.71 46.98
C ILE U 306 -28.89 -2.70 45.84
N ARG U 307 -29.98 -3.20 45.27
CA ARG U 307 -29.92 -4.14 44.16
C ARG U 307 -30.62 -3.56 42.94
N LEU U 308 -30.09 -3.91 41.75
CA LEU U 308 -30.53 -3.38 40.46
C LEU U 308 -31.00 -4.50 39.53
N PRO U 309 -32.26 -4.91 39.64
CA PRO U 309 -32.77 -5.99 38.80
C PRO U 309 -32.81 -5.66 37.31
N VAL U 310 -32.38 -6.64 36.49
CA VAL U 310 -32.35 -6.56 35.03
C VAL U 310 -32.65 -7.96 34.50
N PHE U 311 -33.76 -8.11 33.77
CA PHE U 311 -34.16 -9.40 33.24
C PHE U 311 -35.03 -9.14 32.01
N PRO U 312 -35.17 -10.12 31.09
CA PRO U 312 -35.95 -9.83 29.87
C PRO U 312 -37.46 -9.81 30.05
N SER U 313 -37.95 -8.99 30.98
CA SER U 313 -39.38 -8.84 31.25
C SER U 313 -40.07 -10.19 31.42
N ALA U 314 -39.42 -11.08 32.16
CA ALA U 314 -39.90 -12.44 32.41
C ALA U 314 -40.14 -13.22 31.12
N THR U 315 -39.49 -12.82 30.02
CA THR U 315 -39.72 -13.45 28.71
C THR U 315 -41.21 -13.40 28.32
N SER U 316 -41.86 -12.26 28.56
CA SER U 316 -43.28 -12.13 28.24
C SER U 316 -43.64 -10.66 28.07
N ARG U 317 -44.82 -10.43 27.51
CA ARG U 317 -45.32 -9.06 27.34
C ARG U 317 -45.79 -8.45 28.66
N TRP U 318 -45.89 -7.12 28.63
CA TRP U 318 -46.31 -6.31 29.77
C TRP U 318 -47.78 -6.45 30.13
N VAL U 319 -48.04 -6.71 31.42
CA VAL U 319 -49.40 -6.79 31.98
C VAL U 319 -49.63 -5.53 32.81
N PHE U 320 -50.13 -4.49 32.13
CA PHE U 320 -50.36 -3.19 32.74
C PHE U 320 -51.42 -3.22 33.84
N GLU U 321 -52.46 -4.05 33.69
CA GLU U 321 -53.57 -4.13 34.63
C GLU U 321 -53.38 -5.13 35.79
N ALA U 322 -52.15 -5.52 36.11
CA ALA U 322 -51.93 -6.45 37.22
C ALA U 322 -52.36 -5.88 38.56
N ARG U 323 -52.88 -6.76 39.44
CA ARG U 323 -53.33 -6.44 40.78
C ARG U 323 -52.15 -5.90 41.63
N PRO U 324 -52.19 -4.64 42.04
CA PRO U 324 -51.08 -4.05 42.79
C PRO U 324 -50.79 -4.69 44.15
N ASP U 325 -49.56 -4.45 44.61
CA ASP U 325 -49.05 -5.01 45.86
C ASP U 325 -49.87 -4.60 47.08
N LEU U 326 -50.06 -5.55 47.99
CA LEU U 326 -50.83 -5.34 49.22
C LEU U 326 -50.12 -4.41 50.23
N PRO U 327 -50.78 -3.36 50.73
CA PRO U 327 -50.13 -2.43 51.67
C PRO U 327 -49.87 -3.01 53.06
N THR U 328 -48.72 -2.66 53.64
CA THR U 328 -48.28 -3.12 54.97
C THR U 328 -48.82 -2.28 56.13
N THR U 329 -49.07 -2.96 57.25
CA THR U 329 -49.61 -2.39 58.48
C THR U 329 -48.52 -2.23 59.57
N VAL U 330 -48.50 -1.07 60.25
CA VAL U 330 -47.50 -0.80 61.28
C VAL U 330 -48.15 -0.19 62.53
N VAL U 331 -47.43 -0.31 63.65
CA VAL U 331 -47.85 0.17 64.97
C VAL U 331 -46.70 0.86 65.70
N VAL U 332 -47.07 1.59 66.76
CA VAL U 332 -46.13 2.28 67.64
C VAL U 332 -46.50 1.89 69.06
N SER U 333 -45.48 1.85 69.94
CA SER U 333 -45.71 1.47 71.34
C SER U 333 -46.78 2.34 71.99
N GLY U 334 -46.59 3.66 71.96
CA GLY U 334 -47.60 4.55 72.51
C GLY U 334 -48.82 4.64 71.61
N GLY U 335 -48.60 4.86 70.31
CA GLY U 335 -49.64 4.91 69.31
C GLY U 335 -50.00 3.51 68.86
N SER U 336 -50.50 2.73 69.82
CA SER U 336 -50.83 1.32 69.60
C SER U 336 -51.85 1.10 68.49
N ALA U 337 -52.64 2.09 68.11
CA ALA U 337 -53.59 1.87 67.02
C ALA U 337 -52.88 1.70 65.68
N PRO U 338 -53.03 0.54 65.02
CA PRO U 338 -52.36 0.29 63.74
C PRO U 338 -52.86 1.14 62.58
N VAL U 339 -51.92 1.46 61.67
CA VAL U 339 -52.21 2.21 60.45
C VAL U 339 -51.30 1.65 59.36
N LEU U 340 -51.82 1.60 58.12
CA LEU U 340 -51.05 1.10 56.98
C LEU U 340 -50.28 2.23 56.31
N GLU U 341 -49.06 1.92 55.84
CA GLU U 341 -48.19 2.91 55.21
C GLU U 341 -47.83 2.66 53.75
N GLY U 342 -48.01 1.45 53.21
CA GLY U 342 -47.71 1.20 51.81
C GLY U 342 -46.93 -0.06 51.47
N PRO U 343 -46.63 -0.23 50.19
CA PRO U 343 -45.92 -1.43 49.72
C PRO U 343 -44.57 -1.72 50.38
N SER U 344 -44.36 -2.99 50.66
CA SER U 344 -43.14 -3.50 51.31
C SER U 344 -41.88 -3.22 50.49
N SER U 345 -41.98 -3.38 49.17
CA SER U 345 -40.86 -3.15 48.24
C SER U 345 -40.37 -1.71 48.24
N VAL U 346 -41.27 -0.75 48.40
CA VAL U 346 -40.97 0.67 48.30
C VAL U 346 -40.50 1.26 49.63
N ARG U 347 -41.18 0.96 50.72
CA ARG U 347 -40.80 1.51 52.03
C ARG U 347 -39.37 1.15 52.44
N ASP U 348 -38.88 -0.04 52.09
CA ASP U 348 -37.53 -0.43 52.51
C ASP U 348 -36.43 0.40 51.84
N VAL U 349 -36.68 0.94 50.65
CA VAL U 349 -35.68 1.78 49.96
C VAL U 349 -35.27 2.97 50.82
N LEU U 350 -36.17 3.48 51.65
CA LEU U 350 -35.89 4.61 52.54
C LEU U 350 -34.81 4.28 53.59
N LEU U 351 -34.75 3.05 54.08
CA LEU U 351 -33.72 2.64 55.02
C LEU U 351 -32.38 2.41 54.33
N GLN U 352 -32.39 1.83 53.14
CA GLN U 352 -31.16 1.56 52.42
C GLN U 352 -30.39 2.84 52.09
N ALA U 353 -31.09 3.92 51.73
CA ALA U 353 -30.46 5.19 51.42
C ALA U 353 -29.67 5.79 52.59
N GLU U 354 -30.23 5.84 53.80
CA GLU U 354 -29.46 6.39 54.92
C GLU U 354 -28.29 5.48 55.30
N ARG U 355 -28.41 4.17 55.07
CA ARG U 355 -27.31 3.24 55.30
C ARG U 355 -26.20 3.50 54.30
N ALA U 356 -26.56 3.71 53.03
CA ALA U 356 -25.62 4.01 51.97
C ALA U 356 -24.80 5.27 52.29
N ARG U 357 -25.47 6.34 52.70
CA ARG U 357 -24.80 7.58 53.09
C ARG U 357 -23.82 7.37 54.25
N SER U 358 -24.18 6.54 55.23
CA SER U 358 -23.34 6.26 56.41
C SER U 358 -22.06 5.51 56.05
N PHE U 359 -22.13 4.54 55.15
CA PHE U 359 -20.93 3.81 54.72
C PHE U 359 -19.97 4.71 53.95
N LEU U 360 -20.48 5.52 53.03
CA LEU U 360 -19.65 6.43 52.26
C LEU U 360 -18.87 7.41 53.14
N SER U 361 -19.51 7.97 54.17
CA SER U 361 -18.85 8.92 55.07
C SER U 361 -17.66 8.31 55.81
N GLY U 362 -17.81 7.09 56.32
CA GLY U 362 -16.70 6.42 56.97
C GLY U 362 -15.61 6.01 56.01
N LEU U 363 -15.99 5.49 54.86
CA LEU U 363 -15.06 5.08 53.82
C LEU U 363 -14.18 6.24 53.35
N LEU U 364 -14.73 7.43 53.20
CA LEU U 364 -13.93 8.61 52.84
C LEU U 364 -12.93 8.98 53.95
N THR U 365 -13.36 8.92 55.21
CA THR U 365 -12.51 9.25 56.36
C THR U 365 -11.34 8.28 56.49
N GLY U 366 -11.60 6.98 56.38
CA GLY U 366 -10.53 5.99 56.47
C GLY U 366 -9.44 6.21 55.43
N LEU U 367 -9.83 6.51 54.20
CA LEU U 367 -8.88 6.80 53.12
C LEU U 367 -8.12 8.09 53.40
N GLY U 368 -8.80 9.10 53.94
CA GLY U 368 -8.20 10.38 54.28
C GLY U 368 -7.02 10.28 55.25
N VAL U 369 -7.18 9.48 56.30
CA VAL U 369 -6.12 9.26 57.28
C VAL U 369 -4.88 8.62 56.65
N MET U 370 -5.07 7.58 55.87
CA MET U 370 -3.97 6.86 55.22
C MET U 370 -3.14 7.75 54.29
N VAL U 371 -3.75 8.61 53.48
CA VAL U 371 -2.98 9.47 52.57
C VAL U 371 -2.14 10.51 53.31
N VAL U 372 -2.63 11.09 54.40
CA VAL U 372 -1.81 12.07 55.12
C VAL U 372 -0.63 11.40 55.81
N VAL U 373 -0.83 10.23 56.42
CA VAL U 373 0.27 9.51 57.05
C VAL U 373 1.29 9.04 56.02
N CYS U 374 0.84 8.53 54.87
CA CYS U 374 1.75 8.06 53.83
C CYS U 374 2.48 9.21 53.15
N MET U 375 1.76 10.25 52.74
CA MET U 375 2.36 11.39 52.03
C MET U 375 3.38 12.13 52.89
N THR U 376 3.05 12.41 54.16
CA THR U 376 3.95 13.11 55.08
C THR U 376 5.18 12.31 55.46
N SER U 377 5.23 11.01 55.14
CA SER U 377 6.37 10.14 55.40
C SER U 377 7.26 10.01 54.16
N LEU U 378 6.67 9.95 52.97
CA LEU U 378 7.45 9.83 51.73
C LEU U 378 8.39 11.01 51.54
N CYS U 379 7.93 12.22 51.81
CA CYS U 379 8.79 13.39 51.68
C CYS U 379 9.75 13.41 52.86
N ASP U 380 11.02 13.75 52.56
CA ASP U 380 12.06 13.83 53.54
C ASP U 380 13.03 14.92 53.15
N PRO U 381 13.42 15.79 54.09
CA PRO U 381 14.30 16.92 53.78
C PRO U 381 15.77 16.58 53.57
N HIS U 382 16.22 15.37 53.85
CA HIS U 382 17.63 15.02 53.66
C HIS U 382 17.85 14.07 52.50
N THR U 383 16.85 13.25 52.18
CA THR U 383 16.94 12.27 51.10
C THR U 383 17.10 12.96 49.75
N GLY U 384 17.94 12.37 48.89
CA GLY U 384 18.25 12.92 47.58
C GLY U 384 17.07 13.23 46.69
N GLN U 385 17.23 14.25 45.83
CA GLN U 385 16.17 14.73 44.91
C GLN U 385 14.91 15.12 45.66
N ARG U 386 15.13 15.94 46.69
CA ARG U 386 14.16 16.46 47.65
C ARG U 386 12.84 16.93 47.04
N TRP U 387 12.91 17.51 45.84
CA TRP U 387 11.73 18.02 45.12
C TRP U 387 10.83 16.95 44.52
N LEU U 388 11.34 15.75 44.23
CA LEU U 388 10.51 14.71 43.63
C LEU U 388 9.36 14.28 44.52
N PRO U 389 9.59 13.81 45.75
CA PRO U 389 8.47 13.43 46.62
C PRO U 389 7.62 14.60 47.08
N LEU U 390 8.15 15.81 47.02
CA LEU U 390 7.44 17.02 47.42
C LEU U 390 6.42 17.48 46.38
N ILE U 391 6.77 17.43 45.08
CA ILE U 391 5.83 17.81 44.03
C ILE U 391 4.67 16.81 43.96
N LEU U 392 4.91 15.54 44.27
CA LEU U 392 3.87 14.52 44.28
C LEU U 392 2.80 14.85 45.33
N ALA U 393 3.20 15.51 46.42
CA ALA U 393 2.28 15.96 47.47
C ALA U 393 1.42 17.12 46.99
N GLY U 394 1.90 17.87 46.00
CA GLY U 394 1.16 19.00 45.43
C GLY U 394 0.01 18.56 44.53
N PHE U 395 0.30 17.72 43.54
CA PHE U 395 -0.72 17.18 42.64
C PHE U 395 -1.77 16.37 43.41
N THR U 396 -1.35 15.63 44.43
CA THR U 396 -2.29 14.87 45.25
C THR U 396 -3.29 15.78 45.98
N SER U 397 -2.81 16.88 46.53
CA SER U 397 -3.67 17.84 47.24
C SER U 397 -4.64 18.54 46.29
N GLY U 398 -4.17 18.96 45.12
CA GLY U 398 -5.04 19.59 44.14
C GLY U 398 -6.19 18.69 43.71
N PHE U 399 -5.89 17.42 43.45
CA PHE U 399 -6.92 16.45 43.08
C PHE U 399 -7.98 16.34 44.17
N LEU U 400 -7.60 16.19 45.43
CA LEU U 400 -8.55 16.07 46.53
C LEU U 400 -9.33 17.36 46.79
N LEU U 401 -8.70 18.52 46.73
CA LEU U 401 -9.41 19.78 46.96
C LEU U 401 -10.48 20.03 45.91
N LEU U 402 -10.19 19.76 44.64
CA LEU U 402 -11.17 19.94 43.58
C LEU U 402 -12.24 18.85 43.58
N ARG U 403 -11.89 17.63 43.98
CA ARG U 403 -12.87 16.55 44.04
C ARG U 403 -14.05 16.86 44.96
N GLY U 404 -13.85 17.70 45.98
CA GLY U 404 -14.94 18.02 46.88
C GLY U 404 -16.21 18.58 46.24
N ARG U 405 -16.08 19.30 45.13
CA ARG U 405 -17.29 19.86 44.53
C ARG U 405 -18.15 18.83 43.83
N SER U 406 -17.74 17.56 43.85
CA SER U 406 -18.56 16.46 43.41
C SER U 406 -19.48 15.94 44.51
N TYR U 407 -19.27 16.35 45.75
CA TYR U 407 -20.06 15.94 46.90
C TYR U 407 -20.85 17.11 47.44
N VAL U 408 -22.16 16.93 47.57
CA VAL U 408 -23.04 17.98 48.06
C VAL U 408 -23.29 17.93 49.57
N ASP U 409 -23.08 16.79 50.21
CA ASP U 409 -23.28 16.71 51.66
C ASP U 409 -22.30 17.61 52.40
N ARG U 410 -22.78 18.21 53.49
CA ARG U 410 -21.99 19.12 54.31
C ARG U 410 -20.73 18.50 54.90
N TRP U 411 -20.84 17.39 55.61
CA TRP U 411 -19.66 16.77 56.23
C TRP U 411 -18.79 16.01 55.25
N GLN U 412 -19.35 15.49 54.17
CA GLN U 412 -18.56 14.80 53.15
C GLN U 412 -17.66 15.79 52.39
N SER U 413 -18.19 16.94 52.01
CA SER U 413 -17.38 17.95 51.34
C SER U 413 -16.33 18.58 52.26
N ILE U 414 -16.70 18.88 53.50
CA ILE U 414 -15.75 19.44 54.48
C ILE U 414 -14.60 18.46 54.76
N THR U 415 -14.88 17.16 54.87
CA THR U 415 -13.81 16.19 55.13
C THR U 415 -12.82 16.11 53.96
N LEU U 416 -13.30 16.21 52.72
CA LEU U 416 -12.41 16.17 51.56
C LEU U 416 -11.53 17.41 51.50
N ALA U 417 -12.11 18.59 51.70
CA ALA U 417 -11.34 19.85 51.71
C ALA U 417 -10.34 19.87 52.86
N GLY U 418 -10.78 19.50 54.05
CA GLY U 418 -9.89 19.43 55.22
C GLY U 418 -8.73 18.48 55.02
N THR U 419 -9.00 17.30 54.46
CA THR U 419 -7.96 16.32 54.16
C THR U 419 -6.88 16.90 53.24
N ALA U 420 -7.29 17.63 52.21
CA ALA U 420 -6.37 18.25 51.26
C ALA U 420 -5.48 19.31 51.90
N VAL U 421 -6.01 20.07 52.86
CA VAL U 421 -5.26 21.12 53.57
C VAL U 421 -4.31 20.54 54.62
N ILE U 422 -4.78 19.61 55.45
CA ILE U 422 -3.92 19.02 56.49
C ILE U 422 -2.69 18.33 55.89
N ILE U 423 -2.79 17.82 54.66
CA ILE U 423 -1.62 17.21 54.01
C ILE U 423 -0.53 18.27 53.82
N ALA U 424 -0.90 19.49 53.48
CA ALA U 424 0.04 20.58 53.30
C ALA U 424 0.63 21.05 54.63
N ALA U 425 -0.22 21.25 55.63
CA ALA U 425 0.24 21.68 56.96
C ALA U 425 1.21 20.67 57.57
N ALA U 426 0.88 19.40 57.52
CA ALA U 426 1.72 18.34 58.07
C ALA U 426 3.10 18.27 57.42
N VAL U 427 3.21 18.57 56.12
CA VAL U 427 4.53 18.60 55.49
C VAL U 427 5.32 19.84 55.92
N CYS U 428 4.65 20.99 56.05
CA CYS U 428 5.34 22.22 56.46
C CYS U 428 6.03 22.07 57.82
N VAL U 429 5.33 21.49 58.80
CA VAL U 429 5.91 21.27 60.14
C VAL U 429 7.14 20.37 60.06
N ARG U 430 6.99 19.22 59.40
CA ARG U 430 8.11 18.28 59.24
C ARG U 430 9.32 18.93 58.60
N TYR U 431 9.12 19.84 57.65
CA TYR U 431 10.21 20.50 56.96
C TYR U 431 10.94 21.56 57.78
N ALA U 432 10.41 21.99 58.92
CA ALA U 432 11.07 23.00 59.77
C ALA U 432 11.78 22.37 60.98
N LEU U 433 11.20 21.36 61.61
CA LEU U 433 11.85 20.71 62.75
C LEU U 433 13.16 20.09 62.32
N GLU U 434 13.15 19.22 61.33
CA GLU U 434 14.41 18.73 60.80
C GLU U 434 14.99 19.80 59.90
N LEU U 435 16.31 19.79 59.77
CA LEU U 435 17.00 20.77 58.94
C LEU U 435 16.58 22.19 59.33
N SER U 436 16.51 22.43 60.64
CA SER U 436 16.14 23.72 61.20
C SER U 436 17.14 24.78 60.76
N SER U 437 16.65 25.89 60.25
CA SER U 437 17.52 26.95 59.76
C SER U 437 16.72 28.25 59.67
N PRO U 438 17.40 29.40 59.71
CA PRO U 438 16.70 30.70 59.65
C PRO U 438 15.86 30.93 58.40
N LEU U 439 16.36 30.55 57.23
CA LEU U 439 15.59 30.72 56.00
C LEU U 439 14.42 29.75 55.95
N ALA U 440 14.65 28.49 56.31
CA ALA U 440 13.60 27.48 56.30
C ALA U 440 12.42 27.89 57.18
N VAL U 441 12.66 28.22 58.45
CA VAL U 441 11.58 28.62 59.36
C VAL U 441 10.91 29.91 58.89
N SER U 442 11.65 30.81 58.27
CA SER U 442 11.08 32.05 57.73
C SER U 442 10.07 31.78 56.60
N ILE U 443 10.43 30.91 55.67
CA ILE U 443 9.58 30.55 54.54
C ILE U 443 8.36 29.75 54.99
N VAL U 444 8.56 28.74 55.82
CA VAL U 444 7.47 27.91 56.34
C VAL U 444 6.41 28.75 57.06
N ALA U 445 6.83 29.66 57.93
CA ALA U 445 5.89 30.50 58.68
C ALA U 445 4.99 31.35 57.79
N ALA U 446 5.47 31.79 56.62
CA ALA U 446 4.63 32.58 55.71
C ALA U 446 3.57 31.72 55.01
N ILE U 447 4.00 30.62 54.40
CA ILE U 447 3.11 29.69 53.70
C ILE U 447 1.97 29.24 54.58
N LEU U 448 2.30 28.87 55.81
CA LEU U 448 1.40 28.34 56.83
C LEU U 448 0.28 29.30 57.24
N VAL U 449 0.34 30.60 56.91
CA VAL U 449 -0.73 31.55 57.20
C VAL U 449 -1.38 32.12 55.94
N LEU U 450 -0.63 32.33 54.86
CA LEU U 450 -1.20 32.87 53.62
C LEU U 450 -2.08 31.84 52.87
N LEU U 451 -1.65 30.60 52.77
CA LEU U 451 -2.37 29.50 52.09
C LEU U 451 -3.79 29.37 52.65
N PRO U 452 -3.98 29.21 53.95
CA PRO U 452 -5.35 29.13 54.50
C PRO U 452 -6.11 30.44 54.37
N ALA U 453 -5.41 31.57 54.32
CA ALA U 453 -6.04 32.88 54.14
C ALA U 453 -6.64 33.02 52.75
N ALA U 454 -5.93 32.56 51.73
CA ALA U 454 -6.43 32.58 50.35
C ALA U 454 -7.71 31.74 50.22
N GLY U 455 -7.81 30.68 50.99
CA GLY U 455 -9.02 29.85 51.00
C GLY U 455 -10.23 30.61 51.50
N MET U 456 -10.10 31.33 52.61
CA MET U 456 -11.22 32.12 53.13
C MET U 456 -11.60 33.20 52.14
N ALA U 457 -10.62 33.84 51.51
CA ALA U 457 -10.89 34.87 50.52
C ALA U 457 -11.71 34.32 49.36
N ALA U 458 -11.31 33.18 48.80
CA ALA U 458 -12.04 32.55 47.71
C ALA U 458 -13.44 32.09 48.13
N ALA U 459 -13.55 31.50 49.32
CA ALA U 459 -14.82 31.01 49.84
C ALA U 459 -15.88 32.10 49.96
N ALA U 460 -15.48 33.32 50.29
CA ALA U 460 -16.39 34.46 50.45
C ALA U 460 -16.80 35.13 49.14
N HIS U 461 -15.91 35.21 48.16
CA HIS U 461 -16.17 35.90 46.89
C HIS U 461 -16.74 35.03 45.77
N VAL U 462 -16.35 33.76 45.66
CA VAL U 462 -16.86 32.93 44.57
C VAL U 462 -18.36 32.75 44.53
N PRO U 463 -19.08 32.58 45.63
CA PRO U 463 -20.52 32.37 45.51
C PRO U 463 -21.33 33.56 45.00
N HIS U 464 -20.83 34.80 44.97
CA HIS U 464 -21.67 35.90 44.48
C HIS U 464 -21.17 36.57 43.20
N THR U 465 -20.25 35.95 42.46
CA THR U 465 -19.72 36.47 41.21
C THR U 465 -20.18 35.64 40.01
N ILE U 466 -19.89 36.14 38.81
CA ILE U 466 -20.23 35.47 37.56
C ILE U 466 -18.95 35.12 36.83
N TYR U 467 -18.91 33.93 36.22
CA TYR U 467 -17.77 33.49 35.43
C TYR U 467 -18.24 32.94 34.09
N SER U 468 -17.54 33.34 33.04
CA SER U 468 -17.89 32.92 31.69
C SER U 468 -17.53 31.45 31.43
N PRO U 469 -18.32 30.76 30.61
CA PRO U 469 -18.13 29.35 30.30
C PRO U 469 -16.71 28.88 30.01
N LEU U 470 -15.92 29.71 29.36
CA LEU U 470 -14.54 29.36 29.04
C LEU U 470 -13.68 29.18 30.28
N PHE U 471 -13.94 29.93 31.34
CA PHE U 471 -13.18 29.77 32.58
C PHE U 471 -13.66 28.56 33.39
N ARG U 472 -14.96 28.32 33.44
CA ARG U 472 -15.51 27.16 34.14
C ARG U 472 -15.01 25.85 33.53
N LYS U 473 -14.95 25.79 32.21
CA LYS U 473 -14.38 24.63 31.52
C LYS U 473 -12.91 24.50 31.85
N PHE U 474 -12.19 25.61 32.03
CA PHE U 474 -10.78 25.56 32.40
C PHE U 474 -10.53 25.03 33.81
N VAL U 475 -11.31 25.46 34.81
CA VAL U 475 -11.10 24.94 36.17
C VAL U 475 -11.40 23.46 36.26
N GLU U 476 -12.30 22.96 35.42
CA GLU U 476 -12.64 21.54 35.38
C GLU U 476 -11.46 20.69 34.95
N TRP U 477 -10.80 21.06 33.86
CA TRP U 477 -9.66 20.30 33.36
C TRP U 477 -8.48 20.24 34.30
N ILE U 478 -8.38 21.13 35.29
CA ILE U 478 -7.27 21.10 36.24
C ILE U 478 -7.25 19.77 37.00
N GLU U 479 -8.43 19.22 37.32
CA GLU U 479 -8.49 17.96 38.04
C GLU U 479 -7.87 16.82 37.24
N TYR U 480 -8.19 16.71 35.96
CA TYR U 480 -7.65 15.66 35.10
C TYR U 480 -6.16 15.84 34.89
N LEU U 481 -5.70 17.07 34.75
CA LEU U 481 -4.28 17.35 34.61
C LEU U 481 -3.52 16.98 35.88
N CYS U 482 -4.17 17.05 37.03
CA CYS U 482 -3.58 16.65 38.30
C CYS U 482 -3.56 15.13 38.48
N LEU U 483 -4.62 14.42 38.10
CA LEU U 483 -4.65 12.96 38.23
C LEU U 483 -3.64 12.24 37.34
N MET U 484 -3.49 12.64 36.09
CA MET U 484 -2.60 11.94 35.16
C MET U 484 -1.15 11.75 35.62
N PRO U 485 -0.44 12.74 36.16
CA PRO U 485 0.95 12.52 36.58
C PRO U 485 1.21 11.64 37.81
N ILE U 486 0.21 11.30 38.62
CA ILE U 486 0.46 10.54 39.86
C ILE U 486 1.16 9.20 39.60
N PHE U 487 0.61 8.33 38.76
CA PHE U 487 1.24 7.02 38.50
C PHE U 487 2.62 7.11 37.86
N PRO U 488 2.84 7.88 36.81
CA PRO U 488 4.20 8.01 36.26
C PRO U 488 5.21 8.50 37.27
N LEU U 489 4.83 9.40 38.18
CA LEU U 489 5.69 9.93 39.24
C LEU U 489 5.90 8.94 40.39
N ALA U 490 4.86 8.25 40.86
CA ALA U 490 5.05 7.29 41.95
C ALA U 490 6.04 6.18 41.58
N LEU U 491 5.94 5.65 40.35
CA LEU U 491 6.87 4.61 39.90
C LEU U 491 8.29 5.16 39.79
N TRP U 492 8.44 6.43 39.49
CA TRP U 492 9.76 7.07 39.44
C TRP U 492 10.34 7.14 40.85
N LEU U 493 9.51 7.48 41.82
CA LEU U 493 9.92 7.56 43.21
C LEU U 493 10.28 6.16 43.74
N MET U 494 9.60 5.13 43.28
CA MET U 494 9.91 3.74 43.62
C MET U 494 11.12 3.19 42.86
N ASN U 495 11.77 4.01 42.03
CA ASN U 495 12.95 3.62 41.22
C ASN U 495 12.71 2.51 40.18
N VAL U 496 11.47 2.22 39.81
CA VAL U 496 11.17 1.14 38.88
C VAL U 496 11.84 1.32 37.51
N TYR U 497 11.80 2.52 36.94
CA TYR U 497 12.42 2.74 35.62
C TYR U 497 13.92 2.48 35.62
N ALA U 498 14.63 2.87 36.67
CA ALA U 498 16.06 2.58 36.74
C ALA U 498 16.32 1.10 37.00
N ALA U 499 15.50 0.48 37.86
CA ALA U 499 15.64 -0.93 38.17
C ALA U 499 15.54 -1.82 36.93
N ILE U 500 14.55 -1.57 36.09
CA ILE U 500 14.35 -2.32 34.84
C ILE U 500 15.45 -2.01 33.82
N ARG U 501 15.79 -0.74 33.63
CA ARG U 501 16.83 -0.40 32.66
C ARG U 501 18.20 -0.98 33.04
N TYR U 502 18.42 -1.31 34.30
CA TYR U 502 19.66 -1.94 34.77
C TYR U 502 19.35 -3.32 35.32
N ARG U 503 18.44 -4.00 34.62
CA ARG U 503 18.00 -5.36 34.95
C ARG U 503 19.16 -6.27 35.32
N PRO V 18 -58.69 13.63 99.74
CA PRO V 18 -58.14 12.91 98.59
C PRO V 18 -59.11 12.85 97.41
N GLN V 19 -60.32 13.38 97.59
CA GLN V 19 -61.32 13.36 96.53
C GLN V 19 -61.05 14.37 95.43
N ALA V 20 -60.25 15.41 95.69
CA ALA V 20 -60.01 16.43 94.66
C ALA V 20 -58.61 17.03 94.85
N VAL V 21 -58.10 17.63 93.78
CA VAL V 21 -56.80 18.29 93.76
C VAL V 21 -56.92 19.63 93.04
N VAL V 22 -56.25 20.65 93.58
CA VAL V 22 -56.24 21.99 92.97
C VAL V 22 -55.02 22.12 92.07
N VAL V 23 -55.24 22.51 90.81
CA VAL V 23 -54.17 22.68 89.83
C VAL V 23 -54.44 23.87 88.92
N GLY V 24 -53.37 24.39 88.33
CA GLY V 24 -53.47 25.50 87.39
C GLY V 24 -53.58 24.99 85.97
N VAL V 25 -54.58 25.48 85.24
CA VAL V 25 -54.80 25.13 83.83
C VAL V 25 -54.49 26.32 82.94
N MET V 26 -53.64 26.10 81.93
CA MET V 26 -53.28 27.10 80.94
C MET V 26 -54.23 27.03 79.76
N ALA V 27 -54.62 28.19 79.25
CA ALA V 27 -55.52 28.25 78.10
C ALA V 27 -54.95 29.14 77.00
N GLY V 28 -55.74 29.37 75.95
CA GLY V 28 -55.27 30.15 74.82
C GLY V 28 -54.60 31.48 75.10
N GLU V 29 -53.47 31.66 74.42
CA GLU V 29 -52.58 32.82 74.46
C GLU V 29 -52.00 33.13 75.84
N GLY V 30 -52.20 32.27 76.85
CA GLY V 30 -51.56 32.47 78.14
C GLY V 30 -52.29 32.72 79.46
N VAL V 31 -53.60 32.62 79.53
CA VAL V 31 -54.31 32.84 80.80
C VAL V 31 -54.22 31.59 81.68
N GLN V 32 -53.68 31.75 82.90
CA GLN V 32 -53.61 30.66 83.87
C GLN V 32 -54.80 30.78 84.81
N ILE V 33 -55.52 29.69 85.02
CA ILE V 33 -56.69 29.66 85.89
C ILE V 33 -56.57 28.53 86.90
N GLY V 34 -56.75 28.85 88.19
CA GLY V 34 -56.71 27.86 89.25
C GLY V 34 -58.01 27.09 89.34
N VAL V 35 -57.96 25.76 89.26
CA VAL V 35 -59.15 24.91 89.29
C VAL V 35 -58.97 23.74 90.25
N LEU V 36 -60.10 23.30 90.84
CA LEU V 36 -60.17 22.17 91.76
C LEU V 36 -60.82 21.02 90.99
N LEU V 37 -60.01 20.07 90.55
CA LEU V 37 -60.43 18.93 89.75
C LEU V 37 -60.72 17.66 90.56
N ASP V 38 -61.60 16.82 89.99
CA ASP V 38 -61.94 15.53 90.56
C ASP V 38 -60.71 14.65 90.44
N ALA V 39 -60.23 14.11 91.58
CA ALA V 39 -59.02 13.31 91.56
C ALA V 39 -59.14 11.89 90.99
N ASN V 40 -60.33 11.33 90.78
CA ASN V 40 -60.40 9.96 90.29
C ASN V 40 -61.13 9.73 88.97
N ALA V 41 -61.97 10.66 88.51
CA ALA V 41 -62.58 10.48 87.21
C ALA V 41 -61.52 10.46 86.10
N PRO V 42 -61.77 9.78 84.99
CA PRO V 42 -60.77 9.77 83.91
C PRO V 42 -60.76 11.10 83.18
N VAL V 43 -59.55 11.54 82.82
CA VAL V 43 -59.32 12.86 82.24
C VAL V 43 -60.19 13.17 81.02
N SER V 44 -60.52 12.18 80.19
CA SER V 44 -61.36 12.45 79.03
C SER V 44 -62.75 12.94 79.39
N VAL V 45 -63.23 12.64 80.59
CA VAL V 45 -64.54 13.09 81.05
C VAL V 45 -64.56 14.58 81.39
N MET V 46 -63.41 15.18 81.72
CA MET V 46 -63.29 16.57 82.15
C MET V 46 -62.96 17.58 81.05
N THR V 47 -62.25 17.18 79.99
CA THR V 47 -61.81 18.12 78.95
C THR V 47 -62.94 18.88 78.24
N ASP V 48 -64.11 18.26 78.05
CA ASP V 48 -65.20 18.99 77.39
C ASP V 48 -65.76 20.11 78.24
N PRO V 49 -66.28 19.86 79.43
CA PRO V 49 -66.79 20.96 80.27
C PRO V 49 -65.71 21.95 80.68
N LEU V 50 -64.47 21.49 80.79
CA LEU V 50 -63.34 22.35 81.12
C LEU V 50 -63.10 23.38 80.02
N LEU V 51 -63.23 22.99 78.76
CA LEU V 51 -63.10 23.93 77.64
C LEU V 51 -64.18 25.01 77.72
N LYS V 52 -65.40 24.61 78.07
CA LYS V 52 -66.51 25.56 78.23
C LYS V 52 -66.19 26.61 79.29
N VAL V 53 -65.68 26.16 80.45
CA VAL V 53 -65.33 27.05 81.56
C VAL V 53 -64.25 28.06 81.19
N VAL V 54 -63.13 27.62 80.60
CA VAL V 54 -62.09 28.59 80.23
C VAL V 54 -62.61 29.59 79.20
N ASN V 55 -63.48 29.14 78.30
CA ASN V 55 -64.08 30.05 77.32
C ASN V 55 -65.00 31.07 78.01
N SER V 56 -65.84 30.61 78.93
CA SER V 56 -66.73 31.51 79.67
C SER V 56 -65.96 32.60 80.42
N ARG V 57 -64.85 32.25 81.07
CA ARG V 57 -64.06 33.24 81.80
C ARG V 57 -63.39 34.23 80.84
N LEU V 58 -62.86 33.74 79.72
CA LEU V 58 -62.26 34.63 78.74
C LEU V 58 -63.29 35.60 78.18
N ARG V 59 -64.52 35.13 77.95
CA ARG V 59 -65.57 36.01 77.45
C ARG V 59 -65.87 37.13 78.44
N GLU V 60 -65.98 36.81 79.73
CA GLU V 60 -66.22 37.85 80.73
C GLU V 60 -65.02 38.78 80.84
N LEU V 61 -63.82 38.23 80.79
CA LEU V 61 -62.62 39.05 80.82
C LEU V 61 -62.52 39.95 79.60
N GLY V 62 -63.28 39.63 78.53
CA GLY V 62 -63.27 40.41 77.31
C GLY V 62 -62.29 39.95 76.25
N GLU V 63 -61.71 38.77 76.42
CA GLU V 63 -60.73 38.20 75.51
C GLU V 63 -61.43 37.33 74.45
N ALA V 64 -60.65 36.87 73.47
CA ALA V 64 -61.16 36.01 72.40
C ALA V 64 -61.10 34.54 72.81
N PRO V 65 -62.19 33.79 72.62
CA PRO V 65 -62.22 32.38 73.02
C PRO V 65 -61.37 31.49 72.12
N LEU V 66 -61.16 30.27 72.62
CA LEU V 66 -60.44 29.22 71.91
C LEU V 66 -61.30 28.65 70.78
N GLU V 67 -60.68 28.33 69.66
CA GLU V 67 -61.41 27.78 68.52
C GLU V 67 -60.59 26.74 67.76
N ALA V 68 -61.31 25.80 67.14
CA ALA V 68 -60.74 24.72 66.35
C ALA V 68 -60.45 25.19 64.92
N THR V 69 -59.55 24.47 64.25
CA THR V 69 -59.17 24.77 62.87
C THR V 69 -59.19 23.49 62.03
N GLY V 70 -60.22 23.33 61.21
CA GLY V 70 -60.35 22.16 60.36
C GLY V 70 -60.55 20.83 61.07
N ARG V 71 -59.59 19.93 60.93
CA ARG V 71 -59.66 18.60 61.53
C ARG V 71 -58.67 18.45 62.68
N GLY V 72 -59.17 18.05 63.84
CA GLY V 72 -58.32 17.87 65.00
C GLY V 72 -59.13 17.50 66.23
N ARG V 73 -58.47 17.57 67.39
CA ARG V 73 -59.10 17.24 68.66
C ARG V 73 -58.55 18.10 69.79
N TRP V 74 -59.33 18.17 70.87
CA TRP V 74 -58.96 18.87 72.10
C TRP V 74 -58.36 17.87 73.09
N ALA V 75 -57.25 18.26 73.72
CA ALA V 75 -56.58 17.40 74.70
C ALA V 75 -56.08 18.21 75.89
N LEU V 76 -55.86 17.50 77.00
CA LEU V 76 -55.32 18.07 78.23
C LEU V 76 -53.90 17.52 78.35
N CYS V 77 -52.91 18.43 78.43
CA CYS V 77 -51.50 18.08 78.43
C CYS V 77 -50.76 18.72 79.60
N LEU V 78 -49.55 18.22 79.84
CA LEU V 78 -48.65 18.82 80.82
C LEU V 78 -48.10 20.12 80.26
N VAL V 79 -47.37 20.88 81.09
CA VAL V 79 -46.78 22.10 80.57
C VAL V 79 -45.80 21.78 79.45
N ASP V 80 -45.20 20.59 79.46
CA ASP V 80 -44.29 20.20 78.39
C ASP V 80 -45.01 19.76 77.11
N GLY V 81 -46.34 19.87 77.06
CA GLY V 81 -47.10 19.52 75.88
C GLY V 81 -47.48 18.07 75.73
N ALA V 82 -46.81 17.15 76.41
CA ALA V 82 -47.16 15.74 76.30
C ALA V 82 -48.59 15.49 76.80
N PRO V 83 -49.46 14.87 76.01
CA PRO V 83 -50.82 14.63 76.47
C PRO V 83 -50.94 13.50 77.50
N LEU V 84 -51.94 13.65 78.37
CA LEU V 84 -52.25 12.63 79.38
C LEU V 84 -53.09 11.52 78.76
N ARG V 85 -52.91 10.29 79.25
CA ARG V 85 -53.69 9.17 78.72
C ARG V 85 -55.17 9.35 79.01
N ALA V 86 -55.96 9.45 77.95
CA ALA V 86 -57.39 9.77 78.02
C ALA V 86 -58.23 8.84 78.93
N THR V 87 -57.81 7.59 79.11
CA THR V 87 -58.57 6.65 79.93
C THR V 87 -58.13 6.56 81.39
N GLN V 88 -56.98 7.09 81.75
CA GLN V 88 -56.52 6.98 83.13
C GLN V 88 -57.04 8.08 84.05
N SER V 89 -57.13 7.74 85.34
CA SER V 89 -57.57 8.66 86.37
C SER V 89 -56.49 9.68 86.70
N LEU V 90 -56.92 10.86 87.17
CA LEU V 90 -55.98 11.92 87.53
C LEU V 90 -55.07 11.52 88.68
N THR V 91 -55.53 10.60 89.55
CA THR V 91 -54.70 10.08 90.62
C THR V 91 -53.78 8.97 90.14
N GLU V 92 -54.16 8.32 89.04
CA GLU V 92 -53.36 7.25 88.47
C GLU V 92 -52.10 7.80 87.84
N GLN V 93 -52.18 9.02 87.33
CA GLN V 93 -51.04 9.77 86.80
C GLN V 93 -50.41 10.55 87.95
N ASP V 94 -49.12 10.86 87.80
CA ASP V 94 -48.34 11.59 88.80
C ASP V 94 -48.62 13.10 88.80
N VAL V 95 -49.88 13.43 89.03
CA VAL V 95 -50.37 14.81 89.12
C VAL V 95 -50.76 15.06 90.56
N TYR V 96 -50.13 16.08 91.17
CA TYR V 96 -50.35 16.42 92.56
C TYR V 96 -50.94 17.82 92.69
N ASP V 97 -51.54 18.06 93.85
CA ASP V 97 -52.12 19.36 94.18
C ASP V 97 -51.05 20.44 94.13
N GLY V 98 -51.31 21.48 93.35
CA GLY V 98 -50.37 22.57 93.14
C GLY V 98 -49.68 22.54 91.79
N ASP V 99 -49.80 21.45 91.05
CA ASP V 99 -49.22 21.34 89.72
C ASP V 99 -50.06 22.12 88.71
N ARG V 100 -49.65 22.10 87.45
CA ARG V 100 -50.38 22.79 86.38
C ARG V 100 -50.41 21.95 85.09
N LEU V 101 -51.46 22.18 84.30
CA LEU V 101 -51.74 21.46 83.06
C LEU V 101 -52.13 22.46 81.97
N TRP V 102 -52.17 21.98 80.72
CA TRP V 102 -52.48 22.83 79.56
C TRP V 102 -53.52 22.20 78.66
N ILE V 103 -54.58 22.94 78.33
CA ILE V 103 -55.60 22.48 77.39
C ILE V 103 -55.23 22.94 75.98
N ARG V 104 -55.24 22.01 75.02
CA ARG V 104 -54.60 22.28 73.74
C ARG V 104 -55.33 21.62 72.57
N PHE V 105 -55.19 22.23 71.39
CA PHE V 105 -55.74 21.70 70.14
C PHE V 105 -54.64 21.00 69.35
N ILE V 106 -54.84 19.73 69.02
CA ILE V 106 -53.87 18.96 68.24
C ILE V 106 -54.53 18.54 66.92
N ALA V 107 -53.97 18.98 65.80
CA ALA V 107 -54.50 18.72 64.46
C ALA V 107 -54.36 17.27 64.00
N ASP V 108 -55.20 16.93 63.01
CA ASP V 108 -55.24 15.62 62.36
C ASP V 108 -54.02 15.38 61.45
N THR V 109 -53.32 14.25 61.67
CA THR V 109 -52.14 13.87 60.89
C THR V 109 -52.40 12.92 59.72
N GLU V 110 -53.64 12.49 59.49
CA GLU V 110 -53.95 11.56 58.40
C GLU V 110 -53.82 12.16 57.00
N ARG V 111 -53.00 11.51 56.16
CA ARG V 111 -52.76 11.94 54.79
C ARG V 111 -52.33 10.74 53.94
N ARG V 112 -52.46 10.88 52.62
CA ARG V 112 -52.08 9.82 51.68
C ARG V 112 -50.61 9.44 51.75
N SER V 113 -50.32 8.17 51.44
CA SER V 113 -48.94 7.71 51.37
C SER V 113 -48.40 7.93 49.95
N GLN V 114 -47.08 8.03 49.83
CA GLN V 114 -46.43 8.45 48.60
C GLN V 114 -45.38 7.42 48.17
N VAL V 115 -45.38 7.01 46.90
CA VAL V 115 -44.52 5.90 46.44
C VAL V 115 -43.80 6.27 45.15
N ILE V 116 -42.48 6.05 45.13
CA ILE V 116 -41.66 6.11 43.92
C ILE V 116 -40.93 4.77 43.78
N GLU V 117 -41.16 4.07 42.67
CA GLU V 117 -40.64 2.71 42.47
C GLU V 117 -39.25 2.67 41.85
N HIS V 118 -38.96 3.45 40.82
CA HIS V 118 -37.66 3.37 40.14
C HIS V 118 -36.55 3.98 40.96
N ILE V 119 -35.59 3.12 41.33
CA ILE V 119 -34.77 3.30 42.53
C ILE V 119 -33.82 4.49 42.48
N SER V 120 -33.27 4.83 41.31
CA SER V 120 -32.32 5.94 41.26
C SER V 120 -32.96 7.27 41.62
N THR V 121 -34.14 7.55 41.07
CA THR V 121 -34.90 8.75 41.43
C THR V 121 -35.34 8.74 42.88
N ALA V 122 -35.84 7.59 43.33
CA ALA V 122 -36.30 7.42 44.71
C ALA V 122 -35.22 7.68 45.74
N VAL V 123 -33.99 7.25 45.48
CA VAL V 123 -32.88 7.56 46.38
C VAL V 123 -32.61 9.06 46.44
N ALA V 124 -32.56 9.71 45.27
CA ALA V 124 -32.29 11.15 45.22
C ALA V 124 -33.38 11.96 45.93
N SER V 125 -34.63 11.67 45.63
CA SER V 125 -35.75 12.37 46.23
C SER V 125 -35.74 12.31 47.77
N ASP V 126 -35.76 11.10 48.33
CA ASP V 126 -35.77 10.96 49.79
C ASP V 126 -34.50 11.49 50.46
N LEU V 127 -33.33 11.15 49.93
CA LEU V 127 -32.08 11.59 50.54
C LEU V 127 -31.93 13.12 50.63
N SER V 128 -32.55 13.87 49.73
CA SER V 128 -32.51 15.33 49.71
C SER V 128 -33.39 16.01 50.77
N LYS V 129 -34.28 15.29 51.42
CA LYS V 129 -35.21 15.84 52.42
C LYS V 129 -34.76 15.62 53.85
N ARG V 130 -34.01 14.57 54.12
CA ARG V 130 -33.56 14.24 55.47
C ARG V 130 -32.27 14.92 55.91
N PHE V 131 -31.45 15.45 55.00
CA PHE V 131 -30.16 16.03 55.38
C PHE V 131 -29.97 17.37 54.69
N ALA V 132 -28.98 18.13 55.17
CA ALA V 132 -28.68 19.46 54.64
C ALA V 132 -27.41 19.50 53.79
N ARG V 133 -27.53 20.11 52.61
CA ARG V 133 -26.43 20.32 51.68
C ARG V 133 -25.57 21.51 52.12
N ILE V 134 -24.31 21.51 51.69
CA ILE V 134 -23.43 22.63 51.99
C ILE V 134 -23.92 23.89 51.28
N ASP V 135 -23.70 25.04 51.91
CA ASP V 135 -24.15 26.34 51.43
C ASP V 135 -23.10 27.42 51.72
N PRO V 136 -23.19 28.59 51.10
CA PRO V 136 -22.15 29.64 51.25
C PRO V 136 -21.96 30.17 52.66
N ILE V 137 -23.00 30.21 53.49
CA ILE V 137 -22.88 30.68 54.86
C ILE V 137 -21.92 29.81 55.68
N VAL V 138 -22.06 28.49 55.57
CA VAL V 138 -21.17 27.56 56.29
C VAL V 138 -19.75 27.61 55.70
N ALA V 139 -19.62 27.74 54.40
CA ALA V 139 -18.30 27.79 53.77
C ALA V 139 -17.40 28.87 54.38
N VAL V 140 -17.95 30.06 54.64
CA VAL V 140 -17.19 31.16 55.26
C VAL V 140 -16.73 30.82 56.67
N GLN V 141 -17.59 30.21 57.48
CA GLN V 141 -17.20 29.81 58.84
C GLN V 141 -16.09 28.76 58.83
N VAL V 142 -16.12 27.84 57.88
CA VAL V 142 -15.06 26.85 57.74
C VAL V 142 -13.76 27.56 57.38
N GLY V 143 -13.82 28.53 56.49
CA GLY V 143 -12.63 29.31 56.13
C GLY V 143 -12.02 30.01 57.33
N ALA V 144 -12.85 30.65 58.15
CA ALA V 144 -12.39 31.33 59.37
C ALA V 144 -11.70 30.34 60.31
N SER V 145 -12.31 29.19 60.51
CA SER V 145 -11.76 28.13 61.35
C SER V 145 -10.41 27.64 60.85
N MET V 146 -10.23 27.51 59.54
CA MET V 146 -8.95 27.08 58.97
C MET V 146 -7.85 28.13 59.17
N VAL V 147 -8.14 29.42 59.02
CA VAL V 147 -7.11 30.45 59.22
C VAL V 147 -6.71 30.56 60.70
N ALA V 148 -7.66 30.44 61.60
CA ALA V 148 -7.35 30.45 63.04
C ALA V 148 -6.39 29.30 63.36
N THR V 149 -6.70 28.10 62.91
CA THR V 149 -5.83 26.94 63.08
C THR V 149 -4.46 27.16 62.45
N GLY V 150 -4.41 27.88 61.34
CA GLY V 150 -3.16 28.18 60.64
C GLY V 150 -2.18 29.03 61.43
N VAL V 151 -2.65 30.17 61.94
CA VAL V 151 -1.81 31.10 62.70
C VAL V 151 -1.33 30.51 64.03
N VAL V 152 -2.15 29.73 64.74
CA VAL V 152 -1.66 29.12 65.98
C VAL V 152 -0.51 28.15 65.70
N LEU V 153 -0.44 27.58 64.51
CA LEU V 153 0.67 26.72 64.11
C LEU V 153 1.91 27.54 63.79
N ALA V 154 1.72 28.70 63.15
CA ALA V 154 2.82 29.62 62.81
C ALA V 154 3.50 30.17 64.06
N THR V 155 2.70 30.62 65.04
CA THR V 155 3.26 31.13 66.31
C THR V 155 3.97 30.02 67.06
N GLY V 156 3.45 28.79 67.00
CA GLY V 156 4.10 27.67 67.63
C GLY V 156 5.52 27.42 67.13
N VAL V 157 5.71 27.38 65.81
CA VAL V 157 7.06 27.17 65.27
C VAL V 157 7.94 28.38 65.53
N LEU V 158 7.38 29.59 65.44
CA LEU V 158 8.17 30.79 65.72
C LEU V 158 8.59 30.82 67.19
N GLY V 159 7.69 30.43 68.08
CA GLY V 159 7.92 30.35 69.51
C GLY V 159 8.87 29.23 69.92
N TRP V 160 9.02 28.21 69.07
CA TRP V 160 9.93 27.10 69.33
C TRP V 160 11.37 27.45 68.95
N TRP V 161 11.54 28.24 67.89
CA TRP V 161 12.87 28.67 67.45
C TRP V 161 13.62 29.46 68.52
N ARG V 162 12.95 30.37 69.24
CA ARG V 162 13.60 31.17 70.29
C ARG V 162 14.27 30.33 71.38
N TRP V 163 13.78 29.12 71.65
CA TRP V 163 14.44 28.29 72.64
C TRP V 163 15.86 27.96 72.23
N HIS V 164 16.13 27.89 70.94
CA HIS V 164 17.49 27.65 70.48
C HIS V 164 18.20 28.96 70.14
N HIS V 165 17.46 29.99 69.72
CA HIS V 165 18.06 31.27 69.33
C HIS V 165 17.10 32.40 69.70
N ASN V 166 17.25 32.94 70.91
CA ASN V 166 16.35 34.01 71.36
C ASN V 166 16.70 35.38 70.77
N THR V 167 16.70 35.49 69.45
CA THR V 167 16.99 36.74 68.74
C THR V 167 15.70 37.53 68.44
N TRP V 168 15.88 38.69 67.81
CA TRP V 168 14.77 39.58 67.44
C TRP V 168 13.81 39.00 66.40
N LEU V 169 14.24 38.02 65.61
CA LEU V 169 13.41 37.45 64.55
C LEU V 169 12.02 37.03 65.03
N THR V 170 11.94 36.25 66.11
CA THR V 170 10.66 35.78 66.63
C THR V 170 9.66 36.92 66.92
N THR V 171 10.10 37.98 67.60
CA THR V 171 9.20 39.09 67.92
C THR V 171 8.84 39.92 66.69
N ILE V 172 9.83 40.25 65.87
CA ILE V 172 9.62 41.06 64.65
C ILE V 172 8.63 40.37 63.71
N TYR V 173 8.85 39.08 63.45
CA TYR V 173 7.98 38.31 62.57
C TYR V 173 6.55 38.15 63.12
N THR V 174 6.41 37.86 64.41
CA THR V 174 5.08 37.66 65.02
C THR V 174 4.30 38.96 65.15
N ALA V 175 4.97 40.06 65.44
CA ALA V 175 4.30 41.36 65.62
C ALA V 175 3.49 41.76 64.39
N VAL V 176 4.07 41.67 63.20
CA VAL V 176 3.35 42.01 61.97
C VAL V 176 2.13 41.11 61.76
N ILE V 177 2.24 39.81 62.05
CA ILE V 177 1.08 38.91 61.92
C ILE V 177 -0.05 39.36 62.84
N GLY V 178 0.28 39.66 64.10
CA GLY V 178 -0.72 40.12 65.05
C GLY V 178 -1.47 41.35 64.57
N VAL V 179 -0.74 42.33 64.09
CA VAL V 179 -1.31 43.58 63.56
C VAL V 179 -2.24 43.28 62.37
N LEU V 180 -1.78 42.46 61.43
CA LEU V 180 -2.58 42.12 60.26
C LEU V 180 -3.88 41.39 60.61
N VAL V 181 -3.82 40.35 61.45
CA VAL V 181 -5.04 39.62 61.83
C VAL V 181 -6.02 40.55 62.54
N LEU V 182 -5.51 41.35 63.47
CA LEU V 182 -6.32 42.30 64.25
C LEU V 182 -6.96 43.35 63.36
N ALA V 183 -6.23 43.87 62.38
CA ALA V 183 -6.76 44.85 61.43
C ALA V 183 -7.95 44.29 60.65
N VAL V 184 -7.88 43.03 60.22
CA VAL V 184 -8.99 42.40 59.52
C VAL V 184 -10.20 42.26 60.45
N ALA V 185 -10.00 41.73 61.66
CA ALA V 185 -11.07 41.57 62.64
C ALA V 185 -11.77 42.90 62.94
N MET V 186 -11.01 43.99 62.97
CA MET V 186 -11.58 45.32 63.19
C MET V 186 -12.60 45.68 62.10
N LEU V 187 -12.25 45.51 60.84
CA LEU V 187 -13.19 45.82 59.75
C LEU V 187 -14.41 44.90 59.79
N LEU V 188 -14.21 43.62 60.10
CA LEU V 188 -15.31 42.66 60.19
C LEU V 188 -16.28 43.01 61.33
N LEU V 189 -15.76 43.36 62.51
CA LEU V 189 -16.62 43.72 63.64
C LEU V 189 -17.48 44.94 63.36
N MET V 190 -16.93 45.95 62.70
CA MET V 190 -17.71 47.14 62.35
C MET V 190 -18.76 46.85 61.28
N ARG V 191 -18.51 45.91 60.38
CA ARG V 191 -19.43 45.58 59.29
C ARG V 191 -20.46 44.49 59.63
N ALA V 192 -20.20 43.67 60.64
CA ALA V 192 -21.12 42.59 61.00
C ALA V 192 -22.54 43.08 61.27
N LYS V 193 -23.52 42.32 60.75
CA LYS V 193 -24.95 42.61 60.86
C LYS V 193 -25.77 41.52 61.56
N THR V 194 -25.36 40.26 61.47
CA THR V 194 -26.09 39.12 62.01
C THR V 194 -25.15 38.23 62.81
N ASP V 195 -25.74 37.32 63.59
CA ASP V 195 -24.98 36.42 64.44
C ASP V 195 -24.06 35.53 63.60
N ALA V 196 -24.44 35.24 62.36
CA ALA V 196 -23.59 34.48 61.47
C ALA V 196 -22.29 35.25 61.21
N ASP V 197 -22.42 36.55 60.93
CA ASP V 197 -21.28 37.43 60.72
C ASP V 197 -20.43 37.57 61.98
N ARG V 198 -21.06 37.73 63.14
CA ARG V 198 -20.34 37.87 64.41
C ARG V 198 -19.52 36.63 64.77
N ARG V 199 -20.04 35.42 64.53
CA ARG V 199 -19.25 34.22 64.80
C ARG V 199 -17.96 34.23 63.98
N VAL V 200 -18.03 34.59 62.70
CA VAL V 200 -16.84 34.69 61.87
C VAL V 200 -15.84 35.67 62.47
N ALA V 201 -16.30 36.86 62.83
CA ALA V 201 -15.44 37.90 63.42
C ALA V 201 -14.88 37.48 64.78
N ASP V 202 -15.69 36.88 65.64
CA ASP V 202 -15.23 36.41 66.94
C ASP V 202 -14.09 35.39 66.80
N ILE V 203 -14.22 34.43 65.88
CA ILE V 203 -13.15 33.45 65.64
C ILE V 203 -11.87 34.16 65.21
N MET V 204 -12.00 35.16 64.34
CA MET V 204 -10.85 35.94 63.87
C MET V 204 -10.17 36.71 65.01
N LEU V 205 -10.97 37.34 65.88
CA LEU V 205 -10.45 38.09 67.03
C LEU V 205 -9.81 37.16 68.08
N MET V 206 -10.49 36.08 68.43
CA MET V 206 -9.98 35.09 69.36
C MET V 206 -8.54 34.67 69.02
N SER V 207 -8.26 34.48 67.75
CA SER V 207 -6.95 34.07 67.23
C SER V 207 -5.88 35.16 67.29
N ALA V 208 -6.25 36.44 67.34
CA ALA V 208 -5.29 37.55 67.36
C ALA V 208 -4.51 37.65 68.68
N ILE V 209 -5.09 37.20 69.79
CA ILE V 209 -4.48 37.24 71.12
C ILE V 209 -3.20 36.38 71.20
N MET V 210 -3.21 35.21 70.56
CA MET V 210 -2.08 34.27 70.59
C MET V 210 -0.77 34.81 70.00
N PRO V 211 -0.73 35.40 68.80
CA PRO V 211 0.55 35.95 68.30
C PRO V 211 1.06 37.13 69.12
N VAL V 212 0.22 38.07 69.51
CA VAL V 212 0.64 39.24 70.29
C VAL V 212 1.26 38.82 71.62
N THR V 213 0.71 37.78 72.26
CA THR V 213 1.24 37.29 73.53
C THR V 213 2.70 36.82 73.41
N VAL V 214 2.98 35.89 72.50
CA VAL V 214 4.37 35.42 72.35
C VAL V 214 5.25 36.49 71.72
N ALA V 215 4.67 37.41 70.96
CA ALA V 215 5.45 38.52 70.38
C ALA V 215 6.04 39.40 71.47
N ALA V 216 5.24 39.74 72.48
CA ALA V 216 5.71 40.56 73.61
C ALA V 216 6.70 39.80 74.49
N ALA V 217 6.34 38.59 74.91
CA ALA V 217 7.20 37.74 75.74
C ALA V 217 8.54 37.43 75.08
N ALA V 218 8.63 37.47 73.76
CA ALA V 218 9.87 37.22 73.04
C ALA V 218 10.81 38.41 72.93
N ALA V 219 10.46 39.59 73.47
CA ALA V 219 11.32 40.78 73.38
C ALA V 219 12.52 40.81 74.33
N PRO V 220 12.40 40.49 75.61
CA PRO V 220 13.56 40.56 76.51
C PRO V 220 14.61 39.53 76.19
N PRO V 221 15.87 39.97 75.87
CA PRO V 221 16.95 39.06 75.48
C PRO V 221 17.49 38.13 76.55
N GLY V 222 18.44 37.31 76.12
CA GLY V 222 19.08 36.30 76.94
C GLY V 222 18.24 35.05 76.99
N PRO V 223 18.75 34.00 77.62
CA PRO V 223 18.00 32.75 77.71
C PRO V 223 16.62 32.96 78.32
N VAL V 224 15.64 32.34 77.68
CA VAL V 224 14.24 32.45 78.09
C VAL V 224 14.03 31.87 79.48
N GLY V 225 13.12 32.51 80.23
CA GLY V 225 12.83 32.06 81.58
C GLY V 225 11.96 33.06 82.34
N SER V 226 12.16 33.08 83.65
CA SER V 226 11.43 33.94 84.59
C SER V 226 11.16 35.37 84.12
N PRO V 227 12.13 36.13 83.63
CA PRO V 227 11.85 37.51 83.20
C PRO V 227 10.99 37.63 81.96
N GLN V 228 11.19 36.77 80.95
CA GLN V 228 10.38 36.82 79.73
C GLN V 228 8.91 36.47 79.99
N ALA V 229 8.67 35.44 80.79
CA ALA V 229 7.32 34.96 81.09
C ALA V 229 6.38 36.06 81.61
N VAL V 230 6.87 36.96 82.46
CA VAL V 230 6.05 38.01 83.05
C VAL V 230 5.34 38.87 82.01
N LEU V 231 6.02 39.26 80.93
CA LEU V 231 5.37 40.08 79.90
C LEU V 231 4.23 39.33 79.18
N GLY V 232 4.49 38.11 78.76
CA GLY V 232 3.48 37.29 78.09
C GLY V 232 2.18 37.16 78.85
N PHE V 233 2.24 36.66 80.07
CA PHE V 233 1.03 36.51 80.88
C PHE V 233 0.39 37.87 81.18
N GLY V 234 1.19 38.92 81.28
CA GLY V 234 0.66 40.26 81.51
C GLY V 234 -0.18 40.72 80.31
N VAL V 235 0.42 40.80 79.12
CA VAL V 235 -0.31 41.23 77.92
C VAL V 235 -1.48 40.30 77.61
N LEU V 236 -1.33 39.00 77.90
CA LEU V 236 -2.42 38.04 77.69
C LEU V 236 -3.63 38.40 78.56
N THR V 237 -3.37 38.67 79.84
CA THR V 237 -4.42 39.05 80.79
C THR V 237 -5.11 40.35 80.36
N VAL V 238 -4.32 41.36 79.99
CA VAL V 238 -4.85 42.65 79.55
C VAL V 238 -5.66 42.51 78.26
N ALA V 239 -5.11 41.84 77.25
CA ALA V 239 -5.81 41.67 75.97
C ALA V 239 -7.12 40.91 76.11
N ALA V 240 -7.13 39.80 76.84
CA ALA V 240 -8.36 39.05 77.05
C ALA V 240 -9.43 39.90 77.74
N ALA V 241 -9.05 40.62 78.79
CA ALA V 241 -9.96 41.52 79.51
C ALA V 241 -10.44 42.67 78.63
N LEU V 242 -9.54 43.30 77.88
CA LEU V 242 -9.88 44.42 77.01
C LEU V 242 -10.83 44.00 75.89
N ALA V 243 -10.62 42.82 75.31
CA ALA V 243 -11.51 42.32 74.26
C ALA V 243 -12.92 42.13 74.79
N LEU V 244 -13.06 41.50 75.95
CA LEU V 244 -14.35 41.31 76.60
C LEU V 244 -15.05 42.64 76.86
N ARG V 245 -14.34 43.59 77.46
CA ARG V 245 -14.89 44.91 77.78
C ARG V 245 -15.61 45.57 76.61
N PHE V 246 -14.98 45.64 75.44
CA PHE V 246 -15.63 46.28 74.30
C PHE V 246 -16.50 45.37 73.45
N THR V 247 -16.27 44.05 73.46
CA THR V 247 -17.03 43.11 72.64
C THR V 247 -18.29 42.59 73.34
N GLY V 248 -18.20 42.28 74.63
CA GLY V 248 -19.36 41.79 75.38
C GLY V 248 -19.94 40.46 74.95
N ARG V 249 -19.16 39.63 74.28
CA ARG V 249 -19.59 38.32 73.78
C ARG V 249 -18.46 37.33 74.07
N ARG V 250 -18.79 36.03 74.09
CA ARG V 250 -17.83 34.95 74.38
C ARG V 250 -17.20 35.09 75.77
N LEU V 251 -18.03 35.42 76.76
CA LEU V 251 -17.61 35.65 78.15
C LEU V 251 -16.78 34.49 78.73
N GLY V 252 -17.27 33.27 78.55
CA GLY V 252 -16.62 32.08 79.10
C GLY V 252 -15.15 31.89 78.71
N ILE V 253 -14.86 31.92 77.41
CA ILE V 253 -13.48 31.72 76.95
C ILE V 253 -12.56 32.85 77.40
N TYR V 254 -12.97 34.10 77.23
CA TYR V 254 -12.13 35.24 77.65
C TYR V 254 -11.89 35.24 79.17
N THR V 255 -12.93 35.03 79.96
CA THR V 255 -12.82 35.02 81.43
C THR V 255 -11.81 33.97 81.91
N THR V 256 -11.89 32.78 81.37
CA THR V 256 -10.98 31.69 81.73
C THR V 256 -9.52 32.07 81.46
N ILE V 257 -9.24 32.72 80.34
CA ILE V 257 -7.89 33.19 80.02
C ILE V 257 -7.44 34.26 81.03
N VAL V 258 -8.32 35.20 81.38
CA VAL V 258 -7.97 36.25 82.35
C VAL V 258 -7.55 35.64 83.68
N ILE V 259 -8.26 34.63 84.18
CA ILE V 259 -7.93 33.99 85.46
C ILE V 259 -6.55 33.33 85.40
N ILE V 260 -6.35 32.41 84.47
CA ILE V 260 -5.06 31.71 84.39
C ILE V 260 -3.93 32.69 84.10
N GLY V 261 -4.19 33.73 83.32
CA GLY V 261 -3.17 34.73 83.02
C GLY V 261 -2.76 35.53 84.25
N ALA V 262 -3.73 36.09 84.96
CA ALA V 262 -3.48 36.90 86.16
C ALA V 262 -2.75 36.10 87.24
N LEU V 263 -3.25 34.92 87.58
CA LEU V 263 -2.64 34.07 88.61
C LEU V 263 -1.20 33.67 88.23
N THR V 264 -0.96 33.34 86.97
CA THR V 264 0.39 32.96 86.52
C THR V 264 1.34 34.16 86.59
N MET V 265 0.85 35.36 86.26
CA MET V 265 1.69 36.56 86.30
C MET V 265 2.23 36.80 87.71
N LEU V 266 1.38 36.64 88.74
CA LEU V 266 1.81 36.81 90.14
C LEU V 266 2.89 35.79 90.49
N ALA V 267 2.67 34.53 90.13
CA ALA V 267 3.65 33.47 90.39
C ALA V 267 4.95 33.73 89.64
N ALA V 268 4.84 34.17 88.39
CA ALA V 268 6.02 34.48 87.59
C ALA V 268 6.82 35.63 88.20
N LEU V 269 6.13 36.67 88.65
CA LEU V 269 6.79 37.81 89.29
C LEU V 269 7.53 37.38 90.56
N ALA V 270 6.88 36.60 91.41
CA ALA V 270 7.52 36.10 92.63
C ALA V 270 8.78 35.29 92.31
N ARG V 271 8.68 34.33 91.41
CA ARG V 271 9.83 33.52 91.02
C ARG V 271 10.94 34.39 90.44
N MET V 272 10.59 35.40 89.65
CA MET V 272 11.60 36.28 89.08
C MET V 272 12.29 37.11 90.16
N VAL V 273 11.52 37.66 91.10
CA VAL V 273 12.11 38.46 92.17
C VAL V 273 12.85 37.56 93.17
N ALA V 274 12.13 36.67 93.84
CA ALA V 274 12.77 35.77 94.80
C ALA V 274 11.81 34.68 95.27
N ALA V 275 12.25 33.42 95.23
CA ALA V 275 11.44 32.29 95.64
C ALA V 275 12.34 31.14 96.09
N THR V 276 12.13 30.68 97.32
CA THR V 276 12.94 29.59 97.87
C THR V 276 12.65 28.25 97.20
N SER V 277 11.40 27.99 96.82
CA SER V 277 11.11 26.73 96.14
C SER V 277 9.81 26.82 95.38
N ALA V 278 9.68 25.92 94.39
CA ALA V 278 8.46 25.82 93.60
C ALA V 278 7.28 25.34 94.45
N VAL V 279 7.56 24.44 95.40
CA VAL V 279 6.53 23.92 96.31
C VAL V 279 5.83 25.08 97.02
N THR V 280 6.61 26.10 97.40
CA THR V 280 6.08 27.28 98.05
C THR V 280 5.05 27.99 97.17
N LEU V 281 5.43 28.26 95.92
CA LEU V 281 4.55 28.92 94.97
C LEU V 281 3.34 28.03 94.64
N LEU V 282 3.59 26.74 94.37
CA LEU V 282 2.52 25.79 94.08
C LEU V 282 1.53 25.71 95.24
N SER V 283 2.02 25.65 96.46
CA SER V 283 1.15 25.63 97.65
C SER V 283 0.37 26.93 97.78
N SER V 284 1.02 28.06 97.52
CA SER V 284 0.35 29.36 97.56
C SER V 284 -0.78 29.44 96.54
N LEU V 285 -0.52 29.00 95.31
CA LEU V 285 -1.54 28.96 94.26
C LEU V 285 -2.71 28.07 94.68
N LEU V 286 -2.42 26.89 95.20
CA LEU V 286 -3.47 25.99 95.67
C LEU V 286 -4.37 26.68 96.69
N LEU V 287 -3.78 27.37 97.66
CA LEU V 287 -4.53 28.10 98.68
C LEU V 287 -5.36 29.25 98.06
N ILE V 288 -4.80 29.97 97.10
CA ILE V 288 -5.51 31.05 96.41
C ILE V 288 -6.75 30.52 95.68
N CYS V 289 -6.61 29.38 95.00
CA CYS V 289 -7.73 28.73 94.31
C CYS V 289 -8.80 28.25 95.31
N VAL V 290 -8.38 27.65 96.41
CA VAL V 290 -9.29 27.18 97.46
C VAL V 290 -10.22 28.29 97.92
N VAL V 291 -9.68 29.45 98.27
CA VAL V 291 -10.52 30.58 98.69
C VAL V 291 -11.38 31.08 97.52
N ALA V 292 -10.83 31.06 96.30
CA ALA V 292 -11.58 31.47 95.12
C ALA V 292 -12.77 30.55 94.85
N TYR V 293 -12.62 29.24 95.07
CA TYR V 293 -13.74 28.33 94.89
C TYR V 293 -14.90 28.68 95.83
N HIS V 294 -14.58 29.10 97.04
CA HIS V 294 -15.62 29.51 98.00
C HIS V 294 -16.25 30.85 97.60
N ALA V 295 -15.46 31.79 97.11
CA ALA V 295 -15.93 33.11 96.69
C ALA V 295 -16.57 33.15 95.29
N ALA V 296 -16.36 32.14 94.47
CA ALA V 296 -16.84 32.04 93.09
C ALA V 296 -18.24 32.58 92.81
N PRO V 297 -19.29 32.10 93.49
CA PRO V 297 -20.63 32.65 93.21
C PRO V 297 -20.79 34.12 93.55
N ALA V 298 -20.08 34.61 94.56
CA ALA V 298 -20.14 36.03 94.90
C ALA V 298 -19.49 36.87 93.81
N LEU V 299 -18.34 36.45 93.29
CA LEU V 299 -17.70 37.16 92.20
C LEU V 299 -18.64 37.25 91.01
N SER V 300 -19.23 36.12 90.62
CA SER V 300 -20.18 36.09 89.52
C SER V 300 -21.32 37.05 89.75
N ARG V 301 -21.85 37.12 90.97
CA ARG V 301 -22.95 38.04 91.27
C ARG V 301 -22.54 39.50 91.13
N ARG V 302 -21.37 39.89 91.64
CA ARG V 302 -20.96 41.28 91.50
C ARG V 302 -20.51 41.62 90.09
N LEU V 303 -19.89 40.67 89.36
CA LEU V 303 -19.44 40.96 88.00
C LEU V 303 -20.59 41.13 87.01
N ALA V 304 -21.72 40.45 87.23
CA ALA V 304 -22.83 40.59 86.30
C ALA V 304 -23.49 41.95 86.43
N SER V 344 -41.61 45.19 79.30
CA SER V 344 -40.34 45.70 78.82
C SER V 344 -39.28 45.64 79.93
N SER V 345 -39.74 45.82 81.17
CA SER V 345 -38.84 45.80 82.33
C SER V 345 -38.36 44.40 82.66
N VAL V 346 -39.17 43.38 82.34
CA VAL V 346 -38.85 41.98 82.62
C VAL V 346 -37.50 41.57 82.06
N ARG V 347 -37.16 42.07 80.87
CA ARG V 347 -35.92 41.75 80.18
C ARG V 347 -34.68 41.85 81.07
N ASP V 348 -34.62 42.84 81.95
CA ASP V 348 -33.46 43.01 82.82
C ASP V 348 -33.12 41.76 83.63
N VAL V 349 -34.11 41.01 84.08
CA VAL V 349 -33.86 39.78 84.84
C VAL V 349 -33.24 38.68 83.98
N LEU V 350 -33.75 38.49 82.76
CA LEU V 350 -33.25 37.46 81.85
C LEU V 350 -31.79 37.66 81.46
N LEU V 351 -31.42 38.89 81.10
CA LEU V 351 -30.04 39.22 80.72
C LEU V 351 -29.04 38.96 81.86
N GLN V 352 -29.35 39.46 83.06
CA GLN V 352 -28.48 39.29 84.23
C GLN V 352 -28.26 37.83 84.63
N ALA V 353 -29.33 37.03 84.63
CA ALA V 353 -29.24 35.62 85.02
C ALA V 353 -28.23 34.82 84.20
N GLU V 354 -28.32 34.88 82.88
CA GLU V 354 -27.38 34.13 82.03
C GLU V 354 -25.97 34.71 82.04
N ARG V 355 -25.83 36.02 82.20
CA ARG V 355 -24.48 36.62 82.25
C ARG V 355 -23.74 36.10 83.49
N ALA V 356 -24.40 36.09 84.64
CA ALA V 356 -23.81 35.56 85.86
C ALA V 356 -23.39 34.10 85.65
N ARG V 357 -24.29 33.30 85.08
CA ARG V 357 -24.03 31.88 84.80
C ARG V 357 -22.78 31.72 83.91
N SER V 358 -22.62 32.59 82.93
CA SER V 358 -21.46 32.56 82.03
C SER V 358 -20.16 32.78 82.81
N PHE V 359 -20.06 33.87 83.57
CA PHE V 359 -18.87 34.16 84.37
C PHE V 359 -18.55 33.02 85.35
N LEU V 360 -19.56 32.44 85.98
CA LEU V 360 -19.35 31.36 86.94
C LEU V 360 -18.81 30.08 86.28
N SER V 361 -19.35 29.69 85.12
CA SER V 361 -18.89 28.49 84.42
C SER V 361 -17.41 28.58 84.03
N GLY V 362 -16.97 29.74 83.54
CA GLY V 362 -15.56 29.93 83.21
C GLY V 362 -14.69 29.96 84.44
N LEU V 363 -15.15 30.62 85.50
CA LEU V 363 -14.40 30.73 86.75
C LEU V 363 -14.11 29.35 87.34
N LEU V 364 -15.15 28.54 87.53
CA LEU V 364 -14.98 27.19 88.07
C LEU V 364 -14.05 26.35 87.20
N THR V 365 -14.10 26.53 85.88
CA THR V 365 -13.24 25.81 84.93
C THR V 365 -11.78 26.24 85.06
N GLY V 366 -11.51 27.54 85.04
CA GLY V 366 -10.15 28.06 85.16
C GLY V 366 -9.46 27.64 86.44
N LEU V 367 -10.17 27.70 87.56
CA LEU V 367 -9.64 27.24 88.85
C LEU V 367 -9.29 25.76 88.77
N GLY V 368 -10.15 24.98 88.11
CA GLY V 368 -9.90 23.55 87.90
C GLY V 368 -8.58 23.30 87.19
N VAL V 369 -8.31 24.06 86.13
CA VAL V 369 -7.07 23.96 85.36
C VAL V 369 -5.85 24.26 86.25
N MET V 370 -5.92 25.33 87.03
CA MET V 370 -4.83 25.66 87.95
C MET V 370 -4.56 24.58 88.99
N VAL V 371 -5.59 24.08 89.68
CA VAL V 371 -5.36 23.05 90.70
C VAL V 371 -4.84 21.74 90.11
N VAL V 372 -5.32 21.32 88.94
CA VAL V 372 -4.80 20.08 88.37
C VAL V 372 -3.33 20.26 87.97
N VAL V 373 -2.98 21.41 87.39
CA VAL V 373 -1.57 21.68 87.04
C VAL V 373 -0.71 21.76 88.31
N CYS V 374 -1.22 22.44 89.33
CA CYS V 374 -0.50 22.59 90.60
C CYS V 374 -0.38 21.27 91.36
N MET V 375 -1.48 20.56 91.56
CA MET V 375 -1.46 19.29 92.31
C MET V 375 -0.53 18.26 91.67
N THR V 376 -0.60 18.11 90.35
CA THR V 376 0.29 17.16 89.67
C THR V 376 1.76 17.56 89.81
N SER V 377 2.04 18.83 90.06
CA SER V 377 3.39 19.32 90.29
C SER V 377 3.80 19.18 91.75
N LEU V 378 2.84 19.26 92.67
CA LEU V 378 3.14 19.13 94.10
C LEU V 378 3.48 17.69 94.50
N CYS V 379 2.68 16.72 94.09
CA CYS V 379 2.95 15.32 94.42
C CYS V 379 4.20 14.81 93.70
N ASP V 380 4.88 13.85 94.35
CA ASP V 380 6.11 13.26 93.81
C ASP V 380 6.47 11.91 94.45
N PRO V 381 6.82 10.91 93.65
CA PRO V 381 7.16 9.58 94.16
C PRO V 381 8.57 9.44 94.73
N HIS V 382 9.41 10.47 94.72
CA HIS V 382 10.77 10.39 95.25
C HIS V 382 11.05 11.37 96.36
N THR V 383 10.46 12.55 96.32
CA THR V 383 10.74 13.62 97.28
C THR V 383 10.13 13.36 98.65
N GLY V 384 10.98 13.37 99.68
CA GLY V 384 10.57 13.22 101.06
C GLY V 384 9.51 12.22 101.46
N GLN V 385 8.57 12.68 102.29
CA GLN V 385 7.43 11.88 102.73
C GLN V 385 6.42 11.75 101.60
N ARG V 386 6.78 10.89 100.65
CA ARG V 386 6.06 10.57 99.42
C ARG V 386 4.54 10.44 99.60
N TRP V 387 4.11 9.93 100.75
CA TRP V 387 2.70 9.74 101.09
C TRP V 387 1.96 11.03 101.47
N LEU V 388 2.66 12.05 101.97
CA LEU V 388 2.02 13.28 102.42
C LEU V 388 1.24 14.00 101.31
N PRO V 389 1.85 14.35 100.17
CA PRO V 389 1.08 15.01 99.10
C PRO V 389 0.02 14.09 98.48
N LEU V 390 0.26 12.79 98.49
CA LEU V 390 -0.69 11.82 97.96
C LEU V 390 -2.01 11.84 98.76
N ILE V 391 -1.93 11.86 100.08
CA ILE V 391 -3.12 11.94 100.93
C ILE V 391 -3.73 13.34 100.86
N LEU V 392 -2.90 14.37 100.73
CA LEU V 392 -3.38 15.75 100.58
C LEU V 392 -4.23 15.87 99.30
N ALA V 393 -3.80 15.21 98.23
CA ALA V 393 -4.54 15.16 96.97
C ALA V 393 -5.90 14.48 97.19
N GLY V 394 -5.91 13.43 98.01
CA GLY V 394 -7.14 12.73 98.36
C GLY V 394 -8.13 13.66 99.07
N PHE V 395 -7.67 14.35 100.11
CA PHE V 395 -8.52 15.29 100.84
C PHE V 395 -9.02 16.40 99.90
N THR V 396 -8.15 16.91 99.03
CA THR V 396 -8.51 17.94 98.07
C THR V 396 -9.58 17.43 97.10
N SER V 397 -9.42 16.20 96.61
CA SER V 397 -10.39 15.58 95.71
C SER V 397 -11.75 15.39 96.39
N GLY V 398 -11.74 14.96 97.64
CA GLY V 398 -12.98 14.79 98.40
C GLY V 398 -13.78 16.09 98.53
N PHE V 399 -13.10 17.20 98.83
CA PHE V 399 -13.78 18.49 98.93
C PHE V 399 -14.47 18.87 97.63
N LEU V 400 -13.76 18.77 96.50
CA LEU V 400 -14.35 19.09 95.19
C LEU V 400 -15.49 18.12 94.85
N LEU V 401 -15.31 16.84 95.14
CA LEU V 401 -16.33 15.83 94.88
C LEU V 401 -17.61 16.10 95.67
N LEU V 402 -17.48 16.49 96.95
CA LEU V 402 -18.62 16.81 97.80
C LEU V 402 -19.25 18.15 97.42
N ARG V 403 -18.44 19.20 97.26
CA ARG V 403 -18.94 20.54 96.93
C ARG V 403 -19.59 20.62 95.55
N GLY V 404 -19.17 19.76 94.61
CA GLY V 404 -19.76 19.74 93.28
C GLY V 404 -21.26 19.48 93.24
N ARG V 405 -21.79 18.80 94.25
CA ARG V 405 -23.23 18.51 94.34
C ARG V 405 -24.08 19.74 94.65
N SER V 406 -23.49 20.82 95.16
CA SER V 406 -24.20 22.05 95.51
C SER V 406 -24.57 22.91 94.30
N TYR V 407 -24.14 22.55 93.10
CA TYR V 407 -24.42 23.30 91.88
C TYR V 407 -25.50 22.60 91.06
N VAL V 408 -26.50 23.38 90.63
CA VAL V 408 -27.65 22.89 89.86
C VAL V 408 -27.37 22.84 88.36
N ASP V 409 -26.58 23.76 87.81
CA ASP V 409 -26.30 23.75 86.38
C ASP V 409 -25.50 22.50 85.98
N ARG V 410 -25.97 21.82 84.94
CA ARG V 410 -25.33 20.59 84.47
C ARG V 410 -23.85 20.76 84.13
N TRP V 411 -23.49 21.76 83.33
CA TRP V 411 -22.07 21.92 82.98
C TRP V 411 -21.22 22.36 84.16
N GLN V 412 -21.78 23.13 85.08
CA GLN V 412 -21.02 23.53 86.26
C GLN V 412 -20.82 22.34 87.19
N SER V 413 -21.86 21.55 87.41
CA SER V 413 -21.78 20.36 88.26
C SER V 413 -20.93 19.27 87.61
N ILE V 414 -21.13 19.03 86.32
CA ILE V 414 -20.36 18.02 85.58
C ILE V 414 -18.89 18.41 85.46
N THR V 415 -18.60 19.67 85.15
CA THR V 415 -17.21 20.12 85.03
C THR V 415 -16.47 19.98 86.37
N LEU V 416 -17.13 20.33 87.47
CA LEU V 416 -16.52 20.18 88.80
C LEU V 416 -16.29 18.71 89.13
N ALA V 417 -17.29 17.86 88.90
CA ALA V 417 -17.16 16.43 89.15
C ALA V 417 -16.00 15.83 88.34
N GLY V 418 -15.92 16.16 87.07
CA GLY V 418 -14.83 15.68 86.22
C GLY V 418 -13.45 16.16 86.67
N THR V 419 -13.36 17.38 87.18
CA THR V 419 -12.10 17.93 87.67
C THR V 419 -11.47 17.07 88.76
N ALA V 420 -12.29 16.51 89.65
CA ALA V 420 -11.78 15.64 90.72
C ALA V 420 -11.24 14.31 90.17
N VAL V 421 -11.96 13.70 89.22
CA VAL V 421 -11.55 12.43 88.61
C VAL V 421 -10.22 12.55 87.88
N ILE V 422 -10.04 13.60 87.07
CA ILE V 422 -8.77 13.79 86.35
C ILE V 422 -7.60 13.98 87.31
N ILE V 423 -7.79 14.67 88.43
CA ILE V 423 -6.71 14.84 89.40
C ILE V 423 -6.27 13.48 89.94
N ALA V 424 -7.23 12.65 90.34
CA ALA V 424 -6.92 11.31 90.85
C ALA V 424 -6.17 10.49 89.79
N ALA V 425 -6.71 10.44 88.58
CA ALA V 425 -6.09 9.70 87.47
C ALA V 425 -4.67 10.20 87.17
N ALA V 426 -4.49 11.51 87.09
CA ALA V 426 -3.17 12.08 86.80
C ALA V 426 -2.13 11.70 87.85
N VAL V 427 -2.49 11.74 89.13
CA VAL V 427 -1.54 11.33 90.18
C VAL V 427 -1.20 9.85 90.06
N CYS V 428 -2.19 9.00 89.82
CA CYS V 428 -1.94 7.57 89.64
C CYS V 428 -0.97 7.35 88.47
N VAL V 429 -1.18 8.04 87.36
CA VAL V 429 -0.29 7.94 86.20
C VAL V 429 1.11 8.42 86.57
N ARG V 430 1.21 9.52 87.32
CA ARG V 430 2.51 10.03 87.75
C ARG V 430 3.27 8.98 88.56
N TYR V 431 2.63 8.36 89.53
CA TYR V 431 3.24 7.32 90.38
C TYR V 431 3.43 5.98 89.67
N ALA V 432 3.03 5.86 88.40
CA ALA V 432 3.21 4.66 87.59
C ALA V 432 4.36 4.81 86.60
N LEU V 433 4.45 5.94 85.91
CA LEU V 433 5.51 6.18 84.94
C LEU V 433 6.86 6.31 85.63
N GLU V 434 6.93 7.14 86.66
CA GLU V 434 8.15 7.29 87.46
C GLU V 434 8.10 6.26 88.60
N LEU V 435 9.28 5.82 89.03
CA LEU V 435 9.40 4.74 90.03
C LEU V 435 8.69 3.49 89.49
N SER V 436 8.94 3.23 88.21
CA SER V 436 8.38 2.14 87.43
C SER V 436 8.84 0.75 87.89
N SER V 437 7.91 -0.19 87.88
CA SER V 437 8.14 -1.58 88.27
C SER V 437 6.89 -2.39 87.88
N PRO V 438 7.05 -3.70 87.67
CA PRO V 438 5.90 -4.53 87.27
C PRO V 438 4.76 -4.49 88.27
N LEU V 439 5.05 -4.53 89.56
CA LEU V 439 4.00 -4.47 90.57
C LEU V 439 3.34 -3.10 90.57
N ALA V 440 4.15 -2.03 90.50
CA ALA V 440 3.64 -0.65 90.48
C ALA V 440 2.64 -0.41 89.35
N VAL V 441 3.01 -0.74 88.11
CA VAL V 441 2.10 -0.54 86.99
C VAL V 441 0.86 -1.43 87.12
N SER V 442 1.05 -2.66 87.59
CA SER V 442 -0.05 -3.59 87.80
C SER V 442 -1.07 -3.05 88.81
N ILE V 443 -0.56 -2.54 89.93
CA ILE V 443 -1.37 -1.93 90.99
C ILE V 443 -2.11 -0.70 90.50
N VAL V 444 -1.42 0.22 89.82
CA VAL V 444 -2.06 1.42 89.30
C VAL V 444 -3.14 1.08 88.27
N ALA V 445 -2.87 0.15 87.37
CA ALA V 445 -3.88 -0.24 86.38
C ALA V 445 -5.16 -0.72 87.09
N ALA V 446 -5.03 -1.57 88.09
CA ALA V 446 -6.19 -2.06 88.84
C ALA V 446 -6.94 -0.90 89.50
N ILE V 447 -6.21 0.02 90.13
CA ILE V 447 -6.81 1.20 90.78
C ILE V 447 -7.48 2.10 89.74
N LEU V 448 -6.76 2.42 88.67
CA LEU V 448 -7.24 3.29 87.59
C LEU V 448 -8.49 2.78 86.88
N VAL V 449 -8.64 1.48 86.72
CA VAL V 449 -9.86 0.93 86.11
C VAL V 449 -11.02 0.82 87.11
N LEU V 450 -10.76 0.40 88.35
CA LEU V 450 -11.83 0.27 89.35
C LEU V 450 -12.37 1.63 89.85
N LEU V 451 -11.52 2.64 89.98
CA LEU V 451 -11.92 3.96 90.46
C LEU V 451 -13.16 4.51 89.74
N PRO V 452 -13.14 4.72 88.43
CA PRO V 452 -14.35 5.22 87.74
C PRO V 452 -15.46 4.18 87.69
N ALA V 453 -15.13 2.90 87.61
CA ALA V 453 -16.13 1.83 87.59
C ALA V 453 -16.99 1.87 88.87
N ALA V 454 -16.34 2.10 90.01
CA ALA V 454 -17.05 2.23 91.29
C ALA V 454 -18.00 3.43 91.29
N GLY V 455 -17.53 4.57 90.78
CA GLY V 455 -18.39 5.76 90.68
C GLY V 455 -19.61 5.52 89.81
N MET V 456 -19.42 4.91 88.66
CA MET V 456 -20.54 4.57 87.78
C MET V 456 -21.47 3.57 88.45
N ALA V 457 -20.91 2.53 89.07
CA ALA V 457 -21.72 1.51 89.75
C ALA V 457 -22.59 2.11 90.85
N ALA V 458 -22.05 3.03 91.64
CA ALA V 458 -22.86 3.67 92.69
C ALA V 458 -24.07 4.38 92.12
N ALA V 459 -23.95 4.99 90.95
CA ALA V 459 -25.09 5.65 90.32
C ALA V 459 -25.98 4.68 89.56
N ALA V 460 -25.41 3.70 88.86
CA ALA V 460 -26.23 2.78 88.06
C ALA V 460 -26.97 1.76 88.93
N HIS V 461 -26.33 1.20 89.95
CA HIS V 461 -27.02 0.20 90.77
C HIS V 461 -28.00 0.86 91.74
N GLN W 19 -71.22 97.23 26.32
CA GLN W 19 -69.88 96.89 25.87
C GLN W 19 -68.86 97.15 26.97
N ALA W 20 -67.88 96.25 27.12
CA ALA W 20 -66.87 96.40 28.16
C ALA W 20 -65.65 95.57 27.78
N VAL W 21 -64.55 95.80 28.50
CA VAL W 21 -63.31 95.07 28.32
C VAL W 21 -62.63 94.90 29.67
N VAL W 22 -61.81 93.85 29.79
CA VAL W 22 -61.06 93.53 31.01
C VAL W 22 -59.59 93.40 30.64
N VAL W 23 -58.72 94.04 31.44
CA VAL W 23 -57.28 94.05 31.17
C VAL W 23 -56.47 93.95 32.46
N GLY W 24 -55.26 93.42 32.33
CA GLY W 24 -54.31 93.29 33.42
C GLY W 24 -53.53 94.58 33.57
N VAL W 25 -53.82 95.34 34.62
CA VAL W 25 -53.16 96.60 34.91
C VAL W 25 -52.05 96.39 35.94
N MET W 26 -50.81 96.65 35.51
CA MET W 26 -49.63 96.53 36.36
C MET W 26 -49.48 97.77 37.24
N ALA W 27 -49.01 97.57 38.46
CA ALA W 27 -48.83 98.68 39.40
C ALA W 27 -47.49 98.51 40.11
N GLY W 28 -47.36 99.17 41.27
CA GLY W 28 -46.14 99.18 42.04
C GLY W 28 -45.35 97.91 42.21
N GLU W 29 -44.05 98.03 41.95
CA GLU W 29 -43.06 96.95 41.99
C GLU W 29 -43.44 95.78 41.08
N GLY W 30 -44.38 96.01 40.17
CA GLY W 30 -44.83 94.99 39.23
C GLY W 30 -46.00 94.14 39.65
N VAL W 31 -46.79 94.57 40.64
CA VAL W 31 -47.94 93.78 41.09
C VAL W 31 -49.02 93.74 40.01
N GLN W 32 -49.43 92.53 39.63
CA GLN W 32 -50.48 92.34 38.63
C GLN W 32 -51.88 92.54 39.23
N ILE W 33 -52.67 93.41 38.59
CA ILE W 33 -54.05 93.68 39.02
C ILE W 33 -54.97 93.59 37.80
N GLY W 34 -56.19 93.07 38.02
CA GLY W 34 -57.20 92.94 36.97
C GLY W 34 -58.30 93.97 37.14
N VAL W 35 -58.71 94.60 36.04
CA VAL W 35 -59.73 95.65 36.07
C VAL W 35 -60.66 95.58 34.85
N LEU W 36 -61.89 96.06 35.06
CA LEU W 36 -62.94 96.13 34.04
C LEU W 36 -63.08 97.57 33.58
N LEU W 37 -63.00 97.79 32.26
CA LEU W 37 -63.06 99.12 31.66
C LEU W 37 -64.12 99.19 30.56
N ASP W 38 -64.61 100.40 30.31
CA ASP W 38 -65.57 100.62 29.23
C ASP W 38 -64.90 100.50 27.87
N ALA W 39 -65.71 100.13 26.87
CA ALA W 39 -65.19 99.98 25.51
C ALA W 39 -65.09 101.29 24.71
N ASN W 40 -66.07 102.19 24.85
CA ASN W 40 -66.10 103.42 24.05
C ASN W 40 -65.63 104.70 24.74
N ALA W 41 -65.70 104.81 26.06
CA ALA W 41 -65.20 106.02 26.69
C ALA W 41 -63.69 106.16 26.50
N PRO W 42 -63.18 107.39 26.29
CA PRO W 42 -61.74 107.56 26.10
C PRO W 42 -60.95 107.36 27.39
N VAL W 43 -59.66 107.04 27.18
CA VAL W 43 -58.72 106.75 28.26
C VAL W 43 -58.63 107.88 29.30
N SER W 44 -58.63 109.14 28.85
CA SER W 44 -58.52 110.27 29.78
C SER W 44 -59.65 110.33 30.81
N VAL W 45 -60.88 110.00 30.43
CA VAL W 45 -62.00 110.04 31.38
C VAL W 45 -62.02 108.88 32.36
N MET W 46 -61.19 107.85 32.15
CA MET W 46 -61.14 106.68 33.02
C MET W 46 -59.84 106.52 33.79
N THR W 47 -58.74 107.15 33.34
CA THR W 47 -57.45 107.02 34.01
C THR W 47 -57.43 107.62 35.42
N ASP W 48 -58.31 108.57 35.71
CA ASP W 48 -58.42 109.20 37.03
C ASP W 48 -59.12 108.24 38.01
N PRO W 49 -60.36 107.83 37.74
CA PRO W 49 -61.03 106.88 38.65
C PRO W 49 -60.30 105.55 38.77
N LEU W 50 -59.67 105.08 37.70
CA LEU W 50 -58.91 103.83 37.74
C LEU W 50 -57.76 103.91 38.74
N LEU W 51 -57.12 105.07 38.86
CA LEU W 51 -56.04 105.27 39.82
C LEU W 51 -56.54 105.16 41.25
N LYS W 52 -57.77 105.61 41.50
CA LYS W 52 -58.38 105.53 42.84
C LYS W 52 -58.61 104.08 43.27
N VAL W 53 -59.25 103.27 42.42
CA VAL W 53 -59.50 101.86 42.75
C VAL W 53 -58.19 101.08 42.84
N VAL W 54 -57.21 101.38 41.98
CA VAL W 54 -55.91 100.70 42.08
C VAL W 54 -55.22 101.04 43.40
N ASN W 55 -55.27 102.30 43.81
CA ASN W 55 -54.67 102.70 45.08
C ASN W 55 -55.44 102.07 46.25
N SER W 56 -56.76 102.06 46.16
CA SER W 56 -57.61 101.43 47.17
C SER W 56 -57.29 99.95 47.32
N ARG W 57 -57.16 99.24 46.20
CA ARG W 57 -56.85 97.81 46.21
C ARG W 57 -55.43 97.56 46.73
N LEU W 58 -54.48 98.42 46.36
CA LEU W 58 -53.10 98.27 46.84
C LEU W 58 -53.03 98.28 48.36
N ARG W 59 -53.77 99.18 49.01
CA ARG W 59 -53.79 99.24 50.47
C ARG W 59 -54.32 97.96 51.10
N GLU W 60 -55.28 97.29 50.45
CA GLU W 60 -55.79 96.03 51.00
C GLU W 60 -54.74 94.94 50.91
N LEU W 61 -53.88 94.99 49.88
CA LEU W 61 -52.78 94.06 49.74
C LEU W 61 -51.62 94.43 50.65
N GLY W 62 -51.67 95.62 51.24
CA GLY W 62 -50.61 96.13 52.10
C GLY W 62 -49.48 96.79 51.35
N GLU W 63 -49.69 97.11 50.08
CA GLU W 63 -48.70 97.75 49.22
C GLU W 63 -48.95 99.25 49.21
N ALA W 64 -47.87 100.02 49.06
CA ALA W 64 -48.00 101.47 49.00
C ALA W 64 -48.70 101.91 47.72
N PRO W 65 -49.59 102.90 47.81
CA PRO W 65 -50.27 103.41 46.61
C PRO W 65 -49.31 104.09 45.64
N LEU W 66 -49.76 104.20 44.39
CA LEU W 66 -48.98 104.88 43.36
C LEU W 66 -48.79 106.35 43.73
N GLU W 67 -47.54 106.78 43.75
CA GLU W 67 -47.20 108.14 44.14
C GLU W 67 -45.89 108.58 43.50
N ALA W 68 -45.81 109.86 43.13
CA ALA W 68 -44.62 110.42 42.49
C ALA W 68 -44.59 111.92 42.72
N THR W 69 -43.41 112.51 42.49
CA THR W 69 -43.17 113.94 42.65
C THR W 69 -42.55 114.53 41.39
N GLY W 70 -42.86 115.80 41.16
CA GLY W 70 -42.39 116.53 40.00
C GLY W 70 -43.51 116.87 39.04
N ARG W 71 -43.18 117.77 38.11
CA ARG W 71 -44.13 118.18 37.09
C ARG W 71 -44.39 117.05 36.10
N GLY W 72 -45.66 116.76 35.85
CA GLY W 72 -46.02 115.68 34.95
C GLY W 72 -47.47 115.25 35.14
N ARG W 73 -47.74 113.99 34.76
CA ARG W 73 -49.08 113.44 34.86
C ARG W 73 -49.05 111.91 34.88
N TRP W 74 -50.21 111.34 35.19
CA TRP W 74 -50.46 109.89 35.25
C TRP W 74 -51.22 109.42 34.01
N ALA W 75 -50.77 108.32 33.41
CA ALA W 75 -51.45 107.77 32.24
C ALA W 75 -51.10 106.29 32.06
N LEU W 76 -51.87 105.63 31.20
CA LEU W 76 -51.67 104.22 30.86
C LEU W 76 -50.61 104.07 29.76
N CYS W 77 -49.78 103.05 29.90
CA CYS W 77 -48.68 102.79 28.96
C CYS W 77 -48.54 101.31 28.65
N LEU W 78 -47.91 101.06 27.50
CA LEU W 78 -47.57 99.72 27.02
C LEU W 78 -46.27 99.25 27.66
N VAL W 79 -45.93 97.99 27.42
CA VAL W 79 -44.72 97.40 28.01
C VAL W 79 -43.45 98.13 27.62
N ASP W 80 -43.45 98.89 26.54
CA ASP W 80 -42.25 99.62 26.16
C ASP W 80 -42.24 101.04 26.69
N GLY W 81 -43.27 101.44 27.44
CA GLY W 81 -43.38 102.77 27.99
C GLY W 81 -44.19 103.75 27.17
N ALA W 82 -44.62 103.37 25.97
CA ALA W 82 -45.39 104.28 25.12
C ALA W 82 -46.79 104.53 25.68
N PRO W 83 -47.18 105.78 25.94
CA PRO W 83 -48.52 106.06 26.45
C PRO W 83 -49.60 105.93 25.38
N LEU W 84 -50.79 105.53 25.82
CA LEU W 84 -51.95 105.42 24.93
C LEU W 84 -52.54 106.80 24.61
N ARG W 85 -53.37 106.84 23.57
CA ARG W 85 -54.04 108.08 23.18
C ARG W 85 -55.08 108.49 24.21
N ALA W 86 -55.05 109.76 24.63
CA ALA W 86 -55.97 110.25 25.65
C ALA W 86 -57.40 110.51 25.17
N THR W 87 -57.62 110.72 23.88
CA THR W 87 -58.93 111.08 23.36
C THR W 87 -59.65 109.99 22.57
N GLN W 88 -59.12 108.77 22.49
CA GLN W 88 -59.77 107.73 21.71
C GLN W 88 -60.14 106.50 22.52
N SER W 89 -61.21 105.86 22.07
CA SER W 89 -61.76 104.66 22.69
C SER W 89 -60.77 103.50 22.69
N LEU W 90 -60.89 102.65 23.71
CA LEU W 90 -60.11 101.42 23.76
C LEU W 90 -60.50 100.49 22.62
N THR W 91 -61.69 100.70 22.05
CA THR W 91 -62.15 99.95 20.88
C THR W 91 -61.55 100.50 19.60
N GLU W 92 -61.09 101.75 19.65
CA GLU W 92 -60.44 102.37 18.50
C GLU W 92 -59.00 101.89 18.46
N GLN W 93 -58.36 101.86 19.63
CA GLN W 93 -57.04 101.29 19.76
C GLN W 93 -57.21 99.76 19.72
N ASP W 94 -56.11 99.02 19.58
CA ASP W 94 -56.17 97.56 19.51
C ASP W 94 -56.10 96.92 20.90
N VAL W 95 -57.16 97.11 21.67
CA VAL W 95 -57.28 96.53 23.02
C VAL W 95 -58.46 95.56 23.05
N TYR W 96 -58.22 94.38 23.62
CA TYR W 96 -59.21 93.33 23.77
C TYR W 96 -58.98 92.62 25.10
N ASP W 97 -59.94 91.80 25.49
CA ASP W 97 -59.88 91.05 26.74
C ASP W 97 -58.58 90.28 26.89
N GLY W 98 -57.96 90.44 28.07
CA GLY W 98 -56.71 89.78 28.43
C GLY W 98 -55.45 90.53 28.11
N ASP W 99 -55.53 91.73 27.54
CA ASP W 99 -54.33 92.51 27.30
C ASP W 99 -53.76 93.02 28.62
N ARG W 100 -52.48 93.41 28.60
CA ARG W 100 -51.79 93.92 29.77
C ARG W 100 -51.33 95.36 29.54
N LEU W 101 -51.52 96.20 30.56
CA LEU W 101 -51.17 97.62 30.50
C LEU W 101 -50.54 98.06 31.82
N TRP W 102 -49.77 99.15 31.74
CA TRP W 102 -49.08 99.74 32.88
C TRP W 102 -49.58 101.15 33.16
N ILE W 103 -49.61 101.52 34.44
CA ILE W 103 -49.92 102.89 34.87
C ILE W 103 -48.59 103.51 35.24
N ARG W 104 -48.28 104.66 34.65
CA ARG W 104 -46.98 105.29 34.85
C ARG W 104 -47.06 106.82 34.95
N PHE W 105 -46.05 107.39 35.60
CA PHE W 105 -45.91 108.83 35.79
C PHE W 105 -45.06 109.41 34.67
N ILE W 106 -45.65 110.27 33.87
CA ILE W 106 -44.99 110.90 32.72
C ILE W 106 -44.48 112.29 33.15
N ALA W 107 -43.23 112.34 33.61
CA ALA W 107 -42.62 113.59 34.00
C ALA W 107 -42.26 114.41 32.74
N ASP W 108 -42.20 115.73 32.93
CA ASP W 108 -41.88 116.64 31.82
C ASP W 108 -40.54 116.31 31.16
N THR W 109 -39.58 115.81 31.93
CA THR W 109 -38.25 115.43 31.45
C THR W 109 -38.24 114.25 30.46
N GLU W 110 -39.33 113.49 30.37
CA GLU W 110 -39.39 112.32 29.49
C GLU W 110 -39.15 112.58 28.00
N ARG W 111 -38.21 111.82 27.42
CA ARG W 111 -37.88 111.80 26.00
C ARG W 111 -37.69 110.34 25.58
N ARG W 112 -38.23 109.95 24.41
CA ARG W 112 -38.11 108.58 23.90
C ARG W 112 -37.47 108.51 22.52
N SER W 113 -36.64 107.49 22.32
CA SER W 113 -35.87 107.30 21.08
C SER W 113 -36.72 107.12 19.82
N GLN W 114 -37.66 106.18 19.84
CA GLN W 114 -38.56 105.94 18.69
C GLN W 114 -37.81 105.61 17.37
N VAL W 115 -36.54 105.22 17.43
CA VAL W 115 -35.72 104.90 16.25
C VAL W 115 -35.23 103.44 16.27
N ILE W 116 -35.19 102.81 15.07
CA ILE W 116 -34.75 101.43 14.88
C ILE W 116 -33.58 101.38 13.90
N GLU W 117 -32.72 100.36 14.07
CA GLU W 117 -31.54 100.12 13.24
C GLU W 117 -31.40 98.63 12.90
N HIS W 118 -30.79 98.35 11.75
CA HIS W 118 -30.61 96.98 11.22
C HIS W 118 -29.18 96.44 11.18
N ILE W 119 -29.00 95.26 11.80
CA ILE W 119 -27.77 94.48 11.71
C ILE W 119 -28.17 93.02 11.90
N SER W 120 -27.52 92.12 11.16
CA SER W 120 -27.83 90.70 11.25
C SER W 120 -27.66 90.11 12.64
N THR W 121 -28.78 89.63 13.21
CA THR W 121 -28.81 89.05 14.54
C THR W 121 -27.90 87.83 14.68
N ALA W 122 -27.74 87.08 13.58
CA ALA W 122 -26.87 85.91 13.54
C ALA W 122 -25.39 86.25 13.70
N VAL W 123 -24.97 87.44 13.33
CA VAL W 123 -23.58 87.85 13.48
C VAL W 123 -23.35 88.55 14.82
N ALA W 124 -24.29 89.37 15.28
CA ALA W 124 -24.15 90.06 16.56
C ALA W 124 -23.99 89.05 17.70
N SER W 125 -24.84 88.03 17.72
CA SER W 125 -24.76 86.98 18.74
C SER W 125 -23.42 86.25 18.71
N ASP W 126 -22.91 85.94 17.53
CA ASP W 126 -21.63 85.25 17.38
C ASP W 126 -20.44 86.12 17.80
N LEU W 127 -20.41 87.38 17.38
CA LEU W 127 -19.33 88.31 17.72
C LEU W 127 -19.16 88.55 19.22
N SER W 128 -20.17 88.28 20.03
CA SER W 128 -20.06 88.43 21.48
C SER W 128 -19.04 87.48 22.10
N LYS W 129 -18.79 86.33 21.47
CA LYS W 129 -17.88 85.31 21.98
C LYS W 129 -16.70 85.02 21.05
N ARG W 130 -16.82 85.33 19.76
CA ARG W 130 -15.79 85.01 18.78
C ARG W 130 -14.42 85.57 19.19
N PHE W 131 -14.37 86.70 19.91
CA PHE W 131 -13.11 87.22 20.43
C PHE W 131 -13.35 88.40 21.38
N ALA W 132 -12.75 88.34 22.58
CA ALA W 132 -12.89 89.39 23.59
C ALA W 132 -11.79 89.25 24.66
N ARG W 133 -11.87 90.13 25.67
CA ARG W 133 -10.93 90.19 26.79
C ARG W 133 -10.92 88.93 27.67
N ILE W 134 -9.83 88.83 28.44
CA ILE W 134 -9.57 87.74 29.37
C ILE W 134 -10.59 87.67 30.51
N ASP W 135 -10.77 86.45 31.05
CA ASP W 135 -11.67 86.09 32.14
C ASP W 135 -10.95 85.45 33.31
N PRO W 136 -11.46 85.63 34.54
CA PRO W 136 -10.82 85.05 35.73
C PRO W 136 -10.71 83.53 35.70
N ILE W 137 -11.69 82.85 35.12
CA ILE W 137 -11.67 81.38 35.01
C ILE W 137 -10.47 80.94 34.18
N VAL W 138 -10.19 81.63 33.08
CA VAL W 138 -9.05 81.35 32.23
C VAL W 138 -7.74 81.64 32.98
N ALA W 139 -7.69 82.76 33.69
CA ALA W 139 -6.51 83.13 34.47
C ALA W 139 -6.18 82.06 35.51
N VAL W 140 -7.20 81.48 36.15
CA VAL W 140 -7.00 80.40 37.12
C VAL W 140 -6.42 79.16 36.44
N GLN W 141 -6.96 78.77 35.30
CA GLN W 141 -6.41 77.62 34.56
C GLN W 141 -4.96 77.87 34.16
N VAL W 142 -4.63 79.06 33.70
CA VAL W 142 -3.24 79.38 33.36
C VAL W 142 -2.38 79.35 34.62
N GLY W 143 -2.88 79.89 35.72
CA GLY W 143 -2.14 79.86 36.97
C GLY W 143 -1.83 78.45 37.42
N ALA W 144 -2.82 77.57 37.35
CA ALA W 144 -2.66 76.16 37.71
C ALA W 144 -1.55 75.52 36.87
N SER W 145 -1.55 75.76 35.56
CA SER W 145 -0.52 75.25 34.66
C SER W 145 0.88 75.78 34.97
N MET W 146 1.01 77.05 35.35
CA MET W 146 2.32 77.62 35.70
C MET W 146 2.91 76.99 36.96
N VAL W 147 2.13 76.88 38.04
CA VAL W 147 2.65 76.25 39.26
C VAL W 147 2.94 74.77 39.01
N ALA W 148 2.15 74.11 38.18
CA ALA W 148 2.40 72.72 37.80
C ALA W 148 3.76 72.58 37.10
N THR W 149 4.10 73.54 36.25
CA THR W 149 5.39 73.59 35.55
C THR W 149 6.54 73.83 36.53
N GLY W 150 6.32 74.67 37.53
CA GLY W 150 7.36 74.96 38.52
C GLY W 150 7.82 73.76 39.34
N VAL W 151 6.89 72.98 39.87
CA VAL W 151 7.26 71.80 40.66
C VAL W 151 8.01 70.75 39.85
N VAL W 152 7.63 70.51 38.60
CA VAL W 152 8.37 69.53 37.79
C VAL W 152 9.81 70.00 37.55
N LEU W 153 10.01 71.30 37.34
CA LEU W 153 11.35 71.86 37.17
C LEU W 153 12.20 71.69 38.44
N ALA W 154 11.61 71.87 39.60
CA ALA W 154 12.31 71.66 40.87
C ALA W 154 12.77 70.21 41.02
N THR W 155 11.89 69.26 40.72
CA THR W 155 12.26 67.83 40.77
C THR W 155 13.35 67.54 39.74
N GLY W 156 13.41 68.32 38.66
CA GLY W 156 14.46 68.16 37.67
C GLY W 156 15.85 68.42 38.25
N VAL W 157 16.03 69.56 38.92
CA VAL W 157 17.34 69.87 39.53
C VAL W 157 17.61 68.96 40.73
N LEU W 158 16.60 68.64 41.53
CA LEU W 158 16.77 67.74 42.67
C LEU W 158 17.13 66.33 42.20
N GLY W 159 16.60 65.92 41.06
CA GLY W 159 16.90 64.63 40.47
C GLY W 159 18.30 64.63 39.87
N TRP W 160 18.65 65.69 39.17
CA TRP W 160 19.98 65.88 38.59
C TRP W 160 21.06 65.85 39.66
N TRP W 161 20.77 66.34 40.86
CA TRP W 161 21.74 66.26 41.96
C TRP W 161 21.96 64.81 42.40
N ARG W 162 20.88 64.05 42.62
CA ARG W 162 20.97 62.65 43.03
C ARG W 162 21.72 61.78 42.03
N TRP W 163 21.74 62.16 40.76
CA TRP W 163 22.46 61.43 39.72
C TRP W 163 23.98 61.64 39.81
N HIS W 164 24.42 62.66 40.54
CA HIS W 164 25.83 62.99 40.72
C HIS W 164 26.33 62.91 42.16
N HIS W 165 25.45 62.91 43.15
CA HIS W 165 25.85 62.84 44.56
C HIS W 165 24.97 61.81 45.26
N ASN W 166 25.56 61.13 46.25
CA ASN W 166 24.88 60.07 46.99
C ASN W 166 24.20 60.54 48.28
N THR W 167 24.18 61.84 48.55
CA THR W 167 23.61 62.37 49.79
C THR W 167 22.08 62.20 49.84
N TRP W 168 21.56 62.13 51.08
CA TRP W 168 20.13 61.96 51.41
C TRP W 168 19.29 63.21 51.15
N LEU W 169 19.92 64.33 50.81
CA LEU W 169 19.23 65.60 50.55
C LEU W 169 18.02 65.49 49.62
N THR W 170 18.18 64.91 48.43
CA THR W 170 17.09 64.80 47.45
C THR W 170 15.80 64.15 47.97
N THR W 171 15.88 63.00 48.62
CA THR W 171 14.65 62.37 49.13
C THR W 171 14.06 63.17 50.28
N ILE W 172 14.90 63.59 51.21
CA ILE W 172 14.48 64.36 52.39
C ILE W 172 13.75 65.63 51.96
N TYR W 173 14.37 66.39 51.05
CA TYR W 173 13.81 67.65 50.55
C TYR W 173 12.62 67.48 49.60
N THR W 174 12.55 66.42 48.79
CA THR W 174 11.43 66.25 47.85
C THR W 174 10.18 65.66 48.50
N ALA W 175 10.34 64.74 49.46
CA ALA W 175 9.20 64.12 50.14
C ALA W 175 8.22 65.15 50.69
N VAL W 176 8.74 66.19 51.35
CA VAL W 176 7.91 67.27 51.91
C VAL W 176 7.24 68.09 50.79
N ILE W 177 7.93 68.34 49.68
CA ILE W 177 7.30 69.04 48.56
C ILE W 177 6.12 68.23 48.04
N GLY W 178 6.30 66.92 47.93
CA GLY W 178 5.25 66.01 47.49
C GLY W 178 3.98 66.10 48.33
N VAL W 179 4.12 66.00 49.64
CA VAL W 179 3.00 66.07 50.58
C VAL W 179 2.26 67.42 50.49
N LEU W 180 2.97 68.53 50.30
CA LEU W 180 2.27 69.81 50.18
C LEU W 180 1.48 69.91 48.88
N VAL W 181 2.09 69.64 47.73
CA VAL W 181 1.38 69.70 46.45
C VAL W 181 0.22 68.71 46.43
N LEU W 182 0.44 67.54 47.00
CA LEU W 182 -0.62 66.52 47.09
C LEU W 182 -1.78 67.02 47.95
N ALA W 183 -1.48 67.62 49.10
CA ALA W 183 -2.51 68.16 49.99
C ALA W 183 -3.33 69.27 49.32
N VAL W 184 -2.67 70.16 48.59
CA VAL W 184 -3.38 71.22 47.85
C VAL W 184 -4.39 70.62 46.87
N ALA W 185 -3.95 69.63 46.10
CA ALA W 185 -4.82 68.93 45.14
C ALA W 185 -5.96 68.20 45.84
N MET W 186 -5.67 67.54 46.96
CA MET W 186 -6.69 66.82 47.73
C MET W 186 -7.85 67.71 48.17
N LEU W 187 -7.59 68.96 48.54
CA LEU W 187 -8.70 69.87 48.89
C LEU W 187 -9.50 70.28 47.67
N LEU W 188 -8.85 70.68 46.58
CA LEU W 188 -9.55 71.07 45.35
C LEU W 188 -10.46 69.96 44.82
N LEU W 189 -10.05 68.70 44.91
CA LEU W 189 -10.89 67.59 44.46
C LEU W 189 -12.21 67.55 45.22
N MET W 190 -12.22 67.89 46.49
CA MET W 190 -13.45 67.90 47.27
C MET W 190 -14.34 69.11 46.97
N ARG W 191 -13.73 70.29 46.78
CA ARG W 191 -14.49 71.52 46.56
C ARG W 191 -15.00 71.72 45.13
N ALA W 192 -14.29 71.24 44.11
CA ALA W 192 -14.69 71.42 42.72
C ALA W 192 -16.06 70.79 42.40
N LYS W 193 -16.82 71.49 41.53
CA LYS W 193 -18.15 71.09 41.10
C LYS W 193 -18.36 71.10 39.59
N THR W 194 -17.98 72.17 38.91
CA THR W 194 -18.13 72.28 37.46
C THR W 194 -16.93 71.70 36.71
N ASP W 195 -17.11 71.53 35.41
CA ASP W 195 -16.04 71.03 34.55
C ASP W 195 -14.87 72.00 34.53
N ALA W 196 -15.15 73.29 34.60
CA ALA W 196 -14.09 74.30 34.68
C ALA W 196 -13.26 74.11 35.95
N ASP W 197 -13.91 73.76 37.05
CA ASP W 197 -13.22 73.49 38.32
C ASP W 197 -12.45 72.18 38.29
N ARG W 198 -13.06 71.12 37.76
CA ARG W 198 -12.41 69.80 37.69
C ARG W 198 -11.14 69.82 36.86
N ARG W 199 -11.09 70.62 35.79
CA ARG W 199 -9.85 70.77 35.03
C ARG W 199 -8.70 71.12 35.96
N VAL W 200 -8.92 72.12 36.81
CA VAL W 200 -7.91 72.60 37.76
C VAL W 200 -7.50 71.51 38.74
N ALA W 201 -8.47 70.85 39.35
CA ALA W 201 -8.19 69.76 40.30
C ALA W 201 -7.39 68.63 39.66
N ASP W 202 -7.72 68.26 38.43
CA ASP W 202 -7.01 67.19 37.71
C ASP W 202 -5.55 67.55 37.43
N ILE W 203 -5.29 68.74 36.91
CA ILE W 203 -3.91 69.18 36.64
C ILE W 203 -3.06 69.13 37.91
N MET W 204 -3.59 69.58 39.03
CA MET W 204 -2.85 69.56 40.29
C MET W 204 -2.55 68.14 40.77
N LEU W 205 -3.53 67.24 40.75
CA LEU W 205 -3.31 65.86 41.18
C LEU W 205 -2.26 65.19 40.31
N MET W 206 -2.42 65.29 39.00
CA MET W 206 -1.49 64.73 38.01
C MET W 206 -0.07 65.22 38.25
N SER W 207 0.08 66.50 38.59
CA SER W 207 1.38 67.14 38.88
C SER W 207 2.01 66.67 40.19
N ALA W 208 1.23 66.30 41.20
CA ALA W 208 1.74 65.84 42.49
C ALA W 208 2.47 64.49 42.44
N ILE W 209 2.14 63.61 41.49
CA ILE W 209 2.74 62.29 41.39
C ILE W 209 4.26 62.31 41.09
N MET W 210 4.75 63.27 40.33
CA MET W 210 6.18 63.33 39.99
C MET W 210 7.09 63.53 41.20
N PRO W 211 6.91 64.51 42.07
CA PRO W 211 7.79 64.62 43.24
C PRO W 211 7.75 63.39 44.14
N VAL W 212 6.57 62.83 44.38
CA VAL W 212 6.44 61.62 45.20
C VAL W 212 7.20 60.46 44.58
N THR W 213 7.14 60.34 43.24
CA THR W 213 7.84 59.29 42.50
C THR W 213 9.36 59.39 42.60
N VAL W 214 9.94 60.54 42.28
CA VAL W 214 11.40 60.68 42.37
C VAL W 214 11.90 60.54 43.80
N ALA W 215 11.10 60.92 44.79
CA ALA W 215 11.50 60.76 46.18
C ALA W 215 11.70 59.28 46.53
N ALA W 216 10.79 58.42 46.06
CA ALA W 216 10.91 56.97 46.27
C ALA W 216 12.07 56.38 45.50
N ALA W 217 12.31 56.86 44.28
CA ALA W 217 13.44 56.40 43.47
C ALA W 217 14.80 56.77 44.06
N ALA W 218 14.92 57.94 44.67
CA ALA W 218 16.18 58.40 45.26
C ALA W 218 16.51 57.79 46.62
N ALA W 219 15.55 57.17 47.29
CA ALA W 219 15.80 56.64 48.62
C ALA W 219 16.97 55.66 48.76
N PRO W 220 17.19 54.68 47.89
CA PRO W 220 18.32 53.77 48.07
C PRO W 220 19.67 54.45 47.97
N PRO W 221 20.61 54.06 48.82
CA PRO W 221 21.96 54.62 48.82
C PRO W 221 22.85 54.07 47.69
N GLY W 222 24.00 54.72 47.55
CA GLY W 222 24.99 54.35 46.56
C GLY W 222 24.74 54.89 45.16
N PRO W 223 25.59 54.49 44.22
CA PRO W 223 25.43 54.95 42.85
C PRO W 223 24.08 54.57 42.25
N VAL W 224 23.62 55.43 41.34
CA VAL W 224 22.34 55.24 40.66
C VAL W 224 22.43 54.08 39.68
N GLY W 225 21.39 53.24 39.67
CA GLY W 225 21.34 52.07 38.81
C GLY W 225 20.06 51.27 38.93
N SER W 226 20.20 49.95 38.81
CA SER W 226 19.06 49.02 38.86
C SER W 226 18.15 49.13 40.08
N PRO W 227 18.65 49.12 41.31
CA PRO W 227 17.74 49.20 42.46
C PRO W 227 16.88 50.46 42.53
N GLN W 228 17.32 51.58 41.98
CA GLN W 228 16.50 52.79 41.97
C GLN W 228 15.29 52.64 41.05
N ALA W 229 15.48 52.00 39.90
CA ALA W 229 14.41 51.80 38.92
C ALA W 229 13.27 50.93 39.45
N VAL W 230 13.54 49.99 40.34
CA VAL W 230 12.48 49.14 40.91
C VAL W 230 11.46 49.94 41.71
N LEU W 231 11.89 50.79 42.65
CA LEU W 231 10.91 51.60 43.41
C LEU W 231 10.29 52.70 42.57
N GLY W 232 11.06 53.39 41.75
CA GLY W 232 10.56 54.49 40.94
C GLY W 232 9.35 54.10 40.10
N PHE W 233 9.51 53.14 39.22
CA PHE W 233 8.42 52.67 38.36
C PHE W 233 7.36 51.91 39.16
N GLY W 234 7.70 51.30 40.27
CA GLY W 234 6.74 50.62 41.12
C GLY W 234 5.72 51.58 41.72
N VAL W 235 6.14 52.63 42.42
CA VAL W 235 5.21 53.60 43.01
C VAL W 235 4.44 54.36 41.94
N LEU W 236 5.09 54.65 40.81
CA LEU W 236 4.43 55.34 39.70
C LEU W 236 3.27 54.51 39.17
N THR W 237 3.44 53.20 39.13
CA THR W 237 2.37 52.28 38.69
C THR W 237 1.18 52.33 39.63
N VAL W 238 1.42 52.21 40.94
CA VAL W 238 0.38 52.24 41.97
C VAL W 238 -0.31 53.61 42.05
N ALA W 239 0.44 54.69 42.00
CA ALA W 239 -0.14 56.03 42.06
C ALA W 239 -1.16 56.27 40.95
N ALA W 240 -0.79 55.98 39.70
CA ALA W 240 -1.72 56.16 38.58
C ALA W 240 -2.92 55.21 38.66
N ALA W 241 -2.69 53.95 39.01
CA ALA W 241 -3.77 52.98 39.15
C ALA W 241 -4.74 53.38 40.24
N LEU W 242 -4.22 53.85 41.37
CA LEU W 242 -5.02 54.29 42.50
C LEU W 242 -5.78 55.57 42.18
N ALA W 243 -5.10 56.54 41.57
CA ALA W 243 -5.74 57.81 41.17
C ALA W 243 -6.88 57.60 40.18
N LEU W 244 -6.69 56.69 39.22
CA LEU W 244 -7.70 56.41 38.20
C LEU W 244 -9.03 55.94 38.78
N ARG W 245 -9.04 54.93 39.65
CA ARG W 245 -10.30 54.46 40.21
C ARG W 245 -11.04 55.52 41.02
N PHE W 246 -10.38 56.17 41.96
CA PHE W 246 -11.09 57.11 42.81
C PHE W 246 -11.37 58.45 42.12
N THR W 247 -10.62 58.82 41.10
CA THR W 247 -10.92 60.07 40.38
C THR W 247 -11.89 59.81 39.23
N GLY W 248 -11.81 58.66 38.57
CA GLY W 248 -12.72 58.35 37.48
C GLY W 248 -12.73 59.29 36.29
N ARG W 249 -11.56 59.81 35.91
CA ARG W 249 -11.48 60.80 34.84
C ARG W 249 -10.10 60.74 34.21
N ARG W 250 -9.98 61.29 33.00
CA ARG W 250 -8.71 61.28 32.26
C ARG W 250 -8.21 59.86 32.01
N LEU W 251 -9.14 58.95 31.70
CA LEU W 251 -8.86 57.52 31.48
C LEU W 251 -7.71 57.26 30.51
N GLY W 252 -7.60 58.03 29.45
CA GLY W 252 -6.56 57.89 28.43
C GLY W 252 -5.13 58.06 28.92
N ILE W 253 -4.81 59.24 29.40
CA ILE W 253 -3.47 59.55 29.90
C ILE W 253 -3.05 58.64 31.06
N TYR W 254 -3.93 58.41 32.04
CA TYR W 254 -3.55 57.55 33.17
C TYR W 254 -3.29 56.09 32.78
N THR W 255 -3.95 55.57 31.77
CA THR W 255 -3.71 54.18 31.34
C THR W 255 -2.30 54.02 30.76
N THR W 256 -1.82 55.01 30.04
CA THR W 256 -0.47 54.98 29.46
C THR W 256 0.60 54.82 30.54
N ILE W 257 0.48 55.58 31.63
CA ILE W 257 1.42 55.55 32.73
C ILE W 257 1.46 54.17 33.40
N VAL W 258 0.32 53.51 33.55
CA VAL W 258 0.30 52.17 34.17
C VAL W 258 1.03 51.13 33.32
N ILE W 259 0.89 51.16 31.99
CA ILE W 259 1.54 50.17 31.13
C ILE W 259 3.06 50.34 31.09
N ILE W 260 3.55 51.54 30.81
CA ILE W 260 5.01 51.74 30.79
C ILE W 260 5.60 51.48 32.17
N GLY W 261 4.86 51.76 33.22
CA GLY W 261 5.29 51.52 34.59
C GLY W 261 5.42 50.03 34.90
N ALA W 262 4.37 49.25 34.70
CA ALA W 262 4.36 47.81 34.99
C ALA W 262 5.41 47.04 34.17
N LEU W 263 5.47 47.25 32.86
CA LEU W 263 6.44 46.55 32.01
C LEU W 263 7.88 46.94 32.35
N THR W 264 8.14 48.20 32.65
CA THR W 264 9.50 48.62 33.03
C THR W 264 9.89 48.07 34.40
N MET W 265 8.95 48.01 35.34
CA MET W 265 9.21 47.46 36.67
C MET W 265 9.67 46.00 36.61
N LEU W 266 9.01 45.17 35.81
CA LEU W 266 9.41 43.76 35.69
C LEU W 266 10.79 43.63 35.05
N ALA W 267 11.13 44.46 34.08
CA ALA W 267 12.46 44.41 33.48
C ALA W 267 13.52 44.80 34.49
N ALA W 268 13.30 45.91 35.19
CA ALA W 268 14.23 46.41 36.22
C ALA W 268 14.40 45.42 37.37
N LEU W 269 13.32 44.76 37.77
CA LEU W 269 13.34 43.77 38.84
C LEU W 269 14.17 42.54 38.46
N ALA W 270 13.97 41.99 37.28
CA ALA W 270 14.74 40.83 36.80
C ALA W 270 16.23 41.16 36.71
N ARG W 271 16.56 42.34 36.21
CA ARG W 271 17.94 42.78 36.10
C ARG W 271 18.63 42.84 37.45
N MET W 272 17.90 43.24 38.50
CA MET W 272 18.45 43.35 39.85
C MET W 272 18.74 41.99 40.49
N VAL W 273 17.76 41.10 40.54
CA VAL W 273 17.94 39.81 41.21
C VAL W 273 18.56 38.71 40.36
N ALA W 274 18.51 38.80 39.04
CA ALA W 274 19.05 37.75 38.18
C ALA W 274 20.15 38.21 37.24
N ALA W 275 20.47 39.49 37.19
CA ALA W 275 21.54 40.03 36.34
C ALA W 275 21.45 39.60 34.86
N THR W 276 20.24 39.44 34.33
CA THR W 276 20.09 39.02 32.94
C THR W 276 20.63 40.07 31.97
N SER W 277 21.02 39.60 30.78
CA SER W 277 21.58 40.42 29.72
C SER W 277 20.56 41.38 29.11
N ALA W 278 21.07 42.50 28.59
CA ALA W 278 20.22 43.49 27.93
C ALA W 278 19.52 42.93 26.69
N VAL W 279 20.20 42.10 25.91
CA VAL W 279 19.63 41.50 24.70
C VAL W 279 18.45 40.59 25.03
N THR W 280 18.50 39.93 26.17
CA THR W 280 17.42 39.07 26.64
C THR W 280 16.20 39.88 27.09
N LEU W 281 16.41 40.94 27.85
CA LEU W 281 15.33 41.79 28.35
C LEU W 281 14.63 42.57 27.23
N LEU W 282 15.40 43.23 26.37
CA LEU W 282 14.82 43.99 25.27
C LEU W 282 14.06 43.11 24.27
N SER W 283 14.58 41.93 23.93
CA SER W 283 13.89 41.00 23.04
C SER W 283 12.61 40.45 23.67
N SER W 284 12.63 40.15 24.96
CA SER W 284 11.45 39.65 25.67
C SER W 284 10.34 40.70 25.71
N LEU W 285 10.66 41.97 25.94
CA LEU W 285 9.64 43.01 25.92
C LEU W 285 9.02 43.13 24.54
N LEU W 286 9.81 42.95 23.49
CA LEU W 286 9.28 42.99 22.14
C LEU W 286 8.26 41.86 21.92
N LEU W 287 8.56 40.65 22.38
CA LEU W 287 7.64 39.52 22.25
C LEU W 287 6.38 39.70 23.10
N ILE W 288 6.51 40.28 24.28
CA ILE W 288 5.38 40.57 25.16
C ILE W 288 4.47 41.62 24.54
N CYS W 289 5.04 42.64 23.89
CA CYS W 289 4.28 43.69 23.23
C CYS W 289 3.57 43.20 21.96
N VAL W 290 4.16 42.29 21.19
CA VAL W 290 3.51 41.78 19.98
C VAL W 290 2.21 41.03 20.30
N VAL W 291 2.16 40.25 21.37
CA VAL W 291 0.90 39.60 21.76
C VAL W 291 -0.08 40.61 22.37
N ALA W 292 0.42 41.61 23.09
CA ALA W 292 -0.45 42.62 23.69
C ALA W 292 -1.29 43.34 22.63
N TYR W 293 -0.75 43.60 21.45
CA TYR W 293 -1.53 44.23 20.38
C TYR W 293 -2.71 43.38 19.94
N HIS W 294 -2.66 42.08 20.16
CA HIS W 294 -3.74 41.17 19.80
C HIS W 294 -4.79 41.03 20.89
N ALA W 295 -4.41 41.22 22.15
CA ALA W 295 -5.31 41.15 23.29
C ALA W 295 -5.97 42.49 23.63
N ALA W 296 -5.44 43.61 23.14
CA ALA W 296 -5.94 44.96 23.44
C ALA W 296 -7.45 45.13 23.35
N PRO W 297 -8.14 44.78 22.27
CA PRO W 297 -9.61 44.93 22.24
C PRO W 297 -10.35 44.09 23.26
N ALA W 298 -9.77 42.98 23.72
CA ALA W 298 -10.39 42.13 24.73
C ALA W 298 -10.14 42.69 26.13
N LEU W 299 -8.92 43.13 26.42
CA LEU W 299 -8.62 43.74 27.72
C LEU W 299 -9.47 44.99 27.92
N SER W 300 -9.51 45.85 26.91
CA SER W 300 -10.26 47.09 26.98
C SER W 300 -11.74 46.86 27.26
N ARG W 301 -12.32 45.79 26.71
CA ARG W 301 -13.72 45.47 26.94
C ARG W 301 -14.04 45.15 28.41
N ARG W 302 -13.23 44.33 29.08
CA ARG W 302 -13.50 44.03 30.49
C ARG W 302 -13.15 45.20 31.41
N LEU W 303 -12.09 45.95 31.11
CA LEU W 303 -11.75 47.11 31.93
C LEU W 303 -12.89 48.12 31.95
N ALA W 304 -13.62 48.25 30.85
CA ALA W 304 -14.73 49.18 30.74
C ALA W 304 -16.02 48.68 31.38
N GLY W 305 -16.06 47.42 31.83
CA GLY W 305 -17.26 46.89 32.45
C GLY W 305 -18.35 46.37 31.54
N ILE W 306 -18.07 46.17 30.25
CA ILE W 306 -19.05 45.60 29.34
C ILE W 306 -19.31 44.17 29.81
N ARG W 307 -20.57 43.74 29.85
CA ARG W 307 -20.90 42.38 30.29
C ARG W 307 -21.64 41.59 29.22
N LEU W 308 -21.06 40.47 28.81
CA LEU W 308 -21.70 39.58 27.85
C LEU W 308 -22.82 38.79 28.54
N PRO W 309 -23.90 38.48 27.83
CA PRO W 309 -25.05 37.81 28.46
C PRO W 309 -24.73 36.43 29.02
N VAL W 310 -25.35 36.12 30.16
CA VAL W 310 -25.23 34.83 30.81
C VAL W 310 -26.21 33.84 30.16
N PHE W 311 -25.78 32.57 29.99
CA PHE W 311 -26.68 31.58 29.37
C PHE W 311 -27.60 30.91 30.38
N PRO W 312 -28.85 30.61 29.99
CA PRO W 312 -29.82 30.01 30.92
C PRO W 312 -29.54 28.57 31.33
N SER W 313 -28.50 27.92 30.84
CA SER W 313 -28.14 26.55 31.25
C SER W 313 -29.34 25.59 31.34
N ALA W 314 -30.28 25.70 30.41
CA ALA W 314 -31.30 24.66 30.17
C ALA W 314 -32.02 24.18 31.44
N THR W 315 -32.37 25.11 32.32
CA THR W 315 -33.20 24.76 33.48
C THR W 315 -34.46 25.62 33.55
N SER W 316 -34.93 26.14 32.41
CA SER W 316 -36.16 26.93 32.36
C SER W 316 -36.65 26.99 30.92
N ARG W 317 -37.94 27.25 30.76
CA ARG W 317 -38.56 27.38 29.44
C ARG W 317 -38.61 28.85 29.05
N TRP W 318 -38.58 29.12 27.74
CA TRP W 318 -38.62 30.51 27.28
C TRP W 318 -40.00 31.14 27.48
N VAL W 319 -40.00 32.33 28.07
CA VAL W 319 -41.21 33.13 28.27
C VAL W 319 -41.13 34.30 27.29
N PHE W 320 -42.09 34.36 26.36
CA PHE W 320 -42.05 35.41 25.36
C PHE W 320 -42.47 36.79 25.88
N GLU W 321 -43.42 36.88 26.82
CA GLU W 321 -43.88 38.21 27.30
C GLU W 321 -44.07 38.36 28.81
N ALA W 322 -42.97 38.39 29.55
CA ALA W 322 -43.07 38.76 30.96
C ALA W 322 -43.36 40.26 31.02
N ARG W 323 -43.90 40.73 32.15
CA ARG W 323 -44.21 42.15 32.23
C ARG W 323 -42.96 43.01 31.95
N PRO W 324 -43.04 43.99 31.02
CA PRO W 324 -41.89 44.81 30.64
C PRO W 324 -41.17 45.53 31.77
N ASP W 325 -39.89 45.86 31.51
CA ASP W 325 -39.06 46.51 32.50
C ASP W 325 -39.43 47.98 32.71
N LEU W 326 -39.40 48.36 33.97
CA LEU W 326 -39.75 49.70 34.44
C LEU W 326 -38.81 50.79 33.94
N PRO W 327 -39.32 51.90 33.38
CA PRO W 327 -38.45 52.99 32.92
C PRO W 327 -37.85 53.77 34.08
N THR W 328 -36.70 54.40 33.82
CA THR W 328 -35.98 55.22 34.79
C THR W 328 -36.14 56.73 34.54
N THR W 329 -36.26 57.49 35.63
CA THR W 329 -36.42 58.94 35.67
C THR W 329 -35.10 59.68 35.88
N VAL W 330 -35.00 60.88 35.28
CA VAL W 330 -33.81 61.72 35.36
C VAL W 330 -34.22 63.16 35.66
N VAL W 331 -33.26 63.94 36.18
CA VAL W 331 -33.47 65.33 36.57
C VAL W 331 -32.32 66.25 36.16
N VAL W 332 -32.65 67.53 36.01
CA VAL W 332 -31.72 68.60 35.66
C VAL W 332 -32.07 69.83 36.49
N SER W 333 -31.05 70.55 36.95
CA SER W 333 -31.24 71.72 37.80
C SER W 333 -31.98 72.86 37.08
N GLY W 334 -31.42 73.31 35.95
CA GLY W 334 -32.06 74.39 35.21
C GLY W 334 -33.42 73.98 34.64
N GLY W 335 -33.44 72.88 33.90
CA GLY W 335 -34.67 72.31 33.39
C GLY W 335 -35.29 71.44 34.46
N SER W 336 -35.70 72.11 35.54
CA SER W 336 -36.22 71.48 36.75
C SER W 336 -37.33 70.45 36.52
N ALA W 337 -38.03 70.49 35.39
CA ALA W 337 -39.05 69.46 35.19
C ALA W 337 -38.41 68.10 34.91
N PRO W 338 -38.70 67.07 35.74
CA PRO W 338 -38.13 65.75 35.49
C PRO W 338 -38.61 65.12 34.20
N VAL W 339 -37.81 64.18 33.69
CA VAL W 339 -38.08 63.46 32.44
C VAL W 339 -37.67 62.00 32.63
N LEU W 340 -38.19 61.14 31.76
CA LEU W 340 -37.80 59.72 31.74
C LEU W 340 -37.22 59.35 30.38
N GLU W 341 -36.30 58.37 30.35
CA GLU W 341 -35.69 58.00 29.08
C GLU W 341 -35.43 56.51 28.81
N GLY W 342 -35.69 55.58 29.72
CA GLY W 342 -35.49 54.17 29.42
C GLY W 342 -35.03 53.27 30.54
N PRO W 343 -34.97 51.96 30.29
CA PRO W 343 -34.52 51.01 31.31
C PRO W 343 -33.05 51.12 31.69
N SER W 344 -32.77 50.83 32.96
CA SER W 344 -31.42 50.88 33.49
C SER W 344 -30.45 49.99 32.70
N SER W 345 -30.90 48.79 32.33
CA SER W 345 -30.08 47.84 31.57
C SER W 345 -29.62 48.34 30.21
N VAL W 346 -30.41 49.19 29.56
CA VAL W 346 -30.07 49.74 28.25
C VAL W 346 -29.39 51.10 28.35
N ARG W 347 -29.89 51.94 29.24
CA ARG W 347 -29.40 53.30 29.45
C ARG W 347 -27.92 53.38 29.85
N ASP W 348 -27.37 52.37 30.52
CA ASP W 348 -25.97 52.39 30.94
C ASP W 348 -24.96 52.17 29.81
N VAL W 349 -25.29 51.40 28.76
CA VAL W 349 -24.35 51.09 27.68
C VAL W 349 -23.74 52.33 27.04
N LEU W 350 -24.48 53.41 26.93
CA LEU W 350 -24.00 54.64 26.30
C LEU W 350 -22.78 55.23 27.02
N LEU W 351 -22.57 54.90 28.29
CA LEU W 351 -21.41 55.34 29.07
C LEU W 351 -20.29 54.31 29.03
N GLN W 352 -20.63 53.02 29.00
CA GLN W 352 -19.64 51.95 28.95
C GLN W 352 -18.83 52.01 27.67
N ALA W 353 -19.46 52.31 26.54
CA ALA W 353 -18.79 52.38 25.25
C ALA W 353 -17.75 53.50 25.16
N GLU W 354 -18.04 54.71 25.63
CA GLU W 354 -17.02 55.77 25.56
C GLU W 354 -15.84 55.49 26.49
N ARG W 355 -16.07 54.77 27.58
CA ARG W 355 -14.98 54.37 28.47
C ARG W 355 -14.10 53.34 27.78
N ALA W 356 -14.72 52.37 27.12
CA ALA W 356 -14.02 51.34 26.37
C ALA W 356 -13.12 51.96 25.31
N ARG W 357 -13.60 52.95 24.58
CA ARG W 357 -12.81 53.66 23.57
C ARG W 357 -11.61 54.40 24.19
N SER W 358 -11.77 54.98 25.38
CA SER W 358 -10.71 55.72 26.06
C SER W 358 -9.60 54.79 26.56
N PHE W 359 -9.96 53.64 27.11
CA PHE W 359 -8.97 52.65 27.55
C PHE W 359 -8.14 52.15 26.38
N LEU W 360 -8.78 51.78 25.28
CA LEU W 360 -8.09 51.29 24.09
C LEU W 360 -7.11 52.33 23.53
N SER W 361 -7.47 53.61 23.54
CA SER W 361 -6.60 54.67 23.03
C SER W 361 -5.31 54.80 23.84
N GLY W 362 -5.43 54.73 25.17
CA GLY W 362 -4.27 54.78 26.05
C GLY W 362 -3.42 53.52 25.95
N LEU W 363 -4.08 52.37 25.93
CA LEU W 363 -3.44 51.07 25.81
C LEU W 363 -2.57 50.95 24.55
N LEU W 364 -3.03 51.45 23.40
CA LEU W 364 -2.20 51.42 22.17
C LEU W 364 -1.01 52.38 22.26
N THR W 365 -1.17 53.54 22.88
CA THR W 365 -0.08 54.51 23.02
C THR W 365 1.04 53.99 23.92
N GLY W 366 0.69 53.38 25.05
CA GLY W 366 1.70 52.83 25.95
C GLY W 366 2.54 51.74 25.30
N LEU W 367 1.90 50.87 24.52
CA LEU W 367 2.62 49.83 23.79
C LEU W 367 3.47 50.45 22.69
N GLY W 368 2.96 51.50 22.04
CA GLY W 368 3.69 52.21 21.01
C GLY W 368 5.01 52.79 21.49
N VAL W 369 5.01 53.39 22.67
CA VAL W 369 6.23 53.93 23.29
C VAL W 369 7.24 52.82 23.60
N MET W 370 6.78 51.69 24.13
CA MET W 370 7.68 50.58 24.46
C MET W 370 8.40 49.97 23.26
N VAL W 371 7.72 49.77 22.13
CA VAL W 371 8.39 49.16 20.96
C VAL W 371 9.45 50.07 20.33
N VAL W 372 9.22 51.37 20.25
CA VAL W 372 10.25 52.24 19.66
C VAL W 372 11.49 52.31 20.55
N VAL W 373 11.31 52.31 21.86
CA VAL W 373 12.44 52.33 22.80
C VAL W 373 13.22 51.02 22.78
N CYS W 374 12.53 49.90 22.63
CA CYS W 374 13.16 48.58 22.59
C CYS W 374 13.86 48.29 21.26
N MET W 375 13.19 48.57 20.15
CA MET W 375 13.73 48.30 18.81
C MET W 375 14.99 49.11 18.49
N THR W 376 14.99 50.42 18.75
CA THR W 376 16.15 51.28 18.48
C THR W 376 17.36 50.97 19.35
N SER W 377 17.20 50.20 20.41
CA SER W 377 18.29 49.83 21.29
C SER W 377 18.92 48.50 20.91
N LEU W 378 18.18 47.60 20.27
CA LEU W 378 18.70 46.31 19.87
C LEU W 378 19.59 46.36 18.62
N CYS W 379 19.31 47.26 17.68
CA CYS W 379 20.06 47.32 16.43
C CYS W 379 21.16 48.37 16.42
N ASP W 380 22.14 48.21 17.32
CA ASP W 380 23.25 49.13 17.29
C ASP W 380 24.17 48.75 16.13
N PRO W 381 24.87 49.73 15.54
CA PRO W 381 25.71 49.44 14.38
C PRO W 381 27.02 48.69 14.63
N HIS W 382 27.52 48.61 15.86
CA HIS W 382 28.81 47.96 16.10
C HIS W 382 28.71 46.48 16.43
N THR W 383 27.62 46.05 17.02
CA THR W 383 27.43 44.63 17.35
C THR W 383 27.59 43.74 16.13
N GLY W 384 28.28 42.62 16.32
CA GLY W 384 28.47 41.67 15.24
C GLY W 384 27.15 41.13 14.72
N GLN W 385 27.13 40.85 13.41
CA GLN W 385 25.92 40.38 12.71
C GLN W 385 24.82 41.44 12.70
N ARG W 386 25.23 42.67 12.49
CA ARG W 386 24.36 43.84 12.48
C ARG W 386 23.10 43.68 11.61
N TRP W 387 23.13 42.81 10.61
CA TRP W 387 21.95 42.62 9.76
C TRP W 387 20.81 41.89 10.47
N LEU W 388 21.11 41.00 11.40
CA LEU W 388 20.05 40.25 12.08
C LEU W 388 19.07 41.11 12.87
N PRO W 389 19.48 42.04 13.73
CA PRO W 389 18.48 42.82 14.44
C PRO W 389 17.73 43.85 13.61
N LEU W 390 18.30 44.42 12.54
CA LEU W 390 17.51 45.39 11.77
C LEU W 390 16.67 44.79 10.65
N ILE W 391 16.71 43.47 10.42
CA ILE W 391 15.67 42.82 9.64
C ILE W 391 14.41 42.60 10.49
N LEU W 392 14.61 42.29 11.78
CA LEU W 392 13.51 42.12 12.72
C LEU W 392 12.76 43.43 12.92
N ALA W 393 13.49 44.54 12.90
CA ALA W 393 12.91 45.87 12.98
C ALA W 393 12.07 46.18 11.75
N GLY W 394 12.45 45.64 10.61
CA GLY W 394 11.73 45.79 9.35
C GLY W 394 10.39 45.09 9.35
N PHE W 395 10.36 43.79 9.64
CA PHE W 395 9.10 43.05 9.69
C PHE W 395 8.14 43.63 10.72
N THR W 396 8.65 44.08 11.87
CA THR W 396 7.80 44.67 12.91
C THR W 396 7.12 45.95 12.41
N SER W 397 7.86 46.81 11.72
CA SER W 397 7.30 48.04 11.16
C SER W 397 6.25 47.73 10.10
N GLY W 398 6.48 46.72 9.27
CA GLY W 398 5.52 46.32 8.24
C GLY W 398 4.19 45.84 8.82
N PHE W 399 4.26 45.01 9.85
CA PHE W 399 3.06 44.52 10.54
C PHE W 399 2.27 45.67 11.16
N LEU W 400 2.93 46.57 11.90
CA LEU W 400 2.25 47.70 12.52
C LEU W 400 1.60 48.63 11.49
N LEU W 401 2.28 48.92 10.39
CA LEU W 401 1.73 49.80 9.36
C LEU W 401 0.49 49.21 8.68
N LEU W 402 0.49 47.92 8.38
CA LEU W 402 -0.68 47.29 7.77
C LEU W 402 -1.83 47.12 8.75
N ARG W 403 -1.55 46.96 10.04
CA ARG W 403 -2.59 46.81 11.06
C ARG W 403 -3.51 48.02 11.16
N GLY W 404 -3.06 49.20 10.74
CA GLY W 404 -3.87 50.40 10.77
C GLY W 404 -5.22 50.30 10.06
N ARG W 405 -5.35 49.39 9.10
CA ARG W 405 -6.61 49.22 8.39
C ARG W 405 -7.75 48.79 9.30
N SER W 406 -7.47 47.98 10.31
CA SER W 406 -8.52 47.49 11.20
C SER W 406 -9.08 48.53 12.16
N TYR W 407 -8.50 49.73 12.26
CA TYR W 407 -9.00 50.75 13.16
C TYR W 407 -9.57 51.93 12.39
N VAL W 408 -10.86 52.21 12.62
CA VAL W 408 -11.59 53.26 11.93
C VAL W 408 -11.53 54.63 12.63
N ASP W 409 -11.36 54.65 13.95
CA ASP W 409 -11.27 55.92 14.67
C ASP W 409 -10.03 56.68 14.20
N ARG W 410 -10.17 58.01 14.12
CA ARG W 410 -9.13 58.92 13.64
C ARG W 410 -7.79 58.78 14.37
N TRP W 411 -7.73 59.12 15.65
CA TRP W 411 -6.48 59.10 16.41
C TRP W 411 -5.96 57.69 16.67
N GLN W 412 -6.84 56.70 16.82
CA GLN W 412 -6.38 55.32 17.03
C GLN W 412 -5.62 54.79 15.82
N SER W 413 -6.05 55.11 14.61
CA SER W 413 -5.34 54.66 13.41
C SER W 413 -4.04 55.44 13.15
N ILE W 414 -4.03 56.75 13.39
CA ILE W 414 -2.82 57.56 13.20
C ILE W 414 -1.68 57.10 14.10
N THR W 415 -1.97 56.78 15.36
CA THR W 415 -0.91 56.35 16.28
C THR W 415 -0.23 55.06 15.82
N LEU W 416 -0.94 54.17 15.15
CA LEU W 416 -0.35 52.93 14.62
C LEU W 416 0.59 53.23 13.45
N ALA W 417 0.13 54.01 12.47
CA ALA W 417 0.96 54.41 11.33
C ALA W 417 2.14 55.27 11.79
N GLY W 418 1.89 56.17 12.72
CA GLY W 418 2.94 57.00 13.32
C GLY W 418 4.00 56.18 14.04
N THR W 419 3.59 55.14 14.75
CA THR W 419 4.52 54.25 15.44
C THR W 419 5.41 53.50 14.45
N ALA W 420 4.86 53.07 13.33
CA ALA W 420 5.64 52.36 12.31
C ALA W 420 6.71 53.23 11.68
N VAL W 421 6.38 54.48 11.36
CA VAL W 421 7.32 55.43 10.74
C VAL W 421 8.41 55.88 11.71
N ILE W 422 8.07 56.20 12.95
CA ILE W 422 9.07 56.66 13.91
C ILE W 422 10.14 55.61 14.21
N ILE W 423 9.82 54.31 14.13
CA ILE W 423 10.85 53.29 14.32
C ILE W 423 11.90 53.40 13.22
N ALA W 424 11.45 53.51 11.97
CA ALA W 424 12.35 53.64 10.83
C ALA W 424 13.23 54.88 10.95
N ALA W 425 12.63 56.04 11.23
CA ALA W 425 13.38 57.29 11.38
C ALA W 425 14.42 57.22 12.51
N ALA W 426 14.04 56.69 13.67
CA ALA W 426 14.96 56.60 14.81
C ALA W 426 16.14 55.66 14.54
N VAL W 427 15.93 54.54 13.86
CA VAL W 427 17.01 53.62 13.52
C VAL W 427 17.96 54.22 12.49
N CYS W 428 17.45 55.00 11.53
CA CYS W 428 18.31 55.66 10.56
C CYS W 428 19.24 56.67 11.23
N VAL W 429 18.69 57.55 12.07
CA VAL W 429 19.49 58.55 12.78
C VAL W 429 20.56 57.89 13.65
N ARG W 430 20.21 56.83 14.35
CA ARG W 430 21.16 56.12 15.19
C ARG W 430 22.39 55.65 14.41
N TYR W 431 22.23 55.29 13.15
CA TYR W 431 23.30 54.83 12.27
C TYR W 431 24.22 55.94 11.75
N ALA W 432 23.88 57.20 11.96
CA ALA W 432 24.70 58.35 11.55
C ALA W 432 25.51 58.93 12.70
N LEU W 433 24.90 59.13 13.86
CA LEU W 433 25.56 59.69 15.03
C LEU W 433 26.56 58.72 15.64
N GLU W 434 26.71 57.56 15.01
CA GLU W 434 27.67 56.53 15.35
C GLU W 434 28.08 55.95 14.01
N LEU W 435 29.24 55.29 13.96
CA LEU W 435 29.68 54.72 12.69
C LEU W 435 29.71 55.78 11.59
N SER W 436 30.06 57.00 12.00
CA SER W 436 30.11 58.18 11.12
C SER W 436 31.05 57.98 9.95
N SER W 437 30.54 58.23 8.75
CA SER W 437 31.27 58.10 7.49
C SER W 437 30.37 58.63 6.37
N PRO W 438 30.97 59.05 5.25
CA PRO W 438 30.18 59.62 4.14
C PRO W 438 29.07 58.75 3.57
N LEU W 439 29.24 57.44 3.46
CA LEU W 439 28.17 56.60 2.93
C LEU W 439 26.94 56.64 3.84
N ALA W 440 27.11 56.27 5.10
CA ALA W 440 26.01 56.24 6.06
C ALA W 440 25.26 57.57 6.14
N VAL W 441 25.96 58.68 6.34
CA VAL W 441 25.30 59.99 6.42
C VAL W 441 24.58 60.34 5.12
N SER W 442 25.14 59.94 3.98
CA SER W 442 24.49 60.21 2.68
C SER W 442 23.25 59.32 2.48
N ILE W 443 23.42 58.01 2.71
CA ILE W 443 22.35 57.03 2.57
C ILE W 443 21.19 57.34 3.53
N VAL W 444 21.51 57.63 4.80
CA VAL W 444 20.52 57.99 5.80
C VAL W 444 19.75 59.24 5.37
N ALA W 445 20.44 60.28 4.95
CA ALA W 445 19.77 61.49 4.51
C ALA W 445 18.83 61.22 3.34
N ALA W 446 19.18 60.27 2.47
CA ALA W 446 18.33 59.88 1.34
C ALA W 446 17.08 59.13 1.80
N ILE W 447 17.26 58.05 2.56
CA ILE W 447 16.12 57.26 3.05
C ILE W 447 15.16 58.11 3.86
N LEU W 448 15.69 58.90 4.78
CA LEU W 448 14.92 59.75 5.68
C LEU W 448 14.02 60.78 4.97
N VAL W 449 14.31 61.16 3.74
CA VAL W 449 13.46 62.08 2.97
C VAL W 449 12.62 61.38 1.90
N LEU W 450 13.16 60.34 1.26
CA LEU W 450 12.43 59.60 0.23
C LEU W 450 11.30 58.73 0.80
N LEU W 451 11.54 58.01 1.90
CA LEU W 451 10.59 57.10 2.55
C LEU W 451 9.25 57.77 2.90
N PRO W 452 9.22 58.88 3.64
CA PRO W 452 7.95 59.54 3.94
C PRO W 452 7.30 60.17 2.72
N ALA W 453 8.08 60.58 1.73
CA ALA W 453 7.54 61.17 0.50
C ALA W 453 6.73 60.15 -0.29
N ALA W 454 7.19 58.90 -0.34
CA ALA W 454 6.46 57.83 -1.01
C ALA W 454 5.10 57.63 -0.35
N GLY W 455 5.06 57.76 0.96
CA GLY W 455 3.80 57.66 1.71
C GLY W 455 2.84 58.81 1.43
N MET W 456 3.34 60.03 1.32
CA MET W 456 2.45 61.16 1.00
C MET W 456 1.78 60.97 -0.34
N ALA W 457 2.52 60.49 -1.34
CA ALA W 457 1.93 60.22 -2.65
C ALA W 457 0.89 59.10 -2.58
N ALA W 458 1.24 57.97 -1.96
CA ALA W 458 0.31 56.85 -1.80
C ALA W 458 -0.93 57.25 -1.01
N ALA W 459 -0.79 58.10 -0.01
CA ALA W 459 -1.92 58.57 0.78
C ALA W 459 -2.89 59.42 -0.03
N ALA W 460 -2.39 60.24 -0.95
CA ALA W 460 -3.22 61.09 -1.79
C ALA W 460 -3.79 60.38 -3.01
N HIS W 461 -3.09 59.40 -3.58
CA HIS W 461 -3.48 58.67 -4.79
C HIS W 461 -4.39 57.46 -4.57
N VAL W 462 -4.18 56.67 -3.53
CA VAL W 462 -4.98 55.44 -3.36
C VAL W 462 -6.48 55.66 -3.24
N PRO W 463 -6.99 56.57 -2.42
CA PRO W 463 -8.45 56.67 -2.30
C PRO W 463 -9.25 56.92 -3.58
N HIS W 464 -8.70 57.48 -4.65
CA HIS W 464 -9.54 57.70 -5.84
C HIS W 464 -9.34 56.69 -6.97
N THR W 465 -8.60 55.60 -6.76
CA THR W 465 -8.39 54.60 -7.80
C THR W 465 -9.12 53.29 -7.53
N ILE W 466 -9.27 52.50 -8.57
CA ILE W 466 -9.91 51.19 -8.51
C ILE W 466 -8.82 50.14 -8.70
N TYR W 467 -8.80 49.14 -7.85
CA TYR W 467 -7.82 48.07 -7.91
C TYR W 467 -8.48 46.70 -8.06
N SER W 468 -7.79 45.84 -8.78
CA SER W 468 -8.26 44.50 -9.03
C SER W 468 -8.30 43.67 -7.74
N PRO W 469 -9.28 42.78 -7.60
CA PRO W 469 -9.36 41.94 -6.41
C PRO W 469 -8.15 41.05 -6.17
N LEU W 470 -7.43 40.66 -7.21
CA LEU W 470 -6.23 39.86 -7.05
C LEU W 470 -5.13 40.62 -6.33
N PHE W 471 -5.12 41.94 -6.42
CA PHE W 471 -4.14 42.77 -5.71
C PHE W 471 -4.59 43.05 -4.28
N ARG W 472 -5.88 43.35 -4.09
CA ARG W 472 -6.43 43.59 -2.77
C ARG W 472 -6.29 42.35 -1.88
N LYS W 473 -6.42 41.18 -2.47
CA LYS W 473 -6.22 39.89 -1.78
C LYS W 473 -4.75 39.63 -1.46
N PHE W 474 -3.84 40.22 -2.21
CA PHE W 474 -2.40 40.07 -1.98
C PHE W 474 -1.87 40.94 -0.84
N VAL W 475 -2.31 42.19 -0.71
CA VAL W 475 -1.83 43.04 0.39
C VAL W 475 -2.26 42.48 1.74
N GLU W 476 -3.41 41.82 1.79
CA GLU W 476 -3.87 41.16 3.01
C GLU W 476 -2.84 40.15 3.51
N TRP W 477 -2.33 39.31 2.63
CA TRP W 477 -1.33 38.31 2.97
C TRP W 477 0.03 38.88 3.35
N ILE W 478 0.31 40.14 3.10
CA ILE W 478 1.60 40.69 3.51
C ILE W 478 1.66 40.80 5.04
N GLU W 479 0.55 41.13 5.69
CA GLU W 479 0.54 41.22 7.14
C GLU W 479 0.89 39.88 7.79
N TYR W 480 0.32 38.79 7.31
CA TYR W 480 0.58 37.45 7.85
C TYR W 480 2.02 37.03 7.62
N LEU W 481 2.57 37.33 6.45
CA LEU W 481 3.96 37.03 6.13
C LEU W 481 4.92 37.86 6.96
N CYS W 482 4.45 38.97 7.53
CA CYS W 482 5.26 39.77 8.44
C CYS W 482 5.24 39.22 9.87
N LEU W 483 4.13 38.64 10.32
CA LEU W 483 4.04 38.06 11.66
C LEU W 483 4.78 36.73 11.79
N MET W 484 4.60 35.82 10.84
CA MET W 484 5.21 34.48 10.92
C MET W 484 6.70 34.44 11.26
N PRO W 485 7.56 35.35 10.80
CA PRO W 485 8.98 35.30 11.16
C PRO W 485 9.41 35.91 12.50
N ILE W 486 8.56 36.67 13.19
CA ILE W 486 8.96 37.38 14.42
C ILE W 486 9.49 36.43 15.52
N PHE W 487 8.70 35.48 15.99
CA PHE W 487 9.20 34.60 17.06
C PHE W 487 10.43 33.80 16.68
N PRO W 488 10.51 33.12 15.54
CA PRO W 488 11.74 32.40 15.20
C PRO W 488 12.97 33.29 15.13
N LEU W 489 12.84 34.54 14.68
CA LEU W 489 13.97 35.47 14.62
C LEU W 489 14.35 36.01 16.00
N ALA W 490 13.36 36.34 16.84
CA ALA W 490 13.65 36.86 18.18
C ALA W 490 14.41 35.84 19.03
N LEU W 491 14.01 34.57 19.01
CA LEU W 491 14.71 33.54 19.77
C LEU W 491 16.13 33.31 19.25
N TRP W 492 16.37 33.54 17.97
CA TRP W 492 17.70 33.44 17.39
C TRP W 492 18.58 34.58 17.89
N LEU W 493 18.04 35.79 17.91
CA LEU W 493 18.76 36.95 18.42
C LEU W 493 19.05 36.78 19.91
N MET W 494 18.14 36.17 20.65
CA MET W 494 18.35 35.85 22.06
C MET W 494 19.35 34.72 22.28
N ASN W 495 19.78 34.03 21.22
CA ASN W 495 20.71 32.91 21.30
C ASN W 495 20.18 31.66 22.01
N VAL W 496 18.87 31.42 21.94
CA VAL W 496 18.25 30.27 22.60
C VAL W 496 18.65 28.94 21.94
N TYR W 497 18.67 28.87 20.61
CA TYR W 497 18.96 27.61 19.92
C TYR W 497 20.36 27.08 20.25
N ALA W 498 21.36 27.94 20.30
CA ALA W 498 22.71 27.49 20.66
C ALA W 498 22.75 26.96 22.09
N ALA W 499 22.12 27.67 23.02
CA ALA W 499 22.09 27.25 24.42
C ALA W 499 21.48 25.87 24.63
N ILE W 500 20.51 25.47 23.80
CA ILE W 500 19.91 24.14 23.87
C ILE W 500 20.77 23.09 23.16
N ARG W 501 21.32 23.42 22.00
CA ARG W 501 22.14 22.48 21.24
C ARG W 501 23.43 22.11 21.96
N TYR W 502 24.00 23.03 22.74
CA TYR W 502 25.24 22.79 23.48
C TYR W 502 24.98 22.58 24.95
N ARG W 503 23.80 22.09 25.26
CA ARG W 503 23.38 21.81 26.61
C ARG W 503 24.44 21.12 27.43
N PRO X 18 -35.54 104.61 38.92
CA PRO X 18 -35.18 103.22 39.15
C PRO X 18 -36.34 102.27 38.87
N GLN X 19 -37.51 102.83 38.56
CA GLN X 19 -38.68 102.01 38.28
C GLN X 19 -38.63 101.36 36.90
N ALA X 20 -37.78 101.86 35.99
CA ALA X 20 -37.70 101.31 34.65
C ALA X 20 -36.28 101.42 34.12
N VAL X 21 -35.97 100.60 33.12
CA VAL X 21 -34.67 100.57 32.46
C VAL X 21 -34.87 100.54 30.95
N VAL X 22 -34.04 101.27 30.22
CA VAL X 22 -34.06 101.33 28.76
C VAL X 22 -33.05 100.33 28.21
N VAL X 23 -33.49 99.48 27.27
CA VAL X 23 -32.63 98.48 26.66
C VAL X 23 -32.99 98.30 25.18
N GLY X 24 -32.01 97.82 24.41
CA GLY X 24 -32.21 97.52 23.00
C GLY X 24 -32.58 96.07 22.82
N VAL X 25 -33.74 95.80 22.22
CA VAL X 25 -34.23 94.45 22.00
C VAL X 25 -34.11 94.09 20.53
N MET X 26 -33.47 92.95 20.27
CA MET X 26 -33.26 92.40 18.93
C MET X 26 -34.42 91.50 18.52
N ALA X 27 -34.86 91.64 17.28
CA ALA X 27 -35.95 90.82 16.75
C ALA X 27 -35.56 90.13 15.44
N GLY X 28 -36.53 89.46 14.83
CA GLY X 28 -36.27 88.70 13.62
C GLY X 28 -35.45 89.36 12.53
N GLU X 29 -34.50 88.56 12.04
CA GLU X 29 -33.55 88.86 10.99
C GLU X 29 -32.65 90.08 11.23
N GLY X 30 -32.75 90.74 12.40
CA GLY X 30 -31.86 91.86 12.70
C GLY X 30 -32.28 93.28 13.04
N VAL X 31 -33.57 93.58 13.25
CA VAL X 31 -33.99 94.92 13.65
C VAL X 31 -33.77 95.13 15.15
N GLN X 32 -33.10 96.22 15.52
CA GLN X 32 -32.93 96.60 16.94
C GLN X 32 -33.93 97.68 17.30
N ILE X 33 -34.63 97.51 18.43
CA ILE X 33 -35.63 98.47 18.89
C ILE X 33 -35.36 98.89 20.33
N GLY X 34 -35.27 100.20 20.56
CA GLY X 34 -35.06 100.74 21.90
C GLY X 34 -36.36 100.79 22.69
N VAL X 35 -36.39 100.16 23.87
CA VAL X 35 -37.59 100.10 24.71
C VAL X 35 -37.26 100.38 26.17
N LEU X 36 -38.26 100.92 26.88
CA LEU X 36 -38.18 101.24 28.31
C LEU X 36 -39.04 100.21 29.04
N LEU X 37 -38.37 99.24 29.67
CA LEU X 37 -39.00 98.12 30.37
C LEU X 37 -39.17 98.34 31.87
N ASP X 38 -40.19 97.67 32.42
CA ASP X 38 -40.46 97.70 33.85
C ASP X 38 -39.34 96.94 34.55
N ALA X 39 -38.64 97.62 35.46
CA ALA X 39 -37.48 97.01 36.12
C ALA X 39 -37.78 95.95 37.17
N ASN X 40 -39.00 95.81 37.67
CA ASN X 40 -39.23 94.81 38.73
C ASN X 40 -40.24 93.71 38.43
N ALA X 41 -41.12 93.87 37.44
CA ALA X 41 -42.00 92.76 37.09
C ALA X 41 -41.19 91.57 36.58
N PRO X 42 -41.68 90.34 36.76
CA PRO X 42 -40.90 89.19 36.27
C PRO X 42 -40.97 89.09 34.75
N VAL X 43 -39.84 88.67 34.17
CA VAL X 43 -39.67 88.61 32.71
C VAL X 43 -40.77 87.85 31.98
N SER X 44 -41.31 86.79 32.59
CA SER X 44 -42.38 86.04 31.91
C SER X 44 -43.65 86.85 31.68
N VAL X 45 -43.90 87.89 32.48
CA VAL X 45 -45.08 88.75 32.30
C VAL X 45 -44.97 89.68 31.10
N MET X 46 -43.76 89.97 30.64
CA MET X 46 -43.47 90.91 29.55
C MET X 46 -43.25 90.32 28.15
N THR X 47 -42.76 89.09 28.02
CA THR X 47 -42.44 88.53 26.71
C THR X 47 -43.61 88.50 25.71
N ASP X 48 -44.84 88.26 26.16
CA ASP X 48 -45.97 88.26 25.22
C ASP X 48 -46.28 89.65 24.67
N PRO X 49 -46.60 90.65 25.49
CA PRO X 49 -46.87 91.99 24.94
C PRO X 49 -45.66 92.59 24.24
N LEU X 50 -44.47 92.22 24.66
CA LEU X 50 -43.24 92.68 24.01
C LEU X 50 -43.20 92.20 22.56
N LEU X 51 -43.57 90.95 22.31
CA LEU X 51 -43.62 90.38 20.97
C LEU X 51 -44.61 91.13 20.08
N LYS X 52 -45.76 91.53 20.63
CA LYS X 52 -46.76 92.30 19.89
C LYS X 52 -46.17 93.61 19.37
N VAL X 53 -45.46 94.33 20.23
CA VAL X 53 -44.88 95.63 19.86
C VAL X 53 -43.83 95.48 18.74
N VAL X 54 -42.90 94.54 18.86
CA VAL X 54 -41.90 94.38 17.78
C VAL X 54 -42.61 94.02 16.47
N ASN X 55 -43.66 93.21 16.53
CA ASN X 55 -44.42 92.87 15.34
C ASN X 55 -45.13 94.11 14.77
N SER X 56 -45.74 94.92 15.62
CA SER X 56 -46.38 96.14 15.15
C SER X 56 -45.41 97.03 14.39
N ARG X 57 -44.20 97.20 14.91
CA ARG X 57 -43.21 98.05 14.23
C ARG X 57 -42.72 97.40 12.95
N LEU X 58 -42.54 96.08 12.95
CA LEU X 58 -42.13 95.37 11.74
C LEU X 58 -43.24 95.44 10.69
N ARG X 59 -44.50 95.33 11.11
CA ARG X 59 -45.64 95.42 10.21
C ARG X 59 -45.74 96.80 9.56
N GLU X 60 -45.59 97.86 10.35
CA GLU X 60 -45.62 99.20 9.78
C GLU X 60 -44.40 99.43 8.89
N LEU X 61 -43.25 98.92 9.28
CA LEU X 61 -42.07 99.04 8.45
C LEU X 61 -42.23 98.26 7.15
N GLY X 62 -43.18 97.32 7.09
CA GLY X 62 -43.41 96.54 5.90
C GLY X 62 -42.61 95.26 5.83
N GLU X 63 -41.99 94.85 6.91
CA GLU X 63 -41.21 93.63 7.00
C GLU X 63 -42.12 92.47 7.39
N ALA X 64 -41.57 91.28 7.35
CA ALA X 64 -42.34 90.11 7.73
C ALA X 64 -42.32 89.92 9.24
N PRO X 65 -43.49 89.80 9.87
CA PRO X 65 -43.54 89.64 11.32
C PRO X 65 -43.03 88.28 11.78
N LEU X 66 -42.77 88.22 13.08
CA LEU X 66 -42.35 86.99 13.73
C LEU X 66 -43.55 86.04 13.87
N GLU X 67 -43.31 84.75 13.64
CA GLU X 67 -44.37 83.76 13.71
C GLU X 67 -43.85 82.45 14.29
N ALA X 68 -44.77 81.71 14.91
CA ALA X 68 -44.48 80.42 15.53
C ALA X 68 -44.45 79.31 14.48
N THR X 69 -43.74 78.24 14.83
CA THR X 69 -43.58 77.08 13.94
C THR X 69 -43.73 75.79 14.74
N GLY X 70 -44.86 75.12 14.59
CA GLY X 70 -45.11 73.86 15.27
C GLY X 70 -45.20 73.90 16.78
N ARG X 71 -44.29 73.19 17.45
CA ARG X 71 -44.24 73.12 18.89
C ARG X 71 -42.99 73.84 19.41
N GLY X 72 -43.20 74.76 20.34
CA GLY X 72 -42.12 75.53 20.90
C GLY X 72 -42.69 76.64 21.77
N ARG X 73 -41.81 77.56 22.16
CA ARG X 73 -42.23 78.69 22.97
C ARG X 73 -41.40 79.93 22.63
N TRP X 74 -41.92 81.09 23.01
CA TRP X 74 -41.25 82.38 22.82
C TRP X 74 -40.41 82.64 24.06
N ALA X 75 -39.15 83.00 23.87
CA ALA X 75 -38.24 83.26 24.98
C ALA X 75 -37.45 84.55 24.79
N LEU X 76 -37.04 85.12 25.93
CA LEU X 76 -36.24 86.34 25.99
C LEU X 76 -34.86 85.93 26.50
N CYS X 77 -33.83 86.14 25.69
CA CYS X 77 -32.46 85.72 25.97
C CYS X 77 -31.46 86.87 25.88
N LEU X 78 -30.28 86.63 26.46
CA LEU X 78 -29.15 87.53 26.34
C LEU X 78 -28.61 87.45 24.92
N VAL X 79 -27.77 88.41 24.52
CA VAL X 79 -27.22 88.29 23.16
C VAL X 79 -26.41 87.01 23.04
N ASP X 80 -25.97 86.44 24.16
CA ASP X 80 -25.24 85.18 24.15
C ASP X 80 -26.15 83.99 23.89
N GLY X 81 -27.47 84.19 23.87
CA GLY X 81 -28.42 83.13 23.62
C GLY X 81 -29.02 82.49 24.86
N ALA X 82 -28.36 82.61 26.00
CA ALA X 82 -28.89 82.02 27.23
C ALA X 82 -30.19 82.70 27.66
N PRO X 83 -31.27 81.95 27.88
CA PRO X 83 -32.53 82.55 28.33
C PRO X 83 -32.49 82.97 29.79
N LEU X 84 -33.26 84.03 30.09
CA LEU X 84 -33.39 84.54 31.45
C LEU X 84 -34.42 83.72 32.23
N ARG X 85 -34.21 83.61 33.54
CA ARG X 85 -35.14 82.85 34.37
C ARG X 85 -36.51 83.51 34.41
N ALA X 86 -37.52 82.75 33.96
CA ALA X 86 -38.89 83.24 33.80
C ALA X 86 -39.51 83.82 35.09
N THR X 87 -39.09 83.38 36.26
CA THR X 87 -39.67 83.87 37.51
C THR X 87 -38.96 85.06 38.15
N GLN X 88 -37.74 85.39 37.73
CA GLN X 88 -37.02 86.49 38.35
C GLN X 88 -37.33 87.85 37.72
N SER X 89 -37.15 88.90 38.52
CA SER X 89 -37.33 90.28 38.09
C SER X 89 -36.14 90.74 37.25
N LEU X 90 -36.40 91.70 36.36
CA LEU X 90 -35.34 92.22 35.51
C LEU X 90 -34.24 92.90 36.32
N THR X 91 -34.57 93.43 37.50
CA THR X 91 -33.57 94.02 38.39
C THR X 91 -32.86 92.95 39.21
N GLU X 92 -33.50 91.79 39.38
CA GLU X 92 -32.91 90.70 40.13
C GLU X 92 -31.76 90.08 39.34
N GLN X 93 -31.86 90.13 38.01
CA GLN X 93 -30.80 89.72 37.11
C GLN X 93 -29.89 90.92 36.82
N ASP X 94 -28.65 90.62 36.43
CA ASP X 94 -27.64 91.64 36.16
C ASP X 94 -27.79 92.32 34.80
N VAL X 95 -28.96 92.91 34.60
CA VAL X 95 -29.29 93.66 33.38
C VAL X 95 -29.44 95.12 33.79
N TYR X 96 -28.65 95.97 33.15
CA TYR X 96 -28.62 97.40 33.44
C TYR X 96 -29.08 98.23 32.25
N ASP X 97 -29.47 99.47 32.56
CA ASP X 97 -29.90 100.41 31.55
C ASP X 97 -28.80 100.63 30.51
N GLY X 98 -29.16 100.45 29.24
CA GLY X 98 -28.24 100.55 28.14
C GLY X 98 -27.83 99.22 27.57
N ASP X 99 -28.15 98.12 28.25
CA ASP X 99 -27.85 96.78 27.78
C ASP X 99 -28.80 96.41 26.64
N ARG X 100 -28.63 95.21 26.11
CA ARG X 100 -29.43 94.71 25.00
C ARG X 100 -29.82 93.25 25.21
N LEU X 101 -30.97 92.88 24.62
CA LEU X 101 -31.55 91.55 24.76
C LEU X 101 -32.07 91.07 23.42
N TRP X 102 -32.43 89.78 23.36
CA TRP X 102 -32.92 89.14 22.15
C TRP X 102 -34.18 88.31 22.42
N ILE X 103 -35.24 88.56 21.64
CA ILE X 103 -36.46 87.77 21.71
C ILE X 103 -36.40 86.67 20.65
N ARG X 104 -36.72 85.43 21.04
CA ARG X 104 -36.40 84.28 20.22
C ARG X 104 -37.46 83.20 20.35
N PHE X 105 -37.58 82.34 19.33
CA PHE X 105 -38.45 81.18 19.37
C PHE X 105 -37.60 79.93 19.63
N ILE X 106 -37.91 79.16 20.68
CA ILE X 106 -37.15 77.94 20.98
C ILE X 106 -38.07 76.73 20.80
N ALA X 107 -37.68 75.82 19.90
CA ALA X 107 -38.47 74.63 19.56
C ALA X 107 -38.49 73.56 20.66
N ASP X 108 -39.56 72.75 20.62
CA ASP X 108 -39.79 71.61 21.51
C ASP X 108 -38.85 70.43 21.19
N THR X 109 -38.19 69.89 22.21
CA THR X 109 -37.26 68.77 22.08
C THR X 109 -37.81 67.39 22.43
N GLU X 110 -39.08 67.28 22.84
CA GLU X 110 -39.67 65.99 23.22
C GLU X 110 -39.85 65.00 22.05
N ARG X 111 -39.39 63.76 22.27
CA ARG X 111 -39.46 62.69 21.26
C ARG X 111 -39.34 61.32 21.95
N ARG X 112 -39.75 60.27 21.25
CA ARG X 112 -39.64 58.91 21.80
C ARG X 112 -38.18 58.50 22.06
N SER X 113 -38.01 57.58 23.01
CA SER X 113 -36.69 57.03 23.32
C SER X 113 -36.40 55.81 22.43
N GLN X 114 -35.13 55.55 22.14
CA GLN X 114 -34.72 54.43 21.32
C GLN X 114 -33.95 53.39 22.13
N VAL X 115 -34.28 52.10 21.96
CA VAL X 115 -33.59 51.02 22.68
C VAL X 115 -33.09 49.96 21.70
N ILE X 116 -31.91 49.41 21.99
CA ILE X 116 -31.31 48.29 21.24
C ILE X 116 -30.85 47.27 22.28
N GLU X 117 -31.29 46.02 22.12
CA GLU X 117 -31.04 44.97 23.11
C GLU X 117 -29.67 44.29 23.00
N HIS X 118 -29.32 43.84 21.80
CA HIS X 118 -28.08 43.10 21.61
C HIS X 118 -26.85 43.99 21.70
N ILE X 119 -26.13 43.90 22.82
CA ILE X 119 -24.94 44.73 23.04
C ILE X 119 -23.95 44.88 21.89
N SER X 120 -23.82 43.87 21.03
CA SER X 120 -22.92 44.01 19.88
C SER X 120 -23.39 45.10 18.92
N THR X 121 -24.64 44.99 18.47
CA THR X 121 -25.22 45.96 17.55
C THR X 121 -25.43 47.31 18.22
N ALA X 122 -25.79 47.29 19.49
CA ALA X 122 -26.01 48.51 20.26
C ALA X 122 -24.74 49.36 20.35
N VAL X 123 -23.62 48.75 20.71
CA VAL X 123 -22.36 49.51 20.80
C VAL X 123 -21.93 50.06 19.44
N ALA X 124 -22.05 49.28 18.37
CA ALA X 124 -21.65 49.77 17.06
C ALA X 124 -22.44 51.00 16.65
N SER X 125 -23.77 50.92 16.71
CA SER X 125 -24.60 52.03 16.28
C SER X 125 -24.31 53.30 17.09
N ASP X 126 -24.36 53.21 18.40
CA ASP X 126 -24.07 54.35 19.26
C ASP X 126 -22.70 54.96 19.03
N LEU X 127 -21.66 54.14 19.06
CA LEU X 127 -20.30 54.64 18.91
C LEU X 127 -20.02 55.32 17.57
N SER X 128 -20.69 54.93 16.50
CA SER X 128 -20.51 55.53 15.18
C SER X 128 -21.07 56.95 15.05
N LYS X 129 -21.93 57.38 15.96
CA LYS X 129 -22.53 58.71 15.93
C LYS X 129 -21.69 59.80 16.57
N ARG X 130 -21.20 59.58 17.78
CA ARG X 130 -20.50 60.61 18.54
C ARG X 130 -19.05 60.85 18.14
N PHE X 131 -18.37 59.96 17.44
CA PHE X 131 -16.97 60.15 17.10
C PHE X 131 -16.76 60.09 15.59
N ALA X 132 -15.75 60.82 15.12
CA ALA X 132 -15.45 60.93 13.69
C ALA X 132 -14.40 59.95 13.20
N ARG X 133 -14.74 59.22 12.14
CA ARG X 133 -13.85 58.28 11.51
C ARG X 133 -12.91 58.99 10.53
N ILE X 134 -11.81 58.33 10.19
CA ILE X 134 -10.82 58.87 9.27
C ILE X 134 -11.39 58.95 7.85
N ASP X 135 -10.89 59.91 7.08
CA ASP X 135 -11.30 60.18 5.72
C ASP X 135 -10.14 60.61 4.84
N PRO X 136 -10.30 60.55 3.51
CA PRO X 136 -9.23 60.95 2.57
C PRO X 136 -8.74 62.39 2.70
N ILE X 137 -9.55 63.31 3.23
CA ILE X 137 -9.14 64.70 3.39
C ILE X 137 -8.07 64.83 4.47
N VAL X 138 -8.28 64.20 5.63
CA VAL X 138 -7.31 64.23 6.73
C VAL X 138 -6.08 63.39 6.40
N ALA X 139 -6.26 62.27 5.70
CA ALA X 139 -5.15 61.40 5.33
C ALA X 139 -4.00 62.16 4.66
N VAL X 140 -4.32 63.13 3.81
CA VAL X 140 -3.34 63.96 3.11
C VAL X 140 -2.58 64.89 4.07
N GLN X 141 -3.27 65.53 5.01
CA GLN X 141 -2.59 66.40 5.97
C GLN X 141 -1.61 65.63 6.85
N VAL X 142 -1.91 64.37 7.17
CA VAL X 142 -1.00 63.54 7.96
C VAL X 142 0.29 63.29 7.17
N GLY X 143 0.18 62.83 5.93
CA GLY X 143 1.33 62.57 5.09
C GLY X 143 2.16 63.81 4.85
N ALA X 144 1.50 64.93 4.59
CA ALA X 144 2.15 66.22 4.39
C ALA X 144 2.97 66.63 5.61
N SER X 145 2.42 66.43 6.80
CA SER X 145 3.13 66.73 8.05
C SER X 145 4.32 65.80 8.28
N MET X 146 4.21 64.53 7.92
CA MET X 146 5.33 63.59 8.07
C MET X 146 6.50 63.94 7.15
N VAL X 147 6.24 64.34 5.91
CA VAL X 147 7.32 64.73 5.00
C VAL X 147 8.02 66.00 5.51
N ALA X 148 7.27 66.93 6.09
CA ALA X 148 7.86 68.13 6.68
C ALA X 148 8.80 67.77 7.83
N THR X 149 8.36 66.86 8.70
CA THR X 149 9.20 66.37 9.79
C THR X 149 10.43 65.63 9.25
N GLY X 150 10.24 64.88 8.17
CA GLY X 150 11.33 64.14 7.56
C GLY X 150 12.50 64.99 7.08
N VAL X 151 12.21 66.07 6.35
CA VAL X 151 13.26 66.96 5.84
C VAL X 151 13.91 67.80 6.94
N VAL X 152 13.19 68.26 7.95
CA VAL X 152 13.87 69.01 9.02
C VAL X 152 14.85 68.12 9.79
N LEU X 153 14.65 66.81 9.76
CA LEU X 153 15.59 65.85 10.34
C LEU X 153 16.80 65.68 9.41
N ALA X 154 16.55 65.66 8.10
CA ALA X 154 17.60 65.53 7.09
C ALA X 154 18.62 66.67 7.18
N THR X 155 18.15 67.91 7.27
CA THR X 155 19.02 69.08 7.40
C THR X 155 19.80 69.03 8.71
N GLY X 156 19.21 68.47 9.76
CA GLY X 156 19.88 68.32 11.04
C GLY X 156 21.14 67.47 10.96
N VAL X 157 21.07 66.29 10.35
CA VAL X 157 22.25 65.43 10.21
C VAL X 157 23.26 66.03 9.23
N LEU X 158 22.79 66.64 8.15
CA LEU X 158 23.71 67.26 7.19
C LEU X 158 24.43 68.47 7.83
N GLY X 159 23.72 69.22 8.66
CA GLY X 159 24.31 70.35 9.36
C GLY X 159 25.37 69.89 10.38
N TRP X 160 25.06 68.85 11.14
CA TRP X 160 26.00 68.29 12.10
C TRP X 160 27.31 67.85 11.43
N TRP X 161 27.25 67.36 10.20
CA TRP X 161 28.45 66.95 9.47
C TRP X 161 29.33 68.15 9.11
N ARG X 162 28.74 69.26 8.68
CA ARG X 162 29.48 70.49 8.36
C ARG X 162 30.26 71.03 9.56
N TRP X 163 29.81 70.75 10.77
CA TRP X 163 30.47 71.19 12.00
C TRP X 163 31.78 70.46 12.27
N HIS X 164 32.05 69.38 11.55
CA HIS X 164 33.29 68.62 11.71
C HIS X 164 34.03 68.48 10.39
N HIS X 165 33.43 68.82 9.27
CA HIS X 165 34.04 68.71 7.96
C HIS X 165 33.71 69.95 7.15
N ASN X 166 34.68 70.47 6.41
CA ASN X 166 34.51 71.68 5.61
C ASN X 166 34.17 71.39 4.15
N THR X 167 34.09 70.12 3.77
CA THR X 167 33.79 69.74 2.40
C THR X 167 32.40 70.24 1.95
N TRP X 168 32.22 70.30 0.63
CA TRP X 168 31.03 70.77 -0.09
C TRP X 168 29.78 69.90 0.06
N LEU X 169 29.90 68.67 0.54
CA LEU X 169 28.79 67.73 0.66
C LEU X 169 27.51 68.35 1.23
N THR X 170 27.62 69.04 2.37
CA THR X 170 26.46 69.67 3.01
C THR X 170 25.71 70.62 2.08
N THR X 171 26.41 71.53 1.41
CA THR X 171 25.74 72.47 0.49
C THR X 171 25.26 71.77 -0.77
N ILE X 172 26.07 70.85 -1.31
CA ILE X 172 25.71 70.12 -2.53
C ILE X 172 24.40 69.33 -2.34
N TYR X 173 24.33 68.48 -1.31
CA TYR X 173 23.15 67.66 -1.06
C TYR X 173 21.95 68.44 -0.52
N THR X 174 22.17 69.43 0.34
CA THR X 174 21.05 70.22 0.87
C THR X 174 20.42 71.08 -0.21
N ALA X 175 21.23 71.63 -1.12
CA ALA X 175 20.73 72.47 -2.21
C ALA X 175 19.70 71.72 -3.07
N VAL X 176 20.00 70.50 -3.48
CA VAL X 176 19.08 69.71 -4.29
C VAL X 176 17.77 69.43 -3.53
N ILE X 177 17.84 69.16 -2.23
CA ILE X 177 16.61 68.96 -1.45
C ILE X 177 15.77 70.23 -1.47
N GLY X 178 16.40 71.38 -1.24
CA GLY X 178 15.68 72.65 -1.28
C GLY X 178 14.96 72.86 -2.59
N VAL X 179 15.64 72.57 -3.69
CA VAL X 179 15.07 72.68 -5.03
C VAL X 179 13.88 71.74 -5.21
N LEU X 180 14.06 70.47 -4.84
CA LEU X 180 13.00 69.47 -4.97
C LEU X 180 11.75 69.81 -4.14
N VAL X 181 11.94 70.19 -2.88
CA VAL X 181 10.80 70.54 -2.01
C VAL X 181 10.09 71.80 -2.51
N LEU X 182 10.84 72.82 -2.94
CA LEU X 182 10.25 74.05 -3.48
C LEU X 182 9.49 73.78 -4.79
N ALA X 183 10.02 72.90 -5.64
CA ALA X 183 9.37 72.54 -6.91
C ALA X 183 7.98 71.96 -6.69
N VAL X 184 7.85 70.94 -5.84
CA VAL X 184 6.56 70.31 -5.55
C VAL X 184 5.59 71.30 -4.94
N ALA X 185 6.05 72.13 -4.01
CA ALA X 185 5.18 73.14 -3.39
C ALA X 185 4.54 74.05 -4.43
N MET X 186 5.28 74.45 -5.47
CA MET X 186 4.75 75.35 -6.48
C MET X 186 3.54 74.76 -7.22
N LEU X 187 3.57 73.49 -7.60
CA LEU X 187 2.43 72.86 -8.29
C LEU X 187 1.19 72.84 -7.39
N LEU X 188 1.37 72.47 -6.12
CA LEU X 188 0.26 72.42 -5.17
C LEU X 188 -0.37 73.80 -4.97
N LEU X 189 0.46 74.84 -4.87
CA LEU X 189 -0.05 76.20 -4.70
C LEU X 189 -0.90 76.66 -5.89
N MET X 190 -0.48 76.40 -7.12
CA MET X 190 -1.26 76.83 -8.27
C MET X 190 -2.52 76.01 -8.49
N ARG X 191 -2.50 74.71 -8.18
CA ARG X 191 -3.65 73.83 -8.37
C ARG X 191 -4.69 73.92 -7.25
N ALA X 192 -4.31 74.43 -6.08
CA ALA X 192 -5.20 74.54 -4.93
C ALA X 192 -6.54 75.20 -5.26
N LYS X 193 -7.58 74.78 -4.54
CA LYS X 193 -8.95 75.25 -4.71
C LYS X 193 -9.66 75.66 -3.42
N THR X 194 -9.39 74.99 -2.30
CA THR X 194 -10.09 75.24 -1.03
C THR X 194 -9.10 75.35 0.12
N ASP X 195 -9.61 75.83 1.26
CA ASP X 195 -8.79 76.03 2.44
C ASP X 195 -8.03 74.77 2.84
N ALA X 196 -8.65 73.60 2.68
CA ALA X 196 -7.97 72.35 2.99
C ALA X 196 -6.81 72.12 2.04
N ASP X 197 -7.02 72.42 0.76
CA ASP X 197 -5.97 72.31 -0.26
C ASP X 197 -4.82 73.27 0.01
N ARG X 198 -5.15 74.49 0.45
CA ARG X 198 -4.16 75.51 0.77
C ARG X 198 -3.29 75.11 1.98
N ARG X 199 -3.88 74.53 3.01
CA ARG X 199 -3.13 74.08 4.19
C ARG X 199 -1.98 73.16 3.80
N VAL X 200 -2.25 72.16 2.97
CA VAL X 200 -1.24 71.21 2.51
C VAL X 200 -0.12 71.93 1.77
N ALA X 201 -0.47 72.89 0.91
CA ALA X 201 0.51 73.66 0.15
C ALA X 201 1.41 74.52 1.05
N ASP X 202 0.82 75.22 2.02
CA ASP X 202 1.59 76.08 2.93
C ASP X 202 2.59 75.26 3.75
N ILE X 203 2.15 74.14 4.31
CA ILE X 203 3.02 73.26 5.09
C ILE X 203 4.22 72.82 4.27
N MET X 204 4.00 72.46 3.00
CA MET X 204 5.09 72.05 2.10
C MET X 204 6.04 73.21 1.77
N LEU X 205 5.51 74.38 1.38
CA LEU X 205 6.35 75.53 1.03
C LEU X 205 7.19 75.98 2.24
N MET X 206 6.57 76.13 3.39
CA MET X 206 7.27 76.53 4.60
C MET X 206 8.43 75.59 4.92
N SER X 207 8.28 74.31 4.62
CA SER X 207 9.32 73.31 4.83
C SER X 207 10.55 73.50 3.94
N ALA X 208 10.44 74.27 2.86
CA ALA X 208 11.57 74.54 1.96
C ALA X 208 12.57 75.56 2.53
N ILE X 209 12.11 76.44 3.40
CA ILE X 209 12.95 77.50 3.98
C ILE X 209 14.18 76.94 4.72
N MET X 210 14.00 75.90 5.53
CA MET X 210 15.10 75.32 6.29
C MET X 210 16.24 74.74 5.46
N PRO X 211 16.04 73.87 4.48
CA PRO X 211 17.18 73.36 3.69
C PRO X 211 17.89 74.45 2.90
N VAL X 212 17.16 75.35 2.25
CA VAL X 212 17.77 76.45 1.48
C VAL X 212 18.66 77.30 2.38
N THR X 213 18.21 77.58 3.60
CA THR X 213 18.96 78.38 4.56
C THR X 213 20.33 77.78 4.92
N VAL X 214 20.36 76.53 5.38
CA VAL X 214 21.65 75.92 5.74
C VAL X 214 22.49 75.64 4.49
N ALA X 215 21.84 75.45 3.35
CA ALA X 215 22.57 75.21 2.10
C ALA X 215 23.49 76.38 1.74
N ALA X 216 23.02 77.62 1.93
CA ALA X 216 23.83 78.81 1.68
C ALA X 216 24.91 79.02 2.73
N ALA X 217 24.55 78.99 4.01
CA ALA X 217 25.49 79.21 5.11
C ALA X 217 26.66 78.23 5.12
N ALA X 218 26.46 77.01 4.63
CA ALA X 218 27.51 75.99 4.59
C ALA X 218 28.52 76.16 3.46
N ALA X 219 28.25 77.00 2.48
CA ALA X 219 29.14 77.16 1.33
C ALA X 219 30.51 77.77 1.61
N PRO X 220 30.65 78.79 2.44
CA PRO X 220 31.99 79.35 2.71
C PRO X 220 32.90 78.37 3.41
N PRO X 221 34.06 78.07 2.80
CA PRO X 221 35.00 77.11 3.38
C PRO X 221 35.62 77.56 4.69
N GLY X 222 36.37 76.63 5.28
CA GLY X 222 37.01 76.81 6.57
C GLY X 222 36.08 76.57 7.73
N PRO X 223 36.62 76.58 8.94
CA PRO X 223 35.80 76.35 10.13
C PRO X 223 34.61 77.30 10.21
N VAL X 224 33.52 76.75 10.72
CA VAL X 224 32.25 77.46 10.88
C VAL X 224 32.36 78.54 11.95
N GLY X 225 31.67 79.66 11.71
CA GLY X 225 31.68 80.77 12.66
C GLY X 225 31.04 82.02 12.10
N SER X 226 31.52 83.17 12.59
CA SER X 226 31.02 84.48 12.16
C SER X 226 30.88 84.68 10.65
N PRO X 227 31.82 84.28 9.81
CA PRO X 227 31.64 84.49 8.36
C PRO X 227 30.47 83.73 7.78
N GLN X 228 30.25 82.48 8.17
CA GLN X 228 29.11 81.70 7.71
C GLN X 228 27.79 82.23 8.29
N ALA X 229 27.83 82.66 9.54
CA ALA X 229 26.64 83.18 10.20
C ALA X 229 25.97 84.30 9.40
N VAL X 230 26.76 85.15 8.76
CA VAL X 230 26.21 86.24 7.95
C VAL X 230 25.36 85.73 6.80
N LEU X 231 25.80 84.69 6.09
CA LEU X 231 25.01 84.14 4.98
C LEU X 231 23.72 83.50 5.46
N GLY X 232 23.81 82.62 6.45
CA GLY X 232 22.66 81.89 6.97
C GLY X 232 21.46 82.72 7.39
N PHE X 233 21.61 83.56 8.41
CA PHE X 233 20.52 84.40 8.90
C PHE X 233 20.04 85.42 7.87
N GLY X 234 20.88 85.75 6.90
CA GLY X 234 20.52 86.66 5.82
C GLY X 234 19.53 86.00 4.87
N VAL X 235 19.89 84.89 4.26
CA VAL X 235 18.99 84.19 3.32
C VAL X 235 17.70 83.79 4.03
N LEU X 236 17.78 83.43 5.31
CA LEU X 236 16.59 83.07 6.10
C LEU X 236 15.60 84.23 6.14
N THR X 237 16.07 85.43 6.49
CA THR X 237 15.23 86.62 6.57
C THR X 237 14.61 86.95 5.21
N VAL X 238 15.41 86.85 4.14
CA VAL X 238 14.95 87.10 2.78
C VAL X 238 13.86 86.11 2.37
N ALA X 239 14.11 84.82 2.59
CA ALA X 239 13.14 83.77 2.23
C ALA X 239 11.80 83.94 2.96
N ALA X 240 11.84 84.14 4.27
CA ALA X 240 10.61 84.33 5.03
C ALA X 240 9.83 85.55 4.54
N ALA X 241 10.50 86.66 4.29
CA ALA X 241 9.85 87.88 3.79
C ALA X 241 9.25 87.66 2.40
N LEU X 242 9.99 87.01 1.50
CA LEU X 242 9.50 86.74 0.15
C LEU X 242 8.24 85.87 0.18
N ALA X 243 8.24 84.80 0.97
CA ALA X 243 7.08 83.93 1.09
C ALA X 243 5.87 84.71 1.61
N LEU X 244 6.07 85.54 2.62
CA LEU X 244 5.01 86.38 3.18
C LEU X 244 4.46 87.35 2.14
N ARG X 245 5.34 87.96 1.34
CA ARG X 245 4.92 88.89 0.30
C ARG X 245 4.02 88.26 -0.76
N PHE X 246 4.46 87.16 -1.39
CA PHE X 246 3.64 86.56 -2.44
C PHE X 246 2.49 85.68 -1.92
N THR X 247 2.60 85.11 -0.72
CA THR X 247 1.53 84.27 -0.20
C THR X 247 0.45 85.05 0.54
N GLY X 248 0.85 85.97 1.43
CA GLY X 248 -0.12 86.74 2.18
C GLY X 248 -0.97 85.97 3.16
N ARG X 249 -0.49 84.81 3.61
CA ARG X 249 -1.21 83.96 4.55
C ARG X 249 -0.20 83.45 5.58
N ARG X 250 -0.71 83.05 6.75
CA ARG X 250 0.15 82.60 7.85
C ARG X 250 1.10 83.71 8.32
N LEU X 251 0.56 84.93 8.39
CA LEU X 251 1.27 86.16 8.77
C LEU X 251 2.12 86.03 10.03
N GLY X 252 1.49 85.60 11.12
CA GLY X 252 2.14 85.48 12.43
C GLY X 252 3.44 84.68 12.48
N ILE X 253 3.44 83.50 11.90
CA ILE X 253 4.64 82.65 11.93
C ILE X 253 5.77 83.24 11.06
N TYR X 254 5.46 83.64 9.83
CA TYR X 254 6.50 84.24 8.98
C TYR X 254 7.06 85.52 9.59
N THR X 255 6.20 86.35 10.19
CA THR X 255 6.65 87.58 10.86
C THR X 255 7.71 87.28 11.93
N THR X 256 7.49 86.26 12.74
CA THR X 256 8.40 85.85 13.79
C THR X 256 9.77 85.46 13.24
N ILE X 257 9.81 84.68 12.16
CA ILE X 257 11.06 84.27 11.53
C ILE X 257 11.84 85.48 11.01
N VAL X 258 11.18 86.45 10.42
CA VAL X 258 11.85 87.65 9.89
C VAL X 258 12.54 88.44 11.01
N ILE X 259 11.86 88.69 12.12
CA ILE X 259 12.41 89.47 13.25
C ILE X 259 13.65 88.80 13.84
N ILE X 260 13.52 87.54 14.27
CA ILE X 260 14.65 86.82 14.86
C ILE X 260 15.79 86.68 13.85
N GLY X 261 15.46 86.55 12.57
CA GLY X 261 16.46 86.45 11.53
C GLY X 261 17.20 87.76 11.30
N ALA X 262 16.47 88.88 11.27
CA ALA X 262 17.03 90.22 11.09
C ALA X 262 18.01 90.60 12.20
N LEU X 263 17.56 90.60 13.45
CA LEU X 263 18.42 90.95 14.58
C LEU X 263 19.64 90.05 14.67
N THR X 264 19.50 88.77 14.37
CA THR X 264 20.65 87.88 14.40
C THR X 264 21.65 88.24 13.28
N MET X 265 21.16 88.67 12.13
CA MET X 265 22.06 89.09 11.05
C MET X 265 22.86 90.33 11.44
N LEU X 266 22.23 91.29 12.12
CA LEU X 266 22.93 92.48 12.60
C LEU X 266 24.06 92.09 13.55
N ALA X 267 23.77 91.25 14.52
CA ALA X 267 24.77 90.78 15.48
C ALA X 267 25.89 90.02 14.78
N ALA X 268 25.53 89.15 13.84
CA ALA X 268 26.52 88.38 13.08
C ALA X 268 27.47 89.28 12.30
N LEU X 269 26.93 90.25 11.56
CA LEU X 269 27.75 91.17 10.78
C LEU X 269 28.71 91.99 11.66
N ALA X 270 28.21 92.55 12.76
CA ALA X 270 29.05 93.33 13.67
C ALA X 270 30.20 92.48 14.22
N ARG X 271 29.88 91.32 14.76
CA ARG X 271 30.89 90.41 15.29
C ARG X 271 31.90 90.01 14.21
N MET X 272 31.44 89.81 12.98
CA MET X 272 32.32 89.44 11.89
C MET X 272 33.27 90.60 11.53
N VAL X 273 32.75 91.82 11.44
CA VAL X 273 33.59 92.97 11.10
C VAL X 273 34.48 93.35 12.30
N ALA X 274 33.87 93.78 13.40
CA ALA X 274 34.66 94.15 14.57
C ALA X 274 33.78 94.33 15.80
N ALA X 275 34.18 93.73 16.91
CA ALA X 275 33.44 93.80 18.16
C ALA X 275 34.38 93.59 19.35
N THR X 276 34.38 94.55 20.27
CA THR X 276 35.25 94.46 21.45
C THR X 276 34.82 93.33 22.37
N SER X 277 33.52 93.08 22.50
CA SER X 277 33.08 91.97 23.35
C SER X 277 31.66 91.57 22.99
N ALA X 278 31.33 90.32 23.32
CA ALA X 278 29.97 89.81 23.13
C ALA X 278 28.98 90.52 24.03
N VAL X 279 29.42 90.86 25.25
CA VAL X 279 28.58 91.59 26.19
C VAL X 279 28.07 92.89 25.58
N THR X 280 28.93 93.56 24.82
CA THR X 280 28.55 94.81 24.15
C THR X 280 27.42 94.56 23.16
N LEU X 281 27.55 93.53 22.34
CA LEU X 281 26.52 93.18 21.36
C LEU X 281 25.24 92.73 22.07
N LEU X 282 25.37 91.86 23.07
CA LEU X 282 24.23 91.39 23.86
C LEU X 282 23.53 92.56 24.55
N SER X 283 24.30 93.50 25.10
CA SER X 283 23.75 94.69 25.74
C SER X 283 23.01 95.56 24.72
N SER X 284 23.58 95.71 23.53
CA SER X 284 22.93 96.47 22.46
C SER X 284 21.60 95.83 22.07
N LEU X 285 21.58 94.51 21.86
CA LEU X 285 20.37 93.78 21.52
C LEU X 285 19.30 93.91 22.61
N LEU X 286 19.69 93.76 23.87
CA LEU X 286 18.74 93.91 24.99
C LEU X 286 18.07 95.28 24.96
N LEU X 287 18.85 96.35 24.80
CA LEU X 287 18.30 97.70 24.73
C LEU X 287 17.39 97.88 23.52
N ILE X 288 17.75 97.31 22.37
CA ILE X 288 16.93 97.38 21.17
C ILE X 288 15.57 96.72 21.42
N CYS X 289 15.55 95.56 22.05
CA CYS X 289 14.31 94.85 22.37
C CYS X 289 13.44 95.62 23.37
N VAL X 290 14.06 96.19 24.40
CA VAL X 290 13.34 96.98 25.40
C VAL X 290 12.54 98.10 24.76
N VAL X 291 13.14 98.85 23.84
CA VAL X 291 12.44 99.94 23.16
C VAL X 291 11.43 99.41 22.13
N ALA X 292 11.70 98.25 21.52
CA ALA X 292 10.81 97.67 20.51
C ALA X 292 9.43 97.31 21.05
N TYR X 293 9.30 96.92 22.32
CA TYR X 293 7.98 96.60 22.89
C TYR X 293 6.99 97.77 22.77
N HIS X 294 7.45 98.99 22.98
CA HIS X 294 6.58 100.17 22.86
C HIS X 294 6.23 100.47 21.40
N ALA X 295 7.12 100.15 20.47
CA ALA X 295 6.91 100.37 19.04
C ALA X 295 6.05 99.30 18.37
N ALA X 296 6.00 98.09 18.91
CA ALA X 296 5.23 96.98 18.34
C ALA X 296 3.81 97.32 17.90
N PRO X 297 2.95 97.93 18.72
CA PRO X 297 1.59 98.25 18.24
C PRO X 297 1.58 99.22 17.07
N ALA X 298 2.49 100.19 17.04
CA ALA X 298 2.56 101.13 15.94
C ALA X 298 3.02 100.41 14.67
N LEU X 299 4.07 99.62 14.78
CA LEU X 299 4.55 98.83 13.64
C LEU X 299 3.41 97.98 13.09
N SER X 300 2.74 97.23 13.97
CA SER X 300 1.59 96.40 13.59
C SER X 300 0.52 97.21 12.88
N ARG X 301 0.21 98.39 13.37
CA ARG X 301 -0.82 99.23 12.75
C ARG X 301 -0.40 99.72 11.37
N ARG X 302 0.84 100.15 11.19
CA ARG X 302 1.27 100.58 9.85
C ARG X 302 1.47 99.41 8.90
N LEU X 303 1.77 98.21 9.42
CA LEU X 303 1.94 97.06 8.54
C LEU X 303 0.64 96.67 7.84
N ALA X 304 -0.51 96.96 8.42
CA ALA X 304 -1.76 96.60 7.78
C ALA X 304 -2.03 97.56 6.63
N SER X 344 -19.95 96.49 0.90
CA SER X 344 -18.62 96.10 0.45
C SER X 344 -17.55 96.75 1.32
N SER X 345 -17.87 97.92 1.86
CA SER X 345 -16.93 98.66 2.70
C SER X 345 -16.64 97.92 4.00
N VAL X 346 -17.59 97.12 4.47
CA VAL X 346 -17.45 96.33 5.70
C VAL X 346 -16.29 95.34 5.57
N ARG X 347 -16.14 94.71 4.41
CA ARG X 347 -15.07 93.74 4.20
C ARG X 347 -13.69 94.33 4.49
N ASP X 348 -13.41 95.51 3.97
CA ASP X 348 -12.11 96.15 4.18
C ASP X 348 -11.80 96.38 5.66
N VAL X 349 -12.79 96.81 6.45
CA VAL X 349 -12.57 97.06 7.88
C VAL X 349 -12.28 95.77 8.64
N LEU X 350 -13.11 94.73 8.46
CA LEU X 350 -12.85 93.45 9.15
C LEU X 350 -11.54 92.82 8.70
N LEU X 351 -11.24 92.87 7.40
CA LEU X 351 -9.96 92.36 6.91
C LEU X 351 -8.80 93.13 7.52
N GLN X 352 -8.91 94.46 7.57
CA GLN X 352 -7.87 95.29 8.19
C GLN X 352 -7.70 94.97 9.68
N ALA X 353 -8.80 94.81 10.40
CA ALA X 353 -8.77 94.49 11.83
C ALA X 353 -8.08 93.15 12.12
N GLU X 354 -8.48 92.07 11.44
CA GLU X 354 -7.86 90.77 11.70
C GLU X 354 -6.41 90.72 11.22
N ARG X 355 -6.07 91.38 10.12
CA ARG X 355 -4.68 91.43 9.66
C ARG X 355 -3.81 92.13 10.70
N ALA X 356 -4.28 93.27 11.22
CA ALA X 356 -3.55 94.02 12.25
C ALA X 356 -3.39 93.17 13.52
N ARG X 357 -4.46 92.56 13.99
CA ARG X 357 -4.41 91.68 15.16
C ARG X 357 -3.33 90.60 15.02
N SER X 358 -3.22 90.01 13.83
CA SER X 358 -2.23 88.98 13.53
C SER X 358 -0.80 89.49 13.66
N PHE X 359 -0.49 90.63 13.06
CA PHE X 359 0.87 91.18 13.10
C PHE X 359 1.36 91.47 14.51
N LEU X 360 0.55 92.08 15.38
CA LEU X 360 1.03 92.34 16.75
C LEU X 360 1.38 91.04 17.48
N SER X 361 0.55 90.01 17.35
CA SER X 361 0.80 88.71 18.01
C SER X 361 2.14 88.11 17.60
N GLY X 362 2.40 88.06 16.29
CA GLY X 362 3.68 87.55 15.79
C GLY X 362 4.85 88.44 16.18
N LEU X 363 4.66 89.74 16.09
CA LEU X 363 5.70 90.72 16.43
C LEU X 363 6.13 90.57 17.90
N LEU X 364 5.18 90.47 18.82
CA LEU X 364 5.50 90.25 20.23
C LEU X 364 6.30 88.95 20.46
N THR X 365 5.92 87.87 19.79
CA THR X 365 6.60 86.58 19.94
C THR X 365 8.08 86.69 19.53
N GLY X 366 8.36 87.36 18.42
CA GLY X 366 9.75 87.53 17.99
C GLY X 366 10.60 88.25 19.02
N LEU X 367 10.07 89.30 19.65
CA LEU X 367 10.78 90.05 20.69
C LEU X 367 10.98 89.19 21.94
N GLY X 368 9.96 88.45 22.34
CA GLY X 368 10.04 87.57 23.51
C GLY X 368 11.17 86.55 23.41
N VAL X 369 11.33 85.96 22.23
CA VAL X 369 12.39 84.98 21.97
C VAL X 369 13.78 85.60 22.13
N MET X 370 14.00 86.80 21.59
CA MET X 370 15.30 87.47 21.66
C MET X 370 15.72 87.85 23.10
N VAL X 371 14.85 88.46 23.89
CA VAL X 371 15.23 88.88 25.24
C VAL X 371 15.66 87.72 26.14
N VAL X 372 14.93 86.60 26.13
CA VAL X 372 15.30 85.47 27.00
C VAL X 372 16.67 84.88 26.64
N VAL X 373 17.00 84.80 25.35
CA VAL X 373 18.32 84.30 24.95
C VAL X 373 19.42 85.27 25.38
N CYS X 374 19.22 86.57 25.14
CA CYS X 374 20.19 87.61 25.50
C CYS X 374 20.32 87.76 27.02
N MET X 375 19.19 87.93 27.71
CA MET X 375 19.15 88.08 29.17
C MET X 375 19.87 86.96 29.91
N THR X 376 19.58 85.71 29.55
CA THR X 376 20.24 84.56 30.19
C THR X 376 21.72 84.48 29.87
N SER X 377 22.15 85.07 28.76
CA SER X 377 23.56 85.10 28.38
C SER X 377 24.30 86.22 29.10
N LEU X 378 23.62 87.33 29.40
CA LEU X 378 24.23 88.46 30.10
C LEU X 378 24.48 88.17 31.58
N CYS X 379 23.49 87.60 32.27
CA CYS X 379 23.68 87.27 33.69
C CYS X 379 24.73 86.17 33.85
N ASP X 380 25.39 86.17 35.01
CA ASP X 380 26.45 85.20 35.30
C ASP X 380 26.74 85.01 36.78
N PRO X 381 26.83 83.75 37.25
CA PRO X 381 27.06 83.48 38.67
C PRO X 381 28.49 83.70 39.18
N HIS X 382 29.45 83.99 38.33
CA HIS X 382 30.83 84.19 38.78
C HIS X 382 31.39 85.56 38.42
N THR X 383 30.93 86.16 37.34
CA THR X 383 31.45 87.42 36.85
C THR X 383 31.02 88.62 37.71
N GLY X 384 32.01 89.31 38.28
CA GLY X 384 31.80 90.50 39.08
C GLY X 384 30.63 90.60 40.05
N GLN X 385 29.86 91.68 39.93
CA GLN X 385 28.68 91.93 40.75
C GLN X 385 27.53 91.02 40.32
N ARG X 386 27.67 89.76 40.73
CA ARG X 386 26.75 88.67 40.43
C ARG X 386 25.28 89.04 40.67
N TRP X 387 25.01 89.89 41.65
CA TRP X 387 23.67 90.37 41.99
C TRP X 387 23.11 91.44 41.05
N LEU X 388 23.97 92.19 40.37
CA LEU X 388 23.53 93.26 39.47
C LEU X 388 22.64 92.76 38.33
N PRO X 389 23.05 91.79 37.51
CA PRO X 389 22.16 91.29 36.45
C PRO X 389 20.93 90.58 36.97
N LEU X 390 21.02 89.96 38.14
CA LEU X 390 19.88 89.29 38.76
C LEU X 390 18.75 90.28 39.05
N ILE X 391 19.06 91.41 39.68
CA ILE X 391 18.05 92.44 39.97
C ILE X 391 17.62 93.16 38.69
N LEU X 392 18.56 93.38 37.77
CA LEU X 392 18.24 94.02 36.48
C LEU X 392 17.24 93.16 35.70
N ALA X 393 17.41 91.84 35.73
CA ALA X 393 16.49 90.90 35.09
C ALA X 393 15.11 91.02 35.76
N GLY X 394 15.10 91.19 37.08
CA GLY X 394 13.88 91.40 37.84
C GLY X 394 13.13 92.63 37.39
N PHE X 395 13.80 93.79 37.34
CA PHE X 395 13.18 95.03 36.88
C PHE X 395 12.68 94.89 35.44
N THR X 396 13.46 94.23 34.58
CA THR X 396 13.05 94.03 33.19
C THR X 396 11.77 93.18 33.11
N SER X 397 11.68 92.14 33.94
CA SER X 397 10.51 91.27 34.00
C SER X 397 9.29 92.01 34.56
N GLY X 398 9.47 92.87 35.55
CA GLY X 398 8.37 93.63 36.14
C GLY X 398 7.57 94.43 35.11
N PHE X 399 8.25 95.10 34.19
CA PHE X 399 7.58 95.85 33.13
C PHE X 399 6.65 94.97 32.32
N LEU X 400 7.15 93.84 31.81
CA LEU X 400 6.36 92.90 31.02
C LEU X 400 5.23 92.28 31.84
N LEU X 401 5.50 91.94 33.09
CA LEU X 401 4.49 91.35 33.98
C LEU X 401 3.30 92.30 34.21
N LEU X 402 3.56 93.59 34.38
CA LEU X 402 2.51 94.59 34.61
C LEU X 402 1.83 95.07 33.31
N ARG X 403 2.60 95.36 32.26
CA ARG X 403 2.08 95.89 30.99
C ARG X 403 1.09 94.96 30.25
N GLY X 404 1.11 93.66 30.52
CA GLY X 404 0.20 92.72 29.85
C GLY X 404 -1.29 93.06 29.89
N ARG X 405 -1.73 93.81 30.90
CA ARG X 405 -3.12 94.23 31.06
C ARG X 405 -3.61 95.22 30.00
N SER X 406 -2.73 95.93 29.30
CA SER X 406 -3.11 96.93 28.31
C SER X 406 -3.72 96.39 27.01
N TYR X 407 -3.66 95.08 26.75
CA TYR X 407 -4.18 94.50 25.51
C TYR X 407 -5.35 93.55 25.78
N VAL X 408 -6.38 93.71 24.93
CA VAL X 408 -7.63 92.95 24.98
C VAL X 408 -7.49 91.50 24.47
N ASP X 409 -6.58 91.22 23.55
CA ASP X 409 -6.50 89.85 23.04
C ASP X 409 -5.94 88.87 24.08
N ARG X 410 -6.64 87.73 24.18
CA ARG X 410 -6.30 86.63 25.10
C ARG X 410 -4.89 86.08 24.88
N TRP X 411 -4.57 85.66 23.65
CA TRP X 411 -3.24 85.12 23.36
C TRP X 411 -2.13 86.17 23.49
N GLN X 412 -2.40 87.40 23.08
CA GLN X 412 -1.40 88.46 23.22
C GLN X 412 -1.07 88.71 24.69
N SER X 413 -2.11 88.83 25.52
CA SER X 413 -1.92 89.03 26.95
C SER X 413 -1.23 87.84 27.61
N ILE X 414 -1.59 86.62 27.21
CA ILE X 414 -0.96 85.41 27.75
C ILE X 414 0.52 85.30 27.36
N THR X 415 0.86 85.59 26.11
CA THR X 415 2.27 85.51 25.71
C THR X 415 3.13 86.54 26.45
N LEU X 416 2.60 87.74 26.65
CA LEU X 416 3.32 88.77 27.40
C LEU X 416 3.56 88.32 28.84
N ALA X 417 2.52 87.86 29.52
CA ALA X 417 2.60 87.37 30.90
C ALA X 417 3.61 86.22 31.03
N GLY X 418 3.54 85.26 30.13
CA GLY X 418 4.46 84.13 30.12
C GLY X 418 5.92 84.51 29.87
N THR X 419 6.15 85.55 29.08
CA THR X 419 7.50 86.01 28.76
C THR X 419 8.30 86.40 30.00
N ALA X 420 7.66 87.03 30.99
CA ALA X 420 8.33 87.40 32.23
C ALA X 420 8.67 86.17 33.10
N VAL X 421 7.71 85.27 33.27
CA VAL X 421 7.86 84.08 34.11
C VAL X 421 9.03 83.19 33.66
N ILE X 422 9.14 82.93 32.37
CA ILE X 422 10.20 82.06 31.83
C ILE X 422 11.60 82.61 32.12
N ILE X 423 11.80 83.93 32.05
CA ILE X 423 13.13 84.49 32.29
C ILE X 423 13.59 84.22 33.72
N ALA X 424 12.74 84.48 34.71
CA ALA X 424 13.10 84.23 36.12
C ALA X 424 13.50 82.77 36.33
N ALA X 425 12.71 81.83 35.81
CA ALA X 425 13.01 80.40 35.92
C ALA X 425 14.33 80.04 35.23
N ALA X 426 14.56 80.57 34.04
CA ALA X 426 15.79 80.31 33.28
C ALA X 426 17.03 80.81 34.01
N VAL X 427 16.96 82.01 34.58
CA VAL X 427 18.08 82.58 35.35
C VAL X 427 18.43 81.70 36.55
N CYS X 428 17.43 81.28 37.32
CA CYS X 428 17.68 80.40 38.46
C CYS X 428 18.29 79.06 38.03
N VAL X 429 17.83 78.49 36.92
CA VAL X 429 18.41 77.24 36.40
C VAL X 429 19.90 77.44 36.10
N ARG X 430 20.24 78.53 35.43
CA ARG X 430 21.64 78.85 35.14
C ARG X 430 22.48 78.89 36.42
N TYR X 431 22.00 79.58 37.44
CA TYR X 431 22.65 79.72 38.75
C TYR X 431 22.57 78.47 39.62
N ALA X 432 21.88 77.43 39.17
CA ALA X 432 21.82 76.14 39.87
C ALA X 432 22.77 75.13 39.24
N LEU X 433 22.90 75.17 37.92
CA LEU X 433 23.83 74.28 37.23
C LEU X 433 25.26 74.62 37.58
N GLU X 434 25.63 75.88 37.39
CA GLU X 434 26.96 76.39 37.74
C GLU X 434 26.94 76.89 39.18
N LEU X 435 28.12 76.96 39.78
CA LEU X 435 28.22 77.33 41.20
C LEU X 435 27.40 76.35 42.05
N SER X 436 27.48 75.08 41.64
CA SER X 436 26.72 73.97 42.22
C SER X 436 27.15 73.62 43.65
N SER X 437 26.18 73.60 44.55
CA SER X 437 26.36 73.24 45.95
C SER X 437 24.97 73.13 46.57
N PRO X 438 24.83 72.39 47.69
CA PRO X 438 23.51 72.22 48.31
C PRO X 438 22.74 73.51 48.57
N LEU X 439 23.41 74.59 48.93
CA LEU X 439 22.69 75.85 49.18
C LEU X 439 22.08 76.40 47.89
N ALA X 440 22.85 76.39 46.80
CA ALA X 440 22.38 76.94 45.52
C ALA X 440 21.10 76.27 45.02
N VAL X 441 21.10 74.94 44.92
CA VAL X 441 19.91 74.21 44.47
C VAL X 441 18.75 74.32 45.44
N SER X 442 19.02 74.22 46.74
CA SER X 442 17.97 74.35 47.75
C SER X 442 17.23 75.68 47.64
N ILE X 443 17.95 76.76 47.43
CA ILE X 443 17.36 78.09 47.28
C ILE X 443 16.56 78.19 45.97
N VAL X 444 17.15 77.72 44.87
CA VAL X 444 16.49 77.76 43.56
C VAL X 444 15.19 76.95 43.54
N ALA X 445 15.18 75.77 44.14
CA ALA X 445 13.97 74.96 44.18
C ALA X 445 12.84 75.67 44.93
N ALA X 446 13.13 76.18 46.12
CA ALA X 446 12.13 76.90 46.91
C ALA X 446 11.58 78.12 46.16
N ILE X 447 12.47 78.90 45.55
CA ILE X 447 12.07 80.07 44.77
C ILE X 447 11.10 79.70 43.64
N LEU X 448 11.46 78.69 42.85
CA LEU X 448 10.67 78.31 41.68
C LEU X 448 9.26 77.83 42.00
N VAL X 449 9.03 77.20 43.14
CA VAL X 449 7.67 76.78 43.51
C VAL X 449 6.89 77.92 44.18
N LEU X 450 7.54 78.71 45.03
CA LEU X 450 6.86 79.83 45.69
C LEU X 450 6.46 80.92 44.70
N LEU X 451 7.30 81.21 43.72
CA LEU X 451 7.13 82.24 42.70
C LEU X 451 5.72 82.26 42.08
N PRO X 452 5.29 81.21 41.37
CA PRO X 452 3.95 81.23 40.77
C PRO X 452 2.82 81.02 41.78
N ALA X 453 3.05 80.30 42.87
CA ALA X 453 2.00 80.08 43.87
C ALA X 453 1.49 81.39 44.44
N ALA X 454 2.40 82.30 44.79
CA ALA X 454 2.03 83.62 45.30
C ALA X 454 1.25 84.42 44.26
N GLY X 455 1.68 84.37 43.00
CA GLY X 455 0.99 85.10 41.94
C GLY X 455 -0.44 84.66 41.72
N MET X 456 -0.67 83.35 41.58
CA MET X 456 -2.04 82.85 41.40
C MET X 456 -2.89 83.07 42.65
N ALA X 457 -2.33 82.85 43.83
CA ALA X 457 -3.09 83.07 45.06
C ALA X 457 -3.54 84.52 45.20
N ALA X 458 -2.67 85.48 44.89
CA ALA X 458 -3.04 86.89 44.96
C ALA X 458 -4.14 87.24 43.97
N ALA X 459 -4.19 86.57 42.82
CA ALA X 459 -5.23 86.84 41.82
C ALA X 459 -6.54 86.12 42.13
N ALA X 460 -6.49 84.84 42.52
CA ALA X 460 -7.72 84.10 42.78
C ALA X 460 -8.34 84.40 44.14
N HIS X 461 -7.53 84.59 45.18
CA HIS X 461 -8.09 84.85 46.50
C HIS X 461 -8.56 86.31 46.62
N ILE Y 40 72.49 -51.13 6.94
CA ILE Y 40 73.70 -51.62 7.66
C ILE Y 40 73.24 -52.72 8.64
N SER Y 41 73.92 -53.86 8.62
CA SER Y 41 73.58 -54.95 9.50
C SER Y 41 74.00 -54.66 10.95
N PRO Y 42 73.19 -55.03 11.94
CA PRO Y 42 73.58 -54.83 13.32
C PRO Y 42 74.92 -55.48 13.63
N PRO Y 43 75.64 -54.97 14.61
CA PRO Y 43 76.96 -55.52 14.96
C PRO Y 43 76.95 -57.00 15.32
N THR Y 44 78.09 -57.63 15.06
CA THR Y 44 78.38 -59.03 15.32
C THR Y 44 79.72 -59.05 16.06
N ILE Y 45 79.93 -60.02 16.95
CA ILE Y 45 81.16 -60.03 17.73
C ILE Y 45 81.85 -61.39 17.80
N ASP Y 46 83.19 -61.31 17.87
CA ASP Y 46 84.11 -62.44 18.02
C ASP Y 46 84.88 -62.23 19.31
N PRO Y 47 84.50 -62.89 20.41
CA PRO Y 47 85.15 -62.64 21.71
C PRO Y 47 86.64 -62.94 21.79
N GLY Y 48 87.21 -63.69 20.86
CA GLY Y 48 88.66 -63.98 20.91
C GLY Y 48 89.59 -62.80 20.64
N ALA Y 49 89.09 -61.69 20.12
CA ALA Y 49 89.90 -60.53 19.75
C ALA Y 49 90.18 -59.53 20.88
N LEU Y 50 89.68 -59.71 22.10
CA LEU Y 50 89.92 -58.69 23.11
C LEU Y 50 91.40 -58.45 23.38
N PRO Y 51 91.79 -57.19 23.59
CA PRO Y 51 93.19 -56.85 23.82
C PRO Y 51 93.73 -57.32 25.16
N PRO Y 52 95.03 -57.62 25.24
CA PRO Y 52 95.65 -58.02 26.49
C PRO Y 52 95.74 -56.83 27.43
N ASP Y 53 95.70 -57.11 28.74
CA ASP Y 53 95.79 -56.07 29.75
C ASP Y 53 97.20 -55.49 29.83
N GLY Y 54 97.28 -54.26 30.35
CA GLY Y 54 98.54 -53.56 30.49
C GLY Y 54 98.35 -52.13 30.96
N PRO Y 55 99.44 -51.51 31.46
CA PRO Y 55 99.32 -50.14 31.94
C PRO Y 55 99.00 -49.15 30.84
N PRO Y 56 98.22 -48.12 31.14
CA PRO Y 56 97.87 -47.11 30.13
C PRO Y 56 99.05 -46.34 29.57
N GLY Y 57 99.04 -46.15 28.26
CA GLY Y 57 100.07 -45.45 27.54
C GLY Y 57 99.69 -45.36 26.08
N PRO Y 58 100.06 -44.26 25.43
CA PRO Y 58 99.70 -44.06 24.03
C PRO Y 58 100.36 -45.04 23.10
N LEU Y 59 99.78 -45.14 21.89
CA LEU Y 59 100.34 -46.02 20.88
C LEU Y 59 101.62 -45.41 20.29
N ALA Y 60 101.73 -44.09 20.30
CA ALA Y 60 102.90 -43.38 19.80
C ALA Y 60 103.04 -42.08 20.56
N PRO Y 61 104.25 -41.54 20.68
CA PRO Y 61 104.46 -40.32 21.47
C PRO Y 61 103.68 -39.12 20.96
N MET Y 62 103.17 -38.31 21.89
CA MET Y 62 102.39 -37.12 21.60
C MET Y 62 102.90 -35.93 22.40
N LYS Y 63 102.57 -34.72 21.91
CA LYS Y 63 102.97 -33.47 22.54
C LYS Y 63 101.76 -32.55 22.61
N GLN Y 64 101.73 -31.68 23.62
CA GLN Y 64 100.68 -30.67 23.72
C GLN Y 64 100.81 -29.59 22.67
N ASN Y 65 99.70 -29.26 21.99
CA ASN Y 65 99.71 -28.26 20.93
C ASN Y 65 99.00 -26.95 21.26
N ALA Y 66 98.07 -26.93 22.22
CA ALA Y 66 97.30 -25.71 22.51
C ALA Y 66 97.13 -25.51 24.00
N TYR Y 67 96.83 -24.27 24.39
CA TYR Y 67 96.61 -23.91 25.78
C TYR Y 67 95.24 -24.37 26.29
N CYS Y 68 95.17 -24.70 27.58
CA CYS Y 68 93.93 -25.17 28.19
C CYS Y 68 92.86 -24.08 28.29
N THR Y 69 91.61 -24.45 28.04
CA THR Y 69 90.52 -23.50 27.86
C THR Y 69 90.06 -22.88 29.18
N GLU Y 70 89.82 -21.57 29.18
CA GLU Y 70 89.32 -20.81 30.32
C GLU Y 70 87.80 -20.89 30.49
N VAL Y 71 87.32 -20.59 31.71
CA VAL Y 71 85.96 -20.87 32.17
C VAL Y 71 85.40 -19.64 32.89
N GLY Y 72 84.09 -19.63 33.12
CA GLY Y 72 83.48 -18.49 33.79
C GLY Y 72 82.00 -18.69 34.10
N VAL Y 73 81.32 -17.60 34.49
CA VAL Y 73 79.89 -17.61 34.81
C VAL Y 73 79.11 -16.61 33.96
N LEU Y 74 77.90 -16.97 33.56
CA LEU Y 74 77.09 -16.07 32.76
C LEU Y 74 76.60 -14.92 33.63
N PRO Y 75 76.42 -13.73 33.07
CA PRO Y 75 75.99 -12.57 33.87
C PRO Y 75 74.63 -12.72 34.56
N GLY Y 76 74.60 -12.41 35.84
CA GLY Y 76 73.40 -12.42 36.67
C GLY Y 76 72.94 -13.73 37.28
N THR Y 77 73.71 -14.80 37.24
CA THR Y 77 73.26 -16.04 37.84
C THR Y 77 73.37 -16.00 39.36
N ASP Y 78 72.49 -16.75 40.03
CA ASP Y 78 72.45 -16.81 41.49
C ASP Y 78 72.45 -18.27 41.89
N PHE Y 79 73.61 -18.77 42.32
CA PHE Y 79 73.82 -20.15 42.73
C PHE Y 79 73.06 -20.59 43.97
N GLN Y 80 72.23 -19.75 44.57
CA GLN Y 80 71.42 -20.17 45.71
C GLN Y 80 70.12 -20.83 45.29
N LEU Y 81 69.74 -20.70 44.03
CA LEU Y 81 68.55 -21.37 43.49
C LEU Y 81 68.97 -22.71 42.89
N GLN Y 82 68.10 -23.71 43.02
CA GLN Y 82 68.41 -25.01 42.43
C GLN Y 82 68.44 -24.94 40.91
N PRO Y 83 69.27 -25.76 40.27
CA PRO Y 83 69.28 -25.79 38.81
C PRO Y 83 67.93 -26.24 38.29
N LYS Y 84 67.50 -25.65 37.18
CA LYS Y 84 66.17 -25.99 36.64
C LYS Y 84 66.01 -27.46 36.29
N TYR Y 85 67.09 -28.16 35.93
CA TYR Y 85 66.98 -29.58 35.59
C TYR Y 85 66.63 -30.50 36.76
N MET Y 86 66.89 -30.11 38.00
CA MET Y 86 66.60 -30.98 39.15
C MET Y 86 65.13 -31.14 39.50
N GLU Y 87 64.24 -30.31 38.97
CA GLU Y 87 62.81 -30.44 39.28
C GLU Y 87 62.20 -31.69 38.67
N MET Y 88 62.67 -32.13 37.51
CA MET Y 88 62.17 -33.35 36.88
C MET Y 88 62.56 -34.59 37.67
N LEU Y 89 63.79 -34.62 38.21
CA LEU Y 89 64.30 -35.79 38.90
C LEU Y 89 63.71 -36.02 40.29
N ASN Y 90 63.19 -34.99 40.95
CA ASN Y 90 62.60 -35.15 42.28
C ASN Y 90 63.51 -35.86 43.29
N LEU Y 91 64.75 -35.38 43.38
CA LEU Y 91 65.81 -35.95 44.23
C LEU Y 91 65.48 -35.97 45.73
N ASN Y 92 64.72 -35.00 46.22
CA ASN Y 92 64.37 -34.93 47.64
C ASN Y 92 63.65 -36.18 48.14
N GLU Y 93 62.91 -36.84 47.27
CA GLU Y 93 62.19 -38.07 47.58
C GLU Y 93 63.01 -39.30 47.24
N ALA Y 94 63.77 -39.26 46.14
CA ALA Y 94 64.61 -40.39 45.75
C ALA Y 94 65.69 -40.70 46.77
N TRP Y 95 66.18 -39.71 47.51
CA TRP Y 95 67.23 -39.92 48.52
C TRP Y 95 66.77 -40.59 49.81
N GLN Y 96 65.48 -40.82 50.01
CA GLN Y 96 65.05 -41.49 51.24
C GLN Y 96 65.76 -42.82 51.47
N PHE Y 97 65.89 -43.62 50.42
CA PHE Y 97 66.52 -44.92 50.54
C PHE Y 97 68.04 -44.88 50.60
N GLY Y 98 68.64 -43.70 50.54
CA GLY Y 98 70.08 -43.57 50.59
C GLY Y 98 70.68 -42.80 49.43
N ARG Y 99 71.93 -42.41 49.61
CA ARG Y 99 72.68 -41.63 48.65
C ARG Y 99 73.62 -42.45 47.75
N GLY Y 100 73.45 -43.76 47.67
CA GLY Y 100 74.33 -44.54 46.83
C GLY Y 100 75.70 -44.84 47.41
N ASP Y 101 75.77 -45.14 48.71
CA ASP Y 101 77.03 -45.45 49.38
C ASP Y 101 77.66 -46.75 48.91
N GLY Y 102 78.98 -46.73 48.70
CA GLY Y 102 79.71 -47.92 48.29
C GLY Y 102 79.73 -48.31 46.83
N VAL Y 103 79.36 -47.41 45.92
CA VAL Y 103 79.31 -47.69 44.49
C VAL Y 103 80.49 -47.04 43.78
N LYS Y 104 81.18 -47.81 42.92
CA LYS Y 104 82.31 -47.32 42.13
C LYS Y 104 81.87 -47.05 40.71
N VAL Y 105 82.03 -45.80 40.27
CA VAL Y 105 81.66 -45.31 38.94
C VAL Y 105 82.92 -44.91 38.17
N ALA Y 106 83.10 -45.48 36.98
CA ALA Y 106 84.25 -45.17 36.13
C ALA Y 106 83.89 -44.08 35.12
N VAL Y 107 84.69 -43.01 35.09
CA VAL Y 107 84.51 -41.88 34.17
C VAL Y 107 85.61 -41.86 33.12
N ILE Y 108 85.37 -42.51 31.98
CA ILE Y 108 86.33 -42.57 30.88
C ILE Y 108 86.16 -41.34 29.99
N ASP Y 109 87.08 -40.39 30.06
CA ASP Y 109 86.81 -39.09 29.45
C ASP Y 109 88.12 -38.35 29.20
N THR Y 110 88.06 -37.01 29.24
CA THR Y 110 89.23 -36.14 29.33
C THR Y 110 89.85 -36.00 30.74
N GLY Y 111 89.57 -36.90 31.67
CA GLY Y 111 90.11 -36.82 33.02
C GLY Y 111 89.44 -35.78 33.90
N VAL Y 112 89.84 -35.78 35.18
CA VAL Y 112 89.22 -34.94 36.20
C VAL Y 112 90.27 -34.25 37.06
N THR Y 113 89.99 -32.98 37.45
CA THR Y 113 90.85 -32.23 38.36
C THR Y 113 90.25 -32.24 39.77
N PRO Y 114 90.99 -32.63 40.80
CA PRO Y 114 90.43 -32.67 42.16
C PRO Y 114 89.99 -31.29 42.67
N HIS Y 115 88.97 -31.32 43.52
CA HIS Y 115 88.37 -30.12 44.11
C HIS Y 115 87.83 -30.52 45.48
N PRO Y 116 87.86 -29.62 46.47
CA PRO Y 116 87.38 -29.98 47.82
C PRO Y 116 85.95 -30.47 47.98
N ARG Y 117 85.13 -30.49 46.93
CA ARG Y 117 83.77 -31.02 46.97
C ARG Y 117 83.69 -32.42 46.37
N LEU Y 118 84.82 -32.97 45.93
CA LEU Y 118 84.94 -34.32 45.38
C LEU Y 118 85.94 -35.10 46.23
N PRO Y 119 85.51 -35.56 47.40
CA PRO Y 119 86.40 -36.25 48.35
C PRO Y 119 86.75 -37.70 48.02
N ARG Y 120 86.19 -38.32 46.99
CA ARG Y 120 86.47 -39.73 46.69
C ARG Y 120 86.80 -39.94 45.21
N LEU Y 121 87.93 -39.35 44.79
CA LEU Y 121 88.44 -39.44 43.42
C LEU Y 121 89.69 -40.32 43.41
N ILE Y 122 89.72 -41.27 42.48
CA ILE Y 122 90.82 -42.23 42.34
C ILE Y 122 91.45 -42.10 40.96
N PRO Y 123 92.77 -41.90 40.85
CA PRO Y 123 93.49 -41.83 39.57
C PRO Y 123 93.68 -43.20 38.93
N GLY Y 124 93.11 -43.39 37.73
CA GLY Y 124 93.17 -44.65 37.01
C GLY Y 124 94.17 -44.79 35.86
N GLY Y 125 94.64 -43.70 35.28
CA GLY Y 125 95.61 -43.74 34.19
C GLY Y 125 95.39 -42.80 33.03
N ASP Y 126 96.39 -42.71 32.13
CA ASP Y 126 96.35 -41.80 30.99
C ASP Y 126 96.79 -42.44 29.68
N TYR Y 127 95.99 -42.28 28.62
CA TYR Y 127 96.32 -42.81 27.31
C TYR Y 127 96.74 -41.74 26.31
N VAL Y 128 96.66 -40.47 26.66
CA VAL Y 128 97.05 -39.37 25.78
C VAL Y 128 98.49 -38.97 25.99
N MET Y 129 98.95 -38.99 27.24
CA MET Y 129 100.30 -38.66 27.61
C MET Y 129 100.84 -39.77 28.50
N ALA Y 130 102.06 -40.19 28.23
CA ALA Y 130 102.69 -41.22 29.03
C ALA Y 130 103.02 -40.68 30.41
N GLY Y 131 102.92 -41.56 31.42
CA GLY Y 131 103.19 -41.18 32.79
C GLY Y 131 102.13 -40.34 33.45
N GLY Y 132 100.96 -40.18 32.82
CA GLY Y 132 99.89 -39.38 33.39
C GLY Y 132 98.97 -40.17 34.31
N ASP Y 133 98.51 -39.50 35.36
CA ASP Y 133 97.61 -40.09 36.35
C ASP Y 133 96.18 -40.13 35.84
N GLY Y 134 95.88 -39.38 34.78
CA GLY Y 134 94.52 -39.23 34.31
C GLY Y 134 93.76 -38.26 35.18
N LEU Y 135 94.46 -37.26 35.70
CA LEU Y 135 94.04 -36.48 36.86
C LEU Y 135 94.33 -34.99 36.66
N SER Y 136 94.30 -34.52 35.42
CA SER Y 136 94.24 -33.10 35.12
C SER Y 136 93.41 -32.90 33.85
N ASP Y 137 92.67 -31.79 33.81
CA ASP Y 137 91.57 -31.56 32.88
C ASP Y 137 91.76 -30.29 32.07
N CYS Y 138 92.35 -30.45 30.88
CA CYS Y 138 92.72 -29.33 30.01
C CYS Y 138 91.56 -28.85 29.13
N ASP Y 139 90.62 -29.72 28.80
CA ASP Y 139 89.48 -29.39 27.95
C ASP Y 139 88.25 -28.90 28.72
N ALA Y 140 88.31 -28.80 30.04
CA ALA Y 140 87.21 -28.35 30.89
C ALA Y 140 85.97 -29.22 30.80
N HIS Y 141 86.03 -30.38 30.16
CA HIS Y 141 84.85 -31.20 29.91
C HIS Y 141 84.63 -32.24 31.01
N GLY Y 142 85.71 -32.85 31.48
CA GLY Y 142 85.61 -33.99 32.38
C GLY Y 142 85.15 -33.69 33.80
N THR Y 143 85.59 -32.57 34.36
CA THR Y 143 85.17 -32.09 35.68
C THR Y 143 83.73 -31.62 35.76
N LEU Y 144 83.16 -31.14 34.67
CA LEU Y 144 81.72 -30.92 34.63
C LEU Y 144 80.96 -32.24 34.67
N VAL Y 145 81.37 -33.23 33.88
CA VAL Y 145 80.70 -34.53 33.87
C VAL Y 145 80.82 -35.24 35.21
N ALA Y 146 82.02 -35.28 35.78
CA ALA Y 146 82.24 -35.92 37.08
C ALA Y 146 81.53 -35.22 38.23
N SER Y 147 81.62 -33.90 38.33
CA SER Y 147 80.98 -33.17 39.42
C SER Y 147 79.46 -33.14 39.34
N MET Y 148 78.90 -33.37 38.17
CA MET Y 148 77.46 -33.42 38.00
C MET Y 148 76.88 -34.72 38.56
N ILE Y 149 77.73 -35.72 38.82
CA ILE Y 149 77.32 -36.99 39.41
C ILE Y 149 77.57 -37.05 40.92
N ALA Y 150 78.81 -36.84 41.36
CA ALA Y 150 79.20 -37.08 42.76
C ALA Y 150 79.50 -35.89 43.66
N ALA Y 151 79.36 -34.64 43.23
CA ALA Y 151 79.67 -33.54 44.14
C ALA Y 151 78.81 -33.58 45.40
N VAL Y 152 79.44 -33.31 46.55
CA VAL Y 152 78.83 -33.29 47.88
C VAL Y 152 78.16 -31.95 48.19
N PRO Y 153 77.01 -31.93 48.87
CA PRO Y 153 76.34 -30.66 49.19
C PRO Y 153 77.14 -29.78 50.14
N ALA Y 154 76.69 -28.53 50.22
CA ALA Y 154 77.31 -27.48 51.04
C ALA Y 154 77.31 -27.83 52.53
N ASN Y 155 78.25 -27.22 53.25
CA ASN Y 155 78.41 -27.43 54.69
C ASN Y 155 79.10 -26.21 55.28
N GLY Y 156 78.93 -26.05 56.60
CA GLY Y 156 79.52 -24.94 57.33
C GLY Y 156 81.04 -24.96 57.37
N ALA Y 157 81.66 -26.13 57.13
CA ALA Y 157 83.10 -26.25 57.11
C ALA Y 157 83.47 -27.25 56.01
N VAL Y 158 84.61 -27.01 55.38
CA VAL Y 158 85.04 -27.90 54.29
C VAL Y 158 85.37 -29.28 54.84
N PRO Y 159 85.05 -30.36 54.12
CA PRO Y 159 85.35 -31.71 54.62
C PRO Y 159 86.85 -31.95 54.77
N LEU Y 160 87.62 -31.57 53.75
CA LEU Y 160 89.08 -31.68 53.75
C LEU Y 160 89.68 -30.28 53.58
N PRO Y 161 90.49 -29.81 54.51
CA PRO Y 161 91.08 -28.46 54.39
C PRO Y 161 92.29 -28.37 53.48
N SER Y 162 92.90 -29.49 53.09
CA SER Y 162 94.06 -29.50 52.22
C SER Y 162 93.75 -29.02 50.80
N VAL Y 163 94.74 -28.40 50.17
CA VAL Y 163 94.63 -27.92 48.79
C VAL Y 163 95.97 -28.06 48.06
N PRO Y 164 96.38 -29.29 47.75
CA PRO Y 164 97.66 -29.55 47.06
C PRO Y 164 97.63 -29.38 45.55
N ARG Y 165 96.59 -28.82 44.96
CA ARG Y 165 96.44 -28.73 43.51
C ARG Y 165 97.65 -28.20 42.73
N ARG Y 166 98.08 -29.00 41.77
CA ARG Y 166 99.18 -28.73 40.84
C ARG Y 166 98.81 -27.65 39.82
N PRO Y 167 99.83 -27.03 39.16
CA PRO Y 167 99.56 -26.02 38.12
C PRO Y 167 98.97 -26.60 36.83
N VAL Y 168 98.71 -25.74 35.84
CA VAL Y 168 98.26 -26.15 34.51
C VAL Y 168 99.40 -26.19 33.51
N THR Y 169 99.47 -27.29 32.75
CA THR Y 169 100.51 -27.52 31.74
C THR Y 169 100.44 -26.59 30.54
N ILE Y 170 101.60 -26.21 30.02
CA ILE Y 170 101.71 -25.33 28.84
C ILE Y 170 102.57 -26.01 27.78
N PRO Y 171 102.37 -25.72 26.48
CA PRO Y 171 103.16 -26.33 25.42
C PRO Y 171 104.62 -25.93 25.48
N PRO Y 266 74.46 -21.83 51.55
CA PRO Y 266 75.23 -20.85 50.79
C PRO Y 266 75.34 -21.23 49.32
N ASP Y 267 74.99 -22.47 49.02
CA ASP Y 267 75.09 -23.00 47.66
C ASP Y 267 74.12 -24.16 47.55
N ALA Y 268 73.27 -24.14 46.53
CA ALA Y 268 72.28 -25.18 46.31
C ALA Y 268 72.71 -26.35 45.43
N PHE Y 269 73.87 -26.30 44.78
CA PHE Y 269 74.28 -27.39 43.90
C PHE Y 269 74.73 -28.63 44.66
N SER Y 270 74.47 -29.80 44.06
CA SER Y 270 74.85 -31.10 44.61
C SER Y 270 74.72 -32.17 43.55
N GLY Y 271 75.50 -33.23 43.66
CA GLY Y 271 75.42 -34.34 42.70
C GLY Y 271 74.19 -35.20 42.85
N ILE Y 272 73.96 -36.06 41.86
CA ILE Y 272 72.80 -36.96 41.91
C ILE Y 272 72.97 -38.04 42.97
N ALA Y 273 74.20 -38.53 43.18
CA ALA Y 273 74.51 -39.56 44.15
C ALA Y 273 75.75 -39.17 44.92
N PRO Y 274 75.63 -38.28 45.91
CA PRO Y 274 76.82 -37.83 46.64
C PRO Y 274 77.62 -38.91 47.32
N GLY Y 275 77.08 -40.09 47.53
CA GLY Y 275 77.84 -41.14 48.20
C GLY Y 275 78.79 -41.97 47.36
N VAL Y 276 78.73 -41.88 46.04
CA VAL Y 276 79.57 -42.72 45.20
C VAL Y 276 81.06 -42.42 45.28
N GLU Y 277 81.84 -43.29 44.65
CA GLU Y 277 83.28 -43.20 44.52
C GLU Y 277 83.56 -43.26 43.02
N ILE Y 278 84.30 -42.29 42.49
CA ILE Y 278 84.52 -42.22 41.05
C ILE Y 278 85.99 -42.39 40.67
N ILE Y 279 86.20 -43.17 39.62
CA ILE Y 279 87.51 -43.49 39.06
C ILE Y 279 87.66 -42.66 37.79
N SER Y 280 88.78 -41.96 37.66
CA SER Y 280 89.06 -41.12 36.50
C SER Y 280 90.10 -41.75 35.61
N ILE Y 281 89.82 -41.77 34.31
CA ILE Y 281 90.70 -42.28 33.26
C ILE Y 281 90.67 -41.25 32.14
N ARG Y 282 91.83 -40.87 31.63
CA ARG Y 282 91.90 -39.88 30.55
C ARG Y 282 92.19 -40.61 29.25
N GLN Y 283 91.23 -40.59 28.34
CA GLN Y 283 91.31 -41.31 27.07
C GLN Y 283 91.30 -40.44 25.82
N SER Y 284 90.87 -39.18 25.91
CA SER Y 284 90.78 -38.32 24.73
C SER Y 284 91.07 -36.88 25.10
N SER Y 285 91.56 -36.12 24.13
CA SER Y 285 91.70 -34.68 24.28
C SER Y 285 91.97 -34.06 22.92
N GLN Y 286 91.44 -32.85 22.71
CA GLN Y 286 91.73 -32.07 21.51
C GLN Y 286 92.97 -31.20 21.62
N ALA Y 287 93.52 -31.01 22.81
CA ALA Y 287 94.69 -30.18 22.99
C ALA Y 287 96.00 -30.86 22.60
N PHE Y 288 96.00 -32.17 22.36
CA PHE Y 288 97.23 -32.90 22.06
C PHE Y 288 97.28 -33.44 20.64
N GLY Y 289 98.50 -33.51 20.11
CA GLY Y 289 98.72 -34.00 18.76
C GLY Y 289 99.99 -34.82 18.67
N LEU Y 290 100.05 -35.61 17.61
CA LEU Y 290 101.18 -36.48 17.34
C LEU Y 290 102.40 -35.67 16.93
N LYS Y 291 103.57 -36.02 17.49
CA LYS Y 291 104.79 -35.26 17.17
C LYS Y 291 105.61 -35.88 16.03
N ASP Y 292 105.00 -36.76 15.24
CA ASP Y 292 105.54 -37.17 13.94
C ASP Y 292 104.33 -37.43 13.06
N PRO Y 293 103.78 -36.37 12.46
CA PRO Y 293 102.54 -36.47 11.67
C PRO Y 293 102.48 -37.46 10.49
N TYR Y 294 103.58 -37.86 9.85
CA TYR Y 294 103.42 -38.75 8.71
C TYR Y 294 102.81 -40.09 9.09
N THR Y 295 101.83 -40.54 8.28
CA THR Y 295 101.11 -41.80 8.54
C THR Y 295 100.98 -42.73 7.33
N GLY Y 296 101.56 -42.40 6.17
CA GLY Y 296 101.65 -43.37 5.10
C GLY Y 296 100.43 -43.65 4.24
N ASP Y 297 100.23 -44.94 3.95
CA ASP Y 297 99.14 -45.38 3.08
C ASP Y 297 97.79 -44.82 3.45
N GLU Y 298 97.46 -44.75 4.74
CA GLU Y 298 96.18 -44.22 5.19
C GLU Y 298 96.19 -42.72 5.40
N ASP Y 299 95.10 -42.09 4.98
CA ASP Y 299 94.91 -40.65 5.10
C ASP Y 299 95.03 -40.20 6.56
N PRO Y 300 95.75 -39.10 6.82
CA PRO Y 300 95.97 -38.64 8.20
C PRO Y 300 94.72 -38.42 9.04
N GLN Y 301 93.58 -38.20 8.40
CA GLN Y 301 92.33 -38.02 9.12
C GLN Y 301 91.72 -39.36 9.53
N THR Y 302 91.64 -40.30 8.60
CA THR Y 302 91.08 -41.63 8.91
C THR Y 302 92.04 -42.41 9.78
N ALA Y 303 93.33 -42.16 9.65
CA ALA Y 303 94.33 -42.81 10.49
C ALA Y 303 94.10 -42.55 11.97
N GLN Y 304 93.60 -41.37 12.34
CA GLN Y 304 93.33 -41.04 13.74
C GLN Y 304 92.14 -41.81 14.32
N LYS Y 305 91.12 -42.11 13.53
CA LYS Y 305 89.96 -42.87 14.02
C LYS Y 305 90.32 -44.29 14.42
N ILE Y 306 91.17 -44.97 13.67
CA ILE Y 306 91.58 -46.33 14.04
C ILE Y 306 92.35 -46.32 15.37
N ASP Y 307 93.15 -45.29 15.61
CA ASP Y 307 93.84 -45.19 16.91
C ASP Y 307 92.85 -44.98 18.06
N ASN Y 308 91.78 -44.22 17.84
CA ASN Y 308 90.74 -44.02 18.86
C ASN Y 308 89.95 -45.28 19.16
N VAL Y 309 89.54 -46.03 18.14
CA VAL Y 309 88.80 -47.28 18.37
C VAL Y 309 89.64 -48.26 19.19
N GLU Y 310 90.91 -48.40 18.87
CA GLU Y 310 91.78 -49.31 19.63
C GLU Y 310 91.96 -48.83 21.07
N THR Y 311 92.23 -47.54 21.28
CA THR Y 311 92.42 -47.00 22.62
C THR Y 311 91.14 -47.04 23.46
N MET Y 312 89.98 -46.93 22.83
CA MET Y 312 88.69 -47.01 23.54
C MET Y 312 88.44 -48.41 24.12
N ALA Y 313 88.76 -49.45 23.37
CA ALA Y 313 88.59 -50.83 23.85
C ALA Y 313 89.47 -51.11 25.06
N ARG Y 314 90.70 -50.63 25.05
CA ARG Y 314 91.62 -50.81 26.17
C ARG Y 314 91.09 -50.17 27.45
N ALA Y 315 90.57 -48.95 27.37
CA ALA Y 315 90.04 -48.27 28.55
C ALA Y 315 88.85 -49.00 29.18
N ILE Y 316 87.98 -49.60 28.39
CA ILE Y 316 86.84 -50.35 28.94
C ILE Y 316 87.32 -51.61 29.67
N VAL Y 317 88.24 -52.38 29.10
CA VAL Y 317 88.78 -53.56 29.78
C VAL Y 317 89.46 -53.17 31.10
N HIS Y 318 90.27 -52.12 31.06
CA HIS Y 318 90.94 -51.63 32.27
C HIS Y 318 89.95 -51.21 33.34
N ALA Y 319 88.95 -50.40 32.99
CA ALA Y 319 87.95 -49.95 33.96
C ALA Y 319 87.17 -51.10 34.59
N ALA Y 320 86.91 -52.17 33.84
CA ALA Y 320 86.20 -53.33 34.40
C ALA Y 320 87.05 -54.06 35.43
N ASN Y 321 88.33 -54.29 35.13
CA ASN Y 321 89.24 -54.94 36.07
C ASN Y 321 89.44 -54.11 37.33
N MET Y 322 89.16 -52.81 37.28
CA MET Y 322 89.23 -51.99 38.49
C MET Y 322 88.06 -52.29 39.42
N GLY Y 323 87.05 -53.01 38.95
CA GLY Y 323 85.89 -53.34 39.76
C GLY Y 323 84.73 -52.36 39.71
N ALA Y 324 84.74 -51.42 38.77
CA ALA Y 324 83.66 -50.46 38.65
C ALA Y 324 82.35 -51.16 38.31
N SER Y 325 81.27 -50.71 38.94
CA SER Y 325 79.96 -51.29 38.67
C SER Y 325 79.17 -50.49 37.64
N VAL Y 326 79.53 -49.24 37.39
CA VAL Y 326 78.90 -48.40 36.37
C VAL Y 326 80.02 -47.74 35.59
N ILE Y 327 79.99 -47.87 34.27
CA ILE Y 327 80.98 -47.25 33.38
C ILE Y 327 80.27 -46.20 32.56
N ASN Y 328 80.74 -44.95 32.62
CA ASN Y 328 80.14 -43.84 31.89
C ASN Y 328 81.03 -43.35 30.76
N ILE Y 329 80.49 -43.30 29.53
CA ILE Y 329 81.25 -42.86 28.35
C ILE Y 329 80.53 -41.68 27.70
N SER Y 330 81.03 -40.47 27.96
CA SER Y 330 80.45 -39.23 27.46
C SER Y 330 81.23 -38.58 26.33
N ASP Y 331 82.18 -39.29 25.70
CA ASP Y 331 82.81 -38.82 24.46
C ASP Y 331 82.86 -39.96 23.45
N VAL Y 332 82.25 -39.74 22.29
CA VAL Y 332 81.92 -40.79 21.33
C VAL Y 332 82.29 -40.35 19.91
N MET Y 333 82.39 -41.33 19.02
CA MET Y 333 82.90 -41.16 17.67
C MET Y 333 81.82 -41.34 16.61
N CYS Y 334 81.62 -40.32 15.78
CA CYS Y 334 80.74 -40.40 14.62
C CYS Y 334 81.50 -40.79 13.37
N MET Y 335 80.86 -41.59 12.52
CA MET Y 335 81.54 -42.32 11.45
C MET Y 335 80.56 -42.53 10.31
N SER Y 336 81.06 -42.57 9.07
CA SER Y 336 80.18 -42.80 7.94
C SER Y 336 79.70 -44.25 7.88
N ALA Y 337 78.56 -44.47 7.23
CA ALA Y 337 78.09 -45.82 6.96
C ALA Y 337 78.83 -46.46 5.81
N ARG Y 338 79.21 -45.67 4.82
CA ARG Y 338 80.35 -45.99 3.99
C ARG Y 338 81.61 -45.91 4.82
N ASN Y 339 82.65 -46.62 4.39
CA ASN Y 339 83.94 -46.48 5.05
C ASN Y 339 83.90 -46.74 6.57
N VAL Y 340 83.13 -47.73 7.02
CA VAL Y 340 83.17 -48.11 8.44
C VAL Y 340 84.48 -48.81 8.79
N ILE Y 341 84.98 -48.55 10.01
CA ILE Y 341 86.21 -49.13 10.56
C ILE Y 341 85.89 -50.44 11.30
N ASP Y 342 86.75 -51.44 11.17
CA ASP Y 342 86.52 -52.74 11.82
C ASP Y 342 86.58 -52.65 13.35
N GLN Y 343 85.47 -52.97 14.01
CA GLN Y 343 85.29 -52.84 15.45
C GLN Y 343 85.68 -54.09 16.27
N ARG Y 344 86.23 -55.14 15.65
CA ARG Y 344 86.51 -56.41 16.33
C ARG Y 344 87.05 -56.30 17.76
N ALA Y 345 88.08 -55.51 17.98
CA ALA Y 345 88.63 -55.35 19.33
C ALA Y 345 87.65 -54.70 20.30
N LEU Y 346 86.91 -53.71 19.83
CA LEU Y 346 85.92 -53.01 20.65
C LEU Y 346 84.70 -53.86 20.93
N GLY Y 347 84.24 -54.63 19.95
CA GLY Y 347 83.08 -55.50 20.14
C GLY Y 347 83.29 -56.55 21.23
N ALA Y 348 84.44 -57.21 21.21
CA ALA Y 348 84.79 -58.20 22.24
C ALA Y 348 84.97 -57.55 23.60
N ALA Y 349 85.59 -56.37 23.65
CA ALA Y 349 85.79 -55.66 24.90
C ALA Y 349 84.47 -55.29 25.57
N VAL Y 350 83.48 -54.88 24.80
CA VAL Y 350 82.15 -54.54 25.32
C VAL Y 350 81.50 -55.76 25.98
N HIS Y 351 81.54 -56.91 25.31
CA HIS Y 351 80.97 -58.15 25.84
C HIS Y 351 81.63 -58.60 27.14
N TYR Y 352 82.96 -58.59 27.20
CA TYR Y 352 83.67 -58.98 28.42
C TYR Y 352 83.25 -58.17 29.64
N ALA Y 353 83.20 -56.85 29.52
CA ALA Y 353 82.82 -55.99 30.64
C ALA Y 353 81.34 -56.10 31.01
N ALA Y 354 80.46 -56.28 30.04
CA ALA Y 354 79.02 -56.35 30.30
C ALA Y 354 78.54 -57.69 30.85
N VAL Y 355 79.12 -58.82 30.46
CA VAL Y 355 78.66 -60.15 30.90
C VAL Y 355 79.53 -60.78 31.98
N ASP Y 356 80.81 -60.98 31.69
CA ASP Y 356 81.72 -61.64 32.63
C ASP Y 356 82.09 -60.78 33.84
N LYS Y 357 81.92 -59.46 33.77
CA LYS Y 357 82.22 -58.59 34.90
C LYS Y 357 80.97 -57.86 35.41
N ASP Y 358 79.82 -58.10 34.78
CA ASP Y 358 78.54 -57.53 35.18
C ASP Y 358 78.48 -56.00 35.33
N ALA Y 359 79.21 -55.27 34.50
CA ALA Y 359 79.17 -53.81 34.57
C ALA Y 359 78.02 -53.24 33.72
N VAL Y 360 77.50 -52.08 34.14
CA VAL Y 360 76.48 -51.34 33.39
C VAL Y 360 77.20 -50.28 32.57
N ILE Y 361 77.00 -50.27 31.25
CA ILE Y 361 77.67 -49.31 30.38
C ILE Y 361 76.68 -48.28 29.86
N VAL Y 362 76.92 -47.00 30.16
CA VAL Y 362 76.06 -45.89 29.75
C VAL Y 362 76.81 -45.03 28.74
N ALA Y 363 76.24 -44.79 27.57
CA ALA Y 363 76.90 -43.98 26.54
C ALA Y 363 75.99 -42.89 26.01
N ALA Y 364 76.58 -41.76 25.64
CA ALA Y 364 75.85 -40.65 25.03
C ALA Y 364 75.49 -40.90 23.57
N ALA Y 365 74.34 -40.35 23.15
CA ALA Y 365 73.91 -40.47 21.77
C ALA Y 365 74.73 -39.65 20.78
N GLY Y 366 75.59 -38.75 21.25
CA GLY Y 366 76.41 -37.92 20.40
C GLY Y 366 75.74 -36.64 19.95
N ASP Y 367 76.45 -35.51 20.03
CA ASP Y 367 75.90 -34.21 19.65
C ASP Y 367 76.13 -33.88 18.17
N GLY Y 368 75.16 -33.19 17.58
CA GLY Y 368 75.20 -32.75 16.19
C GLY Y 368 76.18 -31.64 15.88
N SER Y 369 76.89 -31.12 16.88
CA SER Y 369 77.90 -30.08 16.71
C SER Y 369 79.29 -30.65 16.49
N LYS Y 370 79.49 -31.92 16.77
CA LYS Y 370 80.77 -32.59 16.59
C LYS Y 370 81.08 -32.77 15.12
N LYS Y 371 82.35 -33.07 14.84
CA LYS Y 371 82.93 -32.87 13.51
C LYS Y 371 82.20 -33.63 12.39
N ASP Y 372 81.88 -34.90 12.58
CA ASP Y 372 81.25 -35.68 11.51
C ASP Y 372 79.84 -36.14 11.80
N CYS Y 373 79.25 -35.78 12.93
CA CYS Y 373 77.90 -36.23 13.26
C CYS Y 373 76.86 -35.52 12.40
N LYS Y 374 76.10 -36.30 11.63
CA LYS Y 374 75.00 -35.82 10.80
C LYS Y 374 73.76 -36.64 11.11
N GLN Y 375 72.59 -36.03 10.93
CA GLN Y 375 71.33 -36.61 11.39
C GLN Y 375 70.92 -37.86 10.63
N ASN Y 376 70.20 -38.81 11.34
CA ASN Y 376 69.69 -40.08 10.79
C ASN Y 376 68.18 -40.10 10.54
N PRO Y 377 67.70 -40.76 9.49
CA PRO Y 377 66.26 -40.84 9.25
C PRO Y 377 65.52 -41.67 10.30
N ILE Y 378 64.25 -41.33 10.48
CA ILE Y 378 63.34 -41.97 11.44
C ILE Y 378 62.48 -43.06 10.79
N PHE Y 379 61.52 -43.60 11.55
CA PHE Y 379 60.60 -44.64 11.09
C PHE Y 379 59.89 -44.27 9.79
N ASP Y 380 59.67 -45.26 8.94
CA ASP Y 380 59.05 -45.08 7.62
C ASP Y 380 57.77 -45.90 7.45
N PRO Y 381 56.59 -45.28 7.52
CA PRO Y 381 55.34 -46.05 7.63
C PRO Y 381 55.06 -46.96 6.47
N LEU Y 382 55.68 -46.72 5.34
CA LEU Y 382 55.51 -47.49 4.12
C LEU Y 382 56.28 -48.81 4.12
N GLN Y 383 57.12 -49.07 5.13
CA GLN Y 383 57.90 -50.30 5.20
C GLN Y 383 58.00 -50.83 6.62
N PRO Y 384 56.90 -51.45 7.12
CA PRO Y 384 56.83 -51.98 8.49
C PRO Y 384 57.74 -53.17 8.80
N ASP Y 385 58.60 -53.51 7.86
CA ASP Y 385 59.52 -54.63 8.03
C ASP Y 385 60.40 -54.48 9.28
N ASP Y 386 61.03 -53.32 9.46
CA ASP Y 386 61.86 -53.05 10.63
C ASP Y 386 61.45 -51.74 11.28
N PRO Y 387 60.83 -51.79 12.47
CA PRO Y 387 60.38 -50.57 13.13
C PRO Y 387 61.48 -49.61 13.55
N ARG Y 388 62.73 -50.06 13.63
CA ARG Y 388 63.79 -49.15 14.02
C ARG Y 388 64.55 -48.60 12.81
N ALA Y 389 64.23 -49.05 11.60
CA ALA Y 389 64.85 -48.60 10.37
C ALA Y 389 66.38 -48.72 10.31
N TRP Y 390 66.87 -49.94 10.41
CA TRP Y 390 68.31 -50.18 10.29
C TRP Y 390 68.81 -50.03 8.86
N ASN Y 391 67.97 -50.30 7.88
CA ASN Y 391 68.31 -50.23 6.47
C ASN Y 391 68.46 -48.81 5.92
N ALA Y 392 68.17 -47.77 6.70
CA ALA Y 392 68.28 -46.39 6.25
C ALA Y 392 69.37 -45.61 6.95
N VAL Y 393 70.16 -46.25 7.83
CA VAL Y 393 71.21 -45.57 8.57
C VAL Y 393 72.25 -44.95 7.65
N THR Y 394 72.69 -43.74 8.01
CA THR Y 394 73.73 -43.00 7.29
C THR Y 394 74.94 -42.64 8.14
N THR Y 395 74.79 -42.57 9.46
CA THR Y 395 75.86 -42.25 10.40
C THR Y 395 75.89 -43.27 11.52
N VAL Y 396 77.08 -43.79 11.84
CA VAL Y 396 77.26 -44.74 12.92
C VAL Y 396 77.94 -44.07 14.11
N VAL Y 397 77.44 -44.37 15.31
CA VAL Y 397 78.00 -43.84 16.55
C VAL Y 397 78.50 -45.00 17.41
N THR Y 398 79.77 -44.99 17.75
CA THR Y 398 80.41 -46.09 18.45
C THR Y 398 81.06 -45.65 19.75
N PRO Y 399 81.02 -46.44 20.84
CA PRO Y 399 80.45 -47.76 21.06
C PRO Y 399 78.93 -47.81 21.21
N SER Y 400 78.26 -46.67 21.06
CA SER Y 400 76.81 -46.61 21.21
C SER Y 400 76.07 -47.59 20.33
N TRP Y 401 76.68 -47.99 19.23
CA TRP Y 401 76.13 -48.92 18.25
C TRP Y 401 75.67 -50.28 18.81
N PHE Y 402 76.32 -50.80 19.86
CA PHE Y 402 76.03 -52.11 20.45
C PHE Y 402 74.84 -52.13 21.42
N HIS Y 403 73.64 -51.96 20.88
CA HIS Y 403 72.41 -51.88 21.68
C HIS Y 403 72.10 -53.11 22.55
N ASP Y 404 72.79 -54.24 22.39
CA ASP Y 404 72.55 -55.41 23.25
C ASP Y 404 73.30 -55.38 24.58
N TYR Y 405 74.31 -54.53 24.72
CA TYR Y 405 75.13 -54.46 25.93
C TYR Y 405 75.32 -53.04 26.44
N VAL Y 406 74.96 -52.01 25.67
CA VAL Y 406 75.14 -50.61 26.04
C VAL Y 406 73.80 -49.88 26.08
N LEU Y 407 73.64 -49.01 27.08
CA LEU Y 407 72.46 -48.16 27.23
C LEU Y 407 72.77 -46.77 26.68
N THR Y 408 72.06 -46.35 25.61
CA THR Y 408 72.28 -45.06 24.95
C THR Y 408 71.23 -44.02 25.35
N VAL Y 409 71.69 -42.83 25.73
CA VAL Y 409 70.84 -41.73 26.23
C VAL Y 409 70.74 -40.55 25.28
N GLY Y 410 69.50 -40.14 24.97
CA GLY Y 410 69.22 -38.97 24.15
C GLY Y 410 68.96 -37.76 25.06
N ALA Y 411 68.62 -36.61 24.46
CA ALA Y 411 68.43 -35.40 25.24
C ALA Y 411 67.06 -34.74 25.09
N VAL Y 412 66.61 -34.09 26.17
CA VAL Y 412 65.38 -33.32 26.25
C VAL Y 412 65.66 -32.02 27.01
N ASP Y 413 64.87 -30.98 26.73
CA ASP Y 413 65.08 -29.73 27.45
C ASP Y 413 64.56 -29.88 28.89
N ALA Y 414 64.69 -28.80 29.68
CA ALA Y 414 64.22 -28.84 31.06
C ALA Y 414 62.70 -28.98 31.18
N ASN Y 415 61.94 -28.75 30.11
CA ASN Y 415 60.49 -28.88 30.16
C ASN Y 415 60.01 -30.25 29.70
N GLY Y 416 60.84 -30.98 28.96
CA GLY Y 416 60.56 -32.32 28.50
C GLY Y 416 60.43 -32.48 26.99
N GLN Y 417 60.64 -31.44 26.21
CA GLN Y 417 60.55 -31.59 24.76
C GLN Y 417 61.90 -32.10 24.24
N PRO Y 418 61.92 -32.95 23.22
CA PRO Y 418 63.20 -33.42 22.70
C PRO Y 418 63.96 -32.30 22.01
N LEU Y 419 65.29 -32.34 22.14
CA LEU Y 419 66.17 -31.37 21.48
C LEU Y 419 66.49 -31.90 20.08
N SER Y 420 65.45 -31.80 19.25
CA SER Y 420 65.41 -32.29 17.87
C SER Y 420 66.56 -31.81 16.99
N LYS Y 421 67.06 -30.61 17.22
CA LYS Y 421 68.16 -30.03 16.46
C LYS Y 421 69.56 -30.38 16.94
N MET Y 422 69.74 -31.02 18.09
CA MET Y 422 71.08 -31.24 18.63
C MET Y 422 71.50 -32.68 18.93
N SER Y 423 70.60 -33.67 19.00
CA SER Y 423 70.97 -35.07 19.22
C SER Y 423 70.73 -35.93 17.97
N ILE Y 424 71.68 -36.83 17.71
CA ILE Y 424 71.57 -37.80 16.62
C ILE Y 424 70.57 -38.90 16.95
N ALA Y 425 69.55 -39.03 16.10
CA ALA Y 425 68.42 -39.95 16.27
C ALA Y 425 68.67 -41.35 15.72
N GLY Y 426 69.69 -42.04 16.20
CA GLY Y 426 69.95 -43.37 15.67
C GLY Y 426 68.94 -44.44 16.07
N PRO Y 427 69.11 -45.64 15.51
CA PRO Y 427 68.24 -46.78 15.83
C PRO Y 427 68.58 -47.49 17.14
N TRP Y 428 69.73 -47.22 17.72
CA TRP Y 428 70.21 -47.78 18.97
C TRP Y 428 69.76 -47.03 20.21
N VAL Y 429 69.28 -45.79 20.07
CA VAL Y 429 68.85 -44.98 21.21
C VAL Y 429 67.84 -45.73 22.05
N SER Y 430 68.01 -45.66 23.38
CA SER Y 430 67.15 -46.39 24.31
C SER Y 430 66.49 -45.57 25.41
N ILE Y 431 67.05 -44.44 25.86
CA ILE Y 431 66.41 -43.65 26.93
C ILE Y 431 66.84 -42.19 26.76
N SER Y 432 66.22 -41.28 27.52
CA SER Y 432 66.60 -39.86 27.49
C SER Y 432 66.51 -39.19 28.85
N ALA Y 433 67.23 -38.06 28.99
CA ALA Y 433 67.27 -37.31 30.24
C ALA Y 433 67.61 -35.86 29.93
N PRO Y 434 67.42 -34.95 30.89
CA PRO Y 434 67.70 -33.51 30.67
C PRO Y 434 69.08 -33.17 30.15
N GLY Y 435 69.24 -31.98 29.54
CA GLY Y 435 70.53 -31.57 29.01
C GLY Y 435 70.78 -30.08 28.87
N THR Y 436 70.08 -29.25 29.63
CA THR Y 436 70.21 -27.80 29.58
C THR Y 436 70.32 -27.21 30.98
N ASP Y 437 70.78 -25.96 31.05
CA ASP Y 437 70.99 -25.27 32.32
C ASP Y 437 71.99 -26.01 33.22
N VAL Y 438 73.02 -26.56 32.58
CA VAL Y 438 74.09 -27.27 33.27
C VAL Y 438 74.86 -26.35 34.22
N VAL Y 439 75.28 -26.93 35.34
CA VAL Y 439 76.08 -26.28 36.39
C VAL Y 439 77.06 -27.31 36.90
N GLY Y 440 78.21 -26.84 37.37
CA GLY Y 440 79.20 -27.77 37.89
C GLY Y 440 80.39 -27.06 38.51
N LEU Y 441 81.20 -27.84 39.22
CA LEU Y 441 82.40 -27.34 39.86
C LEU Y 441 83.40 -26.82 38.83
N SER Y 442 84.28 -25.92 39.27
CA SER Y 442 85.23 -25.32 38.34
C SER Y 442 86.60 -25.98 38.38
N PRO Y 443 87.16 -26.36 37.24
CA PRO Y 443 88.62 -26.47 37.13
C PRO Y 443 89.32 -25.15 37.45
N ARG Y 444 90.59 -25.23 37.83
CA ARG Y 444 91.43 -24.04 37.95
C ARG Y 444 90.88 -23.00 38.92
N ASP Y 445 89.95 -23.37 39.78
CA ASP Y 445 89.34 -22.43 40.71
C ASP Y 445 88.73 -23.24 41.84
N ASP Y 446 88.03 -22.57 42.74
CA ASP Y 446 87.39 -23.22 43.86
C ASP Y 446 86.00 -22.59 44.01
N GLY Y 447 85.14 -22.90 43.06
CA GLY Y 447 83.79 -22.36 43.01
C GLY Y 447 83.04 -22.97 41.84
N LEU Y 448 81.88 -22.41 41.51
CA LEU Y 448 81.07 -22.96 40.43
C LEU Y 448 81.25 -22.20 39.10
N ILE Y 449 80.79 -22.83 38.01
CA ILE Y 449 80.85 -22.26 36.67
C ILE Y 449 79.60 -22.55 35.84
N ASN Y 450 79.42 -21.78 34.77
CA ASN Y 450 78.33 -21.93 33.83
C ASN Y 450 78.73 -21.91 32.36
N ALA Y 451 79.90 -21.39 32.02
CA ALA Y 451 80.26 -21.30 30.61
C ALA Y 451 81.77 -21.45 30.46
N ILE Y 452 82.19 -21.59 29.21
CA ILE Y 452 83.59 -21.77 28.84
C ILE Y 452 83.92 -20.75 27.75
N ASP Y 453 85.17 -20.28 27.74
CA ASP Y 453 85.62 -19.38 26.68
C ASP Y 453 85.67 -20.06 25.33
N GLY Y 454 84.97 -19.48 24.35
CA GLY Y 454 84.95 -19.98 22.99
C GLY Y 454 86.17 -19.56 22.19
N PRO Y 455 86.12 -19.80 20.88
CA PRO Y 455 87.24 -19.40 20.02
C PRO Y 455 87.44 -17.89 19.98
N ASP Y 456 86.34 -17.15 20.06
CA ASP Y 456 86.34 -15.71 20.15
C ASP Y 456 86.57 -15.30 21.60
N ASN Y 457 86.30 -14.02 21.90
CA ASN Y 457 86.07 -13.57 23.27
C ASN Y 457 84.73 -14.04 23.81
N SER Y 458 83.90 -14.65 22.96
CA SER Y 458 82.56 -15.11 23.30
C SER Y 458 82.57 -16.16 24.40
N LEU Y 459 81.70 -15.97 25.40
CA LEU Y 459 81.54 -16.88 26.53
C LEU Y 459 80.41 -17.86 26.20
N LEU Y 460 80.80 -19.04 25.71
CA LEU Y 460 79.95 -20.12 25.22
C LEU Y 460 79.38 -21.00 26.36
N VAL Y 461 78.08 -21.29 26.31
CA VAL Y 461 77.38 -22.10 27.32
C VAL Y 461 77.23 -23.56 26.90
N PRO Y 462 77.65 -24.52 27.74
CA PRO Y 462 77.54 -25.95 27.41
C PRO Y 462 76.14 -26.54 27.53
N ALA Y 463 75.86 -27.48 26.64
CA ALA Y 463 74.60 -28.23 26.58
C ALA Y 463 74.83 -29.46 25.72
N GLY Y 464 73.93 -30.45 25.85
CA GLY Y 464 74.03 -31.65 25.05
C GLY Y 464 74.00 -32.95 25.82
N THR Y 465 74.06 -34.04 25.05
CA THR Y 465 73.98 -35.43 25.50
C THR Y 465 75.08 -35.88 26.43
N SER Y 466 76.25 -35.25 26.40
CA SER Y 466 77.29 -35.63 27.34
C SER Y 466 76.88 -35.39 28.77
N PHE Y 467 75.96 -34.47 29.01
CA PHE Y 467 75.42 -34.17 30.32
C PHE Y 467 74.18 -35.02 30.66
N SER Y 468 73.37 -35.38 29.66
CA SER Y 468 72.22 -36.26 29.86
C SER Y 468 72.69 -37.66 30.26
N ALA Y 469 73.78 -38.13 29.68
CA ALA Y 469 74.39 -39.41 30.03
C ALA Y 469 74.91 -39.40 31.45
N ALA Y 470 75.31 -38.24 31.95
CA ALA Y 470 75.78 -38.07 33.32
C ALA Y 470 74.63 -38.24 34.31
N ILE Y 471 73.47 -37.68 34.01
CA ILE Y 471 72.29 -37.85 34.87
C ILE Y 471 71.93 -39.32 35.04
N VAL Y 472 71.88 -40.08 33.94
CA VAL Y 472 71.53 -41.50 34.01
C VAL Y 472 72.59 -42.32 34.76
N SER Y 473 73.85 -41.91 34.71
CA SER Y 473 74.87 -42.63 35.48
C SER Y 473 74.62 -42.51 36.97
N GLY Y 474 74.04 -41.39 37.39
CA GLY Y 474 73.68 -41.20 38.79
C GLY Y 474 72.47 -42.04 39.19
N VAL Y 475 71.44 -42.06 38.35
CA VAL Y 475 70.24 -42.86 38.61
C VAL Y 475 70.57 -44.35 38.60
N ALA Y 476 71.41 -44.79 37.67
CA ALA Y 476 71.82 -46.20 37.63
C ALA Y 476 72.59 -46.61 38.89
N ALA Y 477 73.38 -45.70 39.46
CA ALA Y 477 74.12 -45.98 40.69
C ALA Y 477 73.21 -46.15 41.89
N LEU Y 478 72.21 -45.29 42.05
CA LEU Y 478 71.25 -45.44 43.15
C LEU Y 478 70.45 -46.72 43.05
N VAL Y 479 69.93 -47.04 41.87
CA VAL Y 479 69.14 -48.26 41.72
C VAL Y 479 69.94 -49.51 42.04
N ARG Y 480 71.14 -49.67 41.52
CA ARG Y 480 71.83 -50.90 41.91
C ARG Y 480 72.57 -50.79 43.23
N ALA Y 481 72.22 -49.82 44.07
CA ALA Y 481 72.53 -49.83 45.50
C ALA Y 481 71.39 -50.39 46.34
N LYS Y 482 70.15 -50.23 45.87
CA LYS Y 482 68.94 -50.73 46.51
C LYS Y 482 68.57 -52.16 46.13
N PHE Y 483 68.89 -52.62 44.92
CA PHE Y 483 68.62 -53.99 44.48
C PHE Y 483 69.92 -54.72 44.15
N PRO Y 484 70.81 -54.85 45.13
CA PRO Y 484 72.13 -55.46 44.90
C PRO Y 484 72.13 -56.89 44.38
N GLU Y 485 71.01 -57.60 44.39
CA GLU Y 485 71.01 -58.97 43.89
C GLU Y 485 70.88 -59.07 42.37
N LEU Y 486 70.36 -58.05 41.70
CA LEU Y 486 70.13 -58.07 40.25
C LEU Y 486 71.39 -57.86 39.40
N SER Y 487 71.44 -58.55 38.26
CA SER Y 487 72.49 -58.46 37.27
C SER Y 487 72.29 -57.23 36.38
N ALA Y 488 73.36 -56.88 35.65
CA ALA Y 488 73.35 -55.71 34.77
C ALA Y 488 72.16 -55.67 33.80
N TYR Y 489 71.91 -56.76 33.10
CA TYR Y 489 70.79 -56.79 32.16
C TYR Y 489 69.43 -56.52 32.83
N GLN Y 490 69.24 -56.95 34.07
CA GLN Y 490 67.99 -56.71 34.79
C GLN Y 490 67.84 -55.27 35.27
N ILE Y 491 68.94 -54.63 35.67
CA ILE Y 491 68.90 -53.22 36.08
C ILE Y 491 68.49 -52.33 34.91
N ILE Y 492 68.97 -52.65 33.72
CA ILE Y 492 68.61 -51.89 32.50
C ILE Y 492 67.11 -52.02 32.20
N ASN Y 493 66.55 -53.23 32.31
CA ASN Y 493 65.11 -53.42 32.07
C ASN Y 493 64.27 -52.69 33.10
N ARG Y 494 64.79 -52.49 34.31
CA ARG Y 494 64.08 -51.75 35.34
C ARG Y 494 63.95 -50.26 35.01
N LEU Y 495 64.98 -49.67 34.39
CA LEU Y 495 64.94 -48.26 33.97
C LEU Y 495 64.04 -48.04 32.75
N ILE Y 496 64.13 -48.93 31.76
CA ILE Y 496 63.34 -48.87 30.53
C ILE Y 496 61.84 -48.97 30.81
N HIS Y 497 61.39 -50.00 31.53
CA HIS Y 497 59.96 -50.18 31.79
C HIS Y 497 59.32 -49.09 32.63
N THR Y 498 60.06 -48.40 33.48
CA THR Y 498 59.47 -47.35 34.29
C THR Y 498 59.53 -45.97 33.65
N ALA Y 499 60.19 -45.84 32.50
CA ALA Y 499 60.27 -44.56 31.80
C ALA Y 499 58.91 -44.14 31.25
N ARG Y 500 58.80 -42.83 30.99
CA ARG Y 500 57.59 -42.16 30.52
C ARG Y 500 57.62 -41.91 29.01
N PRO Y 501 56.71 -42.48 28.22
CA PRO Y 501 57.00 -42.78 26.81
C PRO Y 501 56.48 -41.75 25.83
N PRO Y 502 57.01 -41.73 24.61
CA PRO Y 502 56.55 -40.84 23.56
C PRO Y 502 55.35 -41.42 22.80
N ALA Y 503 54.74 -40.57 21.97
CA ALA Y 503 53.51 -40.90 21.26
C ALA Y 503 53.60 -42.10 20.31
N ARG Y 504 54.77 -42.69 20.09
CA ARG Y 504 54.90 -43.86 19.22
C ARG Y 504 55.30 -45.11 19.98
N GLY Y 505 55.43 -45.03 21.29
CA GLY Y 505 55.87 -46.14 22.13
C GLY Y 505 57.38 -46.32 22.11
N VAL Y 506 57.97 -46.37 20.93
CA VAL Y 506 59.42 -46.45 20.77
C VAL Y 506 59.78 -45.54 19.62
N ASP Y 507 60.73 -44.63 19.83
CA ASP Y 507 61.05 -43.69 18.78
C ASP Y 507 62.53 -43.38 18.78
N ASN Y 508 63.14 -43.39 17.59
CA ASN Y 508 64.57 -43.15 17.45
C ASN Y 508 65.05 -41.87 18.09
N GLN Y 509 64.19 -40.88 18.25
CA GLN Y 509 64.61 -39.62 18.85
C GLN Y 509 64.81 -39.67 20.36
N VAL Y 510 64.10 -40.55 21.09
CA VAL Y 510 64.22 -40.59 22.55
C VAL Y 510 64.23 -42.01 23.12
N GLY Y 511 64.13 -43.01 22.27
CA GLY Y 511 64.12 -44.37 22.77
C GLY Y 511 62.80 -44.71 23.45
N TYR Y 512 62.84 -45.34 24.62
CA TYR Y 512 61.60 -45.65 25.31
C TYR Y 512 60.94 -44.48 26.03
N GLY Y 513 61.66 -43.42 26.35
CA GLY Y 513 61.03 -42.28 27.02
C GLY Y 513 62.01 -41.53 27.91
N VAL Y 514 61.44 -40.77 28.84
CA VAL Y 514 62.21 -39.99 29.81
C VAL Y 514 62.42 -40.78 31.10
N VAL Y 515 63.65 -40.76 31.61
CA VAL Y 515 63.98 -41.48 32.84
C VAL Y 515 63.12 -40.99 34.00
N ASP Y 516 62.86 -41.88 34.96
CA ASP Y 516 62.03 -41.57 36.13
C ASP Y 516 62.60 -42.22 37.40
N PRO Y 517 63.39 -41.48 38.21
CA PRO Y 517 64.07 -42.06 39.38
C PRO Y 517 63.25 -42.80 40.45
N VAL Y 518 62.27 -42.14 41.06
CA VAL Y 518 61.46 -42.74 42.13
C VAL Y 518 60.72 -43.98 41.64
N ALA Y 519 60.26 -43.96 40.40
CA ALA Y 519 59.58 -45.13 39.83
C ALA Y 519 60.53 -46.30 39.67
N ALA Y 520 61.77 -46.04 39.28
CA ALA Y 520 62.75 -47.09 39.13
C ALA Y 520 63.10 -47.72 40.48
N LEU Y 521 63.06 -46.95 41.55
CA LEU Y 521 63.34 -47.42 42.90
C LEU Y 521 62.18 -48.07 43.63
N THR Y 522 60.94 -48.05 43.13
CA THR Y 522 59.84 -48.60 43.92
C THR Y 522 58.82 -49.46 43.18
N TRP Y 523 58.65 -49.38 41.86
CA TRP Y 523 57.64 -50.21 41.24
C TRP Y 523 58.09 -51.68 41.11
N ASP Y 524 57.09 -52.55 40.99
CA ASP Y 524 57.26 -54.00 40.83
C ASP Y 524 57.38 -54.42 39.36
N VAL Y 525 58.52 -54.15 38.75
CA VAL Y 525 58.76 -54.49 37.34
C VAL Y 525 58.94 -56.00 37.16
N PRO Y 526 58.30 -56.60 36.14
CA PRO Y 526 58.47 -58.03 35.87
C PRO Y 526 59.92 -58.38 35.55
N LYS Y 527 60.40 -59.51 36.08
CA LYS Y 527 61.81 -59.84 35.84
C LYS Y 527 62.12 -60.30 34.41
N GLY Y 528 61.14 -60.71 33.61
CA GLY Y 528 61.43 -61.10 32.25
C GLY Y 528 61.36 -59.97 31.24
N PRO Y 529 62.06 -60.11 30.11
CA PRO Y 529 61.99 -59.09 29.06
C PRO Y 529 60.61 -59.01 28.41
N ALA Y 530 60.34 -57.86 27.79
CA ALA Y 530 59.06 -57.62 27.12
C ALA Y 530 58.64 -58.74 26.16
N GLU Y 531 57.38 -59.16 26.26
CA GLU Y 531 56.79 -60.23 25.45
C GLU Y 531 55.41 -59.83 24.92
N PRO Y 532 55.11 -60.08 23.63
CA PRO Y 532 53.80 -59.71 23.07
C PRO Y 532 52.70 -60.73 23.37
N PRO Y 533 51.44 -60.30 23.34
CA PRO Y 533 50.30 -61.22 23.59
C PRO Y 533 50.11 -62.27 22.50
N LYS Y 534 49.58 -63.43 22.92
CA LYS Y 534 49.34 -64.53 21.98
C LYS Y 534 48.30 -64.18 20.91
N GLN Y 535 47.13 -63.69 21.32
CA GLN Y 535 46.07 -63.29 20.39
C GLN Y 535 45.23 -62.20 21.04
N LEU Y 536 44.71 -61.28 20.22
CA LEU Y 536 43.96 -60.14 20.71
C LEU Y 536 42.43 -60.27 20.77
N SER Y 537 41.80 -61.14 19.98
CA SER Y 537 40.33 -61.26 19.97
C SER Y 537 39.71 -62.11 21.09
N ALA Y 538 38.45 -61.94 21.36
CA ALA Y 538 37.55 -62.57 22.27
C ALA Y 538 36.16 -62.73 21.71
N PRO Y 539 35.42 -63.80 22.04
CA PRO Y 539 34.05 -63.96 21.57
C PRO Y 539 33.02 -63.03 22.16
N LEU Y 540 32.02 -62.62 21.44
CA LEU Y 540 30.92 -61.79 21.78
C LEU Y 540 29.78 -62.53 22.46
N VAL Y 541 29.40 -62.18 23.69
CA VAL Y 541 28.33 -62.80 24.45
C VAL Y 541 26.96 -62.29 24.05
N VAL Y 542 26.37 -62.82 23.02
CA VAL Y 542 25.06 -62.54 22.53
C VAL Y 542 23.99 -63.01 23.50
N PRO Y 543 22.97 -62.22 23.85
CA PRO Y 543 21.89 -62.64 24.72
C PRO Y 543 20.99 -63.74 24.22
N GLN Y 544 20.39 -64.53 25.11
CA GLN Y 544 19.47 -65.58 24.72
C GLN Y 544 18.17 -64.97 24.17
N PRO Y 545 17.71 -65.34 22.97
CA PRO Y 545 16.50 -64.82 22.38
C PRO Y 545 15.22 -65.12 23.10
N PRO Y 546 14.23 -64.22 23.12
CA PRO Y 546 12.94 -64.46 23.73
C PRO Y 546 12.02 -65.41 23.00
N ALA Y 547 11.19 -66.17 23.65
CA ALA Y 547 10.19 -67.05 23.15
C ALA Y 547 9.04 -66.36 22.45
N PRO Y 548 8.54 -66.86 21.31
CA PRO Y 548 7.37 -66.31 20.64
C PRO Y 548 6.07 -66.46 21.38
N ARG Y 549 5.11 -65.55 21.12
CA ARG Y 549 3.79 -65.63 21.76
C ARG Y 549 3.00 -66.86 21.32
N ASP Y 550 2.19 -67.41 22.23
CA ASP Y 550 1.30 -68.52 21.88
C ASP Y 550 0.20 -68.02 20.95
N MET Y 551 0.06 -68.62 19.77
CA MET Y 551 -1.00 -68.20 18.85
C MET Y 551 -2.38 -68.75 19.20
N VAL Y 552 -2.45 -69.88 19.92
CA VAL Y 552 -3.76 -70.46 20.27
C VAL Y 552 -4.69 -69.54 21.04
N PRO Y 553 -4.25 -68.82 22.08
CA PRO Y 553 -5.20 -67.90 22.75
C PRO Y 553 -5.64 -66.76 21.85
N ILE Y 554 -4.74 -66.27 21.01
CA ILE Y 554 -5.03 -65.18 20.08
C ILE Y 554 -6.07 -65.62 19.04
N TRP Y 555 -5.87 -66.78 18.41
CA TRP Y 555 -6.83 -67.30 17.43
C TRP Y 555 -8.17 -67.66 18.05
N VAL Y 556 -8.19 -68.17 19.28
CA VAL Y 556 -9.46 -68.46 19.95
C VAL Y 556 -10.25 -67.17 20.17
N ALA Y 557 -9.60 -66.13 20.67
CA ALA Y 557 -10.24 -64.84 20.91
C ALA Y 557 -10.65 -64.16 19.60
N ALA Y 558 -9.75 -64.12 18.63
CA ALA Y 558 -10.03 -63.53 17.33
C ALA Y 558 -11.14 -64.30 16.61
N GLY Y 559 -11.10 -65.62 16.70
CA GLY Y 559 -12.11 -66.47 16.09
C GLY Y 559 -13.45 -66.41 16.83
N GLY Y 560 -13.41 -66.50 18.15
CA GLY Y 560 -14.62 -66.41 18.96
C GLY Y 560 -15.35 -65.08 18.85
N LEU Y 561 -14.60 -63.98 18.77
CA LEU Y 561 -15.21 -62.67 18.59
C LEU Y 561 -15.92 -62.59 17.24
N ALA Y 562 -15.29 -63.07 16.19
CA ALA Y 562 -15.91 -63.09 14.87
C ALA Y 562 -17.18 -63.92 14.91
N GLY Y 563 -17.15 -65.04 15.62
CA GLY Y 563 -18.32 -65.89 15.79
C GLY Y 563 -19.47 -65.20 16.49
N ALA Y 564 -19.19 -64.55 17.62
CA ALA Y 564 -20.21 -63.84 18.39
C ALA Y 564 -20.88 -62.73 17.58
N LEU Y 565 -20.10 -61.94 16.85
CA LEU Y 565 -20.68 -60.87 16.02
C LEU Y 565 -21.52 -61.45 14.88
N LEU Y 566 -21.09 -62.57 14.29
CA LEU Y 566 -21.86 -63.22 13.23
C LEU Y 566 -23.17 -63.80 13.79
N ILE Y 567 -23.14 -64.34 15.01
CA ILE Y 567 -24.33 -64.89 15.65
C ILE Y 567 -25.34 -63.77 15.98
N GLY Y 568 -24.87 -62.70 16.61
CA GLY Y 568 -25.73 -61.58 16.96
C GLY Y 568 -26.32 -60.88 15.74
N GLY Y 569 -25.51 -60.63 14.73
CA GLY Y 569 -25.98 -60.01 13.50
C GLY Y 569 -27.05 -60.84 12.79
N ALA Y 570 -26.89 -62.15 12.79
CA ALA Y 570 -27.85 -63.05 12.14
C ALA Y 570 -29.26 -62.93 12.73
N VAL Y 571 -29.41 -63.03 14.05
CA VAL Y 571 -30.73 -62.93 14.67
C VAL Y 571 -31.33 -61.53 14.49
N PHE Y 572 -30.50 -60.50 14.33
CA PHE Y 572 -31.02 -59.16 14.05
C PHE Y 572 -31.56 -59.04 12.64
N GLY Y 573 -30.82 -59.56 11.65
CA GLY Y 573 -31.26 -59.48 10.25
C GLY Y 573 -32.57 -60.20 9.96
N THR Y 574 -32.70 -61.47 10.38
CA THR Y 574 -33.93 -62.21 10.11
C THR Y 574 -35.15 -61.59 10.75
N ALA Y 575 -35.00 -60.94 11.91
CA ALA Y 575 -36.15 -60.30 12.54
C ALA Y 575 -36.79 -59.23 11.66
N THR Y 576 -36.04 -58.66 10.70
CA THR Y 576 -36.64 -57.67 9.82
C THR Y 576 -37.68 -58.28 8.90
N LEU Y 577 -37.60 -59.59 8.63
CA LEU Y 577 -38.51 -60.27 7.72
C LEU Y 577 -39.88 -60.47 8.37
N ILE Z 40 86.34 -3.15 -21.35
CA ILE Z 40 87.57 -3.87 -21.76
C ILE Z 40 87.50 -4.13 -23.26
N SER Z 41 88.59 -3.86 -23.97
CA SER Z 41 88.62 -4.07 -25.41
C SER Z 41 88.79 -5.56 -25.76
N PRO Z 42 88.11 -6.02 -26.81
CA PRO Z 42 88.25 -7.41 -27.22
C PRO Z 42 89.70 -7.77 -27.50
N PRO Z 43 90.05 -9.04 -27.34
CA PRO Z 43 91.43 -9.50 -27.55
C PRO Z 43 92.03 -9.19 -28.91
N THR Z 44 93.37 -9.13 -28.94
CA THR Z 44 94.19 -8.87 -30.10
C THR Z 44 95.32 -9.89 -30.09
N ILE Z 45 95.86 -10.23 -31.26
CA ILE Z 45 96.90 -11.26 -31.33
C ILE Z 45 98.10 -10.85 -32.18
N ASP Z 46 99.28 -11.27 -31.70
CA ASP Z 46 100.59 -11.11 -32.34
C ASP Z 46 101.15 -12.51 -32.53
N PRO Z 47 101.06 -13.10 -33.73
CA PRO Z 47 101.50 -14.48 -33.93
C PRO Z 47 102.99 -14.74 -33.75
N GLY Z 48 103.83 -13.72 -33.64
CA GLY Z 48 105.26 -13.92 -33.42
C GLY Z 48 105.64 -14.48 -32.05
N ALA Z 49 104.73 -14.46 -31.09
CA ALA Z 49 104.97 -14.93 -29.72
C ALA Z 49 104.78 -16.45 -29.52
N LEU Z 50 104.61 -17.27 -30.55
CA LEU Z 50 104.42 -18.70 -30.33
C LEU Z 50 105.53 -19.29 -29.47
N PRO Z 51 105.18 -20.12 -28.47
CA PRO Z 51 106.21 -20.77 -27.68
C PRO Z 51 106.89 -21.87 -28.46
N PRO Z 52 108.18 -22.10 -28.23
CA PRO Z 52 108.87 -23.16 -28.94
C PRO Z 52 108.37 -24.52 -28.49
N ASP Z 53 108.36 -25.47 -29.42
CA ASP Z 53 107.90 -26.82 -29.11
C ASP Z 53 108.92 -27.57 -28.26
N GLY Z 54 108.43 -28.56 -27.51
CA GLY Z 54 109.27 -29.36 -26.64
C GLY Z 54 108.48 -30.30 -25.78
N PRO Z 55 109.14 -31.30 -25.19
CA PRO Z 55 108.46 -32.27 -24.34
C PRO Z 55 107.87 -31.64 -23.10
N PRO Z 56 106.70 -32.10 -22.66
CA PRO Z 56 106.06 -31.55 -21.46
C PRO Z 56 106.86 -31.71 -20.18
N GLY Z 57 106.86 -30.64 -19.39
CA GLY Z 57 107.56 -30.59 -18.12
C GLY Z 57 107.28 -29.26 -17.45
N PRO Z 58 107.20 -29.26 -16.12
CA PRO Z 58 106.89 -28.03 -15.40
C PRO Z 58 107.96 -26.96 -15.53
N LEU Z 59 107.58 -25.73 -15.17
CA LEU Z 59 108.52 -24.63 -15.20
C LEU Z 59 109.46 -24.66 -14.01
N ALA Z 60 109.07 -25.32 -12.93
CA ALA Z 60 109.89 -25.47 -11.73
C ALA Z 60 109.45 -26.73 -11.01
N PRO Z 61 110.33 -27.32 -10.19
CA PRO Z 61 109.99 -28.58 -9.54
C PRO Z 61 108.80 -28.47 -8.59
N MET Z 62 107.95 -29.50 -8.60
CA MET Z 62 106.76 -29.57 -7.77
C MET Z 62 106.68 -30.89 -7.02
N LYS Z 63 105.93 -30.88 -5.91
CA LYS Z 63 105.72 -32.05 -5.08
C LYS Z 63 104.24 -32.17 -4.73
N GLN Z 64 103.78 -33.40 -4.50
CA GLN Z 64 102.40 -33.62 -4.09
C GLN Z 64 102.16 -33.22 -2.64
N ASN Z 65 101.08 -32.47 -2.39
CA ASN Z 65 100.75 -32.02 -1.04
C ASN Z 65 99.53 -32.67 -0.39
N ALA Z 66 98.63 -33.28 -1.15
CA ALA Z 66 97.39 -33.82 -0.59
C ALA Z 66 97.06 -35.18 -1.19
N TYR Z 67 96.23 -35.93 -0.47
CA TYR Z 67 95.79 -37.25 -0.91
C TYR Z 67 94.70 -37.16 -1.98
N CYS Z 68 94.64 -38.18 -2.83
CA CYS Z 68 93.67 -38.18 -3.93
C CYS Z 68 92.23 -38.35 -3.45
N THR Z 69 91.32 -37.72 -4.20
CA THR Z 69 89.92 -37.64 -3.85
C THR Z 69 89.19 -38.98 -4.00
N GLU Z 70 88.44 -39.39 -2.98
CA GLU Z 70 87.58 -40.58 -3.03
C GLU Z 70 86.23 -40.30 -3.70
N VAL Z 71 85.56 -41.37 -4.15
CA VAL Z 71 84.39 -41.31 -5.03
C VAL Z 71 83.33 -42.32 -4.56
N GLY Z 72 82.09 -42.14 -5.04
CA GLY Z 72 81.03 -43.05 -4.65
C GLY Z 72 79.74 -42.86 -5.43
N VAL Z 73 78.68 -43.54 -4.98
CA VAL Z 73 77.34 -43.48 -5.59
C VAL Z 73 76.31 -42.94 -4.60
N LEU Z 74 75.40 -42.09 -5.09
CA LEU Z 74 74.36 -41.56 -4.23
C LEU Z 74 73.37 -42.66 -3.87
N PRO Z 75 72.78 -42.60 -2.68
CA PRO Z 75 71.82 -43.64 -2.27
C PRO Z 75 70.60 -43.79 -3.16
N GLY Z 76 70.33 -45.05 -3.55
CA GLY Z 76 69.18 -45.41 -4.37
C GLY Z 76 69.28 -45.30 -5.88
N THR Z 77 70.45 -45.06 -6.45
CA THR Z 77 70.55 -44.97 -7.90
C THR Z 77 70.47 -46.34 -8.56
N ASP Z 78 69.94 -46.37 -9.78
CA ASP Z 78 69.79 -47.60 -10.55
C ASP Z 78 70.34 -47.34 -11.95
N PHE Z 79 71.56 -47.79 -12.20
CA PHE Z 79 72.27 -47.60 -13.46
C PHE Z 79 71.68 -48.34 -14.66
N GLN Z 80 70.56 -49.02 -14.52
CA GLN Z 80 69.92 -49.68 -15.65
C GLN Z 80 69.02 -48.74 -16.44
N LEU Z 81 68.71 -47.58 -15.89
CA LEU Z 81 67.92 -46.55 -16.56
C LEU Z 81 68.87 -45.54 -17.21
N GLN Z 82 68.46 -45.00 -18.35
CA GLN Z 82 69.29 -43.99 -19.02
C GLN Z 82 69.40 -42.71 -18.20
N PRO Z 83 70.54 -42.01 -18.31
CA PRO Z 83 70.69 -40.73 -17.64
C PRO Z 83 69.67 -39.73 -18.16
N LYS Z 84 69.14 -38.88 -17.29
CA LYS Z 84 68.11 -37.94 -17.72
C LYS Z 84 68.59 -36.98 -18.80
N TYR Z 85 69.88 -36.64 -18.83
CA TYR Z 85 70.37 -35.71 -19.86
C TYR Z 85 70.34 -36.25 -21.29
N MET Z 86 70.34 -37.56 -21.49
CA MET Z 86 70.34 -38.14 -22.84
C MET Z 86 69.02 -37.99 -23.59
N GLU Z 87 67.93 -37.63 -22.93
CA GLU Z 87 66.66 -37.48 -23.63
C GLU Z 87 66.65 -36.27 -24.55
N MET Z 88 67.33 -35.19 -24.17
CA MET Z 88 67.40 -34.00 -25.01
C MET Z 88 68.22 -34.25 -26.28
N LEU Z 89 69.24 -35.08 -26.21
CA LEU Z 89 70.13 -35.31 -27.34
C LEU Z 89 69.57 -36.27 -28.40
N ASN Z 90 68.64 -37.14 -28.06
CA ASN Z 90 68.06 -38.09 -29.02
C ASN Z 90 69.11 -38.90 -29.79
N LEU Z 91 70.05 -39.46 -29.03
CA LEU Z 91 71.20 -40.21 -29.55
C LEU Z 91 70.85 -41.42 -30.43
N ASN Z 92 69.76 -42.12 -30.12
CA ASN Z 92 69.32 -43.29 -30.90
C ASN Z 92 69.09 -42.99 -32.38
N GLU Z 93 68.75 -41.77 -32.71
CA GLU Z 93 68.53 -41.33 -34.08
C GLU Z 93 69.77 -40.69 -34.68
N ALA Z 94 70.59 -40.03 -33.88
CA ALA Z 94 71.83 -39.41 -34.34
C ALA Z 94 72.87 -40.44 -34.74
N TRP Z 95 72.90 -41.61 -34.09
CA TRP Z 95 73.87 -42.67 -34.39
C TRP Z 95 73.63 -43.40 -35.71
N GLN Z 96 72.53 -43.15 -36.41
CA GLN Z 96 72.30 -43.84 -37.68
C GLN Z 96 73.45 -43.59 -38.67
N PHE Z 97 73.96 -42.37 -38.72
CA PHE Z 97 75.01 -42.06 -39.67
C PHE Z 97 76.38 -42.55 -39.22
N GLY Z 98 76.50 -43.02 -37.98
CA GLY Z 98 77.77 -43.50 -37.47
C GLY Z 98 78.05 -43.10 -36.05
N ARG Z 99 79.11 -43.67 -35.49
CA ARG Z 99 79.54 -43.40 -34.14
C ARG Z 99 80.80 -42.53 -34.04
N GLY Z 100 81.19 -41.86 -35.11
CA GLY Z 100 82.38 -41.03 -35.06
C GLY Z 100 83.70 -41.76 -35.16
N ASP Z 101 83.76 -42.81 -35.97
CA ASP Z 101 84.98 -43.60 -36.14
C ASP Z 101 86.11 -42.81 -36.80
N GLY Z 102 87.32 -42.94 -36.25
CA GLY Z 102 88.49 -42.28 -36.80
C GLY Z 102 88.77 -40.85 -36.42
N VAL Z 103 88.16 -40.33 -35.36
CA VAL Z 103 88.32 -38.94 -34.91
C VAL Z 103 89.18 -38.92 -33.65
N LYS Z 104 90.20 -38.05 -33.64
CA LYS Z 104 91.08 -37.88 -32.48
C LYS Z 104 90.67 -36.64 -31.71
N VAL Z 105 90.33 -36.82 -30.43
CA VAL Z 105 89.90 -35.77 -29.52
C VAL Z 105 90.92 -35.61 -28.41
N ALA Z 106 91.40 -34.38 -28.21
CA ALA Z 106 92.38 -34.09 -27.17
C ALA Z 106 91.68 -33.57 -25.92
N VAL Z 107 91.96 -34.20 -24.78
CA VAL Z 107 91.40 -33.85 -23.47
C VAL Z 107 92.48 -33.22 -22.60
N ILE Z 108 92.62 -31.90 -22.67
CA ILE Z 108 93.59 -31.16 -21.87
C ILE Z 108 92.97 -30.89 -20.50
N ASP Z 109 93.35 -31.65 -19.48
CA ASP Z 109 92.71 -31.50 -18.18
C ASP Z 109 93.58 -32.01 -17.04
N THR Z 110 92.98 -32.64 -16.02
CA THR Z 110 93.69 -33.28 -14.92
C THR Z 110 94.12 -34.73 -15.21
N GLY Z 111 94.21 -35.13 -16.47
CA GLY Z 111 94.58 -36.47 -16.89
C GLY Z 111 93.45 -37.47 -16.85
N VAL Z 112 93.77 -38.72 -17.24
CA VAL Z 112 92.79 -39.80 -17.27
C VAL Z 112 93.37 -41.10 -16.75
N THR Z 113 92.55 -41.89 -16.01
CA THR Z 113 92.94 -43.22 -15.54
C THR Z 113 92.31 -44.30 -16.43
N PRO Z 114 93.08 -45.24 -16.98
CA PRO Z 114 92.50 -46.27 -17.86
C PRO Z 114 91.44 -47.14 -17.18
N HIS Z 115 90.49 -47.60 -18.00
CA HIS Z 115 89.38 -48.44 -17.55
C HIS Z 115 88.98 -49.33 -18.73
N PRO Z 116 88.50 -50.55 -18.46
CA PRO Z 116 88.11 -51.45 -19.56
C PRO Z 116 87.05 -50.93 -20.53
N ARG Z 117 86.38 -49.82 -20.28
CA ARG Z 117 85.38 -49.26 -21.18
C ARG Z 117 85.95 -48.16 -22.06
N LEU Z 118 87.26 -47.88 -21.93
CA LEU Z 118 87.97 -46.90 -22.74
C LEU Z 118 89.13 -47.59 -23.45
N PRO Z 119 88.84 -48.32 -24.53
CA PRO Z 119 89.86 -49.07 -25.26
C PRO Z 119 90.70 -48.28 -26.23
N ARG Z 120 90.53 -46.97 -26.34
CA ARG Z 120 91.23 -46.15 -27.34
C ARG Z 120 91.80 -44.88 -26.70
N LEU Z 121 92.57 -45.05 -25.62
CA LEU Z 121 93.21 -43.97 -24.87
C LEU Z 121 94.71 -43.93 -25.14
N ILE Z 122 95.23 -42.73 -25.35
CA ILE Z 122 96.64 -42.48 -25.66
C ILE Z 122 97.30 -41.48 -24.69
N PRO Z 123 98.43 -41.81 -24.09
CA PRO Z 123 99.16 -40.89 -23.19
C PRO Z 123 99.94 -39.81 -23.93
N GLY Z 124 99.55 -38.55 -23.73
CA GLY Z 124 100.18 -37.41 -24.38
C GLY Z 124 101.28 -36.67 -23.63
N GLY Z 125 101.20 -36.50 -22.32
CA GLY Z 125 102.24 -35.79 -21.60
C GLY Z 125 101.76 -35.22 -20.29
N ASP Z 126 102.71 -34.70 -19.52
CA ASP Z 126 102.44 -34.13 -18.20
C ASP Z 126 103.19 -32.83 -17.93
N TYR Z 127 102.47 -31.81 -17.45
CA TYR Z 127 103.06 -30.52 -17.13
C TYR Z 127 103.10 -30.24 -15.63
N VAL Z 128 102.54 -31.11 -14.81
CA VAL Z 128 102.51 -30.96 -13.36
C VAL Z 128 103.66 -31.69 -12.69
N MET Z 129 103.99 -32.88 -13.18
CA MET Z 129 105.09 -33.68 -12.68
C MET Z 129 105.99 -34.03 -13.85
N ALA Z 130 107.30 -33.87 -13.63
CA ALA Z 130 108.29 -34.13 -14.68
C ALA Z 130 108.31 -35.58 -15.13
N GLY Z 131 108.03 -36.53 -14.25
CA GLY Z 131 108.04 -37.93 -14.62
C GLY Z 131 106.74 -38.51 -15.14
N GLY Z 132 105.68 -37.71 -15.21
CA GLY Z 132 104.38 -38.20 -15.65
C GLY Z 132 104.19 -38.18 -17.15
N ASP Z 133 103.05 -38.75 -17.56
CA ASP Z 133 102.65 -38.85 -18.95
C ASP Z 133 101.18 -38.52 -19.14
N GLY Z 134 100.51 -38.03 -18.10
CA GLY Z 134 99.11 -37.68 -18.16
C GLY Z 134 98.12 -38.79 -17.98
N LEU Z 135 98.54 -39.95 -17.50
CA LEU Z 135 97.71 -41.15 -17.49
C LEU Z 135 97.34 -41.60 -16.07
N SER Z 136 97.19 -40.65 -15.14
CA SER Z 136 96.52 -40.92 -13.87
C SER Z 136 96.00 -39.60 -13.31
N ASP Z 137 94.75 -39.59 -12.85
CA ASP Z 137 94.09 -38.41 -12.29
C ASP Z 137 93.85 -38.56 -10.79
N CYS Z 138 94.41 -37.64 -10.03
CA CYS Z 138 94.33 -37.66 -8.57
C CYS Z 138 93.11 -36.87 -8.10
N ASP Z 139 92.86 -35.73 -8.73
CA ASP Z 139 91.53 -35.14 -8.72
C ASP Z 139 90.58 -35.95 -9.61
N ALA Z 140 89.34 -36.11 -9.17
CA ALA Z 140 88.40 -37.03 -9.79
C ALA Z 140 87.84 -36.51 -11.10
N HIS Z 141 88.27 -35.33 -11.54
CA HIS Z 141 87.60 -34.56 -12.58
C HIS Z 141 87.82 -35.16 -13.97
N GLY Z 142 89.02 -35.62 -14.26
CA GLY Z 142 89.43 -35.93 -15.63
C GLY Z 142 88.78 -37.16 -16.26
N THR Z 143 88.72 -38.28 -15.53
CA THR Z 143 88.05 -39.48 -16.01
C THR Z 143 86.55 -39.32 -16.19
N LEU Z 144 85.91 -38.44 -15.45
CA LEU Z 144 84.48 -38.17 -15.68
C LEU Z 144 84.28 -37.50 -17.03
N VAL Z 145 85.02 -36.43 -17.29
CA VAL Z 145 84.92 -35.70 -18.56
C VAL Z 145 85.26 -36.60 -19.75
N ALA Z 146 86.37 -37.34 -19.69
CA ALA Z 146 86.73 -38.23 -20.78
C ALA Z 146 85.72 -39.36 -21.01
N SER Z 147 85.24 -40.00 -19.95
CA SER Z 147 84.27 -41.08 -20.09
C SER Z 147 82.94 -40.61 -20.65
N MET Z 148 82.54 -39.38 -20.37
CA MET Z 148 81.29 -38.86 -20.88
C MET Z 148 81.32 -38.71 -22.39
N ILE Z 149 82.50 -38.56 -22.98
CA ILE Z 149 82.65 -38.47 -24.44
C ILE Z 149 82.75 -39.85 -25.11
N ALA Z 150 83.64 -40.74 -24.68
CA ALA Z 150 83.92 -41.96 -25.44
C ALA Z 150 83.66 -43.33 -24.78
N ALA Z 151 83.09 -43.42 -23.59
CA ALA Z 151 82.87 -44.76 -23.02
C ALA Z 151 82.00 -45.62 -23.93
N VAL Z 152 82.43 -46.86 -24.15
CA VAL Z 152 81.77 -47.87 -25.00
C VAL Z 152 80.59 -48.53 -24.31
N PRO Z 153 79.49 -48.82 -25.02
CA PRO Z 153 78.33 -49.46 -24.38
C PRO Z 153 78.62 -50.88 -23.89
N ALA Z 154 77.70 -51.35 -23.05
CA ALA Z 154 77.78 -52.66 -22.42
C ALA Z 154 77.75 -53.83 -23.41
N ASN Z 155 78.36 -54.94 -23.00
CA ASN Z 155 78.44 -56.15 -23.80
C ASN Z 155 78.68 -57.32 -22.84
N GLY Z 156 78.42 -58.53 -23.34
CA GLY Z 156 78.63 -59.71 -22.53
C GLY Z 156 80.07 -59.93 -22.11
N ALA Z 157 81.03 -59.39 -22.88
CA ALA Z 157 82.44 -59.50 -22.56
C ALA Z 157 83.14 -58.24 -23.03
N VAL Z 158 84.14 -57.79 -22.26
CA VAL Z 158 84.89 -56.58 -22.64
C VAL Z 158 85.98 -56.90 -23.64
N PRO Z 159 86.30 -55.96 -24.56
CA PRO Z 159 87.36 -56.21 -25.54
C PRO Z 159 88.75 -56.41 -24.93
N LEU Z 160 89.08 -55.66 -23.88
CA LEU Z 160 90.37 -55.75 -23.18
C LEU Z 160 90.15 -56.13 -21.73
N PRO Z 161 90.11 -57.43 -21.42
CA PRO Z 161 89.91 -57.86 -20.03
C PRO Z 161 91.09 -57.60 -19.11
N SER Z 162 92.30 -57.40 -19.65
CA SER Z 162 93.48 -57.14 -18.83
C SER Z 162 93.34 -55.85 -18.03
N VAL Z 163 93.90 -55.86 -16.82
CA VAL Z 163 93.89 -54.69 -15.93
C VAL Z 163 95.27 -54.42 -15.33
N PRO Z 164 96.19 -53.82 -16.09
CA PRO Z 164 97.55 -53.54 -15.61
C PRO Z 164 97.75 -52.21 -14.87
N ARG Z 165 96.71 -51.37 -14.72
CA ARG Z 165 96.89 -50.05 -14.12
C ARG Z 165 97.49 -50.04 -12.71
N ARG Z 166 98.42 -49.09 -12.52
CA ARG Z 166 99.20 -48.83 -11.32
C ARG Z 166 98.38 -48.31 -10.13
N PRO Z 167 98.94 -48.36 -8.92
CA PRO Z 167 98.25 -47.83 -7.73
C PRO Z 167 98.23 -46.30 -7.69
N VAL Z 168 97.46 -45.77 -6.73
CA VAL Z 168 97.39 -44.32 -6.47
C VAL Z 168 98.62 -43.81 -5.74
N THR Z 169 99.05 -42.60 -6.10
CA THR Z 169 100.23 -41.94 -5.53
C THR Z 169 99.96 -41.20 -4.22
N ILE Z 170 100.91 -41.27 -3.29
CA ILE Z 170 100.77 -40.62 -1.98
C ILE Z 170 101.94 -39.66 -1.75
N PRO Z 171 101.77 -38.59 -0.95
CA PRO Z 171 102.85 -37.66 -0.67
C PRO Z 171 104.01 -38.31 0.09
N PRO Z 266 72.61 -54.65 -18.85
CA PRO Z 266 73.22 -54.68 -17.53
C PRO Z 266 73.61 -53.29 -17.08
N ASP Z 267 73.78 -52.39 -18.05
CA ASP Z 267 74.19 -51.03 -17.79
C ASP Z 267 73.78 -50.19 -18.99
N ALA Z 268 73.08 -49.09 -18.75
CA ALA Z 268 72.61 -48.20 -19.81
C ALA Z 268 73.56 -47.07 -20.20
N PHE Z 269 74.63 -46.82 -19.45
CA PHE Z 269 75.53 -45.71 -19.78
C PHE Z 269 76.42 -45.96 -21.00
N SER Z 270 76.68 -44.88 -21.74
CA SER Z 270 77.55 -44.90 -22.92
C SER Z 270 77.91 -43.48 -23.31
N GLY Z 271 79.08 -43.30 -23.92
CA GLY Z 271 79.49 -41.97 -24.38
C GLY Z 271 78.70 -41.46 -25.56
N ILE Z 272 78.94 -40.19 -25.90
CA ILE Z 272 78.24 -39.58 -27.03
C ILE Z 272 78.77 -40.10 -28.36
N ALA Z 273 80.08 -40.37 -28.45
CA ALA Z 273 80.72 -40.86 -29.67
C ALA Z 273 81.66 -42.01 -29.33
N PRO Z 274 81.13 -43.22 -29.16
CA PRO Z 274 81.98 -44.35 -28.78
C PRO Z 274 83.12 -44.67 -29.74
N GLY Z 275 83.09 -44.18 -30.98
CA GLY Z 275 84.15 -44.49 -31.92
C GLY Z 275 85.41 -43.64 -31.84
N VAL Z 276 85.40 -42.53 -31.14
CA VAL Z 276 86.57 -41.64 -31.10
C VAL Z 276 87.80 -42.23 -30.44
N GLU Z 277 88.92 -41.51 -30.61
CA GLU Z 277 90.23 -41.82 -30.05
C GLU Z 277 90.61 -40.66 -29.14
N ILE Z 278 90.85 -40.95 -27.85
CA ILE Z 278 91.10 -39.91 -26.86
C ILE Z 278 92.59 -39.77 -26.53
N ILE Z 279 93.09 -38.53 -26.57
CA ILE Z 279 94.46 -38.20 -26.18
C ILE Z 279 94.37 -37.49 -24.85
N SER Z 280 95.15 -37.93 -23.87
CA SER Z 280 95.15 -37.34 -22.53
C SER Z 280 96.42 -36.54 -22.27
N ILE Z 281 96.25 -35.32 -21.72
CA ILE Z 281 97.33 -34.42 -21.36
C ILE Z 281 96.98 -33.84 -19.98
N ARG Z 282 97.90 -33.95 -19.02
CA ARG Z 282 97.65 -33.44 -17.66
C ARG Z 282 98.21 -32.02 -17.50
N GLN Z 283 97.30 -31.05 -17.56
CA GLN Z 283 97.56 -29.62 -17.48
C GLN Z 283 97.49 -29.00 -16.08
N SER Z 284 96.62 -29.46 -15.20
CA SER Z 284 96.41 -28.81 -13.92
C SER Z 284 96.03 -29.81 -12.84
N SER Z 285 96.34 -29.47 -11.59
CA SER Z 285 95.77 -30.21 -10.48
C SER Z 285 95.80 -29.34 -9.22
N GLN Z 286 94.84 -29.61 -8.32
CA GLN Z 286 94.80 -29.00 -7.00
C GLN Z 286 95.73 -29.67 -5.99
N ALA Z 287 96.10 -30.93 -6.21
CA ALA Z 287 96.82 -31.70 -5.22
C ALA Z 287 98.30 -31.41 -5.18
N PHE Z 288 98.85 -30.66 -6.13
CA PHE Z 288 100.29 -30.41 -6.18
C PHE Z 288 100.65 -28.96 -5.93
N GLY Z 289 101.86 -28.77 -5.39
CA GLY Z 289 102.37 -27.45 -5.09
C GLY Z 289 103.87 -27.36 -5.28
N LEU Z 290 104.34 -26.13 -5.32
CA LEU Z 290 105.74 -25.82 -5.50
C LEU Z 290 106.55 -26.22 -4.27
N LYS Z 291 107.73 -26.79 -4.48
CA LYS Z 291 108.55 -27.22 -3.32
C LYS Z 291 109.62 -26.21 -2.93
N ASP Z 292 109.66 -25.03 -3.57
CA ASP Z 292 110.37 -23.84 -3.09
C ASP Z 292 109.37 -22.70 -3.22
N PRO Z 293 108.48 -22.55 -2.23
CA PRO Z 293 107.38 -21.57 -2.35
C PRO Z 293 107.71 -20.08 -2.52
N TYR Z 294 108.92 -19.62 -2.23
CA TYR Z 294 109.17 -18.18 -2.40
C TYR Z 294 109.11 -17.76 -3.87
N THR Z 295 108.49 -16.60 -4.13
CA THR Z 295 108.30 -16.08 -5.49
C THR Z 295 108.68 -14.60 -5.64
N GLY Z 296 109.40 -14.03 -4.69
CA GLY Z 296 110.02 -12.74 -4.93
C GLY Z 296 109.07 -11.54 -4.96
N ASP Z 297 109.37 -10.59 -5.85
CA ASP Z 297 108.62 -9.34 -5.99
C ASP Z 297 107.19 -9.50 -6.48
N GLU Z 298 106.69 -10.69 -6.80
CA GLU Z 298 105.30 -10.86 -7.21
C GLU Z 298 104.56 -11.68 -6.17
N ASP Z 299 103.36 -11.22 -5.84
CA ASP Z 299 102.52 -11.87 -4.84
C ASP Z 299 102.26 -13.34 -5.18
N PRO Z 300 102.45 -14.25 -4.21
CA PRO Z 300 102.28 -15.69 -4.47
C PRO Z 300 100.92 -16.07 -5.02
N GLN Z 301 99.91 -15.22 -4.86
CA GLN Z 301 98.59 -15.49 -5.42
C GLN Z 301 98.58 -15.25 -6.93
N THR Z 302 99.09 -14.10 -7.36
CA THR Z 302 99.13 -13.75 -8.79
C THR Z 302 100.29 -14.43 -9.51
N ALA Z 303 101.36 -14.76 -8.81
CA ALA Z 303 102.48 -15.45 -9.40
C ALA Z 303 102.07 -16.79 -10.02
N GLN Z 304 101.06 -17.45 -9.46
CA GLN Z 304 100.58 -18.73 -9.99
C GLN Z 304 99.75 -18.58 -11.27
N LYS Z 305 98.99 -17.49 -11.42
CA LYS Z 305 98.23 -17.26 -12.66
C LYS Z 305 99.13 -17.12 -13.88
N ILE Z 306 100.23 -16.39 -13.76
CA ILE Z 306 101.15 -16.23 -14.90
C ILE Z 306 101.77 -17.58 -15.29
N ASP Z 307 102.06 -18.45 -14.33
CA ASP Z 307 102.56 -19.78 -14.67
C ASP Z 307 101.50 -20.62 -15.39
N ASN Z 308 100.23 -20.49 -15.02
CA ASN Z 308 99.15 -21.21 -15.71
C ASN Z 308 98.97 -20.74 -17.15
N VAL Z 309 98.90 -19.43 -17.39
CA VAL Z 309 98.73 -18.91 -18.75
C VAL Z 309 99.85 -19.42 -19.67
N GLU Z 310 101.09 -19.39 -19.22
CA GLU Z 310 102.19 -19.89 -20.03
C GLU Z 310 102.08 -21.39 -20.29
N THR Z 311 101.73 -22.18 -19.27
CA THR Z 311 101.61 -23.63 -19.41
C THR Z 311 100.38 -24.05 -20.22
N MET Z 312 99.35 -23.20 -20.33
CA MET Z 312 98.17 -23.50 -21.14
C MET Z 312 98.46 -23.37 -22.64
N ALA Z 313 99.18 -22.33 -23.03
CA ALA Z 313 99.54 -22.11 -24.44
C ALA Z 313 100.36 -23.28 -24.97
N ARG Z 314 101.30 -23.77 -24.17
CA ARG Z 314 102.15 -24.90 -24.55
C ARG Z 314 101.32 -26.16 -24.83
N ALA Z 315 100.37 -26.49 -23.96
CA ALA Z 315 99.53 -27.67 -24.15
C ALA Z 315 98.66 -27.59 -25.41
N ILE Z 316 98.15 -26.42 -25.76
CA ILE Z 316 97.36 -26.26 -26.99
C ILE Z 316 98.23 -26.50 -28.24
N VAL Z 317 99.44 -25.96 -28.29
CA VAL Z 317 100.34 -26.18 -29.42
C VAL Z 317 100.71 -27.67 -29.52
N HIS Z 318 101.08 -28.28 -28.41
CA HIS Z 318 101.42 -29.70 -28.38
C HIS Z 318 100.25 -30.56 -28.85
N ALA Z 319 99.06 -30.32 -28.33
CA ALA Z 319 97.88 -31.11 -28.71
C ALA Z 319 97.56 -31.01 -30.20
N ALA Z 320 97.80 -29.87 -30.83
CA ALA Z 320 97.57 -29.73 -32.26
C ALA Z 320 98.56 -30.55 -33.08
N ASN Z 321 99.84 -30.51 -32.72
CA ASN Z 321 100.86 -31.30 -33.42
C ASN Z 321 100.62 -32.80 -33.28
N MET Z 322 99.82 -33.22 -32.30
CA MET Z 322 99.47 -34.63 -32.19
C MET Z 322 98.49 -35.02 -33.29
N GLY Z 323 97.95 -34.04 -34.01
CA GLY Z 323 96.99 -34.29 -35.06
C GLY Z 323 95.55 -34.38 -34.64
N ALA Z 324 95.22 -33.89 -33.45
CA ALA Z 324 93.86 -33.89 -32.97
C ALA Z 324 92.99 -32.97 -33.82
N SER Z 325 91.71 -33.29 -33.92
CA SER Z 325 90.79 -32.48 -34.69
C SER Z 325 89.77 -31.77 -33.83
N VAL Z 326 89.66 -32.15 -32.55
CA VAL Z 326 88.77 -31.52 -31.59
C VAL Z 326 89.55 -31.40 -30.29
N ILE Z 327 89.78 -30.18 -29.82
CA ILE Z 327 90.48 -29.95 -28.57
C ILE Z 327 89.46 -29.50 -27.55
N ASN Z 328 89.37 -30.21 -26.42
CA ASN Z 328 88.40 -29.89 -25.37
C ASN Z 328 89.09 -29.35 -24.13
N ILE Z 329 88.71 -28.15 -23.68
CA ILE Z 329 89.28 -27.52 -22.50
C ILE Z 329 88.18 -27.33 -21.46
N SER Z 330 88.31 -28.00 -20.31
CA SER Z 330 87.34 -27.97 -19.23
C SER Z 330 87.87 -27.40 -17.92
N ASP Z 331 89.06 -26.82 -17.89
CA ASP Z 331 89.53 -26.05 -16.74
C ASP Z 331 90.06 -24.71 -17.20
N VAL Z 332 89.57 -23.63 -16.56
CA VAL Z 332 89.76 -22.27 -17.05
C VAL Z 332 90.05 -21.32 -15.88
N MET Z 333 90.65 -20.18 -16.20
CA MET Z 333 91.00 -19.14 -15.24
C MET Z 333 90.03 -17.98 -15.27
N CYS Z 334 89.61 -17.51 -14.10
CA CYS Z 334 88.96 -16.22 -13.94
C CYS Z 334 89.93 -15.17 -13.43
N MET Z 335 89.85 -13.97 -14.00
CA MET Z 335 90.72 -12.85 -13.63
C MET Z 335 89.90 -11.59 -13.46
N SER Z 336 90.36 -10.70 -12.58
CA SER Z 336 89.76 -9.39 -12.50
C SER Z 336 90.03 -8.60 -13.77
N ALA Z 337 89.05 -7.80 -14.19
CA ALA Z 337 89.27 -6.87 -15.30
C ALA Z 337 90.31 -5.82 -14.98
N ARG Z 338 90.55 -5.57 -13.71
CA ARG Z 338 91.60 -4.67 -13.24
C ARG Z 338 92.98 -5.29 -13.45
N ASN Z 339 93.72 -4.75 -14.42
CA ASN Z 339 95.07 -5.21 -14.78
C ASN Z 339 95.12 -6.72 -15.08
N VAL Z 340 94.51 -7.06 -16.20
CA VAL Z 340 94.55 -8.43 -16.70
C VAL Z 340 95.99 -8.83 -17.04
N ILE Z 341 96.28 -10.12 -16.86
CA ILE Z 341 97.60 -10.69 -17.11
C ILE Z 341 97.92 -10.75 -18.61
N ASP Z 342 99.18 -10.48 -18.95
CA ASP Z 342 99.67 -10.51 -20.32
C ASP Z 342 99.52 -11.89 -20.95
N GLN Z 343 98.72 -11.98 -22.02
CA GLN Z 343 98.40 -13.23 -22.72
C GLN Z 343 98.95 -13.35 -24.15
N ARG Z 344 99.95 -12.56 -24.53
CA ARG Z 344 100.50 -12.62 -25.89
C ARG Z 344 100.82 -14.04 -26.36
N ALA Z 345 101.43 -14.85 -25.50
CA ALA Z 345 101.77 -16.24 -25.86
C ALA Z 345 100.53 -17.09 -26.11
N LEU Z 346 99.50 -16.91 -25.31
CA LEU Z 346 98.26 -17.68 -25.45
C LEU Z 346 97.46 -17.27 -26.68
N GLY Z 347 97.47 -16.00 -27.04
CA GLY Z 347 96.77 -15.54 -28.23
C GLY Z 347 97.29 -16.18 -29.52
N ALA Z 348 98.60 -16.19 -29.70
CA ALA Z 348 99.20 -16.82 -30.88
C ALA Z 348 98.97 -18.32 -30.88
N ALA Z 349 99.06 -18.96 -29.73
CA ALA Z 349 98.84 -20.40 -29.63
C ALA Z 349 97.42 -20.79 -30.09
N VAL Z 350 96.43 -19.99 -29.76
CA VAL Z 350 95.05 -20.23 -30.19
C VAL Z 350 94.91 -20.10 -31.70
N HIS Z 351 95.49 -19.05 -32.29
CA HIS Z 351 95.45 -18.82 -33.73
C HIS Z 351 96.12 -19.94 -34.53
N TYR Z 352 97.31 -20.36 -34.14
CA TYR Z 352 98.01 -21.45 -34.82
C TYR Z 352 97.19 -22.74 -34.88
N ALA Z 353 96.64 -23.18 -33.76
CA ALA Z 353 95.86 -24.42 -33.74
C ALA Z 353 94.53 -24.32 -34.48
N ALA Z 354 93.86 -23.19 -34.43
CA ALA Z 354 92.56 -23.00 -35.08
C ALA Z 354 92.63 -22.79 -36.60
N VAL Z 355 93.65 -22.11 -37.12
CA VAL Z 355 93.77 -21.82 -38.55
C VAL Z 355 94.73 -22.71 -39.32
N ASP Z 356 96.00 -22.75 -38.92
CA ASP Z 356 97.02 -23.52 -39.63
C ASP Z 356 96.93 -25.02 -39.39
N LYS Z 357 96.26 -25.48 -38.33
CA LYS Z 357 96.07 -26.89 -38.07
C LYS Z 357 94.60 -27.30 -38.12
N ASP Z 358 93.70 -26.36 -38.40
CA ASP Z 358 92.27 -26.59 -38.54
C ASP Z 358 91.59 -27.35 -37.40
N ALA Z 359 92.01 -27.13 -36.16
CA ALA Z 359 91.36 -27.80 -35.04
C ALA Z 359 90.17 -27.00 -34.51
N VAL Z 360 89.14 -27.70 -34.04
CA VAL Z 360 87.98 -27.09 -33.40
C VAL Z 360 88.27 -26.98 -31.90
N ILE Z 361 88.28 -25.77 -31.35
CA ILE Z 361 88.55 -25.60 -29.92
C ILE Z 361 87.25 -25.29 -29.19
N VAL Z 362 86.90 -26.10 -28.19
CA VAL Z 362 85.68 -25.92 -27.41
C VAL Z 362 86.07 -25.76 -25.94
N ALA Z 363 85.53 -24.73 -25.28
CA ALA Z 363 85.89 -24.44 -23.89
C ALA Z 363 84.66 -24.12 -23.05
N ALA Z 364 84.75 -24.42 -21.75
CA ALA Z 364 83.66 -24.17 -20.80
C ALA Z 364 83.55 -22.69 -20.42
N ALA Z 365 82.32 -22.24 -20.16
CA ALA Z 365 82.09 -20.87 -19.74
C ALA Z 365 82.60 -20.56 -18.34
N GLY Z 366 82.94 -21.56 -17.55
CA GLY Z 366 83.49 -21.37 -16.23
C GLY Z 366 82.47 -21.45 -15.13
N ASP Z 367 82.65 -22.38 -14.19
CA ASP Z 367 81.74 -22.55 -13.06
C ASP Z 367 81.86 -21.43 -12.05
N GLY Z 368 80.73 -20.94 -11.55
CA GLY Z 368 80.68 -19.83 -10.62
C GLY Z 368 81.05 -20.16 -9.19
N SER Z 369 81.37 -21.42 -8.91
CA SER Z 369 81.84 -21.91 -7.61
C SER Z 369 83.35 -21.86 -7.47
N LYS Z 370 84.07 -21.66 -8.56
CA LYS Z 370 85.52 -21.58 -8.58
C LYS Z 370 86.00 -20.33 -7.84
N LYS Z 371 87.30 -20.32 -7.54
CA LYS Z 371 87.85 -19.43 -6.52
C LYS Z 371 87.60 -17.95 -6.81
N ASP Z 372 87.81 -17.48 -8.03
CA ASP Z 372 87.70 -16.05 -8.31
C ASP Z 372 86.58 -15.66 -9.26
N CYS Z 373 85.81 -16.61 -9.78
CA CYS Z 373 84.77 -16.29 -10.76
C CYS Z 373 83.58 -15.62 -10.09
N LYS Z 374 83.24 -14.41 -10.55
CA LYS Z 374 82.08 -13.66 -10.11
C LYS Z 374 81.24 -13.25 -11.32
N GLN Z 375 79.95 -13.04 -11.11
CA GLN Z 375 79.00 -12.85 -12.19
C GLN Z 375 79.21 -11.54 -12.95
N ASN Z 376 78.97 -11.57 -14.42
CA ASN Z 376 79.02 -10.41 -15.33
C ASN Z 376 77.64 -9.84 -15.67
N PRO Z 377 77.55 -8.54 -15.94
CA PRO Z 377 76.26 -7.94 -16.34
C PRO Z 377 75.84 -8.32 -17.76
N ILE Z 378 74.54 -8.20 -18.01
CA ILE Z 378 73.88 -8.52 -19.28
C ILE Z 378 73.58 -7.27 -20.13
N PHE Z 379 72.86 -7.47 -21.24
CA PHE Z 379 72.46 -6.39 -22.16
C PHE Z 379 71.78 -5.23 -21.42
N ASP Z 380 72.01 -4.02 -21.93
CA ASP Z 380 71.49 -2.77 -21.37
C ASP Z 380 70.67 -1.99 -22.40
N PRO Z 381 69.34 -1.88 -22.26
CA PRO Z 381 68.53 -1.20 -23.27
C PRO Z 381 68.83 0.27 -23.52
N LEU Z 382 69.43 0.98 -22.58
CA LEU Z 382 69.74 2.39 -22.77
C LEU Z 382 70.97 2.63 -23.64
N GLN Z 383 71.73 1.61 -24.00
CA GLN Z 383 72.95 1.80 -24.78
C GLN Z 383 73.07 0.73 -25.86
N PRO Z 384 72.26 0.85 -26.94
CA PRO Z 384 72.29 -0.11 -28.05
C PRO Z 384 73.56 -0.08 -28.88
N ASP Z 385 74.55 0.68 -28.42
CA ASP Z 385 75.84 0.78 -29.10
C ASP Z 385 76.47 -0.60 -29.32
N ASP Z 386 76.62 -1.38 -28.26
CA ASP Z 386 77.15 -2.74 -28.36
C ASP Z 386 76.16 -3.71 -27.75
N PRO Z 387 75.56 -4.61 -28.54
CA PRO Z 387 74.56 -5.52 -27.99
C PRO Z 387 75.11 -6.62 -27.11
N ARG Z 388 76.39 -6.94 -27.13
CA ARG Z 388 76.89 -7.98 -26.24
C ARG Z 388 77.46 -7.40 -24.95
N ALA Z 389 77.51 -6.07 -24.85
CA ALA Z 389 78.02 -5.36 -23.67
C ALA Z 389 79.44 -5.74 -23.27
N TRP Z 390 80.42 -5.19 -23.99
CA TRP Z 390 81.83 -5.41 -23.68
C TRP Z 390 82.37 -4.37 -22.70
N ASN Z 391 81.80 -3.18 -22.70
CA ASN Z 391 82.23 -2.09 -21.83
C ASN Z 391 81.84 -2.27 -20.36
N ALA Z 392 80.96 -3.20 -20.02
CA ALA Z 392 80.56 -3.43 -18.64
C ALA Z 392 81.18 -4.68 -18.03
N VAL Z 393 82.09 -5.36 -18.74
CA VAL Z 393 82.72 -6.57 -18.23
C VAL Z 393 83.49 -6.32 -16.94
N THR Z 394 83.42 -7.29 -16.02
CA THR Z 394 84.15 -7.22 -14.75
C THR Z 394 85.02 -8.45 -14.48
N THR Z 395 84.67 -9.60 -15.04
CA THR Z 395 85.46 -10.82 -14.91
C THR Z 395 85.82 -11.36 -16.29
N VAL Z 396 87.10 -11.68 -16.49
CA VAL Z 396 87.61 -12.23 -17.75
C VAL Z 396 87.89 -13.71 -17.59
N VAL Z 397 87.41 -14.52 -18.55
CA VAL Z 397 87.59 -15.96 -18.55
C VAL Z 397 88.45 -16.36 -19.75
N THR Z 398 89.55 -17.06 -19.50
CA THR Z 398 90.54 -17.33 -20.54
C THR Z 398 90.91 -18.81 -20.59
N PRO Z 399 91.09 -19.42 -21.78
CA PRO Z 399 91.09 -18.92 -23.15
C PRO Z 399 89.72 -18.64 -23.75
N SER Z 400 88.66 -18.82 -22.97
CA SER Z 400 87.30 -18.59 -23.45
C SER Z 400 87.10 -17.22 -24.05
N TRP Z 401 87.91 -16.26 -23.64
CA TRP Z 401 87.89 -14.88 -24.12
C TRP Z 401 87.97 -14.68 -25.64
N PHE Z 402 88.68 -15.54 -26.35
CA PHE Z 402 88.92 -15.43 -27.80
C PHE Z 402 87.76 -15.97 -28.67
N HIS Z 403 86.65 -15.24 -28.67
CA HIS Z 403 85.43 -15.65 -29.38
C HIS Z 403 85.58 -15.80 -30.91
N ASP Z 404 86.67 -15.36 -31.52
CA ASP Z 404 86.87 -15.55 -32.97
C ASP Z 404 87.41 -16.92 -33.34
N TYR Z 405 87.98 -17.65 -32.40
CA TYR Z 405 88.59 -18.95 -32.65
C TYR Z 405 88.17 -20.03 -31.68
N VAL Z 406 87.50 -19.69 -30.58
CA VAL Z 406 87.06 -20.64 -29.56
C VAL Z 406 85.55 -20.65 -29.42
N LEU Z 407 84.97 -21.84 -29.27
CA LEU Z 407 83.54 -22.04 -29.04
C LEU Z 407 83.31 -22.20 -27.53
N THR Z 408 82.57 -21.27 -26.92
CA THR Z 408 82.31 -21.27 -25.47
C THR Z 408 80.90 -21.77 -25.14
N VAL Z 409 80.81 -22.74 -24.23
CA VAL Z 409 79.56 -23.41 -23.86
C VAL Z 409 79.05 -23.06 -22.46
N GLY Z 410 77.77 -22.62 -22.40
CA GLY Z 410 77.09 -22.34 -21.14
C GLY Z 410 76.28 -23.57 -20.72
N ALA Z 411 75.60 -23.48 -19.56
CA ALA Z 411 74.85 -24.63 -19.05
C ALA Z 411 73.36 -24.41 -18.87
N VAL Z 412 72.60 -25.51 -19.02
CA VAL Z 412 71.15 -25.58 -18.81
C VAL Z 412 70.85 -26.85 -18.03
N ASP Z 413 69.70 -26.87 -17.34
CA ASP Z 413 69.32 -28.06 -16.59
C ASP Z 413 68.81 -29.13 -17.55
N ALA Z 414 68.38 -30.27 -17.00
CA ALA Z 414 67.85 -31.35 -17.83
C ALA Z 414 66.51 -31.02 -18.49
N ASN Z 415 65.83 -29.97 -18.07
CA ASN Z 415 64.56 -29.59 -18.67
C ASN Z 415 64.69 -28.50 -19.71
N GLY Z 416 65.77 -27.71 -19.65
CA GLY Z 416 66.04 -26.66 -20.61
C GLY Z 416 66.17 -25.26 -20.03
N GLN Z 417 66.03 -25.06 -18.73
CA GLN Z 417 66.14 -23.72 -18.15
C GLN Z 417 67.61 -23.42 -17.89
N PRO Z 418 68.11 -22.20 -18.06
CA PRO Z 418 69.52 -21.94 -17.76
C PRO Z 418 69.80 -21.98 -16.28
N LEU Z 419 70.99 -22.49 -15.93
CA LEU Z 419 71.45 -22.54 -14.54
C LEU Z 419 72.03 -21.16 -14.20
N SER Z 420 71.09 -20.22 -14.09
CA SER Z 420 71.33 -18.80 -13.86
C SER Z 420 72.26 -18.49 -12.69
N LYS Z 421 72.22 -19.29 -11.64
CA LYS Z 421 73.05 -19.13 -10.45
C LYS Z 421 74.44 -19.77 -10.51
N MET Z 422 74.74 -20.61 -11.48
CA MET Z 422 76.00 -21.35 -11.50
C MET Z 422 76.98 -21.04 -12.63
N SER Z 423 76.57 -20.46 -13.75
CA SER Z 423 77.47 -20.17 -14.87
C SER Z 423 77.70 -18.67 -15.04
N ILE Z 424 78.95 -18.32 -15.39
CA ILE Z 424 79.33 -16.94 -15.71
C ILE Z 424 78.80 -16.54 -17.07
N ALA Z 425 78.04 -15.44 -17.10
CA ALA Z 425 77.35 -14.91 -18.28
C ALA Z 425 78.19 -13.90 -19.07
N GLY Z 426 79.36 -14.27 -19.53
CA GLY Z 426 80.17 -13.32 -20.27
C GLY Z 426 79.67 -12.99 -21.66
N PRO Z 427 80.31 -12.02 -22.32
CA PRO Z 427 79.95 -11.62 -23.68
C PRO Z 427 80.45 -12.56 -24.78
N TRP Z 428 81.38 -13.46 -24.48
CA TRP Z 428 81.95 -14.44 -25.39
C TRP Z 428 81.14 -15.72 -25.53
N VAL Z 429 80.19 -15.99 -24.64
CA VAL Z 429 79.39 -17.21 -24.69
C VAL Z 429 78.73 -17.37 -26.04
N SER Z 430 78.75 -18.61 -26.57
CA SER Z 430 78.20 -18.89 -27.90
C SER Z 430 77.19 -20.03 -28.00
N ILE Z 431 77.20 -21.04 -27.12
CA ILE Z 431 76.21 -22.13 -27.21
C ILE Z 431 76.02 -22.72 -25.82
N SER Z 432 75.06 -23.64 -25.67
CA SER Z 432 74.83 -24.29 -24.37
C SER Z 432 74.37 -25.73 -24.50
N ALA Z 433 74.59 -26.52 -23.44
CA ALA Z 433 74.23 -27.93 -23.39
C ALA Z 433 73.96 -28.32 -21.94
N PRO Z 434 73.33 -29.48 -21.72
CA PRO Z 434 73.00 -29.93 -20.35
C PRO Z 434 74.17 -30.00 -19.37
N GLY Z 435 73.88 -30.01 -18.06
CA GLY Z 435 74.93 -30.08 -17.05
C GLY Z 435 74.55 -30.64 -15.70
N THR Z 436 73.55 -31.52 -15.64
CA THR Z 436 73.09 -32.12 -14.39
C THR Z 436 72.83 -33.61 -14.58
N ASP Z 437 72.70 -34.32 -13.46
CA ASP Z 437 72.50 -35.76 -13.47
C ASP Z 437 73.65 -36.50 -14.16
N VAL Z 438 74.87 -36.01 -13.90
CA VAL Z 438 76.09 -36.59 -14.45
C VAL Z 438 76.31 -38.02 -13.96
N VAL Z 439 76.86 -38.85 -14.86
CA VAL Z 439 77.22 -40.24 -14.59
C VAL Z 439 78.51 -40.50 -15.35
N GLY Z 440 79.35 -41.39 -14.81
CA GLY Z 440 80.60 -41.68 -15.50
C GLY Z 440 81.36 -42.83 -14.88
N LEU Z 441 82.39 -43.26 -15.61
CA LEU Z 441 83.25 -44.36 -15.16
C LEU Z 441 84.06 -43.96 -13.93
N SER Z 442 84.21 -44.90 -13.00
CA SER Z 442 84.96 -44.62 -11.78
C SER Z 442 86.46 -44.78 -11.98
N PRO Z 443 87.29 -43.77 -11.69
CA PRO Z 443 88.68 -44.06 -11.36
C PRO Z 443 88.77 -44.92 -10.11
N ARG Z 444 89.91 -45.59 -9.93
CA ARG Z 444 90.17 -46.36 -8.70
C ARG Z 444 89.18 -47.49 -8.46
N ASP Z 445 88.40 -47.86 -9.46
CA ASP Z 445 87.42 -48.93 -9.32
C ASP Z 445 87.14 -49.46 -10.71
N ASP Z 446 86.09 -50.25 -10.84
CA ASP Z 446 85.73 -50.83 -12.13
C ASP Z 446 84.21 -50.90 -12.17
N GLY Z 447 83.60 -49.72 -12.21
CA GLY Z 447 82.16 -49.56 -12.20
C GLY Z 447 81.81 -48.10 -12.37
N LEU Z 448 80.54 -47.76 -12.18
CA LEU Z 448 80.08 -46.38 -12.35
C LEU Z 448 80.07 -45.60 -11.02
N ILE Z 449 79.94 -44.26 -11.14
CA ILE Z 449 79.86 -43.35 -10.00
C ILE Z 449 78.92 -42.17 -10.25
N ASN Z 450 78.43 -41.59 -9.14
CA ASN Z 450 77.55 -40.43 -9.18
C ASN Z 450 78.07 -39.24 -8.39
N ALA Z 451 78.96 -39.44 -7.43
CA ALA Z 451 79.37 -38.33 -6.59
C ALA Z 451 80.80 -38.53 -6.12
N ILE Z 452 81.37 -37.47 -5.57
CA ILE Z 452 82.76 -37.46 -5.12
C ILE Z 452 82.77 -37.06 -3.64
N ASP Z 453 83.74 -37.60 -2.91
CA ASP Z 453 83.82 -37.38 -1.46
C ASP Z 453 84.27 -35.96 -1.16
N GLY Z 454 83.39 -35.20 -0.49
CA GLY Z 454 83.66 -33.81 -0.16
C GLY Z 454 84.63 -33.56 0.98
N PRO Z 455 84.73 -32.29 1.40
CA PRO Z 455 85.64 -31.95 2.50
C PRO Z 455 85.30 -32.65 3.80
N ASP Z 456 84.02 -32.69 4.15
CA ASP Z 456 83.57 -33.37 5.35
C ASP Z 456 83.41 -34.84 5.04
N ASN Z 457 82.59 -35.53 5.82
CA ASN Z 457 82.08 -36.85 5.43
C ASN Z 457 81.06 -36.75 4.30
N SER Z 458 80.55 -35.55 4.04
CA SER Z 458 79.54 -35.30 3.02
C SER Z 458 79.95 -35.80 1.64
N LEU Z 459 79.00 -36.43 0.95
CA LEU Z 459 79.20 -36.92 -0.41
C LEU Z 459 78.57 -35.89 -1.34
N LEU Z 460 79.42 -35.25 -2.14
CA LEU Z 460 79.09 -34.13 -3.02
C LEU Z 460 78.90 -34.50 -4.49
N VAL Z 461 77.77 -34.09 -5.08
CA VAL Z 461 77.42 -34.38 -6.47
C VAL Z 461 77.91 -33.35 -7.49
N PRO Z 462 78.60 -33.76 -8.56
CA PRO Z 462 79.10 -32.82 -9.56
C PRO Z 462 78.07 -32.30 -10.55
N ALA Z 463 78.28 -31.05 -10.99
CA ALA Z 463 77.43 -30.37 -11.95
C ALA Z 463 78.20 -29.17 -12.49
N GLY Z 464 77.72 -28.61 -13.60
CA GLY Z 464 78.33 -27.42 -14.17
C GLY Z 464 78.84 -27.56 -15.60
N THR Z 465 79.31 -26.41 -16.09
CA THR Z 465 79.83 -26.19 -17.45
C THR Z 465 80.97 -27.11 -17.85
N SER Z 466 81.75 -27.58 -16.89
CA SER Z 466 82.84 -28.50 -17.21
C SER Z 466 82.32 -29.77 -17.87
N PHE Z 467 81.09 -30.13 -17.60
CA PHE Z 467 80.43 -31.28 -18.21
C PHE Z 467 79.64 -30.92 -19.48
N SER Z 468 79.03 -29.74 -19.56
CA SER Z 468 78.32 -29.31 -20.77
C SER Z 468 79.27 -29.21 -21.96
N ALA Z 469 80.50 -28.76 -21.73
CA ALA Z 469 81.52 -28.69 -22.78
C ALA Z 469 81.89 -30.09 -23.27
N ALA Z 470 81.72 -31.10 -22.44
CA ALA Z 470 81.97 -32.49 -22.82
C ALA Z 470 80.92 -32.98 -23.82
N ILE Z 471 79.65 -32.63 -23.59
CA ILE Z 471 78.58 -33.00 -24.52
C ILE Z 471 78.84 -32.41 -25.91
N VAL Z 472 79.17 -31.12 -25.99
CA VAL Z 472 79.44 -30.48 -27.27
C VAL Z 472 80.67 -31.08 -27.96
N SER Z 473 81.66 -31.52 -27.21
CA SER Z 473 82.83 -32.16 -27.83
C SER Z 473 82.43 -33.44 -28.54
N GLY Z 474 81.41 -34.13 -28.05
CA GLY Z 474 80.92 -35.33 -28.70
C GLY Z 474 80.14 -35.01 -29.97
N VAL Z 475 79.29 -33.99 -29.93
CA VAL Z 475 78.51 -33.58 -31.10
C VAL Z 475 79.44 -33.03 -32.19
N ALA Z 476 80.42 -32.23 -31.81
CA ALA Z 476 81.38 -31.70 -32.78
C ALA Z 476 82.16 -32.84 -33.46
N ALA Z 477 82.47 -33.91 -32.73
CA ALA Z 477 83.18 -35.06 -33.30
C ALA Z 477 82.33 -35.81 -34.31
N LEU Z 478 81.06 -36.04 -34.02
CA LEU Z 478 80.18 -36.70 -34.98
C LEU Z 478 79.96 -35.87 -36.24
N VAL Z 479 79.70 -34.58 -36.11
CA VAL Z 479 79.47 -33.75 -37.29
C VAL Z 479 80.67 -33.72 -38.22
N ARG Z 480 81.88 -33.50 -37.72
CA ARG Z 480 82.97 -33.49 -38.68
C ARG Z 480 83.51 -34.89 -38.98
N ALA Z 481 82.71 -35.93 -38.74
CA ALA Z 481 82.89 -37.24 -39.35
C ALA Z 481 82.01 -37.44 -40.57
N LYS Z 482 80.85 -36.79 -40.60
CA LYS Z 482 79.89 -36.83 -41.70
C LYS Z 482 80.18 -35.80 -42.80
N PHE Z 483 80.77 -34.66 -42.46
CA PHE Z 483 81.11 -33.61 -43.43
C PHE Z 483 82.62 -33.34 -43.43
N PRO Z 484 83.42 -34.35 -43.77
CA PRO Z 484 84.88 -34.22 -43.72
C PRO Z 484 85.48 -33.15 -44.64
N GLU Z 485 84.74 -32.60 -45.58
CA GLU Z 485 85.32 -31.58 -46.44
C GLU Z 485 85.35 -30.18 -45.82
N LEU Z 486 84.53 -29.91 -44.80
CA LEU Z 486 84.44 -28.59 -44.16
C LEU Z 486 85.56 -28.29 -43.16
N SER Z 487 85.97 -27.02 -43.12
CA SER Z 487 86.96 -26.48 -42.20
C SER Z 487 86.34 -26.12 -40.85
N ALA Z 488 87.21 -25.89 -39.86
CA ALA Z 488 86.79 -25.57 -38.50
C ALA Z 488 85.80 -24.42 -38.40
N TYR Z 489 86.08 -23.32 -39.08
CA TYR Z 489 85.16 -22.17 -39.04
C TYR Z 489 83.76 -22.51 -39.56
N GLN Z 490 83.65 -23.46 -40.48
CA GLN Z 490 82.34 -23.86 -41.03
C GLN Z 490 81.58 -24.84 -40.14
N ILE Z 491 82.28 -25.74 -39.45
CA ILE Z 491 81.65 -26.68 -38.53
C ILE Z 491 80.99 -25.91 -37.37
N ILE Z 492 81.66 -24.88 -36.87
CA ILE Z 492 81.13 -24.02 -35.81
C ILE Z 492 79.85 -23.31 -36.27
N ASN Z 493 79.83 -22.77 -37.48
CA ASN Z 493 78.62 -22.13 -38.01
C ASN Z 493 77.47 -23.10 -38.18
N ARG Z 494 77.76 -24.36 -38.47
CA ARG Z 494 76.73 -25.39 -38.61
C ARG Z 494 76.04 -25.68 -37.26
N LEU Z 495 76.79 -25.71 -36.16
CA LEU Z 495 76.22 -25.93 -34.82
C LEU Z 495 75.43 -24.71 -34.31
N ILE Z 496 75.95 -23.52 -34.54
CA ILE Z 496 75.30 -22.26 -34.13
C ILE Z 496 73.95 -22.06 -34.80
N HIS Z 497 73.87 -22.17 -36.12
CA HIS Z 497 72.62 -21.95 -36.85
C HIS Z 497 71.51 -22.96 -36.61
N THR Z 498 71.78 -24.15 -36.09
CA THR Z 498 70.74 -25.16 -35.91
C THR Z 498 70.24 -25.30 -34.47
N ALA Z 499 70.69 -24.47 -33.54
CA ALA Z 499 70.31 -24.48 -32.13
C ALA Z 499 69.03 -23.68 -31.85
N ARG Z 500 68.23 -24.15 -30.87
CA ARG Z 500 66.98 -23.45 -30.49
C ARG Z 500 67.35 -22.20 -29.69
N PRO Z 501 66.93 -21.01 -30.13
CA PRO Z 501 67.35 -19.77 -29.52
C PRO Z 501 66.52 -19.30 -28.33
N PRO Z 502 67.11 -18.40 -27.53
CA PRO Z 502 66.43 -17.79 -26.40
C PRO Z 502 65.60 -16.61 -26.87
N ALA Z 503 64.74 -16.12 -25.98
CA ALA Z 503 63.83 -15.02 -26.29
C ALA Z 503 64.49 -13.79 -26.93
N ARG Z 504 65.71 -13.43 -26.54
CA ARG Z 504 66.35 -12.25 -27.13
C ARG Z 504 67.10 -12.52 -28.43
N GLY Z 505 67.08 -13.73 -28.95
CA GLY Z 505 67.82 -14.10 -30.17
C GLY Z 505 69.26 -14.43 -29.88
N VAL Z 506 69.96 -13.55 -29.16
CA VAL Z 506 71.33 -13.80 -28.72
C VAL Z 506 71.41 -13.27 -27.30
N ASP Z 507 71.90 -14.08 -26.38
CA ASP Z 507 71.95 -13.67 -24.99
C ASP Z 507 73.33 -13.97 -24.45
N ASN Z 508 73.53 -13.75 -23.14
CA ASN Z 508 74.82 -14.02 -22.53
C ASN Z 508 74.82 -15.25 -21.64
N GLN Z 509 73.70 -15.60 -21.03
CA GLN Z 509 73.67 -16.79 -20.19
C GLN Z 509 73.74 -18.04 -21.05
N VAL Z 510 73.23 -17.94 -22.26
CA VAL Z 510 73.28 -18.97 -23.29
C VAL Z 510 73.57 -18.20 -24.56
N GLY Z 511 74.36 -18.77 -25.44
CA GLY Z 511 74.68 -18.01 -26.62
C GLY Z 511 73.58 -18.01 -27.64
N TYR Z 512 73.79 -18.65 -28.78
CA TYR Z 512 72.72 -18.72 -29.76
C TYR Z 512 71.60 -19.66 -29.35
N GLY Z 513 71.79 -20.54 -28.38
CA GLY Z 513 70.72 -21.42 -27.97
C GLY Z 513 71.24 -22.74 -27.41
N VAL Z 514 70.38 -23.75 -27.47
CA VAL Z 514 70.69 -25.11 -27.03
C VAL Z 514 71.08 -26.00 -28.21
N VAL Z 515 72.18 -26.74 -28.06
CA VAL Z 515 72.68 -27.60 -29.12
C VAL Z 515 71.62 -28.61 -29.56
N ASP Z 516 71.68 -29.00 -30.84
CA ASP Z 516 70.73 -29.95 -31.42
C ASP Z 516 71.42 -30.90 -32.39
N PRO Z 517 71.76 -32.13 -31.96
CA PRO Z 517 72.53 -33.07 -32.80
C PRO Z 517 71.98 -33.46 -34.17
N VAL Z 518 70.76 -34.01 -34.21
CA VAL Z 518 70.13 -34.45 -35.47
C VAL Z 518 69.98 -33.29 -36.46
N ALA Z 519 69.69 -32.11 -35.96
CA ALA Z 519 69.57 -30.93 -36.81
C ALA Z 519 70.91 -30.55 -37.42
N ALA Z 520 71.96 -30.58 -36.63
CA ALA Z 520 73.30 -30.26 -37.13
C ALA Z 520 73.75 -31.25 -38.20
N LEU Z 521 73.39 -32.52 -38.05
CA LEU Z 521 73.75 -33.55 -39.02
C LEU Z 521 72.89 -33.59 -40.29
N THR Z 522 71.76 -32.89 -40.40
CA THR Z 522 70.94 -33.07 -41.60
C THR Z 522 70.41 -31.81 -42.29
N TRP Z 523 70.25 -30.70 -41.60
CA TRP Z 523 69.73 -29.52 -42.29
C TRP Z 523 70.74 -28.93 -43.26
N ASP Z 524 70.21 -28.20 -44.26
CA ASP Z 524 70.98 -27.50 -45.29
C ASP Z 524 71.35 -26.07 -44.90
N VAL Z 525 72.40 -25.93 -44.11
CA VAL Z 525 72.87 -24.62 -43.64
C VAL Z 525 73.64 -23.80 -44.68
N PRO Z 526 73.38 -22.50 -44.83
CA PRO Z 526 74.15 -21.67 -45.75
C PRO Z 526 75.62 -21.61 -45.38
N LYS Z 527 76.50 -21.64 -46.38
CA LYS Z 527 77.94 -21.64 -46.09
C LYS Z 527 78.49 -20.30 -45.60
N GLY Z 528 77.83 -19.17 -45.86
CA GLY Z 528 78.34 -17.92 -45.35
C GLY Z 528 77.88 -17.58 -43.94
N PRO Z 529 78.59 -16.67 -43.27
CA PRO Z 529 78.17 -16.24 -41.93
C PRO Z 529 76.87 -15.44 -41.99
N ALA Z 530 76.29 -15.22 -40.81
CA ALA Z 530 75.05 -14.46 -40.71
C ALA Z 530 75.18 -13.04 -41.27
N GLU Z 531 74.16 -12.60 -42.02
CA GLU Z 531 74.12 -11.26 -42.64
C GLU Z 531 72.76 -10.59 -42.52
N PRO Z 532 72.71 -9.27 -42.27
CA PRO Z 532 71.43 -8.57 -42.16
C PRO Z 532 70.85 -8.19 -43.51
N PRO Z 533 69.52 -8.06 -43.61
CA PRO Z 533 68.89 -7.67 -44.88
C PRO Z 533 69.20 -6.23 -45.28
N LYS Z 534 69.17 -5.98 -46.60
CA LYS Z 534 69.45 -4.65 -47.13
C LYS Z 534 68.43 -3.60 -46.68
N GLN Z 535 67.14 -3.87 -46.84
CA GLN Z 535 66.07 -2.97 -46.43
C GLN Z 535 64.82 -3.76 -46.09
N LEU Z 536 64.09 -3.30 -45.07
CA LEU Z 536 62.92 -3.99 -44.55
C LEU Z 536 61.56 -3.49 -45.06
N SER Z 537 61.49 -2.43 -45.88
CA SER Z 537 60.22 -1.86 -46.32
C SER Z 537 59.88 -2.15 -47.79
N ALA Z 538 58.57 -2.21 -48.09
CA ALA Z 538 58.05 -2.48 -49.43
C ALA Z 538 56.82 -1.62 -49.75
N PRO Z 539 56.62 -1.25 -51.02
CA PRO Z 539 55.48 -0.41 -51.39
C PRO Z 539 54.12 -1.12 -51.36
N LEU Z 540 53.10 -0.38 -50.92
CA LEU Z 540 51.73 -0.91 -50.82
C LEU Z 540 51.00 -0.83 -52.18
N VAL Z 541 50.29 -1.84 -52.56
CA VAL Z 541 49.51 -2.05 -53.75
C VAL Z 541 48.08 -1.58 -53.63
N VAL Z 542 47.74 -0.36 -53.86
CA VAL Z 542 46.42 0.21 -53.84
C VAL Z 542 45.56 -0.23 -55.00
N PRO Z 543 44.25 -0.48 -54.84
CA PRO Z 543 43.37 -0.81 -55.93
C PRO Z 543 43.02 0.35 -56.83
N GLN Z 544 42.71 0.11 -58.11
CA GLN Z 544 42.34 1.21 -59.01
C GLN Z 544 40.95 1.76 -58.63
N PRO Z 545 40.79 3.08 -58.42
CA PRO Z 545 39.53 3.69 -58.07
C PRO Z 545 38.43 3.52 -59.08
N PRO Z 546 37.17 3.32 -58.68
CA PRO Z 546 36.06 3.22 -59.61
C PRO Z 546 35.69 4.51 -60.30
N ALA Z 547 35.30 4.51 -61.54
CA ALA Z 547 34.83 5.62 -62.31
C ALA Z 547 33.53 6.22 -61.81
N PRO Z 548 33.39 7.55 -61.72
CA PRO Z 548 32.12 8.16 -61.32
C PRO Z 548 30.98 7.93 -62.27
N ARG Z 549 29.76 7.69 -61.77
CA ARG Z 549 28.61 7.47 -62.65
C ARG Z 549 28.30 8.70 -63.52
N ASP Z 550 27.81 8.44 -64.74
CA ASP Z 550 27.43 9.53 -65.66
C ASP Z 550 26.29 10.38 -65.10
N MET Z 551 26.47 11.69 -65.10
CA MET Z 551 25.43 12.61 -64.64
C MET Z 551 24.38 12.93 -65.71
N VAL Z 552 24.75 12.81 -66.99
CA VAL Z 552 23.81 13.12 -68.08
C VAL Z 552 22.51 12.34 -68.05
N PRO Z 553 22.49 11.01 -67.84
CA PRO Z 553 21.19 10.32 -67.78
C PRO Z 553 20.34 10.74 -66.60
N ILE Z 554 20.97 11.03 -65.47
CA ILE Z 554 20.27 11.46 -64.26
C ILE Z 554 19.64 12.84 -64.45
N TRP Z 555 20.36 13.80 -65.03
CA TRP Z 555 19.82 15.14 -65.26
C TRP Z 555 18.65 15.15 -66.26
N VAL Z 556 18.70 14.37 -67.33
CA VAL Z 556 17.55 14.33 -68.24
C VAL Z 556 16.37 13.63 -67.59
N ALA Z 557 16.61 12.61 -66.77
CA ALA Z 557 15.53 11.92 -66.06
C ALA Z 557 14.87 12.86 -65.06
N ALA Z 558 15.68 13.62 -64.32
CA ALA Z 558 15.18 14.63 -63.39
C ALA Z 558 14.43 15.71 -64.15
N GLY Z 559 14.94 16.08 -65.32
CA GLY Z 559 14.28 17.03 -66.22
C GLY Z 559 12.96 16.49 -66.75
N GLY Z 560 12.88 15.17 -66.91
CA GLY Z 560 11.65 14.52 -67.35
C GLY Z 560 10.50 14.67 -66.36
N LEU Z 561 10.74 14.37 -65.09
CA LEU Z 561 9.70 14.56 -64.07
C LEU Z 561 9.41 16.04 -63.88
N ALA Z 562 10.43 16.88 -63.87
CA ALA Z 562 10.21 18.32 -63.73
C ALA Z 562 9.29 18.81 -64.85
N GLY Z 563 9.60 18.42 -66.08
CA GLY Z 563 8.80 18.82 -67.23
C GLY Z 563 7.38 18.23 -67.25
N ALA Z 564 7.26 16.93 -67.04
CA ALA Z 564 5.97 16.24 -67.06
C ALA Z 564 5.00 16.78 -66.00
N LEU Z 565 5.46 16.94 -64.76
CA LEU Z 565 4.59 17.45 -63.70
C LEU Z 565 4.18 18.90 -63.95
N LEU Z 566 5.08 19.72 -64.48
CA LEU Z 566 4.73 21.10 -64.82
C LEU Z 566 3.74 21.16 -65.99
N ILE Z 567 3.91 20.28 -66.97
CA ILE Z 567 3.00 20.21 -68.12
C ILE Z 567 1.62 19.72 -67.70
N GLY Z 568 1.56 18.63 -66.95
CA GLY Z 568 0.30 18.07 -66.48
C GLY Z 568 -0.45 18.99 -65.52
N GLY Z 569 0.28 19.62 -64.61
CA GLY Z 569 -0.31 20.56 -63.66
C GLY Z 569 -0.94 21.77 -64.34
N ALA Z 570 -0.30 22.28 -65.38
CA ALA Z 570 -0.80 23.46 -66.11
C ALA Z 570 -2.17 23.23 -66.73
N VAL Z 571 -2.36 22.11 -67.42
CA VAL Z 571 -3.67 21.82 -68.04
C VAL Z 571 -4.75 21.60 -66.98
N PHE Z 572 -4.39 21.05 -65.82
CA PHE Z 572 -5.36 20.87 -64.73
C PHE Z 572 -5.78 22.22 -64.14
N GLY Z 573 -4.81 23.07 -63.81
CA GLY Z 573 -5.12 24.37 -63.21
C GLY Z 573 -5.94 25.30 -64.11
N THR Z 574 -5.49 25.51 -65.34
CA THR Z 574 -6.21 26.39 -66.27
C THR Z 574 -7.64 25.92 -66.53
N ALA Z 575 -7.86 24.62 -66.61
CA ALA Z 575 -9.21 24.13 -66.85
C ALA Z 575 -10.18 24.51 -65.73
N THR Z 576 -9.70 24.85 -64.54
CA THR Z 576 -10.64 25.24 -63.49
C THR Z 576 -11.34 26.55 -63.82
N LEU Z 577 -10.74 27.38 -64.68
CA LEU Z 577 -11.29 28.68 -65.04
C LEU Z 577 -12.48 28.54 -66.00
N ILE AA 40 82.48 -3.09 36.11
CA ILE AA 40 83.38 -2.05 35.57
C ILE AA 40 83.14 -0.71 36.23
N SER AA 41 84.23 -0.06 36.62
CA SER AA 41 84.19 1.23 37.28
C SER AA 41 85.06 2.20 36.49
N PRO AA 42 84.71 3.47 36.45
CA PRO AA 42 85.51 4.44 35.71
C PRO AA 42 86.98 4.35 36.08
N PRO AA 43 87.86 4.45 35.09
CA PRO AA 43 89.29 4.35 35.33
C PRO AA 43 89.84 5.32 36.37
N THR AA 44 90.93 4.88 37.02
CA THR AA 44 91.67 5.61 38.04
C THR AA 44 93.11 5.69 37.54
N ILE AA 45 93.84 6.75 37.93
CA ILE AA 45 95.20 6.93 37.43
C ILE AA 45 96.22 7.19 38.54
N ASP AA 46 97.42 6.63 38.33
CA ASP AA 46 98.60 6.77 39.18
C ASP AA 46 99.70 7.40 38.33
N PRO AA 47 99.91 8.72 38.40
CA PRO AA 47 100.90 9.37 37.53
C PRO AA 47 102.35 8.94 37.70
N GLY AA 48 102.70 8.22 38.74
CA GLY AA 48 104.07 7.74 38.91
C GLY AA 48 104.54 6.69 37.91
N ALA AA 49 103.63 6.08 37.16
CA ALA AA 49 103.92 5.04 36.19
C ALA AA 49 104.33 5.54 34.80
N LEU AA 50 104.60 6.83 34.60
CA LEU AA 50 104.99 7.29 33.26
C LEU AA 50 106.18 6.50 32.71
N PRO AA 51 106.10 6.03 31.45
CA PRO AA 51 107.22 5.33 30.86
C PRO AA 51 108.37 6.28 30.56
N PRO AA 52 109.61 5.80 30.66
CA PRO AA 52 110.75 6.67 30.36
C PRO AA 52 110.79 7.01 28.88
N ASP AA 53 111.24 8.22 28.58
CA ASP AA 53 111.35 8.68 27.20
C ASP AA 53 112.52 8.02 26.50
N GLY AA 54 112.43 7.93 25.17
CA GLY AA 54 113.46 7.32 24.36
C GLY AA 54 113.06 7.18 22.90
N PRO AA 55 114.03 6.89 22.02
CA PRO AA 55 113.72 6.74 20.61
C PRO AA 55 112.83 5.55 20.34
N PRO AA 56 111.94 5.65 19.36
CA PRO AA 56 111.04 4.54 19.03
C PRO AA 56 111.75 3.28 18.56
N GLY AA 57 111.24 2.14 19.03
CA GLY AA 57 111.77 0.85 18.69
C GLY AA 57 110.92 -0.23 19.33
N PRO AA 58 110.77 -1.35 18.65
CA PRO AA 58 109.93 -2.44 19.17
C PRO AA 58 110.47 -3.05 20.45
N LEU AA 59 109.58 -3.76 21.14
CA LEU AA 59 109.98 -4.45 22.36
C LEU AA 59 110.79 -5.71 22.05
N ALA AA 60 110.59 -6.29 20.88
CA ALA AA 60 111.31 -7.47 20.43
C ALA AA 60 111.35 -7.46 18.91
N PRO AA 61 112.37 -8.07 18.30
CA PRO AA 61 112.50 -8.00 16.84
C PRO AA 61 111.32 -8.60 16.10
N MET AA 62 110.96 -7.97 14.98
CA MET AA 62 109.84 -8.39 14.14
C MET AA 62 110.25 -8.46 12.68
N LYS AA 63 109.49 -9.24 11.90
CA LYS AA 63 109.72 -9.42 10.47
C LYS AA 63 108.40 -9.27 9.74
N GLN AA 64 108.46 -8.81 8.49
CA GLN AA 64 107.25 -8.73 7.67
C GLN AA 64 106.76 -10.08 7.18
N ASN AA 65 105.45 -10.33 7.31
CA ASN AA 65 104.86 -11.60 6.93
C ASN AA 65 103.95 -11.59 5.71
N ALA AA 66 103.41 -10.44 5.30
CA ALA AA 66 102.48 -10.39 4.17
C ALA AA 66 102.76 -9.18 3.27
N TYR AA 67 102.28 -9.27 2.03
CA TYR AA 67 102.47 -8.20 1.06
C TYR AA 67 101.50 -7.04 1.31
N CYS AA 68 101.97 -5.82 1.02
CA CYS AA 68 101.16 -4.62 1.22
C CYS AA 68 99.95 -4.56 0.28
N THR AA 69 98.81 -4.11 0.82
CA THR AA 69 97.53 -4.24 0.13
C THR AA 69 97.37 -3.24 -1.01
N GLU AA 70 96.83 -3.70 -2.14
CA GLU AA 70 96.51 -2.88 -3.30
C GLU AA 70 95.23 -2.04 -3.12
N VAL AA 71 95.08 -1.02 -3.97
CA VAL AA 71 94.04 0.01 -3.86
C VAL AA 71 93.47 0.35 -5.23
N GLY AA 72 92.31 1.02 -5.25
CA GLY AA 72 91.70 1.36 -6.52
C GLY AA 72 90.49 2.26 -6.39
N VAL AA 73 89.74 2.41 -7.50
CA VAL AA 73 88.53 3.24 -7.57
C VAL AA 73 87.31 2.42 -8.01
N LEU AA 74 86.16 2.70 -7.39
CA LEU AA 74 84.93 2.00 -7.75
C LEU AA 74 84.47 2.45 -9.13
N PRO AA 75 83.83 1.56 -9.90
CA PRO AA 75 83.36 1.93 -11.25
C PRO AA 75 82.38 3.09 -11.31
N GLY AA 76 82.67 4.04 -12.20
CA GLY AA 76 81.82 5.19 -12.46
C GLY AA 76 81.96 6.43 -11.59
N THR AA 77 82.96 6.52 -10.72
CA THR AA 77 83.08 7.71 -9.90
C THR AA 77 83.66 8.88 -10.70
N ASP AA 78 83.27 10.09 -10.29
CA ASP AA 78 83.71 11.32 -10.97
C ASP AA 78 84.18 12.30 -9.89
N PHE AA 79 85.49 12.44 -9.75
CA PHE AA 79 86.11 13.30 -8.74
C PHE AA 79 85.97 14.76 -8.97
N GLN AA 80 85.18 15.21 -9.94
CA GLN AA 80 84.93 16.64 -10.12
C GLN AA 80 83.78 17.11 -9.25
N LEU AA 81 83.02 16.19 -8.68
CA LEU AA 81 81.94 16.48 -7.75
C LEU AA 81 82.47 16.38 -6.32
N GLN AA 82 81.97 17.23 -5.43
CA GLN AA 82 82.39 17.17 -4.04
C GLN AA 82 81.92 15.89 -3.35
N PRO AA 83 82.67 15.41 -2.36
CA PRO AA 83 82.23 14.25 -1.60
C PRO AA 83 80.94 14.57 -0.86
N LYS AA 84 80.05 13.59 -0.77
CA LYS AA 84 78.76 13.84 -0.14
C LYS AA 84 78.86 14.28 1.32
N TYR AA 85 79.91 13.88 2.05
CA TYR AA 85 80.04 14.30 3.44
C TYR AA 85 80.35 15.79 3.64
N MET AA 86 80.94 16.47 2.68
CA MET AA 86 81.28 17.89 2.85
C MET AA 86 80.08 18.83 2.91
N GLU AA 87 78.88 18.38 2.55
CA GLU AA 87 77.71 19.24 2.61
C GLU AA 87 77.27 19.52 4.04
N MET AA 88 77.46 18.57 4.95
CA MET AA 88 77.09 18.77 6.35
C MET AA 88 78.01 19.77 7.03
N LEU AA 89 79.30 19.76 6.69
CA LEU AA 89 80.28 20.60 7.35
C LEU AA 89 80.25 22.07 6.91
N ASN AA 90 79.69 22.39 5.75
CA ASN AA 90 79.63 23.78 5.29
C ASN AA 90 80.98 24.50 5.33
N LEU AA 91 81.99 23.86 4.77
CA LEU AA 91 83.39 24.33 4.79
C LEU AA 91 83.62 25.67 4.08
N ASN AA 92 82.85 25.99 3.05
CA ASN AA 92 82.99 27.26 2.34
C ASN AA 92 82.81 28.47 3.24
N GLU AA 93 82.02 28.34 4.28
CA GLU AA 93 81.77 29.41 5.25
C GLU AA 93 82.73 29.33 6.43
N ALA AA 94 83.10 28.14 6.85
CA ALA AA 94 84.04 27.96 7.97
C ALA AA 94 85.44 28.49 7.65
N TRP AA 95 85.86 28.44 6.39
CA TRP AA 95 87.20 28.91 6.00
C TRP AA 95 87.36 30.42 5.99
N GLN AA 96 86.30 31.21 6.18
CA GLN AA 96 86.46 32.66 6.20
C GLN AA 96 87.50 33.12 7.21
N PHE AA 97 87.49 32.53 8.40
CA PHE AA 97 88.43 32.91 9.44
C PHE AA 97 89.82 32.33 9.27
N GLY AA 98 90.06 31.63 8.17
CA GLY AA 98 91.35 31.01 7.90
C GLY AA 98 91.33 29.50 7.83
N ARG AA 99 92.40 28.96 7.25
CA ARG AA 99 92.56 27.52 7.05
C ARG AA 99 93.34 26.80 8.15
N GLY AA 100 93.51 27.41 9.32
CA GLY AA 100 94.23 26.71 10.38
C GLY AA 100 95.74 26.71 10.27
N ASP AA 101 96.34 27.82 9.85
CA ASP AA 101 97.78 27.93 9.69
C ASP AA 101 98.54 27.88 11.02
N GLY AA 102 99.68 27.19 11.03
CA GLY AA 102 100.52 27.09 12.21
C GLY AA 102 100.15 26.06 13.26
N VAL AA 103 99.32 25.08 12.94
CA VAL AA 103 98.87 24.05 13.87
C VAL AA 103 99.54 22.72 13.55
N LYS AA 104 100.09 22.06 14.58
CA LYS AA 104 100.74 20.75 14.44
C LYS AA 104 99.81 19.66 14.95
N VAL AA 105 99.48 18.71 14.07
CA VAL AA 105 98.61 17.58 14.33
C VAL AA 105 99.41 16.28 14.26
N ALA AA 106 99.34 15.46 15.31
CA ALA AA 106 100.05 14.19 15.35
C ALA AA 106 99.10 13.05 14.97
N VAL AA 107 99.52 12.24 14.01
CA VAL AA 107 98.77 11.07 13.53
C VAL AA 107 99.50 9.81 13.95
N ILE AA 108 98.95 9.10 14.94
CA ILE AA 108 99.53 7.86 15.44
C ILE AA 108 98.77 6.72 14.78
N ASP AA 109 99.38 6.03 13.82
CA ASP AA 109 98.64 5.01 13.08
C ASP AA 109 99.55 4.00 12.37
N THR AA 110 99.15 3.54 11.19
CA THR AA 110 99.98 2.76 10.28
C THR AA 110 101.04 3.59 9.52
N GLY AA 111 101.23 4.85 9.87
CA GLY AA 111 102.16 5.72 9.16
C GLY AA 111 101.63 6.24 7.84
N VAL AA 112 102.36 7.20 7.27
CA VAL AA 112 101.93 7.92 6.06
C VAL AA 112 102.99 7.85 4.97
N THR AA 113 102.52 7.73 3.68
CA THR AA 113 103.40 7.79 2.52
C THR AA 113 103.33 9.18 1.88
N PRO AA 114 104.45 9.85 1.61
CA PRO AA 114 104.41 11.20 1.02
C PRO AA 114 103.75 11.24 -0.35
N HIS AA 115 103.14 12.40 -0.64
CA HIS AA 115 102.42 12.66 -1.89
C HIS AA 115 102.51 14.15 -2.19
N PRO AA 116 102.54 14.53 -3.48
CA PRO AA 116 102.63 15.96 -3.82
C PRO AA 116 101.52 16.87 -3.29
N ARG AA 117 100.46 16.36 -2.68
CA ARG AA 117 99.39 17.16 -2.11
C ARG AA 117 99.52 17.33 -0.61
N LEU AA 118 100.57 16.76 0.00
CA LEU AA 118 100.87 16.87 1.42
C LEU AA 118 102.26 17.50 1.59
N PRO AA 119 102.34 18.83 1.51
CA PRO AA 119 103.62 19.53 1.57
C PRO AA 119 104.28 19.70 2.93
N ARG AA 120 103.61 19.42 4.05
CA ARG AA 120 104.18 19.67 5.38
C ARG AA 120 104.22 18.42 6.27
N LEU AA 121 104.48 17.27 5.69
CA LEU AA 121 104.60 16.01 6.42
C LEU AA 121 105.96 15.87 7.10
N ILE AA 122 105.96 15.41 8.36
CA ILE AA 122 107.16 15.21 9.17
C ILE AA 122 107.29 13.79 9.72
N PRO AA 123 108.44 13.12 9.57
CA PRO AA 123 108.67 11.77 10.11
C PRO AA 123 108.98 11.78 11.60
N GLY AA 124 108.18 11.03 12.38
CA GLY AA 124 108.33 10.95 13.83
C GLY AA 124 108.90 9.69 14.48
N GLY AA 125 109.00 8.58 13.75
CA GLY AA 125 109.55 7.35 14.27
C GLY AA 125 108.63 6.15 14.08
N ASP AA 126 109.20 4.97 14.32
CA ASP AA 126 108.54 3.68 14.11
C ASP AA 126 108.70 2.70 15.27
N TYR AA 127 107.59 2.08 15.68
CA TYR AA 127 107.60 1.09 16.76
C TYR AA 127 107.41 -0.35 16.27
N VAL AA 128 107.13 -0.53 14.99
CA VAL AA 128 106.93 -1.85 14.39
C VAL AA 128 108.22 -2.42 13.82
N MET AA 129 109.02 -1.57 13.19
CA MET AA 129 110.31 -1.92 12.63
C MET AA 129 111.35 -0.99 13.23
N ALA AA 130 112.46 -1.58 13.68
CA ALA AA 130 113.52 -0.83 14.36
C ALA AA 130 114.18 0.22 13.46
N GLY AA 131 114.24 0.00 12.16
CA GLY AA 131 114.88 0.94 11.27
C GLY AA 131 113.97 1.94 10.57
N GLY AA 132 112.70 2.01 10.94
CA GLY AA 132 111.76 2.88 10.26
C GLY AA 132 111.64 4.30 10.79
N ASP AA 133 111.32 5.20 9.87
CA ASP AA 133 111.07 6.61 10.12
C ASP AA 133 109.60 6.89 10.36
N GLY AA 134 108.77 5.85 10.25
CA GLY AA 134 107.34 5.95 10.38
C GLY AA 134 106.66 6.52 9.16
N LEU AA 135 107.18 6.20 7.98
CA LEU AA 135 106.91 6.96 6.76
C LEU AA 135 106.71 6.03 5.57
N SER AA 136 105.98 4.94 5.76
CA SER AA 136 105.51 4.14 4.63
C SER AA 136 104.29 3.32 5.06
N ASP AA 137 103.20 3.45 4.30
CA ASP AA 137 101.87 2.95 4.67
C ASP AA 137 101.52 1.61 4.03
N CYS AA 138 102.01 0.53 4.61
CA CYS AA 138 101.81 -0.79 4.03
C CYS AA 138 100.34 -1.25 4.09
N ASP AA 139 99.62 -0.95 5.18
CA ASP AA 139 98.20 -1.31 5.31
C ASP AA 139 97.21 -0.38 4.58
N ALA AA 140 97.67 0.64 3.89
CA ALA AA 140 96.79 1.59 3.19
C ALA AA 140 95.71 2.19 4.08
N HIS AA 141 96.12 2.70 5.24
CA HIS AA 141 95.16 3.22 6.22
C HIS AA 141 95.55 4.62 6.65
N GLY AA 142 96.80 4.79 7.07
CA GLY AA 142 97.30 6.08 7.52
C GLY AA 142 97.26 7.20 6.49
N THR AA 143 97.43 6.88 5.21
CA THR AA 143 97.35 7.89 4.15
C THR AA 143 95.94 8.38 3.89
N LEU AA 144 94.93 7.55 4.14
CA LEU AA 144 93.55 8.02 4.01
C LEU AA 144 93.19 8.93 5.18
N VAL AA 145 93.55 8.53 6.40
CA VAL AA 145 93.27 9.34 7.57
C VAL AA 145 94.00 10.68 7.51
N ALA AA 146 95.27 10.67 7.14
CA ALA AA 146 96.06 11.90 7.05
C ALA AA 146 95.60 12.83 5.92
N SER AA 147 95.41 12.30 4.71
CA SER AA 147 94.98 13.14 3.60
C SER AA 147 93.58 13.71 3.78
N MET AA 148 92.73 13.02 4.50
CA MET AA 148 91.39 13.51 4.77
C MET AA 148 91.42 14.76 5.65
N ILE AA 149 92.49 14.94 6.42
CA ILE AA 149 92.65 16.14 7.26
C ILE AA 149 93.38 17.27 6.53
N ALA AA 150 94.56 17.04 5.95
CA ALA AA 150 95.39 18.13 5.44
C ALA AA 150 95.67 18.22 3.94
N ALA AA 151 95.09 17.41 3.07
CA ALA AA 151 95.40 17.56 1.65
C ALA AA 151 95.02 18.95 1.14
N VAL AA 152 95.89 19.52 0.31
CA VAL AA 152 95.74 20.85 -0.29
C VAL AA 152 94.89 20.83 -1.57
N PRO AA 153 94.06 21.84 -1.82
CA PRO AA 153 93.23 21.85 -3.04
C PRO AA 153 94.03 21.95 -4.33
N ALA AA 154 93.33 21.66 -5.42
CA ALA AA 154 93.89 21.65 -6.77
C ALA AA 154 94.41 23.00 -7.22
N ASN AA 155 95.41 22.97 -8.11
CA ASN AA 155 96.03 24.17 -8.67
C ASN AA 155 96.67 23.77 -10.00
N GLY AA 156 96.95 24.79 -10.82
CA GLY AA 156 97.59 24.53 -12.10
C GLY AA 156 98.96 23.90 -12.00
N ALA AA 157 99.64 24.06 -10.86
CA ALA AA 157 100.95 23.47 -10.64
C ALA AA 157 101.08 23.17 -9.15
N VAL AA 158 101.80 22.09 -8.82
CA VAL AA 158 102.01 21.73 -7.43
C VAL AA 158 103.21 22.46 -6.83
N PRO AA 159 103.18 22.80 -5.54
CA PRO AA 159 104.31 23.50 -4.93
C PRO AA 159 105.61 22.72 -4.96
N LEU AA 160 105.55 21.40 -4.75
CA LEU AA 160 106.73 20.51 -4.76
C LEU AA 160 106.59 19.50 -5.89
N PRO AA 161 107.12 19.79 -7.08
CA PRO AA 161 107.02 18.85 -8.21
C PRO AA 161 107.89 17.60 -8.08
N SER AA 162 108.85 17.56 -7.17
CA SER AA 162 109.71 16.40 -7.01
C SER AA 162 108.93 15.18 -6.51
N VAL AA 163 109.47 14.00 -6.80
CA VAL AA 163 108.89 12.72 -6.37
C VAL AA 163 109.98 11.72 -6.01
N PRO AA 164 110.64 11.88 -4.86
CA PRO AA 164 111.73 10.99 -4.43
C PRO AA 164 111.33 9.74 -3.64
N ARG AA 165 110.05 9.51 -3.37
CA ARG AA 165 109.64 8.38 -2.52
C ARG AA 165 110.08 7.00 -3.05
N ARG AA 166 110.52 6.18 -2.09
CA ARG AA 166 111.04 4.83 -2.29
C ARG AA 166 109.98 3.77 -2.60
N PRO AA 167 110.40 2.59 -3.08
CA PRO AA 167 109.47 1.49 -3.39
C PRO AA 167 108.84 0.85 -2.16
N VAL AA 168 107.83 -0.01 -2.43
CA VAL AA 168 107.16 -0.81 -1.40
C VAL AA 168 108.02 -1.98 -0.95
N THR AA 169 107.99 -2.28 0.35
CA THR AA 169 108.75 -3.36 0.97
C THR AA 169 108.11 -4.74 0.80
N ILE AA 170 108.93 -5.77 0.60
CA ILE AA 170 108.46 -7.15 0.42
C ILE AA 170 109.09 -8.05 1.48
N PRO AA 171 108.45 -9.16 1.88
CA PRO AA 171 109.01 -10.07 2.86
C PRO AA 171 110.25 -10.80 2.35
N PRO AA 266 89.68 20.52 -11.92
CA PRO AA 266 90.04 19.18 -12.34
C PRO AA 266 89.87 18.17 -11.22
N ASP AA 267 89.72 18.67 -9.98
CA ASP AA 267 89.60 17.81 -8.82
C ASP AA 267 88.97 18.65 -7.71
N ALA AA 268 87.87 18.17 -7.13
CA ALA AA 268 87.17 18.86 -6.06
C ALA AA 268 87.59 18.49 -4.63
N PHE AA 269 88.43 17.49 -4.44
CA PHE AA 269 88.81 17.07 -3.10
C PHE AA 269 89.82 17.98 -2.40
N SER AA 270 89.66 18.12 -1.07
CA SER AA 270 90.55 18.91 -0.23
C SER AA 270 90.36 18.54 1.22
N GLY AA 271 91.38 18.73 2.05
CA GLY AA 271 91.27 18.43 3.46
C GLY AA 271 90.40 19.41 4.24
N ILE AA 272 90.14 19.08 5.50
CA ILE AA 272 89.32 19.96 6.34
C ILE AA 272 90.09 21.20 6.77
N ALA AA 273 91.39 21.09 6.99
CA ALA AA 273 92.25 22.20 7.41
C ALA AA 273 93.53 22.16 6.58
N PRO AA 274 93.47 22.61 5.34
CA PRO AA 274 94.65 22.53 4.47
C PRO AA 274 95.91 23.21 5.00
N GLY AA 275 95.81 24.10 5.97
CA GLY AA 275 97.00 24.78 6.47
C GLY AA 275 97.82 24.07 7.53
N VAL AA 276 97.32 22.99 8.13
CA VAL AA 276 98.05 22.33 9.21
C VAL AA 276 99.36 21.68 8.81
N GLU AA 277 100.09 21.27 9.84
CA GLU AA 277 101.36 20.55 9.76
C GLU AA 277 101.14 19.24 10.49
N ILE AA 278 101.42 18.10 9.84
CA ILE AA 278 101.12 16.80 10.44
C ILE AA 278 102.37 15.96 10.65
N ILE AA 279 102.42 15.30 11.80
CA ILE AA 279 103.51 14.43 12.23
C ILE AA 279 103.03 12.99 12.13
N SER AA 280 103.80 12.13 11.47
CA SER AA 280 103.45 10.73 11.31
C SER AA 280 104.30 9.83 12.19
N ILE AA 281 103.62 8.98 12.97
CA ILE AA 281 104.24 8.00 13.86
C ILE AA 281 103.59 6.66 13.54
N ARG AA 282 104.39 5.62 13.29
CA ARG AA 282 103.84 4.31 12.94
C ARG AA 282 103.86 3.43 14.19
N GLN AA 283 102.69 3.07 14.69
CA GLN AA 283 102.55 2.32 15.92
C GLN AA 283 101.87 0.96 15.80
N SER AA 284 101.21 0.66 14.70
CA SER AA 284 100.48 -0.60 14.54
C SER AA 284 100.52 -1.05 13.10
N SER AA 285 100.50 -2.36 12.89
CA SER AA 285 100.32 -2.91 11.55
C SER AA 285 99.97 -4.38 11.67
N GLN AA 286 99.16 -4.86 10.73
CA GLN AA 286 98.81 -6.28 10.65
C GLN AA 286 99.70 -7.08 9.72
N ALA AA 287 100.53 -6.43 8.91
CA ALA AA 287 101.43 -7.12 8.00
C ALA AA 287 102.68 -7.65 8.69
N PHE AA 288 102.97 -7.25 9.92
CA PHE AA 288 104.18 -7.66 10.61
C PHE AA 288 103.91 -8.61 11.77
N GLY AA 289 104.87 -9.50 12.00
CA GLY AA 289 104.77 -10.47 13.07
C GLY AA 289 106.11 -10.72 13.72
N LEU AA 290 106.03 -11.27 14.93
CA LEU AA 290 107.19 -11.57 15.75
C LEU AA 290 107.98 -12.73 15.15
N LYS AA 291 109.31 -12.58 15.02
CA LYS AA 291 110.13 -13.62 14.42
C LYS AA 291 110.71 -14.63 15.44
N ASP AA 292 110.00 -14.85 16.55
CA ASP AA 292 110.19 -15.92 17.52
C ASP AA 292 108.83 -16.07 18.19
N PRO AA 293 107.89 -16.76 17.54
CA PRO AA 293 106.52 -16.86 18.05
C PRO AA 293 106.30 -17.39 19.47
N TYR AA 294 107.18 -18.21 20.03
CA TYR AA 294 106.92 -18.68 21.38
C TYR AA 294 106.85 -17.51 22.35
N THR AA 295 105.86 -17.59 23.28
CA THR AA 295 105.62 -16.51 24.23
C THR AA 295 105.32 -17.00 25.65
N GLY AA 296 105.66 -18.24 25.99
CA GLY AA 296 105.70 -18.65 27.38
C GLY AA 296 104.37 -18.85 28.10
N ASP AA 297 104.37 -18.46 29.39
CA ASP AA 297 103.26 -18.61 30.32
C ASP AA 297 101.96 -17.95 29.93
N GLU AA 298 101.91 -17.15 28.86
CA GLU AA 298 100.67 -16.48 28.47
C GLU AA 298 100.31 -16.77 27.02
N ASP AA 299 99.02 -16.94 26.81
CA ASP AA 299 98.45 -17.26 25.50
C ASP AA 299 98.88 -16.23 24.45
N PRO AA 300 99.25 -16.68 23.23
CA PRO AA 300 99.62 -15.76 22.15
C PRO AA 300 98.61 -14.66 21.84
N GLN AA 301 97.35 -14.83 22.20
CA GLN AA 301 96.37 -13.76 21.99
C GLN AA 301 96.57 -12.65 23.02
N THR AA 302 96.50 -12.98 24.30
CA THR AA 302 96.64 -11.99 25.37
C THR AA 302 98.07 -11.47 25.45
N ALA AA 303 99.04 -12.27 25.06
CA ALA AA 303 100.42 -11.83 25.05
C ALA AA 303 100.63 -10.62 24.14
N GLN AA 304 99.92 -10.55 23.02
CA GLN AA 304 100.05 -9.43 22.09
C GLN AA 304 99.36 -8.16 22.57
N LYS AA 305 98.22 -8.27 23.27
CA LYS AA 305 97.52 -7.08 23.78
C LYS AA 305 98.34 -6.28 24.78
N ILE AA 306 99.08 -6.95 25.66
CA ILE AA 306 99.92 -6.22 26.61
C ILE AA 306 101.02 -5.46 25.89
N ASP AA 307 101.56 -5.99 24.80
CA ASP AA 307 102.57 -5.25 24.03
C ASP AA 307 101.96 -4.00 23.39
N ASN AA 308 100.73 -4.07 22.92
CA ASN AA 308 100.05 -2.91 22.31
C ASN AA 308 99.80 -1.81 23.34
N VAL AA 309 99.26 -2.16 24.50
CA VAL AA 309 99.00 -1.17 25.56
C VAL AA 309 100.30 -0.47 25.96
N GLU AA 310 101.38 -1.20 26.13
CA GLU AA 310 102.65 -0.57 26.49
C GLU AA 310 103.18 0.34 25.37
N THR AA 311 103.12 -0.11 24.12
CA THR AA 311 103.61 0.70 23.00
C THR AA 311 102.73 1.92 22.73
N MET AA 312 101.43 1.84 23.01
CA MET AA 312 100.52 2.98 22.85
C MET AA 312 100.86 4.13 23.81
N ALA AA 313 101.18 3.81 25.06
CA ALA AA 313 101.55 4.84 26.04
C ALA AA 313 102.81 5.58 25.61
N ARG AA 314 103.80 4.86 25.11
CA ARG AA 314 105.05 5.44 24.63
C ARG AA 314 104.80 6.43 23.48
N ALA AA 315 103.99 6.05 22.51
CA ALA AA 315 103.69 6.92 21.37
C ALA AA 315 102.99 8.21 21.77
N ILE AA 316 102.10 8.17 22.76
CA ILE AA 316 101.42 9.40 23.23
C ILE AA 316 102.40 10.35 23.92
N VAL AA 317 103.26 9.85 24.80
CA VAL AA 317 104.26 10.70 25.46
C VAL AA 317 105.21 11.32 24.43
N HIS AA 318 105.70 10.51 23.50
CA HIS AA 318 106.58 11.00 22.45
C HIS AA 318 105.90 12.08 21.59
N ALA AA 319 104.67 11.83 21.17
CA ALA AA 319 103.95 12.80 20.34
C ALA AA 319 103.74 14.14 21.05
N ALA AA 320 103.52 14.14 22.36
CA ALA AA 320 103.36 15.38 23.10
C ALA AA 320 104.67 16.16 23.18
N ASN AA 321 105.79 15.49 23.42
CA ASN AA 321 107.08 16.17 23.47
C ASN AA 321 107.47 16.76 22.11
N MET AA 322 106.83 16.31 21.02
CA MET AA 322 107.06 16.91 19.72
C MET AA 322 106.40 18.28 19.63
N GLY AA 323 105.54 18.62 20.60
CA GLY AA 323 104.85 19.90 20.61
C GLY AA 323 103.55 19.95 19.84
N ALA AA 324 102.96 18.82 19.53
CA ALA AA 324 101.69 18.77 18.82
C ALA AA 324 100.58 19.33 19.69
N SER AA 325 99.60 19.96 19.05
CA SER AA 325 98.47 20.52 19.79
C SER AA 325 97.21 19.67 19.66
N VAL AA 326 97.17 18.77 18.67
CA VAL AA 326 96.05 17.85 18.47
C VAL AA 326 96.63 16.49 18.18
N ILE AA 327 96.22 15.48 18.95
CA ILE AA 327 96.68 14.10 18.77
C ILE AA 327 95.49 13.28 18.30
N ASN AA 328 95.61 12.61 17.15
CA ASN AA 328 94.54 11.80 16.58
C ASN AA 328 94.88 10.32 16.66
N ILE AA 329 94.01 9.53 17.29
CA ILE AA 329 94.21 8.08 17.47
C ILE AA 329 93.06 7.34 16.77
N SER AA 330 93.24 7.01 15.51
CA SER AA 330 92.25 6.31 14.69
C SER AA 330 92.33 4.79 14.73
N ASP AA 331 93.38 4.19 15.30
CA ASP AA 331 93.43 2.74 15.53
C ASP AA 331 93.46 2.42 17.01
N VAL AA 332 92.56 1.53 17.43
CA VAL AA 332 92.14 1.38 18.82
C VAL AA 332 91.79 -0.08 19.06
N MET AA 333 91.86 -0.51 20.32
CA MET AA 333 91.73 -1.92 20.68
C MET AA 333 90.59 -2.21 21.65
N CYS AA 334 89.97 -3.38 21.47
CA CYS AA 334 88.84 -3.87 22.26
C CYS AA 334 89.24 -5.03 23.17
N MET AA 335 88.72 -5.04 24.40
CA MET AA 335 88.95 -6.07 25.40
C MET AA 335 87.63 -6.53 25.97
N SER AA 336 87.59 -7.77 26.45
CA SER AA 336 86.43 -8.17 27.25
C SER AA 336 86.45 -7.45 28.61
N ALA AA 337 85.26 -7.31 29.20
CA ALA AA 337 85.16 -6.76 30.56
C ALA AA 337 85.67 -7.73 31.61
N ARG AA 338 85.62 -9.02 31.31
CA ARG AA 338 86.42 -10.02 31.97
C ARG AA 338 87.84 -9.94 31.44
N ASN AA 339 88.80 -10.32 32.26
CA ASN AA 339 90.19 -10.34 31.79
C ASN AA 339 90.66 -8.98 31.25
N VAL AA 340 90.29 -7.88 31.90
CA VAL AA 340 90.84 -6.58 31.53
C VAL AA 340 92.31 -6.49 31.92
N ILE AA 341 93.11 -5.92 31.01
CA ILE AA 341 94.57 -5.81 31.13
C ILE AA 341 94.99 -4.59 31.94
N ASP AA 342 96.07 -4.73 32.71
CA ASP AA 342 96.63 -3.64 33.51
C ASP AA 342 97.07 -2.47 32.65
N GLN AA 343 96.46 -1.29 32.87
CA GLN AA 343 96.71 -0.09 32.07
C GLN AA 343 97.36 1.08 32.83
N ARG AA 344 98.00 0.83 33.97
CA ARG AA 344 98.61 1.93 34.75
C ARG AA 344 99.52 2.84 33.91
N ALA AA 345 100.36 2.26 33.07
CA ALA AA 345 101.25 3.06 32.22
C ALA AA 345 100.49 3.95 31.25
N LEU AA 346 99.43 3.43 30.65
CA LEU AA 346 98.62 4.19 29.70
C LEU AA 346 97.79 5.29 30.38
N GLY AA 347 97.27 5.01 31.57
CA GLY AA 347 96.51 6.02 32.31
C GLY AA 347 97.33 7.26 32.64
N ALA AA 348 98.56 7.07 33.10
CA ALA AA 348 99.46 8.18 33.40
C ALA AA 348 99.87 8.93 32.14
N ALA AA 349 100.16 8.21 31.06
CA ALA AA 349 100.55 8.84 29.80
C ALA AA 349 99.46 9.77 29.26
N VAL AA 350 98.21 9.39 29.38
CA VAL AA 350 97.08 10.22 28.93
C VAL AA 350 97.00 11.51 29.73
N HIS AA 351 97.14 11.43 31.06
CA HIS AA 351 97.10 12.60 31.95
C HIS AA 351 98.22 13.60 31.64
N TYR AA 352 99.45 13.13 31.50
CA TYR AA 352 100.58 14.00 31.20
C TYR AA 352 100.38 14.80 29.92
N ALA AA 353 99.98 14.16 28.83
CA ALA AA 353 99.77 14.86 27.55
C ALA AA 353 98.58 15.81 27.58
N ALA AA 354 97.50 15.47 28.27
CA ALA AA 354 96.30 16.30 28.33
C ALA AA 354 96.39 17.51 29.25
N VAL AA 355 97.05 17.41 30.40
CA VAL AA 355 97.14 18.50 31.37
C VAL AA 355 98.44 19.29 31.33
N ASP AA 356 99.57 18.64 31.52
CA ASP AA 356 100.87 19.30 31.57
C ASP AA 356 101.37 19.76 30.20
N LYS AA 357 100.81 19.25 29.10
CA LYS AA 357 101.21 19.66 27.76
C LYS AA 357 100.06 20.24 26.96
N ASP AA 358 98.88 20.38 27.57
CA ASP AA 358 97.68 20.96 26.96
C ASP AA 358 97.27 20.38 25.60
N ALA AA 359 97.54 19.12 25.33
CA ALA AA 359 97.13 18.55 24.04
C ALA AA 359 95.67 18.12 24.05
N VAL AA 360 95.02 18.19 22.89
CA VAL AA 360 93.65 17.71 22.70
C VAL AA 360 93.76 16.30 22.11
N ILE AA 361 93.15 15.30 22.75
CA ILE AA 361 93.23 13.93 22.28
C ILE AA 361 91.89 13.48 21.71
N VAL AA 362 91.88 13.07 20.44
CA VAL AA 362 90.67 12.62 19.74
C VAL AA 362 90.84 11.14 19.41
N ALA AA 363 89.89 10.30 19.83
CA ALA AA 363 89.98 8.86 19.60
C ALA AA 363 88.69 8.33 19.00
N ALA AA 364 88.81 7.31 18.14
CA ALA AA 364 87.68 6.64 17.52
C ALA AA 364 86.94 5.71 18.48
N ALA AA 365 85.63 5.59 18.28
CA ALA AA 365 84.82 4.71 19.11
C ALA AA 365 85.01 3.21 18.82
N GLY AA 366 85.82 2.83 17.83
CA GLY AA 366 85.98 1.45 17.43
C GLY AA 366 84.90 0.95 16.49
N ASP AA 367 85.20 -0.07 15.68
CA ASP AA 367 84.26 -0.63 14.70
C ASP AA 367 83.89 -2.07 15.02
N GLY AA 368 82.64 -2.43 14.72
CA GLY AA 368 82.10 -3.76 14.92
C GLY AA 368 82.70 -4.85 14.04
N SER AA 369 83.49 -4.47 13.04
CA SER AA 369 84.18 -5.41 12.16
C SER AA 369 85.53 -5.86 12.68
N LYS AA 370 86.09 -5.16 13.66
CA LYS AA 370 87.39 -5.48 14.22
C LYS AA 370 87.30 -6.73 15.09
N LYS AA 371 88.46 -7.29 15.39
CA LYS AA 371 88.57 -8.69 15.81
C LYS AA 371 87.70 -9.03 17.01
N ASP AA 372 87.75 -8.26 18.09
CA ASP AA 372 87.01 -8.61 19.30
C ASP AA 372 85.89 -7.67 19.70
N CYS AA 373 85.64 -6.60 18.95
CA CYS AA 373 84.65 -5.61 19.37
C CYS AA 373 83.22 -6.13 19.21
N LYS AA 374 82.42 -5.99 20.26
CA LYS AA 374 81.01 -6.38 20.30
C LYS AA 374 80.18 -5.26 20.91
N GLN AA 375 78.89 -5.24 20.61
CA GLN AA 375 78.04 -4.13 21.04
C GLN AA 375 77.82 -4.12 22.55
N ASN AA 376 77.85 -2.79 23.24
CA ASN AA 376 77.45 -2.55 24.63
C ASN AA 376 75.98 -2.17 24.79
N PRO AA 377 75.35 -2.52 25.91
CA PRO AA 377 73.96 -2.13 26.16
C PRO AA 377 73.81 -0.62 26.39
N ILE AA 378 72.62 -0.11 26.07
CA ILE AA 378 72.24 1.30 26.22
C ILE AA 378 71.56 1.58 27.56
N PHE AA 379 71.08 2.82 27.73
CA PHE AA 379 70.36 3.26 28.92
C PHE AA 379 69.19 2.35 29.28
N ASP AA 380 68.97 2.17 30.58
CA ASP AA 380 67.91 1.31 31.13
C ASP AA 380 66.92 2.10 31.98
N PRO AA 381 65.71 2.37 31.47
CA PRO AA 381 64.75 3.21 32.21
C PRO AA 381 64.37 2.73 33.59
N LEU AA 382 64.56 1.46 33.88
CA LEU AA 382 64.22 0.88 35.17
C LEU AA 382 65.25 1.12 36.26
N GLN AA 383 66.41 1.68 35.94
CA GLN AA 383 67.47 1.93 36.93
C GLN AA 383 68.15 3.27 36.66
N PRO AA 384 67.45 4.38 36.98
CA PRO AA 384 67.95 5.74 36.74
C PRO AA 384 69.11 6.18 37.63
N ASP AA 385 69.73 5.21 38.30
CA ASP AA 385 70.87 5.47 39.18
C ASP AA 385 72.04 6.05 38.41
N ASP AA 386 72.39 5.48 37.25
CA ASP AA 386 73.48 5.98 36.42
C ASP AA 386 73.01 6.11 34.97
N PRO AA 387 72.82 7.34 34.48
CA PRO AA 387 72.31 7.53 33.12
C PRO AA 387 73.18 7.02 32.00
N ARG AA 388 74.46 6.76 32.23
CA ARG AA 388 75.30 6.24 31.16
C ARG AA 388 75.45 4.72 31.23
N ALA AA 389 74.90 4.09 32.26
CA ALA AA 389 74.96 2.64 32.46
C ALA AA 389 76.36 2.04 32.40
N TRP AA 390 77.16 2.32 33.45
CA TRP AA 390 78.50 1.78 33.52
C TRP AA 390 78.50 0.33 34.00
N ASN AA 391 77.59 -0.03 34.90
CA ASN AA 391 77.51 -1.37 35.44
C ASN AA 391 77.12 -2.46 34.44
N ALA AA 392 76.52 -2.11 33.30
CA ALA AA 392 76.14 -3.10 32.29
C ALA AA 392 77.20 -3.30 31.21
N VAL AA 393 78.34 -2.62 31.27
CA VAL AA 393 79.37 -2.75 30.26
C VAL AA 393 79.86 -4.17 30.08
N THR AA 394 80.12 -4.54 28.81
CA THR AA 394 80.65 -5.85 28.42
C THR AA 394 81.92 -5.79 27.58
N THR AA 395 82.19 -4.69 26.88
CA THR AA 395 83.39 -4.51 26.07
C THR AA 395 84.04 -3.18 26.42
N VAL AA 396 85.35 -3.20 26.65
CA VAL AA 396 86.13 -2.00 26.96
C VAL AA 396 86.98 -1.60 25.78
N VAL AA 397 86.97 -0.31 25.44
CA VAL AA 397 87.71 0.23 24.31
C VAL AA 397 88.72 1.23 24.83
N THR AA 398 89.99 1.04 24.51
CA THR AA 398 91.08 1.79 25.13
C THR AA 398 92.04 2.38 24.10
N PRO AA 399 92.51 3.63 24.27
CA PRO AA 399 92.39 4.60 25.34
C PRO AA 399 91.05 5.34 25.42
N SER AA 400 90.11 4.99 24.56
CA SER AA 400 88.82 5.66 24.51
C SER AA 400 88.09 5.68 25.85
N TRP AA 401 88.41 4.72 26.70
CA TRP AA 401 87.86 4.54 28.04
C TRP AA 401 87.97 5.75 28.98
N PHE AA 402 89.03 6.56 28.86
CA PHE AA 402 89.29 7.72 29.75
C PHE AA 402 88.54 9.00 29.37
N HIS AA 403 87.22 8.99 29.60
CA HIS AA 403 86.35 10.10 29.22
C HIS AA 403 86.67 11.46 29.87
N ASP AA 404 87.51 11.54 30.91
CA ASP AA 404 87.88 12.84 31.50
C ASP AA 404 88.98 13.58 30.76
N TYR AA 405 89.71 12.90 29.89
CA TYR AA 405 90.84 13.49 29.17
C TYR AA 405 90.83 13.23 27.68
N VAL AA 406 89.98 12.32 27.18
CA VAL AA 406 89.90 11.95 25.77
C VAL AA 406 88.51 12.20 25.20
N LEU AA 407 88.46 12.73 23.98
CA LEU AA 407 87.22 12.97 23.23
C LEU AA 407 86.98 11.80 22.28
N THR AA 408 85.89 11.04 22.48
CA THR AA 408 85.54 9.87 21.66
C THR AA 408 84.43 10.16 20.65
N VAL AA 409 84.66 9.82 19.38
CA VAL AA 409 83.76 10.10 18.27
C VAL AA 409 83.05 8.86 17.72
N GLY AA 410 81.72 8.94 17.58
CA GLY AA 410 80.91 7.90 16.99
C GLY AA 410 80.61 8.26 15.54
N ALA AA 411 79.91 7.37 14.81
CA ALA AA 411 79.65 7.60 13.39
C ALA AA 411 78.19 7.75 13.01
N VAL AA 412 77.94 8.56 11.97
CA VAL AA 412 76.63 8.82 11.36
C VAL AA 412 76.80 8.77 9.85
N ASP AA 413 75.73 8.43 9.14
CA ASP AA 413 75.79 8.40 7.69
C ASP AA 413 75.85 9.82 7.13
N ALA AA 414 75.91 9.94 5.80
CA ALA AA 414 75.95 11.26 5.17
C ALA AA 414 74.66 12.05 5.31
N ASN AA 415 73.57 11.43 5.75
CA ASN AA 415 72.29 12.11 5.92
C ASN AA 415 72.04 12.52 7.36
N GLY AA 416 72.68 11.86 8.32
CA GLY AA 416 72.57 12.18 9.72
C GLY AA 416 72.06 11.05 10.61
N GLN AA 417 71.75 9.88 10.08
CA GLN AA 417 71.28 8.78 10.92
C GLN AA 417 72.48 8.04 11.48
N PRO AA 418 72.46 7.53 12.71
CA PRO AA 418 73.61 6.79 13.22
C PRO AA 418 73.79 5.48 12.49
N LEU AA 419 75.05 5.09 12.32
CA LEU AA 419 75.39 3.78 11.73
C LEU AA 419 75.32 2.78 12.87
N SER AA 420 74.07 2.49 13.22
CA SER AA 420 73.71 1.65 14.34
C SER AA 420 74.35 0.27 14.35
N LYS AA 421 74.67 -0.29 13.20
CA LYS AA 421 75.26 -1.63 13.21
C LYS AA 421 76.78 -1.71 13.24
N MET AA 422 77.55 -0.63 13.03
CA MET AA 422 79.00 -0.76 13.05
C MET AA 422 79.78 0.14 14.02
N SER AA 423 79.14 0.84 14.94
CA SER AA 423 79.85 1.57 16.00
C SER AA 423 79.51 1.01 17.38
N ILE AA 424 80.54 0.84 18.21
CA ILE AA 424 80.41 0.05 19.43
C ILE AA 424 79.60 0.72 20.56
N ALA AA 425 79.38 2.02 20.53
CA ALA AA 425 78.35 2.62 21.40
C ALA AA 425 78.52 2.43 22.90
N GLY AA 426 79.72 2.64 23.43
CA GLY AA 426 79.92 2.51 24.87
C GLY AA 426 79.45 3.70 25.68
N PRO AA 427 79.75 3.71 26.99
CA PRO AA 427 79.35 4.81 27.87
C PRO AA 427 80.26 6.03 27.84
N TRP AA 428 81.44 5.94 27.22
CA TRP AA 428 82.40 7.02 27.08
C TRP AA 428 82.20 7.89 25.86
N VAL AA 429 81.40 7.46 24.89
CA VAL AA 429 81.17 8.22 23.67
C VAL AA 429 80.71 9.63 24.00
N SER AA 430 81.26 10.62 23.29
CA SER AA 430 80.97 12.02 23.55
C SER AA 430 80.52 12.85 22.34
N ILE AA 431 80.88 12.52 21.11
CA ILE AA 431 80.44 13.32 19.95
C ILE AA 431 80.41 12.41 18.73
N SER AA 432 79.86 12.90 17.60
CA SER AA 432 79.84 12.12 16.36
C SER AA 432 80.01 12.97 15.11
N ALA AA 433 80.42 12.32 14.02
CA ALA AA 433 80.65 12.99 12.74
C ALA AA 433 80.49 11.98 11.61
N PRO AA 434 80.38 12.44 10.36
CA PRO AA 434 80.19 11.55 9.20
C PRO AA 434 81.21 10.44 9.02
N GLY AA 435 80.84 9.37 8.31
CA GLY AA 435 81.75 8.25 8.10
C GLY AA 435 81.53 7.40 6.86
N THR AA 436 80.99 7.97 5.79
CA THR AA 436 80.72 7.25 4.55
C THR AA 436 81.14 8.10 3.34
N ASP AA 437 81.22 7.46 2.18
CA ASP AA 437 81.66 8.12 0.95
C ASP AA 437 83.05 8.72 1.08
N VAL AA 438 83.92 7.97 1.76
CA VAL AA 438 85.32 8.37 1.98
C VAL AA 438 86.08 8.43 0.67
N VAL AA 439 86.91 9.47 0.54
CA VAL AA 439 87.78 9.71 -0.61
C VAL AA 439 89.11 10.18 -0.05
N GLY AA 440 90.19 9.83 -0.72
CA GLY AA 440 91.50 10.26 -0.25
C GLY AA 440 92.60 10.02 -1.26
N LEU AA 441 93.76 10.57 -0.95
CA LEU AA 441 94.95 10.41 -1.78
C LEU AA 441 95.40 8.95 -1.79
N SER AA 442 96.04 8.56 -2.90
CA SER AA 442 96.46 7.18 -3.01
C SER AA 442 97.91 6.98 -2.59
N PRO AA 443 98.23 6.08 -1.67
CA PRO AA 443 99.59 5.55 -1.61
C PRO AA 443 99.92 4.80 -2.88
N ARG AA 444 101.23 4.64 -3.15
CA ARG AA 444 101.69 3.83 -4.29
C ARG AA 444 101.19 4.34 -5.63
N ASP AA 445 100.70 5.56 -5.69
CA ASP AA 445 100.20 6.13 -6.93
C ASP AA 445 100.27 7.64 -6.78
N ASP AA 446 99.66 8.36 -7.70
CA ASP AA 446 99.65 9.81 -7.66
C ASP AA 446 98.29 10.29 -8.18
N GLY AA 447 97.28 10.07 -7.35
CA GLY AA 447 95.90 10.40 -7.70
C GLY AA 447 94.98 9.97 -6.57
N LEU AA 448 93.67 9.99 -6.83
CA LEU AA 448 92.70 9.62 -5.80
C LEU AA 448 92.31 8.13 -5.82
N ILE AA 449 91.70 7.67 -4.71
CA ILE AA 449 91.21 6.31 -4.56
C ILE AA 449 89.90 6.26 -3.78
N ASN AA 450 89.17 5.15 -3.92
CA ASN AA 450 87.90 4.94 -3.23
C ASN AA 450 87.76 3.57 -2.60
N ALA AA 451 88.66 2.63 -2.86
CA ALA AA 451 88.48 1.30 -2.31
C ALA AA 451 89.84 0.64 -2.15
N ILE AA 452 89.86 -0.43 -1.37
CA ILE AA 452 91.05 -1.21 -1.12
C ILE AA 452 90.79 -2.63 -1.59
N ASP AA 453 91.82 -3.29 -2.12
CA ASP AA 453 91.67 -4.62 -2.71
C ASP AA 453 91.54 -5.65 -1.61
N GLY AA 454 90.39 -6.33 -1.57
CA GLY AA 454 90.13 -7.33 -0.55
C GLY AA 454 90.87 -8.63 -0.80
N PRO AA 455 90.62 -9.60 0.10
CA PRO AA 455 91.26 -10.91 -0.04
C PRO AA 455 90.85 -11.64 -1.30
N ASP AA 456 89.59 -11.49 -1.69
CA ASP AA 456 89.06 -12.09 -2.89
C ASP AA 456 89.43 -11.28 -4.12
N ASN AA 457 88.77 -11.59 -5.23
CA ASN AA 457 88.62 -10.67 -6.36
C ASN AA 457 87.94 -9.37 -5.93
N SER AA 458 87.11 -9.44 -4.89
CA SER AA 458 86.32 -8.32 -4.38
C SER AA 458 87.10 -7.06 -4.04
N LEU AA 459 86.61 -5.92 -4.54
CA LEU AA 459 87.16 -4.60 -4.26
C LEU AA 459 86.28 -4.02 -3.15
N LEU AA 460 86.86 -3.79 -1.98
CA LEU AA 460 86.16 -3.40 -0.77
C LEU AA 460 86.25 -1.90 -0.43
N VAL AA 461 85.10 -1.27 -0.17
CA VAL AA 461 85.00 0.17 0.15
C VAL AA 461 85.15 0.48 1.64
N PRO AA 462 86.01 1.43 2.03
CA PRO AA 462 86.17 1.78 3.44
C PRO AA 462 85.08 2.67 4.01
N ALA AA 463 84.77 2.44 5.29
CA ALA AA 463 83.79 3.18 6.06
C ALA AA 463 84.05 2.90 7.53
N GLY AA 464 83.57 3.78 8.41
CA GLY AA 464 83.74 3.58 9.83
C GLY AA 464 84.25 4.78 10.59
N THR AA 465 84.35 4.58 11.91
CA THR AA 465 84.75 5.59 12.90
C THR AA 465 86.17 6.11 12.72
N SER AA 466 87.05 5.36 12.10
CA SER AA 466 88.41 5.84 11.91
C SER AA 466 88.43 7.09 11.05
N PHE AA 467 87.44 7.26 10.19
CA PHE AA 467 87.29 8.44 9.35
C PHE AA 467 86.49 9.55 10.03
N SER AA 468 85.50 9.22 10.87
CA SER AA 468 84.77 10.23 11.63
C SER AA 468 85.69 10.95 12.61
N ALA AA 469 86.61 10.22 13.22
CA ALA AA 469 87.60 10.80 14.12
C ALA AA 469 88.48 11.80 13.37
N ALA AA 470 88.79 11.51 12.12
CA ALA AA 470 89.59 12.41 11.28
C ALA AA 470 88.87 13.73 11.03
N ILE AA 471 87.57 13.69 10.77
CA ILE AA 471 86.78 14.91 10.57
C ILE AA 471 86.85 15.81 11.80
N VAL AA 472 86.59 15.27 12.98
CA VAL AA 472 86.65 16.06 14.22
C VAL AA 472 88.05 16.57 14.49
N SER AA 473 89.08 15.80 14.16
CA SER AA 473 90.45 16.25 14.35
C SER AA 473 90.75 17.46 13.48
N GLY AA 474 90.08 17.58 12.35
CA GLY AA 474 90.21 18.74 11.48
C GLY AA 474 89.50 19.96 12.05
N VAL AA 475 88.29 19.77 12.58
CA VAL AA 475 87.51 20.85 13.19
C VAL AA 475 88.20 21.37 14.45
N ALA AA 476 88.78 20.50 15.26
CA ALA AA 476 89.49 20.92 16.46
C ALA AA 476 90.67 21.82 16.13
N ALA AA 477 91.35 21.58 15.01
CA ALA AA 477 92.48 22.40 14.57
C ALA AA 477 92.06 23.83 14.23
N LEU AA 478 90.97 24.00 13.48
CA LEU AA 478 90.46 25.32 13.14
C LEU AA 478 90.03 26.11 14.38
N VAL AA 479 89.33 25.48 15.32
CA VAL AA 479 88.89 26.16 16.53
C VAL AA 479 90.05 26.61 17.39
N ARG AA 480 91.07 25.79 17.57
CA ARG AA 480 92.22 26.24 18.36
C ARG AA 480 92.98 27.37 17.67
N ALA AA 481 92.97 27.42 16.35
CA ALA AA 481 93.64 28.52 15.63
C ALA AA 481 92.92 29.85 15.82
N LYS AA 482 91.61 29.85 16.05
CA LYS AA 482 90.84 31.08 16.27
C LYS AA 482 90.77 31.52 17.73
N PHE AA 483 90.83 30.60 18.70
CA PHE AA 483 90.79 30.93 20.13
C PHE AA 483 92.06 30.44 20.82
N PRO AA 484 93.22 30.97 20.42
CA PRO AA 484 94.50 30.51 20.98
C PRO AA 484 94.69 30.69 22.48
N GLU AA 485 93.87 31.47 23.17
CA GLU AA 485 94.06 31.63 24.60
C GLU AA 485 93.46 30.50 25.44
N LEU AA 486 92.52 29.73 24.90
CA LEU AA 486 91.85 28.65 25.64
C LEU AA 486 92.67 27.37 25.77
N SER AA 487 92.51 26.70 26.92
CA SER AA 487 93.12 25.42 27.24
C SER AA 487 92.31 24.26 26.67
N ALA AA 488 92.95 23.09 26.63
CA ALA AA 488 92.35 21.88 26.07
C ALA AA 488 90.96 21.55 26.62
N TYR AA 489 90.80 21.57 27.93
CA TYR AA 489 89.50 21.28 28.51
C TYR AA 489 88.40 22.23 28.05
N GLN AA 490 88.73 23.48 27.76
CA GLN AA 490 87.76 24.48 27.28
C GLN AA 490 87.41 24.33 25.81
N ILE AA 491 88.37 23.95 24.97
CA ILE AA 491 88.12 23.74 23.55
C ILE AA 491 87.15 22.58 23.35
N ILE AA 492 87.27 21.55 24.19
CA ILE AA 492 86.35 20.40 24.16
C ILE AA 492 84.92 20.83 24.51
N ASN AA 493 84.76 21.64 25.55
CA ASN AA 493 83.43 22.14 25.93
C ASN AA 493 82.80 23.00 24.84
N ARG AA 494 83.61 23.68 24.05
CA ARG AA 494 83.12 24.50 22.95
C ARG AA 494 82.53 23.66 21.83
N LEU AA 495 83.11 22.49 21.55
CA LEU AA 495 82.57 21.55 20.54
C LEU AA 495 81.32 20.83 21.03
N ILE AA 496 81.33 20.37 22.27
CA ILE AA 496 80.19 19.65 22.88
C ILE AA 496 78.94 20.52 22.92
N HIS AA 497 79.02 21.73 23.46
CA HIS AA 497 77.84 22.60 23.62
C HIS AA 497 77.22 23.09 22.32
N THR AA 498 77.92 23.09 21.19
CA THR AA 498 77.35 23.59 19.95
C THR AA 498 76.82 22.50 19.03
N ALA AA 499 76.97 21.23 19.38
CA ALA AA 499 76.49 20.09 18.60
C ALA AA 499 74.97 19.90 18.70
N ARG AA 500 74.38 19.36 17.64
CA ARG AA 500 72.94 19.11 17.60
C ARG AA 500 72.63 17.78 18.29
N PRO AA 501 71.79 17.76 19.32
CA PRO AA 501 71.59 16.57 20.13
C PRO AA 501 70.52 15.61 19.66
N PRO AA 502 70.59 14.38 20.15
CA PRO AA 502 69.60 13.34 19.87
C PRO AA 502 68.42 13.46 20.82
N ALA AA 503 67.37 12.69 20.54
CA ALA AA 503 66.14 12.72 21.32
C ALA AA 503 66.26 12.51 22.83
N ARG AA 504 67.37 12.00 23.34
CA ARG AA 504 67.52 11.81 24.79
C ARG AA 504 68.46 12.82 25.44
N GLY AA 505 68.98 13.78 24.69
CA GLY AA 505 69.95 14.75 25.18
C GLY AA 505 71.35 14.20 25.23
N VAL AA 506 71.53 13.01 25.79
CA VAL AA 506 72.82 12.34 25.81
C VAL AA 506 72.55 10.86 25.57
N ASP AA 507 73.26 10.27 24.62
CA ASP AA 507 72.97 8.87 24.31
C ASP AA 507 74.23 8.14 23.91
N ASN AA 508 74.42 6.95 24.46
CA ASN AA 508 75.61 6.15 24.21
C ASN AA 508 75.92 5.94 22.73
N GLN AA 509 74.91 5.99 21.87
CA GLN AA 509 75.17 5.77 20.45
C GLN AA 509 75.84 6.96 19.76
N VAL AA 510 75.64 8.19 20.21
CA VAL AA 510 76.23 9.35 19.55
C VAL AA 510 76.78 10.40 20.50
N GLY AA 511 76.67 10.17 21.79
CA GLY AA 511 77.18 11.15 22.74
C GLY AA 511 76.30 12.38 22.81
N TYR AA 512 76.90 13.56 22.78
CA TYR AA 512 76.10 14.79 22.83
C TYR AA 512 75.44 15.18 21.51
N GLY AA 513 75.91 14.72 20.36
CA GLY AA 513 75.25 15.06 19.11
C GLY AA 513 76.23 15.05 17.95
N VAL AA 514 75.81 15.73 16.87
CA VAL AA 514 76.61 15.87 15.65
C VAL AA 514 77.42 17.16 15.66
N VAL AA 515 78.71 17.06 15.33
CA VAL AA 515 79.60 18.22 15.32
C VAL AA 515 79.08 19.29 14.36
N ASP AA 516 79.36 20.56 14.69
CA ASP AA 516 78.90 21.70 13.89
C ASP AA 516 80.00 22.77 13.80
N PRO AA 517 80.79 22.80 12.70
CA PRO AA 517 81.93 23.72 12.60
C PRO AA 517 81.70 25.22 12.75
N VAL AA 518 80.82 25.80 11.93
CA VAL AA 518 80.54 27.24 11.96
C VAL AA 518 80.01 27.68 13.32
N ALA AA 519 79.21 26.84 13.96
CA ALA AA 519 78.69 27.14 15.29
C ALA AA 519 79.80 27.11 16.34
N ALA AA 520 80.75 26.21 16.20
CA ALA AA 520 81.86 26.14 17.14
C ALA AA 520 82.78 27.34 17.02
N LEU AA 521 82.92 27.91 15.84
CA LEU AA 521 83.75 29.09 15.59
C LEU AA 521 83.09 30.42 15.89
N THR AA 522 81.78 30.52 16.16
CA THR AA 522 81.19 31.84 16.34
C THR AA 522 80.25 32.04 17.54
N TRP AA 523 79.62 31.02 18.08
CA TRP AA 523 78.72 31.26 19.21
C TRP AA 523 79.48 31.60 20.50
N ASP AA 524 78.76 32.25 21.42
CA ASP AA 524 79.24 32.65 22.75
C ASP AA 524 78.93 31.58 23.81
N VAL AA 525 79.71 30.52 23.80
CA VAL AA 525 79.53 29.41 24.76
C VAL AA 525 79.95 29.82 26.17
N PRO AA 526 79.18 29.47 27.20
CA PRO AA 526 79.55 29.78 28.58
C PRO AA 526 80.91 29.18 28.93
N LYS AA 527 81.77 29.98 29.58
CA LYS AA 527 83.12 29.50 29.85
C LYS AA 527 83.20 28.38 30.89
N GLY AA 528 82.19 28.18 31.73
CA GLY AA 528 82.24 27.09 32.70
C GLY AA 528 81.52 25.82 32.26
N PRO AA 529 81.81 24.69 32.88
CA PRO AA 529 81.11 23.44 32.55
C PRO AA 529 79.63 23.51 32.94
N ALA AA 530 78.85 22.61 32.33
CA ALA AA 530 77.41 22.52 32.56
C ALA AA 530 77.03 22.38 34.04
N GLU AA 531 75.97 23.09 34.45
CA GLU AA 531 75.42 23.08 35.83
C GLU AA 531 73.90 23.00 35.84
N PRO AA 532 73.31 22.22 36.75
CA PRO AA 532 71.83 22.13 36.82
C PRO AA 532 71.19 23.27 37.59
N PRO AA 533 69.91 23.56 37.33
CA PRO AA 533 69.21 24.62 38.08
C PRO AA 533 68.96 24.28 39.54
N LYS AA 534 68.86 25.33 40.36
CA LYS AA 534 68.61 25.12 41.80
C LYS AA 534 67.24 24.49 42.07
N GLN AA 535 66.17 25.07 41.52
CA GLN AA 535 64.82 24.53 41.64
C GLN AA 535 64.02 24.91 40.40
N LEU AA 536 63.04 24.08 40.06
CA LEU AA 536 62.22 24.28 38.87
C LEU AA 536 60.88 24.99 39.07
N SER AA 537 60.31 25.03 40.29
CA SER AA 537 59.01 25.66 40.54
C SER AA 537 59.03 27.16 40.85
N ALA AA 538 57.94 27.84 40.62
CA ALA AA 538 57.58 29.21 40.82
C ALA AA 538 56.17 29.39 41.32
N PRO AA 539 55.87 30.39 42.15
CA PRO AA 539 54.51 30.63 42.60
C PRO AA 539 53.54 31.15 41.58
N LEU AA 540 52.29 30.84 41.64
CA LEU AA 540 51.19 31.22 40.83
C LEU AA 540 50.53 32.53 41.25
N VAL AA 541 50.48 33.55 40.39
CA VAL AA 541 49.87 34.85 40.67
C VAL AA 541 48.37 34.85 40.48
N VAL AA 542 47.63 34.48 41.50
CA VAL AA 542 46.20 34.49 41.57
C VAL AA 542 45.65 35.89 41.60
N PRO AA 543 44.64 36.27 40.80
CA PRO AA 543 44.05 37.60 40.83
C PRO AA 543 43.31 37.98 42.09
N GLN AA 544 43.21 39.28 42.38
CA GLN AA 544 42.47 39.76 43.55
C GLN AA 544 40.95 39.57 43.34
N PRO AA 545 40.20 38.92 44.26
CA PRO AA 545 38.77 38.73 44.14
C PRO AA 545 37.94 39.97 44.14
N PRO AA 546 36.82 40.03 43.41
CA PRO AA 546 35.93 41.18 43.41
C PRO AA 546 35.15 41.39 44.69
N ALA AA 547 34.86 42.58 45.11
CA ALA AA 547 34.07 42.96 46.23
C ALA AA 547 32.61 42.58 46.12
N PRO AA 548 31.96 42.04 47.17
CA PRO AA 548 30.53 41.75 47.14
C PRO AA 548 29.62 42.94 46.91
N ARG AA 549 28.43 42.72 46.36
CA ARG AA 549 27.47 43.81 46.17
C ARG AA 549 26.93 44.34 47.50
N ASP AA 550 26.65 45.64 47.56
CA ASP AA 550 26.02 46.20 48.75
C ASP AA 550 24.60 45.68 48.88
N MET AA 551 24.26 45.00 49.96
CA MET AA 551 22.90 44.49 50.13
C MET AA 551 21.91 45.58 50.59
N VAL AA 552 22.40 46.63 51.25
CA VAL AA 552 21.52 47.70 51.73
C VAL AA 552 20.65 48.34 50.67
N PRO AA 553 21.13 48.68 49.47
CA PRO AA 553 20.23 49.23 48.45
C PRO AA 553 19.22 48.22 47.92
N ILE AA 554 19.61 46.96 47.81
CA ILE AA 554 18.74 45.89 47.33
C ILE AA 554 17.62 45.59 48.31
N TRP AA 555 17.92 45.54 49.61
CA TRP AA 555 16.89 45.28 50.62
C TRP AA 555 15.87 46.42 50.74
N VAL AA 556 16.29 47.67 50.66
CA VAL AA 556 15.31 48.76 50.71
C VAL AA 556 14.45 48.77 49.43
N ALA AA 557 15.03 48.43 48.29
CA ALA AA 557 14.27 48.35 47.04
C ALA AA 557 13.25 47.21 47.09
N ALA AA 558 13.69 46.03 47.51
CA ALA AA 558 12.80 44.86 47.63
C ALA AA 558 11.76 45.10 48.72
N GLY AA 559 12.18 45.69 49.83
CA GLY AA 559 11.27 46.01 50.92
C GLY AA 559 10.31 47.14 50.58
N GLY AA 560 10.83 48.19 49.95
CA GLY AA 560 10.00 49.32 49.53
C GLY AA 560 8.93 48.95 48.52
N LEU AA 561 9.27 48.17 47.50
CA LEU AA 561 8.28 47.73 46.52
C LEU AA 561 7.22 46.86 47.19
N ALA AA 562 7.62 45.95 48.07
CA ALA AA 562 6.66 45.14 48.80
C ALA AA 562 5.74 46.03 49.63
N GLY AA 563 6.31 47.06 50.24
CA GLY AA 563 5.53 48.03 51.01
C GLY AA 563 4.53 48.80 50.16
N ALA AA 564 4.96 49.28 48.99
CA ALA AA 564 4.09 50.03 48.09
C ALA AA 564 2.90 49.20 47.61
N LEU AA 565 3.11 47.96 47.22
CA LEU AA 565 2.01 47.09 46.79
C LEU AA 565 1.06 46.77 47.94
N LEU AA 566 1.59 46.56 49.14
CA LEU AA 566 0.75 46.31 50.31
C LEU AA 566 -0.06 47.54 50.68
N ILE AA 567 0.53 48.72 50.61
CA ILE AA 567 -0.15 49.97 50.91
C ILE AA 567 -1.24 50.26 49.87
N GLY AA 568 -0.89 50.15 48.59
CA GLY AA 568 -1.85 50.39 47.52
C GLY AA 568 -2.99 49.37 47.48
N GLY AA 569 -2.65 48.09 47.55
CA GLY AA 569 -3.65 47.03 47.54
C GLY AA 569 -4.65 47.14 48.68
N ALA AA 570 -4.21 47.58 49.85
CA ALA AA 570 -5.10 47.74 51.00
C ALA AA 570 -6.27 48.69 50.71
N VAL AA 571 -6.00 49.81 50.04
CA VAL AA 571 -7.05 50.78 49.70
C VAL AA 571 -8.12 50.14 48.83
N PHE AA 572 -7.72 49.40 47.80
CA PHE AA 572 -8.70 48.73 46.92
C PHE AA 572 -9.56 47.73 47.68
N GLY AA 573 -8.98 46.98 48.62
CA GLY AA 573 -9.78 46.03 49.40
C GLY AA 573 -10.89 46.68 50.22
N THR AA 574 -10.59 47.78 50.91
CA THR AA 574 -11.61 48.48 51.70
C THR AA 574 -12.79 48.97 50.88
N ALA AA 575 -12.64 49.15 49.57
CA ALA AA 575 -13.76 49.59 48.76
C ALA AA 575 -14.94 48.64 48.85
N THR AA 576 -14.73 47.38 49.24
CA THR AA 576 -15.85 46.46 49.41
C THR AA 576 -16.74 46.86 50.59
N LEU AA 577 -16.24 47.69 51.50
CA LEU AA 577 -17.03 48.13 52.65
C LEU AA 577 -18.19 49.00 52.19
#